data_6WH3
#
_entry.id   6WH3
#
_cell.length_a   1.00
_cell.length_b   1.00
_cell.length_c   1.00
_cell.angle_alpha   90.00
_cell.angle_beta   90.00
_cell.angle_gamma   90.00
#
_symmetry.space_group_name_H-M   'P 1'
#
loop_
_entity.id
_entity.type
_entity.pdbx_description
1 polymer 'Penaeus monodon metallodensovirus major capsid protein'
2 non-polymer 'CALCIUM ION'
#
_entity_poly.entity_id   1
_entity_poly.type   'polypeptide(L)'
_entity_poly.pdbx_seq_one_letter_code
;MSDEVSSSTDVVSRKRRRHDEGGKALEDIAVHGASEGDGSAPGGSVWQTTDYIALSMVVYRTAIKLRNFVNIRGLTPTEM
IVIPWNVMRFYCEYNTGTYGLSGNVHHKNYSMLLACKAHRPTKVGYTLSNLILTSDELVSTGGTLGTTTTFNTSPYMIHS
IDDQQCLSKVYPKTDTVWPVSSMRELDYVASTVSGDNAIIPSTIFNKNRYWKQGDDALHFSHDLDLGFWFGSDYGNAYVP
QNNDSMNAVGTIPTSKHINVRGVNNRGMAGHYLSFPPIRTNDGQFKLNAQFTLETEIEFEFRLWEQGVQGINSVHTNLNP
ANDSLWIQSYGSLVSITESKINNIQFGPTCPRVDARNKGGKMSMLFDHH
;
_entity_poly.pdbx_strand_id   A,B,C,D,E,F,G,H,I,J,K,L,M,N,O,P,Q,R,S,T,U,V,W,X,Y,Z,8,7,6,5,4,3,a,b,c,d,e,f,g,h,i,j,k,l,m,n,o,p,q,r,s,t,u,v,w,x,y,z,1,2
#
loop_
_chem_comp.id
_chem_comp.type
_chem_comp.name
_chem_comp.formula
CA non-polymer 'CALCIUM ION' 'Ca 2'
#
# COMPACT_ATOMS: atom_id res chain seq x y z
N GLU A 36 -76.08 -17.83 -6.45
CA GLU A 36 -76.15 -16.37 -6.34
C GLU A 36 -77.49 -15.98 -5.74
N GLY A 37 -77.55 -14.82 -5.10
CA GLY A 37 -78.77 -14.36 -4.48
C GLY A 37 -78.92 -14.89 -3.07
N ASP A 38 -80.06 -14.58 -2.47
CA ASP A 38 -80.34 -15.03 -1.12
C ASP A 38 -80.94 -16.42 -1.08
N GLY A 39 -81.10 -17.07 -2.22
CA GLY A 39 -81.64 -18.40 -2.30
C GLY A 39 -83.05 -18.48 -2.85
N SER A 40 -83.73 -17.34 -2.91
CA SER A 40 -85.11 -17.25 -3.36
C SER A 40 -85.36 -17.70 -4.79
N ALA A 41 -84.29 -17.95 -5.53
CA ALA A 41 -84.39 -18.36 -6.93
C ALA A 41 -84.84 -19.80 -7.08
N PRO A 42 -85.26 -20.18 -8.27
CA PRO A 42 -85.69 -21.57 -8.42
C PRO A 42 -84.62 -22.62 -8.14
N GLY A 43 -83.36 -22.43 -8.50
CA GLY A 43 -82.36 -23.46 -8.26
C GLY A 43 -81.22 -23.09 -7.32
N GLY A 44 -80.54 -24.07 -6.74
CA GLY A 44 -79.46 -23.80 -5.82
C GLY A 44 -79.79 -24.01 -4.36
N SER A 45 -79.44 -23.05 -3.52
CA SER A 45 -79.70 -23.13 -2.08
C SER A 45 -81.10 -22.70 -1.67
N VAL A 46 -81.60 -23.23 -0.56
CA VAL A 46 -82.92 -22.98 -0.02
C VAL A 46 -83.01 -21.67 0.72
N TRP A 47 -83.99 -20.85 0.37
CA TRP A 47 -84.19 -19.61 1.08
C TRP A 47 -84.77 -20.06 2.40
N GLN A 48 -84.20 -19.63 3.50
CA GLN A 48 -84.71 -20.06 4.78
C GLN A 48 -84.95 -18.88 5.69
N THR A 49 -85.93 -19.03 6.58
CA THR A 49 -86.41 -17.97 7.43
C THR A 49 -85.42 -17.64 8.54
N THR A 50 -85.61 -16.47 9.14
CA THR A 50 -84.70 -15.98 10.17
C THR A 50 -84.73 -16.87 11.40
N ASP A 51 -83.64 -16.80 12.16
CA ASP A 51 -83.44 -17.64 13.33
C ASP A 51 -84.20 -17.10 14.52
N TYR A 52 -85.04 -17.92 15.13
CA TYR A 52 -85.73 -17.54 16.36
C TYR A 52 -85.01 -17.95 17.63
N ILE A 53 -83.93 -18.72 17.55
CA ILE A 53 -83.22 -19.12 18.76
C ILE A 53 -82.47 -17.94 19.36
N ALA A 54 -81.73 -17.21 18.52
CA ALA A 54 -80.76 -16.25 19.02
C ALA A 54 -81.35 -15.30 20.05
N LEU A 55 -82.58 -14.85 19.84
CA LEU A 55 -83.21 -13.96 20.80
C LEU A 55 -83.82 -14.68 21.99
N SER A 56 -84.10 -15.97 21.88
CA SER A 56 -84.60 -16.69 23.04
C SER A 56 -83.49 -17.09 23.99
N MET A 57 -82.25 -17.17 23.50
CA MET A 57 -81.12 -17.55 24.34
C MET A 57 -80.39 -16.38 24.97
N VAL A 58 -80.70 -15.15 24.59
CA VAL A 58 -79.96 -14.02 25.13
C VAL A 58 -80.25 -13.91 26.61
N VAL A 59 -79.19 -13.84 27.41
CA VAL A 59 -79.30 -13.79 28.86
C VAL A 59 -79.16 -12.34 29.29
N TYR A 60 -80.18 -11.83 29.95
CA TYR A 60 -80.16 -10.48 30.50
C TYR A 60 -79.87 -10.57 31.99
N ARG A 61 -79.15 -9.57 32.49
CA ARG A 61 -78.56 -9.68 33.81
C ARG A 61 -78.90 -8.44 34.62
N THR A 62 -79.60 -8.63 35.72
CA THR A 62 -79.99 -7.52 36.58
C THR A 62 -79.55 -7.79 38.02
N ALA A 63 -79.94 -6.91 38.94
CA ALA A 63 -79.61 -7.10 40.35
C ALA A 63 -80.62 -6.35 41.20
N ILE A 64 -80.67 -6.72 42.47
CA ILE A 64 -81.49 -6.05 43.46
C ILE A 64 -80.60 -5.69 44.64
N LYS A 65 -80.44 -4.40 44.88
CA LYS A 65 -79.60 -3.88 45.95
C LYS A 65 -80.48 -3.19 46.97
N LEU A 66 -80.23 -3.46 48.25
CA LEU A 66 -81.03 -2.91 49.34
C LEU A 66 -80.11 -2.58 50.51
N ARG A 67 -80.39 -1.47 51.17
CA ARG A 67 -79.67 -1.10 52.37
C ARG A 67 -80.59 -1.10 53.57
N ASN A 68 -79.97 -1.30 54.73
CA ASN A 68 -80.68 -1.49 55.97
C ASN A 68 -79.76 -1.06 57.09
N PHE A 69 -80.33 -0.64 58.20
CA PHE A 69 -79.58 -0.43 59.43
C PHE A 69 -79.95 -1.53 60.40
N VAL A 70 -78.93 -2.18 60.97
CA VAL A 70 -79.13 -3.29 61.88
C VAL A 70 -78.75 -2.81 63.28
N ASN A 71 -79.62 -3.06 64.24
CA ASN A 71 -79.37 -2.77 65.64
C ASN A 71 -79.45 -4.08 66.41
N ILE A 72 -78.33 -4.51 66.97
CA ILE A 72 -78.25 -5.74 67.73
C ILE A 72 -78.09 -5.37 69.20
N ARG A 73 -79.09 -5.66 70.00
CA ARG A 73 -79.07 -5.29 71.41
C ARG A 73 -79.34 -6.49 72.29
N GLY A 74 -78.82 -6.43 73.51
CA GLY A 74 -79.13 -7.43 74.51
C GLY A 74 -78.73 -8.84 74.12
N LEU A 75 -77.61 -8.98 73.44
CA LEU A 75 -77.15 -10.27 72.94
C LEU A 75 -76.04 -10.75 73.88
N THR A 76 -76.33 -11.79 74.65
CA THR A 76 -75.35 -12.31 75.59
C THR A 76 -74.30 -13.13 74.84
N PRO A 77 -73.15 -13.41 75.46
CA PRO A 77 -72.09 -14.11 74.73
C PRO A 77 -72.43 -15.52 74.31
N THR A 78 -73.39 -16.17 74.97
CA THR A 78 -73.80 -17.51 74.55
C THR A 78 -74.68 -17.44 73.31
N GLU A 79 -75.66 -16.55 73.32
CA GLU A 79 -76.55 -16.40 72.19
C GLU A 79 -75.87 -15.65 71.05
N MET A 80 -76.42 -15.81 69.85
CA MET A 80 -75.74 -15.46 68.62
C MET A 80 -76.75 -15.08 67.57
N ILE A 81 -76.41 -14.08 66.75
CA ILE A 81 -77.28 -13.64 65.66
C ILE A 81 -77.02 -14.51 64.44
N VAL A 82 -78.09 -15.05 63.88
CA VAL A 82 -78.03 -15.86 62.68
C VAL A 82 -78.25 -14.95 61.48
N ILE A 83 -77.30 -14.92 60.56
CA ILE A 83 -77.46 -14.09 59.38
C ILE A 83 -78.29 -14.91 58.41
N PRO A 84 -79.51 -14.54 58.14
CA PRO A 84 -80.31 -15.33 57.19
C PRO A 84 -79.86 -15.08 55.75
N TRP A 85 -78.58 -15.27 55.50
CA TRP A 85 -78.02 -14.79 54.26
C TRP A 85 -78.09 -15.85 53.17
N ASN A 86 -78.48 -17.07 53.53
CA ASN A 86 -78.66 -18.13 52.57
C ASN A 86 -80.11 -18.32 52.14
N VAL A 87 -81.02 -17.49 52.62
CA VAL A 87 -82.41 -17.54 52.19
C VAL A 87 -82.61 -16.49 51.12
N MET A 88 -83.33 -16.87 50.06
CA MET A 88 -83.48 -16.01 48.90
C MET A 88 -84.21 -14.73 49.25
N ARG A 89 -85.20 -14.82 50.13
CA ARG A 89 -86.03 -13.69 50.51
C ARG A 89 -85.24 -12.60 51.23
N PHE A 90 -84.07 -12.92 51.74
CA PHE A 90 -83.25 -11.94 52.43
C PHE A 90 -82.80 -10.83 51.50
N TYR A 91 -82.37 -11.17 50.29
CA TYR A 91 -81.77 -10.21 49.40
C TYR A 91 -82.80 -9.41 48.60
N CYS A 92 -83.81 -10.08 48.07
CA CYS A 92 -84.74 -9.48 47.12
C CYS A 92 -86.05 -9.02 47.74
N GLU A 93 -86.26 -9.24 49.03
CA GLU A 93 -87.42 -8.72 49.72
C GLU A 93 -86.95 -7.99 50.96
N TYR A 94 -87.53 -6.83 51.22
CA TYR A 94 -86.99 -5.91 52.20
C TYR A 94 -87.82 -6.07 53.46
N ASN A 95 -87.30 -6.75 54.46
CA ASN A 95 -88.05 -6.95 55.68
C ASN A 95 -87.35 -6.16 56.76
N THR A 96 -87.91 -5.01 57.11
CA THR A 96 -87.39 -4.17 58.17
C THR A 96 -88.57 -3.50 58.85
N GLY A 97 -88.62 -3.56 60.17
CA GLY A 97 -89.60 -2.76 60.88
C GLY A 97 -91.03 -2.99 60.39
N THR A 98 -91.68 -1.89 59.99
CA THR A 98 -93.06 -1.93 59.55
C THR A 98 -93.20 -2.47 58.13
N TYR A 99 -92.15 -2.43 57.31
CA TYR A 99 -92.25 -2.87 55.92
C TYR A 99 -92.77 -4.30 55.83
N GLY A 100 -92.12 -5.24 56.49
CA GLY A 100 -92.53 -6.62 56.43
C GLY A 100 -93.96 -6.87 56.84
N LEU A 101 -94.54 -5.97 57.64
CA LEU A 101 -95.94 -6.07 57.98
C LEU A 101 -96.83 -5.65 56.82
N SER A 102 -96.41 -4.63 56.07
CA SER A 102 -97.13 -4.21 54.89
C SER A 102 -96.94 -5.23 53.76
N GLY A 103 -97.85 -5.18 52.80
CA GLY A 103 -97.90 -6.19 51.76
C GLY A 103 -96.98 -5.92 50.58
N ASN A 104 -96.55 -7.00 49.96
CA ASN A 104 -95.77 -6.99 48.71
C ASN A 104 -94.58 -6.04 48.82
N VAL A 105 -93.62 -6.46 49.64
CA VAL A 105 -92.41 -5.68 49.84
C VAL A 105 -91.28 -6.13 48.92
N HIS A 106 -91.55 -7.07 48.02
CA HIS A 106 -90.57 -7.47 47.03
C HIS A 106 -90.13 -6.28 46.20
N HIS A 107 -88.86 -6.29 45.81
CA HIS A 107 -88.34 -5.26 44.92
C HIS A 107 -88.97 -5.43 43.54
N LYS A 108 -89.18 -4.31 42.85
CA LYS A 108 -89.93 -4.37 41.61
C LYS A 108 -89.14 -5.01 40.48
N ASN A 109 -87.81 -5.03 40.55
CA ASN A 109 -87.06 -5.83 39.59
C ASN A 109 -87.39 -7.30 39.73
N TYR A 110 -87.72 -7.74 40.94
CA TYR A 110 -88.05 -9.15 41.08
C TYR A 110 -89.45 -9.44 40.61
N SER A 111 -90.39 -8.51 40.79
CA SER A 111 -91.75 -8.73 40.34
C SER A 111 -91.80 -8.97 38.83
N MET A 112 -90.92 -8.32 38.07
CA MET A 112 -90.89 -8.57 36.65
C MET A 112 -90.07 -9.80 36.26
N LEU A 113 -89.16 -10.26 37.13
CA LEU A 113 -88.50 -11.52 36.82
C LEU A 113 -89.50 -12.64 36.70
N LEU A 114 -90.69 -12.47 37.25
CA LEU A 114 -91.80 -13.37 37.03
C LEU A 114 -92.53 -13.10 35.72
N ALA A 115 -92.29 -11.95 35.11
CA ALA A 115 -92.85 -11.66 33.79
C ALA A 115 -92.06 -12.34 32.68
N CYS A 116 -90.74 -12.33 32.78
CA CYS A 116 -89.92 -13.08 31.84
C CYS A 116 -90.02 -14.57 32.15
N LYS A 117 -89.69 -15.40 31.17
CA LYS A 117 -90.01 -16.81 31.34
C LYS A 117 -89.03 -17.54 32.24
N ALA A 118 -87.81 -17.06 32.36
CA ALA A 118 -86.80 -17.73 33.16
C ALA A 118 -85.96 -16.68 33.88
N HIS A 119 -85.62 -16.96 35.13
CA HIS A 119 -84.67 -16.15 35.85
C HIS A 119 -83.79 -17.07 36.67
N ARG A 120 -82.57 -16.61 36.94
CA ARG A 120 -81.65 -17.38 37.71
C ARG A 120 -80.89 -16.47 38.67
N PRO A 121 -80.70 -16.90 39.92
CA PRO A 121 -80.18 -16.00 40.94
C PRO A 121 -78.70 -15.65 40.85
N THR A 122 -77.86 -16.49 40.24
CA THR A 122 -76.41 -16.25 40.13
C THR A 122 -75.79 -15.75 41.44
N LYS A 123 -74.99 -14.69 41.38
CA LYS A 123 -74.25 -14.28 42.56
C LYS A 123 -75.17 -13.65 43.60
N VAL A 124 -74.78 -13.77 44.86
CA VAL A 124 -75.53 -13.19 45.97
C VAL A 124 -74.52 -12.80 47.05
N GLY A 125 -74.80 -11.72 47.75
CA GLY A 125 -73.85 -11.25 48.75
C GLY A 125 -74.40 -10.13 49.59
N TYR A 126 -73.62 -9.74 50.59
CA TYR A 126 -74.03 -8.66 51.48
C TYR A 126 -72.81 -8.01 52.10
N THR A 127 -73.02 -6.83 52.67
CA THR A 127 -71.96 -6.05 53.26
C THR A 127 -72.39 -5.52 54.62
N LEU A 128 -71.52 -5.69 55.62
CA LEU A 128 -71.65 -5.05 56.92
C LEU A 128 -70.70 -3.88 56.99
N SER A 129 -71.19 -2.72 57.41
CA SER A 129 -70.38 -1.53 57.30
C SER A 129 -70.65 -0.58 58.45
N ASN A 130 -69.64 0.22 58.78
CA ASN A 130 -69.73 1.31 59.75
C ASN A 130 -70.38 0.85 61.06
N LEU A 131 -69.61 0.03 61.76
CA LEU A 131 -70.05 -0.52 63.02
C LEU A 131 -70.04 0.54 64.10
N ILE A 132 -71.11 0.56 64.89
CA ILE A 132 -71.21 1.41 66.06
C ILE A 132 -71.57 0.53 67.23
N LEU A 133 -70.68 0.44 68.21
CA LEU A 133 -70.93 -0.24 69.45
C LEU A 133 -71.37 0.75 70.52
N THR A 134 -72.38 0.37 71.28
CA THR A 134 -72.85 1.15 72.40
C THR A 134 -72.92 0.24 73.62
N SER A 135 -73.05 0.85 74.80
CA SER A 135 -73.01 0.11 76.04
C SER A 135 -74.20 0.51 76.91
N ASP A 136 -74.88 -0.47 77.46
CA ASP A 136 -75.91 -0.26 78.46
C ASP A 136 -75.34 -0.25 79.87
N GLU A 137 -74.02 -0.32 80.01
CA GLU A 137 -73.40 -0.42 81.32
C GLU A 137 -73.81 0.71 82.24
N LEU A 138 -73.90 1.93 81.71
CA LEU A 138 -74.35 3.05 82.53
C LEU A 138 -75.85 3.02 82.78
N VAL A 139 -76.59 2.22 82.03
CA VAL A 139 -78.04 2.13 82.18
C VAL A 139 -78.37 1.29 83.40
N SER A 140 -79.36 1.74 84.16
CA SER A 140 -79.89 1.01 85.30
C SER A 140 -81.39 1.21 85.34
N THR A 141 -82.07 0.37 86.13
CA THR A 141 -83.52 0.48 86.24
C THR A 141 -83.95 1.84 86.78
N GLY A 142 -83.09 2.47 87.58
CA GLY A 142 -83.38 3.83 88.02
C GLY A 142 -83.35 4.84 86.88
N GLY A 143 -82.58 4.54 85.83
CA GLY A 143 -82.58 5.39 84.66
C GLY A 143 -81.65 6.58 84.79
N THR A 144 -82.05 7.68 84.16
CA THR A 144 -81.37 8.98 84.15
C THR A 144 -80.07 8.93 83.34
N LEU A 145 -79.60 7.73 83.00
CA LEU A 145 -78.46 7.56 82.11
C LEU A 145 -78.80 6.52 81.08
N GLY A 146 -78.65 6.88 79.80
CA GLY A 146 -78.94 5.97 78.71
C GLY A 146 -77.68 5.34 78.15
N THR A 147 -77.88 4.49 77.15
CA THR A 147 -76.75 3.85 76.52
C THR A 147 -75.93 4.87 75.76
N THR A 148 -74.65 4.57 75.58
CA THR A 148 -73.80 5.45 74.81
C THR A 148 -72.67 4.61 74.23
N THR A 149 -72.04 5.14 73.18
CA THR A 149 -70.96 4.44 72.52
C THR A 149 -69.86 4.10 73.50
N THR A 150 -69.19 2.98 73.25
CA THR A 150 -68.16 2.50 74.15
C THR A 150 -67.09 3.55 74.37
N PHE A 151 -66.55 3.58 75.59
CA PHE A 151 -65.58 4.61 75.96
C PHE A 151 -64.35 4.57 75.07
N ASN A 152 -63.92 3.38 74.68
CA ASN A 152 -62.85 3.23 73.71
C ASN A 152 -63.27 2.20 72.67
N THR A 153 -62.50 2.13 71.60
CA THR A 153 -62.83 1.33 70.44
C THR A 153 -62.33 -0.10 70.54
N SER A 154 -61.75 -0.49 71.67
CA SER A 154 -61.29 -1.86 71.85
C SER A 154 -62.38 -2.92 71.71
N PRO A 155 -63.63 -2.71 72.14
CA PRO A 155 -64.63 -3.76 71.96
C PRO A 155 -64.90 -4.03 70.49
N TYR A 156 -65.49 -5.19 70.23
CA TYR A 156 -65.71 -5.63 68.87
C TYR A 156 -66.93 -6.55 68.82
N MET A 157 -67.46 -6.70 67.61
CA MET A 157 -68.50 -7.67 67.32
C MET A 157 -67.90 -8.77 66.45
N ILE A 158 -68.17 -10.00 66.80
CA ILE A 158 -67.53 -11.14 66.15
C ILE A 158 -68.42 -11.58 65.00
N HIS A 159 -67.88 -11.58 63.79
CA HIS A 159 -68.57 -12.14 62.65
C HIS A 159 -68.01 -13.53 62.39
N SER A 160 -68.85 -14.54 62.56
CA SER A 160 -68.43 -15.92 62.48
C SER A 160 -68.99 -16.56 61.22
N ILE A 161 -68.12 -17.25 60.49
CA ILE A 161 -68.51 -18.05 59.34
C ILE A 161 -68.23 -19.50 59.71
N ASP A 162 -69.26 -20.33 59.71
CA ASP A 162 -69.04 -21.72 60.14
C ASP A 162 -68.75 -22.51 58.88
N ASP A 163 -67.48 -22.86 58.69
CA ASP A 163 -67.05 -23.64 57.54
C ASP A 163 -67.23 -25.13 57.77
N GLN A 164 -66.90 -25.57 58.96
CA GLN A 164 -66.95 -26.99 59.30
C GLN A 164 -68.36 -27.44 59.66
N GLN A 165 -69.32 -26.52 59.64
CA GLN A 165 -70.71 -26.80 59.96
C GLN A 165 -70.82 -27.38 61.37
N CYS A 166 -70.27 -26.65 62.33
CA CYS A 166 -70.55 -26.96 63.73
C CYS A 166 -72.05 -26.99 63.98
N LEU A 167 -72.77 -26.04 63.39
CA LEU A 167 -74.22 -25.97 63.50
C LEU A 167 -74.80 -26.28 62.14
N SER A 168 -75.44 -27.45 62.03
CA SER A 168 -76.11 -27.83 60.80
C SER A 168 -77.44 -27.11 60.64
N LYS A 169 -78.20 -27.08 61.72
CA LYS A 169 -79.56 -26.55 61.73
C LYS A 169 -79.72 -25.71 62.97
N VAL A 170 -80.24 -24.51 62.80
CA VAL A 170 -80.24 -23.50 63.85
C VAL A 170 -81.67 -23.15 64.20
N TYR A 171 -81.98 -23.11 65.49
CA TYR A 171 -83.30 -22.84 65.99
C TYR A 171 -83.31 -21.54 66.78
N PRO A 172 -84.45 -20.86 66.86
CA PRO A 172 -84.55 -19.69 67.73
C PRO A 172 -84.46 -20.07 69.19
N LYS A 173 -84.18 -19.07 70.02
CA LYS A 173 -84.15 -19.30 71.45
C LYS A 173 -85.51 -19.69 71.97
N THR A 174 -85.52 -20.35 73.12
CA THR A 174 -86.74 -20.92 73.67
C THR A 174 -87.88 -19.90 73.72
N ASP A 175 -87.62 -18.71 74.24
CA ASP A 175 -88.68 -17.73 74.38
C ASP A 175 -88.97 -17.02 73.06
N THR A 176 -87.94 -16.71 72.28
CA THR A 176 -88.12 -15.87 71.12
C THR A 176 -88.63 -16.68 69.93
N VAL A 177 -88.85 -15.98 68.82
CA VAL A 177 -89.25 -16.60 67.57
C VAL A 177 -88.73 -15.72 66.45
N TRP A 178 -88.59 -16.30 65.27
CA TRP A 178 -88.01 -15.59 64.14
C TRP A 178 -89.11 -15.21 63.16
N PRO A 179 -89.51 -13.94 63.09
CA PRO A 179 -90.45 -13.53 62.05
C PRO A 179 -89.75 -13.42 60.70
N VAL A 180 -90.47 -13.72 59.64
CA VAL A 180 -89.88 -13.50 58.34
C VAL A 180 -89.97 -12.02 57.99
N SER A 181 -90.98 -11.31 58.53
CA SER A 181 -91.11 -9.88 58.31
C SER A 181 -89.97 -9.10 58.94
N SER A 182 -89.26 -9.70 59.88
CA SER A 182 -88.15 -9.08 60.56
C SER A 182 -86.80 -9.43 59.96
N MET A 183 -86.78 -10.13 58.82
CA MET A 183 -85.58 -10.84 58.39
C MET A 183 -84.38 -9.93 58.24
N ARG A 184 -84.52 -8.80 57.56
CA ARG A 184 -83.32 -8.05 57.19
C ARG A 184 -82.71 -7.23 58.32
N GLU A 185 -83.48 -6.81 59.32
CA GLU A 185 -82.82 -6.31 60.51
C GLU A 185 -82.56 -7.53 61.36
N LEU A 186 -81.33 -7.69 61.82
CA LEU A 186 -80.94 -9.03 62.22
C LEU A 186 -81.29 -9.14 63.70
N ASP A 187 -82.44 -9.73 63.97
CA ASP A 187 -82.88 -10.08 65.30
C ASP A 187 -82.79 -11.56 65.62
N TYR A 188 -82.39 -12.40 64.68
CA TYR A 188 -82.56 -13.83 64.89
C TYR A 188 -81.48 -14.30 65.84
N VAL A 189 -81.89 -14.76 67.01
CA VAL A 189 -80.96 -15.12 68.08
C VAL A 189 -81.04 -16.62 68.30
N ALA A 190 -79.92 -17.28 68.11
CA ALA A 190 -79.78 -18.68 68.44
C ALA A 190 -78.94 -18.79 69.70
N SER A 191 -79.24 -19.78 70.52
CA SER A 191 -78.42 -20.10 71.67
C SER A 191 -77.78 -21.44 71.41
N THR A 192 -76.48 -21.44 71.16
CA THR A 192 -75.76 -22.67 70.88
C THR A 192 -75.35 -23.30 72.19
N VAL A 193 -75.83 -24.51 72.45
CA VAL A 193 -75.68 -25.14 73.76
C VAL A 193 -75.37 -26.61 73.55
N SER A 194 -74.36 -27.11 74.25
CA SER A 194 -74.08 -28.54 74.31
C SER A 194 -75.02 -29.14 75.35
N GLY A 195 -74.79 -30.38 75.77
CA GLY A 195 -75.75 -30.95 76.68
C GLY A 195 -75.90 -30.19 77.97
N ASP A 196 -74.82 -30.08 78.75
CA ASP A 196 -74.78 -29.17 79.88
C ASP A 196 -74.05 -27.86 79.59
N ASN A 197 -73.47 -27.71 78.40
CA ASN A 197 -72.48 -26.67 78.15
C ASN A 197 -73.06 -25.60 77.25
N ALA A 198 -72.93 -24.35 77.67
CA ALA A 198 -73.25 -23.23 76.81
C ALA A 198 -72.05 -22.94 75.91
N ILE A 199 -72.26 -23.01 74.60
CA ILE A 199 -71.18 -22.82 73.65
C ILE A 199 -71.00 -21.32 73.40
N ILE A 200 -69.78 -20.85 73.54
CA ILE A 200 -69.44 -19.51 73.04
C ILE A 200 -69.26 -19.64 71.53
N PRO A 201 -70.08 -18.97 70.72
CA PRO A 201 -70.08 -19.26 69.28
C PRO A 201 -68.74 -19.04 68.60
N SER A 202 -68.01 -18.00 68.98
CA SER A 202 -66.74 -17.71 68.35
C SER A 202 -65.73 -18.83 68.52
N THR A 203 -65.89 -19.67 69.53
CA THR A 203 -64.87 -20.68 69.81
C THR A 203 -64.99 -21.89 68.88
N ILE A 204 -66.20 -22.29 68.53
CA ILE A 204 -66.36 -23.45 67.67
C ILE A 204 -66.18 -23.09 66.20
N PHE A 205 -66.63 -21.92 65.78
CA PHE A 205 -66.67 -21.59 64.37
C PHE A 205 -65.28 -21.37 63.81
N ASN A 206 -65.18 -21.51 62.49
CA ASN A 206 -63.88 -21.54 61.84
C ASN A 206 -63.34 -20.13 61.61
N LYS A 207 -63.92 -19.41 60.67
CA LYS A 207 -63.53 -18.02 60.45
C LYS A 207 -64.31 -17.14 61.40
N ASN A 208 -63.60 -16.43 62.25
CA ASN A 208 -64.18 -15.48 63.19
C ASN A 208 -63.45 -14.16 63.01
N ARG A 209 -64.16 -13.16 62.53
CA ARG A 209 -63.61 -11.83 62.33
C ARG A 209 -64.02 -10.97 63.51
N TYR A 210 -63.03 -10.41 64.20
CA TYR A 210 -63.34 -9.48 65.28
C TYR A 210 -63.34 -8.08 64.68
N TRP A 211 -64.52 -7.50 64.57
CA TRP A 211 -64.74 -6.33 63.77
C TRP A 211 -65.08 -5.17 64.68
N LYS A 212 -64.22 -4.16 64.67
CA LYS A 212 -64.26 -3.07 65.62
C LYS A 212 -64.84 -1.83 64.97
N GLN A 213 -64.90 -0.77 65.75
CA GLN A 213 -65.34 0.52 65.26
C GLN A 213 -64.23 1.16 64.46
N GLY A 214 -64.51 1.49 63.21
CA GLY A 214 -63.52 2.03 62.32
C GLY A 214 -62.95 1.04 61.33
N ASP A 215 -63.15 -0.25 61.55
CA ASP A 215 -62.68 -1.25 60.61
C ASP A 215 -63.41 -1.11 59.29
N ASP A 216 -62.77 -1.61 58.23
CA ASP A 216 -63.37 -1.56 56.92
C ASP A 216 -64.60 -2.45 56.88
N ALA A 217 -65.47 -2.18 55.91
CA ALA A 217 -66.69 -2.94 55.76
C ALA A 217 -66.38 -4.40 55.50
N LEU A 218 -67.28 -5.27 55.95
CA LEU A 218 -67.14 -6.71 55.78
C LEU A 218 -68.00 -7.14 54.59
N HIS A 219 -67.35 -7.65 53.55
CA HIS A 219 -68.02 -8.01 52.32
C HIS A 219 -68.08 -9.51 52.20
N PHE A 220 -69.27 -10.04 51.96
CA PHE A 220 -69.46 -11.48 51.83
C PHE A 220 -70.26 -11.75 50.58
N SER A 221 -69.82 -12.73 49.80
CA SER A 221 -70.42 -13.00 48.51
C SER A 221 -70.50 -14.51 48.32
N HIS A 222 -71.45 -14.92 47.48
CA HIS A 222 -71.56 -16.30 47.06
C HIS A 222 -71.90 -16.33 45.60
N ASP A 223 -71.12 -17.06 44.80
CA ASP A 223 -71.38 -17.22 43.39
C ASP A 223 -72.19 -18.49 43.16
N LEU A 224 -73.26 -18.39 42.40
CA LEU A 224 -74.04 -19.54 41.99
C LEU A 224 -73.78 -19.81 40.51
N ASP A 225 -73.37 -21.03 40.20
CA ASP A 225 -73.34 -21.50 38.81
C ASP A 225 -74.37 -22.61 38.72
N LEU A 226 -75.48 -22.32 38.06
CA LEU A 226 -76.57 -23.27 37.86
C LEU A 226 -76.58 -23.68 36.40
N GLY A 227 -76.88 -24.93 36.14
CA GLY A 227 -77.06 -25.29 34.76
C GLY A 227 -78.46 -25.05 34.25
N PHE A 228 -79.34 -24.51 35.08
CA PHE A 228 -80.74 -24.43 34.76
C PHE A 228 -81.27 -23.09 35.23
N TRP A 229 -82.58 -22.90 35.09
CA TRP A 229 -83.24 -21.64 35.30
C TRP A 229 -84.47 -21.89 36.14
N PHE A 230 -85.07 -20.82 36.66
CA PHE A 230 -86.27 -20.94 37.46
C PHE A 230 -87.42 -20.20 36.79
N GLY A 231 -88.59 -20.82 36.80
CA GLY A 231 -89.74 -20.20 36.18
C GLY A 231 -90.75 -19.63 37.16
N SER A 232 -90.60 -19.91 38.43
CA SER A 232 -91.55 -19.51 39.44
C SER A 232 -90.87 -18.59 40.45
N ASP A 233 -91.64 -18.12 41.43
CA ASP A 233 -91.06 -17.31 42.47
C ASP A 233 -90.34 -18.19 43.49
N TYR A 234 -89.35 -17.60 44.17
CA TYR A 234 -88.63 -18.36 45.17
C TYR A 234 -89.53 -18.76 46.32
N GLY A 235 -90.32 -17.83 46.84
CA GLY A 235 -91.32 -18.21 47.82
C GLY A 235 -90.74 -18.78 49.08
N ASN A 236 -89.90 -18.01 49.76
CA ASN A 236 -89.16 -18.41 50.97
C ASN A 236 -88.42 -19.73 50.76
N ALA A 237 -87.65 -19.77 49.68
CA ALA A 237 -86.70 -20.83 49.41
C ALA A 237 -85.30 -20.35 49.74
N TYR A 238 -84.46 -21.26 50.22
CA TYR A 238 -83.04 -20.96 50.29
C TYR A 238 -82.52 -20.66 48.90
N VAL A 239 -81.67 -19.66 48.79
CA VAL A 239 -80.99 -19.45 47.50
C VAL A 239 -80.23 -20.72 47.13
N PRO A 240 -80.32 -21.19 45.89
CA PRO A 240 -80.04 -22.59 45.59
C PRO A 240 -78.69 -23.07 46.07
N GLN A 241 -78.70 -24.24 46.71
CA GLN A 241 -77.52 -24.85 47.30
C GLN A 241 -77.64 -26.36 47.11
N ASN A 242 -76.50 -27.01 47.00
CA ASN A 242 -76.44 -28.47 46.99
C ASN A 242 -75.73 -28.90 48.25
N ASN A 243 -76.45 -29.55 49.16
CA ASN A 243 -75.87 -29.86 50.44
C ASN A 243 -76.45 -31.13 51.01
N ASP A 244 -75.94 -31.49 52.19
CA ASP A 244 -76.58 -32.51 53.00
C ASP A 244 -77.99 -32.11 53.40
N SER A 245 -78.20 -30.82 53.65
CA SER A 245 -79.51 -30.33 54.05
C SER A 245 -80.44 -30.09 52.87
N MET A 246 -79.91 -29.69 51.72
CA MET A 246 -80.81 -29.20 50.68
C MET A 246 -80.19 -29.33 49.31
N ASN A 247 -81.05 -29.32 48.28
CA ASN A 247 -80.63 -29.37 46.89
C ASN A 247 -81.22 -28.20 46.13
N ALA A 248 -80.56 -27.85 45.02
CA ALA A 248 -80.84 -26.60 44.33
C ALA A 248 -82.08 -26.67 43.47
N VAL A 249 -82.42 -27.85 42.96
CA VAL A 249 -83.52 -28.02 42.02
C VAL A 249 -84.72 -28.59 42.77
N GLY A 250 -85.89 -28.03 42.52
CA GLY A 250 -87.03 -28.31 43.37
C GLY A 250 -88.09 -29.27 42.85
N THR A 251 -88.06 -29.58 41.57
CA THR A 251 -89.08 -30.45 41.00
C THR A 251 -88.68 -31.90 41.17
N ILE A 252 -89.65 -32.72 41.55
CA ILE A 252 -89.44 -34.17 41.58
C ILE A 252 -89.31 -34.65 40.14
N PRO A 253 -88.19 -35.24 39.77
CA PRO A 253 -88.07 -35.80 38.41
C PRO A 253 -89.02 -36.97 38.22
N THR A 254 -89.45 -37.15 36.97
CA THR A 254 -90.52 -38.08 36.65
C THR A 254 -90.06 -39.04 35.56
N SER A 255 -90.84 -40.10 35.38
CA SER A 255 -90.34 -41.34 34.77
C SER A 255 -90.07 -41.21 33.29
N LYS A 256 -89.13 -42.04 32.82
CA LYS A 256 -88.94 -42.36 31.41
C LYS A 256 -88.53 -41.15 30.58
N HIS A 257 -87.70 -40.29 31.16
CA HIS A 257 -87.07 -39.20 30.41
C HIS A 257 -85.99 -38.59 31.29
N ILE A 258 -85.35 -37.55 30.77
CA ILE A 258 -84.18 -36.94 31.38
C ILE A 258 -84.64 -35.70 32.15
N ASN A 259 -84.02 -35.48 33.31
CA ASN A 259 -84.42 -34.40 34.20
C ASN A 259 -83.16 -33.73 34.73
N VAL A 260 -83.26 -32.43 34.98
CA VAL A 260 -82.12 -31.72 35.55
C VAL A 260 -82.01 -32.07 37.03
N ARG A 261 -80.83 -32.46 37.45
CA ARG A 261 -80.57 -33.00 38.76
C ARG A 261 -79.43 -32.21 39.40
N GLY A 262 -79.59 -31.87 40.67
CA GLY A 262 -78.51 -31.20 41.37
C GLY A 262 -77.30 -32.08 41.53
N VAL A 263 -76.13 -31.46 41.55
CA VAL A 263 -74.86 -32.18 41.65
C VAL A 263 -73.83 -31.24 42.26
N ASN A 264 -72.79 -31.82 42.86
CA ASN A 264 -71.50 -31.20 43.19
C ASN A 264 -71.35 -30.42 44.50
N ASN A 265 -72.35 -30.23 45.34
CA ASN A 265 -72.12 -29.59 46.64
C ASN A 265 -71.54 -28.17 46.49
N ARG A 266 -72.41 -27.26 46.07
CA ARG A 266 -72.18 -25.84 46.30
C ARG A 266 -73.13 -25.40 47.39
N GLY A 267 -72.60 -24.76 48.43
CA GLY A 267 -73.43 -24.33 49.53
C GLY A 267 -72.85 -23.10 50.20
N MET A 268 -73.60 -22.54 51.14
CA MET A 268 -73.17 -21.34 51.84
C MET A 268 -72.87 -21.60 53.32
N ALA A 269 -71.82 -20.97 53.82
CA ALA A 269 -71.42 -21.12 55.22
C ALA A 269 -72.37 -20.34 56.12
N GLY A 270 -72.71 -20.93 57.26
CA GLY A 270 -73.60 -20.28 58.20
C GLY A 270 -72.99 -19.09 58.90
N HIS A 271 -73.22 -17.90 58.35
CA HIS A 271 -72.69 -16.68 58.93
C HIS A 271 -73.41 -16.39 60.24
N TYR A 272 -72.71 -15.75 61.18
CA TYR A 272 -73.31 -15.45 62.47
C TYR A 272 -72.65 -14.22 63.06
N LEU A 273 -73.35 -13.59 63.99
CA LEU A 273 -72.84 -12.43 64.71
C LEU A 273 -72.96 -12.67 66.21
N SER A 274 -71.92 -12.32 66.94
CA SER A 274 -71.89 -12.53 68.38
C SER A 274 -70.94 -11.53 69.00
N PHE A 275 -71.04 -11.39 70.31
CA PHE A 275 -70.14 -10.50 71.01
C PHE A 275 -69.25 -11.31 71.95
N PRO A 276 -68.03 -10.86 72.18
CA PRO A 276 -67.13 -11.58 73.07
C PRO A 276 -67.65 -11.52 74.49
N PRO A 277 -67.54 -12.61 75.25
CA PRO A 277 -67.91 -12.54 76.66
C PRO A 277 -66.99 -11.59 77.40
N ILE A 278 -67.59 -10.65 78.11
CA ILE A 278 -66.86 -9.72 78.96
C ILE A 278 -67.57 -9.70 80.30
N ARG A 279 -66.89 -10.16 81.34
CA ARG A 279 -67.52 -10.18 82.64
C ARG A 279 -67.53 -8.79 83.26
N THR A 280 -68.58 -8.53 84.03
CA THR A 280 -68.75 -7.29 84.74
C THR A 280 -68.90 -7.58 86.24
N ASN A 281 -69.12 -6.51 87.01
CA ASN A 281 -69.53 -6.69 88.39
C ASN A 281 -70.77 -7.56 88.49
N ASP A 282 -71.68 -7.46 87.53
CA ASP A 282 -72.86 -8.30 87.48
C ASP A 282 -73.03 -8.83 86.06
N GLY A 283 -72.95 -10.15 85.91
CA GLY A 283 -73.24 -10.74 84.61
C GLY A 283 -72.21 -10.39 83.56
N GLN A 284 -72.69 -10.08 82.37
CA GLN A 284 -71.86 -9.89 81.19
C GLN A 284 -71.93 -8.44 80.73
N PHE A 285 -70.88 -8.00 80.06
CA PHE A 285 -70.84 -6.65 79.56
C PHE A 285 -71.91 -6.50 78.51
N LYS A 286 -72.60 -5.37 78.52
CA LYS A 286 -73.71 -5.19 77.59
C LYS A 286 -73.16 -4.48 76.37
N LEU A 287 -73.04 -5.20 75.27
CA LEU A 287 -72.62 -4.64 73.99
C LEU A 287 -73.80 -4.60 73.05
N ASN A 288 -73.97 -3.47 72.42
CA ASN A 288 -75.00 -3.25 71.43
C ASN A 288 -74.28 -2.82 70.18
N ALA A 289 -74.79 -3.22 69.02
CA ALA A 289 -74.10 -2.92 67.78
C ALA A 289 -75.07 -2.27 66.80
N GLN A 290 -74.55 -1.32 66.04
CA GLN A 290 -75.21 -0.86 64.82
C GLN A 290 -74.26 -1.07 63.66
N PHE A 291 -74.83 -1.41 62.51
CA PHE A 291 -74.09 -1.39 61.25
C PHE A 291 -75.10 -1.29 60.13
N THR A 292 -74.61 -0.92 58.95
CA THR A 292 -75.45 -0.88 57.77
C THR A 292 -75.35 -2.21 57.05
N LEU A 293 -76.49 -2.71 56.61
CA LEU A 293 -76.55 -3.95 55.85
C LEU A 293 -76.85 -3.60 54.41
N GLU A 294 -75.89 -3.81 53.53
CA GLU A 294 -76.09 -3.67 52.09
C GLU A 294 -76.07 -5.06 51.48
N THR A 295 -77.21 -5.52 51.00
CA THR A 295 -77.29 -6.79 50.31
C THR A 295 -77.46 -6.57 48.82
N GLU A 296 -76.89 -7.46 48.03
CA GLU A 296 -77.06 -7.44 46.59
C GLU A 296 -77.24 -8.86 46.08
N ILE A 297 -78.25 -9.05 45.25
CA ILE A 297 -78.46 -10.31 44.56
C ILE A 297 -78.55 -10.01 43.08
N GLU A 298 -77.79 -10.73 42.28
CA GLU A 298 -77.67 -10.46 40.86
C GLU A 298 -78.39 -11.55 40.10
N PHE A 299 -79.52 -11.20 39.49
CA PHE A 299 -80.27 -12.17 38.69
C PHE A 299 -79.88 -12.11 37.23
N GLU A 300 -79.85 -13.27 36.60
CA GLU A 300 -79.94 -13.39 35.16
C GLU A 300 -81.35 -13.77 34.80
N PHE A 301 -81.86 -13.21 33.70
CA PHE A 301 -83.18 -13.60 33.24
C PHE A 301 -83.15 -13.74 31.73
N ARG A 302 -84.21 -14.33 31.21
CA ARG A 302 -84.26 -14.76 29.82
C ARG A 302 -85.68 -14.61 29.33
N LEU A 303 -85.83 -14.24 28.06
CA LEU A 303 -87.13 -13.82 27.57
C LEU A 303 -87.81 -14.91 26.75
N TRP A 304 -88.98 -14.58 26.25
CA TRP A 304 -89.91 -15.50 25.62
C TRP A 304 -89.47 -15.87 24.21
N GLU A 305 -90.02 -16.98 23.72
CA GLU A 305 -89.69 -17.48 22.40
C GLU A 305 -90.14 -16.51 21.32
N GLN A 306 -89.30 -16.32 20.32
CA GLN A 306 -89.66 -15.49 19.19
C GLN A 306 -90.65 -16.20 18.29
N GLY A 307 -91.36 -15.42 17.50
CA GLY A 307 -92.27 -15.98 16.53
C GLY A 307 -93.67 -16.11 17.08
N VAL A 308 -94.51 -16.79 16.30
CA VAL A 308 -95.87 -17.07 16.73
C VAL A 308 -95.88 -17.90 18.00
N GLN A 309 -94.81 -18.64 18.26
CA GLN A 309 -94.74 -19.42 19.50
C GLN A 309 -94.85 -18.53 20.72
N GLY A 310 -94.38 -17.30 20.65
CA GLY A 310 -94.41 -16.37 21.75
C GLY A 310 -95.64 -15.50 21.84
N ILE A 311 -96.65 -15.73 21.00
CA ILE A 311 -97.89 -14.98 21.09
C ILE A 311 -98.67 -15.44 22.32
N ASN A 312 -99.20 -14.48 23.08
CA ASN A 312 -99.88 -14.81 24.33
C ASN A 312 -100.96 -15.86 24.14
N SER A 313 -101.80 -15.69 23.13
CA SER A 313 -102.95 -16.58 22.98
C SER A 313 -102.51 -18.01 22.68
N VAL A 314 -101.52 -18.19 21.81
CA VAL A 314 -101.09 -19.52 21.41
C VAL A 314 -99.88 -20.01 22.20
N HIS A 315 -99.32 -19.19 23.10
CA HIS A 315 -98.17 -19.66 23.86
C HIS A 315 -98.54 -20.67 24.91
N THR A 316 -99.80 -20.70 25.35
CA THR A 316 -100.19 -21.68 26.35
C THR A 316 -99.96 -23.10 25.85
N ASN A 317 -100.53 -23.42 24.69
CA ASN A 317 -100.41 -24.75 24.12
C ASN A 317 -99.24 -24.92 23.15
N LEU A 318 -98.57 -23.85 22.75
CA LEU A 318 -97.30 -23.97 22.03
C LEU A 318 -96.08 -23.81 22.93
N ASN A 319 -96.26 -23.66 24.23
CA ASN A 319 -95.14 -23.63 25.15
C ASN A 319 -94.32 -24.90 24.99
N PRO A 320 -93.00 -24.80 24.89
CA PRO A 320 -92.19 -26.01 24.75
C PRO A 320 -92.34 -26.93 25.95
N ALA A 321 -92.50 -28.22 25.69
CA ALA A 321 -92.51 -29.17 26.78
C ALA A 321 -91.13 -29.42 27.34
N ASN A 322 -90.09 -28.96 26.67
CA ASN A 322 -88.72 -29.09 27.16
C ASN A 322 -88.31 -27.91 28.02
N ASP A 323 -89.22 -26.98 28.31
CA ASP A 323 -88.97 -26.05 29.40
C ASP A 323 -88.57 -26.81 30.66
N SER A 324 -89.32 -27.86 30.98
CA SER A 324 -89.03 -28.67 32.15
C SER A 324 -87.61 -29.18 32.13
N LEU A 325 -86.99 -29.19 30.97
CA LEU A 325 -85.61 -29.66 30.88
C LEU A 325 -84.66 -28.62 31.47
N TRP A 326 -84.74 -27.37 31.00
CA TRP A 326 -83.92 -26.29 31.55
C TRP A 326 -84.64 -25.36 32.53
N ILE A 327 -85.95 -25.48 32.75
CA ILE A 327 -86.59 -24.57 33.71
C ILE A 327 -87.14 -25.30 34.92
N GLN A 328 -86.62 -24.98 36.11
CA GLN A 328 -86.67 -25.96 37.18
C GLN A 328 -87.24 -25.61 38.54
N SER A 329 -87.81 -24.42 38.71
CA SER A 329 -88.37 -23.95 40.01
C SER A 329 -87.31 -23.77 41.12
N TYR A 330 -87.73 -23.84 42.38
CA TYR A 330 -86.82 -23.63 43.52
C TYR A 330 -86.64 -24.89 44.34
N GLY A 331 -85.42 -25.15 44.83
CA GLY A 331 -85.18 -26.45 45.41
C GLY A 331 -85.73 -26.72 46.78
N SER A 332 -85.36 -25.90 47.75
CA SER A 332 -85.60 -26.22 49.14
C SER A 332 -86.01 -24.97 49.87
N LEU A 333 -87.01 -25.11 50.72
CA LEU A 333 -87.64 -23.98 51.37
C LEU A 333 -87.15 -23.88 52.81
N VAL A 334 -87.03 -22.65 53.30
CA VAL A 334 -86.90 -22.48 54.73
C VAL A 334 -88.19 -22.99 55.36
N SER A 335 -88.10 -23.38 56.62
CA SER A 335 -89.25 -23.97 57.29
C SER A 335 -90.02 -22.84 57.95
N ILE A 336 -91.22 -22.58 57.44
CA ILE A 336 -92.03 -21.45 57.85
C ILE A 336 -93.37 -21.98 58.32
N THR A 337 -93.66 -21.81 59.59
CA THR A 337 -95.04 -21.94 60.07
C THR A 337 -95.54 -20.53 60.37
N GLU A 338 -96.79 -20.26 59.99
CA GLU A 338 -97.35 -18.92 60.04
C GLU A 338 -96.38 -18.02 59.27
N SER A 339 -96.01 -16.87 59.80
CA SER A 339 -95.00 -16.00 59.20
C SER A 339 -93.61 -16.24 59.78
N LYS A 340 -93.45 -17.21 60.65
CA LYS A 340 -92.29 -17.31 61.53
C LYS A 340 -91.38 -18.46 61.10
N ILE A 341 -90.08 -18.18 61.04
CA ILE A 341 -89.11 -19.19 60.64
C ILE A 341 -88.94 -20.20 61.76
N ASN A 342 -89.07 -21.48 61.42
CA ASN A 342 -88.88 -22.54 62.41
C ASN A 342 -87.41 -22.80 62.68
N ASN A 343 -86.60 -22.85 61.64
CA ASN A 343 -85.19 -23.16 61.74
C ASN A 343 -84.50 -22.64 60.50
N ILE A 344 -83.18 -22.51 60.58
CA ILE A 344 -82.39 -22.18 59.41
C ILE A 344 -81.32 -23.23 59.25
N GLN A 345 -81.21 -23.78 58.06
CA GLN A 345 -80.18 -24.74 57.69
C GLN A 345 -79.12 -24.03 56.90
N PHE A 346 -77.86 -24.40 57.10
CA PHE A 346 -76.78 -23.73 56.39
C PHE A 346 -76.09 -24.61 55.36
N GLY A 347 -75.43 -25.69 55.77
CA GLY A 347 -74.78 -26.57 54.83
C GLY A 347 -73.89 -25.97 53.76
N PRO A 348 -72.67 -25.59 54.15
CA PRO A 348 -71.64 -24.97 53.33
C PRO A 348 -70.98 -25.93 52.38
N THR A 349 -70.18 -25.44 51.44
CA THR A 349 -69.48 -26.33 50.55
C THR A 349 -68.37 -26.73 51.50
N CYS A 350 -68.44 -27.93 52.05
CA CYS A 350 -67.45 -28.29 53.03
C CYS A 350 -66.14 -28.62 52.37
N PRO A 351 -65.05 -28.21 53.02
CA PRO A 351 -63.69 -28.38 52.47
C PRO A 351 -63.22 -29.81 52.43
N ARG A 352 -63.83 -30.71 53.18
CA ARG A 352 -63.39 -32.09 53.19
C ARG A 352 -64.06 -32.96 52.14
N VAL A 353 -65.07 -32.45 51.43
CA VAL A 353 -65.49 -33.10 50.21
C VAL A 353 -64.38 -33.01 49.18
N ASP A 354 -64.24 -34.06 48.38
CA ASP A 354 -63.23 -34.08 47.33
C ASP A 354 -63.36 -32.86 46.45
N ALA A 355 -62.24 -32.20 46.18
CA ALA A 355 -62.26 -31.00 45.36
C ALA A 355 -62.83 -31.25 43.98
N ARG A 356 -62.83 -32.51 43.53
CA ARG A 356 -63.40 -32.82 42.23
C ARG A 356 -64.93 -32.75 42.29
N ASN A 357 -65.51 -32.95 43.46
CA ASN A 357 -66.94 -32.79 43.62
C ASN A 357 -67.35 -31.33 43.76
N LYS A 358 -66.48 -30.49 44.29
CA LYS A 358 -66.87 -29.16 44.71
C LYS A 358 -66.89 -28.15 43.57
N GLY A 359 -66.67 -28.58 42.34
CA GLY A 359 -66.48 -27.66 41.24
C GLY A 359 -67.72 -26.92 40.79
N GLY A 360 -67.66 -26.33 39.60
CA GLY A 360 -68.55 -25.25 39.23
C GLY A 360 -70.03 -25.51 39.07
N LYS A 361 -70.40 -26.47 38.22
CA LYS A 361 -71.77 -26.55 37.74
C LYS A 361 -72.67 -27.27 38.76
N MET A 362 -73.76 -26.62 39.15
CA MET A 362 -74.62 -27.15 40.21
C MET A 362 -75.71 -28.07 39.73
N SER A 363 -75.79 -28.38 38.44
CA SER A 363 -76.82 -29.29 38.01
C SER A 363 -76.31 -30.11 36.84
N MET A 364 -76.95 -31.25 36.65
CA MET A 364 -76.65 -32.13 35.53
C MET A 364 -77.98 -32.58 34.96
N LEU A 365 -77.99 -32.91 33.70
CA LEU A 365 -79.20 -33.31 33.02
C LEU A 365 -79.16 -34.82 32.91
N PHE A 366 -79.87 -35.47 33.83
CA PHE A 366 -79.81 -36.89 34.04
C PHE A 366 -81.19 -37.54 34.03
N ASP A 367 -81.29 -38.70 33.40
CA ASP A 367 -82.56 -39.41 33.28
C ASP A 367 -83.10 -40.06 34.54
N HIS A 368 -84.40 -40.31 34.53
CA HIS A 368 -85.04 -40.99 35.64
C HIS A 368 -85.86 -42.15 35.08
N HIS A 369 -85.74 -43.32 35.69
CA HIS A 369 -86.48 -44.48 35.23
C HIS A 369 -87.66 -44.79 36.14
N GLU B 36 -29.73 -62.21 37.31
CA GLU B 36 -30.91 -61.73 36.61
C GLU B 36 -32.16 -62.15 37.37
N GLY B 37 -33.25 -61.40 37.20
CA GLY B 37 -34.48 -61.69 37.90
C GLY B 37 -34.52 -61.04 39.27
N ASP B 38 -35.58 -61.34 39.99
CA ASP B 38 -35.76 -60.79 41.33
C ASP B 38 -35.06 -61.61 42.39
N GLY B 39 -34.36 -62.68 42.01
CA GLY B 39 -33.65 -63.52 42.93
C GLY B 39 -34.28 -64.86 43.17
N SER B 40 -35.53 -65.01 42.77
CA SER B 40 -36.30 -66.24 42.98
C SER B 40 -35.74 -67.48 42.32
N ALA B 41 -34.73 -67.31 41.47
CA ALA B 41 -34.11 -68.41 40.76
C ALA B 41 -33.23 -69.27 41.64
N PRO B 42 -32.90 -70.47 41.19
CA PRO B 42 -32.05 -71.30 42.05
C PRO B 42 -30.69 -70.71 42.39
N GLY B 43 -30.00 -70.01 41.50
CA GLY B 43 -28.68 -69.49 41.83
C GLY B 43 -28.53 -67.97 41.81
N GLY B 44 -27.52 -67.45 42.49
CA GLY B 44 -27.32 -66.01 42.55
C GLY B 44 -27.74 -65.35 43.84
N SER B 45 -28.47 -64.25 43.75
CA SER B 45 -28.93 -63.51 44.93
C SER B 45 -30.20 -64.08 45.57
N VAL B 46 -30.37 -63.86 46.87
CA VAL B 46 -31.49 -64.35 47.66
C VAL B 46 -32.74 -63.51 47.49
N TRP B 47 -33.85 -64.16 47.19
CA TRP B 47 -35.10 -63.44 47.09
C TRP B 47 -35.42 -63.12 48.52
N GLN B 48 -35.70 -61.87 48.83
CA GLN B 48 -36.00 -61.52 50.20
C GLN B 48 -37.28 -60.72 50.28
N THR B 49 -37.96 -60.86 51.41
CA THR B 49 -39.28 -60.30 51.62
C THR B 49 -39.23 -58.80 51.80
N THR B 50 -40.39 -58.16 51.64
CA THR B 50 -40.50 -56.72 51.73
C THR B 50 -40.15 -56.21 53.13
N ASP B 51 -39.75 -54.94 53.17
CA ASP B 51 -39.29 -54.31 54.39
C ASP B 51 -40.46 -53.88 55.25
N TYR B 52 -40.49 -54.32 56.50
CA TYR B 52 -41.49 -53.88 57.45
C TYR B 52 -41.08 -52.67 58.28
N ILE B 53 -39.83 -52.22 58.21
CA ILE B 53 -39.43 -51.07 59.00
C ILE B 53 -40.03 -49.79 58.44
N ALA B 54 -39.93 -49.59 57.13
CA ALA B 54 -40.22 -48.30 56.54
C ALA B 54 -41.56 -47.74 56.99
N LEU B 55 -42.57 -48.59 57.10
CA LEU B 55 -43.89 -48.11 57.55
C LEU B 55 -44.00 -47.97 59.05
N SER B 56 -43.15 -48.65 59.82
CA SER B 56 -43.20 -48.45 61.26
C SER B 56 -42.46 -47.19 61.69
N MET B 57 -41.54 -46.69 60.87
CA MET B 57 -40.80 -45.48 61.21
C MET B 57 -41.43 -44.21 60.70
N VAL B 58 -42.46 -44.28 59.86
CA VAL B 58 -43.01 -43.06 59.30
C VAL B 58 -43.66 -42.25 60.42
N VAL B 59 -43.29 -40.98 60.50
CA VAL B 59 -43.77 -40.10 61.55
C VAL B 59 -44.90 -39.26 60.98
N TYR B 60 -46.07 -39.36 61.60
CA TYR B 60 -47.22 -38.58 61.21
C TYR B 60 -47.37 -37.44 62.20
N ARG B 61 -47.83 -36.30 61.70
CA ARG B 61 -47.74 -35.05 62.45
C ARG B 61 -49.09 -34.38 62.47
N THR B 62 -49.65 -34.20 63.66
CA THR B 62 -50.94 -33.55 63.82
C THR B 62 -50.86 -32.40 64.81
N ALA B 63 -51.99 -31.79 65.13
CA ALA B 63 -52.00 -30.70 66.10
C ALA B 63 -53.38 -30.61 66.71
N ILE B 64 -53.46 -29.92 67.85
CA ILE B 64 -54.71 -29.63 68.53
C ILE B 64 -54.76 -28.14 68.78
N LYS B 65 -55.72 -27.47 68.16
CA LYS B 65 -55.89 -26.03 68.28
C LYS B 65 -57.20 -25.74 68.99
N LEU B 66 -57.17 -24.83 69.94
CA LEU B 66 -58.34 -24.49 70.75
C LEU B 66 -58.36 -22.99 71.01
N ARG B 67 -59.53 -22.40 70.98
CA ARG B 67 -59.71 -21.00 71.31
C ARG B 67 -60.55 -20.84 72.56
N ASN B 68 -60.33 -19.73 73.24
CA ASN B 68 -60.92 -19.47 74.53
C ASN B 68 -60.99 -17.97 74.69
N PHE B 69 -61.95 -17.51 75.49
CA PHE B 69 -61.97 -16.12 75.94
C PHE B 69 -61.59 -16.09 77.40
N VAL B 70 -60.64 -15.23 77.74
CA VAL B 70 -60.15 -15.10 79.11
C VAL B 70 -60.64 -13.79 79.67
N ASN B 71 -61.21 -13.83 80.86
CA ASN B 71 -61.64 -12.65 81.59
C ASN B 71 -60.89 -12.61 82.91
N ILE B 72 -60.05 -11.60 83.08
CA ILE B 72 -59.25 -11.45 84.29
C ILE B 72 -59.81 -10.27 85.05
N ARG B 73 -60.39 -10.52 86.21
CA ARG B 73 -61.03 -9.47 86.99
C ARG B 73 -60.49 -9.46 88.41
N GLY B 74 -60.54 -8.28 89.03
CA GLY B 74 -60.21 -8.16 90.43
C GLY B 74 -58.80 -8.57 90.78
N LEU B 75 -57.85 -8.30 89.90
CA LEU B 75 -56.47 -8.70 90.08
C LEU B 75 -55.69 -7.48 90.56
N THR B 76 -55.26 -7.50 91.81
CA THR B 76 -54.52 -6.38 92.35
C THR B 76 -53.08 -6.41 91.85
N PRO B 77 -52.35 -5.30 91.96
CA PRO B 77 -51.00 -5.26 91.39
C PRO B 77 -50.01 -6.21 92.03
N THR B 78 -50.25 -6.65 93.27
CA THR B 78 -49.36 -7.62 93.89
C THR B 78 -49.61 -9.01 93.34
N GLU B 79 -50.87 -9.41 93.26
CA GLU B 79 -51.24 -10.72 92.74
C GLU B 79 -51.11 -10.76 91.22
N MET B 80 -51.00 -11.96 90.69
CA MET B 80 -50.56 -12.18 89.33
C MET B 80 -51.18 -13.45 88.78
N ILE B 81 -51.53 -13.44 87.50
CA ILE B 81 -52.10 -14.62 86.84
C ILE B 81 -50.98 -15.51 86.35
N VAL B 82 -51.05 -16.77 86.71
CA VAL B 82 -50.08 -17.77 86.28
C VAL B 82 -50.61 -18.42 85.02
N ILE B 83 -49.83 -18.36 83.94
CA ILE B 83 -50.26 -18.98 82.69
C ILE B 83 -49.88 -20.44 82.81
N PRO B 84 -50.80 -21.35 82.92
CA PRO B 84 -50.43 -22.77 83.03
C PRO B 84 -49.99 -23.32 81.68
N TRP B 85 -49.03 -22.65 81.07
CA TRP B 85 -48.74 -22.93 79.67
C TRP B 85 -47.69 -24.02 79.53
N ASN B 86 -47.09 -24.44 80.63
CA ASN B 86 -46.14 -25.54 80.62
C ASN B 86 -46.74 -26.87 81.02
N VAL B 87 -48.03 -26.92 81.29
CA VAL B 87 -48.71 -28.18 81.59
C VAL B 87 -49.36 -28.69 80.32
N MET B 88 -49.21 -29.99 80.08
CA MET B 88 -49.66 -30.57 78.83
C MET B 88 -51.17 -30.45 78.67
N ARG B 89 -51.90 -30.58 79.77
CA ARG B 89 -53.36 -30.56 79.74
C ARG B 89 -53.91 -29.21 79.31
N PHE B 90 -53.10 -28.16 79.35
CA PHE B 90 -53.55 -26.84 78.97
C PHE B 90 -53.90 -26.79 77.49
N TYR B 91 -53.06 -27.39 76.65
CA TYR B 91 -53.22 -27.26 75.20
C TYR B 91 -54.24 -28.23 74.62
N CYS B 92 -54.18 -29.49 75.04
CA CYS B 92 -54.96 -30.56 74.41
C CYS B 92 -56.23 -30.91 75.15
N GLU B 93 -56.52 -30.28 76.27
CA GLU B 93 -57.78 -30.47 76.96
C GLU B 93 -58.38 -29.10 77.24
N TYR B 94 -59.68 -28.97 77.02
CA TYR B 94 -60.31 -27.67 76.98
C TYR B 94 -61.01 -27.48 78.30
N ASN B 95 -60.44 -26.66 79.18
CA ASN B 95 -61.04 -26.46 80.48
C ASN B 95 -61.50 -25.01 80.51
N THR B 96 -62.80 -24.82 80.35
CA THR B 96 -63.41 -23.51 80.42
C THR B 96 -64.79 -23.66 81.03
N GLY B 97 -65.12 -22.85 82.02
CA GLY B 97 -66.48 -22.81 82.49
C GLY B 97 -67.04 -24.17 82.85
N THR B 98 -68.15 -24.55 82.23
CA THR B 98 -68.82 -25.79 82.51
C THR B 98 -68.13 -27.00 81.86
N TYR B 99 -67.33 -26.79 80.82
CA TYR B 99 -66.70 -27.90 80.12
C TYR B 99 -65.90 -28.78 81.07
N GLY B 100 -64.96 -28.18 81.80
CA GLY B 100 -64.12 -28.94 82.71
C GLY B 100 -64.90 -29.74 83.73
N LEU B 101 -66.12 -29.33 84.04
CA LEU B 101 -66.96 -30.11 84.94
C LEU B 101 -67.51 -31.35 84.24
N SER B 102 -67.85 -31.22 82.96
CA SER B 102 -68.30 -32.36 82.18
C SER B 102 -67.12 -33.29 81.87
N GLY B 103 -67.45 -34.53 81.54
CA GLY B 103 -66.44 -35.55 81.39
C GLY B 103 -65.81 -35.61 80.02
N ASN B 104 -64.55 -36.06 79.99
CA ASN B 104 -63.79 -36.34 78.78
C ASN B 104 -63.84 -35.15 77.82
N VAL B 105 -63.15 -34.08 78.23
CA VAL B 105 -63.09 -32.87 77.43
C VAL B 105 -61.84 -32.84 76.56
N HIS B 106 -61.05 -33.91 76.56
CA HIS B 106 -59.92 -34.00 75.67
C HIS B 106 -60.36 -33.86 74.22
N HIS B 107 -59.49 -33.25 73.41
CA HIS B 107 -59.75 -33.15 71.99
C HIS B 107 -59.63 -34.53 71.36
N LYS B 108 -60.44 -34.78 70.32
CA LYS B 108 -60.51 -36.13 69.79
C LYS B 108 -59.28 -36.52 69.01
N ASN B 109 -58.48 -35.56 68.52
CA ASN B 109 -57.19 -35.93 67.97
C ASN B 109 -56.29 -36.52 69.04
N TYR B 110 -56.46 -36.10 70.28
CA TYR B 110 -55.61 -36.68 71.32
C TYR B 110 -56.10 -38.05 71.73
N SER B 111 -57.40 -38.28 71.72
CA SER B 111 -57.93 -39.58 72.10
C SER B 111 -57.39 -40.67 71.19
N MET B 112 -57.18 -40.36 69.91
CA MET B 112 -56.60 -41.36 69.02
C MET B 112 -55.09 -41.43 69.09
N LEU B 113 -54.42 -40.38 69.58
CA LEU B 113 -52.98 -40.51 69.81
C LEU B 113 -52.68 -41.64 70.77
N LEU B 114 -53.66 -42.05 71.56
CA LEU B 114 -53.56 -43.24 72.38
C LEU B 114 -53.87 -44.50 71.60
N ALA B 115 -54.45 -44.38 70.40
CA ALA B 115 -54.67 -45.54 69.55
C ALA B 115 -53.40 -45.93 68.81
N CYS B 116 -52.65 -44.95 68.32
CA CYS B 116 -51.34 -45.24 67.72
C CYS B 116 -50.35 -45.58 68.83
N LYS B 117 -49.26 -46.25 68.46
CA LYS B 117 -48.42 -46.80 69.51
C LYS B 117 -47.52 -45.77 70.15
N ALA B 118 -47.19 -44.69 69.46
CA ALA B 118 -46.29 -43.68 69.98
C ALA B 118 -46.77 -42.32 69.55
N HIS B 119 -46.68 -41.36 70.45
CA HIS B 119 -46.92 -39.97 70.11
C HIS B 119 -45.91 -39.11 70.84
N ARG B 120 -45.61 -37.96 70.25
CA ARG B 120 -44.67 -37.06 70.87
C ARG B 120 -45.16 -35.63 70.72
N PRO B 121 -45.04 -34.82 71.77
CA PRO B 121 -45.69 -33.50 71.77
C PRO B 121 -45.05 -32.44 70.89
N THR B 122 -43.76 -32.51 70.57
CA THR B 122 -43.07 -31.52 69.76
C THR B 122 -43.42 -30.08 70.15
N LYS B 123 -43.73 -29.23 69.18
CA LYS B 123 -43.92 -27.82 69.47
C LYS B 123 -45.21 -27.58 70.24
N VAL B 124 -45.20 -26.52 71.05
CA VAL B 124 -46.37 -26.13 71.83
C VAL B 124 -46.35 -24.61 71.96
N GLY B 125 -47.52 -23.99 71.96
CA GLY B 125 -47.57 -22.55 72.01
C GLY B 125 -48.96 -22.03 72.21
N TYR B 126 -49.06 -20.71 72.38
CA TYR B 126 -50.36 -20.08 72.57
C TYR B 126 -50.30 -18.62 72.14
N THR B 127 -51.47 -18.03 71.96
CA THR B 127 -51.59 -16.66 71.50
C THR B 127 -52.59 -15.91 72.36
N LEU B 128 -52.21 -14.72 72.80
CA LEU B 128 -53.11 -13.75 73.42
C LEU B 128 -53.45 -12.68 72.41
N SER B 129 -54.73 -12.38 72.27
CA SER B 129 -55.14 -11.52 71.17
C SER B 129 -56.32 -10.65 71.58
N ASN B 130 -56.42 -9.49 70.94
CA ASN B 130 -57.56 -8.58 71.06
C ASN B 130 -57.93 -8.31 72.51
N LEU B 131 -57.02 -7.58 73.15
CA LEU B 131 -57.18 -7.25 74.55
C LEU B 131 -58.27 -6.20 74.72
N ILE B 132 -59.11 -6.41 75.72
CA ILE B 132 -60.13 -5.44 76.11
C ILE B 132 -59.96 -5.20 77.60
N LEU B 133 -59.62 -3.98 77.96
CA LEU B 133 -59.56 -3.55 79.35
C LEU B 133 -60.86 -2.85 79.73
N THR B 134 -61.36 -3.16 80.91
CA THR B 134 -62.52 -2.52 81.47
C THR B 134 -62.18 -2.05 82.87
N SER B 135 -63.02 -1.18 83.42
CA SER B 135 -62.76 -0.57 84.72
C SER B 135 -63.99 -0.69 85.60
N ASP B 136 -63.77 -1.12 86.84
CA ASP B 136 -64.80 -1.10 87.86
C ASP B 136 -64.83 0.21 88.62
N GLU B 137 -64.04 1.19 88.20
CA GLU B 137 -63.93 2.44 88.94
C GLU B 137 -65.28 3.12 89.12
N LEU B 138 -66.12 3.08 88.10
CA LEU B 138 -67.46 3.66 88.24
C LEU B 138 -68.38 2.78 89.06
N VAL B 139 -68.01 1.54 89.29
CA VAL B 139 -68.83 0.61 90.06
C VAL B 139 -68.71 0.91 91.54
N SER B 140 -69.84 0.86 92.24
CA SER B 140 -69.88 1.02 93.68
C SER B 140 -70.94 0.07 94.23
N THR B 141 -70.89 -0.14 95.55
CA THR B 141 -71.86 -1.04 96.16
C THR B 141 -73.29 -0.55 95.98
N GLY B 142 -73.48 0.76 95.82
CA GLY B 142 -74.79 1.27 95.49
C GLY B 142 -75.26 0.87 94.11
N GLY B 143 -74.31 0.62 93.21
CA GLY B 143 -74.65 0.12 91.89
C GLY B 143 -75.05 1.23 90.92
N THR B 144 -75.96 0.88 90.02
CA THR B 144 -76.55 1.75 88.99
C THR B 144 -75.53 2.11 87.91
N LEU B 145 -74.26 1.83 88.14
CA LEU B 145 -73.22 1.98 87.13
C LEU B 145 -72.36 0.74 87.12
N GLY B 146 -72.22 0.12 85.96
CA GLY B 146 -71.42 -1.08 85.80
C GLY B 146 -70.06 -0.76 85.23
N THR B 147 -69.27 -1.82 85.09
CA THR B 147 -67.94 -1.66 84.52
C THR B 147 -68.04 -1.27 83.05
N THR B 148 -67.01 -0.60 82.56
CA THR B 148 -66.99 -0.25 81.15
C THR B 148 -65.54 -0.10 80.75
N THR B 149 -65.30 -0.19 79.44
CA THR B 149 -63.95 -0.09 78.90
C THR B 149 -63.29 1.20 79.34
N THR B 150 -61.97 1.14 79.50
CA THR B 150 -61.22 2.29 79.99
C THR B 150 -61.45 3.50 79.10
N PHE B 151 -61.47 4.67 79.73
CA PHE B 151 -61.78 5.90 79.01
C PHE B 151 -60.79 6.15 77.88
N ASN B 152 -59.52 5.83 78.09
CA ASN B 152 -58.53 5.89 77.04
C ASN B 152 -57.73 4.60 77.05
N THR B 153 -56.94 4.41 76.00
CA THR B 153 -56.23 3.17 75.77
C THR B 153 -54.87 3.12 76.43
N SER B 154 -54.52 4.14 77.21
CA SER B 154 -53.24 4.14 77.92
C SER B 154 -53.04 2.96 78.87
N PRO B 155 -54.05 2.45 79.59
CA PRO B 155 -53.79 1.31 80.47
C PRO B 155 -53.38 0.09 79.69
N TYR B 156 -52.77 -0.86 80.40
CA TYR B 156 -52.20 -2.04 79.78
C TYR B 156 -52.21 -3.20 80.75
N MET B 157 -52.10 -4.40 80.20
CA MET B 157 -51.90 -5.60 80.99
C MET B 157 -50.49 -6.11 80.73
N ILE B 158 -49.79 -6.45 81.79
CA ILE B 158 -48.37 -6.79 81.70
C ILE B 158 -48.27 -8.30 81.49
N HIS B 159 -47.64 -8.71 80.41
CA HIS B 159 -47.33 -10.11 80.20
C HIS B 159 -45.87 -10.33 80.57
N SER B 160 -45.64 -11.11 81.61
CA SER B 160 -44.31 -11.31 82.15
C SER B 160 -43.82 -12.71 81.85
N ILE B 161 -42.60 -12.82 81.36
CA ILE B 161 -41.92 -14.08 81.15
C ILE B 161 -40.75 -14.11 82.11
N ASP B 162 -40.72 -15.08 83.01
CA ASP B 162 -39.64 -15.09 84.00
C ASP B 162 -38.53 -15.96 83.43
N ASP B 163 -37.47 -15.31 82.95
CA ASP B 163 -36.33 -16.01 82.38
C ASP B 163 -35.35 -16.45 83.46
N GLN B 164 -35.13 -15.59 84.44
CA GLN B 164 -34.16 -15.84 85.50
C GLN B 164 -34.74 -16.72 86.59
N GLN B 165 -36.00 -17.11 86.46
CA GLN B 165 -36.70 -17.94 87.44
C GLN B 165 -36.69 -17.29 88.81
N CYS B 166 -37.16 -16.05 88.86
CA CYS B 166 -37.45 -15.42 90.14
C CYS B 166 -38.37 -16.31 90.97
N LEU B 167 -39.38 -16.88 90.32
CA LEU B 167 -40.32 -17.79 90.95
C LEU B 167 -40.07 -19.18 90.41
N SER B 168 -39.54 -20.06 91.25
CA SER B 168 -39.31 -21.44 90.87
C SER B 168 -40.61 -22.23 90.91
N LYS B 169 -41.37 -22.05 91.98
CA LYS B 169 -42.57 -22.81 92.26
C LYS B 169 -43.63 -21.84 92.74
N VAL B 170 -44.82 -21.93 92.16
CA VAL B 170 -45.85 -20.93 92.34
C VAL B 170 -47.06 -21.58 93.00
N TYR B 171 -47.59 -20.93 94.02
CA TYR B 171 -48.71 -21.43 94.78
C TYR B 171 -49.92 -20.52 94.62
N PRO B 172 -51.13 -21.04 94.77
CA PRO B 172 -52.31 -20.17 94.76
C PRO B 172 -52.33 -19.27 95.98
N LYS B 173 -53.15 -18.22 95.90
CA LYS B 173 -53.32 -17.33 97.03
C LYS B 173 -53.97 -18.07 98.19
N THR B 174 -53.76 -17.52 99.39
CA THR B 174 -54.19 -18.19 100.61
C THR B 174 -55.64 -18.62 100.55
N ASP B 175 -56.53 -17.72 100.14
CA ASP B 175 -57.94 -18.06 100.13
C ASP B 175 -58.33 -18.90 98.92
N THR B 176 -57.76 -18.60 97.76
CA THR B 176 -58.21 -19.21 96.53
C THR B 176 -57.59 -20.59 96.35
N VAL B 177 -57.97 -21.25 95.26
CA VAL B 177 -57.41 -22.54 94.88
C VAL B 177 -57.49 -22.64 93.37
N TRP B 178 -56.66 -23.50 92.79
CA TRP B 178 -56.56 -23.62 91.36
C TRP B 178 -57.25 -24.89 90.89
N PRO B 179 -58.45 -24.81 90.30
CA PRO B 179 -59.05 -26.02 89.72
C PRO B 179 -58.38 -26.37 88.42
N VAL B 180 -58.30 -27.66 88.13
CA VAL B 180 -57.79 -28.02 86.82
C VAL B 180 -58.89 -27.85 85.78
N SER B 181 -60.15 -27.98 86.20
CA SER B 181 -61.27 -27.77 85.29
C SER B 181 -61.36 -26.32 84.82
N SER B 182 -60.71 -25.41 85.53
CA SER B 182 -60.72 -24.00 85.20
C SER B 182 -59.50 -23.57 84.40
N MET B 183 -58.66 -24.52 83.98
CA MET B 183 -57.29 -24.21 83.57
C MET B 183 -57.23 -23.18 82.45
N ARG B 184 -58.02 -23.37 81.38
CA ARG B 184 -57.78 -22.56 80.19
C ARG B 184 -58.33 -21.15 80.29
N GLU B 185 -59.36 -20.88 81.07
CA GLU B 185 -59.67 -19.49 81.38
C GLU B 185 -58.79 -19.14 82.55
N LEU B 186 -58.06 -18.05 82.46
CA LEU B 186 -56.91 -17.93 83.34
C LEU B 186 -57.42 -17.24 84.59
N ASP B 187 -57.71 -18.05 85.61
CA ASP B 187 -58.05 -17.58 86.93
C ASP B 187 -56.95 -17.78 87.95
N TYR B 188 -55.82 -18.38 87.58
CA TYR B 188 -54.89 -18.81 88.62
C TYR B 188 -54.14 -17.59 89.10
N VAL B 189 -54.31 -17.25 90.36
CA VAL B 189 -53.77 -16.03 90.94
C VAL B 189 -52.73 -16.42 91.97
N ALA B 190 -51.51 -15.98 91.74
CA ALA B 190 -50.44 -16.10 92.71
C ALA B 190 -50.18 -14.73 93.32
N SER B 191 -49.81 -14.72 94.59
CA SER B 191 -49.39 -13.50 95.23
C SER B 191 -47.91 -13.66 95.54
N THR B 192 -47.07 -12.92 94.82
CA THR B 192 -45.63 -12.99 95.00
C THR B 192 -45.25 -12.04 96.12
N VAL B 193 -44.68 -12.59 97.19
CA VAL B 193 -44.44 -11.84 98.41
C VAL B 193 -43.08 -12.22 98.97
N SER B 194 -42.28 -11.22 99.32
CA SER B 194 -41.04 -11.43 100.05
C SER B 194 -41.40 -11.60 101.53
N GLY B 195 -40.42 -11.56 102.42
CA GLY B 195 -40.79 -11.81 103.79
C GLY B 195 -41.78 -10.81 104.35
N ASP B 196 -41.44 -9.53 104.38
CA ASP B 196 -42.40 -8.48 104.66
C ASP B 196 -42.88 -7.75 103.41
N ASN B 197 -42.36 -8.09 102.25
CA ASN B 197 -42.50 -7.24 101.06
C ASN B 197 -43.43 -7.89 100.05
N ALA B 198 -44.42 -7.14 99.60
CA ALA B 198 -45.25 -7.57 98.48
C ALA B 198 -44.53 -7.24 97.19
N ILE B 199 -44.26 -8.26 96.39
CA ILE B 199 -43.53 -8.08 95.14
C ILE B 199 -44.50 -7.65 94.06
N ILE B 200 -44.18 -6.57 93.36
CA ILE B 200 -44.87 -6.23 92.12
C ILE B 200 -44.27 -7.13 91.04
N PRO B 201 -45.06 -8.02 90.43
CA PRO B 201 -44.48 -9.05 89.57
C PRO B 201 -43.68 -8.51 88.40
N SER B 202 -44.14 -7.43 87.77
CA SER B 202 -43.44 -6.88 86.63
C SER B 202 -42.03 -6.42 86.95
N THR B 203 -41.74 -6.13 88.22
CA THR B 203 -40.45 -5.57 88.56
C THR B 203 -39.35 -6.62 88.62
N ILE B 204 -39.68 -7.83 89.11
CA ILE B 204 -38.66 -8.87 89.21
C ILE B 204 -38.44 -9.58 87.89
N PHE B 205 -39.50 -9.80 87.12
CA PHE B 205 -39.42 -10.66 85.95
C PHE B 205 -38.62 -9.99 84.84
N ASN B 206 -38.12 -10.82 83.94
CA ASN B 206 -37.16 -10.36 82.95
C ASN B 206 -37.86 -9.70 81.77
N LYS B 207 -38.52 -10.48 80.93
CA LYS B 207 -39.28 -9.92 79.83
C LYS B 207 -40.67 -9.57 80.34
N ASN B 208 -41.01 -8.29 80.25
CA ASN B 208 -42.32 -7.78 80.63
C ASN B 208 -42.84 -6.99 79.45
N ARG B 209 -43.91 -7.48 78.83
CA ARG B 209 -44.55 -6.81 77.72
C ARG B 209 -45.75 -6.04 78.25
N TYR B 210 -45.78 -4.73 78.01
CA TYR B 210 -46.94 -3.95 78.39
C TYR B 210 -47.85 -3.91 77.18
N TRP B 211 -48.97 -4.61 77.27
CA TRP B 211 -49.79 -4.92 76.11
C TRP B 211 -51.11 -4.18 76.26
N LYS B 212 -51.37 -3.29 75.32
CA LYS B 212 -52.47 -2.35 75.40
C LYS B 212 -53.60 -2.79 74.48
N GLN B 213 -54.65 -1.99 74.48
CA GLN B 213 -55.78 -2.20 73.59
C GLN B 213 -55.39 -1.76 72.19
N GLY B 214 -55.49 -2.67 71.23
CA GLY B 214 -55.10 -2.40 69.87
C GLY B 214 -53.75 -2.96 69.49
N ASP B 215 -52.93 -3.35 70.46
CA ASP B 215 -51.64 -3.96 70.15
C ASP B 215 -51.85 -5.29 69.43
N ASP B 216 -50.83 -5.70 68.70
CA ASP B 216 -50.88 -6.95 67.99
C ASP B 216 -50.92 -8.11 68.97
N ALA B 217 -51.39 -9.24 68.49
CA ALA B 217 -51.49 -10.43 69.33
C ALA B 217 -50.12 -10.84 69.84
N LEU B 218 -50.11 -11.44 71.02
CA LEU B 218 -48.88 -11.91 71.64
C LEU B 218 -48.75 -13.40 71.41
N HIS B 219 -47.71 -13.80 70.68
CA HIS B 219 -47.52 -15.19 70.28
C HIS B 219 -46.37 -15.78 71.08
N PHE B 220 -46.62 -16.92 71.71
CA PHE B 220 -45.59 -17.58 72.49
C PHE B 220 -45.54 -19.03 72.09
N SER B 221 -44.33 -19.55 71.91
CA SER B 221 -44.14 -20.90 71.39
C SER B 221 -43.00 -21.55 72.12
N HIS B 222 -43.03 -22.88 72.16
CA HIS B 222 -41.92 -23.66 72.70
C HIS B 222 -41.73 -24.87 71.81
N ASP B 223 -40.50 -25.07 71.33
CA ASP B 223 -40.18 -26.23 70.52
C ASP B 223 -39.62 -27.32 71.40
N LEU B 224 -40.14 -28.53 71.25
CA LEU B 224 -39.62 -29.70 71.93
C LEU B 224 -38.88 -30.57 70.93
N ASP B 225 -37.63 -30.88 71.21
CA ASP B 225 -36.90 -31.91 70.49
C ASP B 225 -36.63 -33.03 71.47
N LEU B 226 -37.34 -34.14 71.31
CA LEU B 226 -37.20 -35.30 72.16
C LEU B 226 -36.53 -36.40 71.35
N GLY B 227 -35.68 -37.17 71.99
CA GLY B 227 -35.16 -38.31 71.29
C GLY B 227 -36.03 -39.53 71.39
N PHE B 228 -37.18 -39.42 72.04
CA PHE B 228 -37.99 -40.58 72.35
C PHE B 228 -39.45 -40.21 72.15
N TRP B 229 -40.32 -41.14 72.49
CA TRP B 229 -41.74 -41.07 72.21
C TRP B 229 -42.49 -41.45 73.47
N PHE B 230 -43.79 -41.18 73.49
CA PHE B 230 -44.63 -41.53 74.63
C PHE B 230 -45.69 -42.52 74.21
N GLY B 231 -45.92 -43.52 75.05
CA GLY B 231 -46.92 -44.52 74.75
C GLY B 231 -48.20 -44.41 75.55
N SER B 232 -48.21 -43.54 76.56
CA SER B 232 -49.35 -43.41 77.44
C SER B 232 -49.90 -41.99 77.37
N ASP B 233 -50.97 -41.74 78.11
CA ASP B 233 -51.52 -40.40 78.16
C ASP B 233 -50.67 -39.52 79.07
N TYR B 234 -50.71 -38.21 78.82
CA TYR B 234 -49.95 -37.30 79.66
C TYR B 234 -50.49 -37.29 81.08
N GLY B 235 -51.80 -37.20 81.25
CA GLY B 235 -52.35 -37.38 82.59
C GLY B 235 -51.89 -36.34 83.57
N ASN B 236 -52.16 -35.07 83.26
CA ASN B 236 -51.72 -33.90 84.03
C ASN B 236 -50.23 -33.93 84.32
N ALA B 237 -49.47 -34.12 83.25
CA ALA B 237 -48.02 -33.97 83.26
C ALA B 237 -47.63 -32.65 82.63
N TYR B 238 -46.57 -32.04 83.14
CA TYR B 238 -45.99 -30.92 82.42
C TYR B 238 -45.54 -31.38 81.05
N VAL B 239 -45.78 -30.54 80.05
CA VAL B 239 -45.20 -30.86 78.73
C VAL B 239 -43.69 -30.97 78.86
N PRO B 240 -43.07 -32.00 78.28
CA PRO B 240 -41.75 -32.44 78.74
C PRO B 240 -40.71 -31.34 78.79
N GLN B 241 -39.98 -31.31 79.90
CA GLN B 241 -38.98 -30.31 80.17
C GLN B 241 -37.85 -30.97 80.93
N ASN B 242 -36.64 -30.46 80.75
CA ASN B 242 -35.48 -30.89 81.53
C ASN B 242 -35.06 -29.71 82.38
N ASN B 243 -35.22 -29.82 83.69
CA ASN B 243 -34.97 -28.67 84.54
C ASN B 243 -34.49 -29.10 85.90
N ASP B 244 -34.22 -28.10 86.73
CA ASP B 244 -34.01 -28.33 88.15
C ASP B 244 -35.27 -28.90 88.80
N SER B 245 -36.43 -28.49 88.33
CA SER B 245 -37.68 -28.98 88.90
C SER B 245 -38.12 -30.31 88.31
N MET B 246 -37.82 -30.59 87.04
CA MET B 246 -38.46 -31.73 86.41
C MET B 246 -37.63 -32.23 85.24
N ASN B 247 -37.90 -33.48 84.87
CA ASN B 247 -37.26 -34.12 83.73
C ASN B 247 -38.30 -34.66 82.77
N ALA B 248 -37.89 -34.82 81.51
CA ALA B 248 -38.83 -35.07 80.43
C ALA B 248 -39.30 -36.51 80.38
N VAL B 249 -38.47 -37.45 80.81
CA VAL B 249 -38.75 -38.88 80.70
C VAL B 249 -39.20 -39.39 82.06
N GLY B 250 -40.27 -40.18 82.06
CA GLY B 250 -40.95 -40.51 83.31
C GLY B 250 -40.71 -41.87 83.92
N THR B 251 -40.12 -42.78 83.16
CA THR B 251 -39.91 -44.13 83.67
C THR B 251 -38.61 -44.21 84.45
N ILE B 252 -38.65 -44.88 85.59
CA ILE B 252 -37.43 -45.17 86.34
C ILE B 252 -36.62 -46.17 85.53
N PRO B 253 -35.41 -45.83 85.12
CA PRO B 253 -34.57 -46.81 84.43
C PRO B 253 -34.18 -47.95 85.34
N THR B 254 -33.98 -49.12 84.73
CA THR B 254 -33.82 -50.36 85.47
C THR B 254 -32.54 -51.06 85.04
N SER B 255 -32.14 -52.05 85.84
CA SER B 255 -30.74 -52.49 85.90
C SER B 255 -30.30 -53.24 84.65
N LYS B 256 -28.99 -53.14 84.39
CA LYS B 256 -28.27 -54.04 83.48
C LYS B 256 -28.74 -53.92 82.04
N HIS B 257 -29.06 -52.70 81.62
CA HIS B 257 -29.33 -52.41 80.21
C HIS B 257 -29.38 -50.91 80.04
N ILE B 258 -29.66 -50.48 78.81
CA ILE B 258 -29.60 -49.09 78.42
C ILE B 258 -31.00 -48.51 78.46
N ASN B 259 -31.11 -47.26 78.91
CA ASN B 259 -32.39 -46.61 79.10
C ASN B 259 -32.30 -45.19 78.58
N VAL B 260 -33.42 -44.68 78.07
CA VAL B 260 -33.43 -43.30 77.60
C VAL B 260 -33.49 -42.37 78.80
N ARG B 261 -32.58 -41.40 78.82
CA ARG B 261 -32.36 -40.53 79.95
C ARG B 261 -32.46 -39.08 79.48
N GLY B 262 -33.13 -38.25 80.26
CA GLY B 262 -33.19 -36.85 79.94
C GLY B 262 -31.83 -36.19 80.03
N VAL B 263 -31.63 -35.16 79.21
CA VAL B 263 -30.35 -34.45 79.16
C VAL B 263 -30.61 -33.05 78.64
N ASN B 264 -29.72 -32.13 78.95
CA ASN B 264 -29.52 -30.83 78.29
C ASN B 264 -30.35 -29.62 78.72
N ASN B 265 -31.30 -29.70 79.65
CA ASN B 265 -31.99 -28.49 80.09
C ASN B 265 -32.69 -27.76 78.96
N ARG B 266 -33.79 -28.33 78.51
CA ARG B 266 -34.80 -27.58 77.78
C ARG B 266 -35.98 -27.39 78.71
N GLY B 267 -36.42 -26.14 78.86
CA GLY B 267 -37.52 -25.86 79.76
C GLY B 267 -38.29 -24.64 79.29
N MET B 268 -39.40 -24.36 79.96
CA MET B 268 -40.24 -23.23 79.60
C MET B 268 -40.24 -22.14 80.68
N ALA B 269 -40.23 -20.89 80.24
CA ALA B 269 -40.24 -19.75 81.15
C ALA B 269 -41.63 -19.56 81.76
N GLY B 270 -41.68 -19.24 83.04
CA GLY B 270 -42.94 -19.04 83.73
C GLY B 270 -43.67 -17.79 83.29
N HIS B 271 -44.57 -17.93 82.33
CA HIS B 271 -45.35 -16.81 81.84
C HIS B 271 -46.33 -16.34 82.90
N TYR B 272 -46.64 -15.06 82.93
CA TYR B 272 -47.55 -14.53 83.93
C TYR B 272 -48.27 -13.31 83.37
N LEU B 273 -49.40 -12.97 83.99
CA LEU B 273 -50.16 -11.79 83.63
C LEU B 273 -50.43 -10.98 84.88
N SER B 274 -50.28 -9.67 84.76
CA SER B 274 -50.46 -8.78 85.90
C SER B 274 -50.82 -7.40 85.37
N PHE B 275 -51.32 -6.58 86.27
CA PHE B 275 -51.64 -5.21 85.90
C PHE B 275 -50.75 -4.25 86.64
N PRO B 276 -50.42 -3.11 86.04
CA PRO B 276 -49.58 -2.14 86.70
C PRO B 276 -50.29 -1.54 87.90
N PRO B 277 -49.59 -1.32 89.01
CA PRO B 277 -50.22 -0.63 90.13
C PRO B 277 -50.60 0.79 89.74
N ILE B 278 -51.85 1.14 89.97
CA ILE B 278 -52.34 2.48 89.75
C ILE B 278 -53.12 2.88 90.98
N ARG B 279 -52.63 3.88 91.70
CA ARG B 279 -53.32 4.30 92.91
C ARG B 279 -54.56 5.12 92.57
N THR B 280 -55.56 4.99 93.41
CA THR B 280 -56.80 5.73 93.29
C THR B 280 -57.05 6.50 94.58
N ASN B 281 -58.19 7.18 94.62
CA ASN B 281 -58.66 7.76 95.87
C ASN B 281 -58.74 6.71 96.97
N ASP B 282 -59.13 5.47 96.60
CA ASP B 282 -59.15 4.36 97.52
C ASP B 282 -58.49 3.15 96.89
N GLY B 283 -57.40 2.69 97.48
CA GLY B 283 -56.78 1.46 97.02
C GLY B 283 -56.17 1.59 95.64
N GLN B 284 -56.39 0.58 94.82
CA GLN B 284 -55.74 0.44 93.52
C GLN B 284 -56.77 0.54 92.42
N PHE B 285 -56.31 0.98 91.25
CA PHE B 285 -57.19 1.10 90.11
C PHE B 285 -57.68 -0.28 89.73
N LYS B 286 -58.95 -0.40 89.39
CA LYS B 286 -59.51 -1.71 89.09
C LYS B 286 -59.42 -1.91 87.59
N LEU B 287 -58.51 -2.78 87.17
CA LEU B 287 -58.36 -3.13 85.77
C LEU B 287 -58.85 -4.55 85.57
N ASN B 288 -59.65 -4.72 84.55
CA ASN B 288 -60.18 -6.01 84.15
C ASN B 288 -59.76 -6.20 82.71
N ALA B 289 -59.46 -7.43 82.33
CA ALA B 289 -58.97 -7.67 80.99
C ALA B 289 -59.78 -8.78 80.33
N GLN B 290 -60.01 -8.62 79.03
CA GLN B 290 -60.43 -9.72 78.19
C GLN B 290 -59.41 -9.90 77.08
N PHE B 291 -59.19 -11.15 76.69
CA PHE B 291 -58.45 -11.44 75.47
C PHE B 291 -58.83 -12.85 75.04
N THR B 292 -58.53 -13.16 73.79
CA THR B 292 -58.76 -14.50 73.28
C THR B 292 -57.50 -15.32 73.46
N LEU B 293 -57.66 -16.55 73.91
CA LEU B 293 -56.56 -17.48 74.10
C LEU B 293 -56.64 -18.52 73.00
N GLU B 294 -55.70 -18.50 72.08
CA GLU B 294 -55.55 -19.53 71.06
C GLU B 294 -54.32 -20.35 71.41
N THR B 295 -54.51 -21.60 71.78
CA THR B 295 -53.41 -22.50 72.06
C THR B 295 -53.30 -23.51 70.93
N GLU B 296 -52.08 -23.92 70.64
CA GLU B 296 -51.83 -24.97 69.67
C GLU B 296 -50.73 -25.88 70.18
N ILE B 297 -50.96 -27.18 70.13
CA ILE B 297 -49.94 -28.17 70.43
C ILE B 297 -49.85 -29.10 69.25
N GLU B 298 -48.64 -29.32 68.75
CA GLU B 298 -48.41 -30.09 67.54
C GLU B 298 -47.83 -31.42 67.92
N PHE B 299 -48.59 -32.49 67.76
CA PHE B 299 -48.10 -33.83 68.05
C PHE B 299 -47.53 -34.49 66.81
N GLU B 300 -46.47 -35.25 67.01
CA GLU B 300 -46.06 -36.29 66.08
C GLU B 300 -46.51 -37.62 66.63
N PHE B 301 -46.96 -38.51 65.75
CA PHE B 301 -47.32 -39.85 66.20
C PHE B 301 -46.81 -40.86 65.19
N ARG B 302 -46.85 -42.11 65.59
CA ARG B 302 -46.20 -43.19 64.86
C ARG B 302 -47.02 -44.44 65.01
N LEU B 303 -47.08 -45.26 63.98
CA LEU B 303 -48.05 -46.34 63.93
C LEU B 303 -47.40 -47.67 64.25
N TRP B 304 -48.22 -48.72 64.19
CA TRP B 304 -47.90 -50.06 64.66
C TRP B 304 -46.99 -50.79 63.68
N GLU B 305 -46.34 -51.83 64.18
CA GLU B 305 -45.43 -52.63 63.38
C GLU B 305 -46.16 -53.34 62.25
N GLN B 306 -45.54 -53.35 61.08
CA GLN B 306 -46.11 -54.09 59.96
C GLN B 306 -45.91 -55.58 60.13
N GLY B 307 -46.74 -56.33 59.44
CA GLY B 307 -46.62 -57.77 59.44
C GLY B 307 -47.47 -58.42 60.49
N VAL B 308 -47.24 -59.72 60.68
CA VAL B 308 -47.95 -60.46 61.70
C VAL B 308 -47.65 -59.90 63.08
N GLN B 309 -46.52 -59.23 63.23
CA GLN B 309 -46.19 -58.61 64.51
C GLN B 309 -47.25 -57.61 64.94
N GLY B 310 -47.90 -56.96 63.99
CA GLY B 310 -48.91 -55.96 64.27
C GLY B 310 -50.32 -56.48 64.36
N ILE B 311 -50.52 -57.79 64.32
CA ILE B 311 -51.85 -58.35 64.48
C ILE B 311 -52.28 -58.23 65.94
N ASN B 312 -53.52 -57.80 66.16
CA ASN B 312 -53.99 -57.54 67.53
C ASN B 312 -53.78 -58.74 68.44
N SER B 313 -54.14 -59.94 67.97
CA SER B 313 -54.10 -61.10 68.85
C SER B 313 -52.68 -61.45 69.25
N VAL B 314 -51.74 -61.39 68.31
CA VAL B 314 -50.36 -61.77 68.60
C VAL B 314 -49.48 -60.57 68.94
N HIS B 315 -50.00 -59.35 68.88
CA HIS B 315 -49.16 -58.21 69.19
C HIS B 315 -48.87 -58.08 70.68
N THR B 316 -49.70 -58.68 71.54
CA THR B 316 -49.44 -58.61 72.96
C THR B 316 -48.10 -59.22 73.30
N ASN B 317 -47.89 -60.46 72.89
CA ASN B 317 -46.65 -61.17 73.19
C ASN B 317 -45.58 -61.05 72.10
N LEU B 318 -45.90 -60.52 70.93
CA LEU B 318 -44.88 -60.14 69.96
C LEU B 318 -44.51 -58.67 70.00
N ASN B 319 -45.06 -57.91 70.92
CA ASN B 319 -44.66 -56.52 71.08
C ASN B 319 -43.16 -56.46 71.34
N PRO B 320 -42.42 -55.58 70.66
CA PRO B 320 -40.98 -55.50 70.90
C PRO B 320 -40.69 -55.10 72.34
N ALA B 321 -39.72 -55.79 72.94
CA ALA B 321 -39.28 -55.39 74.26
C ALA B 321 -38.42 -54.14 74.22
N ASN B 322 -37.98 -53.72 73.05
CA ASN B 322 -37.21 -52.50 72.90
C ASN B 322 -38.08 -51.29 72.67
N ASP B 323 -39.40 -51.43 72.74
CA ASP B 323 -40.24 -50.25 72.88
C ASP B 323 -39.76 -49.40 74.04
N SER B 324 -39.47 -50.04 75.18
CA SER B 324 -38.99 -49.32 76.35
C SER B 324 -37.74 -48.51 76.03
N LEU B 325 -37.07 -48.86 74.95
CA LEU B 325 -35.88 -48.11 74.56
C LEU B 325 -36.27 -46.74 74.01
N TRP B 326 -37.14 -46.70 73.00
CA TRP B 326 -37.63 -45.45 72.44
C TRP B 326 -39.01 -45.02 72.91
N ILE B 327 -39.75 -45.80 73.68
CA ILE B 327 -41.08 -45.34 74.13
C ILE B 327 -41.15 -45.14 75.63
N GLN B 328 -41.39 -43.92 76.08
CA GLN B 328 -40.94 -43.55 77.42
C GLN B 328 -41.90 -42.95 78.43
N SER B 329 -43.19 -42.87 78.13
CA SER B 329 -44.21 -42.25 79.01
C SER B 329 -44.02 -40.74 79.27
N TYR B 330 -44.52 -40.23 80.38
CA TYR B 330 -44.44 -38.79 80.68
C TYR B 330 -43.58 -38.53 81.91
N GLY B 331 -42.79 -37.45 81.89
CA GLY B 331 -41.80 -37.31 82.92
C GLY B 331 -42.26 -36.88 84.29
N SER B 332 -42.92 -35.73 84.36
CA SER B 332 -43.17 -35.10 85.64
C SER B 332 -44.56 -34.50 85.62
N LEU B 333 -45.27 -34.68 86.72
CA LEU B 333 -46.67 -34.34 86.82
C LEU B 333 -46.82 -33.02 87.57
N VAL B 334 -47.82 -32.23 87.18
CA VAL B 334 -48.23 -31.16 88.06
C VAL B 334 -48.77 -31.79 89.34
N SER B 335 -48.75 -31.03 90.42
CA SER B 335 -49.14 -31.57 91.71
C SER B 335 -50.63 -31.32 91.87
N ILE B 336 -51.41 -32.40 91.86
CA ILE B 336 -52.86 -32.33 91.85
C ILE B 336 -53.36 -33.11 93.05
N THR B 337 -54.00 -32.43 93.99
CA THR B 337 -54.83 -33.10 94.97
C THR B 337 -56.27 -32.82 94.60
N GLU B 338 -57.12 -33.83 94.70
CA GLU B 338 -58.49 -33.77 94.22
C GLU B 338 -58.42 -33.32 92.75
N SER B 339 -59.22 -32.36 92.32
CA SER B 339 -59.12 -31.78 91.00
C SER B 339 -58.27 -30.52 90.95
N LYS B 340 -57.65 -30.15 92.07
CA LYS B 340 -57.11 -28.81 92.26
C LYS B 340 -55.59 -28.82 92.21
N ILE B 341 -55.03 -27.87 91.48
CA ILE B 341 -53.58 -27.79 91.34
C ILE B 341 -52.99 -27.26 92.64
N ASN B 342 -51.99 -27.96 93.17
CA ASN B 342 -51.34 -27.51 94.40
C ASN B 342 -50.33 -26.41 94.12
N ASN B 343 -49.54 -26.56 93.07
CA ASN B 343 -48.50 -25.61 92.73
C ASN B 343 -48.18 -25.79 91.26
N ILE B 344 -47.52 -24.79 90.69
CA ILE B 344 -47.00 -24.90 89.34
C ILE B 344 -45.51 -24.59 89.36
N GLN B 345 -44.73 -25.47 88.77
CA GLN B 345 -43.30 -25.31 88.63
C GLN B 345 -43.00 -24.86 87.21
N PHE B 346 -42.02 -23.98 87.04
CA PHE B 346 -41.71 -23.50 85.70
C PHE B 346 -40.37 -23.98 85.18
N GLY B 347 -39.27 -23.59 85.79
CA GLY B 347 -37.96 -24.03 85.35
C GLY B 347 -37.62 -23.93 83.88
N PRO B 348 -37.30 -22.71 83.44
CA PRO B 348 -36.95 -22.34 82.06
C PRO B 348 -35.58 -22.81 81.65
N THR B 349 -35.24 -22.72 80.37
CA THR B 349 -33.91 -23.09 79.95
C THR B 349 -33.21 -21.85 80.38
N CYS B 350 -32.46 -21.91 81.48
CA CYS B 350 -31.85 -20.69 81.97
C CYS B 350 -30.65 -20.33 81.13
N PRO B 351 -30.49 -19.03 80.90
CA PRO B 351 -29.42 -18.51 80.05
C PRO B 351 -28.04 -18.65 80.62
N ARG B 352 -27.90 -18.87 81.92
CA ARG B 352 -26.59 -18.99 82.52
C ARG B 352 -26.05 -20.41 82.54
N VAL B 353 -26.86 -21.40 82.17
CA VAL B 353 -26.30 -22.70 81.84
C VAL B 353 -25.45 -22.58 80.59
N ASP B 354 -24.36 -23.34 80.55
CA ASP B 354 -23.47 -23.33 79.40
C ASP B 354 -24.27 -23.61 78.13
N ALA B 355 -24.03 -22.80 77.10
CA ALA B 355 -24.74 -22.98 75.85
C ALA B 355 -24.54 -24.35 75.25
N ARG B 356 -23.47 -25.04 75.62
CA ARG B 356 -23.24 -26.39 75.13
C ARG B 356 -24.20 -27.38 75.77
N ASN B 357 -24.69 -27.08 76.97
CA ASN B 357 -25.71 -27.91 77.58
C ASN B 357 -27.09 -27.63 77.03
N LYS B 358 -27.37 -26.43 76.57
CA LYS B 358 -28.72 -26.00 76.28
C LYS B 358 -29.21 -26.45 74.91
N GLY B 359 -28.43 -27.23 74.18
CA GLY B 359 -28.74 -27.53 72.81
C GLY B 359 -29.94 -28.44 72.59
N GLY B 360 -30.04 -28.99 71.38
CA GLY B 360 -31.30 -29.52 70.89
C GLY B 360 -31.93 -30.72 71.55
N LYS B 361 -31.21 -31.83 71.63
CA LYS B 361 -31.83 -33.11 71.92
C LYS B 361 -32.07 -33.29 73.41
N MET B 362 -33.31 -33.59 73.78
CA MET B 362 -33.68 -33.65 75.19
C MET B 362 -33.50 -35.01 75.82
N SER B 363 -32.99 -36.00 75.12
CA SER B 363 -32.78 -37.28 75.76
C SER B 363 -31.55 -37.94 75.17
N MET B 364 -31.01 -38.87 75.94
CA MET B 364 -29.89 -39.67 75.51
C MET B 364 -30.18 -41.10 75.92
N LEU B 365 -29.61 -42.03 75.21
CA LEU B 365 -29.85 -43.44 75.45
C LEU B 365 -28.64 -43.95 76.21
N PHE B 366 -28.79 -44.05 77.52
CA PHE B 366 -27.72 -44.32 78.46
C PHE B 366 -28.04 -45.47 79.40
N ASP B 367 -27.06 -46.32 79.64
CA ASP B 367 -27.23 -47.50 80.49
C ASP B 367 -27.37 -47.25 81.98
N HIS B 368 -27.95 -48.23 82.66
CA HIS B 368 -28.09 -48.16 84.09
C HIS B 368 -27.55 -49.45 84.69
N HIS B 369 -26.75 -49.34 85.73
CA HIS B 369 -26.17 -50.52 86.37
C HIS B 369 -26.87 -50.83 87.69
N GLU C 36 20.41 -15.63 74.05
CA GLU C 36 19.53 -16.76 73.78
C GLU C 36 18.91 -17.24 75.08
N GLY C 37 17.74 -17.87 74.99
CA GLY C 37 17.06 -18.35 76.17
C GLY C 37 16.18 -17.29 76.79
N ASP C 38 15.60 -17.64 77.92
CA ASP C 38 14.73 -16.71 78.64
C ASP C 38 15.51 -15.79 79.57
N GLY C 39 16.83 -15.90 79.61
CA GLY C 39 17.66 -15.07 80.44
C GLY C 39 18.25 -15.76 81.63
N SER C 40 17.73 -16.94 81.95
CA SER C 40 18.15 -17.72 83.12
C SER C 40 19.60 -18.16 83.10
N ALA C 41 20.29 -17.96 81.99
CA ALA C 41 21.68 -18.35 81.84
C ALA C 41 22.63 -17.43 82.60
N PRO C 42 23.87 -17.87 82.80
CA PRO C 42 24.77 -16.99 83.52
C PRO C 42 25.05 -15.64 82.86
N GLY C 43 25.16 -15.53 81.54
CA GLY C 43 25.45 -14.24 80.93
C GLY C 43 24.38 -13.67 80.00
N GLY C 44 24.39 -12.36 79.77
CA GLY C 44 23.41 -11.75 78.91
C GLY C 44 22.32 -10.97 79.64
N SER C 45 21.07 -11.19 79.27
CA SER C 45 19.93 -10.51 79.89
C SER C 45 19.45 -11.14 81.20
N VAL C 46 18.85 -10.35 82.06
CA VAL C 46 18.36 -10.74 83.38
C VAL C 46 17.03 -11.45 83.30
N TRP C 47 16.94 -12.63 83.92
CA TRP C 47 15.67 -13.33 83.96
C TRP C 47 14.88 -12.52 84.94
N GLN C 48 13.67 -12.11 84.57
CA GLN C 48 12.87 -11.31 85.48
C GLN C 48 11.48 -11.90 85.62
N THR C 49 10.90 -11.67 86.79
CA THR C 49 9.65 -12.27 87.18
C THR C 49 8.47 -11.64 86.44
N THR C 50 7.35 -12.34 86.46
CA THR C 50 6.15 -11.91 85.75
C THR C 50 5.62 -10.59 86.31
N ASP C 51 4.86 -9.89 85.46
CA ASP C 51 4.34 -8.57 85.78
C ASP C 51 3.09 -8.69 86.64
N TYR C 52 3.11 -8.02 87.80
CA TYR C 52 1.93 -7.96 88.64
C TYR C 52 1.03 -6.76 88.39
N ILE C 53 1.44 -5.80 87.55
CA ILE C 53 0.61 -4.63 87.30
C ILE C 53 -0.58 -5.01 86.44
N ALA C 54 -0.35 -5.74 85.35
CA ALA C 54 -1.35 -5.94 84.32
C ALA C 54 -2.69 -6.38 84.89
N LEU C 55 -2.67 -7.28 85.87
CA LEU C 55 -3.91 -7.74 86.47
C LEU C 55 -4.48 -6.79 87.51
N SER C 56 -3.66 -5.91 88.08
CA SER C 56 -4.20 -4.94 89.02
C SER C 56 -4.84 -3.76 88.31
N MET C 57 -4.48 -3.50 87.05
CA MET C 57 -5.04 -2.39 86.31
C MET C 57 -6.26 -2.76 85.49
N VAL C 58 -6.60 -4.03 85.36
CA VAL C 58 -7.72 -4.40 84.50
C VAL C 58 -9.01 -3.86 85.12
N VAL C 59 -9.78 -3.15 84.31
CA VAL C 59 -11.01 -2.52 84.75
C VAL C 59 -12.17 -3.40 84.36
N TYR C 60 -12.93 -3.84 85.34
CA TYR C 60 -14.11 -4.64 85.11
C TYR C 60 -15.33 -3.74 85.23
N ARG C 61 -16.35 -4.03 84.44
CA ARG C 61 -17.43 -3.08 84.22
C ARG C 61 -18.76 -3.78 84.43
N THR C 62 -19.53 -3.34 85.41
CA THR C 62 -20.83 -3.93 85.69
C THR C 62 -21.91 -2.85 85.72
N ALA C 63 -23.13 -3.23 86.08
CA ALA C 63 -24.22 -2.27 86.16
C ALA C 63 -25.28 -2.79 87.12
N ILE C 64 -26.12 -1.88 87.58
CA ILE C 64 -27.26 -2.22 88.42
C ILE C 64 -28.51 -1.62 87.78
N LYS C 65 -29.42 -2.47 87.36
CA LYS C 65 -30.66 -2.05 86.71
C LYS C 65 -31.83 -2.40 87.61
N LEU C 66 -32.76 -1.47 87.76
CA LEU C 66 -33.90 -1.65 88.63
C LEU C 66 -35.13 -1.01 87.98
N ARG C 67 -36.28 -1.66 88.11
CA ARG C 67 -37.53 -1.12 87.64
C ARG C 67 -38.47 -0.84 88.80
N ASN C 68 -39.36 0.10 88.56
CA ASN C 68 -40.24 0.62 89.58
C ASN C 68 -41.48 1.15 88.88
N PHE C 69 -42.60 1.16 89.58
CA PHE C 69 -43.79 1.87 89.14
C PHE C 69 -43.96 3.10 90.00
N VAL C 70 -44.14 4.25 89.36
CA VAL C 70 -44.30 5.52 90.06
C VAL C 70 -45.74 5.96 89.92
N ASN C 71 -46.35 6.33 91.04
CA ASN C 71 -47.70 6.88 91.08
C ASN C 71 -47.62 8.27 91.67
N ILE C 72 -47.93 9.28 90.88
CA ILE C 72 -47.89 10.67 91.31
C ILE C 72 -49.32 11.15 91.42
N ARG C 73 -49.77 11.43 92.64
CA ARG C 73 -51.14 11.83 92.87
C ARG C 73 -51.20 13.14 93.65
N GLY C 74 -52.28 13.87 93.46
CA GLY C 74 -52.55 15.06 94.25
C GLY C 74 -51.49 16.13 94.14
N LEU C 75 -50.90 16.29 92.95
CA LEU C 75 -49.82 17.23 92.74
C LEU C 75 -50.42 18.46 92.06
N THR C 76 -50.47 19.57 92.79
CA THR C 76 -51.03 20.79 92.23
C THR C 76 -50.03 21.44 91.28
N PRO C 77 -50.47 22.37 90.44
CA PRO C 77 -49.56 22.94 89.44
C PRO C 77 -48.41 23.74 90.02
N THR C 78 -48.54 24.24 91.25
CA THR C 78 -47.43 24.95 91.87
C THR C 78 -46.36 23.99 92.36
N GLU C 79 -46.79 22.94 93.06
CA GLU C 79 -45.87 21.94 93.57
C GLU C 79 -45.38 21.02 92.46
N MET C 80 -44.26 20.37 92.72
CA MET C 80 -43.48 19.72 91.68
C MET C 80 -42.73 18.53 92.28
N ILE C 81 -42.62 17.46 91.50
CA ILE C 81 -41.89 16.27 91.93
C ILE C 81 -40.42 16.44 91.61
N VAL C 82 -39.59 16.23 92.61
CA VAL C 82 -38.14 16.30 92.46
C VAL C 82 -37.63 14.90 92.15
N ILE C 83 -36.95 14.76 91.02
CA ILE C 83 -36.41 13.46 90.65
C ILE C 83 -35.09 13.34 91.40
N PRO C 84 -34.97 12.49 92.38
CA PRO C 84 -33.69 12.36 93.11
C PRO C 84 -32.67 11.61 92.27
N TRP C 85 -32.45 12.08 91.05
CA TRP C 85 -31.71 11.28 90.10
C TRP C 85 -30.22 11.57 90.16
N ASN C 86 -29.82 12.57 90.94
CA ASN C 86 -28.42 12.89 91.14
C ASN C 86 -27.87 12.31 92.44
N VAL C 87 -28.66 11.58 93.20
CA VAL C 87 -28.17 10.92 94.40
C VAL C 87 -27.84 9.47 94.05
N MET C 88 -26.70 9.01 94.55
CA MET C 88 -26.19 7.69 94.19
C MET C 88 -27.14 6.59 94.63
N ARG C 89 -27.75 6.76 95.80
CA ARG C 89 -28.63 5.75 96.37
C ARG C 89 -29.88 5.52 95.53
N PHE C 90 -30.21 6.43 94.63
CA PHE C 90 -31.39 6.28 93.79
C PHE C 90 -31.25 5.09 92.86
N TYR C 91 -30.08 4.92 92.25
CA TYR C 91 -29.91 3.92 91.22
C TYR C 91 -29.62 2.54 91.78
N CYS C 92 -28.73 2.45 92.76
CA CYS C 92 -28.22 1.18 93.23
C CYS C 92 -28.88 0.66 94.51
N GLU C 93 -29.82 1.40 95.06
CA GLU C 93 -30.60 0.92 96.20
C GLU C 93 -32.07 1.12 95.87
N TYR C 94 -32.88 0.12 96.18
CA TYR C 94 -34.24 0.07 95.67
C TYR C 94 -35.14 0.51 96.82
N ASN C 95 -35.65 1.74 96.74
CA ASN C 95 -36.50 2.24 97.80
C ASN C 95 -37.88 2.39 97.20
N THR C 96 -38.76 1.45 97.52
CA THR C 96 -40.14 1.49 97.08
C THR C 96 -40.99 0.88 98.18
N GLY C 97 -42.06 1.56 98.58
CA GLY C 97 -43.02 0.93 99.46
C GLY C 97 -42.40 0.38 100.72
N THR C 98 -42.62 -0.92 100.94
CA THR C 98 -42.13 -1.59 102.14
C THR C 98 -40.64 -1.92 102.07
N TYR C 99 -40.06 -1.98 100.86
CA TYR C 99 -38.65 -2.36 100.73
C TYR C 99 -37.74 -1.46 101.57
N GLY C 100 -37.84 -0.15 101.36
CA GLY C 100 -36.99 0.78 102.08
C GLY C 100 -37.10 0.67 103.58
N LEU C 101 -38.22 0.15 104.08
CA LEU C 101 -38.35 -0.09 105.52
C LEU C 101 -37.55 -1.31 105.95
N SER C 102 -37.52 -2.34 105.10
CA SER C 102 -36.71 -3.51 105.38
C SER C 102 -35.23 -3.19 105.18
N GLY C 103 -34.39 -4.02 105.78
CA GLY C 103 -32.97 -3.75 105.83
C GLY C 103 -32.20 -4.23 104.62
N ASN C 104 -31.11 -3.53 104.33
CA ASN C 104 -30.14 -3.88 103.30
C ASN C 104 -30.83 -4.17 101.97
N VAL C 105 -31.35 -3.09 101.38
CA VAL C 105 -32.03 -3.19 100.10
C VAL C 105 -31.09 -2.89 98.94
N HIS C 106 -29.81 -2.68 99.21
CA HIS C 106 -28.84 -2.51 98.14
C HIS C 106 -28.83 -3.71 97.22
N HIS C 107 -28.58 -3.45 95.94
CA HIS C 107 -28.43 -4.53 94.98
C HIS C 107 -27.15 -5.29 95.26
N LYS C 108 -27.18 -6.60 95.00
CA LYS C 108 -26.06 -7.43 95.40
C LYS C 108 -24.81 -7.20 94.56
N ASN C 109 -24.96 -6.69 93.34
CA ASN C 109 -23.78 -6.26 92.60
C ASN C 109 -23.07 -5.13 93.32
N TYR C 110 -23.81 -4.30 94.04
CA TYR C 110 -23.14 -3.23 94.75
C TYR C 110 -22.47 -3.72 96.03
N SER C 111 -23.07 -4.69 96.70
CA SER C 111 -22.48 -5.23 97.92
C SER C 111 -21.09 -5.79 97.65
N MET C 112 -20.87 -6.37 96.48
CA MET C 112 -19.55 -6.88 96.16
C MET C 112 -18.61 -5.81 95.61
N LEU C 113 -19.14 -4.70 95.10
CA LEU C 113 -18.25 -3.61 94.73
C LEU C 113 -17.46 -3.12 95.93
N LEU C 114 -17.93 -3.41 97.13
CA LEU C 114 -17.17 -3.19 98.34
C LEU C 114 -16.19 -4.31 98.63
N ALA C 115 -16.32 -5.45 97.96
CA ALA C 115 -15.34 -6.51 98.09
C ALA C 115 -14.10 -6.25 97.25
N CYS C 116 -14.28 -5.75 96.03
CA CYS C 116 -13.14 -5.32 95.23
C CYS C 116 -12.58 -4.03 95.78
N LYS C 117 -11.32 -3.73 95.44
CA LYS C 117 -10.67 -2.64 96.15
C LYS C 117 -11.09 -1.26 95.65
N ALA C 118 -11.54 -1.16 94.42
CA ALA C 118 -11.91 0.12 93.84
C ALA C 118 -13.14 -0.07 92.97
N HIS C 119 -14.05 0.89 93.03
CA HIS C 119 -15.16 0.94 92.10
C HIS C 119 -15.41 2.38 91.72
N ARG C 120 -15.96 2.57 90.53
CA ARG C 120 -16.26 3.90 90.07
C ARG C 120 -17.60 3.92 89.35
N PRO C 121 -18.42 4.94 89.61
CA PRO C 121 -19.80 4.91 89.13
C PRO C 121 -20.01 5.10 87.64
N THR C 122 -19.11 5.76 86.92
CA THR C 122 -19.24 6.02 85.48
C THR C 122 -20.65 6.49 85.10
N LYS C 123 -21.24 5.91 84.06
CA LYS C 123 -22.50 6.41 83.55
C LYS C 123 -23.65 6.11 84.50
N VAL C 124 -24.67 6.97 84.49
CA VAL C 124 -25.85 6.80 85.31
C VAL C 124 -27.03 7.37 84.54
N GLY C 125 -28.20 6.75 84.69
CA GLY C 125 -29.34 7.21 83.93
C GLY C 125 -30.62 6.54 84.36
N TYR C 126 -31.73 7.00 83.78
CA TYR C 126 -33.03 6.43 84.11
C TYR C 126 -33.99 6.66 82.95
N THR C 127 -35.10 5.91 82.98
CA THR C 127 -36.10 5.96 81.93
C THR C 127 -37.49 6.06 82.54
N LEU C 128 -38.28 7.00 82.02
CA LEU C 128 -39.70 7.08 82.30
C LEU C 128 -40.48 6.53 81.12
N SER C 129 -41.42 5.64 81.38
CA SER C 129 -42.05 4.91 80.29
C SER C 129 -43.51 4.64 80.59
N ASN C 130 -44.28 4.51 79.52
CA ASN C 130 -45.69 4.10 79.56
C ASN C 130 -46.49 4.88 80.60
N LEU C 131 -46.67 6.14 80.27
CA LEU C 131 -47.38 7.06 81.14
C LEU C 131 -48.87 6.75 81.13
N ILE C 132 -49.46 6.75 82.31
CA ILE C 132 -50.90 6.61 82.48
C ILE C 132 -51.37 7.77 83.33
N LEU C 133 -52.19 8.63 82.76
CA LEU C 133 -52.84 9.71 83.49
C LEU C 133 -54.24 9.29 83.89
N THR C 134 -54.60 9.62 85.13
CA THR C 134 -55.93 9.38 85.65
C THR C 134 -56.44 10.68 86.24
N SER C 135 -57.74 10.74 86.50
CA SER C 135 -58.38 11.95 86.97
C SER C 135 -59.24 11.64 88.18
N ASP C 136 -59.12 12.47 89.21
CA ASP C 136 -60.00 12.44 90.36
C ASP C 136 -61.21 13.32 90.18
N GLU C 137 -61.39 13.89 88.99
CA GLU C 137 -62.46 14.85 88.77
C GLU C 137 -63.82 14.26 89.08
N LEU C 138 -64.04 12.99 88.73
CA LEU C 138 -65.30 12.35 89.07
C LEU C 138 -65.39 11.97 90.52
N VAL C 139 -64.28 11.98 91.25
CA VAL C 139 -64.25 11.62 92.66
C VAL C 139 -64.79 12.78 93.48
N SER C 140 -65.61 12.44 94.48
CA SER C 140 -66.11 13.41 95.45
C SER C 140 -66.16 12.74 96.81
N THR C 141 -66.30 13.56 97.85
CA THR C 141 -66.35 13.01 99.21
C THR C 141 -67.52 12.06 99.39
N GLY C 142 -68.60 12.24 98.62
CA GLY C 142 -69.68 11.27 98.65
C GLY C 142 -69.29 9.93 98.08
N GLY C 143 -68.31 9.91 97.18
CA GLY C 143 -67.79 8.66 96.67
C GLY C 143 -68.63 8.10 95.53
N THR C 144 -68.67 6.77 95.47
CA THR C 144 -69.41 5.98 94.48
C THR C 144 -68.82 6.07 93.09
N LEU C 145 -67.90 7.02 92.87
CA LEU C 145 -67.15 7.12 91.63
C LEU C 145 -65.69 7.32 91.96
N GLY C 146 -64.83 6.45 91.42
CA GLY C 146 -63.41 6.53 91.65
C GLY C 146 -62.69 7.20 90.51
N THR C 147 -61.37 7.32 90.66
CA THR C 147 -60.57 7.92 89.60
C THR C 147 -60.56 7.01 88.38
N THR C 148 -60.33 7.61 87.23
CA THR C 148 -60.22 6.81 86.02
C THR C 148 -59.36 7.59 85.04
N THR C 149 -58.83 6.87 84.06
CA THR C 149 -57.97 7.48 83.05
C THR C 149 -58.67 8.64 82.37
N THR C 150 -57.89 9.63 81.96
CA THR C 150 -58.45 10.82 81.35
C THR C 150 -59.29 10.46 80.12
N PHE C 151 -60.36 11.23 79.92
CA PHE C 151 -61.30 10.94 78.85
C PHE C 151 -60.62 10.95 77.49
N ASN C 152 -59.67 11.87 77.29
CA ASN C 152 -58.86 11.88 76.09
C ASN C 152 -57.39 12.03 76.48
N THR C 153 -56.52 11.83 75.52
CA THR C 153 -55.09 11.78 75.76
C THR C 153 -54.42 13.14 75.67
N SER C 154 -55.19 14.21 75.51
CA SER C 154 -54.61 15.55 75.48
C SER C 154 -53.84 15.94 76.74
N PRO C 155 -54.23 15.55 77.96
CA PRO C 155 -53.44 15.95 79.13
C PRO C 155 -52.05 15.34 79.08
N TYR C 156 -51.15 15.92 79.88
CA TYR C 156 -49.76 15.53 79.85
C TYR C 156 -49.12 15.81 81.21
N MET C 157 -48.00 15.15 81.44
CA MET C 157 -47.16 15.42 82.60
C MET C 157 -45.88 16.06 82.11
N ILE C 158 -45.47 17.14 82.77
CA ILE C 158 -44.34 17.94 82.30
C ILE C 158 -43.09 17.40 82.96
N HIS C 159 -42.12 16.99 82.15
CA HIS C 159 -40.81 16.64 82.66
C HIS C 159 -39.87 17.81 82.44
N SER C 160 -39.40 18.40 83.52
CA SER C 160 -38.61 19.61 83.47
C SER C 160 -37.17 19.30 83.83
N ILE C 161 -36.24 19.80 83.02
CA ILE C 161 -34.82 19.73 83.31
C ILE C 161 -34.35 21.16 83.52
N ASP C 162 -33.82 21.46 84.69
CA ASP C 162 -33.43 22.84 84.94
C ASP C 162 -31.96 22.97 84.57
N ASP C 163 -31.71 23.59 83.42
CA ASP C 163 -30.35 23.78 82.93
C ASP C 163 -29.71 25.02 83.54
N GLN C 164 -30.49 26.09 83.66
CA GLN C 164 -29.99 27.36 84.15
C GLN C 164 -29.95 27.40 85.67
N GLN C 165 -30.36 26.32 86.32
CA GLN C 165 -30.38 26.22 87.77
C GLN C 165 -31.24 27.34 88.38
N CYS C 166 -32.48 27.42 87.91
CA CYS C 166 -33.45 28.27 88.60
C CYS C 166 -33.53 27.89 90.07
N LEU C 167 -33.52 26.59 90.35
CA LEU C 167 -33.55 26.07 91.71
C LEU C 167 -32.19 25.45 92.00
N SER C 168 -31.43 26.10 92.87
CA SER C 168 -30.14 25.57 93.29
C SER C 168 -30.32 24.45 94.30
N LYS C 169 -31.17 24.69 95.28
CA LYS C 169 -31.38 23.80 96.41
C LYS C 169 -32.86 23.69 96.65
N VAL C 170 -33.35 22.46 96.79
CA VAL C 170 -34.78 22.18 96.78
C VAL C 170 -35.16 21.57 98.13
N TYR C 171 -36.23 22.08 98.71
CA TYR C 171 -36.71 21.64 100.01
C TYR C 171 -38.08 21.00 99.88
N PRO C 172 -38.43 20.09 100.78
CA PRO C 172 -39.79 19.55 100.79
C PRO C 172 -40.82 20.61 101.16
N LYS C 173 -42.08 20.32 100.85
CA LYS C 173 -43.15 21.22 101.23
C LYS C 173 -43.27 21.31 102.74
N THR C 174 -43.87 22.41 103.20
CA THR C 174 -43.93 22.70 104.62
C THR C 174 -44.44 21.52 105.43
N ASP C 175 -45.55 20.93 105.01
CA ASP C 175 -46.13 19.84 105.79
C ASP C 175 -45.40 18.52 105.55
N THR C 176 -45.00 18.26 104.31
CA THR C 176 -44.48 16.93 103.97
C THR C 176 -43.00 16.82 104.37
N VAL C 177 -42.44 15.64 104.12
CA VAL C 177 -41.03 15.37 104.35
C VAL C 177 -40.62 14.30 103.35
N TRP C 178 -39.32 14.23 103.08
CA TRP C 178 -38.81 13.31 102.08
C TRP C 178 -38.13 12.13 102.75
N PRO C 179 -38.74 10.96 102.79
CA PRO C 179 -38.03 9.78 103.31
C PRO C 179 -37.03 9.28 102.29
N VAL C 180 -35.91 8.73 102.79
CA VAL C 180 -35.00 8.12 101.85
C VAL C 180 -35.52 6.74 101.47
N SER C 181 -36.27 6.10 102.36
CA SER C 181 -36.87 4.81 102.06
C SER C 181 -37.90 4.89 100.95
N SER C 182 -38.40 6.07 100.67
CA SER C 182 -39.40 6.31 99.64
C SER C 182 -38.80 6.76 98.32
N MET C 183 -37.47 6.77 98.21
CA MET C 183 -36.79 7.54 97.17
C MET C 183 -37.25 7.17 95.76
N ARG C 184 -37.29 5.88 95.44
CA ARG C 184 -37.48 5.51 94.04
C ARG C 184 -38.91 5.64 93.54
N GLU C 185 -39.93 5.53 94.39
CA GLU C 185 -41.24 5.95 93.95
C GLU C 185 -41.30 7.44 94.23
N LEU C 186 -41.68 8.22 93.23
CA LEU C 186 -41.30 9.62 93.31
C LEU C 186 -42.46 10.30 94.03
N ASP C 187 -42.27 10.51 95.32
CA ASP C 187 -43.16 11.30 96.15
C ASP C 187 -42.62 12.66 96.53
N TYR C 188 -41.40 13.01 96.13
CA TYR C 188 -40.79 14.18 96.72
C TYR C 188 -41.40 15.41 96.07
N VAL C 189 -42.09 16.22 96.85
CA VAL C 189 -42.84 17.35 96.34
C VAL C 189 -42.20 18.62 96.86
N ALA C 190 -41.75 19.46 95.94
CA ALA C 190 -41.28 20.78 96.25
C ALA C 190 -42.33 21.78 95.81
N SER C 191 -42.44 22.87 96.55
CA SER C 191 -43.29 23.97 96.14
C SER C 191 -42.37 25.14 95.83
N THR C 192 -42.26 25.47 94.56
CA THR C 192 -41.39 26.56 94.13
C THR C 192 -42.19 27.86 94.23
N VAL C 193 -41.71 28.78 95.05
CA VAL C 193 -42.46 29.97 95.40
C VAL C 193 -41.49 31.15 95.44
N SER C 194 -41.87 32.25 94.80
CA SER C 194 -41.16 33.51 94.92
C SER C 194 -41.62 34.18 96.21
N GLY C 195 -41.31 35.45 96.41
CA GLY C 195 -41.68 36.02 97.69
C GLY C 195 -43.18 36.01 97.94
N ASP C 196 -43.96 36.67 97.10
CA ASP C 196 -45.41 36.52 97.11
C ASP C 196 -45.93 35.60 96.02
N ASN C 197 -45.07 35.09 95.14
CA ASN C 197 -45.49 34.48 93.89
C ASN C 197 -45.29 32.98 93.93
N ALA C 198 -46.33 32.25 93.58
CA ALA C 198 -46.21 30.81 93.39
C ALA C 198 -45.71 30.56 91.98
N ILE C 199 -44.56 29.91 91.87
CA ILE C 199 -43.94 29.64 90.58
C ILE C 199 -44.58 28.40 89.96
N ILE C 200 -45.03 28.51 88.72
CA ILE C 200 -45.37 27.34 87.94
C ILE C 200 -44.05 26.76 87.43
N PRO C 201 -43.69 25.53 87.82
CA PRO C 201 -42.33 25.05 87.54
C PRO C 201 -41.97 25.01 86.07
N SER C 202 -42.92 24.62 85.22
CA SER C 202 -42.63 24.53 83.80
C SER C 202 -42.23 25.86 83.18
N THR C 203 -42.60 26.97 83.80
CA THR C 203 -42.35 28.26 83.18
C THR C 203 -40.91 28.73 83.37
N ILE C 204 -40.31 28.44 84.52
CA ILE C 204 -38.94 28.89 84.76
C ILE C 204 -37.92 27.94 84.12
N PHE C 205 -38.20 26.64 84.15
CA PHE C 205 -37.19 25.67 83.76
C PHE C 205 -36.94 25.70 82.25
N ASN C 206 -35.77 25.20 81.87
CA ASN C 206 -35.30 25.36 80.50
C ASN C 206 -35.92 24.32 79.58
N LYS C 207 -35.50 23.06 79.70
CA LYS C 207 -36.10 21.99 78.93
C LYS C 207 -37.32 21.48 79.66
N ASN C 208 -38.47 21.59 79.03
CA ASN C 208 -39.73 21.10 79.55
C ASN C 208 -40.35 20.21 78.48
N ARG C 209 -40.45 18.93 78.77
CA ARG C 209 -41.06 17.96 77.88
C ARG C 209 -42.49 17.73 78.32
N TYR C 210 -43.45 17.96 77.42
CA TYR C 210 -44.82 17.65 77.74
C TYR C 210 -45.09 16.25 77.24
N TRP C 211 -45.23 15.31 78.16
CA TRP C 211 -45.19 13.90 77.86
C TRP C 211 -46.57 13.32 78.10
N LYS C 212 -47.17 12.81 77.03
CA LYS C 212 -48.56 12.39 77.03
C LYS C 212 -48.66 10.89 77.09
N GLN C 213 -49.89 10.40 77.07
CA GLN C 213 -50.16 8.98 77.04
C GLN C 213 -49.91 8.47 75.62
N GLY C 214 -49.02 7.50 75.49
CA GLY C 214 -48.65 6.96 74.21
C GLY C 214 -47.33 7.46 73.68
N ASP C 215 -46.79 8.54 74.25
CA ASP C 215 -45.49 9.03 73.85
C ASP C 215 -44.41 8.00 74.17
N ASP C 216 -43.31 8.11 73.44
CA ASP C 216 -42.19 7.21 73.67
C ASP C 216 -41.59 7.46 75.04
N ALA C 217 -40.87 6.46 75.53
CA ALA C 217 -40.24 6.57 76.83
C ALA C 217 -39.25 7.71 76.85
N LEU C 218 -39.08 8.31 78.02
CA LEU C 218 -38.16 9.42 78.22
C LEU C 218 -36.88 8.88 78.84
N HIS C 219 -35.78 8.99 78.10
CA HIS C 219 -34.51 8.44 78.53
C HIS C 219 -33.58 9.55 78.95
N PHE C 220 -33.00 9.44 80.14
CA PHE C 220 -32.10 10.45 80.64
C PHE C 220 -30.85 9.77 81.16
N SER C 221 -29.69 10.31 80.81
CA SER C 221 -28.42 9.69 81.12
C SER C 221 -27.43 10.75 81.54
N HIS C 222 -26.45 10.34 82.32
CA HIS C 222 -25.33 11.20 82.67
C HIS C 222 -24.06 10.38 82.64
N ASP C 223 -23.07 10.84 81.90
CA ASP C 223 -21.78 10.17 81.84
C ASP C 223 -20.83 10.79 82.85
N LEU C 224 -20.18 9.95 83.65
CA LEU C 224 -19.16 10.39 84.57
C LEU C 224 -17.80 9.96 84.02
N ASP C 225 -16.89 10.92 83.88
CA ASP C 225 -15.49 10.63 83.65
C ASP C 225 -14.71 11.10 84.87
N LEU C 226 -14.26 10.16 85.67
CA LEU C 226 -13.49 10.43 86.87
C LEU C 226 -12.06 10.03 86.63
N GLY C 227 -11.13 10.80 87.17
CA GLY C 227 -9.77 10.33 87.09
C GLY C 227 -9.38 9.41 88.21
N PHE C 228 -10.31 9.09 89.10
CA PHE C 228 -9.99 8.36 90.31
C PHE C 228 -11.08 7.34 90.57
N TRP C 229 -10.97 6.67 91.70
CA TRP C 229 -11.79 5.53 92.05
C TRP C 229 -12.27 5.72 93.48
N PHE C 230 -13.24 4.91 93.88
CA PHE C 230 -13.77 4.99 95.24
C PHE C 230 -13.54 3.67 95.95
N GLY C 231 -13.11 3.74 97.21
CA GLY C 231 -12.87 2.54 97.97
C GLY C 231 -13.91 2.22 99.01
N SER C 232 -14.85 3.14 99.25
CA SER C 232 -15.85 2.98 100.29
C SER C 232 -17.23 2.99 99.67
N ASP C 233 -18.25 2.82 100.51
CA ASP C 233 -19.61 2.90 100.01
C ASP C 233 -20.02 4.36 99.81
N TYR C 234 -20.98 4.57 98.91
CA TYR C 234 -21.44 5.92 98.67
C TYR C 234 -22.13 6.49 99.91
N GLY C 235 -23.01 5.73 100.54
CA GLY C 235 -23.54 6.16 101.81
C GLY C 235 -24.32 7.45 101.73
N ASN C 236 -25.38 7.46 100.92
CA ASN C 236 -26.21 8.64 100.62
C ASN C 236 -25.36 9.84 100.22
N ALA C 237 -24.50 9.61 99.25
CA ALA C 237 -23.76 10.66 98.57
C ALA C 237 -24.39 10.92 97.21
N TYR C 238 -24.35 12.17 96.78
CA TYR C 238 -24.68 12.47 95.40
C TYR C 238 -23.71 11.74 94.49
N VAL C 239 -24.23 11.18 93.40
CA VAL C 239 -23.32 10.62 92.41
C VAL C 239 -22.37 11.70 91.93
N PRO C 240 -21.07 11.43 91.84
CA PRO C 240 -20.07 12.50 91.84
C PRO C 240 -20.31 13.60 90.83
N GLN C 241 -20.18 14.83 91.30
CA GLN C 241 -20.43 16.03 90.51
C GLN C 241 -19.44 17.09 90.95
N ASN C 242 -19.06 17.95 90.03
CA ASN C 242 -18.26 19.13 90.35
C ASN C 242 -19.12 20.35 90.11
N ASN C 243 -19.47 21.06 91.18
CA ASN C 243 -20.43 22.14 91.02
C ASN C 243 -20.16 23.23 92.04
N ASP C 244 -20.98 24.28 91.95
CA ASP C 244 -21.05 25.27 93.01
C ASP C 244 -21.50 24.65 94.32
N SER C 245 -22.40 23.68 94.24
CA SER C 245 -22.91 23.03 95.44
C SER C 245 -22.00 21.93 95.95
N MET C 246 -21.29 21.23 95.08
CA MET C 246 -20.63 20.01 95.54
C MET C 246 -19.46 19.65 94.65
N ASN C 247 -18.56 18.83 95.20
CA ASN C 247 -17.40 18.33 94.47
C ASN C 247 -17.36 16.82 94.53
N ALA C 248 -16.68 16.23 93.55
CA ALA C 248 -16.76 14.79 93.32
C ALA C 248 -15.92 13.98 94.29
N VAL C 249 -14.83 14.54 94.78
CA VAL C 249 -13.88 13.83 95.61
C VAL C 249 -14.10 14.24 97.06
N GLY C 250 -14.13 13.26 97.96
CA GLY C 250 -14.59 13.51 99.31
C GLY C 250 -13.57 13.64 100.41
N THR C 251 -12.33 13.27 100.15
CA THR C 251 -11.31 13.32 101.18
C THR C 251 -10.68 14.69 101.23
N ILE C 252 -10.48 15.20 102.45
CA ILE C 252 -9.73 16.44 102.63
C ILE C 252 -8.28 16.16 102.27
N PRO C 253 -7.71 16.83 101.28
CA PRO C 253 -6.29 16.65 100.98
C PRO C 253 -5.42 17.15 102.13
N THR C 254 -4.26 16.53 102.26
CA THR C 254 -3.40 16.73 103.43
C THR C 254 -1.99 17.11 102.98
N SER C 255 -1.21 17.60 103.93
CA SER C 255 -0.06 18.46 103.64
C SER C 255 1.09 17.72 102.98
N LYS C 256 1.86 18.47 102.19
CA LYS C 256 3.20 18.10 101.75
C LYS C 256 3.20 16.87 100.85
N HIS C 257 2.20 16.76 99.99
CA HIS C 257 2.17 15.75 98.95
C HIS C 257 1.03 16.07 98.00
N ILE C 258 0.85 15.21 97.01
CA ILE C 258 -0.08 15.44 95.91
C ILE C 258 -1.36 14.68 96.20
N ASN C 259 -2.49 15.28 95.86
CA ASN C 259 -3.80 14.74 96.17
C ASN C 259 -4.69 14.91 94.96
N VAL C 260 -5.60 13.96 94.77
CA VAL C 260 -6.55 14.07 93.67
C VAL C 260 -7.60 15.11 94.03
N ARG C 261 -7.82 16.06 93.11
CA ARG C 261 -8.64 17.23 93.34
C ARG C 261 -9.68 17.31 92.24
N GLY C 262 -10.92 17.61 92.60
CA GLY C 262 -11.95 17.80 91.60
C GLY C 262 -11.66 19.01 90.73
N VAL C 263 -12.12 18.93 89.48
CA VAL C 263 -11.89 20.00 88.52
C VAL C 263 -12.99 19.91 87.46
N ASN C 264 -13.24 21.03 86.79
CA ASN C 264 -13.94 21.14 85.51
C ASN C 264 -15.48 21.23 85.48
N ASN C 265 -16.20 21.16 86.58
CA ASN C 265 -17.65 21.35 86.51
C ASN C 265 -18.35 20.36 85.58
N ARG C 266 -18.44 19.13 86.04
CA ARG C 266 -19.42 18.19 85.52
C ARG C 266 -20.50 18.05 86.57
N GLY C 267 -21.76 18.23 86.16
CA GLY C 267 -22.86 18.14 87.10
C GLY C 267 -24.13 17.69 86.41
N MET C 268 -25.17 17.47 87.19
CA MET C 268 -26.44 17.01 86.65
C MET C 268 -27.55 18.04 86.81
N ALA C 269 -28.39 18.16 85.78
CA ALA C 269 -29.49 19.11 85.80
C ALA C 269 -30.61 18.60 86.70
N GLY C 270 -31.21 19.51 87.46
CA GLY C 270 -32.29 19.16 88.37
C GLY C 270 -33.57 18.77 87.65
N HIS C 271 -33.75 17.46 87.42
CA HIS C 271 -34.94 16.96 86.76
C HIS C 271 -36.14 17.13 87.68
N TYR C 272 -37.32 17.34 87.10
CA TYR C 272 -38.52 17.53 87.90
C TYR C 272 -39.73 17.05 87.11
N LEU C 273 -40.81 16.78 87.84
CA LEU C 273 -42.08 16.40 87.24
C LEU C 273 -43.18 17.29 87.78
N SER C 274 -44.06 17.71 86.89
CA SER C 274 -45.15 18.62 87.29
C SER C 274 -46.28 18.46 86.29
N PHE C 275 -47.44 18.96 86.67
CA PHE C 275 -48.57 18.92 85.77
C PHE C 275 -48.97 20.33 85.38
N PRO C 276 -49.49 20.52 84.18
CA PRO C 276 -49.90 21.84 83.75
C PRO C 276 -51.08 22.32 84.57
N PRO C 277 -51.12 23.59 84.93
CA PRO C 277 -52.31 24.11 85.61
C PRO C 277 -53.51 24.04 84.69
N ILE C 278 -54.59 23.44 85.18
CA ILE C 278 -55.85 23.37 84.46
C ILE C 278 -56.92 23.77 85.46
N ARG C 279 -57.59 24.88 85.20
CA ARG C 279 -58.62 25.32 86.12
C ARG C 279 -59.90 24.52 85.92
N THR C 280 -60.60 24.34 87.02
CA THR C 280 -61.88 23.63 87.04
C THR C 280 -62.94 24.55 87.63
N ASN C 281 -64.15 24.00 87.75
CA ASN C 281 -65.19 24.68 88.52
C ASN C 281 -64.71 25.00 89.92
N ASP C 282 -63.91 24.12 90.51
CA ASP C 282 -63.30 24.35 91.81
C ASP C 282 -61.82 24.01 91.76
N GLY C 283 -60.98 25.01 91.99
CA GLY C 283 -59.56 24.74 92.09
C GLY C 283 -58.95 24.30 90.78
N GLN C 284 -58.08 23.30 90.86
CA GLN C 284 -57.27 22.86 89.74
C GLN C 284 -57.67 21.46 89.32
N PHE C 285 -57.44 21.14 88.05
CA PHE C 285 -57.76 19.83 87.55
C PHE C 285 -56.88 18.81 88.25
N LYS C 286 -57.46 17.69 88.61
CA LYS C 286 -56.72 16.69 89.36
C LYS C 286 -56.13 15.71 88.36
N LEU C 287 -54.83 15.79 88.17
CA LEU C 287 -54.09 14.87 87.32
C LEU C 287 -53.25 13.95 88.18
N ASN C 288 -53.34 12.67 87.89
CA ASN C 288 -52.56 11.65 88.55
C ASN C 288 -51.79 10.94 87.45
N ALA C 289 -50.58 10.50 87.75
CA ALA C 289 -49.75 9.90 86.72
C ALA C 289 -49.22 8.56 87.21
N GLN C 290 -49.16 7.60 86.30
CA GLN C 290 -48.34 6.42 86.49
C GLN C 290 -47.32 6.33 85.38
N PHE C 291 -46.14 5.84 85.70
CA PHE C 291 -45.17 5.47 84.71
C PHE C 291 -44.21 4.48 85.34
N THR C 292 -43.47 3.76 84.50
CA THR C 292 -42.44 2.86 84.98
C THR C 292 -41.12 3.59 85.05
N LEU C 293 -40.40 3.37 86.14
CA LEU C 293 -39.08 3.97 86.32
C LEU C 293 -38.05 2.87 86.16
N GLU C 294 -37.26 2.93 85.10
CA GLU C 294 -36.13 2.05 84.89
C GLU C 294 -34.87 2.86 85.08
N THR C 295 -34.12 2.58 86.14
CA THR C 295 -32.85 3.23 86.38
C THR C 295 -31.72 2.26 86.10
N GLU C 296 -30.61 2.78 85.61
CA GLU C 296 -29.42 1.99 85.41
C GLU C 296 -28.20 2.80 85.82
N ILE C 297 -27.34 2.20 86.61
CA ILE C 297 -26.05 2.77 86.96
C ILE C 297 -24.98 1.77 86.60
N GLU C 298 -23.97 2.22 85.87
CA GLU C 298 -22.94 1.34 85.34
C GLU C 298 -21.66 1.57 86.11
N PHE C 299 -21.26 0.61 86.92
CA PHE C 299 -20.02 0.71 87.68
C PHE C 299 -18.86 0.09 86.94
N GLU C 300 -17.70 0.72 87.05
CA GLU C 300 -16.43 0.06 86.80
C GLU C 300 -15.82 -0.32 88.14
N PHE C 301 -15.18 -1.47 88.20
CA PHE C 301 -14.48 -1.85 89.42
C PHE C 301 -13.16 -2.48 89.05
N ARG C 302 -12.32 -2.64 90.07
CA ARG C 302 -10.93 -3.00 89.87
C ARG C 302 -10.49 -3.87 91.05
N LEU C 303 -9.64 -4.84 90.78
CA LEU C 303 -9.37 -5.87 91.77
C LEU C 303 -8.05 -5.64 92.47
N TRP C 304 -7.72 -6.57 93.36
CA TRP C 304 -6.63 -6.46 94.31
C TRP C 304 -5.28 -6.72 93.65
N GLU C 305 -4.23 -6.27 94.32
CA GLU C 305 -2.87 -6.41 93.82
C GLU C 305 -2.48 -7.88 93.72
N GLN C 306 -1.80 -8.22 92.63
CA GLN C 306 -1.29 -9.57 92.48
C GLN C 306 -0.08 -9.79 93.37
N GLY C 307 0.20 -11.06 93.64
CA GLY C 307 1.37 -11.42 94.40
C GLY C 307 1.08 -11.53 95.87
N VAL C 308 2.17 -11.65 96.64
CA VAL C 308 2.05 -11.71 98.08
C VAL C 308 1.45 -10.43 98.62
N GLN C 309 1.56 -9.33 97.88
CA GLN C 309 0.96 -8.08 98.31
C GLN C 309 -0.54 -8.21 98.50
N GLY C 310 -1.19 -9.07 97.71
CA GLY C 310 -2.61 -9.27 97.78
C GLY C 310 -3.08 -10.35 98.73
N ILE C 311 -2.18 -10.93 99.52
CA ILE C 311 -2.59 -11.91 100.52
C ILE C 311 -3.30 -11.21 101.66
N ASN C 312 -4.42 -11.79 102.10
CA ASN C 312 -5.25 -11.15 103.12
C ASN C 312 -4.44 -10.78 104.36
N SER C 313 -3.62 -11.71 104.84
CA SER C 313 -2.93 -11.48 106.12
C SER C 313 -1.93 -10.34 106.01
N VAL C 314 -1.17 -10.28 104.90
CA VAL C 314 -0.15 -9.26 104.74
C VAL C 314 -0.62 -8.07 103.94
N HIS C 315 -1.85 -8.08 103.42
CA HIS C 315 -2.31 -6.93 102.65
C HIS C 315 -2.61 -5.72 103.53
N THR C 316 -2.86 -5.93 104.82
CA THR C 316 -3.14 -4.79 105.68
C THR C 316 -1.96 -3.84 105.71
N ASN C 317 -0.77 -4.35 106.03
CA ASN C 317 0.43 -3.53 106.13
C ASN C 317 1.24 -3.46 104.84
N LEU C 318 0.94 -4.28 103.83
CA LEU C 318 1.51 -4.09 102.50
C LEU C 318 0.59 -3.34 101.55
N ASN C 319 -0.56 -2.89 102.00
CA ASN C 319 -1.42 -2.07 101.17
C ASN C 319 -0.65 -0.85 100.69
N PRO C 320 -0.71 -0.51 99.41
CA PRO C 320 0.02 0.67 98.93
C PRO C 320 -0.47 1.93 99.60
N ALA C 321 0.47 2.77 100.03
CA ALA C 321 0.08 4.07 100.55
C ALA C 321 -0.35 5.03 99.46
N ASN C 322 -0.10 4.70 98.20
CA ASN C 322 -0.54 5.52 97.08
C ASN C 322 -1.93 5.15 96.60
N ASP C 323 -2.62 4.24 97.29
CA ASP C 323 -4.06 4.13 97.08
C ASP C 323 -4.72 5.48 97.22
N SER C 324 -4.35 6.22 98.27
CA SER C 324 -4.91 7.54 98.49
C SER C 324 -4.72 8.44 97.30
N LEU C 325 -3.77 8.10 96.43
CA LEU C 325 -3.55 8.89 95.24
C LEU C 325 -4.67 8.70 94.23
N TRP C 326 -4.96 7.45 93.87
CA TRP C 326 -6.07 7.15 92.96
C TRP C 326 -7.34 6.63 93.64
N ILE C 327 -7.37 6.38 94.94
CA ILE C 327 -8.62 5.90 95.55
C ILE C 327 -9.20 6.90 96.54
N GLN C 328 -10.40 7.41 96.27
CA GLN C 328 -10.75 8.70 96.83
C GLN C 328 -12.04 8.89 97.61
N SER C 329 -12.79 7.84 97.88
CA SER C 329 -14.09 7.90 98.60
C SER C 329 -15.20 8.68 97.85
N TYR C 330 -16.17 9.22 98.57
CA TYR C 330 -17.30 9.93 97.93
C TYR C 330 -17.31 11.41 98.30
N GLY C 331 -17.65 12.27 97.36
CA GLY C 331 -17.45 13.68 97.60
C GLY C 331 -18.40 14.38 98.52
N SER C 332 -19.69 14.34 98.20
CA SER C 332 -20.65 15.20 98.86
C SER C 332 -21.92 14.42 99.09
N LEU C 333 -22.48 14.59 100.28
CA LEU C 333 -23.60 13.81 100.74
C LEU C 333 -24.88 14.60 100.61
N VAL C 334 -25.98 13.90 100.29
CA VAL C 334 -27.26 14.53 100.49
C VAL C 334 -27.43 14.79 101.98
N SER C 335 -28.27 15.75 102.31
CA SER C 335 -28.43 16.15 103.70
C SER C 335 -29.54 15.31 104.30
N ILE C 336 -29.18 14.44 105.22
CA ILE C 336 -30.08 13.45 105.79
C ILE C 336 -30.09 13.64 107.29
N THR C 337 -31.22 14.03 107.84
CA THR C 337 -31.45 13.88 109.27
C THR C 337 -32.44 12.74 109.45
N GLU C 338 -32.18 11.91 110.45
CA GLU C 338 -32.92 10.66 110.64
C GLU C 338 -32.84 9.90 109.31
N SER C 339 -33.95 9.38 108.80
CA SER C 339 -33.99 8.74 107.49
C SER C 339 -34.44 9.70 106.39
N LYS C 340 -34.64 10.97 106.72
CA LYS C 340 -35.40 11.89 105.88
C LYS C 340 -34.47 12.89 105.21
N ILE C 341 -34.67 13.11 103.91
CA ILE C 341 -33.85 14.05 103.17
C ILE C 341 -34.23 15.47 103.55
N ASN C 342 -33.24 16.29 103.90
CA ASN C 342 -33.51 17.68 104.25
C ASN C 342 -33.69 18.53 103.01
N ASN C 343 -32.84 18.34 102.02
CA ASN C 343 -32.86 19.13 100.81
C ASN C 343 -32.16 18.34 99.72
N ILE C 344 -32.38 18.73 98.47
CA ILE C 344 -31.65 18.17 97.35
C ILE C 344 -31.01 19.31 96.58
N GLN C 345 -29.73 19.20 96.32
CA GLN C 345 -28.97 20.14 95.54
C GLN C 345 -28.76 19.56 94.15
N PHE C 346 -28.82 20.39 93.12
CA PHE C 346 -28.66 19.89 91.77
C PHE C 346 -27.37 20.32 91.10
N GLY C 347 -27.18 21.61 90.86
CA GLY C 347 -25.95 22.07 90.25
C GLY C 347 -25.45 21.39 88.99
N PRO C 348 -26.07 21.70 87.86
CA PRO C 348 -25.79 21.16 86.53
C PRO C 348 -24.52 21.69 85.93
N THR C 349 -24.07 21.11 84.82
CA THR C 349 -22.88 21.64 84.18
C THR C 349 -23.54 22.79 83.48
N CYS C 350 -23.33 24.00 83.99
CA CYS C 350 -24.01 25.13 83.39
C CYS C 350 -23.38 25.52 82.09
N PRO C 351 -24.21 25.90 81.13
CA PRO C 351 -23.76 26.23 79.78
C PRO C 351 -22.98 27.52 79.69
N ARG C 352 -23.06 28.39 80.69
CA ARG C 352 -22.35 29.65 80.62
C ARG C 352 -20.95 29.58 81.22
N VAL C 353 -20.57 28.47 81.85
CA VAL C 353 -19.16 28.23 82.12
C VAL C 353 -18.43 28.05 80.80
N ASP C 354 -17.19 28.53 80.74
CA ASP C 354 -16.38 28.39 79.54
C ASP C 354 -16.31 26.93 79.13
N ALA C 355 -16.52 26.68 77.85
CA ALA C 355 -16.50 25.31 77.35
C ALA C 355 -15.17 24.63 77.61
N ARG C 356 -14.10 25.40 77.82
CA ARG C 356 -12.82 24.80 78.12
C ARG C 356 -12.79 24.24 79.53
N ASN C 357 -13.62 24.79 80.42
CA ASN C 357 -13.74 24.23 81.76
C ASN C 357 -14.63 23.00 81.80
N LYS C 358 -15.59 22.89 80.90
CA LYS C 358 -16.65 21.90 81.02
C LYS C 358 -16.25 20.53 80.50
N GLY C 359 -15.00 20.34 80.10
CA GLY C 359 -14.61 19.14 79.41
C GLY C 359 -14.56 17.88 80.27
N GLY C 360 -13.89 16.85 79.76
CA GLY C 360 -14.10 15.49 80.24
C GLY C 360 -13.73 15.11 81.65
N LYS C 361 -12.48 15.31 82.03
CA LYS C 361 -11.93 14.67 83.22
C LYS C 361 -12.33 15.43 84.48
N MET C 362 -12.93 14.72 85.44
CA MET C 362 -13.46 15.36 86.63
C MET C 362 -12.47 15.48 87.77
N SER C 363 -11.23 15.06 87.61
CA SER C 363 -10.30 15.22 88.70
C SER C 363 -8.92 15.47 88.15
N MET C 364 -8.08 16.06 88.98
CA MET C 364 -6.70 16.30 88.65
C MET C 364 -5.88 15.92 89.88
N LEU C 365 -4.64 15.54 89.66
CA LEU C 365 -3.77 15.10 90.72
C LEU C 365 -2.86 16.28 91.04
N PHE C 366 -3.22 16.99 92.10
CA PHE C 366 -2.61 18.25 92.47
C PHE C 366 -2.16 18.28 93.92
N ASP C 367 -0.99 18.85 94.16
CA ASP C 367 -0.42 18.91 95.49
C ASP C 367 -1.06 19.87 96.48
N HIS C 368 -0.84 19.61 97.75
CA HIS C 368 -1.34 20.47 98.80
C HIS C 368 -0.18 20.82 99.72
N HIS C 369 -0.06 22.10 100.06
CA HIS C 369 1.01 22.54 100.94
C HIS C 369 0.50 22.82 102.36
N GLU D 36 5.06 57.54 53.01
CA GLU D 36 5.47 56.40 53.81
C GLU D 36 5.15 56.67 55.28
N GLY D 37 4.97 55.61 56.06
CA GLY D 37 4.62 55.75 57.45
C GLY D 37 3.13 55.90 57.67
N ASP D 38 2.76 56.11 58.92
CA ASP D 38 1.36 56.29 59.27
C ASP D 38 0.87 57.71 59.09
N GLY D 39 1.73 58.61 58.62
CA GLY D 39 1.37 59.99 58.39
C GLY D 39 1.96 60.95 59.39
N SER D 40 2.46 60.44 60.50
CA SER D 40 3.01 61.24 61.58
C SER D 40 4.20 62.10 61.22
N ALA D 41 4.74 61.90 60.02
CA ALA D 41 5.90 62.64 59.55
C ALA D 41 5.57 64.08 59.17
N PRO D 42 6.58 64.92 59.05
CA PRO D 42 6.26 66.30 58.70
C PRO D 42 5.56 66.48 57.35
N GLY D 43 5.88 65.73 56.31
CA GLY D 43 5.23 65.93 55.02
C GLY D 43 4.39 64.77 54.49
N GLY D 44 3.46 65.04 53.57
CA GLY D 44 2.62 63.99 53.03
C GLY D 44 1.21 63.96 53.57
N SER D 45 0.73 62.79 53.95
CA SER D 45 -0.62 62.62 54.49
C SER D 45 -0.76 62.95 55.98
N VAL D 46 -1.95 63.34 56.40
CA VAL D 46 -2.27 63.74 57.75
C VAL D 46 -2.50 62.55 58.66
N TRP D 47 -1.81 62.54 59.80
CA TRP D 47 -2.04 61.46 60.75
C TRP D 47 -3.38 61.81 61.33
N GLN D 48 -4.30 60.87 61.35
CA GLN D 48 -5.62 61.17 61.87
C GLN D 48 -6.03 60.12 62.89
N THR D 49 -6.85 60.55 63.83
CA THR D 49 -7.24 59.75 64.98
C THR D 49 -8.23 58.66 64.58
N THR D 50 -8.36 57.67 65.47
CA THR D 50 -9.22 56.53 65.22
C THR D 50 -10.67 56.93 65.10
N ASP D 51 -11.45 56.09 64.41
CA ASP D 51 -12.84 56.35 64.13
C ASP D 51 -13.71 56.01 65.32
N TYR D 52 -14.52 56.98 65.76
CA TYR D 52 -15.48 56.74 66.82
C TYR D 52 -16.86 56.34 66.33
N ILE D 53 -17.13 56.38 65.04
CA ILE D 53 -18.45 56.00 64.55
C ILE D 53 -18.64 54.50 64.65
N ALA D 54 -17.67 53.73 64.18
CA ALA D 54 -17.86 52.30 63.98
C ALA D 54 -18.45 51.61 65.20
N LEU D 55 -18.00 51.99 66.39
CA LEU D 55 -18.55 51.37 67.59
C LEU D 55 -19.87 51.97 68.04
N SER D 56 -20.20 53.18 67.61
CA SER D 56 -21.50 53.71 67.96
C SER D 56 -22.61 53.18 67.06
N MET D 57 -22.27 52.70 65.87
CA MET D 57 -23.26 52.17 64.95
C MET D 57 -23.48 50.68 65.07
N VAL D 58 -22.67 49.96 65.85
CA VAL D 58 -22.84 48.52 65.91
C VAL D 58 -24.16 48.20 66.59
N VAL D 59 -24.97 47.37 65.94
CA VAL D 59 -26.29 47.01 66.41
C VAL D 59 -26.19 45.67 67.11
N TYR D 60 -26.57 45.66 68.38
CA TYR D 60 -26.60 44.43 69.16
C TYR D 60 -28.04 43.96 69.25
N ARG D 61 -28.21 42.64 69.27
CA ARG D 61 -29.53 42.05 69.04
C ARG D 61 -29.82 41.05 70.14
N THR D 62 -30.88 41.31 70.90
CA THR D 62 -31.27 40.41 71.99
C THR D 62 -32.73 40.02 71.85
N ALA D 63 -33.27 39.30 72.83
CA ALA D 63 -34.66 38.90 72.81
C ALA D 63 -35.13 38.64 74.23
N ILE D 64 -36.44 38.64 74.40
CA ILE D 64 -37.09 38.30 75.66
C ILE D 64 -38.10 37.22 75.38
N LYS D 65 -37.90 36.04 75.96
CA LYS D 65 -38.78 34.90 75.78
C LYS D 65 -39.43 34.56 77.10
N LEU D 66 -40.73 34.32 77.07
CA LEU D 66 -41.50 34.04 78.28
C LEU D 66 -42.54 32.97 77.97
N ARG D 67 -42.76 32.07 78.91
CA ARG D 67 -43.80 31.06 78.80
C ARG D 67 -44.86 31.26 79.85
N ASN D 68 -46.05 30.79 79.52
CA ASN D 68 -47.23 31.01 80.33
C ASN D 68 -48.18 29.87 80.04
N PHE D 69 -49.03 29.56 81.01
CA PHE D 69 -50.16 28.67 80.79
C PHE D 69 -51.43 29.51 80.79
N VAL D 70 -52.25 29.32 79.76
CA VAL D 70 -53.48 30.07 79.62
C VAL D 70 -54.65 29.12 79.87
N ASN D 71 -55.58 29.55 80.71
CA ASN D 71 -56.80 28.82 80.98
C ASN D 71 -57.97 29.71 80.60
N ILE D 72 -58.72 29.29 79.60
CA ILE D 72 -59.88 30.04 79.11
C ILE D 72 -61.12 29.27 79.51
N ARG D 73 -61.90 29.84 80.42
CA ARG D 73 -63.09 29.18 80.92
C ARG D 73 -64.31 30.06 80.77
N GLY D 74 -65.47 29.41 80.67
CA GLY D 74 -66.74 30.12 80.68
C GLY D 74 -66.90 31.12 79.55
N LEU D 75 -66.37 30.80 78.37
CA LEU D 75 -66.40 31.70 77.23
C LEU D 75 -67.52 31.23 76.31
N THR D 76 -68.58 32.02 76.22
CA THR D 76 -69.71 31.65 75.38
C THR D 76 -69.37 31.93 73.91
N PRO D 77 -70.12 31.35 72.97
CA PRO D 77 -69.75 31.52 71.56
C PRO D 77 -69.84 32.93 71.04
N THR D 78 -70.62 33.81 71.68
CA THR D 78 -70.66 35.20 71.26
C THR D 78 -69.42 35.96 71.72
N GLU D 79 -69.05 35.79 72.97
CA GLU D 79 -67.87 36.45 73.53
C GLU D 79 -66.60 35.76 73.04
N MET D 80 -65.50 36.51 73.12
CA MET D 80 -64.28 36.16 72.42
C MET D 80 -63.07 36.68 73.19
N ILE D 81 -62.00 35.92 73.21
CA ILE D 81 -60.77 36.32 73.88
C ILE D 81 -59.93 37.18 72.94
N VAL D 82 -59.55 38.35 73.42
CA VAL D 82 -58.70 39.26 72.67
C VAL D 82 -57.25 38.97 73.02
N ILE D 83 -56.45 38.66 72.00
CA ILE D 83 -55.04 38.39 72.25
C ILE D 83 -54.36 39.74 72.31
N PRO D 84 -53.89 40.20 73.43
CA PRO D 84 -53.22 41.51 73.48
C PRO D 84 -51.83 41.44 72.88
N TRP D 85 -51.75 40.93 71.65
CA TRP D 85 -50.46 40.58 71.11
C TRP D 85 -49.82 41.73 70.38
N ASN D 86 -50.54 42.82 70.19
CA ASN D 86 -50.00 44.03 69.58
C ASN D 86 -49.57 45.07 70.59
N VAL D 87 -49.67 44.79 71.88
CA VAL D 87 -49.19 45.70 72.90
C VAL D 87 -47.80 45.26 73.33
N MET D 88 -46.89 46.22 73.47
CA MET D 88 -45.50 45.92 73.73
C MET D 88 -45.33 45.21 75.07
N ARG D 89 -46.12 45.61 76.06
CA ARG D 89 -46.01 45.05 77.41
C ARG D 89 -46.36 43.57 77.47
N PHE D 90 -47.03 43.05 76.45
CA PHE D 90 -47.39 41.64 76.43
C PHE D 90 -46.17 40.75 76.38
N TYR D 91 -45.19 41.11 75.54
CA TYR D 91 -44.05 40.24 75.31
C TYR D 91 -42.97 40.36 76.37
N CYS D 92 -42.62 41.59 76.74
CA CYS D 92 -41.47 41.86 77.57
C CYS D 92 -41.80 42.07 79.05
N GLU D 93 -43.06 42.02 79.43
CA GLU D 93 -43.44 42.06 80.83
C GLU D 93 -44.38 40.91 81.10
N TYR D 94 -44.17 40.24 82.23
CA TYR D 94 -44.81 38.95 82.47
C TYR D 94 -45.98 39.22 83.40
N ASN D 95 -47.19 39.20 82.88
CA ASN D 95 -48.36 39.47 83.70
C ASN D 95 -49.14 38.17 83.77
N THR D 96 -49.02 37.48 84.90
CA THR D 96 -49.75 36.26 85.15
C THR D 96 -50.07 36.19 86.62
N GLY D 97 -51.32 35.94 86.97
CA GLY D 97 -51.64 35.65 88.35
C GLY D 97 -51.16 36.73 89.30
N THR D 98 -50.36 36.32 90.29
CA THR D 98 -49.86 37.22 91.30
C THR D 98 -48.72 38.10 90.82
N TYR D 99 -48.01 37.70 89.75
CA TYR D 99 -46.86 38.46 89.28
C TYR D 99 -47.24 39.90 88.99
N GLY D 100 -48.24 40.12 88.14
CA GLY D 100 -48.63 41.46 87.77
C GLY D 100 -48.99 42.34 88.96
N LEU D 101 -49.39 41.74 90.07
CA LEU D 101 -49.65 42.51 91.28
C LEU D 101 -48.35 42.95 91.94
N SER D 102 -47.33 42.10 91.90
CA SER D 102 -46.02 42.47 92.43
C SER D 102 -45.34 43.46 91.49
N GLY D 103 -44.36 44.17 92.03
CA GLY D 103 -43.75 45.27 91.31
C GLY D 103 -42.61 44.86 90.40
N ASN D 104 -42.44 45.64 89.34
CA ASN D 104 -41.33 45.53 88.40
C ASN D 104 -41.17 44.09 87.90
N VAL D 105 -42.15 43.68 87.09
CA VAL D 105 -42.14 42.34 86.53
C VAL D 105 -41.53 42.33 85.13
N HIS D 106 -40.99 43.45 84.67
CA HIS D 106 -40.28 43.49 83.41
C HIS D 106 -39.12 42.50 83.43
N HIS D 107 -38.84 41.93 82.27
CA HIS D 107 -37.69 41.05 82.13
C HIS D 107 -36.42 41.88 82.22
N LYS D 108 -35.37 41.28 82.79
CA LYS D 108 -34.17 42.06 83.07
C LYS D 108 -33.40 42.43 81.82
N ASN D 109 -33.56 41.69 80.71
CA ASN D 109 -33.00 42.17 79.46
C ASN D 109 -33.62 43.47 79.03
N TYR D 110 -34.88 43.70 79.40
CA TYR D 110 -35.48 44.96 79.01
C TYR D 110 -35.04 46.10 79.92
N SER D 111 -34.82 45.82 81.20
CA SER D 111 -34.38 46.86 82.11
C SER D 111 -33.06 47.46 81.67
N MET D 112 -32.19 46.66 81.07
CA MET D 112 -30.94 47.22 80.57
C MET D 112 -31.06 47.83 79.19
N LEU D 113 -32.09 47.48 78.42
CA LEU D 113 -32.31 48.19 77.16
C LEU D 113 -32.51 49.68 77.41
N LEU D 114 -32.87 50.05 78.63
CA LEU D 114 -32.91 51.43 79.04
C LEU D 114 -31.54 51.95 79.47
N ALA D 115 -30.58 51.05 79.69
CA ALA D 115 -29.22 51.48 79.98
C ALA D 115 -28.46 51.87 78.71
N CYS D 116 -28.65 51.11 77.63
CA CYS D 116 -28.09 51.50 76.34
C CYS D 116 -28.89 52.66 75.77
N LYS D 117 -28.29 53.40 74.83
CA LYS D 117 -28.92 54.65 74.45
C LYS D 117 -30.09 54.46 73.50
N ALA D 118 -30.12 53.38 72.75
CA ALA D 118 -31.17 53.14 71.78
C ALA D 118 -31.53 51.68 71.77
N HIS D 119 -32.82 51.39 71.65
CA HIS D 119 -33.27 50.03 71.43
C HIS D 119 -34.42 50.06 70.46
N ARG D 120 -34.59 48.97 69.73
CA ARG D 120 -35.66 48.89 68.78
C ARG D 120 -36.29 47.50 68.83
N PRO D 121 -37.61 47.41 68.77
CA PRO D 121 -38.29 46.14 69.04
C PRO D 121 -38.18 45.08 67.94
N THR D 122 -37.97 45.44 66.68
CA THR D 122 -37.88 44.49 65.57
C THR D 122 -38.97 43.42 65.62
N LYS D 123 -38.61 42.15 65.46
CA LYS D 123 -39.61 41.11 65.34
C LYS D 123 -40.30 40.84 66.67
N VAL D 124 -41.55 40.40 66.60
CA VAL D 124 -42.33 40.07 67.77
C VAL D 124 -43.27 38.94 67.40
N GLY D 125 -43.53 38.04 68.35
CA GLY D 125 -44.36 36.89 68.02
C GLY D 125 -44.71 36.08 69.25
N TYR D 126 -45.58 35.08 69.04
CA TYR D 126 -45.99 34.23 70.13
C TYR D 126 -46.44 32.88 69.59
N THR D 127 -46.53 31.91 70.49
CA THR D 127 -46.89 30.55 70.13
C THR D 127 -47.95 30.02 71.09
N LEU D 128 -49.00 29.43 70.54
CA LEU D 128 -49.99 28.66 71.28
C LEU D 128 -49.71 27.18 71.07
N SER D 129 -49.66 26.42 72.16
CA SER D 129 -49.19 25.05 72.06
C SER D 129 -49.92 24.14 73.03
N ASN D 130 -50.02 22.87 72.66
CA ASN D 130 -50.54 21.80 73.52
C ASN D 130 -51.87 22.19 74.15
N LEU D 131 -52.86 22.24 73.28
CA LEU D 131 -54.20 22.60 73.68
C LEU D 131 -54.85 21.47 74.47
N ILE D 132 -55.50 21.83 75.56
CA ILE D 132 -56.29 20.90 76.36
C ILE D 132 -57.68 21.51 76.52
N LEU D 133 -58.67 20.85 75.96
CA LEU D 133 -60.06 21.21 76.15
C LEU D 133 -60.68 20.38 77.27
N THR D 134 -61.46 21.04 78.11
CA THR D 134 -62.20 20.38 79.16
C THR D 134 -63.65 20.84 79.07
N SER D 135 -64.52 20.12 79.76
CA SER D 135 -65.95 20.37 79.68
C SER D 135 -66.53 20.47 81.08
N ASP D 136 -67.35 21.49 81.30
CA ASP D 136 -68.15 21.63 82.51
C ASP D 136 -69.50 20.95 82.39
N GLU D 137 -69.73 20.23 81.29
CA GLU D 137 -71.05 19.65 81.05
C GLU D 137 -71.47 18.73 82.18
N LEU D 138 -70.54 17.96 82.73
CA LEU D 138 -70.88 17.10 83.85
C LEU D 138 -71.03 17.87 85.15
N VAL D 139 -70.55 19.12 85.19
CA VAL D 139 -70.63 19.94 86.39
C VAL D 139 -72.05 20.47 86.55
N SER D 140 -72.52 20.47 87.79
CA SER D 140 -73.81 21.05 88.13
C SER D 140 -73.68 21.69 89.51
N THR D 141 -74.66 22.53 89.85
CA THR D 141 -74.62 23.22 91.14
C THR D 141 -74.63 22.22 92.30
N GLY D 142 -75.21 21.04 92.10
CA GLY D 142 -75.12 20.00 93.12
C GLY D 142 -73.71 19.49 93.31
N GLY D 143 -72.89 19.57 92.27
CA GLY D 143 -71.49 19.19 92.39
C GLY D 143 -71.26 17.70 92.24
N THR D 144 -70.26 17.21 92.97
CA THR D 144 -69.84 15.81 93.03
C THR D 144 -69.20 15.34 91.72
N LEU D 145 -69.32 16.12 90.66
CA LEU D 145 -68.64 15.86 89.40
C LEU D 145 -68.02 17.15 88.91
N GLY D 146 -66.71 17.11 88.66
CA GLY D 146 -65.98 18.27 88.18
C GLY D 146 -65.77 18.22 86.68
N THR D 147 -65.12 19.27 86.17
CA THR D 147 -64.83 19.31 84.76
C THR D 147 -63.82 18.24 84.39
N THR D 148 -63.85 17.84 83.13
CA THR D 148 -62.87 16.87 82.68
C THR D 148 -62.70 17.06 81.18
N THR D 149 -61.59 16.57 80.66
CA THR D 149 -61.29 16.70 79.25
C THR D 149 -62.40 16.11 78.40
N THR D 150 -62.60 16.71 77.22
CA THR D 150 -63.69 16.29 76.35
C THR D 150 -63.59 14.81 76.03
N PHE D 151 -64.76 14.17 75.90
CA PHE D 151 -64.82 12.74 75.69
C PHE D 151 -64.07 12.33 74.43
N ASN D 152 -64.16 13.14 73.38
CA ASN D 152 -63.39 12.91 72.18
C ASN D 152 -62.74 14.23 71.76
N THR D 153 -61.82 14.14 70.82
CA THR D 153 -60.99 15.26 70.42
C THR D 153 -61.62 16.10 69.31
N SER D 154 -62.85 15.79 68.92
CA SER D 154 -63.52 16.59 67.90
C SER D 154 -63.69 18.07 68.26
N PRO D 155 -63.94 18.47 69.51
CA PRO D 155 -64.07 19.91 69.78
C PRO D 155 -62.77 20.65 69.51
N TYR D 156 -62.89 21.96 69.37
CA TYR D 156 -61.76 22.79 68.98
C TYR D 156 -61.94 24.19 69.53
N MET D 157 -60.83 24.91 69.60
CA MET D 157 -60.83 26.33 69.92
C MET D 157 -60.44 27.09 68.67
N ILE D 158 -61.19 28.14 68.37
CA ILE D 158 -61.03 28.87 67.11
C ILE D 158 -60.03 29.99 67.35
N HIS D 159 -58.94 30.00 66.60
CA HIS D 159 -58.02 31.13 66.62
C HIS D 159 -58.31 32.00 65.40
N SER D 160 -58.76 33.21 65.65
CA SER D 160 -59.20 34.11 64.59
C SER D 160 -58.21 35.24 64.42
N ILE D 161 -57.83 35.50 63.18
CA ILE D 161 -57.01 36.65 62.83
C ILE D 161 -57.88 37.56 61.98
N ASP D 162 -58.09 38.78 62.42
CA ASP D 162 -58.99 39.65 61.65
C ASP D 162 -58.11 40.45 60.70
N ASP D 163 -58.15 40.09 59.44
CA ASP D 163 -57.37 40.76 58.40
C ASP D 163 -58.09 41.98 57.87
N GLN D 164 -59.40 41.85 57.67
CA GLN D 164 -60.20 42.92 57.10
C GLN D 164 -60.60 43.95 58.14
N GLN D 165 -60.18 43.76 59.39
CA GLN D 165 -60.50 44.66 60.49
C GLN D 165 -62.00 44.82 60.65
N CYS D 166 -62.69 43.69 60.79
CA CYS D 166 -64.08 43.73 61.21
C CYS D 166 -64.22 44.51 62.50
N LEU D 167 -63.29 44.30 63.43
CA LEU D 167 -63.27 45.01 64.71
C LEU D 167 -62.06 45.93 64.70
N SER D 168 -62.32 47.24 64.63
CA SER D 168 -61.26 48.23 64.69
C SER D 168 -60.78 48.41 66.11
N LYS D 169 -61.72 48.54 67.03
CA LYS D 169 -61.44 48.86 68.43
C LYS D 169 -62.30 47.95 69.28
N VAL D 170 -61.69 47.33 70.27
CA VAL D 170 -62.31 46.25 71.02
C VAL D 170 -62.42 46.67 72.49
N TYR D 171 -63.59 46.47 73.06
CA TYR D 171 -63.88 46.86 74.43
C TYR D 171 -64.15 45.63 75.28
N PRO D 172 -63.91 45.69 76.58
CA PRO D 172 -64.30 44.59 77.46
C PRO D 172 -65.81 44.46 77.55
N LYS D 173 -66.25 43.30 78.03
CA LYS D 173 -67.67 43.09 78.24
C LYS D 173 -68.20 44.03 79.31
N THR D 174 -69.51 44.25 79.28
CA THR D 174 -70.14 45.24 80.15
C THR D 174 -69.74 45.05 81.61
N ASP D 175 -69.84 43.82 82.10
CA ASP D 175 -69.55 43.59 83.51
C ASP D 175 -68.05 43.52 83.78
N THR D 176 -67.29 42.90 82.88
CA THR D 176 -65.89 42.63 83.16
C THR D 176 -65.03 43.85 82.89
N VAL D 177 -63.73 43.71 83.15
CA VAL D 177 -62.75 44.74 82.86
C VAL D 177 -61.43 44.04 82.60
N TRP D 178 -60.54 44.74 81.89
CA TRP D 178 -59.28 44.15 81.48
C TRP D 178 -58.15 44.69 82.34
N PRO D 179 -57.61 43.93 83.29
CA PRO D 179 -56.44 44.39 84.01
C PRO D 179 -55.19 44.25 83.16
N VAL D 180 -54.26 45.17 83.35
CA VAL D 180 -53.00 44.99 82.65
C VAL D 180 -52.15 43.96 83.37
N SER D 181 -52.34 43.81 84.68
CA SER D 181 -51.63 42.80 85.44
C SER D 181 -52.01 41.39 85.04
N SER D 182 -53.15 41.24 84.39
CA SER D 182 -53.65 39.95 83.94
C SER D 182 -53.30 39.65 82.49
N MET D 183 -52.49 40.49 81.84
CA MET D 183 -52.41 40.53 80.39
C MET D 183 -52.05 39.17 79.79
N ARG D 184 -51.00 38.52 80.31
CA ARG D 184 -50.48 37.37 79.59
C ARG D 184 -51.29 36.09 79.76
N GLU D 185 -52.01 35.92 80.85
CA GLU D 185 -53.01 34.85 80.85
C GLU D 185 -54.24 35.46 80.24
N LEU D 186 -54.82 34.80 79.25
CA LEU D 186 -55.69 35.54 78.36
C LEU D 186 -57.07 35.44 78.97
N ASP D 187 -57.46 36.47 79.69
CA ASP D 187 -58.79 36.65 80.22
C ASP D 187 -59.61 37.70 79.49
N TYR D 188 -59.05 38.39 78.50
CA TYR D 188 -59.75 39.56 78.01
C TYR D 188 -60.87 39.10 77.10
N VAL D 189 -62.09 39.40 77.49
CA VAL D 189 -63.28 38.90 76.81
C VAL D 189 -64.00 40.07 76.19
N ALA D 190 -64.14 40.04 74.89
CA ALA D 190 -64.95 40.99 74.16
C ALA D 190 -66.22 40.29 73.72
N SER D 191 -67.31 41.04 73.68
CA SER D 191 -68.56 40.54 73.13
C SER D 191 -68.82 41.33 71.87
N THR D 192 -68.69 40.67 70.71
CA THR D 192 -68.90 41.33 69.44
C THR D 192 -70.38 41.26 69.10
N VAL D 193 -71.01 42.43 68.97
CA VAL D 193 -72.46 42.52 68.86
C VAL D 193 -72.81 43.57 67.82
N SER D 194 -73.71 43.23 66.91
CA SER D 194 -74.27 44.19 65.98
C SER D 194 -75.39 44.93 66.73
N GLY D 195 -76.23 45.68 66.02
CA GLY D 195 -77.21 46.43 66.77
C GLY D 195 -78.15 45.57 67.59
N ASP D 196 -78.91 44.69 66.94
CA ASP D 196 -79.65 43.65 67.64
C ASP D 196 -78.97 42.29 67.60
N ASN D 197 -77.85 42.15 66.89
CA ASN D 197 -77.32 40.84 66.52
C ASN D 197 -76.06 40.55 67.32
N ALA D 198 -76.02 39.37 67.92
CA ALA D 198 -74.80 38.88 68.53
C ALA D 198 -73.95 38.22 67.46
N ILE D 199 -72.75 38.73 67.27
CA ILE D 199 -71.85 38.23 66.23
C ILE D 199 -71.12 37.01 66.77
N ILE D 200 -71.16 35.91 66.00
CA ILE D 200 -70.25 34.80 66.26
C ILE D 200 -68.91 35.18 65.68
N PRO D 201 -67.86 35.31 66.49
CA PRO D 201 -66.61 35.92 66.00
C PRO D 201 -65.99 35.19 64.82
N SER D 202 -66.03 33.86 64.83
CA SER D 202 -65.43 33.09 63.74
C SER D 202 -66.05 33.39 62.39
N THR D 203 -67.28 33.89 62.36
CA THR D 203 -67.96 34.06 61.08
C THR D 203 -67.51 35.32 60.36
N ILE D 204 -67.23 36.40 61.08
CA ILE D 204 -66.82 37.63 60.42
C ILE D 204 -65.34 37.62 60.08
N PHE D 205 -64.51 37.05 60.94
CA PHE D 205 -63.07 37.17 60.79
C PHE D 205 -62.56 36.38 59.60
N ASN D 206 -61.39 36.77 59.12
CA ASN D 206 -60.88 36.25 57.86
C ASN D 206 -60.22 34.89 58.05
N LYS D 207 -59.04 34.86 58.66
CA LYS D 207 -58.37 33.62 58.97
C LYS D 207 -58.89 33.10 60.30
N ASN D 208 -59.51 31.92 60.26
CA ASN D 208 -60.00 31.23 61.43
C ASN D 208 -59.42 29.84 61.44
N ARG D 209 -58.57 29.56 62.41
CA ARG D 209 -57.96 28.25 62.56
C ARG D 209 -58.74 27.47 63.61
N TYR D 210 -59.26 26.31 63.25
CA TYR D 210 -59.92 25.46 64.22
C TYR D 210 -58.87 24.52 64.76
N TRP D 211 -58.48 24.73 66.01
CA TRP D 211 -57.30 24.12 66.57
C TRP D 211 -57.73 23.14 67.65
N LYS D 212 -57.43 21.87 67.43
CA LYS D 212 -57.93 20.79 68.24
C LYS D 212 -56.84 20.27 69.18
N GLN D 213 -57.20 19.27 69.95
CA GLN D 213 -56.27 18.61 70.84
C GLN D 213 -55.37 17.70 70.01
N GLY D 214 -54.07 17.91 70.10
CA GLY D 214 -53.11 17.17 69.33
C GLY D 214 -52.57 17.89 68.12
N ASP D 215 -53.23 18.97 67.70
CA ASP D 215 -52.72 19.76 66.59
C ASP D 215 -51.39 20.39 66.95
N ASP D 216 -50.62 20.70 65.90
CA ASP D 216 -49.33 21.33 66.10
C ASP D 216 -49.51 22.73 66.68
N ALA D 217 -48.45 23.24 67.30
CA ALA D 217 -48.51 24.54 67.90
C ALA D 217 -48.79 25.61 66.85
N LEU D 218 -49.46 26.67 67.28
CA LEU D 218 -49.81 27.78 66.41
C LEU D 218 -48.80 28.90 66.62
N HIS D 219 -48.04 29.22 65.58
CA HIS D 219 -46.96 30.19 65.65
C HIS D 219 -47.39 31.46 64.93
N PHE D 220 -47.27 32.60 65.61
CA PHE D 220 -47.64 33.88 65.02
C PHE D 220 -46.50 34.85 65.24
N SER D 221 -46.14 35.59 64.20
CA SER D 221 -45.00 36.47 64.25
C SER D 221 -45.32 37.76 63.52
N HIS D 222 -44.63 38.82 63.90
CA HIS D 222 -44.72 40.08 63.20
C HIS D 222 -43.33 40.68 63.11
N ASP D 223 -42.90 41.03 61.91
CA ASP D 223 -41.61 41.66 61.70
C ASP D 223 -41.79 43.17 61.68
N LEU D 224 -40.97 43.87 62.45
CA LEU D 224 -40.93 45.33 62.42
C LEU D 224 -39.66 45.78 61.71
N ASP D 225 -39.82 46.60 60.68
CA ASP D 225 -38.70 47.33 60.09
C ASP D 225 -38.92 48.80 60.37
N LEU D 226 -38.13 49.35 61.28
CA LEU D 226 -38.20 50.74 61.66
C LEU D 226 -36.98 51.44 61.11
N GLY D 227 -37.15 52.69 60.68
CA GLY D 227 -35.97 53.42 60.32
C GLY D 227 -35.32 54.13 61.47
N PHE D 228 -35.86 53.96 62.67
CA PHE D 228 -35.42 54.75 63.81
C PHE D 228 -35.36 53.85 65.03
N TRP D 229 -35.07 54.46 66.16
CA TRP D 229 -34.78 53.76 67.40
C TRP D 229 -35.57 54.43 68.52
N PHE D 230 -35.63 53.77 69.66
CA PHE D 230 -36.34 54.31 70.81
C PHE D 230 -35.38 54.53 71.96
N GLY D 231 -35.52 55.66 72.64
CA GLY D 231 -34.65 55.95 73.76
C GLY D 231 -35.29 55.81 75.11
N SER D 232 -36.60 55.62 75.15
CA SER D 232 -37.33 55.55 76.41
C SER D 232 -38.01 54.19 76.54
N ASP D 233 -38.70 53.99 77.66
CA ASP D 233 -39.43 52.76 77.83
C ASP D 233 -40.73 52.80 77.05
N TYR D 234 -41.23 51.62 76.68
CA TYR D 234 -42.48 51.57 75.94
C TYR D 234 -43.64 52.08 76.79
N GLY D 235 -43.74 51.64 78.04
CA GLY D 235 -44.71 52.24 78.92
C GLY D 235 -46.14 52.05 78.46
N ASN D 236 -46.57 50.80 78.32
CA ASN D 236 -47.87 50.41 77.80
C ASN D 236 -48.20 51.11 76.48
N ALA D 237 -47.25 50.99 75.55
CA ALA D 237 -47.45 51.39 74.17
C ALA D 237 -47.67 50.15 73.32
N TYR D 238 -48.50 50.30 72.29
CA TYR D 238 -48.57 49.25 71.27
C TYR D 238 -47.19 49.10 70.64
N VAL D 239 -46.80 47.85 70.40
CA VAL D 239 -45.57 47.64 69.62
C VAL D 239 -45.72 48.34 68.27
N PRO D 240 -44.71 49.09 67.81
CA PRO D 240 -44.95 50.12 66.80
C PRO D 240 -45.66 49.64 65.56
N GLN D 241 -46.66 50.42 65.15
CA GLN D 241 -47.51 50.10 64.02
C GLN D 241 -47.85 51.41 63.31
N ASN D 242 -48.06 51.34 62.02
CA ASN D 242 -48.55 52.47 61.23
C ASN D 242 -49.94 52.10 60.75
N ASN D 243 -50.97 52.78 61.25
CA ASN D 243 -52.32 52.37 60.92
C ASN D 243 -53.25 53.55 60.93
N ASP D 244 -54.51 53.26 60.62
CA ASP D 244 -55.58 54.22 60.84
C ASP D 244 -55.72 54.55 62.31
N SER D 245 -55.48 53.58 63.18
CA SER D 245 -55.60 53.82 64.62
C SER D 245 -54.35 54.43 65.22
N MET D 246 -53.17 54.14 64.71
CA MET D 246 -51.97 54.49 65.44
C MET D 246 -50.77 54.61 64.50
N ASN D 247 -49.75 55.33 64.98
CA ASN D 247 -48.50 55.50 64.27
C ASN D 247 -47.33 55.09 65.15
N ALA D 248 -46.22 54.73 64.49
CA ALA D 248 -45.12 54.07 65.18
C ALA D 248 -44.26 55.03 65.97
N VAL D 249 -44.16 56.28 65.54
CA VAL D 249 -43.27 57.26 66.14
C VAL D 249 -44.08 58.18 67.04
N GLY D 250 -43.57 58.44 68.23
CA GLY D 250 -44.39 59.08 69.25
C GLY D 250 -44.17 60.55 69.53
N THR D 251 -43.08 61.12 69.03
CA THR D 251 -42.78 62.51 69.32
C THR D 251 -43.47 63.41 68.30
N ILE D 252 -44.06 64.49 68.80
CA ILE D 252 -44.60 65.52 67.93
C ILE D 252 -43.43 66.20 67.23
N PRO D 253 -43.37 66.15 65.90
CA PRO D 253 -42.31 66.88 65.20
C PRO D 253 -42.47 68.38 65.36
N THR D 254 -41.34 69.09 65.33
CA THR D 254 -41.29 70.49 65.67
C THR D 254 -40.62 71.29 64.55
N SER D 255 -40.78 72.60 64.62
CA SER D 255 -40.69 73.47 63.46
C SER D 255 -39.27 73.60 62.92
N LYS D 256 -39.19 73.86 61.62
CA LYS D 256 -38.00 74.38 60.95
C LYS D 256 -36.82 73.40 61.01
N HIS D 257 -37.12 72.11 60.88
CA HIS D 257 -36.09 71.10 60.71
C HIS D 257 -36.77 69.79 60.32
N ILE D 258 -35.96 68.75 60.18
CA ILE D 258 -36.40 67.47 59.66
C ILE D 258 -36.65 66.54 60.83
N ASN D 259 -37.71 65.72 60.72
CA ASN D 259 -38.14 64.86 61.80
C ASN D 259 -38.48 63.49 61.22
N VAL D 260 -38.26 62.45 62.00
CA VAL D 260 -38.62 61.11 61.55
C VAL D 260 -40.12 60.96 61.66
N ARG D 261 -40.73 60.50 60.56
CA ARG D 261 -42.18 60.45 60.41
C ARG D 261 -42.56 59.04 60.02
N GLY D 262 -43.63 58.52 60.62
CA GLY D 262 -44.12 57.22 60.23
C GLY D 262 -44.66 57.22 58.82
N VAL D 263 -44.56 56.07 58.16
CA VAL D 263 -44.98 55.93 56.77
C VAL D 263 -45.30 54.46 56.53
N ASN D 264 -46.13 54.20 55.53
CA ASN D 264 -46.31 52.91 54.85
C ASN D 264 -47.27 51.86 55.42
N ASN D 265 -47.92 52.06 56.56
CA ASN D 265 -48.92 51.07 57.00
C ASN D 265 -48.33 49.67 57.18
N ARG D 266 -47.55 49.53 58.25
CA ARG D 266 -47.29 48.21 58.82
C ARG D 266 -48.10 48.10 60.11
N GLY D 267 -48.87 47.04 60.23
CA GLY D 267 -49.70 46.87 61.41
C GLY D 267 -49.92 45.40 61.70
N MET D 268 -50.56 45.12 62.83
CA MET D 268 -50.83 43.75 63.23
C MET D 268 -52.32 43.42 63.21
N ALA D 269 -52.64 42.21 62.78
CA ALA D 269 -54.03 41.76 62.72
C ALA D 269 -54.54 41.41 64.11
N GLY D 270 -55.78 41.77 64.40
CA GLY D 270 -56.38 41.52 65.69
C GLY D 270 -56.66 40.05 65.94
N HIS D 271 -55.70 39.36 66.58
CA HIS D 271 -55.86 37.95 66.90
C HIS D 271 -56.93 37.78 67.96
N TYR D 272 -57.64 36.65 67.91
CA TYR D 272 -58.69 36.41 68.89
C TYR D 272 -58.85 34.91 69.10
N LEU D 273 -59.47 34.56 70.22
CA LEU D 273 -59.77 33.17 70.55
C LEU D 273 -61.24 33.05 70.89
N SER D 274 -61.86 32.00 70.39
CA SER D 274 -63.29 31.78 70.61
C SER D 274 -63.58 30.30 70.47
N PHE D 275 -64.74 29.92 70.93
CA PHE D 275 -65.16 28.54 70.80
C PHE D 275 -66.38 28.45 69.89
N PRO D 276 -66.52 27.36 69.14
CA PRO D 276 -67.66 27.22 68.27
C PRO D 276 -68.94 27.08 69.08
N PRO D 277 -70.03 27.70 68.64
CA PRO D 277 -71.30 27.49 69.33
C PRO D 277 -71.73 26.03 69.22
N ILE D 278 -72.03 25.43 70.36
CA ILE D 278 -72.54 24.07 70.41
C ILE D 278 -73.73 24.10 71.34
N ARG D 279 -74.91 23.83 70.82
CA ARG D 279 -76.09 23.85 71.65
C ARG D 279 -76.18 22.60 72.49
N THR D 280 -76.75 22.76 73.68
CA THR D 280 -76.96 21.68 74.62
C THR D 280 -78.44 21.61 74.98
N ASN D 281 -78.78 20.70 75.88
CA ASN D 281 -80.10 20.69 76.46
C ASN D 281 -80.43 22.04 77.08
N ASP D 282 -79.42 22.70 77.67
CA ASP D 282 -79.58 24.05 78.22
C ASP D 282 -78.43 24.92 77.75
N GLY D 283 -78.75 25.96 76.99
CA GLY D 283 -77.73 26.93 76.62
C GLY D 283 -76.70 26.35 75.68
N GLN D 284 -75.44 26.68 75.93
CA GLN D 284 -74.34 26.37 75.05
C GLN D 284 -73.40 25.38 75.71
N PHE D 285 -72.69 24.62 74.88
CA PHE D 285 -71.75 23.65 75.40
C PHE D 285 -70.64 24.39 76.11
N LYS D 286 -70.20 23.87 77.24
CA LYS D 286 -69.20 24.57 78.03
C LYS D 286 -67.84 24.02 77.62
N LEU D 287 -67.08 24.82 76.89
CA LEU D 287 -65.72 24.46 76.50
C LEU D 287 -64.74 25.33 77.27
N ASN D 288 -63.74 24.67 77.82
CA ASN D 288 -62.67 25.32 78.54
C ASN D 288 -61.41 24.90 77.84
N ALA D 289 -60.43 25.79 77.79
CA ALA D 289 -59.21 25.50 77.06
C ALA D 289 -58.01 25.77 77.93
N GLN D 290 -56.99 24.92 77.79
CA GLN D 290 -55.65 25.23 78.25
C GLN D 290 -54.70 25.18 77.08
N PHE D 291 -53.71 26.06 77.10
CA PHE D 291 -52.58 25.95 76.18
C PHE D 291 -51.43 26.72 76.79
N THR D 292 -50.23 26.46 76.28
CA THR D 292 -49.07 27.19 76.72
C THR D 292 -48.85 28.39 75.80
N LEU D 293 -48.54 29.52 76.38
CA LEU D 293 -48.26 30.73 75.63
C LEU D 293 -46.76 30.99 75.70
N GLU D 294 -46.08 30.86 74.58
CA GLU D 294 -44.68 31.23 74.47
C GLU D 294 -44.60 32.47 73.61
N THR D 295 -44.22 33.59 74.21
CA THR D 295 -44.02 34.83 73.49
C THR D 295 -42.55 35.12 73.36
N GLU D 296 -42.16 35.73 72.25
CA GLU D 296 -40.79 36.17 72.05
C GLU D 296 -40.80 37.53 71.38
N ILE D 297 -40.03 38.46 71.92
CA ILE D 297 -39.80 39.74 71.30
C ILE D 297 -38.30 39.94 71.15
N GLU D 298 -37.87 40.29 69.96
CA GLU D 298 -36.45 40.38 69.65
C GLU D 298 -36.07 41.84 69.54
N PHE D 299 -35.30 42.34 70.49
CA PHE D 299 -34.84 43.72 70.45
C PHE D 299 -33.48 43.84 69.79
N GLU D 300 -33.31 44.91 69.03
CA GLU D 300 -31.99 45.42 68.69
C GLU D 300 -31.69 46.59 69.59
N PHE D 301 -30.44 46.71 70.02
CA PHE D 301 -30.06 47.87 70.82
C PHE D 301 -28.69 48.34 70.35
N ARG D 302 -28.33 49.53 70.81
CA ARG D 302 -27.18 50.25 70.29
C ARG D 302 -26.57 51.05 71.43
N LEU D 303 -25.25 51.16 71.44
CA LEU D 303 -24.55 51.65 72.60
C LEU D 303 -24.13 53.10 72.42
N TRP D 304 -23.46 53.62 73.44
CA TRP D 304 -23.13 55.02 73.60
C TRP D 304 -21.97 55.43 72.71
N GLU D 305 -21.87 56.74 72.50
CA GLU D 305 -20.83 57.31 71.64
C GLU D 305 -19.45 57.05 72.23
N GLN D 306 -18.50 56.70 71.37
CA GLN D 306 -17.13 56.54 71.81
C GLN D 306 -16.46 57.87 72.05
N GLY D 307 -15.41 57.85 72.85
CA GLY D 307 -14.64 59.03 73.11
C GLY D 307 -15.11 59.77 74.33
N VAL D 308 -14.56 60.97 74.50
CA VAL D 308 -14.96 61.82 75.61
C VAL D 308 -16.43 62.16 75.52
N GLN D 309 -17.01 62.10 74.33
CA GLN D 309 -18.44 62.36 74.18
C GLN D 309 -19.26 61.41 75.02
N GLY D 310 -18.79 60.18 75.22
CA GLY D 310 -19.50 59.18 75.97
C GLY D 310 -19.20 59.14 77.44
N ILE D 311 -18.42 60.08 77.97
CA ILE D 311 -18.17 60.15 79.39
C ILE D 311 -19.41 60.63 80.11
N ASN D 312 -19.75 59.96 81.22
CA ASN D 312 -21.00 60.27 81.94
C ASN D 312 -21.11 61.75 82.27
N SER D 313 -20.04 62.34 82.80
CA SER D 313 -20.13 63.71 83.29
C SER D 313 -20.39 64.69 82.15
N VAL D 314 -19.70 64.50 81.02
CA VAL D 314 -19.83 65.43 79.89
C VAL D 314 -20.82 64.95 78.85
N HIS D 315 -21.41 63.77 79.00
CA HIS D 315 -22.36 63.31 78.00
C HIS D 315 -23.68 64.05 78.07
N THR D 316 -24.01 64.65 79.21
CA THR D 316 -25.25 65.38 79.30
C THR D 316 -25.29 66.52 78.29
N ASN D 317 -24.29 67.38 78.31
CA ASN D 317 -24.23 68.52 77.42
C ASN D 317 -23.47 68.27 76.12
N LEU D 318 -22.76 67.15 75.98
CA LEU D 318 -22.23 66.73 74.69
C LEU D 318 -23.10 65.71 73.98
N ASN D 319 -24.24 65.36 74.53
CA ASN D 319 -25.16 64.47 73.83
C ASN D 319 -25.51 65.08 72.48
N PRO D 320 -25.49 64.31 71.40
CA PRO D 320 -25.82 64.87 70.09
C PRO D 320 -27.26 65.36 70.06
N ALA D 321 -27.45 66.54 69.50
CA ALA D 321 -28.81 67.03 69.30
C ALA D 321 -29.52 66.33 68.16
N ASN D 322 -28.79 65.56 67.35
CA ASN D 322 -29.40 64.79 66.29
C ASN D 322 -29.82 63.40 66.73
N ASP D 323 -29.70 63.09 68.02
CA ASP D 323 -30.41 61.93 68.54
C ASP D 323 -31.88 62.00 68.15
N SER D 324 -32.49 63.17 68.33
CA SER D 324 -33.90 63.35 67.98
C SER D 324 -34.16 62.97 66.53
N LEU D 325 -33.12 62.95 65.72
CA LEU D 325 -33.28 62.59 64.33
C LEU D 325 -33.54 61.08 64.19
N TRP D 326 -32.67 60.25 64.75
CA TRP D 326 -32.85 58.81 64.75
C TRP D 326 -33.40 58.21 66.05
N ILE D 327 -33.55 58.97 67.13
CA ILE D 327 -34.08 58.35 68.36
C ILE D 327 -35.44 58.91 68.74
N GLN D 328 -36.47 58.06 68.76
CA GLN D 328 -37.81 58.59 68.58
C GLN D 328 -38.92 58.28 69.57
N SER D 329 -38.62 57.61 70.67
CA SER D 329 -39.62 57.20 71.69
C SER D 329 -40.68 56.19 71.18
N TYR D 330 -41.86 56.16 71.81
CA TYR D 330 -42.90 55.20 71.42
C TYR D 330 -44.13 55.89 70.86
N GLY D 331 -44.75 55.30 69.84
CA GLY D 331 -45.77 56.05 69.13
C GLY D 331 -47.11 56.22 69.80
N SER D 332 -47.74 55.11 70.13
CA SER D 332 -49.14 55.15 70.52
C SER D 332 -49.37 54.17 71.66
N LEU D 333 -50.13 54.62 72.64
CA LEU D 333 -50.32 53.91 73.88
C LEU D 333 -51.64 53.18 73.87
N VAL D 334 -51.68 52.01 74.50
CA VAL D 334 -52.98 51.45 74.83
C VAL D 334 -53.65 52.38 75.81
N SER D 335 -54.97 52.33 75.86
CA SER D 335 -55.72 53.26 76.68
C SER D 335 -55.90 52.62 78.05
N ILE D 336 -55.25 53.19 79.05
CA ILE D 336 -55.17 52.63 80.38
C ILE D 336 -55.71 53.67 81.36
N THR D 337 -56.81 53.36 82.01
CA THR D 337 -57.20 54.09 83.20
C THR D 337 -56.96 53.17 84.38
N GLU D 338 -56.43 53.74 85.46
CA GLU D 338 -55.97 52.96 86.61
C GLU D 338 -54.99 51.91 86.06
N SER D 339 -55.11 50.65 86.45
CA SER D 339 -54.32 49.58 85.89
C SER D 339 -55.05 48.84 84.76
N LYS D 340 -56.21 49.32 84.36
CA LYS D 340 -57.14 48.54 83.56
C LYS D 340 -57.20 49.05 82.14
N ILE D 341 -57.15 48.14 81.16
CA ILE D 341 -57.20 48.51 79.76
C ILE D 341 -58.60 48.94 79.39
N ASN D 342 -58.73 50.11 78.77
CA ASN D 342 -60.04 50.59 78.35
C ASN D 342 -60.48 49.93 77.06
N ASN D 343 -59.58 49.80 76.11
CA ASN D 343 -59.88 49.24 74.81
C ASN D 343 -58.58 48.77 74.18
N ILE D 344 -58.70 47.93 73.17
CA ILE D 344 -57.55 47.52 72.38
C ILE D 344 -57.85 47.82 70.92
N GLN D 345 -56.93 48.50 70.26
CA GLN D 345 -57.00 48.80 68.85
C GLN D 345 -56.08 47.85 68.11
N PHE D 346 -56.49 47.40 66.93
CA PHE D 346 -55.66 46.46 66.19
C PHE D 346 -55.05 47.06 64.92
N GLY D 347 -55.86 47.43 63.95
CA GLY D 347 -55.33 48.03 62.73
C GLY D 347 -54.19 47.33 62.01
N PRO D 348 -54.51 46.26 61.29
CA PRO D 348 -53.59 45.42 60.54
C PRO D 348 -53.08 46.07 59.27
N THR D 349 -52.09 45.47 58.63
CA THR D 349 -51.63 46.03 57.38
C THR D 349 -52.72 45.50 56.50
N CYS D 350 -53.66 46.35 56.09
CA CYS D 350 -54.77 45.84 55.32
C CYS D 350 -54.35 45.55 53.91
N PRO D 351 -54.89 44.47 53.35
CA PRO D 351 -54.53 44.00 52.02
C PRO D 351 -55.03 44.88 50.90
N ARG D 352 -56.00 45.75 51.16
CA ARG D 352 -56.53 46.60 50.10
C ARG D 352 -55.80 47.93 49.97
N VAL D 353 -54.89 48.25 50.89
CA VAL D 353 -53.94 49.32 50.63
C VAL D 353 -53.03 48.90 49.49
N ASP D 354 -52.65 49.88 48.65
CA ASP D 354 -51.76 49.61 47.54
C ASP D 354 -50.49 48.93 48.04
N ALA D 355 -50.09 47.86 47.35
CA ALA D 355 -48.90 47.12 47.77
C ALA D 355 -47.66 47.99 47.78
N ARG D 356 -47.68 49.11 47.04
CA ARG D 356 -46.54 50.01 47.06
C ARG D 356 -46.46 50.77 48.36
N ASN D 357 -47.59 50.95 49.04
CA ASN D 357 -47.58 51.56 50.36
C ASN D 357 -47.18 50.59 51.45
N LYS D 358 -47.44 49.31 51.27
CA LYS D 358 -47.33 48.35 52.36
C LYS D 358 -45.91 47.85 52.60
N GLY D 359 -44.93 48.40 51.89
CA GLY D 359 -43.59 47.83 51.92
C GLY D 359 -42.84 48.05 53.21
N GLY D 360 -41.52 47.84 53.15
CA GLY D 360 -40.73 47.57 54.34
C GLY D 360 -40.57 48.63 55.40
N LYS D 361 -40.09 49.82 55.04
CA LYS D 361 -39.58 50.76 56.02
C LYS D 361 -40.71 51.55 56.66
N MET D 362 -40.78 51.54 57.99
CA MET D 362 -41.88 52.16 58.71
C MET D 362 -41.68 53.62 59.04
N SER D 363 -40.58 54.23 58.63
CA SER D 363 -40.44 55.64 58.93
C SER D 363 -39.67 56.32 57.81
N MET D 364 -39.84 57.62 57.74
CA MET D 364 -39.12 58.44 56.78
C MET D 364 -38.66 59.67 57.53
N LEU D 365 -37.58 60.27 57.06
CA LEU D 365 -37.00 61.43 57.71
C LEU D 365 -37.44 62.63 56.89
N PHE D 366 -38.47 63.30 57.39
CA PHE D 366 -39.17 64.36 56.69
C PHE D 366 -39.30 65.62 57.52
N ASP D 367 -39.11 66.76 56.88
CA ASP D 367 -39.16 68.05 57.55
C ASP D 367 -40.52 68.54 57.98
N HIS D 368 -40.51 69.46 58.95
CA HIS D 368 -41.74 70.06 59.42
C HIS D 368 -41.56 71.57 59.39
N HIS D 369 -42.55 72.28 58.87
CA HIS D 369 -42.47 73.73 58.80
C HIS D 369 -43.36 74.40 59.85
N GLU E 36 -54.56 56.18 3.24
CA GLU E 36 -53.65 56.62 4.28
C GLU E 36 -54.43 57.45 5.31
N GLY E 37 -53.93 57.49 6.54
CA GLY E 37 -54.60 58.22 7.59
C GLY E 37 -55.64 57.38 8.29
N ASP E 38 -56.36 58.01 9.21
CA ASP E 38 -57.39 57.32 9.96
C ASP E 38 -58.73 57.32 9.23
N GLY E 39 -58.79 57.88 8.03
CA GLY E 39 -60.01 57.93 7.24
C GLY E 39 -60.64 59.28 7.17
N SER E 40 -60.24 60.19 8.04
CA SER E 40 -60.81 61.54 8.12
C SER E 40 -60.66 62.38 6.88
N ALA E 41 -59.88 61.91 5.92
CA ALA E 41 -59.65 62.64 4.67
C ALA E 41 -60.84 62.62 3.74
N PRO E 42 -60.86 63.50 2.75
CA PRO E 42 -62.00 63.47 1.84
C PRO E 42 -62.21 62.17 1.08
N GLY E 43 -61.18 61.47 0.63
CA GLY E 43 -61.40 60.24 -0.13
C GLY E 43 -60.87 58.96 0.49
N GLY E 44 -61.39 57.80 0.09
CA GLY E 44 -60.95 56.54 0.64
C GLY E 44 -61.90 55.91 1.64
N SER E 45 -61.38 55.46 2.78
CA SER E 45 -62.19 54.84 3.82
C SER E 45 -62.90 55.80 4.75
N VAL E 46 -64.02 55.39 5.32
CA VAL E 46 -64.86 56.19 6.21
C VAL E 46 -64.32 56.25 7.61
N TRP E 47 -64.19 57.46 8.15
CA TRP E 47 -63.75 57.59 9.52
C TRP E 47 -64.95 57.15 10.30
N GLN E 48 -64.79 56.23 11.22
CA GLN E 48 -65.93 55.76 11.99
C GLN E 48 -65.62 55.81 13.47
N THR E 49 -66.68 56.00 14.25
CA THR E 49 -66.59 56.23 15.68
C THR E 49 -66.24 54.95 16.42
N THR E 50 -65.80 55.12 17.67
CA THR E 50 -65.36 54.01 18.49
C THR E 50 -66.51 53.05 18.78
N ASP E 51 -66.13 51.81 19.10
CA ASP E 51 -67.09 50.74 19.33
C ASP E 51 -67.66 50.82 20.74
N TYR E 52 -68.98 50.87 20.84
CA TYR E 52 -69.65 50.83 22.14
C TYR E 52 -70.03 49.43 22.59
N ILE E 53 -69.88 48.40 21.76
CA ILE E 53 -70.25 47.05 22.18
C ILE E 53 -69.25 46.51 23.19
N ALA E 54 -67.96 46.64 22.87
CA ALA E 54 -66.92 45.92 23.61
C ALA E 54 -67.07 46.09 25.12
N LEU E 55 -67.39 47.30 25.57
CA LEU E 55 -67.54 47.52 27.00
C LEU E 55 -68.90 47.09 27.54
N SER E 56 -69.91 46.96 26.69
CA SER E 56 -71.18 46.46 27.17
C SER E 56 -71.20 44.94 27.30
N MET E 57 -70.32 44.25 26.58
CA MET E 57 -70.27 42.81 26.63
C MET E 57 -69.30 42.25 27.67
N VAL E 58 -68.46 43.10 28.28
CA VAL E 58 -67.48 42.57 29.21
C VAL E 58 -68.20 42.00 30.42
N VAL E 59 -67.86 40.76 30.76
CA VAL E 59 -68.50 40.04 31.86
C VAL E 59 -67.59 40.15 33.07
N TYR E 60 -68.13 40.71 34.14
CA TYR E 60 -67.41 40.82 35.39
C TYR E 60 -67.93 39.74 36.33
N ARG E 61 -67.03 39.21 37.15
CA ARG E 61 -67.30 37.98 37.87
C ARG E 61 -66.98 38.18 39.35
N THR E 62 -68.00 38.03 40.19
CA THR E 62 -67.82 38.18 41.63
C THR E 62 -68.36 36.96 42.36
N ALA E 63 -68.36 37.02 43.70
CA ALA E 63 -68.89 35.92 44.48
C ALA E 63 -69.33 36.43 45.84
N ILE E 64 -70.15 35.64 46.51
CA ILE E 64 -70.59 35.92 47.87
C ILE E 64 -70.30 34.70 48.71
N LYS E 65 -69.42 34.85 49.69
CA LYS E 65 -69.02 33.76 50.57
C LYS E 65 -69.49 34.07 51.98
N LEU E 66 -70.07 33.08 52.65
CA LEU E 66 -70.62 33.25 53.99
C LEU E 66 -70.34 32.00 54.80
N ARG E 67 -70.01 32.18 56.07
CA ARG E 67 -69.83 31.07 56.99
C ARG E 67 -70.88 31.09 58.07
N ASN E 68 -71.15 29.91 58.61
CA ASN E 68 -72.22 29.70 59.55
C ASN E 68 -71.84 28.50 60.40
N PHE E 69 -72.35 28.44 61.61
CA PHE E 69 -72.28 27.24 62.43
C PHE E 69 -73.67 26.63 62.49
N VAL E 70 -73.75 25.34 62.21
CA VAL E 70 -75.01 24.62 62.20
C VAL E 70 -75.05 23.69 63.40
N ASN E 71 -76.14 23.75 64.15
CA ASN E 71 -76.37 22.85 65.28
C ASN E 71 -77.65 22.07 64.99
N ILE E 72 -77.51 20.77 64.83
CA ILE E 72 -78.64 19.89 64.53
C ILE E 72 -78.90 19.05 65.77
N ARG E 73 -80.02 19.28 66.43
CA ARG E 73 -80.35 18.59 67.66
C ARG E 73 -81.71 17.92 67.56
N GLY E 74 -81.87 16.86 68.34
CA GLY E 74 -83.17 16.21 68.48
C GLY E 74 -83.74 15.69 67.19
N LEU E 75 -82.88 15.17 66.31
CA LEU E 75 -83.30 14.69 65.01
C LEU E 75 -83.36 13.17 65.07
N THR E 76 -84.57 12.62 65.02
CA THR E 76 -84.74 11.18 65.10
C THR E 76 -84.38 10.56 63.76
N PRO E 77 -84.15 9.23 63.72
CA PRO E 77 -83.69 8.61 62.47
C PRO E 77 -84.70 8.67 61.34
N THR E 78 -85.98 8.82 61.63
CA THR E 78 -86.97 8.95 60.56
C THR E 78 -86.92 10.34 59.95
N GLU E 79 -86.89 11.37 60.78
CA GLU E 79 -86.84 12.74 60.31
C GLU E 79 -85.44 13.10 59.81
N MET E 80 -85.38 14.13 58.99
CA MET E 80 -84.21 14.41 58.17
C MET E 80 -84.10 15.91 57.93
N ILE E 81 -82.89 16.42 57.91
CA ILE E 81 -82.64 17.84 57.65
C ILE E 81 -82.56 18.06 56.14
N VAL E 82 -83.34 19.01 55.67
CA VAL E 82 -83.36 19.38 54.26
C VAL E 82 -82.37 20.51 54.07
N ILE E 83 -81.40 20.31 53.18
CA ILE E 83 -80.41 21.36 52.93
C ILE E 83 -81.06 22.29 51.91
N PRO E 84 -81.42 23.49 52.26
CA PRO E 84 -82.03 24.40 51.28
C PRO E 84 -81.01 24.93 50.30
N TRP E 85 -80.26 24.03 49.68
CA TRP E 85 -79.08 24.46 48.96
C TRP E 85 -79.40 24.78 47.51
N ASN E 86 -80.62 24.50 47.07
CA ASN E 86 -81.06 24.85 45.73
C ASN E 86 -81.85 26.14 45.68
N VAL E 87 -82.03 26.82 46.81
CA VAL E 87 -82.71 28.11 46.82
C VAL E 87 -81.65 29.20 46.79
N MET E 88 -81.89 30.22 45.97
CA MET E 88 -80.90 31.26 45.74
C MET E 88 -80.61 32.03 47.02
N ARG E 89 -81.62 32.26 47.84
CA ARG E 89 -81.49 33.03 49.06
C ARG E 89 -80.58 32.37 50.08
N PHE E 90 -80.30 31.09 49.93
CA PHE E 90 -79.45 30.38 50.86
C PHE E 90 -78.02 30.92 50.82
N TYR E 91 -77.50 31.15 49.61
CA TYR E 91 -76.11 31.50 49.45
C TYR E 91 -75.83 32.98 49.68
N CYS E 92 -76.66 33.85 49.11
CA CYS E 92 -76.40 35.28 49.07
C CYS E 92 -77.12 36.07 50.14
N GLU E 93 -77.93 35.44 50.97
CA GLU E 93 -78.55 36.11 52.10
C GLU E 93 -78.29 35.28 53.34
N TYR E 94 -77.95 35.94 54.44
CA TYR E 94 -77.41 35.25 55.59
C TYR E 94 -78.54 35.14 56.60
N ASN E 95 -79.11 33.96 56.74
CA ASN E 95 -80.21 33.79 57.67
C ASN E 95 -79.69 32.89 58.78
N THR E 96 -79.39 33.49 59.92
CA THR E 96 -78.95 32.75 61.09
C THR E 96 -79.48 33.49 62.31
N GLY E 97 -80.10 32.76 63.23
CA GLY E 97 -80.42 33.36 64.51
C GLY E 97 -81.21 34.64 64.38
N THR E 98 -80.67 35.71 64.97
CA THR E 98 -81.33 37.01 64.98
C THR E 98 -81.20 37.76 63.66
N TYR E 99 -80.20 37.42 62.83
CA TYR E 99 -79.98 38.14 61.58
C TYR E 99 -81.23 38.15 60.72
N GLY E 100 -81.77 36.97 60.41
CA GLY E 100 -82.95 36.89 59.57
C GLY E 100 -84.13 37.69 60.06
N LEU E 101 -84.18 37.95 61.37
CA LEU E 101 -85.24 38.79 61.90
C LEU E 101 -84.98 40.26 61.58
N SER E 102 -83.71 40.68 61.60
CA SER E 102 -83.36 42.03 61.22
C SER E 102 -83.47 42.21 59.71
N GLY E 103 -83.57 43.45 59.29
CA GLY E 103 -83.86 43.76 57.90
C GLY E 103 -82.64 43.81 57.00
N ASN E 104 -82.86 43.48 55.73
CA ASN E 104 -81.88 43.60 54.66
C ASN E 104 -80.56 42.93 55.05
N VAL E 105 -80.62 41.60 55.11
CA VAL E 105 -79.46 40.81 55.46
C VAL E 105 -78.72 40.33 54.22
N HIS E 106 -79.15 40.74 53.03
CA HIS E 106 -78.42 40.42 51.81
C HIS E 106 -76.99 40.92 51.89
N HIS E 107 -76.09 40.16 51.27
CA HIS E 107 -74.71 40.60 51.19
C HIS E 107 -74.61 41.80 50.25
N LYS E 108 -73.67 42.70 50.55
CA LYS E 108 -73.64 43.95 49.81
C LYS E 108 -73.14 43.78 48.38
N ASN E 109 -72.40 42.71 48.09
CA ASN E 109 -72.10 42.43 46.68
C ASN E 109 -73.36 42.14 45.92
N TYR E 110 -74.37 41.58 46.57
CA TYR E 110 -75.59 41.31 45.83
C TYR E 110 -76.43 42.56 45.66
N SER E 111 -76.41 43.46 46.63
CA SER E 111 -77.18 44.69 46.52
C SER E 111 -76.76 45.50 45.30
N MET E 112 -75.47 45.46 44.97
CA MET E 112 -75.02 46.17 43.78
C MET E 112 -75.21 45.37 42.49
N LEU E 113 -75.36 44.05 42.57
CA LEU E 113 -75.71 43.31 41.36
C LEU E 113 -77.03 43.79 40.79
N LEU E 114 -77.84 44.45 41.60
CA LEU E 114 -79.03 45.14 41.14
C LEU E 114 -78.72 46.52 40.58
N ALA E 115 -77.53 47.04 40.83
CA ALA E 115 -77.11 48.30 40.22
C ALA E 115 -76.64 48.11 38.79
N CYS E 116 -75.89 47.04 38.53
CA CYS E 116 -75.54 46.71 37.16
C CYS E 116 -76.75 46.15 36.43
N LYS E 117 -76.72 46.18 35.11
CA LYS E 117 -77.95 45.89 34.38
C LYS E 117 -78.26 44.40 34.31
N ALA E 118 -77.25 43.55 34.38
CA ALA E 118 -77.45 42.12 34.27
C ALA E 118 -76.53 41.41 35.24
N HIS E 119 -77.05 40.35 35.86
CA HIS E 119 -76.22 39.47 36.66
C HIS E 119 -76.68 38.05 36.43
N ARG E 120 -75.75 37.11 36.60
CA ARG E 120 -76.08 35.73 36.42
C ARG E 120 -75.40 34.89 37.49
N PRO E 121 -76.10 33.91 38.06
CA PRO E 121 -75.60 33.22 39.24
C PRO E 121 -74.46 32.25 39.02
N THR E 122 -74.28 31.69 37.82
CA THR E 122 -73.21 30.72 37.53
C THR E 122 -73.05 29.67 38.63
N LYS E 123 -71.83 29.42 39.07
CA LYS E 123 -71.59 28.31 40.00
C LYS E 123 -72.14 28.63 41.39
N VAL E 124 -72.52 27.59 42.10
CA VAL E 124 -73.03 27.71 43.47
C VAL E 124 -72.62 26.46 44.23
N GLY E 125 -72.33 26.62 45.51
CA GLY E 125 -71.87 25.47 46.28
C GLY E 125 -71.77 25.78 47.75
N TYR E 126 -71.46 24.74 48.52
CA TYR E 126 -71.33 24.90 49.97
C TYR E 126 -70.44 23.80 50.52
N THR E 127 -69.98 24.03 51.75
CA THR E 127 -69.05 23.12 52.41
C THR E 127 -69.53 22.85 53.83
N LEU E 128 -69.54 21.58 54.21
CA LEU E 128 -69.73 21.15 55.59
C LEU E 128 -68.38 20.74 56.16
N SER E 129 -68.05 21.24 57.34
CA SER E 129 -66.71 21.06 57.84
C SER E 129 -66.69 20.92 59.35
N ASN E 130 -65.68 20.21 59.84
CA ASN E 130 -65.40 20.07 61.27
C ASN E 130 -66.64 19.69 62.06
N LEU E 131 -67.04 18.46 61.83
CA LEU E 131 -68.21 17.91 62.48
C LEU E 131 -67.94 17.62 63.95
N ILE E 132 -68.88 18.00 64.80
CA ILE E 132 -68.84 17.69 66.21
C ILE E 132 -70.16 17.03 66.57
N LEU E 133 -70.10 15.77 66.96
CA LEU E 133 -71.25 15.05 67.47
C LEU E 133 -71.26 15.10 69.00
N THR E 134 -72.44 15.32 69.55
CA THR E 134 -72.66 15.30 70.98
C THR E 134 -73.83 14.38 71.27
N SER E 135 -73.98 14.00 72.53
CA SER E 135 -74.99 13.04 72.93
C SER E 135 -75.78 13.59 74.12
N ASP E 136 -77.09 13.49 74.04
CA ASP E 136 -77.98 13.77 75.16
C ASP E 136 -78.22 12.55 76.02
N GLU E 137 -77.54 11.44 75.74
CA GLU E 137 -77.80 10.20 76.45
C GLU E 137 -77.65 10.35 77.96
N LEU E 138 -76.64 11.11 78.39
CA LEU E 138 -76.48 11.34 79.81
C LEU E 138 -77.49 12.33 80.36
N VAL E 139 -78.17 13.07 79.49
CA VAL E 139 -79.14 14.06 79.91
C VAL E 139 -80.43 13.36 80.32
N SER E 140 -81.02 13.84 81.41
CA SER E 140 -82.32 13.38 81.87
C SER E 140 -83.09 14.56 82.43
N THR E 141 -84.39 14.37 82.61
CA THR E 141 -85.22 15.46 83.13
C THR E 141 -84.78 15.90 84.52
N GLY E 142 -84.16 15.00 85.28
CA GLY E 142 -83.58 15.39 86.55
C GLY E 142 -82.39 16.33 86.39
N GLY E 143 -81.70 16.24 85.26
CA GLY E 143 -80.63 17.17 84.97
C GLY E 143 -79.31 16.75 85.61
N THR E 144 -78.52 17.76 85.98
CA THR E 144 -77.23 17.65 86.63
C THR E 144 -76.16 17.09 85.70
N LEU E 145 -76.56 16.56 84.55
CA LEU E 145 -75.62 16.12 83.53
C LEU E 145 -76.11 16.65 82.18
N GLY E 146 -75.24 17.37 81.48
CA GLY E 146 -75.58 17.91 80.18
C GLY E 146 -75.04 17.06 79.05
N THR E 147 -75.32 17.51 77.84
CA THR E 147 -74.82 16.80 76.67
C THR E 147 -73.32 16.92 76.59
N THR E 148 -72.69 15.94 75.93
CA THR E 148 -71.26 16.01 75.75
C THR E 148 -70.92 15.22 74.50
N THR E 149 -69.75 15.48 73.94
CA THR E 149 -69.32 14.81 72.73
C THR E 149 -69.31 13.31 72.93
N THR E 150 -69.58 12.59 71.84
CA THR E 150 -69.69 11.14 71.90
C THR E 150 -68.42 10.53 72.47
N PHE E 151 -68.59 9.44 73.23
CA PHE E 151 -67.46 8.81 73.92
C PHE E 151 -66.39 8.37 72.93
N ASN E 152 -66.79 7.88 71.77
CA ASN E 152 -65.85 7.56 70.71
C ASN E 152 -66.38 8.14 69.41
N THR E 153 -65.51 8.13 68.40
CA THR E 153 -65.78 8.79 67.13
C THR E 153 -66.51 7.91 66.14
N SER E 154 -66.91 6.70 66.55
CA SER E 154 -67.66 5.82 65.65
C SER E 154 -68.97 6.40 65.15
N PRO E 155 -69.75 7.19 65.91
CA PRO E 155 -70.99 7.71 65.35
C PRO E 155 -70.72 8.67 64.20
N TYR E 156 -71.76 8.90 63.41
CA TYR E 156 -71.62 9.69 62.20
C TYR E 156 -72.94 10.37 61.87
N MET E 157 -72.86 11.41 61.04
CA MET E 157 -74.03 12.06 60.47
C MET E 157 -74.06 11.75 59.00
N ILE E 158 -75.22 11.36 58.49
CA ILE E 158 -75.36 10.89 57.13
C ILE E 158 -75.70 12.08 56.25
N HIS E 159 -74.87 12.34 55.25
CA HIS E 159 -75.18 13.34 54.24
C HIS E 159 -75.71 12.63 53.02
N SER E 160 -76.97 12.85 52.69
CA SER E 160 -77.64 12.13 51.62
C SER E 160 -77.88 13.07 50.45
N ILE E 161 -77.54 12.60 49.26
CA ILE E 161 -77.84 13.30 48.02
C ILE E 161 -78.83 12.43 47.26
N ASP E 162 -80.01 12.95 46.97
CA ASP E 162 -81.01 12.12 46.32
C ASP E 162 -80.86 12.34 44.83
N ASP E 163 -80.27 11.37 44.15
CA ASP E 163 -80.06 11.44 42.71
C ASP E 163 -81.28 10.98 41.94
N GLN E 164 -81.92 9.92 42.42
CA GLN E 164 -83.06 9.33 41.75
C GLN E 164 -84.34 10.06 42.07
N GLN E 165 -84.27 11.10 42.90
CA GLN E 165 -85.43 11.88 43.30
C GLN E 165 -86.49 11.00 43.96
N CYS E 166 -86.06 10.27 44.98
CA CYS E 166 -87.02 9.59 45.84
C CYS E 166 -88.03 10.59 46.38
N LEU E 167 -87.57 11.77 46.77
CA LEU E 167 -88.41 12.84 47.27
C LEU E 167 -88.40 13.96 46.24
N SER E 168 -89.54 14.14 45.57
CA SER E 168 -89.68 15.23 44.61
C SER E 168 -89.90 16.55 45.31
N LYS E 169 -90.79 16.54 46.29
CA LYS E 169 -91.22 17.74 46.99
C LYS E 169 -91.26 17.43 48.47
N VAL E 170 -90.67 18.30 49.27
CA VAL E 170 -90.41 18.02 50.68
C VAL E 170 -91.17 19.03 51.51
N TYR E 171 -91.86 18.55 52.54
CA TYR E 171 -92.68 19.36 53.41
C TYR E 171 -92.12 19.33 54.83
N PRO E 172 -92.35 20.38 55.62
CA PRO E 172 -91.96 20.34 57.03
C PRO E 172 -92.79 19.32 57.79
N LYS E 173 -92.28 18.95 58.97
CA LYS E 173 -93.02 18.05 59.83
C LYS E 173 -94.31 18.68 60.30
N THR E 174 -95.26 17.83 60.69
CA THR E 174 -96.61 18.27 61.03
C THR E 174 -96.59 19.44 62.00
N ASP E 175 -95.84 19.32 63.09
CA ASP E 175 -95.84 20.37 64.10
C ASP E 175 -94.98 21.55 63.70
N THR E 176 -93.83 21.29 63.09
CA THR E 176 -92.87 22.35 62.86
C THR E 176 -93.22 23.16 61.62
N VAL E 177 -92.40 24.17 61.33
CA VAL E 177 -92.55 24.99 60.14
C VAL E 177 -91.16 25.50 59.79
N TRP E 178 -90.99 25.88 58.52
CA TRP E 178 -89.68 26.29 58.03
C TRP E 178 -89.65 27.79 57.87
N PRO E 179 -88.99 28.54 58.75
CA PRO E 179 -88.83 29.97 58.51
C PRO E 179 -87.77 30.22 57.46
N VAL E 180 -87.97 31.29 56.68
CA VAL E 180 -86.90 31.63 55.76
C VAL E 180 -85.80 32.36 56.50
N SER E 181 -86.15 33.05 57.59
CA SER E 181 -85.14 33.72 58.40
C SER E 181 -84.19 32.75 59.07
N SER E 182 -84.57 31.49 59.17
CA SER E 182 -83.77 30.44 59.78
C SER E 182 -82.97 29.64 58.77
N MET E 183 -82.97 30.05 57.51
CA MET E 183 -82.57 29.15 56.42
C MET E 183 -81.16 28.60 56.60
N ARG E 184 -80.18 29.45 56.90
CA ARG E 184 -78.80 28.98 56.82
C ARG E 184 -78.36 28.13 57.99
N GLU E 185 -78.93 28.29 59.17
CA GLU E 185 -78.70 27.27 60.19
C GLU E 185 -79.74 26.20 59.93
N LEU E 186 -79.33 24.96 59.84
CA LEU E 186 -80.18 24.01 59.15
C LEU E 186 -81.08 23.42 60.22
N ASP E 187 -82.29 23.96 60.32
CA ASP E 187 -83.34 23.43 61.15
C ASP E 187 -84.44 22.73 60.38
N TYR E 188 -84.39 22.68 59.05
CA TYR E 188 -85.57 22.25 58.33
C TYR E 188 -85.65 20.73 58.43
N VAL E 189 -86.70 20.24 59.06
CA VAL E 189 -86.84 18.82 59.34
C VAL E 189 -88.01 18.30 58.54
N ALA E 190 -87.73 17.34 57.69
CA ALA E 190 -88.75 16.60 56.98
C ALA E 190 -88.86 15.22 57.59
N SER E 191 -90.07 14.67 57.60
CA SER E 191 -90.27 13.30 58.01
C SER E 191 -90.72 12.54 56.77
N THR E 192 -89.85 11.68 56.27
CA THR E 192 -90.15 10.91 55.07
C THR E 192 -90.88 9.64 55.50
N VAL E 193 -92.11 9.49 55.02
CA VAL E 193 -93.01 8.45 55.50
C VAL E 193 -93.75 7.86 54.31
N SER E 194 -93.79 6.54 54.22
CA SER E 194 -94.64 5.84 53.26
C SER E 194 -96.04 5.79 53.84
N GLY E 195 -96.93 4.99 53.26
CA GLY E 195 -98.28 5.04 53.78
C GLY E 195 -98.38 4.65 55.24
N ASP E 196 -97.99 3.43 55.60
CA ASP E 196 -97.81 3.05 56.99
C ASP E 196 -96.37 3.07 57.45
N ASN E 197 -95.42 3.34 56.56
CA ASN E 197 -94.02 3.04 56.80
C ASN E 197 -93.24 4.34 57.01
N ALA E 198 -92.48 4.39 58.09
CA ALA E 198 -91.53 5.47 58.29
C ALA E 198 -90.25 5.15 57.53
N ILE E 199 -89.88 6.03 56.61
CA ILE E 199 -88.70 5.80 55.77
C ILE E 199 -87.47 6.27 56.54
N ILE E 200 -86.46 5.41 56.63
CA ILE E 200 -85.14 5.84 57.05
C ILE E 200 -84.48 6.51 55.85
N PRO E 201 -84.17 7.80 55.92
CA PRO E 201 -83.76 8.53 54.71
C PRO E 201 -82.54 7.95 54.03
N SER E 202 -81.55 7.51 54.79
CA SER E 202 -80.33 6.98 54.20
C SER E 202 -80.58 5.76 53.33
N THR E 203 -81.68 5.06 53.54
CA THR E 203 -81.90 3.80 52.82
C THR E 203 -82.39 4.03 51.41
N ILE E 204 -83.24 5.03 51.20
CA ILE E 204 -83.78 5.28 49.87
C ILE E 204 -82.80 6.07 49.01
N PHE E 205 -82.09 7.03 49.59
CA PHE E 205 -81.30 7.96 48.81
C PHE E 205 -80.09 7.28 48.20
N ASN E 206 -79.57 7.90 47.15
CA ASN E 206 -78.55 7.25 46.33
C ASN E 206 -77.17 7.41 46.95
N LYS E 207 -76.61 8.62 46.90
CA LYS E 207 -75.34 8.88 47.55
C LYS E 207 -75.59 9.22 49.00
N ASN E 208 -75.03 8.41 49.89
CA ASN E 208 -75.11 8.62 51.32
C ASN E 208 -73.71 8.59 51.87
N ARG E 209 -73.23 9.71 52.36
CA ARG E 209 -71.91 9.82 52.96
C ARG E 209 -72.05 9.74 54.46
N TYR E 210 -71.37 8.78 55.08
CA TYR E 210 -71.37 8.69 56.53
C TYR E 210 -70.16 9.47 57.01
N TRP E 211 -70.41 10.62 57.61
CA TRP E 211 -69.38 11.60 57.86
C TRP E 211 -69.17 11.70 59.36
N LYS E 212 -67.96 11.38 59.79
CA LYS E 212 -67.64 11.22 61.18
C LYS E 212 -66.85 12.41 61.68
N GLN E 213 -66.49 12.36 62.95
CA GLN E 213 -65.66 13.37 63.57
C GLN E 213 -64.22 13.17 63.11
N GLY E 214 -63.64 14.19 62.51
CA GLY E 214 -62.29 14.11 61.98
C GLY E 214 -62.23 13.92 60.49
N ASP E 215 -63.33 13.53 59.85
CA ASP E 215 -63.35 13.40 58.40
C ASP E 215 -63.13 14.75 57.74
N ASP E 216 -62.66 14.70 56.51
CA ASP E 216 -62.42 15.91 55.75
C ASP E 216 -63.75 16.60 55.46
N ALA E 217 -63.66 17.89 55.17
CA ALA E 217 -64.85 18.66 54.88
C ALA E 217 -65.56 18.11 53.65
N LEU E 218 -66.88 18.28 53.64
CA LEU E 218 -67.72 17.82 52.54
C LEU E 218 -68.03 19.00 51.62
N HIS E 219 -67.56 18.93 50.40
CA HIS E 219 -67.68 20.02 49.45
C HIS E 219 -68.72 19.66 48.40
N PHE E 220 -69.68 20.54 48.19
CA PHE E 220 -70.72 20.31 47.21
C PHE E 220 -70.86 21.54 46.34
N SER E 221 -70.95 21.34 45.03
CA SER E 221 -70.96 22.44 44.09
C SER E 221 -71.95 22.15 42.99
N HIS E 222 -72.44 23.20 42.36
CA HIS E 222 -73.29 23.09 41.19
C HIS E 222 -72.90 24.17 40.22
N ASP E 223 -72.60 23.79 38.98
CA ASP E 223 -72.28 24.74 37.94
C ASP E 223 -73.52 25.07 37.15
N LEU E 224 -73.77 26.36 36.95
CA LEU E 224 -74.84 26.84 36.10
C LEU E 224 -74.26 27.37 34.80
N ASP E 225 -74.73 26.85 33.68
CA ASP E 225 -74.46 27.47 32.38
C ASP E 225 -75.80 27.96 31.85
N LEU E 226 -75.98 29.27 31.85
CA LEU E 226 -77.19 29.91 31.37
C LEU E 226 -76.86 30.62 30.06
N GLY E 227 -77.80 30.60 29.15
CA GLY E 227 -77.57 31.41 27.96
C GLY E 227 -78.02 32.83 28.12
N PHE E 228 -78.52 33.21 29.29
CA PHE E 228 -79.16 34.49 29.47
C PHE E 228 -78.74 35.05 30.82
N TRP E 229 -79.33 36.18 31.17
CA TRP E 229 -78.94 36.97 32.32
C TRP E 229 -80.20 37.36 33.08
N PHE E 230 -80.03 37.86 34.29
CA PHE E 230 -81.15 38.29 35.09
C PHE E 230 -81.04 39.77 35.40
N GLY E 231 -82.16 40.48 35.29
CA GLY E 231 -82.16 41.90 35.55
C GLY E 231 -82.77 42.31 36.88
N SER E 232 -83.41 41.36 37.57
CA SER E 232 -84.12 41.66 38.80
C SER E 232 -83.51 40.86 39.94
N ASP E 233 -84.05 41.05 41.14
CA ASP E 233 -83.58 40.27 42.27
C ASP E 233 -84.19 38.87 42.22
N TYR E 234 -83.49 37.91 42.84
CA TYR E 234 -84.00 36.55 42.87
C TYR E 234 -85.30 36.47 43.67
N GLY E 235 -85.33 37.09 44.85
CA GLY E 235 -86.59 37.19 45.54
C GLY E 235 -87.19 35.84 45.93
N ASN E 236 -86.44 35.07 46.71
CA ASN E 236 -86.78 33.69 47.11
C ASN E 236 -87.16 32.83 45.91
N ALA E 237 -86.28 32.84 44.92
CA ALA E 237 -86.34 31.93 43.79
C ALA E 237 -85.31 30.82 43.97
N TYR E 238 -85.65 29.63 43.50
CA TYR E 238 -84.64 28.59 43.40
C TYR E 238 -83.54 29.07 42.46
N VAL E 239 -82.30 28.80 42.81
CA VAL E 239 -81.22 29.06 41.87
C VAL E 239 -81.48 28.30 40.57
N PRO E 240 -81.34 28.93 39.42
CA PRO E 240 -82.02 28.43 38.20
C PRO E 240 -81.75 26.97 37.89
N GLN E 241 -82.83 26.26 37.57
CA GLN E 241 -82.81 24.84 37.31
C GLN E 241 -83.83 24.56 36.22
N ASN E 242 -83.56 23.54 35.42
CA ASN E 242 -84.52 23.06 34.43
C ASN E 242 -84.93 21.66 34.88
N ASN E 243 -86.18 21.50 35.28
CA ASN E 243 -86.59 20.23 35.85
C ASN E 243 -88.05 19.96 35.58
N ASP E 244 -88.49 18.79 36.04
CA ASP E 244 -89.91 18.50 36.11
C ASP E 244 -90.63 19.48 37.02
N SER E 245 -89.97 19.91 38.10
CA SER E 245 -90.58 20.83 39.03
C SER E 245 -90.48 22.28 38.60
N MET E 246 -89.41 22.66 37.90
CA MET E 246 -89.17 24.09 37.71
C MET E 246 -88.31 24.34 36.48
N ASN E 247 -88.37 25.57 36.00
CA ASN E 247 -87.58 26.02 34.86
C ASN E 247 -86.80 27.27 35.24
N ALA E 248 -85.71 27.49 34.50
CA ALA E 248 -84.72 28.49 34.89
C ALA E 248 -85.15 29.91 34.56
N VAL E 249 -85.94 30.08 33.50
CA VAL E 249 -86.31 31.40 33.02
C VAL E 249 -87.73 31.72 33.47
N GLY E 250 -87.94 32.93 33.97
CA GLY E 250 -89.16 33.24 34.67
C GLY E 250 -90.23 34.03 33.95
N THR E 251 -89.89 34.64 32.83
CA THR E 251 -90.85 35.47 32.12
C THR E 251 -91.69 34.61 31.18
N ILE E 252 -92.98 34.88 31.17
CA ILE E 252 -93.87 34.24 30.19
C ILE E 252 -93.51 34.80 28.83
N PRO E 253 -93.10 33.97 27.87
CA PRO E 253 -92.85 34.47 26.52
C PRO E 253 -94.13 34.93 25.87
N THR E 254 -94.00 35.91 24.97
CA THR E 254 -95.13 36.62 24.41
C THR E 254 -95.06 36.59 22.88
N SER E 255 -96.18 36.94 22.25
CA SER E 255 -96.49 36.52 20.89
C SER E 255 -95.62 37.19 19.84
N LYS E 256 -95.43 36.46 18.74
CA LYS E 256 -94.95 37.01 17.47
C LYS E 256 -93.52 37.55 17.57
N HIS E 257 -92.68 36.86 18.32
CA HIS E 257 -91.25 37.14 18.35
C HIS E 257 -90.55 36.02 19.09
N ILE E 258 -89.25 36.15 19.23
CA ILE E 258 -88.39 35.10 19.77
C ILE E 258 -88.13 35.39 21.24
N ASN E 259 -88.11 34.35 22.05
CA ASN E 259 -87.97 34.48 23.50
C ASN E 259 -86.99 33.44 23.99
N VAL E 260 -86.25 33.77 25.04
CA VAL E 260 -85.33 32.81 25.62
C VAL E 260 -86.12 31.79 26.42
N ARG E 261 -85.87 30.52 26.16
CA ARG E 261 -86.63 29.41 26.68
C ARG E 261 -85.69 28.44 27.35
N GLY E 262 -86.07 27.95 28.52
CA GLY E 262 -85.27 26.94 29.19
C GLY E 262 -85.23 25.64 28.40
N VAL E 263 -84.11 24.93 28.54
CA VAL E 263 -83.91 23.69 27.81
C VAL E 263 -82.91 22.84 28.60
N ASN E 264 -82.95 21.53 28.38
CA ASN E 264 -81.89 20.55 28.69
C ASN E 264 -81.80 19.95 30.09
N ASN E 265 -82.64 20.29 31.07
CA ASN E 265 -82.59 19.59 32.36
C ASN E 265 -81.22 19.68 33.02
N ARG E 266 -80.92 20.86 33.55
CA ARG E 266 -79.91 21.00 34.58
C ARG E 266 -80.62 21.24 35.88
N GLY E 267 -80.30 20.46 36.91
CA GLY E 267 -80.96 20.61 38.19
C GLY E 267 -80.05 20.19 39.31
N MET E 268 -80.51 20.40 40.54
CA MET E 268 -79.71 20.04 41.72
C MET E 268 -80.33 18.91 42.52
N ALA E 269 -79.48 18.02 43.02
CA ALA E 269 -79.95 16.88 43.81
C ALA E 269 -80.34 17.34 45.21
N GLY E 270 -81.43 16.78 45.72
CA GLY E 270 -81.91 17.13 47.05
C GLY E 270 -81.02 16.65 48.17
N HIS E 271 -80.10 17.51 48.61
CA HIS E 271 -79.19 17.16 49.70
C HIS E 271 -79.97 17.06 51.00
N TYR E 272 -79.52 16.20 51.91
CA TYR E 272 -80.20 16.02 53.17
C TYR E 272 -79.21 15.58 54.23
N LEU E 273 -79.58 15.78 55.49
CA LEU E 273 -78.78 15.35 56.62
C LEU E 273 -79.65 14.53 57.56
N SER E 274 -79.09 13.43 58.05
CA SER E 274 -79.82 12.54 58.92
C SER E 274 -78.83 11.78 59.78
N PHE E 275 -79.34 11.15 60.83
CA PHE E 275 -78.50 10.35 61.68
C PHE E 275 -78.92 8.89 61.59
N PRO E 276 -77.99 7.96 61.73
CA PRO E 276 -78.32 6.55 61.67
C PRO E 276 -79.18 6.17 62.85
N PRO E 277 -80.19 5.32 62.65
CA PRO E 277 -80.95 4.83 63.79
C PRO E 277 -80.07 4.00 64.71
N ILE E 278 -80.07 4.35 66.00
CA ILE E 278 -79.35 3.61 67.01
C ILE E 278 -80.31 3.40 68.16
N ARG E 279 -80.67 2.16 68.43
CA ARG E 279 -81.60 1.89 69.50
C ARG E 279 -80.91 1.99 70.85
N THR E 280 -81.67 2.44 71.84
CA THR E 280 -81.22 2.56 73.21
C THR E 280 -82.13 1.76 74.12
N ASN E 281 -81.85 1.82 75.42
CA ASN E 281 -82.79 1.29 76.40
C ASN E 281 -84.17 1.90 76.22
N ASP E 282 -84.23 3.17 75.84
CA ASP E 282 -85.49 3.85 75.53
C ASP E 282 -85.36 4.61 74.23
N GLY E 283 -86.16 4.22 73.24
CA GLY E 283 -86.20 4.99 72.00
C GLY E 283 -84.90 4.89 71.22
N GLN E 284 -84.48 6.04 70.69
CA GLN E 284 -83.36 6.13 69.77
C GLN E 284 -82.22 6.89 70.41
N PHE E 285 -81.01 6.60 69.95
CA PHE E 285 -79.84 7.28 70.47
C PHE E 285 -79.93 8.75 70.09
N LYS E 286 -79.57 9.62 71.01
CA LYS E 286 -79.70 11.04 70.75
C LYS E 286 -78.37 11.53 70.21
N LEU E 287 -78.34 11.84 68.92
CA LEU E 287 -77.18 12.40 68.27
C LEU E 287 -77.45 13.85 67.93
N ASN E 288 -76.50 14.69 68.26
CA ASN E 288 -76.55 16.10 67.97
C ASN E 288 -75.30 16.39 67.16
N ALA E 289 -75.39 17.31 66.21
CA ALA E 289 -74.25 17.58 65.35
C ALA E 289 -73.97 19.07 65.32
N GLN E 290 -72.69 19.41 65.27
CA GLN E 290 -72.26 20.73 64.86
C GLN E 290 -71.35 20.60 63.66
N PHE E 291 -71.44 21.57 62.76
CA PHE E 291 -70.46 21.71 61.69
C PHE E 291 -70.52 23.15 61.21
N THR E 292 -69.48 23.55 60.49
CA THR E 292 -69.46 24.87 59.90
C THR E 292 -70.01 24.79 58.48
N LEU E 293 -70.84 25.75 58.13
CA LEU E 293 -71.41 25.83 56.80
C LEU E 293 -70.75 26.99 56.08
N GLU E 294 -69.95 26.68 55.07
CA GLU E 294 -69.37 27.69 54.19
C GLU E 294 -70.06 27.57 52.85
N THR E 295 -70.84 28.58 52.49
CA THR E 295 -71.49 28.63 51.19
C THR E 295 -70.81 29.67 50.32
N GLU E 296 -70.76 29.39 49.02
CA GLU E 296 -70.23 30.34 48.05
C GLU E 296 -71.11 30.31 46.82
N ILE E 297 -71.50 31.50 46.36
CA ILE E 297 -72.19 31.66 45.09
C ILE E 297 -71.42 32.65 44.26
N GLU E 298 -71.13 32.29 43.02
CA GLU E 298 -70.27 33.08 42.16
C GLU E 298 -71.13 33.73 41.09
N PHE E 299 -71.30 35.04 41.16
CA PHE E 299 -72.08 35.76 40.17
C PHE E 299 -71.20 36.30 39.07
N GLU E 300 -71.71 36.26 37.84
CA GLU E 300 -71.24 37.10 36.76
C GLU E 300 -72.19 38.28 36.62
N PHE E 301 -71.65 39.45 36.34
CA PHE E 301 -72.50 40.60 36.09
C PHE E 301 -71.94 41.39 34.92
N ARG E 302 -72.76 42.31 34.42
CA ARG E 302 -72.49 42.99 33.17
C ARG E 302 -73.03 44.40 33.28
N LEU E 303 -72.33 45.35 32.66
CA LEU E 303 -72.61 46.75 32.93
C LEU E 303 -73.41 47.38 31.80
N TRP E 304 -73.66 48.67 31.96
CA TRP E 304 -74.59 49.44 31.14
C TRP E 304 -73.99 49.78 29.78
N GLU E 305 -74.88 50.13 28.86
CA GLU E 305 -74.47 50.46 27.50
C GLU E 305 -73.62 51.72 27.49
N GLN E 306 -72.57 51.70 26.67
CA GLN E 306 -71.74 52.88 26.50
C GLN E 306 -72.43 53.92 25.64
N GLY E 307 -71.99 55.14 25.78
CA GLY E 307 -72.51 56.22 24.97
C GLY E 307 -73.66 56.94 25.63
N VAL E 308 -74.30 57.79 24.83
CA VAL E 308 -75.47 58.51 25.32
C VAL E 308 -76.58 57.55 25.68
N GLN E 309 -76.57 56.35 25.10
CA GLN E 309 -77.57 55.35 25.45
C GLN E 309 -77.55 55.03 26.94
N GLY E 310 -76.38 55.10 27.57
CA GLY E 310 -76.22 54.79 28.97
C GLY E 310 -76.40 55.96 29.92
N ILE E 311 -76.79 57.12 29.43
CA ILE E 311 -77.05 58.26 30.30
C ILE E 311 -78.34 58.02 31.07
N ASN E 312 -78.32 58.30 32.37
CA ASN E 312 -79.47 58.01 33.23
C ASN E 312 -80.76 58.61 32.69
N SER E 313 -80.70 59.88 32.29
CA SER E 313 -81.94 60.56 31.90
C SER E 313 -82.53 59.95 30.64
N VAL E 314 -81.71 59.62 29.65
CA VAL E 314 -82.20 59.09 28.38
C VAL E 314 -82.16 57.58 28.33
N HIS E 315 -81.64 56.91 29.35
CA HIS E 315 -81.59 55.45 29.28
C HIS E 315 -82.96 54.81 29.47
N THR E 316 -83.91 55.53 30.08
CA THR E 316 -85.23 54.96 30.26
C THR E 316 -85.86 54.62 28.92
N ASN E 317 -85.93 55.60 28.02
CA ASN E 317 -86.54 55.42 26.72
C ASN E 317 -85.56 55.01 25.62
N LEU E 318 -84.25 55.06 25.86
CA LEU E 318 -83.28 54.45 24.95
C LEU E 318 -82.83 53.07 25.38
N ASN E 319 -83.39 52.53 26.45
CA ASN E 319 -83.08 51.16 26.84
C ASN E 319 -83.41 50.22 25.68
N PRO E 320 -82.52 49.30 25.34
CA PRO E 320 -82.82 48.38 24.23
C PRO E 320 -84.04 47.54 24.54
N ALA E 321 -84.92 47.40 23.55
CA ALA E 321 -86.04 46.49 23.71
C ALA E 321 -85.62 45.04 23.59
N ASN E 322 -84.41 44.77 23.13
CA ASN E 322 -83.90 43.41 23.06
C ASN E 322 -83.19 42.98 24.33
N ASP E 323 -83.22 43.80 25.38
CA ASP E 323 -82.89 43.28 26.70
C ASP E 323 -83.70 42.04 27.00
N SER E 324 -85.01 42.11 26.74
CA SER E 324 -85.88 40.97 26.97
C SER E 324 -85.39 39.73 26.25
N LEU E 325 -84.55 39.90 25.26
CA LEU E 325 -84.01 38.76 24.54
C LEU E 325 -82.99 38.02 25.39
N TRP E 326 -81.97 38.73 25.89
CA TRP E 326 -80.97 38.14 26.78
C TRP E 326 -81.17 38.44 28.27
N ILE E 327 -82.11 39.28 28.69
CA ILE E 327 -82.27 39.52 30.13
C ILE E 327 -83.60 39.01 30.66
N GLN E 328 -83.57 38.05 31.57
CA GLN E 328 -84.72 37.17 31.71
C GLN E 328 -85.41 36.96 33.06
N SER E 329 -84.99 37.68 34.10
CA SER E 329 -85.53 37.52 35.48
C SER E 329 -85.25 36.14 36.12
N TYR E 330 -86.08 35.73 37.08
CA TYR E 330 -85.87 34.45 37.78
C TYR E 330 -86.99 33.46 37.51
N GLY E 331 -86.64 32.18 37.37
CA GLY E 331 -87.63 31.26 36.87
C GLY E 331 -88.72 30.82 37.82
N SER E 332 -88.33 30.24 38.95
CA SER E 332 -89.29 29.55 39.78
C SER E 332 -88.97 29.83 41.24
N LEU E 333 -90.02 30.09 42.01
CA LEU E 333 -89.89 30.55 43.37
C LEU E 333 -90.13 29.41 44.32
N VAL E 334 -89.42 29.42 45.45
CA VAL E 334 -89.84 28.57 46.54
C VAL E 334 -91.20 29.04 47.00
N SER E 335 -91.95 28.14 47.62
CA SER E 335 -93.31 28.46 48.00
C SER E 335 -93.27 29.03 49.41
N ILE E 336 -93.59 30.31 49.52
CA ILE E 336 -93.46 31.07 50.76
C ILE E 336 -94.81 31.65 51.08
N THR E 337 -95.41 31.22 52.19
CA THR E 337 -96.50 31.96 52.79
C THR E 337 -95.96 32.61 54.05
N GLU E 338 -96.34 33.86 54.27
CA GLU E 338 -95.77 34.68 55.33
C GLU E 338 -94.26 34.67 55.13
N SER E 339 -93.46 34.44 56.16
CA SER E 339 -92.02 34.28 56.04
C SER E 339 -91.61 32.81 55.95
N LYS E 340 -92.56 31.89 55.89
CA LYS E 340 -92.30 30.49 56.15
C LYS E 340 -92.37 29.68 54.87
N ILE E 341 -91.39 28.80 54.67
CA ILE E 341 -91.34 27.97 53.48
C ILE E 341 -92.41 26.89 53.57
N ASN E 342 -93.22 26.77 52.52
CA ASN E 342 -94.25 25.75 52.49
C ASN E 342 -93.68 24.38 52.14
N ASN E 343 -92.81 24.34 51.15
CA ASN E 343 -92.23 23.11 50.66
C ASN E 343 -90.93 23.44 49.95
N ILE E 344 -90.11 22.43 49.74
CA ILE E 344 -88.91 22.58 48.92
C ILE E 344 -88.94 21.51 47.84
N GLN E 345 -88.75 21.93 46.61
CA GLN E 345 -88.66 21.06 45.46
C GLN E 345 -87.20 20.91 45.08
N PHE E 346 -86.80 19.71 44.66
CA PHE E 346 -85.40 19.50 44.31
C PHE E 346 -85.17 19.28 42.83
N GLY E 347 -85.69 18.21 42.26
CA GLY E 347 -85.53 17.97 40.84
C GLY E 347 -84.13 18.07 40.24
N PRO E 348 -83.32 17.04 40.46
CA PRO E 348 -81.93 16.91 40.01
C PRO E 348 -81.80 16.63 38.53
N THR E 349 -80.60 16.71 37.99
CA THR E 349 -80.43 16.39 36.59
C THR E 349 -80.45 14.89 36.73
N CYS E 350 -81.54 14.26 36.35
CA CYS E 350 -81.62 12.82 36.55
C CYS E 350 -80.79 12.09 35.53
N PRO E 351 -80.14 11.02 35.98
CA PRO E 351 -79.22 10.25 35.14
C PRO E 351 -79.92 9.45 34.05
N ARG E 352 -81.21 9.22 34.16
CA ARG E 352 -81.90 8.44 33.15
C ARG E 352 -82.45 9.27 32.00
N VAL E 353 -82.40 10.60 32.09
CA VAL E 353 -82.59 11.42 30.90
C VAL E 353 -81.45 11.17 29.94
N ASP E 354 -81.74 11.19 28.65
CA ASP E 354 -80.73 10.99 27.63
C ASP E 354 -79.59 11.98 27.84
N ALA E 355 -78.36 11.47 27.78
CA ALA E 355 -77.19 12.32 28.00
C ALA E 355 -77.13 13.45 27.00
N ARG E 356 -77.80 13.32 25.85
CA ARG E 356 -77.82 14.40 24.87
C ARG E 356 -78.70 15.55 25.34
N ASN E 357 -79.68 15.27 26.19
CA ASN E 357 -80.48 16.33 26.78
C ASN E 357 -79.77 17.01 27.94
N LYS E 358 -78.90 16.31 28.65
CA LYS E 358 -78.38 16.80 29.92
C LYS E 358 -77.22 17.77 29.78
N GLY E 359 -76.88 18.16 28.55
CA GLY E 359 -75.66 18.91 28.33
C GLY E 359 -75.70 20.35 28.81
N GLY E 360 -74.76 21.15 28.33
CA GLY E 360 -74.39 22.39 28.99
C GLY E 360 -75.38 23.52 29.09
N LYS E 361 -75.89 24.00 27.96
CA LYS E 361 -76.57 25.28 27.91
C LYS E 361 -78.01 25.17 28.40
N MET E 362 -78.38 25.99 29.38
CA MET E 362 -79.69 25.88 30.00
C MET E 362 -80.77 26.70 29.33
N SER E 363 -80.49 27.39 28.25
CA SER E 363 -81.56 28.13 27.61
C SER E 363 -81.33 28.14 26.11
N MET E 364 -82.40 28.39 25.39
CA MET E 364 -82.37 28.51 23.94
C MET E 364 -83.22 29.70 23.59
N LEU E 365 -82.92 30.32 22.47
CA LEU E 365 -83.63 31.51 22.03
C LEU E 365 -84.60 31.05 20.96
N PHE E 366 -85.85 30.89 21.36
CA PHE E 366 -86.89 30.27 20.57
C PHE E 366 -88.14 31.12 20.50
N ASP E 367 -88.74 31.20 19.32
CA ASP E 367 -89.92 32.01 19.10
C ASP E 367 -91.23 31.51 19.70
N HIS E 368 -92.16 32.43 19.87
CA HIS E 368 -93.47 32.08 20.37
C HIS E 368 -94.51 32.67 19.43
N HIS E 369 -95.51 31.86 19.08
CA HIS E 369 -96.56 32.33 18.18
C HIS E 369 -97.85 32.62 18.92
N GLU F 36 -56.29 5.96 54.23
CA GLU F 36 -56.19 4.52 54.10
C GLU F 36 -57.53 3.89 54.48
N GLY F 37 -57.80 2.70 53.95
CA GLY F 37 -59.05 2.02 54.23
C GLY F 37 -60.14 2.44 53.26
N ASP F 38 -61.33 1.92 53.50
CA ASP F 38 -62.48 2.24 52.67
C ASP F 38 -63.18 3.51 53.09
N GLY F 39 -62.67 4.19 54.11
CA GLY F 39 -63.24 5.43 54.59
C GLY F 39 -63.96 5.31 55.91
N SER F 40 -64.26 4.08 56.32
CA SER F 40 -65.01 3.81 57.55
C SER F 40 -64.36 4.29 58.83
N ALA F 41 -63.11 4.74 58.74
CA ALA F 41 -62.36 5.22 59.90
C ALA F 41 -62.84 6.57 60.39
N PRO F 42 -62.46 6.96 61.60
CA PRO F 42 -62.92 8.26 62.06
C PRO F 42 -62.46 9.45 61.23
N GLY F 43 -61.24 9.48 60.70
CA GLY F 43 -60.79 10.63 59.93
C GLY F 43 -60.47 10.39 58.46
N GLY F 44 -60.48 11.44 57.64
CA GLY F 44 -60.20 11.30 56.23
C GLY F 44 -61.41 11.36 55.33
N SER F 45 -61.52 10.43 54.39
CA SER F 45 -62.65 10.38 53.46
C SER F 45 -63.91 9.71 54.01
N VAL F 46 -65.06 10.10 53.49
CA VAL F 46 -66.37 9.61 53.91
C VAL F 46 -66.71 8.26 53.32
N TRP F 47 -67.10 7.32 54.16
CA TRP F 47 -67.50 6.03 53.67
C TRP F 47 -68.84 6.31 53.05
N GLN F 48 -69.05 5.91 51.81
CA GLN F 48 -70.32 6.18 51.17
C GLN F 48 -70.88 4.91 50.56
N THR F 49 -72.21 4.87 50.49
CA THR F 49 -72.95 3.70 50.09
C THR F 49 -72.84 3.46 48.59
N THR F 50 -73.18 2.25 48.18
CA THR F 50 -73.08 1.85 46.78
C THR F 50 -74.02 2.66 45.90
N ASP F 51 -73.68 2.72 44.62
CA ASP F 51 -74.40 3.51 43.64
C ASP F 51 -75.64 2.78 43.17
N TYR F 52 -76.79 3.43 43.28
CA TYR F 52 -78.03 2.88 42.76
C TYR F 52 -78.35 3.32 41.33
N ILE F 53 -77.61 4.25 40.75
CA ILE F 53 -77.90 4.69 39.39
C ILE F 53 -77.53 3.61 38.40
N ALA F 54 -76.32 3.06 38.52
CA ALA F 54 -75.75 2.23 37.47
C ALA F 54 -76.71 1.15 37.00
N LEU F 55 -77.43 0.53 37.92
CA LEU F 55 -78.37 -0.51 37.53
C LEU F 55 -79.70 0.03 37.03
N SER F 56 -80.05 1.27 37.37
CA SER F 56 -81.28 1.83 36.83
C SER F 56 -81.09 2.35 35.42
N MET F 57 -79.87 2.66 35.02
CA MET F 57 -79.60 3.16 33.68
C MET F 57 -79.27 2.09 32.67
N VAL F 58 -79.07 0.84 33.09
CA VAL F 58 -78.67 -0.19 32.13
C VAL F 58 -79.82 -0.43 31.16
N VAL F 59 -79.51 -0.37 29.87
CA VAL F 59 -80.50 -0.52 28.81
C VAL F 59 -80.44 -1.96 28.32
N TYR F 60 -81.56 -2.65 28.42
CA TYR F 60 -81.67 -4.01 27.91
C TYR F 60 -82.41 -3.96 26.60
N ARG F 61 -82.03 -4.86 25.68
CA ARG F 61 -82.42 -4.74 24.30
C ARG F 61 -83.01 -6.06 23.82
N THR F 62 -84.27 -6.04 23.43
CA THR F 62 -84.94 -7.24 22.94
C THR F 62 -85.56 -7.00 21.58
N ALA F 63 -86.30 -7.97 21.06
CA ALA F 63 -86.97 -7.82 19.78
C ALA F 63 -88.15 -8.76 19.72
N ILE F 64 -89.06 -8.46 18.78
CA ILE F 64 -90.21 -9.31 18.50
C ILE F 64 -90.22 -9.61 17.01
N LYS F 65 -90.05 -10.87 16.66
CA LYS F 65 -90.01 -11.30 15.27
C LYS F 65 -91.21 -12.18 14.99
N LEU F 66 -91.87 -11.95 13.88
CA LEU F 66 -93.08 -12.67 13.51
C LEU F 66 -93.08 -12.92 12.01
N ARG F 67 -93.54 -14.10 11.61
CA ARG F 67 -93.70 -14.43 10.20
C ARG F 67 -95.16 -14.63 9.86
N ASN F 68 -95.45 -14.41 8.59
CA ASN F 68 -96.80 -14.39 8.09
C ASN F 68 -96.75 -14.74 6.62
N PHE F 69 -97.83 -15.32 6.10
CA PHE F 69 -98.00 -15.47 4.66
C PHE F 69 -99.07 -14.49 4.21
N VAL F 70 -98.76 -13.73 3.17
CA VAL F 70 -99.67 -12.72 2.65
C VAL F 70 -100.18 -13.20 1.30
N ASN F 71 -101.50 -13.16 1.13
CA ASN F 71 -102.15 -13.48 -0.13
C ASN F 71 -102.91 -12.24 -0.60
N ILE F 72 -102.49 -11.68 -1.71
CA ILE F 72 -103.10 -10.49 -2.28
C ILE F 72 -103.84 -10.91 -3.53
N ARG F 73 -105.16 -10.84 -3.50
CA ARG F 73 -105.98 -11.28 -4.62
C ARG F 73 -106.93 -10.18 -5.05
N GLY F 74 -107.30 -10.23 -6.33
CA GLY F 74 -108.33 -9.34 -6.85
C GLY F 74 -108.00 -7.87 -6.73
N LEU F 75 -106.74 -7.51 -6.90
CA LEU F 75 -106.28 -6.14 -6.74
C LEU F 75 -106.12 -5.55 -8.13
N THR F 76 -106.98 -4.62 -8.49
CA THR F 76 -106.91 -4.01 -9.80
C THR F 76 -105.78 -2.99 -9.84
N PRO F 77 -105.34 -2.57 -11.04
CA PRO F 77 -104.18 -1.67 -11.10
C PRO F 77 -104.41 -0.31 -10.48
N THR F 78 -105.65 0.14 -10.35
CA THR F 78 -105.90 1.41 -9.69
C THR F 78 -105.77 1.30 -8.18
N GLU F 79 -106.38 0.26 -7.61
CA GLU F 79 -106.32 0.03 -6.18
C GLU F 79 -104.95 -0.54 -5.79
N MET F 80 -104.64 -0.39 -4.50
CA MET F 80 -103.29 -0.57 -4.01
C MET F 80 -103.32 -1.04 -2.56
N ILE F 81 -102.39 -1.92 -2.22
CA ILE F 81 -102.29 -2.43 -0.85
C ILE F 81 -101.45 -1.47 -0.01
N VAL F 82 -102.00 -1.07 1.12
CA VAL F 82 -101.31 -0.19 2.05
C VAL F 82 -100.58 -1.06 3.06
N ILE F 83 -99.28 -0.89 3.17
CA ILE F 83 -98.51 -1.67 4.13
C ILE F 83 -98.65 -0.94 5.46
N PRO F 84 -99.34 -1.47 6.43
CA PRO F 84 -99.48 -0.76 7.71
C PRO F 84 -98.20 -0.85 8.51
N TRP F 85 -97.08 -0.46 7.91
CA TRP F 85 -95.79 -0.77 8.49
C TRP F 85 -95.33 0.32 9.42
N ASN F 86 -96.04 1.44 9.46
CA ASN F 86 -95.73 2.53 10.38
C ASN F 86 -96.59 2.49 11.64
N VAL F 87 -97.47 1.51 11.80
CA VAL F 87 -98.24 1.37 13.02
C VAL F 87 -97.55 0.36 13.92
N MET F 88 -97.48 0.68 15.20
CA MET F 88 -96.72 -0.12 16.14
C MET F 88 -97.30 -1.52 16.27
N ARG F 89 -98.62 -1.62 16.22
CA ARG F 89 -99.31 -2.90 16.39
C ARG F 89 -98.99 -3.89 15.28
N PHE F 90 -98.48 -3.42 14.16
CA PHE F 90 -98.15 -4.30 13.05
C PHE F 90 -97.04 -5.28 13.42
N TYR F 91 -96.01 -4.79 14.09
CA TYR F 91 -94.83 -5.60 14.35
C TYR F 91 -94.99 -6.51 15.56
N CYS F 92 -95.51 -5.98 16.66
CA CYS F 92 -95.52 -6.66 17.95
C CYS F 92 -96.83 -7.35 18.27
N GLU F 93 -97.85 -7.25 17.42
CA GLU F 93 -99.08 -7.98 17.59
C GLU F 93 -99.40 -8.70 16.30
N TYR F 94 -99.81 -9.94 16.41
CA TYR F 94 -99.89 -10.81 15.24
C TYR F 94 -101.34 -10.87 14.82
N ASN F 95 -101.68 -10.18 13.75
CA ASN F 95 -103.06 -10.17 13.30
C ASN F 95 -103.09 -10.90 11.97
N THR F 96 -103.56 -12.13 12.00
CA THR F 96 -103.71 -12.93 10.81
C THR F 96 -104.92 -13.81 10.99
N GLY F 97 -105.82 -13.84 10.01
CA GLY F 97 -106.87 -14.82 10.04
C GLY F 97 -107.68 -14.81 11.32
N THR F 98 -107.74 -15.96 11.98
CA THR F 98 -108.52 -16.11 13.20
C THR F 98 -107.81 -15.52 14.43
N TYR F 99 -106.49 -15.35 14.38
CA TYR F 99 -105.75 -14.86 15.54
C TYR F 99 -106.31 -13.53 16.03
N GLY F 100 -106.38 -12.54 15.15
CA GLY F 100 -106.87 -11.23 15.54
C GLY F 100 -108.25 -11.24 16.16
N LEU F 101 -109.06 -12.26 15.84
CA LEU F 101 -110.36 -12.40 16.47
C LEU F 101 -110.22 -12.88 17.91
N SER F 102 -109.27 -13.78 18.16
CA SER F 102 -109.00 -14.24 19.51
C SER F 102 -108.31 -13.15 20.32
N GLY F 103 -108.37 -13.29 21.63
CA GLY F 103 -107.91 -12.24 22.52
C GLY F 103 -106.43 -12.30 22.83
N ASN F 104 -105.87 -11.12 23.10
CA ASN F 104 -104.49 -10.94 23.57
C ASN F 104 -103.51 -11.70 22.68
N VAL F 105 -103.36 -11.18 21.46
CA VAL F 105 -102.45 -11.77 20.49
C VAL F 105 -101.09 -11.09 20.52
N HIS F 106 -100.87 -10.15 21.43
CA HIS F 106 -99.57 -9.55 21.60
C HIS F 106 -98.51 -10.61 21.88
N HIS F 107 -97.31 -10.38 21.38
CA HIS F 107 -96.19 -11.26 21.68
C HIS F 107 -95.81 -11.12 23.15
N LYS F 108 -95.37 -12.22 23.76
CA LYS F 108 -95.15 -12.20 25.19
C LYS F 108 -93.93 -11.38 25.60
N ASN F 109 -92.98 -11.16 24.70
CA ASN F 109 -91.93 -10.20 25.01
C ASN F 109 -92.50 -8.81 25.19
N TYR F 110 -93.58 -8.49 24.49
CA TYR F 110 -94.14 -7.17 24.68
C TYR F 110 -94.95 -7.07 25.96
N SER F 111 -95.62 -8.14 26.35
CA SER F 111 -96.40 -8.12 27.58
C SER F 111 -95.53 -7.80 28.78
N MET F 112 -94.29 -8.25 28.77
CA MET F 112 -93.40 -7.93 29.87
C MET F 112 -92.72 -6.57 29.72
N LEU F 113 -92.65 -6.02 28.51
CA LEU F 113 -92.16 -4.66 28.38
C LEU F 113 -93.01 -3.70 29.17
N LEU F 114 -94.23 -4.09 29.51
CA LEU F 114 -95.08 -3.36 30.42
C LEU F 114 -94.76 -3.67 31.87
N ALA F 115 -94.00 -4.73 32.14
CA ALA F 115 -93.55 -5.03 33.49
C ALA F 115 -92.36 -4.18 33.88
N CYS F 116 -91.40 -3.98 32.97
CA CYS F 116 -90.31 -3.06 33.21
C CYS F 116 -90.82 -1.62 33.13
N LYS F 117 -90.08 -0.69 33.72
CA LYS F 117 -90.66 0.64 33.87
C LYS F 117 -90.61 1.45 32.59
N ALA F 118 -89.68 1.16 31.70
CA ALA F 118 -89.53 1.94 30.48
C ALA F 118 -89.18 1.00 29.34
N HIS F 119 -89.76 1.25 28.17
CA HIS F 119 -89.37 0.56 26.97
C HIS F 119 -89.37 1.56 25.82
N ARG F 120 -88.54 1.29 24.83
CA ARG F 120 -88.46 2.14 23.69
C ARG F 120 -88.35 1.32 22.42
N PRO F 121 -89.06 1.70 21.36
CA PRO F 121 -89.17 0.83 20.18
C PRO F 121 -87.95 0.73 19.30
N THR F 122 -87.05 1.72 19.28
CA THR F 122 -85.85 1.72 18.43
C THR F 122 -86.13 1.25 17.01
N LYS F 123 -85.32 0.35 16.48
CA LYS F 123 -85.45 -0.02 15.08
C LYS F 123 -86.70 -0.85 14.83
N VAL F 124 -87.23 -0.74 13.61
CA VAL F 124 -88.41 -1.48 13.19
C VAL F 124 -88.27 -1.77 11.71
N GLY F 125 -88.75 -2.93 11.28
CA GLY F 125 -88.59 -3.29 9.88
C GLY F 125 -89.36 -4.54 9.52
N TYR F 126 -89.35 -4.85 8.23
CA TYR F 126 -90.05 -6.03 7.74
C TYR F 126 -89.43 -6.50 6.46
N THR F 127 -89.75 -7.74 6.08
CA THR F 127 -89.20 -8.38 4.90
C THR F 127 -90.31 -9.04 4.10
N LEU F 128 -90.32 -8.80 2.80
CA LEU F 128 -91.13 -9.52 1.84
C LEU F 128 -90.27 -10.52 1.11
N SER F 129 -90.72 -11.77 1.03
CA SER F 129 -89.86 -12.82 0.54
C SER F 129 -90.64 -13.86 -0.24
N ASN F 130 -89.96 -14.51 -1.18
CA ASN F 130 -90.48 -15.65 -1.94
C ASN F 130 -91.87 -15.38 -2.50
N LEU F 131 -91.85 -14.49 -3.48
CA LEU F 131 -93.08 -14.08 -4.14
C LEU F 131 -93.59 -15.18 -5.04
N ILE F 132 -94.90 -15.42 -4.97
CA ILE F 132 -95.58 -16.35 -5.87
C ILE F 132 -96.74 -15.60 -6.49
N LEU F 133 -96.69 -15.42 -7.80
CA LEU F 133 -97.79 -14.85 -8.56
C LEU F 133 -98.63 -15.97 -9.15
N THR F 134 -99.94 -15.79 -9.09
CA THR F 134 -100.88 -16.70 -9.70
C THR F 134 -101.85 -15.89 -10.54
N SER F 135 -102.60 -16.57 -11.40
CA SER F 135 -103.49 -15.91 -12.34
C SER F 135 -104.86 -16.55 -12.28
N ASP F 136 -105.89 -15.70 -12.22
CA ASP F 136 -107.27 -16.13 -12.35
C ASP F 136 -107.73 -16.13 -13.80
N GLU F 137 -106.82 -15.88 -14.74
CA GLU F 137 -107.21 -15.75 -16.14
C GLU F 137 -107.92 -16.99 -16.66
N LEU F 138 -107.47 -18.16 -16.24
CA LEU F 138 -108.15 -19.38 -16.65
C LEU F 138 -109.44 -19.61 -15.89
N VAL F 139 -109.65 -18.88 -14.80
CA VAL F 139 -110.86 -19.03 -14.00
C VAL F 139 -112.01 -18.34 -14.69
N SER F 140 -113.18 -18.98 -14.66
CA SER F 140 -114.41 -18.40 -15.16
C SER F 140 -115.55 -18.84 -14.27
N THR F 141 -116.69 -18.16 -14.39
CA THR F 141 -117.84 -18.51 -13.55
C THR F 141 -118.30 -19.94 -13.79
N GLY F 142 -118.05 -20.49 -14.98
CA GLY F 142 -118.34 -21.88 -15.21
C GLY F 142 -117.43 -22.81 -14.41
N GLY F 143 -116.24 -22.35 -14.07
CA GLY F 143 -115.37 -23.11 -13.22
C GLY F 143 -114.55 -24.14 -13.98
N THR F 144 -114.29 -25.26 -13.30
CA THR F 144 -113.55 -26.42 -13.80
C THR F 144 -112.07 -26.13 -14.00
N LEU F 145 -111.68 -24.85 -13.96
CA LEU F 145 -110.28 -24.45 -14.00
C LEU F 145 -110.04 -23.42 -12.91
N GLY F 146 -109.08 -23.68 -12.04
CA GLY F 146 -108.74 -22.77 -10.98
C GLY F 146 -107.53 -21.92 -11.31
N THR F 147 -107.18 -21.05 -10.36
CA THR F 147 -106.02 -20.21 -10.56
C THR F 147 -104.76 -21.04 -10.55
N THR F 148 -103.72 -20.54 -11.20
CA THR F 148 -102.45 -21.22 -11.19
C THR F 148 -101.36 -20.20 -11.41
N THR F 149 -100.14 -20.55 -11.04
CA THR F 149 -99.01 -19.66 -11.17
C THR F 149 -98.86 -19.20 -12.61
N THR F 150 -98.36 -17.98 -12.77
CA THR F 150 -98.24 -17.39 -14.10
C THR F 150 -97.39 -18.27 -15.01
N PHE F 151 -97.76 -18.29 -16.29
CA PHE F 151 -97.10 -19.17 -17.25
C PHE F 151 -95.61 -18.88 -17.34
N ASN F 152 -95.22 -17.62 -17.25
CA ASN F 152 -93.82 -17.25 -17.17
C ASN F 152 -93.64 -16.25 -16.04
N THR F 153 -92.38 -15.99 -15.71
CA THR F 153 -92.03 -15.19 -14.54
C THR F 153 -91.93 -13.70 -14.86
N SER F 154 -92.27 -13.31 -16.08
CA SER F 154 -92.25 -11.88 -16.42
C SER F 154 -93.16 -11.01 -15.57
N PRO F 155 -94.35 -11.44 -15.11
CA PRO F 155 -95.16 -10.54 -14.29
C PRO F 155 -94.48 -10.24 -12.97
N TYR F 156 -94.94 -9.18 -12.33
CA TYR F 156 -94.31 -8.68 -11.11
C TYR F 156 -95.33 -7.98 -10.24
N MET F 157 -94.99 -7.84 -8.97
CA MET F 157 -95.75 -7.03 -8.04
C MET F 157 -94.92 -5.82 -7.68
N ILE F 158 -95.55 -4.64 -7.70
CA ILE F 158 -94.83 -3.40 -7.55
C ILE F 158 -94.84 -3.03 -6.07
N HIS F 159 -93.66 -2.88 -5.49
CA HIS F 159 -93.54 -2.37 -4.13
C HIS F 159 -93.19 -0.90 -4.20
N SER F 160 -94.09 -0.04 -3.76
CA SER F 160 -93.94 1.39 -3.88
C SER F 160 -93.65 2.00 -2.52
N ILE F 161 -92.64 2.86 -2.46
CA ILE F 161 -92.33 3.66 -1.29
C ILE F 161 -92.58 5.10 -1.66
N ASP F 162 -93.50 5.77 -0.96
CA ASP F 162 -93.82 7.13 -1.34
C ASP F 162 -92.93 8.05 -0.52
N ASP F 163 -91.90 8.59 -1.16
CA ASP F 163 -90.96 9.49 -0.51
C ASP F 163 -91.48 10.91 -0.49
N GLN F 164 -92.07 11.35 -1.58
CA GLN F 164 -92.53 12.71 -1.73
C GLN F 164 -93.90 12.91 -1.09
N GLN F 165 -94.46 11.85 -0.51
CA GLN F 165 -95.77 11.90 0.13
C GLN F 165 -96.84 12.37 -0.85
N CYS F 166 -96.92 11.67 -1.99
CA CYS F 166 -98.07 11.87 -2.87
C CYS F 166 -99.36 11.64 -2.10
N LEU F 167 -99.39 10.63 -1.25
CA LEU F 167 -100.54 10.32 -0.42
C LEU F 167 -100.17 10.62 1.02
N SER F 168 -100.77 11.67 1.57
CA SER F 168 -100.55 12.01 2.97
C SER F 168 -101.35 11.11 3.88
N LYS F 169 -102.61 10.89 3.55
CA LYS F 169 -103.55 10.16 4.37
C LYS F 169 -104.33 9.23 3.46
N VAL F 170 -104.43 7.97 3.85
CA VAL F 170 -104.93 6.92 2.98
C VAL F 170 -106.19 6.33 3.61
N TYR F 171 -107.23 6.18 2.80
CA TYR F 171 -108.51 5.67 3.23
C TYR F 171 -108.81 4.35 2.56
N PRO F 172 -109.61 3.48 3.20
CA PRO F 172 -110.05 2.26 2.52
C PRO F 172 -110.97 2.58 1.35
N LYS F 173 -111.13 1.58 0.48
CA LYS F 173 -112.05 1.73 -0.64
C LYS F 173 -113.48 1.87 -0.13
N THR F 174 -114.32 2.45 -1.00
CA THR F 174 -115.68 2.80 -0.60
C THR F 174 -116.41 1.62 0.02
N ASP F 175 -116.35 0.46 -0.62
CA ASP F 175 -117.09 -0.69 -0.10
C ASP F 175 -116.37 -1.36 1.06
N THR F 176 -115.04 -1.47 0.98
CA THR F 176 -114.30 -2.26 1.94
C THR F 176 -114.07 -1.47 3.23
N VAL F 177 -113.42 -2.12 4.19
CA VAL F 177 -113.03 -1.51 5.44
C VAL F 177 -111.78 -2.24 5.92
N TRP F 178 -111.01 -1.57 6.78
CA TRP F 178 -109.75 -2.11 7.25
C TRP F 178 -109.90 -2.61 8.68
N PRO F 179 -109.96 -3.92 8.91
CA PRO F 179 -109.94 -4.41 10.29
C PRO F 179 -108.55 -4.34 10.87
N VAL F 180 -108.47 -4.08 12.17
CA VAL F 180 -107.16 -4.15 12.78
C VAL F 180 -106.78 -5.60 13.02
N SER F 181 -107.77 -6.47 13.21
CA SER F 181 -107.50 -7.90 13.38
C SER F 181 -106.91 -8.52 12.13
N SER F 182 -107.07 -7.87 10.99
CA SER F 182 -106.57 -8.36 9.71
C SER F 182 -105.21 -7.77 9.35
N MET F 183 -104.59 -7.01 10.25
CA MET F 183 -103.52 -6.09 9.88
C MET F 183 -102.37 -6.78 9.16
N ARG F 184 -101.87 -7.90 9.71
CA ARG F 184 -100.61 -8.42 9.20
C ARG F 184 -100.74 -9.18 7.90
N GLU F 185 -101.88 -9.78 7.58
CA GLU F 185 -102.07 -10.25 6.22
C GLU F 185 -102.60 -9.04 5.47
N LEU F 186 -101.99 -8.72 4.34
CA LEU F 186 -102.16 -7.36 3.86
C LEU F 186 -103.37 -7.40 2.95
N ASP F 187 -104.51 -7.00 3.51
CA ASP F 187 -105.74 -6.81 2.78
C ASP F 187 -106.11 -5.35 2.56
N TYR F 188 -105.33 -4.41 3.09
CA TYR F 188 -105.83 -3.04 3.10
C TYR F 188 -105.68 -2.46 1.71
N VAL F 189 -106.81 -2.12 1.09
CA VAL F 189 -106.84 -1.69 -0.29
C VAL F 189 -107.28 -0.24 -0.32
N ALA F 190 -106.41 0.61 -0.86
CA ALA F 190 -106.74 1.99 -1.13
C ALA F 190 -106.92 2.15 -2.62
N SER F 191 -107.82 3.04 -2.99
CA SER F 191 -107.98 3.40 -4.39
C SER F 191 -107.55 4.85 -4.51
N THR F 192 -106.40 5.07 -5.15
CA THR F 192 -105.87 6.41 -5.32
C THR F 192 -106.49 7.01 -6.57
N VAL F 193 -107.21 8.12 -6.40
CA VAL F 193 -108.02 8.69 -7.45
C VAL F 193 -107.90 10.21 -7.41
N SER F 194 -107.65 10.82 -8.56
CA SER F 194 -107.70 12.26 -8.70
C SER F 194 -109.17 12.65 -8.86
N GLY F 195 -109.44 13.89 -9.27
CA GLY F 195 -110.85 14.26 -9.32
C GLY F 195 -111.65 13.41 -10.27
N ASP F 196 -111.32 13.41 -11.56
CA ASP F 196 -111.86 12.45 -12.52
C ASP F 196 -110.91 11.31 -12.83
N ASN F 197 -109.71 11.31 -12.29
CA ASN F 197 -108.63 10.46 -12.78
C ASN F 197 -108.32 9.36 -11.78
N ALA F 198 -108.30 8.12 -12.25
CA ALA F 198 -107.81 7.01 -11.45
C ALA F 198 -106.30 6.97 -11.53
N ILE F 199 -105.64 7.09 -10.40
CA ILE F 199 -104.18 7.11 -10.34
C ILE F 199 -103.66 5.69 -10.36
N ILE F 200 -102.74 5.40 -11.27
CA ILE F 200 -101.96 4.17 -11.18
C ILE F 200 -100.88 4.41 -10.13
N PRO F 201 -100.89 3.67 -9.02
CA PRO F 201 -100.02 4.03 -7.88
C PRO F 201 -98.54 4.06 -8.23
N SER F 202 -98.07 3.12 -9.03
CA SER F 202 -96.65 3.09 -9.37
C SER F 202 -96.18 4.34 -10.08
N THR F 203 -97.07 5.09 -10.71
CA THR F 203 -96.64 6.23 -11.51
C THR F 203 -96.32 7.44 -10.66
N ILE F 204 -97.09 7.67 -9.59
CA ILE F 204 -96.84 8.84 -8.76
C ILE F 204 -95.71 8.60 -7.77
N PHE F 205 -95.61 7.39 -7.22
CA PHE F 205 -94.70 7.14 -6.11
C PHE F 205 -93.25 7.17 -6.58
N ASN F 206 -92.36 7.41 -5.63
CA ASN F 206 -90.96 7.68 -5.95
C ASN F 206 -90.19 6.39 -6.20
N LYS F 207 -89.91 5.63 -5.15
CA LYS F 207 -89.27 4.34 -5.30
C LYS F 207 -90.32 3.30 -5.58
N ASN F 208 -90.21 2.67 -6.74
CA ASN F 208 -91.09 1.58 -7.15
C ASN F 208 -90.21 0.41 -7.54
N ARG F 209 -90.29 -0.66 -6.78
CA ARG F 209 -89.55 -1.88 -7.05
C ARG F 209 -90.47 -2.86 -7.76
N TYR F 210 -90.08 -3.31 -8.94
CA TYR F 210 -90.84 -4.33 -9.63
C TYR F 210 -90.24 -5.66 -9.25
N TRP F 211 -90.98 -6.41 -8.45
CA TRP F 211 -90.44 -7.57 -7.75
C TRP F 211 -91.10 -8.81 -8.31
N LYS F 212 -90.28 -9.67 -8.91
CA LYS F 212 -90.75 -10.80 -9.67
C LYS F 212 -90.58 -12.08 -8.87
N GLN F 213 -90.95 -13.18 -9.50
CA GLN F 213 -90.78 -14.50 -8.92
C GLN F 213 -89.32 -14.90 -9.05
N GLY F 214 -88.68 -15.19 -7.91
CA GLY F 214 -87.29 -15.54 -7.89
C GLY F 214 -86.38 -14.40 -7.43
N ASP F 215 -86.88 -13.18 -7.41
CA ASP F 215 -86.08 -12.06 -6.91
C ASP F 215 -85.78 -12.24 -5.44
N ASP F 216 -84.71 -11.60 -5.00
CA ASP F 216 -84.32 -11.66 -3.61
C ASP F 216 -85.36 -10.98 -2.74
N ALA F 217 -85.36 -11.33 -1.47
CA ALA F 217 -86.31 -10.75 -0.54
C ALA F 217 -86.14 -9.25 -0.46
N LEU F 218 -87.24 -8.56 -0.18
CA LEU F 218 -87.25 -7.12 -0.05
C LEU F 218 -87.22 -6.76 1.43
N HIS F 219 -86.15 -6.10 1.85
CA HIS F 219 -85.93 -5.78 3.25
C HIS F 219 -86.14 -4.29 3.46
N PHE F 220 -86.97 -3.94 4.43
CA PHE F 220 -87.26 -2.54 4.73
C PHE F 220 -87.11 -2.34 6.22
N SER F 221 -86.44 -1.26 6.60
CA SER F 221 -86.12 -1.01 7.99
C SER F 221 -86.29 0.47 8.28
N HIS F 222 -86.54 0.77 9.55
CA HIS F 222 -86.58 2.15 10.01
C HIS F 222 -85.92 2.21 11.37
N ASP F 223 -84.94 3.09 11.52
CA ASP F 223 -84.26 3.28 12.79
C ASP F 223 -84.92 4.42 13.55
N LEU F 224 -85.24 4.20 14.81
CA LEU F 224 -85.75 5.23 15.70
C LEU F 224 -84.66 5.62 16.67
N ASP F 225 -84.34 6.91 16.73
CA ASP F 225 -83.52 7.45 17.80
C ASP F 225 -84.41 8.40 18.60
N LEU F 226 -84.79 7.97 19.79
CA LEU F 226 -85.64 8.75 20.68
C LEU F 226 -84.78 9.23 21.84
N GLY F 227 -85.04 10.43 22.30
CA GLY F 227 -84.36 10.83 23.50
C GLY F 227 -85.06 10.41 24.77
N PHE F 228 -86.17 9.69 24.65
CA PHE F 228 -87.01 9.41 25.80
C PHE F 228 -87.50 7.97 25.68
N TRP F 229 -88.37 7.60 26.61
CA TRP F 229 -88.81 6.23 26.80
C TRP F 229 -90.31 6.24 26.94
N PHE F 230 -90.92 5.07 26.87
CA PHE F 230 -92.36 4.94 27.01
C PHE F 230 -92.69 4.08 28.21
N GLY F 231 -93.67 4.50 29.00
CA GLY F 231 -94.06 3.74 30.16
C GLY F 231 -95.35 2.97 30.02
N SER F 232 -96.08 3.20 28.94
CA SER F 232 -97.39 2.59 28.75
C SER F 232 -97.37 1.74 27.49
N ASP F 233 -98.50 1.09 27.20
CA ASP F 233 -98.59 0.32 25.98
C ASP F 233 -98.83 1.25 24.79
N TYR F 234 -98.42 0.79 23.61
CA TYR F 234 -98.62 1.60 22.42
C TYR F 234 -100.10 1.79 22.12
N GLY F 235 -100.89 0.71 22.17
CA GLY F 235 -102.32 0.87 22.08
C GLY F 235 -102.77 1.45 20.76
N ASN F 236 -102.45 0.79 19.66
CA ASN F 236 -102.72 1.23 18.29
C ASN F 236 -102.23 2.66 18.05
N ALA F 237 -100.97 2.88 18.40
CA ALA F 237 -100.25 4.09 18.06
C ALA F 237 -99.31 3.82 16.90
N TYR F 238 -99.13 4.82 16.05
CA TYR F 238 -98.06 4.74 15.07
C TYR F 238 -96.73 4.61 15.80
N VAL F 239 -95.85 3.77 15.29
CA VAL F 239 -94.50 3.74 15.83
C VAL F 239 -93.88 5.13 15.71
N PRO F 240 -93.24 5.65 16.76
CA PRO F 240 -93.06 7.09 16.89
C PRO F 240 -92.42 7.75 15.68
N GLN F 241 -93.01 8.87 15.28
CA GLN F 241 -92.60 9.62 14.11
C GLN F 241 -92.80 11.10 14.41
N ASN F 242 -91.97 11.93 13.80
CA ASN F 242 -92.14 13.38 13.87
C ASN F 242 -92.48 13.84 12.46
N ASN F 243 -93.70 14.32 12.26
CA ASN F 243 -94.12 14.64 10.91
C ASN F 243 -95.13 15.77 10.91
N ASP F 244 -95.54 16.14 9.70
CA ASP F 244 -96.70 17.00 9.54
C ASP F 244 -97.96 16.35 10.10
N SER F 245 -98.07 15.04 9.98
CA SER F 245 -99.24 14.34 10.46
C SER F 245 -99.16 14.00 11.95
N MET F 246 -97.97 13.77 12.49
CA MET F 246 -97.91 13.21 13.83
C MET F 246 -96.58 13.51 14.50
N ASN F 247 -96.59 13.41 15.83
CA ASN F 247 -95.40 13.61 16.64
C ASN F 247 -95.17 12.41 17.55
N ALA F 248 -93.92 12.22 17.95
CA ALA F 248 -93.50 10.99 18.59
C ALA F 248 -93.90 10.92 20.05
N VAL F 249 -94.02 12.05 20.73
CA VAL F 249 -94.28 12.10 22.16
C VAL F 249 -95.75 12.43 22.38
N GLY F 250 -96.40 11.71 23.27
CA GLY F 250 -97.84 11.77 23.36
C GLY F 250 -98.47 12.56 24.48
N THR F 251 -97.68 12.96 25.47
CA THR F 251 -98.22 13.68 26.61
C THR F 251 -98.25 15.16 26.31
N ILE F 252 -99.36 15.80 26.68
CA ILE F 252 -99.46 17.26 26.60
C ILE F 252 -98.52 17.83 27.66
N PRO F 253 -97.52 18.62 27.27
CA PRO F 253 -96.67 19.25 28.27
C PRO F 253 -97.44 20.27 29.08
N THR F 254 -97.01 20.46 30.33
CA THR F 254 -97.76 21.22 31.31
C THR F 254 -96.87 22.30 31.92
N SER F 255 -97.50 23.24 32.61
CA SER F 255 -96.95 24.57 32.82
C SER F 255 -95.77 24.58 33.80
N LYS F 256 -94.90 25.56 33.61
CA LYS F 256 -93.91 25.99 34.59
C LYS F 256 -92.89 24.90 34.90
N HIS F 257 -92.48 24.15 33.89
CA HIS F 257 -91.37 23.22 33.99
C HIS F 257 -91.01 22.73 32.60
N ILE F 258 -90.03 21.85 32.54
CA ILE F 258 -89.44 21.39 31.29
C ILE F 258 -90.07 20.06 30.92
N ASN F 259 -90.31 19.88 29.62
CA ASN F 259 -91.01 18.70 29.12
C ASN F 259 -90.29 18.20 27.88
N VAL F 260 -90.31 16.89 27.67
CA VAL F 260 -89.70 16.34 26.47
C VAL F 260 -90.61 16.62 25.29
N ARG F 261 -90.04 17.17 24.23
CA ARG F 261 -90.77 17.66 23.08
C ARG F 261 -90.18 17.02 21.83
N GLY F 262 -91.05 16.60 20.93
CA GLY F 262 -90.58 16.06 19.66
C GLY F 262 -89.90 17.12 18.82
N VAL F 263 -88.93 16.68 18.02
CA VAL F 263 -88.15 17.59 17.19
C VAL F 263 -87.61 16.79 16.01
N ASN F 264 -87.30 17.48 14.92
CA ASN F 264 -86.44 17.05 13.81
C ASN F 264 -87.02 16.24 12.66
N ASN F 265 -88.28 15.86 12.63
CA ASN F 265 -88.83 15.18 11.45
C ASN F 265 -88.07 13.88 11.13
N ARG F 266 -88.32 12.87 11.94
CA ARG F 266 -88.06 11.49 11.54
C ARG F 266 -89.42 10.85 11.27
N GLY F 267 -89.57 10.24 10.11
CA GLY F 267 -90.82 9.63 9.76
C GLY F 267 -90.61 8.47 8.81
N MET F 268 -91.70 7.75 8.53
CA MET F 268 -91.63 6.59 7.64
C MET F 268 -92.37 6.81 6.33
N ALA F 269 -91.80 6.32 5.23
CA ALA F 269 -92.40 6.46 3.92
C ALA F 269 -93.57 5.48 3.78
N GLY F 270 -94.65 5.94 3.14
CA GLY F 270 -95.82 5.13 2.95
C GLY F 270 -95.61 4.00 1.95
N HIS F 271 -95.25 2.83 2.46
CA HIS F 271 -95.03 1.66 1.60
C HIS F 271 -96.35 1.19 1.03
N TYR F 272 -96.32 0.63 -0.18
CA TYR F 272 -97.55 0.17 -0.81
C TYR F 272 -97.22 -0.99 -1.74
N LEU F 273 -98.26 -1.77 -2.06
CA LEU F 273 -98.15 -2.87 -3.00
C LEU F 273 -99.22 -2.73 -4.06
N SER F 274 -98.84 -2.97 -5.31
CA SER F 274 -99.76 -2.83 -6.42
C SER F 274 -99.28 -3.71 -7.56
N PHE F 275 -100.16 -3.93 -8.51
CA PHE F 275 -99.79 -4.70 -9.68
C PHE F 275 -99.83 -3.83 -10.91
N PRO F 276 -98.98 -4.08 -11.90
CA PRO F 276 -98.97 -3.29 -13.11
C PRO F 276 -100.27 -3.51 -13.89
N PRO F 277 -100.83 -2.47 -14.47
CA PRO F 277 -102.00 -2.67 -15.32
C PRO F 277 -101.62 -3.51 -16.54
N ILE F 278 -102.39 -4.57 -16.76
CA ILE F 278 -102.21 -5.41 -17.94
C ILE F 278 -103.60 -5.61 -18.51
N ARG F 279 -103.82 -5.12 -19.72
CA ARG F 279 -105.13 -5.27 -20.33
C ARG F 279 -105.31 -6.68 -20.87
N THR F 280 -106.55 -7.14 -20.82
CA THR F 280 -106.93 -8.44 -21.33
C THR F 280 -108.04 -8.26 -22.36
N ASN F 281 -108.53 -9.38 -22.88
CA ASN F 281 -109.74 -9.36 -23.69
C ASN F 281 -110.88 -8.69 -22.93
N ASP F 282 -110.95 -8.90 -21.62
CA ASP F 282 -111.94 -8.23 -20.77
C ASP F 282 -111.25 -7.66 -19.54
N GLY F 283 -111.30 -6.34 -19.40
CA GLY F 283 -110.79 -5.73 -18.19
C GLY F 283 -109.29 -5.85 -18.05
N GLN F 284 -108.85 -6.16 -16.83
CA GLN F 284 -107.45 -6.16 -16.47
C GLN F 284 -106.99 -7.57 -16.15
N PHE F 285 -105.69 -7.80 -16.34
CA PHE F 285 -105.13 -9.11 -16.05
C PHE F 285 -105.25 -9.36 -14.56
N LYS F 286 -105.61 -10.58 -14.19
CA LYS F 286 -105.82 -10.88 -12.80
C LYS F 286 -104.53 -11.43 -12.24
N LEU F 287 -103.85 -10.63 -11.42
CA LEU F 287 -102.63 -11.04 -10.74
C LEU F 287 -102.93 -11.21 -9.26
N ASN F 288 -102.47 -12.33 -8.74
CA ASN F 288 -102.59 -12.64 -7.33
C ASN F 288 -101.18 -12.89 -6.84
N ALA F 289 -100.90 -12.51 -5.61
CA ALA F 289 -99.54 -12.62 -5.11
C ALA F 289 -99.55 -13.35 -3.78
N GLN F 290 -98.52 -14.18 -3.56
CA GLN F 290 -98.18 -14.65 -2.24
C GLN F 290 -96.76 -14.24 -1.93
N PHE F 291 -96.51 -13.92 -0.66
CA PHE F 291 -95.15 -13.75 -0.17
C PHE F 291 -95.19 -13.95 1.33
N THR F 292 -94.01 -14.17 1.91
CA THR F 292 -93.90 -14.28 3.35
C THR F 292 -93.57 -12.91 3.92
N LEU F 293 -94.23 -12.57 5.02
CA LEU F 293 -93.99 -11.31 5.70
C LEU F 293 -93.25 -11.63 6.99
N GLU F 294 -92.00 -11.21 7.07
CA GLU F 294 -91.22 -11.31 8.29
C GLU F 294 -91.03 -9.90 8.83
N THR F 295 -91.65 -9.60 9.96
CA THR F 295 -91.48 -8.32 10.61
C THR F 295 -90.63 -8.48 11.85
N GLU F 296 -89.84 -7.46 12.14
CA GLU F 296 -89.05 -7.43 13.36
C GLU F 296 -89.09 -6.03 13.95
N ILE F 297 -89.36 -5.95 15.24
CA ILE F 297 -89.28 -4.70 15.98
C ILE F 297 -88.36 -4.93 17.16
N GLU F 298 -87.38 -4.06 17.34
CA GLU F 298 -86.35 -4.23 18.34
C GLU F 298 -86.59 -3.23 19.45
N PHE F 299 -87.00 -3.70 20.62
CA PHE F 299 -87.22 -2.83 21.76
C PHE F 299 -85.99 -2.74 22.63
N GLU F 300 -85.74 -1.55 23.16
CA GLU F 300 -84.91 -1.37 24.34
C GLU F 300 -85.82 -1.20 25.55
N PHE F 301 -85.43 -1.76 26.67
CA PHE F 301 -86.19 -1.57 27.89
C PHE F 301 -85.23 -1.34 29.04
N ARG F 302 -85.80 -0.89 30.15
CA ARG F 302 -85.02 -0.40 31.27
C ARG F 302 -85.75 -0.74 32.56
N LEU F 303 -85.01 -1.05 33.61
CA LEU F 303 -85.62 -1.65 34.78
C LEU F 303 -85.78 -0.63 35.90
N TRP F 304 -86.30 -1.12 37.01
CA TRP F 304 -86.74 -0.32 38.14
C TRP F 304 -85.58 0.19 38.97
N GLU F 305 -85.86 1.23 39.76
CA GLU F 305 -84.84 1.85 40.60
C GLU F 305 -84.35 0.88 41.66
N GLN F 306 -83.04 0.89 41.89
CA GLN F 306 -82.47 0.08 42.95
C GLN F 306 -82.76 0.68 44.31
N GLY F 307 -82.68 -0.16 45.32
CA GLY F 307 -82.85 0.30 46.68
C GLY F 307 -84.28 0.18 47.15
N VAL F 308 -84.52 0.76 48.31
CA VAL F 308 -85.87 0.79 48.87
C VAL F 308 -86.81 1.54 47.94
N GLN F 309 -86.28 2.42 47.10
CA GLN F 309 -87.12 3.13 46.15
C GLN F 309 -87.86 2.17 45.22
N GLY F 310 -87.25 1.04 44.92
CA GLY F 310 -87.83 0.05 44.04
C GLY F 310 -88.69 -1.01 44.69
N ILE F 311 -88.95 -0.89 45.99
CA ILE F 311 -89.83 -1.83 46.67
C ILE F 311 -91.27 -1.57 46.24
N ASN F 312 -92.01 -2.64 45.94
CA ASN F 312 -93.37 -2.49 45.42
C ASN F 312 -94.24 -1.62 46.31
N SER F 313 -94.19 -1.86 47.61
CA SER F 313 -95.11 -1.15 48.51
C SER F 313 -94.82 0.33 48.54
N VAL F 314 -93.53 0.72 48.60
CA VAL F 314 -93.17 2.12 48.70
C VAL F 314 -92.84 2.75 47.36
N HIS F 315 -92.86 1.98 46.27
CA HIS F 315 -92.53 2.57 44.98
C HIS F 315 -93.65 3.46 44.45
N THR F 316 -94.88 3.27 44.92
CA THR F 316 -95.97 4.12 44.45
C THR F 316 -95.69 5.57 44.78
N ASN F 317 -95.43 5.87 46.04
CA ASN F 317 -95.19 7.23 46.48
C ASN F 317 -93.73 7.64 46.50
N LEU F 318 -92.79 6.71 46.32
CA LEU F 318 -91.40 7.06 46.07
C LEU F 318 -91.02 7.06 44.60
N ASN F 319 -91.96 6.81 43.71
CA ASN F 319 -91.68 6.89 42.29
C ASN F 319 -91.16 8.29 41.96
N PRO F 320 -90.08 8.41 41.19
CA PRO F 320 -89.57 9.74 40.86
C PRO F 320 -90.59 10.55 40.07
N ALA F 321 -90.75 11.81 40.46
CA ALA F 321 -91.61 12.68 39.68
C ALA F 321 -90.95 13.11 38.38
N ASN F 322 -89.65 12.87 38.22
CA ASN F 322 -88.96 13.18 36.98
C ASN F 322 -89.01 12.03 35.98
N ASP F 323 -89.73 10.96 36.29
CA ASP F 323 -90.09 10.02 35.23
C ASP F 323 -90.71 10.76 34.06
N SER F 324 -91.64 11.66 34.35
CA SER F 324 -92.30 12.43 33.30
C SER F 324 -91.30 13.16 32.44
N LEU F 325 -90.08 13.34 32.95
CA LEU F 325 -89.06 14.02 32.17
C LEU F 325 -88.55 13.11 31.05
N TRP F 326 -88.12 11.89 31.38
CA TRP F 326 -87.68 10.93 30.39
C TRP F 326 -88.70 9.84 30.04
N ILE F 327 -89.85 9.74 30.70
CA ILE F 327 -90.79 8.69 30.33
C ILE F 327 -92.09 9.25 29.76
N GLN F 328 -92.40 8.95 28.51
CA GLN F 328 -93.27 9.85 27.77
C GLN F 328 -94.52 9.34 27.06
N SER F 329 -94.86 8.07 27.23
CA SER F 329 -96.02 7.44 26.55
C SER F 329 -95.91 7.36 25.01
N TYR F 330 -97.04 7.30 24.31
CA TYR F 330 -97.04 7.17 22.85
C TYR F 330 -97.63 8.39 22.17
N GLY F 331 -97.05 8.81 21.04
CA GLY F 331 -97.44 10.10 20.51
C GLY F 331 -98.77 10.20 19.82
N SER F 332 -98.97 9.40 18.79
CA SER F 332 -100.09 9.60 17.89
C SER F 332 -100.66 8.25 17.50
N LEU F 333 -101.98 8.18 17.50
CA LEU F 333 -102.70 6.94 17.33
C LEU F 333 -103.22 6.83 15.90
N VAL F 334 -103.24 5.61 15.38
CA VAL F 334 -104.03 5.39 14.18
C VAL F 334 -105.49 5.64 14.55
N SER F 335 -106.27 5.97 13.54
CA SER F 335 -107.67 6.34 13.80
C SER F 335 -108.49 5.08 13.70
N ILE F 336 -109.04 4.65 14.84
CA ILE F 336 -109.73 3.38 14.98
C ILE F 336 -111.13 3.67 15.49
N THR F 337 -112.13 3.38 14.70
CA THR F 337 -113.49 3.27 15.20
C THR F 337 -113.83 1.79 15.21
N GLU F 338 -114.50 1.35 16.27
CA GLU F 338 -114.74 -0.07 16.51
C GLU F 338 -113.38 -0.77 16.44
N SER F 339 -113.25 -1.87 15.73
CA SER F 339 -111.97 -2.53 15.51
C SER F 339 -111.33 -2.12 14.19
N LYS F 340 -111.92 -1.17 13.48
CA LYS F 340 -111.61 -0.95 12.07
C LYS F 340 -110.83 0.35 11.89
N ILE F 341 -109.77 0.29 11.09
CA ILE F 341 -108.93 1.45 10.85
C ILE F 341 -109.67 2.42 9.94
N ASN F 342 -109.75 3.68 10.34
CA ASN F 342 -110.41 4.69 9.52
C ASN F 342 -109.51 5.17 8.39
N ASN F 343 -108.24 5.41 8.70
CA ASN F 343 -107.29 5.93 7.73
C ASN F 343 -105.91 5.59 8.23
N ILE F 344 -104.94 5.66 7.33
CA ILE F 344 -103.53 5.53 7.70
C ILE F 344 -102.79 6.75 7.20
N GLN F 345 -102.03 7.37 8.09
CA GLN F 345 -101.18 8.51 7.77
C GLN F 345 -99.76 8.01 7.66
N PHE F 346 -98.99 8.57 6.73
CA PHE F 346 -97.62 8.12 6.55
C PHE F 346 -96.58 9.16 6.97
N GLY F 347 -96.51 10.29 6.29
CA GLY F 347 -95.56 11.32 6.66
C GLY F 347 -94.11 10.94 6.88
N PRO F 348 -93.38 10.73 5.78
CA PRO F 348 -91.98 10.32 5.73
C PRO F 348 -91.02 11.43 6.10
N THR F 349 -89.76 11.11 6.29
CA THR F 349 -88.80 12.16 6.57
C THR F 349 -88.62 12.67 5.18
N CYS F 350 -89.21 13.82 4.85
CA CYS F 350 -89.14 14.28 3.49
C CYS F 350 -87.78 14.84 3.19
N PRO F 351 -87.30 14.58 1.98
CA PRO F 351 -85.96 14.98 1.54
C PRO F 351 -85.81 16.47 1.35
N ARG F 352 -86.88 17.22 1.22
CA ARG F 352 -86.77 18.65 1.01
C ARG F 352 -86.75 19.46 2.29
N VAL F 353 -86.98 18.83 3.45
CA VAL F 353 -86.62 19.48 4.71
C VAL F 353 -85.12 19.62 4.78
N ASP F 354 -84.67 20.73 5.38
CA ASP F 354 -83.25 20.97 5.54
C ASP F 354 -82.59 19.79 6.24
N ALA F 355 -81.47 19.33 5.69
CA ALA F 355 -80.77 18.19 6.26
C ALA F 355 -80.37 18.44 7.70
N ARG F 356 -80.28 19.70 8.13
CA ARG F 356 -79.94 19.98 9.51
C ARG F 356 -81.12 19.68 10.43
N ASN F 357 -82.34 19.73 9.91
CA ASN F 357 -83.50 19.32 10.69
C ASN F 357 -83.67 17.82 10.74
N LYS F 358 -83.22 17.09 9.74
CA LYS F 358 -83.56 15.69 9.59
C LYS F 358 -82.70 14.76 10.43
N GLY F 359 -81.82 15.29 11.25
CA GLY F 359 -80.83 14.47 11.92
C GLY F 359 -81.37 13.57 13.02
N GLY F 360 -80.47 13.06 13.86
CA GLY F 360 -80.74 11.88 14.66
C GLY F 360 -81.81 11.92 15.73
N LYS F 361 -81.70 12.85 16.68
CA LYS F 361 -82.45 12.75 17.92
C LYS F 361 -83.88 13.25 17.74
N MET F 362 -84.85 12.42 18.10
CA MET F 362 -86.26 12.74 17.86
C MET F 362 -86.92 13.52 18.98
N SER F 363 -86.21 13.87 20.03
CA SER F 363 -86.87 14.64 21.08
C SER F 363 -85.87 15.59 21.69
N MET F 364 -86.41 16.62 22.31
CA MET F 364 -85.61 17.60 23.03
C MET F 364 -86.33 17.87 24.34
N LEU F 365 -85.57 18.27 25.35
CA LEU F 365 -86.13 18.51 26.67
C LEU F 365 -86.28 20.01 26.79
N PHE F 366 -87.49 20.48 26.59
CA PHE F 366 -87.81 21.89 26.47
C PHE F 366 -88.95 22.30 27.38
N ASP F 367 -88.81 23.46 27.99
CA ASP F 367 -89.81 23.97 28.93
C ASP F 367 -91.11 24.46 28.34
N HIS F 368 -92.13 24.50 29.18
CA HIS F 368 -93.42 25.01 28.78
C HIS F 368 -93.88 26.05 29.79
N HIS F 369 -94.35 27.19 29.31
CA HIS F 369 -94.81 28.24 30.21
C HIS F 369 -96.32 28.31 30.28
N GLU G 36 -34.52 -64.15 28.91
CA GLU G 36 -34.42 -64.51 27.51
C GLU G 36 -35.53 -65.50 27.16
N GLY G 37 -35.92 -65.54 25.89
CA GLY G 37 -36.99 -66.42 25.47
C GLY G 37 -38.35 -65.80 25.63
N ASP G 38 -39.38 -66.58 25.34
CA ASP G 38 -40.74 -66.11 25.46
C ASP G 38 -41.30 -66.28 26.87
N GLY G 39 -40.49 -66.77 27.80
CA GLY G 39 -40.90 -66.96 29.18
C GLY G 39 -41.13 -68.40 29.56
N SER G 40 -41.23 -69.28 28.59
CA SER G 40 -41.50 -70.70 28.80
C SER G 40 -40.47 -71.44 29.62
N ALA G 41 -39.34 -70.79 29.90
CA ALA G 41 -38.26 -71.41 30.67
C ALA G 41 -38.57 -71.52 32.14
N PRO G 42 -37.82 -72.33 32.87
CA PRO G 42 -38.12 -72.44 34.29
C PRO G 42 -38.00 -71.14 35.09
N GLY G 43 -37.05 -70.27 34.82
CA GLY G 43 -36.92 -69.04 35.61
C GLY G 43 -37.12 -67.73 34.87
N GLY G 44 -37.44 -66.65 35.58
CA GLY G 44 -37.65 -65.37 34.94
C GLY G 44 -39.10 -64.95 34.81
N SER G 45 -39.51 -64.50 33.64
CA SER G 45 -40.87 -64.06 33.38
C SER G 45 -41.85 -65.19 33.06
N VAL G 46 -43.13 -64.99 33.35
CA VAL G 46 -44.20 -65.96 33.16
C VAL G 46 -44.67 -66.00 31.73
N TRP G 47 -44.72 -67.21 31.16
CA TRP G 47 -45.24 -67.35 29.82
C TRP G 47 -46.71 -67.15 30.00
N GLN G 48 -47.31 -66.27 29.24
CA GLN G 48 -48.74 -66.03 29.40
C GLN G 48 -49.44 -66.11 28.05
N THR G 49 -50.71 -66.51 28.12
CA THR G 49 -51.51 -66.80 26.95
C THR G 49 -51.92 -65.53 26.22
N THR G 50 -52.34 -65.70 24.97
CA THR G 50 -52.71 -64.59 24.12
C THR G 50 -53.92 -63.83 24.68
N ASP G 51 -54.03 -62.57 24.27
CA ASP G 51 -55.06 -61.68 24.76
C ASP G 51 -56.38 -61.93 24.03
N TYR G 52 -57.44 -62.19 24.79
CA TYR G 52 -58.76 -62.32 24.21
C TYR G 52 -59.56 -61.03 24.18
N ILE G 53 -59.09 -59.95 24.79
CA ILE G 53 -59.84 -58.70 24.78
C ILE G 53 -59.81 -58.07 23.40
N ALA G 54 -58.61 -57.98 22.82
CA ALA G 54 -58.41 -57.15 21.62
C ALA G 54 -59.45 -57.42 20.55
N LEU G 55 -59.78 -58.68 20.33
CA LEU G 55 -60.77 -59.02 19.31
C LEU G 55 -62.21 -58.83 19.78
N SER G 56 -62.46 -58.81 21.09
CA SER G 56 -63.81 -58.55 21.55
C SER G 56 -64.14 -57.06 21.55
N MET G 57 -63.13 -56.20 21.59
CA MET G 57 -63.35 -54.77 21.59
C MET G 57 -63.36 -54.13 20.22
N VAL G 58 -62.98 -54.87 19.16
CA VAL G 58 -62.91 -54.25 17.86
C VAL G 58 -64.31 -53.86 17.41
N VAL G 59 -64.47 -52.61 17.00
CA VAL G 59 -65.76 -52.07 16.60
C VAL G 59 -65.82 -52.10 15.08
N TYR G 60 -66.82 -52.80 14.57
CA TYR G 60 -67.05 -52.86 13.14
C TYR G 60 -68.21 -51.93 12.81
N ARG G 61 -68.13 -51.32 11.63
CA ARG G 61 -68.99 -50.18 11.32
C ARG G 61 -69.65 -50.41 9.97
N THR G 62 -70.98 -50.48 9.97
CA THR G 62 -71.74 -50.68 8.74
C THR G 62 -72.80 -49.60 8.58
N ALA G 63 -73.64 -49.73 7.56
CA ALA G 63 -74.71 -48.78 7.34
C ALA G 63 -75.82 -49.43 6.55
N ILE G 64 -76.99 -48.81 6.60
CA ILE G 64 -78.14 -49.24 5.81
C ILE G 64 -78.65 -48.03 5.05
N LYS G 65 -78.58 -48.10 3.72
CA LYS G 65 -79.01 -47.02 2.86
C LYS G 65 -80.21 -47.48 2.05
N LEU G 66 -81.23 -46.63 1.96
CA LEU G 66 -82.46 -46.96 1.26
C LEU G 66 -82.97 -45.73 0.53
N ARG G 67 -83.50 -45.92 -0.67
CA ARG G 67 -84.11 -44.86 -1.43
C ARG G 67 -85.59 -45.10 -1.60
N ASN G 68 -86.32 -44.01 -1.77
CA ASN G 68 -87.76 -44.03 -1.81
C ASN G 68 -88.20 -42.83 -2.64
N PHE G 69 -89.37 -42.92 -3.24
CA PHE G 69 -90.02 -41.78 -3.85
C PHE G 69 -91.20 -41.40 -2.98
N VAL G 70 -91.29 -40.12 -2.65
CA VAL G 70 -92.35 -39.61 -1.79
C VAL G 70 -93.29 -38.77 -2.64
N ASN G 71 -94.58 -39.03 -2.53
CA ASN G 71 -95.62 -38.25 -3.20
C ASN G 71 -96.52 -37.67 -2.13
N ILE G 72 -96.52 -36.35 -2.01
CA ILE G 72 -97.33 -35.65 -1.02
C ILE G 72 -98.44 -34.93 -1.77
N ARG G 73 -99.67 -35.37 -1.57
CA ARG G 73 -100.81 -34.81 -2.27
C ARG G 73 -101.89 -34.36 -1.30
N GLY G 74 -102.66 -33.38 -1.74
CA GLY G 74 -103.84 -32.96 -0.98
C GLY G 74 -103.53 -32.46 0.41
N LEU G 75 -102.41 -31.76 0.56
CA LEU G 75 -101.97 -31.28 1.86
C LEU G 75 -102.30 -29.80 1.93
N THR G 76 -103.26 -29.44 2.78
CA THR G 76 -103.67 -28.05 2.91
C THR G 76 -102.65 -27.30 3.75
N PRO G 77 -102.66 -25.96 3.70
CA PRO G 77 -101.61 -25.21 4.41
C PRO G 77 -101.65 -25.36 5.92
N THR G 78 -102.79 -25.73 6.51
CA THR G 78 -102.83 -25.95 7.94
C THR G 78 -102.19 -27.28 8.31
N GLU G 79 -102.53 -28.33 7.59
CA GLU G 79 -101.98 -29.65 7.84
C GLU G 79 -100.55 -29.75 7.32
N MET G 80 -99.83 -30.71 7.85
CA MET G 80 -98.37 -30.76 7.73
C MET G 80 -97.90 -32.21 7.76
N ILE G 81 -96.89 -32.52 6.98
CA ILE G 81 -96.31 -33.86 6.94
C ILE G 81 -95.26 -33.98 8.04
N VAL G 82 -95.40 -35.01 8.84
CA VAL G 82 -94.46 -35.31 9.92
C VAL G 82 -93.41 -36.25 9.38
N ILE G 83 -92.15 -35.85 9.46
CA ILE G 83 -91.08 -36.72 8.97
C ILE G 83 -90.78 -37.68 10.11
N PRO G 84 -91.08 -38.94 10.00
CA PRO G 84 -90.79 -39.87 11.09
C PRO G 84 -89.30 -40.18 11.16
N TRP G 85 -88.49 -39.14 11.23
CA TRP G 85 -87.07 -39.34 11.01
C TRP G 85 -86.34 -39.62 12.30
N ASN G 86 -87.03 -39.51 13.43
CA ASN G 86 -86.46 -39.85 14.73
C ASN G 86 -86.82 -41.24 15.20
N VAL G 87 -87.56 -42.01 14.40
CA VAL G 87 -87.88 -43.39 14.75
C VAL G 87 -86.89 -44.30 14.04
N MET G 88 -86.39 -45.29 14.77
CA MET G 88 -85.34 -46.15 14.26
C MET G 88 -85.80 -46.93 13.05
N ARG G 89 -87.05 -47.36 13.04
CA ARG G 89 -87.60 -48.17 11.97
C ARG G 89 -87.67 -47.44 10.64
N PHE G 90 -87.56 -46.12 10.66
CA PHE G 90 -87.62 -45.34 9.44
C PHE G 90 -86.42 -45.64 8.53
N TYR G 91 -85.23 -45.73 9.13
CA TYR G 91 -84.02 -45.84 8.34
C TYR G 91 -83.72 -47.27 7.91
N CYS G 92 -83.86 -48.22 8.82
CA CYS G 92 -83.41 -49.59 8.60
C CYS G 92 -84.51 -50.54 8.19
N GLU G 93 -85.74 -50.09 8.10
CA GLU G 93 -86.82 -50.92 7.59
C GLU G 93 -87.55 -50.13 6.51
N TYR G 94 -87.88 -50.79 5.42
CA TYR G 94 -88.31 -50.09 4.22
C TYR G 94 -89.82 -50.22 4.16
N ASN G 95 -90.53 -49.15 4.48
CA ASN G 95 -91.97 -49.21 4.47
C ASN G 95 -92.43 -48.30 3.34
N THR G 96 -92.83 -48.91 2.24
CA THR G 96 -93.36 -48.18 1.11
C THR G 96 -94.41 -49.06 0.45
N GLY G 97 -95.58 -48.50 0.18
CA GLY G 97 -96.54 -49.21 -0.64
C GLY G 97 -96.86 -50.59 -0.11
N THR G 98 -96.65 -51.59 -0.97
CA THR G 98 -96.96 -52.98 -0.63
C THR G 98 -95.90 -53.61 0.26
N TYR G 99 -94.68 -53.08 0.29
CA TYR G 99 -93.60 -53.69 1.07
C TYR G 99 -94.00 -53.84 2.52
N GLY G 100 -94.40 -52.74 3.18
CA GLY G 100 -94.76 -52.80 4.58
C GLY G 100 -95.85 -53.80 4.90
N LEU G 101 -96.68 -54.15 3.91
CA LEU G 101 -97.68 -55.18 4.12
C LEU G 101 -97.05 -56.56 4.12
N SER G 102 -96.04 -56.78 3.27
CA SER G 102 -95.31 -58.03 3.27
C SER G 102 -94.41 -58.14 4.49
N GLY G 103 -94.03 -59.36 4.81
CA GLY G 103 -93.32 -59.63 6.05
C GLY G 103 -91.81 -59.44 5.96
N ASN G 104 -91.23 -59.07 7.11
CA ASN G 104 -89.79 -58.97 7.30
C ASN G 104 -89.14 -58.13 6.20
N VAL G 105 -89.44 -56.83 6.27
CA VAL G 105 -88.90 -55.88 5.30
C VAL G 105 -87.63 -55.22 5.82
N HIS G 106 -87.14 -55.63 6.99
CA HIS G 106 -85.87 -55.13 7.48
C HIS G 106 -84.75 -55.40 6.49
N HIS G 107 -83.79 -54.48 6.44
CA HIS G 107 -82.63 -54.69 5.60
C HIS G 107 -81.77 -55.80 6.19
N LYS G 108 -81.11 -56.56 5.32
CA LYS G 108 -80.42 -57.75 5.79
C LYS G 108 -79.17 -57.42 6.59
N ASN G 109 -78.58 -56.23 6.40
CA ASN G 109 -77.51 -55.83 7.32
C ASN G 109 -78.03 -55.70 8.73
N TYR G 110 -79.29 -55.34 8.89
CA TYR G 110 -79.79 -55.23 10.25
C TYR G 110 -80.12 -56.58 10.85
N SER G 111 -80.58 -57.52 10.03
CA SER G 111 -80.90 -58.85 10.54
C SER G 111 -79.68 -59.51 11.16
N MET G 112 -78.49 -59.24 10.60
CA MET G 112 -77.29 -59.81 11.20
C MET G 112 -76.74 -58.98 12.35
N LEU G 113 -77.12 -57.70 12.46
CA LEU G 113 -76.73 -56.96 13.66
C LEU G 113 -77.29 -57.60 14.91
N LEU G 114 -78.31 -58.43 14.76
CA LEU G 114 -78.81 -59.27 15.83
C LEU G 114 -78.01 -60.55 15.99
N ALA G 115 -77.18 -60.89 15.01
CA ALA G 115 -76.29 -62.04 15.14
C ALA G 115 -75.05 -61.69 15.96
N CYS G 116 -74.48 -60.51 15.75
CA CYS G 116 -73.40 -60.04 16.60
C CYS G 116 -73.95 -59.64 17.96
N LYS G 117 -73.08 -59.59 18.96
CA LYS G 117 -73.59 -59.46 20.31
C LYS G 117 -74.01 -58.04 20.65
N ALA G 118 -73.43 -57.04 20.00
CA ALA G 118 -73.74 -55.66 20.29
C ALA G 118 -73.77 -54.87 19.01
N HIS G 119 -74.72 -53.95 18.92
CA HIS G 119 -74.74 -52.99 17.83
C HIS G 119 -75.16 -51.65 18.37
N ARG G 120 -74.72 -50.59 17.71
CA ARG G 120 -75.07 -49.27 18.13
C ARG G 120 -75.37 -48.39 16.93
N PRO G 121 -76.41 -47.57 16.99
CA PRO G 121 -76.89 -46.88 15.80
C PRO G 121 -76.04 -45.73 15.30
N THR G 122 -75.23 -45.08 16.14
CA THR G 122 -74.39 -43.93 15.74
C THR G 122 -75.13 -42.94 14.85
N LYS G 123 -74.52 -42.52 13.75
CA LYS G 123 -75.11 -41.45 12.95
C LYS G 123 -76.35 -41.93 12.21
N VAL G 124 -77.26 -41.00 11.96
CA VAL G 124 -78.49 -41.28 11.22
C VAL G 124 -78.86 -40.02 10.45
N GLY G 125 -79.43 -40.21 9.26
CA GLY G 125 -79.75 -39.05 8.44
C GLY G 125 -80.56 -39.42 7.23
N TYR G 126 -80.98 -38.39 6.50
CA TYR G 126 -81.77 -38.61 5.29
C TYR G 126 -81.61 -37.42 4.36
N THR G 127 -82.01 -37.64 3.11
CA THR G 127 -81.87 -36.63 2.06
C THR G 127 -83.18 -36.53 1.28
N LEU G 128 -83.63 -35.30 1.07
CA LEU G 128 -84.71 -34.98 0.16
C LEU G 128 -84.12 -34.40 -1.12
N SER G 129 -84.54 -34.90 -2.27
CA SER G 129 -83.86 -34.55 -3.49
C SER G 129 -84.83 -34.48 -4.66
N ASN G 130 -84.49 -33.65 -5.64
CA ASN G 130 -85.21 -33.56 -6.92
C ASN G 130 -86.71 -33.42 -6.72
N LEU G 131 -87.05 -32.25 -6.21
CA LEU G 131 -88.44 -31.93 -5.94
C LEU G 131 -89.21 -31.70 -7.23
N ILE G 132 -90.40 -32.27 -7.31
CA ILE G 132 -91.32 -32.03 -8.41
C ILE G 132 -92.65 -31.61 -7.81
N LEU G 133 -93.05 -30.38 -8.08
CA LEU G 133 -94.36 -29.88 -7.70
C LEU G 133 -95.33 -30.02 -8.87
N THR G 134 -96.53 -30.45 -8.56
CA THR G 134 -97.61 -30.54 -9.53
C THR G 134 -98.82 -29.84 -8.95
N SER G 135 -99.80 -29.56 -9.81
CA SER G 135 -100.97 -28.80 -9.42
C SER G 135 -102.23 -29.53 -9.87
N ASP G 136 -103.19 -29.64 -8.97
CA ASP G 136 -104.53 -30.12 -9.29
C ASP G 136 -105.45 -29.00 -9.73
N GLU G 137 -104.93 -27.78 -9.88
CA GLU G 137 -105.77 -26.63 -10.19
C GLU G 137 -106.59 -26.84 -11.46
N LEU G 138 -105.98 -27.46 -12.47
CA LEU G 138 -106.72 -27.75 -13.69
C LEU G 138 -107.68 -28.92 -13.53
N VAL G 139 -107.53 -29.70 -12.47
CA VAL G 139 -108.37 -30.85 -12.23
C VAL G 139 -109.72 -30.39 -11.69
N SER G 140 -110.79 -31.02 -12.18
CA SER G 140 -112.13 -30.79 -11.69
C SER G 140 -112.88 -32.11 -11.70
N THR G 141 -114.01 -32.14 -11.00
CA THR G 141 -114.80 -33.38 -10.94
C THR G 141 -115.28 -33.81 -12.31
N GLY G 142 -115.43 -32.87 -13.24
CA GLY G 142 -115.74 -33.24 -14.61
C GLY G 142 -114.59 -33.97 -15.29
N GLY G 143 -113.37 -33.71 -14.85
CA GLY G 143 -112.23 -34.44 -15.37
C GLY G 143 -111.69 -33.85 -16.67
N THR G 144 -111.17 -34.75 -17.51
CA THR G 144 -110.63 -34.47 -18.83
C THR G 144 -109.31 -33.70 -18.76
N LEU G 145 -108.97 -33.17 -17.59
CA LEU G 145 -107.68 -32.54 -17.37
C LEU G 145 -107.11 -33.05 -16.05
N GLY G 146 -105.90 -33.59 -16.10
CA GLY G 146 -105.24 -34.11 -14.92
C GLY G 146 -104.25 -33.11 -14.34
N THR G 147 -103.63 -33.53 -13.25
CA THR G 147 -102.62 -32.69 -12.62
C THR G 147 -101.41 -32.57 -13.53
N THR G 148 -100.67 -31.47 -13.36
CA THR G 148 -99.46 -31.30 -14.13
C THR G 148 -98.54 -30.39 -13.33
N THR G 149 -97.26 -30.44 -13.66
CA THR G 149 -96.27 -29.64 -12.97
C THR G 149 -96.63 -28.17 -13.03
N THR G 150 -96.25 -27.44 -11.99
CA THR G 150 -96.60 -26.03 -11.88
C THR G 150 -96.10 -25.26 -13.10
N PHE G 151 -96.88 -24.26 -13.51
CA PHE G 151 -96.56 -23.50 -14.72
C PHE G 151 -95.20 -22.84 -14.61
N ASN G 152 -94.84 -22.35 -13.44
CA ASN G 152 -93.50 -21.83 -13.19
C ASN G 152 -92.98 -22.41 -11.89
N THR G 153 -91.69 -22.21 -11.66
CA THR G 153 -90.99 -22.83 -10.55
C THR G 153 -91.05 -22.02 -9.27
N SER G 154 -91.80 -20.91 -9.27
CA SER G 154 -91.94 -20.12 -8.05
C SER G 154 -92.52 -20.86 -6.86
N PRO G 155 -93.47 -21.80 -7.00
CA PRO G 155 -93.97 -22.48 -5.81
C PRO G 155 -92.89 -23.33 -5.15
N TYR G 156 -93.13 -23.67 -3.90
CA TYR G 156 -92.14 -24.36 -3.09
C TYR G 156 -92.83 -25.22 -2.04
N MET G 157 -92.07 -26.17 -1.51
CA MET G 157 -92.49 -26.97 -0.37
C MET G 157 -91.63 -26.59 0.81
N ILE G 158 -92.25 -26.36 1.95
CA ILE G 158 -91.57 -25.84 3.12
C ILE G 158 -91.08 -27.02 3.95
N HIS G 159 -89.77 -27.08 4.17
CA HIS G 159 -89.22 -28.06 5.10
C HIS G 159 -88.95 -27.37 6.41
N SER G 160 -89.66 -27.77 7.45
CA SER G 160 -89.61 -27.11 8.74
C SER G 160 -88.90 -28.00 9.74
N ILE G 161 -87.95 -27.42 10.47
CA ILE G 161 -87.29 -28.08 11.58
C ILE G 161 -87.69 -27.34 12.84
N ASP G 162 -88.32 -28.02 13.78
CA ASP G 162 -88.79 -27.32 14.97
C ASP G 162 -87.70 -27.44 16.01
N ASP G 163 -86.98 -26.35 16.22
CA ASP G 163 -85.89 -26.30 17.19
C ASP G 163 -86.40 -26.00 18.58
N GLN G 164 -87.36 -25.08 18.68
CA GLN G 164 -87.88 -24.64 19.95
C GLN G 164 -88.95 -25.58 20.47
N GLN G 165 -89.26 -26.63 19.73
CA GLN G 165 -90.26 -27.61 20.11
C GLN G 165 -91.62 -26.95 20.33
N CYS G 166 -92.06 -26.22 19.31
CA CYS G 166 -93.44 -25.75 19.29
C CYS G 166 -94.39 -26.93 19.46
N LEU G 167 -94.10 -28.04 18.80
CA LEU G 167 -94.89 -29.26 18.88
C LEU G 167 -94.05 -30.29 19.61
N SER G 168 -94.45 -30.62 20.84
CA SER G 168 -93.79 -31.66 21.61
C SER G 168 -94.18 -33.04 21.13
N LYS G 169 -95.48 -33.22 20.94
CA LYS G 169 -96.06 -34.52 20.61
C LYS G 169 -97.08 -34.30 19.51
N VAL G 170 -97.01 -35.11 18.47
CA VAL G 170 -97.74 -34.87 17.23
C VAL G 170 -98.69 -36.03 17.01
N TYR G 171 -99.94 -35.72 16.69
CA TYR G 171 -100.99 -36.71 16.48
C TYR G 171 -101.47 -36.67 15.04
N PRO G 172 -101.97 -37.79 14.52
CA PRO G 172 -102.58 -37.76 13.19
C PRO G 172 -103.85 -36.93 13.18
N LYS G 173 -104.27 -36.55 11.97
CA LYS G 173 -105.52 -35.82 11.82
C LYS G 173 -106.70 -36.68 12.25
N THR G 174 -107.80 -36.01 12.59
CA THR G 174 -108.96 -36.68 13.17
C THR G 174 -109.39 -37.89 12.34
N ASP G 175 -109.52 -37.71 11.03
CA ASP G 175 -110.00 -38.80 10.19
C ASP G 175 -108.91 -39.80 9.89
N THR G 176 -107.69 -39.34 9.64
CA THR G 176 -106.65 -40.22 9.15
C THR G 176 -106.01 -41.00 10.29
N VAL G 177 -105.04 -41.85 9.93
CA VAL G 177 -104.27 -42.61 10.90
C VAL G 177 -102.91 -42.88 10.26
N TRP G 178 -101.92 -43.15 11.11
CA TRP G 178 -100.55 -43.33 10.63
C TRP G 178 -100.19 -44.79 10.65
N PRO G 179 -100.13 -45.48 9.51
CA PRO G 179 -99.64 -46.85 9.51
C PRO G 179 -98.13 -46.87 9.64
N VAL G 180 -97.61 -47.91 10.31
CA VAL G 180 -96.17 -48.02 10.32
C VAL G 180 -95.69 -48.61 9.01
N SER G 181 -96.53 -49.41 8.35
CA SER G 181 -96.19 -49.96 7.04
C SER G 181 -96.04 -48.89 5.98
N SER G 182 -96.59 -47.71 6.22
CA SER G 182 -96.54 -46.59 5.30
C SER G 182 -95.42 -45.61 5.61
N MET G 183 -94.55 -45.94 6.56
CA MET G 183 -93.70 -44.94 7.20
C MET G 183 -92.84 -44.18 6.20
N ARG G 184 -92.15 -44.88 5.30
CA ARG G 184 -91.13 -44.20 4.52
C ARG G 184 -91.67 -43.35 3.38
N GLU G 185 -92.82 -43.67 2.82
CA GLU G 185 -93.46 -42.68 1.94
C GLU G 185 -94.24 -41.78 2.87
N LEU G 186 -94.07 -40.49 2.75
CA LEU G 186 -94.44 -39.65 3.87
C LEU G 186 -95.88 -39.27 3.65
N ASP G 187 -96.77 -40.00 4.31
CA ASP G 187 -98.18 -39.69 4.36
C ASP G 187 -98.64 -39.12 5.69
N TYR G 188 -97.77 -39.00 6.69
CA TYR G 188 -98.27 -38.71 8.02
C TYR G 188 -98.63 -37.24 8.08
N VAL G 189 -99.90 -36.95 8.29
CA VAL G 189 -100.41 -35.59 8.24
C VAL G 189 -100.87 -35.21 9.63
N ALA G 190 -100.27 -34.17 10.17
CA ALA G 190 -100.71 -33.57 11.41
C ALA G 190 -101.39 -32.26 11.08
N SER G 191 -102.40 -31.91 11.87
CA SER G 191 -103.03 -30.61 11.76
C SER G 191 -102.70 -29.86 13.04
N THR G 192 -101.86 -28.85 12.93
CA THR G 192 -101.45 -28.06 14.09
C THR G 192 -102.48 -26.96 14.29
N VAL G 193 -103.13 -26.97 15.45
CA VAL G 193 -104.27 -26.11 15.70
C VAL G 193 -104.17 -25.59 17.13
N SER G 194 -104.35 -24.28 17.30
CA SER G 194 -104.50 -23.67 18.62
C SER G 194 -105.94 -23.87 19.06
N GLY G 195 -106.37 -23.20 20.12
CA GLY G 195 -107.72 -23.48 20.57
C GLY G 195 -108.78 -23.20 19.53
N ASP G 196 -108.90 -21.96 19.07
CA ASP G 196 -109.71 -21.64 17.90
C ASP G 196 -108.90 -21.45 16.64
N ASN G 197 -107.58 -21.52 16.71
CA ASN G 197 -106.71 -21.02 15.65
C ASN G 197 -106.05 -22.19 14.92
N ALA G 198 -106.15 -22.18 13.60
CA ALA G 198 -105.39 -23.11 12.79
C ALA G 198 -103.99 -22.55 12.58
N ILE G 199 -102.99 -23.30 13.00
CA ILE G 199 -101.61 -22.84 12.91
C ILE G 199 -101.08 -23.15 11.51
N ILE G 200 -100.51 -22.15 10.85
CA ILE G 200 -99.71 -22.39 9.66
C ILE G 200 -98.35 -22.88 10.14
N PRO G 201 -97.96 -24.11 9.81
CA PRO G 201 -96.76 -24.69 10.45
C PRO G 201 -95.49 -23.90 10.23
N SER G 202 -95.30 -23.35 9.04
CA SER G 202 -94.08 -22.60 8.75
C SER G 202 -93.91 -21.39 9.65
N THR G 203 -94.99 -20.88 10.23
CA THR G 203 -94.90 -19.64 10.99
C THR G 203 -94.34 -19.85 12.38
N ILE G 204 -94.69 -20.97 13.03
CA ILE G 204 -94.21 -21.22 14.38
C ILE G 204 -92.81 -21.80 14.38
N PHE G 205 -92.49 -22.66 13.42
CA PHE G 205 -91.25 -23.42 13.47
C PHE G 205 -90.05 -22.52 13.20
N ASN G 206 -88.89 -22.99 13.66
CA ASN G 206 -87.70 -22.14 13.68
C ASN G 206 -87.03 -22.12 12.31
N LYS G 207 -86.38 -23.21 11.93
CA LYS G 207 -85.79 -23.31 10.61
C LYS G 207 -86.84 -23.77 9.63
N ASN G 208 -87.12 -22.93 8.64
CA ASN G 208 -88.05 -23.23 7.57
C ASN G 208 -87.34 -23.01 6.25
N ARG G 209 -87.12 -24.07 5.51
CA ARG G 209 -86.47 -24.01 4.21
C ARG G 209 -87.55 -24.03 3.15
N TYR G 210 -87.58 -23.01 2.29
CA TYR G 210 -88.51 -23.01 1.18
C TYR G 210 -87.77 -23.61 -0.01
N TRP G 211 -88.16 -24.81 -0.37
CA TRP G 211 -87.39 -25.64 -1.28
C TRP G 211 -88.16 -25.79 -2.57
N LYS G 212 -87.57 -25.31 -3.65
CA LYS G 212 -88.25 -25.18 -4.92
C LYS G 212 -87.77 -26.26 -5.88
N GLN G 213 -88.31 -26.22 -7.08
CA GLN G 213 -87.91 -27.12 -8.14
C GLN G 213 -86.57 -26.67 -8.69
N GLY G 214 -85.58 -27.55 -8.65
CA GLY G 214 -84.24 -27.23 -9.09
C GLY G 214 -83.28 -26.95 -7.97
N ASP G 215 -83.77 -26.71 -6.76
CA ASP G 215 -82.89 -26.49 -5.62
C ASP G 215 -82.09 -27.76 -5.33
N ASP G 216 -80.95 -27.56 -4.67
CA ASP G 216 -80.11 -28.67 -4.31
C ASP G 216 -80.82 -29.55 -3.28
N ALA G 217 -80.36 -30.79 -3.19
CA ALA G 217 -80.96 -31.72 -2.25
C ALA G 217 -80.80 -31.22 -0.82
N LEU G 218 -81.77 -31.59 0.02
CA LEU G 218 -81.78 -31.20 1.42
C LEU G 218 -81.25 -32.36 2.25
N HIS G 219 -80.12 -32.16 2.90
CA HIS G 219 -79.44 -33.20 3.65
C HIS G 219 -79.62 -32.95 5.14
N PHE G 220 -80.08 -33.95 5.87
CA PHE G 220 -80.28 -33.83 7.29
C PHE G 220 -79.64 -35.02 7.98
N SER G 221 -78.91 -34.76 9.06
CA SER G 221 -78.15 -35.79 9.73
C SER G 221 -78.24 -35.60 11.22
N HIS G 222 -78.05 -36.68 11.95
CA HIS G 222 -77.97 -36.63 13.40
C HIS G 222 -76.88 -37.58 13.84
N ASP G 223 -75.94 -37.09 14.64
CA ASP G 223 -74.88 -37.92 15.18
C ASP G 223 -75.27 -38.40 16.56
N LEU G 224 -75.13 -39.70 16.79
CA LEU G 224 -75.33 -40.29 18.10
C LEU G 224 -73.98 -40.64 18.70
N ASP G 225 -73.70 -40.15 19.89
CA ASP G 225 -72.58 -40.64 20.69
C ASP G 225 -73.18 -41.30 21.92
N LEU G 226 -73.11 -42.62 21.96
CA LEU G 226 -73.62 -43.41 23.06
C LEU G 226 -72.43 -43.99 23.82
N GLY G 227 -72.56 -44.06 25.12
CA GLY G 227 -71.52 -44.76 25.84
C GLY G 227 -71.74 -46.24 25.93
N PHE G 228 -72.79 -46.76 25.33
CA PHE G 228 -73.19 -48.14 25.51
C PHE G 228 -73.64 -48.69 24.18
N TRP G 229 -74.13 -49.92 24.22
CA TRP G 229 -74.44 -50.71 23.03
C TRP G 229 -75.81 -51.33 23.23
N PHE G 230 -76.37 -51.87 22.16
CA PHE G 230 -77.66 -52.51 22.23
C PHE G 230 -77.54 -53.97 21.84
N GLY G 231 -78.21 -54.84 22.59
CA GLY G 231 -78.15 -56.25 22.31
C GLY G 231 -79.39 -56.83 21.65
N SER G 232 -80.46 -56.04 21.58
CA SER G 232 -81.73 -56.51 21.06
C SER G 232 -82.12 -55.69 19.84
N ASP G 233 -83.26 -56.03 19.25
CA ASP G 233 -83.74 -55.25 18.12
C ASP G 233 -84.39 -53.97 18.62
N TYR G 234 -84.40 -52.95 17.76
CA TYR G 234 -85.03 -51.69 18.14
C TYR G 234 -86.53 -51.86 18.35
N GLY G 235 -87.20 -52.54 17.43
CA GLY G 235 -88.59 -52.87 17.68
C GLY G 235 -89.49 -51.66 17.84
N ASN G 236 -89.54 -50.82 16.81
CA ASN G 236 -90.27 -49.54 16.79
C ASN G 236 -89.93 -48.69 18.01
N ALA G 237 -88.64 -48.50 18.21
CA ALA G 237 -88.11 -47.55 19.17
C ALA G 237 -87.62 -46.30 18.44
N TYR G 238 -87.77 -45.16 19.09
CA TYR G 238 -87.10 -43.97 18.58
C TYR G 238 -85.60 -44.22 18.59
N VAL G 239 -84.93 -43.77 17.54
CA VAL G 239 -83.46 -43.81 17.57
C VAL G 239 -82.96 -43.02 18.78
N PRO G 240 -82.03 -43.56 19.55
CA PRO G 240 -81.84 -43.11 20.94
C PRO G 240 -81.67 -41.60 21.09
N GLN G 241 -82.40 -41.06 22.06
CA GLN G 241 -82.44 -39.64 22.33
C GLN G 241 -82.56 -39.46 23.84
N ASN G 242 -82.02 -38.37 24.35
CA ASN G 242 -82.19 -37.98 25.73
C ASN G 242 -83.01 -36.69 25.74
N ASN G 243 -84.23 -36.76 26.23
CA ASN G 243 -85.10 -35.60 26.12
C ASN G 243 -86.08 -35.55 27.27
N ASP G 244 -86.89 -34.50 27.26
CA ASP G 244 -88.06 -34.44 28.12
C ASP G 244 -89.03 -35.56 27.82
N SER G 245 -89.14 -35.95 26.55
CA SER G 245 -90.05 -37.01 26.16
C SER G 245 -89.46 -38.40 26.35
N MET G 246 -88.15 -38.56 26.19
CA MET G 246 -87.63 -39.92 26.10
C MET G 246 -86.16 -39.96 26.49
N ASN G 247 -85.70 -41.16 26.83
CA ASN G 247 -84.32 -41.41 27.18
C ASN G 247 -83.77 -42.55 26.33
N ALA G 248 -82.44 -42.55 26.19
CA ALA G 248 -81.78 -43.40 25.20
C ALA G 248 -81.67 -44.85 25.65
N VAL G 249 -81.57 -45.08 26.96
CA VAL G 249 -81.34 -46.41 27.49
C VAL G 249 -82.65 -46.98 28.02
N GLY G 250 -82.93 -48.23 27.70
CA GLY G 250 -84.26 -48.76 27.92
C GLY G 250 -84.48 -49.68 29.10
N THR G 251 -83.42 -50.15 29.72
CA THR G 251 -83.56 -51.08 30.83
C THR G 251 -83.74 -50.32 32.14
N ILE G 252 -84.67 -50.79 32.95
CA ILE G 252 -84.82 -50.24 34.30
C ILE G 252 -83.60 -50.66 35.10
N PRO G 253 -82.81 -49.72 35.62
CA PRO G 253 -81.69 -50.10 36.47
C PRO G 253 -82.17 -50.72 37.77
N THR G 254 -81.35 -51.61 38.32
CA THR G 254 -81.73 -52.46 39.43
C THR G 254 -80.72 -52.33 40.56
N SER G 255 -81.11 -52.82 41.74
CA SER G 255 -80.55 -52.37 43.01
C SER G 255 -79.11 -52.83 43.22
N LYS G 256 -78.38 -52.03 44.00
CA LYS G 256 -77.14 -52.42 44.64
C LYS G 256 -76.03 -52.73 43.63
N HIS G 257 -75.98 -51.96 42.55
CA HIS G 257 -74.87 -52.01 41.61
C HIS G 257 -74.99 -50.84 40.66
N ILE G 258 -74.07 -50.77 39.71
CA ILE G 258 -73.93 -49.63 38.82
C ILE G 258 -74.62 -49.97 37.50
N ASN G 259 -75.28 -48.98 36.92
CA ASN G 259 -76.07 -49.17 35.71
C ASN G 259 -75.80 -48.02 34.76
N VAL G 260 -75.86 -48.29 33.47
CA VAL G 260 -75.68 -47.23 32.49
C VAL G 260 -76.95 -46.39 32.43
N ARG G 261 -76.79 -45.08 32.55
CA ARG G 261 -77.88 -44.14 32.69
C ARG G 261 -77.74 -43.07 31.63
N GLY G 262 -78.85 -42.71 31.00
CA GLY G 262 -78.83 -41.63 30.04
C GLY G 262 -78.50 -40.30 30.69
N VAL G 263 -77.85 -39.43 29.92
CA VAL G 263 -77.43 -38.13 30.42
C VAL G 263 -77.31 -37.19 29.23
N ASN G 264 -77.40 -35.89 29.50
CA ASN G 264 -76.96 -34.78 28.64
C ASN G 264 -77.87 -34.24 27.54
N ASN G 265 -79.07 -34.77 27.29
CA ASN G 265 -79.96 -34.14 26.31
C ASN G 265 -79.32 -34.06 24.92
N ARG G 266 -79.25 -35.20 24.26
CA ARG G 266 -79.12 -35.24 22.82
C ARG G 266 -80.44 -35.67 22.25
N GLY G 267 -80.97 -34.91 21.30
CA GLY G 267 -82.26 -35.23 20.72
C GLY G 267 -82.35 -34.73 19.30
N MET G 268 -83.44 -35.08 18.64
CA MET G 268 -83.64 -34.67 17.24
C MET G 268 -84.80 -33.70 17.08
N ALA G 269 -84.62 -32.71 16.21
CA ALA G 269 -85.65 -31.71 15.96
C ALA G 269 -86.76 -32.30 15.10
N GLY G 270 -88.00 -31.95 15.43
CA GLY G 270 -89.15 -32.45 14.69
C GLY G 270 -89.27 -31.90 13.29
N HIS G 271 -88.71 -32.62 12.32
CA HIS G 271 -88.77 -32.20 10.93
C HIS G 271 -90.20 -32.29 10.42
N TYR G 272 -90.57 -31.43 9.48
CA TYR G 272 -91.91 -31.43 8.94
C TYR G 272 -91.90 -30.90 7.53
N LEU G 273 -92.95 -31.23 6.78
CA LEU G 273 -93.13 -30.75 5.43
C LEU G 273 -94.51 -30.12 5.30
N SER G 274 -94.57 -28.98 4.63
CA SER G 274 -95.82 -28.27 4.47
C SER G 274 -95.73 -27.41 3.22
N PHE G 275 -96.89 -26.93 2.77
CA PHE G 275 -96.91 -26.05 1.63
C PHE G 275 -97.40 -24.68 2.05
N PRO G 276 -96.93 -23.63 1.40
CA PRO G 276 -97.37 -22.28 1.74
C PRO G 276 -98.83 -22.11 1.40
N PRO G 277 -99.60 -21.42 2.24
CA PRO G 277 -100.98 -21.12 1.87
C PRO G 277 -101.02 -20.21 0.65
N ILE G 278 -101.78 -20.64 -0.36
CA ILE G 278 -102.00 -19.85 -1.56
C ILE G 278 -103.49 -19.86 -1.82
N ARG G 279 -104.13 -18.71 -1.74
CA ARG G 279 -105.55 -18.65 -1.95
C ARG G 279 -105.87 -18.72 -3.44
N THR G 280 -107.00 -19.34 -3.74
CA THR G 280 -107.51 -19.46 -5.09
C THR G 280 -108.90 -18.87 -5.17
N ASN G 281 -109.50 -18.96 -6.35
CA ASN G 281 -110.92 -18.64 -6.49
C ASN G 281 -111.76 -19.44 -5.50
N ASP G 282 -111.36 -20.69 -5.24
CA ASP G 282 -112.01 -21.53 -4.25
C ASP G 282 -110.97 -22.19 -3.37
N GLY G 283 -111.01 -21.88 -2.07
CA GLY G 283 -110.13 -22.57 -1.14
C GLY G 283 -108.67 -22.23 -1.35
N GLN G 284 -107.83 -23.26 -1.28
CA GLN G 284 -106.39 -23.12 -1.29
C GLN G 284 -105.81 -23.73 -2.55
N PHE G 285 -104.65 -23.22 -2.94
CA PHE G 285 -103.98 -23.74 -4.12
C PHE G 285 -103.58 -25.18 -3.86
N LYS G 286 -103.75 -26.03 -4.84
CA LYS G 286 -103.46 -27.44 -4.64
C LYS G 286 -102.04 -27.69 -5.10
N LEU G 287 -101.15 -27.92 -4.13
CA LEU G 287 -99.77 -28.25 -4.41
C LEU G 287 -99.53 -29.70 -4.05
N ASN G 288 -98.89 -30.40 -4.96
CA ASN G 288 -98.52 -31.78 -4.78
C ASN G 288 -97.01 -31.82 -4.97
N ALA G 289 -96.34 -32.68 -4.23
CA ALA G 289 -94.89 -32.73 -4.30
C ALA G 289 -94.42 -34.15 -4.54
N GLN G 290 -93.36 -34.28 -5.33
CA GLN G 290 -92.57 -35.49 -5.37
C GLN G 290 -91.14 -35.15 -5.01
N PHE G 291 -90.49 -36.07 -4.32
CA PHE G 291 -89.05 -36.00 -4.12
C PHE G 291 -88.56 -37.40 -3.80
N THR G 292 -87.25 -37.59 -3.92
CA THR G 292 -86.66 -38.85 -3.55
C THR G 292 -86.18 -38.78 -2.11
N LEU G 293 -86.44 -39.83 -1.37
CA LEU G 293 -86.01 -39.93 0.02
C LEU G 293 -84.88 -40.93 0.09
N GLU G 294 -83.68 -40.44 0.38
CA GLU G 294 -82.53 -41.29 0.63
C GLU G 294 -82.21 -41.21 2.11
N THR G 295 -82.42 -42.31 2.83
CA THR G 295 -82.08 -42.38 4.24
C THR G 295 -80.85 -43.25 4.42
N GLU G 296 -80.03 -42.90 5.40
CA GLU G 296 -78.87 -43.69 5.76
C GLU G 296 -78.75 -43.73 7.27
N ILE G 297 -78.57 -44.93 7.80
CA ILE G 297 -78.26 -45.13 9.22
C ILE G 297 -76.99 -45.94 9.31
N GLU G 298 -76.05 -45.47 10.10
CA GLU G 298 -74.73 -46.07 10.17
C GLU G 298 -74.60 -46.78 11.50
N PHE G 299 -74.56 -48.10 11.49
CA PHE G 299 -74.42 -48.87 12.71
C PHE G 299 -72.96 -49.21 12.96
N GLU G 300 -72.58 -49.19 14.23
CA GLU G 300 -71.40 -49.88 14.72
C GLU G 300 -71.85 -51.18 15.37
N PHE G 301 -71.08 -52.23 15.17
CA PHE G 301 -71.39 -53.49 15.84
C PHE G 301 -70.09 -54.11 16.35
N ARG G 302 -70.25 -55.11 17.19
CA ARG G 302 -69.15 -55.67 17.95
C ARG G 302 -69.40 -57.15 18.13
N LEU G 303 -68.33 -57.95 18.11
CA LEU G 303 -68.49 -59.39 18.00
C LEU G 303 -68.29 -60.07 19.35
N TRP G 304 -68.37 -61.39 19.31
CA TRP G 304 -68.44 -62.25 20.48
C TRP G 304 -67.07 -62.41 21.13
N GLU G 305 -67.10 -62.84 22.39
CA GLU G 305 -65.88 -63.03 23.16
C GLU G 305 -65.02 -64.13 22.56
N GLN G 306 -63.71 -63.90 22.52
CA GLN G 306 -62.80 -64.93 22.06
C GLN G 306 -62.61 -66.01 23.10
N GLY G 307 -62.17 -67.16 22.64
CA GLY G 307 -61.88 -68.25 23.53
C GLY G 307 -63.06 -69.18 23.71
N VAL G 308 -62.90 -70.08 24.68
CA VAL G 308 -63.98 -71.00 25.02
C VAL G 308 -65.20 -70.25 25.49
N GLN G 309 -65.02 -69.03 26.00
CA GLN G 309 -66.16 -68.22 26.42
C GLN G 309 -67.13 -67.98 25.28
N GLY G 310 -66.63 -67.91 24.05
CA GLY G 310 -67.45 -67.65 22.89
C GLY G 310 -68.00 -68.89 22.20
N ILE G 311 -67.81 -70.07 22.76
CA ILE G 311 -68.38 -71.28 22.19
C ILE G 311 -69.88 -71.29 22.43
N ASN G 312 -70.65 -71.64 21.40
CA ASN G 312 -72.11 -71.58 21.48
C ASN G 312 -72.64 -72.35 22.68
N SER G 313 -72.15 -73.57 22.88
CA SER G 313 -72.73 -74.41 23.93
C SER G 313 -72.48 -73.83 25.31
N VAL G 314 -71.28 -73.32 25.57
CA VAL G 314 -70.93 -72.81 26.89
C VAL G 314 -71.10 -71.31 26.99
N HIS G 315 -71.46 -70.62 25.91
CA HIS G 315 -71.62 -69.17 26.01
C HIS G 315 -72.87 -68.77 26.77
N THR G 316 -73.86 -69.65 26.86
CA THR G 316 -75.07 -69.32 27.59
C THR G 316 -74.74 -69.00 29.05
N ASN G 317 -74.07 -69.93 29.73
CA ASN G 317 -73.74 -69.77 31.13
C ASN G 317 -72.36 -69.15 31.38
N LEU G 318 -71.51 -69.00 30.36
CA LEU G 318 -70.30 -68.20 30.48
C LEU G 318 -70.45 -66.79 29.94
N ASN G 319 -71.64 -66.41 29.50
CA ASN G 319 -71.87 -65.04 29.08
C ASN G 319 -71.53 -64.10 30.24
N PRO G 320 -70.78 -63.02 29.99
CA PRO G 320 -70.45 -62.10 31.09
C PRO G 320 -71.70 -61.48 31.68
N ALA G 321 -71.76 -61.43 33.00
CA ALA G 321 -72.85 -60.72 33.64
C ALA G 321 -72.69 -59.22 33.55
N ASN G 322 -71.52 -58.73 33.15
CA ASN G 322 -71.30 -57.31 32.96
C ASN G 322 -71.65 -56.85 31.55
N ASP G 323 -72.20 -57.72 30.72
CA ASP G 323 -72.87 -57.23 29.51
C ASP G 323 -73.87 -56.15 29.88
N SER G 324 -74.69 -56.41 30.90
CA SER G 324 -75.67 -55.43 31.34
C SER G 324 -75.04 -54.10 31.65
N LEU G 325 -73.74 -54.08 31.87
CA LEU G 325 -73.06 -52.82 32.15
C LEU G 325 -72.94 -51.98 30.89
N TRP G 326 -72.38 -52.56 29.82
CA TRP G 326 -72.28 -51.86 28.53
C TRP G 326 -73.33 -52.27 27.49
N ILE G 327 -74.17 -53.27 27.72
CA ILE G 327 -75.17 -53.62 26.70
C ILE G 327 -76.59 -53.36 27.16
N GLN G 328 -77.30 -52.46 26.49
CA GLN G 328 -78.40 -51.78 27.16
C GLN G 328 -79.80 -51.76 26.57
N SER G 329 -80.03 -52.45 25.46
CA SER G 329 -81.34 -52.46 24.75
C SER G 329 -81.76 -51.10 24.15
N TYR G 330 -83.06 -50.87 23.97
CA TYR G 330 -83.55 -49.62 23.37
C TYR G 330 -84.37 -48.81 24.34
N GLY G 331 -84.23 -47.48 24.30
CA GLY G 331 -84.80 -46.70 25.37
C GLY G 331 -86.29 -46.49 25.35
N SER G 332 -86.81 -45.93 24.27
CA SER G 332 -88.17 -45.44 24.27
C SER G 332 -88.81 -45.75 22.93
N LEU G 333 -90.05 -46.21 22.98
CA LEU G 333 -90.75 -46.73 21.83
C LEU G 333 -91.71 -45.69 21.31
N VAL G 334 -91.89 -45.65 19.99
CA VAL G 334 -93.03 -44.95 19.46
C VAL G 334 -94.27 -45.65 19.95
N SER G 335 -95.38 -44.91 19.99
CA SER G 335 -96.60 -45.47 20.55
C SER G 335 -97.37 -46.10 19.40
N ILE G 336 -97.49 -47.42 19.44
CA ILE G 336 -98.05 -48.22 18.36
C ILE G 336 -99.19 -49.02 18.94
N THR G 337 -100.41 -48.76 18.49
CA THR G 337 -101.50 -49.69 18.67
C THR G 337 -101.79 -50.32 17.32
N GLU G 338 -102.03 -51.62 17.32
CA GLU G 338 -102.13 -52.40 16.10
C GLU G 338 -100.86 -52.14 15.30
N SER G 339 -100.95 -51.85 14.01
CA SER G 339 -99.81 -51.45 13.20
C SER G 339 -99.67 -49.94 13.09
N LYS G 340 -100.49 -49.18 13.79
CA LYS G 340 -100.68 -47.77 13.51
C LYS G 340 -100.05 -46.91 14.58
N ILE G 341 -99.33 -45.88 14.17
CA ILE G 341 -98.66 -44.99 15.10
C ILE G 341 -99.70 -44.10 15.77
N ASN G 342 -99.67 -44.04 17.10
CA ASN G 342 -100.59 -43.19 17.83
C ASN G 342 -100.15 -41.74 17.82
N ASN G 343 -98.87 -41.51 18.03
CA ASN G 343 -98.32 -40.17 18.11
C ASN G 343 -96.82 -40.25 17.82
N ILE G 344 -96.23 -39.12 17.51
CA ILE G 344 -94.78 -39.03 17.38
C ILE G 344 -94.28 -37.92 18.28
N GLN G 345 -93.29 -38.23 19.10
CA GLN G 345 -92.63 -37.30 19.97
C GLN G 345 -91.32 -36.89 19.35
N PHE G 346 -90.93 -35.63 19.49
CA PHE G 346 -89.68 -35.18 18.88
C PHE G 346 -88.60 -34.84 19.89
N GLY G 347 -88.80 -33.84 20.72
CA GLY G 347 -87.82 -33.49 21.72
C GLY G 347 -86.36 -33.33 21.30
N PRO G 348 -86.05 -32.20 20.67
CA PRO G 348 -84.74 -31.84 20.15
C PRO G 348 -83.74 -31.46 21.22
N THR G 349 -82.47 -31.31 20.87
CA THR G 349 -81.51 -30.89 21.86
C THR G 349 -81.85 -29.42 21.85
N CYS G 350 -82.54 -28.95 22.87
CA CYS G 350 -82.95 -27.56 22.85
C CYS G 350 -81.79 -26.65 23.15
N PRO G 351 -81.75 -25.52 22.45
CA PRO G 351 -80.64 -24.57 22.56
C PRO G 351 -80.61 -23.83 23.88
N ARG G 352 -81.69 -23.81 24.63
CA ARG G 352 -81.69 -23.09 25.90
C ARG G 352 -81.26 -23.93 27.08
N VAL G 353 -81.06 -25.24 26.91
CA VAL G 353 -80.33 -26.01 27.90
C VAL G 353 -78.89 -25.52 27.93
N ASP G 354 -78.29 -25.52 29.11
CA ASP G 354 -76.91 -25.10 29.26
C ASP G 354 -76.02 -25.92 28.32
N ALA G 355 -75.13 -25.21 27.62
CA ALA G 355 -74.25 -25.88 26.66
C ALA G 355 -73.40 -26.93 27.33
N ARG G 356 -73.20 -26.84 28.65
CA ARG G 356 -72.42 -27.85 29.36
C ARG G 356 -73.20 -29.15 29.49
N ASN G 357 -74.53 -29.08 29.46
CA ASN G 357 -75.34 -30.28 29.46
C ASN G 357 -75.43 -30.91 28.07
N LYS G 358 -75.33 -30.12 27.02
CA LYS G 358 -75.67 -30.60 25.68
C LYS G 358 -74.55 -31.36 25.00
N GLY G 359 -73.45 -31.62 25.70
CA GLY G 359 -72.26 -32.16 25.06
C GLY G 359 -72.37 -33.61 24.64
N GLY G 360 -71.23 -34.23 24.36
CA GLY G 360 -71.17 -35.42 23.55
C GLY G 360 -71.81 -36.70 24.04
N LYS G 361 -71.41 -37.19 25.20
CA LYS G 361 -71.69 -38.56 25.60
C LYS G 361 -73.10 -38.71 26.14
N MET G 362 -73.88 -39.62 25.57
CA MET G 362 -75.28 -39.76 25.93
C MET G 362 -75.55 -40.70 27.09
N SER G 363 -74.54 -41.27 27.70
CA SER G 363 -74.82 -42.13 28.83
C SER G 363 -73.70 -42.02 29.85
N MET G 364 -74.01 -42.39 31.07
CA MET G 364 -73.05 -42.43 32.15
C MET G 364 -73.29 -43.71 32.90
N LEU G 365 -72.25 -44.21 33.54
CA LEU G 365 -72.32 -45.48 34.25
C LEU G 365 -72.45 -45.12 35.72
N PHE G 366 -73.68 -45.17 36.21
CA PHE G 366 -74.06 -44.68 37.52
C PHE G 366 -74.83 -45.71 38.32
N ASP G 367 -74.52 -45.82 39.61
CA ASP G 367 -75.15 -46.79 40.48
C ASP G 367 -76.60 -46.54 40.88
N HIS G 368 -77.26 -47.60 41.28
CA HIS G 368 -78.63 -47.49 41.74
C HIS G 368 -78.73 -48.18 43.10
N HIS G 369 -79.39 -47.52 44.05
CA HIS G 369 -79.54 -48.10 45.38
C HIS G 369 -80.94 -48.63 45.61
N GLU H 36 -73.15 -25.58 -11.80
CA GLU H 36 -73.22 -25.20 -10.40
C GLU H 36 -74.30 -26.04 -9.70
N GLY H 37 -74.17 -26.21 -8.39
CA GLY H 37 -75.11 -27.02 -7.65
C GLY H 37 -74.75 -28.48 -7.66
N ASP H 38 -75.63 -29.27 -7.07
CA ASP H 38 -75.42 -30.71 -7.00
C ASP H 38 -75.93 -31.43 -8.24
N GLY H 39 -76.46 -30.69 -9.21
CA GLY H 39 -76.96 -31.27 -10.45
C GLY H 39 -78.46 -31.27 -10.57
N SER H 40 -79.15 -31.05 -9.45
CA SER H 40 -80.61 -31.08 -9.40
C SER H 40 -81.31 -30.06 -10.27
N ALA H 41 -80.55 -29.14 -10.84
CA ALA H 41 -81.11 -28.08 -11.69
C ALA H 41 -81.54 -28.60 -13.06
N PRO H 42 -82.34 -27.82 -13.78
CA PRO H 42 -82.75 -28.32 -15.08
C PRO H 42 -81.63 -28.57 -16.07
N GLY H 43 -80.57 -27.77 -16.12
CA GLY H 43 -79.51 -28.00 -17.10
C GLY H 43 -78.14 -28.32 -16.55
N GLY H 44 -77.28 -28.96 -17.35
CA GLY H 44 -75.95 -29.31 -16.89
C GLY H 44 -75.76 -30.78 -16.56
N SER H 45 -75.16 -31.07 -15.41
CA SER H 45 -74.91 -32.45 -14.99
C SER H 45 -76.11 -33.13 -14.31
N VAL H 46 -76.18 -34.45 -14.39
CA VAL H 46 -77.24 -35.27 -13.86
C VAL H 46 -77.11 -35.50 -12.37
N TRP H 47 -78.18 -35.23 -11.63
CA TRP H 47 -78.14 -35.49 -10.21
C TRP H 47 -78.23 -37.00 -10.15
N GLN H 48 -77.34 -37.64 -9.42
CA GLN H 48 -77.37 -39.08 -9.36
C GLN H 48 -77.32 -39.54 -7.91
N THR H 49 -77.92 -40.70 -7.68
CA THR H 49 -78.11 -41.24 -6.35
C THR H 49 -76.81 -41.77 -5.77
N THR H 50 -76.82 -41.95 -4.44
CA THR H 50 -75.64 -42.39 -3.73
C THR H 50 -75.22 -43.79 -4.16
N ASP H 51 -73.94 -44.08 -3.93
CA ASP H 51 -73.33 -45.33 -4.35
C ASP H 51 -73.64 -46.44 -3.36
N TYR H 52 -74.20 -47.53 -3.87
CA TYR H 52 -74.45 -48.70 -3.04
C TYR H 52 -73.32 -49.73 -3.06
N ILE H 53 -72.31 -49.57 -3.91
CA ILE H 53 -71.22 -50.54 -3.95
C ILE H 53 -70.35 -50.41 -2.72
N ALA H 54 -69.95 -49.18 -2.38
CA ALA H 54 -68.89 -48.97 -1.40
C ALA H 54 -69.13 -49.75 -0.11
N LEU H 55 -70.38 -49.80 0.35
CA LEU H 55 -70.67 -50.54 1.57
C LEU H 55 -70.81 -52.04 1.35
N SER H 56 -71.07 -52.49 0.13
CA SER H 56 -71.12 -53.91 -0.10
C SER H 56 -69.74 -54.52 -0.27
N MET H 57 -68.75 -53.72 -0.63
CA MET H 57 -67.39 -54.21 -0.81
C MET H 57 -66.52 -54.11 0.43
N VAL H 58 -66.98 -53.45 1.49
CA VAL H 58 -66.13 -53.30 2.65
C VAL H 58 -65.90 -54.66 3.29
N VAL H 59 -64.63 -55.00 3.51
CA VAL H 59 -64.23 -56.28 4.06
C VAL H 59 -64.00 -56.11 5.55
N TYR H 60 -64.74 -56.86 6.34
CA TYR H 60 -64.58 -56.86 7.79
C TYR H 60 -63.80 -58.11 8.17
N ARG H 61 -62.98 -57.97 9.20
CA ARG H 61 -61.97 -58.97 9.49
C ARG H 61 -62.04 -59.36 10.96
N THR H 62 -62.33 -60.63 11.21
CA THR H 62 -62.42 -61.14 12.58
C THR H 62 -61.52 -62.35 12.77
N ALA H 63 -61.60 -62.98 13.93
CA ALA H 63 -60.79 -64.17 14.20
C ALA H 63 -61.46 -64.99 15.27
N ILE H 64 -61.08 -66.26 15.35
CA ILE H 64 -61.53 -67.18 16.38
C ILE H 64 -60.30 -67.77 17.03
N LYS H 65 -60.11 -67.50 18.32
CA LYS H 65 -58.97 -67.98 19.08
C LYS H 65 -59.46 -68.93 20.15
N LEU H 66 -58.78 -70.07 20.29
CA LEU H 66 -59.18 -71.10 21.25
C LEU H 66 -57.93 -71.71 21.86
N ARG H 67 -57.99 -71.99 23.16
CA ARG H 67 -56.91 -72.68 23.84
C ARG H 67 -57.36 -74.05 24.32
N ASN H 68 -56.38 -74.93 24.46
CA ASN H 68 -56.63 -76.32 24.76
C ASN H 68 -55.38 -76.85 25.45
N PHE H 69 -55.56 -77.87 26.28
CA PHE H 69 -54.44 -78.63 26.81
C PHE H 69 -54.42 -79.99 26.13
N VAL H 70 -53.26 -80.37 25.61
CA VAL H 70 -53.10 -81.63 24.90
C VAL H 70 -52.28 -82.56 25.78
N ASN H 71 -52.76 -83.79 25.95
CA ASN H 71 -52.05 -84.83 26.66
C ASN H 71 -51.83 -85.98 25.71
N ILE H 72 -50.58 -86.26 25.38
CA ILE H 72 -50.20 -87.33 24.46
C ILE H 72 -49.56 -88.43 25.29
N ARG H 73 -50.22 -89.57 25.39
CA ARG H 73 -49.74 -90.67 26.20
C ARG H 73 -49.65 -91.94 25.38
N GLY H 74 -48.75 -92.83 25.80
CA GLY H 74 -48.67 -94.16 25.23
C GLY H 74 -48.38 -94.17 23.73
N LEU H 75 -47.56 -93.24 23.26
CA LEU H 75 -47.26 -93.10 21.85
C LEU H 75 -45.89 -93.73 21.61
N THR H 76 -45.87 -94.86 20.92
CA THR H 76 -44.61 -95.53 20.66
C THR H 76 -43.87 -94.81 19.53
N PRO H 77 -42.56 -95.07 19.37
CA PRO H 77 -41.79 -94.32 18.37
C PRO H 77 -42.22 -94.56 16.95
N THR H 78 -42.87 -95.68 16.64
CA THR H 78 -43.36 -95.90 15.29
C THR H 78 -44.61 -95.08 15.01
N GLU H 79 -45.56 -95.10 15.94
CA GLU H 79 -46.79 -94.36 15.80
C GLU H 79 -46.55 -92.87 16.05
N MET H 80 -47.47 -92.06 15.55
CA MET H 80 -47.26 -90.63 15.42
C MET H 80 -48.58 -89.89 15.51
N ILE H 81 -48.58 -88.73 16.14
CA ILE H 81 -49.78 -87.91 16.28
C ILE H 81 -49.93 -87.05 15.04
N VAL H 82 -51.10 -87.10 14.43
CA VAL H 82 -51.43 -86.30 13.27
C VAL H 82 -52.08 -85.01 13.75
N ILE H 83 -51.50 -83.87 13.38
CA ILE H 83 -52.07 -82.60 13.78
C ILE H 83 -53.17 -82.30 12.77
N PRO H 84 -54.42 -82.34 13.12
CA PRO H 84 -55.47 -82.04 12.15
C PRO H 84 -55.55 -80.55 11.86
N TRP H 85 -54.41 -79.97 11.49
CA TRP H 85 -54.33 -78.52 11.46
C TRP H 85 -54.74 -77.97 10.12
N ASN H 86 -54.95 -78.82 9.13
CA ASN H 86 -55.42 -78.40 7.82
C ASN H 86 -56.92 -78.57 7.65
N VAL H 87 -57.64 -79.01 8.67
CA VAL H 87 -59.09 -79.11 8.60
C VAL H 87 -59.68 -77.87 9.25
N MET H 88 -60.70 -77.30 8.61
CA MET H 88 -61.25 -76.03 9.03
C MET H 88 -61.86 -76.15 10.42
N ARG H 89 -62.49 -77.28 10.72
CA ARG H 89 -63.17 -77.49 11.99
C ARG H 89 -62.22 -77.49 13.18
N PHE H 90 -60.93 -77.66 12.94
CA PHE H 90 -59.95 -77.66 14.02
C PHE H 90 -59.88 -76.31 14.71
N TYR H 91 -59.88 -75.23 13.93
CA TYR H 91 -59.65 -73.91 14.49
C TYR H 91 -60.91 -73.28 15.08
N CYS H 92 -62.02 -73.37 14.36
CA CYS H 92 -63.23 -72.64 14.70
C CYS H 92 -64.27 -73.45 15.44
N GLU H 93 -64.01 -74.73 15.69
CA GLU H 93 -64.89 -75.54 16.52
C GLU H 93 -64.04 -76.23 17.57
N TYR H 94 -64.54 -76.24 18.80
CA TYR H 94 -63.71 -76.61 19.94
C TYR H 94 -64.07 -78.05 20.29
N ASN H 95 -63.21 -78.98 19.95
CA ASN H 95 -63.49 -80.38 20.23
C ASN H 95 -62.48 -80.83 21.27
N THR H 96 -62.93 -80.92 22.51
CA THR H 96 -62.11 -81.39 23.60
C THR H 96 -62.99 -82.15 24.57
N GLY H 97 -62.60 -83.35 24.95
CA GLY H 97 -63.30 -84.01 26.03
C GLY H 97 -64.79 -84.13 25.79
N THR H 98 -65.57 -83.62 26.74
CA THR H 98 -67.02 -83.70 26.69
C THR H 98 -67.63 -82.68 25.73
N TYR H 99 -66.91 -81.61 25.39
CA TYR H 99 -67.47 -80.57 24.53
C TYR H 99 -67.96 -81.15 23.21
N GLY H 100 -67.08 -81.84 22.49
CA GLY H 100 -67.45 -82.40 21.20
C GLY H 100 -68.66 -83.31 21.24
N LEU H 101 -68.94 -83.90 22.41
CA LEU H 101 -70.14 -84.71 22.55
C LEU H 101 -71.38 -83.83 22.65
N SER H 102 -71.26 -82.68 23.31
CA SER H 102 -72.37 -81.73 23.39
C SER H 102 -72.54 -81.03 22.03
N GLY H 103 -73.73 -80.47 21.84
CA GLY H 103 -74.10 -79.92 20.55
C GLY H 103 -73.66 -78.49 20.33
N ASN H 104 -73.43 -78.17 19.06
CA ASN H 104 -73.13 -76.82 18.58
C ASN H 104 -72.00 -76.19 19.40
N VAL H 105 -70.80 -76.74 19.20
CA VAL H 105 -69.62 -76.25 19.89
C VAL H 105 -68.86 -75.22 19.04
N HIS H 106 -69.40 -74.85 17.89
CA HIS H 106 -68.80 -73.79 17.09
C HIS H 106 -68.70 -72.50 17.90
N HIS H 107 -67.65 -71.74 17.63
CA HIS H 107 -67.49 -70.44 18.26
C HIS H 107 -68.54 -69.49 17.69
N LYS H 108 -69.01 -68.57 18.54
CA LYS H 108 -70.14 -67.74 18.13
C LYS H 108 -69.76 -66.71 17.08
N ASN H 109 -68.49 -66.34 16.97
CA ASN H 109 -68.09 -65.53 15.83
C ASN H 109 -68.30 -66.27 14.53
N TYR H 110 -68.19 -67.59 14.54
CA TYR H 110 -68.41 -68.31 13.31
C TYR H 110 -69.89 -68.46 13.00
N SER H 111 -70.73 -68.60 14.02
CA SER H 111 -72.15 -68.73 13.78
C SER H 111 -72.70 -67.51 13.07
N MET H 112 -72.17 -66.33 13.34
CA MET H 112 -72.62 -65.15 12.62
C MET H 112 -71.94 -64.95 11.27
N LEU H 113 -70.78 -65.58 11.04
CA LEU H 113 -70.22 -65.53 9.70
C LEU H 113 -71.17 -66.14 8.68
N LEU H 114 -72.12 -66.95 9.16
CA LEU H 114 -73.20 -67.44 8.33
C LEU H 114 -74.34 -66.44 8.22
N ALA H 115 -74.35 -65.42 9.07
CA ALA H 115 -75.34 -64.35 8.96
C ALA H 115 -74.96 -63.34 7.88
N CYS H 116 -73.69 -62.98 7.79
CA CYS H 116 -73.22 -62.16 6.70
C CYS H 116 -73.16 -62.98 5.42
N LYS H 117 -73.16 -62.29 4.28
CA LYS H 117 -73.36 -63.04 3.04
C LYS H 117 -72.12 -63.76 2.57
N ALA H 118 -70.94 -63.30 2.95
CA ALA H 118 -69.70 -63.89 2.50
C ALA H 118 -68.70 -63.89 3.63
N HIS H 119 -67.95 -64.98 3.75
CA HIS H 119 -66.82 -65.00 4.67
C HIS H 119 -65.69 -65.76 4.00
N ARG H 120 -64.47 -65.43 4.41
CA ARG H 120 -63.32 -66.08 3.86
C ARG H 120 -62.30 -66.36 4.96
N PRO H 121 -61.69 -67.54 4.96
CA PRO H 121 -60.87 -67.95 6.10
C PRO H 121 -59.52 -67.26 6.25
N THR H 122 -58.92 -66.74 5.19
CA THR H 122 -57.60 -66.08 5.24
C THR H 122 -56.60 -66.85 6.09
N LYS H 123 -55.89 -66.18 6.98
CA LYS H 123 -54.80 -66.82 7.70
C LYS H 123 -55.33 -67.82 8.72
N VAL H 124 -54.53 -68.84 8.99
CA VAL H 124 -54.87 -69.87 9.96
C VAL H 124 -53.57 -70.36 10.60
N GLY H 125 -53.62 -70.69 11.88
CA GLY H 125 -52.39 -71.09 12.56
C GLY H 125 -52.65 -71.62 13.95
N TYR H 126 -51.59 -72.11 14.58
CA TYR H 126 -51.71 -72.65 15.92
C TYR H 126 -50.37 -72.58 16.62
N THR H 127 -50.41 -72.73 17.94
CA THR H 127 -49.22 -72.63 18.77
C THR H 127 -49.18 -73.79 19.76
N LEU H 128 -48.03 -74.44 19.85
CA LEU H 128 -47.73 -75.41 20.89
C LEU H 128 -46.83 -74.75 21.92
N SER H 129 -47.18 -74.88 23.20
CA SER H 129 -46.49 -74.10 24.22
C SER H 129 -46.37 -74.88 25.51
N ASN H 130 -45.33 -74.56 26.28
CA ASN H 130 -45.12 -75.07 27.63
C ASN H 130 -45.27 -76.58 27.70
N LEU H 131 -44.29 -77.22 27.09
CA LEU H 131 -44.26 -78.67 27.02
C LEU H 131 -43.91 -79.26 28.38
N ILE H 132 -44.64 -80.29 28.77
CA ILE H 132 -44.36 -81.06 29.98
C ILE H 132 -44.28 -82.52 29.57
N LEU H 133 -43.10 -83.10 29.73
CA LEU H 133 -42.90 -84.53 29.52
C LEU H 133 -42.97 -85.26 30.85
N THR H 134 -43.65 -86.40 30.84
CA THR H 134 -43.73 -87.27 31.99
C THR H 134 -43.35 -88.68 31.55
N SER H 135 -43.09 -89.53 32.53
CA SER H 135 -42.62 -90.88 32.25
C SER H 135 -43.44 -91.89 33.02
N ASP H 136 -43.86 -92.95 32.34
CA ASP H 136 -44.49 -94.09 32.97
C ASP H 136 -43.47 -95.14 33.40
N GLU H 137 -42.19 -94.84 33.26
CA GLU H 137 -41.15 -95.83 33.53
C GLU H 137 -41.25 -96.38 34.95
N LEU H 138 -41.57 -95.52 35.92
CA LEU H 138 -41.74 -96.00 37.28
C LEU H 138 -43.06 -96.73 37.49
N VAL H 139 -43.99 -96.59 36.54
CA VAL H 139 -45.29 -97.23 36.65
C VAL H 139 -45.17 -98.70 36.31
N SER H 140 -45.85 -99.54 37.06
CA SER H 140 -45.93 -100.97 36.81
C SER H 140 -47.34 -101.43 37.15
N THR H 141 -47.68 -102.64 36.69
CA THR H 141 -49.01 -103.16 36.96
C THR H 141 -49.27 -103.33 38.46
N GLY H 142 -48.21 -103.52 39.24
CA GLY H 142 -48.37 -103.54 40.69
C GLY H 142 -48.76 -102.18 41.25
N GLY H 143 -48.39 -101.11 40.56
CA GLY H 143 -48.81 -99.78 40.96
C GLY H 143 -47.92 -99.18 42.04
N THR H 144 -48.55 -98.37 42.89
CA THR H 144 -47.94 -97.69 44.03
C THR H 144 -47.00 -96.58 43.61
N LEU H 145 -46.64 -96.53 42.33
CA LEU H 145 -45.86 -95.44 41.76
C LEU H 145 -46.51 -95.00 40.46
N GLY H 146 -46.82 -93.71 40.36
CA GLY H 146 -47.44 -93.16 39.18
C GLY H 146 -46.42 -92.47 38.29
N THR H 147 -46.93 -91.95 37.18
CA THR H 147 -46.05 -91.24 36.26
C THR H 147 -45.58 -89.94 36.89
N THR H 148 -44.42 -89.47 36.43
CA THR H 148 -43.92 -88.21 36.91
C THR H 148 -43.03 -87.61 35.84
N THR H 149 -42.82 -86.31 35.92
CA THR H 149 -42.01 -85.61 34.95
C THR H 149 -40.62 -86.23 34.85
N THR H 150 -40.06 -86.17 33.65
CA THR H 150 -38.77 -86.80 33.40
C THR H 150 -37.71 -86.26 34.36
N PHE H 151 -36.80 -87.15 34.76
CA PHE H 151 -35.78 -86.80 35.75
C PHE H 151 -34.93 -85.63 35.29
N ASN H 152 -34.63 -85.55 34.01
CA ASN H 152 -33.94 -84.41 33.44
C ASN H 152 -34.66 -83.98 32.17
N THR H 153 -34.30 -82.81 31.68
CA THR H 153 -34.99 -82.17 30.57
C THR H 153 -34.45 -82.58 29.21
N SER H 154 -33.50 -83.52 29.18
CA SER H 154 -32.98 -84.00 27.90
C SER H 154 -34.02 -84.61 26.97
N PRO H 155 -35.06 -85.32 27.43
CA PRO H 155 -36.03 -85.86 26.47
C PRO H 155 -36.78 -84.75 25.76
N TYR H 156 -37.39 -85.12 24.63
CA TYR H 156 -38.04 -84.15 23.78
C TYR H 156 -39.17 -84.81 23.01
N MET H 157 -40.08 -83.98 22.52
CA MET H 157 -41.13 -84.40 21.61
C MET H 157 -40.84 -83.82 20.25
N ILE H 158 -40.93 -84.65 19.22
CA ILE H 158 -40.52 -84.26 17.87
C ILE H 158 -41.74 -83.69 17.17
N HIS H 159 -41.64 -82.45 16.72
CA HIS H 159 -42.67 -81.86 15.87
C HIS H 159 -42.20 -81.94 14.43
N SER H 160 -42.89 -82.71 13.62
CA SER H 160 -42.48 -82.99 12.25
C SER H 160 -43.41 -82.27 11.29
N ILE H 161 -42.83 -81.59 10.31
CA ILE H 161 -43.57 -80.99 9.21
C ILE H 161 -43.15 -81.71 7.95
N ASP H 162 -44.08 -82.34 7.27
CA ASP H 162 -43.70 -83.11 6.09
C ASP H 162 -43.83 -82.19 4.90
N ASP H 163 -42.69 -81.73 4.39
CA ASP H 163 -42.65 -80.84 3.24
C ASP H 163 -42.70 -81.61 1.93
N GLN H 164 -41.99 -82.72 1.88
CA GLN H 164 -41.87 -83.52 0.67
C GLN H 164 -43.05 -84.45 0.50
N GLN H 165 -43.99 -84.42 1.45
CA GLN H 165 -45.18 -85.27 1.42
C GLN H 165 -44.79 -86.74 1.36
N CYS H 166 -43.97 -87.16 2.32
CA CYS H 166 -43.74 -88.58 2.51
C CYS H 166 -45.07 -89.30 2.70
N LEU H 167 -45.96 -88.71 3.47
CA LEU H 167 -47.30 -89.25 3.71
C LEU H 167 -48.30 -88.35 3.01
N SER H 168 -48.90 -88.87 1.95
CA SER H 168 -49.94 -88.14 1.23
C SER H 168 -51.25 -88.20 1.98
N LYS H 169 -51.62 -89.38 2.44
CA LYS H 169 -52.90 -89.65 3.06
C LYS H 169 -52.64 -90.51 4.29
N VAL H 170 -53.23 -90.12 5.40
CA VAL H 170 -52.90 -90.69 6.71
C VAL H 170 -54.13 -91.35 7.28
N TYR H 171 -53.98 -92.57 7.77
CA TYR H 171 -55.06 -93.36 8.32
C TYR H 171 -54.84 -93.61 9.80
N PRO H 172 -55.90 -93.81 10.56
CA PRO H 172 -55.73 -94.20 11.96
C PRO H 172 -55.13 -95.59 12.09
N LYS H 173 -54.61 -95.88 13.28
CA LYS H 173 -54.08 -97.21 13.54
C LYS H 173 -55.19 -98.25 13.47
N THR H 174 -54.78 -99.50 13.25
CA THR H 174 -55.72 -100.58 13.00
C THR H 174 -56.81 -100.64 14.06
N ASP H 175 -56.41 -100.61 15.34
CA ASP H 175 -57.40 -100.74 16.40
C ASP H 175 -58.14 -99.43 16.66
N THR H 176 -57.44 -98.31 16.60
CA THR H 176 -58.03 -97.04 17.02
C THR H 176 -58.90 -96.45 15.91
N VAL H 177 -59.50 -95.30 16.21
CA VAL H 177 -60.29 -94.55 15.25
C VAL H 177 -60.21 -93.09 15.66
N TRP H 178 -60.46 -92.20 14.70
CA TRP H 178 -60.32 -90.77 14.93
C TRP H 178 -61.69 -90.15 15.07
N PRO H 179 -62.14 -89.78 16.27
CA PRO H 179 -63.39 -89.03 16.39
C PRO H 179 -63.18 -87.59 15.99
N VAL H 180 -64.23 -86.99 15.41
CA VAL H 180 -64.11 -85.57 15.15
C VAL H 180 -64.36 -84.79 16.42
N SER H 181 -65.14 -85.35 17.35
CA SER H 181 -65.39 -84.71 18.63
C SER H 181 -64.12 -84.61 19.47
N SER H 182 -63.12 -85.41 19.16
CA SER H 182 -61.85 -85.44 19.88
C SER H 182 -60.78 -84.58 19.22
N MET H 183 -61.14 -83.82 18.18
CA MET H 183 -60.15 -83.29 17.24
C MET H 183 -59.07 -82.45 17.95
N ARG H 184 -59.48 -81.51 18.80
CA ARG H 184 -58.51 -80.52 19.25
C ARG H 184 -57.57 -81.03 20.34
N GLU H 185 -57.96 -82.02 21.14
CA GLU H 185 -56.94 -82.68 21.95
C GLU H 185 -56.38 -83.76 21.07
N LEU H 186 -55.06 -83.82 20.95
CA LEU H 186 -54.52 -84.50 19.80
C LEU H 186 -54.34 -85.94 20.22
N ASP H 187 -55.32 -86.77 19.86
CA ASP H 187 -55.26 -88.21 20.02
C ASP H 187 -55.03 -88.96 18.73
N TYR H 188 -54.95 -88.29 17.59
CA TYR H 188 -55.00 -89.04 16.34
C TYR H 188 -53.64 -89.67 16.11
N VAL H 189 -53.61 -91.00 16.10
CA VAL H 189 -52.37 -91.75 16.04
C VAL H 189 -52.33 -92.49 14.72
N ALA H 190 -51.32 -92.18 13.92
CA ALA H 190 -51.03 -92.92 12.71
C ALA H 190 -49.81 -93.78 12.95
N SER H 191 -49.79 -94.94 12.32
CA SER H 191 -48.62 -95.80 12.34
C SER H 191 -48.07 -95.81 10.92
N THR H 192 -46.93 -95.17 10.72
CA THR H 192 -46.31 -95.10 9.40
C THR H 192 -45.46 -96.34 9.22
N VAL H 193 -45.78 -97.14 8.21
CA VAL H 193 -45.19 -98.47 8.04
C VAL H 193 -44.93 -98.69 6.56
N SER H 194 -43.72 -99.14 6.23
CA SER H 194 -43.40 -99.60 4.89
C SER H 194 -43.91 -101.02 4.75
N GLY H 195 -43.52 -101.74 3.71
CA GLY H 195 -44.10 -103.05 3.56
C GLY H 195 -43.80 -103.98 4.72
N ASP H 196 -42.53 -104.27 4.99
CA ASP H 196 -42.13 -104.93 6.22
C ASP H 196 -41.58 -103.98 7.27
N ASN H 197 -41.45 -102.69 6.97
CA ASN H 197 -40.64 -101.79 7.77
C ASN H 197 -41.52 -100.82 8.53
N ALA H 198 -41.29 -100.72 9.83
CA ALA H 198 -41.92 -99.68 10.62
C ALA H 198 -41.10 -98.40 10.48
N ILE H 199 -41.75 -97.34 10.00
CA ILE H 199 -41.07 -96.08 9.76
C ILE H 199 -41.02 -95.29 11.07
N ILE H 200 -39.84 -94.83 11.45
CA ILE H 200 -39.72 -93.83 12.49
C ILE H 200 -40.06 -92.49 11.86
N PRO H 201 -41.13 -91.81 12.30
CA PRO H 201 -41.62 -90.64 11.54
C PRO H 201 -40.60 -89.54 11.39
N SER H 202 -39.82 -89.27 12.44
CA SER H 202 -38.84 -88.19 12.37
C SER H 202 -37.81 -88.40 11.28
N THR H 203 -37.59 -89.63 10.84
CA THR H 203 -36.51 -89.89 9.90
C THR H 203 -36.89 -89.53 8.47
N ILE H 204 -38.14 -89.76 8.09
CA ILE H 204 -38.56 -89.45 6.72
C ILE H 204 -38.90 -87.97 6.56
N PHE H 205 -39.50 -87.35 7.56
CA PHE H 205 -40.04 -86.01 7.40
C PHE H 205 -38.92 -84.98 7.29
N ASN H 206 -39.28 -83.84 6.71
CA ASN H 206 -38.27 -82.85 6.34
C ASN H 206 -37.87 -82.00 7.54
N LYS H 207 -38.77 -81.10 7.96
CA LYS H 207 -38.52 -80.30 9.15
C LYS H 207 -38.96 -81.09 10.37
N ASN H 208 -38.01 -81.36 11.25
CA ASN H 208 -38.26 -82.05 12.52
C ASN H 208 -37.67 -81.19 13.62
N ARG H 209 -38.54 -80.65 14.46
CA ARG H 209 -38.13 -79.84 15.59
C ARG H 209 -38.12 -80.72 16.83
N TYR H 210 -36.99 -80.81 17.50
CA TYR H 210 -36.93 -81.53 18.76
C TYR H 210 -37.17 -80.53 19.86
N TRP H 211 -38.34 -80.63 20.49
CA TRP H 211 -38.85 -79.57 21.34
C TRP H 211 -38.89 -80.09 22.76
N LYS H 212 -38.11 -79.45 23.62
CA LYS H 212 -37.86 -79.93 24.97
C LYS H 212 -38.66 -79.11 25.98
N GLN H 213 -38.48 -79.46 27.24
CA GLN H 213 -39.10 -78.73 28.33
C GLN H 213 -38.34 -77.44 28.54
N GLY H 214 -39.04 -76.32 28.46
CA GLY H 214 -38.44 -75.02 28.58
C GLY H 214 -38.20 -74.30 27.28
N ASP H 215 -38.28 -75.02 26.16
CA ASP H 215 -38.14 -74.37 24.86
C ASP H 215 -39.28 -73.41 24.62
N ASP H 216 -39.02 -72.45 23.75
CA ASP H 216 -40.04 -71.46 23.40
C ASP H 216 -41.19 -72.14 22.67
N ALA H 217 -42.34 -71.48 22.68
CA ALA H 217 -43.51 -72.03 22.03
C ALA H 217 -43.27 -72.19 20.54
N LEU H 218 -43.93 -73.19 19.96
CA LEU H 218 -43.82 -73.48 18.54
C LEU H 218 -45.01 -72.88 17.82
N HIS H 219 -44.75 -71.92 16.95
CA HIS H 219 -45.79 -71.18 16.25
C HIS H 219 -45.85 -71.62 14.81
N PHE H 220 -47.04 -71.99 14.34
CA PHE H 220 -47.22 -72.43 12.97
C PHE H 220 -48.38 -71.69 12.37
N SER H 221 -48.22 -71.19 11.15
CA SER H 221 -49.21 -70.36 10.52
C SER H 221 -49.31 -70.72 9.05
N HIS H 222 -50.47 -70.45 8.48
CA HIS H 222 -50.67 -70.59 7.05
C HIS H 222 -51.50 -69.43 6.56
N ASP H 223 -51.02 -68.73 5.54
CA ASP H 223 -51.74 -67.62 4.95
C ASP H 223 -52.54 -68.12 3.76
N LEU H 224 -53.80 -67.77 3.70
CA LEU H 224 -54.65 -68.06 2.55
C LEU H 224 -54.90 -66.78 1.78
N ASP H 225 -54.59 -66.79 0.50
CA ASP H 225 -55.02 -65.73 -0.41
C ASP H 225 -55.99 -66.36 -1.40
N LEU H 226 -57.28 -66.06 -1.24
CA LEU H 226 -58.33 -66.56 -2.09
C LEU H 226 -58.83 -65.42 -2.95
N GLY H 227 -59.16 -65.73 -4.20
CA GLY H 227 -59.80 -64.70 -4.96
C GLY H 227 -61.28 -64.64 -4.79
N PHE H 228 -61.84 -65.47 -3.93
CA PHE H 228 -63.27 -65.61 -3.82
C PHE H 228 -63.65 -65.74 -2.36
N TRP H 229 -64.93 -65.98 -2.12
CA TRP H 229 -65.52 -65.95 -0.79
C TRP H 229 -66.39 -67.19 -0.64
N PHE H 230 -66.80 -67.46 0.59
CA PHE H 230 -67.65 -68.61 0.87
C PHE H 230 -68.98 -68.14 1.44
N GLY H 231 -70.06 -68.74 0.97
CA GLY H 231 -71.36 -68.37 1.46
C GLY H 231 -72.00 -69.36 2.40
N SER H 232 -71.40 -70.54 2.55
CA SER H 232 -71.97 -71.60 3.37
C SER H 232 -71.01 -71.94 4.50
N ASP H 233 -71.42 -72.89 5.33
CA ASP H 233 -70.54 -73.35 6.39
C ASP H 233 -69.49 -74.30 5.84
N TYR H 234 -68.35 -74.37 6.52
CA TYR H 234 -67.30 -75.27 6.07
C TYR H 234 -67.74 -76.72 6.17
N GLY H 235 -68.33 -77.11 7.29
CA GLY H 235 -68.93 -78.43 7.35
C GLY H 235 -67.94 -79.55 7.18
N ASN H 236 -66.94 -79.61 8.06
CA ASN H 236 -65.83 -80.55 8.01
C ASN H 236 -65.16 -80.58 6.63
N ALA H 237 -64.80 -79.40 6.17
CA ALA H 237 -63.97 -79.22 4.99
C ALA H 237 -62.56 -78.87 5.43
N TYR H 238 -61.58 -79.33 4.65
CA TYR H 238 -60.23 -78.83 4.83
C TYR H 238 -60.23 -77.33 4.58
N VAL H 239 -59.49 -76.60 5.41
CA VAL H 239 -59.30 -75.18 5.12
C VAL H 239 -58.68 -75.04 3.74
N PRO H 240 -59.18 -74.14 2.89
CA PRO H 240 -58.97 -74.26 1.45
C PRO H 240 -57.52 -74.41 1.03
N GLN H 241 -57.29 -75.37 0.14
CA GLN H 241 -55.97 -75.72 -0.34
C GLN H 241 -56.09 -76.10 -1.80
N ASN H 242 -55.04 -75.87 -2.56
CA ASN H 242 -54.94 -76.32 -3.94
C ASN H 242 -53.83 -77.36 -3.99
N ASN H 243 -54.19 -78.62 -4.23
CA ASN H 243 -53.19 -79.67 -4.14
C ASN H 243 -53.50 -80.80 -5.09
N ASP H 244 -52.62 -81.78 -5.09
CA ASP H 244 -52.91 -83.06 -5.72
C ASP H 244 -54.10 -83.74 -5.07
N SER H 245 -54.25 -83.57 -3.76
CA SER H 245 -55.36 -84.20 -3.05
C SER H 245 -56.65 -83.39 -3.12
N MET H 246 -56.57 -82.06 -3.19
CA MET H 246 -57.77 -81.28 -2.99
C MET H 246 -57.65 -79.91 -3.63
N ASN H 247 -58.80 -79.29 -3.87
CA ASN H 247 -58.89 -77.94 -4.42
C ASN H 247 -59.74 -77.06 -3.52
N ALA H 248 -59.50 -75.75 -3.63
CA ALA H 248 -60.04 -74.80 -2.66
C ALA H 248 -61.50 -74.49 -2.89
N VAL H 249 -61.96 -74.55 -4.14
CA VAL H 249 -63.30 -74.14 -4.51
C VAL H 249 -64.16 -75.39 -4.69
N GLY H 250 -65.36 -75.37 -4.14
CA GLY H 250 -66.14 -76.59 -4.02
C GLY H 250 -67.28 -76.82 -4.98
N THR H 251 -67.68 -75.79 -5.72
CA THR H 251 -68.81 -75.92 -6.61
C THR H 251 -68.34 -76.44 -7.97
N ILE H 252 -69.09 -77.39 -8.52
CA ILE H 252 -68.85 -77.83 -9.88
C ILE H 252 -69.20 -76.69 -10.82
N PRO H 253 -68.25 -76.20 -11.61
CA PRO H 253 -68.59 -75.17 -12.60
C PRO H 253 -69.52 -75.71 -13.67
N THR H 254 -70.35 -74.83 -14.21
CA THR H 254 -71.43 -75.21 -15.10
C THR H 254 -71.36 -74.42 -16.40
N SER H 255 -72.11 -74.90 -17.38
CA SER H 255 -71.82 -74.63 -18.79
C SER H 255 -72.07 -73.18 -19.20
N LYS H 256 -71.31 -72.75 -20.21
CA LYS H 256 -71.61 -71.56 -21.00
C LYS H 256 -71.55 -70.27 -20.17
N HIS H 257 -70.60 -70.21 -19.25
CA HIS H 257 -70.29 -68.98 -18.54
C HIS H 257 -68.99 -69.17 -17.77
N ILE H 258 -68.61 -68.15 -17.04
CA ILE H 258 -67.31 -68.09 -16.37
C ILE H 258 -67.51 -68.49 -14.91
N ASN H 259 -66.54 -69.24 -14.37
CA ASN H 259 -66.64 -69.78 -13.03
C ASN H 259 -65.30 -69.59 -12.34
N VAL H 260 -65.34 -69.40 -11.03
CA VAL H 260 -64.10 -69.28 -10.27
C VAL H 260 -63.49 -70.66 -10.12
N ARG H 261 -62.21 -70.77 -10.46
CA ARG H 261 -61.50 -72.04 -10.55
C ARG H 261 -60.25 -71.95 -9.70
N GLY H 262 -59.96 -72.99 -8.94
CA GLY H 262 -58.73 -73.02 -8.18
C GLY H 262 -57.51 -73.06 -9.07
N VAL H 263 -56.42 -72.49 -8.58
CA VAL H 263 -55.19 -72.41 -9.35
C VAL H 263 -54.03 -72.28 -8.36
N ASN H 264 -52.84 -72.67 -8.79
CA ASN H 264 -51.53 -72.31 -8.22
C ASN H 264 -50.96 -73.14 -7.07
N ASN H 265 -51.62 -74.16 -6.52
CA ASN H 265 -50.97 -74.98 -5.50
C ASN H 265 -50.52 -74.18 -4.28
N ARG H 266 -51.51 -73.78 -3.48
CA ARG H 266 -51.25 -73.42 -2.10
C ARG H 266 -51.79 -74.54 -1.23
N GLY H 267 -50.95 -75.05 -0.33
CA GLY H 267 -51.37 -76.15 0.51
C GLY H 267 -50.64 -76.12 1.84
N MET H 268 -51.03 -77.00 2.74
CA MET H 268 -50.41 -77.06 4.06
C MET H 268 -49.62 -78.35 4.28
N ALA H 269 -48.48 -78.23 4.94
CA ALA H 269 -47.63 -79.37 5.22
C ALA H 269 -48.22 -80.21 6.35
N GLY H 270 -48.14 -81.53 6.22
CA GLY H 270 -48.68 -82.43 7.21
C GLY H 270 -47.90 -82.43 8.51
N HIS H 271 -48.33 -81.61 9.46
CA HIS H 271 -47.68 -81.53 10.76
C HIS H 271 -47.91 -82.82 11.53
N TYR H 272 -46.96 -83.19 12.38
CA TYR H 272 -47.08 -84.42 13.14
C TYR H 272 -46.30 -84.29 14.44
N LEU H 273 -46.66 -85.13 15.40
CA LEU H 273 -45.97 -85.20 16.68
C LEU H 273 -45.56 -86.64 16.96
N SER H 274 -44.34 -86.80 17.45
CA SER H 274 -43.82 -88.14 17.73
C SER H 274 -42.74 -88.02 18.79
N PHE H 275 -42.40 -89.16 19.36
CA PHE H 275 -41.33 -89.17 20.33
C PHE H 275 -40.15 -89.98 19.81
N PRO H 276 -38.94 -89.61 20.19
CA PRO H 276 -37.77 -90.35 19.73
C PRO H 276 -37.78 -91.75 20.32
N PRO H 277 -37.38 -92.75 19.53
CA PRO H 277 -37.25 -94.10 20.11
C PRO H 277 -36.16 -94.12 21.16
N ILE H 278 -36.51 -94.63 22.33
CA ILE H 278 -35.55 -94.80 23.42
C ILE H 278 -35.77 -96.20 23.94
N ARG H 279 -34.76 -97.05 23.80
CA ARG H 279 -34.91 -98.41 24.28
C ARG H 279 -34.75 -98.49 25.78
N THR H 280 -35.47 -99.42 26.39
CA THR H 280 -35.43 -99.67 27.81
C THR H 280 -35.05 -101.12 28.05
N ASN H 281 -35.03 -101.51 29.32
CA ASN H 281 -34.93 -102.92 29.66
C ASN H 281 -36.03 -103.73 28.98
N ASP H 282 -37.21 -103.15 28.86
CA ASP H 282 -38.32 -103.78 28.15
C ASP H 282 -38.96 -102.76 27.20
N GLY H 283 -38.90 -103.07 25.90
CA GLY H 283 -39.59 -102.22 24.93
C GLY H 283 -38.99 -100.84 24.82
N GLN H 284 -39.87 -99.84 24.76
CA GLN H 284 -39.49 -98.47 24.47
C GLN H 284 -39.75 -97.60 25.68
N PHE H 285 -39.00 -96.52 25.77
CA PHE H 285 -39.17 -95.58 26.88
C PHE H 285 -40.55 -94.96 26.76
N LYS H 286 -41.22 -94.81 27.89
CA LYS H 286 -42.59 -94.29 27.85
C LYS H 286 -42.51 -92.79 28.07
N LEU H 287 -42.76 -92.04 27.00
CA LEU H 287 -42.81 -90.59 27.06
C LEU H 287 -44.24 -90.13 26.89
N ASN H 288 -44.65 -89.24 27.77
CA ASN H 288 -45.96 -88.64 27.74
C ASN H 288 -45.72 -87.15 27.66
N ALA H 289 -46.58 -86.44 26.95
CA ALA H 289 -46.37 -85.01 26.75
C ALA H 289 -47.62 -84.26 27.11
N GLN H 290 -47.44 -83.08 27.71
CA GLN H 290 -48.47 -82.08 27.79
C GLN H 290 -47.98 -80.81 27.12
N PHE H 291 -48.90 -80.10 26.46
CA PHE H 291 -48.63 -78.75 26.01
C PHE H 291 -49.96 -78.06 25.81
N THR H 292 -49.92 -76.74 25.73
CA THR H 292 -51.11 -75.98 25.45
C THR H 292 -51.23 -75.76 23.95
N LEU H 293 -52.43 -75.92 23.44
CA LEU H 293 -52.71 -75.70 22.02
C LEU H 293 -53.50 -74.41 21.90
N GLU H 294 -52.89 -73.39 21.32
CA GLU H 294 -53.58 -72.15 21.00
C GLU H 294 -53.72 -72.09 19.49
N THR H 295 -54.95 -72.18 19.00
CA THR H 295 -55.22 -72.06 17.58
C THR H 295 -55.89 -70.72 17.31
N GLU H 296 -55.60 -70.16 16.15
CA GLU H 296 -56.26 -68.93 15.71
C GLU H 296 -56.56 -69.04 14.23
N ILE H 297 -57.79 -68.71 13.86
CA ILE H 297 -58.19 -68.60 12.48
C ILE H 297 -58.78 -67.22 12.27
N GLU H 298 -58.31 -66.52 11.26
CA GLU H 298 -58.70 -65.14 11.03
C GLU H 298 -59.61 -65.09 9.83
N PHE H 299 -60.89 -64.79 10.04
CA PHE H 299 -61.84 -64.68 8.95
C PHE H 299 -61.97 -63.25 8.48
N GLU H 300 -62.12 -63.09 7.17
CA GLU H 300 -62.69 -61.89 6.59
C GLU H 300 -64.14 -62.17 6.25
N PHE H 301 -65.01 -61.19 6.45
CA PHE H 301 -66.39 -61.36 6.05
C PHE H 301 -66.88 -60.06 5.42
N ARG H 302 -68.03 -60.15 4.78
CA ARG H 302 -68.54 -59.09 3.93
C ARG H 302 -70.05 -59.08 4.03
N LEU H 303 -70.64 -57.89 3.97
CA LEU H 303 -72.03 -57.74 4.34
C LEU H 303 -72.92 -57.63 3.10
N TRP H 304 -74.20 -57.46 3.35
CA TRP H 304 -75.26 -57.53 2.35
C TRP H 304 -75.32 -56.26 1.50
N GLU H 305 -75.97 -56.41 0.35
CA GLU H 305 -76.10 -55.31 -0.60
C GLU H 305 -76.92 -54.17 -0.01
N GLN H 306 -76.48 -52.94 -0.25
CA GLN H 306 -77.22 -51.78 0.19
C GLN H 306 -78.44 -51.56 -0.68
N GLY H 307 -79.40 -50.84 -0.15
CA GLY H 307 -80.58 -50.48 -0.90
C GLY H 307 -81.69 -51.47 -0.71
N VAL H 308 -82.73 -51.31 -1.54
CA VAL H 308 -83.86 -52.22 -1.52
C VAL H 308 -83.41 -53.63 -1.87
N GLN H 309 -82.29 -53.76 -2.59
CA GLN H 309 -81.78 -55.08 -2.91
C GLN H 309 -81.49 -55.90 -1.66
N GLY H 310 -81.11 -55.24 -0.57
CA GLY H 310 -80.79 -55.91 0.67
C GLY H 310 -81.94 -56.10 1.63
N ILE H 311 -83.16 -55.77 1.23
CA ILE H 311 -84.33 -56.00 2.07
C ILE H 311 -84.62 -57.50 2.12
N ASN H 312 -84.89 -58.01 3.33
CA ASN H 312 -85.09 -59.44 3.50
C ASN H 312 -86.14 -60.00 2.56
N SER H 313 -87.28 -59.32 2.44
CA SER H 313 -88.38 -59.88 1.67
C SER H 313 -88.03 -59.96 0.19
N VAL H 314 -87.39 -58.93 -0.35
CA VAL H 314 -87.09 -58.90 -1.77
C VAL H 314 -85.67 -59.36 -2.08
N HIS H 315 -84.86 -59.69 -1.07
CA HIS H 315 -83.51 -60.13 -1.36
C HIS H 315 -83.46 -61.54 -1.93
N THR H 316 -84.50 -62.34 -1.69
CA THR H 316 -84.50 -63.69 -2.23
C THR H 316 -84.41 -63.66 -3.75
N ASN H 317 -85.33 -62.94 -4.39
CA ASN H 317 -85.37 -62.86 -5.84
C ASN H 317 -84.61 -61.68 -6.44
N LEU H 318 -84.14 -60.73 -5.62
CA LEU H 318 -83.18 -59.73 -6.09
C LEU H 318 -81.73 -60.07 -5.76
N ASN H 319 -81.48 -61.22 -5.17
CA ASN H 319 -80.11 -61.64 -4.93
C ASN H 319 -79.36 -61.67 -6.26
N PRO H 320 -78.14 -61.11 -6.33
CA PRO H 320 -77.40 -61.13 -7.59
C PRO H 320 -77.11 -62.56 -8.03
N ALA H 321 -77.32 -62.83 -9.31
CA ALA H 321 -76.93 -64.12 -9.83
C ALA H 321 -75.43 -64.24 -10.02
N ASN H 322 -74.70 -63.14 -9.90
CA ASN H 322 -73.24 -63.18 -9.99
C ASN H 322 -72.59 -63.39 -8.63
N ASP H 323 -73.38 -63.62 -7.59
CA ASP H 323 -72.79 -64.18 -6.37
C ASP H 323 -71.98 -65.41 -6.70
N SER H 324 -72.54 -66.31 -7.51
CA SER H 324 -71.84 -67.52 -7.90
C SER H 324 -70.49 -67.21 -8.52
N LEU H 325 -70.31 -65.99 -8.98
CA LEU H 325 -69.03 -65.61 -9.58
C LEU H 325 -67.97 -65.46 -8.49
N TRP H 326 -68.23 -64.65 -7.47
CA TRP H 326 -67.31 -64.48 -6.35
C TRP H 326 -67.69 -65.26 -5.08
N ILE H 327 -68.82 -65.93 -5.00
CA ILE H 327 -69.13 -66.66 -3.76
C ILE H 327 -69.20 -68.17 -4.00
N GLN H 328 -68.32 -68.93 -3.35
CA GLN H 328 -67.97 -70.22 -3.90
C GLN H 328 -68.06 -71.49 -3.07
N SER H 329 -68.57 -71.41 -1.85
CA SER H 329 -68.66 -72.57 -0.91
C SER H 329 -67.30 -73.14 -0.47
N TYR H 330 -67.26 -74.42 -0.08
CA TYR H 330 -66.02 -75.03 0.40
C TYR H 330 -65.53 -76.14 -0.52
N GLY H 331 -64.22 -76.25 -0.71
CA GLY H 331 -63.75 -77.13 -1.75
C GLY H 331 -63.79 -78.61 -1.50
N SER H 332 -63.13 -79.05 -0.44
CA SER H 332 -62.89 -80.47 -0.26
C SER H 332 -63.04 -80.82 1.21
N LEU H 333 -63.70 -81.94 1.45
CA LEU H 333 -64.10 -82.33 2.77
C LEU H 333 -63.14 -83.39 3.30
N VAL H 334 -62.91 -83.36 4.62
CA VAL H 334 -62.29 -84.52 5.23
C VAL H 334 -63.28 -85.67 5.09
N SER H 335 -62.76 -86.89 5.13
CA SER H 335 -63.59 -88.06 4.90
C SER H 335 -64.12 -88.51 6.25
N ILE H 336 -65.42 -88.37 6.45
CA ILE H 336 -66.08 -88.60 7.73
C ILE H 336 -67.16 -89.63 7.50
N THR H 337 -67.02 -90.79 8.12
CA THR H 337 -68.13 -91.70 8.28
C THR H 337 -68.54 -91.65 9.75
N GLU H 338 -69.84 -91.64 9.99
CA GLU H 338 -70.40 -91.40 11.31
C GLU H 338 -69.78 -90.09 11.82
N SER H 339 -69.27 -90.04 13.05
CA SER H 339 -68.56 -88.89 13.56
C SER H 339 -67.05 -89.01 13.40
N LYS H 340 -66.58 -90.07 12.76
CA LYS H 340 -65.19 -90.49 12.84
C LYS H 340 -64.45 -90.20 11.56
N ILE H 341 -63.26 -89.64 11.67
CA ILE H 341 -62.45 -89.30 10.50
C ILE H 341 -61.88 -90.59 9.90
N ASN H 342 -62.07 -90.77 8.60
CA ASN H 342 -61.53 -91.95 7.93
C ASN H 342 -60.05 -91.79 7.63
N ASN H 343 -59.65 -90.63 7.16
CA ASN H 343 -58.28 -90.36 6.78
C ASN H 343 -58.08 -88.85 6.79
N ILE H 344 -56.82 -88.44 6.81
CA ILE H 344 -56.47 -87.04 6.67
C ILE H 344 -55.48 -86.91 5.52
N GLN H 345 -55.77 -86.01 4.59
CA GLN H 345 -54.92 -85.69 3.48
C GLN H 345 -54.20 -84.39 3.78
N PHE H 346 -52.93 -84.28 3.38
CA PHE H 346 -52.19 -83.07 3.67
C PHE H 346 -51.87 -82.24 2.43
N GLY H 347 -51.08 -82.76 1.51
CA GLY H 347 -50.77 -82.02 0.31
C GLY H 347 -50.30 -80.58 0.42
N PRO H 348 -49.04 -80.39 0.80
CA PRO H 348 -48.37 -79.11 1.01
C PRO H 348 -48.05 -78.39 -0.27
N THR H 349 -47.64 -77.13 -0.19
CA THR H 349 -47.25 -76.44 -1.39
C THR H 349 -45.88 -77.03 -1.55
N CYS H 350 -45.72 -77.96 -2.49
CA CYS H 350 -44.44 -78.61 -2.60
C CYS H 350 -43.43 -77.72 -3.25
N PRO H 351 -42.19 -77.78 -2.75
CA PRO H 351 -41.11 -76.92 -3.21
C PRO H 351 -40.62 -77.22 -4.61
N ARG H 352 -40.93 -78.39 -5.15
CA ARG H 352 -40.46 -78.73 -6.48
C ARG H 352 -41.43 -78.33 -7.58
N VAL H 353 -42.63 -77.86 -7.24
CA VAL H 353 -43.44 -77.15 -8.22
C VAL H 353 -42.74 -75.84 -8.59
N ASP H 354 -42.86 -75.46 -9.86
CA ASP H 354 -42.26 -74.22 -10.32
C ASP H 354 -42.72 -73.06 -9.45
N ALA H 355 -41.77 -72.23 -9.03
CA ALA H 355 -42.10 -71.10 -8.17
C ALA H 355 -43.11 -70.17 -8.82
N ARG H 356 -43.22 -70.20 -10.15
CA ARG H 356 -44.21 -69.36 -10.81
C ARG H 356 -45.61 -69.88 -10.60
N ASN H 357 -45.75 -71.17 -10.34
CA ASN H 357 -47.05 -71.73 -10.00
C ASN H 357 -47.43 -71.49 -8.55
N LYS H 358 -46.45 -71.37 -7.66
CA LYS H 358 -46.71 -71.42 -6.23
C LYS H 358 -47.15 -70.07 -5.66
N GLY H 359 -47.35 -69.06 -6.50
CA GLY H 359 -47.57 -67.71 -6.03
C GLY H 359 -48.92 -67.48 -5.36
N GLY H 360 -49.27 -66.21 -5.21
CA GLY H 360 -50.28 -65.81 -4.25
C GLY H 360 -51.71 -66.25 -4.40
N LYS H 361 -52.33 -65.96 -5.54
CA LYS H 361 -53.78 -66.01 -5.66
C LYS H 361 -54.25 -67.44 -5.90
N MET H 362 -55.16 -67.92 -5.06
CA MET H 362 -55.59 -69.31 -5.12
C MET H 362 -56.75 -69.58 -6.06
N SER H 363 -57.25 -68.58 -6.76
CA SER H 363 -58.35 -68.86 -7.67
C SER H 363 -58.24 -67.95 -8.88
N MET H 364 -58.88 -68.38 -9.95
CA MET H 364 -58.95 -67.59 -11.17
C MET H 364 -60.38 -67.70 -11.66
N LEU H 365 -60.82 -66.69 -12.39
CA LEU H 365 -62.18 -66.63 -12.88
C LEU H 365 -62.12 -67.06 -14.34
N PHE H 366 -62.46 -68.31 -14.57
CA PHE H 366 -62.30 -68.97 -15.85
C PHE H 366 -63.57 -69.65 -16.32
N ASP H 367 -63.86 -69.53 -17.61
CA ASP H 367 -65.07 -70.08 -18.20
C ASP H 367 -65.12 -71.58 -18.35
N HIS H 368 -66.33 -72.10 -18.46
CA HIS H 368 -66.55 -73.51 -18.67
C HIS H 368 -67.48 -73.69 -19.87
N HIS H 369 -67.12 -74.59 -20.77
CA HIS H 369 -67.94 -74.84 -21.94
C HIS H 369 -68.73 -76.13 -21.82
N GLU I 36 -51.74 -1.47 58.88
CA GLU I 36 -50.55 -1.94 59.56
C GLU I 36 -50.95 -2.81 60.74
N GLY I 37 -50.06 -3.71 61.15
CA GLY I 37 -50.35 -4.61 62.25
C GLY I 37 -51.07 -5.86 61.78
N ASP I 38 -51.45 -6.68 62.75
CA ASP I 38 -52.15 -7.92 62.46
C ASP I 38 -53.65 -7.72 62.33
N GLY I 39 -54.14 -6.49 62.47
CA GLY I 39 -55.54 -6.18 62.35
C GLY I 39 -56.22 -5.86 63.66
N SER I 40 -55.55 -6.18 64.77
CA SER I 40 -56.10 -5.98 66.11
C SER I 40 -56.41 -4.56 66.47
N ALA I 41 -56.00 -3.61 65.64
CA ALA I 41 -56.22 -2.19 65.88
C ALA I 41 -57.66 -1.76 65.67
N PRO I 42 -58.04 -0.60 66.16
CA PRO I 42 -59.42 -0.20 65.94
C PRO I 42 -59.84 -0.05 64.49
N GLY I 43 -59.01 0.46 63.58
CA GLY I 43 -59.44 0.63 62.20
C GLY I 43 -58.69 -0.19 61.15
N GLY I 44 -59.28 -0.40 59.98
CA GLY I 44 -58.64 -1.18 58.93
C GLY I 44 -59.17 -2.58 58.77
N SER I 45 -58.30 -3.57 58.68
CA SER I 45 -58.68 -4.96 58.50
C SER I 45 -59.06 -5.68 59.80
N VAL I 46 -59.90 -6.69 59.70
CA VAL I 46 -60.41 -7.48 60.83
C VAL I 46 -59.42 -8.51 61.30
N TRP I 47 -59.15 -8.52 62.59
CA TRP I 47 -58.27 -9.54 63.14
C TRP I 47 -59.13 -10.77 63.10
N GLN I 48 -58.63 -11.85 62.53
CA GLN I 48 -59.43 -13.05 62.45
C GLN I 48 -58.63 -14.24 62.96
N THR I 49 -59.37 -15.21 63.51
CA THR I 49 -58.81 -16.36 64.18
C THR I 49 -58.18 -17.35 63.20
N THR I 50 -57.34 -18.22 63.74
CA THR I 50 -56.62 -19.19 62.92
C THR I 50 -57.57 -20.16 62.24
N ASP I 51 -57.09 -20.74 61.14
CA ASP I 51 -57.86 -21.63 60.30
C ASP I 51 -57.92 -23.03 60.90
N TYR I 52 -59.14 -23.54 61.09
CA TYR I 52 -59.31 -24.91 61.54
C TYR I 52 -59.47 -25.91 60.42
N ILE I 53 -59.59 -25.49 59.16
CA ILE I 53 -59.76 -26.45 58.08
C ILE I 53 -58.46 -27.18 57.81
N ALA I 54 -57.36 -26.44 57.71
CA ALA I 54 -56.11 -26.99 57.19
C ALA I 54 -55.73 -28.30 57.86
N LEU I 55 -55.91 -28.39 59.18
CA LEU I 55 -55.58 -29.63 59.87
C LEU I 55 -56.66 -30.69 59.77
N SER I 56 -57.89 -30.33 59.47
CA SER I 56 -58.91 -31.34 59.28
C SER I 56 -58.84 -31.98 57.90
N MET I 57 -58.24 -31.30 56.92
CA MET I 57 -58.13 -31.83 55.58
C MET I 57 -56.86 -32.60 55.32
N VAL I 58 -55.89 -32.58 56.23
CA VAL I 58 -54.62 -33.25 55.96
C VAL I 58 -54.87 -34.75 55.89
N VAL I 59 -54.41 -35.36 54.82
CA VAL I 59 -54.60 -36.78 54.57
C VAL I 59 -53.34 -37.52 54.99
N TYR I 60 -53.49 -38.44 55.92
CA TYR I 60 -52.40 -39.27 56.37
C TYR I 60 -52.53 -40.63 55.71
N ARG I 61 -51.39 -41.25 55.42
CA ARG I 61 -51.36 -42.38 54.52
C ARG I 61 -50.57 -43.51 55.18
N THR I 62 -51.23 -44.64 55.41
CA THR I 62 -50.59 -45.79 56.02
C THR I 62 -50.79 -47.04 55.17
N ALA I 63 -50.35 -48.19 55.66
CA ALA I 63 -50.53 -49.44 54.94
C ALA I 63 -50.50 -50.59 55.92
N ILE I 64 -51.02 -51.72 55.47
CA ILE I 64 -50.99 -52.97 56.24
C ILE I 64 -50.38 -54.04 55.34
N LYS I 65 -49.23 -54.56 55.74
CA LYS I 65 -48.53 -55.57 54.96
C LYS I 65 -48.49 -56.85 55.77
N LEU I 66 -48.78 -57.98 55.11
CA LEU I 66 -48.84 -59.27 55.77
C LEU I 66 -48.27 -60.33 54.85
N ARG I 67 -47.53 -61.27 55.41
CA ARG I 67 -47.01 -62.41 54.65
C ARG I 67 -47.63 -63.70 55.13
N ASN I 68 -47.66 -64.66 54.23
CA ASN I 68 -48.34 -65.92 54.44
C ASN I 68 -47.66 -66.95 53.56
N PHE I 69 -47.73 -68.21 53.97
CA PHE I 69 -47.35 -69.32 53.10
C PHE I 69 -48.61 -70.04 52.68
N VAL I 70 -48.75 -70.27 51.38
CA VAL I 70 -49.92 -70.92 50.82
C VAL I 70 -49.51 -72.30 50.35
N ASN I 71 -50.29 -73.30 50.74
CA ASN I 71 -50.10 -74.68 50.31
C ASN I 71 -51.37 -75.12 49.59
N ILE I 72 -51.26 -75.38 48.30
CA ILE I 72 -52.39 -75.80 47.48
C ILE I 72 -52.19 -77.26 47.15
N ARG I 73 -53.03 -78.13 47.68
CA ARG I 73 -52.89 -79.56 47.47
C ARG I 73 -54.18 -80.15 46.94
N GLY I 74 -54.05 -81.26 46.21
CA GLY I 74 -55.19 -82.03 45.77
C GLY I 74 -56.15 -81.25 44.90
N LEU I 75 -55.63 -80.39 44.04
CA LEU I 75 -56.45 -79.54 43.20
C LEU I 75 -56.45 -80.14 41.81
N THR I 76 -57.59 -80.69 41.38
CA THR I 76 -57.67 -81.31 40.08
C THR I 76 -57.78 -80.23 38.99
N PRO I 77 -57.53 -80.57 37.73
CA PRO I 77 -57.52 -79.53 36.69
C PRO I 77 -58.85 -78.85 36.46
N THR I 78 -59.96 -79.48 36.82
CA THR I 78 -61.25 -78.82 36.67
C THR I 78 -61.47 -77.79 37.77
N GLU I 79 -61.18 -78.15 39.01
CA GLU I 79 -61.34 -77.26 40.13
C GLU I 79 -60.20 -76.24 40.17
N MET I 80 -60.45 -75.13 40.86
CA MET I 80 -59.64 -73.94 40.75
C MET I 80 -59.67 -73.16 42.05
N ILE I 81 -58.54 -72.57 42.42
CA ILE I 81 -58.44 -71.77 43.63
C ILE I 81 -58.89 -70.36 43.34
N VAL I 82 -59.81 -69.86 44.14
CA VAL I 82 -60.32 -68.50 44.03
C VAL I 82 -59.49 -67.61 44.93
N ILE I 83 -58.87 -66.59 44.36
CA ILE I 83 -58.06 -65.68 45.16
C ILE I 83 -59.05 -64.68 45.76
N PRO I 84 -59.30 -64.69 47.04
CA PRO I 84 -60.23 -63.72 47.61
C PRO I 84 -59.62 -62.34 47.69
N TRP I 85 -59.11 -61.85 46.58
CA TRP I 85 -58.26 -60.68 46.63
C TRP I 85 -59.05 -59.41 46.48
N ASN I 86 -60.35 -59.52 46.18
CA ASN I 86 -61.23 -58.37 46.10
C ASN I 86 -62.03 -58.13 47.37
N VAL I 87 -61.84 -58.95 48.40
CA VAL I 87 -62.51 -58.73 49.68
C VAL I 87 -61.55 -57.99 50.59
N MET I 88 -62.09 -57.00 51.30
CA MET I 88 -61.27 -56.11 52.10
C MET I 88 -60.56 -56.87 53.22
N ARG I 89 -61.25 -57.84 53.80
CA ARG I 89 -60.73 -58.60 54.93
C ARG I 89 -59.51 -59.43 54.56
N PHE I 90 -59.27 -59.65 53.28
CA PHE I 90 -58.12 -60.43 52.84
C PHE I 90 -56.82 -59.73 53.20
N TYR I 91 -56.74 -58.42 52.98
CA TYR I 91 -55.50 -57.71 53.12
C TYR I 91 -55.21 -57.30 54.56
N CYS I 92 -56.21 -56.78 55.26
CA CYS I 92 -56.01 -56.17 56.56
C CYS I 92 -56.35 -57.07 57.74
N GLU I 93 -56.81 -58.29 57.49
CA GLU I 93 -57.02 -59.25 58.55
C GLU I 93 -56.33 -60.54 58.17
N TYR I 94 -55.66 -61.16 59.12
CA TYR I 94 -54.73 -62.24 58.81
C TYR I 94 -55.45 -63.53 59.14
N ASN I 95 -55.89 -64.26 58.14
CA ASN I 95 -56.61 -65.49 58.39
C ASN I 95 -55.73 -66.60 57.87
N THR I 96 -55.07 -67.30 58.78
CA THR I 96 -54.24 -68.44 58.44
C THR I 96 -54.33 -69.43 59.58
N GLY I 97 -54.58 -70.69 59.26
CA GLY I 97 -54.47 -71.72 60.28
C GLY I 97 -55.29 -71.42 61.53
N THR I 98 -54.61 -71.40 62.67
CA THR I 98 -55.27 -71.17 63.96
C THR I 98 -55.61 -69.71 64.19
N TYR I 99 -54.95 -68.77 63.51
CA TYR I 99 -55.19 -67.35 63.75
C TYR I 99 -56.66 -67.01 63.59
N GLY I 100 -57.24 -67.32 62.43
CA GLY I 100 -58.63 -66.99 62.18
C GLY I 100 -59.59 -67.54 63.20
N LEU I 101 -59.21 -68.62 63.89
CA LEU I 101 -60.03 -69.14 64.96
C LEU I 101 -59.94 -68.27 66.20
N SER I 102 -58.77 -67.73 66.49
CA SER I 102 -58.59 -66.81 67.59
C SER I 102 -59.22 -65.46 67.27
N GLY I 103 -59.50 -64.68 68.31
CA GLY I 103 -60.26 -63.46 68.15
C GLY I 103 -59.42 -62.25 67.80
N ASN I 104 -60.05 -61.32 67.08
CA ASN I 104 -59.50 -60.01 66.74
C ASN I 104 -58.11 -60.15 66.12
N VAL I 105 -58.10 -60.69 64.90
CA VAL I 105 -56.86 -60.88 64.17
C VAL I 105 -56.59 -59.71 63.23
N HIS I 106 -57.40 -58.67 63.27
CA HIS I 106 -57.13 -57.47 62.49
C HIS I 106 -55.77 -56.89 62.85
N HIS I 107 -55.11 -56.31 61.86
CA HIS I 107 -53.86 -55.63 62.10
C HIS I 107 -54.11 -54.36 62.91
N LYS I 108 -53.17 -54.01 63.77
CA LYS I 108 -53.41 -52.92 64.69
C LYS I 108 -53.43 -51.55 64.02
N ASN I 109 -52.81 -51.41 62.85
CA ASN I 109 -53.00 -50.18 62.09
C ASN I 109 -54.43 -50.02 61.67
N TYR I 110 -55.15 -51.12 61.45
CA TYR I 110 -56.54 -50.98 61.07
C TYR I 110 -57.42 -50.66 62.26
N SER I 111 -57.10 -51.21 63.43
CA SER I 111 -57.90 -50.93 64.61
C SER I 111 -57.93 -49.46 64.93
N MET I 112 -56.84 -48.73 64.66
CA MET I 112 -56.83 -47.31 64.88
C MET I 112 -57.44 -46.52 63.73
N LEU I 113 -57.50 -47.08 62.52
CA LEU I 113 -58.23 -46.40 61.47
C LEU I 113 -59.67 -46.17 61.85
N LEU I 114 -60.18 -46.92 62.81
CA LEU I 114 -61.48 -46.66 63.41
C LEU I 114 -61.42 -45.59 64.49
N ALA I 115 -60.22 -45.23 64.96
CA ALA I 115 -60.08 -44.14 65.90
C ALA I 115 -60.12 -42.79 65.20
N CYS I 116 -59.47 -42.67 64.04
CA CYS I 116 -59.60 -41.47 63.23
C CYS I 116 -60.98 -41.43 62.58
N LYS I 117 -61.39 -40.24 62.16
CA LYS I 117 -62.79 -40.11 61.77
C LYS I 117 -63.06 -40.65 60.38
N ALA I 118 -62.07 -40.69 59.51
CA ALA I 118 -62.25 -41.15 58.14
C ALA I 118 -61.04 -41.94 57.72
N HIS I 119 -61.28 -43.03 56.99
CA HIS I 119 -60.20 -43.75 56.35
C HIS I 119 -60.67 -44.19 54.97
N ARG I 120 -59.72 -44.36 54.07
CA ARG I 120 -60.05 -44.79 52.74
C ARG I 120 -59.01 -45.80 52.26
N PRO I 121 -59.46 -46.86 51.58
CA PRO I 121 -58.55 -47.98 51.29
C PRO I 121 -57.53 -47.73 50.20
N THR I 122 -57.75 -46.82 49.25
CA THR I 122 -56.83 -46.55 48.15
C THR I 122 -56.27 -47.82 47.51
N LYS I 123 -54.95 -47.89 47.31
CA LYS I 123 -54.40 -49.01 46.56
C LYS I 123 -54.44 -50.29 47.38
N VAL I 124 -54.53 -51.42 46.67
CA VAL I 124 -54.55 -52.74 47.28
C VAL I 124 -53.87 -53.71 46.33
N GLY I 125 -53.15 -54.69 46.88
CA GLY I 125 -52.42 -55.59 46.02
C GLY I 125 -51.84 -56.76 46.78
N TYR I 126 -51.26 -57.69 46.04
CA TYR I 126 -50.65 -58.86 46.66
C TYR I 126 -49.58 -59.42 45.74
N THR I 127 -48.73 -60.28 46.31
CA THR I 127 -47.61 -60.87 45.59
C THR I 127 -47.56 -62.37 45.86
N LEU I 128 -47.42 -63.14 44.80
CA LEU I 128 -47.11 -64.57 44.87
C LEU I 128 -45.64 -64.76 44.55
N SER I 129 -44.94 -65.52 45.39
CA SER I 129 -43.49 -65.57 45.26
C SER I 129 -42.97 -66.95 45.63
N ASN I 130 -41.83 -67.30 45.03
CA ASN I 130 -41.07 -68.50 45.35
C ASN I 130 -41.95 -69.74 45.37
N LEU I 131 -42.37 -70.10 44.17
CA LEU I 131 -43.24 -71.24 43.99
C LEU I 131 -42.47 -72.52 44.18
N ILE I 132 -43.08 -73.45 44.90
CA ILE I 132 -42.55 -74.80 45.08
C ILE I 132 -43.65 -75.77 44.70
N LEU I 133 -43.41 -76.53 43.65
CA LEU I 133 -44.30 -77.62 43.25
C LEU I 133 -43.81 -78.93 43.80
N THR I 134 -44.73 -79.74 44.30
CA THR I 134 -44.43 -81.07 44.78
C THR I 134 -45.42 -82.03 44.12
N SER I 135 -45.11 -83.32 44.21
CA SER I 135 -45.90 -84.34 43.54
C SER I 135 -46.25 -85.45 44.50
N ASP I 136 -47.51 -85.85 44.51
CA ASP I 136 -47.96 -87.02 45.24
C ASP I 136 -47.87 -88.28 44.40
N GLU I 137 -47.29 -88.19 43.20
CA GLU I 137 -47.26 -89.33 42.29
C GLU I 137 -46.60 -90.55 42.92
N LEU I 138 -45.54 -90.34 43.68
CA LEU I 138 -44.90 -91.46 44.37
C LEU I 138 -45.69 -91.93 45.57
N VAL I 139 -46.64 -91.14 46.03
CA VAL I 139 -47.45 -91.48 47.20
C VAL I 139 -48.49 -92.51 46.80
N SER I 140 -48.70 -93.50 47.66
CA SER I 140 -49.74 -94.49 47.49
C SER I 140 -50.32 -94.83 48.87
N THR I 141 -51.47 -95.49 48.87
CA THR I 141 -52.10 -95.83 50.14
C THR I 141 -51.23 -96.76 50.98
N GLY I 142 -50.35 -97.54 50.33
CA GLY I 142 -49.38 -98.32 51.08
C GLY I 142 -48.36 -97.47 51.78
N GLY I 143 -48.09 -96.28 51.27
CA GLY I 143 -47.20 -95.35 51.94
C GLY I 143 -45.73 -95.62 51.64
N THR I 144 -44.90 -95.33 52.64
CA THR I 144 -43.45 -95.53 52.63
C THR I 144 -42.75 -94.54 51.70
N LEU I 145 -43.50 -93.85 50.84
CA LEU I 145 -42.97 -92.79 50.01
C LEU I 145 -43.90 -91.59 50.10
N GLY I 146 -43.35 -90.44 50.45
CA GLY I 146 -44.12 -89.22 50.57
C GLY I 146 -43.97 -88.34 49.35
N THR I 147 -44.66 -87.21 49.39
CA THR I 147 -44.58 -86.28 48.29
C THR I 147 -43.19 -85.66 48.24
N THR I 148 -42.80 -85.22 47.05
CA THR I 148 -41.52 -84.55 46.91
C THR I 148 -41.61 -83.62 45.72
N THR I 149 -40.71 -82.65 45.67
CA THR I 149 -40.69 -81.67 44.60
C THR I 149 -40.58 -82.36 43.25
N THR I 150 -41.17 -81.74 42.24
CA THR I 150 -41.21 -82.34 40.91
C THR I 150 -39.81 -82.63 40.41
N PHE I 151 -39.68 -83.73 39.66
CA PHE I 151 -38.37 -84.17 39.20
C PHE I 151 -37.68 -83.11 38.35
N ASN I 152 -38.45 -82.39 37.54
CA ASN I 152 -37.92 -81.26 36.80
C ASN I 152 -38.86 -80.08 36.96
N THR I 153 -38.40 -78.92 36.54
CA THR I 153 -39.11 -77.66 36.76
C THR I 153 -40.10 -77.33 35.66
N SER I 154 -40.30 -78.24 34.70
CA SER I 154 -41.29 -78.01 33.65
C SER I 154 -42.72 -77.79 34.15
N PRO I 155 -43.21 -78.45 35.20
CA PRO I 155 -44.58 -78.19 35.64
C PRO I 155 -44.75 -76.76 36.12
N TYR I 156 -45.99 -76.32 36.17
CA TYR I 156 -46.31 -74.95 36.50
C TYR I 156 -47.68 -74.86 37.15
N MET I 157 -47.91 -73.76 37.83
CA MET I 157 -49.22 -73.42 38.36
C MET I 157 -49.74 -72.23 37.58
N ILE I 158 -51.00 -72.30 37.16
CA ILE I 158 -51.58 -71.31 36.27
C ILE I 158 -52.23 -70.24 37.13
N HIS I 159 -51.80 -69.00 36.97
CA HIS I 159 -52.48 -67.88 37.59
C HIS I 159 -53.37 -67.21 36.56
N SER I 160 -54.67 -67.27 36.78
CA SER I 160 -55.65 -66.79 35.82
C SER I 160 -56.29 -65.53 36.33
N ILE I 161 -56.36 -64.52 35.46
CA ILE I 161 -57.09 -63.29 35.72
C ILE I 161 -58.25 -63.25 34.75
N ASP I 162 -59.47 -63.21 35.25
CA ASP I 162 -60.60 -63.25 34.34
C ASP I 162 -60.99 -61.82 34.04
N ASP I 163 -60.64 -61.36 32.85
CA ASP I 163 -60.94 -59.99 32.42
C ASP I 163 -62.33 -59.89 31.84
N GLN I 164 -62.74 -60.88 31.07
CA GLN I 164 -64.01 -60.88 30.40
C GLN I 164 -65.14 -61.33 31.30
N GLN I 165 -64.82 -61.67 32.55
CA GLN I 165 -65.79 -62.13 33.53
C GLN I 165 -66.53 -63.37 33.01
N CYS I 166 -65.76 -64.38 32.63
CA CYS I 166 -66.36 -65.69 32.37
C CYS I 166 -67.15 -66.15 33.58
N LEU I 167 -66.60 -65.93 34.77
CA LEU I 167 -67.26 -66.28 36.03
C LEU I 167 -67.64 -64.99 36.73
N SER I 168 -68.94 -64.71 36.78
CA SER I 168 -69.43 -63.54 37.49
C SER I 168 -69.44 -63.77 38.99
N LYS I 169 -69.94 -64.93 39.39
CA LYS I 169 -70.14 -65.27 40.79
C LYS I 169 -69.67 -66.70 40.99
N VAL I 170 -68.86 -66.90 42.01
CA VAL I 170 -68.14 -68.15 42.21
C VAL I 170 -68.58 -68.79 43.50
N TYR I 171 -68.87 -70.08 43.45
CA TYR I 171 -69.36 -70.84 44.58
C TYR I 171 -68.36 -71.90 44.98
N PRO I 172 -68.33 -72.32 46.24
CA PRO I 172 -67.49 -73.45 46.63
C PRO I 172 -67.96 -74.74 46.01
N LYS I 173 -67.08 -75.73 46.02
CA LYS I 173 -67.45 -77.05 45.52
C LYS I 173 -68.54 -77.66 46.39
N THR I 174 -69.26 -78.61 45.81
CA THR I 174 -70.42 -79.19 46.46
C THR I 174 -70.11 -79.66 47.88
N ASP I 175 -69.02 -80.40 48.05
CA ASP I 175 -68.72 -80.93 49.38
C ASP I 175 -68.08 -79.89 50.28
N THR I 176 -67.19 -79.06 49.73
CA THR I 176 -66.40 -78.17 50.56
C THR I 176 -67.19 -76.92 50.93
N VAL I 177 -66.55 -76.05 51.71
CA VAL I 177 -67.11 -74.76 52.09
C VAL I 177 -65.94 -73.82 52.32
N TRP I 178 -66.21 -72.52 52.24
CA TRP I 178 -65.18 -71.52 52.34
C TRP I 178 -65.25 -70.85 53.70
N PRO I 179 -64.34 -71.15 54.63
CA PRO I 179 -64.31 -70.40 55.88
C PRO I 179 -63.69 -69.03 55.67
N VAL I 180 -64.17 -68.04 56.42
CA VAL I 180 -63.50 -66.76 56.34
C VAL I 180 -62.22 -66.80 57.18
N SER I 181 -62.19 -67.63 58.21
CA SER I 181 -61.00 -67.79 59.03
C SER I 181 -59.84 -68.39 58.24
N SER I 182 -60.14 -69.04 57.13
CA SER I 182 -59.15 -69.68 56.28
C SER I 182 -58.71 -68.81 55.12
N MET I 183 -59.15 -67.56 55.07
CA MET I 183 -59.12 -66.77 53.84
C MET I 183 -57.72 -66.66 53.24
N ARG I 184 -56.73 -66.30 54.06
CA ARG I 184 -55.45 -65.93 53.46
C ARG I 184 -54.61 -67.11 53.01
N GLU I 185 -54.74 -68.30 53.60
CA GLU I 185 -54.15 -69.46 52.97
C GLU I 185 -55.18 -69.94 51.99
N LEU I 186 -54.78 -70.15 50.74
CA LEU I 186 -55.80 -70.15 49.71
C LEU I 186 -56.26 -71.59 49.58
N ASP I 187 -57.38 -71.89 50.24
CA ASP I 187 -58.06 -73.15 50.12
C ASP I 187 -59.34 -73.08 49.30
N TYR I 188 -59.74 -71.92 48.82
CA TYR I 188 -61.08 -71.82 48.27
C TYR I 188 -61.09 -72.44 46.90
N VAL I 189 -61.85 -73.52 46.73
CA VAL I 189 -61.84 -74.31 45.52
C VAL I 189 -63.20 -74.17 44.87
N ALA I 190 -63.21 -73.66 43.65
CA ALA I 190 -64.38 -73.63 42.82
C ALA I 190 -64.23 -74.68 41.73
N SER I 191 -65.35 -75.27 41.34
CA SER I 191 -65.37 -76.17 40.20
C SER I 191 -66.18 -75.50 39.13
N THR I 192 -65.50 -75.06 38.06
CA THR I 192 -66.17 -74.37 36.96
C THR I 192 -66.68 -75.43 36.00
N VAL I 193 -68.00 -75.47 35.80
CA VAL I 193 -68.65 -76.54 35.07
C VAL I 193 -69.73 -75.94 34.19
N SER I 194 -69.76 -76.33 32.93
CA SER I 194 -70.86 -76.01 32.03
C SER I 194 -71.98 -77.00 32.30
N GLY I 195 -72.99 -77.07 31.44
CA GLY I 195 -74.09 -77.95 31.78
C GLY I 195 -73.67 -79.40 31.92
N ASP I 196 -73.14 -80.00 30.85
CA ASP I 196 -72.49 -81.31 30.95
C ASP I 196 -70.98 -81.22 30.98
N ASN I 197 -70.40 -80.03 30.85
CA ASN I 197 -68.98 -79.88 30.53
C ASN I 197 -68.22 -79.37 31.73
N ALA I 198 -67.14 -80.04 32.08
CA ALA I 198 -66.22 -79.54 33.07
C ALA I 198 -65.27 -78.56 32.40
N ILE I 199 -65.25 -77.32 32.87
CA ILE I 199 -64.43 -76.28 32.28
C ILE I 199 -63.02 -76.38 32.85
N ILE I 200 -62.02 -76.43 31.98
CA ILE I 200 -60.64 -76.21 32.42
C ILE I 200 -60.46 -74.71 32.58
N PRO I 201 -60.17 -74.22 33.79
CA PRO I 201 -60.23 -72.77 34.02
C PRO I 201 -59.31 -71.97 33.15
N SER I 202 -58.09 -72.46 32.90
CA SER I 202 -57.14 -71.72 32.09
C SER I 202 -57.63 -71.47 30.68
N THR I 203 -58.58 -72.26 30.19
CA THR I 203 -58.98 -72.13 28.80
C THR I 203 -59.95 -70.97 28.58
N ILE I 204 -60.84 -70.72 29.53
CA ILE I 204 -61.81 -69.64 29.37
C ILE I 204 -61.21 -68.29 29.74
N PHE I 205 -60.36 -68.24 30.75
CA PHE I 205 -59.92 -66.97 31.30
C PHE I 205 -58.96 -66.27 30.35
N ASN I 206 -58.86 -64.95 30.52
CA ASN I 206 -58.16 -64.12 29.56
C ASN I 206 -56.65 -64.16 29.78
N LYS I 207 -56.19 -63.53 30.85
CA LYS I 207 -54.78 -63.58 31.20
C LYS I 207 -54.52 -64.81 32.03
N ASN I 208 -53.67 -65.70 31.51
CA ASN I 208 -53.26 -66.91 32.19
C ASN I 208 -51.75 -66.93 32.21
N ARG I 209 -51.18 -66.82 33.39
CA ARG I 209 -49.73 -66.87 33.57
C ARG I 209 -49.34 -68.28 33.99
N TYR I 210 -48.47 -68.92 33.24
CA TYR I 210 -47.97 -70.22 33.65
C TYR I 210 -46.69 -69.98 34.42
N TRP I 211 -46.76 -70.19 35.72
CA TRP I 211 -45.73 -69.73 36.64
C TRP I 211 -45.03 -70.94 37.22
N LYS I 212 -43.74 -71.04 36.93
CA LYS I 212 -42.95 -72.22 37.22
C LYS I 212 -42.07 -71.98 38.44
N GLN I 213 -41.30 -73.00 38.78
CA GLN I 213 -40.34 -72.91 39.85
C GLN I 213 -39.13 -72.12 39.38
N GLY I 214 -38.82 -71.03 40.08
CA GLY I 214 -37.75 -70.15 39.71
C GLY I 214 -38.18 -68.88 39.02
N ASP I 215 -39.43 -68.83 38.55
CA ASP I 215 -39.92 -67.60 37.94
C ASP I 215 -40.00 -66.49 38.97
N ASP I 216 -39.97 -65.26 38.47
CA ASP I 216 -40.04 -64.10 39.34
C ASP I 216 -41.41 -64.04 40.00
N ALA I 217 -41.46 -63.31 41.11
CA ALA I 217 -42.70 -63.19 41.85
C ALA I 217 -43.77 -62.53 40.99
N LEU I 218 -45.02 -62.89 41.26
CA LEU I 218 -46.17 -62.37 40.54
C LEU I 218 -46.80 -61.26 41.37
N HIS I 219 -46.77 -60.05 40.86
CA HIS I 219 -47.25 -58.88 41.58
C HIS I 219 -48.57 -58.42 40.98
N PHE I 220 -49.58 -58.25 41.83
CA PHE I 220 -50.88 -57.81 41.37
C PHE I 220 -51.34 -56.67 42.26
N SER I 221 -51.87 -55.62 41.64
CA SER I 221 -52.23 -54.41 42.35
C SER I 221 -53.52 -53.88 41.80
N HIS I 222 -54.24 -53.13 42.64
CA HIS I 222 -55.43 -52.42 42.21
C HIS I 222 -55.43 -51.05 42.87
N ASP I 223 -55.56 -50.01 42.07
CA ASP I 223 -55.63 -48.65 42.58
C ASP I 223 -57.09 -48.25 42.75
N LEU I 224 -57.42 -47.71 43.92
CA LEU I 224 -58.74 -47.16 44.17
C LEU I 224 -58.65 -45.65 44.19
N ASP I 225 -59.46 -44.99 43.37
CA ASP I 225 -59.66 -43.55 43.50
C ASP I 225 -61.11 -43.35 43.90
N LEU I 226 -61.33 -42.97 45.15
CA LEU I 226 -62.64 -42.72 45.70
C LEU I 226 -62.80 -41.23 45.90
N GLY I 227 -63.99 -40.73 45.66
CA GLY I 227 -64.20 -39.34 46.00
C GLY I 227 -64.62 -39.13 47.43
N PHE I 228 -64.69 -40.19 48.22
CA PHE I 228 -65.26 -40.12 49.54
C PHE I 228 -64.43 -40.98 50.48
N TRP I 229 -64.90 -41.08 51.71
CA TRP I 229 -64.16 -41.70 52.80
C TRP I 229 -65.10 -42.64 53.53
N PHE I 230 -64.54 -43.47 54.39
CA PHE I 230 -65.34 -44.42 55.17
C PHE I 230 -65.17 -44.12 56.65
N GLY I 231 -66.28 -44.17 57.38
CA GLY I 231 -66.23 -43.90 58.80
C GLY I 231 -66.36 -45.12 59.68
N SER I 232 -66.70 -46.27 59.09
CA SER I 232 -66.96 -47.48 59.84
C SER I 232 -65.97 -48.56 59.42
N ASP I 233 -66.08 -49.73 60.04
CA ASP I 233 -65.23 -50.84 59.63
C ASP I 233 -65.77 -51.48 58.37
N TYR I 234 -64.87 -52.12 57.62
CA TYR I 234 -65.31 -52.78 56.40
C TYR I 234 -66.25 -53.93 56.71
N GLY I 235 -65.91 -54.78 57.67
CA GLY I 235 -66.85 -55.77 58.12
C GLY I 235 -67.24 -56.76 57.04
N ASN I 236 -66.25 -57.47 56.51
CA ASN I 236 -66.39 -58.41 55.38
C ASN I 236 -67.13 -57.78 54.21
N ALA I 237 -66.65 -56.62 53.81
CA ALA I 237 -67.06 -55.96 52.58
C ALA I 237 -66.00 -56.16 51.51
N TYR I 238 -66.44 -56.28 50.26
CA TYR I 238 -65.49 -56.20 49.16
C TYR I 238 -64.80 -54.85 49.19
N VAL I 239 -63.50 -54.85 48.94
CA VAL I 239 -62.81 -53.57 48.77
C VAL I 239 -63.48 -52.79 47.65
N PRO I 240 -63.77 -51.49 47.84
CA PRO I 240 -64.80 -50.83 47.04
C PRO I 240 -64.62 -50.97 45.53
N GLN I 241 -65.72 -51.30 44.87
CA GLN I 241 -65.74 -51.54 43.44
C GLN I 241 -67.07 -51.01 42.91
N ASN I 242 -67.06 -50.58 41.66
CA ASN I 242 -68.28 -50.19 40.96
C ASN I 242 -68.48 -51.20 39.84
N ASN I 243 -69.52 -52.02 39.94
CA ASN I 243 -69.67 -53.10 38.98
C ASN I 243 -71.13 -53.44 38.77
N ASP I 244 -71.35 -54.39 37.87
CA ASP I 244 -72.65 -55.02 37.75
C ASP I 244 -73.04 -55.73 39.04
N SER I 245 -72.06 -56.30 39.73
CA SER I 245 -72.35 -57.01 40.98
C SER I 245 -72.43 -56.09 42.18
N MET I 246 -71.68 -54.99 42.20
CA MET I 246 -71.56 -54.26 43.45
C MET I 246 -71.18 -52.80 43.20
N ASN I 247 -71.44 -51.97 44.21
CA ASN I 247 -71.10 -50.56 44.17
C ASN I 247 -70.28 -50.20 45.40
N ALA I 248 -69.50 -49.12 45.26
CA ALA I 248 -68.48 -48.79 46.24
C ALA I 248 -69.03 -48.15 47.50
N VAL I 249 -70.14 -47.43 47.39
CA VAL I 249 -70.69 -46.66 48.49
C VAL I 249 -71.88 -47.42 49.06
N GLY I 250 -71.94 -47.51 50.39
CA GLY I 250 -72.86 -48.43 51.03
C GLY I 250 -74.12 -47.87 51.63
N THR I 251 -74.22 -46.57 51.79
CA THR I 251 -75.38 -45.96 52.41
C THR I 251 -76.46 -45.71 51.39
N ILE I 252 -77.69 -46.05 51.74
CA ILE I 252 -78.84 -45.69 50.91
C ILE I 252 -78.99 -44.18 50.95
N PRO I 253 -78.91 -43.50 49.81
CA PRO I 253 -79.14 -42.06 49.80
C PRO I 253 -80.59 -41.74 50.14
N THR I 254 -80.80 -40.57 50.74
CA THR I 254 -82.08 -40.20 51.33
C THR I 254 -82.53 -38.85 50.78
N SER I 255 -83.80 -38.56 51.01
CA SER I 255 -84.54 -37.61 50.19
C SER I 255 -84.10 -36.16 50.38
N LYS I 256 -84.28 -35.37 49.32
CA LYS I 256 -84.28 -33.91 49.37
C LYS I 256 -82.92 -33.35 49.77
N HIS I 257 -81.85 -33.97 49.30
CA HIS I 257 -80.51 -33.42 49.44
C HIS I 257 -79.57 -34.24 48.57
N ILE I 258 -78.29 -33.88 48.62
CA ILE I 258 -77.28 -34.43 47.74
C ILE I 258 -76.54 -35.54 48.48
N ASN I 259 -76.21 -36.61 47.77
CA ASN I 259 -75.59 -37.78 48.35
C ASN I 259 -74.47 -38.25 47.45
N VAL I 260 -73.43 -38.82 48.05
CA VAL I 260 -72.34 -39.35 47.25
C VAL I 260 -72.78 -40.67 46.64
N ARG I 261 -72.59 -40.79 45.34
CA ARG I 261 -73.10 -41.89 44.53
C ARG I 261 -71.95 -42.50 43.76
N GLY I 262 -71.90 -43.83 43.72
CA GLY I 262 -70.90 -44.49 42.93
C GLY I 262 -71.08 -44.24 41.45
N VAL I 263 -69.97 -44.23 40.71
CA VAL I 263 -69.99 -43.95 39.29
C VAL I 263 -68.77 -44.61 38.67
N ASN I 264 -68.83 -44.88 37.37
CA ASN I 264 -67.70 -45.15 36.46
C ASN I 264 -67.13 -46.56 36.34
N ASN I 265 -67.58 -47.57 37.08
CA ASN I 265 -67.08 -48.93 36.84
C ASN I 265 -65.56 -49.03 37.02
N ARG I 266 -65.15 -48.98 38.27
CA ARG I 266 -63.84 -49.50 38.66
C ARG I 266 -64.08 -50.81 39.39
N GLY I 267 -63.40 -51.87 38.98
CA GLY I 267 -63.59 -53.16 39.60
C GLY I 267 -62.34 -53.99 39.49
N MET I 268 -62.35 -55.16 40.14
CA MET I 268 -61.20 -56.05 40.13
C MET I 268 -61.47 -57.34 39.38
N ALA I 269 -60.48 -57.82 38.64
CA ALA I 269 -60.61 -59.06 37.88
C ALA I 269 -60.52 -60.26 38.81
N GLY I 270 -61.34 -61.26 38.56
CA GLY I 270 -61.35 -62.47 39.38
C GLY I 270 -60.12 -63.32 39.21
N HIS I 271 -59.13 -63.11 40.08
CA HIS I 271 -57.90 -63.88 40.03
C HIS I 271 -58.17 -65.32 40.45
N TYR I 272 -57.42 -66.27 39.89
CA TYR I 272 -57.62 -67.66 40.21
C TYR I 272 -56.31 -68.42 40.07
N LEU I 273 -56.25 -69.57 40.70
CA LEU I 273 -55.11 -70.46 40.61
C LEU I 273 -55.57 -71.86 40.23
N SER I 274 -54.84 -72.48 39.31
CA SER I 274 -55.21 -73.80 38.83
C SER I 274 -53.96 -74.48 38.31
N PHE I 275 -54.07 -75.78 38.12
CA PHE I 275 -52.96 -76.52 37.57
C PHE I 275 -53.34 -77.09 36.22
N PRO I 276 -52.38 -77.23 35.30
CA PRO I 276 -52.69 -77.78 33.99
C PRO I 276 -53.08 -79.23 34.11
N PRO I 277 -54.07 -79.67 33.33
CA PRO I 277 -54.38 -81.10 33.32
C PRO I 277 -53.20 -81.90 32.78
N ILE I 278 -52.79 -82.91 33.53
CA ILE I 278 -51.74 -83.83 33.10
C ILE I 278 -52.25 -85.22 33.39
N ARG I 279 -52.46 -86.01 32.34
CA ARG I 279 -52.96 -87.35 32.54
C ARG I 279 -51.85 -88.27 33.02
N THR I 280 -52.24 -89.23 33.84
CA THR I 280 -51.35 -90.24 34.36
C THR I 280 -51.88 -91.62 33.99
N ASN I 281 -51.17 -92.65 34.47
CA ASN I 281 -51.70 -94.01 34.38
C ASN I 281 -53.08 -94.09 35.02
N ASP I 282 -53.31 -93.34 36.10
CA ASP I 282 -54.61 -93.26 36.75
C ASP I 282 -54.96 -91.80 37.01
N GLY I 283 -56.04 -91.33 36.39
CA GLY I 283 -56.51 -89.99 36.69
C GLY I 283 -55.56 -88.91 36.23
N GLN I 284 -55.38 -87.92 37.09
CA GLN I 284 -54.65 -86.70 36.76
C GLN I 284 -53.37 -86.62 37.59
N PHE I 285 -52.38 -85.92 37.04
CA PHE I 285 -51.13 -85.75 37.74
C PHE I 285 -51.39 -84.94 39.01
N LYS I 286 -50.76 -85.33 40.10
CA LYS I 286 -51.01 -84.66 41.36
C LYS I 286 -49.96 -83.58 41.52
N LEU I 287 -50.39 -82.33 41.37
CA LEU I 287 -49.53 -81.17 41.57
C LEU I 287 -49.94 -80.47 42.85
N ASN I 288 -48.96 -80.16 43.66
CA ASN I 288 -49.15 -79.43 44.89
C ASN I 288 -48.25 -78.21 44.78
N ALA I 289 -48.69 -77.09 45.32
CA ALA I 289 -47.93 -75.86 45.19
C ALA I 289 -47.72 -75.23 46.55
N GLN I 290 -46.54 -74.65 46.73
CA GLN I 290 -46.31 -73.69 47.80
C GLN I 290 -45.87 -72.37 47.19
N PHE I 291 -46.28 -71.28 47.81
CA PHE I 291 -45.74 -69.98 47.50
C PHE I 291 -46.00 -69.08 48.69
N THR I 292 -45.28 -67.96 48.74
CA THR I 292 -45.49 -66.98 49.77
C THR I 292 -46.49 -65.94 49.28
N LEU I 293 -47.42 -65.58 50.14
CA LEU I 293 -48.42 -64.57 49.81
C LEU I 293 -48.07 -63.31 50.61
N GLU I 294 -47.66 -62.27 49.91
CA GLU I 294 -47.44 -60.96 50.51
C GLU I 294 -48.55 -60.05 50.01
N THR I 295 -49.43 -59.64 50.91
CA THR I 295 -50.48 -58.70 50.58
C THR I 295 -50.17 -57.35 51.20
N GLU I 296 -50.55 -56.29 50.51
CA GLU I 296 -50.42 -54.94 51.02
C GLU I 296 -51.66 -54.15 50.67
N ILE I 297 -52.22 -53.46 51.66
CA ILE I 297 -53.31 -52.53 51.45
C ILE I 297 -52.90 -51.20 52.03
N GLU I 298 -53.03 -50.14 51.25
CA GLU I 298 -52.55 -48.82 51.63
C GLU I 298 -53.75 -47.94 51.97
N PHE I 299 -53.92 -47.61 53.23
CA PHE I 299 -55.01 -46.75 53.65
C PHE I 299 -54.57 -45.29 53.71
N GLU I 300 -55.47 -44.41 53.32
CA GLU I 300 -55.42 -43.01 53.70
C GLU I 300 -56.39 -42.80 54.84
N PHE I 301 -56.02 -41.96 55.80
CA PHE I 301 -56.94 -41.64 56.87
C PHE I 301 -56.83 -40.15 57.17
N ARG I 302 -57.80 -39.67 57.94
CA ARG I 302 -58.00 -38.24 58.14
C ARG I 302 -58.50 -38.03 59.55
N LEU I 303 -58.09 -36.93 60.16
CA LEU I 303 -58.29 -36.76 61.59
C LEU I 303 -59.46 -35.83 61.89
N TRP I 304 -59.67 -35.61 63.17
CA TRP I 304 -60.84 -34.93 63.71
C TRP I 304 -60.76 -33.42 63.52
N GLU I 305 -61.91 -32.78 63.62
CA GLU I 305 -62.01 -31.33 63.44
C GLU I 305 -61.24 -30.60 64.53
N GLN I 306 -60.53 -29.55 64.15
CA GLN I 306 -59.84 -28.72 65.12
C GLN I 306 -60.83 -27.84 65.87
N GLY I 307 -60.39 -27.40 67.03
CA GLY I 307 -61.19 -26.48 67.82
C GLY I 307 -62.06 -27.19 68.81
N VAL I 308 -62.96 -26.41 69.42
CA VAL I 308 -63.91 -26.97 70.36
C VAL I 308 -64.81 -27.98 69.67
N GLN I 309 -64.96 -27.89 68.36
CA GLN I 309 -65.76 -28.88 67.63
C GLN I 309 -65.22 -30.28 67.82
N GLY I 310 -63.91 -30.42 68.00
CA GLY I 310 -63.27 -31.71 68.15
C GLY I 310 -63.14 -32.20 69.57
N ILE I 311 -63.72 -31.50 70.55
CA ILE I 311 -63.70 -31.96 71.92
C ILE I 311 -64.64 -33.15 72.07
N ASN I 312 -64.18 -34.19 72.77
CA ASN I 312 -64.96 -35.42 72.89
C ASN I 312 -66.37 -35.16 73.40
N SER I 313 -66.50 -34.35 74.44
CA SER I 313 -67.81 -34.17 75.07
C SER I 313 -68.79 -33.48 74.13
N VAL I 314 -68.33 -32.45 73.42
CA VAL I 314 -69.21 -31.68 72.55
C VAL I 314 -69.14 -32.14 71.10
N HIS I 315 -68.30 -33.11 70.76
CA HIS I 315 -68.23 -33.54 69.37
C HIS I 315 -69.43 -34.37 68.96
N THR I 316 -70.13 -34.98 69.92
CA THR I 316 -71.30 -35.77 69.57
C THR I 316 -72.34 -34.91 68.87
N ASN I 317 -72.73 -33.81 69.50
CA ASN I 317 -73.75 -32.93 68.95
C ASN I 317 -73.19 -31.78 68.11
N LEU I 318 -71.89 -31.53 68.11
CA LEU I 318 -71.27 -30.63 67.15
C LEU I 318 -70.66 -31.34 65.94
N ASN I 319 -70.79 -32.65 65.85
CA ASN I 319 -70.34 -33.35 64.67
C ASN I 319 -71.01 -32.77 63.44
N PRO I 320 -70.27 -32.50 62.36
CA PRO I 320 -70.90 -31.94 61.16
C PRO I 320 -71.92 -32.89 60.58
N ALA I 321 -73.08 -32.36 60.21
CA ALA I 321 -74.05 -33.19 59.52
C ALA I 321 -73.65 -33.44 58.08
N ASN I 322 -72.66 -32.74 57.56
CA ASN I 322 -72.17 -32.98 56.21
C ASN I 322 -71.07 -34.01 56.16
N ASP I 323 -70.76 -34.66 57.29
CA ASP I 323 -69.97 -35.88 57.21
C ASP I 323 -70.60 -36.84 56.23
N SER I 324 -71.92 -37.02 56.31
CA SER I 324 -72.63 -37.91 55.40
C SER I 324 -72.37 -37.55 53.96
N LEU I 325 -71.93 -36.32 53.71
CA LEU I 325 -71.64 -35.92 52.35
C LEU I 325 -70.36 -36.58 51.85
N TRP I 326 -69.25 -36.44 52.59
CA TRP I 326 -68.00 -37.10 52.24
C TRP I 326 -67.68 -38.37 53.03
N ILE I 327 -68.46 -38.76 54.04
CA ILE I 327 -68.11 -40.00 54.77
C ILE I 327 -69.17 -41.07 54.59
N GLN I 328 -68.81 -42.20 54.00
CA GLN I 328 -69.82 -43.00 53.33
C GLN I 328 -69.98 -44.48 53.64
N SER I 329 -69.26 -45.01 54.61
CA SER I 329 -69.30 -46.46 54.98
C SER I 329 -68.78 -47.41 53.87
N TYR I 330 -69.22 -48.66 53.88
CA TYR I 330 -68.74 -49.65 52.90
C TYR I 330 -69.85 -50.12 51.98
N GLY I 331 -69.53 -50.33 50.70
CA GLY I 331 -70.61 -50.53 49.76
C GLY I 331 -71.30 -51.88 49.77
N SER I 332 -70.54 -52.94 49.57
CA SER I 332 -71.13 -54.23 49.28
C SER I 332 -70.34 -55.30 50.01
N LEU I 333 -71.07 -56.24 50.60
CA LEU I 333 -70.50 -57.23 51.48
C LEU I 333 -70.36 -58.55 50.74
N VAL I 334 -69.30 -59.30 51.07
CA VAL I 334 -69.30 -60.69 50.67
C VAL I 334 -70.44 -61.38 51.39
N SER I 335 -70.91 -62.47 50.82
CA SER I 335 -72.07 -63.15 51.37
C SER I 335 -71.58 -64.18 52.37
N ILE I 336 -71.86 -63.94 53.65
CA ILE I 336 -71.34 -64.73 54.75
C ILE I 336 -72.51 -65.26 55.53
N THR I 337 -72.69 -66.57 55.55
CA THR I 337 -73.53 -67.21 56.55
C THR I 337 -72.61 -67.91 57.53
N GLU I 338 -72.94 -67.81 58.81
CA GLU I 338 -72.06 -68.26 59.88
C GLU I 338 -70.71 -67.59 59.66
N SER I 339 -69.60 -68.31 59.71
CA SER I 339 -68.28 -67.78 59.39
C SER I 339 -67.88 -68.07 57.95
N LYS I 340 -68.78 -68.64 57.16
CA LYS I 340 -68.40 -69.28 55.90
C LYS I 340 -68.88 -68.45 54.72
N ILE I 341 -68.00 -68.27 53.74
CA ILE I 341 -68.34 -67.48 52.56
C ILE I 341 -69.28 -68.29 51.68
N ASN I 342 -70.39 -67.68 51.29
CA ASN I 342 -71.35 -68.36 50.40
C ASN I 342 -70.89 -68.32 48.96
N ASN I 343 -70.40 -67.17 48.51
CA ASN I 343 -69.99 -66.98 47.13
C ASN I 343 -69.03 -65.81 47.10
N ILE I 344 -68.29 -65.71 46.00
CA ILE I 344 -67.45 -64.54 45.76
C ILE I 344 -67.81 -63.97 44.40
N GLN I 345 -68.07 -62.67 44.37
CA GLN I 345 -68.35 -61.94 43.15
C GLN I 345 -67.10 -61.18 42.75
N PHE I 346 -66.84 -61.09 41.45
CA PHE I 346 -65.63 -60.40 41.01
C PHE I 346 -65.92 -59.09 40.28
N GLY I 347 -66.57 -59.13 39.13
CA GLY I 347 -66.89 -57.91 38.42
C GLY I 347 -65.79 -56.89 38.19
N PRO I 348 -64.92 -57.16 37.22
CA PRO I 348 -63.77 -56.36 36.82
C PRO I 348 -64.15 -55.11 36.06
N THR I 349 -63.20 -54.22 35.83
CA THR I 349 -63.51 -53.04 35.05
C THR I 349 -63.44 -53.68 33.69
N CYS I 350 -64.58 -53.93 33.07
CA CYS I 350 -64.53 -54.62 31.81
C CYS I 350 -64.09 -53.71 30.71
N PRO I 351 -63.29 -54.26 29.78
CA PRO I 351 -62.70 -53.48 28.69
C PRO I 351 -63.69 -53.03 27.66
N ARG I 352 -64.87 -53.64 27.59
CA ARG I 352 -65.84 -53.24 26.58
C ARG I 352 -66.78 -52.13 27.04
N VAL I 353 -66.74 -51.73 28.30
CA VAL I 353 -67.34 -50.47 28.69
C VAL I 353 -66.58 -49.33 28.04
N ASP I 354 -67.31 -48.29 27.64
CA ASP I 354 -66.69 -47.13 27.03
C ASP I 354 -65.58 -46.59 27.91
N ALA I 355 -64.42 -46.32 27.31
CA ALA I 355 -63.30 -45.82 28.07
C ALA I 355 -63.61 -44.52 28.80
N ARG I 356 -64.63 -43.79 28.35
CA ARG I 356 -65.00 -42.56 29.03
C ARG I 356 -65.70 -42.87 30.35
N ASN I 357 -66.32 -44.04 30.46
CA ASN I 357 -66.90 -44.46 31.73
C ASN I 357 -65.86 -45.00 32.70
N LYS I 358 -64.79 -45.58 32.20
CA LYS I 358 -63.88 -46.36 33.03
C LYS I 358 -62.87 -45.51 33.78
N GLY I 359 -62.97 -44.20 33.70
CA GLY I 359 -61.93 -43.33 34.23
C GLY I 359 -61.84 -43.27 35.74
N GLY I 360 -61.14 -42.27 36.26
CA GLY I 360 -60.60 -42.30 37.59
C GLY I 360 -61.53 -42.32 38.79
N LYS I 361 -62.42 -41.34 38.89
CA LYS I 361 -63.11 -41.07 40.15
C LYS I 361 -64.29 -42.01 40.34
N MET I 362 -64.32 -42.71 41.46
CA MET I 362 -65.34 -43.74 41.70
C MET I 362 -66.61 -43.22 42.35
N SER I 363 -66.73 -41.93 42.60
CA SER I 363 -67.98 -41.46 43.18
C SER I 363 -68.28 -40.07 42.66
N MET I 364 -69.54 -39.71 42.76
CA MET I 364 -70.00 -38.39 42.39
C MET I 364 -70.96 -37.94 43.47
N LEU I 365 -71.08 -36.65 43.64
CA LEU I 365 -71.93 -36.08 44.68
C LEU I 365 -73.19 -35.62 43.98
N PHE I 366 -74.21 -36.45 44.08
CA PHE I 366 -75.45 -36.30 43.34
C PHE I 366 -76.68 -36.37 44.22
N ASP I 367 -77.64 -35.50 43.95
CA ASP I 367 -78.86 -35.42 44.76
C ASP I 367 -79.86 -36.54 44.60
N HIS I 368 -80.70 -36.68 45.61
CA HIS I 368 -81.76 -37.69 45.57
C HIS I 368 -83.07 -37.00 45.90
N HIS I 369 -84.10 -37.29 45.11
CA HIS I 369 -85.41 -36.68 45.35
C HIS I 369 -86.39 -37.67 46.00
N GLU J 36 21.23 -25.05 71.19
CA GLU J 36 21.92 -26.00 70.35
C GLU J 36 22.11 -27.31 71.13
N GLY J 37 22.23 -28.42 70.41
CA GLY J 37 22.38 -29.71 71.04
C GLY J 37 21.05 -30.34 71.39
N ASP J 38 21.12 -31.48 72.05
CA ASP J 38 19.92 -32.20 72.45
C ASP J 38 19.36 -31.71 73.76
N GLY J 39 19.97 -30.70 74.38
CA GLY J 39 19.52 -30.15 75.64
C GLY J 39 20.38 -30.50 76.81
N SER J 40 21.26 -31.49 76.65
CA SER J 40 22.11 -31.98 77.72
C SER J 40 23.08 -30.97 78.29
N ALA J 41 23.19 -29.81 77.65
CA ALA J 41 24.10 -28.75 78.09
C ALA J 41 23.62 -28.03 79.33
N PRO J 42 24.51 -27.29 80.00
CA PRO J 42 24.04 -26.61 81.20
C PRO J 42 22.91 -25.60 80.98
N GLY J 43 22.88 -24.84 79.89
CA GLY J 43 21.82 -23.86 79.72
C GLY J 43 20.90 -24.07 78.53
N GLY J 44 19.69 -23.48 78.57
CA GLY J 44 18.75 -23.63 77.47
C GLY J 44 17.60 -24.59 77.76
N SER J 45 17.32 -25.49 76.83
CA SER J 45 16.24 -26.46 76.99
C SER J 45 16.61 -27.70 77.80
N VAL J 46 15.63 -28.33 78.42
CA VAL J 46 15.77 -29.50 79.28
C VAL J 46 15.91 -30.78 78.49
N TRP J 47 16.94 -31.55 78.78
CA TRP J 47 17.08 -32.83 78.12
C TRP J 47 16.01 -33.66 78.76
N GLN J 48 15.18 -34.31 77.97
CA GLN J 48 14.11 -35.11 78.55
C GLN J 48 14.10 -36.49 77.94
N THR J 49 13.64 -37.45 78.73
CA THR J 49 13.69 -38.85 78.40
C THR J 49 12.67 -39.21 77.34
N THR J 50 12.87 -40.37 76.72
CA THR J 50 12.01 -40.83 75.64
C THR J 50 10.58 -41.07 76.12
N ASP J 51 9.66 -41.02 75.17
CA ASP J 51 8.24 -41.13 75.44
C ASP J 51 7.84 -42.58 75.62
N TYR J 52 7.22 -42.90 76.75
CA TYR J 52 6.68 -44.24 76.97
C TYR J 52 5.22 -44.40 76.55
N ILE J 53 4.52 -43.34 76.18
CA ILE J 53 3.12 -43.48 75.79
C ILE J 53 3.01 -44.15 74.43
N ALA J 54 3.80 -43.68 73.45
CA ALA J 54 3.59 -44.05 72.07
C ALA J 54 3.47 -45.56 71.89
N LEU J 55 4.28 -46.33 72.59
CA LEU J 55 4.21 -47.78 72.46
C LEU J 55 3.10 -48.40 73.29
N SER J 56 2.61 -47.71 74.32
CA SER J 56 1.49 -48.27 75.06
C SER J 56 0.16 -48.02 74.36
N MET J 57 0.09 -47.03 73.48
CA MET J 57 -1.14 -46.74 72.77
C MET J 57 -1.27 -47.44 71.44
N VAL J 58 -0.23 -48.10 70.95
CA VAL J 58 -0.32 -48.71 69.63
C VAL J 58 -1.33 -49.85 69.68
N VAL J 59 -2.27 -49.82 68.75
CA VAL J 59 -3.35 -50.79 68.70
C VAL J 59 -2.97 -51.85 67.66
N TYR J 60 -2.90 -53.10 68.10
CA TYR J 60 -2.62 -54.21 67.22
C TYR J 60 -3.93 -54.93 66.94
N ARG J 61 -4.05 -55.45 65.73
CA ARG J 61 -5.35 -55.90 65.22
C ARG J 61 -5.22 -57.30 64.68
N THR J 62 -5.96 -58.24 65.27
CA THR J 62 -5.94 -59.62 64.83
C THR J 62 -7.34 -60.12 64.55
N ALA J 63 -7.48 -61.41 64.25
CA ALA J 63 -8.79 -61.99 64.00
C ALA J 63 -8.74 -63.47 64.27
N ILE J 64 -9.92 -64.06 64.46
CA ILE J 64 -10.08 -65.50 64.62
C ILE J 64 -11.10 -65.97 63.60
N LYS J 65 -10.67 -66.81 62.67
CA LYS J 65 -11.53 -67.33 61.62
C LYS J 65 -11.68 -68.83 61.81
N LEU J 66 -12.90 -69.32 61.69
CA LEU J 66 -13.20 -70.73 61.90
C LEU J 66 -14.26 -71.16 60.89
N ARG J 67 -14.12 -72.38 60.37
CA ARG J 67 -15.10 -72.97 59.49
C ARG J 67 -15.75 -74.18 60.13
N ASN J 68 -16.96 -74.45 59.69
CA ASN J 68 -17.79 -75.47 60.27
C ASN J 68 -18.76 -75.93 59.20
N PHE J 69 -19.23 -77.16 59.31
CA PHE J 69 -20.34 -77.64 58.51
C PHE J 69 -21.55 -77.78 59.41
N VAL J 70 -22.66 -77.22 58.96
CA VAL J 70 -23.90 -77.23 59.73
C VAL J 70 -24.87 -78.16 59.03
N ASN J 71 -25.47 -79.06 59.81
CA ASN J 71 -26.50 -79.96 59.32
C ASN J 71 -27.76 -79.71 60.14
N ILE J 72 -28.81 -79.21 59.48
CA ILE J 72 -30.07 -78.90 60.13
C ILE J 72 -31.08 -79.94 59.66
N ARG J 73 -31.53 -80.79 60.57
CA ARG J 73 -32.44 -81.86 60.22
C ARG J 73 -33.67 -81.83 61.12
N GLY J 74 -34.78 -82.34 60.58
CA GLY J 74 -35.98 -82.52 61.37
C GLY J 74 -36.54 -81.24 61.94
N LEU J 75 -36.45 -80.15 61.20
CA LEU J 75 -36.89 -78.84 61.66
C LEU J 75 -38.24 -78.56 61.03
N THR J 76 -39.29 -78.56 61.83
CA THR J 76 -40.63 -78.32 61.31
C THR J 76 -40.82 -76.82 61.05
N PRO J 77 -41.83 -76.44 60.27
CA PRO J 77 -41.98 -75.03 59.92
C PRO J 77 -42.27 -74.11 61.08
N THR J 78 -42.80 -74.63 62.19
CA THR J 78 -43.03 -73.79 63.36
C THR J 78 -41.73 -73.53 64.10
N GLU J 79 -40.95 -74.56 64.32
CA GLU J 79 -39.68 -74.43 65.02
C GLU J 79 -38.62 -73.82 64.10
N MET J 80 -37.58 -73.27 64.72
CA MET J 80 -36.66 -72.37 64.05
C MET J 80 -35.29 -72.47 64.68
N ILE J 81 -34.24 -72.39 63.87
CA ILE J 81 -32.87 -72.43 64.37
C ILE J 81 -32.44 -71.04 64.78
N VAL J 82 -31.94 -70.93 65.99
CA VAL J 82 -31.44 -69.67 66.53
C VAL J 82 -29.95 -69.60 66.23
N ILE J 83 -29.53 -68.55 65.53
CA ILE J 83 -28.11 -68.40 65.22
C ILE J 83 -27.49 -67.76 66.45
N PRO J 84 -26.68 -68.44 67.21
CA PRO J 84 -26.08 -67.81 68.39
C PRO J 84 -24.97 -66.84 68.00
N TRP J 85 -25.30 -65.91 67.11
CA TRP J 85 -24.26 -65.13 66.47
C TRP J 85 -23.94 -63.87 67.26
N ASN J 86 -24.72 -63.58 68.28
CA ASN J 86 -24.45 -62.45 69.16
C ASN J 86 -23.73 -62.83 70.44
N VAL J 87 -23.38 -64.10 70.62
CA VAL J 87 -22.59 -64.52 71.76
C VAL J 87 -21.13 -64.59 71.36
N MET J 88 -20.27 -64.09 72.23
CA MET J 88 -18.85 -63.96 71.89
C MET J 88 -18.22 -65.32 71.66
N ARG J 89 -18.64 -66.32 72.44
CA ARG J 89 -18.06 -67.65 72.36
C ARG J 89 -18.32 -68.33 71.03
N PHE J 90 -19.28 -67.84 70.26
CA PHE J 90 -19.59 -68.43 68.97
C PHE J 90 -18.42 -68.28 68.00
N TYR J 91 -17.80 -67.11 67.96
CA TYR J 91 -16.79 -66.82 66.96
C TYR J 91 -15.42 -67.35 67.34
N CYS J 92 -15.01 -67.14 68.58
CA CYS J 92 -13.64 -67.41 69.00
C CYS J 92 -13.45 -68.73 69.71
N GLU J 93 -14.51 -69.50 69.91
CA GLU J 93 -14.39 -70.84 70.46
C GLU J 93 -15.15 -71.79 69.55
N TYR J 94 -14.54 -72.94 69.28
CA TYR J 94 -15.03 -73.80 68.21
C TYR J 94 -15.81 -74.92 68.89
N ASN J 95 -17.12 -74.87 68.80
CA ASN J 95 -17.95 -75.89 69.44
C ASN J 95 -18.61 -76.65 68.32
N THR J 96 -18.10 -77.84 68.05
CA THR J 96 -18.68 -78.72 67.04
C THR J 96 -18.48 -80.15 67.51
N GLY J 97 -19.52 -80.96 67.49
CA GLY J 97 -19.33 -82.36 67.72
C GLY J 97 -18.59 -82.68 69.00
N THR J 98 -17.49 -83.42 68.86
CA THR J 98 -16.70 -83.84 70.01
C THR J 98 -15.82 -82.72 70.57
N TYR J 99 -15.52 -81.69 69.76
CA TYR J 99 -14.61 -80.64 70.22
C TYR J 99 -15.09 -80.01 71.51
N GLY J 100 -16.34 -79.51 71.52
CA GLY J 100 -16.87 -78.86 72.70
C GLY J 100 -16.83 -79.72 73.95
N LEU J 101 -16.81 -81.04 73.79
CA LEU J 101 -16.67 -81.92 74.94
C LEU J 101 -15.23 -81.92 75.46
N SER J 102 -14.25 -81.85 74.55
CA SER J 102 -12.86 -81.74 74.95
C SER J 102 -12.56 -80.35 75.50
N GLY J 103 -11.48 -80.26 76.27
CA GLY J 103 -11.18 -79.05 76.99
C GLY J 103 -10.41 -78.01 76.19
N ASN J 104 -10.64 -76.75 76.56
CA ASN J 104 -9.90 -75.60 76.04
C ASN J 104 -9.89 -75.61 74.51
N VAL J 105 -11.07 -75.36 73.95
CA VAL J 105 -11.23 -75.32 72.50
C VAL J 105 -11.12 -73.90 71.96
N HIS J 106 -10.81 -72.93 72.82
CA HIS J 106 -10.58 -71.58 72.36
C HIS J 106 -9.45 -71.54 71.33
N HIS J 107 -9.57 -70.63 70.38
CA HIS J 107 -8.51 -70.43 69.41
C HIS J 107 -7.31 -69.81 70.10
N LYS J 108 -6.11 -70.16 69.63
CA LYS J 108 -4.91 -69.75 70.34
C LYS J 108 -4.62 -68.26 70.20
N ASN J 109 -5.13 -67.60 69.16
CA ASN J 109 -5.05 -66.15 69.14
C ASN J 109 -5.82 -65.54 70.28
N TYR J 110 -6.88 -66.18 70.73
CA TYR J 110 -7.62 -65.61 71.84
C TYR J 110 -6.92 -65.87 73.17
N SER J 111 -6.27 -67.02 73.31
CA SER J 111 -5.58 -67.33 74.55
C SER J 111 -4.51 -66.29 74.84
N MET J 112 -3.86 -65.75 73.81
CA MET J 112 -2.87 -64.70 74.04
C MET J 112 -3.48 -63.32 74.17
N LEU J 113 -4.70 -63.10 73.68
CA LEU J 113 -5.36 -61.82 73.96
C LEU J 113 -5.50 -61.60 75.45
N LEU J 114 -5.44 -62.66 76.23
CA LEU J 114 -5.38 -62.56 77.68
C LEU J 114 -3.96 -62.31 78.17
N ALA J 115 -2.95 -62.48 77.32
CA ALA J 115 -1.58 -62.14 77.68
C ALA J 115 -1.33 -60.64 77.56
N CYS J 116 -1.84 -60.01 76.50
CA CYS J 116 -1.77 -58.57 76.39
C CYS J 116 -2.76 -57.93 77.37
N LYS J 117 -2.53 -56.66 77.69
CA LYS J 117 -3.29 -56.10 78.80
C LYS J 117 -4.70 -55.71 78.41
N ALA J 118 -4.96 -55.44 77.14
CA ALA J 118 -6.27 -55.01 76.70
C ALA J 118 -6.57 -55.63 75.36
N HIS J 119 -7.81 -56.06 75.17
CA HIS J 119 -8.27 -56.48 73.86
C HIS J 119 -9.70 -55.99 73.67
N ARG J 120 -10.06 -55.78 72.41
CA ARG J 120 -11.39 -55.33 72.12
C ARG J 120 -11.92 -56.05 70.89
N PRO J 121 -13.19 -56.47 70.92
CA PRO J 121 -13.70 -57.37 69.87
C PRO J 121 -13.94 -56.74 68.50
N THR J 122 -14.18 -55.44 68.40
CA THR J 122 -14.45 -54.77 67.13
C THR J 122 -15.43 -55.53 66.24
N LYS J 123 -15.10 -55.71 64.96
CA LYS J 123 -16.06 -56.29 64.04
C LYS J 123 -16.24 -57.78 64.30
N VAL J 124 -17.43 -58.29 63.98
CA VAL J 124 -17.75 -59.70 64.13
C VAL J 124 -18.73 -60.07 63.02
N GLY J 125 -18.62 -61.29 62.52
CA GLY J 125 -19.49 -61.67 61.42
C GLY J 125 -19.37 -63.15 61.10
N TYR J 126 -20.22 -63.60 60.18
CA TYR J 126 -20.21 -65.00 59.77
C TYR J 126 -20.78 -65.13 58.37
N THR J 127 -20.53 -66.28 57.76
CA THR J 127 -20.96 -66.56 56.41
C THR J 127 -21.61 -67.93 56.34
N LEU J 128 -22.76 -68.00 55.69
CA LEU J 128 -23.41 -69.24 55.30
C LEU J 128 -23.17 -69.48 53.82
N SER J 129 -22.75 -70.67 53.47
CA SER J 129 -22.30 -70.90 52.10
C SER J 129 -22.63 -72.32 51.65
N ASN J 130 -22.81 -72.46 50.34
CA ASN J 130 -22.98 -73.75 49.68
C ASN J 130 -24.01 -74.62 50.36
N LEU J 131 -25.25 -74.17 50.22
CA LEU J 131 -26.38 -74.84 50.82
C LEU J 131 -26.68 -76.12 50.08
N ILE J 132 -26.94 -77.18 50.84
CA ILE J 132 -27.38 -78.46 50.32
C ILE J 132 -28.65 -78.84 51.06
N LEU J 133 -29.75 -78.92 50.34
CA LEU J 133 -31.01 -79.42 50.88
C LEU J 133 -31.17 -80.89 50.53
N THR J 134 -31.64 -81.65 51.50
CA THR J 134 -31.96 -83.06 51.31
C THR J 134 -33.36 -83.29 51.83
N SER J 135 -33.93 -84.44 51.48
CA SER J 135 -35.30 -84.76 51.82
C SER J 135 -35.37 -86.14 52.43
N ASP J 136 -36.10 -86.25 53.54
CA ASP J 136 -36.43 -87.53 54.14
C ASP J 136 -37.72 -88.10 53.59
N GLU J 137 -38.29 -87.46 52.58
CA GLU J 137 -39.60 -87.88 52.07
C GLU J 137 -39.60 -89.33 51.61
N LEU J 138 -38.51 -89.78 50.99
CA LEU J 138 -38.42 -91.17 50.60
C LEU J 138 -38.13 -92.10 51.77
N VAL J 139 -37.72 -91.54 52.90
CA VAL J 139 -37.39 -92.33 54.08
C VAL J 139 -38.68 -92.77 54.76
N SER J 140 -38.71 -94.01 55.21
CA SER J 140 -39.81 -94.55 56.00
C SER J 140 -39.23 -95.48 57.06
N THR J 141 -40.06 -95.81 58.05
CA THR J 141 -39.60 -96.69 59.11
C THR J 141 -39.19 -98.06 58.58
N GLY J 142 -39.76 -98.48 57.45
CA GLY J 142 -39.31 -99.71 56.81
C GLY J 142 -37.91 -99.59 56.26
N GLY J 143 -37.49 -98.38 55.91
CA GLY J 143 -36.12 -98.16 55.47
C GLY J 143 -35.92 -98.46 53.99
N THR J 144 -34.71 -98.93 53.68
CA THR J 144 -34.26 -99.33 52.35
C THR J 144 -34.10 -98.14 51.42
N LEU J 145 -34.60 -96.97 51.80
CA LEU J 145 -34.37 -95.74 51.07
C LEU J 145 -33.99 -94.66 52.07
N GLY J 146 -32.85 -94.01 51.83
CA GLY J 146 -32.37 -92.96 52.68
C GLY J 146 -32.68 -91.59 52.12
N THR J 147 -32.27 -90.56 52.87
CA THR J 147 -32.49 -89.21 52.42
C THR J 147 -31.63 -88.92 51.20
N THR J 148 -32.07 -87.96 50.39
CA THR J 148 -31.28 -87.58 49.24
C THR J 148 -31.64 -86.13 48.91
N THR J 149 -30.76 -85.48 48.17
CA THR J 149 -30.97 -84.10 47.79
C THR J 149 -32.29 -83.92 47.07
N THR J 150 -32.89 -82.75 47.25
CA THR J 150 -34.20 -82.49 46.67
C THR J 150 -34.17 -82.69 45.16
N PHE J 151 -35.30 -83.17 44.64
CA PHE J 151 -35.38 -83.51 43.22
C PHE J 151 -35.11 -82.30 42.34
N ASN J 152 -35.58 -81.13 42.76
CA ASN J 152 -35.25 -79.88 42.08
C ASN J 152 -34.82 -78.85 43.11
N THR J 153 -34.27 -77.76 42.62
CA THR J 153 -33.67 -76.74 43.47
C THR J 153 -34.66 -75.69 43.94
N SER J 154 -35.94 -75.85 43.64
CA SER J 154 -36.95 -74.91 44.11
C SER J 154 -37.02 -74.77 45.64
N PRO J 155 -36.83 -75.81 46.46
CA PRO J 155 -36.91 -75.59 47.90
C PRO J 155 -35.80 -74.68 48.38
N TYR J 156 -36.00 -74.13 49.58
CA TYR J 156 -35.09 -73.14 50.13
C TYR J 156 -35.12 -73.19 51.64
N MET J 157 -34.07 -72.64 52.24
CA MET J 157 -34.01 -72.43 53.67
C MET J 157 -34.09 -70.93 53.94
N ILE J 158 -34.92 -70.55 54.89
CA ILE J 158 -35.21 -69.15 55.14
C ILE J 158 -34.23 -68.64 56.18
N HIS J 159 -33.47 -67.61 55.85
CA HIS J 159 -32.63 -66.95 56.81
C HIS J 159 -33.34 -65.68 57.25
N SER J 160 -33.72 -65.62 58.52
CA SER J 160 -34.53 -64.52 59.04
C SER J 160 -33.68 -63.66 59.95
N ILE J 161 -33.75 -62.36 59.76
CA ILE J 161 -33.13 -61.37 60.64
C ILE J 161 -34.26 -60.60 61.28
N ASP J 162 -34.36 -60.64 62.60
CA ASP J 162 -35.48 -59.97 63.25
C ASP J 162 -35.00 -58.56 63.60
N ASP J 163 -35.47 -57.58 62.83
CA ASP J 163 -35.11 -56.20 63.04
C ASP J 163 -36.00 -55.54 64.08
N GLN J 164 -37.28 -55.84 64.02
CA GLN J 164 -38.27 -55.23 64.91
C GLN J 164 -38.32 -55.92 66.26
N GLN J 165 -37.49 -56.95 66.45
CA GLN J 165 -37.43 -57.71 67.69
C GLN J 165 -38.80 -58.29 68.04
N CYS J 166 -39.36 -59.03 67.09
CA CYS J 166 -40.53 -59.85 67.40
C CYS J 166 -40.23 -60.76 68.58
N LEU J 167 -39.04 -61.34 68.60
CA LEU J 167 -38.60 -62.21 69.68
C LEU J 167 -37.50 -61.48 70.44
N SER J 168 -37.81 -61.06 71.66
CA SER J 168 -36.82 -60.42 72.51
C SER J 168 -35.88 -61.44 73.12
N LYS J 169 -36.45 -62.52 73.63
CA LYS J 169 -35.73 -63.54 74.37
C LYS J 169 -36.22 -64.89 73.88
N VAL J 170 -35.28 -65.78 73.57
CA VAL J 170 -35.59 -67.01 72.87
C VAL J 170 -35.20 -68.18 73.76
N TYR J 171 -36.10 -69.15 73.88
CA TYR J 171 -35.90 -70.32 74.72
C TYR J 171 -35.85 -71.58 73.88
N PRO J 172 -35.17 -72.62 74.35
CA PRO J 172 -35.20 -73.90 73.64
C PRO J 172 -36.59 -74.52 73.69
N LYS J 173 -36.81 -75.48 72.81
CA LYS J 173 -38.07 -76.21 72.81
C LYS J 173 -38.22 -77.01 74.09
N THR J 174 -39.47 -77.33 74.42
CA THR J 174 -39.79 -77.97 75.69
C THR J 174 -38.91 -79.18 75.96
N ASP J 175 -38.80 -80.08 74.98
CA ASP J 175 -38.03 -81.29 75.20
C ASP J 175 -36.53 -81.06 75.09
N THR J 176 -36.11 -80.23 74.15
CA THR J 176 -34.69 -80.11 73.85
C THR J 176 -34.01 -79.16 74.84
N VAL J 177 -32.70 -79.01 74.66
CA VAL J 177 -31.90 -78.08 75.45
C VAL J 177 -30.74 -77.64 74.58
N TRP J 178 -30.16 -76.50 74.91
CA TRP J 178 -29.09 -75.93 74.10
C TRP J 178 -27.76 -76.11 74.79
N PRO J 179 -26.91 -77.03 74.34
CA PRO J 179 -25.57 -77.13 74.90
C PRO J 179 -24.70 -76.01 74.38
N VAL J 180 -23.77 -75.55 75.22
CA VAL J 180 -22.82 -74.58 74.69
C VAL J 180 -21.76 -75.29 73.89
N SER J 181 -21.47 -76.56 74.22
CA SER J 181 -20.52 -77.34 73.45
C SER J 181 -20.97 -77.60 72.03
N SER J 182 -22.27 -77.46 71.77
CA SER J 182 -22.85 -77.67 70.47
C SER J 182 -23.01 -76.39 69.67
N MET J 183 -22.50 -75.27 70.17
CA MET J 183 -22.92 -73.95 69.70
C MET J 183 -22.74 -73.77 68.20
N ARG J 184 -21.56 -74.10 67.66
CA ARG J 184 -21.29 -73.70 66.29
C ARG J 184 -21.95 -74.55 65.23
N GLU J 185 -22.26 -75.81 65.50
CA GLU J 185 -23.15 -76.51 64.59
C GLU J 185 -24.54 -76.17 65.07
N LEU J 186 -25.41 -75.72 64.17
CA LEU J 186 -26.55 -74.97 64.65
C LEU J 186 -27.63 -75.99 64.89
N ASP J 187 -27.77 -76.41 66.14
CA ASP J 187 -28.86 -77.24 66.60
C ASP J 187 -29.91 -76.51 67.41
N TYR J 188 -29.74 -75.22 67.68
CA TYR J 188 -30.60 -74.61 68.68
C TYR J 188 -31.94 -74.35 68.05
N VAL J 189 -32.98 -74.99 68.57
CA VAL J 189 -34.31 -74.96 67.99
C VAL J 189 -35.23 -74.25 68.96
N ALA J 190 -35.80 -73.16 68.50
CA ALA J 190 -36.84 -72.46 69.22
C ALA J 190 -38.17 -72.73 68.54
N SER J 191 -39.23 -72.79 69.33
CA SER J 191 -40.56 -72.89 68.79
C SER J 191 -41.27 -71.60 69.14
N THR J 192 -41.52 -70.77 68.13
CA THR J 192 -42.18 -69.49 68.33
C THR J 192 -43.67 -69.71 68.30
N VAL J 193 -44.35 -69.40 69.40
CA VAL J 193 -45.75 -69.75 69.58
C VAL J 193 -46.46 -68.60 70.26
N SER J 194 -47.61 -68.20 69.72
CA SER J 194 -48.49 -67.24 70.37
C SER J 194 -49.31 -68.01 71.41
N GLY J 195 -50.35 -67.41 71.96
CA GLY J 195 -51.03 -68.13 73.01
C GLY J 195 -51.61 -69.45 72.55
N ASP J 196 -52.52 -69.44 71.57
CA ASP J 196 -52.96 -70.66 70.90
C ASP J 196 -52.29 -70.87 69.55
N ASN J 197 -51.48 -69.93 69.09
CA ASN J 197 -51.07 -69.88 67.69
C ASN J 197 -49.61 -70.26 67.55
N ALA J 198 -49.33 -71.20 66.65
CA ALA J 198 -47.96 -71.49 66.27
C ALA J 198 -47.51 -70.49 65.23
N ILE J 199 -46.45 -69.75 65.53
CA ILE J 199 -45.95 -68.72 64.63
C ILE J 199 -45.05 -69.37 63.59
N ILE J 200 -45.31 -69.09 62.32
CA ILE J 200 -44.35 -69.41 61.28
C ILE J 200 -43.29 -68.30 61.31
N PRO J 201 -42.03 -68.63 61.61
CA PRO J 201 -41.04 -67.58 61.89
C PRO J 201 -40.85 -66.60 60.76
N SER J 202 -40.84 -67.07 59.51
CA SER J 202 -40.62 -66.18 58.38
C SER J 202 -41.68 -65.11 58.27
N THR J 203 -42.86 -65.30 58.84
CA THR J 203 -43.94 -64.36 58.64
C THR J 203 -43.80 -63.12 59.53
N ILE J 204 -43.33 -63.31 60.76
CA ILE J 204 -43.20 -62.17 61.67
C ILE J 204 -41.93 -61.38 61.40
N PHE J 205 -40.83 -62.06 61.07
CA PHE J 205 -39.53 -61.41 61.00
C PHE J 205 -39.43 -60.47 59.81
N ASN J 206 -38.52 -59.52 59.92
CA ASN J 206 -38.45 -58.43 58.96
C ASN J 206 -37.72 -58.85 57.69
N LYS J 207 -36.41 -59.00 57.77
CA LYS J 207 -35.65 -59.48 56.62
C LYS J 207 -35.67 -61.00 56.63
N ASN J 208 -36.21 -61.57 55.57
CA ASN J 208 -36.26 -63.01 55.37
C ASN J 208 -35.67 -63.30 54.01
N ARG J 209 -34.55 -63.97 53.98
CA ARG J 209 -33.88 -64.35 52.75
C ARG J 209 -34.23 -65.80 52.45
N TYR J 210 -34.80 -66.06 51.28
CA TYR J 210 -35.07 -67.42 50.88
C TYR J 210 -33.87 -67.88 50.07
N TRP J 211 -33.09 -68.77 50.65
CA TRP J 211 -31.76 -69.09 50.15
C TRP J 211 -31.77 -70.51 49.64
N LYS J 212 -31.52 -70.66 48.34
CA LYS J 212 -31.69 -71.91 47.64
C LYS J 212 -30.33 -72.55 47.38
N GLN J 213 -30.38 -73.69 46.73
CA GLN J 213 -29.18 -74.40 46.32
C GLN J 213 -28.59 -73.69 45.10
N GLY J 214 -27.34 -73.26 45.21
CA GLY J 214 -26.69 -72.52 44.17
C GLY J 214 -26.62 -71.04 44.39
N ASP J 215 -27.41 -70.50 45.33
CA ASP J 215 -27.33 -69.09 45.64
C ASP J 215 -25.98 -68.74 46.23
N ASP J 216 -25.63 -67.47 46.11
CA ASP J 216 -24.36 -67.01 46.64
C ASP J 216 -24.37 -67.09 48.17
N ALA J 217 -23.18 -67.11 48.74
CA ALA J 217 -23.06 -67.20 50.18
C ALA J 217 -23.72 -66.01 50.86
N LEU J 218 -24.23 -66.23 52.06
CA LEU J 218 -24.88 -65.21 52.85
C LEU J 218 -23.90 -64.67 53.87
N HIS J 219 -23.55 -63.39 53.75
CA HIS J 219 -22.55 -62.76 54.59
C HIS J 219 -23.23 -61.83 55.58
N PHE J 220 -22.91 -61.99 56.85
CA PHE J 220 -23.50 -61.16 57.89
C PHE J 220 -22.38 -60.65 58.77
N SER J 221 -22.43 -59.35 59.09
CA SER J 221 -21.35 -58.72 59.82
C SER J 221 -21.95 -57.75 60.83
N HIS J 222 -21.19 -57.48 61.88
CA HIS J 222 -21.55 -56.46 62.84
C HIS J 222 -20.29 -55.72 63.24
N ASP J 223 -20.32 -54.40 63.13
CA ASP J 223 -19.19 -53.57 63.54
C ASP J 223 -19.41 -53.08 64.96
N LEU J 224 -18.40 -53.24 65.79
CA LEU J 224 -18.41 -52.71 67.14
C LEU J 224 -17.48 -51.51 67.22
N ASP J 225 -18.00 -50.38 67.66
CA ASP J 225 -17.18 -49.25 68.03
C ASP J 225 -17.33 -49.05 69.53
N LEU J 226 -16.29 -49.41 70.28
CA LEU J 226 -16.27 -49.28 71.72
C LEU J 226 -15.32 -48.15 72.09
N GLY J 227 -15.67 -47.40 73.12
CA GLY J 227 -14.71 -46.44 73.58
C GLY J 227 -13.73 -46.99 74.57
N PHE J 228 -13.81 -48.28 74.87
CA PHE J 228 -13.04 -48.86 75.94
C PHE J 228 -12.54 -50.22 75.50
N TRP J 229 -11.89 -50.91 76.42
CA TRP J 229 -11.17 -52.15 76.15
C TRP J 229 -11.56 -53.15 77.22
N PHE J 230 -11.21 -54.41 76.99
CA PHE J 230 -11.50 -55.47 77.95
C PHE J 230 -10.21 -56.09 78.44
N GLY J 231 -10.13 -56.33 79.75
CA GLY J 231 -8.94 -56.93 80.31
C GLY J 231 -9.07 -58.39 80.68
N SER J 232 -10.29 -58.92 80.64
CA SER J 232 -10.55 -60.29 81.07
C SER J 232 -11.10 -61.09 79.90
N ASP J 233 -11.36 -62.37 80.15
CA ASP J 233 -11.95 -63.20 79.12
C ASP J 233 -13.44 -62.91 79.02
N TYR J 234 -14.01 -63.16 77.83
CA TYR J 234 -15.43 -62.95 77.66
C TYR J 234 -16.24 -63.90 78.53
N GLY J 235 -15.90 -65.18 78.54
CA GLY J 235 -16.52 -66.07 79.49
C GLY J 235 -18.02 -66.21 79.29
N ASN J 236 -18.42 -66.66 78.12
CA ASN J 236 -19.83 -66.77 77.69
C ASN J 236 -20.59 -65.47 77.93
N ALA J 237 -20.03 -64.38 77.43
CA ALA J 237 -20.68 -63.10 77.35
C ALA J 237 -21.16 -62.85 75.94
N TYR J 238 -22.30 -62.17 75.80
CA TYR J 238 -22.67 -61.65 74.50
C TYR J 238 -21.59 -60.70 74.00
N VAL J 239 -21.27 -60.79 72.72
CA VAL J 239 -20.38 -59.77 72.16
C VAL J 239 -21.01 -58.39 72.36
N PRO J 240 -20.24 -57.40 72.82
CA PRO J 240 -20.83 -56.23 73.48
C PRO J 240 -21.92 -55.54 72.67
N GLN J 241 -23.01 -55.25 73.37
CA GLN J 241 -24.19 -54.64 72.78
C GLN J 241 -24.78 -53.68 73.80
N ASN J 242 -25.43 -52.64 73.31
CA ASN J 242 -26.18 -51.73 74.16
C ASN J 242 -27.64 -51.89 73.77
N ASN J 243 -28.45 -52.42 74.68
CA ASN J 243 -29.82 -52.74 74.31
C ASN J 243 -30.73 -52.64 75.51
N ASP J 244 -32.01 -52.87 75.25
CA ASP J 244 -32.98 -53.09 76.31
C ASP J 244 -32.61 -54.32 77.15
N SER J 245 -32.06 -55.34 76.50
CA SER J 245 -31.68 -56.56 77.21
C SER J 245 -30.32 -56.46 77.87
N MET J 246 -29.38 -55.72 77.31
CA MET J 246 -28.01 -55.84 77.78
C MET J 246 -27.21 -54.59 77.47
N ASN J 247 -26.12 -54.42 78.20
CA ASN J 247 -25.19 -53.32 78.00
C ASN J 247 -23.77 -53.85 77.81
N ALA J 248 -22.95 -53.04 77.16
CA ALA J 248 -21.65 -53.50 76.66
C ALA J 248 -20.60 -53.58 77.75
N VAL J 249 -20.70 -52.74 78.76
CA VAL J 249 -19.68 -52.64 79.81
C VAL J 249 -20.17 -53.38 81.04
N GLY J 250 -19.28 -54.18 81.64
CA GLY J 250 -19.72 -55.11 82.65
C GLY J 250 -19.46 -54.78 84.10
N THR J 251 -18.62 -53.78 84.37
CA THR J 251 -18.29 -53.45 85.74
C THR J 251 -19.31 -52.49 86.31
N ILE J 252 -19.71 -52.74 87.54
CA ILE J 252 -20.56 -51.80 88.27
C ILE J 252 -19.72 -50.56 88.56
N PRO J 253 -20.10 -49.39 88.07
CA PRO J 253 -19.38 -48.17 88.42
C PRO J 253 -19.52 -47.85 89.90
N THR J 254 -18.48 -47.20 90.44
CA THR J 254 -18.36 -47.00 91.87
C THR J 254 -18.14 -45.52 92.18
N SER J 255 -18.30 -45.18 93.46
CA SER J 255 -18.64 -43.83 93.87
C SER J 255 -17.49 -42.85 93.69
N LYS J 256 -17.88 -41.59 93.48
CA LYS J 256 -16.99 -40.42 93.63
C LYS J 256 -15.84 -40.43 92.63
N HIS J 257 -16.13 -40.85 91.40
CA HIS J 257 -15.19 -40.72 90.30
C HIS J 257 -15.92 -41.05 89.01
N ILE J 258 -15.18 -41.02 87.92
CA ILE J 258 -15.73 -41.16 86.58
C ILE J 258 -15.55 -42.59 86.12
N ASN J 259 -16.54 -43.11 85.42
CA ASN J 259 -16.56 -44.51 85.00
C ASN J 259 -17.05 -44.59 83.56
N VAL J 260 -16.54 -45.55 82.82
CA VAL J 260 -16.99 -45.73 81.45
C VAL J 260 -18.37 -46.38 81.47
N ARG J 261 -19.30 -45.78 80.74
CA ARG J 261 -20.70 -46.14 80.77
C ARG J 261 -21.17 -46.41 79.36
N GLY J 262 -21.94 -47.47 79.17
CA GLY J 262 -22.50 -47.74 77.87
C GLY J 262 -23.49 -46.68 77.45
N VAL J 263 -23.58 -46.46 76.14
CA VAL J 263 -24.45 -45.43 75.59
C VAL J 263 -24.79 -45.84 74.16
N ASN J 264 -25.91 -45.32 73.65
CA ASN J 264 -26.28 -45.22 72.24
C ASN J 264 -26.95 -46.40 71.52
N ASN J 265 -27.19 -47.55 72.15
CA ASN J 265 -27.94 -48.60 71.48
C ASN J 265 -27.28 -49.05 70.17
N ARG J 266 -26.19 -49.79 70.31
CA ARG J 266 -25.71 -50.65 69.25
C ARG J 266 -26.02 -52.08 69.65
N GLY J 267 -26.67 -52.82 68.76
CA GLY J 267 -27.04 -54.18 69.07
C GLY J 267 -27.11 -55.02 67.81
N MET J 268 -27.32 -56.32 67.99
CA MET J 268 -27.39 -57.24 66.86
C MET J 268 -28.79 -57.83 66.68
N ALA J 269 -29.20 -57.97 65.42
CA ALA J 269 -30.51 -58.53 65.10
C ALA J 269 -30.50 -60.04 65.30
N GLY J 270 -31.59 -60.57 65.86
CA GLY J 270 -31.69 -62.00 66.10
C GLY J 270 -31.82 -62.82 64.82
N HIS J 271 -30.70 -63.30 64.31
CA HIS J 271 -30.69 -64.12 63.11
C HIS J 271 -31.33 -65.46 63.40
N TYR J 272 -31.97 -66.05 62.40
CA TYR J 272 -32.63 -67.33 62.58
C TYR J 272 -32.67 -68.09 61.27
N LEU J 273 -32.86 -69.41 61.37
CA LEU J 273 -32.98 -70.27 60.20
C LEU J 273 -34.25 -71.10 60.34
N SER J 274 -34.97 -71.22 59.24
CA SER J 274 -36.23 -71.96 59.25
C SER J 274 -36.51 -72.44 57.84
N PHE J 275 -37.43 -73.38 57.75
CA PHE J 275 -37.83 -73.86 56.44
C PHE J 275 -39.28 -73.50 56.17
N PRO J 276 -39.64 -73.27 54.91
CA PRO J 276 -41.00 -72.93 54.59
C PRO J 276 -41.92 -74.11 54.85
N PRO J 277 -43.12 -73.87 55.39
CA PRO J 277 -44.07 -74.96 55.53
C PRO J 277 -44.46 -75.52 54.17
N ILE J 278 -44.34 -76.82 54.02
CA ILE J 278 -44.77 -77.51 52.81
C ILE J 278 -45.57 -78.71 53.25
N ARG J 279 -46.86 -78.73 52.93
CA ARG J 279 -47.68 -79.84 53.34
C ARG J 279 -47.44 -81.06 52.45
N THR J 280 -47.56 -82.22 53.06
CA THR J 280 -47.42 -83.49 52.38
C THR J 280 -48.68 -84.31 52.57
N ASN J 281 -48.66 -85.53 52.04
CA ASN J 281 -49.70 -86.49 52.36
C ASN J 281 -49.83 -86.68 53.86
N ASP J 282 -48.71 -86.63 54.58
CA ASP J 282 -48.71 -86.70 56.03
C ASP J 282 -47.82 -85.60 56.60
N GLY J 283 -48.41 -84.69 57.35
CA GLY J 283 -47.61 -83.69 58.04
C GLY J 283 -46.94 -82.72 57.09
N GLN J 284 -45.68 -82.42 57.37
CA GLN J 284 -44.93 -81.38 56.68
C GLN J 284 -43.80 -81.99 55.89
N PHE J 285 -43.40 -81.30 54.83
CA PHE J 285 -42.31 -81.77 54.00
C PHE J 285 -41.04 -81.77 54.83
N LYS J 286 -40.23 -82.81 54.69
CA LYS J 286 -39.04 -82.92 55.51
C LYS J 286 -37.89 -82.31 54.73
N LEU J 287 -37.45 -81.14 55.16
CA LEU J 287 -36.30 -80.46 54.57
C LEU J 287 -35.14 -80.52 55.54
N ASN J 288 -33.99 -80.90 55.02
CA ASN J 288 -32.76 -80.97 55.77
C ASN J 288 -31.79 -80.07 55.03
N ALA J 289 -30.92 -79.40 55.76
CA ALA J 289 -30.02 -78.45 55.13
C ALA J 289 -28.59 -78.73 55.56
N GLN J 290 -27.66 -78.57 54.63
CA GLN J 290 -26.26 -78.42 54.94
C GLN J 290 -25.77 -77.09 54.42
N PHE J 291 -24.85 -76.48 55.15
CA PHE J 291 -24.10 -75.34 54.65
C PHE J 291 -22.83 -75.23 55.46
N THR J 292 -21.87 -74.48 54.94
CA THR J 292 -20.65 -74.22 55.66
C THR J 292 -20.80 -72.93 56.45
N LEU J 293 -20.34 -72.95 57.68
CA LEU J 293 -20.37 -71.78 58.55
C LEU J 293 -18.95 -71.26 58.67
N GLU J 294 -18.68 -70.09 58.11
CA GLU J 294 -17.41 -69.40 58.29
C GLU J 294 -17.67 -68.19 59.17
N THR J 295 -17.14 -68.21 60.37
CA THR J 295 -17.24 -67.08 61.28
C THR J 295 -15.89 -66.38 61.37
N GLU J 296 -15.93 -65.07 61.54
CA GLU J 296 -14.73 -64.29 61.75
C GLU J 296 -15.01 -63.24 62.80
N ILE J 297 -14.12 -63.13 63.78
CA ILE J 297 -14.16 -62.07 64.77
C ILE J 297 -12.81 -61.39 64.76
N GLU J 298 -12.81 -60.07 64.66
CA GLU J 298 -11.59 -59.29 64.50
C GLU J 298 -11.32 -58.56 65.80
N PHE J 299 -10.28 -58.97 66.52
CA PHE J 299 -9.91 -58.31 67.75
C PHE J 299 -8.86 -57.24 67.52
N GLU J 300 -8.98 -56.14 68.25
CA GLU J 300 -7.88 -55.24 68.49
C GLU J 300 -7.32 -55.52 69.87
N PHE J 301 -6.00 -55.45 70.01
CA PHE J 301 -5.40 -55.62 71.32
C PHE J 301 -4.29 -54.60 71.49
N ARG J 302 -3.84 -54.48 72.72
CA ARG J 302 -2.95 -53.39 73.12
C ARG J 302 -2.01 -53.91 74.18
N LEU J 303 -0.77 -53.43 74.17
CA LEU J 303 0.27 -54.07 74.96
C LEU J 303 0.56 -53.27 76.22
N TRP J 304 1.53 -53.77 76.98
CA TRP J 304 1.85 -53.32 78.31
C TRP J 304 2.63 -52.00 78.31
N GLU J 305 2.61 -51.33 79.45
CA GLU J 305 3.28 -50.04 79.60
C GLU J 305 4.78 -50.19 79.43
N GLN J 306 5.39 -49.24 78.72
CA GLN J 306 6.84 -49.23 78.58
C GLN J 306 7.50 -48.77 79.87
N GLY J 307 8.76 -49.13 80.00
CA GLY J 307 9.54 -48.69 81.13
C GLY J 307 9.50 -49.66 82.27
N VAL J 308 10.03 -49.22 83.40
CA VAL J 308 10.02 -50.02 84.61
C VAL J 308 8.60 -50.32 85.04
N GLN J 309 7.64 -49.48 84.63
CA GLN J 309 6.25 -49.74 84.96
C GLN J 309 5.78 -51.07 84.42
N GLY J 310 6.33 -51.51 83.30
CA GLY J 310 5.95 -52.76 82.67
C GLY J 310 6.74 -53.98 83.09
N ILE J 311 7.62 -53.84 84.08
CA ILE J 311 8.35 -54.99 84.60
C ILE J 311 7.41 -55.87 85.41
N ASN J 312 7.49 -57.19 85.19
CA ASN J 312 6.56 -58.12 85.82
C ASN J 312 6.52 -57.94 87.33
N SER J 313 7.69 -57.86 87.97
CA SER J 313 7.73 -57.83 89.42
C SER J 313 7.07 -56.58 89.98
N VAL J 314 7.33 -55.42 89.37
CA VAL J 314 6.80 -54.16 89.87
C VAL J 314 5.53 -53.73 89.17
N HIS J 315 5.06 -54.48 88.16
CA HIS J 315 3.85 -54.06 87.49
C HIS J 315 2.60 -54.30 88.33
N THR J 316 2.67 -55.21 89.30
CA THR J 316 1.50 -55.45 90.14
C THR J 316 1.08 -54.18 90.86
N ASN J 317 2.02 -53.57 91.59
CA ASN J 317 1.74 -52.36 92.36
C ASN J 317 2.02 -51.07 91.62
N LEU J 318 2.67 -51.10 90.46
CA LEU J 318 2.74 -49.93 89.58
C LEU J 318 1.71 -49.94 88.47
N ASN J 319 0.83 -50.92 88.43
CA ASN J 319 -0.25 -50.92 87.45
C ASN J 319 -1.06 -49.64 87.61
N PRO J 320 -1.38 -48.95 86.51
CA PRO J 320 -2.16 -47.72 86.63
C PRO J 320 -3.54 -48.00 87.22
N ALA J 321 -3.94 -47.16 88.16
CA ALA J 321 -5.29 -47.27 88.68
C ALA J 321 -6.33 -46.75 87.70
N ASN J 322 -5.91 -46.06 86.65
CA ASN J 322 -6.82 -45.58 85.62
C ASN J 322 -7.02 -46.59 84.51
N ASP J 323 -6.46 -47.80 84.64
CA ASP J 323 -6.92 -48.89 83.79
C ASP J 323 -8.43 -49.00 83.85
N SER J 324 -8.97 -48.97 85.07
CA SER J 324 -10.42 -49.05 85.25
C SER J 324 -11.15 -48.00 84.45
N LEU J 325 -10.45 -46.95 84.06
CA LEU J 325 -11.08 -45.91 83.26
C LEU J 325 -11.32 -46.39 81.83
N TRP J 326 -10.29 -46.89 81.15
CA TRP J 326 -10.42 -47.44 79.81
C TRP J 326 -10.46 -48.97 79.75
N ILE J 327 -10.26 -49.71 80.82
CA ILE J 327 -10.32 -51.18 80.70
C ILE J 327 -11.48 -51.76 81.48
N GLN J 328 -12.41 -52.42 80.80
CA GLN J 328 -13.75 -52.52 81.36
C GLN J 328 -14.45 -53.86 81.50
N SER J 329 -13.78 -54.97 81.21
CA SER J 329 -14.36 -56.33 81.26
C SER J 329 -15.50 -56.58 80.24
N TYR J 330 -16.39 -57.53 80.53
CA TYR J 330 -17.47 -57.87 79.60
C TYR J 330 -18.84 -57.54 80.17
N GLY J 331 -19.76 -57.05 79.33
CA GLY J 331 -20.96 -56.50 79.89
C GLY J 331 -22.01 -57.48 80.40
N SER J 332 -22.47 -58.36 79.53
CA SER J 332 -23.64 -59.16 79.83
C SER J 332 -23.44 -60.56 79.31
N LEU J 333 -23.83 -61.52 80.13
CA LEU J 333 -23.55 -62.92 79.89
C LEU J 333 -24.79 -63.59 79.33
N VAL J 334 -24.58 -64.57 78.44
CA VAL J 334 -25.66 -65.47 78.14
C VAL J 334 -25.98 -66.24 79.42
N SER J 335 -27.21 -66.73 79.50
CA SER J 335 -27.66 -67.39 80.72
C SER J 335 -27.34 -68.87 80.59
N ILE J 336 -26.40 -69.33 81.40
CA ILE J 336 -25.85 -70.68 81.31
C ILE J 336 -26.05 -71.34 82.66
N THR J 337 -26.86 -72.39 82.70
CA THR J 337 -26.85 -73.32 83.81
C THR J 337 -26.19 -74.60 83.33
N GLU J 338 -25.34 -75.17 84.17
CA GLU J 338 -24.49 -76.28 83.78
C GLU J 338 -23.74 -75.85 82.52
N SER J 339 -23.68 -76.66 81.48
CA SER J 339 -23.09 -76.29 80.20
C SER J 339 -24.14 -75.78 79.21
N LYS J 340 -25.39 -75.65 79.63
CA LYS J 340 -26.51 -75.54 78.72
C LYS J 340 -27.07 -74.12 78.73
N ILE J 341 -27.32 -73.57 77.54
CA ILE J 341 -27.85 -72.21 77.43
C ILE J 341 -29.31 -72.21 77.84
N ASN J 342 -29.68 -71.31 78.75
CA ASN J 342 -31.07 -71.20 79.17
C ASN J 342 -31.91 -70.44 78.16
N ASN J 343 -31.38 -69.35 77.64
CA ASN J 343 -32.09 -68.50 76.71
C ASN J 343 -31.08 -67.68 75.94
N ILE J 344 -31.51 -67.13 74.82
CA ILE J 344 -30.69 -66.19 74.07
C ILE J 344 -31.47 -64.90 73.88
N GLN J 345 -30.85 -63.79 74.23
CA GLN J 345 -31.41 -62.47 74.04
C GLN J 345 -30.77 -61.85 72.82
N PHE J 346 -31.55 -61.09 72.05
CA PHE J 346 -31.00 -60.50 70.84
C PHE J 346 -30.88 -58.98 70.91
N GLY J 347 -31.97 -58.25 71.02
CA GLY J 347 -31.91 -56.81 71.13
C GLY J 347 -31.06 -56.04 70.13
N PRO J 348 -31.58 -55.88 68.91
CA PRO J 348 -30.95 -55.21 67.77
C PRO J 348 -30.93 -53.70 67.92
N THR J 349 -30.20 -53.02 67.06
CA THR J 349 -30.21 -51.57 67.12
C THR J 349 -31.52 -51.34 66.42
N CYS J 350 -32.56 -51.01 67.17
CA CYS J 350 -33.85 -50.87 66.54
C CYS J 350 -33.94 -49.59 65.76
N PRO J 351 -34.60 -49.65 64.61
CA PRO J 351 -34.71 -48.52 63.69
C PRO J 351 -35.59 -47.40 64.20
N ARG J 352 -36.44 -47.65 65.18
CA ARG J 352 -37.31 -46.60 65.68
C ARG J 352 -36.71 -45.80 66.81
N VAL J 353 -35.55 -46.19 67.34
CA VAL J 353 -34.78 -45.27 68.17
C VAL J 353 -34.30 -44.11 67.31
N ASP J 354 -34.26 -42.92 67.91
CA ASP J 354 -33.79 -41.74 67.20
C ASP J 354 -32.41 -42.00 66.61
N ALA J 355 -32.24 -41.63 65.35
CA ALA J 355 -30.97 -41.85 64.68
C ALA J 355 -29.82 -41.15 65.39
N ARG J 356 -30.12 -40.13 66.19
CA ARG J 356 -29.07 -39.45 66.93
C ARG J 356 -28.57 -40.31 68.08
N ASN J 357 -29.41 -41.22 68.58
CA ASN J 357 -28.96 -42.15 69.60
C ASN J 357 -28.19 -43.31 69.01
N LYS J 358 -28.45 -43.69 67.77
CA LYS J 358 -27.96 -44.95 67.23
C LYS J 358 -26.53 -44.86 66.71
N GLY J 359 -25.86 -43.72 66.88
CA GLY J 359 -24.58 -43.50 66.24
C GLY J 359 -23.42 -44.31 66.80
N GLY J 360 -22.21 -43.90 66.47
CA GLY J 360 -21.05 -44.77 66.54
C GLY J 360 -20.58 -45.29 67.88
N LYS J 361 -20.27 -44.40 68.82
CA LYS J 361 -19.49 -44.76 69.99
C LYS J 361 -20.36 -45.43 71.05
N MET J 362 -19.97 -46.62 71.48
CA MET J 362 -20.78 -47.41 72.41
C MET J 362 -20.52 -47.13 73.87
N SER J 363 -19.64 -46.20 74.20
CA SER J 363 -19.44 -45.92 75.61
C SER J 363 -19.12 -44.46 75.80
N MET J 364 -19.35 -43.99 77.02
CA MET J 364 -19.02 -42.64 77.39
C MET J 364 -18.36 -42.71 78.76
N LEU J 365 -17.53 -41.74 79.06
CA LEU J 365 -16.80 -41.72 80.31
C LEU J 365 -17.53 -40.73 81.21
N PHE J 366 -18.33 -41.28 82.09
CA PHE J 366 -19.27 -40.53 82.92
C PHE J 366 -19.14 -40.86 84.39
N ASP J 367 -19.21 -39.85 85.23
CA ASP J 367 -19.07 -40.01 86.68
C ASP J 367 -20.21 -40.66 87.41
N HIS J 368 -19.90 -41.20 88.58
CA HIS J 368 -20.91 -41.81 89.43
C HIS J 368 -20.79 -41.20 90.82
N HIS J 369 -21.92 -40.83 91.40
CA HIS J 369 -21.92 -40.24 92.73
C HIS J 369 -22.40 -41.22 93.79
N GLU K 36 -20.70 -66.14 36.65
CA GLU K 36 -21.39 -65.15 37.47
C GLU K 36 -21.57 -65.69 38.88
N GLY K 37 -21.68 -64.81 39.87
CA GLY K 37 -21.82 -65.23 41.24
C GLY K 37 -20.48 -65.45 41.91
N ASP K 38 -20.55 -65.91 43.15
CA ASP K 38 -19.34 -66.17 43.91
C ASP K 38 -18.78 -67.56 43.65
N GLY K 39 -19.40 -68.33 42.76
CA GLY K 39 -18.94 -69.66 42.41
C GLY K 39 -19.80 -70.77 42.96
N SER K 40 -20.67 -70.45 43.92
CA SER K 40 -21.51 -71.42 44.58
C SER K 40 -22.48 -72.15 43.69
N ALA K 41 -22.60 -71.73 42.44
CA ALA K 41 -23.51 -72.34 41.47
C ALA K 41 -23.03 -73.68 40.97
N PRO K 42 -23.92 -74.46 40.36
CA PRO K 42 -23.45 -75.76 39.89
C PRO K 42 -22.33 -75.70 38.85
N GLY K 43 -22.31 -74.76 37.92
CA GLY K 43 -21.25 -74.75 36.92
C GLY K 43 -20.33 -73.54 36.91
N GLY K 44 -19.14 -73.67 36.33
CA GLY K 44 -18.19 -72.56 36.30
C GLY K 44 -17.04 -72.67 37.29
N SER K 45 -16.76 -71.61 38.01
CA SER K 45 -15.67 -71.58 38.99
C SER K 45 -16.02 -72.19 40.36
N VAL K 46 -15.04 -72.70 41.07
CA VAL K 46 -15.19 -73.35 42.36
C VAL K 46 -15.31 -72.35 43.50
N TRP K 47 -16.33 -72.52 44.32
CA TRP K 47 -16.48 -71.65 45.46
C TRP K 47 -15.40 -72.15 46.39
N GLN K 48 -14.57 -71.25 46.89
CA GLN K 48 -13.50 -71.68 47.76
C GLN K 48 -13.48 -70.85 49.03
N THR K 49 -13.02 -71.48 50.10
CA THR K 49 -13.06 -70.92 51.44
C THR K 49 -12.03 -69.80 51.60
N THR K 50 -12.24 -69.00 52.64
CA THR K 50 -11.38 -67.85 52.91
C THR K 50 -9.95 -68.28 53.22
N ASP K 51 -9.03 -67.35 53.00
CA ASP K 51 -7.60 -67.59 53.15
C ASP K 51 -7.20 -67.51 54.61
N TYR K 52 -6.56 -68.58 55.11
CA TYR K 52 -6.02 -68.56 56.46
C TYR K 52 -4.57 -68.12 56.55
N ILE K 53 -3.88 -67.93 55.43
CA ILE K 53 -2.49 -67.51 55.49
C ILE K 53 -2.39 -66.06 55.93
N ALA K 54 -3.18 -65.18 55.31
CA ALA K 54 -2.97 -63.75 55.45
C ALA K 54 -2.84 -63.32 56.89
N LEU K 55 -3.65 -63.89 57.78
CA LEU K 55 -3.57 -63.52 59.19
C LEU K 55 -2.45 -64.23 59.94
N SER K 56 -1.96 -65.35 59.42
CA SER K 56 -0.83 -65.99 60.09
C SER K 56 0.49 -65.34 59.73
N MET K 57 0.55 -64.63 58.60
CA MET K 57 1.78 -63.98 58.18
C MET K 57 1.91 -62.54 58.65
N VAL K 58 0.87 -61.95 59.22
CA VAL K 58 0.95 -60.55 59.61
C VAL K 58 1.96 -60.41 60.74
N VAL K 59 2.91 -59.50 60.55
CA VAL K 59 3.99 -59.27 61.50
C VAL K 59 3.62 -58.08 62.37
N TYR K 60 3.54 -58.31 63.66
CA TYR K 60 3.27 -57.26 64.63
C TYR K 60 4.58 -56.85 65.27
N ARG K 61 4.70 -55.57 65.60
CA ARG K 61 5.99 -54.99 65.93
C ARG K 61 5.87 -54.23 67.23
N THR K 62 6.61 -54.65 68.25
CA THR K 62 6.59 -53.98 69.53
C THR K 62 8.00 -53.62 69.97
N ALA K 63 8.14 -53.11 71.19
CA ALA K 63 9.46 -52.75 71.71
C ALA K 63 9.41 -52.78 73.23
N ILE K 64 10.60 -52.85 73.83
CA ILE K 64 10.76 -52.77 75.27
C ILE K 64 11.78 -51.69 75.57
N LYS K 65 11.35 -50.63 76.24
CA LYS K 65 12.20 -49.50 76.57
C LYS K 65 12.36 -49.43 78.08
N LEU K 66 13.60 -49.24 78.54
CA LEU K 66 13.90 -49.20 79.95
C LEU K 66 14.95 -48.14 80.21
N ARG K 67 14.81 -47.42 81.33
CA ARG K 67 15.79 -46.44 81.75
C ARG K 67 16.45 -46.88 83.05
N ASN K 68 17.66 -46.39 83.23
CA ASN K 68 18.51 -46.79 84.33
C ASN K 68 19.46 -45.65 84.61
N PHE K 69 19.93 -45.55 85.84
CA PHE K 69 21.04 -44.68 86.18
C PHE K 69 22.26 -45.53 86.45
N VAL K 70 23.38 -45.19 85.81
CA VAL K 70 24.61 -45.94 85.94
C VAL K 70 25.59 -45.10 86.75
N ASN K 71 26.20 -45.70 87.76
CA ASN K 71 27.23 -45.07 88.57
C ASN K 71 28.49 -45.90 88.44
N ILE K 72 29.52 -45.33 87.84
CA ILE K 72 30.80 -46.02 87.63
C ILE K 72 31.80 -45.38 88.57
N ARG K 73 32.26 -46.13 89.56
CA ARG K 73 33.18 -45.61 90.55
C ARG K 73 34.42 -46.49 90.65
N GLY K 74 35.51 -45.87 91.06
CA GLY K 74 36.73 -46.61 91.37
C GLY K 74 37.29 -47.39 90.20
N LEU K 75 37.19 -46.84 89.00
CA LEU K 75 37.62 -47.51 87.78
C LEU K 75 38.97 -46.92 87.40
N THR K 76 40.02 -47.71 87.53
CA THR K 76 41.35 -47.23 87.19
C THR K 76 41.53 -47.22 85.68
N PRO K 77 42.54 -46.51 85.16
CA PRO K 77 42.68 -46.40 83.70
C PRO K 77 42.97 -47.70 82.99
N THR K 78 43.52 -48.70 83.68
CA THR K 78 43.75 -50.00 83.05
C THR K 78 42.46 -50.78 82.92
N GLU K 79 41.67 -50.83 83.99
CA GLU K 79 40.41 -51.54 83.98
C GLU K 79 39.34 -50.74 83.23
N MET K 80 38.31 -51.45 82.79
CA MET K 80 37.37 -50.94 81.81
C MET K 80 36.00 -51.57 82.02
N ILE K 81 34.96 -50.78 81.81
CA ILE K 81 33.59 -51.26 81.94
C ILE K 81 33.16 -51.90 80.64
N VAL K 82 32.66 -53.12 80.74
CA VAL K 82 32.15 -53.86 79.59
C VAL K 82 30.66 -53.59 79.48
N ILE K 83 30.23 -53.07 78.33
CA ILE K 83 28.81 -52.80 78.14
C ILE K 83 28.20 -54.12 77.71
N PRO K 84 27.39 -54.77 78.51
CA PRO K 84 26.79 -56.03 78.09
C PRO K 84 25.68 -55.81 77.08
N TRP K 85 26.00 -55.10 76.01
CA TRP K 85 24.95 -54.60 75.15
C TRP K 85 24.63 -55.57 74.04
N ASN K 86 25.41 -56.64 73.91
CA ASN K 86 25.15 -57.69 72.94
C ASN K 86 24.43 -58.88 73.54
N VAL K 87 24.09 -58.85 74.81
CA VAL K 87 23.32 -59.93 75.42
C VAL K 87 21.86 -59.51 75.44
N MET K 88 20.99 -60.46 75.09
CA MET K 88 19.57 -60.16 74.92
C MET K 88 18.95 -59.71 76.23
N ARG K 89 19.37 -60.31 77.33
CA ARG K 89 18.80 -60.01 78.64
C ARG K 89 19.06 -58.58 79.09
N PHE K 90 20.01 -57.90 78.47
CA PHE K 90 20.32 -56.52 78.83
C PHE K 90 19.15 -55.60 78.54
N TYR K 91 18.52 -55.77 77.38
CA TYR K 91 17.50 -54.83 76.93
C TYR K 91 16.13 -55.12 77.52
N CYS K 92 15.72 -56.38 77.52
CA CYS K 92 14.36 -56.76 77.87
C CYS K 92 14.18 -57.24 79.29
N GLU K 93 15.25 -57.30 80.08
CA GLU K 93 15.13 -57.63 81.49
C GLU K 93 15.89 -56.56 82.27
N TYR K 94 15.30 -56.11 83.36
CA TYR K 94 15.77 -54.91 84.03
C TYR K 94 16.56 -55.38 85.25
N ASN K 95 17.88 -55.30 85.16
CA ASN K 95 18.71 -55.75 86.27
C ASN K 95 19.38 -54.52 86.84
N THR K 96 18.87 -54.05 87.96
CA THR K 96 19.44 -52.92 88.66
C THR K 96 19.24 -53.14 90.15
N GLY K 97 20.30 -52.98 90.93
CA GLY K 97 20.12 -52.97 92.37
C GLY K 97 19.39 -54.19 92.89
N THR K 98 18.29 -53.94 93.61
CA THR K 98 17.51 -55.01 94.22
C THR K 98 16.61 -55.73 93.22
N TYR K 99 16.31 -55.12 92.07
CA TYR K 99 15.40 -55.75 91.11
C TYR K 99 15.89 -57.12 90.69
N GLY K 100 17.12 -57.21 90.21
CA GLY K 100 17.66 -58.49 89.76
C GLY K 100 17.64 -59.57 90.81
N LEU K 101 17.61 -59.20 92.09
CA LEU K 101 17.49 -60.19 93.15
C LEU K 101 16.05 -60.70 93.24
N SER K 102 15.08 -59.83 93.02
CA SER K 102 13.68 -60.23 93.00
C SER K 102 13.39 -61.02 91.72
N GLY K 103 12.31 -61.79 91.76
CA GLY K 103 12.00 -62.71 90.69
C GLY K 103 11.23 -62.10 89.54
N ASN K 104 11.44 -62.67 88.36
CA ASN K 104 10.70 -62.35 87.14
C ASN K 104 10.68 -60.84 86.89
N VAL K 105 11.86 -60.32 86.55
CA VAL K 105 12.01 -58.90 86.26
C VAL K 105 11.89 -58.61 84.77
N HIS K 106 11.58 -59.61 83.97
CA HIS K 106 11.33 -59.39 82.55
C HIS K 106 10.20 -58.39 82.35
N HIS K 107 10.31 -57.60 81.30
CA HIS K 107 9.25 -56.68 80.95
C HIS K 107 8.04 -57.47 80.45
N LYS K 108 6.85 -56.96 80.73
CA LYS K 108 5.65 -57.73 80.44
C LYS K 108 5.35 -57.85 78.96
N ASN K 109 5.86 -56.92 78.13
CA ASN K 109 5.76 -57.13 76.70
C ASN K 109 6.53 -58.37 76.28
N TYR K 110 7.61 -58.69 76.99
CA TYR K 110 8.34 -59.88 76.60
C TYR K 110 7.66 -61.15 77.09
N SER K 111 7.02 -61.10 78.24
CA SER K 111 6.32 -62.28 78.75
C SER K 111 5.25 -62.75 77.78
N MET K 112 4.60 -61.82 77.08
CA MET K 112 3.61 -62.23 76.10
C MET K 112 4.21 -62.58 74.75
N LEU K 113 5.43 -62.13 74.45
CA LEU K 113 6.07 -62.61 73.24
C LEU K 113 6.24 -64.12 73.26
N LEU K 114 6.18 -64.72 74.44
CA LEU K 114 6.12 -66.16 74.58
C LEU K 114 4.71 -66.69 74.42
N ALA K 115 3.70 -65.83 74.46
CA ALA K 115 2.34 -66.26 74.19
C ALA K 115 2.06 -66.38 72.69
N CYS K 116 2.57 -65.44 71.90
CA CYS K 116 2.49 -65.57 70.45
C CYS K 116 3.47 -66.63 69.98
N LYS K 117 3.25 -67.16 68.78
CA LYS K 117 4.01 -68.34 68.40
C LYS K 117 5.42 -68.02 67.95
N ALA K 118 5.67 -66.82 67.46
CA ALA K 118 6.98 -66.45 66.96
C ALA K 118 7.27 -65.02 67.35
N HIS K 119 8.51 -64.76 67.73
CA HIS K 119 8.97 -63.39 67.93
C HIS K 119 10.38 -63.28 67.40
N ARG K 120 10.75 -62.08 67.00
CA ARG K 120 12.07 -61.85 66.49
C ARG K 120 12.59 -60.51 67.00
N PRO K 121 13.87 -60.47 67.41
CA PRO K 121 14.38 -59.28 68.11
C PRO K 121 14.60 -58.05 67.27
N THR K 122 14.83 -58.15 65.96
CA THR K 122 15.10 -57.02 65.08
C THR K 122 16.07 -56.01 65.69
N LYS K 123 15.75 -54.72 65.65
CA LYS K 123 16.70 -53.71 66.07
C LYS K 123 16.89 -53.71 67.58
N VAL K 124 18.08 -53.31 68.01
CA VAL K 124 18.41 -53.22 69.43
C VAL K 124 19.38 -52.07 69.61
N GLY K 125 19.28 -51.37 70.73
CA GLY K 125 20.13 -50.21 70.92
C GLY K 125 20.03 -49.65 72.32
N TYR K 126 20.87 -48.67 72.60
CA TYR K 126 20.88 -48.04 73.91
C TYR K 126 21.43 -46.63 73.80
N THR K 127 21.19 -45.84 74.85
CA THR K 127 21.60 -44.44 74.89
C THR K 127 22.26 -44.14 76.23
N LEU K 128 23.42 -43.49 76.17
CA LEU K 128 24.06 -42.90 77.33
C LEU K 128 23.83 -41.40 77.32
N SER K 129 23.39 -40.85 78.45
CA SER K 129 22.94 -39.47 78.45
C SER K 129 23.28 -38.80 79.76
N ASN K 130 23.45 -37.48 79.69
CA ASN K 130 23.62 -36.60 80.86
C ASN K 130 24.67 -37.14 81.81
N LEU K 131 25.90 -37.06 81.33
CA LEU K 131 27.04 -37.53 82.09
C LEU K 131 27.34 -36.59 83.24
N ILE K 132 27.60 -37.17 84.40
CA ILE K 132 28.05 -36.43 85.58
C ILE K 132 29.32 -37.09 86.07
N LEU K 133 30.42 -36.37 86.02
CA LEU K 133 31.68 -36.81 86.59
C LEU K 133 31.86 -36.22 87.98
N THR K 134 32.33 -37.04 88.90
CA THR K 134 32.65 -36.62 90.24
C THR K 134 34.06 -37.09 90.56
N SER K 135 34.63 -36.55 91.63
CA SER K 135 36.01 -36.82 91.99
C SER K 135 36.09 -37.20 93.46
N ASP K 136 36.82 -38.27 93.74
CA ASP K 136 37.17 -38.65 95.10
C ASP K 136 38.46 -38.00 95.56
N GLU K 137 39.03 -37.10 94.76
CA GLU K 137 40.32 -36.53 95.09
C GLU K 137 40.32 -35.84 96.44
N LEU K 138 39.23 -35.16 96.79
CA LEU K 138 39.15 -34.53 98.10
C LEU K 138 38.87 -35.54 99.20
N VAL K 139 38.45 -36.76 98.84
CA VAL K 139 38.15 -37.78 99.82
C VAL K 139 39.44 -38.39 100.35
N SER K 140 39.48 -38.62 101.66
CA SER K 140 40.58 -39.30 102.31
C SER K 140 40.03 -40.18 103.41
N THR K 141 40.86 -41.09 103.90
CA THR K 141 40.40 -42.00 104.95
C THR K 141 40.00 -41.25 106.21
N GLY K 142 40.57 -40.07 106.44
CA GLY K 142 40.12 -39.24 107.54
C GLY K 142 38.71 -38.72 107.34
N GLY K 143 38.29 -38.58 106.09
CA GLY K 143 36.91 -38.19 105.81
C GLY K 143 36.71 -36.68 105.85
N THR K 144 35.50 -36.30 106.28
CA THR K 144 35.04 -34.93 106.46
C THR K 144 34.86 -34.20 105.13
N LEU K 145 35.36 -34.78 104.04
CA LEU K 145 35.13 -34.27 102.70
C LEU K 145 34.75 -35.42 101.79
N GLY K 146 33.60 -35.30 101.13
CA GLY K 146 33.11 -36.32 100.24
C GLY K 146 33.42 -36.00 98.78
N THR K 147 33.01 -36.90 97.91
CA THR K 147 33.22 -36.69 96.49
C THR K 147 32.35 -35.54 96.01
N THR K 148 32.79 -34.90 94.93
CA THR K 148 32.00 -33.84 94.36
C THR K 148 32.34 -33.75 92.89
N THR K 149 31.45 -33.12 92.11
CA THR K 149 31.64 -32.98 90.69
C THR K 149 32.97 -32.29 90.39
N THR K 150 33.56 -32.66 89.26
CA THR K 150 34.87 -32.14 88.90
C THR K 150 34.84 -30.61 88.84
N PHE K 151 35.96 -30.00 89.24
CA PHE K 151 36.03 -28.56 89.32
C PHE K 151 35.76 -27.89 87.98
N ASN K 152 36.21 -28.50 86.90
CA ASN K 152 35.88 -28.03 85.57
C ASN K 152 35.46 -29.22 84.72
N THR K 153 34.90 -28.93 83.56
CA THR K 153 34.29 -29.94 82.70
C THR K 153 35.27 -30.57 81.74
N SER K 154 36.56 -30.24 81.84
CA SER K 154 37.56 -30.86 80.99
C SER K 154 37.64 -32.39 81.10
N PRO K 155 37.47 -33.02 82.26
CA PRO K 155 37.55 -34.48 82.29
C PRO K 155 36.44 -35.12 81.47
N TYR K 156 36.65 -36.38 81.13
CA TYR K 156 35.73 -37.09 80.25
C TYR K 156 35.76 -38.58 80.56
N MET K 157 34.73 -39.26 80.12
CA MET K 157 34.67 -40.72 80.15
C MET K 157 34.74 -41.23 78.72
N ILE K 158 35.58 -42.22 78.49
CA ILE K 158 35.86 -42.70 77.15
C ILE K 158 34.89 -43.82 76.83
N HIS K 159 34.12 -43.65 75.77
CA HIS K 159 33.28 -44.73 75.27
C HIS K 159 33.98 -45.37 74.09
N SER K 160 34.37 -46.63 74.24
CA SER K 160 35.17 -47.32 73.26
C SER K 160 34.33 -48.37 72.56
N ILE K 161 34.39 -48.39 71.23
CA ILE K 161 33.78 -49.42 70.41
C ILE K 161 34.91 -50.19 69.75
N ASP K 162 35.01 -51.48 70.00
CA ASP K 162 36.13 -52.22 69.44
C ASP K 162 35.66 -52.81 68.13
N ASP K 163 36.10 -52.20 67.03
CA ASP K 163 35.73 -52.65 65.70
C ASP K 163 36.63 -53.78 65.22
N GLN K 164 37.92 -53.67 65.50
CA GLN K 164 38.91 -54.63 65.04
C GLN K 164 38.96 -55.85 65.95
N GLN K 165 38.15 -55.87 67.00
CA GLN K 165 38.10 -56.97 67.95
C GLN K 165 39.46 -57.21 68.57
N CYS K 166 40.03 -56.14 69.14
CA CYS K 166 41.21 -56.32 69.99
C CYS K 166 40.93 -57.32 71.09
N LEU K 167 39.73 -57.25 71.67
CA LEU K 167 39.30 -58.18 72.71
C LEU K 167 38.20 -59.05 72.12
N SER K 168 38.51 -60.32 71.91
CA SER K 168 37.53 -61.28 71.42
C SER K 168 36.60 -61.71 72.55
N LYS K 169 37.17 -62.03 73.69
CA LYS K 169 36.46 -62.59 74.82
C LYS K 169 36.95 -61.89 76.07
N VAL K 170 36.02 -61.44 76.90
CA VAL K 170 36.32 -60.54 77.99
C VAL K 170 35.95 -61.23 79.30
N TYR K 171 36.85 -61.18 80.27
CA TYR K 171 36.67 -61.81 81.56
C TYR K 171 36.61 -60.77 82.67
N PRO K 172 35.94 -61.06 83.77
CA PRO K 172 35.98 -60.16 84.91
C PRO K 172 37.37 -60.09 85.53
N LYS K 173 37.59 -59.06 86.34
CA LYS K 173 38.85 -58.93 87.04
C LYS K 173 39.01 -60.07 88.04
N THR K 174 40.27 -60.33 88.41
CA THR K 174 40.59 -61.47 89.24
C THR K 174 39.73 -61.54 90.49
N ASP K 175 39.61 -60.43 91.21
CA ASP K 175 38.86 -60.45 92.46
C ASP K 175 37.35 -60.39 92.21
N THR K 176 36.92 -59.59 91.24
CA THR K 176 35.50 -59.32 91.08
C THR K 176 34.82 -60.46 90.31
N VAL K 177 33.51 -60.31 90.14
CA VAL K 177 32.71 -61.26 89.36
C VAL K 177 31.54 -60.47 88.79
N TRP K 178 30.95 -61.00 87.72
CA TRP K 178 29.88 -60.30 87.02
C TRP K 178 28.55 -60.95 87.34
N PRO K 179 27.71 -60.36 88.17
CA PRO K 179 26.37 -60.91 88.37
C PRO K 179 25.48 -60.57 87.18
N VAL K 180 24.56 -61.49 86.87
CA VAL K 180 23.61 -61.14 85.84
C VAL K 180 22.54 -60.23 86.41
N SER K 181 22.27 -60.33 87.71
CA SER K 181 21.31 -59.46 88.37
C SER K 181 21.76 -58.02 88.38
N SER K 182 23.05 -57.78 88.18
CA SER K 182 23.63 -56.45 88.18
C SER K 182 23.78 -55.87 86.78
N MET K 183 23.26 -56.56 85.77
CA MET K 183 23.68 -56.31 84.38
C MET K 183 23.49 -54.86 83.95
N ARG K 184 22.31 -54.29 84.20
CA ARG K 184 22.01 -53.00 83.57
C ARG K 184 22.69 -51.81 84.24
N GLU K 185 23.00 -51.86 85.53
CA GLU K 185 23.90 -50.85 86.06
C GLU K 185 25.29 -51.37 85.78
N LEU K 186 26.14 -50.56 85.19
CA LEU K 186 27.28 -51.16 84.52
C LEU K 186 28.37 -51.21 85.57
N ASP K 187 28.53 -52.37 86.17
CA ASP K 187 29.62 -52.69 87.08
C ASP K 187 30.66 -53.61 86.48
N TYR K 188 30.49 -54.08 85.26
CA TYR K 188 31.35 -55.17 84.81
C TYR K 188 32.70 -54.58 84.44
N VAL K 189 33.73 -54.98 85.17
CA VAL K 189 35.06 -54.40 85.02
C VAL K 189 35.98 -55.48 84.48
N ALA K 190 36.55 -55.21 83.32
CA ALA K 190 37.59 -56.03 82.75
C ALA K 190 38.91 -55.30 82.89
N SER K 191 39.97 -56.06 83.09
CA SER K 191 41.31 -55.51 83.09
C SER K 191 42.01 -56.07 81.86
N THR K 192 42.26 -55.21 80.88
CA THR K 192 42.89 -55.62 79.65
C THR K 192 44.40 -55.55 79.85
N VAL K 193 45.08 -56.68 79.74
CA VAL K 193 46.48 -56.79 80.10
C VAL K 193 47.18 -57.65 79.06
N SER K 194 48.33 -57.18 78.58
CA SER K 194 49.21 -57.98 77.74
C SER K 194 50.04 -58.87 78.66
N GLY K 195 51.09 -59.50 78.16
CA GLY K 195 51.78 -60.41 79.03
C GLY K 195 52.37 -59.74 80.26
N ASP K 196 53.26 -58.78 80.08
CA ASP K 196 53.70 -57.91 81.16
C ASP K 196 53.03 -56.54 81.15
N ASN K 197 52.21 -56.24 80.15
CA ASN K 197 51.80 -54.88 79.88
C ASN K 197 50.33 -54.69 80.24
N ALA K 198 50.05 -53.64 81.00
CA ALA K 198 48.68 -53.23 81.25
C ALA K 198 48.22 -52.37 80.09
N ILE K 199 47.17 -52.79 79.42
CA ILE K 199 46.65 -52.08 78.25
C ILE K 199 45.75 -50.95 78.72
N ILE K 200 46.01 -49.74 78.23
CA ILE K 200 45.03 -48.66 78.38
C ILE K 200 43.97 -48.90 77.30
N PRO K 201 42.71 -49.13 77.69
CA PRO K 201 41.73 -49.59 76.70
C PRO K 201 41.51 -48.64 75.54
N SER K 202 41.51 -47.34 75.80
CA SER K 202 41.27 -46.37 74.74
C SER K 202 42.33 -46.43 73.65
N THR K 203 43.51 -46.95 73.93
CA THR K 203 44.58 -46.91 72.96
C THR K 203 44.45 -47.99 71.90
N ILE K 204 43.98 -49.18 72.28
CA ILE K 204 43.85 -50.26 71.30
C ILE K 204 42.57 -50.14 70.50
N PHE K 205 41.48 -49.71 71.11
CA PHE K 205 40.18 -49.76 70.47
C PHE K 205 40.07 -48.74 69.35
N ASN K 206 39.15 -49.00 68.44
CA ASN K 206 39.08 -48.24 67.19
C ASN K 206 38.34 -46.92 67.40
N LYS K 207 37.03 -46.97 67.58
CA LYS K 207 36.26 -45.77 67.87
C LYS K 207 36.29 -45.53 69.36
N ASN K 208 36.83 -44.38 69.75
CA ASN K 208 36.89 -43.95 71.13
C ASN K 208 36.29 -42.55 71.19
N ARG K 209 35.16 -42.43 71.85
CA ARG K 209 34.50 -41.15 72.04
C ARG K 209 34.85 -40.62 73.41
N TYR K 210 35.42 -39.41 73.46
CA TYR K 210 35.69 -38.79 74.74
C TYR K 210 34.49 -37.92 75.06
N TRP K 211 33.71 -38.34 76.04
CA TRP K 211 32.39 -37.80 76.28
C TRP K 211 32.40 -37.07 77.60
N LYS K 212 32.14 -35.77 77.52
CA LYS K 212 32.31 -34.87 78.65
C LYS K 212 30.96 -34.51 79.24
N GLN K 213 31.01 -33.67 80.26
CA GLN K 213 29.81 -33.15 80.89
C GLN K 213 29.21 -32.08 80.00
N GLY K 214 27.96 -32.27 79.60
CA GLY K 214 27.30 -31.36 78.70
C GLY K 214 27.22 -31.83 77.27
N ASP K 215 28.01 -32.83 76.90
CA ASP K 215 27.93 -33.38 75.56
C ASP K 215 26.57 -34.03 75.32
N ASP K 216 26.22 -34.12 74.04
CA ASP K 216 24.96 -34.74 73.68
C ASP K 216 24.98 -36.22 74.03
N ALA K 217 23.79 -36.79 74.14
CA ALA K 217 23.67 -38.19 74.47
C ALA K 217 24.34 -39.05 73.41
N LEU K 218 24.85 -40.20 73.83
CA LEU K 218 25.51 -41.15 72.94
C LEU K 218 24.52 -42.25 72.58
N HIS K 219 24.17 -42.34 71.30
CA HIS K 219 23.17 -43.27 70.83
C HIS K 219 23.84 -44.40 70.08
N PHE K 220 23.54 -45.64 70.45
CA PHE K 220 24.12 -46.79 69.80
C PHE K 220 23.01 -47.75 69.45
N SER K 221 23.05 -48.28 68.23
CA SER K 221 21.98 -49.12 67.72
C SER K 221 22.58 -50.27 66.93
N HIS K 222 21.82 -51.35 66.85
CA HIS K 222 22.19 -52.47 66.00
C HIS K 222 20.93 -53.00 65.34
N ASP K 223 20.95 -53.11 64.01
CA ASP K 223 19.81 -53.65 63.28
C ASP K 223 20.04 -55.13 63.04
N LEU K 224 19.04 -55.94 63.34
CA LEU K 224 19.04 -57.35 63.04
C LEU K 224 18.11 -57.62 61.87
N ASP K 225 18.63 -58.26 60.83
CA ASP K 225 17.80 -58.82 59.77
C ASP K 225 17.96 -60.33 59.83
N LEU K 226 16.93 -61.00 60.31
CA LEU K 226 16.91 -62.45 60.43
C LEU K 226 15.97 -63.00 59.39
N GLY K 227 16.32 -64.14 58.82
CA GLY K 227 15.36 -64.76 57.94
C GLY K 227 14.38 -65.65 58.66
N PHE K 228 14.46 -65.73 59.98
CA PHE K 228 13.71 -66.70 60.74
C PHE K 228 13.21 -66.03 62.01
N TRP K 229 12.57 -66.83 62.85
CA TRP K 229 11.86 -66.36 64.02
C TRP K 229 12.26 -67.24 65.20
N PHE K 230 11.91 -66.81 66.40
CA PHE K 230 12.21 -67.58 67.60
C PHE K 230 10.92 -67.97 68.30
N GLY K 231 10.86 -69.21 68.76
CA GLY K 231 9.68 -69.68 69.44
C GLY K 231 9.81 -69.81 70.94
N SER K 232 11.03 -69.67 71.46
CA SER K 232 11.30 -69.86 72.87
C SER K 232 11.84 -68.58 73.47
N ASP K 233 12.11 -68.60 74.77
CA ASP K 233 12.71 -67.44 75.40
C ASP K 233 14.19 -67.39 75.10
N TYR K 234 14.75 -66.17 75.16
CA TYR K 234 16.17 -66.03 74.90
C TYR K 234 17.00 -66.72 75.97
N GLY K 235 16.66 -66.53 77.25
CA GLY K 235 17.29 -67.31 78.28
C GLY K 235 18.78 -67.09 78.37
N ASN K 236 19.19 -65.85 78.61
CA ASN K 236 20.59 -65.40 78.64
C ASN K 236 21.36 -65.85 77.40
N ALA K 237 20.78 -65.54 76.25
CA ALA K 237 21.44 -65.68 74.96
C ALA K 237 21.90 -64.32 74.48
N TYR K 238 23.02 -64.29 73.78
CA TYR K 238 23.39 -63.09 73.07
C TYR K 238 22.31 -62.78 72.04
N VAL K 239 21.99 -61.50 71.91
CA VAL K 239 21.09 -61.11 70.82
C VAL K 239 21.69 -61.54 69.49
N PRO K 240 20.93 -62.16 68.61
CA PRO K 240 21.52 -63.00 67.55
C PRO K 240 22.60 -62.32 66.73
N GLN K 241 23.70 -63.04 66.54
CA GLN K 241 24.86 -62.56 65.84
C GLN K 241 25.46 -63.72 65.07
N ASN K 242 26.09 -63.41 63.95
CA ASN K 242 26.86 -64.40 63.20
C ASN K 242 28.32 -63.99 63.27
N ASN K 243 29.13 -64.78 63.96
CA ASN K 243 30.50 -64.36 64.19
C ASN K 243 31.42 -65.56 64.29
N ASP K 244 32.70 -65.25 64.48
CA ASP K 244 33.67 -66.27 64.87
C ASP K 244 33.31 -66.88 66.20
N SER K 245 32.76 -66.08 67.11
CA SER K 245 32.40 -66.57 68.43
C SER K 245 31.04 -67.25 68.46
N MET K 246 30.09 -66.81 67.64
CA MET K 246 28.72 -67.28 67.84
C MET K 246 27.91 -67.18 66.56
N ASN K 247 26.82 -67.94 66.53
CA ASN K 247 25.88 -67.93 65.41
C ASN K 247 24.47 -67.66 65.91
N ALA K 248 23.65 -67.15 65.00
CA ALA K 248 22.36 -66.59 65.38
C ALA K 248 21.30 -67.65 65.65
N VAL K 249 21.40 -68.80 64.99
CA VAL K 249 20.39 -69.84 65.06
C VAL K 249 20.89 -70.94 65.99
N GLY K 250 20.01 -71.39 66.89
CA GLY K 250 20.45 -72.24 67.98
C GLY K 250 20.20 -73.72 67.89
N THR K 251 19.37 -74.16 66.96
CA THR K 251 19.03 -75.56 66.87
C THR K 251 20.05 -76.29 66.01
N ILE K 252 20.47 -77.46 66.46
CA ILE K 252 21.31 -78.33 65.64
C ILE K 252 20.47 -78.83 64.47
N PRO K 253 20.84 -78.54 63.24
CA PRO K 253 20.12 -79.09 62.10
C PRO K 253 20.26 -80.59 62.03
N THR K 254 19.23 -81.25 61.49
CA THR K 254 19.10 -82.69 61.53
C THR K 254 18.89 -83.24 60.13
N SER K 255 19.05 -84.55 60.00
CA SER K 255 19.38 -85.19 58.73
C SER K 255 18.22 -85.17 57.74
N LYS K 256 18.60 -85.17 56.46
CA LYS K 256 17.72 -85.53 55.34
C LYS K 256 16.56 -84.54 55.18
N HIS K 257 16.85 -83.26 55.40
CA HIS K 257 15.90 -82.19 55.09
C HIS K 257 16.63 -80.87 55.21
N ILE K 258 15.88 -79.79 54.99
CA ILE K 258 16.43 -78.46 54.90
C ILE K 258 16.25 -77.76 56.24
N ASN K 259 17.24 -76.98 56.63
CA ASN K 259 17.27 -76.33 57.93
C ASN K 259 17.74 -74.91 57.76
N VAL K 260 17.23 -74.01 58.61
CA VAL K 260 17.68 -72.62 58.55
C VAL K 260 19.05 -72.54 59.18
N ARG K 261 19.98 -71.91 58.47
CA ARG K 261 21.39 -71.88 58.82
C ARG K 261 21.85 -70.43 58.84
N GLY K 262 22.62 -70.07 59.86
CA GLY K 262 23.18 -68.73 59.91
C GLY K 262 24.16 -68.50 58.77
N VAL K 263 24.24 -67.24 58.34
CA VAL K 263 25.10 -66.86 57.24
C VAL K 263 25.44 -65.38 57.39
N ASN K 264 26.55 -64.97 56.78
CA ASN K 264 26.90 -63.58 56.45
C ASN K 264 27.58 -62.69 57.49
N ASN K 265 27.82 -63.11 58.73
CA ASN K 265 28.58 -62.26 59.66
C ASN K 265 27.91 -60.90 59.88
N ARG K 266 26.83 -60.92 60.64
CA ARG K 266 26.35 -59.74 61.32
C ARG K 266 26.67 -59.89 62.79
N GLY K 267 27.32 -58.89 63.37
CA GLY K 267 27.70 -58.96 64.77
C GLY K 267 27.76 -57.59 65.37
N MET K 268 27.97 -57.54 66.69
CA MET K 268 28.05 -56.27 67.40
C MET K 268 29.44 -55.99 67.96
N ALA K 269 29.86 -54.73 67.88
CA ALA K 269 31.16 -54.32 68.37
C ALA K 269 31.16 -54.26 69.89
N GLY K 270 32.25 -54.71 70.50
CA GLY K 270 32.37 -54.71 71.95
C GLY K 270 32.50 -53.32 72.54
N HIS K 271 31.37 -52.74 72.94
CA HIS K 271 31.36 -51.41 73.54
C HIS K 271 32.01 -51.48 74.92
N TYR K 272 32.66 -50.39 75.33
CA TYR K 272 33.32 -50.36 76.61
C TYR K 272 33.35 -48.93 77.15
N LEU K 273 33.54 -48.81 78.45
CA LEU K 273 33.67 -47.52 79.12
C LEU K 273 34.93 -47.50 79.95
N SER K 274 35.66 -46.40 79.89
CA SER K 274 36.92 -46.29 80.60
C SER K 274 37.20 -44.81 80.85
N PHE K 275 38.12 -44.56 81.74
CA PHE K 275 38.51 -43.19 82.00
C PHE K 275 39.95 -42.97 81.59
N PRO K 276 40.31 -41.77 81.16
CA PRO K 276 41.68 -41.50 80.76
C PRO K 276 42.59 -41.56 81.95
N PRO K 277 43.80 -42.12 81.81
CA PRO K 277 44.75 -42.07 82.91
C PRO K 277 45.14 -40.65 83.21
N ILE K 278 45.02 -40.27 84.48
CA ILE K 278 45.45 -38.96 84.95
C ILE K 278 46.25 -39.19 86.21
N ARG K 279 47.53 -38.87 86.16
CA ARG K 279 48.38 -39.09 87.33
C ARG K 279 48.12 -38.01 88.37
N THR K 280 48.26 -38.41 89.62
CA THR K 280 48.11 -37.53 90.77
C THR K 280 49.39 -37.57 91.60
N ASN K 281 49.37 -36.85 92.71
CA ASN K 281 50.43 -37.00 93.70
C ASN K 281 50.56 -38.45 94.14
N ASP K 282 49.44 -39.18 94.22
CA ASP K 282 49.46 -40.60 94.53
C ASP K 282 48.55 -41.33 93.55
N GLY K 283 49.15 -42.23 92.76
CA GLY K 283 48.35 -43.07 91.91
C GLY K 283 47.66 -42.30 90.79
N GLN K 284 46.41 -42.64 90.55
CA GLN K 284 45.66 -42.14 89.41
C GLN K 284 44.51 -41.25 89.89
N PHE K 285 44.11 -40.33 89.03
CA PHE K 285 43.01 -39.44 89.37
C PHE K 285 41.75 -40.27 89.51
N LYS K 286 40.95 -39.95 90.51
CA LYS K 286 39.76 -40.75 90.77
C LYS K 286 38.61 -40.09 90.04
N LEU K 287 38.15 -40.71 88.96
CA LEU K 287 37.00 -40.25 88.21
C LEU K 287 35.85 -41.21 88.44
N ASN K 288 34.70 -40.63 88.73
CA ASN K 288 33.47 -41.36 88.92
C ASN K 288 32.49 -40.79 87.92
N ALA K 289 31.63 -41.63 87.38
CA ALA K 289 30.71 -41.17 86.35
C ALA K 289 29.29 -41.55 86.70
N GLN K 290 28.35 -40.66 86.39
CA GLN K 290 26.95 -41.01 86.31
C GLN K 290 26.44 -40.71 84.92
N PHE K 291 25.53 -41.54 84.44
CA PHE K 291 24.78 -41.24 83.23
C PHE K 291 23.51 -42.06 83.27
N THR K 292 22.55 -41.67 82.45
CA THR K 292 21.33 -42.44 82.32
C THR K 292 21.47 -43.42 81.18
N LEU K 293 21.02 -44.65 81.40
CA LEU K 293 21.05 -45.69 80.40
C LEU K 293 19.63 -45.91 79.91
N GLU K 294 19.35 -45.54 78.67
CA GLU K 294 18.09 -45.85 78.02
C GLU K 294 18.34 -46.91 76.99
N THR K 295 17.81 -48.11 77.20
CA THR K 295 17.92 -49.18 76.23
C THR K 295 16.57 -49.40 75.57
N GLU K 296 16.60 -49.77 74.30
CA GLU K 296 15.40 -50.13 73.58
C GLU K 296 15.68 -51.34 72.71
N ILE K 297 14.79 -52.33 72.78
CA ILE K 297 14.83 -53.47 71.89
C ILE K 297 13.48 -53.59 71.22
N GLU K 298 13.47 -53.70 69.91
CA GLU K 298 12.25 -53.68 69.13
C GLU K 298 11.98 -55.08 68.62
N PHE K 299 10.95 -55.73 69.15
CA PHE K 299 10.58 -57.06 68.71
C PHE K 299 9.53 -57.02 67.62
N GLU K 300 9.65 -57.92 66.66
CA GLU K 300 8.53 -58.32 65.82
C GLU K 300 7.98 -59.63 66.33
N PHE K 301 6.67 -59.78 66.29
CA PHE K 301 6.08 -61.04 66.68
C PHE K 301 4.96 -61.39 65.71
N ARG K 302 4.51 -62.63 65.79
CA ARG K 302 3.63 -63.20 64.79
C ARG K 302 2.69 -64.17 65.49
N LEU K 303 1.45 -64.24 65.03
CA LEU K 303 0.42 -64.93 65.78
C LEU K 303 0.13 -66.30 65.21
N TRP K 304 -0.83 -66.97 65.83
CA TRP K 304 -1.15 -68.37 65.61
C TRP K 304 -1.93 -68.58 64.32
N GLU K 305 -1.91 -69.82 63.84
CA GLU K 305 -2.58 -70.18 62.61
C GLU K 305 -4.09 -69.99 62.73
N GLN K 306 -4.70 -69.46 61.68
CA GLN K 306 -6.15 -69.33 61.66
C GLN K 306 -6.81 -70.67 61.42
N GLY K 307 -8.07 -70.75 61.80
CA GLY K 307 -8.84 -71.94 61.55
C GLY K 307 -8.80 -72.91 62.72
N VAL K 308 -9.33 -74.10 62.46
CA VAL K 308 -9.30 -75.16 63.46
C VAL K 308 -7.87 -75.52 63.81
N GLN K 309 -6.92 -75.26 62.92
CA GLN K 309 -5.52 -75.53 63.21
C GLN K 309 -5.05 -74.77 64.44
N GLY K 310 -5.61 -73.59 64.69
CA GLY K 310 -5.23 -72.77 65.81
C GLY K 310 -6.01 -72.99 67.09
N ILE K 311 -6.88 -74.00 67.12
CA ILE K 311 -7.60 -74.32 68.35
C ILE K 311 -6.65 -74.96 69.35
N ASN K 312 -6.72 -74.52 70.61
CA ASN K 312 -5.79 -74.99 71.62
C ASN K 312 -5.74 -76.50 71.70
N SER K 313 -6.91 -77.15 71.73
CA SER K 313 -6.94 -78.59 71.95
C SER K 313 -6.28 -79.35 70.80
N VAL K 314 -6.56 -78.93 69.56
CA VAL K 314 -6.04 -79.64 68.39
C VAL K 314 -4.76 -79.01 67.85
N HIS K 315 -4.30 -77.89 68.41
CA HIS K 315 -3.08 -77.29 67.89
C HIS K 315 -1.84 -78.08 68.25
N THR K 316 -1.89 -78.89 69.31
CA THR K 316 -0.73 -79.67 69.68
C THR K 316 -0.31 -80.60 68.54
N ASN K 317 -1.24 -81.41 68.07
CA ASN K 317 -0.96 -82.37 67.01
C ASN K 317 -1.24 -81.85 65.60
N LEU K 318 -1.91 -80.70 65.44
CA LEU K 318 -1.98 -80.03 64.16
C LEU K 318 -0.95 -78.93 63.97
N ASN K 319 -0.08 -78.72 64.94
CA ASN K 319 1.00 -77.76 64.76
C ASN K 319 1.80 -78.12 63.52
N PRO K 320 2.11 -77.16 62.66
CA PRO K 320 2.89 -77.48 61.45
C PRO K 320 4.27 -78.01 61.82
N ALA K 321 4.68 -79.07 61.15
CA ALA K 321 6.03 -79.56 61.33
C ALA K 321 7.05 -78.68 60.65
N ASN K 322 6.62 -77.76 59.80
CA ASN K 322 7.53 -76.82 59.15
C ASN K 322 7.73 -75.55 59.96
N ASP K 323 7.18 -75.48 61.17
CA ASP K 323 7.64 -74.46 62.10
C ASP K 323 9.14 -74.49 62.22
N SER K 324 9.70 -75.70 62.39
CA SER K 324 11.15 -75.86 62.49
C SER K 324 11.86 -75.24 61.32
N LEU K 325 11.16 -75.02 60.22
CA LEU K 325 11.77 -74.41 59.06
C LEU K 325 12.01 -72.92 59.29
N TRP K 326 10.97 -72.18 59.67
CA TRP K 326 11.10 -70.76 60.00
C TRP K 326 11.15 -70.43 61.48
N ILE K 327 10.97 -71.38 62.40
CA ILE K 327 11.03 -71.02 63.84
C ILE K 327 12.19 -71.68 64.54
N GLN K 328 13.13 -70.90 65.05
CA GLN K 328 14.47 -71.43 65.25
C GLN K 328 15.17 -71.34 66.59
N SER K 329 14.51 -70.86 67.63
CA SER K 329 15.09 -70.69 68.98
C SER K 329 16.23 -69.64 69.05
N TYR K 330 17.12 -69.76 70.03
CA TYR K 330 18.20 -68.77 70.20
C TYR K 330 19.57 -69.39 69.96
N GLY K 331 20.48 -68.65 69.34
CA GLY K 331 21.70 -69.28 68.89
C GLY K 331 22.74 -69.61 69.92
N SER K 332 23.20 -68.60 70.65
CA SER K 332 24.38 -68.76 71.47
C SER K 332 24.18 -68.02 72.77
N LEU K 333 24.59 -68.66 73.85
CA LEU K 333 24.32 -68.20 75.19
C LEU K 333 25.55 -67.53 75.77
N VAL K 334 25.33 -66.49 76.58
CA VAL K 334 26.42 -66.04 77.42
C VAL K 334 26.76 -67.16 78.38
N SER K 335 27.99 -67.16 78.88
CA SER K 335 28.44 -68.25 79.73
C SER K 335 28.13 -67.88 81.16
N ILE K 336 27.20 -68.61 81.76
CA ILE K 336 26.66 -68.30 83.07
C ILE K 336 26.87 -69.51 83.95
N THR K 337 27.69 -69.37 84.98
CA THR K 337 27.68 -70.32 86.08
C THR K 337 27.02 -69.63 87.27
N GLU K 338 26.18 -70.37 87.98
CA GLU K 338 25.33 -69.80 89.02
C GLU K 338 24.57 -68.63 88.39
N SER K 339 24.51 -67.47 89.02
CA SER K 339 23.92 -66.28 88.44
C SER K 339 24.95 -65.38 87.76
N LYS K 340 26.20 -65.81 87.70
CA LYS K 340 27.33 -64.92 87.42
C LYS K 340 27.87 -65.17 86.02
N ILE K 341 28.11 -64.09 85.29
CA ILE K 341 28.64 -64.21 83.94
C ILE K 341 30.10 -64.60 83.99
N ASN K 342 30.47 -65.64 83.24
CA ASN K 342 31.86 -66.08 83.20
C ASN K 342 32.69 -65.20 82.28
N ASN K 343 32.15 -64.86 81.12
CA ASN K 343 32.87 -64.10 80.12
C ASN K 343 31.84 -63.47 79.20
N ILE K 344 32.25 -62.46 78.45
CA ILE K 344 31.42 -61.88 77.41
C ILE K 344 32.20 -61.91 76.11
N GLN K 345 31.58 -62.43 75.07
CA GLN K 345 32.13 -62.48 73.73
C GLN K 345 31.48 -61.37 72.92
N PHE K 346 32.25 -60.73 72.04
CA PHE K 346 31.70 -59.64 71.25
C PHE K 346 31.57 -59.97 69.78
N GLY K 347 32.66 -60.18 69.08
CA GLY K 347 32.60 -60.53 67.67
C GLY K 347 31.73 -59.68 66.75
N PRO K 348 32.24 -58.51 66.39
CA PRO K 348 31.61 -57.50 65.53
C PRO K 348 31.57 -57.90 64.07
N THR K 349 30.84 -57.16 63.25
CA THR K 349 30.85 -57.47 61.84
C THR K 349 32.15 -56.81 61.49
N CYS K 350 33.18 -57.60 61.28
CA CYS K 350 34.47 -56.99 61.03
C CYS K 350 34.56 -56.44 59.64
N PRO K 351 35.21 -55.30 59.51
CA PRO K 351 35.31 -54.57 58.24
C PRO K 351 36.18 -55.25 57.21
N ARG K 352 37.04 -56.18 57.62
CA ARG K 352 37.92 -56.83 56.66
C ARG K 352 37.31 -58.09 56.06
N VAL K 353 36.16 -58.56 56.54
CA VAL K 353 35.39 -59.53 55.78
C VAL K 353 34.90 -58.88 54.49
N ASP K 354 34.85 -59.66 53.42
CA ASP K 354 34.38 -59.16 52.14
C ASP K 354 33.00 -58.55 52.31
N ALA K 355 32.82 -57.37 51.73
CA ALA K 355 31.54 -56.68 51.86
C ALA K 355 30.40 -57.49 51.29
N ARG K 356 30.69 -58.46 50.41
CA ARG K 356 29.65 -59.30 49.87
C ARG K 356 29.15 -60.30 50.91
N ASN K 357 30.00 -60.63 51.88
CA ASN K 357 29.56 -61.48 52.98
C ASN K 357 28.79 -60.71 54.03
N LYS K 358 29.04 -59.43 54.20
CA LYS K 358 28.56 -58.67 55.35
C LYS K 358 27.13 -58.20 55.18
N GLY K 359 26.45 -58.56 54.10
CA GLY K 359 25.18 -57.97 53.77
C GLY K 359 24.02 -58.39 54.67
N GLY K 360 22.80 -58.15 54.22
CA GLY K 360 21.65 -58.07 55.10
C GLY K 360 21.18 -59.31 55.84
N LYS K 361 20.88 -60.38 55.12
CA LYS K 361 20.10 -61.48 55.67
C LYS K 361 20.99 -62.41 56.50
N MET K 362 20.59 -62.64 57.75
CA MET K 362 21.42 -63.42 58.67
C MET K 362 21.16 -64.90 58.64
N SER K 363 20.29 -65.40 57.79
CA SER K 363 20.09 -66.83 57.75
C SER K 363 19.77 -67.26 56.35
N MET K 364 19.99 -68.53 56.08
CA MET K 364 19.67 -69.13 54.81
C MET K 364 19.02 -70.48 55.11
N LEU K 365 18.18 -70.94 54.21
CA LEU K 365 17.46 -72.17 54.40
C LEU K 365 18.19 -73.22 53.57
N PHE K 366 19.00 -74.00 54.26
CA PHE K 366 19.94 -74.94 53.65
C PHE K 366 19.82 -76.33 54.22
N ASP K 367 19.89 -77.33 53.36
CA ASP K 367 19.74 -78.72 53.76
C ASP K 367 20.91 -79.34 54.53
N HIS K 368 20.60 -80.40 55.25
CA HIS K 368 21.61 -81.13 55.98
C HIS K 368 21.51 -82.60 55.62
N HIS K 369 22.64 -83.23 55.34
CA HIS K 369 22.63 -84.64 54.98
C HIS K 369 23.13 -85.51 56.13
N GLU L 36 -44.57 2.36 64.45
CA GLU L 36 -43.68 3.48 64.70
C GLU L 36 -43.56 3.71 66.20
N GLY L 37 -42.44 4.30 66.63
CA GLY L 37 -42.21 4.54 68.04
C GLY L 37 -41.56 3.34 68.71
N ASP L 38 -41.39 3.46 70.01
CA ASP L 38 -40.80 2.39 70.80
C ASP L 38 -41.80 1.35 71.23
N GLY L 39 -43.06 1.49 70.83
CA GLY L 39 -44.10 0.54 71.16
C GLY L 39 -45.08 1.03 72.20
N SER L 40 -44.73 2.11 72.89
CA SER L 40 -45.55 2.67 73.96
C SER L 40 -46.92 3.15 73.55
N ALA L 41 -47.18 3.18 72.25
CA ALA L 41 -48.46 3.63 71.71
C ALA L 41 -49.58 2.63 71.93
N PRO L 42 -50.82 3.06 71.78
CA PRO L 42 -51.90 2.10 71.99
C PRO L 42 -51.89 0.90 71.03
N GLY L 43 -51.54 1.03 69.77
CA GLY L 43 -51.57 -0.11 68.87
C GLY L 43 -50.24 -0.53 68.25
N GLY L 44 -50.13 -1.77 67.80
CA GLY L 44 -48.89 -2.26 67.22
C GLY L 44 -48.09 -3.17 68.12
N SER L 45 -46.79 -2.93 68.23
CA SER L 45 -45.91 -3.76 69.06
C SER L 45 -45.92 -3.39 70.55
N VAL L 46 -45.61 -4.36 71.40
CA VAL L 46 -45.60 -4.22 72.85
C VAL L 46 -44.35 -3.55 73.36
N TRP L 47 -44.51 -2.52 74.18
CA TRP L 47 -43.36 -1.89 74.77
C TRP L 47 -42.91 -2.89 75.80
N GLN L 48 -41.64 -3.25 75.79
CA GLN L 48 -41.17 -4.23 76.73
C GLN L 48 -39.93 -3.72 77.44
N THR L 49 -39.76 -4.18 78.67
CA THR L 49 -38.72 -3.71 79.57
C THR L 49 -37.35 -4.23 79.16
N THR L 50 -36.32 -3.58 79.69
CA THR L 50 -34.95 -3.91 79.35
C THR L 50 -34.59 -5.32 79.80
N ASP L 51 -33.58 -5.88 79.15
CA ASP L 51 -33.15 -7.25 79.38
C ASP L 51 -32.26 -7.34 80.61
N TYR L 52 -32.64 -8.21 81.55
CA TYR L 52 -31.81 -8.46 82.71
C TYR L 52 -30.85 -9.63 82.56
N ILE L 53 -30.93 -10.39 81.47
CA ILE L 53 -30.01 -11.51 81.30
C ILE L 53 -28.62 -11.03 80.98
N ALA L 54 -28.50 -10.10 80.03
CA ALA L 54 -27.21 -9.76 79.44
C ALA L 54 -26.16 -9.48 80.50
N LEU L 55 -26.53 -8.76 81.57
CA LEU L 55 -25.57 -8.46 82.62
C LEU L 55 -25.36 -9.61 83.59
N SER L 56 -26.29 -10.55 83.69
CA SER L 56 -26.07 -11.69 84.56
C SER L 56 -25.19 -12.74 83.90
N MET L 57 -25.11 -12.75 82.57
CA MET L 57 -24.29 -13.73 81.87
C MET L 57 -22.87 -13.25 81.59
N VAL L 58 -22.56 -11.99 81.82
CA VAL L 58 -21.23 -11.50 81.48
C VAL L 58 -20.21 -12.19 82.37
N VAL L 59 -19.19 -12.77 81.75
CA VAL L 59 -18.16 -13.51 82.46
C VAL L 59 -16.96 -12.59 82.64
N TYR L 60 -16.58 -12.38 83.89
CA TYR L 60 -15.41 -11.59 84.22
C TYR L 60 -14.28 -12.54 84.57
N ARG L 61 -13.07 -12.14 84.23
CA ARG L 61 -11.94 -13.07 84.23
C ARG L 61 -10.78 -12.45 84.98
N THR L 62 -10.37 -13.10 86.07
CA THR L 62 -9.26 -12.62 86.88
C THR L 62 -8.22 -13.71 87.06
N ALA L 63 -7.20 -13.44 87.88
CA ALA L 63 -6.18 -14.43 88.14
C ALA L 63 -5.52 -14.13 89.47
N ILE L 64 -4.85 -15.14 90.02
CA ILE L 64 -4.07 -15.01 91.24
C ILE L 64 -2.67 -15.51 90.95
N LYS L 65 -1.69 -14.63 91.04
CA LYS L 65 -0.30 -14.96 90.77
C LYS L 65 0.49 -14.82 92.05
N LEU L 66 1.35 -15.79 92.33
CA LEU L 66 2.13 -15.82 93.56
C LEU L 66 3.52 -16.36 93.25
N ARG L 67 4.54 -15.78 93.88
CA ARG L 67 5.90 -16.26 93.76
C ARG L 67 6.40 -16.79 95.10
N ASN L 68 7.35 -17.70 94.99
CA ASN L 68 7.85 -18.43 96.15
C ASN L 68 9.27 -18.85 95.81
N PHE L 69 10.09 -19.04 96.83
CA PHE L 69 11.37 -19.69 96.69
C PHE L 69 11.30 -21.06 97.32
N VAL L 70 11.72 -22.07 96.58
CA VAL L 70 11.67 -23.45 97.04
C VAL L 70 13.09 -23.91 97.31
N ASN L 71 13.30 -24.50 98.49
CA ASN L 71 14.58 -25.09 98.87
C ASN L 71 14.34 -26.57 99.14
N ILE L 72 14.93 -27.42 98.33
CA ILE L 72 14.79 -28.87 98.45
C ILE L 72 16.12 -29.40 98.95
N ARG L 73 16.14 -29.91 100.17
CA ARG L 73 17.37 -30.40 100.77
C ARG L 73 17.20 -31.82 101.27
N GLY L 74 18.31 -32.55 101.31
CA GLY L 74 18.34 -33.86 101.91
C GLY L 74 17.40 -34.85 101.26
N LEU L 75 17.26 -34.79 99.95
CA LEU L 75 16.35 -35.63 99.21
C LEU L 75 17.17 -36.74 98.55
N THR L 76 17.02 -37.96 99.04
CA THR L 76 17.77 -39.07 98.49
C THR L 76 17.16 -39.51 97.16
N PRO L 77 17.90 -40.28 96.35
CA PRO L 77 17.38 -40.62 95.01
C PRO L 77 16.14 -41.47 95.02
N THR L 78 15.86 -42.20 96.10
CA THR L 78 14.63 -42.98 96.17
C THR L 78 13.43 -42.09 96.45
N GLU L 79 13.57 -41.20 97.43
CA GLU L 79 12.50 -40.29 97.79
C GLU L 79 12.38 -39.16 96.76
N MET L 80 11.21 -38.53 96.74
CA MET L 80 10.81 -37.67 95.64
C MET L 80 9.87 -36.60 96.15
N ILE L 81 9.99 -35.39 95.60
CA ILE L 81 9.12 -34.28 95.98
C ILE L 81 7.85 -34.34 95.16
N VAL L 82 6.72 -34.30 95.84
CA VAL L 82 5.41 -34.29 95.20
C VAL L 82 5.00 -32.85 95.00
N ILE L 83 4.72 -32.48 93.75
CA ILE L 83 4.29 -31.11 93.47
C ILE L 83 2.80 -31.08 93.75
N PRO L 84 2.33 -30.43 94.77
CA PRO L 84 0.88 -30.40 95.03
C PRO L 84 0.17 -29.48 94.06
N TRP L 85 0.39 -29.71 92.77
CA TRP L 85 -0.01 -28.72 91.78
C TRP L 85 -1.43 -28.97 91.30
N ASN L 86 -2.03 -30.08 91.68
CA ASN L 86 -3.41 -30.37 91.36
C ASN L 86 -4.38 -30.03 92.47
N VAL L 87 -3.92 -29.48 93.57
CA VAL L 87 -4.80 -29.03 94.64
C VAL L 87 -5.04 -27.55 94.48
N MET L 88 -6.30 -27.15 94.65
CA MET L 88 -6.69 -25.77 94.37
C MET L 88 -5.98 -24.80 95.30
N ARG L 89 -5.79 -25.20 96.56
CA ARG L 89 -5.20 -24.34 97.57
C ARG L 89 -3.75 -23.99 97.26
N PHE L 90 -3.11 -24.74 96.38
CA PHE L 90 -1.72 -24.48 96.03
C PHE L 90 -1.57 -23.12 95.33
N TYR L 91 -2.47 -22.82 94.41
CA TYR L 91 -2.32 -21.63 93.58
C TYR L 91 -2.83 -20.37 94.26
N CYS L 92 -4.00 -20.44 94.88
CA CYS L 92 -4.68 -19.25 95.38
C CYS L 92 -4.50 -19.01 96.87
N GLU L 93 -3.77 -19.86 97.57
CA GLU L 93 -3.43 -19.63 98.96
C GLU L 93 -1.94 -19.81 99.12
N TYR L 94 -1.31 -18.91 99.86
CA TYR L 94 0.14 -18.82 99.86
C TYR L 94 0.62 -19.49 101.14
N ASN L 95 1.16 -20.68 101.01
CA ASN L 95 1.63 -21.41 102.19
C ASN L 95 3.14 -21.49 102.06
N THR L 96 3.82 -20.66 102.83
CA THR L 96 5.27 -20.66 102.88
C THR L 96 5.68 -20.30 104.29
N GLY L 97 6.57 -21.07 104.88
CA GLY L 97 7.16 -20.64 106.14
C GLY L 97 6.13 -20.31 107.20
N THR L 98 6.22 -19.08 107.72
CA THR L 98 5.34 -18.63 108.78
C THR L 98 3.95 -18.25 108.28
N TYR L 99 3.81 -17.95 106.98
CA TYR L 99 2.52 -17.51 106.45
C TYR L 99 1.42 -18.51 106.76
N GLY L 100 1.62 -19.77 106.35
CA GLY L 100 0.60 -20.78 106.57
C GLY L 100 0.20 -20.95 108.02
N LEU L 101 1.07 -20.58 108.95
CA LEU L 101 0.71 -20.62 110.36
C LEU L 101 -0.23 -19.47 110.71
N SER L 102 -0.01 -18.29 110.11
CA SER L 102 -0.90 -17.17 110.31
C SER L 102 -2.22 -17.40 109.58
N GLY L 103 -3.24 -16.66 110.01
CA GLY L 103 -4.59 -16.90 109.52
C GLY L 103 -4.93 -16.17 108.24
N ASN L 104 -5.83 -16.78 107.47
CA ASN L 104 -6.41 -16.21 106.26
C ASN L 104 -5.32 -15.70 105.31
N VAL L 105 -4.60 -16.67 104.74
CA VAL L 105 -3.53 -16.36 103.81
C VAL L 105 -4.02 -16.41 102.36
N HIS L 106 -5.31 -16.62 102.15
CA HIS L 106 -5.86 -16.57 100.81
C HIS L 106 -5.60 -15.21 100.16
N HIS L 107 -5.40 -15.23 98.85
CA HIS L 107 -5.24 -13.98 98.13
C HIS L 107 -6.57 -13.24 98.09
N LYS L 108 -6.50 -11.91 98.10
CA LYS L 108 -7.72 -11.13 98.25
C LYS L 108 -8.60 -11.16 97.01
N ASN L 109 -8.03 -11.45 95.83
CA ASN L 109 -8.89 -11.69 94.68
C ASN L 109 -9.75 -12.91 94.90
N TYR L 110 -9.29 -13.88 95.66
CA TYR L 110 -10.11 -15.05 95.89
C TYR L 110 -11.18 -14.78 96.93
N SER L 111 -10.87 -13.96 97.93
CA SER L 111 -11.86 -13.65 98.96
C SER L 111 -13.09 -13.00 98.36
N MET L 112 -12.93 -12.20 97.32
CA MET L 112 -14.08 -11.60 96.66
C MET L 112 -14.74 -12.52 95.65
N LEU L 113 -14.04 -13.54 95.14
CA LEU L 113 -14.71 -14.51 94.30
C LEU L 113 -15.85 -15.18 95.05
N LEU L 114 -15.82 -15.14 96.37
CA LEU L 114 -16.93 -15.56 97.20
C LEU L 114 -17.99 -14.49 97.34
N ALA L 115 -17.67 -13.24 96.97
CA ALA L 115 -18.68 -12.18 96.96
C ALA L 115 -19.56 -12.25 95.72
N CYS L 116 -18.97 -12.52 94.57
CA CYS L 116 -19.75 -12.75 93.37
C CYS L 116 -20.43 -14.11 93.45
N LYS L 117 -21.48 -14.30 92.66
CA LYS L 117 -22.30 -15.48 92.89
C LYS L 117 -21.69 -16.75 92.32
N ALA L 118 -20.85 -16.65 91.31
CA ALA L 118 -20.26 -17.80 90.67
C ALA L 118 -18.83 -17.51 90.30
N HIS L 119 -17.96 -18.48 90.49
CA HIS L 119 -16.60 -18.39 90.00
C HIS L 119 -16.19 -19.74 89.46
N ARG L 120 -15.27 -19.73 88.51
CA ARG L 120 -14.80 -20.96 87.94
C ARG L 120 -13.29 -20.89 87.73
N PRO L 121 -12.57 -21.96 88.04
CA PRO L 121 -11.10 -21.89 88.08
C PRO L 121 -10.40 -21.82 86.73
N THR L 122 -10.99 -22.30 85.64
CA THR L 122 -10.36 -22.30 84.32
C THR L 122 -8.89 -22.73 84.35
N LYS L 123 -8.01 -21.99 83.69
CA LYS L 123 -6.64 -22.43 83.55
C LYS L 123 -5.89 -22.34 84.87
N VAL L 124 -4.90 -23.21 85.04
CA VAL L 124 -4.06 -23.23 86.23
C VAL L 124 -2.67 -23.70 85.81
N GLY L 125 -1.65 -23.15 86.45
CA GLY L 125 -0.30 -23.51 86.04
C GLY L 125 0.73 -22.96 87.00
N TYR L 126 1.99 -23.34 86.75
CA TYR L 126 3.09 -22.88 87.59
C TYR L 126 4.38 -22.92 86.80
N THR L 127 5.39 -22.25 87.34
CA THR L 127 6.69 -22.12 86.70
C THR L 127 7.79 -22.39 87.71
N LEU L 128 8.74 -23.23 87.32
CA LEU L 128 10.00 -23.41 88.05
C LEU L 128 11.09 -22.66 87.31
N SER L 129 11.87 -21.88 88.04
CA SER L 129 12.80 -20.98 87.38
C SER L 129 14.07 -20.81 88.19
N ASN L 130 15.17 -20.52 87.48
CA ASN L 130 16.45 -20.17 88.08
C ASN L 130 16.87 -21.16 89.16
N LEU L 131 17.20 -22.34 88.68
CA LEU L 131 17.60 -23.42 89.55
C LEU L 131 19.01 -23.17 90.10
N ILE L 132 19.17 -23.40 91.39
CA ILE L 132 20.46 -23.34 92.05
C ILE L 132 20.65 -24.65 92.79
N LEU L 133 21.65 -25.42 92.37
CA LEU L 133 22.05 -26.63 93.07
C LEU L 133 23.21 -26.34 93.99
N THR L 134 23.15 -26.90 95.19
CA THR L 134 24.23 -26.81 96.16
C THR L 134 24.55 -28.22 96.64
N SER L 135 25.69 -28.36 97.30
CA SER L 135 26.17 -29.66 97.72
C SER L 135 26.57 -29.61 99.19
N ASP L 136 26.13 -30.60 99.95
CA ASP L 136 26.57 -30.81 101.32
C ASP L 136 27.80 -31.68 101.38
N GLU L 137 28.38 -32.04 100.24
CA GLU L 137 29.50 -32.97 100.22
C GLU L 137 30.66 -32.49 101.07
N LEU L 138 30.94 -31.19 101.06
CA LEU L 138 31.99 -30.66 101.91
C LEU L 138 31.57 -30.56 103.36
N VAL L 139 30.29 -30.67 103.65
CA VAL L 139 29.78 -30.58 105.01
C VAL L 139 30.05 -31.88 105.74
N SER L 140 30.46 -31.76 106.99
CA SER L 140 30.65 -32.91 107.87
C SER L 140 30.22 -32.50 109.27
N THR L 141 30.03 -33.50 110.14
CA THR L 141 29.59 -33.21 111.50
C THR L 141 30.61 -32.35 112.24
N GLY L 142 31.89 -32.42 111.86
CA GLY L 142 32.87 -31.52 112.43
C GLY L 142 32.65 -30.08 112.02
N GLY L 143 32.03 -29.86 110.86
CA GLY L 143 31.68 -28.52 110.46
C GLY L 143 32.82 -27.79 109.77
N THR L 144 32.84 -26.47 109.98
CA THR L 144 33.84 -25.54 109.48
C THR L 144 33.75 -25.35 107.96
N LEU L 145 32.99 -26.21 107.28
CA LEU L 145 32.71 -26.06 105.86
C LEU L 145 31.22 -26.27 105.64
N GLY L 146 30.57 -25.29 105.01
CA GLY L 146 29.16 -25.36 104.74
C GLY L 146 28.88 -25.78 103.31
N THR L 147 27.60 -25.88 102.99
CA THR L 147 27.22 -26.25 101.64
C THR L 147 27.58 -25.13 100.68
N THR L 148 27.78 -25.50 99.42
CA THR L 148 28.06 -24.50 98.41
C THR L 148 27.60 -25.05 97.07
N THR L 149 27.40 -24.15 96.12
CA THR L 149 26.95 -24.53 94.79
C THR L 149 27.88 -25.55 94.18
N THR L 150 27.32 -26.43 93.37
CA THR L 150 28.08 -27.51 92.77
C THR L 150 29.26 -26.97 91.98
N PHE L 151 30.37 -27.71 92.01
CA PHE L 151 31.61 -27.26 91.39
C PHE L 151 31.42 -27.00 89.90
N ASN L 152 30.62 -27.83 89.23
CA ASN L 152 30.26 -27.60 87.85
C ASN L 152 28.76 -27.77 87.70
N THR L 153 28.25 -27.36 86.54
CA THR L 153 26.82 -27.31 86.29
C THR L 153 26.26 -28.61 85.74
N SER L 154 27.08 -29.66 85.65
CA SER L 154 26.59 -30.95 85.19
C SER L 154 25.45 -31.55 86.02
N PRO L 155 25.40 -31.39 87.35
CA PRO L 155 24.28 -31.98 88.09
C PRO L 155 22.96 -31.32 87.69
N TYR L 156 21.87 -32.02 88.01
CA TYR L 156 20.55 -31.59 87.59
C TYR L 156 19.51 -32.08 88.59
N MET L 157 18.35 -31.44 88.54
CA MET L 157 17.18 -31.89 89.27
C MET L 157 16.16 -32.39 88.28
N ILE L 158 15.59 -33.55 88.55
CA ILE L 158 14.71 -34.22 87.60
C ILE L 158 13.29 -33.77 87.88
N HIS L 159 12.63 -33.20 86.89
CA HIS L 159 11.22 -32.90 86.99
C HIS L 159 10.44 -33.98 86.24
N SER L 160 9.67 -34.75 86.99
CA SER L 160 8.98 -35.91 86.44
C SER L 160 7.49 -35.62 86.35
N ILE L 161 6.90 -35.92 85.20
CA ILE L 161 5.46 -35.86 85.01
C ILE L 161 5.00 -37.28 84.77
N ASP L 162 4.12 -37.79 85.62
CA ASP L 162 3.71 -39.17 85.48
C ASP L 162 2.46 -39.18 84.61
N ASP L 163 2.61 -39.58 83.36
CA ASP L 163 1.51 -39.64 82.41
C ASP L 163 0.75 -40.94 82.52
N GLN L 164 1.47 -42.03 82.70
CA GLN L 164 0.88 -43.36 82.75
C GLN L 164 0.34 -43.68 84.13
N GLN L 165 0.47 -42.75 85.07
CA GLN L 165 0.00 -42.92 86.44
C GLN L 165 0.63 -44.16 87.08
N CYS L 166 1.96 -44.19 87.05
CA CYS L 166 2.67 -45.18 87.86
C CYS L 166 2.25 -45.08 89.31
N LEU L 167 2.09 -43.86 89.81
CA LEU L 167 1.65 -43.60 91.17
C LEU L 167 0.25 -43.00 91.10
N SER L 168 -0.73 -43.77 91.52
CA SER L 168 -2.10 -43.28 91.57
C SER L 168 -2.31 -42.38 92.78
N LYS L 169 -1.83 -42.82 93.92
CA LYS L 169 -2.04 -42.16 95.20
C LYS L 169 -0.72 -42.15 95.94
N VAL L 170 -0.35 -40.98 96.46
CA VAL L 170 0.98 -40.75 96.98
C VAL L 170 0.88 -40.42 98.46
N TYR L 171 1.70 -41.06 99.27
CA TYR L 171 1.71 -40.88 100.71
C TYR L 171 3.01 -40.27 101.17
N PRO L 172 3.01 -39.56 102.29
CA PRO L 172 4.28 -39.07 102.85
C PRO L 172 5.15 -40.22 103.34
N LYS L 173 6.43 -39.92 103.53
CA LYS L 173 7.34 -40.91 104.07
C LYS L 173 6.95 -41.27 105.49
N THR L 174 7.40 -42.45 105.92
CA THR L 174 6.98 -43.01 107.19
C THR L 174 7.15 -42.01 108.33
N ASP L 175 8.32 -41.39 108.42
CA ASP L 175 8.57 -40.48 109.54
C ASP L 175 7.92 -39.12 109.32
N THR L 176 7.96 -38.61 108.09
CA THR L 176 7.53 -37.24 107.85
C THR L 176 6.01 -37.15 107.74
N VAL L 177 5.53 -35.93 107.54
CA VAL L 177 4.12 -35.66 107.32
C VAL L 177 4.03 -34.41 106.46
N TRP L 178 2.89 -34.25 105.79
CA TRP L 178 2.71 -33.14 104.86
C TRP L 178 1.81 -32.10 105.47
N PRO L 179 2.33 -30.96 105.93
CA PRO L 179 1.46 -29.89 106.38
C PRO L 179 0.84 -29.17 105.21
N VAL L 180 -0.39 -28.70 105.39
CA VAL L 180 -0.96 -27.88 104.33
C VAL L 180 -0.39 -26.48 104.41
N SER L 181 0.00 -26.03 105.61
CA SER L 181 0.62 -24.73 105.77
C SER L 181 1.96 -24.63 105.07
N SER L 182 2.57 -25.77 104.76
CA SER L 182 3.86 -25.84 104.11
C SER L 182 3.75 -26.03 102.60
N MET L 183 2.54 -25.97 102.05
CA MET L 183 2.28 -26.51 100.72
C MET L 183 3.17 -25.90 99.65
N ARG L 184 3.28 -24.57 99.60
CA ARG L 184 3.91 -23.97 98.43
C ARG L 184 5.43 -24.04 98.43
N GLU L 185 6.10 -24.12 99.57
CA GLU L 185 7.50 -24.50 99.52
C GLU L 185 7.50 -26.00 99.52
N LEU L 186 8.22 -26.61 98.59
CA LEU L 186 7.89 -27.99 98.28
C LEU L 186 8.75 -28.83 99.21
N ASP L 187 8.15 -29.27 100.30
CA ASP L 187 8.74 -30.22 101.22
C ASP L 187 8.15 -31.60 101.14
N TYR L 188 7.14 -31.84 100.30
CA TYR L 188 6.41 -33.09 100.42
C TYR L 188 7.24 -34.18 99.79
N VAL L 189 7.65 -35.15 100.59
CA VAL L 189 8.57 -36.19 100.17
C VAL L 189 7.83 -37.51 100.21
N ALA L 190 7.75 -38.14 99.05
CA ALA L 190 7.23 -39.49 98.93
C ALA L 190 8.40 -40.43 98.68
N SER L 191 8.30 -41.63 99.21
CA SER L 191 9.27 -42.68 98.92
C SER L 191 8.54 -43.73 98.10
N THR L 192 8.88 -43.82 96.82
CA THR L 192 8.24 -44.78 95.94
C THR L 192 9.00 -46.09 96.05
N VAL L 193 8.30 -47.14 96.48
CA VAL L 193 8.92 -48.40 96.84
C VAL L 193 8.04 -49.54 96.33
N SER L 194 8.66 -50.51 95.67
CA SER L 194 7.98 -51.75 95.31
C SER L 194 8.01 -52.66 96.54
N GLY L 195 7.68 -53.93 96.38
CA GLY L 195 7.62 -54.75 97.58
C GLY L 195 8.94 -54.82 98.32
N ASP L 196 9.99 -55.35 97.68
CA ASP L 196 11.35 -55.24 98.20
C ASP L 196 12.17 -54.15 97.53
N ASN L 197 11.64 -53.47 96.54
CA ASN L 197 12.44 -52.66 95.63
C ASN L 197 12.19 -51.19 95.88
N ALA L 198 13.26 -50.42 96.06
CA ALA L 198 13.16 -48.97 96.08
C ALA L 198 13.14 -48.45 94.66
N ILE L 199 12.08 -47.75 94.29
CA ILE L 199 11.93 -47.23 92.94
C ILE L 199 12.69 -45.93 92.82
N ILE L 200 13.54 -45.82 91.80
CA ILE L 200 14.08 -44.53 91.41
C ILE L 200 13.00 -43.82 90.61
N PRO L 201 12.49 -42.69 91.08
CA PRO L 201 11.28 -42.11 90.45
C PRO L 201 11.45 -41.79 88.98
N SER L 202 12.60 -41.27 88.58
CA SER L 202 12.81 -40.91 87.18
C SER L 202 12.68 -42.10 86.24
N THR L 203 12.85 -43.32 86.73
CA THR L 203 12.87 -44.46 85.83
C THR L 203 11.47 -44.90 85.43
N ILE L 204 10.51 -44.83 86.34
CA ILE L 204 9.16 -45.26 86.03
C ILE L 204 8.38 -44.18 85.28
N PHE L 205 8.58 -42.92 85.63
CA PHE L 205 7.74 -41.85 85.11
C PHE L 205 8.01 -41.60 83.64
N ASN L 206 7.01 -41.00 82.99
CA ASN L 206 7.04 -40.89 81.52
C ASN L 206 7.91 -39.72 81.07
N LYS L 207 7.42 -38.49 81.28
CA LYS L 207 8.21 -37.32 80.97
C LYS L 207 9.10 -36.99 82.15
N ASN L 208 10.40 -37.02 81.93
CA ASN L 208 11.39 -36.67 82.92
C ASN L 208 12.31 -35.62 82.31
N ARG L 209 12.26 -34.43 82.84
CA ARG L 209 13.10 -33.33 82.40
C ARG L 209 14.30 -33.22 83.34
N TYR L 210 15.50 -33.31 82.78
CA TYR L 210 16.69 -33.11 83.60
C TYR L 210 17.06 -31.65 83.48
N TRP L 211 16.86 -30.91 84.55
CA TRP L 211 16.87 -29.47 84.52
C TRP L 211 18.07 -28.98 85.31
N LYS L 212 18.97 -28.31 84.63
CA LYS L 212 20.27 -27.95 85.17
C LYS L 212 20.29 -26.47 85.54
N GLN L 213 21.44 -26.04 86.02
CA GLN L 213 21.66 -24.64 86.33
C GLN L 213 21.89 -23.87 85.05
N GLY L 214 21.07 -22.86 84.81
CA GLY L 214 21.13 -22.09 83.59
C GLY L 214 20.08 -22.44 82.57
N ASP L 215 19.41 -23.58 82.73
CA ASP L 215 18.34 -23.94 81.82
C ASP L 215 17.19 -22.97 81.95
N ASP L 216 16.39 -22.90 80.88
CA ASP L 216 15.24 -22.02 80.87
C ASP L 216 14.21 -22.49 81.89
N ALA L 217 13.35 -21.58 82.30
CA ALA L 217 12.32 -21.92 83.28
C ALA L 217 11.41 -23.01 82.75
N LEU L 218 10.88 -23.81 83.66
CA LEU L 218 9.98 -24.90 83.32
C LEU L 218 8.56 -24.44 83.57
N HIS L 219 7.76 -24.38 82.50
CA HIS L 219 6.41 -23.87 82.56
C HIS L 219 5.43 -25.03 82.44
N PHE L 220 4.49 -25.11 83.36
CA PHE L 220 3.50 -26.17 83.34
C PHE L 220 2.12 -25.55 83.52
N SER L 221 1.17 -25.99 82.71
CA SER L 221 -0.14 -25.39 82.69
C SER L 221 -1.19 -26.48 82.54
N HIS L 222 -2.39 -26.18 83.01
CA HIS L 222 -3.53 -27.06 82.81
C HIS L 222 -4.74 -26.20 82.50
N ASP L 223 -5.42 -26.49 81.40
CA ASP L 223 -6.63 -25.77 81.04
C ASP L 223 -7.84 -26.54 81.54
N LEU L 224 -8.74 -25.85 82.20
CA LEU L 224 -10.01 -26.41 82.63
C LEU L 224 -11.12 -25.86 81.76
N ASP L 225 -11.89 -26.74 81.15
CA ASP L 225 -13.15 -26.35 80.51
C ASP L 225 -14.26 -27.02 81.29
N LEU L 226 -14.99 -26.23 82.05
CA LEU L 226 -16.11 -26.70 82.86
C LEU L 226 -17.40 -26.21 82.22
N GLY L 227 -18.42 -27.03 82.27
CA GLY L 227 -19.69 -26.52 81.83
C GLY L 227 -20.46 -25.81 82.90
N PHE L 228 -19.90 -25.68 84.09
CA PHE L 228 -20.63 -25.19 85.23
C PHE L 228 -19.72 -24.27 86.03
N TRP L 229 -20.23 -23.81 87.17
CA TRP L 229 -19.61 -22.79 87.97
C TRP L 229 -19.63 -23.25 89.42
N PHE L 230 -18.87 -22.56 90.27
CA PHE L 230 -18.83 -22.90 91.69
C PHE L 230 -19.33 -21.73 92.50
N GLY L 231 -20.14 -22.03 93.51
CA GLY L 231 -20.68 -20.98 94.36
C GLY L 231 -20.04 -20.89 95.73
N SER L 232 -19.22 -21.87 96.09
CA SER L 232 -18.63 -21.93 97.41
C SER L 232 -17.12 -21.87 97.30
N ASP L 233 -16.45 -21.90 98.45
CA ASP L 233 -15.00 -21.92 98.44
C ASP L 233 -14.50 -23.33 98.12
N TYR L 234 -13.29 -23.39 97.57
CA TYR L 234 -12.73 -24.71 97.26
C TYR L 234 -12.48 -25.51 98.52
N GLY L 235 -11.88 -24.91 99.54
CA GLY L 235 -11.80 -25.58 100.81
C GLY L 235 -10.99 -26.86 100.77
N ASN L 236 -9.72 -26.75 100.37
CA ASN L 236 -8.80 -27.88 100.16
C ASN L 236 -9.43 -28.96 99.28
N ALA L 237 -9.92 -28.53 98.13
CA ALA L 237 -10.36 -29.40 97.06
C ALA L 237 -9.31 -29.43 95.97
N TYR L 238 -9.16 -30.59 95.33
CA TYR L 238 -8.38 -30.63 94.11
C TYR L 238 -9.00 -29.71 93.08
N VAL L 239 -8.17 -28.98 92.35
CA VAL L 239 -8.71 -28.22 91.23
C VAL L 239 -9.41 -29.17 90.27
N PRO L 240 -10.61 -28.84 89.79
CA PRO L 240 -11.53 -29.86 89.27
C PRO L 240 -10.92 -30.76 88.21
N GLN L 241 -11.16 -32.05 88.39
CA GLN L 241 -10.63 -33.08 87.51
C GLN L 241 -11.67 -34.18 87.39
N ASN L 242 -11.68 -34.86 86.26
CA ASN L 242 -12.51 -36.03 86.06
C ASN L 242 -11.57 -37.21 85.91
N ASN L 243 -11.59 -38.13 86.88
CA ASN L 243 -10.60 -39.20 86.86
C ASN L 243 -11.15 -40.44 87.51
N ASP L 244 -10.33 -41.48 87.50
CA ASP L 244 -10.58 -42.65 88.31
C ASP L 244 -10.61 -42.30 89.80
N SER L 245 -9.77 -41.35 90.21
CA SER L 245 -9.71 -40.96 91.60
C SER L 245 -10.78 -39.94 91.98
N MET L 246 -11.18 -39.06 91.07
CA MET L 246 -11.99 -37.93 91.49
C MET L 246 -12.81 -37.38 90.34
N ASN L 247 -13.86 -36.65 90.70
CA ASN L 247 -14.73 -35.99 89.73
C ASN L 247 -14.83 -34.50 90.05
N ALA L 248 -15.16 -33.72 89.03
CA ALA L 248 -15.05 -32.27 89.11
C ALA L 248 -16.20 -31.64 89.87
N VAL L 249 -17.37 -32.24 89.84
CA VAL L 249 -18.57 -31.67 90.44
C VAL L 249 -18.83 -32.34 91.77
N GLY L 250 -19.14 -31.54 92.79
CA GLY L 250 -19.15 -32.05 94.15
C GLY L 250 -20.48 -32.35 94.80
N THR L 251 -21.58 -31.90 94.20
CA THR L 251 -22.88 -32.10 94.81
C THR L 251 -23.44 -33.45 94.39
N ILE L 252 -24.02 -34.16 95.34
CA ILE L 252 -24.74 -35.38 95.03
C ILE L 252 -26.00 -34.99 94.27
N PRO L 253 -26.18 -35.46 93.04
CA PRO L 253 -27.43 -35.18 92.32
C PRO L 253 -28.61 -35.86 92.99
N THR L 254 -29.78 -35.23 92.86
CA THR L 254 -30.97 -35.62 93.60
C THR L 254 -32.13 -35.86 92.64
N SER L 255 -33.17 -36.49 93.17
CA SER L 255 -34.11 -37.25 92.35
C SER L 255 -35.01 -36.36 91.50
N LYS L 256 -35.44 -36.93 90.37
CA LYS L 256 -36.57 -36.44 89.58
C LYS L 256 -36.31 -35.07 88.98
N HIS L 257 -35.08 -34.84 88.55
CA HIS L 257 -34.74 -33.65 87.77
C HIS L 257 -33.33 -33.83 87.22
N ILE L 258 -32.87 -32.80 86.52
CA ILE L 258 -31.62 -32.85 85.78
C ILE L 258 -30.53 -32.20 86.62
N ASN L 259 -29.33 -32.77 86.57
CA ASN L 259 -28.22 -32.33 87.40
C ASN L 259 -26.96 -32.29 86.55
N VAL L 260 -26.07 -31.37 86.85
CA VAL L 260 -24.81 -31.31 86.13
C VAL L 260 -23.91 -32.43 86.62
N ARG L 261 -23.37 -33.18 85.67
CA ARG L 261 -22.63 -34.41 85.94
C ARG L 261 -21.28 -34.32 85.26
N GLY L 262 -20.23 -34.72 85.96
CA GLY L 262 -18.92 -34.76 85.34
C GLY L 262 -18.85 -35.77 84.22
N VAL L 263 -18.01 -35.48 83.23
CA VAL L 263 -17.87 -36.35 82.07
C VAL L 263 -16.48 -36.11 81.48
N ASN L 264 -15.98 -37.09 80.74
CA ASN L 264 -14.89 -36.98 79.77
C ASN L 264 -13.43 -37.12 80.23
N ASN L 265 -13.12 -37.27 81.52
CA ASN L 265 -11.72 -37.50 81.90
C ASN L 265 -10.79 -36.37 81.45
N ARG L 266 -10.90 -35.25 82.14
CA ARG L 266 -9.83 -34.26 82.16
C ARG L 266 -9.16 -34.35 83.52
N GLY L 267 -7.84 -34.49 83.53
CA GLY L 267 -7.12 -34.62 84.78
C GLY L 267 -5.71 -34.09 84.65
N MET L 268 -5.00 -34.04 85.77
CA MET L 268 -3.63 -33.53 85.78
C MET L 268 -2.61 -34.62 86.10
N ALA L 269 -1.47 -34.57 85.42
CA ALA L 269 -0.42 -35.54 85.63
C ALA L 269 0.33 -35.25 86.93
N GLY L 270 0.67 -36.30 87.67
CA GLY L 270 1.36 -36.15 88.93
C GLY L 270 2.80 -35.67 88.77
N HIS L 271 2.99 -34.36 88.86
CA HIS L 271 4.33 -33.79 88.75
C HIS L 271 5.15 -34.16 89.97
N TYR L 272 6.47 -34.30 89.79
CA TYR L 272 7.34 -34.67 90.89
C TYR L 272 8.73 -34.09 90.66
N LEU L 273 9.49 -34.00 91.73
CA LEU L 273 10.87 -33.54 91.69
C LEU L 273 11.75 -34.56 92.39
N SER L 274 12.89 -34.85 91.79
CA SER L 274 13.81 -35.83 92.34
C SER L 274 15.21 -35.53 91.83
N PHE L 275 16.18 -36.13 92.48
CA PHE L 275 17.55 -35.96 92.04
C PHE L 275 18.11 -37.29 91.55
N PRO L 276 19.01 -37.27 90.57
CA PRO L 276 19.58 -38.51 90.07
C PRO L 276 20.44 -39.17 91.14
N PRO L 277 20.39 -40.48 91.25
CA PRO L 277 21.30 -41.16 92.19
C PRO L 277 22.74 -40.95 91.75
N ILE L 278 23.56 -40.49 92.69
CA ILE L 278 24.99 -40.34 92.45
C ILE L 278 25.69 -40.94 93.66
N ARG L 279 26.43 -42.01 93.44
CA ARG L 279 27.12 -42.65 94.55
C ARG L 279 28.35 -41.86 94.94
N THR L 280 28.65 -41.90 96.24
CA THR L 280 29.81 -41.26 96.81
C THR L 280 30.65 -42.29 97.54
N ASN L 281 31.73 -41.82 98.16
CA ASN L 281 32.46 -42.67 99.08
C ASN L 281 31.56 -43.23 100.16
N ASP L 282 30.57 -42.44 100.60
CA ASP L 282 29.58 -42.90 101.56
C ASP L 282 28.19 -42.50 101.08
N GLY L 283 27.35 -43.50 100.82
CA GLY L 283 25.97 -43.21 100.48
C GLY L 283 25.82 -42.51 99.14
N GLN L 284 24.95 -41.51 99.12
CA GLN L 284 24.53 -40.85 97.89
C GLN L 284 25.02 -39.40 97.91
N PHE L 285 25.21 -38.86 96.71
CA PHE L 285 25.64 -37.48 96.59
C PHE L 285 24.55 -36.58 97.14
N LYS L 286 24.94 -35.56 97.87
CA LYS L 286 23.95 -34.70 98.50
C LYS L 286 23.70 -33.53 97.57
N LEU L 287 22.54 -33.53 96.94
CA LEU L 287 22.11 -32.44 96.07
C LEU L 287 20.99 -31.68 96.75
N ASN L 288 21.13 -30.37 96.75
CA ASN L 288 20.15 -29.47 97.28
C ASN L 288 19.77 -28.54 96.15
N ALA L 289 18.52 -28.13 96.09
CA ALA L 289 18.07 -27.31 94.99
C ALA L 289 17.36 -26.08 95.50
N GLN L 290 17.56 -24.97 94.81
CA GLN L 290 16.70 -23.80 94.93
C GLN L 290 16.11 -23.49 93.58
N PHE L 291 14.87 -23.03 93.57
CA PHE L 291 14.27 -22.43 92.39
C PHE L 291 13.13 -21.56 92.84
N THR L 292 12.69 -20.68 91.95
CA THR L 292 11.54 -19.84 92.23
C THR L 292 10.29 -20.53 91.71
N LEU L 293 9.24 -20.50 92.50
CA LEU L 293 7.95 -21.07 92.13
C LEU L 293 7.01 -19.93 91.83
N GLU L 294 6.63 -19.77 90.57
CA GLU L 294 5.60 -18.83 90.17
C GLU L 294 4.38 -19.62 89.77
N THR L 295 3.31 -19.51 90.55
CA THR L 295 2.05 -20.16 90.23
C THR L 295 1.05 -19.11 89.77
N GLU L 296 0.18 -19.50 88.84
CA GLU L 296 -0.90 -18.65 88.40
C GLU L 296 -2.14 -19.48 88.23
N ILE L 297 -3.26 -19.00 88.78
CA ILE L 297 -4.56 -19.60 88.56
C ILE L 297 -5.48 -18.52 88.06
N GLU L 298 -6.17 -18.78 86.96
CA GLU L 298 -6.99 -17.79 86.28
C GLU L 298 -8.45 -18.12 86.53
N PHE L 299 -9.13 -17.31 87.32
CA PHE L 299 -10.54 -17.51 87.58
C PHE L 299 -11.41 -16.72 86.62
N GLU L 300 -12.52 -17.32 86.23
CA GLU L 300 -13.66 -16.59 85.69
C GLU L 300 -14.69 -16.46 86.79
N PHE L 301 -15.35 -15.30 86.84
CA PHE L 301 -16.42 -15.13 87.80
C PHE L 301 -17.57 -14.41 87.14
N ARG L 302 -18.70 -14.41 87.83
CA ARG L 302 -19.96 -13.97 87.25
C ARG L 302 -20.79 -13.33 88.34
N LEU L 303 -21.54 -12.30 87.99
CA LEU L 303 -22.15 -11.45 89.00
C LEU L 303 -23.63 -11.76 89.16
N TRP L 304 -24.27 -11.00 90.05
CA TRP L 304 -25.60 -11.25 90.54
C TRP L 304 -26.66 -10.83 89.52
N GLU L 305 -27.86 -11.37 89.72
CA GLU L 305 -28.97 -11.10 88.81
C GLU L 305 -29.36 -9.63 88.87
N GLN L 306 -29.65 -9.06 87.69
CA GLN L 306 -30.12 -7.69 87.63
C GLN L 306 -31.57 -7.60 88.09
N GLY L 307 -31.95 -6.40 88.48
CA GLY L 307 -33.32 -6.15 88.86
C GLY L 307 -33.55 -6.32 90.33
N VAL L 308 -34.83 -6.30 90.70
CA VAL L 308 -35.21 -6.52 92.09
C VAL L 308 -34.79 -7.90 92.54
N GLN L 309 -34.61 -8.84 91.61
CA GLN L 309 -34.15 -10.17 91.99
C GLN L 309 -32.80 -10.12 92.69
N GLY L 310 -31.96 -9.15 92.35
CA GLY L 310 -30.64 -9.00 92.91
C GLY L 310 -30.55 -8.14 94.15
N ILE L 311 -31.68 -7.68 94.69
CA ILE L 311 -31.68 -6.92 95.92
C ILE L 311 -31.36 -7.84 97.10
N ASN L 312 -30.47 -7.39 97.98
CA ASN L 312 -30.02 -8.23 99.09
C ASN L 312 -31.19 -8.79 99.89
N SER L 313 -32.15 -7.94 100.24
CA SER L 313 -33.22 -8.38 101.14
C SER L 313 -34.08 -9.45 100.48
N VAL L 314 -34.42 -9.28 99.20
CA VAL L 314 -35.30 -10.22 98.52
C VAL L 314 -34.54 -11.26 97.72
N HIS L 315 -33.22 -11.20 97.66
CA HIS L 315 -32.49 -12.20 96.89
C HIS L 315 -32.46 -13.55 97.57
N THR L 316 -32.66 -13.60 98.88
CA THR L 316 -32.65 -14.88 99.57
C THR L 316 -33.74 -15.79 99.03
N ASN L 317 -34.98 -15.31 99.02
CA ASN L 317 -36.11 -16.08 98.55
C ASN L 317 -36.45 -15.89 97.08
N LEU L 318 -35.86 -14.91 96.39
CA LEU L 318 -35.94 -14.83 94.94
C LEU L 318 -34.74 -15.42 94.22
N ASN L 319 -33.79 -15.99 94.96
CA ASN L 319 -32.67 -16.66 94.32
C ASN L 319 -33.21 -17.76 93.39
N PRO L 320 -32.70 -17.86 92.17
CA PRO L 320 -33.19 -18.90 91.26
C PRO L 320 -32.91 -20.28 91.81
N ALA L 321 -33.91 -21.15 91.73
CA ALA L 321 -33.68 -22.53 92.11
C ALA L 321 -32.88 -23.28 91.07
N ASN L 322 -32.70 -22.72 89.88
CA ASN L 322 -31.88 -23.33 88.86
C ASN L 322 -30.43 -22.93 88.94
N ASP L 323 -30.03 -22.19 89.97
CA ASP L 323 -28.62 -22.08 90.29
C ASP L 323 -28.00 -23.46 90.38
N SER L 324 -28.67 -24.36 91.10
CA SER L 324 -28.18 -25.73 91.25
C SER L 324 -27.93 -26.39 89.91
N LEU L 325 -28.54 -25.86 88.86
CA LEU L 325 -28.34 -26.41 87.54
C LEU L 325 -26.94 -26.07 87.02
N TRP L 326 -26.58 -24.79 87.01
CA TRP L 326 -25.25 -24.35 86.59
C TRP L 326 -24.29 -24.02 87.75
N ILE L 327 -24.70 -24.01 89.01
CA ILE L 327 -23.75 -23.69 90.08
C ILE L 327 -23.50 -24.87 91.00
N GLN L 328 -22.27 -25.36 91.05
CA GLN L 328 -22.08 -26.75 91.45
C GLN L 328 -21.13 -27.13 92.57
N SER L 329 -20.55 -26.16 93.27
CA SER L 329 -19.56 -26.39 94.35
C SER L 329 -18.24 -27.05 93.89
N TYR L 330 -17.55 -27.74 94.79
CA TYR L 330 -16.26 -28.37 94.45
C TYR L 330 -16.32 -29.89 94.52
N GLY L 331 -15.64 -30.57 93.59
CA GLY L 331 -15.89 -31.99 93.49
C GLY L 331 -15.27 -32.89 94.54
N SER L 332 -13.95 -32.82 94.68
CA SER L 332 -13.24 -33.82 95.45
C SER L 332 -12.14 -33.14 96.24
N LEU L 333 -12.01 -33.55 97.48
CA LEU L 333 -11.14 -32.89 98.44
C LEU L 333 -9.86 -33.69 98.60
N VAL L 334 -8.75 -32.99 98.80
CA VAL L 334 -7.58 -33.68 99.29
C VAL L 334 -7.91 -34.21 100.68
N SER L 335 -7.20 -35.25 101.09
CA SER L 335 -7.51 -35.91 102.35
C SER L 335 -6.69 -35.24 103.43
N ILE L 336 -7.37 -34.52 104.33
CA ILE L 336 -6.74 -33.68 105.33
C ILE L 336 -7.24 -34.15 106.69
N THR L 337 -6.34 -34.67 107.51
CA THR L 337 -6.60 -34.80 108.93
C THR L 337 -5.77 -33.75 109.64
N GLU L 338 -6.37 -33.10 110.64
CA GLU L 338 -5.79 -31.94 111.28
C GLU L 338 -5.44 -30.94 110.18
N SER L 339 -4.24 -30.37 110.16
CA SER L 339 -3.79 -29.51 109.09
C SER L 339 -2.96 -30.26 108.05
N LYS L 340 -2.84 -31.57 108.18
CA LYS L 340 -1.81 -32.34 107.50
C LYS L 340 -2.43 -33.18 106.38
N ILE L 341 -1.80 -33.15 105.21
CA ILE L 341 -2.30 -33.92 104.07
C ILE L 341 -2.02 -35.40 104.29
N ASN L 342 -3.04 -36.23 104.14
CA ASN L 342 -2.86 -37.67 104.29
C ASN L 342 -2.25 -38.29 103.04
N ASN L 343 -2.72 -37.89 101.87
CA ASN L 343 -2.27 -38.44 100.62
C ASN L 343 -2.59 -37.45 99.52
N ILE L 344 -1.95 -37.61 98.38
CA ILE L 344 -2.28 -36.83 97.20
C ILE L 344 -2.59 -37.78 96.06
N GLN L 345 -3.72 -37.58 95.42
CA GLN L 345 -4.14 -38.33 94.26
C GLN L 345 -3.88 -37.50 93.02
N PHE L 346 -3.46 -38.14 91.93
CA PHE L 346 -3.16 -37.39 90.72
C PHE L 346 -4.14 -37.64 89.59
N GLY L 347 -4.20 -38.85 89.06
CA GLY L 347 -5.14 -39.16 88.01
C GLY L 347 -5.22 -38.23 86.80
N PRO L 348 -4.24 -38.35 85.91
CA PRO L 348 -4.06 -37.56 84.68
C PRO L 348 -5.05 -37.93 83.60
N THR L 349 -5.12 -37.15 82.53
CA THR L 349 -6.00 -37.51 81.45
C THR L 349 -5.12 -38.54 80.81
N CYS L 350 -5.44 -39.81 80.99
CA CYS L 350 -4.56 -40.83 80.46
C CYS L 350 -4.72 -40.95 78.98
N PRO L 351 -3.59 -41.18 78.29
CA PRO L 351 -3.55 -41.24 76.83
C PRO L 351 -4.23 -42.46 76.25
N ARG L 352 -4.45 -43.50 77.03
CA ARG L 352 -5.06 -44.71 76.51
C ARG L 352 -6.58 -44.70 76.60
N VAL L 353 -7.18 -43.72 77.26
CA VAL L 353 -8.60 -43.49 77.08
C VAL L 353 -8.86 -43.04 75.65
N ASP L 354 -9.98 -43.47 75.09
CA ASP L 354 -10.35 -43.08 73.74
C ASP L 354 -10.33 -41.56 73.61
N ALA L 355 -9.70 -41.08 72.53
CA ALA L 355 -9.61 -39.65 72.32
C ALA L 355 -10.97 -38.99 72.24
N ARG L 356 -12.01 -39.75 71.93
CA ARG L 356 -13.35 -39.18 71.89
C ARG L 356 -13.87 -38.89 73.29
N ASN L 357 -13.37 -39.61 74.29
CA ASN L 357 -13.72 -39.32 75.67
C ASN L 357 -12.93 -38.14 76.22
N LYS L 358 -11.73 -37.91 75.75
CA LYS L 358 -10.81 -36.98 76.39
C LYS L 358 -11.05 -35.53 76.04
N GLY L 359 -12.10 -35.23 75.27
CA GLY L 359 -12.28 -33.91 74.73
C GLY L 359 -12.66 -32.83 75.74
N GLY L 360 -13.15 -31.71 75.24
CA GLY L 360 -13.15 -30.47 75.99
C GLY L 360 -13.99 -30.34 77.25
N LYS L 361 -15.29 -30.57 77.14
CA LYS L 361 -16.22 -30.14 78.17
C LYS L 361 -16.25 -31.13 79.33
N MET L 362 -16.02 -30.62 80.55
CA MET L 362 -15.90 -31.50 81.71
C MET L 362 -17.21 -31.79 82.41
N SER L 363 -18.34 -31.31 81.92
CA SER L 363 -19.58 -31.63 82.59
C SER L 363 -20.69 -31.73 81.57
N MET L 364 -21.73 -32.43 81.96
CA MET L 364 -22.92 -32.57 81.14
C MET L 364 -24.11 -32.40 82.06
N LEU L 365 -25.22 -31.95 81.51
CA LEU L 365 -26.41 -31.68 82.29
C LEU L 365 -27.34 -32.86 82.06
N PHE L 366 -27.33 -33.77 83.03
CA PHE L 366 -27.99 -35.06 82.93
C PHE L 366 -28.89 -35.35 84.11
N ASP L 367 -30.05 -35.91 83.84
CA ASP L 367 -31.04 -36.20 84.87
C ASP L 367 -30.73 -37.34 85.82
N HIS L 368 -31.39 -37.31 86.96
CA HIS L 368 -31.23 -38.36 87.94
C HIS L 368 -32.62 -38.85 88.34
N HIS L 369 -32.81 -40.16 88.39
CA HIS L 369 -34.10 -40.71 88.75
C HIS L 369 -34.09 -41.27 90.18
N GLU M 36 -44.67 12.15 63.25
CA GLU M 36 -45.07 13.27 62.43
C GLU M 36 -45.55 14.41 63.32
N GLY M 37 -45.46 15.64 62.83
CA GLY M 37 -45.86 16.80 63.61
C GLY M 37 -44.73 17.30 64.48
N ASP M 38 -45.06 18.32 65.27
CA ASP M 38 -44.09 18.90 66.18
C ASP M 38 -43.99 18.16 67.50
N GLY M 39 -44.75 17.08 67.67
CA GLY M 39 -44.72 16.28 68.87
C GLY M 39 -45.94 16.44 69.74
N SER M 40 -46.73 17.47 69.48
CA SER M 40 -47.93 17.78 70.27
C SER M 40 -48.99 16.72 70.28
N ALA M 41 -48.85 15.69 69.45
CA ALA M 41 -49.81 14.61 69.34
C ALA M 41 -49.76 13.66 70.53
N PRO M 42 -50.78 12.84 70.70
CA PRO M 42 -50.73 11.93 71.85
C PRO M 42 -49.56 10.95 71.84
N GLY M 43 -49.14 10.40 70.71
CA GLY M 43 -48.05 9.43 70.72
C GLY M 43 -46.79 9.82 69.97
N GLY M 44 -45.66 9.20 70.29
CA GLY M 44 -44.41 9.52 69.64
C GLY M 44 -43.45 10.37 70.46
N SER M 45 -42.90 11.42 69.86
CA SER M 45 -41.97 12.31 70.54
C SER M 45 -42.62 13.39 71.41
N VAL M 46 -41.93 13.85 72.43
CA VAL M 46 -42.39 14.85 73.37
C VAL M 46 -42.30 16.27 72.84
N TRP M 47 -43.39 17.00 72.91
CA TRP M 47 -43.35 18.38 72.48
C TRP M 47 -42.58 19.05 73.60
N GLN M 48 -41.55 19.81 73.26
CA GLN M 48 -40.77 20.44 74.29
C GLN M 48 -40.59 21.92 73.99
N THR M 49 -40.46 22.70 75.06
CA THR M 49 -40.44 24.14 75.00
C THR M 49 -39.13 24.65 74.42
N THR M 50 -39.16 25.92 74.00
CA THR M 50 -38.00 26.54 73.37
C THR M 50 -36.83 26.64 74.34
N ASP M 51 -35.63 26.74 73.76
CA ASP M 51 -34.38 26.75 74.51
C ASP M 51 -34.12 28.14 75.07
N TYR M 52 -33.92 28.21 76.38
CA TYR M 52 -33.53 29.47 77.01
C TYR M 52 -32.03 29.66 77.15
N ILE M 53 -31.21 28.66 76.84
CA ILE M 53 -29.77 28.83 76.98
C ILE M 53 -29.23 29.73 75.88
N ALA M 54 -29.63 29.48 74.64
CA ALA M 54 -28.97 30.09 73.48
C ALA M 54 -28.85 31.60 73.64
N LEU M 55 -29.87 32.26 74.16
CA LEU M 55 -29.81 33.71 74.34
C LEU M 55 -29.07 34.13 75.58
N SER M 56 -28.92 33.24 76.58
CA SER M 56 -28.14 33.62 77.74
C SER M 56 -26.64 33.46 77.49
N MET M 57 -26.25 32.64 76.52
CA MET M 57 -24.85 32.45 76.22
C MET M 57 -24.30 33.38 75.17
N VAL M 58 -25.13 34.15 74.48
CA VAL M 58 -24.63 34.99 73.41
C VAL M 58 -23.73 36.07 74.00
N VAL M 59 -22.53 36.19 73.47
CA VAL M 59 -21.53 37.12 73.95
C VAL M 59 -21.56 38.36 73.07
N TYR M 60 -21.83 39.50 73.68
CA TYR M 60 -21.82 40.77 72.98
C TYR M 60 -20.53 41.48 73.29
N ARG M 61 -20.02 42.22 72.31
CA ARG M 61 -18.65 42.69 72.35
C ARG M 61 -18.63 44.19 72.06
N THR M 62 -18.17 44.97 73.03
CA THR M 62 -18.09 46.42 72.88
C THR M 62 -16.68 46.91 73.18
N ALA M 63 -16.49 48.23 73.19
CA ALA M 63 -15.19 48.80 73.50
C ALA M 63 -15.38 50.22 74.01
N ILE M 64 -14.35 50.72 74.69
CA ILE M 64 -14.30 52.09 75.15
C ILE M 64 -13.01 52.71 74.64
N LYS M 65 -13.14 53.72 73.80
CA LYS M 65 -11.99 54.40 73.21
C LYS M 65 -11.96 55.83 73.71
N LEU M 66 -10.78 56.29 74.10
CA LEU M 66 -10.61 57.63 74.65
C LEU M 66 -9.30 58.22 74.16
N ARG M 67 -9.30 59.51 73.85
CA ARG M 67 -8.10 60.21 73.48
C ARG M 67 -7.74 61.26 74.51
N ASN M 68 -6.45 61.58 74.56
CA ASN M 68 -5.90 62.44 75.57
C ASN M 68 -4.65 63.06 74.98
N PHE M 69 -4.29 64.23 75.47
CA PHE M 69 -2.99 64.83 75.19
C PHE M 69 -2.15 64.75 76.45
N VAL M 70 -0.93 64.25 76.32
CA VAL M 70 -0.03 64.07 77.44
C VAL M 70 1.10 65.09 77.30
N ASN M 71 1.36 65.81 78.37
CA ASN M 71 2.48 66.76 78.44
C ASN M 71 3.39 66.31 79.57
N ILE M 72 4.61 65.92 79.22
CA ILE M 72 5.59 65.45 80.18
C ILE M 72 6.67 66.51 80.28
N ARG M 73 6.75 67.17 81.43
CA ARG M 73 7.70 68.26 81.61
C ARG M 73 8.56 68.02 82.84
N GLY M 74 9.76 68.59 82.82
CA GLY M 74 10.63 68.58 83.98
C GLY M 74 11.00 67.20 84.47
N LEU M 75 11.20 66.27 83.54
CA LEU M 75 11.50 64.89 83.89
C LEU M 75 13.00 64.68 83.69
N THR M 76 13.72 64.51 84.79
CA THR M 76 15.16 64.32 84.71
C THR M 76 15.47 62.90 84.27
N PRO M 77 16.70 62.63 83.81
CA PRO M 77 17.00 61.30 83.27
C PRO M 77 16.91 60.17 84.28
N THR M 78 17.03 60.47 85.57
CA THR M 78 16.88 59.41 86.57
C THR M 78 15.41 59.06 86.77
N GLU M 79 14.56 60.06 86.91
CA GLU M 79 13.15 59.85 87.10
C GLU M 79 12.47 59.45 85.79
N MET M 80 11.32 58.83 85.91
CA MET M 80 10.69 58.11 84.81
C MET M 80 9.18 58.13 84.96
N ILE M 81 8.48 58.23 83.85
CA ILE M 81 7.02 58.23 83.85
C ILE M 81 6.52 56.79 83.83
N VAL M 82 5.65 56.48 84.76
CA VAL M 82 5.03 55.16 84.86
C VAL M 82 3.73 55.19 84.07
N ILE M 83 3.61 54.31 83.09
CA ILE M 83 2.38 54.26 82.30
C ILE M 83 1.40 53.43 83.11
N PRO M 84 0.36 53.97 83.66
CA PRO M 84 -0.59 53.16 84.43
C PRO M 84 -1.46 52.31 83.52
N TRP M 85 -0.82 51.55 82.64
CA TRP M 85 -1.56 50.94 81.56
C TRP M 85 -2.08 49.57 81.94
N ASN M 86 -1.68 49.06 83.10
CA ASN M 86 -2.19 47.80 83.60
C ASN M 86 -3.31 47.96 84.61
N VAL M 87 -3.75 49.19 84.89
CA VAL M 87 -4.88 49.41 85.77
C VAL M 87 -6.12 49.61 84.93
N MET M 88 -7.21 48.98 85.34
CA MET M 88 -8.43 48.96 84.54
C MET M 88 -8.99 50.35 84.37
N ARG M 89 -8.90 51.18 85.40
CA ARG M 89 -9.46 52.53 85.38
C ARG M 89 -8.78 53.43 84.36
N PHE M 90 -7.60 53.06 83.88
CA PHE M 90 -6.90 53.86 82.90
C PHE M 90 -7.66 53.94 81.60
N TYR M 91 -8.20 52.81 81.14
CA TYR M 91 -8.80 52.75 79.81
C TYR M 91 -10.25 53.24 79.80
N CYS M 92 -11.04 52.82 80.76
CA CYS M 92 -12.48 53.05 80.75
C CYS M 92 -12.94 54.23 81.59
N GLU M 93 -12.03 54.92 82.27
CA GLU M 93 -12.37 56.13 82.99
C GLU M 93 -11.39 57.20 82.57
N TYR M 94 -11.89 58.40 82.33
CA TYR M 94 -11.11 59.43 81.68
C TYR M 94 -10.64 60.39 82.75
N ASN M 95 -9.37 60.30 83.11
CA ASN M 95 -8.85 61.16 84.16
C ASN M 95 -7.86 62.10 83.49
N THR M 96 -8.29 63.33 83.29
CA THR M 96 -7.44 64.36 82.71
C THR M 96 -7.84 65.68 83.33
N GLY M 97 -6.87 66.44 83.82
CA GLY M 97 -7.17 67.80 84.23
C GLY M 97 -8.31 67.89 85.22
N THR M 98 -9.32 68.67 84.87
CA THR M 98 -10.46 68.90 85.74
C THR M 98 -11.45 67.74 85.75
N TYR M 99 -11.43 66.89 84.72
CA TYR M 99 -12.40 65.79 84.63
C TYR M 99 -12.36 64.91 85.88
N GLY M 100 -11.18 64.39 86.21
CA GLY M 100 -11.05 63.51 87.36
C GLY M 100 -11.53 64.13 88.66
N LEU M 101 -11.55 65.45 88.74
CA LEU M 101 -12.10 66.12 89.92
C LEU M 101 -13.62 66.07 89.92
N SER M 102 -14.22 66.19 88.75
CA SER M 102 -15.67 66.06 88.63
C SER M 102 -16.08 64.60 88.79
N GLY M 103 -17.36 64.40 89.11
CA GLY M 103 -17.85 63.09 89.46
C GLY M 103 -18.27 62.24 88.27
N ASN M 104 -18.14 60.93 88.45
CA ASN M 104 -18.61 59.91 87.50
C ASN M 104 -18.12 60.21 86.09
N VAL M 105 -16.80 60.04 85.93
CA VAL M 105 -16.17 60.26 84.63
C VAL M 105 -16.05 58.95 83.84
N HIS M 106 -16.59 57.86 84.34
CA HIS M 106 -16.63 56.62 83.59
C HIS M 106 -17.34 56.81 82.26
N HIS M 107 -16.88 56.09 81.26
CA HIS M 107 -17.54 56.10 79.97
C HIS M 107 -18.89 55.41 80.07
N LYS M 108 -19.87 55.88 79.31
CA LYS M 108 -21.22 55.38 79.48
C LYS M 108 -21.40 53.95 78.99
N ASN M 109 -20.55 53.49 78.08
CA ASN M 109 -20.57 52.06 77.76
C ASN M 109 -20.20 51.22 78.96
N TYR M 110 -19.38 51.75 79.85
CA TYR M 110 -19.04 50.96 81.02
C TYR M 110 -20.14 50.99 82.06
N SER M 111 -20.85 52.11 82.18
CA SER M 111 -21.93 52.19 83.15
C SER M 111 -23.00 51.16 82.87
N MET M 112 -23.24 50.84 81.61
CA MET M 112 -24.22 49.81 81.29
C MET M 112 -23.64 48.41 81.36
N LEU M 113 -22.32 48.24 81.28
CA LEU M 113 -21.77 46.92 81.52
C LEU M 113 -22.12 46.41 82.91
N LEU M 114 -22.47 47.31 83.81
CA LEU M 114 -23.01 46.95 85.10
C LEU M 114 -24.50 46.66 85.04
N ALA M 115 -25.17 47.01 83.94
CA ALA M 115 -26.57 46.65 83.76
C ALA M 115 -26.72 45.22 83.28
N CYS M 116 -25.86 44.79 82.35
CA CYS M 116 -25.84 43.38 81.96
C CYS M 116 -25.23 42.55 83.07
N LYS M 117 -25.50 41.25 83.06
CA LYS M 117 -25.15 40.46 84.24
C LYS M 117 -23.67 40.12 84.28
N ALA M 118 -23.00 40.07 83.15
CA ALA M 118 -21.59 39.68 83.10
C ALA M 118 -20.89 40.54 82.07
N HIS M 119 -19.67 40.95 82.40
CA HIS M 119 -18.81 41.59 81.42
C HIS M 119 -17.39 41.09 81.64
N ARG M 120 -16.61 41.12 80.55
CA ARG M 120 -15.25 40.68 80.64
C ARG M 120 -14.36 41.60 79.82
N PRO M 121 -13.19 41.97 80.35
CA PRO M 121 -12.39 43.03 79.72
C PRO M 121 -11.68 42.65 78.42
N THR M 122 -11.38 41.38 78.17
CA THR M 122 -10.67 40.94 76.95
C THR M 122 -9.49 41.84 76.61
N LYS M 123 -9.37 42.25 75.35
CA LYS M 123 -8.17 42.97 74.93
C LYS M 123 -8.14 44.38 75.50
N VAL M 124 -6.93 44.89 75.70
CA VAL M 124 -6.72 46.24 76.20
C VAL M 124 -5.45 46.78 75.58
N GLY M 125 -5.42 48.08 75.31
CA GLY M 125 -4.24 48.63 74.65
C GLY M 125 -4.29 50.13 74.59
N TYR M 126 -3.20 50.72 74.10
CA TYR M 126 -3.11 52.17 73.99
C TYR M 126 -2.12 52.54 72.91
N THR M 127 -2.18 53.79 72.49
CA THR M 127 -1.33 54.31 71.42
C THR M 127 -0.74 55.65 71.82
N LEU M 128 0.56 55.78 71.62
CA LEU M 128 1.26 57.07 71.71
C LEU M 128 1.53 57.57 70.31
N SER M 129 1.20 58.83 70.06
CA SER M 129 1.24 59.32 68.69
C SER M 129 1.65 60.78 68.65
N ASN M 130 2.25 61.16 67.52
CA ASN M 130 2.59 62.55 67.20
C ASN M 130 3.31 63.24 68.35
N LEU M 131 4.54 62.78 68.54
CA LEU M 131 5.38 63.29 69.60
C LEU M 131 5.87 64.68 69.26
N ILE M 132 5.82 65.57 70.24
CA ILE M 132 6.37 66.92 70.14
C ILE M 132 7.30 67.11 71.32
N LEU M 133 8.58 67.28 71.04
CA LEU M 133 9.57 67.64 72.05
C LEU M 133 9.80 69.13 72.06
N THR M 134 9.88 69.70 73.25
CA THR M 134 10.20 71.09 73.44
C THR M 134 11.34 71.19 74.43
N SER M 135 11.95 72.37 74.50
CA SER M 135 13.12 72.57 75.34
C SER M 135 12.94 73.81 76.19
N ASP M 136 13.25 73.69 77.48
CA ASP M 136 13.31 74.82 78.39
C ASP M 136 14.70 75.44 78.41
N GLU M 137 15.60 74.99 77.55
CA GLU M 137 16.98 75.45 77.59
C GLU M 137 17.08 76.96 77.45
N LEU M 138 16.26 77.54 76.58
CA LEU M 138 16.26 79.00 76.44
C LEU M 138 15.56 79.69 77.60
N VAL M 139 14.81 78.95 78.41
CA VAL M 139 14.09 79.52 79.54
C VAL M 139 15.06 79.78 80.68
N SER M 140 14.89 80.92 81.34
CA SER M 140 15.65 81.26 82.52
C SER M 140 14.73 82.01 83.47
N THR M 141 15.16 82.13 84.73
CA THR M 141 14.34 82.81 85.72
C THR M 141 14.08 84.26 85.35
N GLY M 142 15.00 84.87 84.57
CA GLY M 142 14.74 86.21 84.06
C GLY M 142 13.60 86.23 83.06
N GLY M 143 13.37 85.12 82.37
CA GLY M 143 12.24 85.04 81.47
C GLY M 143 12.53 85.61 80.09
N THR M 144 11.49 86.17 79.49
CA THR M 144 11.49 86.82 78.18
C THR M 144 11.69 85.83 77.04
N LEU M 145 12.07 84.60 77.35
CA LEU M 145 12.15 83.52 76.37
C LEU M 145 11.49 82.29 76.96
N GLY M 146 10.52 81.74 76.24
CA GLY M 146 9.80 80.55 76.67
C GLY M 146 10.33 79.30 76.00
N THR M 147 9.72 78.17 76.37
CA THR M 147 10.13 76.92 75.78
C THR M 147 9.74 76.89 74.31
N THR M 148 10.46 76.09 73.54
CA THR M 148 10.11 75.93 72.14
C THR M 148 10.61 74.57 71.68
N THR M 149 10.05 74.09 70.58
CA THR M 149 10.41 72.80 70.05
C THR M 149 11.91 72.71 69.79
N THR M 150 12.45 71.52 69.94
CA THR M 150 13.88 71.32 69.81
C THR M 150 14.37 71.79 68.44
N PHE M 151 15.58 72.34 68.42
CA PHE M 151 16.12 72.92 67.20
C PHE M 151 16.20 71.91 66.07
N ASN M 152 16.54 70.66 66.39
CA ASN M 152 16.50 69.58 65.43
C ASN M 152 15.78 68.40 66.05
N THR M 153 15.46 67.42 65.21
CA THR M 153 14.64 66.28 65.61
C THR M 153 15.45 65.13 66.18
N SER M 154 16.75 65.30 66.37
CA SER M 154 17.57 64.26 66.97
C SER M 154 17.13 63.84 68.37
N PRO M 155 16.65 64.71 69.26
CA PRO M 155 16.24 64.23 70.58
C PRO M 155 15.07 63.28 70.49
N TYR M 156 14.87 62.51 71.55
CA TYR M 156 13.87 61.47 71.57
C TYR M 156 13.38 61.24 72.99
N MET M 157 12.21 60.62 73.08
CA MET M 157 11.68 60.16 74.35
C MET M 157 11.72 58.64 74.35
N ILE M 158 12.19 58.06 75.43
CA ILE M 158 12.43 56.63 75.50
C ILE M 158 11.17 55.97 76.04
N HIS M 159 10.60 55.05 75.29
CA HIS M 159 9.51 54.23 75.77
C HIS M 159 10.07 52.88 76.19
N SER M 160 10.00 52.58 77.47
CA SER M 160 10.62 51.39 78.02
C SER M 160 9.54 50.39 78.42
N ILE M 161 9.72 49.14 78.02
CA ILE M 161 8.87 48.03 78.45
C ILE M 161 9.75 47.12 79.29
N ASP M 162 9.39 46.92 80.55
CA ASP M 162 10.25 46.10 81.39
C ASP M 162 9.74 44.67 81.30
N ASP M 163 10.46 43.84 80.56
CA ASP M 163 10.09 42.44 80.38
C ASP M 163 10.60 41.58 81.52
N GLN M 164 11.82 41.84 81.95
CA GLN M 164 12.47 41.06 82.99
C GLN M 164 12.04 41.48 84.37
N GLN M 165 11.17 42.48 84.47
CA GLN M 165 10.67 43.00 85.74
C GLN M 165 11.83 43.46 86.62
N CYS M 166 12.65 44.35 86.07
CA CYS M 166 13.62 45.05 86.90
C CYS M 166 12.92 45.75 88.05
N LEU M 167 11.77 46.34 87.78
CA LEU M 167 10.96 47.01 88.80
C LEU M 167 9.70 46.20 88.99
N SER M 168 9.59 45.55 90.15
CA SER M 168 8.39 44.79 90.47
C SER M 168 7.28 45.71 90.91
N LYS M 169 7.60 46.66 91.78
CA LYS M 169 6.65 47.55 92.40
C LYS M 169 7.22 48.96 92.37
N VAL M 170 6.42 49.91 91.93
CA VAL M 170 6.89 51.25 91.61
C VAL M 170 6.19 52.23 92.52
N TYR M 171 6.97 53.15 93.11
CA TYR M 171 6.47 54.13 94.05
C TYR M 171 6.66 55.53 93.48
N PRO M 172 5.83 56.49 93.87
CA PRO M 172 6.06 57.88 93.46
C PRO M 172 7.33 58.43 94.10
N LYS M 173 7.80 59.53 93.52
CA LYS M 173 8.96 60.21 94.09
C LYS M 173 8.64 60.75 95.47
N THR M 174 9.70 60.97 96.25
CA THR M 174 9.56 61.35 97.65
C THR M 174 8.60 62.52 97.83
N ASP M 175 8.80 63.58 97.05
CA ASP M 175 7.96 64.76 97.22
C ASP M 175 6.59 64.60 96.58
N THR M 176 6.53 63.98 95.40
CA THR M 176 5.31 63.95 94.64
C THR M 176 4.36 62.87 95.14
N VAL M 177 3.19 62.79 94.51
CA VAL M 177 2.21 61.76 94.81
C VAL M 177 1.41 61.52 93.53
N TRP M 178 0.80 60.36 93.43
CA TRP M 178 0.08 59.98 92.23
C TRP M 178 -1.41 60.09 92.45
N PRO M 179 -2.08 61.09 91.91
CA PRO M 179 -3.54 61.13 92.00
C PRO M 179 -4.15 60.16 91.01
N VAL M 180 -5.29 59.58 91.40
CA VAL M 180 -5.97 58.75 90.42
C VAL M 180 -6.74 59.63 89.44
N SER M 181 -7.15 60.82 89.88
CA SER M 181 -7.83 61.76 89.00
C SER M 181 -6.92 62.27 87.89
N SER M 182 -5.61 62.13 88.06
CA SER M 182 -4.62 62.57 87.09
C SER M 182 -4.16 61.44 86.16
N MET M 183 -4.78 60.27 86.25
CA MET M 183 -4.18 59.05 85.71
C MET M 183 -3.85 59.16 84.24
N ARG M 184 -4.79 59.62 83.40
CA ARG M 184 -4.58 59.48 81.97
C ARG M 184 -3.62 60.49 81.37
N GLU M 185 -3.46 61.68 81.95
CA GLU M 185 -2.33 62.50 81.54
C GLU M 185 -1.18 62.03 82.39
N LEU M 186 -0.05 61.73 81.77
CA LEU M 186 0.88 60.87 82.46
C LEU M 186 1.80 61.79 83.23
N ASP M 187 1.50 61.96 84.51
CA ASP M 187 2.35 62.67 85.46
C ASP M 187 3.08 61.76 86.43
N TYR M 188 2.87 60.45 86.38
CA TYR M 188 3.36 59.63 87.48
C TYR M 188 4.86 59.45 87.30
N VAL M 189 5.62 59.96 88.24
CA VAL M 189 7.08 59.99 88.14
C VAL M 189 7.64 59.09 89.22
N ALA M 190 8.37 58.08 88.78
CA ALA M 190 9.13 57.22 89.67
C ALA M 190 10.60 57.58 89.53
N SER M 191 11.33 57.46 90.63
CA SER M 191 12.76 57.61 90.60
C SER M 191 13.35 56.25 90.92
N THR M 192 13.95 55.62 89.92
CA THR M 192 14.54 54.30 90.09
C THR M 192 15.96 54.49 90.61
N VAL M 193 16.23 53.95 91.80
CA VAL M 193 17.48 54.22 92.50
C VAL M 193 17.95 52.93 93.14
N SER M 194 19.23 52.60 92.96
CA SER M 194 19.87 51.52 93.68
C SER M 194 20.27 52.05 95.06
N GLY M 195 21.09 51.33 95.80
CA GLY M 195 21.37 51.83 97.13
C GLY M 195 22.02 53.18 97.15
N ASP M 196 23.20 53.33 96.55
CA ASP M 196 23.79 54.63 96.30
C ASP M 196 23.62 55.11 94.86
N ASN M 197 23.03 54.30 93.99
CA ASN M 197 23.11 54.52 92.55
C ASN M 197 21.78 54.97 92.01
N ALA M 198 21.78 56.06 91.25
CA ALA M 198 20.61 56.47 90.51
C ALA M 198 20.57 55.69 89.20
N ILE M 199 19.50 54.94 88.98
CA ILE M 199 19.37 54.12 87.80
C ILE M 199 18.84 54.96 86.66
N ILE M 200 19.52 54.92 85.52
CA ILE M 200 18.96 55.45 84.28
C ILE M 200 17.99 54.40 83.76
N PRO M 201 16.69 54.71 83.67
CA PRO M 201 15.70 53.65 83.41
C PRO M 201 15.93 52.90 82.11
N SER M 202 16.33 53.59 81.06
CA SER M 202 16.53 52.94 79.77
C SER M 202 17.59 51.87 79.82
N THR M 203 18.51 51.92 80.78
CA THR M 203 19.62 50.99 80.78
C THR M 203 19.24 49.62 81.33
N ILE M 204 18.37 49.58 82.34
CA ILE M 204 17.98 48.30 82.93
C ILE M 204 16.89 47.62 82.11
N PHE M 205 15.95 48.39 81.56
CA PHE M 205 14.77 47.79 80.95
C PHE M 205 15.12 47.10 79.65
N ASN M 206 14.25 46.18 79.25
CA ASN M 206 14.54 45.28 78.14
C ASN M 206 14.27 45.95 76.81
N LYS M 207 13.00 46.14 76.46
CA LYS M 207 12.65 46.84 75.24
C LYS M 207 12.62 48.33 75.53
N ASN M 208 13.47 49.07 74.84
CA ASN M 208 13.54 50.52 74.94
C ASN M 208 13.43 51.07 73.53
N ARG M 209 12.35 51.77 73.25
CA ARG M 209 12.13 52.40 71.97
C ARG M 209 12.51 53.86 72.08
N TYR M 210 13.43 54.30 71.24
CA TYR M 210 13.77 55.71 71.20
C TYR M 210 12.91 56.35 70.14
N TRP M 211 11.95 57.15 70.57
CA TRP M 211 10.85 57.59 69.73
C TRP M 211 10.99 59.09 69.52
N LYS M 212 11.18 59.47 68.27
CA LYS M 212 11.53 60.83 67.91
C LYS M 212 10.33 61.56 67.33
N GLN M 213 10.56 62.80 66.95
CA GLN M 213 9.54 63.60 66.29
C GLN M 213 9.42 63.15 64.85
N GLY M 214 8.21 62.75 64.45
CA GLY M 214 7.97 62.23 63.13
C GLY M 214 7.88 60.73 63.04
N ASP M 215 8.33 60.02 64.07
CA ASP M 215 8.19 58.57 64.07
C ASP M 215 6.74 58.17 64.10
N ASP M 216 6.49 56.95 63.64
CA ASP M 216 5.13 56.43 63.62
C ASP M 216 4.63 56.24 65.05
N ALA M 217 3.31 56.18 65.18
CA ALA M 217 2.71 56.02 66.49
C ALA M 217 3.15 54.70 67.11
N LEU M 218 3.21 54.68 68.44
CA LEU M 218 3.60 53.50 69.20
C LEU M 218 2.35 52.82 69.71
N HIS M 219 2.11 51.60 69.25
CA HIS M 219 0.89 50.86 69.57
C HIS M 219 1.23 49.75 70.53
N PHE M 220 0.50 49.68 71.64
CA PHE M 220 0.73 48.64 72.63
C PHE M 220 -0.60 48.01 72.98
N SER M 221 -0.62 46.69 73.05
CA SER M 221 -1.85 45.96 73.26
C SER M 221 -1.60 44.80 74.20
N HIS M 222 -2.65 44.37 74.87
CA HIS M 222 -2.61 43.17 75.70
C HIS M 222 -3.90 42.41 75.51
N ASP M 223 -3.80 41.13 75.17
CA ASP M 223 -4.97 40.29 75.01
C ASP M 223 -5.22 39.54 76.31
N LEU M 224 -6.47 39.57 76.77
CA LEU M 224 -6.89 38.80 77.92
C LEU M 224 -7.74 37.63 77.45
N ASP M 225 -7.37 36.43 77.83
CA ASP M 225 -8.24 35.27 77.70
C ASP M 225 -8.59 34.80 79.10
N LEU M 226 -9.82 35.04 79.49
CA LEU M 226 -10.33 34.65 80.80
C LEU M 226 -11.31 33.50 80.61
N GLY M 227 -11.30 32.57 81.55
CA GLY M 227 -12.32 31.57 81.47
C GLY M 227 -13.60 31.96 82.16
N PHE M 228 -13.67 33.17 82.70
CA PHE M 228 -14.77 33.57 83.54
C PHE M 228 -15.15 35.00 83.21
N TRP M 229 -16.08 35.54 83.97
CA TRP M 229 -16.71 36.82 83.71
C TRP M 229 -16.74 37.60 85.01
N PHE M 230 -17.03 38.88 84.92
CA PHE M 230 -17.12 39.74 86.09
C PHE M 230 -18.51 40.30 86.23
N GLY M 231 -19.02 40.30 87.45
CA GLY M 231 -20.36 40.82 87.69
C GLY M 231 -20.40 42.17 88.35
N SER M 232 -19.26 42.67 88.81
CA SER M 232 -19.21 43.93 89.55
C SER M 232 -18.33 44.91 88.80
N ASP M 233 -18.21 46.11 89.35
CA ASP M 233 -17.32 47.09 88.75
C ASP M 233 -15.88 46.79 89.10
N TYR M 234 -14.96 47.24 88.24
CA TYR M 234 -13.55 47.02 88.52
C TYR M 234 -13.11 47.75 89.78
N GLY M 235 -13.47 49.03 89.91
CA GLY M 235 -13.24 49.71 91.16
C GLY M 235 -11.77 49.84 91.51
N ASN M 236 -11.00 50.47 90.64
CA ASN M 236 -9.54 50.62 90.73
C ASN M 236 -8.87 49.28 90.97
N ALA M 237 -9.19 48.32 90.12
CA ALA M 237 -8.51 47.05 90.03
C ALA M 237 -7.57 47.05 88.83
N TYR M 238 -6.44 46.37 88.96
CA TYR M 238 -5.63 46.10 87.79
C TYR M 238 -6.45 45.29 86.81
N VAL M 239 -6.33 45.61 85.53
CA VAL M 239 -6.94 44.75 84.52
C VAL M 239 -6.38 43.34 84.67
N PRO M 240 -7.23 42.31 84.65
CA PRO M 240 -6.86 41.01 85.24
C PRO M 240 -5.54 40.45 84.73
N GLN M 241 -4.73 39.99 85.68
CA GLN M 241 -3.40 39.47 85.42
C GLN M 241 -3.15 38.33 86.39
N ASN M 242 -2.35 37.36 85.96
CA ASN M 242 -1.89 36.29 86.83
C ASN M 242 -0.39 36.47 87.00
N ASN M 243 0.05 36.81 88.20
CA ASN M 243 1.45 37.13 88.38
C ASN M 243 1.91 36.79 89.77
N ASP M 244 3.19 37.03 90.01
CA ASP M 244 3.73 37.02 91.36
C ASP M 244 3.07 38.08 92.22
N SER M 245 2.74 39.22 91.63
CA SER M 245 2.11 40.30 92.38
C SER M 245 0.60 40.12 92.52
N MET M 246 -0.06 39.53 91.54
CA MET M 246 -1.52 39.61 91.55
C MET M 246 -2.13 38.46 90.76
N ASN M 247 -3.41 38.19 91.04
CA ASN M 247 -4.18 37.18 90.35
C ASN M 247 -5.46 37.78 89.79
N ALA M 248 -5.99 37.13 88.76
CA ALA M 248 -7.05 37.72 87.94
C ALA M 248 -8.41 37.63 88.61
N VAL M 249 -8.64 36.61 89.43
CA VAL M 249 -9.94 36.35 90.03
C VAL M 249 -9.92 36.83 91.47
N GLY M 250 -10.98 37.53 91.88
CA GLY M 250 -10.94 38.25 93.13
C GLY M 250 -11.65 37.67 94.32
N THR M 251 -12.50 36.67 94.10
CA THR M 251 -13.27 36.10 95.20
C THR M 251 -12.47 35.02 95.89
N ILE M 252 -12.51 35.02 97.21
CA ILE M 252 -11.93 33.94 97.99
C ILE M 252 -12.78 32.69 97.75
N PRO M 253 -12.20 31.62 97.21
CA PRO M 253 -12.98 30.39 97.06
C PRO M 253 -13.33 29.79 98.42
N THR M 254 -14.45 29.09 98.45
CA THR M 254 -15.06 28.63 99.70
C THR M 254 -15.31 27.13 99.64
N SER M 255 -15.57 26.56 100.81
CA SER M 255 -15.36 25.14 101.05
C SER M 255 -16.34 24.25 100.31
N LYS M 256 -15.87 23.02 100.02
CA LYS M 256 -16.71 21.90 99.65
C LYS M 256 -17.46 22.11 98.34
N HIS M 257 -16.80 22.74 97.38
CA HIS M 257 -17.30 22.85 96.02
C HIS M 257 -16.20 23.40 95.13
N ILE M 258 -16.52 23.59 93.87
CA ILE M 258 -15.56 23.95 92.84
C ILE M 258 -15.62 25.45 92.62
N ASN M 259 -14.46 26.07 92.41
CA ASN M 259 -14.35 27.50 92.29
C ASN M 259 -13.42 27.83 91.13
N VAL M 260 -13.69 28.94 90.46
CA VAL M 260 -12.80 29.35 89.38
C VAL M 260 -11.54 29.93 89.98
N ARG M 261 -10.39 29.46 89.51
CA ARG M 261 -9.09 29.76 90.07
C ARG M 261 -8.19 30.27 88.97
N GLY M 262 -7.43 31.32 89.26
CA GLY M 262 -6.48 31.81 88.29
C GLY M 262 -5.37 30.80 88.03
N VAL M 263 -4.84 30.84 86.81
CA VAL M 263 -3.80 29.90 86.41
C VAL M 263 -3.01 30.55 85.28
N ASN M 264 -1.77 30.10 85.09
CA ASN M 264 -0.95 30.25 83.88
C ASN M 264 -0.12 31.52 83.67
N ASN M 265 -0.14 32.53 84.54
CA ASN M 265 0.76 33.67 84.36
C ASN M 265 0.57 34.36 83.02
N ARG M 266 -0.54 35.10 82.92
CA ARG M 266 -0.66 36.16 81.94
C ARG M 266 -0.54 37.47 82.67
N GLY M 267 0.34 38.34 82.21
CA GLY M 267 0.54 39.62 82.87
C GLY M 267 1.00 40.66 81.89
N MET M 268 1.09 41.90 82.36
CA MET M 268 1.52 43.01 81.50
C MET M 268 2.87 43.59 81.92
N ALA M 269 3.68 43.94 80.92
CA ALA M 269 5.00 44.51 81.17
C ALA M 269 4.87 45.95 81.63
N GLY M 270 5.69 46.34 82.60
CA GLY M 270 5.67 47.69 83.12
C GLY M 270 6.19 48.73 82.16
N HIS M 271 5.28 49.33 81.39
CA HIS M 271 5.66 50.35 80.42
C HIS M 271 6.13 51.61 81.16
N TYR M 272 7.05 52.35 80.55
CA TYR M 272 7.56 53.55 81.18
C TYR M 272 8.01 54.54 80.12
N LEU M 273 8.11 55.80 80.51
CA LEU M 273 8.59 56.85 79.64
C LEU M 273 9.70 57.62 80.34
N SER M 274 10.76 57.91 79.60
CA SER M 274 11.91 58.60 80.16
C SER M 274 12.63 59.32 79.04
N PHE M 275 13.51 60.23 79.43
CA PHE M 275 14.30 60.93 78.45
C PHE M 275 15.77 60.58 78.63
N PRO M 276 16.53 60.58 77.54
CA PRO M 276 17.95 60.25 77.64
C PRO M 276 18.68 61.33 78.41
N PRO M 277 19.63 60.96 79.25
CA PRO M 277 20.44 61.99 79.91
C PRO M 277 21.25 62.76 78.89
N ILE M 278 21.15 64.08 78.94
CA ILE M 278 21.93 64.96 78.10
C ILE M 278 22.51 66.03 79.00
N ARG M 279 23.82 66.07 79.14
CA ARG M 279 24.43 67.06 80.00
C ARG M 279 24.45 68.42 79.32
N THR M 280 24.33 69.46 80.14
CA THR M 280 24.37 70.83 79.69
C THR M 280 25.48 71.56 80.45
N ASN M 281 25.60 72.86 80.17
CA ASN M 281 26.44 73.70 81.00
C ASN M 281 26.05 73.61 82.47
N ASP M 282 24.76 73.47 82.75
CA ASP M 282 24.27 73.27 84.10
C ASP M 282 23.27 72.12 84.11
N GLY M 283 23.61 71.06 84.85
CA GLY M 283 22.65 69.97 85.03
C GLY M 283 22.38 69.22 83.74
N GLN M 284 21.11 68.92 83.53
CA GLN M 284 20.67 68.04 82.45
C GLN M 284 19.85 68.83 81.44
N PHE M 285 19.85 68.35 80.21
CA PHE M 285 19.08 69.01 79.16
C PHE M 285 17.61 68.89 79.50
N LYS M 286 16.87 69.97 79.28
CA LYS M 286 15.47 69.96 79.66
C LYS M 286 14.66 69.54 78.45
N LEU M 287 14.13 68.33 78.48
CA LEU M 287 13.28 67.81 77.43
C LEU M 287 11.86 67.73 77.95
N ASN M 288 10.94 68.23 77.15
CA ASN M 288 9.52 68.19 77.45
C ASN M 288 8.88 67.48 76.27
N ALA M 289 7.85 66.71 76.53
CA ALA M 289 7.24 65.93 75.46
C ALA M 289 5.75 66.17 75.44
N GLN M 290 5.19 66.21 74.24
CA GLN M 290 3.77 66.05 74.03
C GLN M 290 3.52 64.86 73.13
N PHE M 291 2.43 64.15 73.39
CA PHE M 291 1.93 63.16 72.46
C PHE M 291 0.46 62.93 72.77
N THR M 292 -0.24 62.33 71.82
CA THR M 292 -1.62 61.97 72.03
C THR M 292 -1.70 60.56 72.57
N LEU M 293 -2.55 60.37 73.56
CA LEU M 293 -2.78 59.05 74.15
C LEU M 293 -4.14 58.57 73.70
N GLU M 294 -4.17 57.53 72.87
CA GLU M 294 -5.39 56.86 72.48
C GLU M 294 -5.41 55.51 73.16
N THR M 295 -6.31 55.32 74.10
CA THR M 295 -6.48 54.03 74.76
C THR M 295 -7.76 53.38 74.27
N GLU M 296 -7.74 52.06 74.19
CA GLU M 296 -8.92 51.28 73.85
C GLU M 296 -8.97 50.04 74.71
N ILE M 297 -10.13 49.79 75.30
CA ILE M 297 -10.39 48.56 76.04
C ILE M 297 -11.64 47.94 75.44
N GLU M 298 -11.56 46.67 75.11
CA GLU M 298 -12.64 45.97 74.41
C GLU M 298 -13.30 45.03 75.38
N PHE M 299 -14.53 45.32 75.77
CA PHE M 299 -15.27 44.46 76.67
C PHE M 299 -16.16 43.49 75.90
N GLU M 300 -16.24 42.27 76.42
CA GLU M 300 -17.34 41.36 76.10
C GLU M 300 -18.34 41.42 77.24
N PHE M 301 -19.62 41.36 76.91
CA PHE M 301 -20.63 41.31 77.95
C PHE M 301 -21.70 40.31 77.55
N ARG M 302 -22.54 39.97 78.51
CA ARG M 302 -23.47 38.87 78.38
C ARG M 302 -24.73 39.21 79.15
N LEU M 303 -25.88 38.79 78.63
CA LEU M 303 -27.14 39.29 79.13
C LEU M 303 -27.82 38.28 80.05
N TRP M 304 -29.00 38.66 80.51
CA TRP M 304 -29.73 37.98 81.55
C TRP M 304 -30.41 36.72 81.05
N GLU M 305 -30.76 35.84 81.98
CA GLU M 305 -31.40 34.58 81.66
C GLU M 305 -32.77 34.80 81.02
N GLN M 306 -33.07 34.02 80.00
CA GLN M 306 -34.38 34.08 79.38
C GLN M 306 -35.43 33.42 80.25
N GLY M 307 -36.67 33.78 80.03
CA GLY M 307 -37.77 33.16 80.72
C GLY M 307 -38.15 33.92 81.97
N VAL M 308 -39.01 33.28 82.76
CA VAL M 308 -39.43 33.85 84.02
C VAL M 308 -38.24 34.02 84.95
N GLN M 309 -37.19 33.24 84.74
CA GLN M 309 -35.98 33.38 85.56
C GLN M 309 -35.41 34.79 85.47
N GLY M 310 -35.56 35.44 84.32
CA GLY M 310 -35.03 36.76 84.10
C GLY M 310 -35.97 37.90 84.45
N ILE M 311 -37.11 37.62 85.05
CA ILE M 311 -38.02 38.67 85.50
C ILE M 311 -37.43 39.36 86.72
N ASN M 312 -37.47 40.70 86.72
CA ASN M 312 -36.84 41.47 87.79
C ASN M 312 -37.30 41.01 89.18
N SER M 313 -38.61 40.85 89.35
CA SER M 313 -39.13 40.56 90.67
C SER M 313 -38.67 39.20 91.18
N VAL M 314 -38.67 38.19 90.31
CA VAL M 314 -38.30 36.83 90.72
C VAL M 314 -36.85 36.51 90.43
N HIS M 315 -36.10 37.41 89.79
CA HIS M 315 -34.71 37.08 89.51
C HIS M 315 -33.83 37.12 90.74
N THR M 316 -34.25 37.84 91.79
CA THR M 316 -33.44 37.89 92.99
C THR M 316 -33.25 36.49 93.57
N ASN M 317 -34.35 35.79 93.81
CA ASN M 317 -34.30 34.46 94.39
C ASN M 317 -34.28 33.32 93.37
N LEU M 318 -34.50 33.59 92.09
CA LEU M 318 -34.23 32.61 91.04
C LEU M 318 -32.90 32.79 90.36
N ASN M 319 -32.09 33.74 90.80
CA ASN M 319 -30.75 33.88 90.26
C ASN M 319 -29.99 32.57 90.43
N PRO M 320 -29.29 32.08 89.40
CA PRO M 320 -28.56 30.83 89.55
C PRO M 320 -27.48 30.94 90.61
N ALA M 321 -27.38 29.93 91.47
CA ALA M 321 -26.28 29.90 92.42
C ALA M 321 -24.97 29.53 91.76
N ASN M 322 -25.00 29.07 90.52
CA ASN M 322 -23.77 28.76 89.79
C ASN M 322 -23.25 29.95 89.02
N ASP M 323 -23.85 31.13 89.17
CA ASP M 323 -23.17 32.34 88.74
C ASP M 323 -21.78 32.40 89.33
N SER M 324 -21.66 32.11 90.63
CA SER M 324 -20.37 32.12 91.29
C SER M 324 -19.37 31.22 90.61
N LEU M 325 -19.86 30.27 89.81
CA LEU M 325 -18.99 29.38 89.10
C LEU M 325 -18.29 30.11 87.95
N TRP M 326 -19.05 30.75 87.07
CA TRP M 326 -18.49 31.54 85.97
C TRP M 326 -18.48 33.05 86.21
N ILE M 327 -19.05 33.59 87.28
CA ILE M 327 -19.01 35.05 87.46
C ILE M 327 -18.20 35.46 88.68
N GLN M 328 -17.10 36.18 88.47
CA GLN M 328 -16.03 36.13 89.46
C GLN M 328 -15.47 37.41 90.07
N SER M 329 -16.04 38.57 89.78
CA SER M 329 -15.55 39.88 90.27
C SER M 329 -14.15 40.27 89.75
N TYR M 330 -13.44 41.13 90.49
CA TYR M 330 -12.11 41.60 90.06
C TYR M 330 -11.01 41.13 90.99
N GLY M 331 -9.86 40.77 90.44
CA GLY M 331 -8.89 40.09 91.27
C GLY M 331 -8.10 40.91 92.25
N SER M 332 -7.41 41.93 91.76
CA SER M 332 -6.43 42.62 92.58
C SER M 332 -6.49 44.10 92.30
N LEU M 333 -6.42 44.88 93.37
CA LEU M 333 -6.65 46.32 93.30
C LEU M 333 -5.32 47.04 93.33
N VAL M 334 -5.26 48.17 92.62
CA VAL M 334 -4.16 49.08 92.88
C VAL M 334 -4.31 49.59 94.30
N SER M 335 -3.20 50.01 94.88
CA SER M 335 -3.20 50.42 96.27
C SER M 335 -3.51 51.91 96.32
N ILE M 336 -4.69 52.25 96.84
CA ILE M 336 -5.21 53.60 96.82
C ILE M 336 -5.50 54.00 98.26
N THR M 337 -4.78 55.00 98.76
CA THR M 337 -5.20 55.69 99.96
C THR M 337 -5.70 57.06 99.52
N GLU M 338 -6.80 57.50 100.12
CA GLU M 338 -7.51 58.70 99.68
C GLU M 338 -7.79 58.52 98.18
N SER M 339 -7.51 59.52 97.36
CA SER M 339 -7.62 59.40 95.91
C SER M 339 -6.29 59.06 95.25
N LYS M 340 -5.25 58.81 96.03
CA LYS M 340 -3.88 58.83 95.54
C LYS M 340 -3.32 57.41 95.48
N ILE M 341 -2.66 57.08 94.37
CA ILE M 341 -2.09 55.76 94.19
C ILE M 341 -0.84 55.63 95.06
N ASN M 342 -0.77 54.57 95.85
CA ASN M 342 0.39 54.34 96.69
C ASN M 342 1.55 53.76 95.90
N ASN M 343 1.26 52.79 95.04
CA ASN M 343 2.28 52.11 94.27
C ASN M 343 1.60 51.49 93.06
N ILE M 344 2.40 51.12 92.07
CA ILE M 344 1.91 50.37 90.93
C ILE M 344 2.75 49.12 90.78
N GLN M 345 2.09 47.98 90.68
CA GLN M 345 2.72 46.69 90.46
C GLN M 345 2.55 46.33 89.00
N PHE M 346 3.56 45.71 88.40
CA PHE M 346 3.47 45.36 86.99
C PHE M 346 3.38 43.86 86.75
N GLY M 347 4.41 43.10 87.08
CA GLY M 347 4.36 41.66 86.89
C GLY M 347 3.91 41.11 85.54
N PRO M 348 4.81 41.17 84.56
CA PRO M 348 4.63 40.73 83.18
C PRO M 348 4.60 39.23 83.02
N THR M 349 4.23 38.73 81.85
CA THR M 349 4.27 37.30 81.65
C THR M 349 5.74 37.17 81.40
N CYS M 350 6.48 36.66 82.39
CA CYS M 350 7.90 36.61 82.21
C CYS M 350 8.29 35.49 81.29
N PRO M 351 9.30 35.75 80.46
CA PRO M 351 9.75 34.80 79.43
C PRO M 351 10.43 33.58 79.98
N ARG M 352 10.90 33.61 81.23
CA ARG M 352 11.60 32.46 81.79
C ARG M 352 10.67 31.47 82.49
N VAL M 353 9.39 31.80 82.66
CA VAL M 353 8.42 30.78 82.99
C VAL M 353 8.29 29.81 81.83
N ASP M 354 8.09 28.53 82.14
CA ASP M 354 7.93 27.51 81.11
C ASP M 354 6.82 27.92 80.15
N ALA M 355 7.10 27.81 78.86
CA ALA M 355 6.11 28.19 77.86
C ALA M 355 4.82 27.41 78.01
N ARG M 356 4.86 26.24 78.65
CA ARG M 356 3.65 25.47 78.86
C ARG M 356 2.76 26.12 79.91
N ASN M 357 3.35 26.89 80.82
CA ASN M 357 2.56 27.65 81.78
C ASN M 357 1.98 28.92 81.20
N LYS M 358 2.64 29.51 80.21
CA LYS M 358 2.32 30.85 79.77
C LYS M 358 1.15 30.91 78.79
N GLY M 359 0.51 29.78 78.53
CA GLY M 359 -0.48 29.72 77.46
C GLY M 359 -1.78 30.46 77.74
N GLY M 360 -2.80 30.14 76.96
CA GLY M 360 -3.94 31.02 76.79
C GLY M 360 -4.86 31.31 77.96
N LYS M 361 -5.43 30.27 78.56
CA LYS M 361 -6.57 30.44 79.45
C LYS M 361 -6.13 30.87 80.84
N MET M 362 -6.69 31.97 81.33
CA MET M 362 -6.25 32.54 82.60
C MET M 362 -6.98 32.00 83.81
N SER M 363 -7.89 31.07 83.66
CA SER M 363 -8.55 30.54 84.85
C SER M 363 -8.86 29.08 84.64
N MET M 364 -9.04 28.39 85.74
CA MET M 364 -9.43 26.99 85.74
C MET M 364 -10.51 26.83 86.80
N LEU M 365 -11.36 25.86 86.62
CA LEU M 365 -12.48 25.63 87.52
C LEU M 365 -12.05 24.46 88.41
N PHE M 366 -11.61 24.81 89.60
CA PHE M 366 -10.99 23.90 90.54
C PHE M 366 -11.60 23.95 91.92
N ASP M 367 -11.79 22.80 92.53
CA ASP M 367 -12.42 22.70 93.84
C ASP M 367 -11.60 23.18 95.03
N HIS M 368 -12.31 23.48 96.11
CA HIS M 368 -11.66 23.90 97.33
C HIS M 368 -12.22 23.05 98.47
N HIS M 369 -11.33 22.54 99.32
CA HIS M 369 -11.77 21.71 100.44
C HIS M 369 -11.71 22.48 101.76
N GLU N 36 -47.07 62.55 4.20
CA GLU N 36 -45.89 63.14 3.59
C GLU N 36 -45.84 64.63 3.94
N GLY N 37 -44.64 65.19 3.93
CA GLY N 37 -44.48 66.59 4.29
C GLY N 37 -44.32 66.79 5.77
N ASP N 38 -44.25 68.06 6.17
CA ASP N 38 -44.11 68.40 7.57
C ASP N 38 -45.44 68.48 8.29
N GLY N 39 -46.54 68.19 7.60
CA GLY N 39 -47.86 68.21 8.20
C GLY N 39 -48.72 69.37 7.77
N SER N 40 -48.10 70.39 7.17
CA SER N 40 -48.78 71.60 6.76
C SER N 40 -49.87 71.41 5.73
N ALA N 41 -49.99 70.23 5.18
CA ALA N 41 -50.98 69.91 4.17
C ALA N 41 -52.39 69.80 4.74
N PRO N 42 -53.40 69.84 3.89
CA PRO N 42 -54.75 69.73 4.44
C PRO N 42 -55.04 68.43 5.18
N GLY N 43 -54.55 67.27 4.74
CA GLY N 43 -54.87 66.03 5.44
C GLY N 43 -53.70 65.28 6.07
N GLY N 44 -53.98 64.41 7.04
CA GLY N 44 -52.92 63.67 7.70
C GLY N 44 -52.55 64.17 9.08
N SER N 45 -51.26 64.33 9.35
CA SER N 45 -50.78 64.80 10.65
C SER N 45 -50.81 66.32 10.83
N VAL N 46 -50.92 66.77 12.06
CA VAL N 46 -51.00 68.18 12.43
C VAL N 46 -49.64 68.86 12.44
N TRP N 47 -49.54 69.99 11.75
CA TRP N 47 -48.30 70.72 11.78
C TRP N 47 -48.30 71.33 13.15
N GLN N 48 -47.23 71.15 13.91
CA GLN N 48 -47.20 71.70 15.24
C GLN N 48 -45.92 72.50 15.46
N THR N 49 -46.04 73.50 16.33
CA THR N 49 -45.00 74.47 16.57
C THR N 49 -43.83 73.87 17.36
N THR N 50 -42.70 74.56 17.31
CA THR N 50 -41.49 74.09 17.97
C THR N 50 -41.66 74.01 19.48
N ASP N 51 -40.83 73.17 20.10
CA ASP N 51 -40.90 72.90 21.52
C ASP N 51 -40.22 74.01 22.31
N TYR N 52 -40.94 74.60 23.26
CA TYR N 52 -40.36 75.58 24.16
C TYR N 52 -39.82 75.00 25.45
N ILE N 53 -40.05 73.72 25.74
CA ILE N 53 -39.55 73.15 26.99
C ILE N 53 -38.04 72.98 26.92
N ALA N 54 -37.54 72.40 25.83
CA ALA N 54 -36.16 71.94 25.78
C ALA N 54 -35.18 73.00 26.24
N LEU N 55 -35.40 74.25 25.84
CA LEU N 55 -34.49 75.31 26.26
C LEU N 55 -34.77 75.83 27.67
N SER N 56 -35.96 75.62 28.20
CA SER N 56 -36.20 76.03 29.57
C SER N 56 -35.66 75.03 30.58
N MET N 57 -35.47 73.78 30.17
CA MET N 57 -34.95 72.76 31.07
C MET N 57 -33.44 72.61 31.04
N VAL N 58 -32.75 73.26 30.11
CA VAL N 58 -31.31 73.06 30.03
C VAL N 58 -30.65 73.65 31.27
N VAL N 59 -29.83 72.84 31.93
CA VAL N 59 -29.17 73.21 33.17
C VAL N 59 -27.77 73.67 32.84
N TYR N 60 -27.46 74.90 33.19
CA TYR N 60 -26.12 75.45 33.01
C TYR N 60 -25.41 75.42 34.35
N ARG N 61 -24.11 75.20 34.30
CA ARG N 61 -23.36 74.84 35.49
C ARG N 61 -22.13 75.74 35.60
N THR N 62 -22.07 76.52 36.68
CA THR N 62 -20.94 77.42 36.90
C THR N 62 -20.33 77.18 38.28
N ALA N 63 -19.37 78.01 38.67
CA ALA N 63 -18.75 77.88 39.97
C ALA N 63 -18.17 79.22 40.38
N ILE N 64 -17.92 79.36 41.67
CA ILE N 64 -17.25 80.53 42.23
C ILE N 64 -16.08 80.05 43.05
N LYS N 65 -14.87 80.40 42.65
CA LYS N 65 -13.65 80.00 43.31
C LYS N 65 -12.97 81.23 43.89
N LEU N 66 -12.52 81.13 45.14
CA LEU N 66 -11.91 82.25 45.83
C LEU N 66 -10.75 81.74 46.68
N ARG N 67 -9.67 82.50 46.73
CA ARG N 67 -8.53 82.18 47.59
C ARG N 67 -8.36 83.24 48.65
N ASN N 68 -7.76 82.80 49.75
CA ASN N 68 -7.64 83.62 50.93
C ASN N 68 -6.42 83.11 51.69
N PHE N 69 -5.80 83.99 52.47
CA PHE N 69 -4.79 83.60 53.43
C PHE N 69 -5.38 83.71 54.82
N VAL N 70 -5.25 82.65 55.62
CA VAL N 70 -5.80 82.62 56.96
C VAL N 70 -4.64 82.67 57.94
N ASN N 71 -4.75 83.56 58.93
CA ASN N 71 -3.78 83.68 60.00
C ASN N 71 -4.51 83.43 61.31
N ILE N 72 -4.16 82.36 61.99
CA ILE N 72 -4.78 81.98 63.26
C ILE N 72 -3.76 82.21 64.35
N ARG N 73 -4.02 83.19 65.21
CA ARG N 73 -3.08 83.55 66.26
C ARG N 73 -3.75 83.53 67.61
N GLY N 74 -2.95 83.29 68.65
CA GLY N 74 -3.42 83.41 70.02
C GLY N 74 -4.57 82.47 70.35
N LEU N 75 -4.54 81.26 69.79
CA LEU N 75 -5.63 80.30 69.98
C LEU N 75 -5.15 79.29 71.02
N THR N 76 -5.74 79.32 72.20
CA THR N 76 -5.35 78.40 73.26
C THR N 76 -5.95 77.02 72.98
N PRO N 77 -5.43 75.98 73.64
CA PRO N 77 -5.91 74.62 73.32
C PRO N 77 -7.36 74.37 73.65
N THR N 78 -7.95 75.14 74.56
CA THR N 78 -9.37 74.97 74.84
C THR N 78 -10.24 75.58 73.74
N GLU N 79 -9.91 76.79 73.33
CA GLU N 79 -10.64 77.48 72.28
C GLU N 79 -10.29 76.91 70.92
N MET N 80 -11.18 77.14 69.95
CA MET N 80 -11.17 76.42 68.70
C MET N 80 -11.75 77.29 67.60
N ILE N 81 -11.18 77.19 66.40
CA ILE N 81 -11.66 77.95 65.25
C ILE N 81 -12.80 77.20 64.60
N VAL N 82 -13.91 77.88 64.40
CA VAL N 82 -15.08 77.33 63.73
C VAL N 82 -14.98 77.64 62.25
N ILE N 83 -15.00 76.62 61.41
CA ILE N 83 -14.91 76.84 59.98
C ILE N 83 -16.34 77.15 59.54
N PRO N 84 -16.66 78.34 59.14
CA PRO N 84 -18.03 78.64 58.70
C PRO N 84 -18.31 78.06 57.33
N TRP N 85 -18.05 76.76 57.18
CA TRP N 85 -18.02 76.19 55.84
C TRP N 85 -19.38 75.70 55.42
N ASN N 86 -20.35 75.69 56.31
CA ASN N 86 -21.72 75.31 56.00
C ASN N 86 -22.61 76.51 55.74
N VAL N 87 -22.10 77.73 55.77
CA VAL N 87 -22.88 78.90 55.44
C VAL N 87 -22.60 79.27 53.99
N MET N 88 -23.67 79.60 53.26
CA MET N 88 -23.56 79.83 51.83
C MET N 88 -22.67 81.02 51.54
N ARG N 89 -22.74 82.05 52.37
CA ARG N 89 -21.97 83.28 52.15
C ARG N 89 -20.47 83.07 52.24
N PHE N 90 -20.03 81.96 52.83
CA PHE N 90 -18.61 81.68 52.95
C PHE N 90 -17.96 81.50 51.59
N TYR N 91 -18.63 80.76 50.70
CA TYR N 91 -18.02 80.40 49.43
C TYR N 91 -18.13 81.48 48.37
N CYS N 92 -19.31 82.07 48.24
CA CYS N 92 -19.62 82.96 47.14
C CYS N 92 -19.50 84.45 47.48
N GLU N 93 -19.17 84.78 48.71
CA GLU N 93 -18.89 86.16 49.08
C GLU N 93 -17.57 86.21 49.81
N TYR N 94 -16.75 87.20 49.47
CA TYR N 94 -15.35 87.19 49.89
C TYR N 94 -15.25 88.14 51.07
N ASN N 95 -15.12 87.59 52.27
CA ASN N 95 -15.03 88.42 53.45
C ASN N 95 -13.63 88.24 54.00
N THR N 96 -12.78 89.23 53.76
CA THR N 96 -11.43 89.24 54.27
C THR N 96 -11.05 90.67 54.56
N GLY N 97 -10.52 90.94 55.75
CA GLY N 97 -9.94 92.24 56.00
C GLY N 97 -10.90 93.38 55.69
N THR N 98 -10.46 94.30 54.83
CA THR N 98 -11.24 95.47 54.48
C THR N 98 -12.37 95.17 53.49
N TYR N 99 -12.29 94.06 52.75
CA TYR N 99 -13.31 93.76 51.75
C TYR N 99 -14.70 93.73 52.36
N GLY N 100 -14.89 92.91 53.40
CA GLY N 100 -16.19 92.79 54.01
C GLY N 100 -16.77 94.10 54.51
N LEU N 101 -15.91 95.08 54.79
CA LEU N 101 -16.40 96.39 55.16
C LEU N 101 -16.92 97.15 53.95
N SER N 102 -16.28 96.98 52.80
CA SER N 102 -16.77 97.59 51.57
C SER N 102 -18.01 96.86 51.08
N GLY N 103 -18.77 97.54 50.23
CA GLY N 103 -20.06 97.04 49.82
C GLY N 103 -20.02 96.09 48.63
N ASN N 104 -20.99 95.20 48.60
CA ASN N 104 -21.25 94.27 47.49
C ASN N 104 -19.97 93.53 47.10
N VAL N 105 -19.55 92.64 48.01
CA VAL N 105 -18.36 91.84 47.79
C VAL N 105 -18.70 90.48 47.19
N HIS N 106 -19.96 90.24 46.86
CA HIS N 106 -20.35 89.02 46.18
C HIS N 106 -19.58 88.88 44.86
N HIS N 107 -19.28 87.64 44.50
CA HIS N 107 -18.65 87.38 43.22
C HIS N 107 -19.65 87.64 42.11
N LYS N 108 -19.15 88.11 40.97
CA LYS N 108 -20.06 88.55 39.92
C LYS N 108 -20.77 87.41 39.23
N ASN N 109 -20.22 86.18 39.28
CA ASN N 109 -21.00 85.04 38.82
C ASN N 109 -22.25 84.85 39.66
N TYR N 110 -22.19 85.22 40.93
CA TYR N 110 -23.37 85.06 41.74
C TYR N 110 -24.38 86.16 41.49
N SER N 111 -23.92 87.37 41.22
CA SER N 111 -24.84 88.46 40.95
C SER N 111 -25.73 88.16 39.76
N MET N 112 -25.21 87.45 38.77
CA MET N 112 -26.04 87.08 37.63
C MET N 112 -26.87 85.83 37.88
N LEU N 113 -26.50 84.99 38.84
CA LEU N 113 -27.38 83.88 39.19
C LEU N 113 -28.74 84.39 39.63
N LEU N 114 -28.81 85.64 40.04
CA LEU N 114 -30.07 86.30 40.31
C LEU N 114 -30.73 86.84 39.04
N ALA N 115 -29.99 86.91 37.94
CA ALA N 115 -30.58 87.29 36.67
C ALA N 115 -31.30 86.13 36.00
N CYS N 116 -30.73 84.93 36.07
CA CYS N 116 -31.44 83.75 35.60
C CYS N 116 -32.53 83.38 36.59
N LYS N 117 -33.51 82.60 36.13
CA LYS N 117 -34.69 82.44 36.97
C LYS N 117 -34.48 81.45 38.10
N ALA N 118 -33.56 80.50 37.96
CA ALA N 118 -33.34 79.49 38.97
C ALA N 118 -31.85 79.21 39.06
N HIS N 119 -31.38 79.02 40.29
CA HIS N 119 -30.02 78.55 40.51
C HIS N 119 -30.04 77.58 41.66
N ARG N 120 -29.08 76.66 41.65
CA ARG N 120 -28.99 75.68 42.70
C ARG N 120 -27.53 75.47 43.08
N PRO N 121 -27.23 75.38 44.37
CA PRO N 121 -25.84 75.39 44.82
C PRO N 121 -25.02 74.13 44.55
N THR N 122 -25.64 72.96 44.41
CA THR N 122 -24.93 71.70 44.17
C THR N 122 -23.70 71.54 45.06
N LYS N 123 -22.57 71.16 44.49
CA LYS N 123 -21.40 70.83 45.31
C LYS N 123 -20.79 72.08 45.93
N VAL N 124 -20.16 71.91 47.08
CA VAL N 124 -19.50 72.99 47.79
C VAL N 124 -18.31 72.40 48.53
N GLY N 125 -17.22 73.16 48.62
CA GLY N 125 -16.03 72.62 49.25
C GLY N 125 -14.97 73.68 49.44
N TYR N 126 -13.89 73.27 50.13
CA TYR N 126 -12.80 74.18 50.38
C TYR N 126 -11.52 73.40 50.60
N THR N 127 -10.39 74.11 50.51
CA THR N 127 -9.08 73.51 50.64
C THR N 127 -8.21 74.33 51.58
N LEU N 128 -7.57 73.66 52.53
CA LEU N 128 -6.52 74.24 53.36
C LEU N 128 -5.17 73.77 52.84
N SER N 129 -4.24 74.70 52.65
CA SER N 129 -3.01 74.37 51.96
C SER N 129 -1.84 75.16 52.51
N ASN N 130 -0.65 74.56 52.39
CA ASN N 130 0.62 75.21 52.72
C ASN N 130 0.59 75.86 54.09
N LEU N 131 0.55 75.00 55.08
CA LEU N 131 0.49 75.43 56.46
C LEU N 131 1.84 75.99 56.90
N ILE N 132 1.79 77.11 57.59
CA ILE N 132 2.97 77.72 58.21
C ILE N 132 2.65 77.95 59.66
N LEU N 133 3.37 77.27 60.54
CA LEU N 133 3.28 77.49 61.98
C LEU N 133 4.38 78.43 62.43
N THR N 134 4.02 79.36 63.30
CA THR N 134 4.97 80.27 63.91
C THR N 134 4.76 80.22 65.41
N SER N 135 5.74 80.76 66.14
CA SER N 135 5.72 80.70 67.59
C SER N 135 5.97 82.07 68.17
N ASP N 136 5.16 82.46 69.15
CA ASP N 136 5.38 83.66 69.94
C ASP N 136 6.25 83.39 71.16
N GLU N 137 6.77 82.17 71.29
CA GLU N 137 7.52 81.80 72.49
C GLU N 137 8.69 82.74 72.74
N LEU N 138 9.38 83.16 71.68
CA LEU N 138 10.47 84.11 71.86
C LEU N 138 9.97 85.53 72.11
N VAL N 139 8.70 85.79 71.86
CA VAL N 139 8.13 87.12 72.07
C VAL N 139 7.88 87.34 73.54
N SER N 140 8.19 88.55 74.00
CA SER N 140 7.91 88.98 75.36
C SER N 140 7.50 90.44 75.33
N THR N 141 6.92 90.91 76.43
CA THR N 141 6.48 92.30 76.49
C THR N 141 7.65 93.27 76.33
N GLY N 142 8.86 92.84 76.69
CA GLY N 142 10.03 93.67 76.43
C GLY N 142 10.33 93.79 74.95
N GLY N 143 9.93 92.79 74.16
CA GLY N 143 10.08 92.88 72.72
C GLY N 143 11.46 92.47 72.24
N THR N 144 11.89 93.11 71.16
CA THR N 144 13.19 92.92 70.51
C THR N 144 13.31 91.57 69.82
N LEU N 145 12.37 90.67 70.08
CA LEU N 145 12.29 89.39 69.38
C LEU N 145 10.85 89.15 68.99
N GLY N 146 10.61 88.92 67.70
CA GLY N 146 9.29 88.67 67.18
C GLY N 146 9.03 87.19 66.98
N THR N 147 7.82 86.91 66.52
CA THR N 147 7.47 85.52 66.26
C THR N 147 8.26 84.99 65.08
N THR N 148 8.45 83.68 65.06
CA THR N 148 9.13 83.07 63.94
C THR N 148 8.65 81.64 63.82
N THR N 149 8.84 81.06 62.64
CA THR N 149 8.41 79.70 62.37
C THR N 149 9.01 78.74 63.40
N THR N 150 8.26 77.69 63.70
CA THR N 150 8.69 76.74 64.72
C THR N 150 10.04 76.15 64.37
N PHE N 151 10.84 75.90 65.42
CA PHE N 151 12.21 75.43 65.23
C PHE N 151 12.25 74.12 64.44
N ASN N 152 11.29 73.24 64.68
CA ASN N 152 11.16 72.03 63.89
C ASN N 152 9.71 71.86 63.48
N THR N 153 9.47 70.94 62.56
CA THR N 153 8.17 70.77 61.95
C THR N 153 7.26 69.81 62.71
N SER N 154 7.69 69.35 63.88
CA SER N 154 6.85 68.48 64.69
C SER N 154 5.51 69.09 65.10
N PRO N 155 5.38 70.39 65.40
CA PRO N 155 4.06 70.91 65.77
C PRO N 155 3.08 70.81 64.62
N TYR N 156 1.81 70.89 64.96
CA TYR N 156 0.74 70.69 63.99
C TYR N 156 -0.49 71.47 64.40
N MET N 157 -1.36 71.69 63.43
CA MET N 157 -2.67 72.26 63.67
C MET N 157 -3.71 71.18 63.43
N ILE N 158 -4.66 71.05 64.35
CA ILE N 158 -5.60 69.95 64.32
C ILE N 158 -6.82 70.41 63.53
N HIS N 159 -7.16 69.69 62.47
CA HIS N 159 -8.40 69.93 61.75
C HIS N 159 -9.42 68.89 62.19
N SER N 160 -10.47 69.33 62.84
CA SER N 160 -11.45 68.45 63.44
C SER N 160 -12.74 68.50 62.66
N ILE N 161 -13.29 67.34 62.34
CA ILE N 161 -14.61 67.21 61.72
C ILE N 161 -15.49 66.52 62.74
N ASP N 162 -16.56 67.17 63.16
CA ASP N 162 -17.39 66.56 64.20
C ASP N 162 -18.49 65.78 63.48
N ASP N 163 -18.35 64.47 63.47
CA ASP N 163 -19.32 63.59 62.82
C ASP N 163 -20.48 63.27 63.75
N GLN N 164 -20.17 63.03 65.01
CA GLN N 164 -21.17 62.64 66.00
C GLN N 164 -21.92 63.84 66.55
N GLN N 165 -21.57 65.04 66.09
CA GLN N 165 -22.19 66.28 66.54
C GLN N 165 -22.07 66.43 68.05
N CYS N 166 -20.83 66.35 68.54
CA CYS N 166 -20.56 66.75 69.91
C CYS N 166 -21.07 68.16 70.16
N LEU N 167 -20.85 69.05 69.20
CA LEU N 167 -21.31 70.43 69.29
C LEU N 167 -22.41 70.61 68.26
N SER N 168 -23.64 70.77 68.73
CA SER N 168 -24.77 71.03 67.85
C SER N 168 -24.78 72.48 67.40
N LYS N 169 -24.57 73.39 68.33
CA LYS N 169 -24.68 74.82 68.10
C LYS N 169 -23.50 75.47 68.79
N VAL N 170 -22.82 76.35 68.07
CA VAL N 170 -21.54 76.90 68.49
C VAL N 170 -21.66 78.40 68.65
N TYR N 171 -21.17 78.91 69.77
CA TYR N 171 -21.25 80.32 70.10
C TYR N 171 -19.85 80.93 70.15
N PRO N 172 -19.73 82.22 69.91
CA PRO N 172 -18.44 82.88 70.10
C PRO N 172 -18.04 82.92 71.57
N LYS N 173 -16.75 83.17 71.80
CA LYS N 173 -16.27 83.31 73.16
C LYS N 173 -16.90 84.52 73.83
N THR N 174 -16.90 84.50 75.16
CA THR N 174 -17.59 85.53 75.94
C THR N 174 -17.22 86.93 75.49
N ASP N 175 -15.92 87.20 75.38
CA ASP N 175 -15.49 88.55 75.04
C ASP N 175 -15.63 88.83 73.54
N THR N 176 -15.32 87.85 72.70
CA THR N 176 -15.24 88.10 71.27
C THR N 176 -16.62 88.08 70.63
N VAL N 177 -16.66 88.33 69.33
CA VAL N 177 -17.87 88.26 68.54
C VAL N 177 -17.47 87.89 67.12
N TRP N 178 -18.41 87.34 66.37
CA TRP N 178 -18.13 86.86 65.03
C TRP N 178 -18.69 87.83 64.01
N PRO N 179 -17.87 88.63 63.34
CA PRO N 179 -18.38 89.44 62.24
C PRO N 179 -18.62 88.60 61.01
N VAL N 180 -19.63 88.99 60.24
CA VAL N 180 -19.79 88.28 58.98
C VAL N 180 -18.81 88.82 57.95
N SER N 181 -18.40 90.09 58.11
CA SER N 181 -17.41 90.68 57.22
C SER N 181 -16.05 90.01 57.36
N SER N 182 -15.82 89.32 58.47
CA SER N 182 -14.57 88.64 58.75
C SER N 182 -14.59 87.16 58.37
N MET N 183 -15.66 86.70 57.72
CA MET N 183 -15.97 85.28 57.66
C MET N 183 -14.83 84.45 57.08
N ARG N 184 -14.28 84.87 55.93
CA ARG N 184 -13.38 83.96 55.23
C ARG N 184 -11.98 83.88 55.82
N GLU N 185 -11.49 84.91 56.49
CA GLU N 185 -10.29 84.70 57.28
C GLU N 185 -10.77 84.18 58.61
N LEU N 186 -10.22 83.08 59.08
CA LEU N 186 -10.96 82.32 60.07
C LEU N 186 -10.51 82.87 61.41
N ASP N 187 -11.32 83.77 61.95
CA ASP N 187 -11.17 84.28 63.30
C ASP N 187 -12.17 83.74 64.29
N TYR N 188 -13.12 82.90 63.86
CA TYR N 188 -14.23 82.61 64.75
C TYR N 188 -13.76 81.61 65.79
N VAL N 189 -13.77 82.03 67.05
CA VAL N 189 -13.20 81.25 68.13
C VAL N 189 -14.33 80.83 69.06
N ALA N 190 -14.52 79.54 69.20
CA ALA N 190 -15.43 78.98 70.17
C ALA N 190 -14.61 78.39 71.31
N SER N 191 -15.16 78.47 72.50
CA SER N 191 -14.57 77.81 73.66
C SER N 191 -15.52 76.70 74.06
N THR N 192 -15.11 75.45 73.83
CA THR N 192 -15.95 74.31 74.16
C THR N 192 -15.69 73.95 75.61
N VAL N 193 -16.73 74.01 76.44
CA VAL N 193 -16.58 73.89 77.88
C VAL N 193 -17.75 73.05 78.41
N SER N 194 -17.42 72.07 79.25
CA SER N 194 -18.43 71.32 79.98
C SER N 194 -18.83 72.16 81.20
N GLY N 195 -19.54 71.58 82.16
CA GLY N 195 -19.97 72.43 83.25
C GLY N 195 -18.82 73.07 84.02
N ASP N 196 -17.95 72.25 84.62
CA ASP N 196 -16.70 72.74 85.17
C ASP N 196 -15.50 72.47 84.27
N ASN N 197 -15.69 71.78 83.15
CA ASN N 197 -14.58 71.19 82.41
C ASN N 197 -14.36 71.94 81.11
N ALA N 198 -13.12 72.33 80.87
CA ALA N 198 -12.72 72.86 79.58
C ALA N 198 -12.43 71.71 78.64
N ILE N 199 -13.17 71.63 77.54
CA ILE N 199 -13.02 70.55 76.59
C ILE N 199 -11.86 70.87 75.65
N ILE N 200 -10.93 69.92 75.51
CA ILE N 200 -9.95 69.99 74.42
C ILE N 200 -10.66 69.51 73.17
N PRO N 201 -10.82 70.35 72.15
CA PRO N 201 -11.70 70.00 71.02
C PRO N 201 -11.30 68.73 70.31
N SER N 202 -10.02 68.50 70.12
CA SER N 202 -9.57 67.31 69.41
C SER N 202 -9.99 66.02 70.08
N THR N 203 -10.28 66.05 71.38
CA THR N 203 -10.55 64.81 72.10
C THR N 203 -11.98 64.33 71.87
N ILE N 204 -12.94 65.24 71.78
CA ILE N 204 -14.33 64.83 71.59
C ILE N 204 -14.63 64.52 70.13
N PHE N 205 -14.06 65.28 69.20
CA PHE N 205 -14.45 65.18 67.81
C PHE N 205 -13.98 63.88 67.18
N ASN N 206 -14.65 63.50 66.10
CA ASN N 206 -14.45 62.18 65.52
C ASN N 206 -13.22 62.13 64.64
N LYS N 207 -13.28 62.76 63.47
CA LYS N 207 -12.12 62.85 62.59
C LYS N 207 -11.30 64.05 63.01
N ASN N 208 -10.05 63.79 63.41
CA ASN N 208 -9.10 64.82 63.77
C ASN N 208 -7.84 64.57 62.96
N ARG N 209 -7.54 65.50 62.07
CA ARG N 209 -6.34 65.42 61.24
C ARG N 209 -5.28 66.31 61.87
N TYR N 210 -4.13 65.73 62.18
CA TYR N 210 -3.02 66.52 62.68
C TYR N 210 -2.18 66.90 61.48
N TRP N 211 -2.22 68.18 61.12
CA TRP N 211 -1.73 68.64 59.84
C TRP N 211 -0.52 69.52 60.09
N LYS N 212 0.62 69.08 59.58
CA LYS N 212 1.90 69.68 59.89
C LYS N 212 2.38 70.53 58.72
N GLN N 213 3.56 71.10 58.89
CA GLN N 213 4.20 71.87 57.85
C GLN N 213 4.79 70.93 56.82
N GLY N 214 4.37 71.08 55.57
CA GLY N 214 4.80 70.20 54.51
C GLY N 214 3.78 69.15 54.12
N ASP N 215 2.77 68.92 54.95
CA ASP N 215 1.73 67.97 54.59
C ASP N 215 0.95 68.46 53.38
N ASP N 216 0.33 67.51 52.69
CA ASP N 216 -0.46 67.85 51.53
C ASP N 216 -1.68 68.66 51.94
N ALA N 217 -2.23 69.38 50.97
CA ALA N 217 -3.39 70.21 51.24
C ALA N 217 -4.56 69.36 51.72
N LEU N 218 -5.40 69.96 52.55
CA LEU N 218 -6.58 69.30 53.09
C LEU N 218 -7.80 69.72 52.28
N HIS N 219 -8.41 68.76 51.60
CA HIS N 219 -9.53 69.03 50.70
C HIS N 219 -10.81 68.54 51.34
N PHE N 220 -11.82 69.41 51.41
CA PHE N 220 -13.10 69.06 51.99
C PHE N 220 -14.20 69.47 51.04
N SER N 221 -15.16 68.59 50.82
CA SER N 221 -16.19 68.82 49.84
C SER N 221 -17.52 68.33 50.39
N HIS N 222 -18.60 68.91 49.88
CA HIS N 222 -19.94 68.44 50.19
C HIS N 222 -20.76 68.49 48.92
N ASP N 223 -21.39 67.38 48.57
CA ASP N 223 -22.26 67.31 47.41
C ASP N 223 -23.69 67.56 47.84
N LEU N 224 -24.38 68.46 47.14
CA LEU N 224 -25.80 68.69 47.35
C LEU N 224 -26.57 68.09 46.19
N ASP N 225 -27.53 67.23 46.49
CA ASP N 225 -28.53 66.81 45.52
C ASP N 225 -29.87 67.33 45.99
N LEU N 226 -30.37 68.35 45.30
CA LEU N 226 -31.64 68.97 45.59
C LEU N 226 -32.62 68.58 44.51
N GLY N 227 -33.87 68.37 44.90
CA GLY N 227 -34.85 68.17 43.86
C GLY N 227 -35.44 69.45 43.34
N PHE N 228 -34.98 70.59 43.81
CA PHE N 228 -35.61 71.86 43.50
C PHE N 228 -34.53 72.89 43.28
N TRP N 229 -34.96 74.13 43.08
CA TRP N 229 -34.11 75.23 42.67
C TRP N 229 -34.42 76.43 43.55
N PHE N 230 -33.56 77.43 43.48
CA PHE N 230 -33.76 78.64 44.27
C PHE N 230 -33.93 79.84 43.34
N GLY N 231 -34.88 80.69 43.66
CA GLY N 231 -35.12 81.86 42.85
C GLY N 231 -34.62 83.16 43.43
N SER N 232 -34.20 83.15 44.69
CA SER N 232 -33.79 84.36 45.39
C SER N 232 -32.34 84.23 45.82
N ASP N 233 -31.83 85.27 46.46
CA ASP N 233 -30.47 85.21 46.97
C ASP N 233 -30.44 84.42 48.27
N TYR N 234 -29.28 83.84 48.56
CA TYR N 234 -29.15 83.08 49.79
C TYR N 234 -29.30 83.98 51.02
N GLY N 235 -28.63 85.12 51.03
CA GLY N 235 -28.89 86.08 52.07
C GLY N 235 -28.55 85.57 53.46
N ASN N 236 -27.29 85.20 53.67
CA ASN N 236 -26.78 84.58 54.89
C ASN N 236 -27.64 83.41 55.35
N ALA N 237 -27.86 82.49 54.41
CA ALA N 237 -28.45 81.20 54.68
C ALA N 237 -27.37 80.14 54.70
N TYR N 238 -27.56 79.13 55.55
CA TYR N 238 -26.72 77.95 55.45
C TYR N 238 -26.91 77.32 54.08
N VAL N 239 -25.82 76.87 53.48
CA VAL N 239 -25.96 76.09 52.25
C VAL N 239 -26.85 74.89 52.52
N PRO N 240 -27.83 74.59 51.66
CA PRO N 240 -28.97 73.77 52.08
C PRO N 240 -28.61 72.45 52.71
N GLN N 241 -29.27 72.17 53.83
CA GLN N 241 -29.03 70.98 54.63
C GLN N 241 -30.36 70.52 55.19
N ASN N 242 -30.49 69.23 55.40
CA ASN N 242 -31.64 68.65 56.09
C ASN N 242 -31.14 68.07 57.40
N ASN N 243 -31.53 68.67 58.52
CA ASN N 243 -30.96 68.25 59.79
C ASN N 243 -31.95 68.45 60.91
N ASP N 244 -31.52 68.06 62.10
CA ASP N 244 -32.22 68.43 63.32
C ASP N 244 -32.26 69.94 63.50
N SER N 245 -31.20 70.63 63.08
CA SER N 245 -31.15 72.07 63.23
C SER N 245 -31.85 72.81 62.09
N MET N 246 -31.85 72.26 60.88
CA MET N 246 -32.27 73.08 59.75
C MET N 246 -32.76 72.21 58.61
N ASN N 247 -33.54 72.82 57.71
CA ASN N 247 -34.04 72.18 56.52
C ASN N 247 -33.69 73.00 55.29
N ALA N 248 -33.64 72.31 54.14
CA ALA N 248 -33.06 72.88 52.93
C ALA N 248 -34.00 73.85 52.24
N VAL N 249 -35.30 73.66 52.36
CA VAL N 249 -36.30 74.44 51.64
C VAL N 249 -36.90 75.47 52.59
N GLY N 250 -37.02 76.70 52.12
CA GLY N 250 -37.31 77.81 53.03
C GLY N 250 -38.72 78.35 53.05
N THR N 251 -39.54 77.98 52.09
CA THR N 251 -40.90 78.51 52.02
C THR N 251 -41.83 77.67 52.86
N ILE N 252 -42.69 78.34 53.62
CA ILE N 252 -43.75 77.65 54.33
C ILE N 252 -44.73 77.11 53.31
N PRO N 253 -44.94 75.79 53.25
CA PRO N 253 -45.95 75.25 52.34
C PRO N 253 -47.35 75.68 52.75
N THR N 254 -48.23 75.80 51.75
CA THR N 254 -49.54 76.39 51.94
C THR N 254 -50.61 75.44 51.44
N SER N 255 -51.85 75.75 51.81
CA SER N 255 -52.92 74.76 51.88
C SER N 255 -53.39 74.28 50.51
N LYS N 256 -53.88 73.04 50.48
CA LYS N 256 -54.70 72.50 49.40
C LYS N 256 -53.95 72.41 48.08
N HIS N 257 -52.67 72.04 48.16
CA HIS N 257 -51.89 71.72 46.97
C HIS N 257 -50.58 71.10 47.42
N ILE N 258 -49.74 70.78 46.45
CA ILE N 258 -48.51 70.03 46.67
C ILE N 258 -47.35 71.01 46.75
N ASN N 259 -46.41 70.74 47.65
CA ASN N 259 -45.30 71.63 47.92
C ASN N 259 -44.03 70.81 48.03
N VAL N 260 -42.91 71.40 47.62
CA VAL N 260 -41.64 70.71 47.76
C VAL N 260 -41.21 70.75 49.22
N ARG N 261 -40.86 69.59 49.75
CA ARG N 261 -40.60 69.40 51.17
C ARG N 261 -39.24 68.74 51.32
N GLY N 262 -38.45 69.23 52.27
CA GLY N 262 -37.18 68.60 52.54
C GLY N 262 -37.33 67.20 53.09
N VAL N 263 -36.36 66.35 52.79
CA VAL N 263 -36.41 64.96 53.20
C VAL N 263 -34.97 64.44 53.27
N ASN N 264 -34.74 63.40 54.06
CA ASN N 264 -33.60 62.49 54.02
C ASN N 264 -32.32 62.85 54.78
N ASN N 265 -32.19 63.99 55.45
CA ASN N 265 -30.99 64.23 56.26
C ASN N 265 -29.71 64.16 55.43
N ARG N 266 -29.50 65.21 54.64
CA ARG N 266 -28.17 65.54 54.15
C ARG N 266 -27.69 66.76 54.92
N GLY N 267 -26.50 66.68 55.50
CA GLY N 267 -25.99 67.79 56.26
C GLY N 267 -24.48 67.81 56.23
N MET N 268 -23.90 68.86 56.81
CA MET N 268 -22.45 69.00 56.83
C MET N 268 -21.88 68.90 58.25
N ALA N 269 -20.73 68.25 58.35
CA ALA N 269 -20.06 68.08 59.65
C ALA N 269 -19.40 69.38 60.08
N GLY N 270 -19.49 69.70 61.36
CA GLY N 270 -18.91 70.92 61.89
C GLY N 270 -17.39 70.89 61.92
N HIS N 271 -16.78 71.41 60.86
CA HIS N 271 -15.32 71.47 60.77
C HIS N 271 -14.79 72.46 61.78
N TYR N 272 -13.58 72.21 62.28
CA TYR N 272 -12.99 73.09 63.28
C TYR N 272 -11.48 73.03 63.18
N LEU N 273 -10.83 74.05 63.71
CA LEU N 273 -9.38 74.13 63.77
C LEU N 273 -8.94 74.42 65.20
N SER N 274 -7.92 73.72 65.64
CA SER N 274 -7.43 73.87 67.01
C SER N 274 -5.97 73.46 67.05
N PHE N 275 -5.31 73.82 68.12
CA PHE N 275 -3.93 73.43 68.30
C PHE N 275 -3.80 72.51 69.49
N PRO N 276 -2.86 71.57 69.45
CA PRO N 276 -2.68 70.66 70.56
C PRO N 276 -2.20 71.41 71.79
N PRO N 277 -2.69 71.06 72.97
CA PRO N 277 -2.13 71.68 74.19
C PRO N 277 -0.68 71.30 74.36
N ILE N 278 0.17 72.31 74.54
CA ILE N 278 1.58 72.11 74.82
C ILE N 278 1.92 73.01 75.98
N ARG N 279 2.28 72.41 77.11
CA ARG N 279 2.61 73.21 78.27
C ARG N 279 4.00 73.81 78.13
N THR N 280 4.14 75.00 78.71
CA THR N 280 5.39 75.74 78.72
C THR N 280 5.77 76.04 80.17
N ASN N 281 6.89 76.75 80.33
CA ASN N 281 7.21 77.31 81.63
C ASN N 281 6.07 78.15 82.17
N ASP N 282 5.37 78.86 81.29
CA ASP N 282 4.20 79.64 81.66
C ASP N 282 3.07 79.35 80.68
N GLY N 283 1.98 78.79 81.19
CA GLY N 283 0.79 78.62 80.36
C GLY N 283 1.02 77.61 79.25
N GLN N 284 0.53 77.95 78.06
CA GLN N 284 0.48 77.04 76.93
C GLN N 284 1.40 77.54 75.83
N PHE N 285 1.87 76.60 75.01
CA PHE N 285 2.75 76.95 73.91
C PHE N 285 1.97 77.81 72.94
N LYS N 286 2.60 78.84 72.41
CA LYS N 286 1.89 79.75 71.53
C LYS N 286 2.13 79.28 70.10
N LEU N 287 1.10 78.72 69.49
CA LEU N 287 1.14 78.30 68.10
C LEU N 287 0.28 79.24 67.28
N ASN N 288 0.84 79.68 66.17
CA ASN N 288 0.17 80.53 65.22
C ASN N 288 0.22 79.78 63.90
N ALA N 289 -0.81 79.91 63.10
CA ALA N 289 -0.87 79.17 61.85
C ALA N 289 -1.17 80.10 60.70
N GLN N 290 -0.55 79.83 59.56
CA GLN N 290 -0.99 80.37 58.29
C GLN N 290 -1.31 79.22 57.35
N PHE N 291 -2.33 79.42 56.52
CA PHE N 291 -2.58 78.53 55.41
C PHE N 291 -3.41 79.29 54.39
N THR N 292 -3.45 78.76 53.18
CA THR N 292 -4.28 79.35 52.14
C THR N 292 -5.63 78.66 52.15
N LEU N 293 -6.68 79.44 52.03
CA LEU N 293 -8.04 78.93 51.96
C LEU N 293 -8.53 79.07 50.53
N GLU N 294 -8.72 77.96 49.85
CA GLU N 294 -9.33 77.94 48.53
C GLU N 294 -10.71 77.33 48.67
N THR N 295 -11.74 78.12 48.48
CA THR N 295 -13.11 77.63 48.51
C THR N 295 -13.67 77.59 47.09
N GLU N 296 -14.52 76.62 46.84
CA GLU N 296 -15.21 76.52 45.56
C GLU N 296 -16.64 76.10 45.81
N ILE N 297 -17.58 76.82 45.20
CA ILE N 297 -18.98 76.45 45.20
C ILE N 297 -19.45 76.37 43.76
N GLU N 298 -20.07 75.27 43.40
CA GLU N 298 -20.45 75.01 42.02
C GLU N 298 -21.95 75.16 41.90
N PHE N 299 -22.40 76.21 41.21
CA PHE N 299 -23.82 76.42 41.00
C PHE N 299 -24.28 75.83 39.68
N GLU N 300 -25.49 75.27 39.70
CA GLU N 300 -26.26 75.05 38.49
C GLU N 300 -27.29 76.16 38.38
N PHE N 301 -27.53 76.63 37.17
CA PHE N 301 -28.58 77.62 36.98
C PHE N 301 -29.35 77.28 35.72
N ARG N 302 -30.48 77.95 35.56
CA ARG N 302 -31.47 77.59 34.56
C ARG N 302 -32.14 78.86 34.07
N LEU N 303 -32.46 78.91 32.80
CA LEU N 303 -32.85 80.17 32.18
C LEU N 303 -34.36 80.26 32.01
N TRP N 304 -34.79 81.37 31.42
CA TRP N 304 -36.18 81.79 31.34
C TRP N 304 -36.95 81.00 30.27
N GLU N 305 -38.26 81.03 30.40
CA GLU N 305 -39.13 80.32 29.48
C GLU N 305 -39.02 80.88 28.07
N GLN N 306 -38.99 79.99 27.09
CA GLN N 306 -38.98 80.41 25.70
C GLN N 306 -40.35 80.91 25.27
N GLY N 307 -40.36 81.71 24.21
CA GLY N 307 -41.59 82.18 23.66
C GLY N 307 -42.00 83.52 24.22
N VAL N 308 -43.23 83.90 23.89
CA VAL N 308 -43.79 85.14 24.42
C VAL N 308 -43.88 85.08 25.92
N GLN N 309 -43.94 83.88 26.50
CA GLN N 309 -43.98 83.76 27.95
C GLN N 309 -42.76 84.39 28.59
N GLY N 310 -41.63 84.38 27.92
CA GLY N 310 -40.39 84.93 28.44
C GLY N 310 -40.14 86.38 28.12
N ILE N 311 -41.10 87.08 27.51
CA ILE N 311 -40.95 88.50 27.25
C ILE N 311 -41.07 89.27 28.55
N ASN N 312 -40.16 90.23 28.76
CA ASN N 312 -40.12 90.97 30.03
C ASN N 312 -41.48 91.56 30.39
N SER N 313 -42.14 92.21 29.43
CA SER N 313 -43.36 92.93 29.75
C SER N 313 -44.47 91.98 30.18
N VAL N 314 -44.61 90.84 29.49
CA VAL N 314 -45.69 89.91 29.78
C VAL N 314 -45.25 88.77 30.69
N HIS N 315 -43.97 88.70 31.06
CA HIS N 315 -43.55 87.61 31.93
C HIS N 315 -44.03 87.79 33.36
N THR N 316 -44.36 89.01 33.77
CA THR N 316 -44.84 89.20 35.12
C THR N 316 -46.12 88.40 35.37
N ASN N 317 -47.11 88.61 34.52
CA ASN N 317 -48.39 87.93 34.67
C ASN N 317 -48.51 86.62 33.89
N LEU N 318 -47.56 86.31 33.00
CA LEU N 318 -47.48 84.97 32.42
C LEU N 318 -46.48 84.07 33.11
N ASN N 319 -45.84 84.52 34.17
CA ASN N 319 -44.96 83.66 34.94
C ASN N 319 -45.73 82.43 35.40
N PRO N 320 -45.17 81.24 35.26
CA PRO N 320 -45.90 80.04 35.70
C PRO N 320 -46.14 80.07 37.20
N ALA N 321 -47.36 79.72 37.60
CA ALA N 321 -47.63 79.60 39.02
C ALA N 321 -47.04 78.33 39.61
N ASN N 322 -46.56 77.42 38.77
CA ASN N 322 -45.91 76.21 39.25
C ASN N 322 -44.41 76.39 39.42
N ASP N 323 -43.90 77.61 39.25
CA ASP N 323 -42.56 77.89 39.74
C ASP N 323 -42.45 77.50 41.20
N SER N 324 -43.44 77.87 42.00
CA SER N 324 -43.44 77.53 43.42
C SER N 324 -43.30 76.03 43.63
N LEU N 325 -43.60 75.25 42.60
CA LEU N 325 -43.47 73.81 42.73
C LEU N 325 -41.99 73.41 42.73
N TRP N 326 -41.23 73.82 41.72
CA TRP N 326 -39.80 73.55 41.65
C TRP N 326 -38.90 74.72 42.07
N ILE N 327 -39.41 75.92 42.34
CA ILE N 327 -38.50 77.01 42.74
C ILE N 327 -38.74 77.45 44.18
N GLN N 328 -37.76 77.30 45.05
CA GLN N 328 -38.07 77.19 46.46
C GLN N 328 -37.40 78.08 47.49
N SER N 329 -36.60 79.06 47.08
CA SER N 329 -35.86 79.96 47.98
C SER N 329 -34.79 79.26 48.85
N TYR N 330 -34.45 79.84 50.00
CA TYR N 330 -33.41 79.27 50.88
C TYR N 330 -33.98 78.82 52.20
N GLY N 331 -33.48 77.69 52.73
CA GLY N 331 -34.16 77.11 53.87
C GLY N 331 -33.98 77.77 55.21
N SER N 332 -32.74 77.89 55.64
CA SER N 332 -32.47 78.25 57.03
C SER N 332 -31.29 79.19 57.07
N LEU N 333 -31.41 80.22 57.89
CA LEU N 333 -30.47 81.31 57.93
C LEU N 333 -29.54 81.14 59.13
N VAL N 334 -28.28 81.55 58.95
CA VAL N 334 -27.46 81.75 60.13
C VAL N 334 -28.08 82.87 60.95
N SER N 335 -27.80 82.88 62.23
CA SER N 335 -28.42 83.84 63.12
C SER N 335 -27.52 85.06 63.17
N ILE N 336 -28.01 86.17 62.62
CA ILE N 336 -27.24 87.38 62.44
C ILE N 336 -27.98 88.51 63.13
N THR N 337 -27.38 89.08 64.15
CA THR N 337 -27.81 90.37 64.65
C THR N 337 -26.74 91.38 64.24
N GLU N 338 -27.19 92.54 63.81
CA GLU N 338 -26.31 93.55 63.21
C GLU N 338 -25.55 92.84 62.08
N SER N 339 -24.24 92.99 61.98
CA SER N 339 -23.43 92.27 61.02
C SER N 339 -22.80 91.01 61.62
N LYS N 340 -23.14 90.68 62.85
CA LYS N 340 -22.37 89.73 63.65
C LYS N 340 -23.12 88.42 63.81
N ILE N 341 -22.41 87.30 63.61
CA ILE N 341 -23.02 85.99 63.74
C ILE N 341 -23.26 85.68 65.20
N ASN N 342 -24.48 85.27 65.53
CA ASN N 342 -24.81 84.92 66.90
C ASN N 342 -24.33 83.52 67.25
N ASN N 343 -24.53 82.58 66.34
CA ASN N 343 -24.16 81.19 66.56
C ASN N 343 -24.04 80.52 65.21
N ILE N 344 -23.38 79.37 65.19
CA ILE N 344 -23.32 78.55 64.00
C ILE N 344 -23.82 77.15 64.36
N GLN N 345 -24.76 76.65 63.58
CA GLN N 345 -25.30 75.31 63.71
C GLN N 345 -24.66 74.43 62.65
N PHE N 346 -24.37 73.18 62.99
CA PHE N 346 -23.74 72.30 62.02
C PHE N 346 -24.64 71.17 61.54
N GLY N 347 -25.05 70.27 62.41
CA GLY N 347 -25.93 69.19 62.01
C GLY N 347 -25.58 68.38 60.77
N PRO N 348 -24.61 67.47 60.90
CA PRO N 348 -24.09 66.60 59.87
C PRO N 348 -25.03 65.48 59.49
N THR N 349 -24.74 64.76 58.41
CA THR N 349 -25.58 63.64 58.07
C THR N 349 -25.04 62.65 59.07
N CYS N 350 -25.78 62.39 60.14
CA CYS N 350 -25.24 61.52 61.15
C CYS N 350 -25.28 60.08 60.71
N PRO N 351 -24.24 59.34 61.07
CA PRO N 351 -24.09 57.95 60.65
C PRO N 351 -25.06 57.00 61.29
N ARG N 352 -25.69 57.39 62.40
CA ARG N 352 -26.61 56.49 63.07
C ARG N 352 -28.05 56.62 62.59
N VAL N 353 -28.35 57.59 61.73
CA VAL N 353 -29.60 57.55 60.98
C VAL N 353 -29.55 56.36 60.02
N ASP N 354 -30.70 55.73 59.82
CA ASP N 354 -30.79 54.60 58.90
C ASP N 354 -30.26 55.00 57.55
N ALA N 355 -29.41 54.14 56.98
CA ALA N 355 -28.82 54.43 55.68
C ALA N 355 -29.88 54.63 54.61
N ARG N 356 -31.09 54.10 54.81
CA ARG N 356 -32.15 54.31 53.83
C ARG N 356 -32.67 55.73 53.88
N ASN N 357 -32.53 56.40 55.01
CA ASN N 357 -32.89 57.81 55.09
C ASN N 357 -31.82 58.72 54.52
N LYS N 358 -30.56 58.31 54.56
CA LYS N 358 -29.45 59.21 54.28
C LYS N 358 -29.17 59.38 52.81
N GLY N 359 -29.99 58.81 51.93
CA GLY N 359 -29.66 58.75 50.52
C GLY N 359 -29.77 60.08 49.79
N GLY N 360 -29.80 60.01 48.46
CA GLY N 360 -29.46 61.15 47.63
C GLY N 360 -30.32 62.39 47.65
N LYS N 361 -31.62 62.25 47.36
CA LYS N 361 -32.44 63.40 47.01
C LYS N 361 -32.90 64.15 48.25
N MET N 362 -32.64 65.45 48.30
CA MET N 362 -32.92 66.24 49.49
C MET N 362 -34.31 66.83 49.54
N SER N 363 -35.16 66.57 48.57
CA SER N 363 -36.50 67.12 48.65
C SER N 363 -37.49 66.16 48.03
N MET N 364 -38.74 66.31 48.41
CA MET N 364 -39.82 65.53 47.85
C MET N 364 -40.96 66.49 47.60
N LEU N 365 -41.81 66.16 46.64
CA LEU N 365 -42.91 67.02 46.26
C LEU N 365 -44.14 66.42 46.91
N PHE N 366 -44.53 67.01 48.03
CA PHE N 366 -45.56 66.50 48.90
C PHE N 366 -46.61 67.54 49.24
N ASP N 367 -47.87 67.12 49.25
CA ASP N 367 -48.99 68.01 49.51
C ASP N 367 -49.16 68.49 50.93
N HIS N 368 -49.87 69.60 51.07
CA HIS N 368 -50.17 70.15 52.37
C HIS N 368 -51.67 70.40 52.46
N HIS N 369 -52.28 69.98 53.56
CA HIS N 369 -53.71 70.19 53.73
C HIS N 369 -54.02 71.32 54.70
N GLU O 36 7.14 63.49 45.41
CA GLU O 36 5.96 62.88 46.01
C GLU O 36 5.10 63.94 46.67
N GLY O 37 3.80 63.68 46.79
CA GLY O 37 2.89 64.64 47.37
C GLY O 37 2.37 65.62 46.34
N ASP O 38 1.59 66.57 46.83
CA ASP O 38 1.02 67.59 45.96
C ASP O 38 1.96 68.76 45.72
N GLY O 39 3.17 68.72 46.27
CA GLY O 39 4.14 69.76 46.10
C GLY O 39 4.36 70.62 47.33
N SER O 40 3.45 70.53 48.29
CA SER O 40 3.49 71.33 49.50
C SER O 40 4.70 71.14 50.37
N ALA O 41 5.51 70.14 50.06
CA ALA O 41 6.72 69.82 50.84
C ALA O 41 7.84 70.82 50.61
N PRO O 42 8.83 70.83 51.48
CA PRO O 42 9.91 71.78 51.26
C PRO O 42 10.67 71.63 49.95
N GLY O 43 10.92 70.42 49.45
CA GLY O 43 11.68 70.29 48.21
C GLY O 43 10.96 69.64 47.04
N GLY O 44 11.43 69.87 45.82
CA GLY O 44 10.78 69.31 44.65
C GLY O 44 9.95 70.28 43.84
N SER O 45 8.73 69.90 43.48
CA SER O 45 7.83 70.74 42.70
C SER O 45 7.05 71.77 43.53
N VAL O 46 6.67 72.87 42.90
CA VAL O 46 5.95 73.98 43.53
C VAL O 46 4.48 73.71 43.67
N TRP O 47 3.95 73.88 44.87
CA TRP O 47 2.53 73.72 45.07
C TRP O 47 1.95 74.95 44.42
N GLN O 48 0.99 74.77 43.53
CA GLN O 48 0.43 75.92 42.86
C GLN O 48 -1.09 75.89 42.95
N THR O 49 -1.67 77.08 42.93
CA THR O 49 -3.09 77.28 43.16
C THR O 49 -3.91 76.83 41.96
N THR O 50 -5.20 76.64 42.20
CA THR O 50 -6.12 76.16 41.17
C THR O 50 -6.24 77.15 40.02
N ASP O 51 -6.63 76.62 38.87
CA ASP O 51 -6.72 77.39 37.64
C ASP O 51 -8.01 78.19 37.60
N TYR O 52 -7.88 79.50 37.40
CA TYR O 52 -9.05 80.35 37.22
C TYR O 52 -9.46 80.56 35.77
N ILE O 53 -8.68 80.09 34.80
CA ILE O 53 -9.07 80.28 33.40
C ILE O 53 -10.23 79.38 33.05
N ALA O 54 -10.15 78.10 33.41
CA ALA O 54 -11.06 77.09 32.88
C ALA O 54 -12.52 77.51 33.01
N LEU O 55 -12.89 78.12 34.13
CA LEU O 55 -14.26 78.55 34.30
C LEU O 55 -14.57 79.87 33.63
N SER O 56 -13.57 80.70 33.33
CA SER O 56 -13.85 81.92 32.60
C SER O 56 -13.99 81.68 31.11
N MET O 57 -13.45 80.58 30.59
CA MET O 57 -13.54 80.28 29.17
C MET O 57 -14.73 79.42 28.80
N VAL O 58 -15.46 78.87 29.77
CA VAL O 58 -16.55 77.98 29.42
C VAL O 58 -17.64 78.77 28.72
N VAL O 59 -18.05 78.29 27.55
CA VAL O 59 -19.04 78.96 26.72
C VAL O 59 -20.38 78.31 26.98
N TYR O 60 -21.34 79.10 27.42
CA TYR O 60 -22.69 78.65 27.64
C TYR O 60 -23.55 79.10 26.48
N ARG O 61 -24.53 78.29 26.11
CA ARG O 61 -25.21 78.44 24.84
C ARG O 61 -26.71 78.42 25.08
N THR O 62 -27.38 79.52 24.75
CA THR O 62 -28.82 79.64 24.91
C THR O 62 -29.49 80.05 23.61
N ALA O 63 -30.79 80.30 23.65
CA ALA O 63 -31.50 80.73 22.46
C ALA O 63 -32.75 81.48 22.88
N ILE O 64 -33.30 82.26 21.95
CA ILE O 64 -34.56 82.96 22.12
C ILE O 64 -35.46 82.60 20.96
N LYS O 65 -36.57 81.95 21.26
CA LYS O 65 -37.52 81.51 20.26
C LYS O 65 -38.83 82.26 20.46
N LEU O 66 -39.40 82.76 19.38
CA LEU O 66 -40.63 83.54 19.43
C LEU O 66 -41.50 83.19 18.24
N ARG O 67 -42.81 83.12 18.47
CA ARG O 67 -43.77 82.89 17.39
C ARG O 67 -44.66 84.11 17.22
N ASN O 68 -45.17 84.24 16.00
CA ASN O 68 -45.91 85.40 15.59
C ASN O 68 -46.84 84.95 14.46
N PHE O 69 -47.95 85.65 14.31
CA PHE O 69 -48.80 85.51 13.13
C PHE O 69 -48.63 86.75 12.28
N VAL O 70 -48.37 86.56 10.99
CA VAL O 70 -48.16 87.65 10.05
C VAL O 70 -49.35 87.72 9.13
N ASN O 71 -49.91 88.91 8.97
CA ASN O 71 -50.99 89.17 8.03
C ASN O 71 -50.52 90.21 7.05
N ILE O 72 -50.40 89.82 5.79
CA ILE O 72 -49.94 90.71 4.72
C ILE O 72 -51.14 91.02 3.84
N ARG O 73 -51.58 92.26 3.85
CA ARG O 73 -52.76 92.66 3.10
C ARG O 73 -52.45 93.85 2.20
N GLY O 74 -53.21 93.94 1.12
CA GLY O 74 -53.14 95.11 0.25
C GLY O 74 -51.78 95.34 -0.35
N LEU O 75 -51.07 94.27 -0.70
CA LEU O 75 -49.73 94.37 -1.23
C LEU O 75 -49.81 94.17 -2.74
N THR O 76 -49.56 95.23 -3.49
CA THR O 76 -49.64 95.15 -4.94
C THR O 76 -48.40 94.45 -5.49
N PRO O 77 -48.42 93.99 -6.74
CA PRO O 77 -47.28 93.22 -7.25
C PRO O 77 -46.00 94.02 -7.37
N THR O 78 -46.06 95.34 -7.45
CA THR O 78 -44.84 96.14 -7.49
C THR O 78 -44.22 96.24 -6.11
N GLU O 79 -45.02 96.54 -5.10
CA GLU O 79 -44.54 96.66 -3.74
C GLU O 79 -44.28 95.28 -3.14
N MET O 80 -43.45 95.27 -2.10
CA MET O 80 -42.84 94.05 -1.60
C MET O 80 -42.59 94.17 -0.11
N ILE O 81 -42.76 93.07 0.62
CA ILE O 81 -42.52 93.04 2.05
C ILE O 81 -41.05 92.76 2.31
N VAL O 82 -40.43 93.60 3.10
CA VAL O 82 -39.03 93.45 3.49
C VAL O 82 -38.98 92.66 4.78
N ILE O 83 -38.28 91.52 4.77
CA ILE O 83 -38.18 90.72 5.98
C ILE O 83 -37.04 91.35 6.79
N PRO O 84 -37.31 91.97 7.90
CA PRO O 84 -36.22 92.56 8.68
C PRO O 84 -35.42 91.49 9.41
N TRP O 85 -34.95 90.51 8.67
CA TRP O 85 -34.43 89.31 9.31
C TRP O 85 -32.94 89.43 9.58
N ASN O 86 -32.31 90.49 9.09
CA ASN O 86 -30.91 90.75 9.37
C ASN O 86 -30.70 91.75 10.49
N VAL O 87 -31.76 92.23 11.12
CA VAL O 87 -31.63 93.12 12.27
C VAL O 87 -31.76 92.29 13.53
N MET O 88 -30.89 92.57 14.50
CA MET O 88 -30.81 91.76 15.70
C MET O 88 -32.10 91.82 16.49
N ARG O 89 -32.73 92.99 16.53
CA ARG O 89 -33.95 93.20 17.30
C ARG O 89 -35.12 92.37 16.81
N PHE O 90 -35.04 91.86 15.59
CA PHE O 90 -36.12 91.05 15.04
C PHE O 90 -36.30 89.77 15.83
N TYR O 91 -35.20 89.11 16.17
CA TYR O 91 -35.28 87.78 16.76
C TYR O 91 -35.51 87.82 18.27
N CYS O 92 -34.80 88.68 18.98
CA CYS O 92 -34.77 88.68 20.43
C CYS O 92 -35.69 89.71 21.07
N GLU O 93 -36.39 90.52 20.29
CA GLU O 93 -37.37 91.43 20.82
C GLU O 93 -38.66 91.24 20.04
N TYR O 94 -39.77 91.21 20.74
CA TYR O 94 -41.02 90.76 20.15
C TYR O 94 -41.84 92.00 19.83
N ASN O 95 -41.90 92.36 18.56
CA ASN O 95 -42.63 93.56 18.19
C ASN O 95 -43.83 93.09 17.38
N THR O 96 -44.99 93.10 18.02
CA THR O 96 -46.23 92.73 17.36
C THR O 96 -47.33 93.59 17.97
N GLY O 97 -48.15 94.21 17.14
CA GLY O 97 -49.34 94.85 17.65
C GLY O 97 -49.06 95.82 18.78
N THR O 98 -49.70 95.59 19.92
CA THR O 98 -49.58 96.46 21.08
C THR O 98 -48.29 96.25 21.85
N TYR O 99 -47.65 95.09 21.70
CA TYR O 99 -46.44 94.79 22.46
C TYR O 99 -45.37 95.85 22.26
N GLY O 100 -45.00 96.11 21.00
CA GLY O 100 -43.97 97.09 20.72
C GLY O 100 -44.25 98.46 21.29
N LEU O 101 -45.51 98.79 21.52
CA LEU O 101 -45.86 100.06 22.16
C LEU O 101 -45.55 100.01 23.65
N SER O 102 -45.77 98.86 24.29
CA SER O 102 -45.43 98.69 25.69
C SER O 102 -43.92 98.58 25.86
N GLY O 103 -43.45 98.83 27.06
CA GLY O 103 -42.03 98.94 27.33
C GLY O 103 -41.35 97.60 27.61
N ASN O 104 -40.08 97.55 27.26
CA ASN O 104 -39.18 96.43 27.57
C ASN O 104 -39.81 95.10 27.14
N VAL O 105 -39.88 94.93 25.82
CA VAL O 105 -40.44 93.71 25.25
C VAL O 105 -39.34 92.71 24.92
N HIS O 106 -38.10 93.00 25.26
CA HIS O 106 -37.03 92.03 25.09
C HIS O 106 -37.34 90.74 25.84
N HIS O 107 -36.89 89.63 25.27
CA HIS O 107 -37.03 88.35 25.94
C HIS O 107 -36.10 88.31 27.15
N LYS O 108 -36.53 87.62 28.20
CA LYS O 108 -35.79 87.68 29.45
C LYS O 108 -34.47 86.92 29.38
N ASN O 109 -34.32 85.96 28.48
CA ASN O 109 -32.99 85.40 28.27
C ASN O 109 -32.03 86.44 27.75
N TYR O 110 -32.52 87.42 27.02
CA TYR O 110 -31.60 88.43 26.54
C TYR O 110 -31.25 89.44 27.62
N SER O 111 -32.20 89.75 28.50
CA SER O 111 -31.93 90.70 29.57
C SER O 111 -30.79 90.22 30.45
N MET O 112 -30.68 88.91 30.65
CA MET O 112 -29.57 88.40 31.44
C MET O 112 -28.28 88.22 30.64
N LEU O 113 -28.36 88.14 29.31
CA LEU O 113 -27.13 88.15 28.53
C LEU O 113 -26.33 89.42 28.78
N LEU O 114 -26.98 90.46 29.27
CA LEU O 114 -26.31 91.65 29.73
C LEU O 114 -25.79 91.51 31.15
N ALA O 115 -26.22 90.48 31.88
CA ALA O 115 -25.67 90.21 33.20
C ALA O 115 -24.34 89.48 33.11
N CYS O 116 -24.22 88.51 32.21
CA CYS O 116 -22.94 87.87 31.95
C CYS O 116 -22.04 88.83 31.19
N LYS O 117 -20.72 88.58 31.25
CA LYS O 117 -19.82 89.60 30.74
C LYS O 117 -19.72 89.61 29.23
N ALA O 118 -19.99 88.50 28.57
CA ALA O 118 -19.87 88.41 27.13
C ALA O 118 -20.99 87.57 26.58
N HIS O 119 -21.54 87.98 25.44
CA HIS O 119 -22.48 87.16 24.72
C HIS O 119 -22.21 87.31 23.24
N ARG O 120 -22.55 86.27 22.49
CA ARG O 120 -22.35 86.30 21.07
C ARG O 120 -23.53 85.68 20.35
N PRO O 121 -23.99 86.28 19.26
CA PRO O 121 -25.26 85.87 18.65
C PRO O 121 -25.25 84.55 17.91
N THR O 122 -24.12 84.07 17.40
CA THR O 122 -24.03 82.82 16.65
C THR O 122 -25.16 82.66 15.63
N LYS O 123 -25.80 81.50 15.59
CA LYS O 123 -26.78 81.24 14.55
C LYS O 123 -28.05 82.05 14.74
N VAL O 124 -28.72 82.36 13.64
CA VAL O 124 -29.97 83.10 13.65
C VAL O 124 -30.81 82.62 12.49
N GLY O 125 -32.12 82.58 12.68
CA GLY O 125 -32.98 82.05 11.63
C GLY O 125 -34.45 82.26 11.94
N TYR O 126 -35.28 81.91 10.96
CA TYR O 126 -36.72 82.05 11.12
C TYR O 126 -37.44 81.09 10.21
N THR O 127 -38.72 80.89 10.49
CA THR O 127 -39.55 79.94 9.76
C THR O 127 -40.88 80.59 9.40
N LEU O 128 -41.27 80.45 8.14
CA LEU O 128 -42.61 80.79 7.67
C LEU O 128 -43.40 79.50 7.50
N SER O 129 -44.61 79.47 8.04
CA SER O 129 -45.34 78.22 8.10
C SER O 129 -46.82 78.43 7.94
N ASN O 130 -47.50 77.41 7.43
CA ASN O 130 -48.96 77.36 7.34
C ASN O 130 -49.54 78.62 6.73
N LEU O 131 -49.27 78.75 5.44
CA LEU O 131 -49.71 79.90 4.68
C LEU O 131 -51.21 79.83 4.43
N ILE O 132 -51.88 80.96 4.62
CA ILE O 132 -53.29 81.11 4.31
C ILE O 132 -53.43 82.32 3.42
N LEU O 133 -53.87 82.10 2.19
CA LEU O 133 -54.18 83.17 1.26
C LEU O 133 -55.68 83.45 1.29
N THR O 134 -56.03 84.73 1.30
CA THR O 134 -57.40 85.18 1.22
C THR O 134 -57.51 86.20 0.10
N SER O 135 -58.73 86.49 -0.31
CA SER O 135 -58.98 87.37 -1.43
C SER O 135 -59.99 88.43 -1.06
N ASP O 136 -59.70 89.67 -1.39
CA ASP O 136 -60.65 90.77 -1.29
C ASP O 136 -61.48 90.93 -2.54
N GLU O 137 -61.35 90.03 -3.50
CA GLU O 137 -62.02 90.18 -4.79
C GLU O 137 -63.53 90.30 -4.62
N LEU O 138 -64.11 89.55 -3.70
CA LEU O 138 -65.53 89.67 -3.45
C LEU O 138 -65.88 90.92 -2.67
N VAL O 139 -64.90 91.56 -2.06
CA VAL O 139 -65.13 92.76 -1.26
C VAL O 139 -65.33 93.95 -2.18
N SER O 140 -66.29 94.80 -1.84
CA SER O 140 -66.54 96.04 -2.53
C SER O 140 -66.93 97.10 -1.51
N THR O 141 -66.89 98.37 -1.93
CA THR O 141 -67.24 99.44 -1.02
C THR O 141 -68.68 99.33 -0.52
N GLY O 142 -69.55 98.69 -1.30
CA GLY O 142 -70.89 98.42 -0.82
C GLY O 142 -70.92 97.42 0.31
N GLY O 143 -69.92 96.53 0.36
CA GLY O 143 -69.80 95.61 1.48
C GLY O 143 -70.65 94.37 1.30
N THR O 144 -71.14 93.85 2.42
CA THR O 144 -72.00 92.68 2.54
C THR O 144 -71.28 91.39 2.20
N LEU O 145 -70.09 91.48 1.61
CA LEU O 145 -69.24 90.33 1.37
C LEU O 145 -67.82 90.67 1.80
N GLY O 146 -67.27 89.84 2.67
CA GLY O 146 -65.92 90.04 3.17
C GLY O 146 -64.91 89.17 2.44
N THR O 147 -63.66 89.32 2.84
CA THR O 147 -62.61 88.52 2.24
C THR O 147 -62.78 87.06 2.63
N THR O 148 -62.26 86.17 1.80
CA THR O 148 -62.31 84.76 2.13
C THR O 148 -61.15 84.08 1.41
N THR O 149 -60.80 82.90 1.90
CA THR O 149 -59.70 82.15 1.33
C THR O 149 -59.92 81.91 -0.16
N THR O 150 -58.81 81.86 -0.90
CA THR O 150 -58.90 81.72 -2.34
C THR O 150 -59.68 80.47 -2.72
N PHE O 151 -60.42 80.57 -3.83
CA PHE O 151 -61.29 79.49 -4.25
C PHE O 151 -60.52 78.20 -4.49
N ASN O 152 -59.31 78.30 -5.03
CA ASN O 152 -58.44 77.15 -5.16
C ASN O 152 -57.04 77.54 -4.67
N THR O 153 -56.20 76.54 -4.51
CA THR O 153 -54.90 76.70 -3.90
C THR O 153 -53.81 77.07 -4.89
N SER O 154 -54.17 77.31 -6.16
CA SER O 154 -53.18 77.73 -7.14
C SER O 154 -52.45 79.03 -6.80
N PRO O 155 -53.05 80.05 -6.18
CA PRO O 155 -52.29 81.25 -5.87
C PRO O 155 -51.18 80.97 -4.88
N TYR O 156 -50.21 81.88 -4.82
CA TYR O 156 -49.03 81.69 -4.02
C TYR O 156 -48.47 83.03 -3.58
N MET O 157 -47.65 82.99 -2.54
CA MET O 157 -46.88 84.14 -2.10
C MET O 157 -45.42 83.87 -2.40
N ILE O 158 -44.74 84.85 -2.98
CA ILE O 158 -43.38 84.66 -3.45
C ILE O 158 -42.43 85.05 -2.33
N HIS O 159 -41.59 84.13 -1.92
CA HIS O 159 -40.52 84.44 -0.99
C HIS O 159 -39.23 84.61 -1.77
N SER O 160 -38.70 85.82 -1.77
CA SER O 160 -37.54 86.17 -2.59
C SER O 160 -36.33 86.36 -1.69
N ILE O 161 -35.22 85.74 -2.08
CA ILE O 161 -33.93 85.95 -1.44
C ILE O 161 -33.04 86.62 -2.46
N ASP O 162 -32.55 87.81 -2.16
CA ASP O 162 -31.75 88.51 -3.15
C ASP O 162 -30.30 88.16 -2.89
N ASP O 163 -29.75 87.30 -3.73
CA ASP O 163 -28.36 86.87 -3.61
C ASP O 163 -27.42 87.84 -4.27
N GLN O 164 -27.80 88.34 -5.43
CA GLN O 164 -26.95 89.23 -6.21
C GLN O 164 -27.04 90.67 -5.73
N GLN O 165 -27.85 90.92 -4.71
CA GLN O 165 -28.03 92.24 -4.14
C GLN O 165 -28.53 93.22 -5.21
N CYS O 166 -29.61 92.86 -5.86
CA CYS O 166 -30.31 93.81 -6.71
C CYS O 166 -30.65 95.07 -5.92
N LEU O 167 -31.10 94.89 -4.67
CA LEU O 167 -31.42 95.98 -3.78
C LEU O 167 -30.39 96.00 -2.67
N SER O 168 -29.53 97.01 -2.70
CA SER O 168 -28.53 97.19 -1.65
C SER O 168 -29.17 97.76 -0.39
N LYS O 169 -29.98 98.79 -0.56
CA LYS O 169 -30.57 99.54 0.53
C LYS O 169 -32.03 99.77 0.19
N VAL O 170 -32.90 99.49 1.15
CA VAL O 170 -34.33 99.43 0.91
C VAL O 170 -35.01 100.49 1.76
N TYR O 171 -35.91 101.25 1.14
CA TYR O 171 -36.63 102.32 1.79
C TYR O 171 -38.11 102.02 1.86
N PRO O 172 -38.83 102.57 2.83
CA PRO O 172 -40.28 102.43 2.84
C PRO O 172 -40.93 103.17 1.68
N LYS O 173 -42.18 102.81 1.41
CA LYS O 173 -42.92 103.51 0.37
C LYS O 173 -43.15 104.97 0.76
N THR O 174 -43.40 105.79 -0.25
CA THR O 174 -43.48 107.23 -0.06
C THR O 174 -44.43 107.60 1.07
N ASP O 175 -45.63 107.03 1.07
CA ASP O 175 -46.61 107.39 2.09
C ASP O 175 -46.33 106.70 3.42
N THR O 176 -45.92 105.43 3.38
CA THR O 176 -45.84 104.65 4.60
C THR O 176 -44.53 104.93 5.34
N VAL O 177 -44.37 104.27 6.49
CA VAL O 177 -43.15 104.35 7.27
C VAL O 177 -43.03 103.04 8.03
N TRP O 178 -41.81 102.73 8.44
CA TRP O 178 -41.53 101.45 9.09
C TRP O 178 -41.35 101.66 10.59
N PRO O 179 -42.31 101.31 11.43
CA PRO O 179 -42.08 101.37 12.87
C PRO O 179 -41.22 100.21 13.32
N VAL O 180 -40.40 100.47 14.33
CA VAL O 180 -39.65 99.34 14.87
C VAL O 180 -40.56 98.52 15.79
N SER O 181 -41.57 99.16 16.38
CA SER O 181 -42.52 98.45 17.22
C SER O 181 -43.36 97.47 16.43
N SER O 182 -43.41 97.63 15.12
CA SER O 182 -44.18 96.78 14.23
C SER O 182 -43.34 95.67 13.60
N MET O 183 -42.08 95.53 14.01
CA MET O 183 -41.09 94.80 13.22
C MET O 183 -41.52 93.37 12.91
N ARG O 184 -41.96 92.62 13.94
CA ARG O 184 -42.12 91.19 13.72
C ARG O 184 -43.37 90.80 12.95
N GLU O 185 -44.44 91.59 12.99
CA GLU O 185 -45.51 91.35 12.02
C GLU O 185 -45.09 92.13 10.79
N LEU O 186 -45.10 91.49 9.64
CA LEU O 186 -44.29 92.03 8.55
C LEU O 186 -45.21 92.97 7.80
N ASP O 187 -45.09 94.26 8.12
CA ASP O 187 -45.75 95.32 7.40
C ASP O 187 -44.81 96.13 6.52
N TYR O 188 -43.52 95.85 6.49
CA TYR O 188 -42.62 96.79 5.86
C TYR O 188 -42.72 96.61 4.36
N VAL O 189 -43.17 97.65 3.67
CA VAL O 189 -43.46 97.58 2.25
C VAL O 189 -42.49 98.49 1.53
N ALA O 190 -41.71 97.90 0.64
CA ALA O 190 -40.86 98.64 -0.26
C ALA O 190 -41.47 98.59 -1.64
N SER O 191 -41.28 99.66 -2.39
CA SER O 191 -41.68 99.69 -3.79
C SER O 191 -40.40 99.78 -4.60
N THR O 192 -40.06 98.69 -5.29
CA THR O 192 -38.86 98.64 -6.09
C THR O 192 -39.18 99.20 -7.46
N VAL O 193 -38.50 100.28 -7.83
CA VAL O 193 -38.84 101.04 -9.03
C VAL O 193 -37.55 101.46 -9.73
N SER O 194 -37.49 101.24 -11.03
CA SER O 194 -36.41 101.78 -11.85
C SER O 194 -36.75 103.23 -12.16
N GLY O 195 -36.05 103.85 -13.11
CA GLY O 195 -36.34 105.25 -13.31
C GLY O 195 -37.77 105.52 -13.72
N ASP O 196 -38.20 104.99 -14.86
CA ASP O 196 -39.61 104.98 -15.22
C ASP O 196 -40.30 103.66 -14.95
N ASN O 197 -39.58 102.64 -14.50
CA ASN O 197 -40.07 101.27 -14.54
C ASN O 197 -40.38 100.78 -13.12
N ALA O 198 -41.57 100.24 -12.95
CA ALA O 198 -41.90 99.55 -11.71
C ALA O 198 -41.38 98.12 -11.78
N ILE O 199 -40.51 97.76 -10.86
CA ILE O 199 -39.90 96.44 -10.85
C ILE O 199 -40.85 95.47 -10.18
N ILE O 200 -41.13 94.34 -10.85
CA ILE O 200 -41.76 93.21 -10.18
C ILE O 200 -40.67 92.50 -9.40
N PRO O 201 -40.76 92.44 -8.07
CA PRO O 201 -39.62 91.97 -7.27
C PRO O 201 -39.17 90.57 -7.61
N SER O 202 -40.10 89.65 -7.87
CA SER O 202 -39.73 88.28 -8.17
C SER O 202 -38.86 88.16 -9.40
N THR O 203 -38.89 89.13 -10.30
CA THR O 203 -38.18 88.99 -11.55
C THR O 203 -36.69 89.27 -11.41
N ILE O 204 -36.32 90.25 -10.58
CA ILE O 204 -34.91 90.58 -10.41
C ILE O 204 -34.21 89.63 -9.45
N PHE O 205 -34.89 89.21 -8.39
CA PHE O 205 -34.24 88.48 -7.32
C PHE O 205 -33.86 87.07 -7.76
N ASN O 206 -32.89 86.51 -7.06
CA ASN O 206 -32.27 85.27 -7.49
C ASN O 206 -33.11 84.06 -7.09
N LYS O 207 -33.14 83.73 -5.80
CA LYS O 207 -33.98 82.66 -5.33
C LYS O 207 -35.36 83.21 -5.05
N ASN O 208 -36.35 82.68 -5.76
CA ASN O 208 -37.75 83.03 -5.58
C ASN O 208 -38.52 81.75 -5.36
N ARG O 209 -39.07 81.57 -4.18
CA ARG O 209 -39.87 80.42 -3.84
C ARG O 209 -41.33 80.80 -3.96
N TYR O 210 -42.07 80.06 -4.79
CA TYR O 210 -43.50 80.29 -4.89
C TYR O 210 -44.16 79.35 -3.92
N TRP O 211 -44.70 79.89 -2.84
CA TRP O 211 -45.10 79.12 -1.68
C TRP O 211 -46.61 79.19 -1.56
N LYS O 212 -47.24 78.03 -1.67
CA LYS O 212 -48.67 77.92 -1.78
C LYS O 212 -49.27 77.46 -0.47
N GLN O 213 -50.59 77.31 -0.47
CA GLN O 213 -51.31 76.80 0.67
C GLN O 213 -51.12 75.29 0.73
N GLY O 214 -50.59 74.81 1.85
CA GLY O 214 -50.29 73.40 2.02
C GLY O 214 -48.84 73.05 1.85
N ASP O 215 -48.04 73.94 1.28
CA ASP O 215 -46.61 73.68 1.17
C ASP O 215 -45.97 73.60 2.54
N ASP O 216 -44.83 72.93 2.58
CA ASP O 216 -44.10 72.79 3.83
C ASP O 216 -43.58 74.14 4.27
N ALA O 217 -43.27 74.25 5.56
CA ALA O 217 -42.78 75.49 6.11
C ALA O 217 -41.46 75.87 5.45
N LEU O 218 -41.22 77.18 5.37
CA LEU O 218 -40.01 77.72 4.78
C LEU O 218 -39.04 78.07 5.90
N HIS O 219 -37.90 77.39 5.93
CA HIS O 219 -36.92 77.55 7.00
C HIS O 219 -35.72 78.31 6.47
N PHE O 220 -35.33 79.38 7.17
CA PHE O 220 -34.19 80.17 6.75
C PHE O 220 -33.30 80.38 7.95
N SER O 221 -32.00 80.21 7.75
CA SER O 221 -31.04 80.25 8.84
C SER O 221 -29.79 80.98 8.38
N HIS O 222 -29.08 81.54 9.34
CA HIS O 222 -27.77 82.14 9.08
C HIS O 222 -26.86 81.79 10.23
N ASP O 223 -25.69 81.23 9.92
CA ASP O 223 -24.70 80.89 10.93
C ASP O 223 -23.71 82.03 11.04
N LEU O 224 -23.44 82.47 12.26
CA LEU O 224 -22.42 83.46 12.55
C LEU O 224 -21.23 82.77 13.19
N ASP O 225 -20.05 82.94 12.61
CA ASP O 225 -18.81 82.57 13.28
C ASP O 225 -18.04 83.85 13.53
N LEU O 226 -17.99 84.27 14.78
CA LEU O 226 -17.31 85.48 15.20
C LEU O 226 -16.05 85.07 15.97
N GLY O 227 -14.99 85.81 15.79
CA GLY O 227 -13.85 85.54 16.64
C GLY O 227 -13.90 86.26 17.95
N PHE O 228 -14.96 87.00 18.22
CA PHE O 228 -15.01 87.89 19.37
C PHE O 228 -16.39 87.81 19.97
N TRP O 229 -16.61 88.64 20.98
CA TRP O 229 -17.80 88.60 21.82
C TRP O 229 -18.32 90.02 21.96
N PHE O 230 -19.54 90.15 22.48
CA PHE O 230 -20.13 91.45 22.69
C PHE O 230 -20.42 91.67 24.16
N GLY O 231 -20.11 92.86 24.66
CA GLY O 231 -20.34 93.15 26.05
C GLY O 231 -21.53 94.05 26.31
N SER O 232 -22.13 94.61 25.27
CA SER O 232 -23.22 95.56 25.42
C SER O 232 -24.45 95.02 24.73
N ASP O 233 -25.54 95.78 24.81
CA ASP O 233 -26.75 95.39 24.11
C ASP O 233 -26.64 95.71 22.63
N TYR O 234 -27.38 94.96 21.81
CA TYR O 234 -27.35 95.22 20.38
C TYR O 234 -27.91 96.60 20.06
N GLY O 235 -29.06 96.95 20.63
CA GLY O 235 -29.54 98.31 20.51
C GLY O 235 -29.84 98.70 19.08
N ASN O 236 -30.74 97.97 18.43
CA ASN O 236 -31.12 98.12 17.02
C ASN O 236 -29.89 98.13 16.12
N ALA O 237 -29.06 97.12 16.29
CA ALA O 237 -27.96 96.81 15.40
C ALA O 237 -28.33 95.65 14.49
N TYR O 238 -27.84 95.68 13.26
CA TYR O 238 -27.93 94.50 12.43
C TYR O 238 -27.18 93.37 13.11
N VAL O 239 -27.74 92.18 13.06
CA VAL O 239 -26.99 91.01 13.52
C VAL O 239 -25.68 90.91 12.74
N PRO O 240 -24.55 90.69 13.39
CA PRO O 240 -23.25 91.05 12.80
C PRO O 240 -23.02 90.48 11.41
N GLN O 241 -22.54 91.34 10.53
CA GLN O 241 -22.31 91.02 9.13
C GLN O 241 -21.06 91.76 8.68
N ASN O 242 -20.34 91.19 7.74
CA ASN O 242 -19.23 91.87 7.09
C ASN O 242 -19.62 92.09 5.65
N ASN O 243 -19.81 93.35 5.26
CA ASN O 243 -20.32 93.61 3.92
C ASN O 243 -19.81 94.93 3.39
N ASP O 244 -20.23 95.23 2.17
CA ASP O 244 -20.06 96.57 1.62
C ASP O 244 -20.82 97.60 2.45
N SER O 245 -21.98 97.20 2.98
CA SER O 245 -22.78 98.13 3.76
C SER O 245 -22.34 98.20 5.23
N MET O 246 -21.82 97.13 5.79
CA MET O 246 -21.65 97.11 7.24
C MET O 246 -20.58 96.12 7.65
N ASN O 247 -20.05 96.32 8.87
CA ASN O 247 -19.07 95.44 9.46
C ASN O 247 -19.53 94.97 10.83
N ALA O 248 -19.00 93.82 11.25
CA ALA O 248 -19.53 93.12 12.41
C ALA O 248 -19.10 93.73 13.72
N VAL O 249 -17.93 94.35 13.77
CA VAL O 249 -17.35 94.86 15.00
C VAL O 249 -17.56 96.37 15.04
N GLY O 250 -17.99 96.88 16.20
CA GLY O 250 -18.47 98.24 16.28
C GLY O 250 -17.57 99.29 16.87
N THR O 251 -16.49 98.88 17.53
CA THR O 251 -15.62 99.84 18.18
C THR O 251 -14.57 100.34 17.21
N ILE O 252 -14.33 101.64 17.23
CA ILE O 252 -13.24 102.22 16.46
C ILE O 252 -11.94 101.75 17.09
N PRO O 253 -11.09 101.03 16.36
CA PRO O 253 -9.79 100.65 16.91
C PRO O 253 -8.91 101.87 17.14
N THR O 254 -8.03 101.76 18.13
CA THR O 254 -7.27 102.89 18.63
C THR O 254 -5.78 102.56 18.63
N SER O 255 -4.97 103.60 18.79
CA SER O 255 -3.59 103.59 18.32
C SER O 255 -2.69 102.68 19.15
N LYS O 256 -1.65 102.18 18.48
CA LYS O 256 -0.46 101.60 19.13
C LYS O 256 -0.79 100.34 19.91
N HIS O 257 -1.69 99.52 19.38
CA HIS O 257 -1.95 98.19 19.91
C HIS O 257 -2.83 97.44 18.92
N ILE O 258 -3.18 96.22 19.29
CA ILE O 258 -3.88 95.30 18.40
C ILE O 258 -5.36 95.35 18.73
N ASN O 259 -6.19 95.27 17.69
CA ASN O 259 -7.63 95.40 17.84
C ASN O 259 -8.31 94.35 16.97
N VAL O 260 -9.46 93.88 17.43
CA VAL O 260 -10.20 92.91 16.64
C VAL O 260 -10.88 93.63 15.49
N ARG O 261 -10.69 93.10 14.29
CA ARG O 261 -11.10 93.75 13.05
C ARG O 261 -11.94 92.77 12.25
N GLY O 262 -13.04 93.25 11.68
CA GLY O 262 -13.85 92.41 10.84
C GLY O 262 -13.10 92.00 9.58
N VAL O 263 -13.44 90.82 9.08
CA VAL O 263 -12.78 90.27 7.90
C VAL O 263 -13.75 89.29 7.24
N ASN O 264 -13.55 89.04 5.94
CA ASN O 264 -14.06 87.90 5.18
C ASN O 264 -15.47 87.95 4.57
N ASN O 265 -16.28 88.97 4.76
CA ASN O 265 -17.57 89.03 4.06
C ASN O 265 -18.46 87.82 4.38
N ARG O 266 -19.00 87.84 5.60
CA ARG O 266 -20.18 87.05 5.91
C ARG O 266 -21.34 88.02 6.01
N GLY O 267 -22.42 87.74 5.28
CA GLY O 267 -23.57 88.62 5.30
C GLY O 267 -24.84 87.85 5.03
N MET O 268 -25.97 88.53 5.15
CA MET O 268 -27.27 87.91 4.93
C MET O 268 -27.98 88.44 3.68
N ALA O 269 -28.64 87.54 2.96
CA ALA O 269 -29.37 87.92 1.75
C ALA O 269 -30.67 88.62 2.12
N GLY O 270 -31.00 89.66 1.36
CA GLY O 270 -32.22 90.42 1.61
C GLY O 270 -33.48 89.65 1.28
N HIS O 271 -34.05 89.00 2.29
CA HIS O 271 -35.28 88.23 2.10
C HIS O 271 -36.44 89.19 1.84
N TYR O 272 -37.42 88.75 1.07
CA TYR O 272 -38.56 89.60 0.76
C TYR O 272 -39.78 88.73 0.50
N LEU O 273 -40.95 89.35 0.60
CA LEU O 273 -42.22 88.69 0.31
C LEU O 273 -43.00 89.55 -0.66
N SER O 274 -43.61 88.89 -1.64
CA SER O 274 -44.36 89.59 -2.67
C SER O 274 -45.39 88.63 -3.24
N PHE O 275 -46.35 89.20 -3.96
CA PHE O 275 -47.34 88.37 -4.60
C PHE O 275 -47.22 88.50 -6.11
N PRO O 276 -47.53 87.45 -6.86
CA PRO O 276 -47.44 87.52 -8.31
C PRO O 276 -48.47 88.49 -8.86
N PRO O 277 -48.12 89.27 -9.87
CA PRO O 277 -49.14 90.11 -10.50
C PRO O 277 -50.20 89.26 -11.16
N ILE O 278 -51.46 89.55 -10.83
CA ILE O 278 -52.59 88.89 -11.44
C ILE O 278 -53.56 89.99 -11.83
N ARG O 279 -53.80 90.15 -13.12
CA ARG O 279 -54.70 91.19 -13.56
C ARG O 279 -56.15 90.77 -13.35
N THR O 280 -56.98 91.75 -13.06
CA THR O 280 -58.40 91.57 -12.88
C THR O 280 -59.16 92.46 -13.85
N ASN O 281 -60.49 92.43 -13.74
CA ASN O 281 -61.31 93.40 -14.44
C ASN O 281 -60.88 94.82 -14.09
N ASP O 282 -60.47 95.05 -12.84
CA ASP O 282 -59.95 96.34 -12.40
C ASP O 282 -58.67 96.12 -11.62
N GLY O 283 -57.57 96.66 -12.13
CA GLY O 283 -56.33 96.62 -11.38
C GLY O 283 -55.77 95.21 -11.22
N GLN O 284 -55.30 94.92 -10.01
CA GLN O 284 -54.58 93.70 -9.71
C GLN O 284 -55.39 92.84 -8.76
N PHE O 285 -55.15 91.53 -8.83
CA PHE O 285 -55.84 90.61 -7.96
C PHE O 285 -55.43 90.90 -6.53
N LYS O 286 -56.37 90.86 -5.61
CA LYS O 286 -56.06 91.20 -4.24
C LYS O 286 -55.75 89.91 -3.51
N LEU O 287 -54.48 89.72 -3.19
CA LEU O 287 -54.02 88.58 -2.42
C LEU O 287 -53.61 89.05 -1.04
N ASN O 288 -54.08 88.33 -0.04
CA ASN O 288 -53.75 88.58 1.34
C ASN O 288 -53.16 87.29 1.86
N ALA O 289 -52.20 87.38 2.75
CA ALA O 289 -51.53 86.18 3.23
C ALA O 289 -51.52 86.17 4.75
N GLN O 290 -51.68 84.99 5.31
CA GLN O 290 -51.33 84.73 6.69
C GLN O 290 -50.29 83.62 6.75
N PHE O 291 -49.37 83.73 7.69
CA PHE O 291 -48.49 82.63 8.03
C PHE O 291 -47.97 82.86 9.43
N THR O 292 -47.44 81.80 10.03
CA THR O 292 -46.82 81.92 11.34
C THR O 292 -45.34 82.19 11.17
N LEU O 293 -44.83 83.11 11.96
CA LEU O 293 -43.41 83.46 11.95
C LEU O 293 -42.80 82.90 13.22
N GLU O 294 -41.94 81.90 13.08
CA GLU O 294 -41.15 81.37 14.18
C GLU O 294 -39.71 81.79 13.96
N THR O 295 -39.21 82.67 14.80
CA THR O 295 -37.82 83.08 14.75
C THR O 295 -37.05 82.46 15.90
N GLU O 296 -35.79 82.15 15.66
CA GLU O 296 -34.90 81.64 16.70
C GLU O 296 -33.54 82.28 16.53
N ILE O 297 -33.00 82.78 17.62
CA ILE O 297 -31.64 83.28 17.67
C ILE O 297 -30.92 82.56 18.79
N GLU O 298 -29.76 82.00 18.50
CA GLU O 298 -29.03 81.17 19.45
C GLU O 298 -27.82 81.94 19.95
N PHE O 299 -27.85 82.35 21.20
CA PHE O 299 -26.71 83.07 21.78
C PHE O 299 -25.76 82.12 22.48
N GLU O 300 -24.48 82.41 22.36
CA GLU O 300 -23.48 81.91 23.29
C GLU O 300 -23.15 83.02 24.27
N PHE O 301 -22.94 82.67 25.53
CA PHE O 301 -22.53 83.65 26.50
C PHE O 301 -21.45 83.06 27.39
N ARG O 302 -20.81 83.93 28.15
CA ARG O 302 -19.60 83.58 28.88
C ARG O 302 -19.59 84.38 30.18
N LEU O 303 -19.08 83.77 31.24
CA LEU O 303 -19.27 84.32 32.57
C LEU O 303 -18.01 85.03 33.05
N TRP O 304 -18.10 85.53 34.27
CA TRP O 304 -17.12 86.43 34.87
C TRP O 304 -15.87 85.68 35.33
N GLU O 305 -14.81 86.44 35.52
CA GLU O 305 -13.53 85.88 35.94
C GLU O 305 -13.63 85.27 37.33
N GLN O 306 -13.01 84.12 37.51
CA GLN O 306 -12.96 83.49 38.82
C GLN O 306 -11.97 84.21 39.72
N GLY O 307 -12.16 84.03 41.02
CA GLY O 307 -11.25 84.58 41.98
C GLY O 307 -11.69 85.94 42.47
N VAL O 308 -10.79 86.58 43.21
CA VAL O 308 -11.05 87.91 43.70
C VAL O 308 -11.24 88.88 42.55
N GLN O 309 -10.70 88.55 41.38
CA GLN O 309 -10.89 89.41 40.21
C GLN O 309 -12.36 89.59 39.88
N GLY O 310 -13.17 88.57 40.16
CA GLY O 310 -14.59 88.60 39.87
C GLY O 310 -15.47 89.13 40.97
N ILE O 311 -14.90 89.65 42.06
CA ILE O 311 -15.69 90.25 43.11
C ILE O 311 -16.24 91.59 42.63
N ASN O 312 -17.53 91.84 42.90
CA ASN O 312 -18.18 93.05 42.40
C ASN O 312 -17.42 94.31 42.77
N SER O 313 -17.01 94.42 44.03
CA SER O 313 -16.39 95.67 44.47
C SER O 313 -15.06 95.93 43.78
N VAL O 314 -14.24 94.90 43.62
CA VAL O 314 -12.92 95.07 43.03
C VAL O 314 -12.90 94.74 41.55
N HIS O 315 -14.00 94.30 40.97
CA HIS O 315 -13.99 93.98 39.54
C HIS O 315 -13.95 95.21 38.67
N THR O 316 -14.38 96.37 39.19
CA THR O 316 -14.34 97.58 38.39
C THR O 316 -12.92 97.90 37.96
N ASN O 317 -12.01 97.99 38.92
CA ASN O 317 -10.63 98.33 38.64
C ASN O 317 -9.72 97.12 38.44
N LEU O 318 -10.17 95.90 38.71
CA LEU O 318 -9.45 94.70 38.30
C LEU O 318 -9.97 94.09 37.01
N ASN O 319 -10.95 94.71 36.38
CA ASN O 319 -11.42 94.23 35.09
C ASN O 319 -10.24 94.18 34.12
N PRO O 320 -10.06 93.10 33.36
CA PRO O 320 -8.94 93.03 32.42
C PRO O 320 -9.05 94.12 31.36
N ALA O 321 -7.93 94.78 31.09
CA ALA O 321 -7.92 95.73 29.99
C ALA O 321 -7.90 95.04 28.64
N ASN O 322 -7.66 93.74 28.60
CA ASN O 322 -7.71 93.00 27.35
C ASN O 322 -9.08 92.46 27.04
N ASP O 323 -10.10 92.81 27.83
CA ASP O 323 -11.46 92.61 27.37
C ASP O 323 -11.65 93.23 26.00
N SER O 324 -11.16 94.46 25.83
CA SER O 324 -11.27 95.14 24.55
C SER O 324 -10.68 94.32 23.43
N LEU O 325 -9.83 93.36 23.76
CA LEU O 325 -9.24 92.52 22.74
C LEU O 325 -10.27 91.54 22.19
N TRP O 326 -10.92 90.77 23.07
CA TRP O 326 -11.98 89.84 22.66
C TRP O 326 -13.41 90.34 22.90
N ILE O 327 -13.64 91.48 23.54
CA ILE O 327 -15.02 91.92 23.74
C ILE O 327 -15.33 93.21 23.00
N GLN O 328 -16.26 93.16 22.04
CA GLN O 328 -16.22 94.14 20.98
C GLN O 328 -17.44 94.99 20.63
N SER O 329 -18.52 94.90 21.39
CA SER O 329 -19.78 95.62 21.13
C SER O 329 -20.49 95.21 19.82
N TYR O 330 -21.31 96.11 19.25
CA TYR O 330 -22.06 95.80 18.03
C TYR O 330 -21.63 96.65 16.85
N GLY O 331 -21.58 96.06 15.66
CA GLY O 331 -20.93 96.77 14.58
C GLY O 331 -21.68 97.91 13.94
N SER O 332 -22.87 97.62 13.43
CA SER O 332 -23.56 98.57 12.58
C SER O 332 -25.03 98.56 12.89
N LEU O 333 -25.61 99.75 12.94
CA LEU O 333 -26.97 99.93 13.41
C LEU O 333 -27.90 100.12 12.22
N VAL O 334 -29.13 99.63 12.36
CA VAL O 334 -30.15 100.06 11.43
C VAL O 334 -30.36 101.55 11.65
N SER O 335 -30.85 102.22 10.62
CA SER O 335 -30.99 103.66 10.68
C SER O 335 -32.38 103.96 11.24
N ILE O 336 -32.42 104.52 12.44
CA ILE O 336 -33.64 104.73 13.19
C ILE O 336 -33.72 106.21 13.52
N THR O 337 -34.71 106.90 12.97
CA THR O 337 -35.11 108.19 13.49
C THR O 337 -36.43 108.00 14.23
N GLU O 338 -36.56 108.64 15.38
CA GLU O 338 -37.68 108.41 16.29
C GLU O 338 -37.73 106.90 16.54
N SER O 339 -38.89 106.27 16.45
CA SER O 339 -39.02 104.82 16.56
C SER O 339 -39.03 104.14 15.19
N LYS O 340 -38.82 104.89 14.12
CA LYS O 340 -39.16 104.44 12.78
C LYS O 340 -37.89 104.13 11.98
N ILE O 341 -37.89 102.99 11.30
CA ILE O 341 -36.73 102.59 10.49
C ILE O 341 -36.67 103.45 9.24
N ASN O 342 -35.50 104.04 8.99
CA ASN O 342 -35.32 104.85 7.79
C ASN O 342 -35.10 103.99 6.56
N ASN O 343 -34.27 102.97 6.69
CA ASN O 343 -33.92 102.10 5.58
C ASN O 343 -33.41 100.79 6.16
N ILE O 344 -33.38 99.77 5.31
CA ILE O 344 -32.77 98.50 5.68
C ILE O 344 -31.73 98.15 4.65
N GLN O 345 -30.53 97.83 5.11
CA GLN O 345 -29.43 97.39 4.27
C GLN O 345 -29.31 95.88 4.39
N PHE O 346 -28.99 95.22 3.29
CA PHE O 346 -28.88 93.77 3.34
C PHE O 346 -27.46 93.24 3.19
N GLY O 347 -26.84 93.46 2.04
CA GLY O 347 -25.47 93.01 1.84
C GLY O 347 -25.11 91.59 2.20
N PRO O 348 -25.48 90.64 1.33
CA PRO O 348 -25.28 89.20 1.46
C PRO O 348 -23.85 88.78 1.23
N THR O 349 -23.51 87.54 1.53
CA THR O 349 -22.18 87.08 1.25
C THR O 349 -22.34 86.85 -0.22
N CYS O 350 -21.80 87.73 -1.05
CA CYS O 350 -22.00 87.58 -2.46
C CYS O 350 -21.16 86.47 -3.02
N PRO O 351 -21.73 85.72 -3.96
CA PRO O 351 -21.07 84.55 -4.56
C PRO O 351 -19.91 84.90 -5.44
N ARG O 352 -19.79 86.13 -5.91
CA ARG O 352 -18.69 86.49 -6.79
C ARG O 352 -17.46 86.99 -6.06
N VAL O 353 -17.52 87.18 -4.74
CA VAL O 353 -16.31 87.31 -3.96
C VAL O 353 -15.56 85.99 -3.99
N ASP O 354 -14.23 86.07 -4.01
CA ASP O 354 -13.40 84.87 -4.01
C ASP O 354 -13.78 83.98 -2.84
N ALA O 355 -13.95 82.69 -3.11
CA ALA O 355 -14.33 81.75 -2.07
C ALA O 355 -13.33 81.73 -0.93
N ARG O 356 -12.09 82.15 -1.18
CA ARG O 356 -11.10 82.20 -0.11
C ARG O 356 -11.40 83.34 0.86
N ASN O 357 -12.07 84.38 0.40
CA ASN O 357 -12.51 85.44 1.30
C ASN O 357 -13.75 85.08 2.08
N LYS O 358 -14.60 84.23 1.54
CA LYS O 358 -15.94 84.03 2.10
C LYS O 358 -15.97 83.06 3.26
N GLY O 359 -14.82 82.58 3.72
CA GLY O 359 -14.78 81.51 4.69
C GLY O 359 -15.23 81.88 6.09
N GLY O 360 -14.90 81.03 7.06
CA GLY O 360 -15.58 81.01 8.33
C GLY O 360 -15.50 82.20 9.27
N LYS O 361 -14.28 82.59 9.65
CA LYS O 361 -14.09 83.46 10.79
C LYS O 361 -14.33 84.92 10.42
N MET O 362 -15.22 85.59 11.15
CA MET O 362 -15.61 86.95 10.80
C MET O 362 -14.76 88.03 11.41
N SER O 363 -13.72 87.70 12.15
CA SER O 363 -12.89 88.75 12.70
C SER O 363 -11.45 88.27 12.76
N MET O 364 -10.56 89.24 12.81
CA MET O 364 -9.14 88.98 12.97
C MET O 364 -8.62 89.97 13.98
N LEU O 365 -7.55 89.59 14.66
CA LEU O 365 -6.98 90.42 15.71
C LEU O 365 -5.77 91.10 15.09
N PHE O 366 -5.96 92.35 14.69
CA PHE O 366 -5.01 93.12 13.91
C PHE O 366 -4.72 94.47 14.53
N ASP O 367 -3.45 94.86 14.50
CA ASP O 367 -3.02 96.12 15.09
C ASP O 367 -3.40 97.38 14.36
N HIS O 368 -3.39 98.49 15.09
CA HIS O 368 -3.67 99.79 14.52
C HIS O 368 -2.56 100.74 14.90
N HIS O 369 -2.05 101.49 13.94
CA HIS O 369 -0.98 102.44 14.22
C HIS O 369 -1.50 103.88 14.27
N GLU P 36 -51.92 14.38 56.94
CA GLU P 36 -52.80 13.92 55.88
C GLU P 36 -54.19 14.53 56.07
N GLY P 37 -54.95 14.65 55.00
CA GLY P 37 -56.26 15.25 55.07
C GLY P 37 -56.21 16.75 54.93
N ASP P 38 -57.38 17.36 55.07
CA ASP P 38 -57.49 18.81 54.97
C ASP P 38 -57.20 19.51 56.29
N GLY P 39 -56.86 18.76 57.33
CA GLY P 39 -56.55 19.31 58.64
C GLY P 39 -57.62 19.09 59.68
N SER P 40 -58.81 18.70 59.24
CA SER P 40 -59.95 18.49 60.13
C SER P 40 -59.77 17.43 61.19
N ALA P 41 -58.69 16.67 61.10
CA ALA P 41 -58.40 15.59 62.04
C ALA P 41 -57.95 16.11 63.40
N PRO P 42 -57.97 15.25 64.42
CA PRO P 42 -57.54 15.75 65.71
C PRO P 42 -56.10 16.24 65.78
N GLY P 43 -55.13 15.62 65.10
CA GLY P 43 -53.75 16.07 65.20
C GLY P 43 -53.12 16.57 63.92
N GLY P 44 -52.05 17.38 64.03
CA GLY P 44 -51.39 17.91 62.85
C GLY P 44 -51.69 19.36 62.56
N SER P 45 -52.01 19.69 61.31
CA SER P 45 -52.31 21.06 60.91
C SER P 45 -53.76 21.50 61.18
N VAL P 46 -53.96 22.80 61.36
CA VAL P 46 -55.24 23.41 61.67
C VAL P 46 -56.12 23.57 60.45
N TRP P 47 -57.35 23.09 60.55
CA TRP P 47 -58.27 23.28 59.44
C TRP P 47 -58.61 24.74 59.54
N GLN P 48 -58.49 25.47 58.45
CA GLN P 48 -58.78 26.88 58.50
C GLN P 48 -59.73 27.27 57.38
N THR P 49 -60.52 28.30 57.65
CA THR P 49 -61.60 28.73 56.77
C THR P 49 -61.06 29.42 55.53
N THR P 50 -61.94 29.52 54.52
CA THR P 50 -61.56 30.10 53.25
C THR P 50 -61.20 31.58 53.39
N ASP P 51 -60.41 32.05 52.42
CA ASP P 51 -59.88 33.41 52.43
C ASP P 51 -60.92 34.39 51.93
N TYR P 52 -61.20 35.41 52.74
CA TYR P 52 -62.10 36.48 52.32
C TYR P 52 -61.39 37.67 51.68
N ILE P 53 -60.06 37.72 51.69
CA ILE P 53 -59.36 38.84 51.08
C ILE P 53 -59.47 38.79 49.57
N ALA P 54 -59.19 37.62 48.99
CA ALA P 54 -58.97 37.52 47.55
C ALA P 54 -60.09 38.18 46.75
N LEU P 55 -61.33 38.01 47.19
CA LEU P 55 -62.45 38.62 46.47
C LEU P 55 -62.65 40.08 46.82
N SER P 56 -62.14 40.56 47.95
CA SER P 56 -62.26 41.97 48.24
C SER P 56 -61.20 42.80 47.53
N MET P 57 -60.09 42.18 47.13
CA MET P 57 -59.03 42.89 46.44
C MET P 57 -59.15 42.86 44.93
N VAL P 58 -60.06 42.08 44.36
CA VAL P 58 -60.13 41.99 42.91
C VAL P 58 -60.58 43.33 42.35
N VAL P 59 -59.81 43.85 41.40
CA VAL P 59 -60.05 45.15 40.80
C VAL P 59 -60.79 44.94 39.49
N TYR P 60 -61.98 45.51 39.40
CA TYR P 60 -62.78 45.46 38.18
C TYR P 60 -62.62 46.78 37.46
N ARG P 61 -62.64 46.72 36.13
CA ARG P 61 -62.21 47.85 35.32
C ARG P 61 -63.26 48.14 34.26
N THR P 62 -63.83 49.34 34.32
CA THR P 62 -64.85 49.74 33.36
C THR P 62 -64.48 51.07 32.71
N ALA P 63 -65.37 51.61 31.90
CA ALA P 63 -65.12 52.89 31.25
C ALA P 63 -66.44 53.54 30.90
N ILE P 64 -66.39 54.84 30.66
CA ILE P 64 -67.54 55.62 30.20
C ILE P 64 -67.12 56.36 28.95
N LYS P 65 -67.74 56.05 27.83
CA LYS P 65 -67.43 56.66 26.54
C LYS P 65 -68.63 57.46 26.08
N LEU P 66 -68.39 58.68 25.61
CA LEU P 66 -69.46 59.58 25.18
C LEU P 66 -69.00 60.34 23.95
N ARG P 67 -69.91 60.54 23.01
CA ARG P 67 -69.64 61.35 21.83
C ARG P 67 -70.50 62.60 21.83
N ASN P 68 -69.98 63.62 21.15
CA ASN P 68 -70.58 64.93 21.15
C ASN P 68 -70.16 65.60 19.86
N PHE P 69 -70.98 66.54 19.39
CA PHE P 69 -70.59 67.44 18.32
C PHE P 69 -70.35 68.81 18.90
N VAL P 70 -69.21 69.41 18.59
CA VAL P 70 -68.84 70.71 19.11
C VAL P 70 -68.91 71.70 17.97
N ASN P 71 -69.58 72.83 18.20
CA ASN P 71 -69.66 73.93 17.27
C ASN P 71 -69.06 75.16 17.93
N ILE P 72 -67.95 75.64 17.40
CA ILE P 72 -67.26 76.81 17.93
C ILE P 72 -67.47 77.95 16.95
N ARG P 73 -68.21 78.96 17.36
CA ARG P 73 -68.53 80.08 16.49
C ARG P 73 -68.15 81.40 17.13
N GLY P 74 -67.87 82.39 16.29
CA GLY P 74 -67.65 83.74 16.76
C GLY P 74 -66.49 83.88 17.73
N LEU P 75 -65.42 83.12 17.51
CA LEU P 75 -64.28 83.11 18.41
C LEU P 75 -63.19 83.96 17.76
N THR P 76 -62.91 85.11 18.34
CA THR P 76 -61.90 85.99 17.78
C THR P 76 -60.51 85.47 18.14
N PRO P 77 -59.46 85.94 17.45
CA PRO P 77 -58.13 85.37 17.69
C PRO P 77 -57.59 85.62 19.07
N THR P 78 -58.06 86.64 19.79
CA THR P 78 -57.61 86.86 21.15
C THR P 78 -58.25 85.87 22.11
N GLU P 79 -59.56 85.69 22.00
CA GLU P 79 -60.29 84.77 22.85
C GLU P 79 -60.03 83.32 22.42
N MET P 80 -60.28 82.41 23.34
CA MET P 80 -59.81 81.04 23.23
C MET P 80 -60.76 80.10 23.95
N ILE P 81 -60.97 78.92 23.40
CA ILE P 81 -61.84 77.91 24.00
C ILE P 81 -61.03 77.11 25.01
N VAL P 82 -61.54 77.02 26.22
CA VAL P 82 -60.93 76.24 27.28
C VAL P 82 -61.52 74.84 27.25
N ILE P 83 -60.67 73.83 27.11
CA ILE P 83 -61.15 72.46 27.09
C ILE P 83 -61.30 72.05 28.54
N PRO P 84 -62.48 71.87 29.07
CA PRO P 84 -62.61 71.47 30.47
C PRO P 84 -62.25 70.00 30.66
N TRP P 85 -61.06 69.63 30.19
CA TRP P 85 -60.75 68.21 30.08
C TRP P 85 -60.12 67.68 31.34
N ASN P 86 -59.79 68.54 32.28
CA ASN P 86 -59.25 68.14 33.57
C ASN P 86 -60.30 68.07 34.66
N VAL P 87 -61.56 68.34 34.36
CA VAL P 87 -62.63 68.21 35.33
C VAL P 87 -63.29 66.85 35.13
N MET P 88 -63.57 66.18 36.24
CA MET P 88 -64.06 64.81 36.20
C MET P 88 -65.42 64.75 35.52
N ARG P 89 -66.26 65.75 35.75
CA ARG P 89 -67.62 65.78 35.21
C ARG P 89 -67.65 65.86 33.69
N PHE P 90 -66.55 66.24 33.07
CA PHE P 90 -66.49 66.34 31.62
C PHE P 90 -66.67 64.98 30.96
N TYR P 91 -66.00 63.96 31.50
CA TYR P 91 -65.98 62.66 30.85
C TYR P 91 -67.20 61.81 31.16
N CYS P 92 -67.60 61.76 32.42
CA CYS P 92 -68.61 60.83 32.89
C CYS P 92 -70.01 61.43 33.02
N GLU P 93 -70.17 62.71 32.74
CA GLU P 93 -71.49 63.33 32.70
C GLU P 93 -71.62 64.08 31.39
N TYR P 94 -72.78 63.95 30.76
CA TYR P 94 -72.93 64.38 29.37
C TYR P 94 -73.65 65.72 29.42
N ASN P 95 -72.93 66.79 29.18
CA ASN P 95 -73.54 68.11 29.23
C ASN P 95 -73.50 68.65 27.81
N THR P 96 -74.65 68.61 27.15
CA THR P 96 -74.79 69.13 25.81
C THR P 96 -76.19 69.69 25.67
N GLY P 97 -76.33 70.91 25.19
CA GLY P 97 -77.65 71.39 24.84
C GLY P 97 -78.64 71.29 25.97
N THR P 98 -79.75 70.60 25.71
CA THR P 98 -80.83 70.46 26.67
C THR P 98 -80.52 69.42 27.74
N TYR P 99 -79.59 68.49 27.49
CA TYR P 99 -79.31 67.42 28.45
C TYR P 99 -78.93 67.99 29.81
N GLY P 100 -77.92 68.86 29.85
CA GLY P 100 -77.47 69.42 31.10
C GLY P 100 -78.55 70.13 31.89
N LEU P 101 -79.60 70.60 31.21
CA LEU P 101 -80.73 71.20 31.90
C LEU P 101 -81.59 70.13 32.56
N SER P 102 -81.74 68.98 31.91
CA SER P 102 -82.47 67.87 32.50
C SER P 102 -81.64 67.23 33.62
N GLY P 103 -82.33 66.50 34.48
CA GLY P 103 -81.70 65.97 35.68
C GLY P 103 -81.00 64.64 35.49
N ASN P 104 -79.97 64.43 36.30
CA ASN P 104 -79.23 63.17 36.41
C ASN P 104 -78.79 62.69 35.02
N VAL P 105 -77.84 63.43 34.45
CA VAL P 105 -77.31 63.09 33.14
C VAL P 105 -76.04 62.24 33.26
N HIS P 106 -75.66 61.86 34.46
CA HIS P 106 -74.53 60.96 34.64
C HIS P 106 -74.76 59.65 33.88
N HIS P 107 -73.68 59.08 33.38
CA HIS P 107 -73.75 57.79 32.73
C HIS P 107 -74.04 56.72 33.77
N LYS P 108 -74.79 55.70 33.36
CA LYS P 108 -75.25 54.72 34.35
C LYS P 108 -74.13 53.82 34.86
N ASN P 109 -73.04 53.67 34.11
CA ASN P 109 -71.89 53.00 34.69
C ASN P 109 -71.34 53.76 35.87
N TYR P 110 -71.48 55.08 35.87
CA TYR P 110 -70.98 55.83 37.00
C TYR P 110 -71.92 55.76 38.19
N SER P 111 -73.22 55.71 37.94
CA SER P 111 -74.18 55.63 39.03
C SER P 111 -73.95 54.38 39.86
N MET P 112 -73.53 53.28 39.25
CA MET P 112 -73.23 52.09 40.02
C MET P 112 -71.83 52.08 40.61
N LEU P 113 -70.90 52.89 40.10
CA LEU P 113 -69.62 53.01 40.77
C LEU P 113 -69.79 53.51 42.20
N LEU P 114 -70.93 54.14 42.48
CA LEU P 114 -71.31 54.50 43.83
C LEU P 114 -71.95 53.34 44.58
N ALA P 115 -72.33 52.28 43.87
CA ALA P 115 -72.84 51.08 44.53
C ALA P 115 -71.71 50.21 45.06
N CYS P 116 -70.64 50.06 44.30
CA CYS P 116 -69.46 49.38 44.79
C CYS P 116 -68.73 50.27 45.79
N LYS P 117 -67.90 49.66 46.64
CA LYS P 117 -67.38 50.44 47.75
C LYS P 117 -66.26 51.36 47.37
N ALA P 118 -65.53 51.08 46.31
CA ALA P 118 -64.40 51.88 45.90
C ALA P 118 -64.36 51.97 44.39
N HIS P 119 -64.04 53.16 43.88
CA HIS P 119 -63.78 53.31 42.47
C HIS P 119 -62.61 54.27 42.30
N ARG P 120 -61.89 54.11 41.20
CA ARG P 120 -60.78 54.97 40.93
C ARG P 120 -60.75 55.34 39.46
N PRO P 121 -60.47 56.60 39.14
CA PRO P 121 -60.64 57.07 37.76
C PRO P 121 -59.61 56.59 36.74
N THR P 122 -58.39 56.23 37.16
CA THR P 122 -57.33 55.79 36.24
C THR P 122 -57.23 56.66 34.99
N LYS P 123 -57.15 56.06 33.82
CA LYS P 123 -56.88 56.82 32.61
C LYS P 123 -58.09 57.67 32.21
N VAL P 124 -57.82 58.78 31.55
CA VAL P 124 -58.85 59.68 31.08
C VAL P 124 -58.34 60.34 29.79
N GLY P 125 -59.25 60.58 28.85
CA GLY P 125 -58.81 61.13 27.58
C GLY P 125 -59.97 61.53 26.70
N TYR P 126 -59.65 62.15 25.57
CA TYR P 126 -60.67 62.59 24.64
C TYR P 126 -60.09 62.69 23.25
N THR P 127 -60.98 62.75 22.26
CA THR P 127 -60.59 62.80 20.86
C THR P 127 -61.37 63.89 20.14
N LEU P 128 -60.66 64.71 19.38
CA LEU P 128 -61.24 65.65 18.44
C LEU P 128 -61.11 65.08 17.03
N SER P 129 -62.21 65.09 16.28
CA SER P 129 -62.21 64.37 15.02
C SER P 129 -63.07 65.08 13.99
N ASN P 130 -62.72 64.89 12.72
CA ASN P 130 -63.49 65.34 11.57
C ASN P 130 -63.89 66.81 11.70
N LEU P 131 -62.86 67.63 11.59
CA LEU P 131 -63.02 69.06 11.70
C LEU P 131 -63.71 69.62 10.46
N ILE P 132 -64.67 70.50 10.69
CA ILE P 132 -65.34 71.24 9.62
C ILE P 132 -65.25 72.71 9.96
N LEU P 133 -64.56 73.46 9.13
CA LEU P 133 -64.50 74.91 9.24
C LEU P 133 -65.51 75.54 8.31
N THR P 134 -66.20 76.56 8.81
CA THR P 134 -67.13 77.34 8.02
C THR P 134 -66.78 78.81 8.20
N SER P 135 -67.34 79.64 7.33
CA SER P 135 -67.01 81.06 7.32
C SER P 135 -68.28 81.88 7.30
N ASP P 136 -68.33 82.90 8.15
CA ASP P 136 -69.39 83.89 8.13
C ASP P 136 -69.06 85.06 7.22
N GLU P 137 -67.96 84.97 6.49
CA GLU P 137 -67.50 86.11 5.68
C GLU P 137 -68.56 86.54 4.68
N LEU P 138 -69.28 85.60 4.09
CA LEU P 138 -70.34 85.96 3.17
C LEU P 138 -71.59 86.46 3.89
N VAL P 139 -71.67 86.23 5.20
CA VAL P 139 -72.83 86.66 5.99
C VAL P 139 -72.74 88.14 6.25
N SER P 140 -73.88 88.82 6.15
CA SER P 140 -74.00 90.23 6.48
C SER P 140 -75.35 90.45 7.13
N THR P 141 -75.52 91.61 7.77
CA THR P 141 -76.77 91.90 8.43
C THR P 141 -77.94 91.93 7.45
N GLY P 142 -77.67 92.25 6.19
CA GLY P 142 -78.71 92.16 5.17
C GLY P 142 -79.14 90.73 4.92
N GLY P 143 -78.26 89.76 5.15
CA GLY P 143 -78.62 88.37 5.03
C GLY P 143 -78.54 87.86 3.61
N THR P 144 -79.43 86.91 3.30
CA THR P 144 -79.59 86.27 1.99
C THR P 144 -78.43 85.35 1.66
N LEU P 145 -77.34 85.43 2.42
CA LEU P 145 -76.22 84.51 2.30
C LEU P 145 -75.81 84.04 3.69
N GLY P 146 -75.78 82.73 3.89
CA GLY P 146 -75.42 82.15 5.16
C GLY P 146 -73.97 81.69 5.16
N THR P 147 -73.57 81.16 6.31
CA THR P 147 -72.21 80.65 6.43
C THR P 147 -72.05 79.41 5.57
N THR P 148 -70.81 79.15 5.16
CA THR P 148 -70.54 77.96 4.40
C THR P 148 -69.09 77.57 4.63
N THR P 149 -68.78 76.32 4.35
CA THR P 149 -67.43 75.81 4.55
C THR P 149 -66.42 76.65 3.79
N THR P 150 -65.22 76.75 4.35
CA THR P 150 -64.19 77.58 3.75
C THR P 150 -63.91 77.16 2.32
N PHE P 151 -63.61 78.16 1.48
CA PHE P 151 -63.42 77.92 0.05
C PHE P 151 -62.30 76.92 -0.20
N ASN P 152 -61.24 76.97 0.59
CA ASN P 152 -60.18 75.98 0.53
C ASN P 152 -59.85 75.51 1.94
N THR P 153 -59.09 74.45 2.03
CA THR P 153 -58.81 73.77 3.28
C THR P 153 -57.60 74.34 4.01
N SER P 154 -57.00 75.42 3.49
CA SER P 154 -55.88 76.04 4.17
C SER P 154 -56.17 76.53 5.58
N PRO P 155 -57.36 77.05 5.93
CA PRO P 155 -57.57 77.48 7.31
C PRO P 155 -57.51 76.31 8.27
N TYR P 156 -57.32 76.64 9.55
CA TYR P 156 -57.12 75.63 10.56
C TYR P 156 -57.59 76.14 11.91
N MET P 157 -57.83 75.21 12.82
CA MET P 157 -58.12 75.52 14.21
C MET P 157 -56.94 75.06 15.04
N ILE P 158 -56.49 75.93 15.94
CA ILE P 158 -55.27 75.68 16.70
C ILE P 158 -55.65 74.97 17.98
N HIS P 159 -55.09 73.78 18.20
CA HIS P 159 -55.24 73.10 19.47
C HIS P 159 -53.99 73.33 20.29
N SER P 160 -54.12 74.02 21.39
CA SER P 160 -52.99 74.44 22.21
C SER P 160 -52.96 73.64 23.50
N ILE P 161 -51.80 73.11 23.84
CA ILE P 161 -51.57 72.47 25.12
C ILE P 161 -50.56 73.32 25.87
N ASP P 162 -50.94 73.83 27.03
CA ASP P 162 -50.03 74.72 27.73
C ASP P 162 -49.22 73.86 28.69
N ASP P 163 -47.96 73.61 28.33
CA ASP P 163 -47.06 72.81 29.14
C ASP P 163 -46.39 73.63 30.22
N GLN P 164 -45.99 74.84 29.88
CA GLN P 164 -45.26 75.71 30.77
C GLN P 164 -46.20 76.45 31.71
N GLN P 165 -47.50 76.23 31.58
CA GLN P 165 -48.52 76.88 32.39
C GLN P 165 -48.42 78.39 32.28
N CYS P 166 -48.47 78.88 31.04
CA CYS P 166 -48.64 80.31 30.83
C CYS P 166 -49.88 80.80 31.56
N LEU P 167 -50.95 80.03 31.51
CA LEU P 167 -52.20 80.34 32.20
C LEU P 167 -52.37 79.33 33.32
N SER P 168 -52.23 79.82 34.56
CA SER P 168 -52.45 78.97 35.72
C SER P 168 -53.93 78.78 35.98
N LYS P 169 -54.69 79.86 35.93
CA LYS P 169 -56.09 79.89 36.27
C LYS P 169 -56.81 80.71 35.22
N VAL P 170 -57.90 80.17 34.71
CA VAL P 170 -58.57 80.71 33.52
C VAL P 170 -59.97 81.13 33.90
N TYR P 171 -60.35 82.33 33.49
CA TYR P 171 -61.65 82.91 33.81
C TYR P 171 -62.46 83.10 32.53
N PRO P 172 -63.77 83.09 32.63
CA PRO P 172 -64.60 83.43 31.47
C PRO P 172 -64.44 84.89 31.07
N LYS P 173 -64.85 85.18 29.84
CA LYS P 173 -64.82 86.56 29.37
C LYS P 173 -65.78 87.42 30.19
N THR P 174 -65.53 88.72 30.17
CA THR P 174 -66.26 89.66 31.02
C THR P 174 -67.76 89.48 30.89
N ASP P 175 -68.26 89.45 29.66
CA ASP P 175 -69.70 89.36 29.47
C ASP P 175 -70.22 87.94 29.67
N THR P 176 -69.47 86.94 29.21
CA THR P 176 -69.99 85.58 29.19
C THR P 176 -69.85 84.92 30.55
N VAL P 177 -70.32 83.68 30.64
CA VAL P 177 -70.19 82.86 31.84
C VAL P 177 -70.15 81.41 31.39
N TRP P 178 -69.60 80.56 32.24
CA TRP P 178 -69.42 79.15 31.89
C TRP P 178 -70.45 78.31 32.62
N PRO P 179 -71.48 77.82 31.96
CA PRO P 179 -72.39 76.88 32.61
C PRO P 179 -71.75 75.51 32.71
N VAL P 180 -72.09 74.79 33.79
CA VAL P 180 -71.61 73.42 33.84
C VAL P 180 -72.48 72.54 32.97
N SER P 181 -73.75 72.91 32.78
CA SER P 181 -74.64 72.17 31.91
C SER P 181 -74.20 72.22 30.45
N SER P 182 -73.37 73.19 30.10
CA SER P 182 -72.87 73.37 28.75
C SER P 182 -71.51 72.74 28.53
N MET P 183 -71.00 71.99 29.51
CA MET P 183 -69.57 71.67 29.58
C MET P 183 -69.07 70.97 28.30
N ARG P 184 -69.77 69.93 27.85
CA ARG P 184 -69.17 69.09 26.83
C ARG P 184 -69.23 69.68 25.43
N GLU P 185 -70.19 70.54 25.11
CA GLU P 185 -70.04 71.31 23.88
C GLU P 185 -69.22 72.51 24.26
N LEU P 186 -68.16 72.79 23.52
CA LEU P 186 -67.12 73.61 24.11
C LEU P 186 -67.49 75.03 23.75
N ASP P 187 -68.12 75.72 24.69
CA ASP P 187 -68.41 77.14 24.62
C ASP P 187 -67.53 77.99 25.50
N TYR P 188 -66.64 77.40 26.30
CA TYR P 188 -66.01 78.21 27.33
C TYR P 188 -64.93 79.05 26.68
N VAL P 189 -65.11 80.36 26.75
CA VAL P 189 -64.25 81.30 26.05
C VAL P 189 -63.50 82.12 27.09
N ALA P 190 -62.18 82.02 27.05
CA ALA P 190 -61.31 82.86 27.84
C ALA P 190 -60.68 83.89 26.93
N SER P 191 -60.44 85.06 27.46
CA SER P 191 -59.70 86.10 26.76
C SER P 191 -58.39 86.28 27.50
N THR P 192 -57.30 85.83 26.90
CA THR P 192 -55.98 85.94 27.52
C THR P 192 -55.41 87.31 27.19
N VAL P 193 -55.15 88.10 28.22
CA VAL P 193 -54.80 89.51 28.05
C VAL P 193 -53.70 89.86 29.04
N SER P 194 -52.65 90.51 28.55
CA SER P 194 -51.63 91.09 29.40
C SER P 194 -52.15 92.42 29.92
N GLY P 195 -51.30 93.24 30.51
CA GLY P 195 -51.86 94.46 31.07
C GLY P 195 -52.51 95.35 30.04
N ASP P 196 -51.76 95.82 29.04
CA ASP P 196 -52.35 96.47 27.88
C ASP P 196 -52.45 95.56 26.66
N ASN P 197 -51.96 94.33 26.74
CA ASN P 197 -51.71 93.52 25.56
C ASN P 197 -52.70 92.38 25.48
N ALA P 198 -53.34 92.25 24.32
CA ALA P 198 -54.15 91.07 24.05
C ALA P 198 -53.25 89.95 23.57
N ILE P 199 -53.26 88.83 24.29
CA ILE P 199 -52.40 87.71 23.97
C ILE P 199 -53.06 86.86 22.89
N ILE P 200 -52.34 86.58 21.82
CA ILE P 200 -52.75 85.55 20.88
C ILE P 200 -52.40 84.21 21.51
N PRO P 201 -53.38 83.35 21.82
CA PRO P 201 -53.09 82.16 22.64
C PRO P 201 -52.04 81.24 22.05
N SER P 202 -52.07 81.04 20.73
CA SER P 202 -51.12 80.13 20.10
C SER P 202 -49.68 80.56 20.30
N THR P 203 -49.43 81.84 20.56
CA THR P 203 -48.06 82.32 20.62
C THR P 203 -47.39 81.98 21.95
N ILE P 204 -48.13 82.03 23.05
CA ILE P 204 -47.53 81.74 24.35
C ILE P 204 -47.45 80.24 24.61
N PHE P 205 -48.44 79.48 24.18
CA PHE P 205 -48.54 78.08 24.57
C PHE P 205 -47.46 77.25 23.89
N ASN P 206 -47.18 76.10 24.49
CA ASN P 206 -46.03 75.30 24.09
C ASN P 206 -46.35 74.45 22.86
N LYS P 207 -47.16 73.41 23.06
CA LYS P 207 -47.60 72.58 21.94
C LYS P 207 -48.83 73.23 21.32
N ASN P 208 -48.71 73.60 20.05
CA ASN P 208 -49.81 74.16 19.27
C ASN P 208 -49.93 73.35 18.00
N ARG P 209 -51.03 72.63 17.87
CA ARG P 209 -51.31 71.83 16.69
C ARG P 209 -52.23 72.63 15.78
N TYR P 210 -51.81 72.86 14.55
CA TYR P 210 -52.68 73.51 13.58
C TYR P 210 -53.41 72.42 12.83
N TRP P 211 -54.70 72.30 13.09
CA TRP P 211 -55.46 71.13 12.70
C TRP P 211 -56.47 71.55 11.65
N LYS P 212 -56.33 71.00 10.46
CA LYS P 212 -57.07 71.43 9.30
C LYS P 212 -58.18 70.44 8.98
N GLN P 213 -58.90 70.74 7.91
CA GLN P 213 -59.95 69.86 7.42
C GLN P 213 -59.31 68.70 6.70
N GLY P 214 -59.61 67.48 7.15
CA GLY P 214 -59.02 66.29 6.59
C GLY P 214 -57.91 65.70 7.41
N ASP P 215 -57.37 66.45 8.36
CA ASP P 215 -56.34 65.91 9.24
C ASP P 215 -56.90 64.79 10.09
N ASP P 216 -56.00 63.94 10.55
CA ASP P 216 -56.39 62.83 11.40
C ASP P 216 -56.91 63.35 12.73
N ALA P 217 -57.68 62.52 13.42
CA ALA P 217 -58.24 62.91 14.69
C ALA P 217 -57.14 63.20 15.70
N LEU P 218 -57.43 64.11 16.62
CA LEU P 218 -56.49 64.50 17.66
C LEU P 218 -56.84 63.76 18.94
N HIS P 219 -55.94 62.90 19.39
CA HIS P 219 -56.17 62.05 20.55
C HIS P 219 -55.36 62.56 21.72
N PHE P 220 -56.03 62.76 22.86
CA PHE P 220 -55.36 63.25 24.06
C PHE P 220 -55.75 62.36 25.22
N SER P 221 -54.77 61.97 26.02
CA SER P 221 -54.99 61.03 27.10
C SER P 221 -54.20 61.45 28.31
N HIS P 222 -54.67 61.03 29.47
CA HIS P 222 -53.93 61.23 30.71
C HIS P 222 -54.07 59.97 31.54
N ASP P 223 -52.95 59.42 31.98
CA ASP P 223 -52.95 58.25 32.83
C ASP P 223 -52.87 58.68 34.29
N LEU P 224 -53.74 58.14 35.12
CA LEU P 224 -53.70 58.36 36.56
C LEU P 224 -53.19 57.10 37.23
N ASP P 225 -52.15 57.23 38.03
CA ASP P 225 -51.73 56.17 38.95
C ASP P 225 -51.94 56.69 40.35
N LEU P 226 -52.97 56.19 41.03
CA LEU P 226 -53.30 56.56 42.38
C LEU P 226 -52.95 55.41 43.30
N GLY P 227 -52.47 55.74 44.49
CA GLY P 227 -52.30 54.66 45.42
C GLY P 227 -53.52 54.36 46.23
N PHE P 228 -54.63 55.04 45.96
CA PHE P 228 -55.80 54.95 46.80
C PHE P 228 -57.03 54.93 45.92
N TRP P 229 -58.19 54.95 46.55
CA TRP P 229 -59.48 54.76 45.91
C TRP P 229 -60.43 55.83 46.41
N PHE P 230 -61.56 55.97 45.73
CA PHE P 230 -62.56 56.95 46.13
C PHE P 230 -63.85 56.25 46.50
N GLY P 231 -64.46 56.70 47.58
CA GLY P 231 -65.71 56.10 48.01
C GLY P 231 -66.94 56.92 47.74
N SER P 232 -66.77 58.17 47.32
CA SER P 232 -67.89 59.08 47.11
C SER P 232 -67.93 59.50 45.65
N ASP P 233 -68.91 60.32 45.32
CA ASP P 233 -68.99 60.85 43.97
C ASP P 233 -67.99 61.99 43.78
N TYR P 234 -67.58 62.19 42.54
CA TYR P 234 -66.64 63.27 42.27
C TYR P 234 -67.27 64.63 42.56
N GLY P 235 -68.48 64.86 42.09
CA GLY P 235 -69.18 66.06 42.50
C GLY P 235 -68.50 67.33 42.06
N ASN P 236 -68.31 67.50 40.76
CA ASN P 236 -67.59 68.61 40.14
C ASN P 236 -66.21 68.82 40.79
N ALA P 237 -65.46 67.73 40.85
CA ALA P 237 -64.06 67.75 41.22
C ALA P 237 -63.21 67.61 39.97
N TYR P 238 -62.05 68.26 39.98
CA TYR P 238 -61.06 67.97 38.95
C TYR P 238 -60.67 66.50 39.05
N VAL P 239 -60.52 65.85 37.90
CA VAL P 239 -59.97 64.50 37.92
C VAL P 239 -58.60 64.53 38.59
N PRO P 240 -58.30 63.62 39.51
CA PRO P 240 -57.24 63.86 40.50
C PRO P 240 -55.91 64.25 39.91
N GLN P 241 -55.32 65.29 40.50
CA GLN P 241 -54.07 65.86 40.05
C GLN P 241 -53.29 66.31 41.28
N ASN P 242 -51.98 66.28 41.19
CA ASN P 242 -51.10 66.83 42.22
C ASN P 242 -50.39 68.03 41.61
N ASN P 243 -50.71 69.22 42.09
CA ASN P 243 -50.18 70.41 41.45
C ASN P 243 -49.99 71.53 42.44
N ASP P 244 -49.47 72.64 41.94
CA ASP P 244 -49.50 73.89 42.68
C ASP P 244 -50.92 74.33 42.97
N SER P 245 -51.83 74.07 42.05
CA SER P 245 -53.22 74.48 42.24
C SER P 245 -54.02 73.48 43.07
N MET P 246 -53.71 72.19 42.99
CA MET P 246 -54.63 71.21 43.55
C MET P 246 -53.91 69.92 43.89
N ASN P 247 -54.53 69.14 44.78
CA ASN P 247 -54.04 67.83 45.18
C ASN P 247 -55.12 66.78 44.98
N ALA P 248 -54.66 65.53 44.83
CA ALA P 248 -55.53 64.45 44.37
C ALA P 248 -56.44 63.93 45.46
N VAL P 249 -56.01 63.98 46.71
CA VAL P 249 -56.73 63.39 47.83
C VAL P 249 -57.46 64.50 48.59
N GLY P 250 -58.72 64.26 48.92
CA GLY P 250 -59.57 65.33 49.39
C GLY P 250 -59.86 65.43 50.87
N THR P 251 -59.53 64.39 51.63
CA THR P 251 -59.84 64.40 53.05
C THR P 251 -58.70 65.06 53.82
N ILE P 252 -59.08 65.91 54.78
CA ILE P 252 -58.10 66.47 55.70
C ILE P 252 -57.59 65.34 56.58
N PRO P 253 -56.30 65.04 56.56
CA PRO P 253 -55.77 64.03 57.48
C PRO P 253 -55.87 64.48 58.92
N THR P 254 -56.02 63.51 59.82
CA THR P 254 -56.34 63.77 61.21
C THR P 254 -55.33 63.08 62.12
N SER P 255 -55.35 63.48 63.38
CA SER P 255 -54.19 63.35 64.27
C SER P 255 -53.90 61.90 64.66
N LYS P 256 -52.62 61.65 64.94
CA LYS P 256 -52.15 60.47 65.67
C LYS P 256 -52.43 59.17 64.92
N HIS P 257 -52.28 59.20 63.60
CA HIS P 257 -52.31 58.00 62.79
C HIS P 257 -51.84 58.35 61.39
N ILE P 258 -51.85 57.36 60.51
CA ILE P 258 -51.29 57.47 59.18
C ILE P 258 -52.43 57.75 58.20
N ASN P 259 -52.16 58.61 57.21
CA ASN P 259 -53.16 59.05 56.27
C ASN P 259 -52.56 59.04 54.87
N VAL P 260 -53.39 58.77 53.88
CA VAL P 260 -52.91 58.80 52.51
C VAL P 260 -52.76 60.25 52.08
N ARG P 261 -51.60 60.57 51.53
CA ARG P 261 -51.20 61.94 51.22
C ARG P 261 -50.78 62.00 49.77
N GLY P 262 -51.20 63.04 49.07
CA GLY P 262 -50.76 63.22 47.70
C GLY P 262 -49.28 63.50 47.61
N VAL P 263 -48.67 63.08 46.51
CA VAL P 263 -47.24 63.24 46.32
C VAL P 263 -46.97 63.23 44.82
N ASN P 264 -45.86 63.83 44.42
CA ASN P 264 -45.18 63.65 43.12
C ASN P 264 -45.60 64.49 41.92
N ASN P 265 -46.61 65.36 41.98
CA ASN P 265 -46.90 66.22 40.83
C ASN P 265 -47.20 65.43 39.55
N ARG P 266 -48.39 64.84 39.54
CA ARG P 266 -49.02 64.44 38.29
C ARG P 266 -50.15 65.42 38.02
N GLY P 267 -50.17 66.00 36.83
CA GLY P 267 -51.19 66.96 36.51
C GLY P 267 -51.47 66.97 35.02
N MET P 268 -52.48 67.73 34.62
CA MET P 268 -52.86 67.81 33.21
C MET P 268 -52.60 69.19 32.62
N ALA P 269 -52.15 69.22 31.38
CA ALA P 269 -51.86 70.46 30.68
C ALA P 269 -53.15 71.13 30.24
N GLY P 270 -53.22 72.45 30.37
CA GLY P 270 -54.40 73.20 29.99
C GLY P 270 -54.62 73.25 28.49
N HIS P 271 -55.43 72.32 27.99
CA HIS P 271 -55.74 72.26 26.56
C HIS P 271 -56.61 73.46 26.19
N TYR P 272 -56.48 73.93 24.96
CA TYR P 272 -57.26 75.07 24.52
C TYR P 272 -57.47 75.00 23.01
N LEU P 273 -58.48 75.72 22.55
CA LEU P 273 -58.78 75.82 21.12
C LEU P 273 -58.87 77.28 20.74
N SER P 274 -58.29 77.61 19.59
CA SER P 274 -58.28 78.99 19.13
C SER P 274 -58.11 78.99 17.62
N PHE P 275 -58.40 80.13 17.02
CA PHE P 275 -58.21 80.26 15.59
C PHE P 275 -57.12 81.26 15.30
N PRO P 276 -56.38 81.08 14.21
CA PRO P 276 -55.32 82.02 13.87
C PRO P 276 -55.92 83.36 13.50
N PRO P 277 -55.28 84.45 13.91
CA PRO P 277 -55.75 85.77 13.46
C PRO P 277 -55.60 85.90 11.96
N ILE P 278 -56.69 86.28 11.30
CA ILE P 278 -56.68 86.54 9.87
C ILE P 278 -57.40 87.86 9.68
N ARG P 279 -56.68 88.86 9.20
CA ARG P 279 -57.30 90.16 9.00
C ARG P 279 -58.15 90.17 7.75
N THR P 280 -59.23 90.94 7.80
CA THR P 280 -60.14 91.11 6.68
C THR P 280 -60.23 92.59 6.35
N ASN P 281 -61.08 92.91 5.36
CA ASN P 281 -61.44 94.29 5.13
C ASN P 281 -61.97 94.95 6.39
N ASP P 282 -62.70 94.20 7.21
CA ASP P 282 -63.19 94.69 8.49
C ASP P 282 -62.91 93.64 9.57
N GLY P 283 -62.09 94.02 10.55
CA GLY P 283 -61.86 93.14 11.68
C GLY P 283 -61.12 91.87 11.31
N GLN P 284 -61.59 90.76 11.86
CA GLN P 284 -60.91 89.48 11.77
C GLN P 284 -61.74 88.51 10.95
N PHE P 285 -61.05 87.56 10.34
CA PHE P 285 -61.74 86.54 9.55
C PHE P 285 -62.61 85.72 10.47
N LYS P 286 -63.81 85.40 10.02
CA LYS P 286 -64.73 84.68 10.89
C LYS P 286 -64.58 83.20 10.59
N LEU P 287 -63.97 82.48 11.53
CA LEU P 287 -63.82 81.04 11.42
C LEU P 287 -64.73 80.37 12.44
N ASN P 288 -65.45 79.38 11.97
CA ASN P 288 -66.33 78.58 12.79
C ASN P 288 -65.86 77.16 12.61
N ALA P 289 -65.95 76.36 13.67
CA ALA P 289 -65.44 75.00 13.61
C ALA P 289 -66.50 74.04 14.08
N GLN P 290 -66.56 72.87 13.43
CA GLN P 290 -67.23 71.71 13.97
C GLN P 290 -66.24 70.58 14.10
N PHE P 291 -66.40 69.78 15.15
CA PHE P 291 -65.70 68.52 15.26
C PHE P 291 -66.47 67.64 16.21
N THR P 292 -66.18 66.35 16.18
CA THR P 292 -66.78 65.42 17.10
C THR P 292 -65.89 65.27 18.32
N LEU P 293 -66.50 65.27 19.49
CA LEU P 293 -65.78 65.09 20.74
C LEU P 293 -66.10 63.70 21.26
N GLU P 294 -65.11 62.82 21.27
CA GLU P 294 -65.23 61.51 21.88
C GLU P 294 -64.36 61.51 23.13
N THR P 295 -65.00 61.44 24.29
CA THR P 295 -64.30 61.35 25.56
C THR P 295 -64.42 59.95 26.12
N GLU P 296 -63.38 59.50 26.79
CA GLU P 296 -63.40 58.22 27.47
C GLU P 296 -62.70 58.36 28.81
N ILE P 297 -63.35 57.87 29.86
CA ILE P 297 -62.76 57.77 31.17
C ILE P 297 -62.86 56.33 31.64
N GLU P 298 -61.75 55.77 32.07
CA GLU P 298 -61.68 54.36 32.42
C GLU P 298 -61.60 54.23 33.92
N PHE P 299 -62.66 53.73 34.55
CA PHE P 299 -62.67 53.53 35.99
C PHE P 299 -62.24 52.12 36.35
N GLU P 300 -61.50 52.02 37.45
CA GLU P 300 -61.37 50.78 38.19
C GLU P 300 -62.30 50.84 39.39
N PHE P 301 -62.93 49.73 39.72
CA PHE P 301 -63.75 49.70 40.92
C PHE P 301 -63.52 48.38 41.64
N ARG P 302 -64.00 48.33 42.87
CA ARG P 302 -63.68 47.25 43.79
C ARG P 302 -64.88 46.99 44.67
N LEU P 303 -65.10 45.73 45.02
CA LEU P 303 -66.37 45.35 45.62
C LEU P 303 -66.23 45.17 47.12
N TRP P 304 -67.33 44.78 47.74
CA TRP P 304 -67.52 44.74 49.18
C TRP P 304 -66.83 43.54 49.80
N GLU P 305 -66.61 43.64 51.11
CA GLU P 305 -65.94 42.59 51.86
C GLU P 305 -66.75 41.30 51.86
N GLN P 306 -66.07 40.18 51.70
CA GLN P 306 -66.73 38.89 51.76
C GLN P 306 -67.06 38.53 53.20
N GLY P 307 -68.01 37.64 53.35
CA GLY P 307 -68.37 37.14 54.66
C GLY P 307 -69.49 37.93 55.28
N VAL P 308 -69.73 37.66 56.57
CA VAL P 308 -70.74 38.37 57.32
C VAL P 308 -70.40 39.85 57.39
N GLN P 309 -69.12 40.20 57.24
CA GLN P 309 -68.73 41.61 57.23
C GLN P 309 -69.43 42.38 56.13
N GLY P 310 -69.73 41.73 55.01
CA GLY P 310 -70.38 42.37 53.89
C GLY P 310 -71.89 42.32 53.89
N ILE P 311 -72.51 41.83 54.95
CA ILE P 311 -73.96 41.83 55.06
C ILE P 311 -74.45 43.25 55.29
N ASN P 312 -75.50 43.65 54.56
CA ASN P 312 -75.99 45.02 54.64
C ASN P 312 -76.27 45.45 56.06
N SER P 313 -76.96 44.62 56.83
CA SER P 313 -77.39 45.04 58.16
C SER P 313 -76.20 45.26 59.08
N VAL P 314 -75.21 44.37 59.04
CA VAL P 314 -74.07 44.47 59.94
C VAL P 314 -72.88 45.17 59.31
N HIS P 315 -72.96 45.56 58.03
CA HIS P 315 -71.82 46.22 57.43
C HIS P 315 -71.64 47.65 57.91
N THR P 316 -72.71 48.27 58.43
CA THR P 316 -72.57 49.62 58.93
C THR P 316 -71.54 49.69 60.04
N ASN P 317 -71.71 48.88 61.07
CA ASN P 317 -70.82 48.88 62.21
C ASN P 317 -69.67 47.87 62.12
N LEU P 318 -69.69 46.96 61.15
CA LEU P 318 -68.51 46.15 60.84
C LEU P 318 -67.67 46.69 59.68
N ASN P 319 -68.04 47.83 59.13
CA ASN P 319 -67.22 48.44 58.10
C ASN P 319 -65.81 48.67 58.66
N PRO P 320 -64.76 48.31 57.91
CA PRO P 320 -63.40 48.52 58.41
C PRO P 320 -63.13 50.00 58.64
N ALA P 321 -62.51 50.31 59.78
CA ALA P 321 -62.09 51.67 60.01
C ALA P 321 -60.86 52.04 59.20
N ASN P 322 -60.20 51.06 58.59
CA ASN P 322 -59.05 51.33 57.74
C ASN P 322 -59.45 51.56 56.29
N ASP P 323 -60.75 51.61 56.00
CA ASP P 323 -61.16 52.18 54.72
C ASP P 323 -60.53 53.55 54.53
N SER P 324 -60.59 54.38 55.56
CA SER P 324 -60.00 55.72 55.49
C SER P 324 -58.54 55.66 55.09
N LEU P 325 -57.91 54.51 55.26
CA LEU P 325 -56.51 54.36 54.89
C LEU P 325 -56.37 54.33 53.36
N TRP P 326 -57.09 53.43 52.70
CA TRP P 326 -57.07 53.34 51.24
C TRP P 326 -58.29 53.98 50.55
N ILE P 327 -59.30 54.46 51.25
CA ILE P 327 -60.44 55.06 50.53
C ILE P 327 -60.58 56.55 50.84
N GLN P 328 -60.44 57.40 49.83
CA GLN P 328 -60.03 58.76 50.10
C GLN P 328 -60.82 59.94 49.59
N SER P 329 -61.97 59.72 48.97
CA SER P 329 -62.82 60.79 48.37
C SER P 329 -62.16 61.55 47.19
N TYR P 330 -62.57 62.79 46.94
CA TYR P 330 -62.04 63.57 45.81
C TYR P 330 -61.26 64.78 46.28
N GLY P 331 -60.16 65.11 45.60
CA GLY P 331 -59.28 66.11 46.16
C GLY P 331 -59.71 67.55 46.08
N SER P 332 -59.95 68.02 44.87
CA SER P 332 -60.10 69.45 44.65
C SER P 332 -61.20 69.69 43.64
N LEU P 333 -62.03 70.68 43.93
CA LEU P 333 -63.24 70.93 43.19
C LEU P 333 -63.02 72.09 42.23
N VAL P 334 -63.66 72.03 41.07
CA VAL P 334 -63.77 73.24 40.27
C VAL P 334 -64.61 74.22 41.07
N SER P 335 -64.43 75.50 40.77
CA SER P 335 -65.10 76.54 41.55
C SER P 335 -66.43 76.82 40.87
N ILE P 336 -67.52 76.46 41.53
CA ILE P 336 -68.87 76.51 40.98
C ILE P 336 -69.70 77.37 41.90
N THR P 337 -70.17 78.51 41.39
CA THR P 337 -71.26 79.22 42.03
C THR P 337 -72.49 79.02 41.15
N GLU P 338 -73.62 78.79 41.79
CA GLU P 338 -74.85 78.39 41.11
C GLU P 338 -74.49 77.18 40.25
N SER P 339 -74.88 77.13 38.98
CA SER P 339 -74.49 76.08 38.07
C SER P 339 -73.26 76.45 37.24
N LYS P 340 -72.66 77.60 37.50
CA LYS P 340 -71.73 78.23 36.57
C LYS P 340 -70.31 78.14 37.08
N ILE P 341 -69.39 77.76 36.21
CA ILE P 341 -67.98 77.62 36.58
C ILE P 341 -67.38 79.01 36.75
N ASN P 342 -66.73 79.24 37.88
CA ASN P 342 -66.07 80.52 38.13
C ASN P 342 -64.74 80.62 37.41
N ASN P 343 -63.96 79.56 37.46
CA ASN P 343 -62.63 79.53 36.86
C ASN P 343 -62.25 78.08 36.64
N ILE P 344 -61.25 77.87 35.80
CA ILE P 344 -60.67 76.55 35.61
C ILE P 344 -59.17 76.64 35.86
N GLN P 345 -58.67 75.77 36.71
CA GLN P 345 -57.26 75.65 37.01
C GLN P 345 -56.70 74.46 36.25
N PHE P 346 -55.48 74.58 35.75
CA PHE P 346 -54.91 73.48 34.98
C PHE P 346 -53.75 72.78 35.69
N GLY P 347 -52.64 73.47 35.92
CA GLY P 347 -51.53 72.86 36.62
C GLY P 347 -51.02 71.51 36.15
N PRO P 348 -50.28 71.50 35.04
CA PRO P 348 -49.71 70.33 34.39
C PRO P 348 -48.53 69.74 35.13
N THR P 349 -48.08 68.56 34.74
CA THR P 349 -46.91 68.00 35.37
C THR P 349 -45.88 68.82 34.66
N CYS P 350 -45.30 69.81 35.34
CA CYS P 350 -44.36 70.66 34.65
C CYS P 350 -43.04 69.97 34.46
N PRO P 351 -42.43 70.21 33.30
CA PRO P 351 -41.19 69.55 32.91
C PRO P 351 -39.98 70.00 33.70
N ARG P 352 -40.05 71.14 34.38
CA ARG P 352 -38.91 71.62 35.13
C ARG P 352 -38.88 71.14 36.57
N VAL P 353 -39.93 70.47 37.04
CA VAL P 353 -39.81 69.69 38.27
C VAL P 353 -38.84 68.54 38.03
N ASP P 354 -38.07 68.21 39.06
CA ASP P 354 -37.13 67.11 38.97
C ASP P 354 -37.85 65.85 38.52
N ALA P 355 -37.26 65.15 37.56
CA ALA P 355 -37.87 63.94 37.03
C ALA P 355 -38.08 62.89 38.12
N ARG P 356 -37.33 62.98 39.22
CA ARG P 356 -37.52 62.04 40.31
C ARG P 356 -38.80 62.32 41.06
N ASN P 357 -39.28 63.56 41.03
CA ASN P 357 -40.56 63.89 41.63
C ASN P 357 -41.73 63.50 40.73
N LYS P 358 -41.54 63.49 39.42
CA LYS P 358 -42.65 63.41 38.48
C LYS P 358 -43.13 61.99 38.25
N GLY P 359 -42.59 61.01 38.97
CA GLY P 359 -42.84 59.62 38.66
C GLY P 359 -44.25 59.14 38.98
N GLY P 360 -44.42 57.82 39.02
CA GLY P 360 -45.72 57.21 38.89
C GLY P 360 -46.78 57.43 39.94
N LYS P 361 -46.48 57.11 41.20
CA LYS P 361 -47.51 56.94 42.21
C LYS P 361 -47.94 58.29 42.78
N MET P 362 -49.23 58.57 42.74
CA MET P 362 -49.74 59.88 43.14
C MET P 362 -50.07 60.01 44.61
N SER P 363 -49.84 58.99 45.41
CA SER P 363 -50.14 59.14 46.83
C SER P 363 -49.15 58.34 47.64
N MET P 364 -49.02 58.72 48.90
CA MET P 364 -48.18 58.00 49.84
C MET P 364 -48.97 57.90 51.12
N LEU P 365 -48.68 56.89 51.91
CA LEU P 365 -49.39 56.64 53.15
C LEU P 365 -48.48 57.15 54.26
N PHE P 366 -48.79 58.35 54.73
CA PHE P 366 -47.96 59.10 55.65
C PHE P 366 -48.73 59.59 56.86
N ASP P 367 -48.11 59.50 58.03
CA ASP P 367 -48.74 59.89 59.28
C ASP P 367 -48.93 61.37 59.51
N HIS P 368 -49.85 61.70 60.40
CA HIS P 368 -50.11 63.07 60.77
C HIS P 368 -50.08 63.16 62.29
N HIS P 369 -49.38 64.16 62.82
CA HIS P 369 -49.30 64.34 64.25
C HIS P 369 -50.17 65.49 64.74
N GLU Q 36 -76.74 -10.03 -12.50
CA GLU Q 36 -76.34 -9.42 -13.76
C GLU Q 36 -77.53 -8.69 -14.37
N GLY Q 37 -77.26 -7.69 -15.20
CA GLY Q 37 -78.32 -6.91 -15.81
C GLY Q 37 -78.76 -5.77 -14.92
N ASP Q 38 -79.79 -5.07 -15.38
CA ASP Q 38 -80.33 -3.94 -14.64
C ASP Q 38 -81.36 -4.37 -13.60
N GLY Q 39 -81.62 -5.67 -13.47
CA GLY Q 39 -82.56 -6.18 -12.51
C GLY Q 39 -83.85 -6.68 -13.11
N SER Q 40 -84.10 -6.33 -14.36
CA SER Q 40 -85.34 -6.68 -15.06
C SER Q 40 -85.57 -8.16 -15.23
N ALA Q 41 -84.59 -8.98 -14.89
CA ALA Q 41 -84.69 -10.43 -15.02
C ALA Q 41 -85.57 -11.06 -13.97
N PRO Q 42 -85.99 -12.30 -14.18
CA PRO Q 42 -86.83 -12.90 -13.16
C PRO Q 42 -86.21 -13.03 -11.78
N GLY Q 43 -84.92 -13.34 -11.63
CA GLY Q 43 -84.34 -13.50 -10.31
C GLY Q 43 -83.24 -12.52 -9.93
N GLY Q 44 -82.98 -12.34 -8.64
CA GLY Q 44 -81.95 -11.41 -8.19
C GLY Q 44 -82.47 -10.10 -7.64
N SER Q 45 -81.90 -8.99 -8.08
CA SER Q 45 -82.31 -7.67 -7.62
C SER Q 45 -83.53 -7.09 -8.34
N VAL Q 46 -84.26 -6.21 -7.67
CA VAL Q 46 -85.48 -5.59 -8.17
C VAL Q 46 -85.20 -4.44 -9.10
N TRP Q 47 -85.81 -4.46 -10.27
CA TRP Q 47 -85.66 -3.35 -11.19
C TRP Q 47 -86.47 -2.26 -10.55
N GLN Q 48 -85.90 -1.09 -10.36
CA GLN Q 48 -86.64 -0.03 -9.73
C GLN Q 48 -86.55 1.24 -10.56
N THR Q 49 -87.61 2.05 -10.45
CA THR Q 49 -87.80 3.23 -11.27
C THR Q 49 -86.85 4.36 -10.85
N THR Q 50 -86.70 5.32 -11.75
CA THR Q 50 -85.79 6.44 -11.52
C THR Q 50 -86.22 7.29 -10.33
N ASP Q 51 -85.25 8.00 -9.77
CA ASP Q 51 -85.45 8.80 -8.57
C ASP Q 51 -86.09 10.13 -8.92
N TYR Q 52 -87.21 10.43 -8.27
CA TYR Q 52 -87.84 11.73 -8.43
C TYR Q 52 -87.42 12.76 -7.41
N ILE Q 53 -86.64 12.39 -6.38
CA ILE Q 53 -86.23 13.38 -5.39
C ILE Q 53 -85.19 14.32 -5.96
N ALA Q 54 -84.18 13.76 -6.63
CA ALA Q 54 -82.99 14.53 -6.99
C ALA Q 54 -83.34 15.85 -7.67
N LEU Q 55 -84.32 15.84 -8.56
CA LEU Q 55 -84.71 17.07 -9.24
C LEU Q 55 -85.62 17.95 -8.42
N SER Q 56 -86.30 17.41 -7.42
CA SER Q 56 -87.12 18.27 -6.57
C SER Q 56 -86.29 18.98 -5.52
N MET Q 57 -85.11 18.47 -5.18
CA MET Q 57 -84.26 19.08 -4.19
C MET Q 57 -83.25 20.06 -4.75
N VAL Q 58 -83.09 20.13 -6.07
CA VAL Q 58 -82.07 21.01 -6.62
C VAL Q 58 -82.45 22.45 -6.33
N VAL Q 59 -81.52 23.19 -5.76
CA VAL Q 59 -81.72 24.57 -5.36
C VAL Q 59 -81.16 25.47 -6.44
N TYR Q 60 -82.00 26.31 -7.01
CA TYR Q 60 -81.60 27.28 -8.01
C TYR Q 60 -81.49 28.63 -7.34
N ARG Q 61 -80.54 29.43 -7.80
CA ARG Q 61 -80.12 30.61 -7.07
C ARG Q 61 -80.12 31.81 -8.00
N THR Q 62 -80.95 32.80 -7.70
CA THR Q 62 -81.03 34.01 -8.52
C THR Q 62 -80.84 35.25 -7.66
N ALA Q 63 -81.00 36.43 -8.25
CA ALA Q 63 -80.88 37.67 -7.51
C ALA Q 63 -81.65 38.76 -8.22
N ILE Q 64 -81.94 39.82 -7.48
CA ILE Q 64 -82.60 41.01 -8.02
C ILE Q 64 -81.74 42.21 -7.65
N LYS Q 65 -81.20 42.88 -8.66
CA LYS Q 65 -80.33 44.03 -8.46
C LYS Q 65 -81.02 45.25 -9.03
N LEU Q 66 -81.00 46.36 -8.27
CA LEU Q 66 -81.67 47.59 -8.67
C LEU Q 66 -80.81 48.77 -8.26
N ARG Q 67 -80.76 49.78 -9.11
CA ARG Q 67 -80.07 51.03 -8.79
C ARG Q 67 -81.04 52.18 -8.69
N ASN Q 68 -80.64 53.17 -7.92
CA ASN Q 68 -81.49 54.30 -7.58
C ASN Q 68 -80.58 55.46 -7.28
N PHE Q 69 -81.09 56.67 -7.47
CA PHE Q 69 -80.42 57.87 -6.99
C PHE Q 69 -81.22 58.42 -5.82
N VAL Q 70 -80.54 58.69 -4.71
CA VAL Q 70 -81.17 59.18 -3.50
C VAL Q 70 -80.79 60.63 -3.32
N ASN Q 71 -81.78 61.48 -3.08
CA ASN Q 71 -81.58 62.89 -2.78
C ASN Q 71 -82.16 63.16 -1.40
N ILE Q 72 -81.29 63.51 -0.45
CA ILE Q 72 -81.70 63.79 0.91
C ILE Q 72 -81.56 65.29 1.13
N ARG Q 73 -82.67 65.98 1.30
CA ARG Q 73 -82.66 67.42 1.46
C ARG Q 73 -83.39 67.83 2.71
N GLY Q 74 -83.00 68.98 3.25
CA GLY Q 74 -83.72 69.59 4.36
C GLY Q 74 -83.77 68.73 5.60
N LEU Q 75 -82.69 68.00 5.88
CA LEU Q 75 -82.64 67.08 7.01
C LEU Q 75 -81.86 67.76 8.11
N THR Q 76 -82.53 68.14 9.19
CA THR Q 76 -81.87 68.81 10.29
C THR Q 76 -81.09 67.79 11.13
N PRO Q 77 -80.16 68.24 11.97
CA PRO Q 77 -79.33 67.28 12.70
C PRO Q 77 -80.08 66.41 13.68
N THR Q 78 -81.25 66.83 14.14
CA THR Q 78 -82.02 65.99 15.04
C THR Q 78 -82.72 64.88 14.27
N GLU Q 79 -83.35 65.21 13.16
CA GLU Q 79 -84.04 64.24 12.34
C GLU Q 79 -83.04 63.41 11.53
N MET Q 80 -83.50 62.24 11.09
CA MET Q 80 -82.62 61.20 10.60
C MET Q 80 -83.35 60.36 9.57
N ILE Q 81 -82.63 59.93 8.54
CA ILE Q 81 -83.20 59.09 7.49
C ILE Q 81 -83.13 57.64 7.92
N VAL Q 82 -84.27 56.96 7.86
CA VAL Q 82 -84.36 55.55 8.19
C VAL Q 82 -84.16 54.75 6.92
N ILE Q 83 -83.17 53.87 6.90
CA ILE Q 83 -82.93 53.05 5.72
C ILE Q 83 -83.89 51.88 5.83
N PRO Q 84 -84.90 51.78 5.01
CA PRO Q 84 -85.82 50.64 5.10
C PRO Q 84 -85.19 49.38 4.57
N TRP Q 85 -84.02 49.04 5.08
CA TRP Q 85 -83.22 48.01 4.43
C TRP Q 85 -83.53 46.64 4.98
N ASN Q 86 -84.34 46.56 6.03
CA ASN Q 86 -84.77 45.29 6.59
C ASN Q 86 -86.14 44.87 6.11
N VAL Q 87 -86.78 45.64 5.24
CA VAL Q 87 -88.06 45.25 4.67
C VAL Q 87 -87.80 44.62 3.31
N MET Q 88 -88.50 43.51 3.05
CA MET Q 88 -88.25 42.72 1.86
C MET Q 88 -88.54 43.52 0.59
N ARG Q 89 -89.59 44.33 0.64
CA ARG Q 89 -90.03 45.10 -0.52
C ARG Q 89 -89.00 46.13 -0.97
N PHE Q 90 -88.04 46.46 -0.11
CA PHE Q 90 -87.01 47.43 -0.46
C PHE Q 90 -86.15 46.93 -1.60
N TYR Q 91 -85.74 45.66 -1.55
CA TYR Q 91 -84.78 45.15 -2.49
C TYR Q 91 -85.41 44.71 -3.81
N CYS Q 92 -86.52 43.99 -3.74
CA CYS Q 92 -87.11 43.35 -4.90
C CYS Q 92 -88.26 44.12 -5.55
N GLU Q 93 -88.64 45.26 -4.99
CA GLU Q 93 -89.62 46.12 -5.62
C GLU Q 93 -89.06 47.52 -5.69
N TYR Q 94 -89.25 48.19 -6.82
CA TYR Q 94 -88.52 49.41 -7.11
C TYR Q 94 -89.48 50.56 -6.84
N ASN Q 95 -89.29 51.25 -5.74
CA ASN Q 95 -90.19 52.34 -5.40
C ASN Q 95 -89.36 53.61 -5.50
N THR Q 96 -89.55 54.35 -6.58
CA THR Q 96 -88.89 55.63 -6.78
C THR Q 96 -89.84 56.52 -7.55
N GLY Q 97 -90.02 57.74 -7.07
CA GLY Q 97 -90.75 58.71 -7.87
C GLY Q 97 -92.11 58.22 -8.33
N THR Q 98 -92.32 58.24 -9.64
CA THR Q 98 -93.59 57.84 -10.23
C THR Q 98 -93.78 56.33 -10.28
N TYR Q 99 -92.69 55.55 -10.22
CA TYR Q 99 -92.81 54.10 -10.34
C TYR Q 99 -93.76 53.54 -9.30
N GLY Q 100 -93.52 53.82 -8.02
CA GLY Q 100 -94.35 53.29 -6.96
C GLY Q 100 -95.81 53.63 -7.11
N LEU Q 101 -96.14 54.71 -7.82
CA LEU Q 101 -97.52 55.03 -8.10
C LEU Q 101 -98.10 54.11 -9.16
N SER Q 102 -97.31 53.75 -10.15
CA SER Q 102 -97.73 52.81 -11.17
C SER Q 102 -97.79 51.40 -10.60
N GLY Q 103 -98.54 50.53 -11.27
CA GLY Q 103 -98.82 49.21 -10.74
C GLY Q 103 -97.77 48.17 -11.06
N ASN Q 104 -97.64 47.20 -10.17
CA ASN Q 104 -96.81 46.01 -10.33
C ASN Q 104 -95.38 46.41 -10.72
N VAL Q 105 -94.69 47.00 -9.75
CA VAL Q 105 -93.31 47.44 -9.97
C VAL Q 105 -92.33 46.37 -9.48
N HIS Q 106 -92.81 45.22 -9.05
CA HIS Q 106 -91.92 44.12 -8.70
C HIS Q 106 -91.03 43.74 -9.87
N HIS Q 107 -89.81 43.33 -9.55
CA HIS Q 107 -88.91 42.84 -10.58
C HIS Q 107 -89.41 41.50 -11.11
N LYS Q 108 -89.19 41.26 -12.39
CA LYS Q 108 -89.79 40.09 -13.01
C LYS Q 108 -89.15 38.79 -12.56
N ASN Q 109 -87.92 38.81 -12.06
CA ASN Q 109 -87.39 37.61 -11.42
C ASN Q 109 -88.19 37.25 -10.20
N TYR Q 110 -88.76 38.23 -9.51
CA TYR Q 110 -89.55 37.89 -8.34
C TYR Q 110 -90.92 37.38 -8.72
N SER Q 111 -91.50 37.90 -9.80
CA SER Q 111 -92.82 37.44 -10.21
C SER Q 111 -92.81 35.96 -10.52
N MET Q 112 -91.70 35.43 -11.05
CA MET Q 112 -91.61 34.01 -11.30
C MET Q 112 -91.22 33.21 -10.08
N LEU Q 113 -90.59 33.82 -9.07
CA LEU Q 113 -90.37 33.09 -7.84
C LEU Q 113 -91.66 32.61 -7.23
N LEU Q 114 -92.77 33.22 -7.61
CA LEU Q 114 -94.10 32.73 -7.26
C LEU Q 114 -94.57 31.63 -8.19
N ALA Q 115 -93.89 31.43 -9.33
CA ALA Q 115 -94.22 30.32 -10.21
C ALA Q 115 -93.59 29.02 -9.72
N CYS Q 116 -92.35 29.07 -9.24
CA CYS Q 116 -91.74 27.92 -8.61
C CYS Q 116 -92.37 27.69 -7.24
N LYS Q 117 -92.23 26.48 -6.72
CA LYS Q 117 -93.01 26.16 -5.53
C LYS Q 117 -92.42 26.73 -4.26
N ALA Q 118 -91.13 26.97 -4.22
CA ALA Q 118 -90.47 27.46 -3.02
C ALA Q 118 -89.41 28.47 -3.42
N HIS Q 119 -89.30 29.54 -2.64
CA HIS Q 119 -88.19 30.46 -2.79
C HIS Q 119 -87.74 30.90 -1.40
N ARG Q 120 -86.48 31.27 -1.30
CA ARG Q 120 -85.95 31.71 -0.05
C ARG Q 120 -85.01 32.90 -0.27
N PRO Q 121 -85.09 33.91 0.59
CA PRO Q 121 -84.40 35.18 0.31
C PRO Q 121 -82.89 35.16 0.49
N THR Q 122 -82.32 34.28 1.30
CA THR Q 122 -80.88 34.22 1.55
C THR Q 122 -80.25 35.59 1.76
N LYS Q 123 -79.14 35.88 1.09
CA LYS Q 123 -78.42 37.11 1.37
C LYS Q 123 -79.17 38.33 0.84
N VAL Q 124 -78.96 39.47 1.51
CA VAL Q 124 -79.58 40.72 1.13
C VAL Q 124 -78.61 41.84 1.49
N GLY Q 125 -78.57 42.89 0.67
CA GLY Q 125 -77.62 43.95 0.92
C GLY Q 125 -77.84 45.14 0.02
N TYR Q 126 -77.08 46.20 0.28
CA TYR Q 126 -77.20 47.41 -0.52
C TYR Q 126 -75.89 48.18 -0.46
N THR Q 127 -75.74 49.13 -1.38
CA THR Q 127 -74.53 49.93 -1.50
C THR Q 127 -74.90 51.40 -1.66
N LEU Q 128 -74.24 52.25 -0.89
CA LEU Q 128 -74.27 53.70 -1.06
C LEU Q 128 -72.99 54.13 -1.74
N SER Q 129 -73.12 54.95 -2.78
CA SER Q 129 -71.94 55.23 -3.59
C SER Q 129 -72.00 56.65 -4.13
N ASN Q 130 -70.81 57.21 -4.38
CA ASN Q 130 -70.63 58.50 -5.04
C ASN Q 130 -71.50 59.58 -4.42
N LEU Q 131 -71.12 59.94 -3.21
CA LEU Q 131 -71.84 60.93 -2.45
C LEU Q 131 -71.58 62.31 -3.01
N ILE Q 132 -72.64 63.09 -3.14
CA ILE Q 132 -72.57 64.49 -3.54
C ILE Q 132 -73.31 65.30 -2.49
N LEU Q 133 -72.59 66.15 -1.78
CA LEU Q 133 -73.18 67.10 -0.85
C LEU Q 133 -73.36 68.44 -1.51
N THR Q 134 -74.50 69.06 -1.27
CA THR Q 134 -74.79 70.40 -1.74
C THR Q 134 -75.27 71.22 -0.56
N SER Q 135 -75.29 72.54 -0.75
CA SER Q 135 -75.63 73.46 0.33
C SER Q 135 -76.68 74.44 -0.13
N ASP Q 136 -77.70 74.64 0.68
CA ASP Q 136 -78.69 75.68 0.47
C ASP Q 136 -78.29 76.99 1.14
N GLU Q 137 -77.07 77.05 1.68
CA GLU Q 137 -76.65 78.24 2.43
C GLU Q 137 -76.75 79.50 1.60
N LEU Q 138 -76.39 79.42 0.32
CA LEU Q 138 -76.52 80.59 -0.55
C LEU Q 138 -77.95 80.86 -0.94
N VAL Q 139 -78.84 79.90 -0.74
CA VAL Q 139 -80.25 80.05 -1.11
C VAL Q 139 -80.95 80.92 -0.08
N SER Q 140 -81.80 81.81 -0.56
CA SER Q 140 -82.64 82.64 0.29
C SER Q 140 -84.00 82.80 -0.39
N THR Q 141 -84.98 83.27 0.38
CA THR Q 141 -86.32 83.44 -0.18
C THR Q 141 -86.33 84.44 -1.33
N GLY Q 142 -85.39 85.38 -1.34
CA GLY Q 142 -85.25 86.27 -2.49
C GLY Q 142 -84.79 85.55 -3.73
N GLY Q 143 -84.07 84.44 -3.57
CA GLY Q 143 -83.67 83.63 -4.70
C GLY Q 143 -82.41 84.15 -5.39
N THR Q 144 -82.37 83.94 -6.70
CA THR Q 144 -81.30 84.36 -7.60
C THR Q 144 -80.02 83.55 -7.39
N LEU Q 145 -79.94 82.80 -6.29
CA LEU Q 145 -78.84 81.88 -6.04
C LEU Q 145 -79.41 80.55 -5.59
N GLY Q 146 -79.04 79.48 -6.28
CA GLY Q 146 -79.51 78.15 -5.95
C GLY Q 146 -78.48 77.38 -5.15
N THR Q 147 -78.85 76.15 -4.81
CA THR Q 147 -77.94 75.31 -4.06
C THR Q 147 -76.76 74.91 -4.94
N THR Q 148 -75.64 74.61 -4.30
CA THR Q 148 -74.48 74.17 -5.04
C THR Q 148 -73.64 73.30 -4.12
N THR Q 149 -72.78 72.49 -4.71
CA THR Q 149 -71.94 71.59 -3.95
C THR Q 149 -71.11 72.36 -2.94
N THR Q 150 -70.82 71.72 -1.82
CA THR Q 150 -70.10 72.37 -0.74
C THR Q 150 -68.77 72.91 -1.22
N PHE Q 151 -68.37 74.05 -0.66
CA PHE Q 151 -67.15 74.72 -1.11
C PHE Q 151 -65.93 73.84 -0.96
N ASN Q 152 -65.87 73.05 0.11
CA ASN Q 152 -64.83 72.06 0.29
C ASN Q 152 -65.46 70.74 0.69
N THR Q 153 -64.66 69.69 0.66
CA THR Q 153 -65.14 68.33 0.86
C THR Q 153 -65.14 67.91 2.32
N SER Q 154 -64.82 68.82 3.24
CA SER Q 154 -64.87 68.50 4.67
C SER Q 154 -66.23 68.04 5.17
N PRO Q 155 -67.38 68.55 4.71
CA PRO Q 155 -68.65 68.05 5.23
C PRO Q 155 -68.85 66.59 4.89
N TYR Q 156 -69.77 65.96 5.60
CA TYR Q 156 -69.99 64.54 5.48
C TYR Q 156 -71.43 64.20 5.84
N MET Q 157 -71.86 63.03 5.40
CA MET Q 157 -73.14 62.46 5.80
C MET Q 157 -72.85 61.25 6.67
N ILE Q 158 -73.55 61.15 7.79
CA ILE Q 158 -73.27 60.13 8.79
C ILE Q 158 -74.14 58.92 8.48
N HIS Q 159 -73.51 57.78 8.26
CA HIS Q 159 -74.24 56.53 8.15
C HIS Q 159 -74.16 55.79 9.47
N SER Q 160 -75.30 55.63 10.13
CA SER Q 160 -75.35 55.06 11.46
C SER Q 160 -75.96 53.68 11.41
N ILE Q 161 -75.31 52.73 12.06
CA ILE Q 161 -75.83 51.39 12.25
C ILE Q 161 -76.08 51.23 13.74
N ASP Q 162 -77.32 50.96 14.12
CA ASP Q 162 -77.61 50.88 15.54
C ASP Q 162 -77.49 49.42 15.94
N ASP Q 163 -76.39 49.09 16.61
CA ASP Q 163 -76.13 47.72 17.05
C ASP Q 163 -76.80 47.43 18.37
N GLN Q 164 -76.77 48.39 19.29
CA GLN Q 164 -77.31 48.22 20.61
C GLN Q 164 -78.81 48.44 20.65
N GLN Q 165 -79.41 48.75 19.51
CA GLN Q 165 -80.84 49.00 19.39
C GLN Q 165 -81.27 50.13 20.33
N CYS Q 166 -80.60 51.27 20.20
CA CYS Q 166 -81.10 52.48 20.85
C CYS Q 166 -82.54 52.75 20.44
N LEU Q 167 -82.84 52.55 19.16
CA LEU Q 167 -84.19 52.72 18.64
C LEU Q 167 -84.72 51.34 18.26
N SER Q 168 -85.70 50.86 19.03
CA SER Q 168 -86.33 49.59 18.73
C SER Q 168 -87.33 49.73 17.59
N LYS Q 169 -88.14 50.78 17.66
CA LYS Q 169 -89.23 51.00 16.74
C LYS Q 169 -89.22 52.47 16.36
N VAL Q 170 -89.30 52.74 15.07
CA VAL Q 170 -89.07 54.07 14.53
C VAL Q 170 -90.33 54.56 13.85
N TYR Q 171 -90.72 55.79 14.15
CA TYR Q 171 -91.93 56.40 13.63
C TYR Q 171 -91.58 57.58 12.75
N PRO Q 172 -92.43 57.92 11.78
CA PRO Q 172 -92.22 59.14 11.01
C PRO Q 172 -92.39 60.38 11.86
N LYS Q 173 -91.88 61.50 11.36
CA LYS Q 173 -92.06 62.77 12.05
C LYS Q 173 -93.52 63.15 12.10
N THR Q 174 -93.85 64.01 13.06
CA THR Q 174 -95.24 64.36 13.33
C THR Q 174 -95.98 64.78 12.06
N ASP Q 175 -95.38 65.68 11.28
CA ASP Q 175 -96.07 66.18 10.10
C ASP Q 175 -95.99 65.20 8.94
N THR Q 176 -94.85 64.55 8.75
CA THR Q 176 -94.63 63.75 7.56
C THR Q 176 -95.26 62.37 7.71
N VAL Q 177 -95.13 61.58 6.65
CA VAL Q 177 -95.60 60.19 6.64
C VAL Q 177 -94.71 59.43 5.66
N TRP Q 178 -94.66 58.12 5.82
CA TRP Q 178 -93.79 57.28 5.03
C TRP Q 178 -94.60 56.54 3.99
N PRO Q 179 -94.55 56.92 2.71
CA PRO Q 179 -95.20 56.11 1.69
C PRO Q 179 -94.38 54.88 1.38
N VAL Q 180 -95.06 53.79 1.05
CA VAL Q 180 -94.30 52.63 0.61
C VAL Q 180 -93.87 52.82 -0.84
N SER Q 181 -94.64 53.58 -1.61
CA SER Q 181 -94.28 53.88 -2.99
C SER Q 181 -92.99 54.71 -3.08
N SER Q 182 -92.62 55.36 -1.99
CA SER Q 182 -91.43 56.20 -1.93
C SER Q 182 -90.23 55.47 -1.37
N MET Q 183 -90.33 54.17 -1.12
CA MET Q 183 -89.40 53.47 -0.24
C MET Q 183 -87.95 53.61 -0.67
N ARG Q 184 -87.66 53.38 -1.95
CA ARG Q 184 -86.25 53.24 -2.31
C ARG Q 184 -85.52 54.57 -2.44
N GLU Q 185 -86.18 55.68 -2.74
CA GLU Q 185 -85.51 56.95 -2.57
C GLU Q 185 -85.75 57.32 -1.12
N LEU Q 186 -84.69 57.66 -0.40
CA LEU Q 186 -84.80 57.56 1.04
C LEU Q 186 -85.29 58.92 1.50
N ASP Q 187 -86.61 58.99 1.73
CA ASP Q 187 -87.25 60.14 2.32
C ASP Q 187 -87.68 59.92 3.77
N TYR Q 188 -87.49 58.74 4.32
CA TYR Q 188 -88.15 58.46 5.59
C TYR Q 188 -87.38 59.15 6.69
N VAL Q 189 -88.02 60.09 7.36
CA VAL Q 189 -87.38 60.95 8.33
C VAL Q 189 -87.97 60.63 9.69
N ALA Q 190 -87.12 60.20 10.61
CA ALA Q 190 -87.48 60.03 11.99
C ALA Q 190 -86.84 61.15 12.79
N SER Q 191 -87.52 61.58 13.84
CA SER Q 191 -86.96 62.53 14.77
C SER Q 191 -86.79 61.80 16.08
N THR Q 192 -85.53 61.53 16.45
CA THR Q 192 -85.24 60.81 17.68
C THR Q 192 -85.18 61.83 18.81
N VAL Q 193 -86.05 61.67 19.80
CA VAL Q 193 -86.25 62.67 20.84
C VAL Q 193 -86.42 61.95 22.17
N SER Q 194 -85.70 62.41 23.18
CA SER Q 194 -85.91 61.97 24.56
C SER Q 194 -87.09 62.75 25.11
N GLY Q 195 -87.32 62.72 26.42
CA GLY Q 195 -88.51 63.39 26.90
C GLY Q 195 -88.50 64.88 26.61
N ASP Q 196 -87.53 65.61 27.14
CA ASP Q 196 -87.30 67.00 26.72
C ASP Q 196 -86.15 67.15 25.73
N ASN Q 197 -85.45 66.07 25.40
CA ASN Q 197 -84.15 66.17 24.74
C ASN Q 197 -84.26 65.71 23.30
N ALA Q 198 -83.76 66.52 22.39
CA ALA Q 198 -83.62 66.12 21.00
C ALA Q 198 -82.32 65.34 20.86
N ILE Q 199 -82.41 64.09 20.42
CA ILE Q 199 -81.25 63.24 20.30
C ILE Q 199 -80.56 63.52 18.97
N ILE Q 200 -79.26 63.78 19.01
CA ILE Q 200 -78.45 63.76 17.79
C ILE Q 200 -78.18 62.30 17.46
N PRO Q 201 -78.66 61.79 16.32
CA PRO Q 201 -78.62 60.34 16.09
C PRO Q 201 -77.24 59.74 16.14
N SER Q 202 -76.24 60.43 15.59
CA SER Q 202 -74.89 59.90 15.56
C SER Q 202 -74.32 59.65 16.95
N THR Q 203 -74.86 60.31 17.97
CA THR Q 203 -74.26 60.20 19.29
C THR Q 203 -74.67 58.91 20.01
N ILE Q 204 -75.91 58.47 19.82
CA ILE Q 204 -76.37 57.27 20.51
C ILE Q 204 -75.94 56.01 19.76
N PHE Q 205 -75.94 56.04 18.44
CA PHE Q 205 -75.75 54.82 17.66
C PHE Q 205 -74.30 54.34 17.75
N ASN Q 206 -74.14 53.04 17.48
CA ASN Q 206 -72.86 52.39 17.73
C ASN Q 206 -71.87 52.65 16.61
N LYS Q 207 -72.09 52.04 15.45
CA LYS Q 207 -71.25 52.29 14.29
C LYS Q 207 -71.78 53.50 13.56
N ASN Q 208 -70.95 54.54 13.47
CA ASN Q 208 -71.26 55.76 12.75
C ASN Q 208 -70.13 56.02 11.79
N ARG Q 209 -70.43 55.93 10.50
CA ARG Q 209 -69.46 56.20 9.45
C ARG Q 209 -69.65 57.62 8.96
N TYR Q 210 -68.62 58.43 9.02
CA TYR Q 210 -68.70 59.77 8.46
C TYR Q 210 -68.18 59.70 7.05
N TRP Q 211 -69.09 59.82 6.09
CA TRP Q 211 -68.83 59.48 4.70
C TRP Q 211 -68.85 60.75 3.89
N LYS Q 212 -67.71 61.06 3.29
CA LYS Q 212 -67.48 62.33 2.63
C LYS Q 212 -67.55 62.16 1.12
N GLN Q 213 -67.34 63.27 0.43
CA GLN Q 213 -67.28 63.27 -1.01
C GLN Q 213 -65.94 62.71 -1.46
N GLY Q 214 -65.98 61.64 -2.25
CA GLY Q 214 -64.79 60.97 -2.70
C GLY Q 214 -64.49 59.68 -1.97
N ASP Q 215 -65.12 59.47 -0.81
CA ASP Q 215 -64.92 58.21 -0.10
C ASP Q 215 -65.45 57.04 -0.91
N ASP Q 216 -64.92 55.87 -0.61
CA ASP Q 216 -65.35 54.67 -1.30
C ASP Q 216 -66.79 54.35 -0.95
N ALA Q 217 -67.42 53.56 -1.81
CA ALA Q 217 -68.80 53.20 -1.60
C ALA Q 217 -68.97 52.44 -0.30
N LEU Q 218 -70.14 52.58 0.30
CA LEU Q 218 -70.47 51.92 1.56
C LEU Q 218 -71.30 50.69 1.26
N HIS Q 219 -70.76 49.52 1.57
CA HIS Q 219 -71.40 48.25 1.24
C HIS Q 219 -71.95 47.63 2.52
N PHE Q 220 -73.23 47.25 2.49
CA PHE Q 220 -73.85 46.64 3.65
C PHE Q 220 -74.58 45.39 3.19
N SER Q 221 -74.42 44.31 3.94
CA SER Q 221 -74.96 43.02 3.55
C SER Q 221 -75.50 42.32 4.77
N HIS Q 222 -76.46 41.43 4.53
CA HIS Q 222 -76.98 40.56 5.57
C HIS Q 222 -77.18 39.18 4.99
N ASP Q 223 -76.61 38.17 5.63
CA ASP Q 223 -76.77 36.80 5.20
C ASP Q 223 -77.92 36.16 5.98
N LEU Q 224 -78.83 35.51 5.26
CA LEU Q 224 -79.90 34.75 5.87
C LEU Q 224 -79.60 33.27 5.70
N ASP Q 225 -79.60 32.54 6.82
CA ASP Q 225 -79.60 31.08 6.77
C ASP Q 225 -80.92 30.63 7.37
N LEU Q 226 -81.82 30.15 6.52
CA LEU Q 226 -83.12 29.66 6.91
C LEU Q 226 -83.14 28.16 6.77
N GLY Q 227 -83.80 27.49 7.69
CA GLY Q 227 -83.96 26.07 7.48
C GLY Q 227 -85.15 25.72 6.63
N PHE Q 228 -85.87 26.71 6.13
CA PHE Q 228 -87.14 26.48 5.46
C PHE Q 228 -87.24 27.40 4.26
N TRP Q 229 -88.39 27.36 3.61
CA TRP Q 229 -88.62 28.02 2.34
C TRP Q 229 -89.94 28.76 2.43
N PHE Q 230 -90.19 29.62 1.45
CA PHE Q 230 -91.43 30.38 1.42
C PHE Q 230 -92.20 30.03 0.15
N GLY Q 231 -93.51 29.86 0.29
CA GLY Q 231 -94.33 29.52 -0.85
C GLY Q 231 -95.19 30.66 -1.37
N SER Q 232 -95.25 31.77 -0.64
CA SER Q 232 -96.11 32.88 -0.98
C SER Q 232 -95.26 34.12 -1.22
N ASP Q 233 -95.92 35.22 -1.57
CA ASP Q 233 -95.20 36.47 -1.74
C ASP Q 233 -94.90 37.09 -0.38
N TYR Q 234 -93.85 37.91 -0.33
CA TYR Q 234 -93.51 38.56 0.92
C TYR Q 234 -94.60 39.53 1.35
N GLY Q 235 -95.08 40.36 0.44
CA GLY Q 235 -96.24 41.17 0.74
C GLY Q 235 -96.00 42.15 1.87
N ASN Q 236 -95.03 43.03 1.70
CA ASN Q 236 -94.57 43.99 2.71
C ASN Q 236 -94.29 43.32 4.05
N ALA Q 237 -93.48 42.28 3.99
CA ALA Q 237 -92.92 41.63 5.16
C ALA Q 237 -91.47 42.06 5.32
N TYR Q 238 -91.02 42.18 6.57
CA TYR Q 238 -89.59 42.31 6.82
C TYR Q 238 -88.88 41.09 6.28
N VAL Q 239 -87.74 41.31 5.65
CA VAL Q 239 -86.91 40.16 5.27
C VAL Q 239 -86.58 39.35 6.51
N PRO Q 240 -86.72 38.02 6.47
CA PRO Q 240 -86.88 37.25 7.71
C PRO Q 240 -85.81 37.50 8.76
N GLN Q 241 -86.27 37.69 9.99
CA GLN Q 241 -85.43 38.00 11.12
C GLN Q 241 -86.01 37.30 12.34
N ASN Q 242 -85.14 36.95 13.27
CA ASN Q 242 -85.56 36.42 14.57
C ASN Q 242 -85.16 37.45 15.62
N ASN Q 243 -86.14 38.08 16.24
CA ASN Q 243 -85.81 39.17 17.14
C ASN Q 243 -86.84 39.29 18.25
N ASP Q 244 -86.59 40.25 19.13
CA ASP Q 244 -87.59 40.67 20.08
C ASP Q 244 -88.82 41.23 19.38
N SER Q 245 -88.61 41.91 18.26
CA SER Q 245 -89.73 42.49 17.52
C SER Q 245 -90.41 41.51 16.59
N MET Q 246 -89.68 40.54 16.04
CA MET Q 246 -90.27 39.77 14.96
C MET Q 246 -89.59 38.41 14.82
N ASN Q 247 -90.30 37.49 14.17
CA ASN Q 247 -89.79 36.16 13.90
C ASN Q 247 -89.89 35.85 12.41
N ALA Q 248 -89.05 34.92 11.96
CA ALA Q 248 -88.84 34.71 10.54
C ALA Q 248 -89.95 33.91 9.88
N VAL Q 249 -90.61 33.03 10.63
CA VAL Q 249 -91.61 32.12 10.09
C VAL Q 249 -92.99 32.65 10.44
N GLY Q 250 -93.89 32.66 9.46
CA GLY Q 250 -95.14 33.39 9.61
C GLY Q 250 -96.39 32.60 9.91
N THR Q 251 -96.35 31.29 9.78
CA THR Q 251 -97.53 30.48 9.99
C THR Q 251 -97.67 30.12 11.46
N ILE Q 252 -98.87 30.24 11.99
CA ILE Q 252 -99.16 29.76 13.33
C ILE Q 252 -99.06 28.23 13.31
N PRO Q 253 -98.17 27.64 14.10
CA PRO Q 253 -98.12 26.19 14.17
C PRO Q 253 -99.37 25.63 14.81
N THR Q 254 -99.73 24.41 14.41
CA THR Q 254 -101.01 23.80 14.75
C THR Q 254 -100.79 22.44 15.38
N SER Q 255 -101.86 21.93 16.00
CA SER Q 255 -101.74 20.93 17.04
C SER Q 255 -101.30 19.56 16.53
N LYS Q 256 -100.65 18.81 17.42
CA LYS Q 256 -100.44 17.37 17.30
C LYS Q 256 -99.59 17.01 16.10
N HIS Q 257 -98.58 17.81 15.82
CA HIS Q 257 -97.56 17.47 14.83
C HIS Q 257 -96.42 18.48 14.95
N ILE Q 258 -95.43 18.32 14.08
CA ILE Q 258 -94.19 19.08 14.15
C ILE Q 258 -94.27 20.24 13.17
N ASN Q 259 -93.74 21.39 13.57
CA ASN Q 259 -93.83 22.61 12.80
C ASN Q 259 -92.48 23.30 12.81
N VAL Q 260 -92.17 23.99 11.72
CA VAL Q 260 -90.92 24.73 11.67
C VAL Q 260 -91.08 26.00 12.50
N ARG Q 261 -90.12 26.22 13.39
CA ARG Q 261 -90.17 27.27 14.40
C ARG Q 261 -88.91 28.10 14.30
N GLY Q 262 -89.05 29.41 14.37
CA GLY Q 262 -87.90 30.27 14.39
C GLY Q 262 -87.06 30.08 15.63
N VAL Q 263 -85.75 30.29 15.49
CA VAL Q 263 -84.81 30.09 16.58
C VAL Q 263 -83.60 30.96 16.32
N ASN Q 264 -82.86 31.30 17.38
CA ASN Q 264 -81.48 31.79 17.38
C ASN Q 264 -81.19 33.27 17.19
N ASN Q 265 -82.16 34.16 16.97
CA ASN Q 265 -81.84 35.59 16.91
C ASN Q 265 -80.82 35.92 15.81
N ARG Q 266 -81.30 35.87 14.58
CA ARG Q 266 -80.63 36.56 13.48
C ARG Q 266 -81.48 37.77 13.14
N GLY Q 267 -80.87 38.95 13.09
CA GLY Q 267 -81.62 40.16 12.81
C GLY Q 267 -80.73 41.18 12.14
N MET Q 268 -81.34 42.29 11.72
CA MET Q 268 -80.60 43.35 11.04
C MET Q 268 -80.53 44.63 11.87
N ALA Q 269 -79.38 45.30 11.84
CA ALA Q 269 -79.20 46.54 12.58
C ALA Q 269 -79.91 47.69 11.87
N GLY Q 270 -80.53 48.56 12.65
CA GLY Q 270 -81.25 49.70 12.09
C GLY Q 270 -80.34 50.74 11.49
N HIS Q 271 -80.11 50.64 10.18
CA HIS Q 271 -79.27 51.59 9.47
C HIS Q 271 -79.97 52.95 9.41
N TYR Q 272 -79.20 54.03 9.42
CA TYR Q 272 -79.77 55.36 9.38
C TYR Q 272 -78.81 56.32 8.70
N LEU Q 273 -79.34 57.43 8.23
CA LEU Q 273 -78.55 58.49 7.63
C LEU Q 273 -78.88 59.82 8.30
N SER Q 274 -77.85 60.60 8.58
CA SER Q 274 -78.03 61.87 9.26
C SER Q 274 -76.86 62.77 8.91
N PHE Q 275 -77.03 64.04 9.20
CA PHE Q 275 -75.96 64.98 8.96
C PHE Q 275 -75.48 65.56 10.28
N PRO Q 276 -74.19 65.90 10.38
CA PRO Q 276 -73.68 66.46 11.61
C PRO Q 276 -74.28 67.83 11.86
N PRO Q 277 -74.60 68.15 13.11
CA PRO Q 277 -75.06 69.51 13.40
C PRO Q 277 -73.95 70.52 13.12
N ILE Q 278 -74.27 71.53 12.33
CA ILE Q 278 -73.35 72.62 12.05
C ILE Q 278 -74.14 73.90 12.23
N ARG Q 279 -73.75 74.70 13.22
CA ARG Q 279 -74.47 75.94 13.45
C ARG Q 279 -74.08 76.99 12.44
N THR Q 280 -75.04 77.84 12.10
CA THR Q 280 -74.86 78.94 11.19
C THR Q 280 -75.24 80.24 11.89
N ASN Q 281 -75.17 81.34 11.13
CA ASN Q 281 -75.73 82.59 11.61
C ASN Q 281 -77.20 82.42 12.00
N ASP Q 282 -77.93 81.59 11.27
CA ASP Q 282 -79.31 81.27 11.59
C ASP Q 282 -79.52 79.76 11.53
N GLY Q 283 -79.87 79.16 12.66
CA GLY Q 283 -80.21 77.75 12.65
C GLY Q 283 -79.03 76.85 12.35
N GLN Q 284 -79.28 75.86 11.51
CA GLN Q 284 -78.32 74.79 11.23
C GLN Q 284 -77.87 74.87 9.78
N PHE Q 285 -76.66 74.36 9.53
CA PHE Q 285 -76.13 74.35 8.19
C PHE Q 285 -77.00 73.45 7.33
N LYS Q 286 -77.28 73.87 6.11
CA LYS Q 286 -78.17 73.10 5.26
C LYS Q 286 -77.30 72.18 4.42
N LEU Q 287 -77.33 70.89 4.73
CA LEU Q 287 -76.63 69.88 3.96
C LEU Q 287 -77.64 69.04 3.20
N ASN Q 288 -77.37 68.85 1.94
CA ASN Q 288 -78.17 68.02 1.06
C ASN Q 288 -77.23 66.97 0.51
N ALA Q 289 -77.73 65.77 0.30
CA ALA Q 289 -76.88 64.68 -0.14
C ALA Q 289 -77.48 64.02 -1.36
N GLN Q 290 -76.62 63.62 -2.28
CA GLN Q 290 -76.96 62.65 -3.31
C GLN Q 290 -76.04 61.45 -3.19
N PHE Q 291 -76.57 60.28 -3.47
CA PHE Q 291 -75.76 59.10 -3.65
C PHE Q 291 -76.56 58.10 -4.45
N THR Q 292 -75.88 57.11 -5.02
CA THR Q 292 -76.54 56.05 -5.73
C THR Q 292 -76.82 54.90 -4.77
N LEU Q 293 -78.01 54.35 -4.87
CA LEU Q 293 -78.40 53.21 -4.04
C LEU Q 293 -78.45 51.98 -4.95
N GLU Q 294 -77.53 51.06 -4.73
CA GLU Q 294 -77.54 49.77 -5.40
C GLU Q 294 -77.91 48.72 -4.37
N THR Q 295 -79.09 48.13 -4.52
CA THR Q 295 -79.52 47.06 -3.66
C THR Q 295 -79.48 45.74 -4.41
N GLU Q 296 -79.15 44.67 -3.69
CA GLU Q 296 -79.17 43.33 -4.25
C GLU Q 296 -79.76 42.38 -3.23
N ILE Q 297 -80.71 41.56 -3.69
CA ILE Q 297 -81.25 40.48 -2.89
C ILE Q 297 -81.10 39.20 -3.67
N GLU Q 298 -80.53 38.18 -3.05
CA GLU Q 298 -80.21 36.93 -3.72
C GLU Q 298 -81.18 35.86 -3.27
N PHE Q 299 -82.07 35.44 -4.15
CA PHE Q 299 -83.02 34.39 -3.83
C PHE Q 299 -82.50 33.02 -4.24
N GLU Q 300 -82.80 32.03 -3.42
CA GLU Q 300 -82.78 30.64 -3.82
C GLU Q 300 -84.20 30.21 -4.09
N PHE Q 301 -84.39 29.39 -5.12
CA PHE Q 301 -85.72 28.86 -5.39
C PHE Q 301 -85.60 27.39 -5.76
N ARG Q 302 -86.73 26.73 -5.77
CA ARG Q 302 -86.79 25.28 -5.88
C ARG Q 302 -88.04 24.91 -6.66
N LEU Q 303 -87.94 23.85 -7.46
CA LEU Q 303 -88.97 23.58 -8.44
C LEU Q 303 -89.89 22.45 -7.98
N TRP Q 304 -90.84 22.13 -8.85
CA TRP Q 304 -91.96 21.25 -8.56
C TRP Q 304 -91.54 19.78 -8.56
N GLU Q 305 -92.37 18.97 -7.93
CA GLU Q 305 -92.10 17.53 -7.81
C GLU Q 305 -92.10 16.87 -9.19
N GLN Q 306 -91.16 15.97 -9.40
CA GLN Q 306 -91.12 15.20 -10.63
C GLN Q 306 -92.20 14.14 -10.64
N GLY Q 307 -92.54 13.70 -11.84
CA GLY Q 307 -93.50 12.63 -11.98
C GLY Q 307 -94.90 13.13 -12.16
N VAL Q 308 -95.84 12.19 -12.10
CA VAL Q 308 -97.24 12.54 -12.19
C VAL Q 308 -97.65 13.44 -11.04
N GLN Q 309 -96.91 13.40 -9.93
CA GLN Q 309 -97.22 14.28 -8.81
C GLN Q 309 -97.14 15.74 -9.22
N GLY Q 310 -96.29 16.08 -10.17
CA GLY Q 310 -96.11 17.44 -10.63
C GLY Q 310 -96.99 17.86 -11.78
N ILE Q 311 -97.93 17.03 -12.21
CA ILE Q 311 -98.86 17.40 -13.25
C ILE Q 311 -99.85 18.42 -12.70
N ASN Q 312 -100.11 19.48 -13.47
CA ASN Q 312 -100.98 20.56 -13.00
C ASN Q 312 -102.32 20.05 -12.51
N SER Q 313 -102.96 19.18 -13.28
CA SER Q 313 -104.32 18.76 -12.95
C SER Q 313 -104.35 17.98 -11.64
N VAL Q 314 -103.40 17.08 -11.44
CA VAL Q 314 -103.39 16.23 -10.26
C VAL Q 314 -102.49 16.77 -9.15
N HIS Q 315 -101.79 17.88 -9.38
CA HIS Q 315 -100.92 18.39 -8.32
C HIS Q 315 -101.70 19.04 -7.20
N THR Q 316 -102.93 19.48 -7.46
CA THR Q 316 -103.72 20.09 -6.40
C THR Q 316 -103.93 19.12 -5.25
N ASN Q 317 -104.45 17.94 -5.55
CA ASN Q 317 -104.73 16.94 -4.53
C ASN Q 317 -103.60 15.94 -4.30
N LEU Q 318 -102.58 15.91 -5.14
CA LEU Q 318 -101.36 15.17 -4.84
C LEU Q 318 -100.24 16.03 -4.26
N ASN Q 319 -100.49 17.31 -4.03
CA ASN Q 319 -99.50 18.15 -3.37
C ASN Q 319 -99.14 17.53 -2.03
N PRO Q 320 -97.86 17.44 -1.68
CA PRO Q 320 -97.49 16.86 -0.39
C PRO Q 320 -98.03 17.67 0.76
N ALA Q 321 -98.60 16.99 1.75
CA ALA Q 321 -99.03 17.69 2.95
C ALA Q 321 -97.85 18.09 3.82
N ASN Q 322 -96.66 17.57 3.55
CA ASN Q 322 -95.47 17.96 4.30
C ASN Q 322 -94.77 19.16 3.69
N ASP Q 323 -95.35 19.79 2.66
CA ASP Q 323 -94.90 21.12 2.29
C ASP Q 323 -94.90 22.02 3.51
N SER Q 324 -95.98 21.98 4.29
CA SER Q 324 -96.08 22.80 5.49
C SER Q 324 -94.92 22.57 6.41
N LEU Q 325 -94.23 21.45 6.26
CA LEU Q 325 -93.08 21.17 7.10
C LEU Q 325 -91.90 22.05 6.71
N TRP Q 326 -91.51 22.05 5.44
CA TRP Q 326 -90.44 22.91 4.94
C TRP Q 326 -90.91 24.17 4.21
N ILE Q 327 -92.19 24.37 3.95
CA ILE Q 327 -92.59 25.61 3.23
C ILE Q 327 -93.45 26.50 4.10
N GLN Q 328 -92.97 27.71 4.39
CA GLN Q 328 -93.44 28.38 5.60
C GLN Q 328 -93.99 29.80 5.54
N SER Q 329 -94.15 30.38 4.37
CA SER Q 329 -94.63 31.78 4.19
C SER Q 329 -93.69 32.86 4.77
N TYR Q 330 -94.23 34.02 5.11
CA TYR Q 330 -93.40 35.14 5.62
C TYR Q 330 -93.73 35.47 7.06
N GLY Q 331 -92.71 35.80 7.86
CA GLY Q 331 -92.96 35.88 9.28
C GLY Q 331 -93.70 37.10 9.79
N SER Q 332 -93.16 38.28 9.52
CA SER Q 332 -93.63 39.48 10.18
C SER Q 332 -93.66 40.62 9.19
N LEU Q 333 -94.74 41.39 9.24
CA LEU Q 333 -95.02 42.41 8.26
C LEU Q 333 -94.66 43.77 8.82
N VAL Q 334 -94.18 44.66 7.94
CA VAL Q 334 -94.14 46.05 8.33
C VAL Q 334 -95.57 46.51 8.53
N SER Q 335 -95.74 47.55 9.33
CA SER Q 335 -97.07 48.01 9.68
C SER Q 335 -97.49 49.04 8.65
N ILE Q 336 -98.48 48.69 7.83
CA ILE Q 336 -98.91 49.48 6.70
C ILE Q 336 -100.38 49.78 6.87
N THR Q 337 -100.73 51.04 7.04
CA THR Q 337 -102.10 51.48 6.84
C THR Q 337 -102.14 52.26 5.54
N GLU Q 338 -103.18 52.04 4.75
CA GLU Q 338 -103.27 52.56 3.40
C GLU Q 338 -101.99 52.12 2.68
N SER Q 339 -101.31 53.01 1.97
CA SER Q 339 -100.02 52.71 1.35
C SER Q 339 -98.85 53.14 2.23
N LYS Q 340 -99.11 53.61 3.44
CA LYS Q 340 -98.14 54.37 4.20
C LYS Q 340 -97.62 53.54 5.37
N ILE Q 341 -96.29 53.56 5.56
CA ILE Q 341 -95.68 52.79 6.65
C ILE Q 341 -95.96 53.50 7.97
N ASN Q 342 -96.46 52.74 8.93
CA ASN Q 342 -96.73 53.30 10.26
C ASN Q 342 -95.46 53.42 11.08
N ASN Q 343 -94.62 52.40 11.05
CA ASN Q 343 -93.41 52.35 11.85
C ASN Q 343 -92.48 51.35 11.20
N ILE Q 344 -91.20 51.42 11.56
CA ILE Q 344 -90.24 50.42 11.15
C ILE Q 344 -89.56 49.88 12.40
N GLN Q 345 -89.53 48.56 12.52
CA GLN Q 345 -88.85 47.86 13.59
C GLN Q 345 -87.53 47.33 13.06
N PHE Q 346 -86.50 47.36 13.90
CA PHE Q 346 -85.19 46.89 13.43
C PHE Q 346 -84.74 45.59 14.09
N GLY Q 347 -84.52 45.60 15.40
CA GLY Q 347 -84.11 44.38 16.08
C GLY Q 347 -82.98 43.57 15.50
N PRO Q 348 -81.75 44.03 15.71
CA PRO Q 348 -80.50 43.45 15.25
C PRO Q 348 -80.10 42.20 16.01
N THR Q 349 -79.10 41.48 15.53
CA THR Q 349 -78.66 40.31 16.26
C THR Q 349 -77.83 41.03 17.30
N CYS Q 350 -78.35 41.13 18.51
CA CYS Q 350 -77.62 41.89 19.50
C CYS Q 350 -76.44 41.12 20.02
N PRO Q 351 -75.34 41.84 20.25
CA PRO Q 351 -74.07 41.24 20.67
C PRO Q 351 -74.09 40.69 22.07
N ARG Q 352 -75.04 41.11 22.91
CA ARG Q 352 -75.08 40.63 24.27
C ARG Q 352 -75.90 39.35 24.46
N VAL Q 353 -76.61 38.89 23.43
CA VAL Q 353 -77.12 37.53 23.44
C VAL Q 353 -75.94 36.57 23.41
N ASP Q 354 -76.08 35.45 24.11
CA ASP Q 354 -75.04 34.44 24.13
C ASP Q 354 -74.68 34.03 22.71
N ALA Q 355 -73.38 33.98 22.43
CA ALA Q 355 -72.93 33.62 21.09
C ALA Q 355 -73.42 32.25 20.66
N ARG Q 356 -73.79 31.40 21.61
CA ARG Q 356 -74.32 30.09 21.25
C ARG Q 356 -75.72 30.20 20.70
N ASN Q 357 -76.45 31.25 21.07
CA ASN Q 357 -77.76 31.50 20.48
C ASN Q 357 -77.67 32.15 19.11
N LYS Q 358 -76.63 32.92 18.84
CA LYS Q 358 -76.60 33.78 17.68
C LYS Q 358 -76.18 33.06 16.41
N GLY Q 359 -75.99 31.75 16.46
CA GLY Q 359 -75.41 31.04 15.34
C GLY Q 359 -76.28 30.90 14.12
N GLY Q 360 -75.93 29.99 13.22
CA GLY Q 360 -76.37 30.04 11.85
C GLY Q 360 -77.84 29.84 11.52
N LYS Q 361 -78.42 28.73 11.94
CA LYS Q 361 -79.70 28.29 11.40
C LYS Q 361 -80.86 29.01 12.05
N MET Q 362 -81.71 29.64 11.24
CA MET Q 362 -82.79 30.47 11.77
C MET Q 362 -84.08 29.73 12.04
N SER Q 363 -84.13 28.42 11.85
CA SER Q 363 -85.36 27.73 12.17
C SER Q 363 -85.05 26.34 12.67
N MET Q 364 -86.01 25.78 13.39
CA MET Q 364 -85.91 24.43 13.88
C MET Q 364 -87.26 23.78 13.63
N LEU Q 365 -87.25 22.47 13.50
CA LEU Q 365 -88.46 21.72 13.21
C LEU Q 365 -88.90 21.11 14.52
N PHE Q 366 -89.87 21.76 15.14
CA PHE Q 366 -90.31 21.46 16.49
C PHE Q 366 -91.81 21.28 16.60
N ASP Q 367 -92.23 20.29 17.36
CA ASP Q 367 -93.66 19.97 17.51
C ASP Q 367 -94.49 20.93 18.33
N HIS Q 368 -95.79 20.88 18.09
CA HIS Q 368 -96.72 21.70 18.84
C HIS Q 368 -97.82 20.80 19.39
N HIS Q 369 -98.14 20.97 20.66
CA HIS Q 369 -99.18 20.15 21.28
C HIS Q 369 -100.49 20.93 21.45
N GLU R 36 -55.96 54.53 -6.39
CA GLU R 36 -56.33 53.92 -5.12
C GLU R 36 -57.82 54.09 -4.89
N GLY R 37 -58.42 53.19 -4.11
CA GLY R 37 -59.85 53.25 -3.86
C GLY R 37 -60.64 52.52 -4.92
N ASP R 38 -61.95 52.60 -4.79
CA ASP R 38 -62.84 51.96 -5.74
C ASP R 38 -63.11 52.82 -6.96
N GLY R 39 -62.51 54.00 -7.04
CA GLY R 39 -62.69 54.90 -8.16
C GLY R 39 -63.54 56.10 -7.87
N SER R 40 -64.25 56.08 -6.75
CA SER R 40 -65.15 57.15 -6.36
C SER R 40 -64.51 58.50 -6.14
N ALA R 41 -63.18 58.54 -6.13
CA ALA R 41 -62.43 59.77 -5.91
C ALA R 41 -62.47 60.70 -7.10
N PRO R 42 -62.11 61.96 -6.90
CA PRO R 42 -62.15 62.86 -8.05
C PRO R 42 -61.24 62.48 -9.21
N GLY R 43 -60.04 61.95 -9.00
CA GLY R 43 -59.17 61.62 -10.12
C GLY R 43 -58.81 60.15 -10.29
N GLY R 44 -58.39 59.75 -11.48
CA GLY R 44 -58.05 58.36 -11.73
C GLY R 44 -59.08 57.57 -12.50
N SER R 45 -59.41 56.38 -12.03
CA SER R 45 -60.39 55.51 -12.69
C SER R 45 -61.84 55.84 -12.35
N VAL R 46 -62.76 55.52 -13.25
CA VAL R 46 -64.19 55.78 -13.13
C VAL R 46 -64.89 54.77 -12.26
N TRP R 47 -65.65 55.25 -11.28
CA TRP R 47 -66.41 54.35 -10.45
C TRP R 47 -67.51 53.91 -11.37
N GLN R 48 -67.72 52.61 -11.50
CA GLN R 48 -68.77 52.14 -12.39
C GLN R 48 -69.66 51.14 -11.68
N THR R 49 -70.91 51.11 -12.11
CA THR R 49 -71.96 50.34 -11.47
C THR R 49 -71.80 48.86 -11.73
N THR R 50 -72.48 48.06 -10.91
CA THR R 50 -72.39 46.61 -10.99
C THR R 50 -72.93 46.08 -12.31
N ASP R 51 -72.46 44.89 -12.67
CA ASP R 51 -72.78 44.27 -13.94
C ASP R 51 -74.15 43.61 -13.89
N TYR R 52 -75.03 43.98 -14.81
CA TYR R 52 -76.32 43.33 -14.93
C TYR R 52 -76.35 42.16 -15.90
N ILE R 53 -75.28 41.91 -16.66
CA ILE R 53 -75.30 40.80 -17.59
C ILE R 53 -75.20 39.48 -16.86
N ALA R 54 -74.27 39.37 -15.91
CA ALA R 54 -73.90 38.08 -15.35
C ALA R 54 -75.12 37.29 -14.88
N LEU R 55 -76.09 37.96 -14.27
CA LEU R 55 -77.29 37.26 -13.81
C LEU R 55 -78.30 37.02 -14.91
N SER R 56 -78.25 37.78 -16.00
CA SER R 56 -79.17 37.49 -17.09
C SER R 56 -78.69 36.34 -17.96
N MET R 57 -77.40 36.04 -17.94
CA MET R 57 -76.86 34.95 -18.74
C MET R 57 -76.82 33.62 -18.02
N VAL R 58 -77.07 33.58 -16.72
CA VAL R 58 -76.94 32.32 -16.00
C VAL R 58 -78.02 31.36 -16.50
N VAL R 59 -77.59 30.16 -16.88
CA VAL R 59 -78.47 29.15 -17.43
C VAL R 59 -78.84 28.18 -16.32
N TYR R 60 -80.13 28.06 -16.05
CA TYR R 60 -80.63 27.13 -15.07
C TYR R 60 -81.19 25.92 -15.80
N ARG R 61 -81.05 24.76 -15.19
CA ARG R 61 -81.25 23.50 -15.89
C ARG R 61 -82.19 22.63 -15.09
N THR R 62 -83.34 22.29 -15.67
CA THR R 62 -84.31 21.44 -15.01
C THR R 62 -84.70 20.26 -15.88
N ALA R 63 -85.66 19.46 -15.45
CA ALA R 63 -86.11 18.33 -16.24
C ALA R 63 -87.53 17.99 -15.85
N ILE R 64 -88.21 17.24 -16.72
CA ILE R 64 -89.54 16.71 -16.46
C ILE R 64 -89.50 15.22 -16.71
N LYS R 65 -89.73 14.44 -15.66
CA LYS R 65 -89.71 12.99 -15.73
C LYS R 65 -91.10 12.46 -15.46
N LEU R 66 -91.54 11.51 -16.27
CA LEU R 66 -92.88 10.95 -16.17
C LEU R 66 -92.83 9.46 -16.45
N ARG R 67 -93.60 8.69 -15.70
CA ARG R 67 -93.73 7.26 -15.93
C ARG R 67 -95.13 6.90 -16.37
N ASN R 68 -95.22 5.81 -17.10
CA ASN R 68 -96.45 5.38 -17.73
C ASN R 68 -96.36 3.88 -17.89
N PHE R 69 -97.52 3.23 -17.94
CA PHE R 69 -97.61 1.83 -18.34
C PHE R 69 -98.24 1.78 -19.71
N VAL R 70 -97.61 1.06 -20.63
CA VAL R 70 -98.08 0.93 -21.99
C VAL R 70 -98.60 -0.47 -22.20
N ASN R 71 -99.79 -0.59 -22.75
CA ASN R 71 -100.40 -1.86 -23.11
C ASN R 71 -100.66 -1.86 -24.60
N ILE R 72 -99.97 -2.72 -25.33
CA ILE R 72 -100.11 -2.82 -26.77
C ILE R 72 -100.82 -4.12 -27.07
N ARG R 73 -102.04 -4.03 -27.58
CA ARG R 73 -102.85 -5.21 -27.84
C ARG R 73 -103.35 -5.21 -29.27
N GLY R 74 -103.60 -6.42 -29.79
CA GLY R 74 -104.21 -6.56 -31.09
C GLY R 74 -103.43 -5.95 -32.23
N LEU R 75 -102.11 -6.03 -32.16
CA LEU R 75 -101.24 -5.42 -33.16
C LEU R 75 -100.76 -6.53 -34.09
N THR R 76 -101.23 -6.51 -35.33
CA THR R 76 -100.84 -7.54 -36.28
C THR R 76 -99.44 -7.25 -36.81
N PRO R 77 -98.78 -8.24 -37.42
CA PRO R 77 -97.39 -8.03 -37.84
C PRO R 77 -97.20 -6.97 -38.90
N THR R 78 -98.24 -6.65 -39.68
CA THR R 78 -98.11 -5.58 -40.67
C THR R 78 -98.17 -4.22 -40.01
N GLU R 79 -99.13 -4.02 -39.12
CA GLU R 79 -99.29 -2.76 -38.41
C GLU R 79 -98.24 -2.62 -37.32
N MET R 80 -98.01 -1.38 -36.91
CA MET R 80 -96.84 -1.02 -36.13
C MET R 80 -97.16 0.17 -35.24
N ILE R 81 -96.62 0.17 -34.03
CA ILE R 81 -96.81 1.28 -33.09
C ILE R 81 -95.80 2.37 -33.37
N VAL R 82 -96.27 3.58 -33.53
CA VAL R 82 -95.43 4.74 -33.77
C VAL R 82 -95.12 5.37 -32.42
N ILE R 83 -93.84 5.49 -32.09
CA ILE R 83 -93.47 6.10 -30.82
C ILE R 83 -93.49 7.60 -31.06
N PRO R 84 -94.40 8.35 -30.52
CA PRO R 84 -94.41 9.80 -30.75
C PRO R 84 -93.32 10.49 -29.96
N TRP R 85 -92.09 10.02 -30.13
CA TRP R 85 -91.03 10.41 -29.23
C TRP R 85 -90.32 11.67 -29.72
N ASN R 86 -90.62 12.11 -30.92
CA ASN R 86 -90.07 13.34 -31.46
C ASN R 86 -90.99 14.53 -31.31
N VAL R 87 -92.15 14.37 -30.70
CA VAL R 87 -93.05 15.48 -30.43
C VAL R 87 -92.81 15.96 -29.01
N MET R 88 -92.75 17.28 -28.84
CA MET R 88 -92.40 17.85 -27.56
C MET R 88 -93.42 17.50 -26.49
N ARG R 89 -94.69 17.46 -26.86
CA ARG R 89 -95.77 17.20 -25.92
C ARG R 89 -95.70 15.81 -25.31
N PHE R 90 -94.95 14.90 -25.92
CA PHE R 90 -94.84 13.55 -25.41
C PHE R 90 -94.16 13.53 -24.05
N TYR R 91 -93.08 14.30 -23.90
CA TYR R 91 -92.27 14.23 -22.69
C TYR R 91 -92.82 15.06 -21.54
N CYS R 92 -93.24 16.29 -21.83
CA CYS R 92 -93.60 17.26 -20.79
C CYS R 92 -95.09 17.36 -20.54
N GLU R 93 -95.92 16.64 -21.26
CA GLU R 93 -97.34 16.58 -20.98
C GLU R 93 -97.76 15.12 -20.89
N TYR R 94 -98.58 14.80 -19.90
CA TYR R 94 -98.82 13.42 -19.55
C TYR R 94 -100.17 13.04 -20.13
N ASN R 95 -100.16 12.28 -21.22
CA ASN R 95 -101.41 11.91 -21.85
C ASN R 95 -101.55 10.41 -21.66
N THR R 96 -102.40 10.03 -20.72
CA THR R 96 -102.70 8.63 -20.47
C THR R 96 -104.15 8.54 -20.05
N GLY R 97 -104.90 7.63 -20.65
CA GLY R 97 -106.23 7.34 -20.15
C GLY R 97 -107.09 8.58 -20.01
N THR R 98 -107.60 8.81 -18.80
CA THR R 98 -108.48 9.92 -18.52
C THR R 98 -107.74 11.25 -18.39
N TYR R 99 -106.44 11.23 -18.10
CA TYR R 99 -105.69 12.47 -17.90
C TYR R 99 -105.83 13.40 -19.09
N GLY R 100 -105.48 12.92 -20.28
CA GLY R 100 -105.55 13.74 -21.47
C GLY R 100 -106.91 14.36 -21.72
N LEU R 101 -107.97 13.74 -21.21
CA LEU R 101 -109.29 14.33 -21.33
C LEU R 101 -109.47 15.50 -20.37
N SER R 102 -108.89 15.40 -19.18
CA SER R 102 -108.91 16.49 -18.22
C SER R 102 -107.97 17.61 -18.68
N GLY R 103 -108.20 18.80 -18.14
CA GLY R 103 -107.50 19.98 -18.61
C GLY R 103 -106.17 20.21 -17.95
N ASN R 104 -105.27 20.85 -18.70
CA ASN R 104 -103.97 21.31 -18.23
C ASN R 104 -103.21 20.19 -17.53
N VAL R 105 -102.78 19.22 -18.34
CA VAL R 105 -102.04 18.08 -17.83
C VAL R 105 -100.54 18.30 -17.96
N HIS R 106 -100.11 19.47 -18.40
CA HIS R 106 -98.69 19.79 -18.42
C HIS R 106 -98.08 19.67 -17.03
N HIS R 107 -96.83 19.25 -16.99
CA HIS R 107 -96.10 19.20 -15.74
C HIS R 107 -95.83 20.61 -15.25
N LYS R 108 -95.82 20.79 -13.92
CA LYS R 108 -95.75 22.13 -13.39
C LYS R 108 -94.38 22.76 -13.55
N ASN R 109 -93.32 21.97 -13.73
CA ASN R 109 -92.05 22.57 -14.11
C ASN R 109 -92.14 23.23 -15.46
N TYR R 110 -92.99 22.72 -16.34
CA TYR R 110 -93.10 23.36 -17.64
C TYR R 110 -93.94 24.62 -17.58
N SER R 111 -94.96 24.64 -16.73
CA SER R 111 -95.81 25.81 -16.62
C SER R 111 -94.99 27.02 -16.19
N MET R 112 -93.97 26.83 -15.36
CA MET R 112 -93.12 27.95 -14.98
C MET R 112 -92.03 28.25 -15.99
N LEU R 113 -91.67 27.30 -16.85
CA LEU R 113 -90.75 27.64 -17.93
C LEU R 113 -91.31 28.75 -18.80
N LEU R 114 -92.62 28.96 -18.76
CA LEU R 114 -93.24 30.09 -19.39
C LEU R 114 -93.19 31.33 -18.52
N ALA R 115 -92.85 31.19 -17.24
CA ALA R 115 -92.66 32.35 -16.38
C ALA R 115 -91.28 32.97 -16.59
N CYS R 116 -90.24 32.16 -16.74
CA CYS R 116 -88.93 32.68 -17.09
C CYS R 116 -88.93 33.10 -18.56
N LYS R 117 -87.98 33.96 -18.93
CA LYS R 117 -88.10 34.58 -20.24
C LYS R 117 -87.66 33.66 -21.36
N ALA R 118 -86.80 32.69 -21.10
CA ALA R 118 -86.29 31.81 -22.12
C ALA R 118 -86.17 30.41 -21.57
N HIS R 119 -86.52 29.43 -22.37
CA HIS R 119 -86.27 28.04 -22.03
C HIS R 119 -85.84 27.31 -23.29
N ARG R 120 -85.05 26.26 -23.10
CA ARG R 120 -84.60 25.48 -24.22
C ARG R 120 -84.64 24.00 -23.87
N PRO R 121 -85.09 23.16 -24.80
CA PRO R 121 -85.38 21.76 -24.46
C PRO R 121 -84.16 20.86 -24.25
N THR R 122 -83.00 21.16 -24.82
CA THR R 122 -81.80 20.33 -24.69
C THR R 122 -82.09 18.84 -24.86
N LYS R 123 -81.57 18.01 -23.96
CA LYS R 123 -81.68 16.57 -24.14
C LYS R 123 -83.11 16.09 -23.93
N VAL R 124 -83.45 15.00 -24.62
CA VAL R 124 -84.76 14.39 -24.50
C VAL R 124 -84.59 12.88 -24.70
N GLY R 125 -85.38 12.09 -23.99
CA GLY R 125 -85.22 10.66 -24.08
C GLY R 125 -86.32 9.91 -23.38
N TYR R 126 -86.30 8.59 -23.52
CA TYR R 126 -87.31 7.75 -22.88
C TYR R 126 -86.76 6.35 -22.68
N THR R 127 -87.44 5.59 -21.83
CA THR R 127 -87.02 4.25 -21.48
C THR R 127 -88.21 3.30 -21.54
N LEU R 128 -88.01 2.16 -22.20
CA LEU R 128 -88.93 1.03 -22.16
C LEU R 128 -88.38 -0.02 -21.22
N SER R 129 -89.21 -0.51 -20.32
CA SER R 129 -88.69 -1.36 -19.26
C SER R 129 -89.71 -2.43 -18.87
N ASN R 130 -89.20 -3.55 -18.38
CA ASN R 130 -89.99 -4.63 -17.80
C ASN R 130 -91.14 -5.04 -18.71
N LEU R 131 -90.75 -5.65 -19.81
CA LEU R 131 -91.70 -6.08 -20.81
C LEU R 131 -92.47 -7.30 -20.31
N ILE R 132 -93.78 -7.28 -20.54
CA ILE R 132 -94.64 -8.42 -20.25
C ILE R 132 -95.42 -8.71 -21.52
N LEU R 133 -95.20 -9.89 -22.09
CA LEU R 133 -95.97 -10.38 -23.21
C LEU R 133 -97.08 -11.29 -22.72
N THR R 134 -98.26 -11.13 -23.30
CA THR R 134 -99.39 -11.98 -23.03
C THR R 134 -99.95 -12.47 -24.35
N SER R 135 -100.80 -13.49 -24.30
CA SER R 135 -101.32 -14.12 -25.49
C SER R 135 -102.83 -14.25 -25.39
N ASP R 136 -103.52 -13.86 -26.46
CA ASP R 136 -104.95 -14.10 -26.60
C ASP R 136 -105.25 -15.44 -27.23
N GLU R 137 -104.22 -16.26 -27.47
CA GLU R 137 -104.41 -17.52 -28.18
C GLU R 137 -105.44 -18.40 -27.51
N LEU R 138 -105.44 -18.45 -26.18
CA LEU R 138 -106.45 -19.23 -25.47
C LEU R 138 -107.81 -18.56 -25.47
N VAL R 139 -107.87 -17.29 -25.81
CA VAL R 139 -109.12 -16.55 -25.83
C VAL R 139 -109.92 -16.91 -27.07
N SER R 140 -111.23 -17.07 -26.89
CA SER R 140 -112.15 -17.32 -27.98
C SER R 140 -113.45 -16.59 -27.68
N THR R 141 -114.28 -16.44 -28.71
CA THR R 141 -115.54 -15.74 -28.53
C THR R 141 -116.44 -16.44 -27.50
N GLY R 142 -116.27 -17.75 -27.33
CA GLY R 142 -116.98 -18.44 -26.28
C GLY R 142 -116.51 -18.04 -24.90
N GLY R 143 -115.26 -17.60 -24.78
CA GLY R 143 -114.77 -17.09 -23.52
C GLY R 143 -114.28 -18.18 -22.59
N THR R 144 -114.46 -17.93 -21.30
CA THR R 144 -114.11 -18.82 -20.18
C THR R 144 -112.60 -18.96 -20.01
N LEU R 145 -111.83 -18.49 -20.98
CA LEU R 145 -110.37 -18.42 -20.86
C LEU R 145 -109.91 -17.06 -21.34
N GLY R 146 -109.16 -16.36 -20.49
CA GLY R 146 -108.65 -15.05 -20.81
C GLY R 146 -107.20 -15.11 -21.25
N THR R 147 -106.68 -13.93 -21.58
CA THR R 147 -105.29 -13.86 -21.99
C THR R 147 -104.38 -14.17 -20.82
N THR R 148 -103.18 -14.64 -21.13
CA THR R 148 -102.21 -14.91 -20.08
C THR R 148 -100.83 -14.79 -20.70
N THR R 149 -99.84 -14.60 -19.83
CA THR R 149 -98.46 -14.45 -20.28
C THR R 149 -98.04 -15.65 -21.11
N THR R 150 -97.15 -15.39 -22.08
CA THR R 150 -96.71 -16.43 -22.99
C THR R 150 -96.13 -17.61 -22.22
N PHE R 151 -96.37 -18.81 -22.76
CA PHE R 151 -95.95 -20.03 -22.08
C PHE R 151 -94.44 -20.06 -21.85
N ASN R 152 -93.67 -19.54 -22.80
CA ASN R 152 -92.24 -19.39 -22.63
C ASN R 152 -91.84 -17.99 -23.06
N THR R 153 -90.61 -17.62 -22.74
CA THR R 153 -90.12 -16.27 -22.94
C THR R 153 -89.51 -16.05 -24.32
N SER R 154 -89.58 -17.05 -25.20
CA SER R 154 -89.06 -16.89 -26.56
C SER R 154 -89.71 -15.74 -27.35
N PRO R 155 -91.00 -15.44 -27.23
CA PRO R 155 -91.55 -14.33 -28.01
C PRO R 155 -90.93 -13.01 -27.60
N TYR R 156 -91.07 -12.02 -28.49
CA TYR R 156 -90.43 -10.74 -28.30
C TYR R 156 -91.23 -9.65 -28.98
N MET R 157 -90.99 -8.42 -28.56
CA MET R 157 -91.53 -7.24 -29.22
C MET R 157 -90.38 -6.50 -29.89
N ILE R 158 -90.58 -6.12 -31.13
CA ILE R 158 -89.50 -5.55 -31.94
C ILE R 158 -89.53 -4.04 -31.76
N HIS R 159 -88.43 -3.48 -31.30
CA HIS R 159 -88.28 -2.03 -31.25
C HIS R 159 -87.45 -1.61 -32.45
N SER R 160 -88.06 -0.86 -33.36
CA SER R 160 -87.42 -0.49 -34.61
C SER R 160 -87.08 0.99 -34.60
N ILE R 161 -85.86 1.31 -34.99
CA ILE R 161 -85.42 2.68 -35.19
C ILE R 161 -85.14 2.84 -36.67
N ASP R 162 -85.84 3.75 -37.34
CA ASP R 162 -85.65 3.87 -38.77
C ASP R 162 -84.59 4.94 -38.99
N ASP R 163 -83.38 4.49 -39.33
CA ASP R 163 -82.26 5.39 -39.58
C ASP R 163 -82.28 5.92 -41.01
N GLN R 164 -82.60 5.05 -41.95
CA GLN R 164 -82.57 5.39 -43.36
C GLN R 164 -83.84 6.10 -43.79
N GLN R 165 -84.78 6.29 -42.86
CA GLN R 165 -86.05 6.95 -43.13
C GLN R 165 -86.81 6.23 -44.23
N CYS R 166 -87.01 4.93 -44.04
CA CYS R 166 -87.94 4.19 -44.89
C CYS R 166 -89.30 4.88 -44.88
N LEU R 167 -89.74 5.32 -43.71
CA LEU R 167 -91.00 6.03 -43.55
C LEU R 167 -90.68 7.47 -43.22
N SER R 168 -90.95 8.37 -44.15
CA SER R 168 -90.76 9.80 -43.92
C SER R 168 -91.89 10.37 -43.09
N LYS R 169 -93.12 10.01 -43.45
CA LYS R 169 -94.33 10.56 -42.85
C LYS R 169 -95.28 9.40 -42.61
N VAL R 170 -95.82 9.34 -41.40
CA VAL R 170 -96.56 8.18 -40.94
C VAL R 170 -98.00 8.59 -40.64
N TYR R 171 -98.94 7.81 -41.13
CA TYR R 171 -100.35 8.08 -40.98
C TYR R 171 -101.02 7.00 -40.14
N PRO R 172 -102.12 7.32 -39.46
CA PRO R 172 -102.87 6.28 -38.75
C PRO R 172 -103.52 5.31 -39.73
N LYS R 173 -103.92 4.16 -39.21
CA LYS R 173 -104.63 3.19 -40.02
C LYS R 173 -105.96 3.75 -40.47
N THR R 174 -106.48 3.17 -41.55
CA THR R 174 -107.68 3.69 -42.19
C THR R 174 -108.82 3.89 -41.19
N ASP R 175 -109.09 2.89 -40.36
CA ASP R 175 -110.21 3.00 -39.44
C ASP R 175 -109.86 3.83 -38.21
N THR R 176 -108.65 3.69 -37.70
CA THR R 176 -108.31 4.30 -36.43
C THR R 176 -107.94 5.77 -36.61
N VAL R 177 -107.63 6.42 -35.49
CA VAL R 177 -107.18 7.80 -35.48
C VAL R 177 -106.29 7.97 -34.26
N TRP R 178 -105.44 8.98 -34.29
CA TRP R 178 -104.47 9.20 -33.24
C TRP R 178 -104.90 10.37 -32.36
N PRO R 179 -105.41 10.14 -31.16
CA PRO R 179 -105.69 11.26 -30.27
C PRO R 179 -104.41 11.79 -29.66
N VAL R 180 -104.38 13.09 -29.42
CA VAL R 180 -103.22 13.60 -28.71
C VAL R 180 -103.36 13.32 -27.22
N SER R 181 -104.60 13.22 -26.74
CA SER R 181 -104.84 12.89 -25.33
C SER R 181 -104.38 11.48 -25.00
N SER R 182 -104.20 10.64 -26.01
CA SER R 182 -103.77 9.27 -25.83
C SER R 182 -102.28 9.09 -26.01
N MET R 183 -101.52 10.17 -26.17
CA MET R 183 -100.17 10.11 -26.73
C MET R 183 -99.26 9.17 -25.97
N ARG R 184 -99.20 9.29 -24.63
CA ARG R 184 -98.15 8.60 -23.92
C ARG R 184 -98.40 7.11 -23.72
N GLU R 185 -99.64 6.65 -23.68
CA GLU R 185 -99.84 5.21 -23.80
C GLU R 185 -99.87 4.93 -25.28
N LEU R 186 -99.09 3.98 -25.75
CA LEU R 186 -98.75 3.99 -27.15
C LEU R 186 -99.82 3.16 -27.84
N ASP R 187 -100.82 3.85 -28.39
CA ASP R 187 -101.84 3.27 -29.23
C ASP R 187 -101.68 3.58 -30.69
N TYR R 188 -100.69 4.37 -31.09
CA TYR R 188 -100.71 4.87 -32.46
C TYR R 188 -100.26 3.76 -33.38
N VAL R 189 -101.13 3.33 -34.26
CA VAL R 189 -100.90 2.18 -35.12
C VAL R 189 -100.83 2.67 -36.55
N ALA R 190 -99.69 2.44 -37.17
CA ALA R 190 -99.51 2.67 -38.59
C ALA R 190 -99.49 1.33 -39.30
N SER R 191 -100.01 1.31 -40.51
CA SER R 191 -99.91 0.14 -41.35
C SER R 191 -99.00 0.51 -42.51
N THR R 192 -97.80 -0.05 -42.53
CA THR R 192 -96.84 0.24 -43.58
C THR R 192 -97.11 -0.70 -44.74
N VAL R 193 -97.44 -0.14 -45.90
CA VAL R 193 -97.91 -0.91 -47.03
C VAL R 193 -97.29 -0.35 -48.30
N SER R 194 -96.76 -1.23 -49.14
CA SER R 194 -96.31 -0.86 -50.48
C SER R 194 -97.55 -0.84 -51.38
N GLY R 195 -97.36 -0.78 -52.69
CA GLY R 195 -98.55 -0.67 -53.50
C GLY R 195 -99.50 -1.84 -53.35
N ASP R 196 -99.06 -3.05 -53.67
CA ASP R 196 -99.80 -4.26 -53.34
C ASP R 196 -99.27 -4.98 -52.11
N ASN R 197 -98.18 -4.50 -51.52
CA ASN R 197 -97.40 -5.29 -50.57
C ASN R 197 -97.57 -4.73 -49.16
N ALA R 198 -97.92 -5.61 -48.23
CA ALA R 198 -97.90 -5.25 -46.82
C ALA R 198 -96.48 -5.39 -46.29
N ILE R 199 -95.93 -4.29 -45.79
CA ILE R 199 -94.55 -4.28 -45.30
C ILE R 199 -94.54 -4.80 -43.87
N ILE R 200 -93.68 -5.78 -43.60
CA ILE R 200 -93.36 -6.15 -42.23
C ILE R 200 -92.37 -5.10 -41.72
N PRO R 201 -92.72 -4.32 -40.70
CA PRO R 201 -91.90 -3.16 -40.35
C PRO R 201 -90.47 -3.51 -39.99
N SER R 202 -90.25 -4.61 -39.27
CA SER R 202 -88.90 -4.97 -38.86
C SER R 202 -87.97 -5.22 -40.03
N THR R 203 -88.51 -5.53 -41.21
CA THR R 203 -87.66 -5.90 -42.32
C THR R 203 -87.03 -4.70 -43.01
N ILE R 204 -87.78 -3.59 -43.10
CA ILE R 204 -87.24 -2.40 -43.77
C ILE R 204 -86.35 -1.59 -42.85
N PHE R 205 -86.69 -1.50 -41.57
CA PHE R 205 -86.02 -0.58 -40.67
C PHE R 205 -84.61 -1.04 -40.36
N ASN R 206 -83.79 -0.09 -39.94
CA ASN R 206 -82.36 -0.34 -39.81
C ASN R 206 -82.04 -1.04 -38.49
N LYS R 207 -82.13 -0.32 -37.39
CA LYS R 207 -81.92 -0.93 -36.07
C LYS R 207 -83.24 -1.52 -35.62
N ASN R 208 -83.24 -2.84 -35.41
CA ASN R 208 -84.39 -3.56 -34.90
C ASN R 208 -83.92 -4.36 -33.70
N ARG R 209 -84.41 -4.02 -32.52
CA ARG R 209 -84.09 -4.71 -31.30
C ARG R 209 -85.21 -5.69 -30.99
N TYR R 210 -84.87 -6.97 -30.85
CA TYR R 210 -85.87 -7.94 -30.46
C TYR R 210 -85.79 -8.06 -28.94
N TRP R 211 -86.80 -7.55 -28.27
CA TRP R 211 -86.73 -7.31 -26.83
C TRP R 211 -87.71 -8.25 -26.16
N LYS R 212 -87.18 -9.12 -25.32
CA LYS R 212 -87.91 -10.22 -24.73
C LYS R 212 -88.25 -9.91 -23.29
N GLN R 213 -88.92 -10.87 -22.66
CA GLN R 213 -89.24 -10.78 -21.25
C GLN R 213 -87.99 -11.08 -20.44
N GLY R 214 -87.60 -10.15 -19.59
CA GLY R 214 -86.40 -10.27 -18.80
C GLY R 214 -85.22 -9.49 -19.33
N ASP R 215 -85.28 -9.02 -20.58
CA ASP R 215 -84.20 -8.20 -21.11
C ASP R 215 -84.11 -6.89 -20.36
N ASP R 216 -82.94 -6.28 -20.42
CA ASP R 216 -82.72 -5.02 -19.77
C ASP R 216 -83.56 -3.93 -20.43
N ALA R 217 -83.79 -2.86 -19.70
CA ALA R 217 -84.59 -1.76 -20.21
C ALA R 217 -83.93 -1.16 -21.46
N LEU R 218 -84.77 -0.64 -22.34
CA LEU R 218 -84.31 -0.02 -23.57
C LEU R 218 -84.29 1.48 -23.39
N HIS R 219 -83.11 2.08 -23.46
CA HIS R 219 -82.93 3.50 -23.19
C HIS R 219 -82.66 4.22 -24.51
N PHE R 220 -83.42 5.27 -24.77
CA PHE R 220 -83.25 6.04 -25.99
C PHE R 220 -83.19 7.51 -25.63
N SER R 221 -82.24 8.22 -26.23
CA SER R 221 -81.98 9.60 -25.87
C SER R 221 -81.68 10.38 -27.13
N HIS R 222 -81.93 11.69 -27.06
CA HIS R 222 -81.56 12.60 -28.13
C HIS R 222 -81.04 13.88 -27.50
N ASP R 223 -79.84 14.30 -27.90
CA ASP R 223 -79.27 15.53 -27.41
C ASP R 223 -79.57 16.65 -28.38
N LEU R 224 -80.06 17.77 -27.87
CA LEU R 224 -80.28 18.97 -28.65
C LEU R 224 -79.22 19.99 -28.31
N ASP R 225 -78.50 20.48 -29.30
CA ASP R 225 -77.65 21.65 -29.14
C ASP R 225 -78.25 22.75 -30.01
N LEU R 226 -78.86 23.73 -29.37
CA LEU R 226 -79.47 24.85 -30.05
C LEU R 226 -78.63 26.08 -29.78
N GLY R 227 -78.52 26.94 -30.78
CA GLY R 227 -77.86 28.19 -30.50
C GLY R 227 -78.77 29.25 -29.95
N PHE R 228 -80.04 28.93 -29.73
CA PHE R 228 -81.02 29.92 -29.39
C PHE R 228 -81.95 29.34 -28.33
N TRP R 229 -82.97 30.10 -27.99
CA TRP R 229 -83.85 29.82 -26.88
C TRP R 229 -85.28 30.01 -27.36
N PHE R 230 -86.23 29.54 -26.56
CA PHE R 230 -87.64 29.68 -26.89
C PHE R 230 -88.34 30.52 -25.84
N GLY R 231 -89.20 31.43 -26.28
CA GLY R 231 -89.93 32.26 -25.36
C GLY R 231 -91.37 31.91 -25.17
N SER R 232 -91.90 30.99 -25.99
CA SER R 232 -93.30 30.63 -25.96
C SER R 232 -93.45 29.16 -25.63
N ASP R 233 -94.69 28.70 -25.54
CA ASP R 233 -94.92 27.29 -25.31
C ASP R 233 -94.72 26.50 -26.60
N TYR R 234 -94.38 25.22 -26.45
CA TYR R 234 -94.20 24.39 -27.63
C TYR R 234 -95.50 24.22 -28.39
N GLY R 235 -96.59 23.92 -27.69
CA GLY R 235 -97.88 23.93 -28.36
C GLY R 235 -98.00 22.91 -29.47
N ASN R 236 -97.81 21.64 -29.14
CA ASN R 236 -97.78 20.51 -30.08
C ASN R 236 -96.83 20.76 -31.24
N ALA R 237 -95.61 21.13 -30.89
CA ALA R 237 -94.50 21.21 -31.82
C ALA R 237 -93.60 20.00 -31.66
N TYR R 238 -93.02 19.54 -32.76
CA TYR R 238 -91.94 18.57 -32.64
C TYR R 238 -90.81 19.17 -31.83
N VAL R 239 -90.23 18.37 -30.97
CA VAL R 239 -89.00 18.84 -30.29
C VAL R 239 -87.96 19.18 -31.35
N PRO R 240 -87.28 20.33 -31.23
CA PRO R 240 -86.64 20.94 -32.40
C PRO R 240 -85.71 20.02 -33.16
N GLN R 241 -85.86 20.04 -34.48
CA GLN R 241 -85.12 19.20 -35.38
C GLN R 241 -84.85 19.98 -36.65
N ASN R 242 -83.74 19.68 -37.30
CA ASN R 242 -83.42 20.25 -38.61
C ASN R 242 -83.45 19.10 -39.60
N ASN R 243 -84.43 19.11 -40.51
CA ASN R 243 -84.59 17.97 -41.39
C ASN R 243 -85.17 18.39 -42.72
N ASP R 244 -85.33 17.40 -43.59
CA ASP R 244 -86.11 17.57 -44.80
C ASP R 244 -87.56 17.90 -44.47
N SER R 245 -88.08 17.34 -43.39
CA SER R 245 -89.46 17.59 -43.01
C SER R 245 -89.63 18.87 -42.20
N MET R 246 -88.64 19.26 -41.40
CA MET R 246 -88.90 20.32 -40.44
C MET R 246 -87.61 21.02 -40.04
N ASN R 247 -87.78 22.22 -39.51
CA ASN R 247 -86.67 23.02 -39.00
C ASN R 247 -86.94 23.45 -37.56
N ALA R 248 -85.85 23.74 -36.85
CA ALA R 248 -85.92 23.90 -35.40
C ALA R 248 -86.47 25.25 -34.99
N VAL R 249 -86.26 26.28 -35.79
CA VAL R 249 -86.63 27.65 -35.45
C VAL R 249 -87.91 28.00 -36.18
N GLY R 250 -88.85 28.62 -35.46
CA GLY R 250 -90.20 28.77 -35.97
C GLY R 250 -90.62 30.11 -36.52
N THR R 251 -89.84 31.15 -36.26
CA THR R 251 -90.22 32.48 -36.70
C THR R 251 -89.74 32.72 -38.12
N ILE R 252 -90.60 33.31 -38.94
CA ILE R 252 -90.19 33.74 -40.28
C ILE R 252 -89.22 34.90 -40.11
N PRO R 253 -88.00 34.78 -40.58
CA PRO R 253 -87.07 35.91 -40.52
C PRO R 253 -87.54 37.05 -41.41
N THR R 254 -87.19 38.27 -41.00
CA THR R 254 -87.73 39.48 -41.60
C THR R 254 -86.59 40.39 -42.04
N SER R 255 -86.95 41.38 -42.85
CA SER R 255 -86.00 42.03 -43.76
C SER R 255 -84.99 42.92 -43.04
N LYS R 256 -83.82 43.04 -43.68
CA LYS R 256 -82.84 44.09 -43.38
C LYS R 256 -82.27 43.97 -41.97
N HIS R 257 -82.05 42.75 -41.52
CA HIS R 257 -81.31 42.50 -40.28
C HIS R 257 -81.01 41.01 -40.20
N ILE R 258 -80.38 40.63 -39.10
CA ILE R 258 -79.86 39.29 -38.92
C ILE R 258 -80.86 38.49 -38.09
N ASN R 259 -81.03 37.21 -38.43
CA ASN R 259 -82.02 36.36 -37.81
C ASN R 259 -81.39 35.00 -37.55
N VAL R 260 -81.83 34.36 -36.47
CA VAL R 260 -81.33 33.03 -36.18
C VAL R 260 -81.99 32.03 -37.12
N ARG R 261 -81.16 31.21 -37.76
CA ARG R 261 -81.58 30.33 -38.83
C ARG R 261 -81.12 28.91 -38.49
N GLY R 262 -81.99 27.94 -38.71
CA GLY R 262 -81.61 26.57 -38.50
C GLY R 262 -80.54 26.13 -39.47
N VAL R 263 -79.70 25.19 -39.02
CA VAL R 263 -78.60 24.70 -39.83
C VAL R 263 -78.24 23.31 -39.35
N ASN R 264 -77.62 22.52 -40.21
CA ASN R 264 -76.85 21.30 -39.90
C ASN R 264 -77.55 19.95 -39.77
N ASN R 265 -78.87 19.84 -39.87
CA ASN R 265 -79.49 18.51 -39.86
C ASN R 265 -79.19 17.74 -38.58
N ARG R 266 -79.83 18.15 -37.50
CA ARG R 266 -80.00 17.30 -36.34
C ARG R 266 -81.46 16.87 -36.32
N GLY R 267 -81.69 15.56 -36.22
CA GLY R 267 -83.05 15.06 -36.24
C GLY R 267 -83.15 13.77 -35.46
N MET R 268 -84.37 13.28 -35.29
CA MET R 268 -84.60 12.05 -34.54
C MET R 268 -85.11 10.91 -35.44
N ALA R 269 -84.63 9.71 -35.17
CA ALA R 269 -85.04 8.53 -35.93
C ALA R 269 -86.44 8.10 -35.53
N GLY R 270 -87.24 7.70 -36.51
CA GLY R 270 -88.60 7.26 -36.25
C GLY R 270 -88.68 5.93 -35.53
N HIS R 271 -88.77 5.99 -34.20
CA HIS R 271 -88.87 4.79 -33.39
C HIS R 271 -90.22 4.12 -33.62
N TYR R 272 -90.26 2.80 -33.51
CA TYR R 272 -91.51 2.08 -33.74
C TYR R 272 -91.50 0.79 -32.93
N LEU R 273 -92.70 0.25 -32.71
CA LEU R 273 -92.87 -1.02 -32.01
C LEU R 273 -93.73 -1.93 -32.85
N SER R 274 -93.33 -3.19 -32.93
CA SER R 274 -94.05 -4.16 -33.74
C SER R 274 -93.78 -5.55 -33.18
N PHE R 275 -94.60 -6.49 -33.61
CA PHE R 275 -94.39 -7.86 -33.19
C PHE R 275 -94.03 -8.72 -34.39
N PRO R 276 -93.23 -9.76 -34.20
CA PRO R 276 -92.85 -10.61 -35.30
C PRO R 276 -94.05 -11.38 -35.80
N PRO R 277 -94.19 -11.55 -37.12
CA PRO R 277 -95.27 -12.40 -37.62
C PRO R 277 -95.09 -13.83 -37.16
N ILE R 278 -96.13 -14.39 -36.56
CA ILE R 278 -96.15 -15.78 -36.15
C ILE R 278 -97.45 -16.36 -36.63
N ARG R 279 -97.39 -17.31 -37.56
CA ARG R 279 -98.61 -17.90 -38.07
C ARG R 279 -99.20 -18.89 -37.08
N THR R 280 -100.51 -18.97 -37.08
CA THR R 280 -101.26 -19.88 -36.24
C THR R 280 -102.14 -20.75 -37.12
N ASN R 281 -102.93 -21.61 -36.47
CA ASN R 281 -103.98 -22.32 -37.17
C ASN R 281 -104.91 -21.36 -37.90
N ASP R 282 -105.16 -20.19 -37.30
CA ASP R 282 -105.94 -19.15 -37.94
C ASP R 282 -105.22 -17.81 -37.80
N GLY R 283 -104.85 -17.22 -38.92
CA GLY R 283 -104.28 -15.88 -38.89
C GLY R 283 -102.92 -15.84 -38.22
N GLN R 284 -102.73 -14.82 -37.39
CA GLN R 284 -101.44 -14.52 -36.79
C GLN R 284 -101.50 -14.72 -35.29
N PHE R 285 -100.35 -15.01 -34.71
CA PHE R 285 -100.27 -15.20 -33.28
C PHE R 285 -100.61 -13.89 -32.59
N LYS R 286 -101.38 -13.96 -31.52
CA LYS R 286 -101.82 -12.74 -30.86
C LYS R 286 -100.82 -12.44 -29.76
N LEU R 287 -100.01 -11.42 -29.96
CA LEU R 287 -99.07 -10.96 -28.95
C LEU R 287 -99.53 -9.63 -28.41
N ASN R 288 -99.52 -9.53 -27.10
CA ASN R 288 -99.87 -8.32 -26.39
C ASN R 288 -98.66 -7.98 -25.53
N ALA R 289 -98.39 -6.71 -25.35
CA ALA R 289 -97.21 -6.31 -24.62
C ALA R 289 -97.58 -5.31 -23.54
N GLN R 290 -96.91 -5.43 -22.39
CA GLN R 290 -96.86 -4.37 -21.41
C GLN R 290 -95.41 -3.97 -21.20
N PHE R 291 -95.20 -2.67 -20.97
CA PHE R 291 -93.91 -2.20 -20.48
C PHE R 291 -94.15 -0.85 -19.83
N THR R 292 -93.18 -0.42 -19.03
CA THR R 292 -93.23 0.89 -18.42
C THR R 292 -92.52 1.88 -19.31
N LEU R 293 -93.13 3.05 -19.49
CA LEU R 293 -92.56 4.12 -20.27
C LEU R 293 -92.09 5.20 -19.32
N GLU R 294 -90.78 5.38 -19.21
CA GLU R 294 -90.19 6.48 -18.46
C GLU R 294 -89.61 7.46 -19.46
N THR R 295 -90.19 8.64 -19.56
CA THR R 295 -89.67 9.68 -20.42
C THR R 295 -89.03 10.77 -19.56
N GLU R 296 -87.99 11.38 -20.09
CA GLU R 296 -87.34 12.51 -19.44
C GLU R 296 -86.98 13.54 -20.48
N ILE R 297 -87.33 14.79 -20.22
CA ILE R 297 -86.90 15.91 -21.04
C ILE R 297 -86.23 16.91 -20.13
N GLU R 298 -85.04 17.35 -20.51
CA GLU R 298 -84.21 18.21 -19.67
C GLU R 298 -84.22 19.60 -20.26
N PHE R 299 -84.86 20.54 -19.59
CA PHE R 299 -84.89 21.92 -20.05
C PHE R 299 -83.78 22.74 -19.42
N GLU R 300 -83.22 23.64 -20.20
CA GLU R 300 -82.48 24.78 -19.69
C GLU R 300 -83.38 25.99 -19.75
N PHE R 301 -83.31 26.85 -18.74
CA PHE R 301 -84.07 28.08 -18.78
C PHE R 301 -83.21 29.21 -18.26
N ARG R 302 -83.69 30.42 -18.47
CA ARG R 302 -82.90 31.63 -18.26
C ARG R 302 -83.82 32.73 -17.79
N LEU R 303 -83.33 33.58 -16.91
CA LEU R 303 -84.20 34.49 -16.19
C LEU R 303 -84.13 35.90 -16.78
N TRP R 304 -84.88 36.80 -16.15
CA TRP R 304 -85.14 38.14 -16.64
C TRP R 304 -83.95 39.07 -16.42
N GLU R 305 -83.94 40.16 -17.16
CA GLU R 305 -82.87 41.14 -17.07
C GLU R 305 -82.81 41.79 -15.70
N GLN R 306 -81.61 41.97 -15.19
CA GLN R 306 -81.44 42.67 -13.92
C GLN R 306 -81.63 44.16 -14.09
N GLY R 307 -81.93 44.81 -12.99
CA GLY R 307 -82.07 46.25 -12.99
C GLY R 307 -83.49 46.69 -13.22
N VAL R 308 -83.64 48.00 -13.44
CA VAL R 308 -84.94 48.56 -13.73
C VAL R 308 -85.50 47.98 -15.02
N GLN R 309 -84.63 47.48 -15.90
CA GLN R 309 -85.10 46.86 -17.12
C GLN R 309 -86.02 45.68 -16.84
N GLY R 310 -85.80 44.99 -15.73
CA GLY R 310 -86.59 43.82 -15.37
C GLY R 310 -87.80 44.11 -14.51
N ILE R 311 -88.12 45.38 -14.28
CA ILE R 311 -89.32 45.71 -13.53
C ILE R 311 -90.55 45.44 -14.39
N ASN R 312 -91.57 44.81 -13.80
CA ASN R 312 -92.75 44.40 -14.56
C ASN R 312 -93.36 45.57 -15.33
N SER R 313 -93.52 46.71 -14.67
CA SER R 313 -94.23 47.82 -15.31
C SER R 313 -93.46 48.36 -16.50
N VAL R 314 -92.14 48.50 -16.38
CA VAL R 314 -91.34 49.08 -17.45
C VAL R 314 -90.70 48.02 -18.34
N HIS R 315 -90.87 46.74 -18.03
CA HIS R 315 -90.25 45.72 -18.87
C HIS R 315 -90.95 45.56 -20.21
N THR R 316 -92.22 45.97 -20.31
CA THR R 316 -92.92 45.86 -21.58
C THR R 316 -92.21 46.66 -22.66
N ASN R 317 -91.99 47.94 -22.40
CA ASN R 317 -91.35 48.81 -23.38
C ASN R 317 -89.84 48.93 -23.22
N LEU R 318 -89.25 48.42 -22.15
CA LEU R 318 -87.80 48.26 -22.07
C LEU R 318 -87.31 46.87 -22.42
N ASN R 319 -88.20 45.97 -22.83
CA ASN R 319 -87.78 44.66 -23.28
C ASN R 319 -86.80 44.82 -24.43
N PRO R 320 -85.67 44.11 -24.43
CA PRO R 320 -84.71 44.24 -25.53
C PRO R 320 -85.34 43.82 -26.85
N ALA R 321 -85.10 44.61 -27.89
CA ALA R 321 -85.55 44.21 -29.21
C ALA R 321 -84.67 43.12 -29.80
N ASN R 322 -83.52 42.84 -29.20
CA ASN R 322 -82.66 41.77 -29.64
C ASN R 322 -82.98 40.44 -28.98
N ASP R 323 -84.04 40.38 -28.19
CA ASP R 323 -84.59 39.08 -27.83
C ASP R 323 -84.83 38.24 -29.08
N SER R 324 -85.43 38.86 -30.10
CA SER R 324 -85.69 38.16 -31.35
C SER R 324 -84.42 37.57 -31.94
N LEU R 325 -83.28 38.08 -31.51
CA LEU R 325 -82.01 37.55 -32.01
C LEU R 325 -81.74 36.17 -31.42
N TRP R 326 -81.76 36.05 -30.09
CA TRP R 326 -81.58 34.77 -29.42
C TRP R 326 -82.86 34.11 -28.93
N ILE R 327 -84.03 34.72 -29.01
CA ILE R 327 -85.24 34.03 -28.53
C ILE R 327 -86.21 33.74 -29.66
N GLN R 328 -86.49 32.47 -29.92
CA GLN R 328 -86.94 32.10 -31.26
C GLN R 328 -88.22 31.30 -31.47
N SER R 329 -88.99 31.03 -30.42
CA SER R 329 -90.22 30.21 -30.49
C SER R 329 -90.00 28.74 -30.90
N TYR R 330 -91.01 28.09 -31.46
CA TYR R 330 -90.91 26.67 -31.83
C TYR R 330 -91.00 26.47 -33.34
N GLY R 331 -90.21 25.54 -33.89
CA GLY R 331 -90.10 25.50 -35.32
C GLY R 331 -91.25 24.92 -36.10
N SER R 332 -91.60 23.68 -35.81
CA SER R 332 -92.51 22.95 -36.66
C SER R 332 -93.46 22.14 -35.81
N LEU R 333 -94.72 22.14 -36.20
CA LEU R 333 -95.79 21.58 -35.40
C LEU R 333 -96.17 20.22 -35.96
N VAL R 334 -96.56 19.30 -35.07
CA VAL R 334 -97.26 18.13 -35.55
C VAL R 334 -98.57 18.60 -36.16
N SER R 335 -99.12 17.79 -37.05
CA SER R 335 -100.32 18.19 -37.76
C SER R 335 -101.51 17.70 -36.96
N ILE R 336 -102.27 18.63 -36.39
CA ILE R 336 -103.35 18.34 -35.47
C ILE R 336 -104.61 18.97 -36.03
N THR R 337 -105.58 18.14 -36.39
CA THR R 337 -106.94 18.62 -36.58
C THR R 337 -107.75 18.13 -35.40
N GLU R 338 -108.62 18.99 -34.88
CA GLU R 338 -109.34 18.74 -33.64
C GLU R 338 -108.29 18.40 -32.58
N SER R 339 -108.47 17.34 -31.80
CA SER R 339 -107.46 16.86 -30.87
C SER R 339 -106.60 15.76 -31.45
N LYS R 340 -106.77 15.42 -32.73
CA LYS R 340 -106.27 14.18 -33.28
C LYS R 340 -105.10 14.43 -34.21
N ILE R 341 -104.05 13.62 -34.06
CA ILE R 341 -102.86 13.78 -34.88
C ILE R 341 -103.15 13.28 -36.29
N ASN R 342 -102.85 14.10 -37.29
CA ASN R 342 -103.05 13.69 -38.67
C ASN R 342 -101.94 12.78 -39.16
N ASN R 343 -100.70 13.10 -38.84
CA ASN R 343 -99.55 12.36 -39.29
C ASN R 343 -98.40 12.66 -38.35
N ILE R 344 -97.38 11.81 -38.39
CA ILE R 344 -96.15 12.08 -37.67
C ILE R 344 -94.99 12.01 -38.65
N GLN R 345 -94.16 13.03 -38.64
CA GLN R 345 -92.97 13.11 -39.45
C GLN R 345 -91.77 12.79 -38.57
N PHE R 346 -90.78 12.09 -39.11
CA PHE R 346 -89.62 11.74 -38.30
C PHE R 346 -88.35 12.45 -38.72
N GLY R 347 -87.84 12.20 -39.91
CA GLY R 347 -86.64 12.87 -40.38
C GLY R 347 -85.43 12.91 -39.46
N PRO R 348 -84.72 11.79 -39.40
CA PRO R 348 -83.53 11.56 -38.58
C PRO R 348 -82.30 12.25 -39.11
N THR R 349 -81.22 12.29 -38.34
CA THR R 349 -80.01 12.89 -38.84
C THR R 349 -79.55 11.75 -39.68
N CYS R 350 -79.69 11.86 -41.00
CA CYS R 350 -79.34 10.74 -41.84
C CYS R 350 -77.85 10.61 -41.97
N PRO R 351 -77.38 9.37 -41.97
CA PRO R 351 -75.95 9.07 -42.01
C PRO R 351 -75.29 9.40 -43.32
N ARG R 352 -76.04 9.56 -44.41
CA ARG R 352 -75.45 9.85 -45.69
C ARG R 352 -75.27 11.33 -45.97
N VAL R 353 -75.81 12.21 -45.12
CA VAL R 353 -75.38 13.60 -45.14
C VAL R 353 -73.93 13.69 -44.73
N ASP R 354 -73.19 14.60 -45.34
CA ASP R 354 -71.79 14.80 -45.02
C ASP R 354 -71.64 15.02 -43.52
N ALA R 355 -70.67 14.32 -42.92
CA ALA R 355 -70.45 14.46 -41.49
C ALA R 355 -70.13 15.87 -41.09
N ARG R 356 -69.66 16.70 -42.01
CA ARG R 356 -69.39 18.10 -41.70
C ARG R 356 -70.67 18.88 -41.52
N ASN R 357 -71.76 18.44 -42.15
CA ASN R 357 -73.05 19.07 -41.93
C ASN R 357 -73.70 18.61 -40.65
N LYS R 358 -73.43 17.40 -40.19
CA LYS R 358 -74.21 16.78 -39.13
C LYS R 358 -73.78 17.23 -37.74
N GLY R 359 -72.85 18.16 -37.63
CA GLY R 359 -72.26 18.48 -36.35
C GLY R 359 -73.17 19.21 -35.37
N GLY R 360 -72.57 19.80 -34.34
CA GLY R 360 -73.29 20.15 -33.14
C GLY R 360 -74.38 21.20 -33.18
N LYS R 361 -74.06 22.40 -33.63
CA LYS R 361 -74.91 23.56 -33.39
C LYS R 361 -76.07 23.60 -34.38
N MET R 362 -77.29 23.68 -33.86
CA MET R 362 -78.48 23.61 -34.71
C MET R 362 -78.95 24.94 -35.24
N SER R 363 -78.27 26.03 -34.96
CA SER R 363 -78.72 27.29 -35.52
C SER R 363 -77.53 28.18 -35.80
N MET R 364 -77.75 29.13 -36.68
CA MET R 364 -76.76 30.12 -37.02
C MET R 364 -77.46 31.46 -37.07
N LEU R 365 -76.72 32.51 -36.83
CA LEU R 365 -77.28 33.85 -36.79
C LEU R 365 -76.92 34.50 -38.11
N PHE R 366 -77.89 34.50 -39.02
CA PHE R 366 -77.71 34.88 -40.41
C PHE R 366 -78.73 35.91 -40.86
N ASP R 367 -78.28 36.89 -41.62
CA ASP R 367 -79.13 37.97 -42.10
C ASP R 367 -80.14 37.62 -43.18
N HIS R 368 -81.17 38.45 -43.28
CA HIS R 368 -82.17 38.29 -44.29
C HIS R 368 -82.34 39.61 -45.02
N HIS R 369 -82.37 39.56 -46.34
CA HIS R 369 -82.53 40.78 -47.13
C HIS R 369 -83.95 40.91 -47.69
N GLU S 36 -33.02 23.99 -66.94
CA GLU S 36 -32.11 25.09 -66.67
C GLU S 36 -32.66 26.36 -67.32
N GLY S 37 -32.29 27.52 -66.77
CA GLY S 37 -32.78 28.78 -67.29
C GLY S 37 -34.11 29.17 -66.67
N ASP S 38 -34.65 30.27 -67.16
CA ASP S 38 -35.93 30.77 -66.67
C ASP S 38 -37.11 30.12 -67.36
N GLY S 39 -36.88 29.19 -68.28
CA GLY S 39 -37.93 28.50 -68.99
C GLY S 39 -38.08 28.92 -70.43
N SER S 40 -37.47 30.03 -70.80
CA SER S 40 -37.58 30.59 -72.14
C SER S 40 -37.05 29.72 -73.25
N ALA S 41 -36.38 28.62 -72.89
CA ALA S 41 -35.80 27.70 -73.86
C ALA S 41 -36.84 26.85 -74.56
N PRO S 42 -36.47 26.22 -75.67
CA PRO S 42 -37.48 25.41 -76.35
C PRO S 42 -38.04 24.24 -75.52
N GLY S 43 -37.26 23.56 -74.71
CA GLY S 43 -37.79 22.43 -73.96
C GLY S 43 -37.77 22.55 -72.44
N GLY S 44 -38.61 21.79 -71.74
CA GLY S 44 -38.66 21.85 -70.29
C GLY S 44 -39.86 22.60 -69.73
N SER S 45 -39.62 23.49 -68.78
CA SER S 45 -40.68 24.27 -68.15
C SER S 45 -41.12 25.50 -68.96
N VAL S 46 -42.36 25.93 -68.77
CA VAL S 46 -42.97 27.06 -69.47
C VAL S 46 -42.57 28.39 -68.87
N TRP S 47 -42.10 29.30 -69.70
CA TRP S 47 -41.77 30.62 -69.21
C TRP S 47 -43.12 31.24 -68.98
N GLN S 48 -43.35 31.78 -67.80
CA GLN S 48 -44.65 32.37 -67.52
C GLN S 48 -44.49 33.77 -66.97
N THR S 49 -45.49 34.60 -67.24
CA THR S 49 -45.47 36.01 -66.93
C THR S 49 -45.63 36.26 -65.45
N THR S 50 -45.26 37.47 -65.03
CA THR S 50 -45.30 37.85 -63.63
C THR S 50 -46.72 37.83 -63.07
N ASP S 51 -46.81 37.69 -61.76
CA ASP S 51 -48.08 37.56 -61.07
C ASP S 51 -48.72 38.93 -60.85
N TYR S 52 -49.96 39.08 -61.32
CA TYR S 52 -50.71 40.29 -61.07
C TYR S 52 -51.58 40.25 -59.82
N ILE S 53 -51.71 39.11 -59.15
CA ILE S 53 -52.54 39.06 -57.95
C ILE S 53 -51.86 39.77 -56.80
N ALA S 54 -50.57 39.50 -56.57
CA ALA S 54 -49.91 39.91 -55.35
C ALA S 54 -50.13 41.38 -55.04
N LEU S 55 -50.08 42.23 -56.06
CA LEU S 55 -50.28 43.65 -55.83
C LEU S 55 -51.75 44.05 -55.73
N SER S 56 -52.66 43.23 -56.25
CA SER S 56 -54.07 43.56 -56.08
C SER S 56 -54.59 43.15 -54.71
N MET S 57 -53.93 42.21 -54.05
CA MET S 57 -54.36 41.77 -52.73
C MET S 57 -53.73 42.52 -51.59
N VAL S 58 -52.73 43.35 -51.83
CA VAL S 58 -52.06 44.02 -50.73
C VAL S 58 -53.04 44.98 -50.06
N VAL S 59 -53.16 44.86 -48.74
CA VAL S 59 -54.09 45.65 -47.97
C VAL S 59 -53.32 46.81 -47.35
N TYR S 60 -53.74 48.03 -47.66
CA TYR S 60 -53.14 49.22 -47.09
C TYR S 60 -54.07 49.73 -46.01
N ARG S 61 -53.48 50.30 -44.97
CA ARG S 61 -54.21 50.56 -43.73
C ARG S 61 -53.98 52.00 -43.32
N THR S 62 -55.06 52.77 -43.25
CA THR S 62 -54.99 54.17 -42.84
C THR S 62 -55.95 54.45 -41.71
N ALA S 63 -56.07 55.72 -41.31
CA ALA S 63 -56.99 56.10 -40.26
C ALA S 63 -57.36 57.55 -40.41
N ILE S 64 -58.46 57.94 -39.77
CA ILE S 64 -58.91 59.32 -39.72
C ILE S 64 -59.11 59.68 -38.26
N LYS S 65 -58.33 60.63 -37.77
CA LYS S 65 -58.40 61.07 -36.38
C LYS S 65 -58.86 62.51 -36.35
N LEU S 66 -59.79 62.81 -35.45
CA LEU S 66 -60.38 64.14 -35.34
C LEU S 66 -60.61 64.46 -33.87
N ARG S 67 -60.36 65.71 -33.49
CA ARG S 67 -60.64 66.18 -32.16
C ARG S 67 -61.73 67.24 -32.17
N ASN S 68 -62.41 67.34 -31.05
CA ASN S 68 -63.56 68.18 -30.91
C ASN S 68 -63.69 68.54 -29.44
N PHE S 69 -64.31 69.68 -29.16
CA PHE S 69 -64.71 70.03 -27.81
C PHE S 69 -66.22 69.92 -27.73
N VAL S 70 -66.70 69.22 -26.71
CA VAL S 70 -68.12 68.99 -26.52
C VAL S 70 -68.56 69.79 -25.31
N ASN S 71 -69.65 70.55 -25.48
CA ASN S 71 -70.26 71.30 -24.40
C ASN S 71 -71.69 70.80 -24.24
N ILE S 72 -71.99 70.19 -23.10
CA ILE S 72 -73.31 69.64 -22.82
C ILE S 72 -73.94 70.53 -21.76
N ARG S 73 -74.99 71.25 -22.13
CA ARG S 73 -75.63 72.18 -21.22
C ARG S 73 -77.12 71.91 -21.13
N GLY S 74 -77.70 72.26 -19.99
CA GLY S 74 -79.14 72.21 -19.82
C GLY S 74 -79.72 70.83 -19.98
N LEU S 75 -79.01 69.81 -19.53
CA LEU S 75 -79.43 68.43 -19.68
C LEU S 75 -80.01 67.97 -18.35
N THR S 76 -81.32 67.76 -18.30
CA THR S 76 -81.95 67.34 -17.06
C THR S 76 -81.70 65.85 -16.83
N PRO S 77 -81.91 65.36 -15.61
CA PRO S 77 -81.58 63.97 -15.32
C PRO S 77 -82.39 62.95 -16.09
N THR S 78 -83.58 63.31 -16.57
CA THR S 78 -84.36 62.38 -17.38
C THR S 78 -83.81 62.28 -18.79
N GLU S 79 -83.52 63.42 -19.40
CA GLU S 79 -82.98 63.45 -20.75
C GLU S 79 -81.50 63.06 -20.75
N MET S 80 -81.02 62.65 -21.91
CA MET S 80 -79.75 61.95 -22.03
C MET S 80 -79.14 62.23 -23.39
N ILE S 81 -77.82 62.36 -23.42
CA ILE S 81 -77.10 62.59 -24.68
C ILE S 81 -76.81 61.26 -25.35
N VAL S 82 -77.18 61.16 -26.61
CA VAL S 82 -76.95 59.97 -27.41
C VAL S 82 -75.63 60.15 -28.13
N ILE S 83 -74.69 59.22 -27.92
CA ILE S 83 -73.40 59.31 -28.59
C ILE S 83 -73.61 58.71 -29.96
N PRO S 84 -73.59 59.46 -31.02
CA PRO S 84 -73.78 58.86 -32.35
C PRO S 84 -72.54 58.11 -32.80
N TRP S 85 -72.08 57.19 -31.97
CA TRP S 85 -70.76 56.62 -32.17
C TRP S 85 -70.82 55.39 -33.06
N ASN S 86 -72.01 54.91 -33.37
CA ASN S 86 -72.19 53.80 -34.28
C ASN S 86 -72.51 54.22 -35.70
N VAL S 87 -72.56 55.51 -35.99
CA VAL S 87 -72.77 55.98 -37.35
C VAL S 87 -71.41 56.30 -37.95
N MET S 88 -71.23 55.89 -39.21
CA MET S 88 -69.93 56.00 -39.85
C MET S 88 -69.51 57.46 -40.00
N ARG S 89 -70.48 58.34 -40.27
CA ARG S 89 -70.20 59.74 -40.51
C ARG S 89 -69.66 60.45 -39.28
N PHE S 90 -69.82 59.86 -38.10
CA PHE S 90 -69.34 60.47 -36.87
C PHE S 90 -67.81 60.56 -36.88
N TYR S 91 -67.13 59.50 -37.30
CA TYR S 91 -65.69 59.43 -37.19
C TYR S 91 -64.97 60.15 -38.32
N CYS S 92 -65.41 59.93 -39.55
CA CYS S 92 -64.68 60.40 -40.73
C CYS S 92 -65.21 61.69 -41.32
N GLU S 93 -66.25 62.27 -40.76
CA GLU S 93 -66.72 63.58 -41.18
C GLU S 93 -66.87 64.45 -39.95
N TYR S 94 -66.42 65.69 -40.06
CA TYR S 94 -66.25 66.52 -38.88
C TYR S 94 -67.44 67.47 -38.84
N ASN S 95 -68.38 67.21 -37.95
CA ASN S 95 -69.56 68.05 -37.85
C ASN S 95 -69.47 68.76 -36.53
N THR S 96 -69.10 70.03 -36.57
CA THR S 96 -69.04 70.87 -35.38
C THR S 96 -69.41 72.28 -35.79
N GLY S 97 -70.31 72.91 -35.07
CA GLY S 97 -70.54 74.32 -35.28
C GLY S 97 -70.84 74.67 -36.72
N THR S 98 -70.04 75.58 -37.27
CA THR S 98 -70.23 76.05 -38.64
C THR S 98 -69.74 75.06 -39.69
N TYR S 99 -68.84 74.14 -39.32
CA TYR S 99 -68.28 73.21 -40.30
C TYR S 99 -69.36 72.45 -41.03
N GLY S 100 -70.23 71.76 -40.28
CA GLY S 100 -71.28 70.97 -40.88
C GLY S 100 -72.18 71.75 -41.83
N LEU S 101 -72.27 73.07 -41.64
CA LEU S 101 -73.03 73.89 -42.57
C LEU S 101 -72.27 74.09 -43.88
N SER S 102 -70.95 74.22 -43.80
CA SER S 102 -70.13 74.31 -45.00
C SER S 102 -70.03 72.96 -45.68
N GLY S 103 -69.69 72.99 -46.97
CA GLY S 103 -69.73 71.81 -47.79
C GLY S 103 -68.47 70.94 -47.72
N ASN S 104 -68.68 69.65 -47.93
CA ASN S 104 -67.61 68.66 -48.06
C ASN S 104 -66.63 68.75 -46.89
N VAL S 105 -67.13 68.35 -45.72
CA VAL S 105 -66.32 68.38 -44.51
C VAL S 105 -65.68 67.02 -44.24
N HIS S 106 -65.84 66.06 -45.15
CA HIS S 106 -65.16 64.79 -45.03
C HIS S 106 -63.64 64.99 -44.95
N HIS S 107 -62.99 64.13 -44.19
CA HIS S 107 -61.54 64.15 -44.13
C HIS S 107 -60.97 63.69 -45.46
N LYS S 108 -59.82 64.26 -45.83
CA LYS S 108 -59.30 64.00 -47.17
C LYS S 108 -58.76 62.58 -47.32
N ASN S 109 -58.38 61.92 -46.24
CA ASN S 109 -58.07 60.50 -46.36
C ASN S 109 -59.29 59.71 -46.78
N TYR S 110 -60.47 60.15 -46.42
CA TYR S 110 -61.65 59.41 -46.84
C TYR S 110 -62.00 59.70 -48.29
N SER S 111 -61.78 60.92 -48.74
CA SER S 111 -62.09 61.26 -50.12
C SER S 111 -61.31 60.39 -51.09
N MET S 112 -60.08 60.02 -50.73
CA MET S 112 -59.31 59.14 -51.60
C MET S 112 -59.63 57.67 -51.39
N LEU S 113 -60.21 57.29 -50.25
CA LEU S 113 -60.68 55.91 -50.12
C LEU S 113 -61.70 55.58 -51.19
N LEU S 114 -62.32 56.59 -51.77
CA LEU S 114 -63.17 56.42 -52.93
C LEU S 114 -62.38 56.37 -54.23
N ALA S 115 -61.10 56.75 -54.20
CA ALA S 115 -60.24 56.61 -55.37
C ALA S 115 -59.73 55.18 -55.52
N CYS S 116 -59.35 54.53 -54.42
CA CYS S 116 -59.00 53.13 -54.46
C CYS S 116 -60.27 52.29 -54.62
N LYS S 117 -60.10 51.05 -55.09
CA LYS S 117 -61.29 50.32 -55.49
C LYS S 117 -62.05 49.73 -54.31
N ALA S 118 -61.40 49.49 -53.19
CA ALA S 118 -62.04 48.89 -52.04
C ALA S 118 -61.51 49.53 -50.78
N HIS S 119 -62.40 49.77 -49.83
CA HIS S 119 -61.99 50.19 -48.50
C HIS S 119 -62.87 49.49 -47.48
N ARG S 120 -62.32 49.30 -46.29
CA ARG S 120 -63.06 48.66 -45.25
C ARG S 120 -62.80 49.36 -43.92
N PRO S 121 -63.84 49.57 -43.11
CA PRO S 121 -63.70 50.44 -41.93
C PRO S 121 -62.92 49.86 -40.76
N THR S 122 -62.83 48.54 -40.60
CA THR S 122 -62.13 47.91 -39.49
C THR S 122 -62.42 48.56 -38.14
N LYS S 123 -61.40 48.86 -37.35
CA LYS S 123 -61.62 49.34 -36.00
C LYS S 123 -62.16 50.76 -36.01
N VAL S 124 -62.94 51.09 -34.97
CA VAL S 124 -63.50 52.42 -34.81
C VAL S 124 -63.60 52.70 -33.31
N GLY S 125 -63.39 53.95 -32.92
CA GLY S 125 -63.41 54.25 -31.50
C GLY S 125 -63.35 55.74 -31.25
N TYR S 126 -63.48 56.10 -29.97
CA TYR S 126 -63.43 57.51 -29.58
C TYR S 126 -63.00 57.63 -28.13
N THR S 127 -62.60 58.83 -27.76
CA THR S 127 -62.11 59.12 -26.43
C THR S 127 -62.77 60.38 -25.88
N LEU S 128 -63.25 60.29 -24.65
CA LEU S 128 -63.68 61.44 -23.87
C LEU S 128 -62.61 61.80 -22.86
N SER S 129 -62.25 63.06 -22.79
CA SER S 129 -61.08 63.44 -22.01
C SER S 129 -61.26 64.80 -21.37
N ASN S 130 -60.59 64.99 -20.24
CA ASN S 130 -60.50 66.28 -19.55
C ASN S 130 -61.86 66.93 -19.37
N LEU S 131 -62.63 66.30 -18.50
CA LEU S 131 -63.97 66.74 -18.21
C LEU S 131 -63.94 68.02 -17.37
N ILE S 132 -64.78 68.96 -17.74
CA ILE S 132 -64.98 70.19 -16.98
C ILE S 132 -66.47 70.33 -16.73
N LEU S 133 -66.86 70.27 -15.47
CA LEU S 133 -68.23 70.53 -15.06
C LEU S 133 -68.37 71.97 -14.60
N THR S 134 -69.46 72.60 -15.01
CA THR S 134 -69.80 73.94 -14.58
C THR S 134 -71.22 73.93 -14.08
N SER S 135 -71.61 74.99 -13.39
CA SER S 135 -72.92 75.07 -12.76
C SER S 135 -73.58 76.38 -13.11
N ASP S 136 -74.85 76.31 -13.49
CA ASP S 136 -75.69 77.49 -13.68
C ASP S 136 -76.40 77.88 -12.40
N GLU S 137 -76.09 77.22 -11.29
CA GLU S 137 -76.83 77.46 -10.04
C GLU S 137 -76.76 78.91 -9.62
N LEU S 138 -75.62 79.56 -9.80
CA LEU S 138 -75.52 80.97 -9.47
C LEU S 138 -76.19 81.86 -10.52
N VAL S 139 -76.50 81.31 -11.68
CA VAL S 139 -77.13 82.07 -12.75
C VAL S 139 -78.61 82.26 -12.43
N SER S 140 -79.11 83.46 -12.69
CA SER S 140 -80.52 83.77 -12.57
C SER S 140 -80.91 84.72 -13.69
N THR S 141 -82.22 84.86 -13.91
CA THR S 141 -82.68 85.74 -14.98
C THR S 141 -82.24 87.19 -14.75
N GLY S 142 -82.03 87.58 -13.49
CA GLY S 142 -81.47 88.89 -13.21
C GLY S 142 -80.04 89.03 -13.69
N GLY S 143 -79.32 87.92 -13.75
CA GLY S 143 -77.97 87.94 -14.29
C GLY S 143 -76.93 88.36 -13.26
N THR S 144 -75.89 89.03 -13.76
CA THR S 144 -74.76 89.57 -13.00
C THR S 144 -73.86 88.47 -12.45
N LEU S 145 -74.30 87.22 -12.50
CA LEU S 145 -73.47 86.08 -12.15
C LEU S 145 -73.64 85.02 -13.22
N GLY S 146 -72.52 84.58 -13.80
CA GLY S 146 -72.53 83.56 -14.82
C GLY S 146 -72.20 82.20 -14.27
N THR S 147 -72.20 81.21 -15.16
CA THR S 147 -71.87 79.86 -14.75
C THR S 147 -70.40 79.79 -14.38
N THR S 148 -70.07 78.81 -13.52
CA THR S 148 -68.69 78.62 -13.16
C THR S 148 -68.52 77.16 -12.76
N THR S 149 -67.28 76.70 -12.78
CA THR S 149 -66.98 75.33 -12.44
C THR S 149 -67.49 74.98 -11.05
N THR S 150 -67.88 73.73 -10.87
CA THR S 150 -68.47 73.29 -9.62
C THR S 150 -67.52 73.58 -8.46
N PHE S 151 -68.12 73.91 -7.31
CA PHE S 151 -67.33 74.31 -6.15
C PHE S 151 -66.38 73.21 -5.71
N ASN S 152 -66.81 71.96 -5.81
CA ASN S 152 -65.94 70.82 -5.56
C ASN S 152 -66.11 69.82 -6.68
N THR S 153 -65.21 68.85 -6.72
CA THR S 153 -65.13 67.90 -7.81
C THR S 153 -66.01 66.67 -7.61
N SER S 154 -66.81 66.65 -6.55
CA SER S 154 -67.73 65.54 -6.33
C SER S 154 -68.73 65.30 -7.47
N PRO S 155 -69.27 66.31 -8.16
CA PRO S 155 -70.21 66.00 -9.24
C PRO S 155 -69.53 65.25 -10.37
N TYR S 156 -70.36 64.61 -11.19
CA TYR S 156 -69.86 63.74 -12.24
C TYR S 156 -70.85 63.70 -13.39
N MET S 157 -70.35 63.29 -14.55
CA MET S 157 -71.18 63.01 -15.71
C MET S 157 -71.17 61.51 -15.95
N ILE S 158 -72.34 60.95 -16.17
CA ILE S 158 -72.50 59.50 -16.26
C ILE S 158 -72.34 59.10 -17.72
N HIS S 159 -71.39 58.22 -18.00
CA HIS S 159 -71.26 57.64 -19.32
C HIS S 159 -71.88 56.26 -19.27
N SER S 160 -72.96 56.07 -20.01
CA SER S 160 -73.73 54.83 -19.97
C SER S 160 -73.53 54.06 -21.26
N ILE S 161 -73.25 52.78 -21.14
CA ILE S 161 -73.19 51.85 -22.26
C ILE S 161 -74.33 50.88 -22.09
N ASP S 162 -75.25 50.82 -23.04
CA ASP S 162 -76.40 49.95 -22.87
C ASP S 162 -76.05 48.62 -23.52
N ASP S 163 -75.75 47.62 -22.68
CA ASP S 163 -75.40 46.30 -23.16
C ASP S 163 -76.63 45.45 -23.43
N GLN S 164 -77.61 45.56 -22.55
CA GLN S 164 -78.82 44.75 -22.64
C GLN S 164 -79.82 45.34 -23.62
N GLN S 165 -79.48 46.47 -24.23
CA GLN S 165 -80.35 47.16 -25.18
C GLN S 165 -81.69 47.50 -24.55
N CYS S 166 -81.63 48.19 -23.42
CA CYS S 166 -82.84 48.80 -22.87
C CYS S 166 -83.51 49.68 -23.91
N LEU S 167 -82.71 50.44 -24.66
CA LEU S 167 -83.20 51.30 -25.72
C LEU S 167 -82.73 50.71 -27.04
N SER S 168 -83.67 50.18 -27.81
CA SER S 168 -83.36 49.65 -29.13
C SER S 168 -83.20 50.78 -30.14
N LYS S 169 -84.12 51.72 -30.11
CA LYS S 169 -84.21 52.80 -31.08
C LYS S 169 -84.48 54.08 -30.32
N VAL S 170 -83.71 55.12 -30.62
CA VAL S 170 -83.69 56.33 -29.82
C VAL S 170 -84.15 57.50 -30.68
N TYR S 171 -85.06 58.30 -30.15
CA TYR S 171 -85.63 59.44 -30.86
C TYR S 171 -85.25 60.73 -30.17
N PRO S 172 -85.20 61.84 -30.91
CA PRO S 172 -84.98 63.14 -30.26
C PRO S 172 -86.16 63.53 -29.39
N LYS S 173 -85.92 64.49 -28.51
CA LYS S 173 -86.98 65.01 -27.68
C LYS S 173 -88.04 65.70 -28.53
N THR S 174 -89.24 65.81 -27.96
CA THR S 174 -90.39 66.31 -28.71
C THR S 174 -90.08 67.63 -29.40
N ASP S 175 -89.52 68.59 -28.67
CA ASP S 175 -89.27 69.89 -29.26
C ASP S 175 -88.03 69.90 -30.13
N THR S 176 -86.98 69.21 -29.72
CA THR S 176 -85.70 69.33 -30.40
C THR S 176 -85.66 68.44 -31.64
N VAL S 177 -84.53 68.51 -32.35
CA VAL S 177 -84.28 67.67 -33.51
C VAL S 177 -82.78 67.48 -33.60
N TRP S 178 -82.37 66.42 -34.29
CA TRP S 178 -80.96 66.07 -34.38
C TRP S 178 -80.42 66.43 -35.75
N PRO S 179 -79.64 67.49 -35.89
CA PRO S 179 -78.99 67.77 -37.16
C PRO S 179 -77.82 66.83 -37.37
N VAL S 180 -77.59 66.48 -38.64
CA VAL S 180 -76.38 65.70 -38.89
C VAL S 180 -75.18 66.61 -38.91
N SER S 181 -75.37 67.89 -39.26
CA SER S 181 -74.28 68.86 -39.24
C SER S 181 -73.77 69.12 -37.84
N SER S 182 -74.56 68.79 -36.83
CA SER S 182 -74.21 68.98 -35.44
C SER S 182 -73.62 67.74 -34.79
N MET S 183 -73.37 66.68 -35.57
CA MET S 183 -73.19 65.34 -35.01
C MET S 183 -72.07 65.28 -33.98
N ARG S 184 -70.89 65.83 -34.29
CA ARG S 184 -69.74 65.54 -33.43
C ARG S 184 -69.72 66.35 -32.15
N GLU S 185 -70.31 67.52 -32.09
CA GLU S 185 -70.52 68.12 -30.78
C GLU S 185 -71.83 67.54 -30.29
N LEU S 186 -71.84 67.01 -29.07
CA LEU S 186 -72.90 66.06 -28.76
C LEU S 186 -74.02 66.89 -28.20
N ASP S 187 -74.99 67.20 -29.05
CA ASP S 187 -76.23 67.83 -28.67
C ASP S 187 -77.43 66.90 -28.67
N TYR S 188 -77.28 65.64 -29.06
CA TYR S 188 -78.46 64.84 -29.32
C TYR S 188 -79.03 64.41 -27.99
N VAL S 189 -80.25 64.85 -27.70
CA VAL S 189 -80.88 64.65 -26.41
C VAL S 189 -82.08 63.75 -26.62
N ALA S 190 -82.05 62.60 -25.96
CA ALA S 190 -83.19 61.71 -25.90
C ALA S 190 -83.81 61.81 -24.52
N SER S 191 -85.11 61.66 -24.45
CA SER S 191 -85.80 61.58 -23.18
C SER S 191 -86.35 60.17 -23.08
N THR S 192 -85.77 59.38 -22.19
CA THR S 192 -86.20 57.99 -22.00
C THR S 192 -87.34 57.98 -21.01
N VAL S 193 -88.50 57.51 -21.45
CA VAL S 193 -89.73 57.62 -20.69
C VAL S 193 -90.52 56.33 -20.83
N SER S 194 -90.98 55.79 -19.70
CA SER S 194 -91.92 54.67 -19.69
C SER S 194 -93.31 55.24 -19.94
N GLY S 195 -94.35 54.45 -19.73
CA GLY S 195 -95.65 54.99 -20.06
C GLY S 195 -96.01 56.23 -19.27
N ASP S 196 -96.07 56.13 -17.94
CA ASP S 196 -96.17 57.31 -17.08
C ASP S 196 -94.84 57.69 -16.44
N ASN S 197 -93.79 56.92 -16.66
CA ASN S 197 -92.58 57.02 -15.84
C ASN S 197 -91.45 57.63 -16.64
N ALA S 198 -90.81 58.65 -16.07
CA ALA S 198 -89.58 59.18 -16.63
C ALA S 198 -88.42 58.32 -16.17
N ILE S 199 -87.70 57.74 -17.12
CA ILE S 199 -86.58 56.85 -16.79
C ILE S 199 -85.35 57.69 -16.53
N ILE S 200 -84.69 57.45 -15.40
CA ILE S 200 -83.35 57.97 -15.19
C ILE S 200 -82.40 57.05 -15.95
N PRO S 201 -81.69 57.55 -16.96
CA PRO S 201 -80.95 56.66 -17.86
C PRO S 201 -79.93 55.78 -17.17
N SER S 202 -79.21 56.32 -16.18
CA SER S 202 -78.19 55.54 -15.50
C SER S 202 -78.75 54.32 -14.80
N THR S 203 -80.04 54.29 -14.49
CA THR S 203 -80.57 53.21 -13.70
C THR S 203 -80.84 51.96 -14.55
N ILE S 204 -81.29 52.15 -15.78
CA ILE S 204 -81.59 50.99 -16.63
C ILE S 204 -80.33 50.43 -17.28
N PHE S 205 -79.40 51.30 -17.67
CA PHE S 205 -78.27 50.86 -18.49
C PHE S 205 -77.30 50.01 -17.68
N ASN S 206 -76.52 49.22 -18.39
CA ASN S 206 -75.69 48.21 -17.76
C ASN S 206 -74.40 48.81 -17.22
N LYS S 207 -73.48 49.16 -18.10
CA LYS S 207 -72.25 49.82 -17.68
C LYS S 207 -72.51 51.31 -17.59
N ASN S 208 -72.34 51.85 -16.39
CA ASN S 208 -72.48 53.27 -16.13
C ASN S 208 -71.21 53.73 -15.43
N ARG S 209 -70.45 54.57 -16.09
CA ARG S 209 -69.22 55.12 -15.54
C ARG S 209 -69.53 56.51 -15.00
N TYR S 210 -69.26 56.74 -13.72
CA TYR S 210 -69.42 58.07 -13.17
C TYR S 210 -68.07 58.75 -13.28
N TRP S 211 -67.99 59.72 -14.17
CA TRP S 211 -66.71 60.27 -14.60
C TRP S 211 -66.62 61.70 -14.12
N LYS S 212 -65.64 61.96 -13.28
CA LYS S 212 -65.52 63.21 -12.56
C LYS S 212 -64.43 64.06 -13.18
N GLN S 213 -64.23 65.22 -12.58
CA GLN S 213 -63.16 66.13 -12.99
C GLN S 213 -61.84 65.59 -12.47
N GLY S 214 -60.90 65.36 -13.36
CA GLY S 214 -59.62 64.79 -13.02
C GLY S 214 -59.48 63.33 -13.32
N ASP S 215 -60.59 62.62 -13.57
CA ASP S 215 -60.51 61.22 -13.94
C ASP S 215 -59.80 61.06 -15.27
N ASP S 216 -59.26 59.87 -15.47
CA ASP S 216 -58.57 59.58 -16.71
C ASP S 216 -59.55 59.58 -17.88
N ALA S 217 -59.02 59.75 -19.07
CA ALA S 217 -59.85 59.78 -20.26
C ALA S 217 -60.60 58.46 -20.43
N LEU S 218 -61.78 58.53 -21.02
CA LEU S 218 -62.61 57.37 -21.27
C LEU S 218 -62.43 56.94 -22.71
N HIS S 219 -61.89 55.74 -22.91
CA HIS S 219 -61.56 55.23 -24.23
C HIS S 219 -62.56 54.15 -24.62
N PHE S 220 -63.15 54.28 -25.79
CA PHE S 220 -64.12 53.31 -26.26
C PHE S 220 -63.76 52.94 -27.68
N SER S 221 -63.79 51.64 -27.97
CA SER S 221 -63.34 51.13 -29.26
C SER S 221 -64.28 50.03 -29.70
N HIS S 222 -64.33 49.82 -31.01
CA HIS S 222 -65.05 48.70 -31.59
C HIS S 222 -64.23 48.15 -32.73
N ASP S 223 -63.98 46.85 -32.71
CA ASP S 223 -63.25 46.19 -33.78
C ASP S 223 -64.24 45.59 -34.77
N LEU S 224 -64.03 45.86 -36.04
CA LEU S 224 -64.81 45.26 -37.11
C LEU S 224 -63.97 44.22 -37.82
N ASP S 225 -64.46 43.00 -37.90
CA ASP S 225 -63.90 41.99 -38.77
C ASP S 225 -64.93 41.69 -39.84
N LEU S 226 -64.67 42.16 -41.05
CA LEU S 226 -65.55 41.95 -42.19
C LEU S 226 -64.89 40.97 -43.14
N GLY S 227 -65.69 40.12 -43.75
CA GLY S 227 -65.11 39.29 -44.77
C GLY S 227 -65.08 39.93 -46.13
N PHE S 228 -65.53 41.18 -46.23
CA PHE S 228 -65.71 41.81 -47.52
C PHE S 228 -65.27 43.25 -47.41
N TRP S 229 -65.48 43.99 -48.50
CA TRP S 229 -64.95 45.33 -48.68
C TRP S 229 -66.07 46.20 -49.20
N PHE S 230 -65.87 47.51 -49.17
CA PHE S 230 -66.86 48.45 -49.67
C PHE S 230 -66.30 49.24 -50.83
N GLY S 231 -67.10 49.42 -51.87
CA GLY S 231 -66.66 50.16 -53.03
C GLY S 231 -67.22 51.56 -53.15
N SER S 232 -68.20 51.89 -52.31
CA SER S 232 -68.88 53.17 -52.40
C SER S 232 -68.68 53.94 -51.11
N ASP S 233 -69.23 55.15 -51.06
CA ASP S 233 -69.16 55.93 -49.84
C ASP S 233 -70.18 55.42 -48.84
N TYR S 234 -69.90 55.65 -47.55
CA TYR S 234 -70.84 55.23 -46.52
C TYR S 234 -72.15 55.98 -46.63
N GLY S 235 -72.10 57.30 -46.78
CA GLY S 235 -73.31 58.03 -47.07
C GLY S 235 -74.34 57.94 -45.96
N ASN S 236 -73.97 58.38 -44.77
CA ASN S 236 -74.78 58.30 -43.55
C ASN S 236 -75.31 56.88 -43.31
N ALA S 237 -74.39 55.93 -43.35
CA ALA S 237 -74.64 54.56 -42.95
C ALA S 237 -74.07 54.32 -41.57
N TYR S 238 -74.72 53.48 -40.79
CA TYR S 238 -74.10 52.99 -39.57
C TYR S 238 -72.83 52.25 -39.92
N VAL S 239 -71.78 52.45 -39.14
CA VAL S 239 -70.59 51.63 -39.32
C VAL S 239 -70.98 50.16 -39.16
N PRO S 240 -70.53 49.27 -40.06
CA PRO S 240 -71.21 47.99 -40.26
C PRO S 240 -71.42 47.19 -38.99
N GLN S 241 -72.63 46.68 -38.84
CA GLN S 241 -73.06 45.93 -37.67
C GLN S 241 -74.01 44.84 -38.14
N ASN S 242 -74.02 43.73 -37.42
CA ASN S 242 -74.99 42.67 -37.64
C ASN S 242 -75.87 42.62 -36.41
N ASN S 243 -77.14 42.97 -36.56
CA ASN S 243 -78.00 43.08 -35.40
C ASN S 243 -79.43 42.77 -35.75
N ASP S 244 -80.27 42.82 -34.72
CA ASP S 244 -81.71 42.82 -34.92
C ASP S 244 -82.15 44.04 -35.73
N SER S 245 -81.49 45.18 -35.52
CA SER S 245 -81.84 46.39 -36.23
C SER S 245 -81.22 46.47 -37.61
N MET S 246 -80.04 45.93 -37.81
CA MET S 246 -79.31 46.23 -39.05
C MET S 246 -78.31 45.14 -39.38
N ASN S 247 -77.92 45.11 -40.65
CA ASN S 247 -76.92 44.18 -41.15
C ASN S 247 -75.81 44.93 -41.87
N ALA S 248 -74.65 44.30 -41.93
CA ALA S 248 -73.42 44.99 -42.34
C ALA S 248 -73.33 45.17 -43.85
N VAL S 249 -73.91 44.27 -44.62
CA VAL S 249 -73.79 44.27 -46.07
C VAL S 249 -75.06 44.85 -46.67
N GLY S 250 -74.89 45.74 -47.65
CA GLY S 250 -76.02 46.54 -48.10
C GLY S 250 -76.69 46.17 -49.40
N THR S 251 -76.06 45.30 -50.20
CA THR S 251 -76.62 44.95 -51.48
C THR S 251 -77.61 43.81 -51.33
N ILE S 252 -78.74 43.92 -52.01
CA ILE S 252 -79.69 42.82 -52.08
C ILE S 252 -79.05 41.72 -52.91
N PRO S 253 -78.84 40.53 -52.36
CA PRO S 253 -78.31 39.42 -53.16
C PRO S 253 -79.31 39.00 -54.23
N THR S 254 -78.77 38.49 -55.34
CA THR S 254 -79.55 38.23 -56.53
C THR S 254 -79.35 36.79 -56.99
N SER S 255 -80.23 36.36 -57.90
CA SER S 255 -80.53 34.95 -58.07
C SER S 255 -79.39 34.17 -58.72
N LYS S 256 -79.35 32.88 -58.39
CA LYS S 256 -78.60 31.86 -59.13
C LYS S 256 -77.10 32.10 -59.09
N HIS S 257 -76.60 32.55 -57.93
CA HIS S 257 -75.17 32.63 -57.68
C HIS S 257 -74.96 32.91 -56.21
N ILE S 258 -73.70 33.06 -55.84
CA ILE S 258 -73.29 33.18 -54.45
C ILE S 258 -73.08 34.65 -54.13
N ASN S 259 -73.47 35.05 -52.93
CA ASN S 259 -73.44 36.45 -52.52
C ASN S 259 -72.91 36.53 -51.09
N VAL S 260 -72.21 37.61 -50.79
CA VAL S 260 -71.71 37.79 -49.43
C VAL S 260 -72.87 38.21 -48.54
N ARG S 261 -73.02 37.52 -47.42
CA ARG S 261 -74.15 37.65 -46.54
C ARG S 261 -73.65 37.92 -45.14
N GLY S 262 -74.28 38.86 -44.44
CA GLY S 262 -73.93 39.10 -43.06
C GLY S 262 -74.24 37.93 -42.18
N VAL S 263 -73.45 37.77 -41.12
CA VAL S 263 -73.59 36.65 -40.20
C VAL S 263 -73.01 37.08 -38.86
N ASN S 264 -73.45 36.42 -37.79
CA ASN S 264 -72.82 36.34 -36.47
C ASN S 264 -73.06 37.44 -35.43
N ASN S 265 -73.82 38.50 -35.69
CA ASN S 265 -74.13 39.46 -34.64
C ASN S 265 -72.86 40.08 -34.02
N ARG S 266 -72.25 40.97 -34.79
CA ARG S 266 -71.34 41.96 -34.22
C ARG S 266 -72.06 43.30 -34.25
N GLY S 267 -72.10 43.97 -33.11
CA GLY S 267 -72.80 45.24 -33.03
C GLY S 267 -72.18 46.13 -31.97
N MET S 268 -72.66 47.37 -31.90
CA MET S 268 -72.14 48.33 -30.94
C MET S 268 -73.17 48.70 -29.88
N ALA S 269 -72.72 48.84 -28.64
CA ALA S 269 -73.59 49.21 -27.53
C ALA S 269 -73.95 50.69 -27.60
N GLY S 270 -75.21 51.01 -27.31
CA GLY S 270 -75.66 52.39 -27.35
C GLY S 270 -75.08 53.24 -26.24
N HIS S 271 -73.98 53.93 -26.53
CA HIS S 271 -73.35 54.80 -25.56
C HIS S 271 -74.23 56.01 -25.30
N TYR S 272 -74.17 56.55 -24.09
CA TYR S 272 -74.99 57.70 -23.74
C TYR S 272 -74.30 58.52 -22.66
N LEU S 273 -74.71 59.78 -22.54
CA LEU S 273 -74.20 60.67 -21.52
C LEU S 273 -75.38 61.28 -20.78
N SER S 274 -75.25 61.35 -19.46
CA SER S 274 -76.32 61.88 -18.63
C SER S 274 -75.72 62.39 -17.33
N PHE S 275 -76.50 63.17 -16.62
CA PHE S 275 -76.05 63.67 -15.33
C PHE S 275 -76.92 63.10 -14.23
N PRO S 276 -76.36 62.89 -13.04
CA PRO S 276 -77.13 62.35 -11.95
C PRO S 276 -78.18 63.35 -11.50
N PRO S 277 -79.39 62.90 -11.17
CA PRO S 277 -80.37 63.82 -10.62
C PRO S 277 -79.90 64.38 -9.29
N ILE S 278 -79.91 65.69 -9.17
CA ILE S 278 -79.57 66.37 -7.93
C ILE S 278 -80.65 67.40 -7.69
N ARG S 279 -81.42 67.24 -6.63
CA ARG S 279 -82.49 68.19 -6.36
C ARG S 279 -81.93 69.47 -5.76
N THR S 280 -82.59 70.57 -6.08
CA THR S 280 -82.25 71.88 -5.58
C THR S 280 -83.46 72.47 -4.88
N ASN S 281 -83.29 73.71 -4.41
CA ASN S 281 -84.44 74.48 -3.94
C ASN S 281 -85.51 74.56 -5.01
N ASP S 282 -85.12 74.65 -6.28
CA ASP S 282 -86.05 74.63 -7.39
C ASP S 282 -85.56 73.66 -8.46
N GLY S 283 -86.34 72.62 -8.72
CA GLY S 283 -86.01 71.73 -9.81
C GLY S 283 -84.75 70.93 -9.56
N GLN S 284 -83.93 70.81 -10.59
CA GLN S 284 -82.76 69.95 -10.59
C GLN S 284 -81.50 70.77 -10.66
N PHE S 285 -80.42 70.21 -10.14
CA PHE S 285 -79.14 70.89 -10.17
C PHE S 285 -78.71 71.05 -11.61
N LYS S 286 -78.17 72.21 -11.95
CA LYS S 286 -77.80 72.46 -13.34
C LYS S 286 -76.34 72.08 -13.50
N LEU S 287 -76.09 70.97 -14.18
CA LEU S 287 -74.75 70.52 -14.49
C LEU S 287 -74.49 70.71 -15.98
N ASN S 288 -73.35 71.29 -16.28
CA ASN S 288 -72.91 71.50 -17.64
C ASN S 288 -71.56 70.81 -17.73
N ALA S 289 -71.26 70.25 -18.88
CA ALA S 289 -70.03 69.49 -19.02
C ALA S 289 -69.27 69.97 -20.25
N GLN S 290 -67.94 70.01 -20.12
CA GLN S 290 -67.06 70.06 -21.26
C GLN S 290 -66.15 68.86 -21.25
N PHE S 291 -65.82 68.36 -22.43
CA PHE S 291 -64.75 67.38 -22.58
C PHE S 291 -64.30 67.43 -24.02
N THR S 292 -63.12 66.87 -24.26
CA THR S 292 -62.60 66.76 -25.61
C THR S 292 -63.01 65.42 -26.20
N LEU S 293 -63.45 65.44 -27.44
CA LEU S 293 -63.84 64.24 -28.16
C LEU S 293 -62.76 63.95 -29.18
N GLU S 294 -62.02 62.86 -28.98
CA GLU S 294 -61.06 62.37 -29.96
C GLU S 294 -61.63 61.09 -30.55
N THR S 295 -61.99 61.12 -31.82
CA THR S 295 -62.47 59.94 -32.51
C THR S 295 -61.40 59.46 -33.48
N GLU S 296 -61.32 58.15 -33.65
CA GLU S 296 -60.42 57.56 -34.63
C GLU S 296 -61.14 56.42 -35.32
N ILE S 297 -61.07 56.40 -36.65
CA ILE S 297 -61.56 55.29 -37.44
C ILE S 297 -60.43 54.83 -38.33
N GLU S 298 -60.15 53.53 -38.32
CA GLU S 298 -59.01 52.97 -39.02
C GLU S 298 -59.51 52.22 -40.23
N PHE S 299 -59.25 52.75 -41.42
CA PHE S 299 -59.64 52.08 -42.65
C PHE S 299 -58.53 51.20 -43.19
N GLU S 300 -58.92 50.06 -43.75
CA GLU S 300 -58.09 49.33 -44.69
C GLU S 300 -58.59 49.62 -46.08
N PHE S 301 -57.66 49.75 -47.03
CA PHE S 301 -58.07 49.93 -48.41
C PHE S 301 -57.18 49.09 -49.30
N ARG S 302 -57.59 48.98 -50.55
CA ARG S 302 -57.00 48.03 -51.48
C ARG S 302 -57.04 48.62 -52.87
N LEU S 303 -56.03 48.35 -53.67
CA LEU S 303 -55.84 49.09 -54.90
C LEU S 303 -56.29 48.28 -56.11
N TRP S 304 -56.12 48.88 -57.28
CA TRP S 304 -56.65 48.41 -58.54
C TRP S 304 -55.85 47.23 -59.10
N GLU S 305 -56.48 46.50 -60.00
CA GLU S 305 -55.87 45.34 -60.62
C GLU S 305 -54.65 45.73 -61.43
N GLN S 306 -53.59 44.93 -61.33
CA GLN S 306 -52.41 45.15 -62.14
C GLN S 306 -52.64 44.72 -63.57
N GLY S 307 -51.82 45.27 -64.45
CA GLY S 307 -51.89 44.90 -65.85
C GLY S 307 -52.79 45.79 -66.65
N VAL S 308 -53.04 45.37 -67.88
CA VAL S 308 -53.94 46.09 -68.76
C VAL S 308 -55.33 46.14 -68.17
N GLN S 309 -55.67 45.18 -67.30
CA GLN S 309 -56.97 45.20 -66.65
C GLN S 309 -57.20 46.47 -65.86
N GLY S 310 -56.14 47.05 -65.32
CA GLY S 310 -56.22 48.26 -64.52
C GLY S 310 -56.08 49.56 -65.29
N ILE S 311 -56.02 49.51 -66.61
CA ILE S 311 -55.98 50.72 -67.41
C ILE S 311 -57.35 51.40 -67.38
N ASN S 312 -57.35 52.72 -67.19
CA ASN S 312 -58.60 53.46 -67.04
C ASN S 312 -59.57 53.19 -68.19
N SER S 313 -59.07 53.26 -69.42
CA SER S 313 -59.96 53.15 -70.57
C SER S 313 -60.61 51.79 -70.66
N VAL S 314 -59.84 50.72 -70.42
CA VAL S 314 -60.36 49.36 -70.54
C VAL S 314 -60.81 48.78 -69.22
N HIS S 315 -60.65 49.50 -68.10
CA HIS S 315 -61.08 48.94 -66.84
C HIS S 315 -62.59 48.93 -66.68
N THR S 316 -63.29 49.78 -67.42
CA THR S 316 -64.75 49.79 -67.31
C THR S 316 -65.33 48.42 -67.68
N ASN S 317 -64.98 47.93 -68.86
CA ASN S 317 -65.49 46.65 -69.34
C ASN S 317 -64.61 45.46 -69.02
N LEU S 318 -63.39 45.66 -68.55
CA LEU S 318 -62.59 44.57 -67.97
C LEU S 318 -62.67 44.48 -66.46
N ASN S 319 -63.46 45.31 -65.82
CA ASN S 319 -63.66 45.20 -64.38
C ASN S 319 -64.17 43.80 -64.06
N PRO S 320 -63.61 43.12 -63.05
CA PRO S 320 -64.08 41.79 -62.72
C PRO S 320 -65.54 41.81 -62.29
N ALA S 321 -66.31 40.87 -62.80
CA ALA S 321 -67.68 40.74 -62.34
C ALA S 321 -67.77 40.11 -60.96
N ASN S 322 -66.67 39.56 -60.45
CA ASN S 322 -66.63 39.00 -59.11
C ASN S 322 -66.24 40.03 -58.07
N ASP S 323 -66.08 41.30 -58.45
CA ASP S 323 -66.06 42.35 -57.45
C ASP S 323 -67.27 42.22 -56.53
N SER S 324 -68.45 42.03 -57.13
CA SER S 324 -69.66 41.88 -56.34
C SER S 324 -69.55 40.78 -55.32
N LEU S 325 -68.60 39.87 -55.52
CA LEU S 325 -68.41 38.79 -54.57
C LEU S 325 -67.77 39.31 -53.29
N TRP S 326 -66.63 40.00 -53.39
CA TRP S 326 -65.97 40.60 -52.24
C TRP S 326 -66.19 42.10 -52.08
N ILE S 327 -66.84 42.80 -52.99
CA ILE S 327 -67.04 44.25 -52.78
C ILE S 327 -68.51 44.60 -52.61
N GLN S 328 -68.89 45.13 -51.46
CA GLN S 328 -70.27 44.99 -51.03
C GLN S 328 -71.10 46.20 -50.62
N SER S 329 -70.58 47.41 -50.77
CA SER S 329 -71.27 48.66 -50.35
C SER S 329 -71.52 48.79 -48.83
N TYR S 330 -72.52 49.57 -48.44
CA TYR S 330 -72.81 49.78 -47.01
C TYR S 330 -74.16 49.21 -46.61
N GLY S 331 -74.25 48.63 -45.40
CA GLY S 331 -75.43 47.87 -45.10
C GLY S 331 -76.69 48.64 -44.77
N SER S 332 -76.62 49.49 -43.76
CA SER S 332 -77.83 50.07 -43.20
C SER S 332 -77.57 51.51 -42.86
N LEU S 333 -78.54 52.35 -43.18
CA LEU S 333 -78.39 53.79 -43.09
C LEU S 333 -79.08 54.29 -41.84
N VAL S 334 -78.51 55.34 -41.24
CA VAL S 334 -79.28 56.08 -40.26
C VAL S 334 -80.46 56.71 -41.00
N SER S 335 -81.51 57.00 -40.26
CA SER S 335 -82.73 57.50 -40.87
C SER S 335 -82.64 59.02 -40.89
N ILE S 336 -82.51 59.58 -42.09
CA ILE S 336 -82.25 61.00 -42.29
C ILE S 336 -83.37 61.54 -43.16
N THR S 337 -84.17 62.44 -42.62
CA THR S 337 -85.01 63.30 -43.44
C THR S 337 -84.41 64.69 -43.41
N GLU S 338 -84.38 65.34 -44.57
CA GLU S 338 -83.67 66.60 -44.74
C GLU S 338 -82.23 66.36 -44.28
N SER S 339 -81.66 67.23 -43.46
CA SER S 339 -80.35 67.02 -42.87
C SER S 339 -80.43 66.42 -41.47
N LYS S 340 -81.62 66.07 -41.01
CA LYS S 340 -81.87 65.83 -39.60
C LYS S 340 -82.08 64.35 -39.34
N ILE S 341 -81.43 63.83 -38.29
CA ILE S 341 -81.55 62.42 -37.95
C ILE S 341 -82.92 62.16 -37.33
N ASN S 342 -83.62 61.16 -37.85
CA ASN S 342 -84.93 60.81 -37.30
C ASN S 342 -84.80 59.99 -36.04
N ASN S 343 -83.90 59.02 -36.03
CA ASN S 343 -83.72 58.13 -34.91
C ASN S 343 -82.33 57.53 -35.01
N ILE S 344 -81.86 56.98 -33.90
CA ILE S 344 -80.62 56.22 -33.89
C ILE S 344 -80.89 54.84 -33.33
N GLN S 345 -80.46 53.82 -34.05
CA GLN S 345 -80.56 52.44 -33.63
C GLN S 345 -79.21 52.00 -33.13
N PHE S 346 -79.18 51.18 -32.08
CA PHE S 346 -77.91 50.74 -31.53
C PHE S 346 -77.62 49.26 -31.75
N GLY S 347 -78.40 48.37 -31.18
CA GLY S 347 -78.20 46.95 -31.39
C GLY S 347 -76.80 46.38 -31.20
N PRO S 348 -76.40 46.21 -29.94
CA PRO S 348 -75.10 45.71 -29.50
C PRO S 348 -74.93 44.22 -29.71
N THR S 349 -73.73 43.71 -29.55
CA THR S 349 -73.55 42.28 -29.67
C THR S 349 -74.06 41.89 -28.32
N CYS S 350 -75.27 41.35 -28.26
CA CYS S 350 -75.83 41.05 -26.96
C CYS S 350 -75.20 39.82 -26.37
N PRO S 351 -74.98 39.84 -25.06
CA PRO S 351 -74.30 38.76 -24.35
C PRO S 351 -75.11 37.49 -24.25
N ARG S 352 -76.41 37.54 -24.45
CA ARG S 352 -77.23 36.35 -24.34
C ARG S 352 -77.36 35.58 -25.64
N VAL S 353 -76.89 36.12 -26.76
CA VAL S 353 -76.68 35.29 -27.94
C VAL S 353 -75.59 34.27 -27.65
N ASP S 354 -75.76 33.07 -28.20
CA ASP S 354 -74.76 32.02 -28.02
C ASP S 354 -73.39 32.53 -28.42
N ALA S 355 -72.40 32.26 -27.58
CA ALA S 355 -71.05 32.71 -27.86
C ALA S 355 -70.52 32.16 -29.17
N ARG S 356 -71.09 31.06 -29.66
CA ARG S 356 -70.66 30.52 -30.94
C ARG S 356 -71.14 31.38 -32.09
N ASN S 357 -72.23 32.12 -31.89
CA ASN S 357 -72.70 33.05 -32.91
C ASN S 357 -71.91 34.35 -32.88
N LYS S 358 -71.39 34.76 -31.73
CA LYS S 358 -70.87 36.10 -31.56
C LYS S 358 -69.45 36.27 -32.07
N GLY S 359 -68.87 35.24 -32.69
CA GLY S 359 -67.46 35.26 -33.02
C GLY S 359 -67.06 36.21 -34.14
N GLY S 360 -65.88 36.01 -34.68
CA GLY S 360 -65.18 37.05 -35.42
C GLY S 360 -65.75 37.56 -36.72
N LYS S 361 -65.98 36.68 -37.69
CA LYS S 361 -66.18 37.09 -39.07
C LYS S 361 -67.61 37.56 -39.29
N MET S 362 -67.78 38.76 -39.81
CA MET S 362 -69.11 39.36 -39.97
C MET S 362 -69.79 39.04 -41.28
N SER S 363 -69.19 38.24 -42.14
CA SER S 363 -69.89 37.92 -43.37
C SER S 363 -69.53 36.53 -43.80
N MET S 364 -70.41 35.95 -44.63
CA MET S 364 -70.18 34.65 -45.20
C MET S 364 -70.57 34.75 -46.66
N LEU S 365 -69.97 33.90 -47.47
CA LEU S 365 -70.20 33.93 -48.90
C LEU S 365 -71.18 32.79 -49.19
N PHE S 366 -72.43 33.16 -49.33
CA PHE S 366 -73.54 32.22 -49.42
C PHE S 366 -74.44 32.48 -50.61
N ASP S 367 -74.86 31.42 -51.28
CA ASP S 367 -75.70 31.53 -52.48
C ASP S 367 -77.13 31.94 -52.28
N HIS S 368 -77.72 32.45 -53.34
CA HIS S 368 -79.11 32.85 -53.33
C HIS S 368 -79.82 32.19 -54.51
N HIS S 369 -80.98 31.61 -54.26
CA HIS S 369 -81.73 30.96 -55.32
C HIS S 369 -82.92 31.79 -55.78
N GLU T 36 -49.32 59.87 -11.38
CA GLU T 36 -50.20 58.73 -11.63
C GLU T 36 -51.32 59.17 -12.58
N GLY T 37 -51.89 58.22 -13.31
CA GLY T 37 -52.94 58.53 -14.26
C GLY T 37 -52.38 58.92 -15.61
N ASP T 38 -53.29 59.29 -16.50
CA ASP T 38 -52.90 59.70 -17.84
C ASP T 38 -52.53 61.17 -17.91
N GLY T 39 -52.55 61.89 -16.80
CA GLY T 39 -52.20 63.29 -16.73
C GLY T 39 -53.37 64.22 -16.55
N SER T 40 -54.58 63.71 -16.76
CA SER T 40 -55.80 64.50 -16.68
C SER T 40 -56.08 65.13 -15.34
N ALA T 41 -55.31 64.75 -14.32
CA ALA T 41 -55.48 65.26 -12.96
C ALA T 41 -55.01 66.70 -12.81
N PRO T 42 -55.42 67.35 -11.73
CA PRO T 42 -54.97 68.74 -11.59
C PRO T 42 -53.45 68.92 -11.50
N GLY T 43 -52.70 68.04 -10.85
CA GLY T 43 -51.25 68.25 -10.75
C GLY T 43 -50.36 67.21 -11.39
N GLY T 44 -49.12 67.55 -11.70
CA GLY T 44 -48.21 66.62 -12.33
C GLY T 44 -47.98 66.85 -13.82
N SER T 45 -48.06 65.80 -14.62
CA SER T 45 -47.86 65.90 -16.07
C SER T 45 -49.08 66.36 -16.86
N VAL T 46 -48.87 66.97 -18.00
CA VAL T 46 -49.90 67.52 -18.87
C VAL T 46 -50.56 66.45 -19.72
N TRP T 47 -51.88 66.41 -19.70
CA TRP T 47 -52.58 65.47 -20.54
C TRP T 47 -52.43 66.07 -21.91
N GLN T 48 -51.97 65.29 -22.87
CA GLN T 48 -51.79 65.83 -24.20
C GLN T 48 -52.45 64.95 -25.23
N THR T 49 -52.87 65.58 -26.32
CA THR T 49 -53.66 64.94 -27.36
C THR T 49 -52.81 63.99 -28.20
N THR T 50 -53.50 63.11 -28.92
CA THR T 50 -52.84 62.10 -29.73
C THR T 50 -52.02 62.73 -30.85
N ASP T 51 -51.05 61.97 -31.32
CA ASP T 51 -50.10 62.42 -32.32
C ASP T 51 -50.71 62.33 -33.71
N TYR T 52 -50.70 63.45 -34.44
CA TYR T 52 -51.15 63.44 -35.82
C TYR T 52 -50.04 63.23 -36.84
N ILE T 53 -48.78 63.21 -36.42
CA ILE T 53 -47.70 63.02 -37.38
C ILE T 53 -47.67 61.58 -37.86
N ALA T 54 -47.74 60.62 -36.94
CA ALA T 54 -47.44 59.24 -37.25
C ALA T 54 -48.19 58.75 -38.48
N LEU T 55 -49.46 59.13 -38.61
CA LEU T 55 -50.23 58.71 -39.77
C LEU T 55 -49.97 59.54 -41.02
N SER T 56 -49.45 60.75 -40.87
CA SER T 56 -49.11 61.52 -42.07
C SER T 56 -47.79 61.10 -42.66
N MET T 57 -46.91 60.48 -41.87
CA MET T 57 -45.61 60.05 -42.36
C MET T 57 -45.59 58.63 -42.89
N VAL T 58 -46.65 57.85 -42.70
CA VAL T 58 -46.61 56.46 -43.13
C VAL T 58 -46.54 56.42 -44.65
N VAL T 59 -45.56 55.68 -45.16
CA VAL T 59 -45.30 55.57 -46.59
C VAL T 59 -45.95 54.29 -47.09
N TYR T 60 -46.86 54.43 -48.02
CA TYR T 60 -47.51 53.30 -48.66
C TYR T 60 -46.87 53.06 -50.01
N ARG T 61 -46.78 51.81 -50.41
CA ARG T 61 -45.92 51.42 -51.51
C ARG T 61 -46.72 50.57 -52.48
N THR T 62 -46.87 51.04 -53.71
CA THR T 62 -47.60 50.31 -54.73
C THR T 62 -46.75 50.15 -55.99
N ALA T 63 -47.34 49.60 -57.05
CA ALA T 63 -46.61 49.43 -58.30
C ALA T 63 -47.62 49.35 -59.45
N ILE T 64 -47.11 49.58 -60.65
CA ILE T 64 -47.89 49.44 -61.87
C ILE T 64 -47.14 48.52 -62.81
N LYS T 65 -47.72 47.38 -63.11
CA LYS T 65 -47.11 46.37 -63.97
C LYS T 65 -47.93 46.25 -65.24
N LEU T 66 -47.26 46.22 -66.39
CA LEU T 66 -47.92 46.16 -67.67
C LEU T 66 -47.12 45.26 -68.60
N ARG T 67 -47.82 44.47 -69.41
CA ARG T 67 -47.19 43.63 -70.42
C ARG T 67 -47.59 44.09 -71.82
N ASN T 68 -46.71 43.79 -72.75
CA ASN T 68 -46.83 44.25 -74.11
C ASN T 68 -46.10 43.26 -74.99
N PHE T 69 -46.51 43.17 -76.24
CA PHE T 69 -45.75 42.46 -77.26
C PHE T 69 -45.13 43.48 -78.19
N VAL T 70 -43.83 43.36 -78.43
CA VAL T 70 -43.10 44.28 -79.27
C VAL T 70 -42.74 43.56 -80.56
N ASN T 71 -43.01 44.20 -81.69
CA ASN T 71 -42.64 43.69 -83.01
C ASN T 71 -41.74 44.72 -83.65
N ILE T 72 -40.49 44.35 -83.88
CA ILE T 72 -39.50 45.24 -84.49
C ILE T 72 -39.23 44.71 -85.89
N ARG T 73 -39.63 45.47 -86.90
CA ARG T 73 -39.48 45.05 -88.28
C ARG T 73 -38.75 46.10 -89.09
N GLY T 74 -38.08 45.64 -90.14
CA GLY T 74 -37.47 46.55 -91.10
C GLY T 74 -36.43 47.46 -90.51
N LEU T 75 -35.65 46.97 -89.55
CA LEU T 75 -34.66 47.78 -88.85
C LEU T 75 -33.31 47.43 -89.44
N THR T 76 -32.71 48.37 -90.17
CA THR T 76 -31.42 48.12 -90.78
C THR T 76 -30.32 48.23 -89.72
N PRO T 77 -29.12 47.71 -90.00
CA PRO T 77 -28.07 47.71 -88.97
C PRO T 77 -27.60 49.08 -88.54
N THR T 78 -27.79 50.11 -89.36
CA THR T 78 -27.42 51.46 -88.95
C THR T 78 -28.43 52.03 -87.98
N GLU T 79 -29.71 51.91 -88.31
CA GLU T 79 -30.77 52.40 -87.46
C GLU T 79 -30.98 51.48 -86.25
N MET T 80 -31.60 52.05 -85.22
CA MET T 80 -31.60 51.45 -83.89
C MET T 80 -32.87 51.85 -83.15
N ILE T 81 -33.40 50.92 -82.37
CA ILE T 81 -34.60 51.17 -81.58
C ILE T 81 -34.21 51.81 -80.26
N VAL T 82 -34.83 52.93 -79.95
CA VAL T 82 -34.61 53.64 -78.71
C VAL T 82 -35.63 53.15 -77.69
N ILE T 83 -35.14 52.63 -76.56
CA ILE T 83 -36.05 52.15 -75.53
C ILE T 83 -36.45 53.39 -74.73
N PRO T 84 -37.67 53.85 -74.80
CA PRO T 84 -38.06 55.02 -74.02
C PRO T 84 -38.22 54.69 -72.55
N TRP T 85 -37.19 54.09 -71.97
CA TRP T 85 -37.36 53.49 -70.67
C TRP T 85 -37.05 54.46 -69.55
N ASN T 86 -36.55 55.64 -69.89
CA ASN T 86 -36.29 56.69 -68.92
C ASN T 86 -37.40 57.72 -68.86
N VAL T 87 -38.47 57.57 -69.62
CA VAL T 87 -39.61 58.47 -69.54
C VAL T 87 -40.66 57.83 -68.65
N MET T 88 -41.24 58.65 -67.78
CA MET T 88 -42.16 58.14 -66.77
C MET T 88 -43.39 57.52 -67.40
N ARG T 89 -43.87 58.12 -68.49
CA ARG T 89 -45.08 57.66 -69.15
C ARG T 89 -44.94 56.26 -69.74
N PHE T 90 -43.72 55.77 -69.91
CA PHE T 90 -43.50 54.45 -70.46
C PHE T 90 -44.06 53.37 -69.54
N TYR T 91 -43.82 53.50 -68.24
CA TYR T 91 -44.16 52.45 -67.31
C TYR T 91 -45.62 52.48 -66.88
N CYS T 92 -46.13 53.66 -66.55
CA CYS T 92 -47.43 53.79 -65.93
C CYS T 92 -48.56 54.16 -66.88
N GLU T 93 -48.26 54.35 -68.17
CA GLU T 93 -49.29 54.57 -69.17
C GLU T 93 -49.05 53.59 -70.31
N TYR T 94 -50.11 52.99 -70.79
CA TYR T 94 -49.99 51.85 -71.68
C TYR T 94 -50.23 52.36 -73.09
N ASN T 95 -49.17 52.50 -73.87
CA ASN T 95 -49.32 53.01 -75.22
C ASN T 95 -48.98 51.87 -76.15
N THR T 96 -50.00 51.26 -76.73
CA THR T 96 -49.83 50.19 -77.69
C THR T 96 -50.96 50.30 -78.70
N GLY T 97 -50.63 50.26 -79.99
CA GLY T 97 -51.68 50.15 -80.98
C GLY T 97 -52.76 51.20 -80.85
N THR T 98 -54.00 50.74 -80.72
CA THR T 98 -55.15 51.63 -80.63
C THR T 98 -55.31 52.27 -79.25
N TYR T 99 -54.72 51.68 -78.21
CA TYR T 99 -54.89 52.21 -76.85
C TYR T 99 -54.47 53.67 -76.77
N GLY T 100 -53.25 53.98 -77.18
CA GLY T 100 -52.75 55.34 -77.09
C GLY T 100 -53.61 56.34 -77.83
N LEU T 101 -54.38 55.90 -78.82
CA LEU T 101 -55.30 56.80 -79.50
C LEU T 101 -56.53 57.08 -78.63
N SER T 102 -56.99 56.07 -77.90
CA SER T 102 -58.09 56.25 -76.97
C SER T 102 -57.63 57.05 -75.76
N GLY T 103 -58.59 57.64 -75.06
CA GLY T 103 -58.30 58.56 -73.98
C GLY T 103 -58.05 57.91 -72.64
N ASN T 104 -57.23 58.57 -71.83
CA ASN T 104 -56.97 58.20 -70.44
C ASN T 104 -56.59 56.73 -70.32
N VAL T 105 -55.39 56.42 -70.84
CA VAL T 105 -54.88 55.06 -70.79
C VAL T 105 -53.98 54.85 -69.58
N HIS T 106 -53.86 55.83 -68.71
CA HIS T 106 -53.12 55.65 -67.47
C HIS T 106 -53.69 54.49 -66.66
N HIS T 107 -52.81 53.79 -65.96
CA HIS T 107 -53.25 52.74 -65.07
C HIS T 107 -53.97 53.36 -63.87
N LYS T 108 -54.97 52.65 -63.36
CA LYS T 108 -55.82 53.24 -62.34
C LYS T 108 -55.12 53.39 -60.99
N ASN T 109 -54.07 52.60 -60.73
CA ASN T 109 -53.27 52.88 -59.55
C ASN T 109 -52.61 54.24 -59.65
N TYR T 110 -52.30 54.69 -60.86
CA TYR T 110 -51.68 56.00 -60.96
C TYR T 110 -52.71 57.11 -60.83
N SER T 111 -53.92 56.89 -61.31
CA SER T 111 -54.95 57.92 -61.20
C SER T 111 -55.23 58.27 -59.74
N MET T 112 -55.12 57.30 -58.85
CA MET T 112 -55.31 57.60 -57.44
C MET T 112 -54.06 58.12 -56.76
N LEU T 113 -52.88 57.88 -57.33
CA LEU T 113 -51.70 58.53 -56.77
C LEU T 113 -51.83 60.04 -56.81
N LEU T 114 -52.71 60.55 -57.64
CA LEU T 114 -53.07 61.95 -57.63
C LEU T 114 -54.12 62.27 -56.58
N ALA T 115 -54.78 61.26 -56.02
CA ALA T 115 -55.70 61.48 -54.93
C ALA T 115 -54.98 61.64 -53.59
N CYS T 116 -53.95 60.84 -53.35
CA CYS T 116 -53.11 61.04 -52.19
C CYS T 116 -52.23 62.26 -52.38
N LYS T 117 -51.72 62.82 -51.28
CA LYS T 117 -51.10 64.13 -51.41
C LYS T 117 -49.69 64.06 -51.97
N ALA T 118 -49.01 62.94 -51.82
CA ALA T 118 -47.64 62.81 -52.29
C ALA T 118 -47.44 61.42 -52.85
N HIS T 119 -46.70 61.34 -53.95
CA HIS T 119 -46.26 60.05 -54.47
C HIS T 119 -44.84 60.19 -54.97
N ARG T 120 -44.12 59.09 -54.95
CA ARG T 120 -42.76 59.10 -55.42
C ARG T 120 -42.48 57.85 -56.21
N PRO T 121 -41.76 57.97 -57.34
CA PRO T 121 -41.63 56.84 -58.27
C PRO T 121 -40.74 55.71 -57.84
N THR T 122 -39.75 55.92 -56.97
CA THR T 122 -38.81 54.89 -56.52
C THR T 122 -38.30 54.02 -57.67
N LYS T 123 -38.32 52.70 -57.50
CA LYS T 123 -37.71 51.82 -58.49
C LYS T 123 -38.52 51.77 -59.77
N VAL T 124 -37.83 51.54 -60.88
CA VAL T 124 -38.47 51.43 -62.19
C VAL T 124 -37.66 50.43 -63.01
N GLY T 125 -38.34 49.66 -63.85
CA GLY T 125 -37.64 48.64 -64.60
C GLY T 125 -38.51 48.00 -65.65
N TYR T 126 -37.89 47.14 -66.45
CA TYR T 126 -38.63 46.45 -67.51
C TYR T 126 -37.91 45.15 -67.86
N THR T 127 -38.64 44.27 -68.55
CA THR T 127 -38.13 42.96 -68.93
C THR T 127 -38.44 42.69 -70.39
N LEU T 128 -37.42 42.23 -71.12
CA LEU T 128 -37.58 41.69 -72.45
C LEU T 128 -37.51 40.17 -72.38
N SER T 129 -38.47 39.50 -73.01
CA SER T 129 -38.59 38.07 -72.80
C SER T 129 -39.06 37.38 -74.06
N ASN T 130 -38.68 36.12 -74.19
CA ASN T 130 -39.16 35.21 -75.25
C ASN T 130 -39.05 35.85 -76.62
N LEU T 131 -37.80 35.99 -77.04
CA LEU T 131 -37.50 36.60 -78.32
C LEU T 131 -37.84 35.65 -79.45
N ILE T 132 -38.48 36.19 -80.48
CA ILE T 132 -38.77 35.47 -81.71
C ILE T 132 -38.22 36.30 -82.86
N LEU T 133 -37.24 35.76 -83.56
CA LEU T 133 -36.72 36.36 -84.77
C LEU T 133 -37.37 35.72 -85.99
N THR T 134 -37.73 36.55 -86.95
CA THR T 134 -38.27 36.11 -88.21
C THR T 134 -37.48 36.78 -89.33
N SER T 135 -37.65 36.28 -90.54
CA SER T 135 -36.87 36.74 -91.68
C SER T 135 -37.80 37.05 -92.84
N ASP T 136 -37.59 38.20 -93.46
CA ASP T 136 -38.25 38.55 -94.71
C ASP T 136 -37.47 38.09 -95.92
N GLU T 137 -36.38 37.34 -95.71
CA GLU T 137 -35.52 36.96 -96.82
C GLU T 137 -36.27 36.20 -97.90
N LEU T 138 -37.21 35.34 -97.52
CA LEU T 138 -38.01 34.63 -98.51
C LEU T 138 -39.07 35.52 -99.12
N VAL T 139 -39.35 36.68 -98.52
CA VAL T 139 -40.36 37.58 -99.02
C VAL T 139 -39.82 38.35 -100.22
N SER T 140 -40.66 38.51 -101.23
CA SER T 140 -40.34 39.32 -102.40
C SER T 140 -41.60 40.04 -102.84
N THR T 141 -41.42 41.04 -103.70
CA THR T 141 -42.58 41.81 -104.16
C THR T 141 -43.56 40.94 -104.93
N GLY T 142 -43.09 39.84 -105.53
CA GLY T 142 -44.00 38.89 -106.14
C GLY T 142 -44.86 38.17 -105.12
N GLY T 143 -44.36 38.03 -103.90
CA GLY T 143 -45.16 37.45 -102.83
C GLY T 143 -45.11 35.93 -102.82
N THR T 144 -46.24 35.34 -102.41
CA THR T 144 -46.48 33.90 -102.33
C THR T 144 -45.66 33.24 -101.23
N LEU T 145 -44.68 33.95 -100.68
CA LEU T 145 -43.92 33.48 -99.52
C LEU T 145 -43.82 34.61 -98.52
N GLY T 146 -44.25 34.35 -97.29
CA GLY T 146 -44.21 35.33 -96.23
C GLY T 146 -43.00 35.14 -95.32
N THR T 147 -42.91 36.02 -94.34
CA THR T 147 -41.81 35.92 -93.39
C THR T 147 -41.99 34.67 -92.53
N THR T 148 -40.87 34.18 -92.01
CA THR T 148 -40.94 33.04 -91.13
C THR T 148 -39.73 33.09 -90.22
N THR T 149 -39.81 32.37 -89.10
CA THR T 149 -38.75 32.35 -88.13
C THR T 149 -37.45 31.89 -88.77
N THR T 150 -36.34 32.41 -88.26
CA THR T 150 -35.04 32.12 -88.84
C THR T 150 -34.78 30.62 -88.86
N PHE T 151 -34.09 30.17 -89.91
CA PHE T 151 -33.86 28.75 -90.11
C PHE T 151 -33.11 28.13 -88.93
N ASN T 152 -32.18 28.86 -88.36
CA ASN T 152 -31.51 28.42 -87.14
C ASN T 152 -31.48 29.58 -86.16
N THR T 153 -31.13 29.27 -84.92
CA THR T 153 -31.20 30.22 -83.82
C THR T 153 -29.95 31.05 -83.66
N SER T 154 -28.98 30.92 -84.58
CA SER T 154 -27.78 31.74 -84.52
C SER T 154 -28.03 33.25 -84.57
N PRO T 155 -29.00 33.78 -85.32
CA PRO T 155 -29.19 35.23 -85.30
C PRO T 155 -29.60 35.73 -83.94
N TYR T 156 -29.43 37.03 -83.74
CA TYR T 156 -29.68 37.63 -82.43
C TYR T 156 -30.08 39.09 -82.61
N MET T 157 -30.70 39.62 -81.57
CA MET T 157 -30.99 41.04 -81.48
C MET T 157 -30.11 41.65 -80.39
N ILE T 158 -29.49 42.77 -80.69
CA ILE T 158 -28.50 43.35 -79.81
C ILE T 158 -29.21 44.32 -78.88
N HIS T 159 -29.09 44.10 -77.59
CA HIS T 159 -29.57 45.06 -76.61
C HIS T 159 -28.40 45.87 -76.10
N SER T 160 -28.39 47.16 -76.40
CA SER T 160 -27.28 48.03 -76.10
C SER T 160 -27.64 48.97 -74.97
N ILE T 161 -26.74 49.07 -73.99
CA ILE T 161 -26.86 50.04 -72.91
C ILE T 161 -25.70 51.01 -73.07
N ASP T 162 -25.99 52.29 -73.26
CA ASP T 162 -24.90 53.23 -73.50
C ASP T 162 -24.52 53.81 -72.15
N ASP T 163 -23.39 53.34 -71.62
CA ASP T 163 -22.89 53.80 -70.33
C ASP T 163 -22.09 55.08 -70.47
N GLN T 164 -21.27 55.16 -71.51
CA GLN T 164 -20.39 56.29 -71.73
C GLN T 164 -21.11 57.45 -72.39
N GLN T 165 -22.40 57.28 -72.68
CA GLN T 165 -23.21 58.30 -73.32
C GLN T 165 -22.61 58.72 -74.65
N CYS T 166 -22.37 57.72 -75.52
CA CYS T 166 -22.05 58.03 -76.91
C CYS T 166 -23.12 58.91 -77.52
N LEU T 167 -24.38 58.63 -77.22
CA LEU T 167 -25.52 59.42 -77.68
C LEU T 167 -26.11 60.13 -76.49
N SER T 168 -25.94 61.45 -76.45
CA SER T 168 -26.53 62.26 -75.40
C SER T 168 -28.01 62.48 -75.65
N LYS T 169 -28.36 62.82 -76.87
CA LYS T 169 -29.69 63.19 -77.26
C LYS T 169 -30.00 62.51 -78.58
N VAL T 170 -31.17 61.87 -78.65
CA VAL T 170 -31.49 60.97 -79.74
C VAL T 170 -32.71 61.52 -80.47
N TYR T 171 -32.63 61.56 -81.79
CA TYR T 171 -33.69 62.08 -82.63
C TYR T 171 -34.27 60.98 -83.51
N PRO T 172 -35.53 61.10 -83.92
CA PRO T 172 -36.08 60.15 -84.88
C PRO T 172 -35.40 60.27 -86.25
N LYS T 173 -35.59 59.24 -87.06
CA LYS T 173 -35.06 59.27 -88.40
C LYS T 173 -35.75 60.36 -89.22
N THR T 174 -35.07 60.79 -90.28
CA THR T 174 -35.53 61.93 -91.07
C THR T 174 -36.99 61.79 -91.48
N ASP T 175 -37.36 60.63 -92.02
CA ASP T 175 -38.73 60.46 -92.51
C ASP T 175 -39.70 60.18 -91.36
N THR T 176 -39.28 59.38 -90.39
CA THR T 176 -40.22 58.90 -89.38
C THR T 176 -40.43 59.96 -88.29
N VAL T 177 -41.29 59.62 -87.33
CA VAL T 177 -41.54 60.47 -86.18
C VAL T 177 -41.94 59.54 -85.03
N TRP T 178 -41.79 60.03 -83.81
CA TRP T 178 -42.05 59.21 -82.63
C TRP T 178 -43.36 59.63 -82.00
N PRO T 179 -44.43 58.86 -82.14
CA PRO T 179 -45.66 59.18 -81.41
C PRO T 179 -45.52 58.78 -79.95
N VAL T 180 -46.17 59.55 -79.07
CA VAL T 180 -46.18 59.12 -77.69
C VAL T 180 -47.21 58.02 -77.51
N SER T 181 -48.26 58.00 -78.34
CA SER T 181 -49.26 56.96 -78.28
C SER T 181 -48.70 55.61 -78.66
N SER T 182 -47.57 55.58 -79.33
CA SER T 182 -46.91 54.36 -79.78
C SER T 182 -45.82 53.90 -78.83
N MET T 183 -45.68 54.55 -77.68
CA MET T 183 -44.45 54.45 -76.88
C MET T 183 -44.09 53.02 -76.52
N ARG T 184 -45.05 52.26 -75.99
CA ARG T 184 -44.67 50.97 -75.39
C ARG T 184 -44.40 49.87 -76.40
N GLU T 185 -44.99 49.89 -77.59
CA GLU T 185 -44.48 49.00 -78.63
C GLU T 185 -43.34 49.75 -79.26
N LEU T 186 -42.19 49.12 -79.39
CA LEU T 186 -41.00 49.93 -79.57
C LEU T 186 -40.84 50.09 -81.07
N ASP T 187 -41.29 51.23 -81.57
CA ASP T 187 -41.09 51.66 -82.94
C ASP T 187 -40.07 52.76 -83.09
N TYR T 188 -39.49 53.28 -82.01
CA TYR T 188 -38.73 54.51 -82.15
C TYR T 188 -37.38 54.16 -82.75
N VAL T 189 -37.12 54.67 -83.94
CA VAL T 189 -35.94 54.32 -84.70
C VAL T 189 -35.06 55.56 -84.82
N ALA T 190 -33.85 55.45 -84.30
CA ALA T 190 -32.83 56.46 -84.47
C ALA T 190 -31.81 55.94 -85.46
N SER T 191 -31.25 56.84 -86.24
CA SER T 191 -30.16 56.51 -87.12
C SER T 191 -28.93 57.24 -86.59
N THR T 192 -27.99 56.49 -86.03
CA THR T 192 -26.79 57.06 -85.46
C THR T 192 -25.77 57.22 -86.58
N VAL T 193 -25.36 58.44 -86.85
CA VAL T 193 -24.55 58.75 -88.02
C VAL T 193 -23.49 59.77 -87.61
N SER T 194 -22.24 59.51 -88.00
CA SER T 194 -21.17 60.49 -87.86
C SER T 194 -21.26 61.45 -89.05
N GLY T 195 -20.25 62.26 -89.29
CA GLY T 195 -20.42 63.22 -90.35
C GLY T 195 -20.65 62.58 -91.71
N ASP T 196 -19.71 61.79 -92.19
CA ASP T 196 -19.92 60.93 -93.35
C ASP T 196 -20.21 59.48 -93.00
N ASN T 197 -20.16 59.11 -91.72
CA ASN T 197 -20.08 57.72 -91.32
C ASN T 197 -21.39 57.28 -90.69
N ALA T 198 -21.92 56.16 -91.16
CA ALA T 198 -23.05 55.53 -90.50
C ALA T 198 -22.52 54.67 -89.36
N ILE T 199 -22.97 54.96 -88.15
CA ILE T 199 -22.50 54.24 -86.97
C ILE T 199 -23.31 52.96 -86.82
N ILE T 200 -22.61 51.84 -86.68
CA ILE T 200 -23.27 50.61 -86.23
C ILE T 200 -23.43 50.74 -84.72
N PRO T 201 -24.66 50.75 -84.20
CA PRO T 201 -24.85 51.10 -82.79
C PRO T 201 -24.12 50.20 -81.82
N SER T 202 -24.09 48.90 -82.08
CA SER T 202 -23.45 47.97 -81.17
C SER T 202 -21.97 48.25 -80.99
N THR T 203 -21.33 48.94 -81.94
CA THR T 203 -19.90 49.12 -81.87
C THR T 203 -19.50 50.23 -80.91
N ILE T 204 -20.28 51.30 -80.83
CA ILE T 204 -19.93 52.41 -79.94
C ILE T 204 -20.37 52.13 -78.51
N PHE T 205 -21.52 51.49 -78.32
CA PHE T 205 -22.10 51.38 -76.99
C PHE T 205 -21.31 50.42 -76.12
N ASN T 206 -21.47 50.58 -74.82
CA ASN T 206 -20.62 49.89 -73.86
C ASN T 206 -21.10 48.46 -73.63
N LYS T 207 -22.22 48.30 -72.92
CA LYS T 207 -22.80 46.98 -72.73
C LYS T 207 -23.67 46.66 -73.91
N ASN T 208 -23.33 45.59 -74.62
CA ASN T 208 -24.10 45.09 -75.75
C ASN T 208 -24.37 43.62 -75.49
N ARG T 209 -25.62 43.28 -75.30
CA ARG T 209 -26.04 41.91 -75.09
C ARG T 209 -26.56 41.36 -76.40
N TYR T 210 -25.97 40.26 -76.87
CA TYR T 210 -26.48 39.61 -78.06
C TYR T 210 -27.46 38.55 -77.60
N TRP T 211 -28.74 38.79 -77.84
CA TRP T 211 -29.80 38.03 -77.21
C TRP T 211 -30.51 37.23 -78.28
N LYS T 212 -30.46 35.92 -78.13
CA LYS T 212 -30.90 34.99 -79.16
C LYS T 212 -32.24 34.39 -78.78
N GLN T 213 -32.72 33.51 -79.65
CA GLN T 213 -33.95 32.78 -79.40
C GLN T 213 -33.67 31.68 -78.38
N GLY T 214 -34.39 31.69 -77.28
CA GLY T 214 -34.18 30.74 -76.22
C GLY T 214 -33.40 31.27 -75.04
N ASP T 215 -32.73 32.41 -75.20
CA ASP T 215 -32.02 33.01 -74.08
C ASP T 215 -33.00 33.45 -73.00
N ASP T 216 -32.48 33.56 -71.78
CA ASP T 216 -33.30 33.99 -70.67
C ASP T 216 -33.73 35.43 -70.87
N ALA T 217 -34.79 35.80 -70.17
CA ALA T 217 -35.32 37.15 -70.27
C ALA T 217 -34.27 38.16 -69.82
N LEU T 218 -34.33 39.35 -70.41
CA LEU T 218 -33.42 40.44 -70.09
C LEU T 218 -34.12 41.39 -69.12
N HIS T 219 -33.58 41.50 -67.91
CA HIS T 219 -34.19 42.29 -66.85
C HIS T 219 -33.38 43.54 -66.64
N PHE T 220 -34.04 44.70 -66.66
CA PHE T 220 -33.36 45.96 -66.46
C PHE T 220 -34.13 46.76 -65.43
N SER T 221 -33.42 47.36 -64.49
CA SER T 221 -34.04 48.04 -63.37
C SER T 221 -33.26 49.31 -63.07
N HIS T 222 -33.95 50.27 -62.48
CA HIS T 222 -33.31 51.48 -61.98
C HIS T 222 -33.94 51.83 -60.65
N ASP T 223 -33.09 52.02 -59.63
CA ASP T 223 -33.57 52.42 -58.31
C ASP T 223 -33.48 53.92 -58.19
N LEU T 224 -34.56 54.55 -57.74
CA LEU T 224 -34.59 55.96 -57.43
C LEU T 224 -34.59 56.14 -55.92
N ASP T 225 -33.63 56.91 -55.41
CA ASP T 225 -33.68 57.40 -54.04
C ASP T 225 -33.84 58.91 -54.10
N LEU T 226 -35.02 59.38 -53.78
CA LEU T 226 -35.34 60.80 -53.78
C LEU T 226 -35.48 61.25 -52.34
N GLY T 227 -35.03 62.46 -52.07
CA GLY T 227 -35.31 62.98 -50.74
C GLY T 227 -36.64 63.65 -50.62
N PHE T 228 -37.43 63.67 -51.69
CA PHE T 228 -38.64 64.46 -51.74
C PHE T 228 -39.71 63.65 -52.44
N TRP T 229 -40.86 64.29 -52.64
CA TRP T 229 -42.06 63.66 -53.12
C TRP T 229 -42.65 64.52 -54.23
N PHE T 230 -43.60 63.97 -54.96
CA PHE T 230 -44.25 64.71 -56.03
C PHE T 230 -45.73 64.85 -55.73
N GLY T 231 -46.27 66.04 -55.98
CA GLY T 231 -47.67 66.28 -55.73
C GLY T 231 -48.54 66.34 -56.96
N SER T 232 -47.92 66.36 -58.14
CA SER T 232 -48.64 66.51 -59.39
C SER T 232 -48.42 65.30 -60.27
N ASP T 233 -49.04 65.29 -61.44
CA ASP T 233 -48.81 64.21 -62.37
C ASP T 233 -47.48 64.40 -63.08
N TYR T 234 -46.90 63.29 -63.55
CA TYR T 234 -45.64 63.39 -64.27
C TYR T 234 -45.81 64.14 -65.57
N GLY T 235 -46.84 63.83 -66.35
CA GLY T 235 -47.14 64.64 -67.51
C GLY T 235 -46.04 64.65 -68.54
N ASN T 236 -45.68 63.48 -69.05
CA ASN T 236 -44.57 63.25 -69.99
C ASN T 236 -43.27 63.89 -69.49
N ALA T 237 -42.94 63.56 -68.25
CA ALA T 237 -41.65 63.87 -67.67
C ALA T 237 -40.78 62.63 -67.67
N TYR T 238 -39.48 62.82 -67.84
CA TYR T 238 -38.56 61.73 -67.59
C TYR T 238 -38.67 61.31 -66.13
N VAL T 239 -38.63 60.01 -65.90
CA VAL T 239 -38.56 59.55 -64.52
C VAL T 239 -37.33 60.14 -63.85
N PRO T 240 -37.44 60.68 -62.65
CA PRO T 240 -36.46 61.66 -62.16
C PRO T 240 -35.01 61.21 -62.26
N GLN T 241 -34.18 62.10 -62.76
CA GLN T 241 -32.77 61.85 -62.99
C GLN T 241 -32.02 63.13 -62.70
N ASN T 242 -30.78 62.99 -62.26
CA ASN T 242 -29.88 64.13 -62.11
C ASN T 242 -28.75 63.95 -63.12
N ASN T 243 -28.70 64.82 -64.11
CA ASN T 243 -27.74 64.60 -65.19
C ASN T 243 -27.30 65.93 -65.77
N ASP T 244 -26.40 65.81 -66.75
CA ASP T 244 -26.08 66.95 -67.61
C ASP T 244 -27.29 67.42 -68.38
N SER T 245 -28.15 66.49 -68.78
CA SER T 245 -29.34 66.84 -69.54
C SER T 245 -30.50 67.30 -68.65
N MET T 246 -30.63 66.77 -67.44
CA MET T 246 -31.87 66.99 -66.71
C MET T 246 -31.65 66.85 -65.21
N ASN T 247 -32.58 67.42 -64.45
CA ASN T 247 -32.58 67.33 -63.00
C ASN T 247 -33.92 66.81 -62.50
N ALA T 248 -33.88 66.24 -61.31
CA ALA T 248 -35.01 65.45 -60.81
C ALA T 248 -36.15 66.32 -60.29
N VAL T 249 -35.83 67.50 -59.78
CA VAL T 249 -36.81 68.37 -59.13
C VAL T 249 -37.20 69.47 -60.11
N GLY T 250 -38.50 69.74 -60.22
CA GLY T 250 -38.99 70.58 -61.29
C GLY T 250 -39.36 72.00 -60.98
N THR T 251 -39.47 72.36 -59.71
CA THR T 251 -39.89 73.69 -59.34
C THR T 251 -38.68 74.62 -59.28
N ILE T 252 -38.84 75.82 -59.82
CA ILE T 252 -37.82 76.85 -59.68
C ILE T 252 -37.79 77.27 -58.22
N PRO T 253 -36.68 77.12 -57.52
CA PRO T 253 -36.59 77.61 -56.15
C PRO T 253 -36.68 79.12 -56.10
N THR T 254 -37.22 79.63 -54.99
CA THR T 254 -37.57 81.03 -54.87
C THR T 254 -36.93 81.63 -53.62
N SER T 255 -36.93 82.95 -53.55
CA SER T 255 -35.97 83.70 -52.74
C SER T 255 -36.22 83.56 -51.25
N LYS T 256 -35.12 83.69 -50.50
CA LYS T 256 -35.14 83.97 -49.06
C LYS T 256 -35.76 82.82 -48.25
N HIS T 257 -35.48 81.59 -48.68
CA HIS T 257 -35.83 80.41 -47.90
C HIS T 257 -35.15 79.21 -48.52
N ILE T 258 -35.41 78.05 -47.94
CA ILE T 258 -34.72 76.82 -48.29
C ILE T 258 -35.60 76.03 -49.25
N ASN T 259 -34.97 75.39 -50.23
CA ASN T 259 -35.68 74.68 -51.29
C ASN T 259 -34.99 73.36 -51.54
N VAL T 260 -35.77 72.35 -51.91
CA VAL T 260 -35.17 71.06 -52.24
C VAL T 260 -34.52 71.15 -53.60
N ARG T 261 -33.27 70.72 -53.67
CA ARG T 261 -32.42 70.89 -54.84
C ARG T 261 -31.86 69.54 -55.23
N GLY T 262 -31.86 69.24 -56.52
CA GLY T 262 -31.26 68.01 -56.99
C GLY T 262 -29.76 67.99 -56.75
N VAL T 263 -29.23 66.79 -56.54
CA VAL T 263 -27.82 66.62 -56.26
C VAL T 263 -27.42 65.20 -56.67
N ASN T 264 -26.13 65.00 -56.93
CA ASN T 264 -25.44 63.71 -56.98
C ASN T 264 -25.44 62.88 -58.26
N ASN T 265 -26.11 63.26 -59.35
CA ASN T 265 -25.99 62.49 -60.59
C ASN T 265 -26.43 61.04 -60.42
N ARG T 266 -27.73 60.84 -60.31
CA ARG T 266 -28.34 59.56 -60.60
C ARG T 266 -29.05 59.68 -61.93
N GLY T 267 -28.77 58.76 -62.85
CA GLY T 267 -29.38 58.81 -64.16
C GLY T 267 -29.50 57.43 -64.75
N MET T 268 -30.17 57.34 -65.90
CA MET T 268 -30.36 56.07 -66.57
C MET T 268 -29.61 55.98 -67.89
N ALA T 269 -29.05 54.80 -68.17
CA ALA T 269 -28.31 54.57 -69.40
C ALA T 269 -29.27 54.43 -70.58
N GLY T 270 -28.90 55.01 -71.71
CA GLY T 270 -29.73 54.95 -72.90
C GLY T 270 -29.79 53.56 -73.52
N HIS T 271 -30.81 52.79 -73.14
CA HIS T 271 -30.98 51.45 -73.67
C HIS T 271 -31.38 51.54 -75.15
N TYR T 272 -30.97 50.54 -75.94
CA TYR T 272 -31.28 50.54 -77.35
C TYR T 272 -31.38 49.11 -77.86
N LEU T 273 -32.04 48.94 -78.99
CA LEU T 273 -32.16 47.66 -79.66
C LEU T 273 -31.73 47.79 -81.11
N SER T 274 -30.96 46.82 -81.58
CA SER T 274 -30.45 46.87 -82.94
C SER T 274 -30.17 45.44 -83.39
N PHE T 275 -29.99 45.29 -84.68
CA PHE T 275 -29.64 43.98 -85.20
C PHE T 275 -28.26 44.02 -85.82
N PRO T 276 -27.52 42.92 -85.77
CA PRO T 276 -26.19 42.88 -86.35
C PRO T 276 -26.27 43.02 -87.85
N PRO T 277 -25.35 43.77 -88.46
CA PRO T 277 -25.32 43.81 -89.92
C PRO T 277 -24.99 42.45 -90.49
N ILE T 278 -25.83 41.99 -91.40
CA ILE T 278 -25.60 40.73 -92.12
C ILE T 278 -25.82 41.02 -93.58
N ARG T 279 -24.78 40.91 -94.38
CA ARG T 279 -24.91 41.19 -95.80
C ARG T 279 -25.59 40.03 -96.50
N THR T 280 -26.35 40.37 -97.53
CA THR T 280 -27.04 39.42 -98.38
C THR T 280 -26.61 39.61 -99.82
N ASN T 281 -27.22 38.83 -100.71
CA ASN T 281 -27.07 39.09 -102.14
C ASN T 281 -27.47 40.52 -102.48
N ASP T 282 -28.49 41.05 -101.78
CA ASP T 282 -28.89 42.44 -101.95
C ASP T 282 -29.07 43.08 -100.58
N GLY T 283 -28.27 44.10 -100.30
CA GLY T 283 -28.46 44.85 -99.08
C GLY T 283 -28.15 44.06 -97.84
N GLN T 284 -29.00 44.20 -96.84
CA GLN T 284 -28.77 43.65 -95.51
C GLN T 284 -29.80 42.57 -95.20
N PHE T 285 -29.41 41.65 -94.33
CA PHE T 285 -30.32 40.58 -93.95
C PHE T 285 -31.50 41.19 -93.22
N LYS T 286 -32.68 40.69 -93.50
CA LYS T 286 -33.87 41.27 -92.90
C LYS T 286 -34.18 40.48 -91.64
N LEU T 287 -33.94 41.09 -90.48
CA LEU T 287 -34.26 40.50 -89.20
C LEU T 287 -35.43 41.24 -88.59
N ASN T 288 -36.39 40.48 -88.12
CA ASN T 288 -37.56 41.00 -87.44
C ASN T 288 -37.57 40.34 -86.09
N ALA T 289 -38.02 41.05 -85.07
CA ALA T 289 -37.99 40.52 -83.72
C ALA T 289 -39.34 40.65 -83.07
N GLN T 290 -39.72 39.64 -82.29
CA GLN T 290 -40.79 39.77 -81.32
C GLN T 290 -40.24 39.47 -79.94
N PHE T 291 -40.76 40.18 -78.95
CA PHE T 291 -40.51 39.83 -77.56
C PHE T 291 -41.62 40.44 -76.73
N THR T 292 -41.77 39.95 -75.51
CA THR T 292 -42.73 40.52 -74.59
C THR T 292 -42.06 41.58 -73.75
N LEU T 293 -42.73 42.70 -73.56
CA LEU T 293 -42.24 43.79 -72.75
C LEU T 293 -43.04 43.81 -71.46
N GLU T 294 -42.41 43.48 -70.35
CA GLU T 294 -43.00 43.62 -69.03
C GLU T 294 -42.32 44.76 -68.33
N THR T 295 -43.04 45.85 -68.10
CA THR T 295 -42.51 46.98 -67.35
C THR T 295 -43.15 47.02 -65.97
N GLU T 296 -42.38 47.46 -65.00
CA GLU T 296 -42.89 47.67 -63.66
C GLU T 296 -42.32 48.95 -63.09
N ILE T 297 -43.19 49.78 -62.53
CA ILE T 297 -42.78 50.97 -61.80
C ILE T 297 -43.39 50.91 -60.42
N GLU T 298 -42.58 51.09 -59.40
CA GLU T 298 -43.01 50.93 -58.03
C GLU T 298 -43.11 52.29 -57.38
N PHE T 299 -44.33 52.74 -57.10
CA PHE T 299 -44.54 54.02 -56.45
C PHE T 299 -44.64 53.87 -54.95
N GLU T 300 -44.08 54.84 -54.23
CA GLU T 300 -44.45 55.10 -52.85
C GLU T 300 -45.40 56.28 -52.83
N PHE T 301 -46.39 56.22 -51.95
CA PHE T 301 -47.29 57.35 -51.81
C PHE T 301 -47.57 57.57 -50.33
N ARG T 302 -48.16 58.72 -50.04
CA ARG T 302 -48.28 59.20 -48.67
C ARG T 302 -49.59 59.97 -48.56
N LEU T 303 -50.25 59.87 -47.42
CA LEU T 303 -51.61 60.34 -47.31
C LEU T 303 -51.68 61.69 -46.60
N TRP T 304 -52.91 62.15 -46.44
CA TRP T 304 -53.23 63.50 -45.98
C TRP T 304 -53.04 63.65 -44.48
N GLU T 305 -52.92 64.91 -44.05
CA GLU T 305 -52.70 65.23 -42.65
C GLU T 305 -53.89 64.80 -41.81
N GLN T 306 -53.60 64.24 -40.64
CA GLN T 306 -54.66 63.88 -39.71
C GLN T 306 -55.22 65.12 -39.03
N GLY T 307 -56.43 64.98 -38.52
CA GLY T 307 -57.05 66.04 -37.77
C GLY T 307 -57.90 66.93 -38.64
N VAL T 308 -58.33 68.05 -38.04
CA VAL T 308 -59.11 69.03 -38.77
C VAL T 308 -58.30 69.59 -39.93
N GLN T 309 -56.98 69.54 -39.85
CA GLN T 309 -56.15 70.01 -40.95
C GLN T 309 -56.45 69.27 -42.24
N GLY T 310 -56.85 68.00 -42.15
CA GLY T 310 -57.14 67.18 -43.30
C GLY T 310 -58.57 67.21 -43.78
N ILE T 311 -59.42 68.06 -43.19
CA ILE T 311 -60.79 68.19 -43.67
C ILE T 311 -60.80 68.92 -45.00
N ASN T 312 -61.59 68.40 -45.95
CA ASN T 312 -61.60 68.95 -47.30
C ASN T 312 -61.85 70.45 -47.30
N SER T 313 -62.86 70.90 -46.54
CA SER T 313 -63.24 72.31 -46.62
C SER T 313 -62.14 73.22 -46.10
N VAL T 314 -61.49 72.84 -45.00
CA VAL T 314 -60.47 73.69 -44.39
C VAL T 314 -59.07 73.30 -44.82
N HIS T 315 -58.89 72.23 -45.60
CA HIS T 315 -57.54 71.86 -46.01
C HIS T 315 -56.96 72.81 -47.03
N THR T 316 -57.80 73.54 -47.77
CA THR T 316 -57.27 74.47 -48.74
C THR T 316 -56.38 75.52 -48.08
N ASN T 317 -56.91 76.20 -47.08
CA ASN T 317 -56.18 77.25 -46.39
C ASN T 317 -55.42 76.78 -45.15
N LEU T 318 -55.64 75.55 -44.67
CA LEU T 318 -54.78 74.95 -43.67
C LEU T 318 -53.71 74.04 -44.24
N ASN T 319 -53.63 73.91 -45.55
CA ASN T 319 -52.55 73.14 -46.15
C ASN T 319 -51.21 73.70 -45.68
N PRO T 320 -50.27 72.85 -45.27
CA PRO T 320 -48.97 73.36 -44.82
C PRO T 320 -48.24 74.07 -45.94
N ALA T 321 -47.68 75.22 -45.63
CA ALA T 321 -46.84 75.91 -46.60
C ALA T 321 -45.50 75.24 -46.77
N ASN T 322 -45.14 74.31 -45.90
CA ASN T 322 -43.90 73.56 -46.02
C ASN T 322 -44.06 72.30 -46.84
N ASP T 323 -45.23 72.07 -47.44
CA ASP T 323 -45.31 71.08 -48.50
C ASP T 323 -44.25 71.35 -49.55
N SER T 324 -44.13 72.62 -49.96
CA SER T 324 -43.13 72.99 -50.95
C SER T 324 -41.74 72.56 -50.53
N LEU T 325 -41.55 72.30 -49.25
CA LEU T 325 -40.25 71.86 -48.78
C LEU T 325 -39.98 70.42 -49.20
N TRP T 326 -40.89 69.51 -48.87
CA TRP T 326 -40.78 68.10 -49.28
C TRP T 326 -41.63 67.70 -50.48
N ILE T 327 -42.50 68.56 -51.02
CA ILE T 327 -43.31 68.12 -52.18
C ILE T 327 -42.98 68.93 -53.43
N GLN T 328 -42.47 68.27 -54.46
CA GLN T 328 -41.66 68.99 -55.44
C GLN T 328 -41.96 68.94 -56.92
N SER T 329 -43.06 68.31 -57.33
CA SER T 329 -43.44 68.15 -58.75
C SER T 329 -42.46 67.29 -59.59
N TYR T 330 -42.43 67.49 -60.90
CA TYR T 330 -41.56 66.68 -61.77
C TYR T 330 -40.46 67.52 -62.42
N GLY T 331 -39.27 66.97 -62.56
CA GLY T 331 -38.16 67.81 -62.95
C GLY T 331 -38.08 68.24 -64.39
N SER T 332 -38.03 67.28 -65.30
CA SER T 332 -37.69 67.57 -66.67
C SER T 332 -38.54 66.73 -67.59
N LEU T 333 -39.02 67.37 -68.64
CA LEU T 333 -40.01 66.79 -69.53
C LEU T 333 -39.33 66.30 -70.79
N VAL T 334 -39.84 65.19 -71.34
CA VAL T 334 -39.49 64.87 -72.70
C VAL T 334 -40.01 65.98 -73.60
N SER T 335 -39.40 66.14 -74.76
CA SER T 335 -39.76 67.23 -75.64
C SER T 335 -40.86 66.74 -76.57
N ILE T 336 -42.05 67.28 -76.40
CA ILE T 336 -43.25 66.82 -77.09
C ILE T 336 -43.83 67.99 -77.83
N THR T 337 -43.85 67.93 -79.15
CA THR T 337 -44.70 68.80 -79.94
C THR T 337 -45.84 67.95 -80.47
N GLU T 338 -47.04 68.50 -80.45
CA GLU T 338 -48.26 67.74 -80.74
C GLU T 338 -48.25 66.51 -79.84
N SER T 339 -48.51 65.33 -80.36
CA SER T 339 -48.40 64.09 -79.60
C SER T 339 -47.05 63.40 -79.79
N LYS T 340 -46.13 64.02 -80.51
CA LYS T 340 -44.97 63.34 -81.05
C LYS T 340 -43.71 63.75 -80.30
N ILE T 341 -42.89 62.77 -79.95
CA ILE T 341 -41.65 63.04 -79.24
C ILE T 341 -40.64 63.66 -80.19
N ASN T 342 -40.05 64.78 -79.78
CA ASN T 342 -39.04 65.43 -80.61
C ASN T 342 -37.69 64.75 -80.48
N ASN T 343 -37.31 64.40 -79.26
CA ASN T 343 -36.02 63.81 -78.99
C ASN T 343 -36.11 63.09 -77.66
N ILE T 344 -35.16 62.20 -77.40
CA ILE T 344 -35.04 61.56 -76.11
C ILE T 344 -33.63 61.78 -75.60
N GLN T 345 -33.52 62.25 -74.37
CA GLN T 345 -32.26 62.46 -73.68
C GLN T 345 -32.06 61.32 -72.71
N PHE T 346 -30.83 60.85 -72.56
CA PHE T 346 -30.57 59.74 -71.66
C PHE T 346 -29.79 60.13 -70.42
N GLY T 347 -28.55 60.55 -70.56
CA GLY T 347 -27.76 60.96 -69.41
C GLY T 347 -27.70 60.04 -68.20
N PRO T 348 -26.90 58.99 -68.32
CA PRO T 348 -26.68 57.94 -67.31
C PRO T 348 -25.84 58.41 -66.14
N THR T 349 -25.76 57.62 -65.09
CA THR T 349 -24.90 58.00 -63.98
C THR T 349 -23.60 57.58 -64.58
N CYS T 350 -22.80 58.53 -65.02
CA CYS T 350 -21.58 58.15 -65.69
C CYS T 350 -20.54 57.69 -64.70
N PRO T 351 -19.78 56.68 -65.08
CA PRO T 351 -18.79 56.05 -64.20
C PRO T 351 -17.58 56.92 -63.92
N ARG T 352 -17.34 57.94 -64.73
CA ARG T 352 -16.17 58.78 -64.51
C ARG T 352 -16.45 59.96 -63.59
N VAL T 353 -17.70 60.21 -63.21
CA VAL T 353 -17.95 61.09 -62.07
C VAL T 353 -17.40 60.45 -60.81
N ASP T 354 -16.88 61.27 -59.91
CA ASP T 354 -16.35 60.78 -58.65
C ASP T 354 -17.40 59.94 -57.94
N ALA T 355 -16.98 58.78 -57.45
CA ALA T 355 -17.92 57.90 -56.77
C ALA T 355 -18.56 58.55 -55.56
N ARG T 356 -17.93 59.60 -55.01
CA ARG T 356 -18.51 60.30 -53.89
C ARG T 356 -19.70 61.15 -54.32
N ASN T 357 -19.73 61.55 -55.59
CA ASN T 357 -20.90 62.25 -56.11
C ASN T 357 -22.02 61.32 -56.47
N LYS T 358 -21.73 60.08 -56.84
CA LYS T 358 -22.71 59.20 -57.46
C LYS T 358 -23.61 58.51 -56.45
N GLY T 359 -23.49 58.83 -55.17
CA GLY T 359 -24.16 58.06 -54.14
C GLY T 359 -25.67 58.24 -54.07
N GLY T 360 -26.27 57.83 -52.97
CA GLY T 360 -27.69 57.53 -52.92
C GLY T 360 -28.70 58.63 -53.12
N LYS T 361 -28.64 59.68 -52.32
CA LYS T 361 -29.76 60.61 -52.19
C LYS T 361 -29.76 61.62 -53.34
N MET T 362 -30.89 61.72 -54.03
CA MET T 362 -30.96 62.56 -55.22
C MET T 362 -31.38 63.99 -54.95
N SER T 363 -31.58 64.39 -53.71
CA SER T 363 -31.93 65.77 -53.48
C SER T 363 -31.35 66.22 -52.16
N MET T 364 -31.22 67.53 -52.03
CA MET T 364 -30.75 68.14 -50.81
C MET T 364 -31.64 69.35 -50.56
N LEU T 365 -31.77 69.72 -49.30
CA LEU T 365 -32.64 70.81 -48.92
C LEU T 365 -31.72 72.01 -48.68
N PHE T 366 -31.67 72.87 -49.69
CA PHE T 366 -30.72 73.97 -49.76
C PHE T 366 -31.39 75.30 -50.04
N ASP T 367 -30.95 76.34 -49.36
CA ASP T 367 -31.53 77.66 -49.51
C ASP T 367 -31.24 78.41 -50.80
N HIS T 368 -32.09 79.37 -51.10
CA HIS T 368 -31.90 80.21 -52.27
C HIS T 368 -31.98 81.66 -51.83
N HIS T 369 -31.05 82.47 -52.30
CA HIS T 369 -31.05 83.89 -51.94
C HIS T 369 -31.54 84.76 -53.09
N GLU U 36 -74.24 -13.00 -21.57
CA GLU U 36 -73.54 -13.98 -22.39
C GLU U 36 -74.37 -14.27 -23.63
N GLY U 37 -73.71 -14.71 -24.71
CA GLY U 37 -74.39 -14.98 -25.96
C GLY U 37 -74.51 -13.74 -26.81
N ASP U 38 -75.19 -13.90 -27.93
CA ASP U 38 -75.40 -12.80 -28.86
C ASP U 38 -76.60 -11.95 -28.50
N GLY U 39 -77.28 -12.26 -27.39
CA GLY U 39 -78.43 -11.51 -26.94
C GLY U 39 -79.75 -12.21 -27.15
N SER U 40 -79.76 -13.25 -27.96
CA SER U 40 -80.96 -14.00 -28.29
C SER U 40 -81.66 -14.66 -27.14
N ALA U 41 -81.04 -14.67 -25.98
CA ALA U 41 -81.59 -15.28 -24.77
C ALA U 41 -82.73 -14.48 -24.17
N PRO U 42 -83.51 -15.09 -23.29
CA PRO U 42 -84.61 -14.32 -22.71
C PRO U 42 -84.19 -13.08 -21.92
N GLY U 43 -83.09 -13.09 -21.17
CA GLY U 43 -82.73 -11.92 -20.39
C GLY U 43 -81.40 -11.26 -20.74
N GLY U 44 -81.22 -9.99 -20.38
CA GLY U 44 -79.99 -9.28 -20.70
C GLY U 44 -80.10 -8.30 -21.85
N SER U 45 -79.15 -8.34 -22.77
CA SER U 45 -79.13 -7.44 -23.93
C SER U 45 -80.02 -7.89 -25.09
N VAL U 46 -80.49 -6.93 -25.88
CA VAL U 46 -81.38 -7.15 -27.02
C VAL U 46 -80.65 -7.64 -28.24
N TRP U 47 -81.13 -8.73 -28.83
CA TRP U 47 -80.52 -9.21 -30.06
C TRP U 47 -81.00 -8.21 -31.07
N GLN U 48 -80.09 -7.65 -31.85
CA GLN U 48 -80.49 -6.67 -32.82
C GLN U 48 -79.92 -7.01 -34.18
N THR U 49 -80.65 -6.60 -35.21
CA THR U 49 -80.36 -6.95 -36.59
C THR U 49 -79.14 -6.20 -37.11
N THR U 50 -78.59 -6.71 -38.22
CA THR U 50 -77.38 -6.15 -38.80
C THR U 50 -77.63 -4.72 -39.31
N ASP U 51 -76.54 -3.97 -39.41
CA ASP U 51 -76.57 -2.58 -39.78
C ASP U 51 -76.69 -2.41 -41.28
N TYR U 52 -77.71 -1.68 -41.72
CA TYR U 52 -77.87 -1.36 -43.13
C TYR U 52 -77.22 -0.05 -43.55
N ILE U 53 -76.71 0.75 -42.62
CA ILE U 53 -76.09 2.01 -43.01
C ILE U 53 -74.75 1.77 -43.67
N ALA U 54 -73.91 0.93 -43.06
CA ALA U 54 -72.51 0.83 -43.45
C ALA U 54 -72.34 0.66 -44.95
N LEU U 55 -73.19 -0.16 -45.57
CA LEU U 55 -73.09 -0.37 -47.01
C LEU U 55 -73.73 0.74 -47.83
N SER U 56 -74.63 1.51 -47.26
CA SER U 56 -75.20 2.62 -48.01
C SER U 56 -74.28 3.83 -48.00
N MET U 57 -73.38 3.93 -47.02
CA MET U 57 -72.46 5.06 -46.95
C MET U 57 -71.14 4.84 -47.65
N VAL U 58 -70.85 3.62 -48.10
CA VAL U 58 -69.55 3.38 -48.70
C VAL U 58 -69.45 4.16 -50.01
N VAL U 59 -68.37 4.92 -50.14
CA VAL U 59 -68.16 5.78 -51.30
C VAL U 59 -67.23 5.06 -52.26
N TYR U 60 -67.70 4.83 -53.47
CA TYR U 60 -66.90 4.22 -54.51
C TYR U 60 -66.42 5.31 -55.45
N ARG U 61 -65.22 5.13 -55.97
CA ARG U 61 -64.51 6.22 -56.63
C ARG U 61 -64.01 5.75 -57.99
N THR U 62 -64.50 6.40 -59.05
CA THR U 62 -64.09 6.05 -60.40
C THR U 62 -63.59 7.28 -61.14
N ALA U 63 -63.30 7.13 -62.43
CA ALA U 63 -62.84 8.25 -63.23
C ALA U 63 -63.14 7.99 -64.69
N ILE U 64 -63.14 9.06 -65.48
CA ILE U 64 -63.30 8.98 -66.93
C ILE U 64 -62.14 9.72 -67.56
N LYS U 65 -61.31 8.99 -68.30
CA LYS U 65 -60.14 9.55 -68.96
C LYS U 65 -60.33 9.46 -70.46
N LEU U 66 -60.02 10.54 -71.16
CA LEU U 66 -60.21 10.62 -72.60
C LEU U 66 -59.04 11.39 -73.21
N ARG U 67 -58.58 10.94 -74.37
CA ARG U 67 -57.55 11.64 -75.12
C ARG U 67 -58.10 12.16 -76.44
N ASN U 68 -57.46 13.21 -76.92
CA ASN U 68 -57.93 13.94 -78.08
C ASN U 68 -56.71 14.61 -78.68
N PHE U 69 -56.77 14.86 -79.99
CA PHE U 69 -55.80 15.71 -80.65
C PHE U 69 -56.48 17.01 -81.01
N VAL U 70 -55.85 18.12 -80.65
CA VAL U 70 -56.39 19.45 -80.89
C VAL U 70 -55.57 20.11 -81.98
N ASN U 71 -56.24 20.65 -82.99
CA ASN U 71 -55.61 21.42 -84.06
C ASN U 71 -56.20 22.82 -84.04
N ILE U 72 -55.37 23.80 -83.73
CA ILE U 72 -55.78 25.20 -83.66
C ILE U 72 -55.17 25.90 -84.85
N ARG U 73 -56.01 26.34 -85.78
CA ARG U 73 -55.54 26.99 -87.00
C ARG U 73 -56.21 28.33 -87.19
N GLY U 74 -55.50 29.21 -87.89
CA GLY U 74 -56.08 30.48 -88.29
C GLY U 74 -56.52 31.35 -87.14
N LEU U 75 -55.79 31.34 -86.04
CA LEU U 75 -56.14 32.07 -84.84
C LEU U 75 -55.28 33.33 -84.79
N THR U 76 -55.90 34.48 -85.00
CA THR U 76 -55.15 35.73 -85.00
C THR U 76 -54.84 36.14 -83.56
N PRO U 77 -53.89 37.06 -83.36
CA PRO U 77 -53.49 37.39 -81.98
C PRO U 77 -54.57 38.03 -81.15
N THR U 78 -55.58 38.65 -81.77
CA THR U 78 -56.68 39.22 -81.00
C THR U 78 -57.62 38.13 -80.50
N GLU U 79 -58.00 37.22 -81.39
CA GLU U 79 -58.89 36.13 -81.04
C GLU U 79 -58.15 35.06 -80.24
N MET U 80 -58.92 34.26 -79.52
CA MET U 80 -58.40 33.41 -78.47
C MET U 80 -59.26 32.17 -78.32
N ILE U 81 -58.63 31.04 -78.05
CA ILE U 81 -59.36 29.78 -77.85
C ILE U 81 -59.81 29.68 -76.40
N VAL U 82 -61.09 29.43 -76.22
CA VAL U 82 -61.67 29.26 -74.90
C VAL U 82 -61.63 27.78 -74.56
N ILE U 83 -60.99 27.44 -73.44
CA ILE U 83 -60.92 26.03 -73.03
C ILE U 83 -62.22 25.76 -72.30
N PRO U 84 -63.12 24.98 -72.83
CA PRO U 84 -64.38 24.71 -72.11
C PRO U 84 -64.15 23.75 -70.97
N TRP U 85 -63.21 24.08 -70.10
CA TRP U 85 -62.73 23.10 -69.14
C TRP U 85 -63.54 23.15 -67.85
N ASN U 86 -64.41 24.13 -67.71
CA ASN U 86 -65.29 24.22 -66.56
C ASN U 86 -66.68 23.67 -66.81
N VAL U 87 -66.94 23.14 -68.00
CA VAL U 87 -68.22 22.50 -68.29
C VAL U 87 -68.07 21.00 -68.09
N MET U 88 -69.06 20.40 -67.45
CA MET U 88 -68.97 18.99 -67.06
C MET U 88 -68.87 18.09 -68.29
N ARG U 89 -69.58 18.45 -69.35
CA ARG U 89 -69.64 17.64 -70.56
C ARG U 89 -68.29 17.54 -71.26
N PHE U 90 -67.36 18.43 -70.94
CA PHE U 90 -66.05 18.41 -71.57
C PHE U 90 -65.28 17.15 -71.21
N TYR U 91 -65.33 16.74 -69.93
CA TYR U 91 -64.51 15.65 -69.46
C TYR U 91 -65.12 14.28 -69.73
N CYS U 92 -66.41 14.13 -69.46
CA CYS U 92 -67.06 12.83 -69.49
C CYS U 92 -67.82 12.53 -70.76
N GLU U 93 -67.86 13.45 -71.72
CA GLU U 93 -68.44 13.19 -73.02
C GLU U 93 -67.44 13.60 -74.08
N TYR U 94 -67.30 12.76 -75.10
CA TYR U 94 -66.18 12.90 -76.02
C TYR U 94 -66.73 13.57 -77.27
N ASN U 95 -66.43 14.85 -77.45
CA ASN U 95 -66.94 15.56 -78.61
C ASN U 95 -65.74 15.89 -79.47
N THR U 96 -65.57 15.13 -80.55
CA THR U 96 -64.51 15.35 -81.50
C THR U 96 -65.03 14.98 -82.87
N GLY U 97 -64.85 15.85 -83.85
CA GLY U 97 -65.14 15.46 -85.21
C GLY U 97 -66.53 14.90 -85.40
N THR U 98 -66.60 13.68 -85.93
CA THR U 98 -67.88 13.03 -86.21
C THR U 98 -68.55 12.46 -84.96
N TYR U 99 -67.79 12.22 -83.89
CA TYR U 99 -68.36 11.61 -82.69
C TYR U 99 -69.54 12.41 -82.18
N GLY U 100 -69.33 13.70 -81.91
CA GLY U 100 -70.40 14.54 -81.38
C GLY U 100 -71.65 14.55 -82.23
N LEU U 101 -71.52 14.27 -83.53
CA LEU U 101 -72.70 14.17 -84.37
C LEU U 101 -73.44 12.87 -84.12
N SER U 102 -72.72 11.78 -83.86
CA SER U 102 -73.34 10.52 -83.52
C SER U 102 -73.91 10.58 -82.10
N GLY U 103 -74.84 9.67 -81.83
CA GLY U 103 -75.59 9.72 -80.59
C GLY U 103 -74.91 9.02 -79.42
N ASN U 104 -75.21 9.53 -78.22
CA ASN U 104 -74.78 8.94 -76.95
C ASN U 104 -73.28 8.66 -76.94
N VAL U 105 -72.52 9.76 -76.90
CA VAL U 105 -71.08 9.68 -76.88
C VAL U 105 -70.54 9.73 -75.45
N HIS U 106 -71.41 9.75 -74.45
CA HIS U 106 -70.97 9.69 -73.08
C HIS U 106 -70.15 8.42 -72.82
N HIS U 107 -69.17 8.55 -71.94
CA HIS U 107 -68.39 7.39 -71.55
C HIS U 107 -69.26 6.45 -70.72
N LYS U 108 -69.01 5.15 -70.85
CA LYS U 108 -69.90 4.18 -70.23
C LYS U 108 -69.78 4.14 -68.72
N ASN U 109 -68.66 4.58 -68.15
CA ASN U 109 -68.61 4.75 -66.71
C ASN U 109 -69.60 5.81 -66.26
N TYR U 110 -69.88 6.79 -67.09
CA TYR U 110 -70.83 7.80 -66.67
C TYR U 110 -72.26 7.30 -66.82
N SER U 111 -72.53 6.49 -67.83
CA SER U 111 -73.88 5.98 -68.02
C SER U 111 -74.34 5.17 -66.81
N MET U 112 -73.42 4.47 -66.15
CA MET U 112 -73.78 3.74 -64.95
C MET U 112 -73.78 4.60 -63.70
N LEU U 113 -73.09 5.74 -63.70
CA LEU U 113 -73.23 6.64 -62.56
C LEU U 113 -74.67 7.08 -62.38
N LEU U 114 -75.47 6.96 -63.42
CA LEU U 114 -76.91 7.16 -63.33
C LEU U 114 -77.63 5.92 -62.83
N ALA U 115 -76.96 4.77 -62.81
CA ALA U 115 -77.54 3.56 -62.23
C ALA U 115 -77.43 3.56 -60.71
N CYS U 116 -76.30 3.99 -60.18
CA CYS U 116 -76.17 4.17 -58.74
C CYS U 116 -76.95 5.40 -58.30
N LYS U 117 -77.27 5.45 -57.02
CA LYS U 117 -78.23 6.49 -56.61
C LYS U 117 -77.60 7.86 -56.48
N ALA U 118 -76.31 7.95 -56.24
CA ALA U 118 -75.64 9.21 -56.05
C ALA U 118 -74.27 9.17 -56.70
N HIS U 119 -73.89 10.26 -57.34
CA HIS U 119 -72.54 10.41 -57.83
C HIS U 119 -72.10 11.85 -57.60
N ARG U 120 -70.79 12.03 -57.45
CA ARG U 120 -70.27 13.34 -57.24
C ARG U 120 -68.98 13.52 -58.03
N PRO U 121 -68.81 14.68 -58.67
CA PRO U 121 -67.71 14.83 -59.64
C PRO U 121 -66.31 14.95 -59.05
N THR U 122 -66.14 15.40 -57.81
CA THR U 122 -64.83 15.57 -57.18
C THR U 122 -63.80 16.22 -58.10
N LYS U 123 -62.60 15.66 -58.21
CA LYS U 123 -61.54 16.33 -58.94
C LYS U 123 -61.80 16.28 -60.44
N VAL U 124 -61.29 17.28 -61.15
CA VAL U 124 -61.41 17.37 -62.59
C VAL U 124 -60.17 18.07 -63.13
N GLY U 125 -59.71 17.66 -64.30
CA GLY U 125 -58.49 18.24 -64.82
C GLY U 125 -58.23 17.81 -66.25
N TYR U 126 -57.18 18.40 -66.83
CA TYR U 126 -56.81 18.07 -68.20
C TYR U 126 -55.34 18.36 -68.41
N THR U 127 -54.81 17.82 -69.50
CA THR U 127 -53.40 17.94 -69.84
C THR U 127 -53.25 18.31 -71.30
N LEU U 128 -52.42 19.31 -71.56
CA LEU U 128 -51.95 19.65 -72.91
C LEU U 128 -50.54 19.13 -73.07
N SER U 129 -50.28 18.44 -74.18
CA SER U 129 -49.02 17.74 -74.31
C SER U 129 -48.55 17.72 -75.75
N ASN U 130 -47.22 17.65 -75.91
CA ASN U 130 -46.57 17.47 -77.20
C ASN U 130 -47.09 18.45 -78.25
N LEU U 131 -46.73 19.69 -78.02
CA LEU U 131 -47.15 20.77 -78.90
C LEU U 131 -46.39 20.72 -80.21
N ILE U 132 -47.12 20.90 -81.30
CA ILE U 132 -46.56 21.00 -82.64
C ILE U 132 -47.09 22.29 -83.25
N LEU U 133 -46.19 23.22 -83.51
CA LEU U 133 -46.52 24.44 -84.24
C LEU U 133 -46.18 24.28 -85.70
N THR U 134 -47.07 24.76 -86.55
CA THR U 134 -46.85 24.78 -87.99
C THR U 134 -47.14 26.20 -88.48
N SER U 135 -46.72 26.47 -89.71
CA SER U 135 -46.83 27.81 -90.27
C SER U 135 -47.45 27.74 -91.65
N ASP U 136 -48.42 28.61 -91.90
CA ASP U 136 -48.99 28.80 -93.22
C ASP U 136 -48.23 29.85 -94.01
N GLU U 137 -47.12 30.36 -93.47
CA GLU U 137 -46.41 31.46 -94.12
C GLU U 137 -46.00 31.11 -95.54
N LEU U 138 -45.58 29.87 -95.78
CA LEU U 138 -45.23 29.47 -97.13
C LEU U 138 -46.45 29.22 -97.99
N VAL U 139 -47.63 29.11 -97.39
CA VAL U 139 -48.86 28.87 -98.12
C VAL U 139 -49.32 30.15 -98.78
N SER U 140 -49.79 30.03 -100.02
CA SER U 140 -50.39 31.14 -100.75
C SER U 140 -51.53 30.60 -101.58
N THR U 141 -52.38 31.50 -102.07
CA THR U 141 -53.53 31.08 -102.87
C THR U 141 -53.10 30.34 -104.12
N GLY U 142 -51.89 30.62 -104.64
CA GLY U 142 -51.37 29.87 -105.75
C GLY U 142 -51.06 28.43 -105.37
N GLY U 143 -50.76 28.18 -104.10
CA GLY U 143 -50.55 26.83 -103.64
C GLY U 143 -49.14 26.32 -103.88
N THR U 144 -49.05 25.02 -104.13
CA THR U 144 -47.82 24.29 -104.43
C THR U 144 -46.91 24.17 -103.22
N LEU U 145 -47.18 24.94 -102.16
CA LEU U 145 -46.47 24.82 -100.90
C LEU U 145 -47.49 24.81 -99.77
N GLY U 146 -47.43 23.78 -98.93
CA GLY U 146 -48.34 23.65 -97.82
C GLY U 146 -47.70 24.10 -96.51
N THR U 147 -48.50 24.01 -95.45
CA THR U 147 -47.98 24.39 -94.15
C THR U 147 -46.92 23.40 -93.69
N THR U 148 -46.03 23.87 -92.83
CA THR U 148 -45.02 22.98 -92.29
C THR U 148 -44.61 23.53 -90.94
N THR U 149 -44.01 22.66 -90.12
CA THR U 149 -43.57 23.04 -88.79
C THR U 149 -42.64 24.23 -88.85
N THR U 150 -42.69 25.06 -87.82
CA THR U 150 -41.90 26.28 -87.78
C THR U 150 -40.42 25.97 -87.95
N PHE U 151 -39.72 26.87 -88.64
CA PHE U 151 -38.32 26.66 -88.97
C PHE U 151 -37.47 26.46 -87.71
N ASN U 152 -37.78 27.19 -86.65
CA ASN U 152 -37.14 26.98 -85.37
C ASN U 152 -38.21 26.92 -84.29
N THR U 153 -37.80 26.51 -83.09
CA THR U 153 -38.71 26.24 -82.00
C THR U 153 -38.99 27.47 -81.15
N SER U 154 -38.48 28.64 -81.54
CA SER U 154 -38.76 29.86 -80.80
C SER U 154 -40.24 30.22 -80.68
N PRO U 155 -41.11 29.99 -81.68
CA PRO U 155 -42.52 30.35 -81.51
C PRO U 155 -43.15 29.52 -80.40
N TYR U 156 -44.29 30.01 -79.92
CA TYR U 156 -44.96 29.40 -78.78
C TYR U 156 -46.45 29.67 -78.86
N MET U 157 -47.20 28.86 -78.12
CA MET U 157 -48.62 29.08 -77.93
C MET U 157 -48.85 29.46 -76.48
N ILE U 158 -49.63 30.50 -76.26
CA ILE U 158 -49.80 31.08 -74.94
C ILE U 158 -50.99 30.40 -74.28
N HIS U 159 -50.76 29.79 -73.12
CA HIS U 159 -51.84 29.26 -72.33
C HIS U 159 -52.13 30.25 -71.20
N SER U 160 -53.31 30.84 -71.23
CA SER U 160 -53.67 31.90 -70.31
C SER U 160 -54.69 31.39 -69.31
N ILE U 161 -54.46 31.66 -68.03
CA ILE U 161 -55.41 31.39 -66.97
C ILE U 161 -55.84 32.73 -66.42
N ASP U 162 -57.13 33.04 -66.49
CA ASP U 162 -57.56 34.35 -66.04
C ASP U 162 -57.96 34.21 -64.58
N ASP U 163 -57.11 34.70 -63.69
CA ASP U 163 -57.35 34.64 -62.25
C ASP U 163 -58.21 35.79 -61.79
N GLN U 164 -57.95 36.97 -62.32
CA GLN U 164 -58.63 38.19 -61.90
C GLN U 164 -59.97 38.34 -62.60
N GLN U 165 -60.32 37.39 -63.47
CA GLN U 165 -61.57 37.41 -64.22
C GLN U 165 -61.69 38.69 -65.04
N CYS U 166 -60.67 38.93 -65.86
CA CYS U 166 -60.80 39.97 -66.87
C CYS U 166 -62.03 39.72 -67.73
N LEU U 167 -62.27 38.47 -68.09
CA LEU U 167 -63.42 38.07 -68.87
C LEU U 167 -64.34 37.26 -67.97
N SER U 168 -65.48 37.84 -67.62
CA SER U 168 -66.47 37.14 -66.82
C SER U 168 -67.25 36.15 -67.67
N LYS U 169 -67.68 36.60 -68.84
CA LYS U 169 -68.55 35.84 -69.72
C LYS U 169 -68.02 35.99 -71.13
N VAL U 170 -67.88 34.87 -71.83
CA VAL U 170 -67.17 34.83 -73.09
C VAL U 170 -68.14 34.40 -74.18
N TYR U 171 -68.12 35.11 -75.30
CA TYR U 171 -69.01 34.85 -76.42
C TYR U 171 -68.21 34.43 -77.64
N PRO U 172 -68.81 33.67 -78.54
CA PRO U 172 -68.13 33.35 -79.80
C PRO U 172 -67.96 34.59 -80.67
N LYS U 173 -67.07 34.49 -81.64
CA LYS U 173 -66.88 35.58 -82.59
C LYS U 173 -68.13 35.79 -83.41
N THR U 174 -68.25 37.00 -83.96
CA THR U 174 -69.46 37.41 -84.64
C THR U 174 -69.89 36.39 -85.69
N ASP U 175 -68.97 35.96 -86.53
CA ASP U 175 -69.35 35.04 -87.61
C ASP U 175 -69.48 33.61 -87.10
N THR U 176 -68.61 33.18 -86.20
CA THR U 176 -68.55 31.78 -85.82
C THR U 176 -69.62 31.46 -84.78
N VAL U 177 -69.66 30.19 -84.39
CA VAL U 177 -70.55 29.71 -83.34
C VAL U 177 -69.88 28.52 -82.70
N TRP U 178 -70.29 28.21 -81.47
CA TRP U 178 -69.66 27.15 -80.70
C TRP U 178 -70.57 25.94 -80.66
N PRO U 179 -70.28 24.88 -81.40
CA PRO U 179 -71.06 23.65 -81.26
C PRO U 179 -70.67 22.92 -80.00
N VAL U 180 -71.65 22.25 -79.39
CA VAL U 180 -71.27 21.41 -78.26
C VAL U 180 -70.67 20.12 -78.76
N SER U 181 -71.07 19.67 -79.96
CA SER U 181 -70.49 18.47 -80.55
C SER U 181 -69.02 18.63 -80.87
N SER U 182 -68.54 19.86 -80.95
CA SER U 182 -67.17 20.17 -81.26
C SER U 182 -66.32 20.42 -80.01
N MET U 183 -66.88 20.20 -78.83
CA MET U 183 -66.32 20.77 -77.60
C MET U 183 -64.87 20.38 -77.38
N ARG U 184 -64.54 19.08 -77.49
CA ARG U 184 -63.23 18.65 -77.02
C ARG U 184 -62.09 18.97 -77.98
N GLU U 185 -62.32 19.08 -79.28
CA GLU U 185 -61.29 19.68 -80.11
C GLU U 185 -61.53 21.16 -80.03
N LEU U 186 -60.49 21.93 -79.73
CA LEU U 186 -60.76 23.25 -79.20
C LEU U 186 -60.83 24.17 -80.41
N ASP U 187 -62.04 24.45 -80.85
CA ASP U 187 -62.33 25.42 -81.88
C ASP U 187 -62.94 26.70 -81.35
N TYR U 188 -63.21 26.82 -80.06
CA TYR U 188 -64.04 27.93 -79.62
C TYR U 188 -63.18 29.18 -79.60
N VAL U 189 -63.53 30.14 -80.42
CA VAL U 189 -62.73 31.34 -80.62
C VAL U 189 -63.52 32.52 -80.10
N ALA U 190 -62.95 33.19 -79.13
CA ALA U 190 -63.47 34.45 -78.63
C ALA U 190 -62.58 35.58 -79.13
N SER U 191 -63.18 36.72 -79.40
CA SER U 191 -62.43 37.92 -79.73
C SER U 191 -62.62 38.88 -78.58
N THR U 192 -61.57 39.10 -77.80
CA THR U 192 -61.65 40.00 -76.66
C THR U 192 -61.35 41.41 -77.15
N VAL U 193 -62.32 42.30 -76.99
CA VAL U 193 -62.27 43.63 -77.58
C VAL U 193 -62.80 44.64 -76.57
N SER U 194 -62.06 45.73 -76.39
CA SER U 194 -62.55 46.87 -75.61
C SER U 194 -63.44 47.70 -76.53
N GLY U 195 -63.79 48.91 -76.13
CA GLY U 195 -64.72 49.63 -76.97
C GLY U 195 -64.21 49.88 -78.37
N ASP U 196 -63.09 50.59 -78.52
CA ASP U 196 -62.38 50.67 -79.78
C ASP U 196 -61.16 49.77 -79.86
N ASN U 197 -60.82 49.06 -78.78
CA ASN U 197 -59.51 48.44 -78.64
C ASN U 197 -59.63 46.94 -78.75
N ALA U 198 -58.81 46.34 -79.61
CA ALA U 198 -58.68 44.90 -79.66
C ALA U 198 -57.70 44.46 -78.58
N ILE U 199 -58.16 43.62 -77.66
CA ILE U 199 -57.34 43.17 -76.55
C ILE U 199 -56.48 42.00 -77.01
N ILE U 200 -55.18 42.09 -76.78
CA ILE U 200 -54.31 40.93 -76.89
C ILE U 200 -54.51 40.10 -75.63
N PRO U 201 -55.02 38.88 -75.73
CA PRO U 201 -55.45 38.16 -74.51
C PRO U 201 -54.34 37.95 -73.50
N SER U 202 -53.13 37.64 -73.95
CA SER U 202 -52.03 37.40 -73.03
C SER U 202 -51.71 38.60 -72.15
N THR U 203 -52.09 39.81 -72.57
CA THR U 203 -51.68 40.99 -71.82
C THR U 203 -52.56 41.22 -70.60
N ILE U 204 -53.85 40.95 -70.70
CA ILE U 204 -54.75 41.18 -69.58
C ILE U 204 -54.69 40.04 -68.57
N PHE U 205 -54.56 38.80 -69.03
CA PHE U 205 -54.70 37.64 -68.16
C PHE U 205 -53.52 37.53 -67.21
N ASN U 206 -53.77 36.82 -66.11
CA ASN U 206 -52.80 36.79 -65.01
C ASN U 206 -51.68 35.80 -65.28
N LYS U 207 -51.98 34.50 -65.20
CA LYS U 207 -51.00 33.48 -65.52
C LYS U 207 -51.03 33.23 -67.02
N ASN U 208 -49.90 33.48 -67.67
CA ASN U 208 -49.73 33.24 -69.08
C ASN U 208 -48.48 32.38 -69.25
N ARG U 209 -48.67 31.17 -69.70
CA ARG U 209 -47.58 30.24 -69.96
C ARG U 209 -47.25 30.27 -71.44
N TYR U 210 -46.00 30.58 -71.77
CA TYR U 210 -45.59 30.53 -73.17
C TYR U 210 -45.01 29.14 -73.39
N TRP U 211 -45.72 28.33 -74.13
CA TRP U 211 -45.46 26.91 -74.21
C TRP U 211 -44.99 26.57 -75.60
N LYS U 212 -43.76 26.09 -75.68
CA LYS U 212 -43.06 25.90 -76.94
C LYS U 212 -43.05 24.43 -77.32
N GLN U 213 -42.42 24.16 -78.45
CA GLN U 213 -42.23 22.80 -78.91
C GLN U 213 -41.12 22.15 -78.10
N GLY U 214 -41.43 21.04 -77.46
CA GLY U 214 -40.49 20.35 -76.60
C GLY U 214 -40.70 20.59 -75.13
N ASP U 215 -41.48 21.61 -74.76
CA ASP U 215 -41.77 21.84 -73.36
C ASP U 215 -42.57 20.69 -72.78
N ASP U 216 -42.49 20.56 -71.46
CA ASP U 216 -43.21 19.51 -70.78
C ASP U 216 -44.72 19.76 -70.89
N ALA U 217 -45.48 18.70 -70.70
CA ALA U 217 -46.93 18.82 -70.79
C ALA U 217 -47.46 19.78 -69.74
N LEU U 218 -48.56 20.43 -70.06
CA LEU U 218 -49.20 21.38 -69.18
C LEU U 218 -50.36 20.70 -68.48
N HIS U 219 -50.28 20.58 -67.16
CA HIS U 219 -51.26 19.86 -66.37
C HIS U 219 -52.11 20.85 -65.59
N PHE U 220 -53.42 20.73 -65.70
CA PHE U 220 -54.32 21.62 -65.00
C PHE U 220 -55.37 20.78 -64.30
N SER U 221 -55.65 21.11 -63.05
CA SER U 221 -56.54 20.31 -62.23
C SER U 221 -57.41 21.24 -61.39
N HIS U 222 -58.57 20.72 -61.01
CA HIS U 222 -59.44 21.42 -60.08
C HIS U 222 -60.03 20.40 -59.13
N ASP U 223 -59.89 20.64 -57.83
CA ASP U 223 -60.46 19.77 -56.82
C ASP U 223 -61.82 20.30 -56.40
N LEU U 224 -62.81 19.44 -56.38
CA LEU U 224 -64.13 19.77 -55.87
C LEU U 224 -64.33 19.10 -54.53
N ASP U 225 -64.67 19.88 -53.51
CA ASP U 225 -65.14 19.34 -52.25
C ASP U 225 -66.59 19.78 -52.10
N LEU U 226 -67.51 18.84 -52.27
CA LEU U 226 -68.94 19.09 -52.17
C LEU U 226 -69.44 18.44 -50.88
N GLY U 227 -70.37 19.08 -50.22
CA GLY U 227 -70.97 18.41 -49.11
C GLY U 227 -72.12 17.52 -49.48
N PHE U 228 -72.43 17.41 -50.77
CA PHE U 228 -73.63 16.75 -51.21
C PHE U 228 -73.30 15.94 -52.45
N TRP U 229 -74.34 15.35 -53.03
CA TRP U 229 -74.22 14.39 -54.11
C TRP U 229 -75.22 14.75 -55.18
N PHE U 230 -75.08 14.15 -56.35
CA PHE U 230 -76.00 14.41 -57.46
C PHE U 230 -76.72 13.13 -57.84
N GLY U 231 -78.01 13.24 -58.08
CA GLY U 231 -78.79 12.07 -58.46
C GLY U 231 -79.16 12.00 -59.92
N SER U 232 -78.93 13.08 -60.66
CA SER U 232 -79.33 13.16 -62.06
C SER U 232 -78.11 13.35 -62.93
N ASP U 233 -78.33 13.41 -64.24
CA ASP U 233 -77.23 13.66 -65.15
C ASP U 233 -76.87 15.14 -65.14
N TYR U 234 -75.62 15.44 -65.49
CA TYR U 234 -75.20 16.83 -65.52
C TYR U 234 -75.94 17.59 -66.61
N GLY U 235 -76.04 17.04 -67.81
CA GLY U 235 -76.89 17.64 -68.80
C GLY U 235 -76.45 19.03 -69.21
N ASN U 236 -75.22 19.15 -69.71
CA ASN U 236 -74.56 20.42 -70.07
C ASN U 236 -74.65 21.43 -68.93
N ALA U 237 -74.23 20.99 -67.76
CA ALA U 237 -74.02 21.85 -66.61
C ALA U 237 -72.54 22.11 -66.43
N TYR U 238 -72.20 23.30 -65.97
CA TYR U 238 -70.84 23.54 -65.51
C TYR U 238 -70.52 22.59 -64.38
N VAL U 239 -69.31 22.04 -64.39
CA VAL U 239 -68.88 21.27 -63.23
C VAL U 239 -68.95 22.16 -61.98
N PRO U 240 -69.51 21.67 -60.88
CA PRO U 240 -70.04 22.55 -59.83
C PRO U 240 -69.05 23.60 -59.35
N GLN U 241 -69.54 24.83 -59.26
CA GLN U 241 -68.74 25.98 -58.86
C GLN U 241 -69.63 26.90 -58.05
N ASN U 242 -69.02 27.63 -57.13
CA ASN U 242 -69.71 28.67 -56.38
C ASN U 242 -69.09 29.99 -56.79
N ASN U 243 -69.86 30.83 -57.48
CA ASN U 243 -69.27 32.04 -58.03
C ASN U 243 -70.30 33.15 -58.11
N ASP U 244 -69.83 34.30 -58.57
CA ASP U 244 -70.72 35.37 -58.97
C ASP U 244 -71.63 34.94 -60.11
N SER U 245 -71.10 34.11 -61.01
CA SER U 245 -71.89 33.65 -62.15
C SER U 245 -72.77 32.46 -61.82
N MET U 246 -72.36 31.58 -60.92
CA MET U 246 -73.06 30.32 -60.79
C MET U 246 -72.86 29.71 -59.42
N ASN U 247 -73.76 28.81 -59.06
CA ASN U 247 -73.71 28.07 -57.81
C ASN U 247 -73.76 26.57 -58.07
N ALA U 248 -73.24 25.81 -57.12
CA ALA U 248 -72.98 24.39 -57.33
C ALA U 248 -74.23 23.54 -57.24
N VAL U 249 -75.20 23.95 -56.43
CA VAL U 249 -76.39 23.16 -56.16
C VAL U 249 -77.54 23.71 -56.99
N GLY U 250 -78.30 22.81 -57.62
CA GLY U 250 -79.25 23.24 -58.63
C GLY U 250 -80.71 23.29 -58.28
N THR U 251 -81.09 22.71 -57.15
CA THR U 251 -82.49 22.67 -56.77
C THR U 251 -82.86 23.93 -56.02
N ILE U 252 -84.02 24.49 -56.35
CA ILE U 252 -84.56 25.59 -55.58
C ILE U 252 -84.97 25.05 -54.22
N PRO U 253 -84.40 25.55 -53.13
CA PRO U 253 -84.84 25.12 -51.80
C PRO U 253 -86.27 25.57 -51.53
N THR U 254 -86.97 24.78 -50.72
CA THR U 254 -88.40 24.93 -50.52
C THR U 254 -88.71 25.04 -49.03
N SER U 255 -89.93 25.47 -48.73
CA SER U 255 -90.25 26.11 -47.47
C SER U 255 -90.25 25.14 -46.29
N LYS U 256 -89.95 25.70 -45.11
CA LYS U 256 -90.22 25.08 -43.81
C LYS U 256 -89.44 23.81 -43.60
N HIS U 257 -88.19 23.80 -44.05
CA HIS U 257 -87.26 22.72 -43.74
C HIS U 257 -85.87 23.15 -44.19
N ILE U 258 -84.91 22.25 -44.01
CA ILE U 258 -83.50 22.54 -44.23
C ILE U 258 -83.11 22.03 -45.60
N ASN U 259 -82.26 22.78 -46.30
CA ASN U 259 -81.87 22.47 -47.66
C ASN U 259 -80.38 22.69 -47.81
N VAL U 260 -79.75 21.90 -48.66
CA VAL U 260 -78.33 22.07 -48.90
C VAL U 260 -78.14 23.29 -49.79
N ARG U 261 -77.24 24.17 -49.36
CA ARG U 261 -77.04 25.48 -49.97
C ARG U 261 -75.58 25.64 -50.30
N GLY U 262 -75.28 26.17 -51.48
CA GLY U 262 -73.91 26.45 -51.83
C GLY U 262 -73.31 27.52 -50.96
N VAL U 263 -71.99 27.42 -50.75
CA VAL U 263 -71.29 28.36 -49.89
C VAL U 263 -69.83 28.38 -50.33
N ASN U 264 -69.13 29.46 -50.02
CA ASN U 264 -67.67 29.59 -49.97
C ASN U 264 -66.89 29.92 -51.24
N ASN U 265 -67.49 30.05 -52.42
CA ASN U 265 -66.71 30.47 -53.59
C ASN U 265 -65.54 29.53 -53.90
N ARG U 266 -65.89 28.37 -54.43
CA ARG U 266 -64.93 27.57 -55.18
C ARG U 266 -65.30 27.68 -56.65
N GLY U 267 -64.33 28.03 -57.48
CA GLY U 267 -64.60 28.20 -58.90
C GLY U 267 -63.37 27.91 -59.72
N MET U 268 -63.53 27.90 -61.04
CA MET U 268 -62.43 27.61 -61.94
C MET U 268 -62.03 28.83 -62.77
N ALA U 269 -60.72 29.00 -62.97
CA ALA U 269 -60.20 30.11 -63.75
C ALA U 269 -60.43 29.87 -65.24
N GLY U 270 -60.80 30.92 -65.96
CA GLY U 270 -61.05 30.80 -67.39
C GLY U 270 -59.79 30.57 -68.20
N HIS U 271 -59.49 29.30 -68.47
CA HIS U 271 -58.32 28.95 -69.26
C HIS U 271 -58.52 29.38 -70.70
N TYR U 272 -57.44 29.73 -71.39
CA TYR U 272 -57.54 30.17 -72.77
C TYR U 272 -56.25 29.84 -73.51
N LEU U 273 -56.34 29.81 -74.83
CA LEU U 273 -55.19 29.58 -75.69
C LEU U 273 -55.13 30.67 -76.74
N SER U 274 -53.93 31.17 -76.98
CA SER U 274 -53.74 32.26 -77.93
C SER U 274 -52.31 32.21 -78.44
N PHE U 275 -52.08 32.92 -79.52
CA PHE U 275 -50.73 32.99 -80.06
C PHE U 275 -50.22 34.42 -79.96
N PRO U 276 -48.91 34.59 -79.78
CA PRO U 276 -48.36 35.93 -79.69
C PRO U 276 -48.49 36.65 -81.02
N PRO U 277 -48.81 37.94 -81.00
CA PRO U 277 -48.82 38.69 -82.26
C PRO U 277 -47.41 38.74 -82.85
N ILE U 278 -47.31 38.36 -84.11
CA ILE U 278 -46.06 38.45 -84.85
C ILE U 278 -46.39 39.09 -86.19
N ARG U 279 -45.85 40.27 -86.43
CA ARG U 279 -46.14 40.94 -87.68
C ARG U 279 -45.33 40.34 -88.81
N THR U 280 -45.93 40.35 -90.00
CA THR U 280 -45.31 39.87 -91.21
C THR U 280 -45.31 40.98 -92.25
N ASN U 281 -44.81 40.65 -93.44
CA ASN U 281 -44.97 41.55 -94.56
C ASN U 281 -46.43 41.90 -94.79
N ASP U 282 -47.33 40.94 -94.55
CA ASP U 282 -48.76 41.18 -94.64
C ASP U 282 -49.45 40.59 -93.41
N GLY U 283 -50.07 41.46 -92.62
CA GLY U 283 -50.86 40.98 -91.50
C GLY U 283 -50.02 40.35 -90.41
N GLN U 284 -50.50 39.22 -89.90
CA GLN U 284 -49.94 38.58 -88.74
C GLN U 284 -49.35 37.22 -89.13
N PHE U 285 -48.36 36.78 -88.36
CA PHE U 285 -47.74 35.50 -88.62
C PHE U 285 -48.77 34.41 -88.40
N LYS U 286 -48.78 33.42 -89.26
CA LYS U 286 -49.80 32.39 -89.17
C LYS U 286 -49.21 31.25 -88.36
N LEU U 287 -49.68 31.10 -87.14
CA LEU U 287 -49.29 30.01 -86.26
C LEU U 287 -50.44 29.04 -86.12
N ASN U 288 -50.13 27.78 -86.28
CA ASN U 288 -51.08 26.70 -86.12
C ASN U 288 -50.50 25.79 -85.06
N ALA U 289 -51.34 25.19 -84.24
CA ALA U 289 -50.86 24.38 -83.15
C ALA U 289 -51.53 23.02 -83.17
N GLN U 290 -50.76 22.00 -82.83
CA GLN U 290 -51.31 20.71 -82.44
C GLN U 290 -50.85 20.38 -81.04
N PHE U 291 -51.71 19.73 -80.28
CA PHE U 291 -51.32 19.13 -79.03
C PHE U 291 -52.33 18.05 -78.70
N THR U 292 -51.96 17.16 -77.78
CA THR U 292 -52.87 16.14 -77.31
C THR U 292 -53.59 16.65 -76.08
N LEU U 293 -54.89 16.42 -76.02
CA LEU U 293 -55.72 16.80 -74.89
C LEU U 293 -56.07 15.54 -74.13
N GLU U 294 -55.53 15.39 -72.92
CA GLU U 294 -55.91 14.32 -72.01
C GLU U 294 -56.70 14.93 -70.88
N THR U 295 -57.99 14.62 -70.81
CA THR U 295 -58.84 15.07 -69.73
C THR U 295 -59.14 13.91 -68.81
N GLU U 296 -59.27 14.22 -67.52
CA GLU U 296 -59.67 13.23 -66.54
C GLU U 296 -60.64 13.86 -65.57
N ILE U 297 -61.75 13.18 -65.32
CA ILE U 297 -62.70 13.57 -64.28
C ILE U 297 -62.90 12.39 -63.37
N GLU U 298 -62.77 12.61 -62.07
CA GLU U 298 -62.80 11.54 -61.09
C GLU U 298 -64.12 11.62 -60.33
N PHE U 299 -65.01 10.67 -60.56
CA PHE U 299 -66.28 10.63 -59.85
C PHE U 299 -66.20 9.77 -58.61
N GLU U 300 -66.89 10.21 -57.57
CA GLU U 300 -67.29 9.34 -56.48
C GLU U 300 -68.75 8.99 -56.67
N PHE U 301 -69.10 7.74 -56.36
CA PHE U 301 -70.49 7.35 -56.44
C PHE U 301 -70.83 6.49 -55.23
N ARG U 302 -72.12 6.28 -55.05
CA ARG U 302 -72.64 5.68 -53.83
C ARG U 302 -73.86 4.85 -54.18
N LEU U 303 -74.04 3.74 -53.49
CA LEU U 303 -75.01 2.75 -53.93
C LEU U 303 -76.28 2.82 -53.10
N TRP U 304 -77.21 1.93 -53.43
CA TRP U 304 -78.57 1.92 -52.94
C TRP U 304 -78.65 1.40 -51.51
N GLU U 305 -79.78 1.73 -50.87
CA GLU U 305 -80.00 1.34 -49.48
C GLU U 305 -80.10 -0.17 -49.36
N GLN U 306 -79.49 -0.71 -48.30
CA GLN U 306 -79.58 -2.13 -48.03
C GLN U 306 -80.96 -2.48 -47.47
N GLY U 307 -81.31 -3.74 -47.59
CA GLY U 307 -82.54 -4.22 -47.04
C GLY U 307 -83.68 -4.17 -48.02
N VAL U 308 -84.88 -4.42 -47.49
CA VAL U 308 -86.08 -4.34 -48.31
C VAL U 308 -86.27 -2.94 -48.85
N GLN U 309 -85.69 -1.93 -48.20
CA GLN U 309 -85.79 -0.57 -48.70
C GLN U 309 -85.20 -0.45 -50.09
N GLY U 310 -84.19 -1.25 -50.42
CA GLY U 310 -83.54 -1.22 -51.70
C GLY U 310 -84.11 -2.13 -52.76
N ILE U 311 -85.24 -2.79 -52.49
CA ILE U 311 -85.90 -3.61 -53.49
C ILE U 311 -86.55 -2.72 -54.53
N ASN U 312 -86.37 -3.07 -55.81
CA ASN U 312 -86.86 -2.23 -56.89
C ASN U 312 -88.34 -1.91 -56.75
N SER U 313 -89.15 -2.92 -56.46
CA SER U 313 -90.60 -2.70 -56.45
C SER U 313 -91.01 -1.75 -55.34
N VAL U 314 -90.43 -1.90 -54.14
CA VAL U 314 -90.81 -1.07 -53.01
C VAL U 314 -89.89 0.12 -52.81
N HIS U 315 -88.84 0.27 -53.61
CA HIS U 315 -87.95 1.41 -53.41
C HIS U 315 -88.58 2.72 -53.88
N THR U 316 -89.57 2.65 -54.77
CA THR U 316 -90.21 3.88 -55.23
C THR U 316 -90.82 4.64 -54.06
N ASN U 317 -91.68 3.97 -53.30
CA ASN U 317 -92.37 4.58 -52.18
C ASN U 317 -91.66 4.42 -50.84
N LEU U 318 -90.62 3.59 -50.74
CA LEU U 318 -89.75 3.58 -49.57
C LEU U 318 -88.48 4.39 -49.75
N ASN U 319 -88.32 5.05 -50.89
CA ASN U 319 -87.17 5.93 -51.07
C ASN U 319 -87.15 6.98 -49.95
N PRO U 320 -86.01 7.22 -49.32
CA PRO U 320 -85.97 8.22 -48.25
C PRO U 320 -86.33 9.61 -48.77
N ALA U 321 -87.17 10.31 -48.03
CA ALA U 321 -87.46 11.69 -48.39
C ALA U 321 -86.31 12.61 -48.05
N ASN U 322 -85.33 12.15 -47.28
CA ASN U 322 -84.15 12.95 -46.97
C ASN U 322 -83.04 12.78 -47.98
N ASP U 323 -83.28 12.04 -49.07
CA ASP U 323 -82.39 12.14 -50.22
C ASP U 323 -82.21 13.60 -50.61
N SER U 324 -83.31 14.34 -50.68
CA SER U 324 -83.24 15.75 -51.03
C SER U 324 -82.31 16.51 -50.12
N LEU U 325 -82.02 15.96 -48.95
CA LEU U 325 -81.11 16.61 -48.04
C LEU U 325 -79.67 16.53 -48.54
N TRP U 326 -79.19 15.32 -48.83
CA TRP U 326 -77.86 15.11 -49.38
C TRP U 326 -77.82 14.87 -50.89
N ILE U 327 -78.92 14.73 -51.60
CA ILE U 327 -78.83 14.51 -53.05
C ILE U 327 -79.41 15.66 -53.85
N GLN U 328 -78.60 16.33 -54.65
CA GLN U 328 -78.92 17.70 -54.99
C GLN U 328 -78.97 18.17 -56.44
N SER U 329 -78.82 17.26 -57.41
CA SER U 329 -78.80 17.59 -58.85
C SER U 329 -77.61 18.48 -59.29
N TYR U 330 -77.76 19.21 -60.39
CA TYR U 330 -76.67 20.05 -60.91
C TYR U 330 -77.00 21.53 -60.84
N GLY U 331 -76.00 22.36 -60.51
CA GLY U 331 -76.34 23.73 -60.20
C GLY U 331 -76.68 24.65 -61.35
N SER U 332 -75.77 24.79 -62.29
CA SER U 332 -75.88 25.84 -63.29
C SER U 332 -75.44 25.30 -64.63
N LEU U 333 -76.19 25.65 -65.65
CA LEU U 333 -76.03 25.09 -66.97
C LEU U 333 -75.28 26.07 -67.86
N VAL U 334 -74.47 25.54 -68.77
CA VAL U 334 -74.00 26.38 -69.85
C VAL U 334 -75.22 26.77 -70.68
N SER U 335 -75.11 27.88 -71.38
CA SER U 335 -76.24 28.41 -72.12
C SER U 335 -76.20 27.81 -73.51
N ILE U 336 -77.17 26.95 -73.81
CA ILE U 336 -77.20 26.18 -75.04
C ILE U 336 -78.51 26.48 -75.74
N THR U 337 -78.43 27.08 -76.91
CA THR U 337 -79.55 27.08 -77.84
C THR U 337 -79.22 26.14 -78.97
N GLU U 338 -80.19 25.35 -79.39
CA GLU U 338 -79.98 24.26 -80.33
C GLU U 338 -78.86 23.39 -79.75
N SER U 339 -77.85 23.02 -80.54
CA SER U 339 -76.69 22.30 -80.04
C SER U 339 -75.53 23.23 -79.72
N LYS U 340 -75.72 24.54 -79.82
CA LYS U 340 -74.63 25.50 -79.90
C LYS U 340 -74.52 26.30 -78.60
N ILE U 341 -73.30 26.43 -78.10
CA ILE U 341 -73.08 27.17 -76.87
C ILE U 341 -73.23 28.66 -77.13
N ASN U 342 -74.04 29.33 -76.32
CA ASN U 342 -74.23 30.77 -76.47
C ASN U 342 -73.07 31.54 -75.86
N ASN U 343 -72.62 31.14 -74.68
CA ASN U 343 -71.57 31.84 -73.97
C ASN U 343 -70.97 30.86 -72.97
N ILE U 344 -69.78 31.19 -72.49
CA ILE U 344 -69.16 30.44 -71.41
C ILE U 344 -68.82 31.39 -70.29
N GLN U 345 -69.24 31.05 -69.08
CA GLN U 345 -68.94 31.79 -67.88
C GLN U 345 -67.83 31.08 -67.14
N PHE U 346 -66.92 31.83 -66.54
CA PHE U 346 -65.80 31.21 -65.83
C PHE U 346 -65.87 31.37 -64.32
N GLY U 347 -65.77 32.58 -63.80
CA GLY U 347 -65.86 32.80 -62.37
C GLY U 347 -65.01 31.94 -61.45
N PRO U 348 -63.72 32.27 -61.38
CA PRO U 348 -62.69 31.59 -60.59
C PRO U 348 -62.81 31.86 -59.11
N THR U 349 -62.06 31.13 -58.29
CA THR U 349 -62.10 31.41 -56.87
C THR U 349 -61.18 32.60 -56.88
N CYS U 350 -61.74 33.79 -56.74
CA CYS U 350 -60.90 34.97 -56.83
C CYS U 350 -60.09 35.15 -55.57
N PRO U 351 -58.85 35.59 -55.75
CA PRO U 351 -57.90 35.73 -54.65
C PRO U 351 -58.23 36.87 -53.71
N ARG U 352 -59.06 37.82 -54.11
CA ARG U 352 -59.38 38.94 -53.25
C ARG U 352 -60.59 38.69 -52.35
N VAL U 353 -61.30 37.59 -52.54
CA VAL U 353 -62.24 37.14 -51.51
C VAL U 353 -61.44 36.74 -50.27
N ASP U 354 -62.02 37.01 -49.10
CA ASP U 354 -61.37 36.66 -47.85
C ASP U 354 -61.04 35.17 -47.85
N ALA U 355 -59.81 34.86 -47.45
CA ALA U 355 -59.37 33.47 -47.42
C ALA U 355 -60.25 32.61 -46.54
N ARG U 356 -60.96 33.21 -45.59
CA ARG U 356 -61.86 32.44 -44.74
C ARG U 356 -63.10 32.00 -45.51
N ASN U 357 -63.47 32.73 -46.56
CA ASN U 357 -64.56 32.31 -47.41
C ASN U 357 -64.13 31.24 -48.41
N LYS U 358 -62.88 31.22 -48.82
CA LYS U 358 -62.45 30.42 -49.95
C LYS U 358 -62.17 28.98 -49.61
N GLY U 359 -62.44 28.56 -48.37
CA GLY U 359 -62.02 27.25 -47.91
C GLY U 359 -62.78 26.08 -48.51
N GLY U 360 -62.66 24.92 -47.88
CA GLY U 360 -62.94 23.65 -48.53
C GLY U 360 -64.35 23.33 -48.97
N LYS U 361 -65.30 23.35 -48.06
CA LYS U 361 -66.60 22.72 -48.28
C LYS U 361 -67.51 23.63 -49.10
N MET U 362 -68.02 23.10 -50.22
CA MET U 362 -68.81 23.91 -51.14
C MET U 362 -70.29 23.95 -50.83
N SER U 363 -70.76 23.33 -49.76
CA SER U 363 -72.17 23.42 -49.48
C SER U 363 -72.38 23.40 -47.98
N MET U 364 -73.53 23.91 -47.57
CA MET U 364 -73.93 23.90 -46.18
C MET U 364 -75.39 23.49 -46.15
N LEU U 365 -75.81 22.91 -45.05
CA LEU U 365 -77.16 22.41 -44.91
C LEU U 365 -77.89 23.44 -44.08
N PHE U 366 -78.65 24.28 -44.78
CA PHE U 366 -79.30 25.46 -44.21
C PHE U 366 -80.77 25.53 -44.53
N ASP U 367 -81.56 25.91 -43.56
CA ASP U 367 -83.01 25.98 -43.71
C ASP U 367 -83.56 27.10 -44.57
N HIS U 368 -84.78 26.91 -45.04
CA HIS U 368 -85.45 27.92 -45.83
C HIS U 368 -86.83 28.15 -45.23
N HIS U 369 -87.20 29.41 -45.07
CA HIS U 369 -88.50 29.73 -44.50
C HIS U 369 -89.48 30.21 -45.57
N GLU V 36 -33.97 14.41 -69.17
CA GLU V 36 -34.64 15.40 -68.32
C GLU V 36 -36.01 15.72 -68.91
N GLY V 37 -36.94 16.16 -68.07
CA GLY V 37 -38.28 16.45 -68.52
C GLY V 37 -39.17 15.23 -68.51
N ASP V 38 -40.38 15.42 -68.99
CA ASP V 38 -41.35 14.33 -69.04
C ASP V 38 -41.21 13.49 -70.30
N GLY V 39 -40.24 13.80 -71.16
CA GLY V 39 -40.01 13.07 -72.37
C GLY V 39 -40.43 13.79 -73.63
N SER V 40 -41.22 14.84 -73.48
CA SER V 40 -41.75 15.60 -74.60
C SER V 40 -40.73 16.26 -75.49
N ALA V 41 -39.46 16.24 -75.07
CA ALA V 41 -38.37 16.85 -75.82
C ALA V 41 -37.99 16.06 -77.06
N PRO V 42 -37.25 16.67 -77.97
CA PRO V 42 -36.89 15.91 -79.16
C PRO V 42 -36.05 14.65 -78.89
N GLY V 43 -35.12 14.64 -77.96
CA GLY V 43 -34.30 13.45 -77.74
C GLY V 43 -34.43 12.78 -76.38
N GLY V 44 -34.07 11.50 -76.29
CA GLY V 44 -34.17 10.78 -75.03
C GLY V 44 -35.33 9.82 -74.95
N SER V 45 -36.08 9.85 -73.85
CA SER V 45 -37.23 8.97 -73.65
C SER V 45 -38.52 9.43 -74.32
N VAL V 46 -39.40 8.51 -74.65
CA VAL V 46 -40.67 8.74 -75.32
C VAL V 46 -41.75 9.24 -74.38
N TRP V 47 -42.38 10.35 -74.74
CA TRP V 47 -43.47 10.84 -73.92
C TRP V 47 -44.58 9.85 -74.23
N GLN V 48 -45.19 9.29 -73.20
CA GLN V 48 -46.24 8.33 -73.44
C GLN V 48 -47.48 8.68 -72.64
N THR V 49 -48.62 8.30 -73.18
CA THR V 49 -49.92 8.66 -72.65
C THR V 49 -50.24 7.90 -71.37
N THR V 50 -51.21 8.42 -70.63
CA THR V 50 -51.59 7.84 -69.35
C THR V 50 -52.15 6.43 -69.52
N ASP V 51 -52.07 5.67 -68.43
CA ASP V 51 -52.46 4.26 -68.41
C ASP V 51 -53.97 4.14 -68.28
N TYR V 52 -54.59 3.41 -69.22
CA TYR V 52 -56.01 3.12 -69.12
C TYR V 52 -56.33 1.80 -68.43
N ILE V 53 -55.34 0.98 -68.11
CA ILE V 53 -55.63 -0.28 -67.44
C ILE V 53 -56.05 -0.06 -66.00
N ALA V 54 -55.29 0.76 -65.27
CA ALA V 54 -55.43 0.85 -63.83
C ALA V 54 -56.87 1.04 -63.40
N LEU V 55 -57.62 1.88 -64.11
CA LEU V 55 -59.01 2.11 -63.75
C LEU V 55 -59.95 1.02 -64.25
N SER V 56 -59.55 0.25 -65.26
CA SER V 56 -60.41 -0.84 -65.70
C SER V 56 -60.26 -2.07 -64.81
N MET V 57 -59.15 -2.20 -64.10
CA MET V 57 -58.92 -3.33 -63.23
C MET V 57 -59.39 -3.12 -61.80
N VAL V 58 -59.76 -1.91 -61.41
CA VAL V 58 -60.13 -1.67 -60.02
C VAL V 58 -61.40 -2.44 -59.71
N VAL V 59 -61.37 -3.22 -58.64
CA VAL V 59 -62.48 -4.07 -58.23
C VAL V 59 -63.25 -3.35 -57.14
N TYR V 60 -64.51 -3.09 -57.39
CA TYR V 60 -65.39 -2.48 -56.42
C TYR V 60 -66.25 -3.57 -55.79
N ARG V 61 -66.56 -3.40 -54.51
CA ARG V 61 -67.09 -4.49 -53.71
C ARG V 61 -68.34 -4.02 -52.99
N THR V 62 -69.47 -4.63 -53.29
CA THR V 62 -70.73 -4.27 -52.65
C THR V 62 -71.39 -5.51 -52.04
N ALA V 63 -72.61 -5.34 -51.53
CA ALA V 63 -73.33 -6.47 -50.95
C ALA V 63 -74.83 -6.17 -50.99
N ILE V 64 -75.61 -7.23 -50.86
CA ILE V 64 -77.06 -7.13 -50.77
C ILE V 64 -77.50 -7.88 -49.52
N LYS V 65 -78.07 -7.16 -48.57
CA LYS V 65 -78.52 -7.73 -47.31
C LYS V 65 -80.03 -7.61 -47.24
N LEU V 66 -80.69 -8.69 -46.82
CA LEU V 66 -82.13 -8.74 -46.75
C LEU V 66 -82.54 -9.52 -45.51
N ARG V 67 -83.60 -9.06 -44.85
CA ARG V 67 -84.17 -9.78 -43.72
C ARG V 67 -85.57 -10.27 -44.03
N ASN V 68 -85.94 -11.32 -43.34
CA ASN V 68 -87.17 -12.03 -43.59
C ASN V 68 -87.59 -12.71 -42.30
N PHE V 69 -88.88 -12.94 -42.13
CA PHE V 69 -89.38 -13.80 -41.07
C PHE V 69 -89.87 -15.09 -41.70
N VAL V 70 -89.42 -16.21 -41.16
CA VAL V 70 -89.77 -17.52 -41.67
C VAL V 70 -90.71 -18.18 -40.67
N ASN V 71 -91.83 -18.70 -41.17
CA ASN V 71 -92.78 -19.46 -40.37
C ASN V 71 -92.88 -20.85 -40.96
N ILE V 72 -92.46 -21.85 -40.21
CA ILE V 72 -92.48 -23.24 -40.65
C ILE V 72 -93.56 -23.95 -39.85
N ARG V 73 -94.63 -24.36 -40.52
CA ARG V 73 -95.75 -24.99 -39.85
C ARG V 73 -96.08 -26.33 -40.49
N GLY V 74 -96.66 -27.21 -39.70
CA GLY V 74 -97.18 -28.46 -40.21
C GLY V 74 -96.14 -29.35 -40.86
N LEU V 75 -94.92 -29.35 -40.32
CA LEU V 75 -93.81 -30.09 -40.90
C LEU V 75 -93.64 -31.36 -40.07
N THR V 76 -93.97 -32.51 -40.65
CA THR V 76 -93.85 -33.77 -39.94
C THR V 76 -92.39 -34.19 -39.88
N PRO V 77 -92.03 -35.13 -38.99
CA PRO V 77 -90.63 -35.49 -38.85
C PRO V 77 -90.00 -36.13 -40.07
N THR V 78 -90.80 -36.72 -40.96
CA THR V 78 -90.23 -37.28 -42.18
C THR V 78 -89.90 -36.19 -43.18
N GLU V 79 -90.83 -35.26 -43.39
CA GLU V 79 -90.62 -34.16 -44.31
C GLU V 79 -89.68 -33.12 -43.72
N MET V 80 -89.10 -32.32 -44.58
CA MET V 80 -87.95 -31.49 -44.24
C MET V 80 -87.95 -30.23 -45.11
N ILE V 81 -87.55 -29.12 -44.52
CA ILE V 81 -87.45 -27.85 -45.24
C ILE V 81 -86.11 -27.77 -45.94
N VAL V 82 -86.14 -27.49 -47.23
CA VAL V 82 -84.94 -27.32 -48.04
C VAL V 82 -84.58 -25.85 -48.04
N ILE V 83 -83.37 -25.53 -47.59
CA ILE V 83 -82.93 -24.14 -47.58
C ILE V 83 -82.43 -23.86 -48.99
N PRO V 84 -83.09 -23.06 -49.77
CA PRO V 84 -82.61 -22.77 -51.13
C PRO V 84 -81.42 -21.83 -51.10
N TRP V 85 -80.40 -22.19 -50.32
CA TRP V 85 -79.36 -21.23 -50.01
C TRP V 85 -78.24 -21.28 -51.02
N ASN V 86 -78.27 -22.25 -51.92
CA ASN V 86 -77.29 -22.35 -52.99
C ASN V 86 -77.78 -21.77 -54.31
N VAL V 87 -78.98 -21.21 -54.35
CA VAL V 87 -79.47 -20.56 -55.55
C VAL V 87 -79.23 -19.07 -55.41
N MET V 88 -78.76 -18.46 -56.49
CA MET V 88 -78.35 -17.06 -56.46
C MET V 88 -79.52 -16.14 -56.13
N ARG V 89 -80.69 -16.47 -56.66
CA ARG V 89 -81.88 -15.65 -56.48
C ARG V 89 -82.33 -15.56 -55.03
N PHE V 90 -81.87 -16.47 -54.18
CA PHE V 90 -82.25 -16.46 -52.78
C PHE V 90 -81.75 -15.21 -52.08
N TYR V 91 -80.50 -14.83 -52.34
CA TYR V 91 -79.87 -13.75 -51.60
C TYR V 91 -80.23 -12.38 -52.13
N CYS V 92 -80.19 -12.21 -53.45
CA CYS V 92 -80.30 -10.89 -54.07
C CYS V 92 -81.69 -10.56 -54.60
N GLU V 93 -82.64 -11.47 -54.47
CA GLU V 93 -84.03 -11.19 -54.82
C GLU V 93 -84.90 -11.59 -53.65
N TYR V 94 -85.86 -10.76 -53.32
CA TYR V 94 -86.58 -10.89 -52.07
C TYR V 94 -87.92 -11.54 -52.40
N ASN V 95 -88.06 -12.81 -52.09
CA ASN V 95 -89.30 -13.51 -52.40
C ASN V 95 -89.94 -13.83 -51.06
N THR V 96 -90.96 -13.07 -50.70
CA THR V 96 -91.72 -13.30 -49.49
C THR V 96 -93.15 -12.90 -49.77
N GLY V 97 -94.11 -13.75 -49.43
CA GLY V 97 -95.49 -13.34 -49.46
C GLY V 97 -95.91 -12.76 -50.80
N THR V 98 -96.42 -11.53 -50.76
CA THR V 98 -96.91 -10.86 -51.95
C THR V 98 -95.79 -10.30 -52.83
N TYR V 99 -94.60 -10.08 -52.26
CA TYR V 99 -93.51 -9.47 -53.03
C TYR V 99 -93.21 -10.26 -54.30
N GLY V 100 -92.95 -11.56 -54.15
CA GLY V 100 -92.62 -12.39 -55.30
C GLY V 100 -93.67 -12.38 -56.39
N LEU V 101 -94.91 -12.08 -56.03
CA LEU V 101 -95.96 -11.95 -57.04
C LEU V 101 -95.82 -10.64 -57.81
N SER V 102 -95.42 -9.57 -57.12
CA SER V 102 -95.17 -8.30 -57.78
C SER V 102 -93.88 -8.37 -58.58
N GLY V 103 -93.75 -7.45 -59.53
CA GLY V 103 -92.66 -7.50 -60.49
C GLY V 103 -91.39 -6.84 -60.01
N ASN V 104 -90.27 -7.34 -60.52
CA ASN V 104 -88.94 -6.78 -60.32
C ASN V 104 -88.66 -6.53 -58.84
N VAL V 105 -88.51 -7.64 -58.12
CA VAL V 105 -88.23 -7.58 -56.70
C VAL V 105 -86.73 -7.67 -56.41
N HIS V 106 -85.91 -7.69 -57.45
CA HIS V 106 -84.47 -7.64 -57.26
C HIS V 106 -84.06 -6.40 -56.48
N HIS V 107 -83.02 -6.54 -55.67
CA HIS V 107 -82.48 -5.41 -54.95
C HIS V 107 -81.80 -4.46 -55.94
N LYS V 108 -81.86 -3.17 -55.65
CA LYS V 108 -81.39 -2.19 -56.62
C LYS V 108 -79.88 -2.17 -56.77
N ASN V 109 -79.14 -2.64 -55.76
CA ASN V 109 -77.71 -2.83 -55.98
C ASN V 109 -77.45 -3.86 -57.04
N TYR V 110 -78.34 -4.84 -57.18
CA TYR V 110 -78.11 -5.84 -58.21
C TYR V 110 -78.49 -5.32 -59.59
N SER V 111 -79.53 -4.49 -59.67
CA SER V 111 -79.93 -3.94 -60.95
C SER V 111 -78.81 -3.15 -61.61
N MET V 112 -77.99 -2.48 -60.80
CA MET V 112 -76.86 -1.76 -61.37
C MET V 112 -75.64 -2.63 -61.59
N LEU V 113 -75.54 -3.78 -60.93
CA LEU V 113 -74.46 -4.69 -61.27
C LEU V 113 -74.54 -5.12 -62.73
N LEU V 114 -75.71 -4.97 -63.34
CA LEU V 114 -75.87 -5.14 -64.76
C LEU V 114 -75.48 -3.91 -65.55
N ALA V 115 -75.33 -2.76 -64.88
CA ALA V 115 -74.84 -1.57 -65.54
C ALA V 115 -73.33 -1.58 -65.70
N CYS V 116 -72.61 -2.03 -64.67
CA CYS V 116 -71.18 -2.23 -64.80
C CYS V 116 -70.90 -3.45 -65.66
N LYS V 117 -69.68 -3.53 -66.21
CA LYS V 117 -69.47 -4.54 -67.23
C LYS V 117 -69.25 -5.93 -66.65
N ALA V 118 -68.79 -6.03 -65.42
CA ALA V 118 -68.51 -7.32 -64.82
C ALA V 118 -68.91 -7.28 -63.36
N HIS V 119 -69.49 -8.38 -62.89
CA HIS V 119 -69.74 -8.55 -61.47
C HIS V 119 -69.45 -9.98 -61.09
N ARG V 120 -69.09 -10.19 -59.84
CA ARG V 120 -68.81 -11.52 -59.37
C ARG V 120 -69.37 -11.71 -57.97
N PRO V 121 -69.99 -12.85 -57.70
CA PRO V 121 -70.74 -13.02 -56.45
C PRO V 121 -69.93 -13.16 -55.18
N THR V 122 -68.68 -13.62 -55.23
CA THR V 122 -67.83 -13.82 -54.06
C THR V 122 -68.58 -14.48 -52.89
N LYS V 123 -68.46 -13.94 -51.69
CA LYS V 123 -69.01 -14.61 -50.52
C LYS V 123 -70.53 -14.54 -50.51
N VAL V 124 -71.15 -15.55 -49.90
CA VAL V 124 -72.60 -15.61 -49.78
C VAL V 124 -72.92 -16.32 -48.47
N GLY V 125 -73.99 -15.90 -47.81
CA GLY V 125 -74.30 -16.49 -46.52
C GLY V 125 -75.65 -16.05 -46.00
N TYR V 126 -76.04 -16.65 -44.88
CA TYR V 126 -77.33 -16.32 -44.28
C TYR V 126 -77.29 -16.62 -42.79
N THR V 127 -78.26 -16.06 -42.07
CA THR V 127 -78.34 -16.21 -40.62
C THR V 127 -79.77 -16.56 -40.22
N LEU V 128 -79.89 -17.57 -39.37
CA LEU V 128 -81.13 -17.90 -38.69
C LEU V 128 -81.05 -17.41 -37.25
N SER V 129 -82.08 -16.70 -36.81
CA SER V 129 -81.98 -16.01 -35.53
C SER V 129 -83.31 -15.99 -34.82
N ASN V 130 -83.24 -15.93 -33.49
CA ASN V 130 -84.40 -15.75 -32.61
C ASN V 130 -85.54 -16.70 -32.95
N LEU V 131 -85.27 -17.96 -32.65
CA LEU V 131 -86.22 -19.02 -32.92
C LEU V 131 -87.38 -18.95 -31.95
N ILE V 132 -88.58 -19.11 -32.49
CA ILE V 132 -89.80 -19.21 -31.70
C ILE V 132 -90.51 -20.48 -32.12
N LEU V 133 -90.63 -21.42 -31.21
CA LEU V 133 -91.42 -22.63 -31.42
C LEU V 133 -92.80 -22.46 -30.82
N THR V 134 -93.81 -22.90 -31.57
CA THR V 134 -95.18 -22.92 -31.11
C THR V 134 -95.74 -24.31 -31.31
N SER V 135 -96.87 -24.58 -30.69
CA SER V 135 -97.47 -25.91 -30.72
C SER V 135 -98.93 -25.81 -31.09
N ASP V 136 -99.36 -26.66 -32.01
CA ASP V 136 -100.77 -26.83 -32.34
C ASP V 136 -101.43 -27.88 -31.47
N GLU V 137 -100.72 -28.41 -30.49
CA GLU V 137 -101.24 -29.51 -29.68
C GLU V 137 -102.56 -29.16 -29.03
N LEU V 138 -102.71 -27.92 -28.55
CA LEU V 138 -103.97 -27.51 -27.97
C LEU V 138 -105.03 -27.23 -29.02
N VAL V 139 -104.64 -27.11 -30.28
CA VAL V 139 -105.57 -26.82 -31.37
C VAL V 139 -106.32 -28.10 -31.72
N SER V 140 -107.62 -27.95 -31.96
CA SER V 140 -108.46 -29.04 -32.44
C SER V 140 -109.47 -28.47 -33.42
N THR V 141 -110.11 -29.36 -34.18
CA THR V 141 -111.10 -28.90 -35.16
C THR V 141 -112.25 -28.16 -34.51
N GLY V 142 -112.54 -28.46 -33.24
CA GLY V 142 -113.54 -27.68 -32.52
C GLY V 142 -113.09 -26.27 -32.26
N GLY V 143 -111.78 -26.03 -32.18
CA GLY V 143 -111.27 -24.69 -32.05
C GLY V 143 -111.26 -24.21 -30.61
N THR V 144 -111.46 -22.90 -30.45
CA THR V 144 -111.52 -22.18 -29.18
C THR V 144 -110.17 -22.10 -28.48
N LEU V 145 -109.19 -22.88 -28.95
CA LEU V 145 -107.82 -22.79 -28.47
C LEU V 145 -106.89 -22.78 -29.67
N GLY V 146 -106.04 -21.75 -29.75
CA GLY V 146 -105.10 -21.62 -30.83
C GLY V 146 -103.72 -22.10 -30.44
N THR V 147 -102.80 -22.02 -31.41
CA THR V 147 -101.43 -22.42 -31.13
C THR V 147 -100.79 -21.45 -30.15
N THR V 148 -99.80 -21.94 -29.44
CA THR V 148 -99.06 -21.08 -28.53
C THR V 148 -97.67 -21.65 -28.36
N THR V 149 -96.76 -20.80 -27.90
CA THR V 149 -95.37 -21.21 -27.71
C THR V 149 -95.29 -22.42 -26.79
N THR V 150 -94.29 -23.26 -27.03
CA THR V 150 -94.14 -24.49 -26.28
C THR V 150 -94.04 -24.20 -24.78
N PHE V 151 -94.61 -25.11 -23.98
CA PHE V 151 -94.68 -24.90 -22.55
C PHE V 151 -93.31 -24.74 -21.93
N ASN V 152 -92.32 -25.48 -22.44
CA ASN V 152 -90.94 -25.30 -22.02
C ASN V 152 -90.06 -25.23 -23.26
N THR V 153 -88.82 -24.84 -23.06
CA THR V 153 -87.89 -24.58 -24.15
C THR V 153 -87.12 -25.81 -24.59
N SER V 154 -87.43 -26.98 -24.03
CA SER V 154 -86.77 -28.21 -24.46
C SER V 154 -86.92 -28.54 -25.94
N PRO V 155 -88.05 -28.29 -26.61
CA PRO V 155 -88.13 -28.62 -28.03
C PRO V 155 -87.14 -27.81 -28.85
N TYR V 156 -86.87 -28.28 -30.06
CA TYR V 156 -85.87 -27.68 -30.90
C TYR V 156 -86.20 -27.92 -32.37
N MET V 157 -85.60 -27.11 -33.22
CA MET V 157 -85.65 -27.31 -34.66
C MET V 157 -84.27 -27.72 -35.14
N ILE V 158 -84.21 -28.75 -35.96
CA ILE V 158 -82.94 -29.33 -36.36
C ILE V 158 -82.49 -28.64 -37.63
N HIS V 159 -81.31 -28.05 -37.60
CA HIS V 159 -80.69 -27.52 -38.81
C HIS V 159 -79.66 -28.51 -39.30
N SER V 160 -79.90 -29.09 -40.46
CA SER V 160 -79.08 -30.15 -40.99
C SER V 160 -78.27 -29.64 -42.17
N ILE V 161 -76.97 -29.93 -42.16
CA ILE V 161 -76.08 -29.66 -43.28
C ILE V 161 -75.64 -31.00 -43.83
N ASP V 162 -75.94 -31.29 -45.08
CA ASP V 162 -75.58 -32.61 -45.60
C ASP V 162 -74.22 -32.47 -46.25
N ASP V 163 -73.19 -32.98 -45.56
CA ASP V 163 -71.83 -32.93 -46.05
C ASP V 163 -71.53 -34.09 -46.99
N GLN V 164 -72.03 -35.27 -46.66
CA GLN V 164 -71.76 -36.48 -47.42
C GLN V 164 -72.69 -36.59 -48.62
N GLN V 165 -73.58 -35.63 -48.80
CA GLN V 165 -74.54 -35.62 -49.90
C GLN V 165 -75.39 -36.88 -49.90
N CYS V 166 -76.02 -37.14 -48.75
CA CYS V 166 -77.06 -38.16 -48.71
C CYS V 166 -78.11 -37.89 -49.76
N LEU V 167 -78.49 -36.62 -49.93
CA LEU V 167 -79.45 -36.19 -50.93
C LEU V 167 -78.71 -35.38 -51.97
N SER V 168 -78.58 -35.95 -53.16
CA SER V 168 -77.95 -35.25 -54.28
C SER V 168 -78.91 -34.23 -54.88
N LYS V 169 -80.14 -34.66 -55.10
CA LYS V 169 -81.15 -33.87 -55.79
C LYS V 169 -82.44 -34.01 -55.03
N VAL V 170 -83.10 -32.89 -54.76
CA VAL V 170 -84.22 -32.84 -53.83
C VAL V 170 -85.45 -32.37 -54.59
N TYR V 171 -86.55 -33.07 -54.39
CA TYR V 171 -87.80 -32.79 -55.07
C TYR V 171 -88.87 -32.36 -54.06
N PRO V 172 -89.85 -31.58 -54.48
CA PRO V 172 -90.96 -31.26 -53.60
C PRO V 172 -91.81 -32.49 -53.29
N LYS V 173 -92.61 -32.38 -52.24
CA LYS V 173 -93.52 -33.46 -51.90
C LYS V 173 -94.55 -33.65 -53.00
N THR V 174 -95.13 -34.85 -53.03
CA THR V 174 -96.03 -35.24 -54.11
C THR V 174 -97.11 -34.20 -54.34
N ASP V 175 -97.78 -33.76 -53.27
CA ASP V 175 -98.89 -32.82 -53.45
C ASP V 175 -98.39 -31.40 -53.65
N THR V 176 -97.34 -31.00 -52.94
CA THR V 176 -96.94 -29.60 -52.93
C THR V 176 -96.09 -29.28 -54.16
N VAL V 177 -95.70 -28.01 -54.26
CA VAL V 177 -94.82 -27.54 -55.31
C VAL V 177 -94.04 -26.36 -54.75
N TRP V 178 -92.89 -26.07 -55.36
CA TRP V 178 -92.02 -25.02 -54.86
C TRP V 178 -92.12 -23.80 -55.74
N PRO V 179 -92.79 -22.73 -55.32
CA PRO V 179 -92.76 -21.50 -56.10
C PRO V 179 -91.44 -20.78 -55.92
N VAL V 180 -91.00 -20.10 -56.98
CA VAL V 180 -89.81 -19.29 -56.80
C VAL V 180 -90.17 -18.00 -56.10
N SER V 181 -91.42 -17.54 -56.27
CA SER V 181 -91.88 -16.34 -55.59
C SER V 181 -91.94 -16.51 -54.09
N SER V 182 -91.96 -17.75 -53.62
CA SER V 182 -92.03 -18.08 -52.21
C SER V 182 -90.66 -18.35 -51.60
N MET V 183 -89.59 -18.14 -52.35
CA MET V 183 -88.28 -18.74 -52.03
C MET V 183 -87.80 -18.37 -50.63
N ARG V 184 -87.83 -17.08 -50.28
CA ARG V 184 -87.14 -16.67 -49.06
C ARG V 184 -87.89 -16.99 -47.78
N GLU V 185 -89.21 -17.09 -47.78
CA GLU V 185 -89.86 -17.69 -46.63
C GLU V 185 -89.85 -19.18 -46.89
N LEU V 186 -89.38 -19.95 -45.93
CA LEU V 186 -88.93 -21.28 -46.30
C LEU V 186 -90.15 -22.18 -46.17
N ASP V 187 -90.79 -22.43 -47.29
CA ASP V 187 -91.87 -23.39 -47.42
C ASP V 187 -91.49 -24.67 -48.13
N TYR V 188 -90.25 -24.80 -48.61
CA TYR V 188 -89.98 -25.89 -49.52
C TYR V 188 -89.83 -27.16 -48.70
N VAL V 189 -90.73 -28.11 -48.92
CA VAL V 189 -90.80 -29.32 -48.11
C VAL V 189 -90.44 -30.50 -48.99
N ALA V 190 -89.39 -31.20 -48.61
CA ALA V 190 -89.02 -32.45 -49.22
C ALA V 190 -89.37 -33.58 -48.27
N SER V 191 -89.76 -34.70 -48.83
CA SER V 191 -89.97 -35.90 -48.05
C SER V 191 -88.89 -36.89 -48.45
N THR V 192 -87.95 -37.13 -47.56
CA THR V 192 -86.85 -38.04 -47.84
C THR V 192 -87.31 -39.45 -47.49
N VAL V 193 -87.32 -40.33 -48.48
CA VAL V 193 -87.92 -41.65 -48.34
C VAL V 193 -87.03 -42.66 -49.05
N SER V 194 -86.74 -43.77 -48.38
CA SER V 194 -86.08 -44.91 -48.99
C SER V 194 -87.14 -45.71 -49.73
N GLY V 195 -86.84 -46.93 -50.16
CA GLY V 195 -87.83 -47.62 -50.94
C GLY V 195 -89.13 -47.86 -50.19
N ASP V 196 -89.08 -48.58 -49.08
CA ASP V 196 -90.21 -48.67 -48.15
C ASP V 196 -90.05 -47.78 -46.93
N ASN V 197 -88.93 -47.09 -46.78
CA ASN V 197 -88.56 -46.50 -45.51
C ASN V 197 -88.67 -44.98 -45.58
N ALA V 198 -89.35 -44.40 -44.61
CA ALA V 198 -89.36 -42.95 -44.46
C ALA V 198 -88.11 -42.55 -43.68
N ILE V 199 -87.28 -41.71 -44.28
CA ILE V 199 -86.04 -41.28 -43.66
C ILE V 199 -86.33 -40.13 -42.72
N ILE V 200 -85.86 -40.23 -41.48
CA ILE V 200 -85.81 -39.08 -40.59
C ILE V 200 -84.58 -38.28 -41.00
N PRO V 201 -84.75 -37.04 -41.46
CA PRO V 201 -83.62 -36.33 -42.08
C PRO V 201 -82.42 -36.14 -41.17
N SER V 202 -82.65 -35.87 -39.90
CA SER V 202 -81.56 -35.65 -38.97
C SER V 202 -80.65 -36.86 -38.83
N THR V 203 -81.14 -38.05 -39.13
CA THR V 203 -80.36 -39.25 -38.89
C THR V 203 -79.32 -39.49 -39.97
N ILE V 204 -79.64 -39.19 -41.22
CA ILE V 204 -78.69 -39.42 -42.30
C ILE V 204 -77.66 -38.29 -42.41
N PHE V 205 -78.08 -37.06 -42.18
CA PHE V 205 -77.22 -35.91 -42.46
C PHE V 205 -76.08 -35.82 -41.46
N ASN V 206 -75.03 -35.12 -41.87
CA ASN V 206 -73.78 -35.12 -41.13
C ASN V 206 -73.83 -34.15 -39.96
N LYS V 207 -73.79 -32.85 -40.25
CA LYS V 207 -73.92 -31.84 -39.22
C LYS V 207 -75.40 -31.58 -38.98
N ASN V 208 -75.84 -31.83 -37.77
CA ASN V 208 -77.21 -31.57 -37.35
C ASN V 208 -77.13 -30.73 -36.08
N ARG V 209 -77.59 -29.51 -36.16
CA ARG V 209 -77.64 -28.59 -35.04
C ARG V 209 -79.04 -28.61 -34.46
N TYR V 210 -79.16 -28.93 -33.17
CA TYR V 210 -80.45 -28.87 -32.52
C TYR V 210 -80.56 -27.50 -31.89
N TRP V 211 -81.40 -26.65 -32.46
CA TRP V 211 -81.40 -25.24 -32.17
C TRP V 211 -82.69 -24.89 -31.45
N LYS V 212 -82.55 -24.43 -30.22
CA LYS V 212 -83.66 -24.23 -29.31
C LYS V 212 -84.01 -22.76 -29.21
N GLN V 213 -85.01 -22.48 -28.39
CA GLN V 213 -85.41 -21.12 -28.10
C GLN V 213 -84.40 -20.50 -27.14
N GLY V 214 -83.81 -19.39 -27.55
CA GLY V 214 -82.80 -18.73 -26.77
C GLY V 214 -81.38 -18.99 -27.23
N ASP V 215 -81.17 -20.00 -28.07
CA ASP V 215 -79.85 -20.24 -28.61
C ASP V 215 -79.40 -19.09 -29.49
N ASP V 216 -78.09 -18.97 -29.63
CA ASP V 216 -77.52 -17.93 -30.46
C ASP V 216 -77.90 -18.16 -31.91
N ALA V 217 -77.82 -17.09 -32.69
CA ALA V 217 -78.16 -17.17 -34.10
C ALA V 217 -77.24 -18.15 -34.81
N LEU V 218 -77.76 -18.77 -35.85
CA LEU V 218 -77.01 -19.73 -36.66
C LEU V 218 -76.52 -19.03 -37.91
N HIS V 219 -75.20 -18.93 -38.05
CA HIS V 219 -74.60 -18.20 -39.15
C HIS V 219 -73.98 -19.19 -40.12
N PHE V 220 -74.32 -19.05 -41.40
CA PHE V 220 -73.80 -19.94 -42.42
C PHE V 220 -73.28 -19.10 -43.58
N SER V 221 -72.10 -19.43 -44.07
CA SER V 221 -71.44 -18.63 -45.08
C SER V 221 -70.78 -19.55 -46.09
N HIS V 222 -70.60 -19.03 -47.29
CA HIS V 222 -69.84 -19.73 -48.32
C HIS V 222 -68.99 -18.70 -49.06
N ASP V 223 -67.70 -18.97 -49.14
CA ASP V 223 -66.78 -18.09 -49.88
C ASP V 223 -66.62 -18.62 -51.29
N LEU V 224 -66.76 -17.74 -52.27
CA LEU V 224 -66.50 -18.05 -53.65
C LEU V 224 -65.19 -17.39 -54.07
N ASP V 225 -64.26 -18.19 -54.59
CA ASP V 225 -63.10 -17.67 -55.28
C ASP V 225 -63.21 -18.08 -56.74
N LEU V 226 -63.52 -17.12 -57.60
CA LEU V 226 -63.66 -17.34 -59.02
C LEU V 226 -62.49 -16.70 -59.72
N GLY V 227 -62.01 -17.35 -60.77
CA GLY V 227 -61.00 -16.67 -61.55
C GLY V 227 -61.56 -15.76 -62.60
N PHE V 228 -62.87 -15.64 -62.68
CA PHE V 228 -63.52 -14.94 -63.78
C PHE V 228 -64.67 -14.13 -63.24
N TRP V 229 -65.41 -13.51 -64.14
CA TRP V 229 -66.43 -12.54 -63.82
C TRP V 229 -67.68 -12.88 -64.63
N PHE V 230 -68.79 -12.26 -64.29
CA PHE V 230 -70.04 -12.49 -64.99
C PHE V 230 -70.52 -11.19 -65.61
N GLY V 231 -70.99 -11.28 -66.85
CA GLY V 231 -71.47 -10.10 -67.53
C GLY V 231 -72.97 -10.00 -67.65
N SER V 232 -73.69 -11.07 -67.30
CA SER V 232 -75.13 -11.12 -67.45
C SER V 232 -75.78 -11.32 -66.10
N ASP V 233 -77.11 -11.36 -66.10
CA ASP V 233 -77.81 -11.62 -64.85
C ASP V 233 -77.76 -13.11 -64.52
N TYR V 234 -77.89 -13.42 -63.23
CA TYR V 234 -77.87 -14.81 -62.83
C TYR V 234 -79.09 -15.56 -63.39
N GLY V 235 -80.28 -14.98 -63.26
CA GLY V 235 -81.42 -15.56 -63.93
C GLY V 235 -81.76 -16.95 -63.44
N ASN V 236 -82.04 -17.08 -62.15
CA ASN V 236 -82.29 -18.35 -61.46
C ASN V 236 -81.21 -19.39 -61.75
N ALA V 237 -79.97 -18.96 -61.54
CA ALA V 237 -78.82 -19.84 -61.54
C ALA V 237 -78.39 -20.13 -60.11
N TYR V 238 -77.89 -21.33 -59.88
CA TYR V 238 -77.22 -21.59 -58.62
C TYR V 238 -76.02 -20.67 -58.50
N VAL V 239 -75.82 -20.14 -57.29
CA VAL V 239 -74.59 -19.39 -57.07
C VAL V 239 -73.39 -20.28 -57.37
N PRO V 240 -72.39 -19.80 -58.10
CA PRO V 240 -71.47 -20.70 -58.82
C PRO V 240 -70.83 -21.76 -57.94
N GLN V 241 -70.85 -22.99 -58.45
CA GLN V 241 -70.34 -24.16 -57.75
C GLN V 241 -69.70 -25.07 -58.78
N ASN V 242 -68.70 -25.81 -58.36
CA ASN V 242 -68.11 -26.86 -59.18
C ASN V 242 -68.42 -28.19 -58.52
N ASN V 243 -69.25 -29.00 -59.15
CA ASN V 243 -69.70 -30.21 -58.49
C ASN V 243 -69.97 -31.30 -59.51
N ASP V 244 -70.37 -32.46 -58.98
CA ASP V 244 -70.94 -33.51 -59.81
C ASP V 244 -72.21 -33.05 -60.49
N SER V 245 -73.00 -32.22 -59.81
CA SER V 245 -74.25 -31.73 -60.37
C SER V 245 -74.05 -30.53 -61.29
N MET V 246 -73.08 -29.67 -61.02
CA MET V 246 -73.06 -28.40 -61.72
C MET V 246 -71.65 -27.81 -61.76
N ASN V 247 -71.46 -26.89 -62.71
CA ASN V 247 -70.20 -26.17 -62.85
C ASN V 247 -70.45 -24.68 -62.84
N ALA V 248 -69.40 -23.94 -62.49
CA ALA V 248 -69.54 -22.52 -62.17
C ALA V 248 -69.65 -21.64 -63.40
N VAL V 249 -69.04 -22.06 -64.51
CA VAL V 249 -68.96 -21.25 -65.71
C VAL V 249 -69.99 -21.77 -66.71
N GLY V 250 -70.73 -20.86 -67.33
CA GLY V 250 -71.90 -21.26 -68.09
C GLY V 250 -71.80 -21.28 -69.60
N THR V 251 -70.75 -20.71 -70.16
CA THR V 251 -70.63 -20.66 -71.61
C THR V 251 -69.97 -21.91 -72.13
N ILE V 252 -70.51 -22.45 -73.22
CA ILE V 252 -69.86 -23.57 -73.90
C ILE V 252 -68.58 -23.04 -74.53
N PRO V 253 -67.42 -23.57 -74.17
CA PRO V 253 -66.18 -23.14 -74.83
C PRO V 253 -66.17 -23.56 -76.29
N THR V 254 -65.48 -22.78 -77.10
CA THR V 254 -65.53 -22.90 -78.55
C THR V 254 -64.12 -23.04 -79.11
N SER V 255 -64.05 -23.44 -80.37
CA SER V 255 -62.87 -24.10 -80.92
C SER V 255 -61.69 -23.15 -81.11
N LYS V 256 -60.49 -23.72 -81.03
CA LYS V 256 -59.26 -23.12 -81.53
C LYS V 256 -58.88 -21.86 -80.76
N HIS V 257 -59.11 -21.86 -79.45
CA HIS V 257 -58.63 -20.80 -78.57
C HIS V 257 -58.84 -21.25 -77.14
N ILE V 258 -58.48 -20.37 -76.21
CA ILE V 258 -58.45 -20.68 -74.79
C ILE V 258 -59.73 -20.15 -74.16
N ASN V 259 -60.27 -20.90 -73.21
CA ASN V 259 -61.55 -20.59 -72.58
C ASN V 259 -61.43 -20.83 -71.10
N VAL V 260 -62.15 -20.03 -70.32
CA VAL V 260 -62.15 -20.23 -68.87
C VAL V 260 -63.00 -21.43 -68.55
N ARG V 261 -62.44 -22.35 -67.76
CA ARG V 261 -63.02 -23.65 -67.48
C ARG V 261 -63.09 -23.82 -65.97
N GLY V 262 -64.22 -24.34 -65.48
CA GLY V 262 -64.33 -24.63 -64.07
C GLY V 262 -63.38 -25.72 -63.65
N VAL V 263 -62.94 -25.65 -62.39
CA VAL V 263 -61.99 -26.61 -61.85
C VAL V 263 -62.16 -26.64 -60.34
N ASN V 264 -61.75 -27.75 -59.72
CA ASN V 264 -61.45 -27.90 -58.29
C ASN V 264 -62.57 -28.22 -57.31
N ASN V 265 -63.84 -28.32 -57.69
CA ASN V 265 -64.87 -28.74 -56.73
C ASN V 265 -64.95 -27.82 -55.51
N ARG V 266 -65.51 -26.64 -55.74
CA ARG V 266 -66.08 -25.85 -54.67
C ARG V 266 -67.58 -25.94 -54.78
N GLY V 267 -68.24 -26.29 -53.68
CA GLY V 267 -69.69 -26.43 -53.70
C GLY V 267 -70.28 -26.15 -52.34
N MET V 268 -71.60 -26.12 -52.27
CA MET V 268 -72.29 -25.85 -51.02
C MET V 268 -73.06 -27.05 -50.50
N ALA V 269 -73.03 -27.24 -49.18
CA ALA V 269 -73.73 -28.35 -48.55
C ALA V 269 -75.23 -28.08 -48.50
N GLY V 270 -76.02 -29.12 -48.76
CA GLY V 270 -77.47 -28.99 -48.75
C GLY V 270 -78.04 -28.76 -47.37
N HIS V 271 -78.24 -27.49 -47.00
CA HIS V 271 -78.81 -27.14 -45.70
C HIS V 271 -80.27 -27.55 -45.67
N TYR V 272 -80.76 -27.92 -44.48
CA TYR V 272 -82.15 -28.34 -44.35
C TYR V 272 -82.64 -28.01 -42.94
N LEU V 273 -83.96 -27.96 -42.80
CA LEU V 273 -84.60 -27.74 -41.52
C LEU V 273 -85.64 -28.82 -41.29
N SER V 274 -85.68 -29.33 -40.07
CA SER V 274 -86.60 -30.42 -39.74
C SER V 274 -86.85 -30.38 -38.24
N PHE V 275 -87.89 -31.07 -37.83
CA PHE V 275 -88.18 -31.17 -36.41
C PHE V 275 -88.02 -32.60 -35.94
N PRO V 276 -87.62 -32.80 -34.69
CA PRO V 276 -87.45 -34.14 -34.17
C PRO V 276 -88.78 -34.84 -34.09
N PRO V 277 -88.85 -36.13 -34.41
CA PRO V 277 -90.10 -36.86 -34.21
C PRO V 277 -90.44 -36.93 -32.74
N ILE V 278 -91.66 -36.53 -32.40
CA ILE V 278 -92.17 -36.62 -31.04
C ILE V 278 -93.55 -37.24 -31.14
N ARG V 279 -93.71 -38.43 -30.60
CA ARG V 279 -95.00 -39.08 -30.67
C ARG V 279 -95.97 -38.48 -29.66
N THR V 280 -97.23 -38.47 -30.05
CA THR V 280 -98.32 -37.97 -29.22
C THR V 280 -99.36 -39.08 -29.05
N ASN V 281 -100.43 -38.74 -28.34
CA ASN V 281 -101.59 -39.61 -28.31
C ASN V 281 -102.07 -39.93 -29.72
N ASP V 282 -101.99 -38.97 -30.63
CA ASP V 282 -102.32 -39.18 -32.03
C ASP V 282 -101.21 -38.61 -32.92
N GLY V 283 -100.56 -39.47 -33.69
CA GLY V 283 -99.60 -38.99 -34.65
C GLY V 283 -98.37 -38.39 -34.00
N GLN V 284 -97.92 -37.27 -34.55
CA GLN V 284 -96.67 -36.64 -34.18
C GLN V 284 -96.93 -35.30 -33.52
N PHE V 285 -96.00 -34.88 -32.68
CA PHE V 285 -96.12 -33.61 -32.00
C PHE V 285 -96.07 -32.51 -33.05
N LYS V 286 -96.91 -31.51 -32.89
CA LYS V 286 -96.98 -30.45 -33.89
C LYS V 286 -96.05 -29.34 -33.44
N LEU V 287 -94.93 -29.20 -34.12
CA LEU V 287 -93.98 -28.13 -33.87
C LEU V 287 -94.04 -27.14 -35.02
N ASN V 288 -94.12 -25.87 -34.67
CA ASN V 288 -94.11 -24.79 -35.61
C ASN V 288 -92.94 -23.90 -35.21
N ALA V 289 -92.28 -23.29 -36.18
CA ALA V 289 -91.10 -22.51 -35.88
C ALA V 289 -91.22 -21.14 -36.52
N GLN V 290 -90.74 -20.13 -35.80
CA GLN V 290 -90.43 -18.84 -36.40
C GLN V 290 -88.97 -18.53 -36.19
N PHE V 291 -88.36 -17.88 -37.16
CA PHE V 291 -87.05 -17.31 -36.99
C PHE V 291 -86.88 -16.22 -38.03
N THR V 292 -85.90 -15.35 -37.81
CA THR V 292 -85.57 -14.33 -38.78
C THR V 292 -84.50 -14.84 -39.72
N LEU V 293 -84.68 -14.57 -40.99
CA LEU V 293 -83.70 -14.97 -42.00
C LEU V 293 -82.99 -13.71 -42.48
N GLU V 294 -81.72 -13.59 -42.16
CA GLU V 294 -80.86 -12.52 -42.67
C GLU V 294 -79.91 -13.14 -43.66
N THR V 295 -80.06 -12.80 -44.93
CA THR V 295 -79.14 -13.26 -45.96
C THR V 295 -78.26 -12.10 -46.41
N GLU V 296 -77.03 -12.42 -46.76
CA GLU V 296 -76.12 -11.43 -47.32
C GLU V 296 -75.33 -12.07 -48.45
N ILE V 297 -75.28 -11.38 -49.58
CA ILE V 297 -74.43 -11.77 -50.69
C ILE V 297 -73.55 -10.60 -51.04
N GLU V 298 -72.25 -10.83 -51.14
CA GLU V 298 -71.27 -9.78 -51.33
C GLU V 298 -70.76 -9.85 -52.76
N PHE V 299 -71.12 -8.88 -53.58
CA PHE V 299 -70.65 -8.83 -54.95
C PHE V 299 -69.40 -7.99 -55.08
N GLU V 300 -68.49 -8.43 -55.94
CA GLU V 300 -67.48 -7.57 -56.52
C GLU V 300 -67.92 -7.18 -57.92
N PHE V 301 -67.66 -5.94 -58.30
CA PHE V 301 -67.96 -5.53 -59.66
C PHE V 301 -66.83 -4.68 -60.18
N ARG V 302 -66.86 -4.45 -61.49
CA ARG V 302 -65.74 -3.87 -62.20
C ARG V 302 -66.29 -3.01 -63.33
N LEU V 303 -65.63 -1.90 -63.62
CA LEU V 303 -66.21 -0.89 -64.49
C LEU V 303 -65.62 -0.96 -65.88
N TRP V 304 -66.08 -0.04 -66.72
CA TRP V 304 -65.84 -0.02 -68.15
C TRP V 304 -64.45 0.48 -68.48
N GLU V 305 -64.00 0.16 -69.69
CA GLU V 305 -62.68 0.54 -70.16
C GLU V 305 -62.55 2.05 -70.25
N GLN V 306 -61.40 2.56 -69.83
CA GLN V 306 -61.13 3.98 -69.95
C GLN V 306 -60.81 4.34 -71.39
N GLY V 307 -60.97 5.62 -71.70
CA GLY V 307 -60.62 6.11 -73.01
C GLY V 307 -61.80 6.09 -73.96
N VAL V 308 -61.48 6.34 -75.23
CA VAL V 308 -62.49 6.30 -76.27
C VAL V 308 -63.09 4.91 -76.38
N GLN V 309 -62.36 3.89 -75.94
CA GLN V 309 -62.89 2.53 -75.95
C GLN V 309 -64.17 2.42 -75.14
N GLY V 310 -64.29 3.20 -74.09
CA GLY V 310 -65.44 3.18 -73.22
C GLY V 310 -66.56 4.11 -73.59
N ILE V 311 -66.48 4.78 -74.73
CA ILE V 311 -67.58 5.63 -75.19
C ILE V 311 -68.73 4.76 -75.66
N ASN V 312 -69.95 5.13 -75.26
CA ASN V 312 -71.13 4.31 -75.57
C ASN V 312 -71.24 4.00 -77.05
N SER V 313 -71.08 5.02 -77.89
CA SER V 313 -71.32 4.83 -79.32
C SER V 313 -70.31 3.87 -79.93
N VAL V 314 -69.03 4.00 -79.56
CA VAL V 314 -67.99 3.16 -80.15
C VAL V 314 -67.65 1.96 -79.30
N HIS V 315 -68.26 1.80 -78.13
CA HIS V 315 -67.94 0.64 -77.30
C HIS V 315 -68.53 -0.65 -77.85
N THR V 316 -69.57 -0.56 -78.67
CA THR V 316 -70.15 -1.77 -79.23
C THR V 316 -69.13 -2.53 -80.06
N ASN V 317 -68.51 -1.85 -81.03
CA ASN V 317 -67.54 -2.48 -81.90
C ASN V 317 -66.10 -2.34 -81.43
N LEU V 318 -65.80 -1.52 -80.42
CA LEU V 318 -64.50 -1.55 -79.77
C LEU V 318 -64.48 -2.38 -78.49
N ASN V 319 -65.57 -3.03 -78.13
CA ASN V 319 -65.56 -3.93 -76.99
C ASN V 319 -64.48 -4.99 -77.19
N PRO V 320 -63.66 -5.26 -76.18
CA PRO V 320 -62.62 -6.27 -76.34
C PRO V 320 -63.21 -7.64 -76.62
N ALA V 321 -62.65 -8.34 -77.59
CA ALA V 321 -63.07 -9.71 -77.82
C ALA V 321 -62.55 -10.67 -76.76
N ASN V 322 -61.61 -10.22 -75.93
CA ASN V 322 -61.11 -11.04 -74.83
C ASN V 322 -61.92 -10.87 -73.56
N ASP V 323 -63.02 -10.12 -73.60
CA ASP V 323 -63.99 -10.22 -72.52
C ASP V 323 -64.36 -11.67 -72.30
N SER V 324 -64.64 -12.40 -73.38
CA SER V 324 -64.99 -13.80 -73.27
C SER V 324 -63.95 -14.59 -72.52
N LEU V 325 -62.75 -14.05 -72.42
CA LEU V 325 -61.69 -14.73 -71.70
C LEU V 325 -61.93 -14.66 -70.20
N TRP V 326 -62.11 -13.46 -69.66
CA TRP V 326 -62.42 -13.28 -68.24
C TRP V 326 -63.89 -13.01 -67.93
N ILE V 327 -64.78 -12.85 -68.90
CA ILE V 327 -66.20 -12.60 -68.54
C ILE V 327 -67.11 -13.73 -69.00
N GLN V 328 -67.75 -14.41 -68.06
CA GLN V 328 -68.17 -15.77 -68.35
C GLN V 328 -69.62 -16.21 -68.14
N SER V 329 -70.53 -15.30 -67.82
CA SER V 329 -71.95 -15.61 -67.54
C SER V 329 -72.19 -16.51 -66.31
N TYR V 330 -73.31 -17.22 -66.27
CA TYR V 330 -73.64 -18.08 -65.12
C TYR V 330 -73.65 -19.55 -65.47
N GLY V 331 -73.17 -20.40 -64.58
CA GLY V 331 -72.95 -21.77 -64.97
C GLY V 331 -74.15 -22.67 -65.12
N SER V 332 -74.92 -22.81 -64.05
CA SER V 332 -75.93 -23.85 -64.00
C SER V 332 -77.17 -23.30 -63.33
N LEU V 333 -78.31 -23.62 -63.90
CA LEU V 333 -79.58 -23.04 -63.50
C LEU V 333 -80.34 -24.03 -62.63
N VAL V 334 -81.08 -23.49 -61.65
CA VAL V 334 -82.08 -24.32 -61.03
C VAL V 334 -83.11 -24.69 -62.09
N SER V 335 -83.81 -25.79 -61.86
CA SER V 335 -84.74 -26.29 -62.86
C SER V 335 -86.10 -25.67 -62.56
N ILE V 336 -86.54 -24.80 -63.45
CA ILE V 336 -87.74 -24.00 -63.27
C ILE V 336 -88.67 -24.27 -64.42
N THR V 337 -89.82 -24.86 -64.16
CA THR V 337 -90.92 -24.84 -65.10
C THR V 337 -91.96 -23.88 -64.56
N GLU V 338 -92.53 -23.07 -65.44
CA GLU V 338 -93.41 -21.97 -65.05
C GLU V 338 -92.63 -21.13 -64.02
N SER V 339 -93.22 -20.77 -62.90
CA SER V 339 -92.52 -20.07 -61.83
C SER V 339 -92.02 -21.03 -60.75
N LYS V 340 -92.17 -22.33 -60.94
CA LYS V 340 -92.07 -23.30 -59.87
C LYS V 340 -90.79 -24.11 -60.00
N ILE V 341 -90.08 -24.28 -58.89
CA ILE V 341 -88.84 -25.04 -58.89
C ILE V 341 -89.15 -26.53 -59.02
N ASN V 342 -88.49 -27.19 -59.97
CA ASN V 342 -88.70 -28.62 -60.14
C ASN V 342 -87.91 -29.42 -59.12
N ASN V 343 -86.68 -29.04 -58.88
CA ASN V 343 -85.80 -29.76 -57.98
C ASN V 343 -84.70 -28.81 -57.54
N ILE V 344 -84.01 -29.16 -56.46
CA ILE V 344 -82.84 -28.42 -56.03
C ILE V 344 -81.69 -29.41 -55.90
N GLN V 345 -80.57 -29.08 -56.51
CA GLN V 345 -79.35 -29.84 -56.45
C GLN V 345 -78.41 -29.15 -55.47
N PHE V 346 -77.66 -29.93 -54.69
CA PHE V 346 -76.76 -29.33 -53.72
C PHE V 346 -75.30 -29.52 -54.04
N GLY V 347 -74.80 -30.74 -54.05
CA GLY V 347 -73.40 -30.97 -54.39
C GLY V 347 -72.33 -30.14 -53.69
N PRO V 348 -72.04 -30.48 -52.45
CA PRO V 348 -71.07 -29.83 -51.57
C PRO V 348 -69.64 -30.12 -51.94
N THR V 349 -68.69 -29.41 -51.34
CA THR V 349 -67.30 -29.71 -51.63
C THR V 349 -67.16 -30.91 -50.75
N CYS V 350 -67.15 -32.10 -51.33
CA CYS V 350 -67.11 -33.28 -50.50
C CYS V 350 -65.74 -33.50 -49.92
N PRO V 351 -65.70 -33.95 -48.68
CA PRO V 351 -64.45 -34.13 -47.94
C PRO V 351 -63.60 -35.27 -48.44
N ARG V 352 -64.16 -36.20 -49.20
CA ARG V 352 -63.38 -37.33 -49.68
C ARG V 352 -62.71 -37.07 -51.02
N VAL V 353 -63.00 -35.96 -51.69
CA VAL V 353 -62.14 -35.51 -52.77
C VAL V 353 -60.77 -35.14 -52.21
N ASP V 354 -59.72 -35.42 -52.98
CA ASP V 354 -58.38 -35.09 -52.56
C ASP V 354 -58.29 -33.61 -52.20
N ALA V 355 -57.68 -33.32 -51.07
CA ALA V 355 -57.56 -31.94 -50.62
C ALA V 355 -56.83 -31.08 -51.62
N ARG V 356 -56.03 -31.68 -52.51
CA ARG V 356 -55.34 -30.91 -53.52
C ARG V 356 -56.31 -30.43 -54.59
N ASN V 357 -57.41 -31.15 -54.79
CA ASN V 357 -58.44 -30.69 -55.71
C ASN V 357 -59.33 -29.62 -55.11
N LYS V 358 -59.50 -29.61 -53.79
CA LYS V 358 -60.54 -28.81 -53.16
C LYS V 358 -60.12 -27.37 -52.94
N GLY V 359 -58.95 -26.96 -53.41
CA GLY V 359 -58.41 -25.67 -53.06
C GLY V 359 -59.11 -24.48 -53.68
N GLY V 360 -58.45 -23.33 -53.65
CA GLY V 360 -59.12 -22.05 -53.81
C GLY V 360 -59.79 -21.70 -55.12
N LYS V 361 -59.06 -21.72 -56.21
CA LYS V 361 -59.50 -21.07 -57.44
C LYS V 361 -60.48 -21.95 -58.20
N MET V 362 -61.65 -21.40 -58.52
CA MET V 362 -62.71 -22.18 -59.14
C MET V 362 -62.66 -22.21 -60.65
N SER V 363 -61.69 -21.59 -61.29
CA SER V 363 -61.65 -21.67 -62.73
C SER V 363 -60.22 -21.66 -63.20
N MET V 364 -60.02 -22.16 -64.40
CA MET V 364 -58.73 -22.16 -65.04
C MET V 364 -58.94 -21.72 -66.48
N LEU V 365 -57.92 -21.15 -67.08
CA LEU V 365 -58.01 -20.63 -68.42
C LEU V 365 -57.34 -21.67 -69.32
N PHE V 366 -58.17 -22.49 -69.94
CA PHE V 366 -57.75 -23.66 -70.69
C PHE V 366 -58.32 -23.70 -72.09
N ASP V 367 -57.50 -24.09 -73.05
CA ASP V 367 -57.90 -24.14 -74.44
C ASP V 367 -58.87 -25.24 -74.85
N HIS V 368 -59.54 -25.02 -75.96
CA HIS V 368 -60.45 -26.01 -76.50
C HIS V 368 -60.10 -26.22 -77.96
N HIS V 369 -60.02 -27.48 -78.38
CA HIS V 369 -59.70 -27.79 -79.76
C HIS V 369 -60.94 -28.23 -80.54
N GLU W 36 -20.73 -58.94 -47.35
CA GLU W 36 -21.11 -57.80 -48.17
C GLU W 36 -22.24 -58.20 -49.11
N GLY W 37 -23.04 -57.23 -49.54
CA GLY W 37 -24.17 -57.50 -50.40
C GLY W 37 -25.40 -57.89 -49.63
N ASP W 38 -26.45 -58.24 -50.37
CA ASP W 38 -27.70 -58.64 -49.77
C ASP W 38 -27.73 -60.12 -49.39
N GLY W 39 -26.64 -60.84 -49.63
CA GLY W 39 -26.55 -62.24 -49.30
C GLY W 39 -26.59 -63.16 -50.50
N SER W 40 -27.00 -62.63 -51.64
CA SER W 40 -27.14 -63.40 -52.88
C SER W 40 -25.87 -64.04 -53.40
N ALA W 41 -24.74 -63.69 -52.80
CA ALA W 41 -23.44 -64.21 -53.22
C ALA W 41 -23.23 -65.66 -52.81
N PRO W 42 -22.25 -66.32 -53.39
CA PRO W 42 -22.05 -67.71 -53.00
C PRO W 42 -21.70 -67.93 -51.52
N GLY W 43 -20.92 -67.07 -50.88
CA GLY W 43 -20.56 -67.31 -49.49
C GLY W 43 -21.04 -66.26 -48.48
N GLY W 44 -21.12 -66.62 -47.20
CA GLY W 44 -21.57 -65.68 -46.19
C GLY W 44 -22.99 -65.91 -45.71
N SER W 45 -23.78 -64.85 -45.63
CA SER W 45 -25.17 -64.93 -45.18
C SER W 45 -26.17 -65.36 -46.26
N VAL W 46 -27.28 -65.96 -45.85
CA VAL W 46 -28.32 -66.48 -46.71
C VAL W 46 -29.25 -65.40 -47.20
N TRP W 47 -29.46 -65.34 -48.51
CA TRP W 47 -30.39 -64.37 -49.04
C TRP W 47 -31.73 -64.96 -48.66
N GLN W 48 -32.59 -64.17 -48.04
CA GLN W 48 -33.86 -64.71 -47.62
C GLN W 48 -34.99 -63.79 -48.08
N THR W 49 -36.14 -64.40 -48.32
CA THR W 49 -37.28 -63.73 -48.91
C THR W 49 -37.96 -62.79 -47.91
N THR W 50 -38.77 -61.89 -48.46
CA THR W 50 -39.44 -60.89 -47.65
C THR W 50 -40.41 -61.51 -46.67
N ASP W 51 -40.69 -60.76 -45.60
CA ASP W 51 -41.52 -61.22 -44.50
C ASP W 51 -42.99 -61.09 -44.85
N TYR W 52 -43.73 -62.20 -44.74
CA TYR W 52 -45.17 -62.17 -44.94
C TYR W 52 -45.96 -61.97 -43.66
N ILE W 53 -45.34 -61.98 -42.49
CA ILE W 53 -46.09 -61.78 -41.26
C ILE W 53 -46.54 -60.34 -41.12
N ALA W 54 -45.62 -59.40 -41.34
CA ALA W 54 -45.86 -58.00 -40.98
C ALA W 54 -47.19 -57.49 -41.50
N LEU W 55 -47.55 -57.86 -42.73
CA LEU W 55 -48.82 -57.40 -43.28
C LEU W 55 -50.01 -58.22 -42.82
N SER W 56 -49.80 -59.45 -42.35
CA SER W 56 -50.92 -60.20 -41.82
C SER W 56 -51.27 -59.80 -40.39
N MET W 57 -50.34 -59.21 -39.66
CA MET W 57 -50.58 -58.78 -38.30
C MET W 57 -51.07 -57.35 -38.17
N VAL W 58 -51.06 -56.56 -39.24
CA VAL W 58 -51.45 -55.17 -39.10
C VAL W 58 -52.94 -55.10 -38.76
N VAL W 59 -53.26 -54.38 -37.70
CA VAL W 59 -54.62 -54.25 -37.21
C VAL W 59 -55.20 -52.96 -37.74
N TYR W 60 -56.29 -53.08 -38.48
CA TYR W 60 -57.01 -51.91 -38.99
C TYR W 60 -58.23 -51.68 -38.12
N ARG W 61 -58.58 -50.41 -37.94
CA ARG W 61 -59.52 -50.02 -36.90
C ARG W 61 -60.59 -49.15 -37.51
N THR W 62 -61.84 -49.61 -37.44
CA THR W 62 -62.97 -48.85 -37.98
C THR W 62 -64.05 -48.69 -36.92
N ALA W 63 -65.19 -48.12 -37.30
CA ALA W 63 -66.29 -47.94 -36.37
C ALA W 63 -67.58 -47.84 -37.16
N ILE W 64 -68.69 -48.06 -36.45
CA ILE W 64 -70.03 -47.90 -37.00
C ILE W 64 -70.79 -46.97 -36.08
N LYS W 65 -71.19 -45.81 -36.59
CA LYS W 65 -71.92 -44.81 -35.82
C LYS W 65 -73.31 -44.66 -36.41
N LEU W 66 -74.31 -44.62 -35.55
CA LEU W 66 -75.70 -44.53 -35.98
C LEU W 66 -76.46 -43.63 -35.02
N ARG W 67 -77.37 -42.82 -35.56
CA ARG W 67 -78.24 -41.98 -34.75
C ARG W 67 -79.68 -42.41 -34.90
N ASN W 68 -80.45 -42.12 -33.86
CA ASN W 68 -81.82 -42.57 -33.76
C ASN W 68 -82.53 -41.58 -32.86
N PHE W 69 -83.84 -41.46 -33.06
CA PHE W 69 -84.70 -40.75 -32.11
C PHE W 69 -85.53 -41.76 -31.36
N VAL W 70 -85.53 -41.66 -30.04
CA VAL W 70 -86.25 -42.58 -29.18
C VAL W 70 -87.44 -41.85 -28.59
N ASN W 71 -88.61 -42.47 -28.67
CA ASN W 71 -89.83 -41.95 -28.06
C ASN W 71 -90.33 -42.99 -27.08
N ILE W 72 -90.33 -42.64 -25.80
CA ILE W 72 -90.77 -43.53 -24.74
C ILE W 72 -92.09 -42.99 -24.21
N ARG W 73 -93.16 -43.73 -24.45
CA ARG W 73 -94.49 -43.29 -24.04
C ARG W 73 -95.18 -44.34 -23.20
N GLY W 74 -96.10 -43.88 -22.36
CA GLY W 74 -96.95 -44.78 -21.60
C GLY W 74 -96.19 -45.73 -20.69
N LEU W 75 -95.10 -45.26 -20.09
CA LEU W 75 -94.25 -46.08 -19.25
C LEU W 75 -94.59 -45.75 -17.80
N THR W 76 -95.22 -46.69 -17.10
CA THR W 76 -95.59 -46.45 -15.71
C THR W 76 -94.36 -46.59 -14.82
N PRO W 77 -94.43 -46.09 -13.58
CA PRO W 77 -93.22 -46.11 -12.74
C PRO W 77 -92.74 -47.49 -12.36
N THR W 78 -93.60 -48.52 -12.42
CA THR W 78 -93.14 -49.87 -12.14
C THR W 78 -92.38 -50.45 -13.32
N GLU W 79 -92.92 -50.29 -14.52
CA GLU W 79 -92.27 -50.79 -15.73
C GLU W 79 -91.11 -49.89 -16.12
N MET W 80 -90.21 -50.45 -16.92
CA MET W 80 -88.90 -49.87 -17.14
C MET W 80 -88.39 -50.25 -18.53
N ILE W 81 -87.71 -49.33 -19.18
CA ILE W 81 -87.14 -49.56 -20.49
C ILE W 81 -85.78 -50.23 -20.35
N VAL W 82 -85.60 -51.35 -21.03
CA VAL W 82 -84.35 -52.07 -21.04
C VAL W 82 -83.51 -51.58 -22.21
N ILE W 83 -82.31 -51.09 -21.92
CA ILE W 83 -81.45 -50.61 -22.99
C ILE W 83 -80.76 -51.84 -23.54
N PRO W 84 -81.04 -52.29 -24.73
CA PRO W 84 -80.36 -53.47 -25.27
C PRO W 84 -78.94 -53.15 -25.68
N TRP W 85 -78.17 -52.57 -24.76
CA TRP W 85 -76.90 -51.98 -25.14
C TRP W 85 -75.78 -52.98 -25.05
N ASN W 86 -76.03 -54.16 -24.51
CA ASN W 86 -75.05 -55.23 -24.44
C ASN W 86 -75.20 -56.24 -25.56
N VAL W 87 -76.14 -56.06 -26.48
CA VAL W 87 -76.28 -56.94 -27.62
C VAL W 87 -75.57 -56.30 -28.80
N MET W 88 -74.82 -57.12 -29.54
CA MET W 88 -73.97 -56.62 -30.61
C MET W 88 -74.81 -55.97 -31.70
N ARG W 89 -75.97 -56.54 -31.99
CA ARG W 89 -76.83 -56.05 -33.07
C ARG W 89 -77.37 -54.65 -32.81
N PHE W 90 -77.31 -54.18 -31.57
CA PHE W 90 -77.79 -52.85 -31.25
C PHE W 90 -76.98 -51.78 -31.94
N TYR W 91 -75.65 -51.93 -31.93
CA TYR W 91 -74.78 -50.88 -32.42
C TYR W 91 -74.61 -50.89 -33.93
N CYS W 92 -74.39 -52.07 -34.51
CA CYS W 92 -74.00 -52.20 -35.90
C CYS W 92 -75.16 -52.54 -36.84
N GLU W 93 -76.35 -52.71 -36.33
CA GLU W 93 -77.53 -52.89 -37.17
C GLU W 93 -78.59 -51.92 -36.72
N TYR W 94 -79.25 -51.29 -37.68
CA TYR W 94 -80.09 -50.14 -37.39
C TYR W 94 -81.53 -50.63 -37.38
N ASN W 95 -82.12 -50.78 -36.21
CA ASN W 95 -83.48 -51.27 -36.12
C ASN W 95 -84.32 -50.12 -35.60
N THR W 96 -85.05 -49.49 -36.51
CA THR W 96 -85.95 -48.41 -36.17
C THR W 96 -87.15 -48.48 -37.10
N GLY W 97 -88.35 -48.44 -36.55
CA GLY W 97 -89.51 -48.29 -37.40
C GLY W 97 -89.58 -49.33 -38.50
N THR W 98 -89.67 -48.86 -39.74
CA THR W 98 -89.79 -49.73 -40.90
C THR W 98 -88.48 -50.38 -41.30
N TYR W 99 -87.33 -49.82 -40.90
CA TYR W 99 -86.04 -50.36 -41.31
C TYR W 99 -85.92 -51.83 -40.94
N GLY W 100 -86.10 -52.15 -39.66
CA GLY W 100 -85.95 -53.52 -39.21
C GLY W 100 -86.84 -54.51 -39.93
N LEU W 101 -87.94 -54.04 -40.51
CA LEU W 101 -88.79 -54.90 -41.31
C LEU W 101 -88.15 -55.17 -42.67
N SER W 102 -87.49 -54.17 -43.24
CA SER W 102 -86.77 -54.36 -44.50
C SER W 102 -85.50 -55.18 -44.26
N GLY W 103 -85.00 -55.75 -45.34
CA GLY W 103 -83.91 -56.70 -45.24
C GLY W 103 -82.52 -56.06 -45.23
N ASN W 104 -81.60 -56.74 -44.57
CA ASN W 104 -80.18 -56.41 -44.55
C ASN W 104 -79.97 -54.93 -44.18
N VAL W 105 -80.26 -54.64 -42.91
CA VAL W 105 -80.12 -53.28 -42.40
C VAL W 105 -78.76 -53.10 -41.72
N HIS W 106 -77.89 -54.10 -41.76
CA HIS W 106 -76.54 -53.95 -41.24
C HIS W 106 -75.83 -52.79 -41.94
N HIS W 107 -74.98 -52.12 -41.19
CA HIS W 107 -74.15 -51.07 -41.76
C HIS W 107 -73.12 -51.69 -42.68
N LYS W 108 -72.78 -50.97 -43.75
CA LYS W 108 -71.93 -51.56 -44.78
C LYS W 108 -70.49 -51.73 -44.32
N ASN W 109 -70.03 -50.97 -43.33
CA ASN W 109 -68.73 -51.28 -42.74
C ASN W 109 -68.73 -52.64 -42.09
N TYR W 110 -69.88 -53.08 -41.59
CA TYR W 110 -69.89 -54.40 -40.98
C TYR W 110 -69.96 -55.50 -42.02
N SER W 111 -70.64 -55.26 -43.13
CA SER W 111 -70.73 -56.27 -44.17
C SER W 111 -69.35 -56.63 -44.71
N MET W 112 -68.44 -55.67 -44.75
CA MET W 112 -67.09 -55.99 -45.20
C MET W 112 -66.21 -56.54 -44.08
N LEU W 113 -66.55 -56.32 -42.81
CA LEU W 113 -65.81 -56.98 -41.76
C LEU W 113 -65.89 -58.49 -41.90
N LEU W 114 -66.87 -58.98 -42.63
CA LEU W 114 -66.95 -60.38 -43.00
C LEU W 114 -66.10 -60.69 -44.22
N ALA W 115 -65.65 -59.67 -44.96
CA ALA W 115 -64.74 -59.89 -46.07
C ALA W 115 -63.30 -60.08 -45.59
N CYS W 116 -62.87 -59.31 -44.59
CA CYS W 116 -61.57 -59.53 -43.98
C CYS W 116 -61.63 -60.77 -43.10
N LYS W 117 -60.47 -61.34 -42.80
CA LYS W 117 -60.51 -62.66 -42.17
C LYS W 117 -60.82 -62.60 -40.69
N ALA W 118 -60.54 -61.50 -40.03
CA ALA W 118 -60.76 -61.38 -38.60
C ALA W 118 -61.25 -59.99 -38.28
N HIS W 119 -62.20 -59.90 -37.36
CA HIS W 119 -62.61 -58.62 -36.83
C HIS W 119 -62.87 -58.77 -35.34
N ARG W 120 -62.70 -57.68 -34.61
CA ARG W 120 -62.92 -57.71 -33.20
C ARG W 120 -63.65 -56.45 -32.76
N PRO W 121 -64.63 -56.57 -31.87
CA PRO W 121 -65.51 -55.44 -31.57
C PRO W 121 -64.90 -54.31 -30.73
N THR W 122 -63.88 -54.56 -29.92
CA THR W 122 -63.26 -53.54 -29.07
C THR W 122 -64.28 -52.66 -28.36
N LYS W 123 -64.10 -51.35 -28.39
CA LYS W 123 -64.95 -50.47 -27.60
C LYS W 123 -66.36 -50.39 -28.17
N VAL W 124 -67.33 -50.15 -27.30
CA VAL W 124 -68.72 -50.02 -27.69
C VAL W 124 -69.37 -49.02 -26.74
N GLY W 125 -70.31 -48.23 -27.26
CA GLY W 125 -70.91 -47.21 -26.41
C GLY W 125 -72.09 -46.54 -27.09
N TYR W 126 -72.76 -45.68 -26.33
CA TYR W 126 -73.91 -44.96 -26.86
C TYR W 126 -74.11 -43.68 -26.08
N THR W 127 -74.91 -42.78 -26.66
CA THR W 127 -75.16 -41.48 -26.08
C THR W 127 -76.66 -41.17 -26.11
N LEU W 128 -77.20 -40.73 -24.99
CA LEU W 128 -78.54 -40.17 -24.90
C LEU W 128 -78.42 -38.65 -24.83
N SER W 129 -79.20 -37.96 -25.65
CA SER W 129 -78.99 -36.53 -25.79
C SER W 129 -80.31 -35.80 -26.03
N ASN W 130 -80.35 -34.54 -25.61
CA ASN W 130 -81.45 -33.62 -25.88
C ASN W 130 -82.80 -34.25 -25.55
N LEU W 131 -82.99 -34.41 -24.25
CA LEU W 131 -84.20 -35.00 -23.73
C LEU W 131 -85.37 -34.03 -23.86
N ILE W 132 -86.50 -34.55 -24.31
CA ILE W 132 -87.75 -33.80 -24.37
C ILE W 132 -88.80 -34.62 -23.65
N LEU W 133 -89.31 -34.09 -22.56
CA LEU W 133 -90.43 -34.68 -21.84
C LEU W 133 -91.73 -34.03 -22.26
N THR W 134 -92.75 -34.85 -22.45
CA THR W 134 -94.08 -34.38 -22.76
C THR W 134 -95.05 -35.05 -21.79
N SER W 135 -96.26 -34.52 -21.73
CA SER W 135 -97.25 -34.99 -20.78
C SER W 135 -98.56 -35.25 -21.49
N ASP W 136 -99.17 -36.40 -21.20
CA ASP W 136 -100.51 -36.73 -21.64
C ASP W 136 -101.56 -36.27 -20.65
N GLU W 137 -101.16 -35.54 -19.61
CA GLU W 137 -102.09 -35.15 -18.56
C GLU W 137 -103.27 -34.38 -19.10
N LEU W 138 -103.04 -33.50 -20.08
CA LEU W 138 -104.15 -32.77 -20.68
C LEU W 138 -104.96 -33.63 -21.63
N VAL W 139 -104.42 -34.79 -22.03
CA VAL W 139 -105.11 -35.68 -22.96
C VAL W 139 -106.21 -36.43 -22.21
N SER W 140 -107.35 -36.58 -22.87
CA SER W 140 -108.46 -37.37 -22.35
C SER W 140 -109.13 -38.06 -23.53
N THR W 141 -109.95 -39.06 -23.22
CA THR W 141 -110.63 -39.81 -24.28
C THR W 141 -111.53 -38.89 -25.11
N GLY W 142 -112.03 -37.81 -24.52
CA GLY W 142 -112.77 -36.83 -25.30
C GLY W 142 -111.91 -36.11 -26.31
N GLY W 143 -110.61 -36.00 -26.04
CA GLY W 143 -109.69 -35.42 -27.00
C GLY W 143 -109.65 -33.90 -26.94
N THR W 144 -109.44 -33.30 -28.11
CA THR W 144 -109.37 -31.86 -28.35
C THR W 144 -108.14 -31.22 -27.72
N LEU W 145 -107.43 -31.95 -26.86
CA LEU W 145 -106.16 -31.51 -26.31
C LEU W 145 -105.18 -32.66 -26.40
N GLY W 146 -104.03 -32.40 -27.03
CA GLY W 146 -102.99 -33.40 -27.19
C GLY W 146 -101.89 -33.23 -26.17
N THR W 147 -100.91 -34.14 -26.25
CA THR W 147 -99.79 -34.05 -25.34
C THR W 147 -98.96 -32.82 -25.64
N THR W 148 -98.25 -32.34 -24.63
CA THR W 148 -97.37 -31.22 -24.84
C THR W 148 -96.26 -31.30 -23.80
N THR W 149 -95.17 -30.60 -24.08
CA THR W 149 -94.02 -30.60 -23.19
C THR W 149 -94.42 -30.16 -21.80
N THR W 150 -93.74 -30.71 -20.79
CA THR W 150 -94.07 -30.42 -19.41
C THR W 150 -94.02 -28.93 -19.14
N PHE W 151 -94.93 -28.47 -18.26
CA PHE W 151 -95.06 -27.05 -17.98
C PHE W 151 -93.77 -26.46 -17.46
N ASN W 152 -93.04 -27.21 -16.64
CA ASN W 152 -91.73 -26.80 -16.19
C ASN W 152 -90.77 -27.97 -16.35
N THR W 153 -89.48 -27.69 -16.21
CA THR W 153 -88.43 -28.64 -16.49
C THR W 153 -88.07 -29.50 -15.29
N SER W 154 -88.80 -29.37 -14.18
CA SER W 154 -88.54 -30.21 -13.02
C SER W 154 -88.66 -31.71 -13.27
N PRO W 155 -89.57 -32.22 -14.10
CA PRO W 155 -89.62 -33.67 -14.30
C PRO W 155 -88.35 -34.18 -14.96
N TYR W 156 -88.14 -35.49 -14.85
CA TYR W 156 -86.91 -36.10 -15.32
C TYR W 156 -87.18 -37.55 -15.71
N MET W 157 -86.27 -38.09 -16.51
CA MET W 157 -86.25 -39.50 -16.83
C MET W 157 -85.04 -40.12 -16.16
N ILE W 158 -85.25 -41.26 -15.51
CA ILE W 158 -84.22 -41.88 -14.69
C ILE W 158 -83.43 -42.84 -15.57
N HIS W 159 -82.14 -42.64 -15.68
CA HIS W 159 -81.28 -43.60 -16.34
C HIS W 159 -80.58 -44.44 -15.27
N SER W 160 -80.89 -45.72 -15.24
CA SER W 160 -80.41 -46.61 -14.20
C SER W 160 -79.38 -47.56 -14.76
N ILE W 161 -78.26 -47.69 -14.06
CA ILE W 161 -77.23 -48.67 -14.38
C ILE W 161 -77.21 -49.65 -13.22
N ASP W 162 -77.46 -50.92 -13.49
CA ASP W 162 -77.52 -51.88 -12.39
C ASP W 162 -76.12 -52.48 -12.25
N ASP W 163 -75.41 -52.05 -11.23
CA ASP W 163 -74.06 -52.52 -10.97
C ASP W 163 -74.07 -53.82 -10.17
N GLN W 164 -74.95 -53.89 -9.18
CA GLN W 164 -75.03 -55.03 -8.29
C GLN W 164 -75.83 -56.17 -8.90
N GLN W 165 -76.34 -55.98 -10.12
CA GLN W 165 -77.13 -56.98 -10.82
C GLN W 165 -78.35 -57.39 -10.00
N CYS W 166 -79.14 -56.39 -9.60
CA CYS W 166 -80.45 -56.67 -9.05
C CYS W 166 -81.25 -57.54 -10.00
N LEU W 167 -81.17 -57.24 -11.30
CA LEU W 167 -81.85 -58.00 -12.33
C LEU W 167 -80.78 -58.73 -13.14
N SER W 168 -80.73 -60.04 -13.00
CA SER W 168 -79.81 -60.86 -13.78
C SER W 168 -80.32 -61.05 -15.19
N LYS W 169 -81.60 -61.37 -15.31
CA LYS W 169 -82.21 -61.72 -16.58
C LYS W 169 -83.55 -61.01 -16.64
N VAL W 170 -83.82 -60.36 -17.76
CA VAL W 170 -84.94 -59.43 -17.88
C VAL W 170 -85.88 -59.95 -18.96
N TYR W 171 -87.16 -59.97 -18.65
CA TYR W 171 -88.19 -60.48 -19.55
C TYR W 171 -89.13 -59.35 -19.96
N PRO W 172 -89.75 -59.45 -21.12
CA PRO W 172 -90.78 -58.48 -21.49
C PRO W 172 -92.01 -58.60 -20.59
N LYS W 173 -92.82 -57.54 -20.61
CA LYS W 173 -94.07 -57.57 -19.86
C LYS W 173 -95.00 -58.64 -20.41
N THR W 174 -95.94 -59.06 -19.56
CA THR W 174 -96.81 -60.19 -19.89
C THR W 174 -97.46 -60.02 -21.26
N ASP W 175 -98.05 -58.85 -21.51
CA ASP W 175 -98.75 -58.66 -22.76
C ASP W 175 -97.80 -58.37 -23.92
N THR W 176 -96.75 -57.59 -23.68
CA THR W 176 -95.91 -57.12 -24.76
C THR W 176 -94.89 -58.17 -25.17
N VAL W 177 -94.09 -57.84 -26.19
CA VAL W 177 -93.01 -58.69 -26.64
C VAL W 177 -91.95 -57.78 -27.24
N TRP W 178 -90.72 -58.28 -27.30
CA TRP W 178 -89.60 -57.48 -27.75
C TRP W 178 -89.21 -57.89 -29.16
N PRO W 179 -89.52 -57.11 -30.18
CA PRO W 179 -89.01 -57.41 -31.51
C PRO W 179 -87.56 -57.03 -31.63
N VAL W 180 -86.82 -57.80 -32.43
CA VAL W 180 -85.46 -57.39 -32.68
C VAL W 180 -85.43 -56.28 -33.71
N SER W 181 -86.43 -56.24 -34.60
CA SER W 181 -86.53 -55.18 -35.58
C SER W 181 -86.79 -53.82 -34.94
N SER W 182 -87.26 -53.81 -33.71
CA SER W 182 -87.56 -52.60 -32.97
C SER W 182 -86.43 -52.16 -32.06
N MET W 183 -85.27 -52.83 -32.12
CA MET W 183 -84.28 -52.77 -31.06
C MET W 183 -83.84 -51.34 -30.75
N ARG W 184 -83.48 -50.56 -31.77
CA ARG W 184 -82.81 -49.30 -31.48
C ARG W 184 -83.73 -48.19 -31.03
N GLU W 185 -85.00 -48.19 -31.40
CA GLU W 185 -85.92 -47.29 -30.71
C GLU W 185 -86.37 -48.04 -29.49
N LEU W 186 -86.28 -47.43 -28.32
CA LEU W 186 -86.26 -48.25 -27.13
C LEU W 186 -87.71 -48.40 -26.71
N ASP W 187 -88.29 -49.53 -27.09
CA ASP W 187 -89.62 -49.94 -26.66
C ASP W 187 -89.61 -51.05 -25.64
N TYR W 188 -88.44 -51.60 -25.26
CA TYR W 188 -88.48 -52.83 -24.51
C TYR W 188 -88.82 -52.50 -23.07
N VAL W 189 -89.95 -53.01 -22.62
CA VAL W 189 -90.49 -52.67 -21.31
C VAL W 189 -90.46 -53.90 -20.44
N ALA W 190 -89.75 -53.82 -19.35
CA ALA W 190 -89.75 -54.84 -18.32
C ALA W 190 -90.55 -54.33 -17.14
N SER W 191 -91.22 -55.24 -16.46
CA SER W 191 -91.90 -54.91 -15.22
C SER W 191 -91.17 -55.65 -14.12
N THR W 192 -90.44 -54.92 -13.28
CA THR W 192 -89.69 -55.54 -12.20
C THR W 192 -90.61 -55.68 -11.00
N VAL W 193 -90.82 -56.92 -10.56
CA VAL W 193 -91.83 -57.23 -9.56
C VAL W 193 -91.27 -58.26 -8.60
N SER W 194 -91.43 -58.02 -7.31
CA SER W 194 -91.12 -59.00 -6.29
C SER W 194 -92.32 -59.95 -6.20
N GLY W 195 -92.39 -60.78 -5.16
CA GLY W 195 -93.49 -61.72 -5.16
C GLY W 195 -94.85 -61.07 -5.14
N ASP W 196 -95.15 -60.28 -4.11
CA ASP W 196 -96.32 -59.40 -4.12
C ASP W 196 -96.00 -57.96 -4.44
N ASN W 197 -94.72 -57.60 -4.61
CA ASN W 197 -94.29 -56.21 -4.58
C ASN W 197 -93.89 -55.76 -5.98
N ALA W 198 -94.43 -54.63 -6.40
CA ALA W 198 -93.97 -53.99 -7.62
C ALA W 198 -92.75 -53.15 -7.29
N ILE W 199 -91.64 -53.45 -7.94
CA ILE W 199 -90.38 -52.76 -7.68
C ILE W 199 -90.36 -51.47 -8.49
N ILE W 200 -90.08 -50.35 -7.81
CA ILE W 200 -89.73 -49.13 -8.52
C ILE W 200 -88.28 -49.26 -8.94
N PRO W 201 -87.98 -49.26 -10.24
CA PRO W 201 -86.62 -49.64 -10.69
C PRO W 201 -85.53 -48.76 -10.13
N SER W 202 -85.77 -47.45 -10.04
CA SER W 202 -84.75 -46.54 -9.54
C SER W 202 -84.31 -46.86 -8.12
N THR W 203 -85.15 -47.54 -7.35
CA THR W 203 -84.82 -47.74 -5.94
C THR W 203 -83.83 -48.87 -5.73
N ILE W 204 -83.90 -49.93 -6.53
CA ILE W 204 -82.98 -51.05 -6.36
C ILE W 204 -81.65 -50.78 -7.03
N PHE W 205 -81.65 -50.13 -8.19
CA PHE W 205 -80.45 -50.02 -8.99
C PHE W 205 -79.44 -49.09 -8.35
N ASN W 206 -78.18 -49.27 -8.75
CA ASN W 206 -77.08 -48.60 -8.07
C ASN W 206 -76.91 -47.17 -8.55
N LYS W 207 -76.41 -46.99 -9.77
CA LYS W 207 -76.30 -45.68 -10.36
C LYS W 207 -77.61 -45.32 -11.03
N ASN W 208 -78.23 -44.26 -10.55
CA ASN W 208 -79.47 -43.72 -11.10
C ASN W 208 -79.25 -42.25 -11.39
N ARG W 209 -79.27 -41.90 -12.66
CA ARG W 209 -79.11 -40.52 -13.09
C ARG W 209 -80.49 -39.94 -13.36
N TYR W 210 -80.83 -38.86 -12.69
CA TYR W 210 -82.08 -38.18 -12.97
C TYR W 210 -81.78 -37.11 -14.00
N TRP W 211 -82.24 -37.33 -15.22
CA TRP W 211 -81.80 -36.57 -16.37
C TRP W 211 -82.96 -35.74 -16.88
N LYS W 212 -82.79 -34.43 -16.82
CA LYS W 212 -83.86 -33.48 -17.07
C LYS W 212 -83.71 -32.86 -18.45
N GLN W 213 -84.63 -31.97 -18.76
CA GLN W 213 -84.59 -31.22 -20.00
C GLN W 213 -83.53 -30.14 -19.88
N GLY W 214 -82.57 -30.15 -20.78
CA GLY W 214 -81.47 -29.22 -20.76
C GLY W 214 -80.18 -29.78 -20.20
N ASP W 215 -80.24 -30.93 -19.53
CA ASP W 215 -79.03 -31.56 -19.04
C ASP W 215 -78.15 -31.99 -20.19
N ASP W 216 -76.85 -32.12 -19.90
CA ASP W 216 -75.91 -32.55 -20.90
C ASP W 216 -76.19 -33.98 -21.31
N ALA W 217 -75.70 -34.34 -22.49
CA ALA W 217 -75.92 -35.69 -22.99
C ALA W 217 -75.30 -36.72 -22.06
N LEU W 218 -75.91 -37.90 -22.03
CA LEU W 218 -75.45 -39.00 -21.20
C LEU W 218 -74.64 -39.95 -22.06
N HIS W 219 -73.36 -40.09 -21.76
CA HIS W 219 -72.43 -40.88 -22.55
C HIS W 219 -72.10 -42.16 -21.80
N PHE W 220 -72.26 -43.30 -22.47
CA PHE W 220 -71.96 -44.59 -21.85
C PHE W 220 -71.09 -45.38 -22.80
N SER W 221 -70.05 -45.99 -22.27
CA SER W 221 -69.07 -46.68 -23.08
C SER W 221 -68.65 -47.96 -22.39
N HIS W 222 -68.20 -48.92 -23.18
CA HIS W 222 -67.62 -50.14 -22.65
C HIS W 222 -66.43 -50.51 -23.50
N ASP W 223 -65.28 -50.72 -22.86
CA ASP W 223 -64.08 -51.13 -23.56
C ASP W 223 -63.96 -52.64 -23.52
N LEU W 224 -63.71 -53.25 -24.67
CA LEU W 224 -63.43 -54.67 -24.75
C LEU W 224 -61.96 -54.88 -25.03
N ASP W 225 -61.29 -55.66 -24.19
CA ASP W 225 -59.96 -56.16 -24.49
C ASP W 225 -60.07 -57.66 -24.64
N LEU W 226 -59.96 -58.13 -25.88
CA LEU W 226 -60.04 -59.54 -26.20
C LEU W 226 -58.66 -60.01 -26.59
N GLY W 227 -58.32 -61.24 -26.23
CA GLY W 227 -57.08 -61.75 -26.73
C GLY W 227 -57.20 -62.42 -28.07
N PHE W 228 -58.40 -62.41 -28.65
CA PHE W 228 -58.67 -63.18 -29.85
C PHE W 228 -59.53 -62.35 -30.78
N TRP W 229 -59.94 -62.97 -31.87
CA TRP W 229 -60.62 -62.30 -32.97
C TRP W 229 -61.81 -63.15 -33.37
N PHE W 230 -62.69 -62.57 -34.17
CA PHE W 230 -63.87 -63.28 -34.64
C PHE W 230 -63.84 -63.41 -36.15
N GLY W 231 -64.19 -64.59 -36.65
CA GLY W 231 -64.20 -64.80 -38.08
C GLY W 231 -65.56 -64.84 -38.71
N SER W 232 -66.62 -64.86 -37.90
CA SER W 232 -67.98 -64.98 -38.40
C SER W 232 -68.79 -63.75 -38.00
N ASP W 233 -70.05 -63.73 -38.41
CA ASP W 233 -70.91 -62.64 -38.01
C ASP W 233 -71.39 -62.84 -36.58
N TYR W 234 -71.72 -61.73 -35.92
CA TYR W 234 -72.21 -61.84 -34.55
C TYR W 234 -73.54 -62.57 -34.49
N GLY W 235 -74.47 -62.23 -35.37
CA GLY W 235 -75.68 -63.02 -35.47
C GLY W 235 -76.50 -63.04 -34.20
N ASN W 236 -76.93 -61.86 -33.75
CA ASN W 236 -77.65 -61.65 -32.50
C ASN W 236 -76.95 -62.31 -31.31
N ALA W 237 -75.66 -62.00 -31.19
CA ALA W 237 -74.87 -62.34 -30.02
C ALA W 237 -74.70 -61.11 -29.15
N TYR W 238 -74.64 -61.32 -27.84
CA TYR W 238 -74.22 -60.25 -26.96
C TYR W 238 -72.80 -59.84 -27.33
N VAL W 239 -72.54 -58.54 -27.32
CA VAL W 239 -71.16 -58.10 -27.49
C VAL W 239 -70.30 -58.73 -26.39
N PRO W 240 -69.13 -59.28 -26.72
CA PRO W 240 -68.50 -60.28 -25.85
C PRO W 240 -68.33 -59.85 -24.41
N GLN W 241 -68.70 -60.75 -23.51
CA GLN W 241 -68.68 -60.51 -22.08
C GLN W 241 -68.28 -61.81 -21.40
N ASN W 242 -67.64 -61.70 -20.26
CA ASN W 242 -67.33 -62.84 -19.41
C ASN W 242 -68.14 -62.67 -18.13
N ASN W 243 -69.12 -63.53 -17.90
CA ASN W 243 -70.00 -63.32 -16.78
C ASN W 243 -70.53 -64.63 -16.26
N ASP W 244 -71.33 -64.53 -15.20
CA ASP W 244 -72.13 -65.66 -14.75
C ASP W 244 -73.12 -66.09 -15.81
N SER W 245 -73.64 -65.14 -16.58
CA SER W 245 -74.60 -65.48 -17.62
C SER W 245 -73.94 -65.92 -18.92
N MET W 246 -72.77 -65.40 -19.26
CA MET W 246 -72.26 -65.62 -20.60
C MET W 246 -70.74 -65.49 -20.65
N ASN W 247 -70.17 -66.07 -21.70
CA ASN W 247 -68.74 -66.00 -21.95
C ASN W 247 -68.48 -65.46 -23.35
N ALA W 248 -67.28 -64.90 -23.53
CA ALA W 248 -66.98 -64.11 -24.72
C ALA W 248 -66.68 -64.97 -25.93
N VAL W 249 -66.14 -66.16 -25.73
CA VAL W 249 -65.69 -67.01 -26.81
C VAL W 249 -66.73 -68.10 -27.05
N GLY W 250 -67.06 -68.34 -28.30
CA GLY W 250 -68.22 -69.17 -28.61
C GLY W 250 -68.01 -70.59 -29.05
N THR W 251 -66.77 -70.96 -29.38
CA THR W 251 -66.51 -72.29 -29.88
C THR W 251 -66.25 -73.23 -28.70
N ILE W 252 -66.84 -74.43 -28.78
CA ILE W 252 -66.53 -75.47 -27.82
C ILE W 252 -65.09 -75.92 -28.06
N PRO W 253 -64.21 -75.78 -27.07
CA PRO W 253 -62.85 -76.30 -27.24
C PRO W 253 -62.84 -77.81 -27.35
N THR W 254 -61.85 -78.33 -28.08
CA THR W 254 -61.81 -79.73 -28.46
C THR W 254 -60.47 -80.34 -28.06
N SER W 255 -60.43 -81.66 -28.09
CA SER W 255 -59.49 -82.44 -27.30
C SER W 255 -58.04 -82.32 -27.80
N LYS W 256 -57.12 -82.48 -26.86
CA LYS W 256 -55.71 -82.77 -27.13
C LYS W 256 -55.01 -81.62 -27.86
N HIS W 257 -55.36 -80.39 -27.50
CA HIS W 257 -54.64 -79.22 -27.96
C HIS W 257 -55.11 -78.01 -27.16
N ILE W 258 -54.57 -76.86 -27.51
CA ILE W 258 -54.78 -75.63 -26.75
C ILE W 258 -55.86 -74.82 -27.44
N ASN W 259 -56.72 -74.18 -26.65
CA ASN W 259 -57.86 -73.45 -27.15
C ASN W 259 -57.97 -72.13 -26.41
N VAL W 260 -58.45 -71.11 -27.10
CA VAL W 260 -58.65 -69.82 -26.44
C VAL W 260 -59.88 -69.91 -25.56
N ARG W 261 -59.73 -69.49 -24.31
CA ARG W 261 -60.73 -69.66 -23.26
C ARG W 261 -60.99 -68.31 -22.64
N GLY W 262 -62.26 -68.00 -22.40
CA GLY W 262 -62.60 -66.78 -21.71
C GLY W 262 -62.10 -66.78 -20.29
N VAL W 263 -61.79 -65.59 -19.78
CA VAL W 263 -61.25 -65.45 -18.43
C VAL W 263 -61.57 -64.03 -17.96
N ASN W 264 -61.61 -63.84 -16.65
CA ASN W 264 -61.52 -62.56 -15.93
C ASN W 264 -62.77 -61.72 -15.71
N ASN W 265 -63.95 -62.07 -16.18
CA ASN W 265 -65.15 -61.29 -15.83
C ASN W 265 -65.03 -59.83 -16.26
N ARG W 266 -65.15 -59.62 -17.57
CA ARG W 266 -65.52 -58.32 -18.10
C ARG W 266 -66.96 -58.41 -18.58
N GLY W 267 -67.79 -57.48 -18.12
CA GLY W 267 -69.19 -57.52 -18.50
C GLY W 267 -69.77 -56.12 -18.50
N MET W 268 -71.02 -56.01 -18.95
CA MET W 268 -71.69 -54.72 -19.01
C MET W 268 -72.86 -54.63 -18.03
N ALA W 269 -73.02 -53.46 -17.43
CA ALA W 269 -74.10 -53.22 -16.47
C ALA W 269 -75.43 -53.05 -17.21
N GLY W 270 -76.49 -53.62 -16.66
CA GLY W 270 -77.81 -53.53 -17.26
C GLY W 270 -78.41 -52.14 -17.19
N HIS W 271 -78.20 -51.36 -18.25
CA HIS W 271 -78.74 -50.00 -18.32
C HIS W 271 -80.25 -50.07 -18.45
N TYR W 272 -80.93 -49.06 -17.90
CA TYR W 272 -82.39 -49.04 -17.97
C TYR W 272 -82.88 -47.60 -17.95
N LEU W 273 -84.11 -47.42 -18.40
CA LEU W 273 -84.77 -46.11 -18.39
C LEU W 273 -86.12 -46.25 -17.71
N SER W 274 -86.43 -45.28 -16.86
CA SER W 274 -87.69 -45.30 -16.12
C SER W 274 -88.05 -43.88 -15.74
N PHE W 275 -89.29 -43.71 -15.34
CA PHE W 275 -89.74 -42.41 -14.89
C PHE W 275 -90.10 -42.46 -13.42
N PRO W 276 -89.90 -41.37 -12.69
CA PRO W 276 -90.23 -41.36 -11.28
C PRO W 276 -91.73 -41.47 -11.09
N PRO W 277 -92.18 -42.22 -10.09
CA PRO W 277 -93.61 -42.24 -9.81
C PRO W 277 -94.10 -40.88 -9.37
N ILE W 278 -95.15 -40.40 -10.02
CA ILE W 278 -95.78 -39.14 -9.66
C ILE W 278 -97.27 -39.41 -9.62
N ARG W 279 -97.87 -39.30 -8.45
CA ARG W 279 -99.29 -39.56 -8.35
C ARG W 279 -100.09 -38.38 -8.87
N THR W 280 -101.25 -38.70 -9.44
CA THR W 280 -102.17 -37.72 -9.97
C THR W 280 -103.53 -37.91 -9.30
N ASN W 281 -104.50 -37.11 -9.73
CA ASN W 281 -105.87 -37.34 -9.34
C ASN W 281 -106.30 -38.76 -9.69
N ASP W 282 -105.81 -39.29 -10.82
CA ASP W 282 -106.06 -40.67 -11.21
C ASP W 282 -104.75 -41.33 -11.63
N GLY W 283 -104.36 -42.36 -10.90
CA GLY W 283 -103.20 -43.13 -11.32
C GLY W 283 -101.91 -42.35 -11.21
N GLN W 284 -101.07 -42.48 -12.23
CA GLN W 284 -99.72 -41.96 -12.23
C GLN W 284 -99.59 -40.87 -13.27
N PHE W 285 -98.64 -39.97 -13.04
CA PHE W 285 -98.41 -38.88 -13.99
C PHE W 285 -97.91 -39.48 -15.28
N LYS W 286 -98.38 -38.97 -16.40
CA LYS W 286 -98.00 -39.54 -17.68
C LYS W 286 -96.80 -38.76 -18.19
N LEU W 287 -95.64 -39.39 -18.16
CA LEU W 287 -94.42 -38.80 -18.70
C LEU W 287 -94.03 -39.54 -19.97
N ASN W 288 -93.72 -38.77 -20.99
CA ASN W 288 -93.27 -39.28 -22.26
C ASN W 288 -91.93 -38.63 -22.50
N ALA W 289 -91.02 -39.36 -23.12
CA ALA W 289 -89.67 -38.83 -23.32
C ALA W 289 -89.28 -38.96 -24.77
N GLN W 290 -88.55 -37.96 -25.26
CA GLN W 290 -87.79 -38.08 -26.48
C GLN W 290 -86.33 -37.81 -26.18
N PHE W 291 -85.44 -38.52 -26.87
CA PHE W 291 -84.04 -38.19 -26.87
C PHE W 291 -83.43 -38.80 -28.12
N THR W 292 -82.24 -38.32 -28.47
CA THR W 292 -81.52 -38.89 -29.59
C THR W 292 -80.59 -39.98 -29.08
N LEU W 293 -80.54 -41.08 -29.79
CA LEU W 293 -79.66 -42.19 -29.46
C LEU W 293 -78.53 -42.21 -30.48
N GLU W 294 -77.33 -41.91 -30.04
CA GLU W 294 -76.14 -42.05 -30.87
C GLU W 294 -75.33 -43.21 -30.32
N THR W 295 -75.25 -44.29 -31.09
CA THR W 295 -74.45 -45.44 -30.73
C THR W 295 -73.21 -45.49 -31.58
N GLU W 296 -72.11 -45.96 -31.01
CA GLU W 296 -70.88 -46.17 -31.74
C GLU W 296 -70.25 -47.47 -31.29
N ILE W 297 -69.86 -48.30 -32.25
CA ILE W 297 -69.09 -49.50 -32.00
C ILE W 297 -67.84 -49.45 -32.84
N GLU W 298 -66.70 -49.66 -32.22
CA GLU W 298 -65.41 -49.50 -32.89
C GLU W 298 -64.82 -50.87 -33.13
N PHE W 299 -64.76 -51.30 -34.38
CA PHE W 299 -64.17 -52.59 -34.71
C PHE W 299 -62.71 -52.45 -35.08
N GLU W 300 -61.92 -53.44 -34.66
CA GLU W 300 -60.63 -53.72 -35.26
C GLU W 300 -60.79 -54.87 -36.22
N PHE W 301 -60.10 -54.82 -37.34
CA PHE W 301 -60.13 -55.94 -38.27
C PHE W 301 -58.72 -56.17 -38.80
N ARG W 302 -58.56 -57.31 -39.45
CA ARG W 302 -57.25 -57.81 -39.82
C ARG W 302 -57.38 -58.56 -41.13
N LEU W 303 -56.37 -58.47 -41.98
CA LEU W 303 -56.50 -58.91 -43.35
C LEU W 303 -55.84 -60.27 -43.56
N TRP W 304 -55.90 -60.73 -44.80
CA TRP W 304 -55.53 -62.06 -45.21
C TRP W 304 -54.02 -62.24 -45.28
N GLU W 305 -53.60 -63.50 -45.26
CA GLU W 305 -52.19 -63.85 -45.29
C GLU W 305 -51.56 -63.41 -46.60
N GLN W 306 -50.35 -62.87 -46.52
CA GLN W 306 -49.61 -62.51 -47.72
C GLN W 306 -49.05 -63.74 -48.41
N GLY W 307 -48.76 -63.60 -49.69
CA GLY W 307 -48.16 -64.66 -50.44
C GLY W 307 -49.17 -65.53 -51.13
N VAL W 308 -48.67 -66.63 -51.68
CA VAL W 308 -49.55 -67.60 -52.33
C VAL W 308 -50.55 -68.16 -51.34
N GLN W 309 -50.25 -68.13 -50.05
CA GLN W 309 -51.19 -68.59 -49.05
C GLN W 309 -52.49 -67.83 -49.12
N GLY W 310 -52.46 -66.56 -49.50
CA GLY W 310 -53.63 -65.73 -49.58
C GLY W 310 -54.34 -65.72 -50.90
N ILE W 311 -53.94 -66.56 -51.85
CA ILE W 311 -54.64 -66.68 -53.12
C ILE W 311 -55.96 -67.38 -52.91
N ASN W 312 -57.03 -66.84 -53.51
CA ASN W 312 -58.37 -67.38 -53.29
C ASN W 312 -58.44 -68.87 -53.56
N SER W 313 -57.87 -69.32 -54.68
CA SER W 313 -58.04 -70.71 -55.07
C SER W 313 -57.35 -71.65 -54.09
N VAL W 314 -56.14 -71.29 -53.64
CA VAL W 314 -55.38 -72.16 -52.75
C VAL W 314 -55.55 -71.79 -51.28
N HIS W 315 -56.27 -70.73 -50.96
CA HIS W 315 -56.43 -70.37 -49.56
C HIS W 315 -57.36 -71.31 -48.82
N THR W 316 -58.23 -72.01 -49.53
CA THR W 316 -59.12 -72.94 -48.85
C THR W 316 -58.33 -74.00 -48.11
N ASN W 317 -57.45 -74.70 -48.81
CA ASN W 317 -56.66 -75.76 -48.22
C ASN W 317 -55.30 -75.33 -47.69
N LEU W 318 -54.85 -74.10 -47.97
CA LEU W 318 -53.69 -73.53 -47.28
C LEU W 318 -54.06 -72.61 -46.13
N ASN W 319 -55.33 -72.48 -45.81
CA ASN W 319 -55.73 -71.72 -44.64
C ASN W 319 -55.04 -72.29 -43.41
N PRO W 320 -54.46 -71.47 -42.54
CA PRO W 320 -53.79 -72.00 -41.35
C PRO W 320 -54.79 -72.71 -40.45
N ALA W 321 -54.39 -73.87 -39.96
CA ALA W 321 -55.21 -74.55 -38.98
C ALA W 321 -55.14 -73.91 -37.61
N ASN W 322 -54.20 -72.99 -37.40
CA ASN W 322 -54.10 -72.27 -36.15
C ASN W 322 -54.91 -70.99 -36.15
N ASP W 323 -55.69 -70.74 -37.20
CA ASP W 323 -56.74 -69.73 -37.08
C ASP W 323 -57.60 -70.01 -35.86
N SER W 324 -57.99 -71.27 -35.67
CA SER W 324 -58.80 -71.64 -34.52
C SER W 324 -58.15 -71.24 -33.23
N LEU W 325 -56.84 -71.01 -33.25
CA LEU W 325 -56.14 -70.60 -32.05
C LEU W 325 -56.49 -69.15 -31.70
N TRP W 326 -56.32 -68.22 -32.63
CA TRP W 326 -56.68 -66.82 -32.43
C TRP W 326 -58.01 -66.40 -33.06
N ILE W 327 -58.70 -67.22 -33.84
CA ILE W 327 -59.97 -66.77 -34.42
C ILE W 327 -61.15 -67.56 -33.87
N GLN W 328 -62.08 -66.89 -33.19
CA GLN W 328 -62.90 -67.61 -32.24
C GLN W 328 -64.41 -67.54 -32.27
N SER W 329 -64.99 -66.89 -33.28
CA SER W 329 -66.46 -66.70 -33.41
C SER W 329 -67.09 -65.84 -32.29
N TYR W 330 -68.39 -66.03 -32.02
CA TYR W 330 -69.09 -65.23 -31.00
C TYR W 330 -69.55 -66.07 -29.83
N GLY W 331 -69.47 -65.53 -28.61
CA GLY W 331 -69.67 -66.39 -27.47
C GLY W 331 -71.08 -66.80 -27.14
N SER W 332 -71.95 -65.82 -26.93
CA SER W 332 -73.25 -66.11 -26.35
C SER W 332 -74.30 -65.25 -27.03
N LEU W 333 -75.42 -65.86 -27.32
CA LEU W 333 -76.46 -65.26 -28.12
C LEU W 333 -77.57 -64.75 -27.23
N VAL W 334 -78.19 -63.64 -27.62
CA VAL W 334 -79.46 -63.31 -27.02
C VAL W 334 -80.45 -64.39 -27.41
N SER W 335 -81.48 -64.55 -26.61
CA SER W 335 -82.43 -65.63 -26.82
C SER W 335 -83.53 -65.10 -27.72
N ILE W 336 -83.59 -65.62 -28.95
CA ILE W 336 -84.47 -65.13 -29.99
C ILE W 336 -85.32 -66.30 -30.46
N THR W 337 -86.62 -66.21 -30.24
CA THR W 337 -87.55 -67.06 -30.96
C THR W 337 -88.27 -66.18 -31.97
N GLU W 338 -88.46 -66.71 -33.16
CA GLU W 338 -88.96 -65.94 -34.30
C GLU W 338 -88.04 -64.72 -34.43
N SER W 339 -88.57 -63.52 -34.59
CA SER W 339 -87.79 -62.30 -34.60
C SER W 339 -87.74 -61.63 -33.22
N LYS W 340 -88.29 -62.26 -32.21
CA LYS W 340 -88.61 -61.59 -30.95
C LYS W 340 -87.67 -62.03 -29.85
N ILE W 341 -87.16 -61.06 -29.08
CA ILE W 341 -86.25 -61.36 -27.99
C ILE W 341 -87.01 -61.98 -26.84
N ASN W 342 -86.53 -63.12 -26.35
CA ASN W 342 -87.18 -63.77 -25.22
C ASN W 342 -86.80 -63.12 -23.90
N ASN W 343 -85.53 -62.80 -23.73
CA ASN W 343 -85.02 -62.22 -22.51
C ASN W 343 -83.72 -61.51 -22.82
N ILE W 344 -83.30 -60.64 -21.92
CA ILE W 344 -81.99 -60.02 -22.02
C ILE W 344 -81.24 -60.26 -20.71
N GLN W 345 -80.03 -60.76 -20.83
CA GLN W 345 -79.13 -60.99 -19.72
C GLN W 345 -78.12 -59.86 -19.67
N PHE W 346 -77.75 -59.42 -18.48
CA PHE W 346 -76.80 -58.32 -18.38
C PHE W 346 -75.44 -58.74 -17.82
N GLY W 347 -75.38 -59.19 -16.58
CA GLY W 347 -74.11 -59.62 -16.01
C GLY W 347 -72.90 -58.71 -16.14
N PRO W 348 -72.85 -57.66 -15.32
CA PRO W 348 -71.82 -56.65 -15.27
C PRO W 348 -70.53 -57.14 -14.66
N THR W 349 -69.46 -56.36 -14.76
CA THR W 349 -68.23 -56.76 -14.12
C THR W 349 -68.58 -56.36 -12.72
N CYS W 350 -68.90 -57.32 -11.86
CA CYS W 350 -69.33 -56.95 -10.53
C CYS W 350 -68.17 -56.52 -9.69
N PRO W 351 -68.39 -55.51 -8.86
CA PRO W 351 -67.34 -54.92 -8.03
C PRO W 351 -66.88 -55.80 -6.90
N ARG W 352 -67.64 -56.82 -6.53
CA ARG W 352 -67.23 -57.68 -5.43
C ARG W 352 -66.39 -58.87 -5.87
N VAL W 353 -66.23 -59.10 -7.18
CA VAL W 353 -65.19 -59.99 -7.64
C VAL W 353 -63.83 -59.37 -7.31
N ASP W 354 -62.86 -60.22 -6.96
CA ASP W 354 -61.52 -59.75 -6.65
C ASP W 354 -60.99 -58.91 -7.80
N ALA W 355 -60.42 -57.76 -7.47
CA ALA W 355 -59.90 -56.86 -8.50
C ALA W 355 -58.83 -57.53 -9.34
N ARG W 356 -58.20 -58.59 -8.82
CA ARG W 356 -57.20 -59.30 -9.62
C ARG W 356 -57.86 -60.11 -10.71
N ASN W 357 -59.11 -60.51 -10.53
CA ASN W 357 -59.84 -61.18 -11.59
C ASN W 357 -60.38 -60.23 -12.63
N LYS W 358 -60.67 -58.99 -12.26
CA LYS W 358 -61.43 -58.09 -13.11
C LYS W 358 -60.58 -57.39 -14.16
N GLY W 359 -59.31 -57.73 -14.27
CA GLY W 359 -58.40 -56.97 -15.11
C GLY W 359 -58.62 -57.13 -16.60
N GLY W 360 -57.61 -56.72 -17.37
CA GLY W 360 -57.81 -56.40 -18.77
C GLY W 360 -58.20 -57.48 -19.75
N LYS W 361 -57.41 -58.55 -19.85
CA LYS W 361 -57.49 -59.45 -20.98
C LYS W 361 -58.64 -60.45 -20.80
N MET W 362 -59.53 -60.52 -21.79
CA MET W 362 -60.73 -61.35 -21.67
C MET W 362 -60.56 -62.78 -22.14
N SER W 363 -59.37 -63.18 -22.55
CA SER W 363 -59.23 -64.57 -22.96
C SER W 363 -57.83 -65.05 -22.62
N MET W 364 -57.71 -66.36 -22.53
CA MET W 364 -56.43 -66.99 -22.29
C MET W 364 -56.36 -68.18 -23.24
N LEU W 365 -55.15 -68.57 -23.59
CA LEU W 365 -54.94 -69.66 -24.52
C LEU W 365 -54.57 -70.87 -23.68
N PHE W 366 -55.56 -71.72 -23.45
CA PHE W 366 -55.48 -72.83 -22.53
C PHE W 366 -55.91 -74.14 -23.15
N ASP W 367 -55.17 -75.21 -22.85
CA ASP W 367 -55.43 -76.52 -23.41
C ASP W 367 -56.66 -77.25 -22.91
N HIS W 368 -57.12 -78.20 -23.71
CA HIS W 368 -58.25 -79.01 -23.33
C HIS W 368 -57.87 -80.47 -23.51
N HIS W 369 -58.17 -81.30 -22.51
CA HIS W 369 -57.84 -82.71 -22.59
C HIS W 369 -59.07 -83.57 -22.88
N GLU X 36 -72.02 -22.60 -21.14
CA GLU X 36 -71.62 -23.72 -20.31
C GLU X 36 -72.37 -24.97 -20.76
N GLY X 37 -71.80 -26.14 -20.51
CA GLY X 37 -72.41 -27.39 -20.92
C GLY X 37 -72.03 -27.77 -22.33
N ASP X 38 -72.62 -28.86 -22.79
CA ASP X 38 -72.37 -29.34 -24.14
C ASP X 38 -73.26 -28.67 -25.18
N GLY X 39 -74.10 -27.73 -24.77
CA GLY X 39 -74.97 -27.00 -25.67
C GLY X 39 -76.43 -27.40 -25.58
N SER X 40 -76.70 -28.53 -24.93
CA SER X 40 -78.04 -29.07 -24.80
C SER X 40 -79.03 -28.18 -24.07
N ALA X 41 -78.55 -27.11 -23.47
CA ALA X 41 -79.39 -26.18 -22.71
C ALA X 41 -80.25 -25.31 -23.61
N PRO X 42 -81.26 -24.68 -23.05
CA PRO X 42 -82.09 -23.83 -23.91
C PRO X 42 -81.36 -22.67 -24.59
N GLY X 43 -80.41 -22.00 -23.95
CA GLY X 43 -79.74 -20.87 -24.60
C GLY X 43 -78.25 -21.02 -24.84
N GLY X 44 -77.70 -20.25 -25.77
CA GLY X 44 -76.28 -20.34 -26.08
C GLY X 44 -75.95 -21.06 -27.36
N SER X 45 -74.99 -21.99 -27.31
CA SER X 45 -74.57 -22.75 -28.48
C SER X 45 -75.45 -23.97 -28.79
N VAL X 46 -75.49 -24.38 -30.04
CA VAL X 46 -76.30 -25.48 -30.54
C VAL X 46 -75.65 -26.83 -30.27
N TRP X 47 -76.41 -27.73 -29.67
CA TRP X 47 -75.89 -29.07 -29.45
C TRP X 47 -75.91 -29.67 -30.83
N GLN X 48 -74.80 -30.23 -31.27
CA GLN X 48 -74.76 -30.79 -32.60
C GLN X 48 -74.20 -32.21 -32.56
N THR X 49 -74.67 -33.01 -33.51
CA THR X 49 -74.38 -34.43 -33.55
C THR X 49 -72.94 -34.70 -33.97
N THR X 50 -72.49 -35.92 -33.70
CA THR X 50 -71.12 -36.31 -33.99
C THR X 50 -70.83 -36.28 -35.49
N ASP X 51 -69.55 -36.16 -35.80
CA ASP X 51 -69.08 -36.02 -37.17
C ASP X 51 -69.01 -37.37 -37.85
N TYR X 52 -69.67 -37.50 -38.99
CA TYR X 52 -69.59 -38.71 -39.79
C TYR X 52 -68.51 -38.67 -40.87
N ILE X 53 -67.85 -37.53 -41.10
CA ILE X 53 -66.81 -37.48 -42.12
C ILE X 53 -65.57 -38.23 -41.67
N ALA X 54 -65.13 -37.97 -40.44
CA ALA X 54 -63.81 -38.41 -39.99
C ALA X 54 -63.57 -39.88 -40.28
N LEU X 55 -64.57 -40.72 -40.07
CA LEU X 55 -64.41 -42.15 -40.33
C LEU X 55 -64.57 -42.51 -41.79
N SER X 56 -65.22 -41.68 -42.60
CA SER X 56 -65.31 -41.99 -44.01
C SER X 56 -64.05 -41.58 -44.76
N MET X 57 -63.26 -40.66 -44.21
CA MET X 57 -62.04 -40.23 -44.86
C MET X 57 -60.81 -41.00 -44.45
N VAL X 58 -60.89 -41.86 -43.43
CA VAL X 58 -59.69 -42.54 -42.97
C VAL X 58 -59.22 -43.50 -44.06
N VAL X 59 -57.95 -43.40 -44.42
CA VAL X 59 -57.35 -44.19 -45.48
C VAL X 59 -56.64 -45.36 -44.85
N TYR X 60 -57.03 -46.56 -45.21
CA TYR X 60 -56.39 -47.77 -44.75
C TYR X 60 -55.49 -48.29 -45.85
N ARG X 61 -54.37 -48.88 -45.46
CA ARG X 61 -53.28 -49.13 -46.39
C ARG X 61 -52.85 -50.59 -46.26
N THR X 62 -52.99 -51.35 -47.35
CA THR X 62 -52.60 -52.75 -47.37
C THR X 62 -51.65 -53.03 -48.52
N ALA X 63 -51.31 -54.30 -48.72
CA ALA X 63 -50.44 -54.68 -49.81
C ALA X 63 -50.68 -56.13 -50.17
N ILE X 64 -50.25 -56.50 -51.37
CA ILE X 64 -50.28 -57.88 -51.84
C ILE X 64 -48.89 -58.25 -52.30
N LYS X 65 -48.29 -59.22 -51.63
CA LYS X 65 -46.95 -59.68 -51.94
C LYS X 65 -47.01 -61.11 -52.42
N LEU X 66 -46.30 -61.41 -53.50
CA LEU X 66 -46.30 -62.73 -54.11
C LEU X 66 -44.91 -63.07 -54.59
N ARG X 67 -44.52 -64.33 -54.43
CA ARG X 67 -43.25 -64.81 -54.94
C ARG X 67 -43.47 -65.85 -56.03
N ASN X 68 -42.48 -65.96 -56.90
CA ASN X 68 -42.56 -66.78 -58.08
C ASN X 68 -41.15 -67.16 -58.45
N PHE X 69 -41.00 -68.29 -59.12
CA PHE X 69 -39.75 -68.66 -59.77
C PHE X 69 -39.92 -68.51 -61.26
N VAL X 70 -39.00 -67.82 -61.91
CA VAL X 70 -39.05 -67.57 -63.34
C VAL X 70 -37.95 -68.39 -64.00
N ASN X 71 -38.32 -69.13 -65.05
CA ASN X 71 -37.37 -69.88 -65.85
C ASN X 71 -37.46 -69.36 -67.27
N ILE X 72 -36.38 -68.76 -67.75
CA ILE X 72 -36.32 -68.20 -69.10
C ILE X 72 -35.39 -69.09 -69.91
N ARG X 73 -35.96 -69.79 -70.89
CA ARG X 73 -35.18 -70.72 -71.70
C ARG X 73 -35.35 -70.42 -73.18
N GLY X 74 -34.34 -70.79 -73.95
CA GLY X 74 -34.42 -70.71 -75.40
C GLY X 74 -34.66 -69.32 -75.93
N LEU X 75 -34.07 -68.31 -75.29
CA LEU X 75 -34.28 -66.93 -75.66
C LEU X 75 -33.06 -66.48 -76.45
N THR X 76 -33.24 -66.25 -77.75
CA THR X 76 -32.12 -65.84 -78.58
C THR X 76 -31.82 -64.36 -78.36
N PRO X 77 -30.65 -63.88 -78.78
CA PRO X 77 -30.29 -62.49 -78.47
C PRO X 77 -31.18 -61.45 -79.13
N THR X 78 -31.86 -61.79 -80.22
CA THR X 78 -32.77 -60.84 -80.83
C THR X 78 -34.07 -60.73 -80.04
N GLU X 79 -34.64 -61.86 -79.67
CA GLU X 79 -35.87 -61.88 -78.90
C GLU X 79 -35.60 -61.52 -77.44
N MET X 80 -36.66 -61.10 -76.76
CA MET X 80 -36.55 -60.42 -75.48
C MET X 80 -37.79 -60.69 -74.64
N ILE X 81 -37.59 -60.83 -73.34
CA ILE X 81 -38.70 -61.06 -72.41
C ILE X 81 -39.29 -59.73 -72.00
N VAL X 82 -40.59 -59.61 -72.15
CA VAL X 82 -41.32 -58.41 -71.76
C VAL X 82 -41.81 -58.60 -70.33
N ILE X 83 -41.42 -57.69 -69.45
CA ILE X 83 -41.86 -57.80 -68.05
C ILE X 83 -43.24 -57.16 -68.01
N PRO X 84 -44.29 -57.90 -67.81
CA PRO X 84 -45.62 -57.30 -67.75
C PRO X 84 -45.84 -56.54 -66.45
N TRP X 85 -44.92 -55.65 -66.13
CA TRP X 85 -44.89 -55.10 -64.79
C TRP X 85 -45.74 -53.85 -64.68
N ASN X 86 -46.25 -53.35 -65.80
CA ASN X 86 -47.15 -52.22 -65.80
C ASN X 86 -48.61 -52.61 -65.87
N VAL X 87 -48.93 -53.91 -65.88
CA VAL X 87 -50.31 -54.36 -65.85
C VAL X 87 -50.68 -54.70 -64.43
N MET X 88 -51.88 -54.27 -64.02
CA MET X 88 -52.29 -54.40 -62.63
C MET X 88 -52.38 -55.85 -62.21
N ARG X 89 -52.84 -56.71 -63.12
CA ARG X 89 -53.04 -58.12 -62.82
C ARG X 89 -51.74 -58.85 -62.52
N PHE X 90 -50.60 -58.27 -62.88
CA PHE X 90 -49.32 -58.90 -62.61
C PHE X 90 -49.06 -59.02 -61.12
N TYR X 91 -49.35 -57.97 -60.37
CA TYR X 91 -48.98 -57.92 -58.96
C TYR X 91 -49.99 -58.63 -58.06
N CYS X 92 -51.27 -58.40 -58.27
CA CYS X 92 -52.31 -58.85 -57.36
C CYS X 92 -53.01 -60.13 -57.79
N GLU X 93 -52.64 -60.71 -58.93
CA GLU X 93 -53.16 -62.00 -59.33
C GLU X 93 -51.99 -62.87 -59.70
N TYR X 94 -52.03 -64.12 -59.26
CA TYR X 94 -50.86 -64.98 -59.31
C TYR X 94 -51.03 -65.91 -60.49
N ASN X 95 -50.31 -65.64 -61.57
CA ASN X 95 -50.45 -66.47 -62.76
C ASN X 95 -49.13 -67.20 -62.93
N THR X 96 -49.13 -68.48 -62.56
CA THR X 96 -47.96 -69.32 -62.72
C THR X 96 -48.45 -70.72 -63.03
N GLY X 97 -47.90 -71.35 -64.05
CA GLY X 97 -48.17 -72.76 -64.26
C GLY X 97 -49.65 -73.08 -64.30
N THR X 98 -50.07 -73.99 -63.43
CA THR X 98 -51.45 -74.44 -63.39
C THR X 98 -52.38 -73.46 -62.71
N TYR X 99 -51.86 -72.56 -61.88
CA TYR X 99 -52.71 -71.62 -61.14
C TYR X 99 -53.60 -70.82 -62.07
N GLY X 100 -53.01 -70.14 -63.05
CA GLY X 100 -53.77 -69.32 -63.97
C GLY X 100 -54.86 -70.07 -64.69
N LEU X 101 -54.72 -71.39 -64.84
CA LEU X 101 -55.77 -72.20 -65.43
C LEU X 101 -56.94 -72.38 -64.46
N SER X 102 -56.64 -72.53 -63.17
CA SER X 102 -57.67 -72.63 -62.16
C SER X 102 -58.32 -71.26 -61.93
N GLY X 103 -59.52 -71.29 -61.36
CA GLY X 103 -60.32 -70.09 -61.25
C GLY X 103 -60.01 -69.25 -60.01
N ASN X 104 -60.23 -67.95 -60.16
CA ASN X 104 -60.16 -66.96 -59.07
C ASN X 104 -58.84 -67.11 -58.32
N VAL X 105 -57.77 -66.71 -59.01
CA VAL X 105 -56.43 -66.76 -58.42
C VAL X 105 -56.05 -65.41 -57.82
N HIS X 106 -56.95 -64.45 -57.81
CA HIS X 106 -56.69 -63.19 -57.13
C HIS X 106 -56.35 -63.41 -55.67
N HIS X 107 -55.48 -62.57 -55.14
CA HIS X 107 -55.16 -62.61 -53.73
C HIS X 107 -56.36 -62.15 -52.92
N LYS X 108 -56.54 -62.73 -51.73
CA LYS X 108 -57.76 -62.45 -50.98
C LYS X 108 -57.80 -61.05 -50.40
N ASN X 109 -56.65 -60.40 -50.21
CA ASN X 109 -56.70 -58.98 -49.87
C ASN X 109 -57.31 -58.17 -50.98
N TYR X 110 -57.16 -58.61 -52.23
CA TYR X 110 -57.78 -57.84 -53.29
C TYR X 110 -59.26 -58.10 -53.40
N SER X 111 -59.70 -59.33 -53.11
CA SER X 111 -61.12 -59.63 -53.18
C SER X 111 -61.92 -58.77 -52.23
N MET X 112 -61.34 -58.43 -51.08
CA MET X 112 -62.05 -57.53 -50.16
C MET X 112 -61.88 -56.07 -50.50
N LEU X 113 -60.85 -55.69 -51.26
CA LEU X 113 -60.79 -54.31 -51.72
C LEU X 113 -62.02 -53.95 -52.54
N LEU X 114 -62.71 -54.94 -53.06
CA LEU X 114 -64.00 -54.74 -53.69
C LEU X 114 -65.14 -54.68 -52.69
N ALA X 115 -64.89 -55.09 -51.43
CA ALA X 115 -65.89 -54.94 -50.39
C ALA X 115 -65.92 -53.52 -49.84
N CYS X 116 -64.77 -52.90 -49.64
CA CYS X 116 -64.72 -51.49 -49.28
C CYS X 116 -65.09 -50.64 -50.48
N LYS X 117 -65.50 -49.40 -50.22
CA LYS X 117 -66.09 -48.64 -51.31
C LYS X 117 -65.05 -48.06 -52.26
N ALA X 118 -63.83 -47.84 -51.81
CA ALA X 118 -62.81 -47.24 -52.63
C ALA X 118 -61.48 -47.91 -52.34
N HIS X 119 -60.70 -48.14 -53.39
CA HIS X 119 -59.33 -48.59 -53.22
C HIS X 119 -58.47 -47.90 -54.25
N ARG X 120 -57.20 -47.73 -53.91
CA ARG X 120 -56.29 -47.09 -54.83
C ARG X 120 -54.95 -47.81 -54.81
N PRO X 121 -54.34 -48.02 -55.98
CA PRO X 121 -53.16 -48.90 -56.06
C PRO X 121 -51.87 -48.34 -55.49
N THR X 122 -51.68 -47.04 -55.41
CA THR X 122 -50.45 -46.42 -54.89
C THR X 122 -49.18 -47.09 -55.43
N LYS X 123 -48.23 -47.41 -54.56
CA LYS X 123 -46.94 -47.90 -55.04
C LYS X 123 -47.06 -49.32 -55.58
N VAL X 124 -46.19 -49.66 -56.53
CA VAL X 124 -46.14 -50.98 -57.13
C VAL X 124 -44.70 -51.27 -57.49
N GLY X 125 -44.30 -52.53 -57.37
CA GLY X 125 -42.90 -52.86 -57.63
C GLY X 125 -42.66 -54.35 -57.64
N TYR X 126 -41.43 -54.72 -57.99
CA TYR X 126 -41.07 -56.13 -58.04
C TYR X 126 -39.57 -56.27 -57.86
N THR X 127 -39.15 -57.49 -57.57
CA THR X 127 -37.75 -57.81 -57.31
C THR X 127 -37.35 -59.06 -58.07
N LEU X 128 -36.22 -58.98 -58.76
CA LEU X 128 -35.55 -60.14 -59.34
C LEU X 128 -34.37 -60.51 -58.45
N SER X 129 -34.27 -61.79 -58.12
CA SER X 129 -33.29 -62.19 -57.12
C SER X 129 -32.73 -63.56 -57.43
N ASN X 130 -31.49 -63.78 -56.96
CA ASN X 130 -30.82 -65.08 -57.01
C ASN X 130 -30.89 -65.71 -58.39
N LEU X 131 -30.15 -65.07 -59.30
CA LEU X 131 -30.10 -65.51 -60.67
C LEU X 131 -29.30 -66.78 -60.80
N ILE X 132 -29.82 -67.72 -61.58
CA ILE X 132 -29.13 -68.94 -61.93
C ILE X 132 -29.14 -69.07 -63.44
N LEU X 133 -27.97 -69.02 -64.04
CA LEU X 133 -27.81 -69.27 -65.47
C LEU X 133 -27.40 -70.71 -65.70
N THR X 134 -28.01 -71.32 -66.70
CA THR X 134 -27.67 -72.66 -67.14
C THR X 134 -27.42 -72.63 -68.63
N SER X 135 -26.82 -73.70 -69.14
CA SER X 135 -26.43 -73.76 -70.54
C SER X 135 -26.91 -75.06 -71.15
N ASP X 136 -27.51 -74.97 -72.33
CA ASP X 136 -27.85 -76.12 -73.14
C ASP X 136 -26.73 -76.52 -74.07
N GLU X 137 -25.56 -75.88 -73.96
CA GLU X 137 -24.48 -76.12 -74.89
C GLU X 137 -24.07 -77.59 -74.92
N LEU X 138 -24.06 -78.24 -73.76
CA LEU X 138 -23.74 -79.66 -73.74
C LEU X 138 -24.90 -80.52 -74.24
N VAL X 139 -26.09 -79.96 -74.33
CA VAL X 139 -27.27 -80.70 -74.78
C VAL X 139 -27.21 -80.86 -76.29
N SER X 140 -27.58 -82.06 -76.76
CA SER X 140 -27.70 -82.34 -78.17
C SER X 140 -28.88 -83.28 -78.36
N THR X 141 -29.34 -83.39 -79.62
CA THR X 141 -30.48 -84.26 -79.90
C THR X 141 -30.20 -85.71 -79.53
N GLY X 142 -28.93 -86.12 -79.54
CA GLY X 142 -28.59 -87.45 -79.06
C GLY X 142 -28.81 -87.60 -77.57
N GLY X 143 -28.72 -86.50 -76.83
CA GLY X 143 -29.02 -86.53 -75.41
C GLY X 143 -27.83 -86.98 -74.57
N THR X 144 -28.15 -87.66 -73.47
CA THR X 144 -27.21 -88.23 -72.50
C THR X 144 -26.50 -87.16 -71.69
N LEU X 145 -26.60 -85.90 -72.11
CA LEU X 145 -26.09 -84.77 -71.34
C LEU X 145 -27.16 -83.68 -71.31
N GLY X 146 -27.52 -83.26 -70.10
CA GLY X 146 -28.52 -82.23 -69.92
C GLY X 146 -27.90 -80.87 -69.66
N THR X 147 -28.77 -79.88 -69.50
CA THR X 147 -28.28 -78.55 -69.23
C THR X 147 -27.66 -78.49 -67.84
N THR X 148 -26.75 -77.55 -67.66
CA THR X 148 -26.14 -77.37 -66.35
C THR X 148 -25.69 -75.92 -66.24
N THR X 149 -25.49 -75.48 -65.00
CA THR X 149 -25.09 -74.11 -64.75
C THR X 149 -23.80 -73.78 -65.50
N THR X 150 -23.68 -72.51 -65.89
CA THR X 150 -22.53 -72.09 -66.68
C THR X 150 -21.23 -72.40 -65.96
N PHE X 151 -20.21 -72.75 -66.75
CA PHE X 151 -18.94 -73.17 -66.18
C PHE X 151 -18.32 -72.09 -65.31
N ASN X 152 -18.47 -70.83 -65.70
CA ASN X 152 -18.05 -69.72 -64.87
C ASN X 152 -19.18 -68.70 -64.83
N THR X 153 -19.04 -67.74 -63.92
CA THR X 153 -20.09 -66.77 -63.64
C THR X 153 -20.03 -65.54 -64.53
N SER X 154 -19.13 -65.52 -65.51
CA SER X 154 -19.05 -64.39 -66.43
C SER X 154 -20.34 -64.13 -67.21
N PRO X 155 -21.13 -65.11 -67.64
CA PRO X 155 -22.35 -64.78 -68.37
C PRO X 155 -23.34 -64.02 -67.50
N TYR X 156 -24.28 -63.36 -68.16
CA TYR X 156 -25.21 -62.49 -67.47
C TYR X 156 -26.52 -62.42 -68.24
N MET X 157 -27.56 -61.99 -67.54
CA MET X 157 -28.85 -61.69 -68.15
C MET X 157 -29.06 -60.19 -68.09
N ILE X 158 -29.47 -59.61 -69.20
CA ILE X 158 -29.56 -58.16 -69.31
C ILE X 158 -30.96 -57.74 -68.90
N HIS X 159 -31.05 -56.88 -67.90
CA HIS X 159 -32.32 -56.28 -67.54
C HIS X 159 -32.38 -54.88 -68.14
N SER X 160 -33.28 -54.66 -69.07
CA SER X 160 -33.36 -53.43 -69.82
C SER X 160 -34.58 -52.64 -69.38
N ILE X 161 -34.39 -51.35 -69.12
CA ILE X 161 -35.47 -50.42 -68.85
C ILE X 161 -35.49 -49.42 -70.00
N ASP X 162 -36.59 -49.35 -70.73
CA ASP X 162 -36.60 -48.46 -71.88
C ASP X 162 -37.16 -47.13 -71.41
N ASP X 163 -36.27 -46.15 -71.24
CA ASP X 163 -36.66 -44.81 -70.79
C ASP X 163 -37.13 -43.96 -71.94
N GLN X 164 -36.44 -44.05 -73.07
CA GLN X 164 -36.73 -43.24 -74.23
C GLN X 164 -37.87 -43.80 -75.05
N GLN X 165 -38.43 -44.92 -74.63
CA GLN X 165 -39.52 -45.59 -75.32
C GLN X 165 -39.14 -45.91 -76.76
N CYS X 166 -38.03 -46.62 -76.90
CA CYS X 166 -37.71 -47.21 -78.21
C CYS X 166 -38.86 -48.06 -78.69
N LEU X 167 -39.47 -48.82 -77.78
CA LEU X 167 -40.62 -49.67 -78.09
C LEU X 167 -41.83 -49.07 -77.40
N SER X 168 -42.74 -48.52 -78.18
CA SER X 168 -43.97 -47.98 -77.63
C SER X 168 -44.95 -49.09 -77.32
N LYS X 169 -45.11 -50.02 -78.24
CA LYS X 169 -46.09 -51.09 -78.17
C LYS X 169 -45.41 -52.37 -78.59
N VAL X 170 -45.58 -53.42 -77.80
CA VAL X 170 -44.82 -54.63 -77.93
C VAL X 170 -45.77 -55.78 -78.24
N TYR X 171 -45.42 -56.58 -79.24
CA TYR X 171 -46.23 -57.70 -79.70
C TYR X 171 -45.50 -59.01 -79.46
N PRO X 172 -46.23 -60.10 -79.29
CA PRO X 172 -45.58 -61.41 -79.20
C PRO X 172 -44.93 -61.80 -80.53
N LYS X 173 -44.04 -62.78 -80.45
CA LYS X 173 -43.41 -63.29 -81.65
C LYS X 173 -44.45 -63.96 -82.55
N THR X 174 -44.10 -64.05 -83.84
CA THR X 174 -45.04 -64.53 -84.85
C THR X 174 -45.69 -65.84 -84.44
N ASP X 175 -44.88 -66.81 -84.02
CA ASP X 175 -45.44 -68.12 -83.70
C ASP X 175 -46.09 -68.14 -82.32
N THR X 176 -45.49 -67.46 -81.35
CA THR X 176 -45.93 -67.59 -79.97
C THR X 176 -47.14 -66.69 -79.70
N VAL X 177 -47.64 -66.77 -78.47
CA VAL X 177 -48.74 -65.92 -78.02
C VAL X 177 -48.56 -65.74 -76.51
N TRP X 178 -49.15 -64.69 -75.98
CA TRP X 178 -48.98 -64.36 -74.58
C TRP X 178 -50.24 -64.71 -73.81
N PRO X 179 -50.25 -65.78 -73.02
CA PRO X 179 -51.40 -66.05 -72.17
C PRO X 179 -51.39 -65.13 -70.96
N VAL X 180 -52.60 -64.76 -70.51
CA VAL X 180 -52.61 -63.99 -69.28
C VAL X 180 -52.43 -64.93 -68.09
N SER X 181 -52.84 -66.20 -68.23
CA SER X 181 -52.64 -67.18 -67.18
C SER X 181 -51.18 -67.47 -66.93
N SER X 182 -50.31 -67.13 -67.88
CA SER X 182 -48.88 -67.36 -67.78
C SER X 182 -48.12 -66.13 -67.30
N MET X 183 -48.83 -65.07 -66.90
CA MET X 183 -48.23 -63.74 -66.79
C MET X 183 -47.03 -63.71 -65.88
N ARG X 184 -47.14 -64.27 -64.66
CA ARG X 184 -46.09 -64.02 -63.68
C ARG X 184 -44.83 -64.83 -63.90
N GLU X 185 -44.89 -66.01 -64.51
CA GLU X 185 -43.64 -66.62 -64.95
C GLU X 185 -43.38 -66.02 -66.31
N LEU X 186 -42.18 -65.51 -66.53
CA LEU X 186 -42.05 -64.55 -67.60
C LEU X 186 -41.69 -65.36 -68.83
N ASP X 187 -42.71 -65.65 -69.64
CA ASP X 187 -42.56 -66.27 -70.94
C ASP X 187 -42.76 -65.31 -72.11
N TYR X 188 -43.10 -64.05 -71.86
CA TYR X 188 -43.54 -63.23 -72.98
C TYR X 188 -42.33 -62.81 -73.77
N VAL X 189 -42.27 -63.24 -75.02
CA VAL X 189 -41.10 -63.03 -75.86
C VAL X 189 -41.50 -62.12 -77.00
N ALA X 190 -40.82 -60.98 -77.07
CA ALA X 190 -40.95 -60.07 -78.19
C ALA X 190 -39.69 -60.18 -79.03
N SER X 191 -39.86 -60.02 -80.33
CA SER X 191 -38.73 -59.94 -81.23
C SER X 191 -38.70 -58.52 -81.77
N THR X 192 -37.71 -57.75 -81.34
CA THR X 192 -37.58 -56.36 -81.78
C THR X 192 -36.81 -56.34 -83.09
N VAL X 193 -37.44 -55.85 -84.14
CA VAL X 193 -36.90 -55.96 -85.49
C VAL X 193 -37.15 -54.65 -86.22
N SER X 194 -36.12 -54.12 -86.86
CA SER X 194 -36.26 -52.98 -87.77
C SER X 194 -36.74 -53.53 -89.10
N GLY X 195 -36.71 -52.72 -90.16
CA GLY X 195 -37.27 -53.24 -91.40
C GLY X 195 -36.57 -54.49 -91.90
N ASP X 196 -35.28 -54.40 -92.20
CA ASP X 196 -34.46 -55.59 -92.45
C ASP X 196 -33.61 -56.00 -91.26
N ASN X 197 -33.62 -55.25 -90.17
CA ASN X 197 -32.62 -55.36 -89.13
C ASN X 197 -33.21 -55.99 -87.88
N ALA X 198 -32.55 -57.02 -87.36
CA ALA X 198 -32.91 -57.56 -86.06
C ALA X 198 -32.23 -56.74 -84.99
N ILE X 199 -33.02 -56.15 -84.11
CA ILE X 199 -32.51 -55.28 -83.06
C ILE X 199 -32.04 -56.15 -81.89
N ILE X 200 -30.81 -55.93 -81.45
CA ILE X 200 -30.37 -56.48 -80.16
C ILE X 200 -30.94 -55.56 -79.09
N PRO X 201 -31.82 -56.06 -78.21
CA PRO X 201 -32.57 -55.16 -77.32
C PRO X 201 -31.69 -54.31 -76.42
N SER X 202 -30.61 -54.87 -75.90
CA SER X 202 -29.74 -54.12 -75.00
C SER X 202 -29.14 -52.90 -75.65
N THR X 203 -29.04 -52.86 -76.97
CA THR X 203 -28.35 -51.77 -77.63
C THR X 203 -29.21 -50.52 -77.73
N ILE X 204 -30.51 -50.67 -77.96
CA ILE X 204 -31.38 -49.50 -78.09
C ILE X 204 -31.79 -48.95 -76.73
N PHE X 205 -32.04 -49.82 -75.76
CA PHE X 205 -32.63 -49.39 -74.50
C PHE X 205 -31.65 -48.58 -73.67
N ASN X 206 -32.21 -47.79 -72.77
CA ASN X 206 -31.42 -46.80 -72.05
C ASN X 206 -30.67 -47.42 -70.88
N LYS X 207 -31.39 -47.78 -69.82
CA LYS X 207 -30.77 -48.46 -68.70
C LYS X 207 -30.74 -49.95 -68.99
N ASN X 208 -29.54 -50.51 -69.04
CA ASN X 208 -29.32 -51.93 -69.24
C ASN X 208 -28.43 -52.41 -68.12
N ARG X 209 -28.96 -53.26 -67.26
CA ARG X 209 -28.21 -53.84 -66.16
C ARG X 209 -27.77 -55.23 -66.57
N TYR X 210 -26.46 -55.47 -66.54
CA TYR X 210 -25.96 -56.81 -66.80
C TYR X 210 -25.84 -57.51 -65.47
N TRP X 211 -26.72 -58.47 -65.24
CA TRP X 211 -26.94 -59.04 -63.92
C TRP X 211 -26.47 -60.48 -63.93
N LYS X 212 -25.47 -60.75 -63.11
CA LYS X 212 -24.77 -62.02 -63.14
C LYS X 212 -25.19 -62.89 -61.96
N GLN X 213 -24.58 -64.06 -61.89
CA GLN X 213 -24.81 -64.97 -60.78
C GLN X 213 -24.06 -64.46 -59.56
N GLY X 214 -24.78 -64.23 -58.47
CA GLY X 214 -24.21 -63.69 -57.27
C GLY X 214 -24.46 -62.21 -57.06
N ASP X 215 -24.89 -61.50 -58.09
CA ASP X 215 -25.21 -60.10 -57.93
C ASP X 215 -26.40 -59.93 -57.00
N ASP X 216 -26.49 -58.74 -56.42
CA ASP X 216 -27.59 -58.44 -55.51
C ASP X 216 -28.89 -58.42 -56.29
N ALA X 217 -29.99 -58.57 -55.56
CA ALA X 217 -31.30 -58.58 -56.17
C ALA X 217 -31.57 -57.25 -56.85
N LEU X 218 -32.36 -57.29 -57.92
CA LEU X 218 -32.73 -56.11 -58.68
C LEU X 218 -34.12 -55.66 -58.24
N HIS X 219 -34.20 -54.47 -57.67
CA HIS X 219 -35.44 -53.95 -57.10
C HIS X 219 -35.97 -52.86 -58.00
N PHE X 220 -37.24 -52.97 -58.38
CA PHE X 220 -37.85 -51.97 -59.24
C PHE X 220 -39.18 -51.58 -58.63
N SER X 221 -39.45 -50.28 -58.59
CA SER X 221 -40.63 -49.76 -57.93
C SER X 221 -41.22 -48.63 -58.75
N HIS X 222 -42.51 -48.41 -58.57
CA HIS X 222 -43.19 -47.27 -59.17
C HIS X 222 -44.16 -46.72 -58.16
N ASP X 223 -44.07 -45.42 -57.89
CA ASP X 223 -44.99 -44.76 -56.98
C ASP X 223 -46.12 -44.14 -57.77
N LEU X 224 -47.35 -44.39 -57.35
CA LEU X 224 -48.53 -43.77 -57.92
C LEU X 224 -49.06 -42.72 -56.95
N ASP X 225 -49.21 -41.50 -57.41
CA ASP X 225 -49.96 -40.48 -56.68
C ASP X 225 -51.19 -40.16 -57.52
N LEU X 226 -52.34 -40.60 -57.06
CA LEU X 226 -53.61 -40.38 -57.72
C LEU X 226 -54.41 -39.39 -56.89
N GLY X 227 -55.14 -38.53 -57.56
CA GLY X 227 -56.02 -37.69 -56.80
C GLY X 227 -57.37 -38.31 -56.54
N PHE X 228 -57.57 -39.55 -56.98
CA PHE X 228 -58.89 -40.17 -56.95
C PHE X 228 -58.73 -41.62 -56.55
N TRP X 229 -59.84 -42.33 -56.57
CA TRP X 229 -59.94 -43.69 -56.05
C TRP X 229 -60.66 -44.54 -57.07
N PHE X 230 -60.63 -45.85 -56.89
CA PHE X 230 -61.30 -46.76 -57.80
C PHE X 230 -62.36 -47.54 -57.05
N GLY X 231 -63.53 -47.69 -57.66
CA GLY X 231 -64.60 -48.42 -57.03
C GLY X 231 -64.84 -49.81 -57.59
N SER X 232 -64.19 -50.14 -58.69
CA SER X 232 -64.42 -51.42 -59.37
C SER X 232 -63.12 -52.21 -59.40
N ASP X 233 -63.19 -53.40 -59.97
CA ASP X 233 -61.99 -54.20 -60.13
C ASP X 233 -61.16 -53.69 -61.30
N TYR X 234 -59.85 -53.94 -61.24
CA TYR X 234 -59.00 -53.52 -62.34
C TYR X 234 -59.34 -54.24 -63.63
N GLY X 235 -59.50 -55.56 -63.57
CA GLY X 235 -60.02 -56.27 -64.72
C GLY X 235 -59.10 -56.18 -65.93
N ASN X 236 -57.87 -56.64 -65.78
CA ASN X 236 -56.80 -56.56 -66.79
C ASN X 236 -56.65 -55.15 -67.33
N ALA X 237 -56.51 -54.20 -66.41
CA ALA X 237 -56.13 -52.84 -66.70
C ALA X 237 -54.66 -52.62 -66.36
N TYR X 238 -54.00 -51.78 -67.15
CA TYR X 238 -52.68 -51.32 -66.74
C TYR X 238 -52.81 -50.59 -65.42
N VAL X 239 -51.86 -50.82 -64.53
CA VAL X 239 -51.81 -50.01 -63.31
C VAL X 239 -51.71 -48.54 -63.70
N PRO X 240 -52.50 -47.66 -63.09
CA PRO X 240 -52.79 -46.35 -63.71
C PRO X 240 -51.56 -45.56 -64.12
N GLN X 241 -51.62 -45.04 -65.34
CA GLN X 241 -50.53 -44.30 -65.95
C GLN X 241 -51.14 -43.19 -66.79
N ASN X 242 -50.42 -42.09 -66.92
CA ASN X 242 -50.78 -41.01 -67.81
C ASN X 242 -49.73 -40.96 -68.91
N ASN X 243 -50.11 -41.30 -70.13
CA ASN X 243 -49.10 -41.40 -71.18
C ASN X 243 -49.69 -41.07 -72.53
N ASP X 244 -48.84 -41.12 -73.53
CA ASP X 244 -49.29 -41.10 -74.92
C ASP X 244 -50.17 -42.29 -75.22
N SER X 245 -49.87 -43.44 -74.62
CA SER X 245 -50.65 -44.64 -74.86
C SER X 245 -51.91 -44.72 -74.00
N MET X 246 -51.88 -44.18 -72.80
CA MET X 246 -52.98 -44.49 -71.88
C MET X 246 -53.12 -43.41 -70.82
N ASN X 247 -54.31 -43.36 -70.21
CA ASN X 247 -54.61 -42.44 -69.13
C ASN X 247 -55.13 -43.21 -67.92
N ALA X 248 -54.98 -42.59 -66.75
CA ALA X 248 -55.17 -43.29 -65.49
C ALA X 248 -56.64 -43.46 -65.13
N VAL X 249 -57.50 -42.53 -65.56
CA VAL X 249 -58.90 -42.51 -65.18
C VAL X 249 -59.72 -43.07 -66.34
N GLY X 250 -60.67 -43.95 -66.02
CA GLY X 250 -61.32 -44.73 -67.05
C GLY X 250 -62.71 -44.33 -67.48
N THR X 251 -63.37 -43.46 -66.72
CA THR X 251 -64.73 -43.09 -67.04
C THR X 251 -64.74 -41.93 -68.02
N ILE X 252 -65.61 -42.01 -69.02
CA ILE X 252 -65.83 -40.90 -69.92
C ILE X 252 -66.52 -39.79 -69.13
N PRO X 253 -65.91 -38.62 -69.02
CA PRO X 253 -66.60 -37.51 -68.34
C PRO X 253 -67.82 -37.06 -69.13
N THR X 254 -68.81 -36.54 -68.40
CA THR X 254 -70.12 -36.26 -68.96
C THR X 254 -70.51 -34.81 -68.66
N SER X 255 -71.54 -34.36 -69.37
CA SER X 255 -71.75 -32.94 -69.61
C SER X 255 -72.17 -32.17 -68.37
N LYS X 256 -71.82 -30.89 -68.37
CA LYS X 256 -72.40 -29.88 -67.49
C LYS X 256 -72.11 -30.13 -66.02
N HIS X 257 -70.89 -30.60 -65.73
CA HIS X 257 -70.39 -30.71 -64.37
C HIS X 257 -68.91 -31.02 -64.42
N ILE X 258 -68.32 -31.19 -63.24
CA ILE X 258 -66.89 -31.33 -63.09
C ILE X 258 -66.56 -32.81 -62.96
N ASN X 259 -65.45 -33.22 -63.57
CA ASN X 259 -65.06 -34.62 -63.63
C ASN X 259 -63.57 -34.73 -63.34
N VAL X 260 -63.17 -35.82 -62.72
CA VAL X 260 -61.75 -36.02 -62.47
C VAL X 260 -61.08 -36.45 -63.77
N ARG X 261 -60.00 -35.76 -64.11
CA ARG X 261 -59.33 -35.89 -65.38
C ARG X 261 -57.86 -36.18 -65.13
N GLY X 262 -57.30 -37.12 -65.89
CA GLY X 262 -55.89 -37.40 -65.78
C GLY X 262 -55.05 -36.21 -66.23
N VAL X 263 -53.87 -36.10 -65.62
CA VAL X 263 -52.97 -34.99 -65.92
C VAL X 263 -51.55 -35.43 -65.58
N ASN X 264 -50.56 -34.78 -66.19
CA ASN X 264 -49.16 -34.74 -65.80
C ASN X 264 -48.19 -35.84 -66.24
N ASN X 265 -48.61 -36.89 -66.95
CA ASN X 265 -47.63 -37.86 -67.45
C ASN X 265 -46.81 -38.50 -66.33
N ARG X 266 -47.47 -39.40 -65.59
CA ARG X 266 -46.77 -40.41 -64.82
C ARG X 266 -46.94 -41.72 -65.53
N GLY X 267 -45.84 -42.42 -65.79
CA GLY X 267 -45.91 -43.68 -66.50
C GLY X 267 -44.77 -44.58 -66.09
N MET X 268 -44.81 -45.82 -66.59
CA MET X 268 -43.77 -46.80 -66.25
C MET X 268 -42.91 -47.17 -67.46
N ALA X 269 -41.62 -47.34 -67.23
CA ALA X 269 -40.69 -47.70 -68.29
C ALA X 269 -40.85 -49.18 -68.65
N GLY X 270 -40.78 -49.48 -69.94
CA GLY X 270 -40.91 -50.85 -70.40
C GLY X 270 -39.75 -51.73 -70.04
N HIS X 271 -39.85 -52.43 -68.91
CA HIS X 271 -38.79 -53.32 -68.46
C HIS X 271 -38.71 -54.52 -69.39
N TYR X 272 -37.51 -55.08 -69.56
CA TYR X 272 -37.33 -56.22 -70.44
C TYR X 272 -36.17 -57.06 -69.96
N LEU X 273 -36.14 -58.31 -70.40
CA LEU X 273 -35.06 -59.22 -70.09
C LEU X 273 -34.54 -59.83 -71.38
N SER X 274 -33.22 -59.92 -71.49
CA SER X 274 -32.60 -60.44 -72.70
C SER X 274 -31.23 -60.99 -72.33
N PHE X 275 -30.67 -61.77 -73.24
CA PHE X 275 -29.34 -62.28 -73.03
C PHE X 275 -28.39 -61.71 -74.07
N PRO X 276 -27.12 -61.53 -73.71
CA PRO X 276 -26.16 -60.98 -74.67
C PRO X 276 -25.93 -61.98 -75.79
N PRO X 277 -25.80 -61.51 -77.03
CA PRO X 277 -25.45 -62.44 -78.11
C PRO X 277 -24.05 -63.01 -77.87
N ILE X 278 -23.97 -64.33 -77.93
CA ILE X 278 -22.70 -65.03 -77.81
C ILE X 278 -22.67 -66.04 -78.94
N ARG X 279 -21.76 -65.88 -79.88
CA ARG X 279 -21.69 -66.82 -80.99
C ARG X 279 -21.03 -68.11 -80.56
N THR X 280 -21.48 -69.20 -81.17
CA THR X 280 -20.94 -70.53 -80.93
C THR X 280 -20.47 -71.11 -82.26
N ASN X 281 -20.00 -72.35 -82.20
CA ASN X 281 -19.74 -73.10 -83.41
C ASN X 281 -20.98 -73.15 -84.30
N ASP X 282 -22.16 -73.24 -83.68
CA ASP X 282 -23.43 -73.19 -84.40
C ASP X 282 -24.37 -72.22 -83.72
N GLY X 283 -24.75 -71.15 -84.43
CA GLY X 283 -25.76 -70.25 -83.90
C GLY X 283 -25.27 -69.47 -82.70
N GLN X 284 -26.15 -69.37 -81.71
CA GLN X 284 -25.93 -68.51 -80.55
C GLN X 284 -25.79 -69.36 -79.30
N PHE X 285 -25.08 -68.82 -78.32
CA PHE X 285 -24.90 -69.53 -77.07
C PHE X 285 -26.25 -69.66 -76.39
N LYS X 286 -26.50 -70.82 -75.81
CA LYS X 286 -27.80 -71.07 -75.21
C LYS X 286 -27.71 -70.71 -73.74
N LEU X 287 -28.32 -69.60 -73.36
CA LEU X 287 -28.39 -69.17 -71.98
C LEU X 287 -29.80 -69.34 -71.48
N ASN X 288 -29.91 -69.93 -70.31
CA ASN X 288 -31.18 -70.13 -69.63
C ASN X 288 -31.02 -69.46 -68.28
N ALA X 289 -32.09 -68.88 -67.78
CA ALA X 289 -32.00 -68.15 -66.52
C ALA X 289 -33.08 -68.62 -65.57
N GLN X 290 -32.73 -68.67 -64.30
CA GLN X 290 -33.70 -68.74 -63.23
C GLN X 290 -33.51 -67.55 -62.30
N PHE X 291 -34.61 -67.03 -61.78
CA PHE X 291 -34.55 -66.08 -60.69
C PHE X 291 -35.89 -66.11 -59.98
N THR X 292 -35.92 -65.57 -58.78
CA THR X 292 -37.16 -65.44 -58.03
C THR X 292 -37.78 -64.10 -58.32
N LEU X 293 -39.08 -64.09 -58.54
CA LEU X 293 -39.83 -62.87 -58.77
C LEU X 293 -40.66 -62.58 -57.53
N GLU X 294 -40.32 -61.52 -56.82
CA GLU X 294 -41.10 -61.03 -55.70
C GLU X 294 -41.76 -59.73 -56.14
N THR X 295 -43.07 -59.74 -56.28
CA THR X 295 -43.81 -58.54 -56.61
C THR X 295 -44.58 -58.07 -55.38
N GLU X 296 -44.72 -56.75 -55.26
CA GLU X 296 -45.52 -56.16 -54.20
C GLU X 296 -46.30 -54.99 -54.76
N ILE X 297 -47.59 -54.96 -54.47
CA ILE X 297 -48.45 -53.84 -54.80
C ILE X 297 -49.11 -53.38 -53.51
N GLU X 298 -49.04 -52.09 -53.23
CA GLU X 298 -49.52 -51.54 -51.98
C GLU X 298 -50.80 -50.77 -52.24
N PHE X 299 -51.92 -51.28 -51.79
CA PHE X 299 -53.20 -50.59 -51.96
C PHE X 299 -53.52 -49.73 -50.75
N GLU X 300 -54.11 -48.57 -51.03
CA GLU X 300 -54.87 -47.83 -50.04
C GLU X 300 -56.35 -48.11 -50.28
N PHE X 301 -57.12 -48.23 -49.21
CA PHE X 301 -58.55 -48.40 -49.37
C PHE X 301 -59.26 -47.56 -48.33
N ARG X 302 -60.56 -47.41 -48.52
CA ARG X 302 -61.36 -46.46 -47.76
C ARG X 302 -62.75 -47.05 -47.57
N LEU X 303 -63.35 -46.78 -46.42
CA LEU X 303 -64.54 -47.50 -46.04
C LEU X 303 -65.80 -46.67 -46.26
N TRP X 304 -66.93 -47.25 -45.89
CA TRP X 304 -68.25 -46.76 -46.20
C TRP X 304 -68.64 -45.59 -45.30
N GLU X 305 -69.64 -44.83 -45.74
CA GLU X 305 -70.11 -43.68 -45.02
C GLU X 305 -70.71 -44.07 -43.68
N GLN X 306 -70.41 -43.29 -42.65
CA GLN X 306 -71.00 -43.53 -41.34
C GLN X 306 -72.46 -43.08 -41.32
N GLY X 307 -73.20 -43.63 -40.37
CA GLY X 307 -74.56 -43.22 -40.19
C GLY X 307 -75.53 -44.10 -40.95
N VAL X 308 -76.78 -43.65 -40.96
CA VAL X 308 -77.81 -44.35 -41.71
C VAL X 308 -77.47 -44.38 -43.19
N GLN X 309 -76.66 -43.43 -43.65
CA GLN X 309 -76.25 -43.43 -45.06
C GLN X 309 -75.53 -44.72 -45.43
N GLY X 310 -74.82 -45.32 -44.49
CA GLY X 310 -74.08 -46.54 -44.72
C GLY X 310 -74.82 -47.82 -44.47
N ILE X 311 -76.12 -47.77 -44.18
CA ILE X 311 -76.91 -48.98 -44.01
C ILE X 311 -77.13 -49.62 -45.37
N ASN X 312 -76.96 -50.95 -45.43
CA ASN X 312 -77.04 -51.67 -46.70
C ASN X 312 -78.34 -51.37 -47.44
N SER X 313 -79.47 -51.42 -46.73
CA SER X 313 -80.75 -51.30 -47.42
C SER X 313 -80.93 -49.91 -48.01
N VAL X 314 -80.54 -48.87 -47.29
CA VAL X 314 -80.73 -47.51 -47.77
C VAL X 314 -79.50 -46.93 -48.43
N HIS X 315 -78.39 -47.66 -48.47
CA HIS X 315 -77.20 -47.11 -49.11
C HIS X 315 -77.31 -47.09 -50.62
N THR X 316 -78.18 -47.91 -51.20
CA THR X 316 -78.32 -47.89 -52.65
C THR X 316 -78.77 -46.52 -53.14
N ASN X 317 -79.87 -46.02 -52.59
CA ASN X 317 -80.41 -44.73 -52.99
C ASN X 317 -79.92 -43.55 -52.16
N LEU X 318 -79.23 -43.78 -51.04
CA LEU X 318 -78.52 -42.71 -50.35
C LEU X 318 -77.05 -42.64 -50.68
N ASN X 319 -76.56 -43.47 -51.58
CA ASN X 319 -75.19 -43.37 -52.03
C ASN X 319 -74.93 -41.97 -52.56
N PRO X 320 -73.83 -41.31 -52.19
CA PRO X 320 -73.56 -39.97 -52.69
C PRO X 320 -73.39 -39.98 -54.21
N ALA X 321 -74.02 -39.01 -54.87
CA ALA X 321 -73.80 -38.86 -56.29
C ALA X 321 -72.45 -38.26 -56.60
N ASN X 322 -71.75 -37.73 -55.60
CA ASN X 322 -70.42 -37.20 -55.80
C ASN X 322 -69.34 -38.24 -55.60
N ASP X 323 -69.71 -39.51 -55.40
CA ASP X 323 -68.72 -40.57 -55.57
C ASP X 323 -68.03 -40.44 -56.91
N SER X 324 -68.82 -40.22 -57.97
CA SER X 324 -68.26 -40.06 -59.31
C SER X 324 -67.22 -38.97 -59.35
N LEU X 325 -67.24 -38.07 -58.37
CA LEU X 325 -66.25 -37.02 -58.33
C LEU X 325 -64.88 -37.56 -57.93
N TRP X 326 -64.80 -38.26 -56.80
CA TRP X 326 -63.56 -38.89 -56.36
C TRP X 326 -63.46 -40.40 -56.63
N ILE X 327 -64.48 -41.07 -57.13
CA ILE X 327 -64.34 -42.51 -57.37
C ILE X 327 -64.43 -42.86 -58.85
N GLN X 328 -63.36 -43.39 -59.43
CA GLN X 328 -63.18 -43.24 -60.86
C GLN X 328 -62.95 -44.43 -61.77
N SER X 329 -63.01 -45.65 -61.25
CA SER X 329 -62.75 -46.89 -62.01
C SER X 329 -61.30 -47.03 -62.52
N TYR X 330 -61.09 -47.81 -63.59
CA TYR X 330 -59.74 -48.04 -64.13
C TYR X 330 -59.57 -47.45 -65.52
N GLY X 331 -58.40 -46.89 -65.80
CA GLY X 331 -58.30 -46.11 -67.02
C GLY X 331 -58.20 -46.85 -68.32
N SER X 332 -57.21 -47.72 -68.44
CA SER X 332 -56.87 -48.29 -69.73
C SER X 332 -56.51 -49.74 -69.56
N LEU X 333 -57.01 -50.56 -70.47
CA LEU X 333 -56.92 -52.01 -70.36
C LEU X 333 -55.81 -52.52 -71.26
N VAL X 334 -55.14 -53.58 -70.82
CA VAL X 334 -54.33 -54.32 -71.77
C VAL X 334 -55.26 -54.92 -72.80
N SER X 335 -54.72 -55.20 -73.97
CA SER X 335 -55.54 -55.68 -75.07
C SER X 335 -55.58 -57.20 -75.00
N ILE X 336 -56.74 -57.75 -74.67
CA ILE X 336 -56.91 -59.16 -74.40
C ILE X 336 -57.98 -59.69 -75.35
N THR X 337 -57.59 -60.57 -76.25
CA THR X 337 -58.56 -61.40 -76.95
C THR X 337 -58.45 -62.80 -76.37
N GLU X 338 -59.59 -63.44 -76.15
CA GLU X 338 -59.66 -64.72 -75.44
C GLU X 338 -58.95 -64.50 -74.10
N SER X 339 -58.06 -65.39 -73.69
CA SER X 339 -57.24 -65.21 -72.50
C SER X 339 -55.87 -64.62 -72.81
N LYS X 340 -55.62 -64.26 -74.07
CA LYS X 340 -54.27 -64.03 -74.55
C LYS X 340 -54.03 -62.54 -74.78
N ILE X 341 -52.88 -62.06 -74.32
CA ILE X 341 -52.54 -60.65 -74.48
C ILE X 341 -52.16 -60.38 -75.93
N ASN X 342 -52.78 -59.36 -76.52
CA ASN X 342 -52.47 -59.00 -77.89
C ASN X 342 -51.19 -58.20 -77.98
N ASN X 343 -51.01 -57.25 -77.09
CA ASN X 343 -49.86 -56.37 -77.10
C ASN X 343 -49.71 -55.79 -75.71
N ILE X 344 -48.52 -55.25 -75.43
CA ILE X 344 -48.29 -54.52 -74.19
C ILE X 344 -47.76 -53.15 -74.54
N GLN X 345 -48.38 -52.12 -73.98
CA GLN X 345 -47.96 -50.74 -74.13
C GLN X 345 -47.22 -50.33 -72.88
N PHE X 346 -46.17 -49.52 -73.03
CA PHE X 346 -45.41 -49.11 -71.86
C PHE X 346 -45.55 -47.64 -71.52
N GLY X 347 -45.10 -46.74 -72.39
CA GLY X 347 -45.25 -45.32 -72.13
C GLY X 347 -44.82 -44.78 -70.78
N PRO X 348 -43.50 -44.63 -70.59
CA PRO X 348 -42.84 -44.15 -69.39
C PRO X 348 -42.99 -42.67 -69.17
N THR X 349 -42.62 -42.17 -68.00
CA THR X 349 -42.68 -40.74 -67.78
C THR X 349 -41.43 -40.36 -68.52
N CYS X 350 -41.57 -39.81 -69.72
CA CYS X 350 -40.39 -39.52 -70.48
C CYS X 350 -39.69 -38.30 -69.96
N PRO X 351 -38.36 -38.35 -69.97
CA PRO X 351 -37.52 -37.28 -69.41
C PRO X 351 -37.54 -36.01 -70.20
N ARG X 352 -37.97 -36.04 -71.46
CA ARG X 352 -37.98 -34.82 -72.27
C ARG X 352 -39.28 -34.04 -72.16
N VAL X 353 -40.31 -34.57 -71.50
CA VAL X 353 -41.41 -33.73 -71.08
C VAL X 353 -40.93 -32.74 -70.05
N ASP X 354 -41.48 -31.52 -70.09
CA ASP X 354 -41.11 -30.49 -69.14
C ASP X 354 -41.27 -31.01 -67.72
N ALA X 355 -40.27 -30.78 -66.89
CA ALA X 355 -40.32 -31.25 -65.52
C ALA X 355 -41.51 -30.69 -64.77
N ARG X 356 -42.07 -29.57 -65.22
CA ARG X 356 -43.24 -29.02 -64.57
C ARG X 356 -44.47 -29.86 -64.85
N ASN X 357 -44.48 -30.57 -65.97
CA ASN X 357 -45.58 -31.50 -66.25
C ASN X 357 -45.44 -32.81 -65.51
N LYS X 358 -44.22 -33.23 -65.20
CA LYS X 358 -43.98 -34.58 -64.74
C LYS X 358 -44.23 -34.77 -63.25
N GLY X 359 -44.73 -33.74 -62.56
CA GLY X 359 -44.81 -33.78 -61.12
C GLY X 359 -45.85 -34.73 -60.55
N GLY X 360 -46.18 -34.54 -59.28
CA GLY X 360 -46.80 -35.57 -58.48
C GLY X 360 -48.19 -36.06 -58.81
N LYS X 361 -49.16 -35.16 -58.86
CA LYS X 361 -50.57 -35.55 -58.82
C LYS X 361 -51.05 -35.99 -60.20
N MET X 362 -51.61 -37.19 -60.29
CA MET X 362 -51.99 -37.75 -61.58
C MET X 362 -53.40 -37.41 -62.02
N SER X 363 -54.14 -36.62 -61.27
CA SER X 363 -55.47 -36.27 -61.74
C SER X 363 -55.81 -34.87 -61.30
N MET X 364 -56.75 -34.28 -61.99
CA MET X 364 -57.27 -32.96 -61.66
C MET X 364 -58.78 -33.04 -61.79
N LEU X 365 -59.46 -32.20 -61.05
CA LEU X 365 -60.91 -32.20 -61.03
C LEU X 365 -61.35 -31.04 -61.92
N PHE X 366 -61.71 -31.38 -63.14
CA PHE X 366 -61.97 -30.43 -64.21
C PHE X 366 -63.30 -30.67 -64.88
N ASP X 367 -64.02 -29.59 -65.17
CA ASP X 367 -65.34 -29.66 -65.77
C ASP X 367 -65.40 -30.07 -67.24
N HIS X 368 -66.57 -30.55 -67.63
CA HIS X 368 -66.79 -30.92 -69.02
C HIS X 368 -68.07 -30.24 -69.49
N HIS X 369 -68.02 -29.64 -70.68
CA HIS X 369 -69.19 -28.96 -71.22
C HIS X 369 -69.86 -29.78 -72.32
N GLU Y 36 -28.46 -69.31 23.06
CA GLU Y 36 -27.08 -69.68 22.75
C GLU Y 36 -27.03 -71.15 22.36
N GLY Y 37 -26.03 -71.52 21.57
CA GLY Y 37 -25.91 -72.90 21.12
C GLY Y 37 -26.71 -73.15 19.86
N ASP Y 38 -26.70 -74.41 19.44
CA ASP Y 38 -27.43 -74.81 18.25
C ASP Y 38 -28.89 -75.13 18.53
N GLY Y 39 -29.32 -74.99 19.78
CA GLY Y 39 -30.70 -75.25 20.16
C GLY Y 39 -30.90 -76.50 20.96
N SER Y 40 -29.89 -77.37 20.97
CA SER Y 40 -29.95 -78.65 21.65
C SER Y 40 -30.15 -78.58 23.15
N ALA Y 41 -30.08 -77.39 23.71
CA ALA Y 41 -30.24 -77.19 25.15
C ALA Y 41 -31.69 -77.32 25.60
N PRO Y 42 -31.91 -77.48 26.90
CA PRO Y 42 -33.30 -77.61 27.34
C PRO Y 42 -34.19 -76.42 27.03
N GLY Y 43 -33.72 -75.17 27.12
CA GLY Y 43 -34.60 -74.04 26.86
C GLY Y 43 -34.23 -73.15 25.67
N GLY Y 44 -35.19 -72.40 25.14
CA GLY Y 44 -34.92 -71.54 24.01
C GLY Y 44 -35.44 -72.05 22.68
N SER Y 45 -34.61 -72.02 21.65
CA SER Y 45 -35.00 -72.48 20.31
C SER Y 45 -34.90 -73.99 20.10
N VAL Y 46 -35.69 -74.53 19.20
CA VAL Y 46 -35.76 -75.95 18.88
C VAL Y 46 -34.64 -76.41 17.98
N TRP Y 47 -33.94 -77.46 18.38
CA TRP Y 47 -32.91 -77.99 17.53
C TRP Y 47 -33.68 -78.67 16.43
N GLN Y 48 -33.38 -78.37 15.18
CA GLN Y 48 -34.12 -78.99 14.11
C GLN Y 48 -33.16 -79.58 13.08
N THR Y 49 -33.65 -80.63 12.43
CA THR Y 49 -32.85 -81.44 11.53
C THR Y 49 -32.57 -80.71 10.21
N THR Y 50 -31.57 -81.21 9.50
CA THR Y 50 -31.15 -80.59 8.25
C THR Y 50 -32.25 -80.63 7.20
N ASP Y 51 -32.14 -79.71 6.24
CA ASP Y 51 -33.14 -79.53 5.20
C ASP Y 51 -32.95 -80.56 4.10
N TYR Y 52 -34.01 -81.31 3.79
CA TYR Y 52 -33.98 -82.24 2.67
C TYR Y 52 -34.49 -81.65 1.37
N ILE Y 53 -35.05 -80.44 1.36
CA ILE Y 53 -35.55 -79.88 0.12
C ILE Y 53 -34.39 -79.46 -0.78
N ALA Y 54 -33.41 -78.75 -0.22
CA ALA Y 54 -32.41 -78.08 -1.03
C ALA Y 54 -31.78 -79.00 -2.07
N LEU Y 55 -31.51 -80.24 -1.70
CA LEU Y 55 -30.92 -81.17 -2.66
C LEU Y 55 -31.93 -81.80 -3.59
N SER Y 56 -33.21 -81.81 -3.23
CA SER Y 56 -34.19 -82.33 -4.16
C SER Y 56 -34.58 -81.32 -5.22
N MET Y 57 -34.38 -80.04 -4.96
CA MET Y 57 -34.71 -79.00 -5.93
C MET Y 57 -33.57 -78.61 -6.85
N VAL Y 58 -32.36 -79.09 -6.61
CA VAL Y 58 -31.25 -78.67 -7.45
C VAL Y 58 -31.45 -79.21 -8.86
N VAL Y 59 -31.37 -78.32 -9.84
CA VAL Y 59 -31.60 -78.65 -11.23
C VAL Y 59 -30.25 -78.86 -11.90
N TYR Y 60 -30.05 -80.05 -12.43
CA TYR Y 60 -28.84 -80.37 -13.17
C TYR Y 60 -29.16 -80.30 -14.65
N ARG Y 61 -28.17 -79.89 -15.43
CA ARG Y 61 -28.42 -79.48 -16.80
C ARG Y 61 -27.41 -80.18 -17.71
N THR Y 62 -27.93 -80.99 -18.63
CA THR Y 62 -27.07 -81.72 -19.57
C THR Y 62 -27.52 -81.47 -21.00
N ALA Y 63 -26.91 -82.15 -21.96
CA ALA Y 63 -27.29 -82.00 -23.36
C ALA Y 63 -26.90 -83.26 -24.11
N ILE Y 64 -27.50 -83.43 -25.28
CA ILE Y 64 -27.17 -84.51 -26.20
C ILE Y 64 -26.88 -83.89 -27.55
N LYS Y 65 -25.65 -84.03 -28.02
CA LYS Y 65 -25.21 -83.48 -29.29
C LYS Y 65 -24.87 -84.62 -30.23
N LEU Y 66 -25.34 -84.52 -31.47
CA LEU Y 66 -25.14 -85.57 -32.46
C LEU Y 66 -24.88 -84.93 -33.82
N ARG Y 67 -23.98 -85.51 -34.59
CA ARG Y 67 -23.71 -85.07 -35.95
C ARG Y 67 -24.09 -86.14 -36.94
N ASN Y 68 -24.40 -85.68 -38.14
CA ASN Y 68 -24.93 -86.53 -39.18
C ASN Y 68 -24.57 -85.88 -40.51
N PHE Y 69 -24.45 -86.70 -41.55
CA PHE Y 69 -24.36 -86.21 -42.91
C PHE Y 69 -25.67 -86.49 -43.62
N VAL Y 70 -26.24 -85.47 -44.25
CA VAL Y 70 -27.51 -85.60 -44.94
C VAL Y 70 -27.25 -85.53 -46.43
N ASN Y 71 -27.81 -86.48 -47.17
CA ASN Y 71 -27.75 -86.51 -48.62
C ASN Y 71 -29.16 -86.45 -49.15
N ILE Y 72 -29.50 -85.37 -49.84
CA ILE Y 72 -30.84 -85.17 -50.40
C ILE Y 72 -30.72 -85.30 -51.91
N ARG Y 73 -31.30 -86.36 -52.46
CA ARG Y 73 -31.21 -86.62 -53.89
C ARG Y 73 -32.58 -86.78 -54.50
N GLY Y 74 -32.67 -86.48 -55.80
CA GLY Y 74 -33.87 -86.74 -56.56
C GLY Y 74 -35.09 -86.02 -56.04
N LEU Y 75 -34.92 -84.80 -55.55
CA LEU Y 75 -36.01 -84.03 -54.96
C LEU Y 75 -36.46 -83.02 -56.00
N THR Y 76 -37.65 -83.21 -56.54
CA THR Y 76 -38.17 -82.30 -57.55
C THR Y 76 -38.67 -81.01 -56.88
N PRO Y 77 -38.86 -79.94 -57.66
CA PRO Y 77 -39.23 -78.66 -57.03
C PRO Y 77 -40.58 -78.66 -56.35
N THR Y 78 -41.48 -79.57 -56.71
CA THR Y 78 -42.76 -79.64 -56.02
C THR Y 78 -42.62 -80.31 -54.66
N GLU Y 79 -41.92 -81.44 -54.63
CA GLU Y 79 -41.70 -82.17 -53.39
C GLU Y 79 -40.66 -81.47 -52.53
N MET Y 80 -40.69 -81.78 -51.23
CA MET Y 80 -40.00 -81.00 -50.23
C MET Y 80 -39.60 -81.89 -49.06
N ILE Y 81 -38.43 -81.64 -48.50
CA ILE Y 81 -37.94 -82.39 -47.35
C ILE Y 81 -38.51 -81.79 -46.08
N VAL Y 82 -39.12 -82.63 -45.26
CA VAL Y 82 -39.66 -82.23 -43.97
C VAL Y 82 -38.60 -82.44 -42.91
N ILE Y 83 -38.24 -81.38 -42.20
CA ILE Y 83 -37.24 -81.51 -41.15
C ILE Y 83 -37.99 -82.01 -39.93
N PRO Y 84 -37.79 -83.22 -39.49
CA PRO Y 84 -38.51 -83.70 -38.30
C PRO Y 84 -37.93 -83.10 -37.03
N TRP Y 85 -37.85 -81.77 -37.00
CA TRP Y 85 -37.07 -81.12 -35.96
C TRP Y 85 -37.91 -80.83 -34.74
N ASN Y 86 -39.21 -81.03 -34.82
CA ASN Y 86 -40.11 -80.85 -33.69
C ASN Y 86 -40.43 -82.15 -32.98
N VAL Y 87 -39.87 -83.28 -33.40
CA VAL Y 87 -40.07 -84.54 -32.72
C VAL Y 87 -38.88 -84.78 -31.80
N MET Y 88 -39.17 -85.23 -30.59
CA MET Y 88 -38.15 -85.35 -29.56
C MET Y 88 -37.10 -86.37 -29.97
N ARG Y 89 -37.51 -87.45 -30.62
CA ARG Y 89 -36.61 -88.53 -31.01
C ARG Y 89 -35.56 -88.09 -32.02
N PHE Y 90 -35.77 -86.96 -32.69
CA PHE Y 90 -34.81 -86.46 -33.66
C PHE Y 90 -33.49 -86.11 -33.02
N TYR Y 91 -33.54 -85.43 -31.87
CA TYR Y 91 -32.34 -84.90 -31.26
C TYR Y 91 -31.58 -85.93 -30.43
N CYS Y 92 -32.30 -86.70 -29.61
CA CYS Y 92 -31.69 -87.56 -28.62
C CYS Y 92 -31.59 -89.02 -29.04
N GLU Y 93 -32.06 -89.37 -30.22
CA GLU Y 93 -31.87 -90.71 -30.76
C GLU Y 93 -31.32 -90.59 -32.16
N TYR Y 94 -30.34 -91.41 -32.48
CA TYR Y 94 -29.54 -91.21 -33.68
C TYR Y 94 -30.06 -92.19 -34.72
N ASN Y 95 -30.81 -91.70 -35.69
CA ASN Y 95 -31.36 -92.58 -36.70
C ASN Y 95 -30.68 -92.21 -38.01
N THR Y 96 -29.73 -93.04 -38.41
CA THR Y 96 -29.02 -92.86 -39.67
C THR Y 96 -28.70 -94.23 -40.22
N GLY Y 97 -29.01 -94.48 -41.48
CA GLY Y 97 -28.52 -95.69 -42.11
C GLY Y 97 -28.88 -96.95 -41.34
N THR Y 98 -27.85 -97.73 -41.00
CA THR Y 98 -28.04 -98.98 -40.30
C THR Y 98 -28.31 -98.81 -38.81
N TYR Y 99 -27.96 -97.67 -38.23
CA TYR Y 99 -28.14 -97.47 -36.79
C TYR Y 99 -29.58 -97.69 -36.38
N GLY Y 100 -30.51 -96.97 -37.01
CA GLY Y 100 -31.91 -97.10 -36.65
C GLY Y 100 -32.46 -98.51 -36.74
N LEU Y 101 -31.83 -99.35 -37.55
CA LEU Y 101 -32.23 -100.75 -37.61
C LEU Y 101 -31.75 -101.51 -36.39
N SER Y 102 -30.55 -101.17 -35.90
CA SER Y 102 -30.04 -101.78 -34.68
C SER Y 102 -30.79 -101.23 -33.46
N GLY Y 103 -30.72 -101.97 -32.37
CA GLY Y 103 -31.51 -101.66 -31.20
C GLY Y 103 -30.88 -100.65 -30.26
N ASN Y 104 -31.74 -99.92 -29.57
CA ASN Y 104 -31.37 -98.99 -28.50
C ASN Y 104 -30.27 -98.02 -28.97
N VAL Y 105 -30.67 -97.13 -29.88
CA VAL Y 105 -29.76 -96.15 -30.42
C VAL Y 105 -29.85 -94.83 -29.67
N HIS Y 106 -30.63 -94.77 -28.60
CA HIS Y 106 -30.68 -93.59 -27.76
C HIS Y 106 -29.29 -93.26 -27.23
N HIS Y 107 -29.03 -91.97 -27.07
CA HIS Y 107 -27.78 -91.53 -26.46
C HIS Y 107 -27.79 -91.89 -24.99
N LYS Y 108 -26.61 -92.21 -24.45
CA LYS Y 108 -26.57 -92.73 -23.09
C LYS Y 108 -26.85 -91.67 -22.05
N ASN Y 109 -26.66 -90.38 -22.36
CA ASN Y 109 -27.14 -89.35 -21.45
C ASN Y 109 -28.65 -89.40 -21.29
N TYR Y 110 -29.35 -89.83 -22.33
CA TYR Y 110 -30.78 -89.91 -22.20
C TYR Y 110 -31.22 -91.14 -21.43
N SER Y 111 -30.50 -92.24 -21.57
CA SER Y 111 -30.85 -93.45 -20.85
C SER Y 111 -30.82 -93.22 -19.35
N MET Y 112 -29.91 -92.39 -18.88
CA MET Y 112 -29.88 -92.09 -17.45
C MET Y 112 -30.85 -91.00 -17.04
N LEU Y 113 -31.32 -90.17 -17.97
CA LEU Y 113 -32.38 -89.23 -17.62
C LEU Y 113 -33.61 -89.97 -17.13
N LEU Y 114 -33.73 -91.24 -17.47
CA LEU Y 114 -34.75 -92.10 -16.91
C LEU Y 114 -34.36 -92.66 -15.55
N ALA Y 115 -33.09 -92.56 -15.17
CA ALA Y 115 -32.67 -92.95 -13.84
C ALA Y 115 -32.98 -91.89 -12.80
N CYS Y 116 -32.78 -90.62 -13.14
CA CYS Y 116 -33.20 -89.54 -12.27
C CYS Y 116 -34.71 -89.40 -12.32
N LYS Y 117 -35.29 -88.76 -11.30
CA LYS Y 117 -36.73 -88.83 -11.19
C LYS Y 117 -37.45 -87.89 -12.14
N ALA Y 118 -36.81 -86.81 -12.56
CA ALA Y 118 -37.44 -85.83 -13.42
C ALA Y 118 -36.42 -85.33 -14.42
N HIS Y 119 -36.87 -85.13 -15.66
CA HIS Y 119 -36.06 -84.47 -16.66
C HIS Y 119 -36.96 -83.58 -17.48
N ARG Y 120 -36.36 -82.52 -18.03
CA ARG Y 120 -37.11 -81.60 -18.84
C ARG Y 120 -36.28 -81.18 -20.05
N PRO Y 121 -36.90 -81.12 -21.23
CA PRO Y 121 -36.12 -80.94 -22.46
C PRO Y 121 -35.53 -79.55 -22.69
N THR Y 122 -36.09 -78.49 -22.13
CA THR Y 122 -35.60 -77.12 -22.32
C THR Y 122 -35.26 -76.82 -23.78
N LYS Y 123 -34.10 -76.23 -24.04
CA LYS Y 123 -33.79 -75.77 -25.39
C LYS Y 123 -33.52 -76.94 -26.33
N VAL Y 124 -33.81 -76.74 -27.60
CA VAL Y 124 -33.59 -77.74 -28.63
C VAL Y 124 -33.24 -77.02 -29.93
N GLY Y 125 -32.36 -77.60 -30.72
CA GLY Y 125 -31.94 -76.91 -31.94
C GLY Y 125 -31.09 -77.80 -32.82
N TYR Y 126 -30.78 -77.27 -34.00
CA TYR Y 126 -29.96 -78.01 -34.95
C TYR Y 126 -29.26 -77.05 -35.88
N THR Y 127 -28.24 -77.57 -36.57
CA THR Y 127 -27.42 -76.78 -37.47
C THR Y 127 -27.23 -77.51 -38.79
N LEU Y 128 -27.45 -76.80 -39.89
CA LEU Y 128 -27.09 -77.25 -41.23
C LEU Y 128 -25.81 -76.55 -41.65
N SER Y 129 -24.85 -77.31 -42.15
CA SER Y 129 -23.53 -76.75 -42.38
C SER Y 129 -22.87 -77.37 -43.59
N ASN Y 130 -21.99 -76.58 -44.22
CA ASN Y 130 -21.13 -77.04 -45.31
C ASN Y 130 -21.92 -77.77 -46.39
N LEU Y 131 -22.71 -76.98 -47.08
CA LEU Y 131 -23.57 -77.50 -48.13
C LEU Y 131 -22.74 -77.86 -49.36
N ILE Y 132 -23.03 -79.01 -49.93
CA ILE Y 132 -22.43 -79.46 -51.18
C ILE Y 132 -23.57 -79.83 -52.11
N LEU Y 133 -23.69 -79.09 -53.21
CA LEU Y 133 -24.63 -79.40 -54.27
C LEU Y 133 -23.93 -80.18 -55.37
N THR Y 134 -24.61 -81.21 -55.87
CA THR Y 134 -24.13 -81.99 -56.99
C THR Y 134 -25.25 -82.06 -58.01
N SER Y 135 -24.90 -82.48 -59.23
CA SER Y 135 -25.84 -82.50 -60.33
C SER Y 135 -25.80 -83.85 -61.02
N ASP Y 136 -26.98 -84.41 -61.28
CA ASP Y 136 -27.12 -85.60 -62.10
C ASP Y 136 -27.28 -85.27 -63.57
N GLU Y 137 -27.15 -84.00 -63.93
CA GLU Y 137 -27.41 -83.58 -65.31
C GLU Y 137 -26.53 -84.34 -66.30
N LEU Y 138 -25.27 -84.59 -65.95
CA LEU Y 138 -24.41 -85.36 -66.83
C LEU Y 138 -24.73 -86.85 -66.80
N VAL Y 139 -25.49 -87.29 -65.80
CA VAL Y 139 -25.84 -88.70 -65.67
C VAL Y 139 -26.93 -89.05 -66.67
N SER Y 140 -26.80 -90.22 -67.28
CA SER Y 140 -27.80 -90.76 -68.18
C SER Y 140 -27.86 -92.26 -67.98
N THR Y 141 -28.93 -92.88 -68.49
CA THR Y 141 -29.07 -94.32 -68.33
C THR Y 141 -27.94 -95.09 -69.01
N GLY Y 142 -27.32 -94.49 -70.03
CA GLY Y 142 -26.13 -95.11 -70.61
C GLY Y 142 -24.95 -95.10 -69.67
N GLY Y 143 -24.91 -94.13 -68.75
CA GLY Y 143 -23.87 -94.12 -67.74
C GLY Y 143 -22.59 -93.46 -68.23
N THR Y 144 -21.47 -93.97 -67.70
CA THR Y 144 -20.11 -93.54 -68.02
C THR Y 144 -19.79 -92.15 -67.48
N LEU Y 145 -20.81 -91.42 -67.04
CA LEU Y 145 -20.63 -90.14 -66.37
C LEU Y 145 -21.51 -90.11 -65.14
N GLY Y 146 -20.91 -89.84 -63.98
CA GLY Y 146 -21.62 -89.78 -62.73
C GLY Y 146 -21.93 -88.35 -62.33
N THR Y 147 -22.59 -88.23 -61.19
CA THR Y 147 -22.91 -86.91 -60.69
C THR Y 147 -21.65 -86.19 -60.25
N THR Y 148 -21.70 -84.86 -60.27
CA THR Y 148 -20.56 -84.10 -59.81
C THR Y 148 -21.08 -82.75 -59.33
N THR Y 149 -20.28 -82.09 -58.52
CA THR Y 149 -20.65 -80.80 -57.96
C THR Y 149 -20.99 -79.81 -59.07
N THR Y 150 -21.92 -78.92 -58.77
CA THR Y 150 -22.39 -77.97 -59.77
C THR Y 150 -21.24 -77.16 -60.33
N PHE Y 151 -21.34 -76.84 -61.63
CA PHE Y 151 -20.25 -76.15 -62.32
C PHE Y 151 -19.93 -74.81 -61.67
N ASN Y 152 -20.95 -74.10 -61.19
CA ASN Y 152 -20.74 -72.88 -60.44
C ASN Y 152 -21.60 -72.93 -59.19
N THR Y 153 -21.34 -72.01 -58.28
CA THR Y 153 -21.97 -72.00 -56.97
C THR Y 153 -23.29 -71.25 -56.93
N SER Y 154 -23.78 -70.79 -58.08
CA SER Y 154 -25.07 -70.11 -58.12
C SER Y 154 -26.24 -70.94 -57.62
N PRO Y 155 -26.32 -72.26 -57.84
CA PRO Y 155 -27.48 -73.01 -57.32
C PRO Y 155 -27.51 -73.00 -55.81
N TYR Y 156 -28.67 -73.30 -55.26
CA TYR Y 156 -28.90 -73.21 -53.83
C TYR Y 156 -29.96 -74.20 -53.41
N MET Y 157 -29.98 -74.50 -52.12
CA MET Y 157 -31.03 -75.28 -51.50
C MET Y 157 -31.83 -74.36 -50.60
N ILE Y 158 -33.15 -74.44 -50.70
CA ILE Y 158 -34.02 -73.50 -50.01
C ILE Y 158 -34.38 -74.10 -48.66
N HIS Y 159 -34.07 -73.38 -47.59
CA HIS Y 159 -34.51 -73.77 -46.26
C HIS Y 159 -35.72 -72.93 -45.89
N SER Y 160 -36.87 -73.57 -45.76
CA SER Y 160 -38.13 -72.89 -45.54
C SER Y 160 -38.60 -73.10 -44.12
N ILE Y 161 -39.00 -72.02 -43.47
CA ILE Y 161 -39.63 -72.07 -42.15
C ILE Y 161 -41.05 -71.58 -42.34
N ASP Y 162 -42.02 -72.41 -42.01
CA ASP Y 162 -43.40 -72.00 -42.26
C ASP Y 162 -43.90 -71.37 -40.96
N ASP Y 163 -44.00 -70.05 -40.97
CA ASP Y 163 -44.46 -69.30 -39.81
C ASP Y 163 -45.98 -69.23 -39.77
N GLN Y 164 -46.58 -69.01 -40.92
CA GLN Y 164 -48.02 -68.84 -41.03
C GLN Y 164 -48.75 -70.17 -41.04
N GLN Y 165 -48.01 -71.28 -40.98
CA GLN Y 165 -48.57 -72.62 -41.00
C GLN Y 165 -49.41 -72.83 -42.25
N CYS Y 166 -48.79 -72.59 -43.41
CA CYS Y 166 -49.40 -73.01 -44.66
C CYS Y 166 -49.72 -74.49 -44.62
N LEU Y 167 -48.81 -75.29 -44.06
CA LEU Y 167 -48.99 -76.73 -43.91
C LEU Y 167 -49.14 -77.02 -42.43
N SER Y 168 -50.35 -77.40 -42.03
CA SER Y 168 -50.61 -77.78 -40.65
C SER Y 168 -50.09 -79.18 -40.37
N LYS Y 169 -50.39 -80.10 -41.28
CA LYS Y 169 -50.10 -81.51 -41.11
C LYS Y 169 -49.54 -82.02 -42.43
N VAL Y 170 -48.43 -82.73 -42.35
CA VAL Y 170 -47.64 -83.08 -43.52
C VAL Y 170 -47.60 -84.60 -43.65
N TYR Y 171 -47.85 -85.09 -44.85
CA TYR Y 171 -47.90 -86.51 -45.14
C TYR Y 171 -46.79 -86.90 -46.10
N PRO Y 172 -46.33 -88.14 -46.06
CA PRO Y 172 -45.36 -88.59 -47.07
C PRO Y 172 -46.00 -88.65 -48.46
N LYS Y 173 -45.13 -88.71 -49.46
CA LYS Y 173 -45.61 -88.85 -50.83
C LYS Y 173 -46.31 -90.19 -51.01
N THR Y 174 -47.16 -90.24 -52.04
CA THR Y 174 -48.02 -91.40 -52.25
C THR Y 174 -47.23 -92.71 -52.24
N ASP Y 175 -46.13 -92.75 -52.99
CA ASP Y 175 -45.38 -94.00 -53.07
C ASP Y 175 -44.49 -94.21 -51.84
N THR Y 176 -43.88 -93.15 -51.34
CA THR Y 176 -42.87 -93.31 -50.30
C THR Y 176 -43.52 -93.46 -48.93
N VAL Y 177 -42.68 -93.64 -47.91
CA VAL Y 177 -43.11 -93.72 -46.53
C VAL Y 177 -41.96 -93.21 -45.67
N TRP Y 178 -42.29 -92.78 -44.46
CA TRP Y 178 -41.30 -92.18 -43.58
C TRP Y 178 -40.92 -93.17 -42.49
N PRO Y 179 -39.75 -93.79 -42.54
CA PRO Y 179 -39.32 -94.61 -41.42
C PRO Y 179 -38.84 -93.75 -40.27
N VAL Y 180 -39.06 -94.23 -39.05
CA VAL Y 180 -38.49 -93.50 -37.94
C VAL Y 180 -37.02 -93.82 -37.80
N SER Y 181 -36.60 -95.01 -38.26
CA SER Y 181 -35.20 -95.39 -38.23
C SER Y 181 -34.36 -94.52 -39.17
N SER Y 182 -35.00 -93.87 -40.12
CA SER Y 182 -34.34 -93.02 -41.10
C SER Y 182 -34.35 -91.55 -40.71
N MET Y 183 -34.82 -91.22 -39.50
CA MET Y 183 -35.24 -89.86 -39.18
C MET Y 183 -34.14 -88.84 -39.41
N ARG Y 184 -32.93 -89.09 -38.90
CA ARG Y 184 -31.95 -88.02 -38.87
C ARG Y 184 -31.27 -87.76 -40.21
N GLU Y 185 -31.16 -88.73 -41.09
CA GLU Y 185 -30.79 -88.38 -42.46
C GLU Y 185 -32.08 -88.02 -43.14
N LEU Y 186 -32.13 -86.87 -43.79
CA LEU Y 186 -33.43 -86.30 -44.05
C LEU Y 186 -33.86 -86.84 -45.39
N ASP Y 187 -34.68 -87.89 -45.35
CA ASP Y 187 -35.34 -88.45 -46.51
C ASP Y 187 -36.81 -88.13 -46.61
N TYR Y 188 -37.38 -87.43 -45.63
CA TYR Y 188 -38.84 -87.36 -45.60
C TYR Y 188 -39.29 -86.36 -46.64
N VAL Y 189 -40.03 -86.85 -47.63
CA VAL Y 189 -40.41 -86.05 -48.78
C VAL Y 189 -41.93 -85.87 -48.76
N ALA Y 190 -42.36 -84.63 -48.67
CA ALA Y 190 -43.75 -84.28 -48.81
C ALA Y 190 -43.95 -83.64 -50.17
N SER Y 191 -45.11 -83.86 -50.75
CA SER Y 191 -45.50 -83.19 -51.98
C SER Y 191 -46.65 -82.27 -51.63
N THR Y 192 -46.39 -80.96 -51.63
CA THR Y 192 -47.41 -79.99 -51.30
C THR Y 192 -48.19 -79.67 -52.55
N VAL Y 193 -49.50 -79.94 -52.53
CA VAL Y 193 -50.32 -79.88 -53.74
C VAL Y 193 -51.67 -79.26 -53.36
N SER Y 194 -52.11 -78.29 -54.15
CA SER Y 194 -53.46 -77.76 -54.04
C SER Y 194 -54.40 -78.72 -54.78
N GLY Y 195 -55.63 -78.31 -55.03
CA GLY Y 195 -56.51 -79.28 -55.64
C GLY Y 195 -56.03 -79.77 -57.00
N ASP Y 196 -55.89 -78.86 -57.97
CA ASP Y 196 -55.21 -79.18 -59.21
C ASP Y 196 -53.77 -78.67 -59.27
N ASN Y 197 -53.32 -77.95 -58.25
CA ASN Y 197 -52.10 -77.17 -58.35
C ASN Y 197 -50.99 -77.79 -57.53
N ALA Y 198 -49.83 -77.96 -58.15
CA ALA Y 198 -48.63 -78.36 -57.43
C ALA Y 198 -48.00 -77.12 -56.83
N ILE Y 199 -47.87 -77.10 -55.51
CA ILE Y 199 -47.33 -75.95 -54.81
C ILE Y 199 -45.80 -76.03 -54.84
N ILE Y 200 -45.16 -74.94 -55.26
CA ILE Y 200 -43.72 -74.79 -55.05
C ILE Y 200 -43.53 -74.36 -53.61
N PRO Y 201 -42.87 -75.16 -52.77
CA PRO Y 201 -42.89 -74.89 -51.32
C PRO Y 201 -42.33 -73.53 -50.95
N SER Y 202 -41.27 -73.09 -51.61
CA SER Y 202 -40.67 -71.80 -51.27
C SER Y 202 -41.62 -70.64 -51.45
N THR Y 203 -42.66 -70.79 -52.27
CA THR Y 203 -43.51 -69.66 -52.59
C THR Y 203 -44.52 -69.39 -51.48
N ILE Y 204 -45.05 -70.43 -50.85
CA ILE Y 204 -46.05 -70.23 -49.80
C ILE Y 204 -45.40 -69.89 -48.46
N PHE Y 205 -44.26 -70.50 -48.15
CA PHE Y 205 -43.68 -70.38 -46.82
C PHE Y 205 -43.14 -68.99 -46.57
N ASN Y 206 -43.02 -68.66 -45.29
CA ASN Y 206 -42.71 -67.30 -44.89
C ASN Y 206 -41.22 -67.00 -44.99
N LYS Y 207 -40.43 -67.57 -44.08
CA LYS Y 207 -38.98 -67.42 -44.15
C LYS Y 207 -38.43 -68.50 -45.06
N ASN Y 208 -37.79 -68.07 -46.14
CA ASN Y 208 -37.13 -68.96 -47.08
C ASN Y 208 -35.70 -68.47 -47.24
N ARG Y 209 -34.77 -69.28 -46.80
CA ARG Y 209 -33.34 -68.98 -46.92
C ARG Y 209 -32.80 -69.71 -48.13
N TYR Y 210 -32.22 -68.99 -49.06
CA TYR Y 210 -31.57 -69.62 -50.20
C TYR Y 210 -30.12 -69.80 -49.83
N TRP Y 211 -29.72 -71.04 -49.59
CA TRP Y 211 -28.46 -71.35 -48.95
C TRP Y 211 -27.56 -72.04 -49.95
N LYS Y 212 -26.45 -71.40 -50.26
CA LYS Y 212 -25.58 -71.80 -51.34
C LYS Y 212 -24.34 -72.49 -50.80
N GLN Y 213 -23.47 -72.88 -51.71
CA GLN Y 213 -22.20 -73.49 -51.35
C GLN Y 213 -21.25 -72.40 -50.88
N GLY Y 214 -20.75 -72.54 -49.66
CA GLY Y 214 -19.89 -71.55 -49.06
C GLY Y 214 -20.58 -70.66 -48.05
N ASP Y 215 -21.91 -70.63 -48.04
CA ASP Y 215 -22.61 -69.84 -47.05
C ASP Y 215 -22.36 -70.38 -45.66
N ASP Y 216 -22.54 -69.50 -44.67
CA ASP Y 216 -22.35 -69.89 -43.29
C ASP Y 216 -23.40 -70.91 -42.89
N ALA Y 217 -23.10 -71.65 -41.83
CA ALA Y 217 -24.02 -72.67 -41.35
C ALA Y 217 -25.34 -72.03 -40.92
N LEU Y 218 -26.41 -72.81 -41.06
CA LEU Y 218 -27.74 -72.37 -40.70
C LEU Y 218 -28.08 -72.94 -39.33
N HIS Y 219 -28.27 -72.05 -38.36
CA HIS Y 219 -28.50 -72.44 -36.97
C HIS Y 219 -29.96 -72.19 -36.62
N PHE Y 220 -30.62 -73.22 -36.09
CA PHE Y 220 -32.02 -73.10 -35.71
C PHE Y 220 -32.18 -73.63 -34.30
N SER Y 221 -32.91 -72.90 -33.47
CA SER Y 221 -33.04 -73.23 -32.07
C SER Y 221 -34.46 -72.99 -31.62
N HIS Y 222 -34.87 -73.70 -30.58
CA HIS Y 222 -36.15 -73.46 -29.95
C HIS Y 222 -35.96 -73.57 -28.45
N ASP Y 223 -36.40 -72.55 -27.72
CA ASP Y 223 -36.32 -72.56 -26.27
C ASP Y 223 -37.64 -73.05 -25.70
N LEU Y 224 -37.58 -74.00 -24.78
CA LEU Y 224 -38.75 -74.47 -24.05
C LEU Y 224 -38.70 -73.93 -22.63
N ASP Y 225 -39.75 -73.26 -22.21
CA ASP Y 225 -39.95 -72.94 -20.80
C ASP Y 225 -41.18 -73.70 -20.34
N LEU Y 226 -40.96 -74.74 -19.55
CA LEU Y 226 -42.01 -75.57 -19.01
C LEU Y 226 -42.13 -75.28 -17.53
N GLY Y 227 -43.36 -75.28 -17.02
CA GLY Y 227 -43.47 -75.19 -15.59
C GLY Y 227 -43.39 -76.51 -14.89
N PHE Y 228 -43.16 -77.58 -15.61
CA PHE Y 228 -43.24 -78.92 -15.05
C PHE Y 228 -42.12 -79.76 -15.62
N TRP Y 229 -42.12 -81.03 -15.26
CA TRP Y 229 -41.04 -81.96 -15.55
C TRP Y 229 -41.65 -83.24 -16.09
N PHE Y 230 -40.80 -84.09 -16.64
CA PHE Y 230 -41.26 -85.36 -17.19
C PHE Y 230 -40.61 -86.51 -16.44
N GLY Y 231 -41.40 -87.52 -16.13
CA GLY Y 231 -40.88 -88.67 -15.42
C GLY Y 231 -40.67 -89.91 -16.26
N SER Y 232 -41.15 -89.90 -17.49
CA SER Y 232 -41.10 -91.06 -18.36
C SER Y 232 -40.29 -90.73 -19.61
N ASP Y 233 -40.14 -91.72 -20.49
CA ASP Y 233 -39.45 -91.47 -21.73
C ASP Y 233 -40.37 -90.76 -22.71
N TYR Y 234 -39.77 -90.02 -23.64
CA TYR Y 234 -40.57 -89.32 -24.63
C TYR Y 234 -41.32 -90.30 -25.53
N GLY Y 235 -40.64 -91.32 -26.03
CA GLY Y 235 -41.35 -92.37 -26.72
C GLY Y 235 -42.05 -91.89 -27.98
N ASN Y 236 -41.29 -91.34 -28.92
CA ASN Y 236 -41.78 -90.72 -30.15
C ASN Y 236 -42.90 -89.72 -29.89
N ALA Y 237 -42.61 -88.80 -28.97
CA ALA Y 237 -43.44 -87.64 -28.73
C ALA Y 237 -42.80 -86.42 -29.38
N TYR Y 238 -43.64 -85.51 -29.85
CA TYR Y 238 -43.13 -84.20 -30.24
C TYR Y 238 -42.50 -83.54 -29.02
N VAL Y 239 -41.37 -82.89 -29.23
CA VAL Y 239 -40.81 -82.07 -28.15
C VAL Y 239 -41.85 -81.04 -27.72
N PRO Y 240 -42.09 -80.85 -26.42
CA PRO Y 240 -43.35 -80.25 -25.97
C PRO Y 240 -43.69 -78.93 -26.62
N GLN Y 241 -44.94 -78.81 -27.05
CA GLN Y 241 -45.45 -77.65 -27.75
C GLN Y 241 -46.89 -77.44 -27.31
N ASN Y 242 -47.32 -76.20 -27.32
CA ASN Y 242 -48.72 -75.85 -27.08
C ASN Y 242 -49.26 -75.27 -28.38
N ASN Y 243 -50.18 -75.99 -29.03
CA ASN Y 243 -50.62 -75.56 -30.35
C ASN Y 243 -52.05 -75.98 -30.60
N ASP Y 244 -52.54 -75.59 -31.76
CA ASP Y 244 -53.78 -76.13 -32.28
C ASP Y 244 -53.69 -77.64 -32.47
N SER Y 245 -52.52 -78.12 -32.87
CA SER Y 245 -52.34 -79.55 -33.09
C SER Y 245 -52.04 -80.32 -31.82
N MET Y 246 -51.35 -79.71 -30.85
CA MET Y 246 -50.83 -80.52 -29.76
C MET Y 246 -50.60 -79.67 -28.52
N ASN Y 247 -50.53 -80.35 -27.37
CA ASN Y 247 -50.26 -79.73 -26.09
C ASN Y 247 -49.08 -80.41 -25.42
N ALA Y 248 -48.43 -79.66 -24.52
CA ALA Y 248 -47.13 -80.06 -23.99
C ALA Y 248 -47.25 -81.12 -22.92
N VAL Y 249 -48.34 -81.15 -22.17
CA VAL Y 249 -48.51 -82.03 -21.03
C VAL Y 249 -49.41 -83.20 -21.44
N GLY Y 250 -49.01 -84.41 -21.07
CA GLY Y 250 -49.63 -85.59 -21.65
C GLY Y 250 -50.62 -86.35 -20.80
N THR Y 251 -50.70 -86.06 -19.51
CA THR Y 251 -51.60 -86.79 -18.63
C THR Y 251 -52.97 -86.16 -18.64
N ILE Y 252 -54.00 -87.00 -18.72
CA ILE Y 252 -55.36 -86.53 -18.56
C ILE Y 252 -55.54 -86.09 -17.12
N PRO Y 253 -55.86 -84.82 -16.87
CA PRO Y 253 -56.14 -84.40 -15.49
C PRO Y 253 -57.39 -85.06 -14.95
N THR Y 254 -57.40 -85.26 -13.63
CA THR Y 254 -58.42 -86.06 -12.97
C THR Y 254 -59.07 -85.26 -11.85
N SER Y 255 -60.19 -85.78 -11.37
CA SER Y 255 -61.20 -84.98 -10.68
C SER Y 255 -60.76 -84.51 -9.31
N LYS Y 256 -61.31 -83.35 -8.91
CA LYS Y 256 -61.33 -82.89 -7.52
C LYS Y 256 -59.93 -82.61 -6.97
N HIS Y 257 -59.08 -82.05 -7.83
CA HIS Y 257 -57.79 -81.54 -7.38
C HIS Y 257 -57.17 -80.74 -8.52
N ILE Y 258 -55.97 -80.25 -8.29
CA ILE Y 258 -55.30 -79.33 -9.20
C ILE Y 258 -54.32 -80.12 -10.05
N ASN Y 259 -54.22 -79.75 -11.33
CA ASN Y 259 -53.41 -80.47 -12.29
C ASN Y 259 -52.65 -79.47 -13.14
N VAL Y 260 -51.45 -79.85 -13.56
CA VAL Y 260 -50.68 -78.98 -14.44
C VAL Y 260 -51.28 -79.03 -15.83
N ARG Y 261 -51.54 -77.86 -16.40
CA ARG Y 261 -52.27 -77.71 -17.65
C ARG Y 261 -51.43 -76.86 -18.59
N GLY Y 262 -51.36 -77.27 -19.85
CA GLY Y 262 -50.67 -76.47 -20.83
C GLY Y 262 -51.35 -75.15 -21.08
N VAL Y 263 -50.56 -74.13 -21.42
CA VAL Y 263 -51.08 -72.79 -21.62
C VAL Y 263 -50.12 -72.06 -22.56
N ASN Y 264 -50.61 -71.05 -23.25
CA ASN Y 264 -49.86 -69.96 -23.90
C ASN Y 264 -49.32 -70.16 -25.32
N ASN Y 265 -49.47 -71.30 -25.98
CA ASN Y 265 -49.03 -71.40 -27.38
C ASN Y 265 -47.55 -71.08 -27.55
N ARG Y 266 -46.72 -72.03 -27.13
CA ARG Y 266 -45.35 -72.12 -27.62
C ARG Y 266 -45.29 -73.29 -28.58
N GLY Y 267 -44.77 -73.06 -29.77
CA GLY Y 267 -44.69 -74.12 -30.75
C GLY Y 267 -43.53 -73.90 -31.69
N MET Y 268 -43.28 -74.88 -32.56
CA MET Y 268 -42.18 -74.79 -33.50
C MET Y 268 -42.66 -74.68 -34.95
N ALA Y 269 -41.96 -73.86 -35.73
CA ALA Y 269 -42.30 -73.66 -37.14
C ALA Y 269 -41.87 -74.87 -37.97
N GLY Y 270 -42.71 -75.27 -38.91
CA GLY Y 270 -42.41 -76.41 -39.76
C GLY Y 270 -41.28 -76.14 -40.74
N HIS Y 271 -40.06 -76.50 -40.34
CA HIS Y 271 -38.89 -76.33 -41.20
C HIS Y 271 -38.98 -77.28 -42.38
N TYR Y 272 -38.42 -76.87 -43.52
CA TYR Y 272 -38.46 -77.70 -44.71
C TYR Y 272 -37.26 -77.40 -45.59
N LEU Y 273 -36.95 -78.33 -46.47
CA LEU Y 273 -35.88 -78.18 -47.44
C LEU Y 273 -36.41 -78.48 -48.83
N SER Y 274 -36.02 -77.65 -49.78
CA SER Y 274 -36.49 -77.80 -51.15
C SER Y 274 -35.48 -77.17 -52.09
N PHE Y 275 -35.61 -77.49 -53.35
CA PHE Y 275 -34.74 -76.90 -54.34
C PHE Y 275 -35.53 -76.03 -55.29
N PRO Y 276 -34.95 -74.95 -55.81
CA PRO Y 276 -35.66 -74.09 -56.73
C PRO Y 276 -35.95 -74.83 -58.02
N PRO Y 277 -37.13 -74.63 -58.60
CA PRO Y 277 -37.38 -75.22 -59.93
C PRO Y 277 -36.45 -74.63 -60.96
N ILE Y 278 -35.77 -75.49 -61.69
CA ILE Y 278 -34.91 -75.09 -62.79
C ILE Y 278 -35.25 -75.98 -63.96
N ARG Y 279 -35.78 -75.41 -65.02
CA ARG Y 279 -36.14 -76.22 -66.17
C ARG Y 279 -34.91 -76.58 -66.97
N THR Y 280 -34.98 -77.77 -67.58
CA THR Y 280 -33.92 -78.29 -68.43
C THR Y 280 -34.51 -78.61 -69.79
N ASN Y 281 -33.66 -79.15 -70.67
CA ASN Y 281 -34.15 -79.72 -71.91
C ASN Y 281 -35.22 -80.76 -71.65
N ASP Y 282 -35.08 -81.52 -70.56
CA ASP Y 282 -36.08 -82.49 -70.16
C ASP Y 282 -36.36 -82.33 -68.67
N GLY Y 283 -37.59 -81.98 -68.33
CA GLY Y 283 -37.99 -81.95 -66.93
C GLY Y 283 -37.27 -80.85 -66.16
N GLN Y 284 -36.84 -81.21 -64.95
CA GLN Y 284 -36.30 -80.25 -64.00
C GLN Y 284 -34.83 -80.53 -63.77
N PHE Y 285 -34.10 -79.49 -63.38
CA PHE Y 285 -32.68 -79.63 -63.11
C PHE Y 285 -32.52 -80.54 -61.91
N LYS Y 286 -31.55 -81.43 -61.96
CA LYS Y 286 -31.38 -82.39 -60.88
C LYS Y 286 -30.37 -81.81 -59.91
N LEU Y 287 -30.85 -81.38 -58.75
CA LEU Y 287 -30.01 -80.89 -57.68
C LEU Y 287 -29.99 -81.90 -56.55
N ASN Y 288 -28.79 -82.18 -56.08
CA ASN Y 288 -28.57 -83.07 -54.97
C ASN Y 288 -27.80 -82.25 -53.95
N ALA Y 289 -28.06 -82.50 -52.68
CA ALA Y 289 -27.42 -81.70 -51.64
C ALA Y 289 -26.78 -82.60 -50.62
N GLN Y 290 -25.62 -82.18 -50.11
CA GLN Y 290 -25.07 -82.70 -48.89
C GLN Y 290 -24.90 -81.57 -47.89
N PHE Y 291 -25.11 -81.88 -46.62
CA PHE Y 291 -24.73 -80.98 -45.55
C PHE Y 291 -24.60 -81.80 -44.28
N THR Y 292 -23.94 -81.21 -43.29
CA THR Y 292 -23.82 -81.87 -42.00
C THR Y 292 -24.96 -81.40 -41.11
N LEU Y 293 -25.55 -82.32 -40.40
CA LEU Y 293 -26.62 -82.03 -39.45
C LEU Y 293 -26.06 -82.17 -38.05
N GLU Y 294 -25.94 -81.06 -37.34
CA GLU Y 294 -25.58 -81.07 -35.93
C GLU Y 294 -26.80 -80.68 -35.13
N THR Y 295 -27.34 -81.62 -34.37
CA THR Y 295 -28.47 -81.36 -33.50
C THR Y 295 -28.00 -81.32 -32.05
N GLU Y 296 -28.64 -80.48 -31.26
CA GLU Y 296 -28.37 -80.43 -29.83
C GLU Y 296 -29.68 -80.25 -29.09
N ILE Y 297 -29.89 -81.07 -28.07
CA ILE Y 297 -31.00 -80.93 -27.16
C ILE Y 297 -30.46 -80.84 -25.75
N GLU Y 298 -30.88 -79.83 -25.01
CA GLU Y 298 -30.33 -79.56 -23.70
C GLU Y 298 -31.36 -79.93 -22.66
N PHE Y 299 -31.10 -81.00 -21.90
CA PHE Y 299 -32.01 -81.42 -20.85
C PHE Y 299 -31.62 -80.83 -19.50
N GLU Y 300 -32.63 -80.47 -18.72
CA GLU Y 300 -32.49 -80.31 -17.29
C GLU Y 300 -33.02 -81.56 -16.62
N PHE Y 301 -32.36 -81.99 -15.55
CA PHE Y 301 -32.87 -83.13 -14.80
C PHE Y 301 -32.71 -82.84 -13.31
N ARG Y 302 -33.36 -83.67 -12.51
CA ARG Y 302 -33.53 -83.41 -11.10
C ARG Y 302 -33.53 -84.75 -10.37
N LEU Y 303 -32.96 -84.77 -9.18
CA LEU Y 303 -32.66 -86.04 -8.53
C LEU Y 303 -33.68 -86.36 -7.45
N TRP Y 304 -33.46 -87.48 -6.79
CA TRP Y 304 -34.40 -88.11 -5.86
C TRP Y 304 -34.42 -87.39 -4.52
N GLU Y 305 -35.49 -87.64 -3.78
CA GLU Y 305 -35.68 -87.02 -2.47
C GLU Y 305 -34.62 -87.47 -1.50
N GLN Y 306 -34.11 -86.53 -0.70
CA GLN Y 306 -33.15 -86.87 0.34
C GLN Y 306 -33.84 -87.55 1.51
N GLY Y 307 -33.05 -88.28 2.28
CA GLY Y 307 -33.56 -88.91 3.46
C GLY Y 307 -34.02 -90.33 3.21
N VAL Y 308 -34.68 -90.88 4.23
CA VAL Y 308 -35.24 -92.22 4.11
C VAL Y 308 -36.27 -92.26 3.01
N GLN Y 309 -36.87 -91.12 2.66
CA GLN Y 309 -37.84 -91.09 1.58
C GLN Y 309 -37.23 -91.55 0.28
N GLY Y 310 -35.94 -91.33 0.07
CA GLY Y 310 -35.25 -91.70 -1.14
C GLY Y 310 -34.62 -93.08 -1.13
N ILE Y 311 -34.86 -93.88 -0.09
CA ILE Y 311 -34.36 -95.25 -0.08
C ILE Y 311 -35.15 -96.10 -1.04
N ASN Y 312 -34.45 -96.91 -1.84
CA ASN Y 312 -35.11 -97.71 -2.88
C ASN Y 312 -36.26 -98.52 -2.33
N SER Y 313 -36.05 -99.21 -1.21
CA SER Y 313 -37.07 -100.13 -0.72
C SER Y 313 -38.33 -99.39 -0.30
N VAL Y 314 -38.18 -98.25 0.39
CA VAL Y 314 -39.32 -97.52 0.91
C VAL Y 314 -39.75 -96.38 -0.01
N HIS Y 315 -39.03 -96.13 -1.10
CA HIS Y 315 -39.44 -95.04 -1.98
C HIS Y 315 -40.68 -95.37 -2.79
N THR Y 316 -40.99 -96.65 -2.97
CA THR Y 316 -42.18 -97.00 -3.72
C THR Y 316 -43.43 -96.42 -3.05
N ASN Y 317 -43.62 -96.73 -1.77
CA ASN Y 317 -44.78 -96.27 -1.04
C ASN Y 317 -44.58 -94.96 -0.29
N LEU Y 318 -43.35 -94.45 -0.18
CA LEU Y 318 -43.14 -93.08 0.29
C LEU Y 318 -42.96 -92.08 -0.83
N ASN Y 319 -43.07 -92.49 -2.08
CA ASN Y 319 -43.03 -91.54 -3.18
C ASN Y 319 -44.10 -90.48 -2.98
N PRO Y 320 -43.78 -89.20 -3.15
CA PRO Y 320 -44.79 -88.16 -2.97
C PRO Y 320 -45.92 -88.32 -3.97
N ALA Y 321 -47.16 -88.18 -3.49
CA ALA Y 321 -48.28 -88.19 -4.40
C ALA Y 321 -48.40 -86.88 -5.16
N ASN Y 322 -47.65 -85.85 -4.76
CA ASN Y 322 -47.65 -84.58 -5.48
C ASN Y 322 -46.60 -84.54 -6.57
N ASP Y 323 -45.91 -85.65 -6.83
CA ASP Y 323 -45.17 -85.75 -8.07
C ASP Y 323 -46.07 -85.42 -9.25
N SER Y 324 -47.27 -86.00 -9.26
CA SER Y 324 -48.22 -85.74 -10.33
C SER Y 324 -48.48 -84.25 -10.50
N LEU Y 325 -48.18 -83.47 -9.48
CA LEU Y 325 -48.39 -82.03 -9.58
C LEU Y 325 -47.33 -81.40 -10.49
N TRP Y 326 -46.05 -81.64 -10.21
CA TRP Y 326 -44.97 -81.14 -11.06
C TRP Y 326 -44.37 -82.18 -12.02
N ILE Y 327 -44.74 -83.45 -11.97
CA ILE Y 327 -44.13 -84.41 -12.92
C ILE Y 327 -45.16 -84.96 -13.90
N GLN Y 328 -44.99 -84.71 -15.18
CA GLN Y 328 -46.14 -84.73 -16.07
C GLN Y 328 -46.15 -85.56 -17.33
N SER Y 329 -45.13 -86.38 -17.58
CA SER Y 329 -44.99 -87.20 -18.80
C SER Y 329 -44.84 -86.39 -20.11
N TYR Y 330 -45.22 -86.98 -21.25
CA TYR Y 330 -45.08 -86.30 -22.55
C TYR Y 330 -46.43 -86.02 -23.19
N GLY Y 331 -46.56 -84.86 -23.84
CA GLY Y 331 -47.89 -84.46 -24.25
C GLY Y 331 -48.50 -85.16 -25.44
N SER Y 332 -47.81 -85.10 -26.57
CA SER Y 332 -48.43 -85.50 -27.82
C SER Y 332 -47.42 -86.24 -28.66
N LEU Y 333 -47.87 -87.32 -29.28
CA LEU Y 333 -47.01 -88.25 -29.97
C LEU Y 333 -47.09 -88.01 -31.47
N VAL Y 334 -45.97 -88.20 -32.16
CA VAL Y 334 -46.06 -88.33 -33.59
C VAL Y 334 -46.87 -89.58 -33.90
N SER Y 335 -47.47 -89.62 -35.07
CA SER Y 335 -48.36 -90.72 -35.41
C SER Y 335 -47.52 -91.78 -36.09
N ILE Y 336 -47.35 -92.92 -35.42
CA ILE Y 336 -46.47 -93.98 -35.83
C ILE Y 336 -47.29 -95.25 -35.96
N THR Y 337 -47.40 -95.77 -37.16
CA THR Y 337 -47.83 -97.15 -37.35
C THR Y 337 -46.61 -97.95 -37.77
N GLU Y 338 -46.49 -99.14 -37.21
CA GLU Y 338 -45.28 -99.96 -37.37
C GLU Y 338 -44.11 -99.08 -36.93
N SER Y 339 -43.02 -99.02 -37.70
CA SER Y 339 -41.92 -98.12 -37.43
C SER Y 339 -42.02 -96.81 -38.23
N LYS Y 340 -43.11 -96.61 -38.94
CA LYS Y 340 -43.18 -95.60 -39.99
C LYS Y 340 -44.05 -94.44 -39.56
N ILE Y 341 -43.57 -93.21 -39.80
CA ILE Y 341 -44.32 -92.02 -39.43
C ILE Y 341 -45.48 -91.83 -40.39
N ASN Y 342 -46.68 -91.65 -39.85
CA ASN Y 342 -47.85 -91.43 -40.68
C ASN Y 342 -47.92 -89.99 -41.17
N ASN Y 343 -47.65 -89.04 -40.30
CA ASN Y 343 -47.73 -87.63 -40.61
C ASN Y 343 -46.88 -86.87 -39.61
N ILE Y 344 -46.56 -85.63 -39.95
CA ILE Y 344 -45.88 -84.74 -39.02
C ILE Y 344 -46.70 -83.47 -38.90
N GLN Y 345 -47.00 -83.08 -37.68
CA GLN Y 345 -47.70 -81.85 -37.36
C GLN Y 345 -46.69 -80.82 -36.90
N PHE Y 346 -46.88 -79.56 -37.27
CA PHE Y 346 -45.92 -78.54 -36.88
C PHE Y 346 -46.47 -77.54 -35.87
N GLY Y 347 -47.48 -76.76 -36.23
CA GLY Y 347 -48.06 -75.81 -35.30
C GLY Y 347 -47.14 -74.89 -34.52
N PRO Y 348 -46.64 -73.85 -35.19
CA PRO Y 348 -45.72 -72.85 -34.67
C PRO Y 348 -46.37 -71.87 -33.72
N THR Y 349 -45.58 -71.06 -33.04
CA THR Y 349 -46.18 -70.07 -32.17
C THR Y 349 -46.55 -69.06 -33.23
N CYS Y 350 -47.84 -68.98 -33.57
CA CYS Y 350 -48.21 -68.10 -34.64
C CYS Y 350 -48.19 -66.66 -34.20
N PRO Y 351 -47.74 -65.78 -35.09
CA PRO Y 351 -47.58 -64.37 -34.78
C PRO Y 351 -48.87 -63.62 -34.61
N ARG Y 352 -49.99 -64.16 -35.09
CA ARG Y 352 -51.26 -63.46 -34.96
C ARG Y 352 -52.01 -63.79 -33.69
N VAL Y 353 -51.55 -64.75 -32.90
CA VAL Y 353 -52.02 -64.86 -31.52
C VAL Y 353 -51.56 -63.63 -30.74
N ASP Y 354 -52.40 -63.17 -29.82
CA ASP Y 354 -52.07 -62.02 -29.00
C ASP Y 354 -50.74 -62.26 -28.31
N ALA Y 355 -49.88 -61.24 -28.36
CA ALA Y 355 -48.56 -61.36 -27.75
C ALA Y 355 -48.65 -61.66 -26.26
N ARG Y 356 -49.78 -61.34 -25.62
CA ARG Y 356 -49.94 -61.66 -24.21
C ARG Y 356 -50.13 -63.14 -23.99
N ASN Y 357 -50.64 -63.85 -24.99
CA ASN Y 357 -50.74 -65.30 -24.90
C ASN Y 357 -49.42 -65.99 -25.20
N LYS Y 358 -48.56 -65.40 -26.00
CA LYS Y 358 -47.40 -66.09 -26.54
C LYS Y 358 -46.23 -66.13 -25.59
N GLY Y 359 -46.38 -65.65 -24.37
CA GLY Y 359 -45.25 -65.46 -23.48
C GLY Y 359 -44.66 -66.75 -22.93
N GLY Y 360 -43.85 -66.61 -21.87
CA GLY Y 360 -42.88 -67.63 -21.52
C GLY Y 360 -43.35 -68.99 -21.06
N LYS Y 361 -44.17 -69.04 -20.00
CA LYS Y 361 -44.40 -70.28 -19.28
C LYS Y 361 -45.42 -71.16 -19.99
N MET Y 362 -45.04 -72.41 -20.26
CA MET Y 362 -45.89 -73.30 -21.05
C MET Y 362 -46.88 -74.10 -20.23
N SER Y 363 -46.95 -73.92 -18.93
CA SER Y 363 -47.93 -74.68 -18.18
C SER Y 363 -48.43 -73.85 -17.02
N MET Y 364 -49.59 -74.22 -16.53
CA MET Y 364 -50.18 -73.59 -15.37
C MET Y 364 -50.73 -74.70 -14.51
N LEU Y 365 -50.82 -74.45 -13.21
CA LEU Y 365 -51.27 -75.45 -12.27
C LEU Y 365 -52.72 -75.09 -11.95
N PHE Y 366 -53.62 -75.80 -12.60
CA PHE Y 366 -55.04 -75.51 -12.59
C PHE Y 366 -55.89 -76.72 -12.24
N ASP Y 367 -56.92 -76.50 -11.43
CA ASP Y 367 -57.78 -77.57 -10.97
C ASP Y 367 -58.74 -78.16 -11.98
N HIS Y 368 -59.19 -79.37 -11.71
CA HIS Y 368 -60.15 -80.03 -12.55
C HIS Y 368 -61.31 -80.51 -11.68
N HIS Y 369 -62.53 -80.27 -12.12
CA HIS Y 369 -63.69 -80.70 -11.36
C HIS Y 369 -64.36 -81.92 -11.97
N GLU Z 36 -13.40 -64.05 -43.15
CA GLU Z 36 -14.77 -63.67 -42.83
C GLU Z 36 -15.67 -64.89 -42.85
N GLY Z 37 -16.77 -64.84 -42.10
CA GLY Z 37 -17.68 -65.97 -42.03
C GLY Z 37 -17.27 -66.95 -40.97
N ASP Z 38 -18.02 -68.04 -40.90
CA ASP Z 38 -17.74 -69.09 -39.92
C ASP Z 38 -16.69 -70.08 -40.40
N GLY Z 39 -16.14 -69.88 -41.59
CA GLY Z 39 -15.13 -70.74 -42.14
C GLY Z 39 -15.60 -71.63 -43.27
N SER Z 40 -16.91 -71.73 -43.43
CA SER Z 40 -17.53 -72.59 -44.43
C SER Z 40 -17.19 -72.26 -45.87
N ALA Z 41 -16.54 -71.12 -46.08
CA ALA Z 41 -16.17 -70.67 -47.43
C ALA Z 41 -15.02 -71.47 -48.02
N PRO Z 42 -14.81 -71.37 -49.32
CA PRO Z 42 -13.71 -72.12 -49.89
C PRO Z 42 -12.32 -71.77 -49.35
N GLY Z 43 -12.00 -70.52 -49.06
CA GLY Z 43 -10.67 -70.20 -48.58
C GLY Z 43 -10.58 -69.60 -47.18
N GLY Z 44 -9.41 -69.69 -46.55
CA GLY Z 44 -9.25 -69.17 -45.20
C GLY Z 44 -9.22 -70.22 -44.11
N SER Z 45 -9.97 -70.01 -43.03
CA SER Z 45 -10.02 -70.94 -41.91
C SER Z 45 -10.97 -72.13 -42.11
N VAL Z 46 -10.70 -73.23 -41.45
CA VAL Z 46 -11.46 -74.47 -41.54
C VAL Z 46 -12.71 -74.45 -40.70
N TRP Z 47 -13.85 -74.77 -41.30
CA TRP Z 47 -15.07 -74.85 -40.54
C TRP Z 47 -14.90 -76.11 -39.75
N GLN Z 48 -15.09 -76.03 -38.44
CA GLN Z 48 -14.92 -77.22 -37.63
C GLN Z 48 -16.12 -77.43 -36.73
N THR Z 49 -16.36 -78.70 -36.42
CA THR Z 49 -17.55 -79.13 -35.71
C THR Z 49 -17.48 -78.75 -34.24
N THR Z 50 -18.64 -78.77 -33.59
CA THR Z 50 -18.76 -78.39 -32.19
C THR Z 50 -17.96 -79.32 -31.28
N ASP Z 51 -17.61 -78.79 -30.12
CA ASP Z 51 -16.77 -79.50 -29.16
C ASP Z 51 -17.60 -80.49 -28.36
N TYR Z 52 -17.18 -81.75 -28.36
CA TYR Z 52 -17.81 -82.76 -27.53
C TYR Z 52 -17.17 -82.94 -26.16
N ILE Z 53 -16.04 -82.30 -25.88
CA ILE Z 53 -15.41 -82.47 -24.56
C ILE Z 53 -16.22 -81.75 -23.50
N ALA Z 54 -16.57 -80.49 -23.76
CA ALA Z 54 -17.10 -79.61 -22.72
C ALA Z 54 -18.21 -80.26 -21.92
N LEU Z 55 -19.11 -80.99 -22.58
CA LEU Z 55 -20.19 -81.64 -21.87
C LEU Z 55 -19.79 -82.95 -21.22
N SER Z 56 -18.71 -83.59 -21.68
CA SER Z 56 -18.27 -84.80 -21.01
C SER Z 56 -17.47 -84.50 -19.76
N MET Z 57 -16.90 -83.30 -19.64
CA MET Z 57 -16.12 -82.94 -18.47
C MET Z 57 -16.92 -82.26 -17.38
N VAL Z 58 -18.17 -81.88 -17.63
CA VAL Z 58 -18.92 -81.15 -16.62
C VAL Z 58 -19.18 -82.07 -15.44
N VAL Z 59 -18.82 -81.59 -14.24
CA VAL Z 59 -18.94 -82.36 -13.01
C VAL Z 59 -20.22 -81.95 -12.33
N TYR Z 60 -21.10 -82.91 -12.11
CA TYR Z 60 -22.33 -82.68 -11.39
C TYR Z 60 -22.17 -83.20 -9.98
N ARG Z 61 -22.81 -82.52 -9.03
CA ARG Z 61 -22.50 -82.71 -7.62
C ARG Z 61 -23.79 -82.94 -6.85
N THR Z 62 -23.91 -84.12 -6.24
CA THR Z 62 -25.09 -84.46 -5.46
C THR Z 62 -24.70 -84.90 -4.05
N ALA Z 63 -25.67 -85.35 -3.27
CA ALA Z 63 -25.39 -85.83 -1.93
C ALA Z 63 -26.48 -86.79 -1.50
N ILE Z 64 -26.18 -87.58 -0.48
CA ILE Z 64 -27.14 -88.49 0.15
C ILE Z 64 -27.14 -88.20 1.63
N LYS Z 65 -28.27 -87.76 2.14
CA LYS Z 65 -28.43 -87.42 3.55
C LYS Z 65 -29.43 -88.37 4.17
N LEU Z 66 -29.10 -88.89 5.35
CA LEU Z 66 -29.93 -89.86 6.04
C LEU Z 66 -29.90 -89.58 7.53
N ARG Z 67 -31.05 -89.73 8.19
CA ARG Z 67 -31.12 -89.60 9.64
C ARG Z 67 -31.49 -90.93 10.27
N ASN Z 68 -31.09 -91.07 11.53
CA ASN Z 68 -31.21 -92.30 12.25
C ASN Z 68 -31.26 -91.95 13.72
N PHE Z 69 -31.89 -92.80 14.51
CA PHE Z 69 -31.81 -92.72 15.97
C PHE Z 69 -30.95 -93.88 16.45
N VAL Z 70 -29.97 -93.57 17.28
CA VAL Z 70 -29.04 -94.56 17.81
C VAL Z 70 -29.35 -94.76 19.28
N ASN Z 71 -29.48 -96.02 19.68
CA ASN Z 71 -29.67 -96.39 21.08
C ASN Z 71 -28.52 -97.29 21.48
N ILE Z 72 -27.69 -96.82 22.40
CA ILE Z 72 -26.53 -97.56 22.87
C ILE Z 72 -26.83 -98.00 24.30
N ARG Z 73 -26.98 -99.30 24.50
CA ARG Z 73 -27.33 -99.83 25.80
C ARG Z 73 -26.34 -100.90 26.23
N GLY Z 74 -26.21 -101.05 27.54
CA GLY Z 74 -25.42 -102.14 28.11
C GLY Z 74 -23.97 -102.12 27.69
N LEU Z 75 -23.39 -100.94 27.57
CA LEU Z 75 -22.01 -100.79 27.13
C LEU Z 75 -21.16 -100.52 28.35
N THR Z 76 -20.32 -101.49 28.72
CA THR Z 76 -19.48 -101.34 29.89
C THR Z 76 -18.30 -100.43 29.56
N PRO Z 77 -17.60 -99.90 30.57
CA PRO Z 77 -16.53 -98.94 30.28
C PRO Z 77 -15.36 -99.51 29.51
N THR Z 78 -15.14 -100.82 29.54
CA THR Z 78 -14.07 -101.41 28.75
C THR Z 78 -14.45 -101.50 27.28
N GLU Z 79 -15.66 -101.98 27.00
CA GLU Z 79 -16.14 -102.09 25.64
C GLU Z 79 -16.54 -100.73 25.09
N MET Z 80 -16.57 -100.65 23.76
CA MET Z 80 -16.62 -99.37 23.06
C MET Z 80 -17.36 -99.54 21.75
N ILE Z 81 -18.12 -98.52 21.36
CA ILE Z 81 -18.85 -98.53 20.10
C ILE Z 81 -17.94 -98.04 18.99
N VAL Z 82 -17.85 -98.82 17.93
CA VAL Z 82 -17.06 -98.47 16.76
C VAL Z 82 -17.97 -97.76 15.78
N ILE Z 83 -17.60 -96.53 15.40
CA ILE Z 83 -18.42 -95.79 14.45
C ILE Z 83 -17.98 -96.28 13.07
N PRO Z 84 -18.78 -96.99 12.35
CA PRO Z 84 -18.36 -97.44 11.02
C PRO Z 84 -18.38 -96.31 10.01
N TRP Z 85 -17.71 -95.22 10.34
CA TRP Z 85 -17.91 -94.00 9.58
C TRP Z 85 -16.94 -93.90 8.42
N ASN Z 86 -15.98 -94.82 8.34
CA ASN Z 86 -15.06 -94.87 7.22
C ASN Z 86 -15.46 -95.88 6.17
N VAL Z 87 -16.59 -96.56 6.32
CA VAL Z 87 -17.07 -97.48 5.31
C VAL Z 87 -18.10 -96.76 4.46
N MET Z 88 -18.02 -96.95 3.15
CA MET Z 88 -18.85 -96.20 2.22
C MET Z 88 -20.31 -96.52 2.42
N ARG Z 89 -20.63 -97.77 2.73
CA ARG Z 89 -22.01 -98.21 2.89
C ARG Z 89 -22.71 -97.55 4.07
N PHE Z 90 -21.96 -96.97 4.98
CA PHE Z 90 -22.56 -96.31 6.13
C PHE Z 90 -23.39 -95.11 5.72
N TYR Z 91 -22.88 -94.31 4.80
CA TYR Z 91 -23.52 -93.04 4.46
C TYR Z 91 -24.65 -93.21 3.44
N CYS Z 92 -24.42 -93.98 2.40
CA CYS Z 92 -25.33 -94.06 1.26
C CYS Z 92 -26.27 -95.26 1.29
N GLU Z 93 -26.17 -96.12 2.29
CA GLU Z 93 -27.11 -97.21 2.45
C GLU Z 93 -27.61 -97.17 3.88
N TYR Z 94 -28.91 -97.36 4.05
CA TYR Z 94 -29.56 -97.08 5.32
C TYR Z 94 -29.77 -98.41 6.02
N ASN Z 95 -28.96 -98.70 7.01
CA ASN Z 95 -29.09 -99.99 7.70
C ASN Z 95 -29.55 -99.66 9.10
N THR Z 96 -30.84 -99.89 9.35
CA THR Z 96 -31.41 -99.69 10.67
C THR Z 96 -32.50 -100.74 10.85
N GLY Z 97 -32.50 -101.43 11.97
CA GLY Z 97 -33.63 -102.28 12.29
C GLY Z 97 -33.97 -103.25 11.19
N THR Z 98 -35.22 -103.20 10.73
CA THR Z 98 -35.72 -104.10 9.71
C THR Z 98 -35.26 -103.73 8.31
N TYR Z 99 -34.87 -102.47 8.09
CA TYR Z 99 -34.49 -102.04 6.74
C TYR Z 99 -33.38 -102.90 6.17
N GLY Z 100 -32.27 -103.03 6.89
CA GLY Z 100 -31.15 -103.81 6.39
C GLY Z 100 -31.51 -105.24 6.05
N LEU Z 101 -32.56 -105.78 6.66
CA LEU Z 101 -33.03 -107.12 6.31
C LEU Z 101 -33.74 -107.11 4.97
N SER Z 102 -34.50 -106.05 4.68
CA SER Z 102 -35.16 -105.91 3.40
C SER Z 102 -34.13 -105.57 2.31
N GLY Z 103 -34.51 -105.81 1.07
CA GLY Z 103 -33.59 -105.71 -0.04
C GLY Z 103 -33.46 -104.30 -0.61
N ASN Z 104 -32.28 -104.03 -1.15
CA ASN Z 104 -31.98 -102.80 -1.89
C ASN Z 104 -32.38 -101.57 -1.09
N VAL Z 105 -31.63 -101.34 -0.01
CA VAL Z 105 -31.88 -100.19 0.85
C VAL Z 105 -31.00 -99.01 0.47
N HIS Z 106 -30.23 -99.12 -0.60
CA HIS Z 106 -29.46 -97.98 -1.09
C HIS Z 106 -30.36 -96.81 -1.40
N HIS Z 107 -29.85 -95.61 -1.19
CA HIS Z 107 -30.58 -94.41 -1.54
C HIS Z 107 -30.65 -94.29 -3.05
N LYS Z 108 -31.76 -93.74 -3.55
CA LYS Z 108 -31.97 -93.75 -4.99
C LYS Z 108 -31.05 -92.80 -5.74
N ASN Z 109 -30.52 -91.77 -5.08
CA ASN Z 109 -29.47 -90.99 -5.73
C ASN Z 109 -28.25 -91.84 -6.00
N TYR Z 110 -27.99 -92.84 -5.18
CA TYR Z 110 -26.84 -93.67 -5.45
C TYR Z 110 -27.10 -94.67 -6.56
N SER Z 111 -28.33 -95.17 -6.66
CA SER Z 111 -28.66 -96.12 -7.70
C SER Z 111 -28.43 -95.53 -9.08
N MET Z 112 -28.67 -94.22 -9.23
CA MET Z 112 -28.41 -93.59 -10.52
C MET Z 112 -26.96 -93.17 -10.70
N LEU Z 113 -26.19 -93.02 -9.62
CA LEU Z 113 -24.76 -92.80 -9.80
C LEU Z 113 -24.11 -93.93 -10.57
N LEU Z 114 -24.76 -95.09 -10.60
CA LEU Z 114 -24.36 -96.19 -11.45
C LEU Z 114 -24.88 -96.05 -12.87
N ALA Z 115 -25.83 -95.14 -13.09
CA ALA Z 115 -26.29 -94.86 -14.44
C ALA Z 115 -25.34 -93.92 -15.18
N CYS Z 116 -24.84 -92.90 -14.50
CA CYS Z 116 -23.81 -92.05 -15.08
C CYS Z 116 -22.49 -92.82 -15.12
N LYS Z 117 -21.57 -92.36 -15.98
CA LYS Z 117 -20.41 -93.20 -16.23
C LYS Z 117 -19.37 -93.11 -15.12
N ALA Z 118 -19.32 -92.02 -14.38
CA ALA Z 118 -18.34 -91.83 -13.34
C ALA Z 118 -18.97 -91.15 -12.16
N HIS Z 119 -18.60 -91.58 -10.96
CA HIS Z 119 -18.98 -90.87 -9.75
C HIS Z 119 -17.81 -90.89 -8.79
N ARG Z 120 -17.76 -89.88 -7.94
CA ARG Z 120 -16.70 -89.80 -6.97
C ARG Z 120 -17.24 -89.33 -5.64
N PRO Z 121 -16.80 -89.93 -4.53
CA PRO Z 121 -17.44 -89.69 -3.24
C PRO Z 121 -17.17 -88.34 -2.60
N THR Z 122 -16.07 -87.67 -2.89
CA THR Z 122 -15.72 -86.37 -2.30
C THR Z 122 -15.95 -86.34 -0.79
N LYS Z 123 -16.60 -85.30 -0.29
CA LYS Z 123 -16.71 -85.13 1.15
C LYS Z 123 -17.67 -86.15 1.76
N VAL Z 124 -17.43 -86.49 3.02
CA VAL Z 124 -18.27 -87.42 3.76
C VAL Z 124 -18.25 -87.01 5.21
N GLY Z 125 -19.37 -87.19 5.90
CA GLY Z 125 -19.43 -86.75 7.29
C GLY Z 125 -20.70 -87.20 7.97
N TYR Z 126 -20.77 -86.93 9.27
CA TYR Z 126 -21.94 -87.31 10.05
C TYR Z 126 -22.06 -86.41 11.26
N THR Z 127 -23.24 -86.44 11.87
CA THR Z 127 -23.55 -85.59 13.02
C THR Z 127 -24.23 -86.42 14.10
N LEU Z 128 -23.74 -86.27 15.33
CA LEU Z 128 -24.40 -86.79 16.52
C LEU Z 128 -25.10 -85.63 17.22
N SER Z 129 -26.37 -85.83 17.57
CA SER Z 129 -27.15 -84.71 18.06
C SER Z 129 -28.14 -85.15 19.12
N ASN Z 130 -28.49 -84.22 20.00
CA ASN Z 130 -29.55 -84.39 21.00
C ASN Z 130 -29.40 -85.69 21.77
N LEU Z 131 -28.36 -85.70 22.58
CA LEU Z 131 -28.03 -86.87 23.38
C LEU Z 131 -29.02 -87.02 24.53
N ILE Z 132 -29.47 -88.24 24.74
CA ILE Z 132 -30.32 -88.59 25.86
C ILE Z 132 -29.67 -89.76 26.58
N LEU Z 133 -29.25 -89.54 27.81
CA LEU Z 133 -28.73 -90.60 28.66
C LEU Z 133 -29.84 -91.11 29.57
N THR Z 134 -29.90 -92.43 29.72
CA THR Z 134 -30.82 -93.08 30.62
C THR Z 134 -30.04 -94.04 31.50
N SER Z 135 -30.65 -94.49 32.57
CA SER Z 135 -29.99 -95.34 33.55
C SER Z 135 -30.83 -96.56 33.84
N ASP Z 136 -30.21 -97.72 33.84
CA ASP Z 136 -30.81 -98.96 34.30
C ASP Z 136 -30.62 -99.18 35.78
N GLU Z 137 -30.06 -98.21 36.49
CA GLU Z 137 -29.73 -98.39 37.90
C GLU Z 137 -30.96 -98.76 38.71
N LEU Z 138 -32.10 -98.16 38.42
CA LEU Z 138 -33.31 -98.52 39.13
C LEU Z 138 -33.88 -99.85 38.67
N VAL Z 139 -33.42 -100.37 37.54
CA VAL Z 139 -33.91 -101.62 37.00
C VAL Z 139 -33.29 -102.78 37.78
N SER Z 140 -34.10 -103.79 38.07
CA SER Z 140 -33.66 -105.02 38.69
C SER Z 140 -34.43 -106.17 38.09
N THR Z 141 -33.94 -107.40 38.32
CA THR Z 141 -34.61 -108.56 37.77
C THR Z 141 -36.04 -108.71 38.31
N GLY Z 142 -36.30 -108.17 39.51
CA GLY Z 142 -37.66 -108.15 40.00
C GLY Z 142 -38.56 -107.22 39.20
N GLY Z 143 -37.98 -106.20 38.58
CA GLY Z 143 -38.74 -105.33 37.70
C GLY Z 143 -39.46 -104.23 38.45
N THR Z 144 -40.63 -103.86 37.91
CA THR Z 144 -41.54 -102.85 38.44
C THR Z 144 -40.97 -101.44 38.31
N LEU Z 145 -39.69 -101.31 38.01
CA LEU Z 145 -39.07 -100.02 37.73
C LEU Z 145 -38.22 -100.17 36.47
N GLY Z 146 -38.48 -99.31 35.49
CA GLY Z 146 -37.74 -99.32 34.25
C GLY Z 146 -36.66 -98.26 34.21
N THR Z 147 -35.94 -98.24 33.11
CA THR Z 147 -34.89 -97.24 32.95
C THR Z 147 -35.50 -95.86 32.84
N THR Z 148 -34.72 -94.85 33.20
CA THR Z 148 -35.19 -93.49 33.06
C THR Z 148 -33.96 -92.60 32.92
N THR Z 149 -34.19 -91.41 32.38
CA THR Z 149 -33.11 -90.46 32.17
C THR Z 149 -32.37 -90.18 33.47
N THR Z 150 -31.07 -89.91 33.34
CA THR Z 150 -30.24 -89.70 34.52
C THR Z 150 -30.79 -88.57 35.38
N PHE Z 151 -30.63 -88.73 36.69
CA PHE Z 151 -31.20 -87.77 37.63
C PHE Z 151 -30.66 -86.36 37.40
N ASN Z 152 -29.39 -86.24 37.05
CA ASN Z 152 -28.82 -84.97 36.66
C ASN Z 152 -28.02 -85.15 35.37
N THR Z 153 -27.65 -84.04 34.77
CA THR Z 153 -27.02 -84.04 33.46
C THR Z 153 -25.51 -84.17 33.52
N SER Z 154 -24.94 -84.40 34.70
CA SER Z 154 -23.51 -84.60 34.82
C SER Z 154 -22.96 -85.78 34.02
N PRO Z 155 -23.64 -86.92 33.86
CA PRO Z 155 -23.07 -88.00 33.07
C PRO Z 155 -22.91 -87.60 31.61
N TYR Z 156 -22.07 -88.35 30.91
CA TYR Z 156 -21.72 -88.02 29.55
C TYR Z 156 -21.36 -89.28 28.79
N MET Z 157 -21.41 -89.18 27.46
CA MET Z 157 -20.92 -90.22 26.58
C MET Z 157 -19.67 -89.69 25.89
N ILE Z 158 -18.64 -90.52 25.85
CA ILE Z 158 -17.33 -90.09 25.37
C ILE Z 158 -17.26 -90.40 23.88
N HIS Z 159 -17.03 -89.38 23.08
CA HIS Z 159 -16.77 -89.57 21.66
C HIS Z 159 -15.26 -89.49 21.44
N SER Z 160 -14.67 -90.60 21.03
CA SER Z 160 -13.22 -90.71 20.91
C SER Z 160 -12.84 -90.76 19.44
N ILE Z 161 -11.85 -89.95 19.07
CA ILE Z 161 -11.25 -89.99 17.74
C ILE Z 161 -9.82 -90.46 17.93
N ASP Z 162 -9.46 -91.57 17.32
CA ASP Z 162 -8.11 -92.08 17.54
C ASP Z 162 -7.23 -91.52 16.43
N ASP Z 163 -6.41 -90.54 16.79
CA ASP Z 163 -5.51 -89.90 15.84
C ASP Z 163 -4.23 -90.68 15.69
N GLN Z 164 -3.70 -91.17 16.80
CA GLN Z 164 -2.42 -91.86 16.82
C GLN Z 164 -2.57 -93.32 16.42
N GLN Z 165 -3.79 -93.75 16.13
CA GLN Z 165 -4.08 -95.12 15.73
C GLN Z 165 -3.61 -96.10 16.81
N CYS Z 166 -4.09 -95.87 18.03
CA CYS Z 166 -3.93 -96.88 19.07
C CYS Z 166 -4.50 -98.21 18.60
N LEU Z 167 -5.65 -98.18 17.94
CA LEU Z 167 -6.29 -99.36 17.39
C LEU Z 167 -6.21 -99.27 15.88
N SER Z 168 -5.38 -100.14 15.29
CA SER Z 168 -5.27 -100.21 13.84
C SER Z 168 -6.45 -100.95 13.24
N LYS Z 169 -6.80 -102.08 13.83
CA LYS Z 169 -7.82 -102.98 13.33
C LYS Z 169 -8.67 -103.42 14.50
N VAL Z 170 -9.99 -103.33 14.33
CA VAL Z 170 -10.92 -103.48 15.42
C VAL Z 170 -11.81 -104.68 15.14
N TYR Z 171 -11.98 -105.54 16.14
CA TYR Z 171 -12.77 -106.75 16.03
C TYR Z 171 -13.98 -106.68 16.95
N PRO Z 172 -15.05 -107.39 16.62
CA PRO Z 172 -16.18 -107.48 17.54
C PRO Z 172 -15.82 -108.25 18.80
N LYS Z 173 -16.65 -108.08 19.83
CA LYS Z 173 -16.44 -108.83 21.05
C LYS Z 173 -16.63 -110.32 20.81
N THR Z 174 -16.05 -111.12 21.71
CA THR Z 174 -16.00 -112.56 21.53
C THR Z 174 -17.39 -113.13 21.24
N ASP Z 175 -18.39 -112.76 22.03
CA ASP Z 175 -19.71 -113.33 21.84
C ASP Z 175 -20.46 -112.69 20.69
N THR Z 176 -20.32 -111.37 20.53
CA THR Z 176 -21.16 -110.65 19.58
C THR Z 176 -20.59 -110.77 18.16
N VAL Z 177 -21.30 -110.15 17.21
CA VAL Z 177 -20.86 -110.09 15.83
C VAL Z 177 -21.45 -108.82 15.25
N TRP Z 178 -20.84 -108.34 14.17
CA TRP Z 178 -21.25 -107.07 13.57
C TRP Z 178 -22.03 -107.34 12.29
N PRO Z 179 -23.34 -107.19 12.27
CA PRO Z 179 -24.07 -107.30 11.01
C PRO Z 179 -23.88 -106.04 10.18
N VAL Z 180 -23.86 -106.22 8.86
CA VAL Z 180 -23.82 -105.03 8.04
C VAL Z 180 -25.22 -104.41 7.95
N SER Z 181 -26.26 -105.23 8.09
CA SER Z 181 -27.62 -104.73 8.10
C SER Z 181 -27.91 -103.85 9.29
N SER Z 182 -27.09 -103.95 10.33
CA SER Z 182 -27.24 -103.18 11.55
C SER Z 182 -26.38 -101.92 11.57
N MET Z 183 -25.71 -101.60 10.46
CA MET Z 183 -24.57 -100.68 10.48
C MET Z 183 -24.94 -99.32 11.06
N ARG Z 184 -26.03 -98.71 10.60
CA ARG Z 184 -26.24 -97.31 10.95
C ARG Z 184 -26.76 -97.08 12.36
N GLU Z 185 -27.47 -98.03 12.97
CA GLU Z 185 -27.70 -97.91 14.40
C GLU Z 185 -26.48 -98.54 15.05
N LEU Z 186 -25.86 -97.84 15.97
CA LEU Z 186 -24.47 -98.19 16.26
C LEU Z 186 -24.55 -99.22 17.37
N ASP Z 187 -24.46 -100.48 16.98
CA ASP Z 187 -24.33 -101.60 17.89
C ASP Z 187 -22.93 -102.20 17.94
N TYR Z 188 -21.98 -101.71 17.15
CA TYR Z 188 -20.75 -102.47 17.01
C TYR Z 188 -19.91 -102.22 18.24
N VAL Z 189 -19.65 -103.28 19.00
CA VAL Z 189 -18.98 -103.18 20.28
C VAL Z 189 -17.65 -103.87 20.17
N ALA Z 190 -16.58 -103.12 20.40
CA ALA Z 190 -15.25 -103.66 20.51
C ALA Z 190 -14.84 -103.64 21.97
N SER Z 191 -14.06 -104.62 22.36
CA SER Z 191 -13.47 -104.63 23.69
C SER Z 191 -11.97 -104.47 23.50
N THR Z 192 -11.45 -103.30 23.88
CA THR Z 192 -10.03 -103.02 23.73
C THR Z 192 -9.32 -103.54 24.96
N VAL Z 193 -8.40 -104.48 24.76
CA VAL Z 193 -7.78 -105.22 25.85
C VAL Z 193 -6.30 -105.39 25.54
N SER Z 194 -5.46 -105.08 26.53
CA SER Z 194 -4.04 -105.40 26.45
C SER Z 194 -3.87 -106.87 26.82
N GLY Z 195 -2.64 -107.32 27.07
CA GLY Z 195 -2.51 -108.73 27.33
C GLY Z 195 -3.29 -109.20 28.54
N ASP Z 196 -2.98 -108.68 29.72
CA ASP Z 196 -3.82 -108.87 30.89
C ASP Z 196 -4.72 -107.69 31.20
N ASN Z 197 -4.62 -106.60 30.45
CA ASN Z 197 -5.18 -105.32 30.87
C ASN Z 197 -6.39 -104.97 30.00
N ALA Z 198 -7.49 -104.63 30.65
CA ALA Z 198 -8.64 -104.08 29.95
C ALA Z 198 -8.41 -102.58 29.75
N ILE Z 199 -8.40 -102.14 28.51
CA ILE Z 199 -8.15 -100.74 28.19
C ILE Z 199 -9.45 -99.97 28.33
N ILE Z 200 -9.40 -98.86 29.09
CA ILE Z 200 -10.49 -97.89 29.04
C ILE Z 200 -10.28 -97.06 27.79
N PRO Z 201 -11.20 -97.09 26.82
CA PRO Z 201 -10.92 -96.50 25.51
C PRO Z 201 -10.58 -95.02 25.56
N SER Z 202 -11.26 -94.25 26.41
CA SER Z 202 -11.01 -92.82 26.48
C SER Z 202 -9.58 -92.49 26.88
N THR Z 203 -8.89 -93.41 27.55
CA THR Z 203 -7.58 -93.09 28.07
C THR Z 203 -6.50 -93.14 27.00
N ILE Z 204 -6.59 -94.09 26.06
CA ILE Z 204 -5.58 -94.20 25.02
C ILE Z 204 -5.81 -93.21 23.89
N PHE Z 205 -7.06 -92.96 23.53
CA PHE Z 205 -7.36 -92.21 22.33
C PHE Z 205 -7.01 -90.73 22.51
N ASN Z 206 -6.82 -90.07 21.38
CA ASN Z 206 -6.26 -88.72 21.40
C ASN Z 206 -7.34 -87.68 21.69
N LYS Z 207 -8.23 -87.43 20.74
CA LYS Z 207 -9.34 -86.54 20.96
C LYS Z 207 -10.47 -87.31 21.59
N ASN Z 208 -10.85 -86.90 22.80
CA ASN Z 208 -11.98 -87.49 23.53
C ASN Z 208 -12.90 -86.35 23.92
N ARG Z 209 -14.08 -86.33 23.36
CA ARG Z 209 -15.09 -85.34 23.68
C ARG Z 209 -16.07 -85.94 24.68
N TYR Z 210 -16.21 -85.28 25.83
CA TYR Z 210 -17.20 -85.73 26.80
C TYR Z 210 -18.47 -84.96 26.52
N TRP Z 211 -19.47 -85.64 26.00
CA TRP Z 211 -20.63 -85.01 25.40
C TRP Z 211 -21.83 -85.32 26.25
N LYS Z 212 -22.42 -84.27 26.81
CA LYS Z 212 -23.46 -84.38 27.81
C LYS Z 212 -24.81 -84.09 27.21
N GLN Z 213 -25.84 -84.15 28.06
CA GLN Z 213 -27.18 -83.82 27.66
C GLN Z 213 -27.31 -82.31 27.58
N GLY Z 214 -27.71 -81.82 26.41
CA GLY Z 214 -27.80 -80.39 26.17
C GLY Z 214 -26.65 -79.81 25.40
N ASP Z 215 -25.54 -80.53 25.28
CA ASP Z 215 -24.44 -80.04 24.47
C ASP Z 215 -24.82 -79.94 23.01
N ASP Z 216 -24.10 -79.10 22.30
CA ASP Z 216 -24.36 -78.92 20.88
C ASP Z 216 -24.04 -80.20 20.13
N ALA Z 217 -24.60 -80.33 18.94
CA ALA Z 217 -24.38 -81.50 18.12
C ALA Z 217 -22.91 -81.64 17.78
N LEU Z 218 -22.46 -82.88 17.61
CA LEU Z 218 -21.09 -83.19 17.27
C LEU Z 218 -21.01 -83.45 15.77
N HIS Z 219 -20.27 -82.60 15.06
CA HIS Z 219 -20.18 -82.67 13.61
C HIS Z 219 -18.82 -83.19 13.22
N PHE Z 220 -18.80 -84.23 12.37
CA PHE Z 220 -17.55 -84.81 11.93
C PHE Z 220 -17.60 -84.94 10.42
N SER Z 221 -16.52 -84.55 9.76
CA SER Z 221 -16.48 -84.50 8.32
C SER Z 221 -15.12 -85.00 7.83
N HIS Z 222 -15.11 -85.49 6.61
CA HIS Z 222 -13.86 -85.87 5.95
C HIS Z 222 -13.95 -85.44 4.50
N ASP Z 223 -12.96 -84.69 4.03
CA ASP Z 223 -12.90 -84.26 2.65
C ASP Z 223 -12.04 -85.24 1.86
N LEU Z 224 -12.55 -85.70 0.73
CA LEU Z 224 -11.79 -86.52 -0.20
C LEU Z 224 -11.41 -85.69 -1.41
N ASP Z 225 -10.13 -85.64 -1.71
CA ASP Z 225 -9.67 -85.12 -3.00
C ASP Z 225 -9.04 -86.28 -3.75
N LEU Z 226 -9.74 -86.76 -4.78
CA LEU Z 226 -9.29 -87.86 -5.60
C LEU Z 226 -8.90 -87.30 -6.96
N GLY Z 227 -7.86 -87.86 -7.54
CA GLY Z 227 -7.58 -87.46 -8.90
C GLY Z 227 -8.33 -88.25 -9.93
N PHE Z 228 -9.19 -89.16 -9.51
CA PHE Z 228 -9.81 -90.11 -10.41
C PHE Z 228 -11.26 -90.29 -9.99
N TRP Z 229 -11.94 -91.20 -10.67
CA TRP Z 229 -13.37 -91.39 -10.56
C TRP Z 229 -13.64 -92.88 -10.43
N PHE Z 230 -14.86 -93.23 -10.06
CA PHE Z 230 -15.24 -94.62 -9.92
C PHE Z 230 -16.36 -94.96 -10.88
N GLY Z 231 -16.24 -96.11 -11.53
CA GLY Z 231 -17.26 -96.52 -12.47
C GLY Z 231 -18.19 -97.60 -11.98
N SER Z 232 -17.89 -98.20 -10.83
CA SER Z 232 -18.66 -99.31 -10.31
C SER Z 232 -19.24 -98.94 -8.96
N ASP Z 233 -20.00 -99.85 -8.37
CA ASP Z 233 -20.53 -99.62 -7.05
C ASP Z 233 -19.46 -99.83 -6.00
N TYR Z 234 -19.62 -99.17 -4.85
CA TYR Z 234 -18.65 -99.34 -3.78
C TYR Z 234 -18.65 -100.77 -3.25
N GLY Z 235 -19.83 -101.33 -2.99
CA GLY Z 235 -19.90 -102.74 -2.66
C GLY Z 235 -19.16 -103.09 -1.39
N ASN Z 236 -19.55 -102.47 -0.28
CA ASN Z 236 -18.91 -102.60 1.04
C ASN Z 236 -17.41 -102.37 0.95
N ALA Z 237 -17.04 -101.25 0.35
CA ALA Z 237 -15.69 -100.72 0.36
C ALA Z 237 -15.59 -99.58 1.36
N TYR Z 238 -14.43 -99.47 2.00
CA TYR Z 238 -14.16 -98.27 2.76
C TYR Z 238 -14.20 -97.07 1.83
N VAL Z 239 -14.78 -95.98 2.29
CA VAL Z 239 -14.69 -94.74 1.52
C VAL Z 239 -13.22 -94.39 1.30
N PRO Z 240 -12.81 -94.04 0.09
CA PRO Z 240 -11.39 -94.15 -0.30
C PRO Z 240 -10.43 -93.47 0.66
N GLN Z 241 -9.37 -94.20 0.99
CA GLN Z 241 -8.36 -93.77 1.94
C GLN Z 241 -7.02 -94.28 1.45
N ASN Z 242 -5.96 -93.55 1.75
CA ASN Z 242 -4.60 -94.00 1.51
C ASN Z 242 -3.94 -94.20 2.86
N ASN Z 243 -3.64 -95.45 3.20
CA ASN Z 243 -3.15 -95.71 4.55
C ASN Z 243 -2.21 -96.91 4.56
N ASP Z 244 -1.71 -97.20 5.74
CA ASP Z 244 -1.03 -98.46 5.99
C ASP Z 244 -1.96 -99.64 5.77
N SER Z 245 -3.23 -99.46 6.12
CA SER Z 245 -4.19 -100.55 5.97
C SER Z 245 -4.77 -100.63 4.56
N MET Z 246 -4.91 -99.52 3.85
CA MET Z 246 -5.70 -99.56 2.64
C MET Z 246 -5.31 -98.44 1.69
N ASN Z 247 -5.65 -98.63 0.41
CA ASN Z 247 -5.42 -97.63 -0.62
C ASN Z 247 -6.71 -97.32 -1.36
N ALA Z 248 -6.76 -96.13 -1.95
CA ALA Z 248 -8.01 -95.59 -2.47
C ALA Z 248 -8.42 -96.20 -3.79
N VAL Z 249 -7.46 -96.63 -4.61
CA VAL Z 249 -7.72 -97.11 -5.95
C VAL Z 249 -7.67 -98.63 -5.94
N GLY Z 250 -8.65 -99.26 -6.59
CA GLY Z 250 -8.85 -100.68 -6.42
C GLY Z 250 -8.38 -101.61 -7.50
N THR Z 251 -8.05 -101.08 -8.67
CA THR Z 251 -7.65 -101.92 -9.78
C THR Z 251 -6.16 -102.19 -9.72
N ILE Z 252 -5.78 -103.44 -9.97
CA ILE Z 252 -4.38 -103.80 -10.10
C ILE Z 252 -3.87 -103.16 -11.39
N PRO Z 253 -2.88 -102.29 -11.32
CA PRO Z 253 -2.30 -101.74 -12.54
C PRO Z 253 -1.59 -102.81 -13.35
N THR Z 254 -1.57 -102.62 -14.67
CA THR Z 254 -1.13 -103.64 -15.60
C THR Z 254 -0.05 -103.08 -16.52
N SER Z 255 0.62 -103.99 -17.22
CA SER Z 255 1.96 -103.73 -17.73
C SER Z 255 1.98 -102.75 -18.89
N LYS Z 256 3.11 -102.05 -19.01
CA LYS Z 256 3.50 -101.33 -20.23
C LYS Z 256 2.56 -100.18 -20.55
N HIS Z 257 2.09 -99.49 -19.52
CA HIS Z 257 1.35 -98.25 -19.69
C HIS Z 257 1.20 -97.59 -18.33
N ILE Z 258 0.50 -96.46 -18.32
CA ILE Z 258 0.39 -95.61 -17.14
C ILE Z 258 -0.93 -95.91 -16.45
N ASN Z 259 -0.91 -95.91 -15.12
CA ASN Z 259 -2.08 -96.27 -14.33
C ASN Z 259 -2.21 -95.29 -13.18
N VAL Z 260 -3.44 -95.04 -12.77
CA VAL Z 260 -3.65 -94.15 -11.64
C VAL Z 260 -3.33 -94.91 -10.36
N ARG Z 261 -2.50 -94.29 -9.53
CA ARG Z 261 -1.93 -94.92 -8.35
C ARG Z 261 -2.21 -94.04 -7.14
N GLY Z 262 -2.61 -94.65 -6.03
CA GLY Z 262 -2.82 -93.90 -4.82
C GLY Z 262 -1.52 -93.31 -4.30
N VAL Z 263 -1.65 -92.17 -3.63
CA VAL Z 263 -0.49 -91.46 -3.11
C VAL Z 263 -0.95 -90.61 -1.94
N ASN Z 264 -0.02 -90.26 -1.05
CA ASN Z 264 -0.10 -89.17 -0.07
C ASN Z 264 -0.77 -89.40 1.29
N ASN Z 265 -1.34 -90.55 1.60
CA ASN Z 265 -1.87 -90.77 2.96
C ASN Z 265 -2.93 -89.74 3.34
N ARG Z 266 -4.11 -89.91 2.75
CA ARG Z 266 -5.33 -89.33 3.30
C ARG Z 266 -6.12 -90.48 3.91
N GLY Z 267 -6.52 -90.33 5.16
CA GLY Z 267 -7.26 -91.38 5.83
C GLY Z 267 -8.17 -90.81 6.88
N MET Z 268 -8.99 -91.67 7.47
CA MET Z 268 -9.94 -91.24 8.50
C MET Z 268 -9.60 -91.81 9.88
N ALA Z 269 -9.79 -90.99 10.91
CA ALA Z 269 -9.51 -91.40 12.28
C ALA Z 269 -10.61 -92.32 12.78
N GLY Z 270 -10.22 -93.36 13.51
CA GLY Z 270 -11.18 -94.30 14.06
C GLY Z 270 -12.05 -93.73 15.15
N HIS Z 271 -13.23 -93.23 14.78
CA HIS Z 271 -14.15 -92.66 15.75
C HIS Z 271 -14.72 -93.77 16.62
N TYR Z 272 -15.05 -93.45 17.87
CA TYR Z 272 -15.58 -94.45 18.78
C TYR Z 272 -16.47 -93.77 19.81
N LEU Z 273 -17.33 -94.57 20.43
CA LEU Z 273 -18.21 -94.11 21.48
C LEU Z 273 -18.05 -95.02 22.69
N SER Z 274 -17.99 -94.40 23.87
CA SER Z 274 -17.80 -95.15 25.10
C SER Z 274 -18.36 -94.34 26.25
N PHE Z 275 -18.55 -95.01 27.38
CA PHE Z 275 -19.02 -94.32 28.56
C PHE Z 275 -17.94 -94.33 29.63
N PRO Z 276 -17.87 -93.31 30.47
CA PRO Z 276 -16.88 -93.28 31.52
C PRO Z 276 -17.16 -94.36 32.55
N PRO Z 277 -16.12 -95.02 33.05
CA PRO Z 277 -16.36 -95.98 34.14
C PRO Z 277 -16.89 -95.27 35.37
N ILE Z 278 -18.00 -95.77 35.89
CA ILE Z 278 -18.57 -95.26 37.12
C ILE Z 278 -18.89 -96.48 37.98
N ARG Z 279 -18.22 -96.60 39.11
CA ARG Z 279 -18.46 -97.74 39.97
C ARG Z 279 -19.76 -97.56 40.75
N THR Z 280 -20.42 -98.68 40.99
CA THR Z 280 -21.64 -98.73 41.77
C THR Z 280 -21.46 -99.68 42.95
N ASN Z 281 -22.54 -99.86 43.71
CA ASN Z 281 -22.56 -100.91 44.71
C ASN Z 281 -22.24 -102.26 44.09
N ASP Z 282 -22.68 -102.50 42.86
CA ASP Z 282 -22.36 -103.71 42.11
C ASP Z 282 -21.92 -103.34 40.71
N GLY Z 283 -20.68 -103.66 40.37
CA GLY Z 283 -20.23 -103.48 39.01
C GLY Z 283 -20.13 -102.01 38.61
N GLN Z 284 -20.58 -101.72 37.40
CA GLN Z 284 -20.42 -100.42 36.78
C GLN Z 284 -21.77 -99.75 36.61
N PHE Z 285 -21.75 -98.42 36.59
CA PHE Z 285 -22.97 -97.66 36.40
C PHE Z 285 -23.51 -97.97 35.02
N LYS Z 286 -24.82 -98.13 34.92
CA LYS Z 286 -25.41 -98.50 33.64
C LYS Z 286 -25.83 -97.22 32.95
N LEU Z 287 -25.10 -96.85 31.90
CA LEU Z 287 -25.43 -95.69 31.09
C LEU Z 287 -25.91 -96.17 29.74
N ASN Z 288 -27.02 -95.60 29.31
CA ASN Z 288 -27.60 -95.87 28.03
C ASN Z 288 -27.69 -94.53 27.33
N ALA Z 289 -27.51 -94.52 26.02
CA ALA Z 289 -27.50 -93.26 25.29
C ALA Z 289 -28.45 -93.33 24.12
N GLN Z 290 -29.12 -92.22 23.85
CA GLN Z 290 -29.77 -91.99 22.58
C GLN Z 290 -29.19 -90.74 21.94
N PHE Z 291 -29.08 -90.75 20.63
CA PHE Z 291 -28.80 -89.55 19.87
C PHE Z 291 -29.26 -89.78 18.44
N THR Z 292 -29.40 -88.69 17.70
CA THR Z 292 -29.74 -88.78 16.30
C THR Z 292 -28.48 -88.80 15.48
N LEU Z 293 -28.45 -89.67 14.49
CA LEU Z 293 -27.31 -89.79 13.57
C LEU Z 293 -27.74 -89.22 12.24
N GLU Z 294 -27.16 -88.09 11.86
CA GLU Z 294 -27.34 -87.51 10.55
C GLU Z 294 -26.05 -87.68 9.78
N THR Z 295 -26.06 -88.52 8.75
CA THR Z 295 -24.91 -88.70 7.89
C THR Z 295 -25.16 -88.03 6.55
N GLU Z 296 -24.10 -87.51 5.96
CA GLU Z 296 -24.17 -86.93 4.62
C GLU Z 296 -22.93 -87.33 3.85
N ILE Z 297 -23.13 -87.81 2.64
CA ILE Z 297 -22.05 -88.09 1.71
C ILE Z 297 -22.34 -87.33 0.43
N GLU Z 298 -21.36 -86.58 -0.05
CA GLU Z 298 -21.54 -85.70 -1.20
C GLU Z 298 -20.82 -86.30 -2.39
N PHE Z 299 -21.56 -86.77 -3.37
CA PHE Z 299 -20.96 -87.34 -4.57
C PHE Z 299 -20.84 -86.30 -5.66
N GLU Z 300 -19.74 -86.37 -6.40
CA GLU Z 300 -19.65 -85.77 -7.72
C GLU Z 300 -19.85 -86.87 -8.75
N PHE Z 301 -20.55 -86.56 -9.83
CA PHE Z 301 -20.70 -87.53 -10.90
C PHE Z 301 -20.54 -86.82 -12.24
N ARG Z 302 -20.40 -87.62 -13.28
CA ARG Z 302 -20.01 -87.13 -14.58
C ARG Z 302 -20.69 -87.99 -15.64
N LEU Z 303 -21.07 -87.36 -16.75
CA LEU Z 303 -21.97 -88.01 -17.68
C LEU Z 303 -21.21 -88.54 -18.90
N TRP Z 304 -21.98 -89.12 -19.81
CA TRP Z 304 -21.48 -89.89 -20.94
C TRP Z 304 -20.94 -88.98 -22.04
N GLU Z 305 -20.14 -89.57 -22.91
CA GLU Z 305 -19.52 -88.84 -24.02
C GLU Z 305 -20.58 -88.33 -24.98
N GLN Z 306 -20.40 -87.11 -25.46
CA GLN Z 306 -21.29 -86.56 -26.46
C GLN Z 306 -21.00 -87.16 -27.82
N GLY Z 307 -22.00 -87.09 -28.69
CA GLY Z 307 -21.83 -87.54 -30.04
C GLY Z 307 -22.26 -88.98 -30.22
N VAL Z 308 -21.94 -89.51 -31.40
CA VAL Z 308 -22.25 -90.89 -31.69
C VAL Z 308 -21.51 -91.82 -30.73
N GLN Z 309 -20.40 -91.34 -30.15
CA GLN Z 309 -19.68 -92.15 -29.18
C GLN Z 309 -20.55 -92.53 -28.00
N GLY Z 310 -21.51 -91.68 -27.64
CA GLY Z 310 -22.39 -91.91 -26.52
C GLY Z 310 -23.67 -92.64 -26.84
N ILE Z 311 -23.85 -93.12 -28.07
CA ILE Z 311 -25.02 -93.90 -28.42
C ILE Z 311 -24.92 -95.28 -27.78
N ASN Z 312 -26.02 -95.74 -27.18
CA ASN Z 312 -26.01 -97.01 -26.45
C ASN Z 312 -25.47 -98.15 -27.29
N SER Z 313 -25.93 -98.27 -28.53
CA SER Z 313 -25.56 -99.43 -29.33
C SER Z 313 -24.08 -99.43 -29.66
N VAL Z 314 -23.51 -98.28 -30.00
CA VAL Z 314 -22.11 -98.21 -30.38
C VAL Z 314 -21.20 -97.79 -29.24
N HIS Z 315 -21.74 -97.50 -28.06
CA HIS Z 315 -20.88 -97.10 -26.96
C HIS Z 315 -20.11 -98.27 -26.38
N THR Z 316 -20.58 -99.50 -26.58
CA THR Z 316 -19.85 -100.64 -26.05
C THR Z 316 -18.46 -100.71 -26.64
N ASN Z 317 -18.36 -100.71 -27.96
CA ASN Z 317 -17.08 -100.81 -28.65
C ASN Z 317 -16.45 -99.46 -28.99
N LEU Z 318 -17.16 -98.35 -28.85
CA LEU Z 318 -16.55 -97.03 -28.91
C LEU Z 318 -16.22 -96.44 -27.56
N ASN Z 319 -16.46 -97.16 -26.48
CA ASN Z 319 -16.06 -96.69 -25.17
C ASN Z 319 -14.57 -96.40 -25.16
N PRO Z 320 -14.12 -95.26 -24.64
CA PRO Z 320 -12.69 -94.97 -24.61
C PRO Z 320 -11.93 -95.99 -23.79
N ALA Z 321 -10.81 -96.46 -24.33
CA ALA Z 321 -9.95 -97.33 -23.54
C ALA Z 321 -9.19 -96.57 -22.47
N ASN Z 322 -9.19 -95.25 -22.51
CA ASN Z 322 -8.55 -94.45 -21.49
C ASN Z 322 -9.48 -94.12 -20.34
N ASP Z 323 -10.69 -94.67 -20.33
CA ASP Z 323 -11.46 -94.66 -19.09
C ASP Z 323 -10.64 -95.22 -17.96
N SER Z 324 -9.97 -96.35 -18.20
CA SER Z 324 -9.13 -96.96 -17.19
C SER Z 324 -8.10 -96.00 -16.65
N LEU Z 325 -7.83 -94.95 -17.39
CA LEU Z 325 -6.86 -93.96 -16.93
C LEU Z 325 -7.45 -93.12 -15.80
N TRP Z 326 -8.62 -92.52 -16.02
CA TRP Z 326 -9.30 -91.74 -14.98
C TRP Z 326 -10.46 -92.48 -14.29
N ILE Z 327 -10.86 -93.67 -14.70
CA ILE Z 327 -11.97 -94.34 -14.00
C ILE Z 327 -11.53 -95.61 -13.30
N GLN Z 328 -11.63 -95.66 -11.98
CA GLN Z 328 -10.77 -96.56 -11.23
C GLN Z 328 -11.34 -97.56 -10.24
N SER Z 329 -12.65 -97.69 -10.14
CA SER Z 329 -13.33 -98.59 -9.18
C SER Z 329 -13.10 -98.22 -7.70
N TYR Z 330 -13.22 -99.20 -6.79
CA TYR Z 330 -13.07 -98.94 -5.35
C TYR Z 330 -11.85 -99.64 -4.77
N GLY Z 331 -11.15 -98.99 -3.85
CA GLY Z 331 -9.87 -99.53 -3.47
C GLY Z 331 -9.85 -100.73 -2.56
N SER Z 332 -10.48 -100.61 -1.40
CA SER Z 332 -10.30 -101.60 -0.36
C SER Z 332 -11.62 -101.84 0.34
N LEU Z 333 -11.90 -103.11 0.59
CA LEU Z 333 -13.20 -103.53 1.09
C LEU Z 333 -13.12 -103.79 2.58
N VAL Z 334 -14.21 -103.51 3.28
CA VAL Z 334 -14.33 -104.05 4.62
C VAL Z 334 -14.39 -105.55 4.50
N SER Z 335 -14.01 -106.24 5.57
CA SER Z 335 -13.92 -107.68 5.53
C SER Z 335 -15.28 -108.23 5.96
N ILE Z 336 -15.99 -108.86 5.03
CA ILE Z 336 -17.35 -109.30 5.22
C ILE Z 336 -17.40 -110.79 4.93
N THR Z 337 -17.68 -111.59 5.94
CA THR Z 337 -18.11 -112.96 5.71
C THR Z 337 -19.61 -113.01 6.00
N GLU Z 338 -20.34 -113.73 5.15
CA GLU Z 338 -21.80 -113.74 5.18
C GLU Z 338 -22.24 -112.27 5.10
N SER Z 339 -23.16 -111.83 5.94
CA SER Z 339 -23.55 -110.43 6.03
C SER Z 339 -22.80 -109.68 7.12
N LYS Z 340 -21.84 -110.32 7.78
CA LYS Z 340 -21.31 -109.85 9.05
C LYS Z 340 -19.90 -109.31 8.88
N ILE Z 341 -19.64 -108.15 9.47
CA ILE Z 341 -18.32 -107.52 9.38
C ILE Z 341 -17.34 -108.28 10.25
N ASN Z 342 -16.20 -108.67 9.67
CA ASN Z 342 -15.18 -109.37 10.44
C ASN Z 342 -14.37 -108.42 11.29
N ASN Z 343 -13.98 -107.29 10.72
CA ASN Z 343 -13.14 -106.31 11.40
C ASN Z 343 -13.34 -104.97 10.72
N ILE Z 344 -12.94 -103.92 11.41
CA ILE Z 344 -12.91 -102.59 10.80
C ILE Z 344 -11.52 -102.02 10.96
N GLN Z 345 -10.96 -101.55 9.87
CA GLN Z 345 -9.66 -100.89 9.84
C GLN Z 345 -9.89 -99.39 9.75
N PHE Z 346 -9.05 -98.62 10.43
CA PHE Z 346 -9.23 -97.18 10.42
C PHE Z 346 -8.14 -96.43 9.66
N GLY Z 347 -6.90 -96.48 10.14
CA GLY Z 347 -5.82 -95.81 9.45
C GLY Z 347 -5.99 -94.37 9.02
N PRO Z 348 -5.88 -93.45 9.98
CA PRO Z 348 -6.03 -92.00 9.84
C PRO Z 348 -4.87 -91.35 9.14
N THR Z 349 -5.00 -90.09 8.76
CA THR Z 349 -3.88 -89.41 8.16
C THR Z 349 -3.10 -89.12 9.40
N CYS Z 350 -2.03 -89.87 9.65
CA CYS Z 350 -1.32 -89.67 10.88
C CYS Z 350 -0.50 -88.41 10.83
N PRO Z 351 -0.45 -87.71 11.97
CA PRO Z 351 0.24 -86.42 12.07
C PRO Z 351 1.74 -86.53 12.00
N ARG Z 352 2.32 -87.70 12.22
CA ARG Z 352 3.77 -87.83 12.18
C ARG Z 352 4.31 -88.17 10.80
N VAL Z 353 3.46 -88.44 9.82
CA VAL Z 353 3.90 -88.42 8.44
C VAL Z 353 4.28 -87.00 8.06
N ASP Z 354 5.31 -86.87 7.23
CA ASP Z 354 5.75 -85.56 6.77
C ASP Z 354 4.58 -84.81 6.16
N ALA Z 355 4.42 -83.54 6.55
CA ALA Z 355 3.33 -82.74 6.04
C ALA Z 355 3.36 -82.62 4.53
N ARG Z 356 4.52 -82.83 3.91
CA ARG Z 356 4.60 -82.79 2.46
C ARG Z 356 3.94 -84.00 1.83
N ASN Z 357 3.88 -85.11 2.55
CA ASN Z 357 3.16 -86.28 2.07
C ASN Z 357 1.66 -86.16 2.28
N LYS Z 358 1.22 -85.42 3.29
CA LYS Z 358 -0.17 -85.47 3.72
C LYS Z 358 -1.09 -84.59 2.89
N GLY Z 359 -0.58 -83.96 1.84
CA GLY Z 359 -1.34 -82.95 1.13
C GLY Z 359 -2.51 -83.47 0.31
N GLY Z 360 -3.00 -82.63 -0.60
CA GLY Z 360 -4.33 -82.80 -1.14
C GLY Z 360 -4.67 -84.00 -1.99
N LYS Z 361 -3.94 -84.22 -3.07
CA LYS Z 361 -4.38 -85.12 -4.12
C LYS Z 361 -4.10 -86.57 -3.77
N MET Z 362 -5.12 -87.41 -3.80
CA MET Z 362 -4.99 -88.79 -3.36
C MET Z 362 -4.56 -89.76 -4.44
N SER Z 363 -4.29 -89.31 -5.65
CA SER Z 363 -3.85 -90.25 -6.66
C SER Z 363 -2.87 -89.56 -7.60
N MET Z 364 -2.08 -90.37 -8.25
CA MET Z 364 -1.14 -89.90 -9.26
C MET Z 364 -1.24 -90.85 -10.43
N LEU Z 365 -0.92 -90.35 -11.60
CA LEU Z 365 -1.02 -91.14 -12.82
C LEU Z 365 0.39 -91.58 -13.15
N PHE Z 366 0.70 -92.82 -12.79
CA PHE Z 366 2.03 -93.38 -12.84
C PHE Z 366 2.08 -94.71 -13.58
N ASP Z 367 3.11 -94.89 -14.38
CA ASP Z 367 3.27 -96.09 -15.18
C ASP Z 367 3.64 -97.36 -14.44
N HIS Z 368 3.36 -98.49 -15.08
CA HIS Z 368 3.71 -99.78 -14.53
C HIS Z 368 4.46 -100.57 -15.59
N HIS Z 369 5.58 -101.17 -15.21
CA HIS Z 369 6.36 -101.96 -16.16
C HIS Z 369 6.16 -103.46 -15.95
N GLU AA 36 44.91 -63.72 8.12
CA GLU AA 36 44.01 -64.16 7.06
C GLU AA 36 43.89 -65.68 7.09
N GLY AA 37 42.78 -66.21 6.58
CA GLY AA 37 42.56 -67.63 6.59
C GLY AA 37 41.92 -68.10 7.87
N ASP AA 38 41.76 -69.41 7.98
CA ASP AA 38 41.17 -70.01 9.16
C ASP AA 38 42.19 -70.25 10.27
N GLY AA 39 43.44 -69.88 10.05
CA GLY AA 39 44.49 -70.05 11.04
C GLY AA 39 45.47 -71.15 10.72
N SER AA 40 45.12 -72.01 9.78
CA SER AA 40 45.95 -73.15 9.40
C SER AA 40 47.31 -72.82 8.85
N ALA AA 41 47.56 -71.54 8.59
CA ALA AA 41 48.84 -71.09 8.04
C ALA AA 41 49.97 -71.12 9.06
N PRO AA 42 51.21 -71.04 8.61
CA PRO AA 42 52.28 -71.08 9.59
C PRO AA 42 52.27 -69.94 10.61
N GLY AA 43 51.92 -68.71 10.27
CA GLY AA 43 51.95 -67.63 11.25
C GLY AA 43 50.62 -66.97 11.57
N GLY AA 44 50.51 -66.31 12.71
CA GLY AA 44 49.28 -65.66 13.11
C GLY AA 44 48.48 -66.40 14.17
N SER AA 45 47.18 -66.56 13.96
CA SER AA 45 46.31 -67.25 14.91
C SER AA 45 46.32 -68.77 14.80
N VAL AA 46 46.02 -69.46 15.89
CA VAL AA 46 46.02 -70.90 16.00
C VAL AA 46 44.77 -71.53 15.43
N TRP AA 47 44.94 -72.50 14.55
CA TRP AA 47 43.77 -73.20 14.03
C TRP AA 47 43.34 -74.05 15.19
N GLN AA 48 42.07 -73.98 15.56
CA GLN AA 48 41.62 -74.76 16.68
C GLN AA 48 40.37 -75.55 16.31
N THR AA 49 40.22 -76.69 16.97
CA THR AA 49 39.18 -77.65 16.66
C THR AA 49 37.82 -77.17 17.11
N THR AA 50 36.78 -77.81 16.56
CA THR AA 50 35.41 -77.42 16.85
C THR AA 50 35.06 -77.64 18.31
N ASP AA 51 34.05 -76.90 18.76
CA ASP AA 51 33.62 -76.90 20.15
C ASP AA 51 32.75 -78.11 20.45
N TYR AA 52 33.14 -78.89 21.45
CA TYR AA 52 32.31 -80.00 21.90
C TYR AA 52 31.35 -79.65 23.03
N ILE AA 53 31.43 -78.45 23.61
CA ILE AA 53 30.52 -78.11 24.70
C ILE AA 53 29.12 -77.88 24.17
N ALA AA 54 28.99 -77.09 23.10
CA ALA AA 54 27.70 -76.58 22.67
C ALA AA 54 26.66 -77.67 22.57
N LEU AA 55 27.03 -78.84 22.06
CA LEU AA 55 26.07 -79.93 21.94
C LEU AA 55 25.88 -80.70 23.23
N SER AA 56 26.82 -80.64 24.15
CA SER AA 56 26.59 -81.30 25.43
C SER AA 56 25.73 -80.49 26.37
N MET AA 57 25.63 -79.17 26.16
CA MET AA 57 24.81 -78.32 27.00
C MET AA 57 23.40 -78.13 26.50
N VAL AA 58 23.08 -78.57 25.29
CA VAL AA 58 21.74 -78.32 24.76
C VAL AA 58 20.73 -79.10 25.60
N VAL AA 59 19.71 -78.40 26.07
CA VAL AA 59 18.69 -78.97 26.93
C VAL AA 59 17.49 -79.31 26.07
N TYR AA 60 17.11 -80.58 26.06
CA TYR AA 60 15.94 -81.04 25.34
C TYR AA 60 14.82 -81.23 26.34
N ARG AA 61 13.60 -80.97 25.91
CA ARG AA 61 12.48 -80.81 26.82
C ARG AA 61 11.33 -81.67 26.34
N THR AA 62 10.92 -82.64 27.17
CA THR AA 62 9.82 -83.52 26.84
C THR AA 62 8.78 -83.53 27.95
N ALA AA 63 7.76 -84.38 27.83
CA ALA AA 63 6.75 -84.48 28.86
C ALA AA 63 6.10 -85.85 28.79
N ILE AA 64 5.43 -86.22 29.87
CA ILE AA 64 4.65 -87.45 29.95
C ILE AA 64 3.26 -87.09 30.41
N LYS AA 65 2.27 -87.33 29.56
CA LYS AA 65 0.89 -87.01 29.85
C LYS AA 65 0.10 -88.31 29.92
N LEU AA 66 -0.75 -88.42 30.94
CA LEU AA 66 -1.53 -89.63 31.17
C LEU AA 66 -2.91 -89.24 31.66
N ARG AA 67 -3.93 -89.97 31.21
CA ARG AA 67 -5.29 -89.78 31.67
C ARG AA 67 -5.78 -91.01 32.42
N ASN AA 68 -6.73 -90.77 33.30
CA ASN AA 68 -7.22 -91.77 34.21
C ASN AA 68 -8.63 -91.39 34.59
N PHE AA 69 -9.44 -92.37 34.94
CA PHE AA 69 -10.73 -92.12 35.56
C PHE AA 69 -10.64 -92.52 37.02
N VAL AA 70 -11.06 -91.61 37.90
CA VAL AA 70 -11.00 -91.85 39.34
C VAL AA 70 -12.41 -92.05 39.85
N ASN AA 71 -12.62 -93.10 40.62
CA ASN AA 71 -13.89 -93.38 41.27
C ASN AA 71 -13.64 -93.41 42.77
N ILE AA 72 -14.23 -92.47 43.48
CA ILE AA 72 -14.08 -92.34 44.93
C ILE AA 72 -15.41 -92.75 45.56
N ARG AA 73 -15.42 -93.88 46.25
CA ARG AA 73 -16.64 -94.39 46.85
C ARG AA 73 -16.47 -94.64 48.33
N GLY AA 74 -17.58 -94.57 49.05
CA GLY AA 74 -17.58 -94.95 50.46
C GLY AA 74 -16.65 -94.14 51.32
N LEU AA 75 -16.52 -92.84 51.03
CA LEU AA 75 -15.60 -91.98 51.75
C LEU AA 75 -16.42 -91.15 52.73
N THR AA 76 -16.27 -91.42 54.01
CA THR AA 76 -17.01 -90.70 55.02
C THR AA 76 -16.41 -89.31 55.22
N PRO AA 77 -17.14 -88.39 55.85
CA PRO AA 77 -16.64 -87.02 55.97
C PRO AA 77 -15.39 -86.88 56.80
N THR AA 78 -15.10 -87.82 57.70
CA THR AA 78 -13.86 -87.75 58.47
C THR AA 78 -12.67 -88.17 57.63
N GLU AA 79 -12.81 -89.28 56.92
CA GLU AA 79 -11.73 -89.78 56.06
C GLU AA 79 -11.63 -88.96 54.79
N MET AA 80 -10.46 -89.04 54.16
CA MET AA 80 -10.08 -88.10 53.13
C MET AA 80 -9.13 -88.77 52.14
N ILE AA 81 -9.26 -88.43 50.87
CA ILE AA 81 -8.40 -88.97 49.83
C ILE AA 81 -7.13 -88.15 49.74
N VAL AA 82 -6.00 -88.83 49.80
CA VAL AA 82 -4.69 -88.19 49.69
C VAL AA 82 -4.29 -88.23 48.22
N ILE AA 83 -4.03 -87.07 47.65
CA ILE AA 83 -3.61 -87.02 46.25
C ILE AA 83 -2.11 -87.29 46.26
N PRO AA 84 -1.64 -88.40 45.78
CA PRO AA 84 -0.19 -88.65 45.78
C PRO AA 84 0.51 -87.84 44.71
N TRP AA 85 0.29 -86.54 44.72
CA TRP AA 85 0.68 -85.73 43.58
C TRP AA 85 2.09 -85.20 43.74
N ASN AA 86 2.70 -85.40 44.90
CA ASN AA 86 4.08 -85.00 45.13
C ASN AA 86 5.05 -86.16 44.97
N VAL AA 87 4.59 -87.35 44.61
CA VAL AA 87 5.48 -88.47 44.34
C VAL AA 87 5.71 -88.55 42.84
N MET AA 88 6.97 -88.78 42.47
CA MET AA 88 7.35 -88.73 41.07
C MET AA 88 6.65 -89.82 40.27
N ARG AA 89 6.47 -90.99 40.87
CA ARG AA 89 5.87 -92.13 40.20
C ARG AA 89 4.42 -91.89 39.81
N PHE AA 90 3.78 -90.90 40.41
CA PHE AA 90 2.38 -90.60 40.10
C PHE AA 90 2.22 -90.15 38.65
N TYR AA 91 3.12 -89.28 38.19
CA TYR AA 91 2.95 -88.66 36.89
C TYR AA 91 3.46 -89.54 35.75
N CYS AA 92 4.63 -90.14 35.91
CA CYS AA 92 5.32 -90.83 34.83
C CYS AA 92 5.14 -92.33 34.83
N GLU AA 93 4.42 -92.88 35.79
CA GLU AA 93 4.09 -94.30 35.80
C GLU AA 93 2.60 -94.43 36.00
N TYR AA 94 1.97 -95.31 35.25
CA TYR AA 94 0.52 -95.34 35.17
C TYR AA 94 0.04 -96.48 36.04
N ASN AA 95 -0.49 -96.16 37.21
CA ASN AA 95 -0.94 -97.20 38.11
C ASN AA 95 -2.45 -97.09 38.19
N THR AA 96 -3.13 -97.98 37.49
CA THR AA 96 -4.59 -98.03 37.52
C THR AA 96 -4.99 -99.49 37.39
N GLY AA 97 -5.88 -99.95 38.26
CA GLY AA 97 -6.46 -101.26 38.05
C GLY AA 97 -5.43 -102.36 37.89
N THR AA 98 -5.51 -103.07 36.77
CA THR AA 98 -4.63 -104.19 36.49
C THR AA 98 -3.25 -103.75 36.02
N TYR AA 99 -3.11 -102.52 35.52
CA TYR AA 99 -1.82 -102.07 34.98
C TYR AA 99 -0.72 -102.19 36.02
N GLY AA 100 -0.91 -101.59 37.19
CA GLY AA 100 0.11 -101.63 38.23
C GLY AA 100 0.52 -103.02 38.63
N LEU AA 101 -0.35 -104.01 38.41
CA LEU AA 101 0.02 -105.39 38.68
C LEU AA 101 0.95 -105.93 37.61
N SER AA 102 0.73 -105.54 36.35
CA SER AA 102 1.61 -105.92 35.27
C SER AA 102 2.93 -105.14 35.36
N GLY AA 103 3.95 -105.68 34.71
CA GLY AA 103 5.29 -105.16 34.85
C GLY AA 103 5.62 -104.01 33.92
N ASN AA 104 6.52 -103.15 34.39
CA ASN AA 104 7.09 -102.04 33.62
C ASN AA 104 5.99 -101.20 32.97
N VAL AA 105 5.27 -100.49 33.83
CA VAL AA 105 4.20 -99.62 33.37
C VAL AA 105 4.68 -98.18 33.18
N HIS AA 106 5.97 -97.93 33.34
CA HIS AA 106 6.51 -96.61 33.06
C HIS AA 106 6.24 -96.21 31.63
N HIS AA 107 6.04 -94.92 31.43
CA HIS AA 107 5.86 -94.40 30.07
C HIS AA 107 7.18 -94.49 29.33
N LYS AA 108 7.11 -94.73 28.03
CA LYS AA 108 8.33 -94.99 27.27
C LYS AA 108 9.19 -93.76 27.09
N ASN AA 109 8.62 -92.56 27.18
CA ASN AA 109 9.48 -91.37 27.23
C ASN AA 109 10.35 -91.38 28.45
N TYR AA 110 9.89 -91.97 29.54
CA TYR AA 110 10.74 -92.00 30.72
C TYR AA 110 11.80 -93.07 30.63
N SER AA 111 11.49 -94.19 29.99
CA SER AA 111 12.49 -95.25 29.85
C SER AA 111 13.71 -94.76 29.11
N MET AA 112 13.54 -93.87 28.14
CA MET AA 112 14.68 -93.32 27.43
C MET AA 112 15.34 -92.16 28.17
N LEU AA 113 14.64 -91.50 29.09
CA LEU AA 113 15.32 -90.50 29.90
C LEU AA 113 16.46 -91.12 30.69
N LEU AA 114 16.44 -92.44 30.86
CA LEU AA 114 17.56 -93.18 31.41
C LEU AA 114 18.62 -93.49 30.36
N ALA AA 115 18.29 -93.33 29.08
CA ALA AA 115 19.29 -93.50 28.03
C ALA AA 115 20.16 -92.25 27.87
N CYS AA 116 19.56 -91.07 27.96
CA CYS AA 116 20.34 -89.84 27.98
C CYS AA 116 21.02 -89.70 29.34
N LYS AA 117 22.07 -88.88 29.38
CA LYS AA 117 22.90 -88.91 30.59
C LYS AA 117 22.29 -88.15 31.74
N ALA AA 118 21.44 -87.16 31.46
CA ALA AA 118 20.86 -86.34 32.51
C ALA AA 118 19.42 -86.04 32.16
N HIS AA 119 18.56 -86.07 33.18
CA HIS AA 119 17.20 -85.60 33.00
C HIS AA 119 16.79 -84.86 34.26
N ARG AA 120 15.87 -83.92 34.09
CA ARG AA 120 15.40 -83.16 35.21
C ARG AA 120 13.89 -82.97 35.11
N PRO AA 121 13.17 -83.10 36.22
CA PRO AA 121 11.71 -83.16 36.16
C PRO AA 121 11.00 -81.84 35.88
N THR AA 122 11.59 -80.68 36.17
CA THR AA 122 10.95 -79.38 35.95
C THR AA 122 9.49 -79.34 36.39
N LYS AA 123 8.60 -78.83 35.55
CA LYS AA 123 7.22 -78.62 35.98
C LYS AA 123 6.48 -79.95 36.11
N VAL AA 124 5.49 -79.96 37.00
CA VAL AA 124 4.67 -81.14 37.23
C VAL AA 124 3.27 -80.65 37.63
N GLY AA 125 2.26 -81.39 37.20
CA GLY AA 125 0.90 -80.93 37.49
C GLY AA 125 -0.13 -81.97 37.12
N TYR AA 126 -1.38 -81.67 37.46
CA TYR AA 126 -2.48 -82.58 37.15
C TYR AA 126 -3.78 -81.80 37.07
N THR AA 127 -4.78 -82.45 36.49
CA THR AA 127 -6.09 -81.85 36.28
C THR AA 127 -7.18 -82.80 36.71
N LEU AA 128 -8.13 -82.29 37.49
CA LEU AA 128 -9.38 -82.97 37.79
C LEU AA 128 -10.48 -82.38 36.95
N SER AA 129 -11.26 -83.23 36.29
CA SER AA 129 -12.21 -82.73 35.31
C SER AA 129 -13.47 -83.56 35.28
N ASN AA 130 -14.57 -82.93 34.88
CA ASN AA 130 -15.85 -83.57 34.64
C ASN AA 130 -16.26 -84.48 35.79
N LEU AA 131 -16.59 -83.81 36.88
CA LEU AA 131 -16.99 -84.49 38.10
C LEU AA 131 -18.38 -85.07 37.95
N ILE AA 132 -18.54 -86.32 38.40
CA ILE AA 132 -19.83 -86.98 38.45
C ILE AA 132 -20.00 -87.49 39.87
N LEU AA 133 -21.00 -86.96 40.56
CA LEU AA 133 -21.39 -87.44 41.88
C LEU AA 133 -22.55 -88.41 41.75
N THR AA 134 -22.48 -89.50 42.50
CA THR AA 134 -23.55 -90.48 42.58
C THR AA 134 -23.86 -90.71 44.04
N SER AA 135 -24.99 -91.35 44.30
CA SER AA 135 -25.47 -91.56 45.66
C SER AA 135 -25.85 -93.01 45.85
N ASP AA 136 -25.40 -93.58 46.96
CA ASP AA 136 -25.83 -94.90 47.39
C ASP AA 136 -27.06 -94.83 48.28
N GLU AA 137 -27.65 -93.65 48.44
CA GLU AA 137 -28.77 -93.48 49.36
C GLU AA 137 -29.93 -94.41 49.03
N LEU AA 138 -30.21 -94.61 47.75
CA LEU AA 138 -31.26 -95.54 47.38
C LEU AA 138 -30.84 -96.99 47.52
N VAL AA 139 -29.54 -97.25 47.67
CA VAL AA 139 -29.03 -98.60 47.79
C VAL AA 139 -29.28 -99.11 49.20
N SER AA 140 -29.69 -100.37 49.30
CA SER AA 140 -29.87 -101.05 50.58
C SER AA 140 -29.43 -102.49 50.41
N THR AA 141 -29.23 -103.18 51.53
CA THR AA 141 -28.79 -104.56 51.48
C THR AA 141 -29.81 -105.45 50.76
N GLY AA 142 -31.09 -105.05 50.77
CA GLY AA 142 -32.08 -105.78 49.98
C GLY AA 142 -31.86 -105.62 48.49
N GLY AA 143 -31.24 -104.51 48.08
CA GLY AA 143 -30.90 -104.32 46.69
C GLY AA 143 -32.05 -103.78 45.87
N THR AA 144 -32.08 -104.20 44.59
CA THR AA 144 -33.09 -103.86 43.60
C THR AA 144 -33.01 -102.40 43.17
N LEU AA 145 -32.25 -101.58 43.89
CA LEU AA 145 -31.98 -100.21 43.49
C LEU AA 145 -30.49 -99.95 43.67
N GLY AA 146 -29.85 -99.49 42.60
CA GLY AA 146 -28.44 -99.20 42.60
C GLY AA 146 -28.17 -97.72 42.79
N THR AA 147 -26.89 -97.38 42.82
CA THR AA 147 -26.52 -95.99 42.95
C THR AA 147 -26.89 -95.23 41.70
N THR AA 148 -27.09 -93.92 41.85
CA THR AA 148 -27.38 -93.09 40.69
C THR AA 148 -26.93 -91.68 41.02
N THR AA 149 -26.74 -90.90 39.97
CA THR AA 149 -26.29 -89.52 40.13
C THR AA 149 -27.23 -88.74 41.04
N THR AA 150 -26.66 -87.79 41.76
CA THR AA 150 -27.42 -87.03 42.74
C THR AA 150 -28.62 -86.35 42.07
N PHE AA 151 -29.71 -86.26 42.81
CA PHE AA 151 -30.96 -85.72 42.27
C PHE AA 151 -30.78 -84.30 41.77
N ASN AA 152 -29.98 -83.51 42.48
CA ASN AA 152 -29.63 -82.18 42.01
C ASN AA 152 -28.12 -81.99 42.15
N THR AA 153 -27.62 -80.92 41.55
CA THR AA 153 -26.20 -80.67 41.45
C THR AA 153 -25.64 -79.91 42.63
N SER AA 154 -26.44 -79.66 43.66
CA SER AA 154 -25.96 -78.98 44.85
C SER AA 154 -24.81 -79.70 45.57
N PRO AA 155 -24.75 -81.03 45.65
CA PRO AA 155 -23.61 -81.66 46.34
C PRO AA 155 -22.31 -81.37 45.62
N TYR AA 156 -21.22 -81.56 46.35
CA TYR AA 156 -19.90 -81.22 45.85
C TYR AA 156 -18.85 -82.11 46.48
N MET AA 157 -17.69 -82.17 45.85
CA MET AA 157 -16.52 -82.81 46.41
C MET AA 157 -15.50 -81.73 46.72
N ILE AA 158 -14.91 -81.81 47.91
CA ILE AA 158 -14.05 -80.76 48.41
C ILE AA 158 -12.63 -81.10 48.00
N HIS AA 159 -11.98 -80.22 47.27
CA HIS AA 159 -10.56 -80.35 46.98
C HIS AA 159 -9.79 -79.45 47.91
N SER AA 160 -9.00 -80.03 48.80
CA SER AA 160 -8.30 -79.31 49.84
C SER AA 160 -6.82 -79.26 49.53
N ILE AA 161 -6.24 -78.07 49.63
CA ILE AA 161 -4.80 -77.88 49.53
C ILE AA 161 -4.33 -77.41 50.90
N ASP AA 162 -3.43 -78.17 51.52
CA ASP AA 162 -3.02 -77.78 52.87
C ASP AA 162 -1.78 -76.93 52.72
N ASP AA 163 -1.95 -75.62 52.91
CA ASP AA 163 -0.84 -74.67 52.80
C ASP AA 163 -0.08 -74.57 54.09
N GLN AA 164 -0.79 -74.56 55.21
CA GLN AA 164 -0.20 -74.39 56.53
C GLN AA 164 0.37 -75.69 57.06
N GLN AA 165 0.24 -76.77 56.31
CA GLN AA 165 0.71 -78.09 56.70
C GLN AA 165 0.08 -78.51 58.02
N CYS AA 166 -1.24 -78.50 58.07
CA CYS AA 166 -1.94 -79.12 59.18
C CYS AA 166 -1.52 -80.57 59.32
N LEU AA 167 -1.37 -81.26 58.20
CA LEU AA 167 -0.91 -82.65 58.17
C LEU AA 167 0.48 -82.67 57.55
N SER AA 168 1.47 -82.96 58.38
CA SER AA 168 2.84 -83.08 57.90
C SER AA 168 3.05 -84.42 57.21
N LYS AA 169 2.57 -85.48 57.84
CA LYS AA 169 2.80 -86.84 57.40
C LYS AA 169 1.48 -87.59 57.51
N VAL AA 170 1.11 -88.30 56.45
CA VAL AA 170 -0.23 -88.86 56.32
C VAL AA 170 -0.11 -90.37 56.24
N TYR AA 171 -0.93 -91.06 57.00
CA TYR AA 171 -0.92 -92.52 57.08
C TYR AA 171 -2.24 -93.07 56.55
N PRO AA 172 -2.24 -94.30 56.04
CA PRO AA 172 -3.49 -94.94 55.66
C PRO AA 172 -4.36 -95.23 56.87
N LYS AA 173 -5.64 -95.47 56.62
CA LYS AA 173 -6.54 -95.85 57.69
C LYS AA 173 -6.14 -97.19 58.29
N THR AA 174 -6.58 -97.42 59.52
CA THR AA 174 -6.16 -98.58 60.29
C THR AA 174 -6.33 -99.87 59.49
N ASP AA 175 -7.50 -100.07 58.89
CA ASP AA 175 -7.75 -101.31 58.19
C ASP AA 175 -7.11 -101.33 56.80
N THR AA 176 -7.14 -100.20 56.10
CA THR AA 176 -6.74 -100.18 54.71
C THR AA 176 -5.21 -100.08 54.59
N VAL AA 177 -4.74 -100.09 53.35
CA VAL AA 177 -3.33 -99.92 53.04
C VAL AA 177 -3.24 -99.28 51.67
N TRP AA 178 -2.12 -98.63 51.39
CA TRP AA 178 -1.95 -97.90 50.15
C TRP AA 178 -1.05 -98.68 49.21
N PRO AA 179 -1.57 -99.32 48.17
CA PRO AA 179 -0.70 -99.94 47.17
C PRO AA 179 -0.09 -98.89 46.27
N VAL AA 180 1.13 -99.15 45.82
CA VAL AA 180 1.69 -98.23 44.84
C VAL AA 180 1.12 -98.54 43.47
N SER AA 181 0.73 -99.80 43.24
CA SER AA 181 0.11 -100.18 41.98
C SER AA 181 -1.24 -99.52 41.78
N SER AA 182 -1.85 -99.03 42.85
CA SER AA 182 -3.14 -98.37 42.82
C SER AA 182 -3.04 -96.85 42.75
N MET AA 183 -1.83 -96.32 42.60
CA MET AA 183 -1.58 -94.91 42.91
C MET AA 183 -2.48 -93.96 42.13
N ARG AA 184 -2.59 -94.14 40.82
CA ARG AA 184 -3.24 -93.09 40.03
C ARG AA 184 -4.76 -93.09 40.11
N GLU AA 185 -5.41 -94.20 40.38
CA GLU AA 185 -6.81 -94.10 40.75
C GLU AA 185 -6.81 -93.85 42.24
N LEU AA 186 -7.53 -92.83 42.68
CA LEU AA 186 -7.19 -92.30 44.00
C LEU AA 186 -8.05 -93.07 44.98
N ASP AA 187 -7.44 -94.07 45.59
CA ASP AA 187 -8.01 -94.83 46.68
C ASP AA 187 -7.41 -94.51 48.04
N TYR AA 188 -6.41 -93.64 48.12
CA TYR AA 188 -5.67 -93.54 49.37
C TYR AA 188 -6.50 -92.74 50.35
N VAL AA 189 -6.90 -93.39 51.43
CA VAL AA 189 -7.82 -92.80 52.40
C VAL AA 189 -7.07 -92.60 53.70
N ALA AA 190 -6.99 -91.36 54.13
CA ALA AA 190 -6.47 -91.01 55.44
C ALA AA 190 -7.64 -90.63 56.33
N SER AA 191 -7.52 -90.93 57.60
CA SER AA 191 -8.49 -90.48 58.59
C SER AA 191 -7.77 -89.50 59.49
N THR AA 192 -8.11 -88.22 59.37
CA THR AA 192 -7.47 -87.19 60.16
C THR AA 192 -8.22 -87.10 61.49
N VAL AA 193 -7.51 -87.34 62.58
CA VAL AA 193 -8.12 -87.49 63.89
C VAL AA 193 -7.25 -86.79 64.93
N SER AA 194 -7.86 -85.97 65.78
CA SER AA 194 -7.18 -85.41 66.93
C SER AA 194 -7.19 -86.47 68.03
N GLY AA 195 -6.86 -86.11 69.27
CA GLY AA 195 -6.79 -87.15 70.26
C GLY AA 195 -8.10 -87.88 70.47
N ASP AA 196 -9.15 -87.16 70.88
CA ASP AA 196 -10.50 -87.70 70.88
C ASP AA 196 -11.34 -87.22 69.70
N ASN AA 197 -10.81 -86.35 68.85
CA ASN AA 197 -11.62 -85.60 67.91
C ASN AA 197 -11.37 -86.09 66.49
N ALA AA 198 -12.46 -86.39 65.78
CA ALA AA 198 -12.36 -86.67 64.35
C ALA AA 198 -12.36 -85.34 63.61
N ILE AA 199 -11.31 -85.10 62.84
CA ILE AA 199 -11.16 -83.85 62.11
C ILE AA 199 -11.93 -83.94 60.81
N ILE AA 200 -12.79 -82.96 60.53
CA ILE AA 200 -13.34 -82.80 59.19
C ILE AA 200 -12.27 -82.11 58.36
N PRO AA 201 -11.75 -82.76 57.31
CA PRO AA 201 -10.56 -82.24 56.64
C PRO AA 201 -10.73 -80.84 56.08
N SER AA 202 -11.90 -80.53 55.52
CA SER AA 202 -12.11 -79.23 54.93
C SER AA 202 -11.98 -78.09 55.93
N THR AA 203 -12.15 -78.38 57.22
CA THR AA 203 -12.16 -77.31 58.21
C THR AA 203 -10.76 -76.84 58.56
N ILE AA 204 -9.79 -77.74 58.62
CA ILE AA 204 -8.43 -77.35 58.99
C ILE AA 204 -7.67 -76.78 57.80
N PHE AA 205 -7.88 -77.34 56.61
CA PHE AA 205 -7.04 -77.00 55.47
C PHE AA 205 -7.33 -75.59 54.98
N ASN AA 206 -6.34 -75.04 54.27
CA ASN AA 206 -6.38 -73.62 53.93
C ASN AA 206 -7.25 -73.38 52.70
N LYS AA 207 -6.77 -73.78 51.53
CA LYS AA 207 -7.56 -73.66 50.31
C LYS AA 207 -8.44 -74.90 50.20
N ASN AA 208 -9.75 -74.67 50.19
CA ASN AA 208 -10.74 -75.72 50.03
C ASN AA 208 -11.66 -75.29 48.90
N ARG AA 209 -11.62 -76.02 47.80
CA ARG AA 209 -12.47 -75.77 46.65
C ARG AA 209 -13.66 -76.71 46.71
N TYR AA 210 -14.87 -76.17 46.72
CA TYR AA 210 -16.05 -77.00 46.67
C TYR AA 210 -16.42 -77.14 45.20
N TRP AA 211 -16.22 -78.31 44.65
CA TRP AA 211 -16.25 -78.52 43.22
C TRP AA 211 -17.43 -79.39 42.88
N LYS AA 212 -18.35 -78.83 42.10
CA LYS AA 212 -19.64 -79.43 41.84
C LYS AA 212 -19.67 -80.04 40.46
N GLN AA 213 -20.82 -80.58 40.11
CA GLN AA 213 -21.06 -81.14 38.79
C GLN AA 213 -21.29 -79.99 37.82
N GLY AA 214 -20.48 -79.92 36.78
CA GLY AA 214 -20.54 -78.85 35.82
C GLY AA 214 -19.50 -77.78 35.99
N ASP AA 215 -18.83 -77.74 37.14
CA ASP AA 215 -17.76 -76.78 37.34
C ASP AA 215 -16.61 -77.06 36.38
N ASP AA 216 -15.82 -76.03 36.12
CA ASP AA 216 -14.67 -76.16 35.26
C ASP AA 216 -13.64 -77.08 35.89
N ALA AA 217 -12.77 -77.62 35.05
CA ALA AA 217 -11.75 -78.52 35.53
C ALA AA 217 -10.83 -77.81 36.52
N LEU AA 218 -10.29 -78.59 37.45
CA LEU AA 218 -9.39 -78.07 38.48
C LEU AA 218 -7.96 -78.38 38.06
N HIS AA 219 -7.18 -77.33 37.82
CA HIS AA 219 -5.82 -77.47 37.31
C HIS AA 219 -4.84 -77.15 38.42
N PHE AA 220 -3.89 -78.04 38.65
CA PHE AA 220 -2.89 -77.84 39.69
C PHE AA 220 -1.53 -78.11 39.10
N SER AA 221 -0.58 -77.24 39.39
CA SER AA 221 0.74 -77.31 38.79
C SER AA 221 1.78 -76.97 39.83
N HIS AA 222 2.99 -77.48 39.61
CA HIS AA 222 4.13 -77.13 40.44
C HIS AA 222 5.34 -76.97 39.53
N ASP AA 223 6.01 -75.83 39.63
CA ASP AA 223 7.21 -75.58 38.85
C ASP AA 223 8.43 -75.95 39.69
N LEU AA 224 9.33 -76.72 39.11
CA LEU AA 224 10.61 -77.04 39.73
C LEU AA 224 11.71 -76.26 39.03
N ASP AA 225 12.48 -75.51 39.79
CA ASP AA 225 13.73 -74.93 39.31
C ASP AA 225 14.85 -75.59 40.08
N LEU AA 226 15.59 -76.47 39.42
CA LEU AA 226 16.70 -77.19 40.01
C LEU AA 226 17.98 -76.63 39.42
N GLY AA 227 19.02 -76.54 40.24
CA GLY AA 227 20.29 -76.18 39.64
C GLY AA 227 21.05 -77.34 39.12
N PHE AA 228 20.49 -78.54 39.18
CA PHE AA 228 21.24 -79.76 38.88
C PHE AA 228 20.32 -80.70 38.12
N TRP AA 229 20.83 -81.89 37.85
CA TRP AA 229 20.21 -82.87 36.98
C TRP AA 229 20.24 -84.21 37.68
N PHE AA 230 19.50 -85.17 37.15
CA PHE AA 230 19.46 -86.50 37.71
C PHE AA 230 19.96 -87.50 36.70
N GLY AA 231 20.78 -88.44 37.15
CA GLY AA 231 21.31 -89.45 36.26
C GLY AA 231 20.69 -90.81 36.40
N SER AA 232 19.87 -91.02 37.42
CA SER AA 232 19.30 -92.32 37.71
C SER AA 232 17.78 -92.23 37.64
N ASP AA 233 17.12 -93.36 37.87
CA ASP AA 233 15.67 -93.34 37.90
C ASP AA 233 15.17 -92.81 39.24
N TYR AA 234 13.97 -92.26 39.22
CA TYR AA 234 13.41 -91.72 40.46
C TYR AA 234 13.17 -92.84 41.47
N GLY AA 235 12.57 -93.95 41.05
CA GLY AA 235 12.49 -95.10 41.93
C GLY AA 235 11.69 -94.84 43.18
N ASN AA 236 10.43 -94.46 43.02
CA ASN AA 236 9.51 -94.08 44.10
C ASN AA 236 10.13 -93.03 45.02
N ALA AA 237 10.62 -91.97 44.40
CA ALA AA 237 11.05 -90.77 45.08
C ALA AA 237 10.00 -89.69 44.93
N TYR AA 238 9.85 -88.87 45.97
CA TYR AA 238 9.06 -87.66 45.81
C TYR AA 238 9.68 -86.79 44.72
N VAL AA 239 8.84 -86.21 43.89
CA VAL AA 239 9.36 -85.22 42.94
C VAL AA 239 10.06 -84.11 43.72
N PRO AA 240 11.26 -83.69 43.31
CA PRO AA 240 12.18 -83.00 44.22
C PRO AA 240 11.58 -81.82 44.94
N GLN AA 241 11.82 -81.76 46.24
CA GLN AA 241 11.28 -80.73 47.12
C GLN AA 241 12.33 -80.43 48.17
N ASN AA 242 12.34 -79.20 48.65
CA ASN AA 242 13.18 -78.80 49.77
C ASN AA 242 12.25 -78.46 50.92
N ASN AA 243 12.26 -79.27 51.97
CA ASN AA 243 11.29 -79.07 53.03
C ASN AA 243 11.86 -79.50 54.37
N ASP AA 244 11.03 -79.33 55.39
CA ASP AA 244 11.29 -79.94 56.69
C ASP AA 244 11.33 -81.46 56.58
N SER AA 245 10.49 -82.02 55.72
CA SER AA 245 10.44 -83.46 55.57
C SER AA 245 11.50 -84.00 54.62
N MET AA 246 11.89 -83.25 53.60
CA MET AA 246 12.70 -83.84 52.54
C MET AA 246 13.50 -82.79 51.81
N ASN AA 247 14.56 -83.26 51.14
CA ASN AA 247 15.42 -82.41 50.32
C ASN AA 247 15.51 -82.99 48.91
N ALA AA 248 15.84 -82.10 47.97
CA ALA AA 248 15.72 -82.42 46.56
C ALA AA 248 16.86 -83.27 46.04
N VAL AA 249 18.05 -83.15 46.63
CA VAL AA 249 19.24 -83.82 46.15
C VAL AA 249 19.51 -85.02 47.04
N GLY AA 250 19.83 -86.15 46.42
CA GLY AA 250 19.84 -87.41 47.15
C GLY AA 250 21.18 -88.00 47.55
N THR AA 251 22.27 -87.48 47.00
CA THR AA 251 23.57 -88.03 47.29
C THR AA 251 24.15 -87.39 48.54
N ILE AA 252 24.73 -88.22 49.40
CA ILE AA 252 25.47 -87.71 50.55
C ILE AA 252 26.71 -87.02 50.03
N PRO AA 253 26.89 -85.72 50.28
CA PRO AA 253 28.12 -85.06 49.87
C PRO AA 253 29.32 -85.60 50.65
N THR AA 254 30.48 -85.55 50.01
CA THR AA 254 31.68 -86.22 50.50
C THR AA 254 32.83 -85.22 50.58
N SER AA 255 33.88 -85.63 51.28
CA SER AA 255 34.82 -84.71 51.88
C SER AA 255 35.71 -84.00 50.85
N LYS AA 256 36.15 -82.80 51.23
CA LYS AA 256 37.27 -82.10 50.60
C LYS AA 256 36.99 -81.74 49.15
N HIS AA 257 35.75 -81.34 48.86
CA HIS AA 257 35.40 -80.79 47.57
C HIS AA 257 34.00 -80.22 47.66
N ILE AA 258 33.52 -79.70 46.53
CA ILE AA 258 32.26 -78.96 46.47
C ILE AA 258 31.17 -79.91 45.97
N ASN AA 259 29.99 -79.77 46.53
CA ASN AA 259 28.87 -80.66 46.24
C ASN AA 259 27.61 -79.84 46.08
N VAL AA 260 26.72 -80.30 45.22
CA VAL AA 260 25.45 -79.60 45.04
C VAL AA 260 24.56 -79.90 46.24
N ARG AA 261 24.02 -78.84 46.83
CA ARG AA 261 23.29 -78.91 48.08
C ARG AA 261 21.93 -78.26 47.88
N GLY AA 262 20.89 -78.89 48.42
CA GLY AA 262 19.57 -78.28 48.35
C GLY AA 262 19.51 -77.01 49.17
N VAL AA 263 18.66 -76.08 48.73
CA VAL AA 263 18.51 -74.79 49.38
C VAL AA 263 17.12 -74.25 49.05
N ASN AA 264 16.62 -73.36 49.90
CA ASN AA 264 15.52 -72.42 49.65
C ASN AA 264 14.07 -72.88 49.86
N ASN AA 265 13.76 -74.11 50.22
CA ASN AA 265 12.37 -74.47 50.53
C ASN AA 265 11.43 -74.21 49.35
N ARG AA 266 11.54 -75.08 48.35
CA ARG AA 266 10.46 -75.27 47.39
C ARG AA 266 9.80 -76.60 47.71
N GLY AA 267 8.48 -76.59 47.86
CA GLY AA 267 7.77 -77.80 48.20
C GLY AA 267 6.36 -77.77 47.66
N MET AA 268 5.66 -78.89 47.80
CA MET AA 268 4.29 -78.99 47.32
C MET AA 268 3.28 -79.13 48.45
N ALA AA 269 2.14 -78.47 48.29
CA ALA AA 269 1.07 -78.52 49.29
C ALA AA 269 0.34 -79.86 49.22
N GLY AA 270 0.01 -80.41 50.38
CA GLY AA 270 -0.68 -81.68 50.45
C GLY AA 270 -2.12 -81.61 49.96
N HIS AA 271 -2.32 -81.92 48.68
CA HIS AA 271 -3.66 -81.91 48.10
C HIS AA 271 -4.48 -83.05 48.68
N TYR AA 272 -5.79 -82.85 48.78
CA TYR AA 272 -6.64 -83.88 49.34
C TYR AA 272 -8.04 -83.76 48.76
N LEU AA 273 -8.80 -84.85 48.84
CA LEU AA 273 -10.18 -84.88 48.40
C LEU AA 273 -11.05 -85.42 49.52
N SER AA 274 -12.20 -84.77 49.71
CA SER AA 274 -13.11 -85.16 50.78
C SER AA 274 -14.51 -84.72 50.40
N PHE AA 275 -15.48 -85.26 51.11
CA PHE AA 275 -16.84 -84.86 50.88
C PHE AA 275 -17.40 -84.16 52.11
N PRO AA 276 -18.31 -83.21 51.93
CA PRO AA 276 -18.87 -82.51 53.07
C PRO AA 276 -19.72 -83.46 53.90
N PRO AA 277 -19.66 -83.35 55.23
CA PRO AA 277 -20.57 -84.16 56.04
C PRO AA 277 -22.01 -83.78 55.79
N ILE AA 278 -22.84 -84.77 55.49
CA ILE AA 278 -24.27 -84.58 55.30
C ILE AA 278 -24.95 -85.66 56.10
N ARG AA 279 -25.69 -85.27 57.13
CA ARG AA 279 -26.36 -86.27 57.95
C ARG AA 279 -27.60 -86.80 57.25
N THR AA 280 -27.88 -88.06 57.50
CA THR AA 280 -29.05 -88.74 56.97
C THR AA 280 -29.88 -89.29 58.12
N ASN AA 281 -30.96 -89.98 57.77
CA ASN AA 281 -31.69 -90.76 58.75
C ASN AA 281 -30.77 -91.73 59.48
N ASP AA 282 -29.79 -92.29 58.77
CA ASP AA 282 -28.78 -93.16 59.37
C ASP AA 282 -27.40 -92.73 58.90
N GLY AA 283 -26.56 -92.32 59.83
CA GLY AA 283 -25.17 -92.02 59.48
C GLY AA 283 -25.04 -90.81 58.57
N GLN AA 284 -24.18 -90.95 57.57
CA GLN AA 284 -23.77 -89.85 56.71
C GLN AA 284 -24.26 -90.10 55.30
N PHE AA 285 -24.47 -89.03 54.56
CA PHE AA 285 -24.91 -89.13 53.18
C PHE AA 285 -23.81 -89.81 52.38
N LYS AA 286 -24.20 -90.71 51.50
CA LYS AA 286 -23.22 -91.48 50.75
C LYS AA 286 -22.98 -90.74 49.44
N LEU AA 287 -21.82 -90.11 49.33
CA LEU AA 287 -21.40 -89.44 48.10
C LEU AA 287 -20.28 -90.23 47.46
N ASN AA 288 -20.43 -90.44 46.17
CA ASN AA 288 -19.45 -91.12 45.36
C ASN AA 288 -19.09 -90.15 44.26
N ALA AA 289 -17.83 -90.16 43.84
CA ALA AA 289 -17.39 -89.21 42.85
C ALA AA 289 -16.69 -89.92 41.71
N GLN AA 290 -16.91 -89.42 40.49
CA GLN AA 290 -16.05 -89.73 39.37
C GLN AA 290 -15.46 -88.44 38.82
N PHE AA 291 -14.22 -88.51 38.37
CA PHE AA 291 -13.64 -87.43 37.59
C PHE AA 291 -12.49 -88.03 36.78
N THR AA 292 -12.07 -87.28 35.77
CA THR AA 292 -10.92 -87.69 34.98
C THR AA 292 -9.67 -87.06 35.56
N LEU AA 293 -8.61 -87.85 35.66
CA LEU AA 293 -7.33 -87.37 36.15
C LEU AA 293 -6.39 -87.27 34.97
N GLU AA 294 -6.02 -86.06 34.60
CA GLU AA 294 -5.00 -85.81 33.59
C GLU AA 294 -3.77 -85.28 34.31
N THR AA 295 -2.70 -86.06 34.33
CA THR AA 295 -1.44 -85.62 34.90
C THR AA 295 -0.45 -85.35 33.78
N GLU AA 296 0.41 -84.36 34.01
CA GLU AA 296 1.49 -84.07 33.08
C GLU AA 296 2.74 -83.75 33.88
N ILE AA 297 3.85 -84.36 33.49
CA ILE AA 297 5.16 -84.05 34.02
C ILE AA 297 6.08 -83.72 32.86
N GLU AA 298 6.75 -82.59 32.95
CA GLU AA 298 7.57 -82.09 31.85
C GLU AA 298 9.03 -82.26 32.21
N PHE AA 299 9.71 -83.17 31.53
CA PHE AA 299 11.13 -83.40 31.78
C PHE AA 299 11.98 -82.58 30.83
N GLU AA 300 13.09 -82.08 31.34
CA GLU AA 300 14.21 -81.67 30.53
C GLU AA 300 15.25 -82.77 30.57
N PHE AA 301 15.92 -83.01 29.44
CA PHE AA 301 16.99 -83.99 29.43
C PHE AA 301 18.13 -83.44 28.59
N ARG AA 302 19.27 -84.10 28.71
CA ARG AA 302 20.52 -83.60 28.17
C ARG AA 302 21.35 -84.79 27.71
N LEU AA 303 22.09 -84.61 26.62
CA LEU AA 303 22.70 -85.75 25.97
C LEU AA 303 24.20 -85.84 26.29
N TRP AA 304 24.82 -86.85 25.68
CA TRP AA 304 26.17 -87.28 26.00
C TRP AA 304 27.22 -86.34 25.41
N GLU AA 305 28.42 -86.44 25.97
CA GLU AA 305 29.53 -85.59 25.54
C GLU AA 305 29.92 -85.88 24.10
N GLN AA 306 30.19 -84.82 23.35
CA GLN AA 306 30.65 -84.99 21.98
C GLN AA 306 32.10 -85.44 21.95
N GLY AA 307 32.48 -86.03 20.83
CA GLY AA 307 33.85 -86.43 20.64
C GLY AA 307 34.08 -87.85 21.06
N VAL AA 308 35.38 -88.22 21.09
CA VAL AA 308 35.76 -89.54 21.53
C VAL AA 308 35.34 -89.77 22.97
N GLN AA 309 35.17 -88.70 23.74
CA GLN AA 309 34.71 -88.85 25.12
C GLN AA 309 33.37 -89.55 25.19
N GLY AA 310 32.52 -89.38 24.19
CA GLY AA 310 31.21 -89.97 24.15
C GLY AA 310 31.12 -91.33 23.49
N ILE AA 311 32.25 -91.93 23.13
CA ILE AA 311 32.24 -93.28 22.59
C ILE AA 311 31.95 -94.28 23.69
N ASN AA 312 31.06 -95.24 23.39
CA ASN AA 312 30.62 -96.18 24.41
C ASN AA 312 31.79 -96.88 25.09
N SER AA 313 32.75 -97.36 24.31
CA SER AA 313 33.82 -98.16 24.89
C SER AA 313 34.69 -97.34 25.82
N VAL AA 314 35.02 -96.11 25.44
CA VAL AA 314 35.91 -95.28 26.25
C VAL AA 314 35.15 -94.31 27.15
N HIS AA 315 33.82 -94.27 27.08
CA HIS AA 315 33.09 -93.35 27.94
C HIS AA 315 33.08 -93.80 29.39
N THR AA 316 33.28 -95.08 29.66
CA THR AA 316 33.30 -95.55 31.03
C THR AA 316 34.39 -94.85 31.83
N ASN AA 317 35.61 -94.92 31.35
CA ASN AA 317 36.75 -94.33 32.04
C ASN AA 317 37.08 -92.90 31.59
N LEU AA 318 36.48 -92.40 30.52
CA LEU AA 318 36.55 -90.97 30.20
C LEU AA 318 35.35 -90.18 30.67
N ASN AA 319 34.41 -90.81 31.35
CA ASN AA 319 33.29 -90.08 31.92
C ASN AA 319 33.82 -88.98 32.83
N PRO AA 320 33.31 -87.75 32.74
CA PRO AA 320 33.81 -86.68 33.61
C PRO AA 320 33.54 -87.00 35.07
N ALA AA 321 34.53 -86.77 35.91
CA ALA AA 321 34.31 -86.92 37.33
C ALA AA 321 33.52 -85.77 37.91
N ASN AA 322 33.31 -84.69 37.15
CA ASN AA 322 32.50 -83.58 37.59
C ASN AA 322 31.05 -83.73 37.22
N ASP AA 323 30.66 -84.88 36.66
CA ASP AA 323 29.24 -85.21 36.62
C ASP AA 323 28.63 -85.09 37.99
N SER AA 324 29.31 -85.64 39.01
CA SER AA 324 28.83 -85.56 40.37
C SER AA 324 28.58 -84.14 40.80
N LEU AA 325 29.17 -83.18 40.10
CA LEU AA 325 28.96 -81.78 40.44
C LEU AA 325 27.56 -81.34 40.01
N TRP AA 326 27.20 -81.54 38.74
CA TRP AA 326 25.86 -81.21 38.26
C TRP AA 326 24.91 -82.41 38.12
N ILE AA 327 25.33 -83.65 38.34
CA ILE AA 327 24.37 -84.77 38.19
C ILE AA 327 24.15 -85.47 39.52
N GLN AA 328 22.92 -85.45 40.02
CA GLN AA 328 22.74 -85.62 41.46
C GLN AA 328 21.80 -86.67 42.02
N SER AA 329 21.21 -87.52 41.18
CA SER AA 329 20.22 -88.55 41.60
C SER AA 329 18.91 -87.99 42.18
N TYR AA 330 18.22 -88.76 43.02
CA TYR AA 330 16.93 -88.33 43.59
C TYR AA 330 17.01 -88.15 45.09
N GLY AA 331 16.33 -87.12 45.62
CA GLY AA 331 16.57 -86.78 47.00
C GLY AA 331 15.97 -87.68 48.05
N SER AA 332 14.66 -87.83 48.03
CA SER AA 332 13.95 -88.43 49.15
C SER AA 332 12.86 -89.32 48.61
N LEU AA 333 12.74 -90.49 49.23
CA LEU AA 333 11.86 -91.54 48.73
C LEU AA 333 10.59 -91.57 49.56
N VAL AA 334 9.47 -91.89 48.92
CA VAL AA 334 8.31 -92.27 49.68
C VAL AA 334 8.66 -93.55 50.44
N SER AA 335 7.95 -93.78 51.53
CA SER AA 335 8.28 -94.92 52.39
C SER AA 335 7.45 -96.10 51.91
N ILE AA 336 8.14 -97.10 51.35
CA ILE AA 336 7.51 -98.23 50.70
C ILE AA 336 8.01 -99.49 51.38
N THR AA 337 7.12 -100.22 52.03
CA THR AA 337 7.40 -101.59 52.39
C THR AA 337 6.57 -102.47 51.48
N GLU AA 338 7.17 -103.56 51.00
CA GLU AA 338 6.58 -104.40 49.97
C GLU AA 338 6.22 -103.47 48.80
N SER AA 339 5.02 -103.56 48.25
CA SER AA 339 4.55 -102.64 47.21
C SER AA 339 3.72 -101.50 47.80
N LYS AA 340 3.61 -101.41 49.12
CA LYS AA 340 2.59 -100.60 49.75
C LYS AA 340 3.20 -99.37 50.40
N ILE AA 341 2.56 -98.22 50.19
CA ILE AA 341 3.06 -96.96 50.75
C ILE AA 341 2.78 -96.93 52.24
N ASN AA 342 3.82 -96.64 53.02
CA ASN AA 342 3.65 -96.55 54.47
C ASN AA 342 3.03 -95.23 54.88
N ASN AA 343 3.48 -94.14 54.29
CA ASN AA 343 3.03 -92.81 54.63
C ASN AA 343 3.35 -91.90 53.45
N ILE AA 344 2.70 -90.74 53.44
CA ILE AA 344 3.02 -89.71 52.46
C ILE AA 344 3.32 -88.42 53.22
N GLN AA 345 4.45 -87.82 52.90
CA GLN AA 345 4.86 -86.54 53.46
C GLN AA 345 4.60 -85.46 52.43
N PHE AA 346 4.17 -84.29 52.88
CA PHE AA 346 3.86 -83.22 51.93
C PHE AA 346 4.84 -82.06 51.99
N GLY AA 347 4.91 -81.34 53.10
CA GLY AA 347 5.83 -80.24 53.22
C GLY AA 347 5.90 -79.21 52.11
N PRO AA 348 4.92 -78.30 52.08
CA PRO AA 348 4.74 -77.23 51.10
C PRO AA 348 5.71 -76.10 51.29
N THR AA 349 5.78 -75.18 50.33
CA THR AA 349 6.66 -74.05 50.50
C THR AA 349 5.77 -73.24 51.41
N CYS AA 350 6.10 -73.20 52.70
CA CYS AA 350 5.23 -72.52 53.61
C CYS AA 350 5.38 -71.03 53.49
N PRO AA 351 4.25 -70.33 53.60
CA PRO AA 351 4.19 -68.88 53.42
C PRO AA 351 4.87 -68.10 54.53
N ARG AA 352 5.10 -68.71 55.69
CA ARG AA 352 5.72 -67.97 56.78
C ARG AA 352 7.24 -68.06 56.79
N VAL AA 353 7.84 -68.87 55.92
CA VAL AA 353 9.27 -68.73 55.65
C VAL AA 353 9.50 -67.39 54.97
N ASP AA 354 10.63 -66.76 55.29
CA ASP AA 354 10.99 -65.49 54.69
C ASP AA 354 10.95 -65.61 53.17
N ALA AA 355 10.32 -64.64 52.52
CA ALA AA 355 10.21 -64.67 51.06
C ALA AA 355 11.57 -64.69 50.39
N ARG AA 356 12.62 -64.26 51.09
CA ARG AA 356 13.96 -64.30 50.51
C ARG AA 356 14.47 -65.73 50.45
N ASN AA 357 13.98 -66.60 51.33
CA ASN AA 357 14.34 -68.01 51.27
C ASN AA 357 13.56 -68.76 50.21
N LYS AA 358 12.35 -68.33 49.90
CA LYS AA 358 11.42 -69.12 49.12
C LYS AA 358 11.66 -69.01 47.62
N GLY AA 359 12.70 -68.31 47.19
CA GLY AA 359 12.87 -67.99 45.79
C GLY AA 359 13.24 -69.16 44.90
N GLY AA 360 13.73 -68.85 43.70
CA GLY AA 360 13.72 -69.80 42.60
C GLY AA 360 14.58 -71.05 42.68
N LYS AA 361 15.87 -70.90 42.88
CA LYS AA 361 16.81 -71.98 42.62
C LYS AA 361 16.85 -72.97 43.78
N MET AA 362 16.63 -74.25 43.49
CA MET AA 362 16.53 -75.25 44.56
C MET AA 362 17.83 -75.89 44.95
N SER AA 363 18.96 -75.48 44.38
CA SER AA 363 20.20 -76.08 44.81
C SER AA 363 21.31 -75.05 44.74
N MET AA 364 22.36 -75.31 45.49
CA MET AA 364 23.54 -74.48 45.48
C MET AA 364 24.73 -75.41 45.44
N LEU AA 365 25.83 -74.93 44.91
CA LEU AA 365 27.03 -75.74 44.77
C LEU AA 365 27.96 -75.31 45.89
N PHE AA 366 27.96 -76.12 46.95
CA PHE AA 366 28.63 -75.81 48.20
C PHE AA 366 29.54 -76.92 48.66
N ASP AA 367 30.70 -76.55 49.17
CA ASP AA 367 31.70 -77.52 49.62
C ASP AA 367 31.40 -78.26 50.91
N HIS AA 368 32.06 -79.40 51.06
CA HIS AA 368 31.93 -80.18 52.27
C HIS AA 368 33.32 -80.49 52.80
N HIS AA 369 33.51 -80.31 54.10
CA HIS AA 369 34.81 -80.58 54.70
C HIS AA 369 34.81 -81.89 55.49
N GLU BA 36 13.50 53.31 55.96
CA GLU BA 36 14.87 52.94 55.61
C GLU BA 36 15.78 53.16 56.82
N GLY BA 37 16.88 52.42 56.88
CA GLY BA 37 17.80 52.54 58.00
C GLY BA 37 17.40 51.65 59.15
N ASP BA 38 18.14 51.76 60.24
CA ASP BA 38 17.88 50.98 61.43
C ASP BA 38 16.83 51.60 62.34
N GLY BA 39 16.28 52.75 61.94
CA GLY BA 39 15.27 53.43 62.71
C GLY BA 39 15.74 54.68 63.39
N SER BA 40 17.06 54.86 63.47
CA SER BA 40 17.67 56.00 64.14
C SER BA 40 17.32 57.36 63.58
N ALA BA 41 16.66 57.38 62.43
CA ALA BA 41 16.28 58.63 61.76
C ALA BA 41 15.13 59.33 62.45
N PRO BA 42 14.92 60.61 62.13
CA PRO BA 42 13.82 61.29 62.80
C PRO BA 42 12.44 60.69 62.55
N GLY BA 43 12.11 60.20 61.36
CA GLY BA 43 10.78 59.66 61.13
C GLY BA 43 10.68 58.18 60.78
N GLY BA 44 9.52 57.57 60.98
CA GLY BA 44 9.36 56.16 60.68
C GLY BA 44 9.34 55.26 61.90
N SER BA 45 10.10 54.17 61.87
CA SER BA 45 10.17 53.22 62.98
C SER BA 45 11.12 53.61 64.10
N VAL BA 46 10.86 53.14 65.31
CA VAL BA 46 11.62 53.43 66.51
C VAL BA 46 12.88 52.60 66.62
N TRP BA 47 14.01 53.26 66.83
CA TRP BA 47 15.24 52.53 67.02
C TRP BA 47 15.07 51.95 68.39
N GLN BA 48 15.27 50.65 68.54
CA GLN BA 48 15.11 50.05 69.85
C GLN BA 48 16.32 49.21 70.19
N THR BA 49 16.57 49.11 71.49
CA THR BA 49 17.76 48.48 72.02
C THR BA 49 17.70 46.96 71.89
N THR BA 50 18.86 46.33 72.02
CA THR BA 50 18.98 44.89 71.88
C THR BA 50 18.19 44.15 72.94
N ASP BA 51 17.84 42.90 72.62
CA ASP BA 51 17.02 42.07 73.48
C ASP BA 51 17.85 41.45 74.59
N TYR BA 52 17.44 41.66 75.83
CA TYR BA 52 18.09 41.01 76.96
C TYR BA 52 17.46 39.69 77.36
N ILE BA 53 16.32 39.30 76.80
CA ILE BA 53 15.70 38.04 77.18
C ILE BA 53 16.50 36.86 76.64
N ALA BA 54 16.85 36.92 75.35
CA ALA BA 54 17.37 35.75 74.65
C ALA BA 54 18.49 35.07 75.42
N LEU BA 55 19.38 35.84 76.02
CA LEU BA 55 20.49 35.25 76.77
C LEU BA 55 20.09 34.83 78.18
N SER BA 56 19.02 35.38 78.73
CA SER BA 56 18.58 34.92 80.04
C SER BA 56 17.79 33.63 79.97
N MET BA 57 17.21 33.32 78.81
CA MET BA 57 16.43 32.10 78.65
C MET BA 57 17.23 30.91 78.15
N VAL BA 58 18.48 31.11 77.72
CA VAL BA 58 19.24 30.00 77.18
C VAL BA 58 19.50 28.97 78.28
N VAL BA 59 19.15 27.73 78.00
CA VAL BA 59 19.27 26.64 78.96
C VAL BA 59 20.56 25.89 78.65
N TYR BA 60 21.45 25.84 79.64
CA TYR BA 60 22.69 25.10 79.52
C TYR BA 60 22.53 23.79 80.26
N ARG BA 61 23.17 22.75 79.75
CA ARG BA 61 22.86 21.39 80.18
C ARG BA 61 24.16 20.68 80.53
N THR BA 62 24.29 20.26 81.78
CA THR BA 62 25.48 19.56 82.24
C THR BA 62 25.09 18.24 82.91
N ALA BA 63 26.07 17.55 83.48
CA ALA BA 63 25.80 16.29 84.17
C ALA BA 63 26.90 16.04 85.18
N ILE BA 64 26.61 15.16 86.14
CA ILE BA 64 27.57 14.70 87.13
C ILE BA 64 27.58 13.19 87.10
N LYS BA 65 28.71 12.62 86.72
CA LYS BA 65 28.87 11.17 86.63
C LYS BA 65 29.88 10.72 87.67
N LEU BA 66 29.56 9.64 88.37
CA LEU BA 66 30.40 9.13 89.45
C LEU BA 66 30.37 7.61 89.41
N ARG BA 67 31.52 6.99 89.66
CA ARG BA 67 31.61 5.54 89.78
C ARG BA 67 31.99 5.14 91.18
N ASN BA 68 31.59 3.92 91.53
CA ASN BA 68 31.72 3.41 92.87
C ASN BA 68 31.77 1.90 92.76
N PHE BA 69 32.42 1.26 93.73
CA PHE BA 69 32.34 -0.17 93.90
C PHE BA 69 31.49 -0.48 95.12
N VAL BA 70 30.51 -1.34 94.96
CA VAL BA 70 29.60 -1.70 96.03
C VAL BA 70 29.91 -3.11 96.47
N ASN BA 71 30.05 -3.31 97.77
CA ASN BA 71 30.24 -4.62 98.37
C ASN BA 71 29.10 -4.87 99.33
N ILE BA 72 28.27 -5.87 99.02
CA ILE BA 72 27.12 -6.22 99.84
C ILE BA 72 27.42 -7.54 100.50
N ARG BA 73 27.59 -7.53 101.82
CA ARG BA 73 27.95 -8.72 102.56
C ARG BA 73 26.96 -8.97 103.69
N GLY BA 74 26.84 -10.24 104.06
CA GLY BA 74 26.06 -10.62 105.22
C GLY BA 74 24.60 -10.23 105.15
N LEU BA 75 24.01 -10.31 103.97
CA LEU BA 75 22.64 -9.89 103.75
C LEU BA 75 21.78 -11.15 103.70
N THR BA 76 20.96 -11.35 104.72
CA THR BA 76 20.12 -12.54 104.77
C THR BA 76 18.94 -12.36 103.82
N PRO BA 77 18.24 -13.46 103.47
CA PRO BA 77 17.16 -13.33 102.48
C PRO BA 77 15.99 -12.48 102.93
N THR BA 78 15.78 -12.30 104.23
CA THR BA 78 14.71 -11.42 104.68
C THR BA 78 15.08 -9.97 104.52
N GLU BA 79 16.29 -9.60 104.94
CA GLU BA 79 16.76 -8.23 104.82
C GLU BA 79 17.15 -7.92 103.39
N MET BA 80 17.19 -6.62 103.08
CA MET BA 80 17.22 -6.14 101.71
C MET BA 80 17.95 -4.81 101.66
N ILE BA 81 18.71 -4.60 100.59
CA ILE BA 81 19.44 -3.34 100.38
C ILE BA 81 18.52 -2.34 99.72
N VAL BA 82 18.42 -1.16 100.32
CA VAL BA 82 17.63 -0.07 99.78
C VAL BA 82 18.52 0.78 98.90
N ILE BA 83 18.15 0.94 97.64
CA ILE BA 83 18.96 1.77 96.75
C ILE BA 83 18.51 3.20 96.99
N PRO BA 84 19.31 4.05 97.58
CA PRO BA 84 18.89 5.43 97.81
C PRO BA 84 18.91 6.23 96.53
N TRP BA 85 18.23 5.73 95.50
CA TRP BA 85 18.42 6.27 94.18
C TRP BA 85 17.45 7.39 93.90
N ASN BA 86 16.49 7.62 94.78
CA ASN BA 86 15.56 8.73 94.66
C ASN BA 86 15.96 9.94 95.49
N VAL BA 87 17.09 9.90 96.17
CA VAL BA 87 17.58 11.06 96.91
C VAL BA 87 18.60 11.78 96.06
N MET BA 88 18.51 13.11 96.03
CA MET BA 88 19.33 13.90 95.13
C MET BA 88 20.80 13.75 95.46
N ARG BA 89 21.13 13.66 96.74
CA ARG BA 89 22.50 13.59 97.20
C ARG BA 89 23.21 12.32 96.74
N PHE BA 90 22.46 11.31 96.31
CA PHE BA 90 23.06 10.07 95.86
C PHE BA 90 23.89 10.29 94.60
N TYR BA 91 23.36 11.06 93.66
CA TYR BA 91 24.00 11.19 92.36
C TYR BA 91 25.12 12.21 92.34
N CYS BA 92 24.89 13.38 92.94
CA CYS BA 92 25.79 14.52 92.82
C CYS BA 92 26.74 14.69 93.99
N GLU BA 93 26.65 13.85 95.01
CA GLU BA 93 27.60 13.86 96.11
C GLU BA 93 28.12 12.46 96.30
N TYR BA 94 29.42 12.32 96.51
CA TYR BA 94 30.06 11.02 96.44
C TYR BA 94 30.28 10.57 97.87
N ASN BA 95 29.48 9.62 98.33
CA ASN BA 95 29.62 9.15 99.70
C ASN BA 95 30.09 7.73 99.62
N THR BA 96 31.37 7.52 99.88
CA THR BA 96 31.96 6.19 99.90
C THR BA 96 33.05 6.19 100.94
N GLY BA 97 33.05 5.20 101.82
CA GLY BA 97 34.18 5.03 102.70
C GLY BA 97 34.53 6.29 103.47
N THR BA 98 35.78 6.72 103.34
CA THR BA 98 36.28 7.89 104.07
C THR BA 98 35.81 9.20 103.46
N TYR BA 99 35.41 9.22 102.18
CA TYR BA 99 35.02 10.46 101.54
C TYR BA 99 33.92 11.17 102.31
N GLY BA 100 32.81 10.48 102.55
CA GLY BA 100 31.69 11.09 103.25
C GLY BA 100 32.05 11.66 104.61
N LEU BA 101 33.12 11.16 105.23
CA LEU BA 101 33.58 11.73 106.48
C LEU BA 101 34.29 13.06 106.26
N SER BA 102 35.05 13.15 105.16
CA SER BA 102 35.69 14.41 104.79
C SER BA 102 34.66 15.41 104.29
N GLY BA 103 35.04 16.69 104.33
CA GLY BA 103 34.11 17.75 104.04
C GLY BA 103 33.98 18.09 102.57
N ASN BA 104 32.78 18.57 102.21
CA ASN BA 104 32.46 19.09 100.89
C ASN BA 104 32.87 18.11 99.79
N VAL BA 105 32.12 17.00 99.75
CA VAL BA 105 32.37 15.96 98.76
C VAL BA 105 31.48 16.14 97.53
N HIS BA 106 30.72 17.21 97.47
CA HIS BA 106 29.94 17.50 96.28
C HIS BA 106 30.84 17.62 95.05
N HIS BA 107 30.32 17.20 93.91
CA HIS BA 107 31.04 17.36 92.67
C HIS BA 107 31.10 18.84 92.30
N LYS BA 108 32.20 19.23 91.68
CA LYS BA 108 32.41 20.66 91.43
C LYS BA 108 31.48 21.24 90.38
N ASN BA 109 30.94 20.41 89.49
CA ASN BA 109 29.89 20.91 88.61
C ASN BA 109 28.67 21.33 89.41
N TYR BA 110 28.42 20.68 90.53
CA TYR BA 110 27.27 21.08 91.31
C TYR BA 110 27.53 22.33 92.11
N SER BA 111 28.77 22.51 92.59
CA SER BA 111 29.08 23.71 93.35
C SER BA 111 28.86 24.97 92.54
N MET BA 112 29.08 24.91 91.22
CA MET BA 112 28.82 26.07 90.39
C MET BA 112 27.36 26.17 89.95
N LEU BA 113 26.60 25.07 89.99
CA LEU BA 113 25.17 25.21 89.75
C LEU BA 113 24.53 26.16 90.74
N LEU BA 114 25.18 26.38 91.88
CA LEU BA 114 24.77 27.39 92.83
C LEU BA 114 25.28 28.78 92.44
N ALA BA 115 26.23 28.85 91.51
CA ALA BA 115 26.69 30.15 91.01
C ALA BA 115 25.73 30.71 89.97
N CYS BA 116 25.22 29.87 89.08
CA CYS BA 116 24.18 30.30 88.15
C CYS BA 116 22.86 30.46 88.90
N LYS BA 117 21.94 31.22 88.32
CA LYS BA 117 20.78 31.60 89.11
C LYS BA 117 19.75 30.50 89.21
N ALA BA 118 19.71 29.58 88.25
CA ALA BA 118 18.72 28.52 88.26
C ALA BA 118 19.36 27.24 87.76
N HIS BA 119 19.00 26.13 88.39
CA HIS BA 119 19.39 24.83 87.90
C HIS BA 119 18.21 23.88 88.08
N ARG BA 120 18.15 22.87 87.22
CA ARG BA 120 17.10 21.90 87.31
C ARG BA 120 17.66 20.51 87.07
N PRO BA 121 17.22 19.52 87.85
CA PRO BA 121 17.87 18.20 87.81
C PRO BA 121 17.59 17.34 86.60
N THR BA 122 16.48 17.52 85.88
CA THR BA 122 16.12 16.72 84.71
C THR BA 122 16.37 15.22 84.92
N LYS BA 123 17.02 14.56 83.97
CA LYS BA 123 17.14 13.11 84.05
C LYS BA 123 18.10 12.69 85.14
N VAL BA 124 17.87 11.50 85.70
CA VAL BA 124 18.71 10.94 86.73
C VAL BA 124 18.70 9.42 86.56
N GLY BA 125 19.83 8.78 86.85
CA GLY BA 125 19.90 7.35 86.64
C GLY BA 125 21.17 6.75 87.19
N TYR BA 126 21.23 5.42 87.14
CA TYR BA 126 22.42 4.73 87.64
C TYR BA 126 22.53 3.38 86.95
N THR BA 127 23.72 2.78 87.06
CA THR BA 127 24.04 1.52 86.43
C THR BA 127 24.71 0.59 87.41
N LEU BA 128 24.24 -0.65 87.47
CA LEU BA 128 24.90 -1.74 88.17
C LEU BA 128 25.61 -2.62 87.15
N SER BA 129 26.88 -2.93 87.39
CA SER BA 129 27.65 -3.59 86.36
C SER BA 129 28.65 -4.56 86.98
N ASN BA 130 29.00 -5.58 86.20
CA ASN BA 130 30.06 -6.53 86.51
C ASN BA 130 29.92 -7.07 87.93
N LEU BA 131 28.88 -7.88 88.08
CA LEU BA 131 28.57 -8.48 89.37
C LEU BA 131 29.56 -9.58 89.70
N ILE BA 132 30.02 -9.58 90.94
CA ILE BA 132 30.88 -10.64 91.47
C ILE BA 132 30.23 -11.14 92.74
N LEU BA 133 29.82 -12.40 92.73
CA LEU BA 133 29.32 -13.07 93.92
C LEU BA 133 30.42 -13.88 94.56
N THR BA 134 30.50 -13.81 95.88
CA THR BA 134 31.43 -14.59 96.67
C THR BA 134 30.65 -15.29 97.77
N SER BA 135 31.28 -16.27 98.39
CA SER BA 135 30.62 -17.09 99.39
C SER BA 135 31.47 -17.19 100.64
N ASP BA 136 30.84 -16.99 101.79
CA ASP BA 136 31.47 -17.23 103.08
C ASP BA 136 31.28 -18.66 103.55
N GLU BA 137 30.71 -19.52 102.71
CA GLU BA 137 30.39 -20.88 103.12
C GLU BA 137 31.62 -21.62 103.62
N LEU BA 138 32.77 -21.43 102.97
CA LEU BA 138 33.98 -22.06 103.43
C LEU BA 138 34.56 -21.38 104.67
N VAL BA 139 34.10 -20.18 104.99
CA VAL BA 139 34.59 -19.45 106.14
C VAL BA 139 33.98 -20.03 107.41
N SER BA 140 34.80 -20.14 108.45
CA SER BA 140 34.35 -20.56 109.77
C SER BA 140 35.14 -19.77 110.81
N THR BA 141 34.66 -19.80 112.05
CA THR BA 141 35.33 -19.06 113.11
C THR BA 141 36.75 -19.56 113.33
N GLY BA 142 37.02 -20.83 112.99
CA GLY BA 142 38.40 -21.31 113.04
C GLY BA 142 39.28 -20.67 112.00
N GLY BA 143 38.69 -20.23 110.89
CA GLY BA 143 39.44 -19.51 109.88
C GLY BA 143 40.17 -20.42 108.91
N THR BA 144 41.32 -19.95 108.45
CA THR BA 144 42.24 -20.63 107.54
C THR BA 144 41.66 -20.75 106.13
N LEU BA 145 40.38 -20.48 105.96
CA LEU BA 145 39.75 -20.41 104.65
C LEU BA 145 38.89 -19.16 104.58
N GLY BA 146 39.14 -18.33 103.57
CA GLY BA 146 38.40 -17.10 103.39
C GLY BA 146 37.31 -17.25 102.35
N THR BA 147 36.58 -16.16 102.14
CA THR BA 147 35.53 -16.17 101.14
C THR BA 147 36.13 -16.28 99.76
N THR BA 148 35.34 -16.82 98.83
CA THR BA 148 35.80 -16.90 97.45
C THR BA 148 34.57 -16.91 96.56
N THR BA 149 34.79 -16.58 95.30
CA THR BA 149 33.70 -16.53 94.33
C THR BA 149 32.97 -17.86 94.27
N THR BA 150 31.68 -17.79 93.99
CA THR BA 150 30.85 -18.98 93.99
C THR BA 150 31.39 -20.02 93.01
N PHE BA 151 31.24 -21.28 93.38
CA PHE BA 151 31.82 -22.38 92.59
C PHE BA 151 31.27 -22.37 91.17
N ASN BA 152 30.00 -22.06 91.00
CA ASN BA 152 29.41 -21.89 89.68
C ASN BA 152 28.61 -20.59 89.66
N THR BA 153 28.22 -20.18 88.47
CA THR BA 153 27.59 -18.89 88.25
C THR BA 153 26.08 -18.93 88.40
N SER BA 154 25.52 -20.07 88.82
CA SER BA 154 24.09 -20.15 89.05
C SER BA 154 23.54 -19.17 90.08
N PRO BA 155 24.23 -18.82 91.17
CA PRO BA 155 23.66 -17.87 92.12
C PRO BA 155 23.49 -16.50 91.48
N TYR BA 156 22.66 -15.69 92.11
CA TYR BA 156 22.29 -14.39 91.57
C TYR BA 156 21.94 -13.44 92.68
N MET BA 157 21.97 -12.15 92.36
CA MET BA 157 21.49 -11.10 93.23
C MET BA 157 20.24 -10.51 92.62
N ILE BA 158 19.20 -10.35 93.43
CA ILE BA 158 17.89 -9.95 92.94
C ILE BA 158 17.82 -8.43 92.99
N HIS BA 159 17.57 -7.81 91.85
CA HIS BA 159 17.30 -6.37 91.82
C HIS BA 159 15.80 -6.17 91.71
N SER BA 160 15.22 -5.60 92.74
CA SER BA 160 13.78 -5.46 92.83
C SER BA 160 13.38 -4.01 92.64
N ILE BA 161 12.39 -3.78 91.79
CA ILE BA 161 11.78 -2.47 91.61
C ILE BA 161 10.35 -2.58 92.11
N ASP BA 162 9.99 -1.79 93.11
CA ASP BA 162 8.64 -1.93 93.67
C ASP BA 162 7.77 -0.94 92.94
N ASP BA 163 6.94 -1.45 92.02
CA ASP BA 163 6.03 -0.62 91.24
C ASP BA 163 4.75 -0.35 91.99
N GLN BA 164 4.23 -1.37 92.66
CA GLN BA 164 2.96 -1.29 93.36
C GLN BA 164 3.11 -0.64 94.72
N GLN BA 165 4.33 -0.28 95.10
CA GLN BA 165 4.63 0.33 96.38
C GLN BA 165 4.17 -0.57 97.53
N CYS BA 166 4.65 -1.81 97.50
CA CYS BA 166 4.50 -2.67 98.67
C CYS BA 166 5.07 -1.99 99.91
N LEU BA 167 6.22 -1.33 99.75
CA LEU BA 167 6.87 -0.59 100.82
C LEU BA 167 6.76 0.89 100.49
N SER BA 168 5.95 1.61 101.25
CA SER BA 168 5.83 3.04 101.09
C SER BA 168 7.01 3.77 101.70
N LYS BA 169 7.38 3.37 102.92
CA LYS BA 169 8.38 4.02 103.71
C LYS BA 169 9.26 2.94 104.33
N VAL BA 170 10.57 3.10 104.21
CA VAL BA 170 11.51 2.05 104.54
C VAL BA 170 12.40 2.53 105.67
N TYR BA 171 12.59 1.69 106.68
CA TYR BA 171 13.37 2.00 107.85
C TYR BA 171 14.59 1.09 107.93
N PRO BA 172 15.66 1.54 108.57
CA PRO BA 172 16.80 0.64 108.81
C PRO BA 172 16.44 -0.47 109.77
N LYS BA 173 17.27 -1.51 109.77
CA LYS BA 173 17.08 -2.60 110.71
C LYS BA 173 17.28 -2.11 112.14
N THR BA 174 16.70 -2.87 113.07
CA THR BA 174 16.66 -2.46 114.47
C THR BA 174 18.05 -2.06 114.98
N ASP BA 175 19.05 -2.90 114.73
CA ASP BA 175 20.38 -2.62 115.26
C ASP BA 175 21.11 -1.58 114.42
N THR BA 176 20.97 -1.64 113.10
CA THR BA 176 21.79 -0.83 112.23
C THR BA 176 21.23 0.58 112.12
N VAL BA 177 21.93 1.42 111.35
CA VAL BA 177 21.49 2.78 111.06
C VAL BA 177 22.06 3.15 109.71
N TRP BA 178 21.45 4.13 109.06
CA TRP BA 178 21.84 4.52 107.71
C TRP BA 178 22.61 5.82 107.77
N PRO BA 179 23.92 5.83 107.61
CA PRO BA 179 24.65 7.09 107.49
C PRO BA 179 24.45 7.69 106.12
N VAL BA 180 24.43 9.02 106.07
CA VAL BA 180 24.38 9.64 104.76
C VAL BA 180 25.77 9.63 104.14
N SER BA 181 26.81 9.63 104.96
CA SER BA 181 28.17 9.55 104.46
C SER BA 181 28.46 8.23 103.79
N SER BA 182 27.65 7.21 104.06
CA SER BA 182 27.80 5.89 103.50
C SER BA 182 26.93 5.66 102.27
N MET BA 183 26.25 6.70 101.78
CA MET BA 183 25.12 6.51 100.89
C MET BA 183 25.47 5.71 99.63
N ARG BA 184 26.56 6.07 98.95
CA ARG BA 184 26.77 5.50 97.62
C ARG BA 184 27.30 4.08 97.64
N GLU BA 185 28.02 3.63 98.66
CA GLU BA 185 28.24 2.20 98.78
C GLU BA 185 27.04 1.67 99.51
N LEU BA 186 26.41 0.64 98.97
CA LEU BA 186 25.04 0.40 99.38
C LEU BA 186 25.11 -0.53 100.58
N ASP BA 187 25.03 0.07 101.75
CA ASP BA 187 24.91 -0.64 103.01
C ASP BA 187 23.52 -0.60 103.62
N TYR BA 188 22.56 0.10 103.01
CA TYR BA 188 21.33 0.35 103.74
C TYR BA 188 20.50 -0.91 103.71
N VAL BA 189 20.25 -1.48 104.87
CA VAL BA 189 19.59 -2.76 104.99
C VAL BA 189 18.24 -2.55 105.67
N ALA BA 190 17.19 -2.89 104.97
CA ALA BA 190 15.86 -2.91 105.52
C ALA BA 190 15.45 -4.36 105.75
N SER BA 191 14.68 -4.59 106.79
CA SER BA 191 14.09 -5.90 107.03
C SER BA 191 12.59 -5.75 106.83
N THR BA 192 12.07 -6.31 105.76
CA THR BA 192 10.66 -6.23 105.46
C THR BA 192 9.95 -7.36 106.19
N VAL BA 193 9.04 -7.01 107.08
CA VAL BA 193 8.43 -7.96 107.99
C VAL BA 193 6.94 -7.64 108.11
N SER BA 194 6.10 -8.66 107.99
CA SER BA 194 4.68 -8.54 108.29
C SER BA 194 4.52 -8.67 109.80
N GLY BA 195 3.30 -8.84 110.29
CA GLY BA 195 3.18 -8.86 111.73
C GLY BA 195 3.96 -9.97 112.40
N ASP BA 196 3.66 -11.22 112.07
CA ASP BA 196 4.51 -12.34 112.45
C ASP BA 196 5.41 -12.84 111.33
N ASN BA 197 5.30 -12.28 110.13
CA ASN BA 197 5.85 -12.90 108.94
C ASN BA 197 7.05 -12.11 108.44
N ALA BA 198 8.15 -12.79 108.21
CA ALA BA 198 9.29 -12.19 107.53
C ALA BA 198 9.06 -12.25 106.04
N ILE BA 199 9.04 -11.09 105.40
CA ILE BA 199 8.79 -11.00 103.97
C ILE BA 199 10.07 -11.27 103.21
N ILE BA 200 10.04 -12.20 102.26
CA ILE BA 200 11.11 -12.31 101.28
C ILE BA 200 10.89 -11.21 100.25
N PRO BA 201 11.81 -10.25 100.12
CA PRO BA 201 11.52 -9.06 99.32
C PRO BA 201 11.17 -9.35 97.87
N SER BA 202 11.85 -10.31 97.25
CA SER BA 202 11.59 -10.61 95.85
C SER BA 202 10.17 -11.08 95.59
N THR BA 203 9.48 -11.58 96.62
CA THR BA 203 8.16 -12.16 96.40
C THR BA 203 7.08 -11.09 96.28
N ILE BA 204 7.18 -10.02 97.05
CA ILE BA 204 6.16 -8.98 97.01
C ILE BA 204 6.38 -8.02 95.84
N PHE BA 205 7.63 -7.70 95.53
CA PHE BA 205 7.92 -6.64 94.58
C PHE BA 205 7.56 -7.07 93.16
N ASN BA 206 7.36 -6.06 92.31
CA ASN BA 206 6.80 -6.30 90.98
C ASN BA 206 7.87 -6.76 90.02
N LYS BA 207 8.75 -5.85 89.61
CA LYS BA 207 9.87 -6.22 88.75
C LYS BA 207 11.01 -6.71 89.62
N ASN BA 208 11.40 -7.96 89.40
CA ASN BA 208 12.52 -8.58 90.09
C ASN BA 208 13.43 -9.16 89.04
N ARG BA 209 14.62 -8.60 88.92
CA ARG BA 209 15.63 -9.07 87.99
C ARG BA 209 16.60 -9.96 88.73
N TYR BA 210 16.75 -11.20 88.28
CA TYR BA 210 17.75 -12.07 88.87
C TYR BA 210 19.01 -11.93 88.06
N TRP BA 211 20.01 -11.29 88.64
CA TRP BA 211 21.16 -10.81 87.90
C TRP BA 211 22.37 -11.60 88.34
N LYS BA 212 22.96 -12.32 87.40
CA LYS BA 212 24.00 -13.28 87.68
C LYS BA 212 25.36 -12.72 87.29
N GLN BA 213 26.37 -13.55 87.47
CA GLN BA 213 27.73 -13.21 87.08
C GLN BA 213 27.85 -13.37 85.57
N GLY BA 214 28.23 -12.31 84.88
CA GLY BA 214 28.33 -12.31 83.45
C GLY BA 214 27.16 -11.64 82.75
N ASP BA 215 26.06 -11.40 83.44
CA ASP BA 215 24.94 -10.70 82.84
C ASP BA 215 25.32 -9.27 82.49
N ASP BA 216 24.60 -8.70 81.55
CA ASP BA 216 24.84 -7.33 81.14
C ASP BA 216 24.52 -6.38 82.28
N ALA BA 217 25.09 -5.20 82.20
CA ALA BA 217 24.87 -4.19 83.23
C ALA BA 217 23.39 -3.83 83.31
N LEU BA 218 22.96 -3.47 84.51
CA LEU BA 218 21.58 -3.09 84.77
C LEU BA 218 21.49 -1.57 84.78
N HIS BA 219 20.75 -1.01 83.83
CA HIS BA 219 20.66 0.43 83.65
C HIS BA 219 19.29 0.90 84.13
N PHE BA 220 19.27 1.91 84.99
CA PHE BA 220 18.02 2.44 85.50
C PHE BA 220 18.07 3.95 85.38
N SER BA 221 16.98 4.53 84.90
CA SER BA 221 16.93 5.94 84.62
C SER BA 221 15.58 6.50 85.03
N HIS BA 222 15.55 7.79 85.31
CA HIS BA 222 14.32 8.49 85.58
C HIS BA 222 14.39 9.86 84.92
N ASP BA 223 13.39 10.19 84.11
CA ASP BA 223 13.33 11.49 83.46
C ASP BA 223 12.47 12.41 84.29
N LEU BA 224 12.98 13.61 84.56
CA LEU BA 224 12.21 14.66 85.23
C LEU BA 224 11.83 15.71 84.21
N ASP BA 225 10.54 16.00 84.11
CA ASP BA 225 10.07 17.17 83.39
C ASP BA 225 9.45 18.11 84.42
N LEU BA 226 10.14 19.20 84.71
CA LEU BA 226 9.69 20.19 85.66
C LEU BA 226 9.29 21.44 84.90
N GLY BA 227 8.25 22.10 85.35
CA GLY BA 227 7.96 23.38 84.73
C GLY BA 227 8.72 24.52 85.34
N PHE BA 228 9.58 24.26 86.31
CA PHE BA 228 10.20 25.31 87.08
C PHE BA 228 11.66 24.94 87.32
N TRP BA 229 12.33 25.77 88.10
CA TRP BA 229 13.77 25.69 88.30
C TRP BA 229 14.04 25.80 89.79
N PHE BA 230 15.27 25.51 90.19
CA PHE BA 230 15.66 25.60 91.58
C PHE BA 230 16.77 26.61 91.75
N GLY BA 231 16.66 27.43 92.79
CA GLY BA 231 17.67 28.44 93.02
C GLY BA 231 18.61 28.13 94.17
N SER BA 232 18.33 27.10 94.95
CA SER BA 232 19.10 26.77 96.13
C SER BA 232 19.69 25.38 95.98
N ASP BA 233 20.44 24.96 96.97
CA ASP BA 233 20.98 23.61 96.95
C ASP BA 233 19.92 22.60 97.35
N TYR BA 234 20.08 21.37 96.89
CA TYR BA 234 19.12 20.34 97.24
C TYR BA 234 19.14 20.05 98.73
N GLY BA 235 20.32 19.89 99.31
CA GLY BA 235 20.39 19.80 100.76
C GLY BA 235 19.66 18.60 101.32
N ASN BA 236 20.05 17.40 100.90
CA ASN BA 236 19.42 16.13 101.24
C ASN BA 236 17.91 16.16 101.01
N ALA BA 237 17.54 16.57 99.81
CA ALA BA 237 16.19 16.47 99.29
C ALA BA 237 16.08 15.29 98.34
N TYR BA 238 14.92 14.65 98.34
CA TYR BA 238 14.65 13.69 97.28
C TYR BA 238 14.68 14.41 95.95
N VAL BA 239 15.26 13.78 94.94
CA VAL BA 239 15.16 14.33 93.60
C VAL BA 239 13.69 14.48 93.23
N PRO BA 240 13.26 15.62 92.68
CA PRO BA 240 11.86 16.01 92.72
C PRO BA 240 10.89 14.96 92.22
N GLN BA 241 9.83 14.74 93.01
CA GLN BA 241 8.82 13.73 92.74
C GLN BA 241 7.49 14.30 93.17
N ASN BA 242 6.43 13.87 92.51
CA ASN BA 242 5.06 14.19 92.93
C ASN BA 242 4.42 12.88 93.35
N ASN BA 243 4.12 12.75 94.64
CA ASN BA 243 3.65 11.46 95.12
C ASN BA 243 2.72 11.65 96.31
N ASP BA 244 2.21 10.51 96.79
CA ASP BA 244 1.54 10.48 98.08
C ASP BA 244 2.48 10.90 99.20
N SER BA 245 3.75 10.52 99.09
CA SER BA 245 4.71 10.87 100.12
C SER BA 245 5.29 12.27 99.97
N MET BA 246 5.42 12.78 98.75
CA MET BA 246 6.21 13.99 98.59
C MET BA 246 5.80 14.74 97.33
N ASN BA 247 6.14 16.02 97.30
CA ASN BA 247 5.89 16.89 96.15
C ASN BA 247 7.19 17.56 95.71
N ALA BA 248 7.22 17.96 94.45
CA ALA BA 248 8.45 18.38 93.81
C ALA BA 248 8.87 19.79 94.19
N VAL BA 249 7.91 20.66 94.49
CA VAL BA 249 8.17 22.06 94.73
C VAL BA 249 8.12 22.30 96.24
N GLY BA 250 9.11 23.05 96.75
CA GLY BA 250 9.31 23.12 98.18
C GLY BA 250 8.84 24.34 98.91
N THR BA 251 8.50 25.41 98.20
CA THR BA 251 8.10 26.64 98.85
C THR BA 251 6.61 26.62 99.14
N ILE BA 252 6.24 27.06 100.33
CA ILE BA 252 4.84 27.26 100.67
C ILE BA 252 4.32 28.41 99.83
N PRO BA 253 3.32 28.20 98.99
CA PRO BA 253 2.74 29.31 98.24
C PRO BA 253 2.03 30.28 99.18
N THR BA 254 2.00 31.54 98.77
CA THR BA 254 1.56 32.64 99.63
C THR BA 254 0.48 33.45 98.92
N SER BA 255 -0.20 34.28 99.71
CA SER BA 255 -1.53 34.74 99.38
C SER BA 255 -1.56 35.73 98.22
N LYS BA 256 -2.70 35.73 97.51
CA LYS BA 256 -3.10 36.80 96.61
C LYS BA 256 -2.17 36.93 95.41
N HIS BA 257 -1.70 35.80 94.90
CA HIS BA 257 -0.97 35.77 93.64
C HIS BA 257 -0.81 34.32 93.21
N ILE BA 258 -0.12 34.12 92.10
CA ILE BA 258 0.00 32.83 91.46
C ILE BA 258 1.33 32.19 91.86
N ASN BA 259 1.32 30.89 92.07
CA ASN BA 259 2.48 30.17 92.57
C ASN BA 259 2.61 28.87 91.79
N VAL BA 260 3.85 28.44 91.59
CA VAL BA 260 4.07 27.17 90.91
C VAL BA 260 3.74 26.03 91.87
N ARG BA 261 2.91 25.11 91.40
CA ARG BA 261 2.35 24.04 92.21
C ARG BA 261 2.65 22.71 91.54
N GLY BA 262 3.04 21.72 92.33
CA GLY BA 262 3.25 20.40 91.79
C GLY BA 262 1.96 19.78 91.30
N VAL BA 263 2.07 18.93 90.28
CA VAL BA 263 0.92 18.30 89.68
C VAL BA 263 1.39 17.00 89.02
N ASN BA 264 0.47 16.07 88.84
CA ASN BA 264 0.53 14.92 87.93
C ASN BA 264 1.21 13.63 88.37
N ASN BA 265 1.79 13.51 89.55
CA ASN BA 265 2.33 12.21 89.99
C ASN BA 265 3.39 11.67 89.04
N ARG BA 266 4.56 12.29 89.09
CA ARG BA 266 5.78 11.65 88.61
C ARG BA 266 6.59 11.24 89.84
N GLY BA 267 6.99 9.98 89.89
CA GLY BA 267 7.74 9.50 91.04
C GLY BA 267 8.65 8.37 90.64
N MET BA 268 9.48 7.93 91.58
CA MET BA 268 10.43 6.85 91.33
C MET BA 268 10.09 5.59 92.11
N ALA BA 269 10.27 4.44 91.47
CA ALA BA 269 10.01 3.15 92.11
C ALA BA 269 11.12 2.81 93.09
N GLY BA 270 10.76 2.25 94.24
CA GLY BA 270 11.71 1.88 95.26
C GLY BA 270 12.58 0.71 94.87
N HIS BA 271 13.75 1.00 94.31
CA HIS BA 271 14.69 -0.04 93.90
C HIS BA 271 15.26 -0.72 95.14
N TYR BA 272 15.59 -2.00 95.02
CA TYR BA 272 16.13 -2.74 96.15
C TYR BA 272 17.02 -3.86 95.66
N LEU BA 273 17.89 -4.33 96.54
CA LEU BA 273 18.78 -5.46 96.25
C LEU BA 273 18.62 -6.50 97.34
N SER BA 274 18.57 -7.76 96.94
CA SER BA 274 18.39 -8.84 97.89
C SER BA 274 18.95 -10.12 97.27
N PHE BA 275 19.14 -11.11 98.11
CA PHE BA 275 19.61 -12.38 97.62
C PHE BA 275 18.55 -13.45 97.83
N PRO BA 276 18.48 -14.44 96.95
CA PRO BA 276 17.48 -15.49 97.10
C PRO BA 276 17.78 -16.32 98.33
N PRO BA 277 16.75 -16.72 99.08
CA PRO BA 277 16.99 -17.62 100.21
C PRO BA 277 17.52 -18.95 99.71
N ILE BA 278 18.64 -19.38 100.27
CA ILE BA 278 19.22 -20.68 99.98
C ILE BA 278 19.55 -21.32 101.31
N ARG BA 279 18.89 -22.42 101.63
CA ARG BA 279 19.15 -23.08 102.89
C ARG BA 279 20.43 -23.86 102.83
N THR BA 280 21.11 -23.93 103.98
CA THR BA 280 22.33 -24.67 104.15
C THR BA 280 22.16 -25.67 105.28
N ASN BA 281 23.24 -26.40 105.57
CA ASN BA 281 23.27 -27.21 106.77
C ASN BA 281 22.95 -26.37 108.01
N ASP BA 282 23.40 -25.12 108.03
CA ASP BA 282 23.08 -24.19 109.10
C ASP BA 282 22.63 -22.87 108.51
N GLY BA 283 21.39 -22.49 108.79
CA GLY BA 283 20.92 -21.17 108.38
C GLY BA 283 20.81 -21.03 106.87
N GLN BA 284 21.27 -19.89 106.38
CA GLN BA 284 21.09 -19.49 105.00
C GLN BA 284 22.44 -19.42 104.29
N PHE BA 285 22.41 -19.62 102.98
CA PHE BA 285 23.63 -19.56 102.20
C PHE BA 285 24.16 -18.15 102.26
N LYS BA 286 25.47 -18.01 102.40
CA LYS BA 286 26.06 -16.68 102.55
C LYS BA 286 26.47 -16.21 101.17
N LEU BA 287 25.73 -15.25 100.64
CA LEU BA 287 26.05 -14.63 99.36
C LEU BA 287 26.53 -13.22 99.60
N ASN BA 288 27.63 -12.88 98.96
CA ASN BA 288 28.21 -11.57 99.02
C ASN BA 288 28.30 -11.10 97.58
N ALA BA 289 28.10 -9.81 97.35
CA ALA BA 289 28.08 -9.30 96.00
C ALA BA 289 29.02 -8.13 95.86
N GLN BA 290 29.69 -8.05 94.72
CA GLN BA 290 30.33 -6.83 94.28
C GLN BA 290 29.75 -6.41 92.94
N PHE BA 291 29.63 -5.11 92.74
CA PHE BA 291 29.33 -4.56 91.42
C PHE BA 291 29.79 -3.12 91.42
N THR BA 292 29.92 -2.57 90.22
CA THR BA 292 30.26 -1.17 90.08
C THR BA 292 28.98 -0.36 89.96
N LEU BA 293 28.95 0.76 90.66
CA LEU BA 293 27.83 1.68 90.64
C LEU BA 293 28.24 2.90 89.84
N GLU BA 294 27.64 3.08 88.68
CA GLU BA 294 27.82 4.28 87.88
C GLU BA 294 26.51 5.06 87.93
N THR BA 295 26.54 6.22 88.58
CA THR BA 295 25.38 7.09 88.63
C THR BA 295 25.62 8.30 87.75
N GLU BA 296 24.55 8.79 87.15
CA GLU BA 296 24.62 10.01 86.36
C GLU BA 296 23.37 10.84 86.63
N ILE BA 297 23.58 12.12 86.90
CA ILE BA 297 22.49 13.08 87.02
C ILE BA 297 22.77 14.21 86.06
N GLU BA 298 21.78 14.56 85.24
CA GLU BA 298 21.95 15.54 84.19
C GLU BA 298 21.22 16.81 84.59
N PHE BA 299 21.97 17.87 84.90
CA PHE BA 299 21.36 19.13 85.25
C PHE BA 299 21.23 20.05 84.05
N GLU BA 300 20.14 20.78 84.00
CA GLU BA 300 20.04 21.99 83.20
C GLU BA 300 20.24 23.18 84.11
N PHE BA 301 20.92 24.20 83.62
CA PHE BA 301 21.08 25.41 84.39
C PHE BA 301 20.91 26.61 83.47
N ARG BA 302 20.77 27.77 84.09
CA ARG BA 302 20.36 28.98 83.40
C ARG BA 302 21.05 30.16 84.06
N LEU BA 303 21.42 31.15 83.26
CA LEU BA 303 22.32 32.19 83.74
C LEU BA 303 21.55 33.47 84.07
N TRP BA 304 22.32 34.47 84.48
CA TRP BA 304 21.81 35.71 85.06
C TRP BA 304 21.28 36.65 83.98
N GLU BA 305 20.46 37.60 84.43
CA GLU BA 305 19.84 38.55 83.53
C GLU BA 305 20.88 39.44 82.87
N GLN BA 306 20.69 39.69 81.58
CA GLN BA 306 21.58 40.59 80.86
C GLN BA 306 21.30 42.04 81.23
N GLY BA 307 22.28 42.89 81.01
CA GLY BA 307 22.11 44.30 81.24
C GLY BA 307 22.55 44.71 82.62
N VAL BA 308 22.24 45.96 82.95
CA VAL BA 308 22.53 46.48 84.27
C VAL BA 308 21.80 45.68 85.34
N GLN BA 309 20.71 45.03 84.98
CA GLN BA 309 19.99 44.20 85.94
C GLN BA 309 20.88 43.10 86.51
N GLY BA 310 21.82 42.61 85.72
CA GLY BA 310 22.71 41.55 86.12
C GLY BA 310 24.00 41.99 86.78
N ILE BA 311 24.16 43.28 87.06
CA ILE BA 311 25.35 43.75 87.76
C ILE BA 311 25.25 43.36 89.22
N ASN BA 312 26.37 42.85 89.77
CA ASN BA 312 26.36 42.33 91.14
C ASN BA 312 25.82 43.35 92.13
N SER BA 313 26.28 44.60 92.04
CA SER BA 313 25.91 45.58 93.05
C SER BA 313 24.43 45.89 93.02
N VAL BA 314 23.85 46.04 91.82
CA VAL BA 314 22.45 46.39 91.70
C VAL BA 314 21.54 45.19 91.49
N HIS BA 315 22.09 43.99 91.39
CA HIS BA 315 21.22 42.83 91.18
C HIS BA 315 20.46 42.46 92.43
N THR BA 316 20.94 42.85 93.61
CA THR BA 316 20.22 42.52 94.83
C THR BA 316 18.82 43.10 94.81
N ASN BA 317 18.71 44.41 94.59
CA ASN BA 317 17.44 45.10 94.58
C ASN BA 317 16.80 45.22 93.20
N LEU BA 318 17.50 44.89 92.12
CA LEU BA 318 16.87 44.74 90.81
C LEU BA 318 16.55 43.30 90.46
N ASN BA 319 16.80 42.36 91.35
CA ASN BA 319 16.41 40.98 91.11
C ASN BA 319 14.92 40.92 90.83
N PRO BA 320 14.47 40.21 89.79
CA PRO BA 320 13.04 40.13 89.52
C PRO BA 320 12.29 39.49 90.67
N ALA BA 321 11.16 40.09 91.04
CA ALA BA 321 10.32 39.46 92.03
C ALA BA 321 9.55 38.27 91.48
N ASN BA 322 9.55 38.10 90.16
CA ASN BA 322 8.91 36.95 89.54
C ASN BA 322 9.84 35.76 89.40
N ASP BA 323 11.06 35.85 89.93
CA ASP BA 323 11.84 34.64 90.13
C ASP BA 323 11.02 33.61 90.87
N SER BA 324 10.35 34.03 91.95
CA SER BA 324 9.53 33.12 92.73
C SER BA 324 8.49 32.43 91.88
N LEU BA 325 8.20 32.99 90.71
CA LEU BA 325 7.24 32.37 89.82
C LEU BA 325 7.83 31.12 89.18
N TRP BA 326 8.99 31.24 88.54
CA TRP BA 326 9.67 30.09 87.94
C TRP BA 326 10.84 29.53 88.77
N ILE BA 327 11.25 30.13 89.88
CA ILE BA 327 12.37 29.56 90.65
C ILE BA 327 11.93 29.08 92.02
N GLN BA 328 12.04 27.78 92.29
CA GLN BA 328 11.19 27.20 93.30
C GLN BA 328 11.77 26.39 94.45
N SER BA 329 13.09 26.31 94.58
CA SER BA 329 13.77 25.51 95.63
C SER BA 329 13.55 23.99 95.52
N TYR BA 330 13.67 23.27 96.63
CA TYR BA 330 13.52 21.79 96.61
C TYR BA 330 12.31 21.34 97.41
N GLY BA 331 11.61 20.31 96.93
CA GLY BA 331 10.34 20.02 97.52
C GLY BA 331 10.34 19.33 98.86
N SER BA 332 10.97 18.16 98.92
CA SER BA 332 10.79 17.30 100.08
C SER BA 332 12.12 16.66 100.42
N LEU BA 333 12.41 16.61 101.71
CA LEU BA 333 13.71 16.20 102.20
C LEU BA 333 13.64 14.78 102.71
N VAL BA 334 14.73 14.04 102.53
CA VAL BA 334 14.87 12.82 103.28
C VAL BA 334 14.93 13.18 104.76
N SER BA 335 14.56 12.23 105.60
CA SER BA 335 14.49 12.51 107.04
C SER BA 335 15.84 12.18 107.64
N ILE BA 336 16.54 13.22 108.09
CA ILE BA 336 17.92 13.10 108.55
C ILE BA 336 17.96 13.64 109.97
N THR BA 337 18.27 12.77 110.92
CA THR BA 337 18.70 13.22 112.23
C THR BA 337 20.20 12.95 112.33
N GLU BA 338 20.92 13.91 112.89
CA GLU BA 338 22.38 13.89 112.89
C GLU BA 338 22.81 13.72 111.43
N SER BA 339 23.73 12.82 111.12
CA SER BA 339 24.12 12.51 109.76
C SER BA 339 23.37 11.31 109.20
N LYS BA 340 22.42 10.76 109.95
CA LYS BA 340 21.90 9.43 109.70
C LYS BA 340 20.48 9.50 109.15
N ILE BA 341 20.21 8.73 108.10
CA ILE BA 341 18.89 8.71 107.48
C ILE BA 341 17.92 7.97 108.39
N ASN BA 342 16.79 8.60 108.67
CA ASN BA 342 15.77 7.96 109.50
C ASN BA 342 14.96 6.95 108.70
N ASN BA 343 14.56 7.33 107.50
CA ASN BA 343 13.73 6.49 106.66
C ASN BA 343 13.92 6.94 105.22
N ILE BA 344 13.51 6.09 104.29
CA ILE BA 344 13.48 6.47 102.89
C ILE BA 344 12.07 6.21 102.35
N GLN BA 345 11.50 7.21 101.71
CA GLN BA 345 10.20 7.13 101.07
C GLN BA 345 10.43 6.96 99.57
N PHE BA 346 9.58 6.15 98.93
CA PHE BA 346 9.76 5.94 97.50
C PHE BA 346 8.66 6.55 96.65
N GLY BA 347 7.42 6.09 96.78
CA GLY BA 347 6.33 6.66 96.02
C GLY BA 347 6.50 6.84 94.52
N PRO BA 348 6.38 5.73 93.78
CA PRO BA 348 6.53 5.64 92.32
C PRO BA 348 5.36 6.22 91.57
N THR BA 349 5.48 6.38 90.26
CA THR BA 349 4.36 6.87 89.50
C THR BA 349 3.59 5.58 89.42
N CYS BA 350 2.51 5.46 90.20
CA CYS BA 350 1.81 4.21 90.22
C CYS BA 350 0.98 4.04 88.98
N PRO BA 351 0.93 2.81 88.48
CA PRO BA 351 0.24 2.49 87.22
C PRO BA 351 -1.27 2.58 87.32
N ARG BA 352 -1.83 2.55 88.52
CA ARG BA 352 -3.27 2.60 88.65
C ARG BA 352 -3.83 4.02 88.75
N VAL BA 353 -2.98 5.03 88.87
CA VAL BA 353 -3.43 6.39 88.62
C VAL BA 353 -3.81 6.53 87.16
N ASP BA 354 -4.86 7.32 86.89
CA ASP BA 354 -5.29 7.55 85.52
C ASP BA 354 -4.14 8.03 84.68
N ALA BA 355 -3.99 7.45 83.49
CA ALA BA 355 -2.89 7.82 82.61
C ALA BA 355 -2.93 9.29 82.25
N ARG BA 356 -4.10 9.93 82.36
CA ARG BA 356 -4.18 11.36 82.08
C ARG BA 356 -3.52 12.18 83.16
N ASN BA 357 -3.45 11.65 84.38
CA ASN BA 357 -2.73 12.31 85.45
C ASN BA 357 -1.23 12.10 85.36
N LYS BA 358 -0.79 10.98 84.80
CA LYS BA 358 0.60 10.58 84.91
C LYS BA 358 1.52 11.25 83.89
N GLY BA 359 1.00 12.18 83.10
CA GLY BA 359 1.75 12.72 81.98
C GLY BA 359 2.91 13.61 82.35
N GLY BA 360 3.40 14.38 81.37
CA GLY BA 360 4.73 14.94 81.44
C GLY BA 360 5.07 15.99 82.48
N LYS BA 361 4.33 17.08 82.52
CA LYS BA 361 4.77 18.27 83.23
C LYS BA 361 4.50 18.16 84.73
N MET BA 362 5.54 18.33 85.54
CA MET BA 362 5.41 18.13 86.98
C MET BA 362 4.98 19.35 87.76
N SER BA 363 4.71 20.47 87.11
CA SER BA 363 4.25 21.61 87.88
C SER BA 363 3.27 22.42 87.05
N MET BA 364 2.48 23.21 87.75
CA MET BA 364 1.53 24.10 87.12
C MET BA 364 1.63 25.43 87.86
N LEU BA 365 1.30 26.49 87.18
CA LEU BA 365 1.41 27.83 87.75
C LEU BA 365 -0.01 28.22 88.14
N PHE BA 366 -0.30 28.07 89.43
CA PHE BA 366 -1.63 28.20 89.97
C PHE BA 366 -1.68 29.14 91.16
N ASP BA 367 -2.72 29.96 91.22
CA ASP BA 367 -2.87 30.96 92.28
C ASP BA 367 -3.24 30.44 93.65
N HIS BA 368 -2.95 31.25 94.66
CA HIS BA 368 -3.29 30.91 96.02
C HIS BA 368 -4.04 32.09 96.63
N HIS BA 369 -5.15 31.81 97.30
CA HIS BA 369 -5.94 32.87 97.92
C HIS BA 369 -5.73 32.92 99.42
N GLU CA 36 28.93 -11.08 72.02
CA GLU CA 36 27.56 -10.70 72.33
C GLU CA 36 27.51 -10.08 73.72
N GLY CA 37 26.50 -9.24 73.97
CA GLY CA 37 26.39 -8.58 75.24
C GLY CA 37 27.18 -7.28 75.28
N ASP CA 38 27.18 -6.66 76.45
CA ASP CA 38 27.90 -5.41 76.64
C ASP CA 38 29.36 -5.64 77.00
N GLY CA 39 29.81 -6.88 77.06
CA GLY CA 39 31.18 -7.21 77.36
C GLY CA 39 31.39 -7.79 78.74
N SER CA 40 30.39 -7.66 79.60
CA SER CA 40 30.46 -8.13 80.99
C SER CA 40 30.67 -9.61 81.16
N ALA CA 41 30.59 -10.37 80.08
CA ALA CA 41 30.76 -11.82 80.12
C ALA CA 41 32.21 -12.23 80.32
N PRO CA 42 32.44 -13.49 80.69
CA PRO CA 42 33.83 -13.88 80.88
C PRO CA 42 34.72 -13.77 79.65
N GLY CA 43 34.25 -14.07 78.45
CA GLY CA 43 35.12 -14.00 77.27
C GLY CA 43 34.74 -12.98 76.21
N GLY CA 44 35.69 -12.57 75.37
CA GLY CA 44 35.41 -11.60 74.33
C GLY CA 44 35.93 -10.21 74.62
N SER CA 45 35.10 -9.19 74.42
CA SER CA 45 35.47 -7.80 74.64
C SER CA 45 35.37 -7.35 76.10
N VAL CA 46 36.16 -6.36 76.47
CA VAL CA 46 36.24 -5.82 77.82
C VAL CA 46 35.12 -4.85 78.13
N TRP CA 47 34.42 -5.07 79.24
CA TRP CA 47 33.39 -4.15 79.63
C TRP CA 47 34.16 -2.96 80.11
N GLN CA 48 33.84 -1.78 79.61
CA GLN CA 48 34.58 -0.60 80.03
C GLN CA 48 33.63 0.49 80.46
N THR CA 49 34.11 1.32 81.38
CA THR CA 49 33.31 2.34 82.03
C THR CA 49 33.02 3.51 81.09
N THR CA 50 32.03 4.30 81.47
CA THR CA 50 31.59 5.43 80.66
C THR CA 50 32.69 6.48 80.52
N ASP CA 51 32.57 7.25 79.45
CA ASP CA 51 33.56 8.26 79.10
C ASP CA 51 33.37 9.52 79.93
N TYR CA 52 34.42 9.95 80.61
CA TYR CA 52 34.39 11.20 81.34
C TYR CA 52 34.89 12.41 80.54
N ILE CA 53 35.44 12.21 79.35
CA ILE CA 53 35.93 13.35 78.57
C ILE CA 53 34.77 14.15 78.03
N ALA CA 54 33.79 13.48 77.43
CA ALA CA 54 32.78 14.16 76.63
C ALA CA 54 32.15 15.34 77.37
N LEU CA 55 31.88 15.18 78.66
CA LEU CA 55 31.29 16.26 79.42
C LEU CA 55 32.31 17.30 79.88
N SER CA 56 33.59 16.96 79.94
CA SER CA 56 34.58 17.96 80.30
C SER CA 56 34.94 18.84 79.12
N MET CA 57 34.74 18.37 77.89
CA MET CA 57 35.06 19.14 76.71
C MET CA 57 33.92 19.99 76.18
N VAL CA 58 32.71 19.83 76.71
CA VAL CA 58 31.59 20.59 76.15
C VAL CA 58 31.79 22.06 76.45
N VAL CA 59 31.70 22.88 75.41
CA VAL CA 59 31.92 24.31 75.50
C VAL CA 59 30.57 25.00 75.61
N TYR CA 60 30.37 25.72 76.70
CA TYR CA 60 29.16 26.50 76.90
C TYR CA 60 29.46 27.94 76.59
N ARG CA 61 28.46 28.64 76.03
CA ARG CA 61 28.70 29.93 75.41
C ARG CA 61 27.71 30.94 75.96
N THR CA 62 28.21 31.98 76.61
CA THR CA 62 27.36 33.02 77.16
C THR CA 62 27.80 34.39 76.68
N ALA CA 63 27.18 35.45 77.19
CA ALA CA 63 27.56 36.80 76.82
C ALA CA 63 27.16 37.75 77.93
N ILE CA 64 27.77 38.94 77.90
CA ILE CA 64 27.43 40.02 78.82
C ILE CA 64 27.13 41.26 77.99
N LYS CA 65 25.90 41.73 78.06
CA LYS CA 65 25.46 42.89 77.30
C LYS CA 65 25.11 44.01 78.27
N LEU CA 66 25.56 45.21 77.97
CA LEU CA 66 25.37 46.36 78.83
C LEU CA 66 25.10 47.59 77.98
N ARG CA 67 24.18 48.44 78.43
CA ARG CA 67 23.92 49.71 77.77
C ARG CA 67 24.29 50.87 78.66
N ASN CA 68 24.59 51.98 78.01
CA ASN CA 68 25.13 53.15 78.66
C ASN CA 68 24.75 54.35 77.82
N PHE CA 69 24.63 55.51 78.44
CA PHE CA 69 24.53 56.77 77.72
C PHE CA 69 25.84 57.53 77.89
N VAL CA 70 26.39 57.98 76.77
CA VAL CA 70 27.66 58.68 76.77
C VAL CA 70 27.40 60.15 76.46
N ASN CA 71 27.95 61.03 77.27
CA ASN CA 71 27.88 62.47 77.05
C ASN CA 71 29.31 62.99 76.90
N ILE CA 72 29.63 63.49 75.72
CA ILE CA 72 30.95 64.01 75.42
C ILE CA 72 30.83 65.52 75.31
N ARG CA 73 31.41 66.24 76.24
CA ARG CA 73 31.31 67.70 76.27
C ARG CA 73 32.68 68.33 76.33
N GLY CA 74 32.75 69.55 75.81
CA GLY CA 74 33.96 70.36 75.93
C GLY CA 74 35.19 69.73 75.30
N LEU CA 75 35.01 69.05 74.18
CA LEU CA 75 36.10 68.35 73.51
C LEU CA 75 36.54 69.20 72.33
N THR CA 76 37.73 69.78 72.43
CA THR CA 76 38.24 70.62 71.37
C THR CA 76 38.73 69.76 70.21
N PRO CA 77 38.91 70.34 69.02
CA PRO CA 77 39.27 69.51 67.86
C PRO CA 77 40.63 68.84 67.96
N THR CA 78 41.54 69.36 68.79
CA THR CA 78 42.82 68.70 68.97
C THR CA 78 42.70 67.48 69.86
N GLU CA 79 42.00 67.62 70.98
CA GLU CA 79 41.79 66.52 71.90
C GLU CA 79 40.74 65.55 71.36
N MET CA 80 40.79 64.33 71.88
CA MET CA 80 40.10 63.20 71.29
C MET CA 80 39.71 62.20 72.37
N ILE CA 81 38.54 61.59 72.20
CA ILE CA 81 38.07 60.57 73.15
C ILE CA 81 38.64 59.22 72.77
N VAL CA 82 39.26 58.56 73.73
CA VAL CA 82 39.81 57.23 73.54
C VAL CA 82 38.75 56.22 73.93
N ILE CA 83 38.39 55.34 73.00
CA ILE CA 83 37.40 54.32 73.31
C ILE CA 83 38.15 53.19 74.01
N PRO CA 84 37.96 52.96 75.28
CA PRO CA 84 38.69 51.88 75.94
C PRO CA 84 38.12 50.52 75.55
N TRP CA 85 38.03 50.26 74.27
CA TRP CA 85 37.25 49.13 73.81
C TRP CA 85 38.09 47.88 73.71
N ASN CA 86 39.41 48.01 73.88
CA ASN CA 86 40.30 46.86 73.89
C ASN CA 86 40.64 46.38 75.29
N VAL CA 87 40.08 46.99 76.32
CA VAL CA 87 40.28 46.52 77.69
C VAL CA 87 39.11 45.65 78.08
N MET CA 88 39.41 44.53 78.73
CA MET CA 88 38.39 43.54 79.04
C MET CA 88 37.33 44.10 79.97
N ARG CA 89 37.76 44.93 80.92
CA ARG CA 89 36.86 45.48 81.93
C ARG CA 89 35.80 46.40 81.32
N PHE CA 90 36.00 46.87 80.11
CA PHE CA 90 35.04 47.74 79.46
C PHE CA 90 33.72 47.03 79.22
N TYR CA 91 33.77 45.80 78.75
CA TYR CA 91 32.57 45.10 78.33
C TYR CA 91 31.83 44.45 79.49
N CYS CA 92 32.55 43.78 80.37
CA CYS CA 92 31.95 42.93 81.40
C CYS CA 92 31.85 43.59 82.76
N GLU CA 93 32.32 44.83 82.92
CA GLU CA 93 32.14 45.58 84.15
C GLU CA 93 31.57 46.93 83.80
N TYR CA 94 30.60 47.38 84.56
CA TYR CA 94 29.80 48.53 84.17
C TYR CA 94 30.31 49.71 84.96
N ASN CA 95 31.05 50.59 84.31
CA ASN CA 95 31.60 51.74 85.01
C ASN CA 95 30.91 52.97 84.43
N THR CA 96 29.96 53.50 85.19
CA THR CA 96 29.25 54.70 84.81
C THR CA 96 28.92 55.46 86.07
N GLY CA 97 29.23 56.76 86.10
CA GLY CA 97 28.74 57.57 87.19
C GLY CA 97 29.11 57.03 88.56
N THR CA 98 28.09 56.82 89.38
CA THR CA 98 28.28 56.35 90.75
C THR CA 98 28.57 54.84 90.82
N TYR CA 99 28.20 54.08 89.79
CA TYR CA 99 28.40 52.63 89.82
C TYR CA 99 29.85 52.26 90.12
N GLY CA 100 30.77 52.77 89.29
CA GLY CA 100 32.18 52.45 89.46
C GLY CA 100 32.72 52.77 90.83
N LEU CA 101 32.09 53.71 91.54
CA LEU CA 101 32.51 54.01 92.91
C LEU CA 101 32.03 52.91 93.86
N SER CA 102 30.84 52.38 93.62
CA SER CA 102 30.33 51.27 94.42
C SER CA 102 31.08 49.99 94.08
N GLY CA 103 31.02 49.03 94.99
CA GLY CA 103 31.82 47.83 94.88
C GLY CA 103 31.18 46.73 94.04
N ASN CA 104 32.05 45.93 93.43
CA ASN CA 104 31.69 44.73 92.68
C ASN CA 104 30.58 45.02 91.67
N VAL CA 105 30.97 45.77 90.64
CA VAL CA 105 30.05 46.14 89.58
C VAL CA 105 30.13 45.16 88.40
N HIS CA 106 30.93 44.11 88.52
CA HIS CA 106 30.97 43.09 87.49
C HIS CA 106 29.59 42.50 87.26
N HIS CA 107 29.32 42.13 86.02
CA HIS CA 107 28.08 41.46 85.69
C HIS CA 107 28.09 40.05 86.29
N LYS CA 108 26.92 39.58 86.71
CA LYS CA 108 26.88 38.33 87.44
C LYS CA 108 27.17 37.11 86.56
N ASN CA 109 26.98 37.21 85.25
CA ASN CA 109 27.44 36.14 84.39
C ASN CA 109 28.96 36.01 84.46
N TYR CA 110 29.66 37.11 84.70
CA TYR CA 110 31.10 36.99 84.78
C TYR CA 110 31.54 36.43 86.12
N SER CA 111 30.83 36.77 87.20
CA SER CA 111 31.19 36.25 88.51
C SER CA 111 31.16 34.73 88.53
N MET CA 112 30.25 34.12 87.79
CA MET CA 112 30.22 32.67 87.73
C MET CA 112 31.20 32.09 86.72
N LEU CA 113 31.65 32.87 85.74
CA LEU CA 113 32.70 32.37 84.87
C LEU CA 113 33.95 32.02 85.66
N LEU CA 114 34.07 32.56 86.87
CA LEU CA 114 35.10 32.17 87.80
C LEU CA 114 34.72 30.92 88.59
N ALA CA 115 33.45 30.52 88.54
CA ALA CA 115 33.03 29.27 89.17
C ALA CA 115 33.35 28.07 88.29
N CYS CA 116 33.14 28.19 86.98
CA CYS CA 116 33.56 27.15 86.05
C CYS CA 116 35.08 27.19 85.90
N LYS CA 117 35.65 26.08 85.45
CA LYS CA 117 37.11 25.99 85.52
C LYS CA 117 37.81 26.77 84.43
N ALA CA 118 37.15 27.00 83.30
CA ALA CA 118 37.78 27.69 82.18
C ALA CA 118 36.75 28.60 81.53
N HIS CA 119 37.19 29.78 81.13
CA HIS CA 119 36.37 30.65 80.32
C HIS CA 119 37.26 31.32 79.29
N ARG CA 120 36.66 31.68 78.17
CA ARG CA 120 37.39 32.33 77.12
C ARG CA 120 36.56 33.44 76.51
N PRO CA 121 37.17 34.60 76.24
CA PRO CA 121 36.38 35.78 75.87
C PRO CA 121 35.78 35.78 74.47
N THR CA 122 36.34 35.05 73.51
CA THR CA 122 35.85 35.02 72.12
C THR CA 122 35.50 36.40 71.59
N LYS CA 123 34.33 36.55 70.97
CA LYS CA 123 34.01 37.81 70.30
C LYS CA 123 33.74 38.92 71.30
N VAL CA 124 34.02 40.15 70.88
CA VAL CA 124 33.80 41.33 71.70
C VAL CA 124 33.44 42.48 70.77
N GLY CA 125 32.56 43.36 71.23
CA GLY CA 125 32.12 44.44 70.35
C GLY CA 125 31.28 45.46 71.08
N TYR CA 126 30.96 46.53 70.37
CA TYR CA 126 30.14 47.59 70.94
C TYR CA 126 29.43 48.34 69.85
N THR CA 127 28.41 49.11 70.24
CA THR CA 127 27.58 49.85 69.32
C THR CA 127 27.39 51.28 69.82
N LEU CA 128 27.59 52.24 68.94
CA LEU CA 128 27.22 53.63 69.15
C LEU CA 128 25.94 53.93 68.41
N SER CA 129 24.98 54.54 69.08
CA SER CA 129 23.66 54.66 68.49
C SER CA 129 23.00 55.97 68.91
N ASN CA 130 22.11 56.45 68.04
CA ASN CA 130 21.25 57.61 68.31
C ASN CA 130 22.03 58.79 68.85
N LEU CA 131 22.82 59.35 67.95
CA LEU CA 131 23.66 60.48 68.27
C LEU CA 131 22.83 61.73 68.43
N ILE CA 132 23.13 62.49 69.49
CA ILE CA 132 22.52 63.79 69.71
C ILE CA 132 23.66 64.78 69.91
N LEU CA 133 23.76 65.74 69.00
CA LEU CA 133 24.71 66.84 69.13
C LEU CA 133 24.00 68.05 69.72
N THR CA 134 24.67 68.71 70.63
CA THR CA 134 24.20 69.95 71.22
C THR CA 134 25.31 70.98 71.12
N SER CA 135 24.96 72.24 71.34
CA SER CA 135 25.89 73.34 71.17
C SER CA 135 25.86 74.24 72.39
N ASP CA 136 27.03 74.60 72.89
CA ASP CA 136 27.18 75.60 73.93
C ASP CA 136 27.33 77.00 73.36
N GLU CA 137 27.18 77.14 72.04
CA GLU CA 137 27.43 78.44 71.40
C GLU CA 137 26.55 79.53 71.98
N LEU CA 138 25.31 79.22 72.30
CA LEU CA 138 24.44 80.21 72.92
C LEU CA 138 24.77 80.42 74.39
N VAL CA 139 25.53 79.53 74.98
CA VAL CA 139 25.89 79.64 76.39
C VAL CA 139 26.97 80.68 76.56
N SER CA 140 26.84 81.49 77.62
CA SER CA 140 27.85 82.46 77.99
C SER CA 140 27.91 82.52 79.51
N THR CA 141 28.98 83.12 80.03
CA THR CA 141 29.15 83.21 81.48
C THR CA 141 28.00 83.99 82.12
N GLY CA 142 27.37 84.91 81.38
CA GLY CA 142 26.19 85.57 81.89
C GLY CA 142 25.01 84.63 82.04
N GLY CA 143 24.97 83.57 81.24
CA GLY CA 143 23.94 82.57 81.41
C GLY CA 143 22.66 82.93 80.69
N THR CA 144 21.54 82.50 81.27
CA THR CA 144 20.17 82.73 80.81
C THR CA 144 19.85 81.96 79.54
N LEU CA 145 20.87 81.42 78.87
CA LEU CA 145 20.68 80.54 77.73
C LEU CA 145 21.57 79.32 77.90
N GLY CA 146 20.97 78.14 77.84
CA GLY CA 146 21.69 76.90 77.97
C GLY CA 146 21.99 76.26 76.63
N THR CA 147 22.67 75.12 76.69
CA THR CA 147 22.99 74.41 75.47
C THR CA 147 21.72 73.86 74.85
N THR CA 148 21.76 73.65 73.53
CA THR CA 148 20.63 73.06 72.86
C THR CA 148 21.14 72.37 71.61
N THR CA 149 20.34 71.45 71.09
CA THR CA 149 20.71 70.69 69.91
C THR CA 149 21.04 71.62 68.76
N THR CA 150 21.96 71.18 67.91
CA THR CA 150 22.42 72.01 66.81
C THR CA 150 21.26 72.43 65.92
N PHE CA 151 21.36 73.65 65.39
CA PHE CA 151 20.27 74.22 64.60
C PHE CA 151 19.94 73.36 63.39
N ASN CA 152 20.95 72.77 62.77
CA ASN CA 152 20.74 71.81 61.71
C ASN CA 152 21.61 70.60 61.95
N THR CA 153 21.35 69.55 61.19
CA THR CA 153 21.98 68.25 61.40
C THR CA 153 23.31 68.10 60.66
N SER CA 154 23.78 69.16 60.01
CA SER CA 154 25.07 69.09 59.32
C SER CA 154 26.25 68.75 60.23
N PRO CA 155 26.34 69.18 61.49
CA PRO CA 155 27.49 68.80 62.29
C PRO CA 155 27.53 67.30 62.53
N TYR CA 156 28.71 66.83 62.92
CA TYR CA 156 28.94 65.40 63.08
C TYR CA 156 30.01 65.15 64.12
N MET CA 157 30.04 63.93 64.63
CA MET CA 157 31.10 63.46 65.49
C MET CA 157 31.90 62.42 64.73
N ILE CA 158 33.22 62.53 64.78
CA ILE CA 158 34.09 61.70 63.96
C ILE CA 158 34.46 60.48 64.77
N HIS CA 159 34.15 59.30 64.25
CA HIS CA 159 34.61 58.05 64.85
C HIS CA 159 35.81 57.57 64.08
N SER CA 160 36.96 57.54 64.72
CA SER CA 160 38.22 57.22 64.08
C SER CA 160 38.70 55.86 64.53
N ILE CA 161 39.09 55.03 63.57
CA ILE CA 161 39.73 53.74 63.82
C ILE CA 161 41.15 53.85 63.31
N ASP CA 162 42.14 53.68 64.17
CA ASP CA 162 43.51 53.85 63.73
C ASP CA 162 44.01 52.48 63.32
N ASP CA 163 44.09 52.26 62.00
CA ASP CA 163 44.56 51.00 61.46
C ASP CA 163 46.08 50.96 61.38
N GLN CA 164 46.68 52.06 60.97
CA GLN CA 164 48.11 52.13 60.78
C GLN CA 164 48.85 52.38 62.09
N GLN CA 165 48.12 52.50 63.19
CA GLN CA 165 48.69 52.75 64.51
C GLN CA 165 49.52 54.02 64.51
N CYS CA 166 48.89 55.12 64.08
CA CYS CA 166 49.49 56.42 64.28
C CYS CA 166 49.82 56.63 65.76
N LEU CA 167 48.92 56.21 66.63
CA LEU CA 167 49.10 56.30 68.07
C LEU CA 167 49.26 54.89 68.61
N SER CA 168 50.48 54.57 69.04
CA SER CA 168 50.75 53.28 69.64
C SER CA 168 50.25 53.23 71.07
N LYS CA 169 50.53 54.26 71.83
CA LYS CA 169 50.25 54.34 73.25
C LYS CA 169 49.69 55.72 73.54
N VAL CA 170 48.58 55.76 74.26
CA VAL CA 170 47.79 56.97 74.42
C VAL CA 170 47.76 57.35 75.88
N TYR CA 171 48.01 58.62 76.17
CA TYR CA 171 48.06 59.14 77.52
C TYR CA 171 46.95 60.15 77.74
N PRO CA 172 46.49 60.31 78.98
CA PRO CA 172 45.53 61.37 79.27
C PRO CA 172 46.14 62.75 79.09
N LYS CA 173 45.28 63.75 78.98
CA LYS CA 173 45.74 65.12 78.90
C LYS CA 173 46.46 65.53 80.18
N THR CA 174 47.29 66.56 80.06
CA THR CA 174 48.16 66.96 81.16
C THR CA 174 47.38 67.16 82.45
N ASP CA 175 46.27 67.89 82.39
CA ASP CA 175 45.52 68.18 83.60
C ASP CA 175 44.65 67.01 84.02
N THR CA 176 44.03 66.33 83.06
CA THR CA 176 43.04 65.33 83.39
C THR CA 176 43.69 64.01 83.78
N VAL CA 177 42.85 63.03 84.12
CA VAL CA 177 43.30 61.68 84.42
C VAL CA 177 42.14 60.75 84.07
N TRP CA 178 42.48 59.48 83.85
CA TRP CA 178 41.50 58.51 83.41
C TRP CA 178 41.12 57.59 84.57
N PRO CA 179 39.95 57.74 85.18
CA PRO CA 179 39.53 56.77 86.18
C PRO CA 179 39.06 55.49 85.52
N VAL CA 180 39.29 54.37 86.20
CA VAL CA 180 38.73 53.14 85.67
C VAL CA 180 37.25 53.07 86.01
N SER CA 181 36.84 53.70 87.12
CA SER CA 181 35.44 53.74 87.49
C SER CA 181 34.60 54.51 86.50
N SER CA 182 35.23 55.35 85.68
CA SER CA 182 34.56 56.16 84.68
C SER CA 182 34.56 55.53 83.31
N MET CA 183 35.04 54.29 83.18
CA MET CA 183 35.44 53.75 81.89
C MET CA 183 34.34 53.80 80.85
N ARG CA 184 33.13 53.33 81.19
CA ARG CA 184 32.14 53.12 80.14
C ARG CA 184 31.46 54.39 79.67
N GLU CA 185 31.35 55.44 80.48
CA GLU CA 185 30.96 56.72 79.91
C GLU CA 185 32.26 57.34 79.43
N LEU CA 186 32.30 57.79 78.19
CA LEU CA 186 33.60 57.95 77.58
C LEU CA 186 34.02 59.38 77.89
N ASP CA 187 34.85 59.51 78.92
CA ASP CA 187 35.50 60.75 79.28
C ASP CA 187 36.97 60.80 78.94
N TYR CA 188 37.56 59.72 78.40
CA TYR CA 188 39.00 59.69 78.33
C TYR CA 188 39.44 60.55 77.17
N VAL CA 189 40.18 61.61 77.48
CA VAL CA 189 40.56 62.61 76.50
C VAL CA 189 42.06 62.56 76.33
N ALA CA 190 42.49 62.28 75.11
CA ALA CA 190 43.88 62.36 74.73
C ALA CA 190 44.07 63.60 73.87
N SER CA 191 45.23 64.21 73.99
CA SER CA 191 45.59 65.31 73.12
C SER CA 191 46.75 64.81 72.26
N THR CA 192 46.49 64.60 70.98
CA THR CA 192 47.50 64.11 70.07
C THR CA 192 48.27 65.32 69.54
N VAL CA 193 49.58 65.35 69.80
CA VAL CA 193 50.39 66.51 69.55
C VAL CA 193 51.74 66.05 68.99
N SER CA 194 52.17 66.67 67.90
CA SER CA 194 53.52 66.48 67.38
C SER CA 194 54.46 67.37 68.19
N GLY CA 195 55.69 67.56 67.75
CA GLY CA 195 56.58 68.33 68.60
C GLY CA 195 56.10 69.74 68.85
N ASP CA 196 55.93 70.55 67.80
CA ASP CA 196 55.25 71.84 67.90
C ASP CA 196 53.81 71.79 67.41
N ASN CA 197 53.35 70.67 66.88
CA ASN CA 197 52.14 70.62 66.08
C ASN CA 197 51.03 69.91 66.84
N ALA CA 198 49.86 70.55 66.92
CA ALA CA 198 48.68 69.90 67.44
C ALA CA 198 48.05 69.09 66.32
N ILE CA 199 47.92 67.80 66.52
CA ILE CA 199 47.37 66.91 65.50
C ILE CA 199 45.85 66.94 65.59
N ILE CA 200 45.20 67.19 64.45
CA ILE CA 200 43.76 66.94 64.35
C ILE CA 200 43.59 65.44 64.16
N PRO CA 201 42.93 64.75 65.09
CA PRO CA 201 42.94 63.27 65.07
C PRO CA 201 42.39 62.68 63.79
N SER CA 202 41.32 63.25 63.25
CA SER CA 202 40.72 62.70 62.04
C SER CA 202 41.67 62.69 60.86
N THR CA 203 42.69 63.53 60.86
CA THR CA 203 43.55 63.65 59.69
C THR CA 203 44.56 62.52 59.60
N ILE CA 204 45.09 62.07 60.73
CA ILE CA 204 46.10 61.01 60.71
C ILE CA 204 45.46 59.64 60.60
N PHE CA 205 44.31 59.42 61.26
CA PHE CA 205 43.75 58.08 61.37
C PHE CA 205 43.20 57.61 60.04
N ASN CA 206 43.09 56.29 59.93
CA ASN CA 206 42.78 55.67 58.64
C ASN CA 206 41.28 55.71 58.35
N LYS CA 207 40.50 54.90 59.06
CA LYS CA 207 39.06 54.94 58.91
C LYS CA 207 38.50 56.01 59.83
N ASN CA 208 37.85 57.00 59.23
CA ASN CA 208 37.20 58.08 59.95
C ASN CA 208 35.77 58.15 59.46
N ARG CA 209 34.83 57.84 60.33
CA ARG CA 209 33.41 57.90 60.02
C ARG CA 209 32.86 59.21 60.55
N TYR CA 210 32.26 60.01 59.67
CA TYR CA 210 31.61 61.23 60.12
C TYR CA 210 30.16 60.89 60.36
N TRP CA 211 29.78 60.86 61.63
CA TRP CA 211 28.52 60.27 62.05
C TRP CA 211 27.63 61.38 62.57
N LYS CA 212 26.50 61.57 61.89
CA LYS CA 212 25.63 62.69 62.11
C LYS CA 212 24.39 62.26 62.90
N GLN CA 213 23.52 63.22 63.13
CA GLN CA 213 22.25 62.97 63.80
C GLN CA 213 21.30 62.32 62.81
N GLY CA 214 20.82 61.13 63.15
CA GLY CA 214 19.95 60.38 62.28
C GLY CA 214 20.65 59.24 61.56
N ASP CA 215 21.97 59.23 61.53
CA ASP CA 215 22.69 58.12 60.92
C ASP CA 215 22.44 56.84 61.68
N ASP CA 216 22.62 55.73 60.98
CA ASP CA 216 22.44 54.43 61.59
C ASP CA 216 23.50 54.19 62.65
N ALA CA 217 23.20 53.28 63.56
CA ALA CA 217 24.13 52.97 64.63
C ALA CA 217 25.45 52.46 64.08
N LEU CA 218 26.52 52.73 64.81
CA LEU CA 218 27.85 52.31 64.44
C LEU CA 218 28.21 51.05 65.22
N HIS CA 219 28.40 49.94 64.50
CA HIS CA 219 28.64 48.65 65.12
C HIS CA 219 30.10 48.27 64.92
N PHE CA 220 30.77 47.91 66.01
CA PHE CA 220 32.16 47.52 65.96
C PHE CA 220 32.34 46.22 66.71
N SER CA 221 33.07 45.29 66.12
CA SER CA 221 33.21 43.97 66.68
C SER CA 221 34.64 43.49 66.51
N HIS CA 222 35.05 42.58 67.38
CA HIS CA 222 36.34 41.93 67.25
C HIS CA 222 36.16 40.46 67.61
N ASP CA 223 36.59 39.58 66.72
CA ASP CA 223 36.52 38.15 66.97
C ASP CA 223 37.85 37.68 67.55
N LEU CA 224 37.80 36.93 68.63
CA LEU CA 224 38.97 36.29 69.21
C LEU CA 224 38.93 34.81 68.92
N ASP CA 225 39.98 34.28 68.32
CA ASP CA 225 40.18 32.84 68.23
C ASP CA 225 41.42 32.52 69.05
N LEU CA 226 41.20 31.91 70.20
CA LEU CA 226 42.27 31.53 71.11
C LEU CA 226 42.40 30.01 71.07
N GLY CA 227 43.62 29.53 71.16
CA GLY CA 227 43.75 28.09 71.29
C GLY CA 227 43.67 27.61 72.70
N PHE CA 228 43.44 28.51 73.65
CA PHE CA 228 43.54 28.17 75.07
C PHE CA 228 42.41 28.87 75.81
N TRP CA 229 42.43 28.74 77.13
CA TRP CA 229 41.35 29.16 78.00
C TRP CA 229 41.96 29.92 79.16
N PHE CA 230 41.12 30.60 79.92
CA PHE CA 230 41.57 31.35 81.07
C PHE CA 230 40.94 30.80 82.34
N GLY CA 231 41.73 30.67 83.39
CA GLY CA 231 41.21 30.16 84.63
C GLY CA 231 41.01 31.19 85.72
N SER CA 232 41.48 32.40 85.49
CA SER CA 232 41.43 33.45 86.50
C SER CA 232 40.62 34.62 85.97
N ASP CA 233 40.47 35.65 86.80
CA ASP CA 233 39.76 36.84 86.35
C ASP CA 233 40.68 37.69 85.48
N TYR CA 234 40.07 38.48 84.61
CA TYR CA 234 40.86 39.34 83.75
C TYR CA 234 41.61 40.39 84.56
N GLY CA 235 40.93 41.05 85.49
CA GLY CA 235 41.64 41.92 86.41
C GLY CA 235 42.34 43.08 85.72
N ASN CA 236 41.56 43.90 85.02
CA ASN CA 236 42.05 45.03 84.21
C ASN CA 236 43.16 44.60 83.25
N ALA CA 237 42.87 43.55 82.50
CA ALA CA 237 43.69 43.12 81.39
C ALA CA 237 43.05 43.54 80.09
N TYR CA 238 43.88 43.88 79.10
CA TYR CA 238 43.36 44.04 77.76
C TYR CA 238 42.74 42.73 77.30
N VAL CA 239 41.60 42.81 76.63
CA VAL CA 239 41.06 41.61 76.01
C VAL CA 239 42.09 41.03 75.05
N PRO CA 240 42.33 39.71 75.08
CA PRO CA 240 43.59 39.17 74.56
C PRO CA 240 43.91 39.59 73.14
N GLN CA 241 45.17 40.00 72.96
CA GLN CA 241 45.67 40.50 71.69
C GLN CA 241 47.11 40.04 71.55
N ASN CA 242 47.53 39.84 70.31
CA ASN CA 242 48.93 39.56 70.01
C ASN CA 242 49.46 40.75 69.22
N ASN CA 243 50.37 41.50 69.82
CA ASN CA 243 50.81 42.74 69.17
C ASN CA 243 52.24 43.06 69.53
N ASP CA 244 52.72 44.16 68.95
CA ASP CA 244 53.96 44.76 69.39
C ASP CA 244 53.87 45.20 70.84
N SER CA 245 52.70 45.66 71.27
CA SER CA 245 52.54 46.12 72.64
C SER CA 245 52.24 44.99 73.61
N MET CA 246 51.56 43.93 73.17
CA MET CA 246 51.05 42.98 74.15
C MET CA 246 50.82 41.61 73.53
N ASN CA 247 50.76 40.60 74.39
CA ASN CA 247 50.49 39.23 73.98
C ASN CA 247 49.32 38.67 74.78
N ALA CA 248 48.67 37.67 74.19
CA ALA CA 248 47.39 37.20 74.69
C ALA CA 248 47.51 36.31 75.91
N VAL CA 249 48.61 35.60 76.05
CA VAL CA 249 48.79 34.62 77.12
C VAL CA 249 49.69 35.22 78.19
N GLY CA 250 49.29 35.07 79.44
CA GLY CA 250 49.92 35.82 80.51
C GLY CA 250 50.92 35.12 81.39
N THR CA 251 51.00 33.81 81.32
CA THR CA 251 51.90 33.06 82.19
C THR CA 251 53.27 32.98 81.55
N ILE CA 252 54.31 33.19 82.36
CA ILE CA 252 55.68 32.96 81.92
C ILE CA 252 55.86 31.46 81.72
N PRO CA 253 56.18 31.01 80.51
CA PRO CA 253 56.46 29.59 80.32
C PRO CA 253 57.71 29.17 81.06
N THR CA 254 57.74 27.90 81.47
CA THR CA 254 58.76 27.39 82.37
C THR CA 254 59.41 26.15 81.77
N SER CA 255 60.54 25.77 82.35
CA SER CA 255 61.55 24.97 81.66
C SER CA 255 61.11 23.53 81.43
N LYS CA 256 61.67 22.94 80.37
CA LYS CA 256 61.69 21.50 80.14
C LYS CA 256 60.30 20.92 79.95
N HIS CA 257 59.43 21.64 79.26
CA HIS CA 257 58.13 21.13 78.85
C HIS CA 257 57.52 22.12 77.87
N ILE CA 258 56.31 21.80 77.43
CA ILE CA 258 55.63 22.54 76.37
C ILE CA 258 54.65 23.51 77.02
N ASN CA 259 54.55 24.70 76.44
CA ASN CA 259 53.73 25.77 77.00
C ASN CA 259 52.96 26.43 75.88
N VAL CA 260 51.76 26.91 76.18
CA VAL CA 260 50.99 27.62 75.18
C VAL CA 260 51.57 29.01 75.00
N ARG CA 261 51.82 29.37 73.75
CA ARG CA 261 52.53 30.59 73.39
C ARG CA 261 51.69 31.37 72.41
N GLY CA 262 51.62 32.68 72.59
CA GLY CA 262 50.92 33.51 71.65
C GLY CA 262 51.60 33.53 70.30
N VAL CA 263 50.79 33.70 69.25
CA VAL CA 263 51.30 33.69 67.88
C VAL CA 263 50.33 34.47 67.02
N ASN CA 264 50.82 34.98 65.89
CA ASN CA 264 50.06 35.45 64.72
C ASN CA 264 49.51 36.87 64.69
N ASN CA 265 49.66 37.72 65.70
CA ASN CA 265 49.22 39.12 65.57
C ASN CA 265 47.73 39.23 65.24
N ARG CA 266 46.91 38.97 66.25
CA ARG CA 266 45.54 39.45 66.26
C ARG CA 266 45.48 40.59 67.26
N GLY CA 267 44.95 41.72 66.84
CA GLY CA 267 44.87 42.87 67.71
C GLY CA 267 43.70 43.75 67.35
N MET CA 268 43.46 44.77 68.17
CA MET CA 268 42.35 45.69 67.94
C MET CA 268 42.82 47.09 67.59
N ALA CA 269 42.11 47.73 66.65
CA ALA CA 269 42.44 49.07 66.22
C ALA CA 269 42.01 50.09 67.28
N GLY CA 270 42.84 51.10 67.50
CA GLY CA 270 42.55 52.12 68.48
C GLY CA 270 41.41 53.04 68.07
N HIS CA 271 40.20 52.70 68.50
CA HIS CA 271 39.02 53.51 68.19
C HIS CA 271 39.10 54.84 68.93
N TYR CA 272 38.54 55.89 68.33
CA TYR CA 272 38.59 57.20 68.96
C TYR CA 272 37.37 58.00 68.52
N LEU CA 273 37.07 59.03 69.31
CA LEU CA 273 35.99 59.96 69.00
C LEU CA 273 36.51 61.37 69.05
N SER CA 274 36.11 62.18 68.08
CA SER CA 274 36.57 63.55 68.00
C SER CA 274 35.55 64.37 67.23
N PHE CA 275 35.68 65.67 67.34
CA PHE CA 275 34.79 66.55 66.59
C PHE CA 275 35.58 67.34 65.57
N PRO CA 276 34.99 67.67 64.43
CA PRO CA 276 35.69 68.43 63.42
C PRO CA 276 35.98 69.84 63.92
N PRO CA 277 37.15 70.38 63.63
CA PRO CA 277 37.40 71.77 63.99
C PRO CA 277 36.46 72.70 63.24
N ILE CA 278 35.78 73.56 63.98
CA ILE CA 278 34.91 74.57 63.40
C ILE CA 278 35.25 75.87 64.09
N ARG CA 279 35.77 76.83 63.34
CA ARG CA 279 36.13 78.10 63.94
C ARG CA 279 34.90 78.96 64.19
N THR CA 280 34.96 79.73 65.24
CA THR CA 280 33.90 80.66 65.62
C THR CA 280 34.48 82.06 65.70
N ASN CA 281 33.63 83.01 66.09
CA ASN CA 281 34.11 84.34 66.45
C ASN CA 281 35.19 84.26 67.51
N ASP CA 282 35.06 83.32 68.45
CA ASP CA 282 36.08 83.07 69.47
C ASP CA 282 36.37 81.59 69.56
N GLY CA 283 37.60 81.20 69.26
CA GLY CA 283 37.99 79.82 69.46
C GLY CA 283 37.29 78.87 68.51
N GLN CA 284 36.86 77.73 69.06
CA GLN CA 284 36.33 76.64 68.28
C GLN CA 284 34.85 76.44 68.61
N PHE CA 285 34.12 75.89 67.64
CA PHE CA 285 32.70 75.63 67.84
C PHE CA 285 32.56 74.60 68.94
N LYS CA 286 31.59 74.80 69.81
CA LYS CA 286 31.42 73.90 70.93
C LYS CA 286 30.43 72.84 70.53
N LEU CA 287 30.91 71.63 70.31
CA LEU CA 287 30.07 70.48 69.99
C LEU CA 287 30.06 69.54 71.18
N ASN CA 288 28.86 69.11 71.54
CA ASN CA 288 28.66 68.16 72.61
C ASN CA 288 27.89 67.01 71.98
N ALA CA 289 28.15 65.80 72.43
CA ALA CA 289 27.52 64.65 71.81
C ALA CA 289 26.89 63.77 72.88
N GLN CA 290 25.73 63.21 72.55
CA GLN CA 290 25.19 62.08 73.28
C GLN CA 290 25.01 60.92 72.33
N PHE CA 291 25.24 59.71 72.84
CA PHE CA 291 24.87 58.50 72.12
C PHE CA 291 24.74 57.40 73.15
N THR CA 292 24.09 56.32 72.75
CA THR CA 292 23.97 55.14 73.60
C THR CA 292 25.11 54.20 73.27
N LEU CA 293 25.71 53.64 74.32
CA LEU CA 293 26.79 52.68 74.17
C LEU CA 293 26.24 51.32 74.55
N GLU CA 294 26.13 50.43 73.58
CA GLU CA 294 25.76 49.04 73.81
C GLU CA 294 26.99 48.20 73.56
N THR CA 295 27.54 47.60 74.61
CA THR CA 295 28.66 46.70 74.48
C THR CA 295 28.21 45.28 74.70
N GLU CA 296 28.85 44.35 73.99
CA GLU CA 296 28.58 42.94 74.18
C GLU CA 296 29.90 42.18 74.13
N ILE CA 297 30.12 41.31 75.10
CA ILE CA 297 31.24 40.40 75.10
C ILE CA 297 30.70 38.99 75.26
N GLU CA 298 31.12 38.09 74.39
CA GLU CA 298 30.58 36.74 74.34
C GLU CA 298 31.62 35.79 74.87
N PHE CA 299 31.37 35.21 76.05
CA PHE CA 299 32.28 34.26 76.64
C PHE CA 299 31.91 32.84 76.27
N GLU CA 300 32.91 32.01 76.04
CA GLU CA 300 32.77 30.56 76.13
C GLU CA 300 33.32 30.11 77.47
N PHE CA 301 32.68 29.13 78.08
CA PHE CA 301 33.18 28.58 79.31
C PHE CA 301 33.04 27.07 79.28
N ARG CA 302 33.71 26.43 80.23
CA ARG CA 302 33.87 24.98 80.22
C ARG CA 302 33.88 24.49 81.65
N LEU CA 303 33.32 23.31 81.88
CA LEU CA 303 33.04 22.88 83.23
C LEU CA 303 34.06 21.87 83.72
N TRP CA 304 33.85 21.41 84.94
CA TRP CA 304 34.78 20.61 85.70
C TRP CA 304 34.82 19.16 85.22
N GLU CA 305 35.89 18.47 85.58
CA GLU CA 305 36.09 17.08 85.19
C GLU CA 305 35.02 16.19 85.80
N GLN CA 306 34.52 15.25 85.01
CA GLN CA 306 33.58 14.28 85.52
C GLN CA 306 34.27 13.24 86.39
N GLY CA 307 33.49 12.60 87.23
CA GLY CA 307 34.01 11.53 88.05
C GLY CA 307 34.48 12.02 89.40
N VAL CA 308 35.13 11.12 90.11
CA VAL CA 308 35.71 11.46 91.41
C VAL CA 308 36.75 12.56 91.27
N GLN CA 309 37.33 12.70 90.08
CA GLN CA 309 38.29 13.77 89.86
C GLN CA 309 37.68 15.15 90.12
N GLY CA 310 36.39 15.29 89.86
CA GLY CA 310 35.69 16.54 90.04
C GLY CA 310 35.07 16.77 91.39
N ILE CA 311 35.31 15.88 92.36
CA ILE CA 311 34.81 16.08 93.70
C ILE CA 311 35.61 17.19 94.38
N ASN CA 312 34.91 18.09 95.06
CA ASN CA 312 35.57 19.26 95.66
C ASN CA 312 36.73 18.86 96.55
N SER CA 313 36.53 17.88 97.42
CA SER CA 313 37.56 17.55 98.40
C SER CA 313 38.82 17.01 97.73
N VAL CA 314 38.66 16.13 96.73
CA VAL CA 314 39.81 15.52 96.08
C VAL CA 314 40.22 16.24 94.81
N HIS CA 315 39.50 17.27 94.39
CA HIS CA 315 39.89 17.95 93.16
C HIS CA 315 41.13 18.81 93.34
N THR CA 316 41.44 19.20 94.57
CA THR CA 316 42.64 20.00 94.78
C THR CA 316 43.88 19.26 94.32
N ASN CA 317 44.08 18.05 94.83
CA ASN CA 317 45.25 17.26 94.50
C ASN CA 317 45.04 16.30 93.33
N LEU CA 318 43.82 16.11 92.85
CA LEU CA 318 43.59 15.41 91.59
C LEU CA 318 43.39 16.34 90.41
N ASN CA 319 43.52 17.65 90.60
CA ASN CA 319 43.46 18.58 89.49
C ASN CA 319 44.52 18.21 88.46
N PRO CA 320 44.19 18.16 87.17
CA PRO CA 320 45.20 17.81 86.18
C PRO CA 320 46.33 18.83 86.15
N ALA CA 321 47.56 18.33 86.11
CA ALA CA 321 48.68 19.24 85.95
C ALA CA 321 48.80 19.78 84.53
N ASN CA 322 48.05 19.21 83.58
CA ASN CA 322 48.03 19.70 82.22
C ASN CA 322 46.97 20.77 82.00
N ASP CA 323 46.28 21.20 83.05
CA ASP CA 323 45.53 22.45 82.95
C ASP CA 323 46.43 23.55 82.42
N SER CA 324 47.63 23.66 82.98
CA SER CA 324 48.58 24.69 82.54
C SER CA 324 48.83 24.61 81.06
N LEU CA 325 48.53 23.47 80.45
CA LEU CA 325 48.73 23.32 79.02
C LEU CA 325 47.67 24.11 78.25
N TRP CA 326 46.39 23.88 78.54
CA TRP CA 326 45.30 24.62 77.91
C TRP CA 326 44.70 25.73 78.78
N ILE CA 327 45.08 25.91 80.04
CA ILE CA 327 44.47 27.00 80.82
C ILE CA 327 45.49 28.06 81.21
N GLN CA 328 45.31 29.29 80.74
CA GLN CA 328 46.45 30.16 80.61
C GLN CA 328 46.46 31.56 81.23
N SER CA 329 45.44 31.92 81.99
CA SER CA 329 45.30 33.26 82.60
C SER CA 329 45.15 34.43 81.58
N TYR CA 330 45.52 35.64 81.97
CA TYR CA 330 45.37 36.81 81.10
C TYR CA 330 46.71 37.40 80.70
N GLY CA 331 46.84 37.85 79.45
CA GLY CA 331 48.16 38.19 78.97
C GLY CA 331 48.77 39.49 79.46
N SER CA 332 48.08 40.59 79.22
CA SER CA 332 48.69 41.90 79.40
C SER CA 332 47.68 42.84 80.00
N LEU CA 333 48.12 43.63 80.96
CA LEU CA 333 47.26 44.46 81.76
C LEU CA 333 47.33 45.90 81.28
N VAL CA 334 46.21 46.60 81.36
CA VAL CA 334 46.29 48.04 81.25
C VAL CA 334 47.11 48.55 82.43
N SER CA 335 47.71 49.72 82.26
CA SER CA 335 48.59 50.24 83.28
C SER CA 335 47.75 51.08 84.23
N ILE CA 336 47.60 50.61 85.46
CA ILE CA 336 46.71 51.19 86.45
C ILE CA 336 47.54 51.54 87.67
N THR CA 337 47.65 52.81 87.98
CA THR CA 337 48.09 53.22 89.31
C THR CA 337 46.87 53.76 90.03
N GLU CA 338 46.76 53.42 91.31
CA GLU CA 338 45.55 53.70 92.09
C GLU CA 338 44.37 53.12 91.30
N SER CA 339 43.29 53.86 91.12
CA SER CA 339 42.18 53.44 90.28
C SER CA 339 42.27 54.00 88.87
N LYS CA 340 43.36 54.68 88.53
CA LYS CA 340 43.41 55.54 87.37
C LYS CA 340 44.29 54.93 86.28
N ILE CA 341 43.79 54.96 85.05
CA ILE CA 341 44.54 54.40 83.93
C ILE CA 341 45.69 55.32 83.57
N ASN CA 342 46.89 54.76 83.48
CA ASN CA 342 48.06 55.55 83.11
C ASN CA 342 48.11 55.80 81.62
N ASN CA 343 47.84 54.77 80.82
CA ASN CA 343 47.92 54.85 79.38
C ASN CA 343 47.07 53.74 78.80
N ILE CA 344 46.74 53.86 77.52
CA ILE CA 344 46.07 52.79 76.81
C ILE CA 344 46.89 52.47 75.57
N GLN CA 345 47.18 51.20 75.38
CA GLN CA 345 47.89 50.69 74.22
C GLN CA 345 46.86 50.06 73.29
N PHE CA 346 47.06 50.22 71.98
CA PHE CA 346 46.10 49.66 71.04
C PHE CA 346 46.64 48.49 70.23
N GLY CA 347 47.64 48.73 69.39
CA GLY CA 347 48.23 47.65 68.61
C GLY CA 347 47.31 46.72 67.84
N PRO CA 348 46.80 47.21 66.71
CA PRO CA 348 45.87 46.53 65.80
C PRO CA 348 46.52 45.43 65.00
N THR CA 349 45.74 44.62 64.31
CA THR CA 349 46.33 43.60 63.47
C THR CA 349 46.69 44.47 62.31
N CYS CA 350 47.98 44.81 62.16
CA CYS CA 350 48.34 45.72 61.11
C CYS CA 350 48.31 45.04 59.78
N PRO CA 351 47.86 45.77 58.76
CA PRO CA 351 47.68 45.24 57.40
C PRO CA 351 48.98 44.95 56.69
N ARG CA 352 50.10 45.51 57.14
CA ARG CA 352 51.36 45.28 56.47
C ARG CA 352 52.12 44.08 57.00
N VAL CA 353 51.67 43.46 58.08
CA VAL CA 353 52.15 42.12 58.41
C VAL CA 353 51.69 41.15 57.33
N ASP CA 354 52.55 40.17 57.03
CA ASP CA 354 52.21 39.17 56.04
C ASP CA 354 50.88 38.51 56.39
N ALA CA 355 50.01 38.40 55.39
CA ALA CA 355 48.70 37.81 55.62
C ALA CA 355 48.79 36.39 56.16
N ARG CA 356 49.93 35.71 55.95
CA ARG CA 356 50.09 34.37 56.48
C ARG CA 356 50.30 34.40 57.99
N ASN CA 357 50.81 35.51 58.51
CA ASN CA 357 50.91 35.67 59.95
C ASN CA 357 49.59 36.07 60.60
N LYS CA 358 48.73 36.75 59.88
CA LYS CA 358 47.58 37.40 60.49
C LYS CA 358 46.40 36.45 60.69
N GLY CA 359 46.55 35.18 60.41
CA GLY CA 359 45.43 34.27 60.39
C GLY CA 359 44.84 33.93 61.74
N GLY CA 360 44.05 32.87 61.79
CA GLY CA 360 43.08 32.67 62.86
C GLY CA 360 43.56 32.45 64.28
N LYS CA 361 44.39 31.43 64.49
CA LYS CA 361 44.62 30.92 65.83
C LYS CA 361 45.65 31.77 66.58
N MET CA 362 45.28 32.25 67.76
CA MET CA 362 46.12 33.18 68.51
C MET CA 362 47.12 32.51 69.44
N SER CA 363 47.19 31.19 69.47
CA SER CA 363 48.18 30.58 70.34
C SER CA 363 48.68 29.30 69.71
N MET CA 364 49.85 28.89 70.15
CA MET CA 364 50.45 27.65 69.72
C MET CA 364 51.01 26.98 70.96
N LEU CA 365 51.10 25.66 70.92
CA LEU CA 365 51.57 24.90 72.06
C LEU CA 365 53.01 24.53 71.75
N PHE CA 366 53.92 25.29 72.34
CA PHE CA 366 55.33 25.25 72.05
C PHE CA 366 56.19 25.10 73.28
N ASP CA 367 57.21 24.28 73.20
CA ASP CA 367 58.09 24.01 74.33
C ASP CA 367 59.05 25.11 74.74
N HIS CA 368 59.50 25.04 75.98
CA HIS CA 368 60.47 25.98 76.48
C HIS CA 368 61.63 25.22 77.09
N HIS CA 369 62.85 25.61 76.78
CA HIS CA 369 64.02 24.93 77.32
C HIS CA 369 64.69 25.74 78.42
N GLU DA 36 18.82 69.43 -31.12
CA GLU DA 36 18.75 69.78 -29.71
C GLU DA 36 18.40 71.26 -29.58
N GLY DA 37 17.80 71.63 -28.44
CA GLY DA 37 17.40 73.00 -28.23
C GLY DA 37 16.02 73.29 -28.79
N ASP DA 38 15.64 74.55 -28.70
CA ASP DA 38 14.34 74.98 -29.20
C ASP DA 38 14.37 75.31 -30.68
N GLY DA 39 15.51 75.16 -31.33
CA GLY DA 39 15.66 75.43 -32.75
C GLY DA 39 16.43 76.69 -33.06
N SER DA 40 16.63 77.54 -32.07
CA SER DA 40 17.32 78.81 -32.23
C SER DA 40 18.75 78.73 -32.69
N ALA DA 41 19.30 77.53 -32.73
CA ALA DA 41 20.69 77.32 -33.14
C ALA DA 41 20.89 77.46 -34.65
N PRO DA 42 22.13 77.61 -35.08
CA PRO DA 42 22.31 77.75 -36.52
C PRO DA 42 21.83 76.58 -37.36
N GLY DA 43 21.98 75.33 -36.94
CA GLY DA 43 21.55 74.21 -37.78
C GLY DA 43 20.44 73.34 -37.22
N GLY DA 44 19.74 72.60 -38.08
CA GLY DA 44 18.66 71.75 -37.63
C GLY DA 44 17.26 72.29 -37.90
N SER DA 45 16.39 72.26 -36.90
CA SER DA 45 15.02 72.74 -37.05
C SER DA 45 14.86 74.25 -36.89
N VAL DA 46 13.83 74.82 -37.50
CA VAL DA 46 13.53 76.23 -37.50
C VAL DA 46 12.85 76.69 -36.23
N TRP DA 47 13.38 77.72 -35.60
CA TRP DA 47 12.73 78.26 -34.42
C TRP DA 47 11.53 78.96 -35.00
N GLN DA 48 10.34 78.67 -34.47
CA GLN DA 48 9.16 79.31 -35.01
C GLN DA 48 8.33 79.90 -33.89
N THR DA 49 7.62 80.97 -34.23
CA THR DA 49 6.88 81.77 -33.28
C THR DA 49 5.63 81.06 -32.80
N THR DA 50 5.10 81.56 -31.68
CA THR DA 50 3.94 80.94 -31.05
C THR DA 50 2.71 81.02 -31.95
N ASP DA 51 1.78 80.10 -31.69
CA ASP DA 51 0.57 79.96 -32.49
C ASP DA 51 -0.47 81.00 -32.10
N TYR DA 52 -0.93 81.77 -33.08
CA TYR DA 52 -2.02 82.71 -32.84
C TYR DA 52 -3.41 82.15 -33.13
N ILE DA 53 -3.52 80.95 -33.69
CA ILE DA 53 -4.84 80.41 -33.97
C ILE DA 53 -5.54 79.99 -32.68
N ALA DA 54 -4.83 79.26 -31.82
CA ALA DA 54 -5.45 78.57 -30.71
C ALA DA 54 -6.35 79.49 -29.90
N LEU DA 55 -5.93 80.73 -29.68
CA LEU DA 55 -6.75 81.66 -28.91
C LEU DA 55 -7.83 82.32 -29.74
N SER DA 56 -7.70 82.34 -31.06
CA SER DA 56 -8.79 82.90 -31.86
C SER DA 56 -9.91 81.90 -32.08
N MET DA 57 -9.64 80.60 -31.93
CA MET DA 57 -10.66 79.59 -32.11
C MET DA 57 -11.38 79.21 -30.84
N VAL DA 58 -10.93 79.66 -29.67
CA VAL DA 58 -11.56 79.23 -28.44
C VAL DA 58 -12.99 79.79 -28.39
N VAL DA 59 -13.95 78.91 -28.15
CA VAL DA 59 -15.35 79.27 -28.13
C VAL DA 59 -15.77 79.46 -26.69
N TYR DA 60 -16.25 80.65 -26.37
CA TYR DA 60 -16.75 80.97 -25.05
C TYR DA 60 -18.27 80.92 -25.10
N ARG DA 61 -18.87 80.49 -24.00
CA ARG DA 61 -20.28 80.12 -24.01
C ARG DA 61 -20.98 80.81 -22.86
N THR DA 62 -21.96 81.65 -23.18
CA THR DA 62 -22.73 82.37 -22.18
C THR DA 62 -24.22 82.14 -22.38
N ALA DA 63 -25.05 82.83 -21.59
CA ALA DA 63 -26.49 82.71 -21.74
C ALA DA 63 -27.15 83.97 -21.19
N ILE DA 64 -28.40 84.17 -21.58
CA ILE DA 64 -29.23 85.25 -21.08
C ILE DA 64 -30.52 84.65 -20.58
N LYS DA 65 -30.77 84.77 -19.28
CA LYS DA 65 -31.95 84.23 -18.64
C LYS DA 65 -32.80 85.38 -18.12
N LEU DA 66 -34.10 85.30 -18.37
CA LEU DA 66 -35.03 86.36 -17.98
C LEU DA 66 -36.32 85.73 -17.50
N ARG DA 67 -36.92 86.31 -16.46
CA ARG DA 67 -38.22 85.88 -15.97
C ARG DA 67 -39.25 86.97 -16.16
N ASN DA 68 -40.49 86.54 -16.26
CA ASN DA 68 -41.60 87.40 -16.59
C ASN DA 68 -42.85 86.78 -16.01
N PHE DA 69 -43.84 87.60 -15.71
CA PHE DA 69 -45.17 87.11 -15.38
C PHE DA 69 -46.09 87.44 -16.55
N VAL DA 70 -46.82 86.43 -17.01
CA VAL DA 70 -47.73 86.59 -18.14
C VAL DA 70 -49.15 86.54 -17.63
N ASN DA 71 -49.96 87.50 -18.03
CA ASN DA 71 -51.38 87.54 -17.72
C ASN DA 71 -52.15 87.52 -19.02
N ILE DA 72 -52.90 86.45 -19.25
CA ILE DA 72 -53.68 86.28 -20.47
C ILE DA 72 -55.15 86.43 -20.09
N ARG DA 73 -55.78 87.50 -20.55
CA ARG DA 73 -57.16 87.78 -20.21
C ARG DA 73 -58.01 87.97 -21.45
N GLY DA 74 -59.30 87.69 -21.31
CA GLY DA 74 -60.25 87.98 -22.37
C GLY DA 74 -59.96 87.28 -23.67
N LEU DA 75 -59.48 86.04 -23.60
CA LEU DA 75 -59.10 85.29 -24.78
C LEU DA 75 -60.21 84.29 -25.07
N THR DA 76 -60.95 84.51 -26.14
CA THR DA 76 -62.04 83.62 -26.49
C THR DA 76 -61.50 82.33 -27.11
N PRO DA 77 -62.30 81.27 -27.18
CA PRO DA 77 -61.78 80.00 -27.67
C PRO DA 77 -61.34 80.01 -29.11
N THR DA 78 -61.84 80.93 -29.93
CA THR DA 78 -61.38 81.01 -31.31
C THR DA 78 -60.01 81.66 -31.40
N GLU DA 79 -59.83 82.78 -30.70
CA GLU DA 79 -58.56 83.49 -30.69
C GLU DA 79 -57.54 82.77 -29.82
N MET DA 80 -56.27 83.06 -30.07
CA MET DA 80 -55.18 82.25 -29.57
C MET DA 80 -53.95 83.12 -29.37
N ILE DA 81 -53.18 82.84 -28.33
CA ILE DA 81 -51.96 83.57 -28.04
C ILE DA 81 -50.81 82.96 -28.83
N VAL DA 82 -50.10 83.80 -29.55
CA VAL DA 82 -48.94 83.39 -30.33
C VAL DA 82 -47.71 83.57 -29.45
N ILE DA 83 -46.96 82.50 -29.24
CA ILE DA 83 -45.75 82.60 -28.43
C ILE DA 83 -44.66 83.10 -29.37
N PRO DA 84 -44.18 84.29 -29.25
CA PRO DA 84 -43.13 84.77 -30.15
C PRO DA 84 -41.79 84.15 -29.81
N TRP DA 85 -41.76 82.82 -29.76
CA TRP DA 85 -40.61 82.15 -29.17
C TRP DA 85 -39.56 81.85 -30.21
N ASN DA 86 -39.87 82.07 -31.48
CA ASN DA 86 -38.91 81.88 -32.56
C ASN DA 86 -38.25 83.19 -32.99
N VAL DA 87 -38.56 84.31 -32.35
CA VAL DA 87 -37.89 85.57 -32.64
C VAL DA 87 -36.78 85.77 -31.63
N MET DA 88 -35.63 86.21 -32.13
CA MET DA 88 -34.44 86.31 -31.29
C MET DA 88 -34.64 87.32 -30.17
N ARG DA 89 -35.34 88.40 -30.46
CA ARG DA 89 -35.54 89.47 -29.49
C ARG DA 89 -36.36 89.03 -28.29
N PHE DA 90 -37.07 87.92 -28.39
CA PHE DA 90 -37.88 87.42 -27.29
C PHE DA 90 -37.01 87.03 -26.10
N TYR DA 91 -35.91 86.35 -26.36
CA TYR DA 91 -35.10 85.79 -25.28
C TYR DA 91 -34.13 86.79 -24.68
N CYS DA 92 -33.45 87.56 -25.51
CA CYS DA 92 -32.35 88.41 -25.07
C CYS DA 92 -32.73 89.86 -24.87
N GLU DA 93 -33.96 90.24 -25.13
CA GLU DA 93 -34.44 91.58 -24.84
C GLU DA 93 -35.72 91.46 -24.05
N TYR DA 94 -35.86 92.28 -23.02
CA TYR DA 94 -36.91 92.08 -22.04
C TYR DA 94 -38.00 93.08 -22.34
N ASN DA 95 -39.10 92.62 -22.92
CA ASN DA 95 -40.17 93.52 -23.27
C ASN DA 95 -41.34 93.16 -22.38
N THR DA 96 -41.57 93.97 -21.36
CA THR DA 96 -42.69 93.80 -20.45
C THR DA 96 -43.15 95.18 -20.02
N GLY DA 97 -44.44 95.45 -20.10
CA GLY DA 97 -44.96 96.65 -19.50
C GLY DA 97 -44.25 97.91 -19.97
N THR DA 98 -43.71 98.67 -19.01
CA THR DA 98 -43.04 99.92 -19.29
C THR DA 98 -41.63 99.73 -19.83
N TYR DA 99 -41.01 98.57 -19.59
CA TYR DA 99 -39.62 98.36 -20.03
C TYR DA 99 -39.47 98.60 -21.51
N GLY DA 100 -40.26 97.90 -22.33
CA GLY DA 100 -40.15 98.04 -23.78
C GLY DA 100 -40.31 99.46 -24.27
N LEU DA 101 -40.99 100.32 -23.50
CA LEU DA 101 -41.10 101.71 -23.87
C LEU DA 101 -39.80 102.45 -23.59
N SER DA 102 -39.11 102.10 -22.51
CA SER DA 102 -37.81 102.67 -22.21
C SER DA 102 -36.75 102.11 -23.16
N GLY DA 103 -35.65 102.85 -23.27
CA GLY DA 103 -34.64 102.53 -24.26
C GLY DA 103 -33.62 101.50 -23.81
N ASN DA 104 -33.10 100.76 -24.79
CA ASN DA 104 -32.01 99.81 -24.63
C ASN DA 104 -32.29 98.85 -23.48
N VAL DA 105 -33.28 97.98 -23.73
CA VAL DA 105 -33.65 96.98 -22.74
C VAL DA 105 -32.95 95.65 -22.98
N HIS DA 106 -32.03 95.60 -23.94
CA HIS DA 106 -31.24 94.40 -24.14
C HIS DA 106 -30.47 94.03 -22.88
N HIS DA 107 -30.29 92.75 -22.67
CA HIS DA 107 -29.48 92.28 -21.55
C HIS DA 107 -28.03 92.62 -21.81
N LYS DA 108 -27.30 92.92 -20.74
CA LYS DA 108 -25.93 93.41 -20.92
C LYS DA 108 -24.97 92.34 -21.40
N ASN DA 109 -25.27 91.06 -21.17
CA ASN DA 109 -24.46 90.03 -21.82
C ASN DA 109 -24.58 90.10 -23.32
N TYR DA 110 -25.72 90.55 -23.83
CA TYR DA 110 -25.84 90.65 -25.27
C TYR DA 110 -25.13 91.88 -25.82
N SER DA 111 -25.14 92.97 -25.06
CA SER DA 111 -24.46 94.18 -25.53
C SER DA 111 -22.99 93.93 -25.76
N MET DA 112 -22.37 93.08 -24.95
CA MET DA 112 -20.96 92.75 -25.17
C MET DA 112 -20.75 91.67 -26.22
N LEU DA 113 -21.76 90.86 -26.52
CA LEU DA 113 -21.60 89.94 -27.64
C LEU DA 113 -21.34 90.69 -28.93
N LEU DA 114 -21.67 91.97 -28.97
CA LEU DA 114 -21.29 92.84 -30.07
C LEU DA 114 -19.87 93.38 -29.91
N ALA DA 115 -19.28 93.24 -28.72
CA ALA DA 115 -17.88 93.62 -28.54
C ALA DA 115 -16.93 92.54 -29.04
N CYS DA 116 -17.25 91.27 -28.79
CA CYS DA 116 -16.48 90.19 -29.37
C CYS DA 116 -16.80 90.08 -30.86
N LYS DA 117 -15.91 89.43 -31.61
CA LYS DA 117 -16.05 89.52 -33.06
C LYS DA 117 -17.12 88.61 -33.61
N ALA DA 118 -17.43 87.52 -32.91
CA ALA DA 118 -18.41 86.56 -33.40
C ALA DA 118 -19.23 86.06 -32.23
N HIS DA 119 -20.53 85.89 -32.46
CA HIS DA 119 -21.38 85.22 -31.50
C HIS DA 119 -22.36 84.36 -32.25
N ARG DA 120 -22.81 83.29 -31.58
CA ARG DA 120 -23.76 82.41 -32.19
C ARG DA 120 -24.80 81.99 -31.17
N PRO DA 121 -26.07 81.94 -31.57
CA PRO DA 121 -27.15 81.77 -30.59
C PRO DA 121 -27.30 80.38 -29.99
N THR DA 122 -26.86 79.32 -30.66
CA THR DA 122 -27.00 77.94 -30.16
C THR DA 122 -28.37 77.65 -29.58
N LYS DA 123 -28.44 77.05 -28.40
CA LYS DA 123 -29.72 76.61 -27.86
C LYS DA 123 -30.57 77.79 -27.41
N VAL DA 124 -31.89 77.60 -27.48
CA VAL DA 124 -32.84 78.62 -27.07
C VAL DA 124 -34.07 77.90 -26.51
N GLY DA 125 -34.69 78.48 -25.50
CA GLY DA 125 -35.82 77.81 -24.88
C GLY DA 125 -36.54 78.69 -23.89
N TYR DA 126 -37.65 78.18 -23.37
CA TYR DA 126 -38.43 78.91 -22.39
C TYR DA 126 -39.24 77.95 -21.55
N THR DA 127 -39.74 78.46 -20.43
CA THR DA 127 -40.49 77.67 -19.46
C THR DA 127 -41.74 78.41 -19.05
N LEU DA 128 -42.88 77.72 -19.08
CA LEU DA 128 -44.12 78.18 -18.48
C LEU DA 128 -44.33 77.47 -17.16
N SER DA 129 -44.64 78.22 -16.12
CA SER DA 129 -44.65 77.64 -14.78
C SER DA 129 -45.71 78.26 -13.92
N ASN DA 130 -46.20 77.48 -12.95
CA ASN DA 130 -47.12 77.94 -11.91
C ASN DA 130 -48.30 78.70 -12.49
N LEU DA 131 -49.13 77.92 -13.16
CA LEU DA 131 -50.31 78.46 -13.81
C LEU DA 131 -51.36 78.83 -12.78
N ILE DA 132 -51.97 80.01 -12.95
CA ILE DA 132 -53.08 80.45 -12.13
C ILE DA 132 -54.19 80.85 -13.09
N LEU DA 133 -55.30 80.12 -13.02
CA LEU DA 133 -56.50 80.47 -13.76
C LEU DA 133 -57.46 81.24 -12.88
N THR DA 134 -58.05 82.29 -13.43
CA THR DA 134 -59.06 83.08 -12.76
C THR DA 134 -60.27 83.17 -13.69
N SER DA 135 -61.39 83.61 -13.13
CA SER DA 135 -62.64 83.67 -13.86
C SER DA 135 -63.28 85.02 -13.68
N ASP DA 136 -63.73 85.60 -14.78
CA ASP DA 136 -64.55 86.81 -14.78
C ASP DA 136 -66.03 86.49 -14.68
N GLU DA 137 -66.38 85.23 -14.50
CA GLU DA 137 -67.79 84.83 -14.51
C GLU DA 137 -68.60 85.58 -13.47
N LEU DA 138 -68.04 85.81 -12.29
CA LEU DA 138 -68.75 86.58 -11.28
C LEU DA 138 -68.74 88.07 -11.58
N VAL DA 139 -67.90 88.52 -12.50
CA VAL DA 139 -67.79 89.93 -12.85
C VAL DA 139 -68.96 90.31 -13.74
N SER DA 140 -69.53 91.48 -13.49
CA SER DA 140 -70.59 92.05 -14.32
C SER DA 140 -70.37 93.55 -14.39
N THR DA 141 -71.05 94.20 -15.35
CA THR DA 141 -70.90 95.64 -15.50
C THR DA 141 -71.35 96.39 -14.25
N GLY DA 142 -72.26 95.81 -13.47
CA GLY DA 142 -72.62 96.40 -12.19
C GLY DA 142 -71.49 96.36 -11.19
N GLY DA 143 -70.58 95.39 -11.33
CA GLY DA 143 -69.41 95.34 -10.48
C GLY DA 143 -69.68 94.67 -9.15
N THR DA 144 -68.96 95.15 -8.13
CA THR DA 144 -69.04 94.71 -6.74
C THR DA 144 -68.48 93.31 -6.54
N LEU DA 145 -68.23 92.58 -7.63
CA LEU DA 145 -67.56 91.29 -7.57
C LEU DA 145 -66.50 91.26 -8.66
N GLY DA 146 -65.27 90.98 -8.27
CA GLY DA 146 -64.15 90.91 -9.19
C GLY DA 146 -63.84 89.48 -9.58
N THR DA 147 -62.83 89.35 -10.44
CA THR DA 147 -62.42 88.02 -10.86
C THR DA 147 -61.78 87.29 -9.70
N THR DA 148 -61.83 85.97 -9.76
CA THR DA 148 -61.18 85.16 -8.73
C THR DA 148 -60.82 83.83 -9.35
N THR DA 149 -59.89 83.14 -8.70
CA THR DA 149 -59.43 81.84 -9.19
C THR DA 149 -60.60 80.88 -9.34
N THR DA 150 -60.48 79.99 -10.31
CA THR DA 150 -61.55 79.07 -10.63
C THR DA 150 -61.93 78.24 -9.39
N PHE DA 151 -63.21 77.94 -9.27
CA PHE DA 151 -63.73 77.24 -8.10
C PHE DA 151 -63.05 75.89 -7.91
N ASN DA 152 -62.77 75.20 -9.00
CA ASN DA 152 -62.00 73.97 -8.94
C ASN DA 152 -60.92 74.01 -10.01
N THR DA 153 -59.99 73.07 -9.93
CA THR DA 153 -58.81 73.06 -10.77
C THR DA 153 -59.02 72.33 -12.08
N SER DA 154 -60.24 71.90 -12.37
CA SER DA 154 -60.52 71.23 -13.64
C SER DA 154 -60.22 72.08 -14.88
N PRO DA 155 -60.43 73.40 -14.90
CA PRO DA 155 -60.11 74.16 -16.12
C PRO DA 155 -58.62 74.12 -16.41
N TYR DA 156 -58.29 74.44 -17.66
CA TYR DA 156 -56.92 74.34 -18.12
C TYR DA 156 -56.67 75.34 -19.24
N MET DA 157 -55.40 75.62 -19.47
CA MET DA 157 -54.96 76.41 -20.61
C MET DA 157 -54.22 75.49 -21.57
N ILE DA 158 -54.54 75.59 -22.84
CA ILE DA 158 -54.04 74.66 -23.84
C ILE DA 158 -52.76 75.24 -24.41
N HIS DA 159 -51.66 74.52 -24.30
CA HIS DA 159 -50.42 74.88 -24.97
C HIS DA 159 -50.29 74.07 -26.23
N SER DA 160 -50.35 74.73 -27.38
CA SER DA 160 -50.37 74.05 -28.66
C SER DA 160 -49.04 74.26 -29.37
N ILE DA 161 -48.48 73.17 -29.88
CA ILE DA 161 -47.30 73.22 -30.73
C ILE DA 161 -47.73 72.75 -32.11
N ASP DA 162 -47.57 73.60 -33.11
CA ASP DA 162 -48.06 73.21 -34.44
C ASP DA 162 -46.88 72.57 -35.16
N ASP DA 163 -46.92 71.25 -35.27
CA ASP DA 163 -45.87 70.49 -35.94
C ASP DA 163 -46.10 70.43 -37.44
N GLN DA 164 -47.35 70.25 -37.84
CA GLN DA 164 -47.70 70.10 -39.24
C GLN DA 164 -47.83 71.44 -39.94
N GLN DA 165 -47.61 72.53 -39.21
CA GLN DA 165 -47.70 73.88 -39.73
C GLN DA 165 -49.09 74.13 -40.34
N CYS DA 166 -50.12 73.90 -39.53
CA CYS DA 166 -51.45 74.34 -39.91
C CYS DA 166 -51.44 75.83 -40.21
N LEU DA 167 -50.73 76.60 -39.40
CA LEU DA 167 -50.58 78.04 -39.59
C LEU DA 167 -49.14 78.31 -39.99
N SER DA 168 -48.96 78.71 -41.24
CA SER DA 168 -47.64 79.07 -41.73
C SER DA 168 -47.25 80.46 -41.26
N LYS DA 169 -48.18 81.40 -41.38
CA LYS DA 169 -47.95 82.80 -41.10
C LYS DA 169 -49.13 83.32 -40.32
N VAL DA 170 -48.85 84.02 -39.22
CA VAL DA 170 -49.87 84.37 -38.25
C VAL DA 170 -49.96 85.89 -38.16
N TYR DA 171 -51.18 86.40 -38.19
CA TYR DA 171 -51.45 87.82 -38.18
C TYR DA 171 -52.20 88.20 -36.90
N PRO DA 172 -52.07 89.44 -36.44
CA PRO DA 172 -52.88 89.89 -35.32
C PRO DA 172 -54.35 89.97 -35.69
N LYS DA 173 -55.19 90.03 -34.66
CA LYS DA 173 -56.62 90.19 -34.90
C LYS DA 173 -56.90 91.55 -35.53
N THR DA 174 -58.06 91.63 -36.19
CA THR DA 174 -58.40 92.80 -36.99
C THR DA 174 -58.23 94.09 -36.20
N ASP DA 175 -58.77 94.13 -34.98
CA ASP DA 175 -58.71 95.36 -34.21
C ASP DA 175 -57.35 95.55 -33.55
N THR DA 176 -56.75 94.47 -33.04
CA THR DA 176 -55.56 94.60 -32.23
C THR DA 176 -54.31 94.75 -33.11
N VAL DA 177 -53.17 94.90 -32.45
CA VAL DA 177 -51.88 94.97 -33.12
C VAL DA 177 -50.84 94.44 -32.15
N TRP DA 178 -49.71 93.99 -32.68
CA TRP DA 178 -48.68 93.37 -31.87
C TRP DA 178 -47.52 94.33 -31.68
N PRO DA 179 -47.37 94.93 -30.50
CA PRO DA 179 -46.17 95.74 -30.26
C PRO DA 179 -44.97 94.85 -30.00
N VAL DA 180 -43.80 95.33 -30.43
CA VAL DA 180 -42.61 94.57 -30.07
C VAL DA 180 -42.23 94.87 -28.63
N SER DA 181 -42.57 96.05 -28.14
CA SER DA 181 -42.30 96.40 -26.75
C SER DA 181 -43.09 95.55 -25.78
N SER DA 182 -44.15 94.91 -26.25
CA SER DA 182 -45.01 94.06 -25.44
C SER DA 182 -44.65 92.58 -25.54
N MET DA 183 -43.55 92.25 -26.21
CA MET DA 183 -43.34 90.89 -26.70
C MET DA 183 -43.38 89.85 -25.58
N ARG DA 184 -42.66 90.08 -24.48
CA ARG DA 184 -42.48 88.99 -23.53
C ARG DA 184 -43.68 88.75 -22.63
N GLU DA 185 -44.53 89.72 -22.36
CA GLU DA 185 -45.81 89.38 -21.76
C GLU DA 185 -46.71 89.05 -22.92
N LEU DA 186 -47.38 87.91 -22.88
CA LEU DA 186 -47.87 87.37 -24.12
C LEU DA 186 -49.26 87.93 -24.30
N ASP DA 187 -49.34 88.99 -25.10
CA ASP DA 187 -50.59 89.58 -25.53
C ASP DA 187 -50.95 89.28 -26.98
N TYR DA 188 -50.09 88.58 -27.72
CA TYR DA 188 -50.32 88.53 -29.16
C TYR DA 188 -51.44 87.55 -29.44
N VAL DA 189 -52.54 88.06 -29.98
CA VAL DA 189 -53.75 87.29 -30.18
C VAL DA 189 -53.98 87.13 -31.67
N ALA DA 190 -53.99 85.90 -32.12
CA ALA DA 190 -54.38 85.56 -33.48
C ALA DA 190 -55.76 84.95 -33.45
N SER DA 191 -56.53 85.20 -34.48
CA SER DA 191 -57.81 84.54 -34.65
C SER DA 191 -57.69 83.64 -35.87
N THR DA 192 -57.67 82.33 -35.63
CA THR DA 192 -57.52 81.37 -36.71
C THR DA 192 -58.91 81.08 -37.26
N VAL DA 193 -59.12 81.38 -38.54
CA VAL DA 193 -60.43 81.35 -39.15
C VAL DA 193 -60.31 80.74 -40.54
N SER DA 194 -61.19 79.79 -40.86
CA SER DA 194 -61.32 79.28 -42.21
C SER DA 194 -62.19 80.25 -42.99
N GLY DA 195 -62.67 79.88 -44.17
CA GLY DA 195 -63.41 80.86 -44.92
C GLY DA 195 -64.65 81.36 -44.21
N ASP DA 196 -65.59 80.47 -43.90
CA ASP DA 196 -66.69 80.79 -43.01
C ASP DA 196 -66.51 80.25 -41.60
N ASN DA 197 -65.43 79.52 -41.34
CA ASN DA 197 -65.34 78.71 -40.13
C ASN DA 197 -64.32 79.31 -39.17
N ALA DA 198 -64.74 79.48 -37.92
CA ALA DA 198 -63.80 79.85 -36.86
C ALA DA 198 -63.12 78.58 -36.36
N ILE DA 199 -61.80 78.55 -36.46
CA ILE DA 199 -61.03 77.38 -36.06
C ILE DA 199 -60.80 77.43 -34.55
N ILE DA 200 -61.12 76.35 -33.86
CA ILE DA 200 -60.67 76.17 -32.48
C ILE DA 200 -59.21 75.71 -32.56
N PRO DA 201 -58.26 76.49 -32.04
CA PRO DA 201 -56.85 76.20 -32.31
C PRO DA 201 -56.40 74.83 -31.85
N SER DA 202 -56.88 74.38 -30.69
CA SER DA 202 -56.46 73.09 -30.18
C SER DA 202 -56.82 71.93 -31.10
N THR DA 203 -57.81 72.11 -31.97
CA THR DA 203 -58.28 71.00 -32.78
C THR DA 203 -57.37 70.73 -33.98
N ILE DA 204 -56.83 71.78 -34.58
CA ILE DA 204 -55.96 71.58 -35.75
C ILE DA 204 -54.54 71.21 -35.35
N PHE DA 205 -54.04 71.79 -34.26
CA PHE DA 205 -52.62 71.66 -33.94
C PHE DA 205 -52.30 70.25 -33.46
N ASN DA 206 -51.02 69.90 -33.57
CA ASN DA 206 -50.61 68.52 -33.36
C ASN DA 206 -50.45 68.21 -31.87
N LYS DA 207 -49.41 68.75 -31.25
CA LYS DA 207 -49.22 68.58 -29.82
C LYS DA 207 -50.01 69.67 -29.10
N ASN DA 208 -50.96 69.24 -28.28
CA ASN DA 208 -51.77 70.12 -27.46
C ASN DA 208 -51.68 69.62 -26.04
N ARG DA 209 -51.07 70.41 -25.17
CA ARG DA 209 -50.95 70.09 -23.76
C ARG DA 209 -52.03 70.83 -23.00
N TYR DA 210 -52.86 70.10 -22.27
CA TYR DA 210 -53.86 70.74 -21.44
C TYR DA 210 -53.24 70.90 -20.06
N TRP DA 211 -52.91 72.12 -19.70
CA TRP DA 211 -52.06 72.40 -18.56
C TRP DA 211 -52.88 73.09 -17.50
N LYS DA 212 -53.00 72.44 -16.35
CA LYS DA 212 -53.90 72.84 -15.30
C LYS DA 212 -53.15 73.51 -14.17
N GLN DA 213 -53.88 73.89 -13.15
CA GLN DA 213 -53.31 74.48 -11.95
C GLN DA 213 -52.68 73.37 -11.12
N GLY DA 214 -51.40 73.48 -10.84
CA GLY DA 214 -50.67 72.48 -10.11
C GLY DA 214 -49.82 71.57 -10.97
N ASP DA 215 -50.04 71.57 -12.28
CA ASP DA 215 -49.20 70.79 -13.17
C ASP DA 215 -47.77 71.30 -13.15
N ASP DA 216 -46.85 70.41 -13.52
CA ASP DA 216 -45.46 70.78 -13.56
C ASP DA 216 -45.22 71.80 -14.65
N ALA DA 217 -44.11 72.53 -14.53
CA ALA DA 217 -43.78 73.55 -15.50
C ALA DA 217 -43.61 72.94 -16.88
N LEU DA 218 -43.91 73.73 -17.90
CA LEU DA 218 -43.79 73.31 -19.28
C LEU DA 218 -42.49 73.86 -19.85
N HIS DA 219 -41.58 72.97 -20.22
CA HIS DA 219 -40.26 73.34 -20.68
C HIS DA 219 -40.17 73.12 -22.17
N PHE DA 220 -39.73 74.14 -22.91
CA PHE DA 220 -39.61 74.03 -24.35
C PHE DA 220 -38.25 74.55 -24.74
N SER DA 221 -37.57 73.82 -25.62
CA SER DA 221 -36.20 74.14 -25.99
C SER DA 221 -36.03 73.91 -27.47
N HIS DA 222 -35.05 74.61 -28.04
CA HIS DA 222 -34.65 74.40 -29.43
C HIS DA 222 -33.14 74.48 -29.50
N ASP DA 223 -32.52 73.46 -30.07
CA ASP DA 223 -31.07 73.45 -30.24
C ASP DA 223 -30.74 73.96 -31.64
N LEU DA 224 -29.81 74.88 -31.72
CA LEU DA 224 -29.28 75.37 -32.99
C LEU DA 224 -27.89 74.82 -33.20
N ASP DA 225 -27.67 74.15 -34.32
CA ASP DA 225 -26.32 73.80 -34.76
C ASP DA 225 -26.07 74.58 -36.04
N LEU DA 226 -25.23 75.60 -35.95
CA LEU DA 226 -24.88 76.45 -37.06
C LEU DA 226 -23.44 76.14 -37.45
N GLY DA 227 -23.16 76.17 -38.74
CA GLY DA 227 -21.77 76.04 -39.11
C GLY DA 227 -21.04 77.34 -39.13
N PHE DA 228 -21.69 78.44 -38.75
CA PHE DA 228 -21.13 79.77 -38.92
C PHE DA 228 -21.49 80.59 -37.71
N TRP DA 229 -21.12 81.86 -37.75
CA TRP DA 229 -21.19 82.78 -36.63
C TRP DA 229 -21.82 84.07 -37.11
N PHE DA 230 -22.20 84.92 -36.17
CA PHE DA 230 -22.80 86.20 -36.51
C PHE DA 230 -21.93 87.33 -35.99
N GLY DA 231 -21.74 88.35 -36.81
CA GLY DA 231 -20.94 89.48 -36.40
C GLY DA 231 -21.70 90.72 -36.03
N SER DA 232 -23.00 90.74 -36.29
CA SER DA 232 -23.83 91.91 -36.07
C SER DA 232 -24.92 91.59 -35.06
N ASP DA 233 -25.74 92.58 -34.76
CA ASP DA 233 -26.86 92.34 -33.86
C ASP DA 233 -28.00 91.66 -34.61
N TYR DA 234 -28.82 90.93 -33.86
CA TYR DA 234 -29.94 90.24 -34.49
C TYR DA 234 -30.94 91.25 -35.06
N GLY DA 235 -31.30 92.27 -34.29
CA GLY DA 235 -32.10 93.34 -34.85
C GLY DA 235 -33.45 92.89 -35.32
N ASN DA 236 -34.25 92.33 -34.42
CA ASN DA 236 -35.57 91.75 -34.70
C ASN DA 236 -35.51 90.75 -35.86
N ALA DA 237 -34.58 89.82 -35.75
CA ALA DA 237 -34.50 88.66 -36.62
C ALA DA 237 -35.04 87.44 -35.90
N TYR DA 238 -35.68 86.55 -36.65
CA TYR DA 238 -35.98 85.25 -36.10
C TYR DA 238 -34.69 84.55 -35.70
N VAL DA 239 -34.71 83.89 -34.56
CA VAL DA 239 -33.56 83.05 -34.21
C VAL DA 239 -33.34 82.02 -35.32
N PRO DA 240 -32.11 81.82 -35.79
CA PRO DA 240 -31.88 81.25 -37.12
C PRO DA 240 -32.61 79.93 -37.35
N GLN DA 241 -33.24 79.84 -38.51
CA GLN DA 241 -34.04 78.69 -38.90
C GLN DA 241 -33.87 78.50 -40.40
N ASN DA 242 -33.97 77.26 -40.84
CA ASN DA 242 -33.99 76.94 -42.26
C ASN DA 242 -35.36 76.39 -42.57
N ASN DA 243 -36.15 77.13 -43.35
CA ASN DA 243 -37.52 76.72 -43.57
C ASN DA 243 -38.01 77.16 -44.93
N ASP DA 244 -39.26 76.80 -45.20
CA ASP DA 244 -39.98 77.37 -46.34
C ASP DA 244 -40.12 78.88 -46.19
N SER DA 245 -40.30 79.35 -44.96
CA SER DA 245 -40.47 80.77 -44.73
C SER DA 245 -39.15 81.53 -44.64
N MET DA 246 -38.08 80.90 -44.14
CA MET DA 246 -36.90 81.67 -43.81
C MET DA 246 -35.66 80.81 -43.81
N ASN DA 247 -34.51 81.47 -43.94
CA ASN DA 247 -33.21 80.82 -43.90
C ASN DA 247 -32.33 81.48 -42.84
N ALA DA 248 -31.35 80.71 -42.37
CA ALA DA 248 -30.60 81.09 -41.19
C ALA DA 248 -29.53 82.14 -41.47
N VAL DA 249 -28.99 82.16 -42.68
CA VAL DA 249 -27.89 83.05 -43.03
C VAL DA 249 -28.44 84.22 -43.82
N GLY DA 250 -27.98 85.42 -43.47
CA GLY DA 250 -28.63 86.62 -43.97
C GLY DA 250 -27.97 87.39 -45.10
N THR DA 251 -26.71 87.08 -45.39
CA THR DA 251 -25.99 87.81 -46.41
C THR DA 251 -26.25 87.20 -47.78
N ILE DA 252 -26.49 88.06 -48.77
CA ILE DA 252 -26.57 87.61 -50.15
C ILE DA 252 -25.19 87.15 -50.58
N PRO DA 253 -25.02 85.88 -50.96
CA PRO DA 253 -23.72 85.45 -51.46
C PRO DA 253 -23.39 86.13 -52.79
N THR DA 254 -22.10 86.30 -53.03
CA THR DA 254 -21.61 87.12 -54.14
C THR DA 254 -20.63 86.32 -54.98
N SER DA 255 -20.34 86.84 -56.16
CA SER DA 255 -19.87 86.04 -57.28
C SER DA 255 -18.43 85.55 -57.09
N LYS DA 256 -18.15 84.41 -57.72
CA LYS DA 256 -16.80 83.93 -57.99
C LYS DA 256 -16.03 83.62 -56.72
N HIS DA 257 -16.72 83.05 -55.73
CA HIS DA 257 -16.08 82.52 -54.54
C HIS DA 257 -17.11 81.73 -53.75
N ILE DA 258 -16.67 81.21 -52.61
CA ILE DA 258 -17.47 80.29 -51.81
C ILE DA 258 -18.13 81.08 -50.68
N ASN DA 259 -19.36 80.72 -50.38
CA ASN DA 259 -20.16 81.44 -49.39
C ASN DA 259 -20.88 80.44 -48.51
N VAL DA 260 -21.08 80.80 -47.26
CA VAL DA 260 -21.82 79.93 -46.36
C VAL DA 260 -23.30 80.01 -46.70
N ARG DA 261 -23.92 78.85 -46.87
CA ARG DA 261 -25.28 78.73 -47.37
C ARG DA 261 -26.08 77.89 -46.39
N GLY DA 262 -27.30 78.31 -46.10
CA GLY DA 262 -28.16 77.51 -45.25
C GLY DA 262 -28.53 76.20 -45.91
N VAL DA 263 -28.75 75.18 -45.09
CA VAL DA 263 -29.07 73.84 -45.58
C VAL DA 263 -29.83 73.12 -44.47
N ASN DA 264 -30.61 72.11 -44.86
CA ASN DA 264 -31.13 71.03 -44.02
C ASN DA 264 -32.44 71.23 -43.23
N ASN DA 265 -33.09 72.38 -43.24
CA ASN DA 265 -34.40 72.50 -42.58
C ASN DA 265 -34.32 72.16 -41.09
N ARG DA 266 -33.75 73.09 -40.33
CA ARG DA 266 -33.97 73.16 -38.90
C ARG DA 266 -34.89 74.35 -38.66
N GLY DA 267 -35.98 74.13 -37.94
CA GLY DA 267 -36.92 75.19 -37.68
C GLY DA 267 -37.65 74.97 -36.37
N MET DA 268 -38.44 75.96 -35.97
CA MET DA 268 -39.19 75.87 -34.72
C MET DA 268 -40.69 75.78 -34.94
N ALA DA 269 -41.35 74.96 -34.13
CA ALA DA 269 -42.80 74.78 -34.23
C ALA DA 269 -43.52 75.99 -33.64
N GLY DA 270 -44.59 76.42 -34.29
CA GLY DA 270 -45.36 77.55 -33.83
C GLY DA 270 -46.13 77.29 -32.55
N HIS DA 271 -45.52 77.63 -31.42
CA HIS DA 271 -46.17 77.44 -30.12
C HIS DA 271 -47.33 78.41 -29.98
N TYR DA 272 -48.35 78.01 -29.24
CA TYR DA 272 -49.52 78.86 -29.07
C TYR DA 272 -50.19 78.55 -27.74
N LEU DA 273 -50.98 79.50 -27.26
CA LEU DA 273 -51.76 79.33 -26.05
C LEU DA 273 -53.21 79.66 -26.33
N SER DA 274 -54.10 78.83 -25.78
CA SER DA 274 -55.52 79.01 -26.01
C SER DA 274 -56.28 78.38 -24.85
N PHE DA 275 -57.54 78.72 -24.76
CA PHE DA 275 -58.37 78.12 -23.73
C PHE DA 275 -59.46 77.27 -24.37
N PRO DA 276 -59.88 76.20 -23.71
CA PRO DA 276 -60.93 75.37 -24.27
C PRO DA 276 -62.24 76.12 -24.33
N PRO DA 277 -63.02 75.95 -25.38
CA PRO DA 277 -64.35 76.55 -25.39
C PRO DA 277 -65.22 75.97 -24.31
N ILE DA 278 -65.81 76.83 -23.49
CA ILE DA 278 -66.75 76.43 -22.46
C ILE DA 278 -67.94 77.34 -22.58
N ARG DA 279 -69.09 76.78 -22.92
CA ARG DA 279 -70.28 77.62 -23.07
C ARG DA 279 -70.85 77.98 -21.71
N THR DA 280 -71.43 79.17 -21.66
CA THR DA 280 -72.08 79.68 -20.46
C THR DA 280 -73.52 80.03 -20.80
N ASN DA 281 -74.23 80.57 -19.80
CA ASN DA 281 -75.53 81.16 -20.05
C ASN DA 281 -75.45 82.22 -21.15
N ASP DA 282 -74.34 82.96 -21.18
CA ASP DA 282 -74.10 83.94 -22.24
C ASP DA 282 -72.68 83.77 -22.77
N GLY DA 283 -72.57 83.44 -24.05
CA GLY DA 283 -71.26 83.39 -24.67
C GLY DA 283 -70.39 82.28 -24.13
N GLN DA 284 -69.12 82.59 -23.91
CA GLN DA 284 -68.10 81.63 -23.55
C GLN DA 284 -67.61 81.88 -22.14
N PHE DA 285 -67.13 80.82 -21.50
CA PHE DA 285 -66.61 80.93 -20.15
C PHE DA 285 -65.38 81.83 -20.19
N LYS DA 286 -65.25 82.70 -19.21
CA LYS DA 286 -64.16 83.65 -19.22
C LYS DA 286 -63.03 83.04 -18.40
N LEU DA 287 -61.98 82.61 -19.08
CA LEU DA 287 -60.78 82.08 -18.44
C LEU DA 287 -59.65 83.08 -18.61
N ASN DA 288 -58.98 83.33 -17.51
CA ASN DA 288 -57.82 84.20 -17.47
C ASN DA 288 -56.70 83.37 -16.91
N ALA DA 289 -55.48 83.59 -17.37
CA ALA DA 289 -54.37 82.78 -16.95
C ALA DA 289 -53.23 83.65 -16.47
N GLN DA 290 -52.55 83.20 -15.43
CA GLN DA 290 -51.23 83.70 -15.09
C GLN DA 290 -50.24 82.56 -15.11
N PHE DA 291 -49.02 82.85 -15.54
CA PHE DA 291 -47.92 81.92 -15.37
C PHE DA 291 -46.63 82.73 -15.44
N THR DA 292 -45.55 82.12 -14.97
CA THR DA 292 -44.25 82.75 -15.07
C THR DA 292 -43.57 82.29 -16.35
N LEU DA 293 -42.96 83.23 -17.05
CA LEU DA 293 -42.22 82.93 -18.27
C LEU DA 293 -40.74 83.05 -17.96
N GLU DA 294 -40.04 81.93 -17.98
CA GLU DA 294 -38.59 81.91 -17.86
C GLU DA 294 -38.03 81.53 -19.22
N THR DA 295 -37.36 82.47 -19.87
CA THR DA 295 -36.70 82.20 -21.13
C THR DA 295 -35.19 82.16 -20.92
N GLU DA 296 -34.53 81.31 -21.70
CA GLU DA 296 -33.08 81.24 -21.68
C GLU DA 296 -32.58 81.07 -23.11
N ILE DA 297 -31.60 81.87 -23.48
CA ILE DA 297 -30.90 81.74 -24.74
C ILE DA 297 -29.41 81.63 -24.44
N GLU DA 298 -28.78 80.62 -25.00
CA GLU DA 298 -27.39 80.31 -24.70
C GLU DA 298 -26.54 80.70 -25.89
N PHE DA 299 -25.73 81.74 -25.75
CA PHE DA 299 -24.85 82.17 -26.83
C PHE DA 299 -23.47 81.55 -26.68
N GLU DA 300 -22.88 81.20 -27.81
CA GLU DA 300 -21.45 81.01 -27.92
C GLU DA 300 -20.86 82.26 -28.54
N PHE DA 301 -19.68 82.67 -28.08
CA PHE DA 301 -19.02 83.81 -28.70
C PHE DA 301 -17.53 83.50 -28.80
N ARG DA 302 -16.85 84.32 -29.58
CA ARG DA 302 -15.48 84.06 -29.99
C ARG DA 302 -14.75 85.38 -30.09
N LEU DA 303 -13.47 85.38 -29.74
CA LEU DA 303 -12.77 86.63 -29.55
C LEU DA 303 -11.86 86.95 -30.74
N TRP DA 304 -11.16 88.07 -30.61
CA TRP DA 304 -10.41 88.69 -31.69
C TRP DA 304 -9.09 87.96 -31.96
N GLU DA 305 -8.55 88.22 -33.14
CA GLU DA 305 -7.31 87.58 -33.56
C GLU DA 305 -6.15 88.01 -32.68
N GLN DA 306 -5.30 87.05 -32.33
CA GLN DA 306 -4.11 87.36 -31.56
C GLN DA 306 -3.06 88.04 -32.44
N GLY DA 307 -2.15 88.74 -31.78
CA GLY DA 307 -1.06 89.37 -32.48
C GLY DA 307 -1.37 90.78 -32.86
N VAL DA 308 -0.47 91.34 -33.69
CA VAL DA 308 -0.67 92.68 -34.20
C VAL DA 308 -1.94 92.76 -35.03
N GLN DA 309 -2.38 91.64 -35.57
CA GLN DA 309 -3.63 91.63 -36.34
C GLN DA 309 -4.80 92.11 -35.50
N GLY DA 310 -4.78 91.86 -34.20
CA GLY DA 310 -5.85 92.24 -33.31
C GLY DA 310 -5.71 93.61 -32.67
N ILE DA 311 -4.72 94.40 -33.07
CA ILE DA 311 -4.59 95.76 -32.57
C ILE DA 311 -5.67 96.63 -33.17
N ASN DA 312 -6.31 97.45 -32.33
CA ASN DA 312 -7.43 98.26 -32.78
C ASN DA 312 -7.09 99.09 -34.01
N SER DA 313 -5.94 99.76 -33.99
CA SER DA 313 -5.63 100.69 -35.06
C SER DA 313 -5.43 99.96 -36.39
N VAL DA 314 -4.75 98.82 -36.37
CA VAL DA 314 -4.45 98.09 -37.60
C VAL DA 314 -5.44 96.97 -37.87
N HIS DA 315 -6.40 96.73 -36.98
CA HIS DA 315 -7.36 95.65 -37.23
C HIS DA 315 -8.35 96.02 -38.32
N THR DA 316 -8.57 97.29 -38.58
CA THR DA 316 -9.51 97.68 -39.62
C THR DA 316 -9.08 97.12 -40.97
N ASN DA 317 -7.85 97.41 -41.37
CA ASN DA 317 -7.34 96.96 -42.65
C ASN DA 317 -6.58 95.63 -42.60
N LEU DA 318 -6.28 95.10 -41.42
CA LEU DA 318 -5.79 93.73 -41.30
C LEU DA 318 -6.87 92.73 -40.94
N ASN DA 319 -8.12 93.16 -40.84
CA ASN DA 319 -9.22 92.23 -40.61
C ASN DA 319 -9.22 91.18 -41.71
N PRO DA 320 -9.35 89.90 -41.39
CA PRO DA 320 -9.36 88.87 -42.43
C PRO DA 320 -10.54 89.06 -43.37
N ALA DA 321 -10.28 88.94 -44.66
CA ALA DA 321 -11.38 88.97 -45.61
C ALA DA 321 -12.16 87.68 -45.62
N ASN DA 322 -11.67 86.63 -44.97
CA ASN DA 322 -12.39 85.38 -44.86
C ASN DA 322 -13.27 85.32 -43.63
N ASP DA 323 -13.39 86.43 -42.89
CA ASP DA 323 -14.49 86.53 -41.94
C ASP DA 323 -15.81 86.23 -42.63
N SER DA 324 -16.02 86.83 -43.80
CA SER DA 324 -17.24 86.60 -44.55
C SER DA 324 -17.48 85.13 -44.80
N LEU DA 325 -16.44 84.32 -44.70
CA LEU DA 325 -16.59 82.89 -44.90
C LEU DA 325 -17.31 82.26 -43.71
N TRP DA 326 -16.81 82.47 -42.49
CA TRP DA 326 -17.47 81.96 -41.29
C TRP DA 326 -18.29 83.00 -40.52
N ILE DA 327 -18.30 84.27 -40.87
CA ILE DA 327 -19.11 85.23 -40.10
C ILE DA 327 -20.23 85.82 -40.93
N GLN DA 328 -21.47 85.58 -40.54
CA GLN DA 328 -22.55 85.63 -41.52
C GLN DA 328 -23.78 86.49 -41.30
N SER DA 329 -23.83 87.29 -40.23
CA SER DA 329 -25.00 88.12 -39.88
C SER DA 329 -26.28 87.33 -39.52
N TYR DA 330 -27.46 87.94 -39.69
CA TYR DA 330 -28.72 87.28 -39.34
C TYR DA 330 -29.59 87.02 -40.55
N GLY DA 331 -30.28 85.87 -40.59
CA GLY DA 331 -30.91 85.50 -41.82
C GLY DA 331 -32.18 86.22 -42.20
N SER DA 332 -33.18 86.17 -41.35
CA SER DA 332 -34.52 86.59 -41.73
C SER DA 332 -35.15 87.33 -40.57
N LEU DA 333 -35.82 88.42 -40.89
CA LEU DA 333 -36.33 89.35 -39.91
C LEU DA 333 -37.82 89.13 -39.73
N VAL DA 334 -38.31 89.31 -38.51
CA VAL DA 334 -39.73 89.46 -38.34
C VAL DA 334 -40.15 90.73 -39.07
N SER DA 335 -41.41 90.78 -39.45
CA SER DA 335 -41.89 91.91 -40.25
C SER DA 335 -42.40 92.97 -39.30
N ILE DA 336 -41.68 94.09 -39.24
CA ILE DA 336 -41.92 95.15 -38.28
C ILE DA 336 -42.17 96.43 -39.05
N THR DA 337 -43.37 96.97 -38.95
CA THR DA 337 -43.61 98.35 -39.32
C THR DA 337 -43.80 99.13 -38.04
N GLU DA 338 -43.20 100.33 -37.99
CA GLU DA 338 -43.13 101.12 -36.78
C GLU DA 338 -42.51 100.22 -35.70
N SER DA 339 -43.09 100.15 -34.50
CA SER DA 339 -42.65 99.23 -33.47
C SER DA 339 -43.46 97.94 -33.45
N LYS DA 340 -44.37 97.76 -34.41
CA LYS DA 340 -45.43 96.77 -34.30
C LYS DA 340 -45.17 95.61 -35.25
N ILE DA 341 -45.34 94.38 -34.75
CA ILE DA 341 -45.12 93.20 -35.57
C ILE DA 341 -46.27 93.04 -36.54
N ASN DA 342 -45.94 92.87 -37.83
CA ASN DA 342 -46.97 92.67 -38.83
C ASN DA 342 -47.49 91.25 -38.83
N ASN DA 343 -46.60 90.28 -38.73
CA ASN DA 343 -46.95 88.88 -38.78
C ASN DA 343 -45.83 88.10 -38.13
N ILE DA 344 -46.12 86.85 -37.77
CA ILE DA 344 -45.10 85.93 -37.28
C ILE DA 344 -45.15 84.68 -38.13
N GLN DA 345 -44.00 84.27 -38.63
CA GLN DA 345 -43.83 83.05 -39.39
C GLN DA 345 -43.22 82.01 -38.49
N PHE DA 346 -43.63 80.75 -38.63
CA PHE DA 346 -43.10 79.71 -37.77
C PHE DA 346 -42.22 78.71 -38.50
N GLY DA 347 -42.75 77.95 -39.44
CA GLY DA 347 -41.96 77.00 -40.18
C GLY DA 347 -41.04 76.06 -39.42
N PRO DA 348 -41.62 75.02 -38.83
CA PRO DA 348 -40.97 73.99 -38.02
C PRO DA 348 -40.17 73.01 -38.85
N THR DA 349 -39.37 72.18 -38.20
CA THR DA 349 -38.64 71.18 -38.96
C THR DA 349 -39.76 70.20 -39.15
N CYS DA 350 -40.32 70.14 -40.35
CA CYS DA 350 -41.46 69.28 -40.54
C CYS DA 350 -41.03 67.84 -40.63
N PRO DA 351 -41.84 66.96 -40.04
CA PRO DA 351 -41.54 65.53 -39.94
C PRO DA 351 -41.61 64.81 -41.27
N ARG DA 352 -42.27 65.38 -42.27
CA ARG DA 352 -42.37 64.69 -43.55
C ARG DA 352 -41.24 65.01 -44.51
N VAL DA 353 -40.36 65.96 -44.18
CA VAL DA 353 -39.10 66.06 -44.88
C VAL DA 353 -38.27 64.81 -44.58
N ASP DA 354 -37.52 64.36 -45.59
CA ASP DA 354 -36.67 63.19 -45.42
C ASP DA 354 -35.75 63.39 -44.22
N ALA DA 355 -35.66 62.37 -43.37
CA ALA DA 355 -34.83 62.47 -42.18
C ALA DA 355 -33.38 62.74 -42.53
N ARG DA 356 -32.96 62.44 -43.75
CA ARG DA 356 -31.59 62.72 -44.14
C ARG DA 356 -31.38 64.22 -44.35
N ASN DA 357 -32.45 64.94 -44.68
CA ASN DA 357 -32.36 66.40 -44.77
C ASN DA 357 -32.40 67.07 -43.41
N LYS DA 358 -33.05 66.48 -42.43
CA LYS DA 358 -33.37 67.16 -41.19
C LYS DA 358 -32.23 67.17 -40.20
N GLY DA 359 -31.05 66.66 -40.56
CA GLY DA 359 -29.99 66.46 -39.61
C GLY DA 359 -29.33 67.72 -39.10
N GLY DA 360 -28.16 67.56 -38.49
CA GLY DA 360 -27.61 68.55 -37.59
C GLY DA 360 -27.21 69.92 -38.12
N LYS DA 361 -26.33 69.97 -39.10
CA LYS DA 361 -25.63 71.20 -39.44
C LYS DA 361 -26.49 72.11 -40.31
N MET DA 362 -26.68 73.35 -39.87
CA MET DA 362 -27.59 74.26 -40.56
C MET DA 362 -26.95 75.08 -41.66
N SER DA 363 -25.67 74.88 -41.96
CA SER DA 363 -25.09 75.64 -43.05
C SER DA 363 -24.05 74.81 -43.75
N MET DA 364 -23.77 75.18 -44.98
CA MET DA 364 -22.74 74.55 -45.77
C MET DA 364 -21.96 75.66 -46.44
N LEU DA 365 -20.71 75.39 -46.76
CA LEU DA 365 -19.85 76.39 -47.36
C LEU DA 365 -19.78 76.04 -48.84
N PHE DA 366 -20.58 76.78 -49.61
CA PHE DA 366 -20.82 76.51 -51.02
C PHE DA 366 -20.60 77.72 -51.89
N ASP DA 367 -19.98 77.51 -53.04
CA ASP DA 367 -19.67 78.59 -53.97
C ASP DA 367 -20.83 79.21 -54.72
N HIS DA 368 -20.61 80.42 -55.20
CA HIS DA 368 -21.60 81.11 -56.00
C HIS DA 368 -20.92 81.60 -57.27
N HIS DA 369 -21.57 81.38 -58.41
CA HIS DA 369 -21.02 81.82 -59.68
C HIS DA 369 -21.72 83.06 -60.21
N GLU EA 36 -16.88 -53.57 -54.68
CA GLU EA 36 -15.69 -52.97 -55.26
C GLU EA 36 -15.74 -53.12 -56.78
N GLY EA 37 -15.06 -52.23 -57.49
CA GLY EA 37 -15.05 -52.27 -58.93
C GLY EA 37 -16.23 -51.51 -59.52
N ASP EA 38 -16.33 -51.57 -60.84
CA ASP EA 38 -17.41 -50.90 -61.55
C ASP EA 38 -18.67 -51.74 -61.61
N GLY EA 39 -18.66 -52.93 -61.02
CA GLY EA 39 -19.82 -53.80 -61.01
C GLY EA 39 -19.69 -55.01 -61.90
N SER EA 40 -18.72 -54.98 -62.81
CA SER EA 40 -18.50 -56.05 -63.78
C SER EA 40 -18.18 -57.41 -63.20
N ALA EA 41 -17.95 -57.47 -61.90
CA ALA EA 41 -17.62 -58.72 -61.21
C ALA EA 41 -18.82 -59.64 -61.06
N PRO EA 42 -18.57 -60.90 -60.75
CA PRO EA 42 -19.73 -61.79 -60.60
C PRO EA 42 -20.71 -61.40 -59.50
N GLY EA 43 -20.28 -60.90 -58.35
CA GLY EA 43 -21.23 -60.57 -57.28
C GLY EA 43 -21.31 -59.10 -56.89
N GLY EA 44 -22.41 -58.69 -56.26
CA GLY EA 44 -22.57 -57.30 -55.86
C GLY EA 44 -23.51 -56.49 -56.74
N SER EA 45 -23.08 -55.30 -57.13
CA SER EA 45 -23.88 -54.41 -57.96
C SER EA 45 -23.81 -54.71 -59.46
N VAL EA 46 -24.84 -54.36 -60.20
CA VAL EA 46 -24.98 -54.61 -61.63
C VAL EA 46 -24.23 -53.60 -62.46
N TRP EA 47 -23.40 -54.08 -63.38
CA TRP EA 47 -22.70 -53.17 -64.27
C TRP EA 47 -23.79 -52.70 -65.19
N GLN EA 48 -23.94 -51.40 -65.36
CA GLN EA 48 -24.99 -50.91 -66.22
C GLN EA 48 -24.42 -49.91 -67.21
N THR EA 49 -25.07 -49.84 -68.37
CA THR EA 49 -24.61 -49.07 -69.50
C THR EA 49 -24.81 -47.58 -69.28
N THR EA 50 -24.10 -46.78 -70.08
CA THR EA 50 -24.15 -45.33 -69.96
C THR EA 50 -25.55 -44.79 -70.24
N ASP EA 51 -25.79 -43.60 -69.71
CA ASP EA 51 -27.10 -42.96 -69.80
C ASP EA 51 -27.26 -42.28 -71.15
N TYR EA 52 -28.34 -42.61 -71.85
CA TYR EA 52 -28.67 -41.95 -73.10
C TYR EA 52 -29.61 -40.75 -72.94
N ILE EA 53 -30.17 -40.52 -71.76
CA ILE EA 53 -31.07 -39.39 -71.59
C ILE EA 53 -30.31 -38.08 -71.61
N ALA EA 54 -29.22 -38.01 -70.85
CA ALA EA 54 -28.58 -36.73 -70.58
C ALA EA 54 -28.32 -35.93 -71.85
N LEU EA 55 -27.90 -36.59 -72.92
CA LEU EA 55 -27.64 -35.88 -74.16
C LEU EA 55 -28.90 -35.61 -74.97
N SER EA 56 -29.97 -36.35 -74.75
CA SER EA 56 -31.20 -36.04 -75.45
C SER EA 56 -31.96 -34.89 -74.82
N MET EA 57 -31.71 -34.61 -73.54
CA MET EA 57 -32.39 -33.51 -72.86
C MET EA 57 -31.65 -32.19 -72.92
N VAL EA 58 -30.41 -32.16 -73.40
CA VAL EA 58 -29.66 -30.91 -73.39
C VAL EA 58 -30.32 -29.93 -74.34
N VAL EA 59 -30.61 -28.74 -73.84
CA VAL EA 59 -31.29 -27.70 -74.59
C VAL EA 59 -30.24 -26.75 -75.14
N TYR EA 60 -30.20 -26.62 -76.46
CA TYR EA 60 -29.31 -25.68 -77.12
C TYR EA 60 -30.10 -24.46 -77.52
N ARG EA 61 -29.46 -23.30 -77.47
CA ARG EA 61 -30.17 -22.04 -77.53
C ARG EA 61 -29.53 -21.15 -78.57
N THR EA 62 -30.29 -20.80 -79.60
CA THR EA 62 -29.80 -19.94 -80.67
C THR EA 62 -30.71 -18.74 -80.87
N ALA EA 63 -30.44 -17.94 -81.89
CA ALA EA 63 -31.29 -16.78 -82.19
C ALA EA 63 -31.13 -16.42 -83.65
N ILE EA 64 -32.10 -15.65 -84.15
CA ILE EA 64 -32.07 -15.11 -85.50
C ILE EA 64 -32.28 -13.61 -85.40
N LYS EA 65 -31.28 -12.85 -85.80
CA LYS EA 65 -31.32 -11.39 -85.75
C LYS EA 65 -31.29 -10.85 -87.16
N LEU EA 66 -32.15 -9.87 -87.44
CA LEU EA 66 -32.26 -9.31 -88.77
C LEU EA 66 -32.51 -7.80 -88.64
N ARG EA 67 -31.90 -7.03 -89.53
CA ARG EA 67 -32.13 -5.60 -89.59
C ARG EA 67 -32.80 -5.22 -90.90
N ASN EA 68 -33.51 -4.11 -90.84
CA ASN EA 68 -34.34 -3.65 -91.93
C ASN EA 68 -34.47 -2.15 -91.80
N PHE EA 69 -34.70 -1.48 -92.92
CA PHE EA 69 -35.09 -0.08 -92.92
C PHE EA 69 -36.55 0.01 -93.30
N VAL EA 70 -37.33 0.73 -92.51
CA VAL EA 70 -38.75 0.87 -92.73
C VAL EA 70 -39.02 2.29 -93.19
N ASN EA 71 -39.77 2.43 -94.28
CA ASN EA 71 -40.21 3.72 -94.79
C ASN EA 71 -41.73 3.73 -94.79
N ILE EA 72 -42.31 4.60 -93.97
CA ILE EA 72 -43.76 4.72 -93.85
C ILE EA 72 -44.15 6.04 -94.49
N ARG EA 73 -44.87 5.97 -95.60
CA ARG EA 73 -45.25 7.16 -96.34
C ARG EA 73 -46.75 7.19 -96.58
N GLY EA 74 -47.28 8.41 -96.71
CA GLY EA 74 -48.67 8.58 -97.09
C GLY EA 74 -49.65 7.97 -96.13
N LEU EA 75 -49.36 8.02 -94.84
CA LEU EA 75 -50.21 7.41 -93.82
C LEU EA 75 -51.01 8.52 -93.17
N THR EA 76 -52.32 8.54 -93.43
CA THR EA 76 -53.17 9.57 -92.87
C THR EA 76 -53.45 9.26 -91.39
N PRO EA 77 -53.93 10.25 -90.62
CA PRO EA 77 -54.09 10.02 -89.18
C PRO EA 77 -55.13 8.97 -88.82
N THR EA 78 -56.08 8.68 -89.71
CA THR EA 78 -57.04 7.63 -89.43
C THR EA 78 -56.42 6.26 -89.63
N GLU EA 79 -55.73 6.06 -90.73
CA GLU EA 79 -55.08 4.79 -91.03
C GLU EA 79 -53.82 4.63 -90.17
N MET EA 80 -53.40 3.38 -90.03
CA MET EA 80 -52.43 2.98 -89.03
C MET EA 80 -51.63 1.78 -89.52
N ILE EA 81 -50.34 1.76 -89.19
CA ILE EA 81 -49.47 0.65 -89.56
C ILE EA 81 -49.59 -0.44 -88.52
N VAL EA 82 -49.85 -1.66 -88.99
CA VAL EA 82 -49.95 -2.82 -88.13
C VAL EA 82 -48.57 -3.48 -88.07
N ILE EA 83 -48.02 -3.62 -86.87
CA ILE EA 83 -46.72 -4.26 -86.73
C ILE EA 83 -46.99 -5.76 -86.73
N PRO EA 84 -46.62 -6.49 -87.73
CA PRO EA 84 -46.87 -7.94 -87.72
C PRO EA 84 -45.91 -8.65 -86.78
N TRP EA 85 -45.87 -8.20 -85.54
CA TRP EA 85 -44.80 -8.63 -84.66
C TRP EA 85 -45.17 -9.88 -83.89
N ASN EA 86 -46.43 -10.31 -83.99
CA ASN EA 86 -46.87 -11.53 -83.36
C ASN EA 86 -46.91 -12.71 -84.32
N VAL EA 87 -46.50 -12.54 -85.56
CA VAL EA 87 -46.41 -13.65 -86.50
C VAL EA 87 -44.97 -14.14 -86.53
N MET EA 88 -44.82 -15.46 -86.52
CA MET EA 88 -43.51 -16.07 -86.40
C MET EA 88 -42.62 -15.71 -87.58
N ARG EA 89 -43.21 -15.65 -88.77
CA ARG EA 89 -42.46 -15.38 -89.99
C ARG EA 89 -41.84 -14.00 -90.01
N PHE EA 90 -42.30 -13.10 -89.16
CA PHE EA 90 -41.75 -11.74 -89.12
C PHE EA 90 -40.29 -11.76 -88.68
N TYR EA 91 -39.96 -12.55 -87.67
CA TYR EA 91 -38.64 -12.50 -87.07
C TYR EA 91 -37.62 -13.34 -87.83
N CYS EA 92 -37.99 -14.56 -88.21
CA CYS EA 92 -37.05 -15.53 -88.75
C CYS EA 92 -37.05 -15.62 -90.27
N GLU EA 93 -37.89 -14.86 -90.94
CA GLU EA 93 -37.87 -14.79 -92.40
C GLU EA 93 -37.82 -13.34 -92.79
N TYR EA 94 -36.99 -13.02 -93.77
CA TYR EA 94 -36.66 -11.63 -94.06
C TYR EA 94 -37.48 -11.22 -95.27
N ASN EA 95 -38.53 -10.46 -95.07
CA ASN EA 95 -39.36 -10.05 -96.18
C ASN EA 95 -39.18 -8.55 -96.33
N THR EA 96 -38.40 -8.17 -97.33
CA THR EA 96 -38.17 -6.77 -97.65
C THR EA 96 -38.01 -6.66 -99.15
N GLY EA 97 -38.72 -5.73 -99.78
CA GLY EA 97 -38.45 -5.44 -101.16
C GLY EA 97 -38.49 -6.66 -102.05
N THR EA 98 -37.38 -6.89 -102.77
CA THR EA 98 -37.28 -8.00 -103.71
C THR EA 98 -37.05 -9.33 -103.01
N TYR EA 99 -36.54 -9.34 -101.78
CA TYR EA 99 -36.22 -10.59 -101.10
C TYR EA 99 -37.44 -11.51 -101.03
N GLY EA 100 -38.55 -11.02 -100.48
CA GLY EA 100 -39.74 -11.84 -100.35
C GLY EA 100 -40.24 -12.41 -101.65
N LEU EA 101 -39.90 -11.79 -102.77
CA LEU EA 101 -40.25 -12.35 -104.07
C LEU EA 101 -39.36 -13.54 -104.42
N SER EA 102 -38.08 -13.46 -104.06
CA SER EA 102 -37.17 -14.56 -104.26
C SER EA 102 -37.47 -15.69 -103.27
N GLY EA 103 -37.00 -16.88 -103.61
CA GLY EA 103 -37.36 -18.07 -102.86
C GLY EA 103 -36.47 -18.33 -101.65
N ASN EA 104 -37.07 -18.97 -100.65
CA ASN EA 104 -36.39 -19.46 -99.45
C ASN EA 104 -35.55 -18.35 -98.82
N VAL EA 105 -36.26 -17.39 -98.25
CA VAL EA 105 -35.60 -16.27 -97.59
C VAL EA 105 -35.47 -16.50 -96.08
N HIS EA 106 -35.85 -17.69 -95.60
CA HIS EA 106 -35.63 -18.03 -94.20
C HIS EA 106 -34.17 -17.93 -93.85
N HIS EA 107 -33.90 -17.53 -92.61
CA HIS EA 107 -32.53 -17.50 -92.11
C HIS EA 107 -32.03 -18.93 -91.95
N LYS EA 108 -30.73 -19.12 -92.19
CA LYS EA 108 -30.20 -20.47 -92.22
C LYS EA 108 -30.14 -21.12 -90.85
N ASN EA 109 -30.11 -20.34 -89.77
CA ASN EA 109 -30.28 -20.95 -88.46
C ASN EA 109 -31.64 -21.60 -88.31
N TYR EA 110 -32.64 -21.06 -89.00
CA TYR EA 110 -33.95 -21.68 -88.89
C TYR EA 110 -34.05 -22.92 -89.75
N SER EA 111 -33.39 -22.94 -90.90
CA SER EA 111 -33.45 -24.11 -91.76
C SER EA 111 -32.91 -25.34 -91.05
N MET EA 112 -31.91 -25.17 -90.19
CA MET EA 112 -31.41 -26.30 -89.44
C MET EA 112 -32.21 -26.61 -88.19
N LEU EA 113 -32.99 -25.65 -87.68
CA LEU EA 113 -33.89 -26.00 -86.58
C LEU EA 113 -34.86 -27.08 -86.99
N LEU EA 114 -35.06 -27.27 -88.29
CA LEU EA 114 -35.80 -28.39 -88.82
C LEU EA 114 -34.95 -29.65 -88.93
N ALA EA 115 -33.63 -29.52 -88.82
CA ALA EA 115 -32.77 -30.70 -88.79
C ALA EA 115 -32.74 -31.34 -87.41
N CYS EA 116 -32.70 -30.53 -86.35
CA CYS EA 116 -32.83 -31.07 -85.00
C CYS EA 116 -34.27 -31.47 -84.76
N LYS EA 117 -34.49 -32.34 -83.77
CA LYS EA 117 -35.80 -32.95 -83.66
C LYS EA 117 -36.83 -32.02 -83.02
N ALA EA 118 -36.40 -31.07 -82.21
CA ALA EA 118 -37.31 -30.18 -81.51
C ALA EA 118 -36.72 -28.79 -81.47
N HIS EA 119 -37.56 -27.79 -81.67
CA HIS EA 119 -37.16 -26.41 -81.45
C HIS EA 119 -38.30 -25.67 -80.81
N ARG EA 120 -37.97 -24.64 -80.06
CA ARG EA 120 -38.97 -23.85 -79.40
C ARG EA 120 -38.62 -22.38 -79.48
N PRO EA 121 -39.61 -21.52 -79.75
CA PRO EA 121 -39.29 -20.12 -80.07
C PRO EA 121 -38.86 -19.24 -78.90
N THR EA 122 -39.23 -19.55 -77.66
CA THR EA 122 -38.88 -18.74 -76.49
C THR EA 122 -39.07 -17.25 -76.72
N LYS EA 123 -38.07 -16.44 -76.37
CA LYS EA 123 -38.26 -14.99 -76.42
C LYS EA 123 -38.29 -14.49 -77.85
N VAL EA 124 -39.01 -13.38 -78.06
CA VAL EA 124 -39.11 -12.75 -79.37
C VAL EA 124 -39.25 -11.25 -79.15
N GLY EA 125 -38.69 -10.47 -80.04
CA GLY EA 125 -38.72 -9.02 -79.85
C GLY EA 125 -38.21 -8.27 -81.05
N TYR EA 126 -38.34 -6.95 -80.98
CA TYR EA 126 -37.86 -6.10 -82.06
C TYR EA 126 -37.54 -4.71 -81.54
N THR EA 127 -36.82 -3.95 -82.35
CA THR EA 127 -36.38 -2.62 -81.98
C THR EA 127 -36.63 -1.65 -83.12
N LEU EA 128 -37.22 -0.51 -82.80
CA LEU EA 128 -37.33 0.63 -83.70
C LEU EA 128 -36.30 1.66 -83.31
N SER EA 129 -35.54 2.15 -84.28
CA SER EA 129 -34.40 2.98 -83.95
C SER EA 129 -34.18 4.06 -84.99
N ASN EA 130 -33.59 5.17 -84.56
CA ASN EA 130 -33.13 6.26 -85.42
C ASN EA 130 -34.23 6.69 -86.41
N LEU EA 131 -35.23 7.31 -85.81
CA LEU EA 131 -36.37 7.78 -86.57
C LEU EA 131 -36.00 9.00 -87.40
N ILE EA 132 -36.45 9.00 -88.64
CA ILE EA 132 -36.30 10.15 -89.53
C ILE EA 132 -37.67 10.47 -90.08
N LEU EA 133 -38.18 11.64 -89.74
CA LEU EA 133 -39.42 12.16 -90.30
C LEU EA 133 -39.11 13.09 -91.47
N THR EA 134 -39.89 12.95 -92.52
CA THR EA 134 -39.81 13.82 -93.68
C THR EA 134 -41.20 14.33 -93.99
N SER EA 135 -41.28 15.36 -94.82
CA SER EA 135 -42.53 16.02 -95.12
C SER EA 135 -42.69 16.16 -96.63
N ASP EA 136 -43.87 15.81 -97.13
CA ASP EA 136 -44.25 16.06 -98.51
C ASP EA 136 -44.92 17.42 -98.67
N GLU EA 137 -44.95 18.22 -97.61
CA GLU EA 137 -45.66 19.50 -97.65
C GLU EA 137 -45.17 20.40 -98.77
N LEU EA 138 -43.86 20.42 -99.00
CA LEU EA 138 -43.33 21.21 -100.10
C LEU EA 138 -43.57 20.55 -101.45
N VAL EA 139 -43.94 19.28 -101.47
CA VAL EA 139 -44.18 18.56 -102.72
C VAL EA 139 -45.53 18.96 -103.28
N SER EA 140 -45.59 19.15 -104.59
CA SER EA 140 -46.83 19.41 -105.30
C SER EA 140 -46.77 18.70 -106.65
N THR EA 141 -47.92 18.58 -107.29
CA THR EA 141 -47.97 17.90 -108.59
C THR EA 141 -47.11 18.60 -109.62
N GLY EA 142 -46.90 19.91 -109.47
CA GLY EA 142 -45.96 20.59 -110.35
C GLY EA 142 -44.53 20.16 -110.13
N GLY EA 143 -44.21 19.70 -108.93
CA GLY EA 143 -42.88 19.17 -108.67
C GLY EA 143 -41.86 20.25 -108.34
N THR EA 144 -40.62 19.98 -108.74
CA THR EA 144 -39.46 20.85 -108.58
C THR EA 144 -39.01 20.96 -107.12
N LEU EA 145 -39.84 20.49 -106.20
CA LEU EA 145 -39.48 20.40 -104.79
C LEU EA 145 -39.89 19.03 -104.27
N GLY EA 146 -38.93 18.32 -103.68
CA GLY EA 146 -39.18 17.00 -103.15
C GLY EA 146 -39.37 17.04 -101.64
N THR EA 147 -39.61 15.86 -101.08
CA THR EA 147 -39.79 15.77 -99.65
C THR EA 147 -38.46 16.05 -98.95
N THR EA 148 -38.56 16.51 -97.70
CA THR EA 148 -37.35 16.75 -96.94
C THR EA 148 -37.72 16.61 -95.47
N THR EA 149 -36.69 16.39 -94.64
CA THR EA 149 -36.90 16.23 -93.22
C THR EA 149 -37.63 17.43 -92.63
N THR EA 150 -38.42 17.17 -91.60
CA THR EA 150 -39.23 18.22 -91.00
C THR EA 150 -38.36 19.38 -90.54
N PHE EA 151 -38.91 20.59 -90.66
CA PHE EA 151 -38.15 21.80 -90.34
C PHE EA 151 -37.66 21.80 -88.91
N ASN EA 152 -38.46 21.29 -87.98
CA ASN EA 152 -38.05 21.10 -86.61
C ASN EA 152 -38.43 19.71 -86.16
N THR EA 153 -37.91 19.32 -85.01
CA THR EA 153 -38.04 17.95 -84.51
C THR EA 153 -39.29 17.74 -83.67
N SER EA 154 -40.16 18.76 -83.58
CA SER EA 154 -41.41 18.60 -82.83
C SER EA 154 -42.32 17.49 -83.35
N PRO EA 155 -42.43 17.19 -84.65
CA PRO EA 155 -43.31 16.11 -85.06
C PRO EA 155 -42.82 14.77 -84.53
N TYR EA 156 -43.73 13.80 -84.53
CA TYR EA 156 -43.44 12.50 -83.95
C TYR EA 156 -44.28 11.43 -84.65
N MET EA 157 -43.85 10.19 -84.50
CA MET EA 157 -44.60 9.03 -84.92
C MET EA 157 -45.07 8.29 -83.68
N ILE EA 158 -46.34 7.91 -83.67
CA ILE EA 158 -46.95 7.35 -82.47
C ILE EA 158 -46.80 5.84 -82.56
N HIS EA 159 -46.17 5.25 -81.56
CA HIS EA 159 -46.13 3.80 -81.43
C HIS EA 159 -47.17 3.37 -80.42
N SER EA 160 -48.17 2.65 -80.86
CA SER EA 160 -49.31 2.28 -80.03
C SER EA 160 -49.25 0.80 -79.72
N ILE EA 161 -49.43 0.47 -78.45
CA ILE EA 161 -49.58 -0.90 -77.99
C ILE EA 161 -50.99 -1.04 -77.46
N ASP EA 162 -51.77 -1.93 -78.05
CA ASP EA 162 -53.16 -2.05 -77.62
C ASP EA 162 -53.20 -3.12 -76.55
N ASP EA 163 -53.33 -2.70 -75.29
CA ASP EA 163 -53.40 -3.60 -74.16
C ASP EA 163 -54.80 -4.11 -73.94
N GLN EA 164 -55.78 -3.24 -74.07
CA GLN EA 164 -57.16 -3.56 -73.80
C GLN EA 164 -57.82 -4.24 -74.99
N GLN EA 165 -57.07 -4.43 -76.07
CA GLN EA 165 -57.57 -5.06 -77.29
C GLN EA 165 -58.78 -4.31 -77.83
N CYS EA 166 -58.60 -3.01 -78.05
CA CYS EA 166 -59.59 -2.26 -78.80
C CYS EA 166 -59.82 -2.91 -80.16
N LEU EA 167 -58.76 -3.36 -80.80
CA LEU EA 167 -58.84 -4.06 -82.08
C LEU EA 167 -58.46 -5.51 -81.85
N SER EA 168 -59.46 -6.39 -81.96
CA SER EA 168 -59.21 -7.82 -81.83
C SER EA 168 -58.59 -8.38 -83.10
N LYS EA 169 -59.16 -8.00 -84.24
CA LYS EA 169 -58.78 -8.54 -85.53
C LYS EA 169 -58.69 -7.37 -86.50
N VAL EA 170 -57.60 -7.32 -87.24
CA VAL EA 170 -57.26 -6.15 -88.04
C VAL EA 170 -57.22 -6.55 -89.51
N TYR EA 171 -57.85 -5.74 -90.35
CA TYR EA 171 -57.96 -6.00 -91.77
C TYR EA 171 -57.23 -4.91 -92.55
N PRO EA 172 -56.75 -5.23 -93.76
CA PRO EA 172 -56.17 -4.18 -94.60
C PRO EA 172 -57.23 -3.20 -95.06
N LYS EA 173 -56.77 -2.04 -95.53
CA LYS EA 173 -57.68 -1.05 -96.07
C LYS EA 173 -58.36 -1.59 -97.33
N THR EA 174 -59.51 -0.98 -97.64
CA THR EA 174 -60.35 -1.48 -98.71
C THR EA 174 -59.57 -1.68 -100.01
N ASP EA 175 -58.79 -0.67 -100.41
CA ASP EA 175 -58.07 -0.78 -101.67
C ASP EA 175 -56.82 -1.63 -101.55
N THR EA 176 -56.10 -1.52 -100.44
CA THR EA 176 -54.80 -2.15 -100.33
C THR EA 176 -54.94 -3.62 -99.96
N VAL EA 177 -53.79 -4.30 -99.87
CA VAL EA 177 -53.72 -5.68 -99.43
C VAL EA 177 -52.37 -5.88 -98.78
N TRP EA 178 -52.27 -6.91 -97.94
CA TRP EA 178 -51.06 -7.15 -97.18
C TRP EA 178 -50.30 -8.33 -97.77
N PRO EA 179 -49.20 -8.10 -98.49
CA PRO EA 179 -48.39 -9.24 -98.93
C PRO EA 179 -47.57 -9.79 -97.78
N VAL EA 180 -47.35 -11.10 -97.81
CA VAL EA 180 -46.46 -11.64 -96.79
C VAL EA 180 -45.02 -11.37 -97.19
N SER EA 181 -44.74 -11.25 -98.50
CA SER EA 181 -43.40 -10.94 -98.97
C SER EA 181 -42.97 -9.55 -98.55
N SER EA 182 -43.91 -8.69 -98.19
CA SER EA 182 -43.65 -7.32 -97.78
C SER EA 182 -43.57 -7.16 -96.27
N MET EA 183 -43.61 -8.26 -95.52
CA MET EA 183 -43.93 -8.21 -94.10
C MET EA 183 -42.99 -7.30 -93.32
N ARG EA 184 -41.68 -7.44 -93.50
CA ARG EA 184 -40.78 -6.77 -92.57
C ARG EA 184 -40.60 -5.28 -92.83
N GLU EA 185 -40.79 -4.79 -94.06
CA GLU EA 185 -40.91 -3.35 -94.22
C GLU EA 185 -42.37 -3.06 -93.98
N LEU EA 186 -42.66 -2.10 -93.12
CA LEU EA 186 -44.00 -2.11 -92.54
C LEU EA 186 -44.85 -1.25 -93.47
N ASP EA 187 -45.57 -1.92 -94.36
CA ASP EA 187 -46.56 -1.31 -95.21
C ASP EA 187 -48.00 -1.61 -94.80
N TYR EA 188 -48.22 -2.41 -93.77
CA TYR EA 188 -49.58 -2.90 -93.56
C TYR EA 188 -50.39 -1.78 -92.93
N VAL EA 189 -51.40 -1.32 -93.65
CA VAL EA 189 -52.18 -0.17 -93.24
C VAL EA 189 -53.59 -0.64 -92.93
N ALA EA 190 -54.00 -0.41 -91.70
CA ALA EA 190 -55.37 -0.63 -91.28
C ALA EA 190 -56.04 0.72 -91.12
N SER EA 191 -57.32 0.77 -91.42
CA SER EA 191 -58.13 1.95 -91.15
C SER EA 191 -59.11 1.57 -90.07
N THR EA 192 -58.91 2.12 -88.88
CA THR EA 192 -59.79 1.82 -87.75
C THR EA 192 -60.96 2.79 -87.80
N VAL EA 193 -62.16 2.24 -87.93
CA VAL EA 193 -63.35 3.04 -88.19
C VAL EA 193 -64.51 2.48 -87.37
N SER EA 194 -65.21 3.37 -86.68
CA SER EA 194 -66.47 3.01 -86.01
C SER EA 194 -67.57 3.01 -87.07
N GLY EA 195 -68.83 2.97 -86.66
CA GLY EA 195 -69.84 2.88 -87.70
C GLY EA 195 -69.84 4.07 -88.64
N ASP EA 196 -70.06 5.27 -88.14
CA ASP EA 196 -69.84 6.50 -88.90
C ASP EA 196 -68.53 7.18 -88.58
N ASN EA 197 -67.76 6.69 -87.62
CA ASN EA 197 -66.68 7.45 -87.02
C ASN EA 197 -65.33 6.88 -87.43
N ALA EA 198 -64.46 7.75 -87.92
CA ALA EA 198 -63.08 7.37 -88.15
C ALA EA 198 -62.30 7.48 -86.85
N ILE EA 199 -61.73 6.37 -86.41
CA ILE EA 199 -61.01 6.33 -85.14
C ILE EA 199 -59.60 6.84 -85.37
N ILE EA 200 -59.17 7.80 -84.56
CA ILE EA 200 -57.75 8.14 -84.47
C ILE EA 200 -57.10 7.07 -83.60
N PRO EA 201 -56.16 6.28 -84.14
CA PRO EA 201 -55.68 5.11 -83.40
C PRO EA 201 -55.08 5.42 -82.05
N SER EA 202 -54.32 6.51 -81.95
CA SER EA 202 -53.68 6.85 -80.69
C SER EA 202 -54.66 7.10 -79.57
N THR EA 203 -55.91 7.43 -79.88
CA THR EA 203 -56.85 7.80 -78.85
C THR EA 203 -57.44 6.59 -78.13
N ILE EA 204 -57.69 5.50 -78.86
CA ILE EA 204 -58.27 4.32 -78.22
C ILE EA 204 -57.22 3.48 -77.52
N PHE EA 205 -56.01 3.37 -78.09
CA PHE EA 205 -55.03 2.44 -77.59
C PHE EA 205 -54.46 2.87 -76.26
N ASN EA 206 -53.93 1.90 -75.53
CA ASN EA 206 -53.55 2.13 -74.14
C ASN EA 206 -52.19 2.81 -74.04
N LYS EA 207 -51.12 2.08 -74.33
CA LYS EA 207 -49.79 2.66 -74.36
C LYS EA 207 -49.55 3.27 -75.72
N ASN EA 208 -49.32 4.58 -75.74
CA ASN EA 208 -49.00 5.32 -76.95
C ASN EA 208 -47.74 6.10 -76.68
N ARG EA 209 -46.67 5.74 -77.38
CA ARG EA 209 -45.39 6.42 -77.26
C ARG EA 209 -45.27 7.41 -78.41
N TYR EA 210 -45.06 8.68 -78.09
CA TYR EA 210 -44.82 9.66 -79.13
C TYR EA 210 -43.32 9.76 -79.30
N TRP EA 211 -42.84 9.25 -80.42
CA TRP EA 211 -41.43 8.99 -80.62
C TRP EA 211 -40.91 9.94 -81.69
N LYS EA 212 -39.98 10.79 -81.29
CA LYS EA 212 -39.52 11.89 -82.11
C LYS EA 212 -38.15 11.58 -82.70
N GLN EA 213 -37.63 12.54 -83.44
CA GLN EA 213 -36.30 12.44 -84.01
C GLN EA 213 -35.28 12.71 -82.92
N GLY EA 214 -34.40 11.76 -82.69
CA GLY EA 214 -33.41 11.85 -81.65
C GLY EA 214 -33.73 11.05 -80.40
N ASP EA 215 -34.98 10.61 -80.25
CA ASP EA 215 -35.33 9.78 -79.12
C ASP EA 215 -34.60 8.45 -79.17
N ASP EA 216 -34.46 7.83 -78.01
CA ASP EA 216 -33.80 6.55 -77.92
C ASP EA 216 -34.62 5.50 -78.65
N ALA EA 217 -33.95 4.41 -79.02
CA ALA EA 217 -34.62 3.33 -79.72
C ALA EA 217 -35.74 2.75 -78.88
N LEU EA 218 -36.76 2.24 -79.55
CA LEU EA 218 -37.90 1.63 -78.89
C LEU EA 218 -37.74 0.12 -78.93
N HIS EA 219 -37.61 -0.49 -77.76
CA HIS EA 219 -37.35 -1.92 -77.64
C HIS EA 219 -38.59 -2.62 -77.16
N PHE EA 220 -39.01 -3.67 -77.87
CA PHE EA 220 -40.19 -4.42 -77.51
C PHE EA 220 -39.85 -5.89 -77.53
N SER EA 221 -40.28 -6.60 -76.49
CA SER EA 221 -39.91 -7.99 -76.32
C SER EA 221 -41.11 -8.76 -75.82
N HIS EA 222 -41.10 -10.07 -76.09
CA HIS EA 222 -42.10 -10.97 -75.56
C HIS EA 222 -41.41 -12.27 -75.17
N ASP EA 223 -41.60 -12.69 -73.93
CA ASP EA 223 -41.03 -13.95 -73.46
C ASP EA 223 -42.07 -15.05 -73.61
N LEU EA 224 -41.67 -16.17 -74.20
CA LEU EA 224 -42.50 -17.36 -74.29
C LEU EA 224 -41.98 -18.40 -73.32
N ASP EA 225 -42.85 -18.88 -72.44
CA ASP EA 225 -42.56 -20.07 -71.65
C ASP EA 225 -43.54 -21.15 -72.10
N LEU EA 226 -43.03 -22.12 -72.83
CA LEU EA 226 -43.81 -23.24 -73.34
C LEU EA 226 -43.43 -24.48 -72.56
N GLY EA 227 -44.40 -25.33 -72.29
CA GLY EA 227 -44.04 -26.58 -71.70
C GLY EA 227 -43.67 -27.64 -72.71
N PHE EA 228 -43.67 -27.30 -73.99
CA PHE EA 228 -43.52 -28.28 -75.04
C PHE EA 228 -42.63 -27.70 -76.12
N TRP EA 229 -42.48 -28.45 -77.20
CA TRP EA 229 -41.54 -28.17 -78.26
C TRP EA 229 -42.26 -28.32 -79.58
N PHE EA 230 -41.63 -27.86 -80.65
CA PHE EA 230 -42.20 -27.97 -81.98
C PHE EA 230 -41.30 -28.81 -82.88
N GLY EA 231 -41.90 -29.70 -83.65
CA GLY EA 231 -41.14 -30.54 -84.53
C GLY EA 231 -41.20 -30.15 -86.00
N SER EA 232 -42.07 -29.23 -86.34
CA SER EA 232 -42.29 -28.85 -87.73
C SER EA 232 -41.97 -27.38 -87.92
N ASP EA 233 -42.09 -26.90 -89.15
CA ASP EA 233 -41.88 -25.49 -89.40
C ASP EA 233 -43.10 -24.69 -88.97
N TYR EA 234 -42.87 -23.41 -88.65
CA TYR EA 234 -43.99 -22.56 -88.25
C TYR EA 234 -44.96 -22.37 -89.39
N GLY EA 235 -44.47 -22.06 -90.58
CA GLY EA 235 -45.35 -22.04 -91.74
C GLY EA 235 -46.44 -21.01 -91.64
N ASN EA 236 -46.06 -19.74 -91.50
CA ASN EA 236 -46.96 -18.60 -91.30
C ASN EA 236 -47.95 -18.86 -90.16
N ALA EA 237 -47.40 -19.25 -89.02
CA ALA EA 237 -48.13 -19.33 -87.77
C ALA EA 237 -47.78 -18.13 -86.90
N TYR EA 238 -48.76 -17.68 -86.13
CA TYR EA 238 -48.45 -16.72 -85.08
C TYR EA 238 -47.46 -17.35 -84.11
N VAL EA 239 -46.49 -16.57 -83.67
CA VAL EA 239 -45.62 -17.06 -82.59
C VAL EA 239 -46.48 -17.41 -81.39
N PRO EA 240 -46.27 -18.57 -80.75
CA PRO EA 240 -47.32 -19.18 -79.93
C PRO EA 240 -47.89 -18.26 -78.87
N GLN EA 241 -49.22 -18.26 -78.79
CA GLN EA 241 -49.97 -17.42 -77.89
C GLN EA 241 -51.17 -18.20 -77.41
N ASN EA 242 -51.62 -17.90 -76.20
CA ASN EA 242 -52.87 -18.45 -75.67
C ASN EA 242 -53.83 -17.29 -75.51
N ASN EA 243 -54.89 -17.27 -76.31
CA ASN EA 243 -55.76 -16.12 -76.31
C ASN EA 243 -57.18 -16.51 -76.65
N ASP EA 244 -58.05 -15.51 -76.63
CA ASP EA 244 -59.38 -15.65 -77.20
C ASP EA 244 -59.32 -15.98 -78.69
N SER EA 245 -58.34 -15.41 -79.38
CA SER EA 245 -58.20 -15.64 -80.81
C SER EA 245 -57.46 -16.93 -81.14
N MET EA 246 -56.51 -17.35 -80.31
CA MET EA 246 -55.62 -18.42 -80.74
C MET EA 246 -55.01 -19.14 -79.56
N ASN EA 247 -54.53 -20.35 -79.82
CA ASN EA 247 -53.86 -21.17 -78.83
C ASN EA 247 -52.49 -21.62 -79.35
N ALA EA 248 -51.60 -21.93 -78.42
CA ALA EA 248 -50.20 -22.11 -78.74
C ALA EA 248 -49.90 -23.45 -79.36
N VAL EA 249 -50.68 -24.47 -79.03
CA VAL EA 249 -50.43 -25.84 -79.47
C VAL EA 249 -51.37 -26.17 -80.62
N GLY EA 250 -50.83 -26.78 -81.67
CA GLY EA 250 -51.57 -26.90 -82.90
C GLY EA 250 -52.21 -28.23 -83.25
N THR EA 251 -51.84 -29.28 -82.54
CA THR EA 251 -52.35 -30.61 -82.86
C THR EA 251 -53.67 -30.83 -82.13
N ILE EA 252 -54.64 -31.39 -82.85
CA ILE EA 252 -55.89 -31.82 -82.22
C ILE EA 252 -55.57 -32.99 -81.31
N PRO EA 253 -55.83 -32.89 -80.01
CA PRO EA 253 -55.62 -34.04 -79.13
C PRO EA 253 -56.60 -35.16 -79.45
N THR EA 254 -56.15 -36.38 -79.20
CA THR EA 254 -56.86 -37.58 -79.64
C THR EA 254 -57.11 -38.51 -78.45
N SER EA 255 -57.99 -39.48 -78.68
CA SER EA 255 -58.72 -40.13 -77.60
C SER EA 255 -57.84 -41.04 -76.74
N LYS EA 256 -58.26 -41.17 -75.48
CA LYS EA 256 -57.83 -42.24 -74.58
C LYS EA 256 -56.34 -42.15 -74.26
N HIS EA 257 -55.83 -40.93 -74.10
CA HIS EA 257 -54.49 -40.72 -73.60
C HIS EA 257 -54.33 -39.24 -73.29
N ILE EA 258 -53.13 -38.87 -72.85
CA ILE EA 258 -52.84 -37.54 -72.35
C ILE EA 258 -52.18 -36.74 -73.47
N ASN EA 259 -52.53 -35.46 -73.56
CA ASN EA 259 -52.08 -34.59 -74.63
C ASN EA 259 -51.69 -33.25 -74.05
N VAL EA 260 -50.70 -32.61 -74.65
CA VAL EA 260 -50.30 -31.29 -74.20
C VAL EA 260 -51.32 -30.28 -74.66
N ARG EA 261 -51.81 -29.46 -73.73
CA ARG EA 261 -52.92 -28.56 -73.94
C ARG EA 261 -52.48 -27.15 -73.53
N GLY EA 262 -52.84 -26.17 -74.35
CA GLY EA 262 -52.54 -24.80 -73.98
C GLY EA 262 -53.30 -24.36 -72.76
N VAL EA 263 -52.70 -23.45 -72.00
CA VAL EA 263 -53.30 -22.97 -70.76
C VAL EA 263 -52.73 -21.59 -70.49
N ASN EA 264 -53.47 -20.79 -69.70
CA ASN EA 264 -53.02 -19.60 -68.98
C ASN EA 264 -52.98 -18.24 -69.68
N ASN EA 265 -53.31 -18.10 -70.96
CA ASN EA 265 -53.39 -16.76 -71.56
C ASN EA 265 -52.06 -16.01 -71.46
N ARG EA 266 -51.11 -16.44 -72.29
CA ARG EA 266 -49.99 -15.59 -72.66
C ARG EA 266 -50.21 -15.13 -74.09
N GLY EA 267 -50.15 -13.82 -74.32
CA GLY EA 267 -50.38 -13.31 -75.64
C GLY EA 267 -49.61 -12.02 -75.85
N MET EA 268 -49.66 -11.52 -77.09
CA MET EA 268 -48.94 -10.29 -77.43
C MET EA 268 -49.89 -9.14 -77.76
N ALA EA 269 -49.53 -7.94 -77.32
CA ALA EA 269 -50.33 -6.75 -77.56
C ALA EA 269 -50.17 -6.30 -79.01
N GLY EA 270 -51.27 -5.87 -79.63
CA GLY EA 270 -51.24 -5.42 -81.00
C GLY EA 270 -50.52 -4.10 -81.19
N HIS EA 271 -49.23 -4.18 -81.51
CA HIS EA 271 -48.44 -2.97 -81.73
C HIS EA 271 -48.89 -2.29 -83.01
N TYR EA 272 -48.78 -0.96 -83.06
CA TYR EA 272 -49.19 -0.22 -84.24
C TYR EA 272 -48.38 1.05 -84.35
N LEU EA 273 -48.35 1.60 -85.57
CA LEU EA 273 -47.68 2.86 -85.84
C LEU EA 273 -48.64 3.80 -86.53
N SER EA 274 -48.63 5.06 -86.11
CA SER EA 274 -49.54 6.05 -86.66
C SER EA 274 -48.93 7.42 -86.48
N PHE EA 275 -49.47 8.39 -87.19
CA PHE EA 275 -49.00 9.75 -87.05
C PHE EA 275 -50.11 10.62 -86.47
N PRO EA 276 -49.76 11.64 -85.70
CA PRO EA 276 -50.77 12.51 -85.12
C PRO EA 276 -51.47 13.30 -86.21
N PRO EA 277 -52.77 13.49 -86.11
CA PRO EA 277 -53.44 14.35 -87.08
C PRO EA 277 -52.94 15.78 -86.96
N ILE EA 278 -52.53 16.35 -88.09
CA ILE EA 278 -52.10 17.74 -88.15
C ILE EA 278 -52.80 18.34 -89.35
N ARG EA 279 -53.67 19.30 -89.11
CA ARG EA 279 -54.39 19.91 -90.21
C ARG EA 279 -53.50 20.90 -90.95
N THR EA 280 -53.72 20.99 -92.25
CA THR EA 280 -53.01 21.91 -93.12
C THR EA 280 -54.02 22.81 -93.82
N ASN EA 281 -53.50 23.67 -94.70
CA ASN EA 281 -54.37 24.41 -95.60
C ASN EA 281 -55.26 23.47 -96.40
N ASP EA 282 -54.74 22.30 -96.77
CA ASP EA 282 -55.52 21.27 -97.44
C ASP EA 282 -55.28 19.92 -96.78
N GLY EA 283 -56.32 19.34 -96.22
CA GLY EA 283 -56.21 18.00 -95.68
C GLY EA 283 -55.32 17.93 -94.46
N GLN EA 284 -54.48 16.89 -94.43
CA GLN EA 284 -53.68 16.56 -93.27
C GLN EA 284 -52.21 16.74 -93.59
N PHE EA 285 -51.42 17.01 -92.55
CA PHE EA 285 -50.00 17.18 -92.72
C PHE EA 285 -49.41 15.86 -93.19
N LYS EA 286 -48.48 15.93 -94.14
CA LYS EA 286 -47.93 14.72 -94.69
C LYS EA 286 -46.66 14.39 -93.91
N LEU EA 287 -46.73 13.36 -93.08
CA LEU EA 287 -45.60 12.87 -92.34
C LEU EA 287 -45.16 11.54 -92.90
N ASN EA 288 -43.86 11.42 -93.13
CA ASN EA 288 -43.25 10.21 -93.61
C ASN EA 288 -42.20 9.85 -92.59
N ALA EA 289 -42.00 8.56 -92.36
CA ALA EA 289 -41.07 8.13 -91.33
C ALA EA 289 -40.09 7.13 -91.90
N GLN EA 290 -38.85 7.22 -91.43
CA GLN EA 290 -37.90 6.14 -91.56
C GLN EA 290 -37.43 5.72 -90.19
N PHE EA 291 -37.18 4.42 -90.03
CA PHE EA 291 -36.49 3.92 -88.86
C PHE EA 291 -35.91 2.57 -89.22
N THR EA 292 -34.97 2.11 -88.40
CA THR EA 292 -34.39 0.79 -88.59
C THR EA 292 -35.16 -0.20 -87.75
N LEU EA 293 -35.45 -1.35 -88.33
CA LEU EA 293 -36.15 -2.43 -87.64
C LEU EA 293 -35.14 -3.52 -87.36
N GLU EA 294 -34.82 -3.72 -86.10
CA GLU EA 294 -33.99 -4.84 -85.66
C GLU EA 294 -34.89 -5.82 -84.92
N THR EA 295 -35.11 -6.99 -85.50
CA THR EA 295 -35.87 -8.03 -84.85
C THR EA 295 -34.94 -9.14 -84.39
N GLU EA 296 -35.28 -9.75 -83.27
CA GLU EA 296 -34.55 -10.90 -82.77
C GLU EA 296 -35.54 -11.93 -82.24
N ILE EA 297 -35.35 -13.17 -82.64
CA ILE EA 297 -36.10 -14.29 -82.10
C ILE EA 297 -35.10 -15.32 -81.61
N GLU EA 298 -35.28 -15.77 -80.37
CA GLU EA 298 -34.32 -16.65 -79.72
C GLU EA 298 -34.93 -18.03 -79.63
N PHE EA 299 -34.40 -18.97 -80.41
CA PHE EA 299 -34.88 -20.34 -80.37
C PHE EA 299 -34.07 -21.18 -79.40
N GLU EA 300 -34.75 -22.08 -78.71
CA GLU EA 300 -34.14 -23.24 -78.09
C GLU EA 300 -34.37 -24.44 -78.98
N PHE EA 301 -33.38 -25.31 -79.10
CA PHE EA 301 -33.57 -26.53 -79.86
C PHE EA 301 -32.93 -27.68 -79.11
N ARG EA 302 -33.24 -28.88 -79.57
CA ARG EA 302 -32.91 -30.10 -78.85
C ARG EA 302 -32.63 -31.19 -79.85
N LEU EA 303 -31.68 -32.07 -79.53
CA LEU EA 303 -31.15 -32.98 -80.53
C LEU EA 303 -31.73 -34.38 -80.37
N TRP EA 304 -31.26 -35.27 -81.22
CA TRP EA 304 -31.80 -36.60 -81.41
C TRP EA 304 -31.39 -37.55 -80.30
N GLU EA 305 -32.13 -38.64 -80.17
CA GLU EA 305 -31.88 -39.63 -79.14
C GLU EA 305 -30.53 -40.30 -79.34
N GLN EA 306 -29.82 -40.50 -78.24
CA GLN EA 306 -28.55 -41.21 -78.31
C GLN EA 306 -28.78 -42.71 -78.49
N GLY EA 307 -27.76 -43.37 -78.98
CA GLY EA 307 -27.80 -44.80 -79.14
C GLY EA 307 -28.28 -45.22 -80.51
N VAL EA 308 -28.54 -46.52 -80.62
CA VAL EA 308 -29.07 -47.07 -81.87
C VAL EA 308 -30.42 -46.46 -82.18
N GLN EA 309 -31.13 -45.96 -81.16
CA GLN EA 309 -32.41 -45.31 -81.41
C GLN EA 309 -32.28 -44.12 -82.35
N GLY EA 310 -31.13 -43.44 -82.31
CA GLY EA 310 -30.89 -42.29 -83.14
C GLY EA 310 -30.27 -42.55 -84.48
N ILE EA 311 -30.10 -43.81 -84.86
CA ILE EA 311 -29.59 -44.14 -86.18
C ILE EA 311 -30.64 -43.84 -87.23
N ASN EA 312 -30.23 -43.20 -88.33
CA ASN EA 312 -31.18 -42.78 -89.36
C ASN EA 312 -32.07 -43.92 -89.84
N SER EA 313 -31.46 -45.06 -90.12
CA SER EA 313 -32.22 -46.16 -90.73
C SER EA 313 -33.28 -46.69 -89.78
N VAL EA 314 -32.93 -46.86 -88.49
CA VAL EA 314 -33.85 -47.42 -87.53
C VAL EA 314 -34.60 -46.37 -86.73
N HIS EA 315 -34.31 -45.09 -86.93
CA HIS EA 315 -35.01 -44.07 -86.16
C HIS EA 315 -36.45 -43.89 -86.62
N THR EA 316 -36.77 -44.27 -87.85
CA THR EA 316 -38.14 -44.13 -88.32
C THR EA 316 -39.09 -44.93 -87.44
N ASN EA 317 -38.82 -46.21 -87.28
CA ASN EA 317 -39.68 -47.09 -86.50
C ASN EA 317 -39.28 -47.23 -85.04
N LEU EA 318 -38.11 -46.74 -84.64
CA LEU EA 318 -37.77 -46.61 -83.23
C LEU EA 318 -38.02 -45.21 -82.67
N ASN EA 319 -38.54 -44.30 -83.46
CA ASN EA 319 -38.90 -42.99 -82.94
C ASN EA 319 -39.87 -43.15 -81.77
N PRO EA 320 -39.66 -42.46 -80.66
CA PRO EA 320 -40.59 -42.60 -79.53
C PRO EA 320 -41.98 -42.14 -79.91
N ALA EA 321 -42.97 -42.93 -79.52
CA ALA EA 321 -44.35 -42.50 -79.71
C ALA EA 321 -44.76 -41.42 -78.73
N ASN EA 322 -43.96 -41.17 -77.70
CA ASN EA 322 -44.23 -40.10 -76.75
C ASN EA 322 -43.62 -38.78 -77.17
N ASP EA 323 -43.02 -38.70 -78.37
CA ASP EA 323 -42.75 -37.40 -78.94
C ASP EA 323 -44.01 -36.56 -78.94
N SER EA 324 -45.12 -37.13 -79.37
CA SER EA 324 -46.38 -36.42 -79.40
C SER EA 324 -46.73 -35.85 -78.05
N LEU EA 325 -46.13 -36.38 -76.99
CA LEU EA 325 -46.38 -35.87 -75.66
C LEU EA 325 -45.73 -34.50 -75.47
N TRP EA 326 -44.43 -34.39 -75.72
CA TRP EA 326 -43.72 -33.12 -75.64
C TRP EA 326 -43.44 -32.44 -76.98
N ILE EA 327 -43.74 -33.04 -78.13
CA ILE EA 327 -43.47 -32.34 -79.39
C ILE EA 327 -44.75 -32.01 -80.16
N GLN EA 328 -45.04 -30.73 -80.36
CA GLN EA 328 -46.42 -30.35 -80.57
C GLN EA 328 -46.84 -29.52 -81.77
N SER EA 329 -45.93 -29.26 -82.70
CA SER EA 329 -46.20 -28.42 -83.90
C SER EA 329 -46.55 -26.93 -83.59
N TYR EA 330 -47.26 -26.27 -84.49
CA TYR EA 330 -47.60 -24.85 -84.30
C TYR EA 330 -49.09 -24.63 -84.12
N GLY EA 331 -49.47 -23.70 -83.24
CA GLY EA 331 -50.86 -23.65 -82.89
C GLY EA 331 -51.83 -23.04 -83.87
N SER EA 332 -51.58 -21.80 -84.26
CA SER EA 332 -52.57 -21.04 -84.99
C SER EA 332 -51.88 -20.22 -86.06
N LEU EA 333 -52.49 -20.21 -87.24
CA LEU EA 333 -51.88 -19.63 -88.42
C LEU EA 333 -52.48 -18.26 -88.69
N VAL EA 334 -51.66 -17.35 -89.20
CA VAL EA 334 -52.23 -16.16 -89.80
C VAL EA 334 -53.06 -16.61 -91.00
N SER EA 335 -54.02 -15.78 -91.36
CA SER EA 335 -54.94 -16.14 -92.43
C SER EA 335 -54.34 -15.64 -93.73
N ILE EA 336 -53.94 -16.58 -94.59
CA ILE EA 336 -53.21 -16.28 -95.81
C ILE EA 336 -53.99 -16.88 -96.97
N THR EA 337 -54.50 -16.04 -97.85
CA THR EA 337 -54.93 -16.49 -99.15
C THR EA 337 -53.90 -15.99 -100.16
N GLU EA 338 -53.56 -16.86 -101.11
CA GLU EA 338 -52.45 -16.60 -102.04
C GLU EA 338 -51.23 -16.29 -101.18
N SER EA 339 -50.47 -15.24 -101.47
CA SER EA 339 -49.37 -14.79 -100.64
C SER EA 339 -49.77 -13.69 -99.68
N LYS EA 340 -51.05 -13.35 -99.61
CA LYS EA 340 -51.50 -12.10 -99.01
C LYS EA 340 -52.21 -12.36 -97.70
N ILE EA 341 -51.87 -11.58 -96.68
CA ILE EA 341 -52.48 -11.74 -95.37
C ILE EA 341 -53.90 -11.20 -95.40
N ASN EA 342 -54.85 -12.02 -94.94
CA ASN EA 342 -56.24 -11.60 -94.90
C ASN EA 342 -56.52 -10.69 -93.71
N ASN EA 343 -55.98 -11.04 -92.55
CA ASN EA 343 -56.21 -10.31 -91.32
C ASN EA 343 -55.10 -10.64 -90.35
N ILE EA 344 -54.95 -9.81 -89.34
CA ILE EA 344 -54.02 -10.11 -88.25
C ILE EA 344 -54.79 -10.04 -86.95
N GLN EA 345 -54.66 -11.08 -86.14
CA GLN EA 345 -55.24 -11.16 -84.82
C GLN EA 345 -54.16 -10.87 -83.80
N PHE EA 346 -54.51 -10.18 -82.72
CA PHE EA 346 -53.50 -9.85 -81.72
C PHE EA 346 -53.71 -10.57 -80.40
N GLY EA 347 -54.80 -10.32 -79.69
CA GLY EA 347 -55.05 -11.01 -78.44
C GLY EA 347 -53.94 -11.08 -77.40
N PRO EA 348 -53.73 -9.96 -76.69
CA PRO EA 348 -52.72 -9.76 -75.66
C PRO EA 348 -53.04 -10.47 -74.37
N THR EA 349 -52.09 -10.53 -73.45
CA THR EA 349 -52.37 -11.15 -72.17
C THR EA 349 -53.12 -10.00 -71.55
N CYS EA 350 -54.43 -10.09 -71.47
CA CYS EA 350 -55.18 -8.97 -70.96
C CYS EA 350 -55.05 -8.86 -69.47
N PRO EA 351 -54.96 -7.63 -68.98
CA PRO EA 351 -54.74 -7.35 -67.56
C PRO EA 351 -55.93 -7.67 -66.70
N ARG EA 352 -57.12 -7.80 -67.25
CA ARG EA 352 -58.29 -8.09 -66.44
C ARG EA 352 -58.55 -9.57 -66.25
N VAL EA 353 -57.82 -10.45 -66.93
CA VAL EA 353 -57.79 -11.85 -66.52
C VAL EA 353 -57.13 -11.95 -65.16
N ASP EA 354 -57.63 -12.89 -64.34
CA ASP EA 354 -57.06 -13.10 -63.03
C ASP EA 354 -55.57 -13.35 -63.13
N ALA EA 355 -54.80 -12.67 -62.28
CA ALA EA 355 -53.35 -12.82 -62.32
C ALA EA 355 -52.92 -14.26 -62.09
N ARG EA 356 -53.77 -15.09 -61.48
CA ARG EA 356 -53.43 -16.48 -61.27
C ARG EA 356 -53.49 -17.26 -62.59
N ASN EA 357 -54.30 -16.79 -63.53
CA ASN EA 357 -54.32 -17.40 -64.86
C ASN EA 357 -53.16 -16.94 -65.73
N LYS EA 358 -52.64 -15.75 -65.52
CA LYS EA 358 -51.73 -15.13 -66.46
C LYS EA 358 -50.29 -15.59 -66.28
N GLY EA 359 -50.02 -16.54 -65.41
CA GLY EA 359 -48.67 -16.89 -65.05
C GLY EA 359 -47.88 -17.62 -66.12
N GLY EA 360 -46.77 -18.23 -65.72
CA GLY EA 360 -45.71 -18.59 -66.64
C GLY EA 360 -45.95 -19.61 -67.72
N LYS EA 361 -46.37 -20.82 -67.34
CA LYS EA 361 -46.29 -21.96 -68.23
C LYS EA 361 -47.47 -21.98 -69.21
N MET EA 362 -47.18 -22.04 -70.50
CA MET EA 362 -48.22 -21.94 -71.52
C MET EA 362 -48.84 -23.26 -71.92
N SER EA 363 -48.47 -24.37 -71.30
CA SER EA 363 -49.11 -25.61 -71.67
C SER EA 363 -49.20 -26.51 -70.46
N MET EA 364 -50.12 -27.45 -70.53
CA MET EA 364 -50.30 -28.45 -69.50
C MET EA 364 -50.49 -29.77 -70.21
N LEU EA 365 -50.13 -30.85 -69.54
CA LEU EA 365 -50.21 -32.18 -70.11
C LEU EA 365 -51.47 -32.81 -69.54
N PHE EA 366 -52.52 -32.79 -70.34
CA PHE EA 366 -53.86 -33.16 -69.93
C PHE EA 366 -54.50 -34.16 -70.86
N ASP EA 367 -55.19 -35.13 -70.29
CA ASP EA 367 -55.82 -36.19 -71.07
C ASP EA 367 -57.05 -35.82 -71.87
N HIS EA 368 -57.34 -36.63 -72.87
CA HIS EA 368 -58.52 -36.44 -73.68
C HIS EA 368 -59.29 -37.75 -73.75
N HIS EA 369 -60.60 -37.68 -73.54
CA HIS EA 369 -61.42 -38.89 -73.58
C HIS EA 369 -62.22 -38.99 -74.87
N GLU FA 36 -25.51 11.39 -73.25
CA GLU FA 36 -26.69 10.78 -72.64
C GLU FA 36 -27.51 10.08 -73.72
N GLY FA 37 -28.29 9.08 -73.32
CA GLY FA 37 -29.09 8.33 -74.27
C GLY FA 37 -28.31 7.18 -74.87
N ASP FA 38 -28.96 6.50 -75.81
CA ASP FA 38 -28.33 5.37 -76.49
C ASP FA 38 -27.49 5.80 -77.67
N GLY FA 39 -27.38 7.10 -77.93
CA GLY FA 39 -26.59 7.62 -79.02
C GLY FA 39 -27.40 8.15 -80.18
N SER FA 40 -28.68 7.81 -80.21
CA SER FA 40 -29.58 8.21 -81.31
C SER FA 40 -29.76 9.69 -81.49
N ALA FA 41 -29.25 10.49 -80.57
CA ALA FA 41 -29.38 11.94 -80.62
C ALA FA 41 -28.48 12.56 -81.67
N PRO FA 42 -28.73 13.82 -82.02
CA PRO FA 42 -27.87 14.41 -83.04
C PRO FA 42 -26.40 14.52 -82.65
N GLY FA 43 -26.03 14.80 -81.41
CA GLY FA 43 -24.62 14.94 -81.06
C GLY FA 43 -24.07 13.93 -80.05
N GLY FA 44 -22.75 13.73 -80.03
CA GLY FA 44 -22.16 12.79 -79.11
C GLY FA 44 -21.72 11.48 -79.73
N SER FA 45 -22.07 10.36 -79.11
CA SER FA 45 -21.71 9.03 -79.60
C SER FA 45 -22.64 8.49 -80.69
N VAL FA 46 -22.12 7.62 -81.54
CA VAL FA 46 -22.83 7.02 -82.66
C VAL FA 46 -23.72 5.87 -82.24
N TRP FA 47 -24.98 5.92 -82.65
CA TRP FA 47 -25.87 4.82 -82.34
C TRP FA 47 -25.41 3.74 -83.27
N GLN FA 48 -25.15 2.55 -82.75
CA GLN FA 48 -24.67 1.49 -83.61
C GLN FA 48 -25.48 0.23 -83.40
N THR FA 49 -25.58 -0.56 -84.45
CA THR FA 49 -26.43 -1.72 -84.51
C THR FA 49 -25.87 -2.87 -83.67
N THR FA 50 -26.74 -3.82 -83.38
CA THR FA 50 -26.38 -4.95 -82.54
C THR FA 50 -25.30 -5.81 -83.18
N ASP FA 51 -24.59 -6.54 -82.33
CA ASP FA 51 -23.46 -7.36 -82.75
C ASP FA 51 -23.93 -8.67 -83.34
N TYR FA 52 -23.49 -8.97 -84.55
CA TYR FA 52 -23.78 -10.25 -85.17
C TYR FA 52 -22.71 -11.32 -84.94
N ILE FA 53 -21.57 -10.97 -84.36
CA ILE FA 53 -20.52 -11.97 -84.13
C ILE FA 53 -20.93 -12.91 -83.03
N ALA FA 54 -21.40 -12.37 -81.90
CA ALA FA 54 -21.55 -13.16 -80.68
C ALA FA 54 -22.30 -14.46 -80.92
N LEU FA 55 -23.35 -14.42 -81.73
CA LEU FA 55 -24.12 -15.62 -82.01
C LEU FA 55 -23.48 -16.51 -83.07
N SER FA 56 -22.60 -15.98 -83.91
CA SER FA 56 -21.92 -16.83 -84.86
C SER FA 56 -20.75 -17.57 -84.24
N MET FA 57 -20.21 -17.07 -83.14
CA MET FA 57 -19.09 -17.72 -82.48
C MET FA 57 -19.49 -18.70 -81.39
N VAL FA 58 -20.77 -18.76 -81.02
CA VAL FA 58 -21.13 -19.65 -79.93
C VAL FA 58 -20.94 -21.09 -80.37
N VAL FA 59 -20.22 -21.85 -79.55
CA VAL FA 59 -19.89 -23.24 -79.84
C VAL FA 59 -20.88 -24.13 -79.11
N TYR FA 60 -21.60 -24.94 -79.86
CA TYR FA 60 -22.52 -25.90 -79.29
C TYR FA 60 -21.87 -27.26 -79.33
N ARG FA 61 -22.16 -28.08 -78.31
CA ARG FA 61 -21.39 -29.27 -78.05
C ARG FA 61 -22.33 -30.46 -77.90
N THR FA 62 -22.19 -31.44 -78.78
CA THR FA 62 -23.03 -32.63 -78.73
C THR FA 62 -22.17 -33.89 -78.71
N ALA FA 63 -22.80 -35.05 -78.78
CA ALA FA 63 -22.06 -36.31 -78.80
C ALA FA 63 -22.92 -37.38 -79.46
N ILE FA 64 -22.26 -38.45 -79.89
CA ILE FA 64 -22.92 -39.62 -80.45
C ILE FA 64 -22.43 -40.84 -79.69
N LYS FA 65 -23.33 -41.50 -78.98
CA LYS FA 65 -23.00 -42.67 -78.19
C LYS FA 65 -23.70 -43.88 -78.78
N LEU FA 66 -22.97 -44.98 -78.90
CA LEU FA 66 -23.49 -46.19 -79.51
C LEU FA 66 -22.96 -47.40 -78.75
N ARG FA 67 -23.81 -48.41 -78.56
CA ARG FA 67 -23.39 -49.66 -77.96
C ARG FA 67 -23.49 -50.80 -78.95
N ASN FA 68 -22.67 -51.81 -78.70
CA ASN FA 68 -22.50 -52.92 -79.61
C ASN FA 68 -22.07 -54.11 -78.79
N PHE FA 69 -22.36 -55.31 -79.26
CA PHE FA 69 -21.79 -56.53 -78.71
C PHE FA 69 -20.78 -57.06 -79.72
N VAL FA 70 -19.59 -57.36 -79.23
CA VAL FA 70 -18.51 -57.86 -80.07
C VAL FA 70 -18.29 -59.33 -79.75
N ASN FA 71 -18.23 -60.16 -80.78
CA ASN FA 71 -17.93 -61.58 -80.64
C ASN FA 71 -16.67 -61.86 -81.46
N ILE FA 72 -15.60 -62.23 -80.79
CA ILE FA 72 -14.33 -62.52 -81.42
C ILE FA 72 -14.11 -64.02 -81.34
N ARG FA 73 -14.15 -64.70 -82.48
CA ARG FA 73 -14.01 -66.15 -82.52
C ARG FA 73 -12.91 -66.56 -83.46
N GLY FA 74 -12.34 -67.73 -83.18
CA GLY FA 74 -11.37 -68.34 -84.08
C GLY FA 74 -10.14 -67.49 -84.34
N LEU FA 75 -9.67 -66.79 -83.33
CA LEU FA 75 -8.54 -65.88 -83.46
C LEU FA 75 -7.32 -66.59 -82.89
N THR FA 76 -6.39 -66.97 -83.75
CA THR FA 76 -5.20 -67.66 -83.30
C THR FA 76 -4.23 -66.67 -82.66
N PRO FA 77 -3.24 -67.14 -81.90
CA PRO FA 77 -2.36 -66.21 -81.18
C PRO FA 77 -1.51 -65.34 -82.09
N THR FA 78 -1.26 -65.76 -83.33
CA THR FA 78 -0.51 -64.91 -84.24
C THR FA 78 -1.36 -63.77 -84.78
N GLU FA 79 -2.58 -64.09 -85.21
CA GLU FA 79 -3.50 -63.09 -85.73
C GLU FA 79 -4.10 -62.27 -84.59
N MET FA 80 -4.59 -61.09 -84.95
CA MET FA 80 -4.91 -60.05 -83.99
C MET FA 80 -6.04 -59.18 -84.52
N ILE FA 81 -6.92 -58.76 -83.62
CA ILE FA 81 -8.04 -57.89 -83.99
C ILE FA 81 -7.58 -56.44 -83.98
N VAL FA 82 -7.82 -55.75 -85.07
CA VAL FA 82 -7.49 -54.33 -85.21
C VAL FA 82 -8.70 -53.53 -84.77
N ILE FA 83 -8.53 -52.66 -83.78
CA ILE FA 83 -9.64 -51.83 -83.33
C ILE FA 83 -9.68 -50.64 -84.29
N PRO FA 84 -10.66 -50.52 -85.13
CA PRO FA 84 -10.71 -49.37 -86.04
C PRO FA 84 -11.11 -48.10 -85.31
N TRP FA 85 -10.40 -47.79 -84.24
CA TRP FA 85 -10.87 -46.77 -83.32
C TRP FA 85 -10.37 -45.40 -83.71
N ASN FA 86 -9.47 -45.33 -84.69
CA ASN FA 86 -8.98 -44.06 -85.19
C ASN FA 86 -9.69 -43.61 -86.46
N VAL FA 87 -10.67 -44.36 -86.95
CA VAL FA 87 -11.44 -43.94 -88.10
C VAL FA 87 -12.73 -43.29 -87.60
N MET FA 88 -13.09 -42.17 -88.22
CA MET FA 88 -14.21 -41.38 -87.76
C MET FA 88 -15.51 -42.15 -87.85
N ARG FA 89 -15.66 -42.95 -88.89
CA ARG FA 89 -16.90 -43.69 -89.13
C ARG FA 89 -17.17 -44.73 -88.05
N PHE FA 90 -16.17 -45.09 -87.27
CA PHE FA 90 -16.35 -46.07 -86.21
C PHE FA 90 -17.31 -45.56 -85.14
N TYR FA 91 -17.17 -44.31 -84.74
CA TYR FA 91 -17.93 -43.79 -83.62
C TYR FA 91 -19.32 -43.33 -84.00
N CYS FA 92 -19.44 -42.61 -85.10
CA CYS FA 92 -20.68 -41.92 -85.47
C CYS FA 92 -21.52 -42.67 -86.49
N GLU FA 93 -21.07 -43.82 -86.98
CA GLU FA 93 -21.86 -44.66 -87.85
C GLU FA 93 -21.85 -46.06 -87.31
N TYR FA 94 -23.01 -46.70 -87.30
CA TYR FA 94 -23.18 -47.94 -86.55
C TYR FA 94 -23.11 -49.07 -87.55
N ASN FA 95 -22.00 -49.78 -87.58
CA ASN FA 95 -21.85 -50.87 -88.52
C ASN FA 95 -21.81 -52.15 -87.72
N THR FA 96 -22.93 -52.87 -87.73
CA THR FA 96 -23.03 -54.15 -87.05
C THR FA 96 -23.96 -55.02 -87.86
N GLY FA 97 -23.55 -56.25 -88.15
CA GLY FA 97 -24.47 -57.19 -88.73
C GLY FA 97 -25.15 -56.68 -89.99
N THR FA 98 -26.48 -56.67 -89.97
CA THR FA 98 -27.27 -56.26 -91.11
C THR FA 98 -27.33 -54.73 -91.26
N TYR FA 99 -27.08 -53.98 -90.19
CA TYR FA 99 -27.18 -52.52 -90.26
C TYR FA 99 -26.32 -51.94 -91.38
N GLY FA 100 -25.03 -52.26 -91.36
CA GLY FA 100 -24.12 -51.73 -92.37
C GLY FA 100 -24.53 -52.03 -93.79
N LEU FA 101 -25.31 -53.11 -93.99
CA LEU FA 101 -25.81 -53.41 -95.32
C LEU FA 101 -26.95 -52.46 -95.69
N SER FA 102 -27.79 -52.10 -94.73
CA SER FA 102 -28.85 -51.13 -94.96
C SER FA 102 -28.27 -49.74 -95.09
N GLY FA 103 -29.05 -48.86 -95.70
CA GLY FA 103 -28.56 -47.53 -96.06
C GLY FA 103 -28.67 -46.51 -94.94
N ASN FA 104 -27.76 -45.55 -94.98
CA ASN FA 104 -27.75 -44.38 -94.10
C ASN FA 104 -27.90 -44.78 -92.63
N VAL FA 105 -26.83 -45.40 -92.13
CA VAL FA 105 -26.80 -45.85 -90.75
C VAL FA 105 -26.14 -44.81 -89.84
N HIS FA 106 -25.78 -43.65 -90.38
CA HIS FA 106 -25.26 -42.58 -89.56
C HIS FA 106 -26.25 -42.20 -88.47
N HIS FA 107 -25.72 -41.81 -87.31
CA HIS FA 107 -26.56 -41.32 -86.24
C HIS FA 107 -27.15 -39.97 -86.63
N LYS FA 108 -28.38 -39.71 -86.18
CA LYS FA 108 -29.07 -38.52 -86.65
C LYS FA 108 -28.48 -37.23 -86.09
N ASN FA 109 -27.78 -37.28 -84.96
CA ASN FA 109 -27.05 -36.10 -84.53
C ASN FA 109 -25.97 -35.74 -85.53
N TYR FA 110 -25.42 -36.73 -86.22
CA TYR FA 110 -24.40 -36.39 -87.20
C TYR FA 110 -25.01 -35.85 -88.48
N SER FA 111 -26.17 -36.35 -88.87
CA SER FA 111 -26.81 -35.86 -90.09
C SER FA 111 -27.09 -34.37 -90.00
N MET FA 112 -27.40 -33.87 -88.81
CA MET FA 112 -27.62 -32.44 -88.67
C MET FA 112 -26.33 -31.65 -88.48
N LEU FA 113 -25.24 -32.29 -88.05
CA LEU FA 113 -23.97 -31.59 -88.02
C LEU FA 113 -23.58 -31.10 -89.40
N LEU FA 114 -24.17 -31.67 -90.44
CA LEU FA 114 -24.05 -31.17 -91.80
C LEU FA 114 -25.03 -30.05 -92.08
N ALA FA 115 -26.03 -29.85 -91.22
CA ALA FA 115 -26.94 -28.72 -91.37
C ALA FA 115 -26.32 -27.44 -90.83
N CYS FA 116 -25.64 -27.51 -89.68
CA CYS FA 116 -24.90 -26.38 -89.18
C CYS FA 116 -23.64 -26.16 -90.03
N LYS FA 117 -23.09 -24.95 -89.98
CA LYS FA 117 -22.06 -24.64 -90.96
C LYS FA 117 -20.71 -25.24 -90.60
N ALA FA 118 -20.44 -25.50 -89.33
CA ALA FA 118 -19.16 -26.02 -88.90
C ALA FA 118 -19.38 -27.04 -87.80
N HIS FA 119 -18.61 -28.12 -87.84
CA HIS FA 119 -18.58 -29.06 -86.74
C HIS FA 119 -17.15 -29.52 -86.55
N ARG FA 120 -16.83 -29.90 -85.32
CA ARG FA 120 -15.52 -30.37 -85.02
C ARG FA 120 -15.58 -31.57 -84.08
N PRO FA 121 -14.77 -32.59 -84.33
CA PRO FA 121 -14.94 -33.86 -83.61
C PRO FA 121 -14.51 -33.88 -82.15
N THR FA 122 -13.59 -33.01 -81.72
CA THR FA 122 -13.09 -32.98 -80.34
C THR FA 122 -12.80 -34.36 -79.78
N LYS FA 123 -13.26 -34.67 -78.58
CA LYS FA 123 -12.89 -35.91 -77.93
C LYS FA 123 -13.55 -37.11 -78.59
N VAL FA 124 -12.88 -38.26 -78.51
CA VAL FA 124 -13.38 -39.50 -79.07
C VAL FA 124 -12.88 -40.63 -78.19
N GLY FA 125 -13.70 -41.67 -78.03
CA GLY FA 125 -13.30 -42.75 -77.15
C GLY FA 125 -14.24 -43.93 -77.23
N TYR FA 126 -13.86 -45.00 -76.54
CA TYR FA 126 -14.69 -46.19 -76.52
C TYR FA 126 -14.41 -46.99 -75.27
N THR FA 127 -15.31 -47.93 -74.97
CA THR FA 127 -15.24 -48.75 -73.77
C THR FA 127 -15.47 -50.21 -74.12
N LEU FA 128 -14.61 -51.08 -73.62
CA LEU FA 128 -14.81 -52.52 -73.63
C LEU FA 128 -15.26 -52.97 -72.26
N SER FA 129 -16.32 -53.77 -72.20
CA SER FA 129 -16.93 -54.06 -70.92
C SER FA 129 -17.48 -55.47 -70.89
N ASN FA 130 -17.53 -56.04 -69.69
CA ASN FA 130 -18.17 -57.33 -69.42
C ASN FA 130 -17.74 -58.41 -70.40
N LEU FA 131 -16.48 -58.78 -70.23
CA LEU FA 131 -15.87 -59.78 -71.09
C LEU FA 131 -16.40 -61.16 -70.75
N ILE FA 132 -16.72 -61.92 -71.80
CA ILE FA 132 -17.12 -63.31 -71.66
C ILE FA 132 -16.23 -64.12 -72.59
N LEU FA 133 -15.42 -64.99 -72.01
CA LEU FA 133 -14.62 -65.94 -72.77
C LEU FA 133 -15.34 -67.27 -72.84
N THR FA 134 -15.30 -67.88 -74.02
CA THR FA 134 -15.84 -69.20 -74.24
C THR FA 134 -14.77 -70.04 -74.92
N SER FA 135 -14.98 -71.34 -74.94
CA SER FA 135 -13.99 -72.28 -75.47
C SER FA 135 -14.65 -73.24 -76.43
N ASP FA 136 -14.02 -73.43 -77.58
CA ASP FA 136 -14.41 -74.45 -78.54
C ASP FA 136 -13.72 -75.78 -78.27
N GLU FA 137 -12.97 -75.87 -77.17
CA GLU FA 137 -12.17 -77.07 -76.91
C GLU FA 137 -13.04 -78.32 -76.86
N LEU FA 138 -14.23 -78.23 -76.30
CA LEU FA 138 -15.12 -79.38 -76.28
C LEU FA 138 -15.77 -79.62 -77.64
N VAL FA 139 -15.71 -78.65 -78.53
CA VAL FA 139 -16.31 -78.78 -79.85
C VAL FA 139 -15.44 -79.65 -80.73
N SER FA 140 -16.08 -80.53 -81.50
CA SER FA 140 -15.40 -81.35 -82.49
C SER FA 140 -16.31 -81.48 -83.70
N THR FA 141 -15.73 -81.93 -84.81
CA THR FA 141 -16.51 -82.08 -86.04
C THR FA 141 -17.67 -83.07 -85.85
N GLY FA 142 -17.53 -84.03 -84.93
CA GLY FA 142 -18.64 -84.90 -84.61
C GLY FA 142 -19.78 -84.17 -83.93
N GLY FA 143 -19.46 -83.08 -83.23
CA GLY FA 143 -20.51 -82.27 -82.64
C GLY FA 143 -20.97 -82.78 -81.29
N THR FA 144 -22.25 -82.56 -81.02
CA THR FA 144 -22.96 -82.98 -79.81
C THR FA 144 -22.52 -82.20 -78.58
N LEU FA 145 -21.41 -81.46 -78.68
CA LEU FA 145 -20.96 -80.56 -77.62
C LEU FA 145 -20.59 -79.23 -78.25
N GLY FA 146 -21.19 -78.16 -77.75
CA GLY FA 146 -20.92 -76.83 -78.25
C GLY FA 146 -19.95 -76.07 -77.36
N THR FA 147 -19.65 -74.85 -77.78
CA THR FA 147 -18.75 -74.03 -77.00
C THR FA 147 -19.40 -73.65 -75.69
N THR FA 148 -18.56 -73.36 -74.69
CA THR FA 148 -19.09 -72.92 -73.41
C THR FA 148 -18.03 -72.09 -72.74
N THR FA 149 -18.44 -71.28 -71.77
CA THR FA 149 -17.53 -70.41 -71.06
C THR FA 149 -16.41 -71.21 -70.43
N THR FA 150 -15.24 -70.58 -70.34
CA THR FA 150 -14.06 -71.26 -69.83
C THR FA 150 -14.32 -71.81 -68.43
N PHE FA 151 -13.71 -72.97 -68.15
CA PHE FA 151 -13.95 -73.65 -66.88
C PHE FA 151 -13.57 -72.79 -65.69
N ASN FA 152 -12.50 -72.01 -65.82
CA ASN FA 152 -12.13 -71.04 -64.81
C ASN FA 152 -11.81 -69.72 -65.49
N THR FA 153 -11.69 -68.68 -64.68
CA THR FA 153 -11.56 -67.32 -65.16
C THR FA 153 -10.11 -66.92 -65.42
N SER FA 154 -9.17 -67.85 -65.28
CA SER FA 154 -7.77 -67.54 -65.57
C SER FA 154 -7.50 -67.07 -67.00
N PRO FA 155 -8.16 -67.55 -68.05
CA PRO FA 155 -7.87 -67.04 -69.38
C PRO FA 155 -8.23 -65.58 -69.51
N TYR FA 156 -7.66 -64.95 -70.53
CA TYR FA 156 -7.80 -63.51 -70.71
C TYR FA 156 -7.69 -63.15 -72.18
N MET FA 157 -8.18 -61.97 -72.51
CA MET FA 157 -8.00 -61.39 -73.82
C MET FA 157 -7.08 -60.19 -73.69
N ILE FA 158 -6.10 -60.10 -74.57
CA ILE FA 158 -5.04 -59.11 -74.45
C ILE FA 158 -5.48 -57.88 -75.23
N HIS FA 159 -5.56 -56.74 -74.57
CA HIS FA 159 -5.79 -55.47 -75.25
C HIS FA 159 -4.47 -54.76 -75.39
N SER FA 160 -4.01 -54.59 -76.62
CA SER FA 160 -2.70 -54.04 -76.90
C SER FA 160 -2.83 -52.64 -77.47
N ILE FA 161 -2.06 -51.71 -76.93
CA ILE FA 161 -1.94 -50.36 -77.46
C ILE FA 161 -0.53 -50.21 -77.97
N ASP FA 162 -0.36 -49.94 -79.26
CA ASP FA 162 1.00 -49.87 -79.79
C ASP FA 162 1.42 -48.41 -79.72
N ASP FA 163 2.28 -48.11 -78.74
CA ASP FA 163 2.79 -46.76 -78.55
C ASP FA 163 3.97 -46.47 -79.45
N GLN FA 164 4.86 -47.44 -79.59
CA GLN FA 164 6.08 -47.28 -80.34
C GLN FA 164 5.85 -47.48 -81.83
N GLN FA 165 4.61 -47.77 -82.22
CA GLN FA 165 4.25 -48.01 -83.61
C GLN FA 165 5.08 -49.13 -84.21
N CYS FA 166 5.05 -50.29 -83.54
CA CYS FA 166 5.58 -51.49 -84.16
C CYS FA 166 4.93 -51.72 -85.52
N LEU FA 167 3.62 -51.50 -85.60
CA LEU FA 167 2.86 -51.65 -86.83
C LEU FA 167 2.43 -50.26 -87.27
N SER FA 168 3.02 -49.78 -88.35
CA SER FA 168 2.64 -48.49 -88.91
C SER FA 168 1.34 -48.60 -89.69
N LYS FA 169 1.24 -49.63 -90.52
CA LYS FA 169 0.14 -49.83 -91.44
C LYS FA 169 -0.25 -51.29 -91.38
N VAL FA 170 -1.54 -51.55 -91.23
CA VAL FA 170 -2.05 -52.88 -90.93
C VAL FA 170 -2.94 -53.34 -92.07
N TYR FA 171 -2.74 -54.57 -92.51
CA TYR FA 171 -3.48 -55.14 -93.61
C TYR FA 171 -4.30 -56.33 -93.14
N PRO FA 172 -5.40 -56.63 -93.82
CA PRO FA 172 -6.14 -57.85 -93.48
C PRO FA 172 -5.35 -59.09 -93.82
N LYS FA 173 -5.78 -60.22 -93.24
CA LYS FA 173 -5.16 -61.49 -93.55
C LYS FA 173 -5.37 -61.85 -95.01
N THR FA 174 -4.50 -62.72 -95.51
CA THR FA 174 -4.48 -63.05 -96.92
C THR FA 174 -5.86 -63.44 -97.44
N ASP FA 175 -6.53 -64.33 -96.73
CA ASP FA 175 -7.83 -64.81 -97.21
C ASP FA 175 -8.94 -63.81 -96.91
N THR FA 176 -8.90 -63.19 -95.74
CA THR FA 176 -10.03 -62.37 -95.30
C THR FA 176 -9.98 -60.99 -95.94
N VAL FA 177 -10.99 -60.18 -95.62
CA VAL FA 177 -11.06 -58.79 -96.07
C VAL FA 177 -11.85 -58.04 -95.00
N TRP FA 178 -11.66 -56.72 -94.97
CA TRP FA 178 -12.28 -55.89 -93.96
C TRP FA 178 -13.44 -55.11 -94.56
N PRO FA 179 -14.69 -55.48 -94.30
CA PRO FA 179 -15.80 -54.64 -94.75
C PRO FA 179 -15.93 -53.42 -93.87
N VAL FA 180 -16.37 -52.32 -94.48
CA VAL FA 180 -16.65 -51.17 -93.64
C VAL FA 180 -18.00 -51.34 -92.97
N SER FA 181 -18.90 -52.09 -93.59
CA SER FA 181 -20.20 -52.37 -92.99
C SER FA 181 -20.09 -53.21 -91.74
N SER FA 182 -18.96 -53.89 -91.56
CA SER FA 182 -18.70 -54.75 -90.41
C SER FA 182 -17.93 -54.04 -89.31
N MET FA 183 -17.68 -52.74 -89.44
CA MET FA 183 -16.64 -52.07 -88.67
C MET FA 183 -16.81 -52.23 -87.17
N ARG FA 184 -18.01 -51.98 -86.65
CA ARG FA 184 -18.14 -51.87 -85.20
C ARG FA 184 -18.15 -53.20 -84.48
N GLU FA 185 -18.58 -54.30 -85.09
CA GLU FA 185 -18.31 -55.59 -84.48
C GLU FA 185 -16.93 -55.96 -84.97
N LEU FA 186 -16.04 -56.33 -84.05
CA LEU FA 186 -14.65 -56.26 -84.42
C LEU FA 186 -14.30 -57.61 -85.01
N ASP FA 187 -14.30 -57.67 -86.33
CA ASP FA 187 -13.84 -58.81 -87.09
C ASP FA 187 -12.51 -58.61 -87.77
N TYR FA 188 -11.89 -57.42 -87.66
CA TYR FA 188 -10.76 -57.16 -88.52
C TYR FA 188 -9.56 -57.88 -87.96
N VAL FA 189 -9.02 -58.82 -88.73
CA VAL FA 189 -7.96 -59.69 -88.26
C VAL FA 189 -6.72 -59.39 -89.08
N ALA FA 190 -5.67 -58.98 -88.40
CA ALA FA 190 -4.36 -58.83 -88.99
C ALA FA 190 -3.48 -59.97 -88.52
N SER FA 191 -2.58 -60.39 -89.39
CA SER FA 191 -1.58 -61.37 -89.01
C SER FA 191 -0.24 -60.65 -89.06
N THR FA 192 0.34 -60.41 -87.89
CA THR FA 192 1.61 -59.72 -87.80
C THR FA 192 2.72 -60.75 -87.94
N VAL FA 193 3.55 -60.59 -88.98
CA VAL FA 193 4.51 -61.60 -89.36
C VAL FA 193 5.81 -60.90 -89.77
N SER FA 194 6.93 -61.38 -89.23
CA SER FA 194 8.25 -60.95 -89.68
C SER FA 194 8.58 -61.73 -90.95
N GLY FA 195 9.82 -61.70 -91.40
CA GLY FA 195 10.08 -62.37 -92.66
C GLY FA 195 9.78 -63.85 -92.63
N ASP FA 196 10.45 -64.60 -91.76
CA ASP FA 196 10.06 -65.99 -91.48
C ASP FA 196 9.28 -66.14 -90.18
N ASN FA 197 9.09 -65.07 -89.41
CA ASN FA 197 8.67 -65.18 -88.04
C ASN FA 197 7.25 -64.70 -87.88
N ALA FA 198 6.42 -65.51 -87.24
CA ALA FA 198 5.08 -65.08 -86.84
C ALA FA 198 5.19 -64.32 -85.53
N ILE FA 199 4.76 -63.08 -85.53
CA ILE FA 199 4.85 -62.23 -84.35
C ILE FA 199 3.65 -62.51 -83.46
N ILE FA 200 3.91 -62.79 -82.18
CA ILE FA 200 2.86 -62.77 -81.17
C ILE FA 200 2.60 -61.31 -80.83
N PRO FA 201 1.40 -60.78 -81.10
CA PRO FA 201 1.21 -59.32 -81.01
C PRO FA 201 1.50 -58.74 -79.64
N SER FA 202 1.13 -59.45 -78.57
CA SER FA 202 1.35 -58.93 -77.23
C SER FA 202 2.81 -58.71 -76.91
N THR FA 203 3.72 -59.37 -77.61
CA THR FA 203 5.13 -59.29 -77.26
C THR FA 203 5.78 -58.01 -77.77
N ILE FA 204 5.38 -57.55 -78.96
CA ILE FA 204 6.00 -56.34 -79.51
C ILE FA 204 5.36 -55.09 -78.94
N PHE FA 205 4.05 -55.09 -78.71
CA PHE FA 205 3.35 -53.87 -78.37
C PHE FA 205 3.70 -53.41 -76.97
N ASN FA 206 3.47 -52.12 -76.73
CA ASN FA 206 3.95 -51.49 -75.51
C ASN FA 206 3.01 -51.75 -74.34
N LYS FA 207 1.85 -51.11 -74.34
CA LYS FA 207 0.85 -51.37 -73.32
C LYS FA 207 0.02 -52.56 -73.73
N ASN FA 208 0.07 -53.61 -72.92
CA ASN FA 208 -0.72 -54.82 -73.12
C ASN FA 208 -1.48 -55.08 -71.83
N ARG FA 209 -2.79 -54.97 -71.89
CA ARG FA 209 -3.66 -55.24 -70.77
C ARG FA 209 -4.21 -56.65 -70.89
N TYR FA 210 -3.98 -57.48 -69.89
CA TYR FA 210 -4.55 -58.81 -69.89
C TYR FA 210 -5.87 -58.72 -69.13
N TRP FA 211 -6.96 -58.82 -69.86
CA TRP FA 211 -8.28 -58.46 -69.36
C TRP FA 211 -9.11 -59.72 -69.25
N LYS FA 212 -9.50 -60.04 -68.03
CA LYS FA 212 -10.12 -61.30 -67.71
C LYS FA 212 -11.62 -61.12 -67.52
N GLN FA 213 -12.28 -62.22 -67.19
CA GLN FA 213 -13.70 -62.20 -66.89
C GLN FA 213 -13.89 -61.64 -65.49
N GLY FA 214 -14.67 -60.58 -65.37
CA GLY FA 214 -14.88 -59.92 -64.11
C GLY FA 214 -14.09 -58.65 -63.92
N ASP FA 215 -13.07 -58.43 -64.74
CA ASP FA 215 -12.31 -57.19 -64.66
C ASP FA 215 -13.18 -56.01 -65.02
N ASP FA 216 -12.77 -54.85 -64.53
CA ASP FA 216 -13.50 -53.63 -64.81
C ASP FA 216 -13.41 -53.29 -66.29
N ALA FA 217 -14.36 -52.49 -66.75
CA ALA FA 217 -14.38 -52.10 -68.15
C ALA FA 217 -13.12 -51.35 -68.53
N LEU FA 218 -12.73 -51.49 -69.79
CA LEU FA 218 -11.55 -50.85 -70.32
C LEU FA 218 -11.96 -49.59 -71.08
N HIS FA 219 -11.55 -48.43 -70.59
CA HIS FA 219 -11.96 -47.15 -71.14
C HIS FA 219 -10.79 -46.54 -71.89
N PHE FA 220 -11.03 -46.14 -73.14
CA PHE FA 220 -9.99 -45.54 -73.96
C PHE FA 220 -10.55 -44.27 -74.57
N SER FA 221 -9.77 -43.21 -74.53
CA SER FA 221 -10.23 -41.91 -74.98
C SER FA 221 -9.11 -41.20 -75.72
N HIS FA 222 -9.50 -40.29 -76.60
CA HIS FA 222 -8.54 -39.44 -77.29
C HIS FA 222 -9.13 -38.04 -77.36
N ASP FA 223 -8.38 -37.05 -76.90
CA ASP FA 223 -8.82 -35.67 -76.97
C ASP FA 223 -8.25 -35.03 -78.23
N LEU FA 224 -9.10 -34.36 -78.99
CA LEU FA 224 -8.68 -33.58 -80.15
C LEU FA 224 -8.76 -32.11 -79.81
N ASP FA 225 -7.66 -31.39 -79.98
CA ASP FA 225 -7.68 -29.93 -79.96
C ASP FA 225 -7.32 -29.46 -81.36
N LEU FA 226 -8.31 -28.96 -82.08
CA LEU FA 226 -8.14 -28.47 -83.43
C LEU FA 226 -8.25 -26.96 -83.40
N GLY FA 227 -7.46 -26.29 -84.21
CA GLY FA 227 -7.67 -24.86 -84.32
C GLY FA 227 -8.70 -24.49 -85.33
N PHE FA 228 -9.34 -25.46 -85.97
CA PHE FA 228 -10.21 -25.19 -87.10
C PHE FA 228 -11.42 -26.10 -86.99
N TRP FA 229 -12.27 -26.04 -88.01
CA TRP FA 229 -13.57 -26.67 -88.02
C TRP FA 229 -13.73 -27.39 -89.34
N PHE FA 230 -14.74 -28.24 -89.44
CA PHE FA 230 -15.01 -28.97 -90.66
C PHE FA 230 -16.38 -28.60 -91.20
N GLY FA 231 -16.46 -28.40 -92.51
CA GLY FA 231 -17.73 -28.05 -93.11
C GLY FA 231 -18.40 -29.16 -93.88
N SER FA 232 -17.71 -30.28 -94.07
CA SER FA 232 -18.23 -31.37 -94.87
C SER FA 232 -18.33 -32.63 -94.02
N ASP FA 233 -18.80 -33.71 -94.62
CA ASP FA 233 -18.86 -34.97 -93.90
C ASP FA 233 -17.49 -35.61 -93.85
N TYR FA 234 -17.27 -36.44 -92.84
CA TYR FA 234 -15.99 -37.12 -92.73
C TYR FA 234 -15.76 -38.08 -93.89
N GLY FA 235 -16.77 -38.89 -94.21
CA GLY FA 235 -16.67 -39.69 -95.42
C GLY FA 235 -15.53 -40.68 -95.39
N ASN FA 236 -15.54 -41.57 -94.41
CA ASN FA 236 -14.49 -42.56 -94.16
C ASN FA 236 -13.11 -41.91 -94.10
N ALA FA 237 -13.01 -40.87 -93.28
CA ALA FA 237 -11.75 -40.26 -92.92
C ALA FA 237 -11.35 -40.70 -91.53
N TYR FA 238 -10.04 -40.85 -91.32
CA TYR FA 238 -9.56 -41.01 -89.95
C TYR FA 238 -9.94 -39.78 -89.14
N VAL FA 239 -10.37 -40.01 -87.91
CA VAL FA 239 -10.58 -38.88 -87.01
C VAL FA 239 -9.28 -38.09 -86.89
N PRO FA 240 -9.32 -36.76 -87.00
CA PRO FA 240 -8.12 -36.00 -87.37
C PRO FA 240 -6.91 -36.28 -86.51
N GLN FA 241 -5.78 -36.47 -87.17
CA GLN FA 241 -4.52 -36.81 -86.54
C GLN FA 241 -3.41 -36.13 -87.32
N ASN FA 242 -2.34 -35.80 -86.63
CA ASN FA 242 -1.13 -35.28 -87.26
C ASN FA 242 -0.04 -36.33 -87.06
N ASN FA 243 0.40 -36.96 -88.14
CA ASN FA 243 1.32 -38.07 -87.99
C ASN FA 243 2.23 -38.18 -89.19
N ASP FA 244 3.13 -39.15 -89.11
CA ASP FA 244 3.88 -39.57 -90.28
C ASP FA 244 2.96 -40.11 -91.37
N SER FA 245 1.88 -40.77 -90.98
CA SER FA 245 0.96 -41.33 -91.95
C SER FA 245 -0.05 -40.32 -92.45
N MET FA 246 -0.46 -39.36 -91.63
CA MET FA 246 -1.62 -38.55 -91.99
C MET FA 246 -1.61 -37.21 -91.29
N ASN FA 247 -2.36 -36.27 -91.86
CA ASN FA 247 -2.52 -34.94 -91.30
C ASN FA 247 -4.00 -34.61 -91.14
N ALA FA 248 -4.28 -33.69 -90.22
CA ALA FA 248 -5.64 -33.46 -89.76
C ALA FA 248 -6.46 -32.64 -90.73
N VAL FA 249 -5.83 -31.77 -91.49
CA VAL FA 249 -6.52 -30.84 -92.37
C VAL FA 249 -6.42 -31.35 -93.80
N GLY FA 250 -7.55 -31.33 -94.51
CA GLY FA 250 -7.63 -32.03 -95.77
C GLY FA 250 -7.55 -31.23 -97.06
N THR FA 251 -7.64 -29.92 -96.97
CA THR FA 251 -7.63 -29.09 -98.17
C THR FA 251 -6.19 -28.76 -98.54
N ILE FA 252 -5.89 -28.85 -99.84
CA ILE FA 252 -4.61 -28.39 -100.35
C ILE FA 252 -4.59 -26.87 -100.23
N PRO FA 253 -3.65 -26.30 -99.47
CA PRO FA 253 -3.54 -24.85 -99.42
C PRO FA 253 -3.13 -24.28 -100.76
N THR FA 254 -3.56 -23.05 -101.02
CA THR FA 254 -3.44 -22.44 -102.34
C THR FA 254 -2.76 -21.08 -102.21
N SER FA 255 -2.34 -20.56 -103.35
CA SER FA 255 -1.26 -19.57 -103.42
C SER FA 255 -1.67 -18.20 -102.88
N LYS FA 256 -0.67 -17.48 -102.38
CA LYS FA 256 -0.73 -16.04 -102.14
C LYS FA 256 -1.76 -15.68 -101.08
N HIS FA 257 -1.87 -16.49 -100.05
CA HIS FA 257 -2.67 -16.17 -98.87
C HIS FA 257 -2.36 -17.18 -97.79
N ILE FA 258 -3.04 -17.03 -96.66
CA ILE FA 258 -2.77 -17.81 -95.45
C ILE FA 258 -3.76 -18.95 -95.39
N ASN FA 259 -3.30 -20.11 -94.94
CA ASN FA 259 -4.10 -21.33 -94.91
C ASN FA 259 -3.87 -22.03 -93.60
N VAL FA 260 -4.89 -22.71 -93.10
CA VAL FA 260 -4.73 -23.48 -91.87
C VAL FA 260 -3.96 -24.75 -92.19
N ARG FA 261 -2.92 -24.99 -91.40
CA ARG FA 261 -1.96 -26.06 -91.64
C ARG FA 261 -1.85 -26.90 -90.40
N GLY FA 262 -1.82 -28.22 -90.58
CA GLY FA 262 -1.62 -29.10 -89.44
C GLY FA 262 -0.24 -28.93 -88.84
N VAL FA 263 -0.16 -29.16 -87.53
CA VAL FA 263 1.09 -29.00 -86.79
C VAL FA 263 1.03 -29.88 -85.56
N ASN FA 264 2.19 -30.23 -85.03
CA ASN FA 264 2.43 -30.75 -83.67
C ASN FA 264 2.26 -32.24 -83.37
N ASN FA 265 1.87 -33.11 -84.29
CA ASN FA 265 1.84 -34.54 -84.00
C ASN FA 265 0.93 -34.87 -82.81
N ARG FA 266 -0.37 -34.80 -83.05
CA ARG FA 266 -1.33 -35.49 -82.22
C ARG FA 266 -1.84 -36.68 -83.01
N GLY FA 267 -1.80 -37.86 -82.42
CA GLY FA 267 -2.23 -39.05 -83.11
C GLY FA 267 -2.74 -40.09 -82.13
N MET FA 268 -3.29 -41.17 -82.67
CA MET FA 268 -3.83 -42.24 -81.84
C MET FA 268 -3.03 -43.53 -81.95
N ALA FA 269 -2.87 -44.22 -80.82
CA ALA FA 269 -2.13 -45.47 -80.77
C ALA FA 269 -2.98 -46.59 -81.36
N GLY FA 270 -2.33 -47.48 -82.12
CA GLY FA 270 -3.02 -48.58 -82.75
C GLY FA 270 -3.47 -49.64 -81.76
N HIS FA 271 -4.72 -49.52 -81.31
CA HIS FA 271 -5.28 -50.49 -80.36
C HIS FA 271 -5.48 -51.83 -81.06
N TYR FA 272 -5.36 -52.92 -80.31
CA TYR FA 272 -5.52 -54.24 -80.89
C TYR FA 272 -6.03 -55.20 -79.83
N LEU FA 273 -6.60 -56.30 -80.30
CA LEU FA 273 -7.08 -57.37 -79.43
C LEU FA 273 -6.50 -58.69 -79.88
N SER FA 274 -6.06 -59.49 -78.93
CA SER FA 274 -5.44 -60.77 -79.24
C SER FA 274 -5.60 -61.69 -78.05
N PHE FA 275 -5.36 -62.96 -78.28
CA PHE FA 275 -5.42 -63.91 -77.19
C PHE FA 275 -4.04 -64.51 -76.96
N PRO FA 276 -3.72 -64.87 -75.72
CA PRO FA 276 -2.42 -65.45 -75.43
C PRO FA 276 -2.31 -66.83 -76.08
N PRO FA 277 -1.15 -67.16 -76.62
CA PRO FA 277 -0.97 -68.51 -77.14
C PRO FA 277 -1.06 -69.53 -76.01
N ILE FA 278 -1.91 -70.53 -76.21
CA ILE FA 278 -2.05 -71.63 -75.26
C ILE FA 278 -2.02 -72.90 -76.09
N ARG FA 279 -1.00 -73.72 -75.89
CA ARG FA 279 -0.91 -74.94 -76.65
C ARG FA 279 -1.87 -76.00 -76.11
N THR FA 280 -2.36 -76.82 -77.01
CA THR FA 280 -3.26 -77.92 -76.68
C THR FA 280 -2.65 -79.21 -77.19
N ASN FA 281 -3.39 -80.30 -77.01
CA ASN FA 281 -3.05 -81.56 -77.66
C ASN FA 281 -2.91 -81.37 -79.17
N ASP FA 282 -3.76 -80.52 -79.75
CA ASP FA 282 -3.67 -80.17 -81.16
C ASP FA 282 -3.75 -78.67 -81.34
N GLY FA 283 -2.68 -78.07 -81.87
CA GLY FA 283 -2.73 -76.66 -82.18
C GLY FA 283 -2.81 -75.78 -80.95
N GLN FA 284 -3.66 -74.76 -81.04
CA GLN FA 284 -3.75 -73.71 -80.05
C GLN FA 284 -5.10 -73.78 -79.34
N PHE FA 285 -5.12 -73.29 -78.11
CA PHE FA 285 -6.37 -73.28 -77.35
C PHE FA 285 -7.33 -72.34 -78.04
N LYS FA 286 -8.59 -72.74 -78.11
CA LYS FA 286 -9.57 -71.94 -78.82
C LYS FA 286 -10.24 -71.03 -77.82
N LEU FA 287 -9.92 -69.75 -77.89
CA LEU FA 287 -10.54 -68.73 -77.04
C LEU FA 287 -11.44 -67.87 -77.90
N ASN FA 288 -12.65 -67.66 -77.39
CA ASN FA 288 -13.62 -66.82 -78.03
C ASN FA 288 -13.99 -65.77 -77.00
N ALA FA 289 -14.26 -64.56 -77.44
CA ALA FA 289 -14.53 -63.48 -76.50
C ALA FA 289 -15.83 -62.78 -76.88
N GLN FA 290 -16.58 -62.39 -75.85
CA GLN FA 290 -17.63 -61.40 -76.00
C GLN FA 290 -17.35 -60.23 -75.09
N PHE FA 291 -17.69 -59.03 -75.56
CA PHE FA 291 -17.71 -57.86 -74.71
C PHE FA 291 -18.63 -56.85 -75.36
N THR FA 292 -19.04 -55.86 -74.56
CA THR FA 292 -19.85 -54.77 -75.08
C THR FA 292 -18.93 -53.64 -75.51
N LEU FA 293 -19.22 -53.06 -76.66
CA LEU FA 293 -18.47 -51.93 -77.17
C LEU FA 293 -19.34 -50.70 -77.04
N GLU FA 294 -18.95 -49.78 -76.17
CA GLU FA 294 -19.59 -48.49 -76.04
C GLU FA 294 -18.62 -47.45 -76.58
N THR FA 295 -18.98 -46.84 -77.70
CA THR FA 295 -18.18 -45.76 -78.27
C THR FA 295 -18.89 -44.45 -78.07
N GLU FA 296 -18.11 -43.39 -77.87
CA GLU FA 296 -18.65 -42.05 -77.77
C GLU FA 296 -17.74 -41.09 -78.52
N ILE FA 297 -18.32 -40.25 -79.35
CA ILE FA 297 -17.62 -39.18 -80.02
C ILE FA 297 -18.35 -37.89 -79.72
N GLU FA 298 -17.62 -36.88 -79.26
CA GLU FA 298 -18.21 -35.63 -78.79
C GLU FA 298 -17.92 -34.56 -79.82
N PHE FA 299 -18.94 -34.10 -80.54
CA PHE FA 299 -18.77 -33.05 -81.51
C PHE FA 299 -19.05 -31.68 -80.91
N GLU FA 300 -18.27 -30.70 -81.33
CA GLU FA 300 -18.66 -29.30 -81.22
C GLU FA 300 -19.17 -28.84 -82.58
N PHE FA 301 -20.19 -28.01 -82.58
CA PHE FA 301 -20.68 -27.46 -83.83
C PHE FA 301 -21.00 -25.99 -83.62
N ARG FA 302 -21.20 -25.31 -84.74
CA ARG FA 302 -21.30 -23.86 -84.76
C ARG FA 302 -22.28 -23.45 -85.84
N LEU FA 303 -23.03 -22.39 -85.59
CA LEU FA 303 -24.17 -22.09 -86.43
C LEU FA 303 -23.87 -20.95 -87.40
N TRP FA 304 -24.87 -20.60 -88.18
CA TRP FA 304 -24.77 -19.71 -89.31
C TRP FA 304 -24.67 -18.25 -88.89
N GLU FA 305 -24.20 -17.42 -89.80
CA GLU FA 305 -24.01 -16.00 -89.54
C GLU FA 305 -25.35 -15.32 -89.30
N GLN FA 306 -25.38 -14.42 -88.31
CA GLN FA 306 -26.57 -13.65 -88.05
C GLN FA 306 -26.76 -12.57 -89.10
N GLY FA 307 -27.98 -12.11 -89.22
CA GLY FA 307 -28.28 -11.02 -90.12
C GLY FA 307 -28.70 -11.51 -91.49
N VAL FA 308 -28.80 -10.55 -92.40
CA VAL FA 308 -29.13 -10.87 -93.79
C VAL FA 308 -28.09 -11.78 -94.39
N GLN FA 309 -26.87 -11.77 -93.85
CA GLN FA 309 -25.83 -12.66 -94.36
C GLN FA 309 -26.24 -14.12 -94.24
N GLY FA 310 -27.03 -14.45 -93.23
CA GLY FA 310 -27.48 -15.81 -93.00
C GLY FA 310 -28.77 -16.21 -93.67
N ILE FA 311 -29.33 -15.35 -94.50
CA ILE FA 311 -30.54 -15.70 -95.25
C ILE FA 311 -30.19 -16.70 -96.33
N ASN FA 312 -31.01 -17.74 -96.47
CA ASN FA 312 -30.71 -18.82 -97.42
C ASN FA 312 -30.45 -18.30 -98.82
N SER FA 313 -31.31 -17.40 -99.30
CA SER FA 313 -31.20 -16.97 -100.69
C SER FA 313 -29.92 -16.21 -100.94
N VAL FA 314 -29.54 -15.32 -100.02
CA VAL FA 314 -28.35 -14.49 -100.21
C VAL FA 314 -27.12 -15.06 -99.54
N HIS FA 315 -27.24 -16.17 -98.81
CA HIS FA 315 -26.06 -16.71 -98.15
C HIS FA 315 -25.10 -17.37 -99.12
N THR FA 316 -25.58 -17.78 -100.30
CA THR FA 316 -24.68 -18.40 -101.27
C THR FA 316 -23.56 -17.44 -101.65
N ASN FA 317 -23.93 -16.25 -102.10
CA ASN FA 317 -22.96 -15.26 -102.54
C ASN FA 317 -22.53 -14.28 -101.46
N LEU FA 318 -23.18 -14.26 -100.30
CA LEU FA 318 -22.66 -13.54 -99.15
C LEU FA 318 -21.91 -14.42 -98.16
N ASN FA 319 -21.74 -15.70 -98.46
CA ASN FA 319 -20.93 -16.56 -97.62
C ASN FA 319 -19.53 -15.97 -97.48
N PRO FA 320 -18.97 -15.90 -96.27
CA PRO FA 320 -17.63 -15.34 -96.13
C PRO FA 320 -16.60 -16.16 -96.89
N ALA FA 321 -15.72 -15.48 -97.60
CA ALA FA 321 -14.62 -16.19 -98.24
C ALA FA 321 -13.55 -16.62 -97.25
N ASN FA 322 -13.61 -16.12 -96.01
CA ASN FA 322 -12.68 -16.54 -94.98
C ASN FA 322 -13.17 -17.75 -94.20
N ASP FA 323 -14.29 -18.33 -94.60
CA ASP FA 323 -14.60 -19.68 -94.11
C ASP FA 323 -13.42 -20.59 -94.34
N SER FA 324 -12.84 -20.55 -95.54
CA SER FA 324 -11.69 -21.38 -95.86
C SER FA 324 -10.57 -21.18 -94.87
N LEU FA 325 -10.58 -20.07 -94.15
CA LEU FA 325 -9.55 -19.81 -93.16
C LEU FA 325 -9.75 -20.71 -91.94
N TRP FA 326 -10.93 -20.71 -91.34
CA TRP FA 326 -11.24 -21.57 -90.20
C TRP FA 326 -12.07 -22.81 -90.56
N ILE FA 327 -12.56 -23.00 -91.78
CA ILE FA 327 -13.34 -24.21 -92.06
C ILE FA 327 -12.65 -25.12 -93.07
N GLN FA 328 -12.30 -26.33 -92.66
CA GLN FA 328 -11.20 -27.01 -93.34
C GLN FA 328 -11.37 -28.42 -93.89
N SER FA 329 -12.58 -28.98 -93.85
CA SER FA 329 -12.85 -30.36 -94.31
C SER FA 329 -12.14 -31.46 -93.50
N TYR FA 330 -11.91 -32.63 -94.10
CA TYR FA 330 -11.29 -33.76 -93.40
C TYR FA 330 -9.93 -34.11 -93.97
N GLY FA 331 -8.97 -34.46 -93.12
CA GLY FA 331 -7.62 -34.56 -93.62
C GLY FA 331 -7.26 -35.77 -94.44
N SER FA 332 -7.46 -36.95 -93.89
CA SER FA 332 -6.90 -38.15 -94.48
C SER FA 332 -7.90 -39.28 -94.35
N LEU FA 333 -8.05 -40.04 -95.42
CA LEU FA 333 -9.08 -41.04 -95.55
C LEU FA 333 -8.49 -42.41 -95.30
N VAL FA 334 -9.28 -43.29 -94.69
CA VAL FA 334 -8.92 -44.70 -94.74
C VAL FA 334 -8.98 -45.13 -96.19
N SER FA 335 -8.23 -46.18 -96.51
CA SER FA 335 -8.12 -46.62 -97.90
C SER FA 335 -9.23 -47.64 -98.13
N ILE FA 336 -10.20 -47.26 -98.96
CA ILE FA 336 -11.41 -48.03 -99.19
C ILE FA 336 -11.50 -48.31 -100.68
N THR FA 337 -11.42 -49.57 -101.07
CA THR FA 337 -11.86 -49.98 -102.39
C THR FA 337 -13.15 -50.74 -102.20
N GLU FA 338 -14.10 -50.49 -103.09
CA GLU FA 338 -15.47 -51.00 -102.95
C GLU FA 338 -15.95 -50.57 -101.56
N SER FA 339 -16.54 -51.46 -100.77
CA SER FA 339 -16.91 -51.17 -99.40
C SER FA 339 -15.86 -51.64 -98.40
N LYS FA 340 -14.72 -52.12 -98.88
CA LYS FA 340 -13.81 -52.89 -98.05
C LYS FA 340 -12.55 -52.09 -97.74
N ILE FA 341 -12.13 -52.13 -96.47
CA ILE FA 341 -10.95 -51.39 -96.05
C ILE FA 341 -9.70 -52.10 -96.56
N ASN FA 342 -8.83 -51.35 -97.22
CA ASN FA 342 -7.58 -51.93 -97.72
C ASN FA 342 -6.55 -52.08 -96.61
N ASN FA 343 -6.42 -51.06 -95.77
CA ASN FA 343 -5.43 -51.05 -94.71
C ASN FA 343 -5.88 -50.05 -93.67
N ILE FA 344 -5.31 -50.16 -92.49
CA ILE FA 344 -5.52 -49.16 -91.44
C ILE FA 344 -4.17 -48.65 -90.99
N GLN FA 345 -4.03 -47.33 -90.96
CA GLN FA 345 -2.84 -46.65 -90.47
C GLN FA 345 -3.13 -46.14 -89.08
N PHE FA 346 -2.12 -46.19 -88.20
CA PHE FA 346 -2.34 -45.74 -86.83
C PHE FA 346 -1.60 -44.46 -86.49
N GLY FA 347 -0.27 -44.49 -86.49
CA GLY FA 347 0.49 -43.29 -86.20
C GLY FA 347 0.14 -42.48 -84.97
N PRO FA 348 0.55 -42.97 -83.80
CA PRO FA 348 0.32 -42.39 -82.47
C PRO FA 348 1.15 -41.16 -82.20
N THR FA 349 0.86 -40.45 -81.13
CA THR FA 349 1.69 -39.30 -80.80
C THR FA 349 2.83 -40.04 -80.18
N CYS FA 350 3.95 -40.16 -80.90
CA CYS FA 350 5.03 -40.94 -80.37
C CYS FA 350 5.75 -40.20 -79.29
N PRO FA 351 6.17 -40.93 -78.26
CA PRO FA 351 6.81 -40.36 -77.07
C PRO FA 351 8.20 -39.83 -77.34
N ARG FA 352 8.85 -40.23 -78.42
CA ARG FA 352 10.20 -39.77 -78.69
C ARG FA 352 10.26 -38.50 -79.51
N VAL FA 353 9.12 -38.01 -80.02
CA VAL FA 353 9.07 -36.64 -80.50
C VAL FA 353 9.25 -35.69 -79.33
N ASP FA 354 9.93 -34.58 -79.58
CA ASP FA 354 10.15 -33.59 -78.55
C ASP FA 354 8.82 -33.17 -77.93
N ALA FA 355 8.78 -33.13 -76.61
CA ALA FA 355 7.55 -32.77 -75.92
C ALA FA 355 7.06 -31.39 -76.31
N ARG FA 356 7.94 -30.53 -76.83
CA ARG FA 356 7.51 -29.21 -77.27
C ARG FA 356 6.72 -29.30 -78.57
N ASN FA 357 6.95 -30.34 -79.36
CA ASN FA 357 6.13 -30.56 -80.54
C ASN FA 357 4.80 -31.20 -80.23
N LYS FA 358 4.70 -31.97 -79.16
CA LYS FA 358 3.54 -32.82 -78.94
C LYS FA 358 2.37 -32.09 -78.30
N GLY FA 359 2.48 -30.79 -78.11
CA GLY FA 359 1.49 -30.07 -77.32
C GLY FA 359 0.13 -29.90 -77.97
N GLY FA 360 -0.67 -28.99 -77.45
CA GLY FA 360 -2.11 -29.00 -77.65
C GLY FA 360 -2.68 -28.78 -79.04
N LYS FA 361 -2.35 -27.66 -79.67
CA LYS FA 361 -3.09 -27.20 -80.82
C LYS FA 361 -2.67 -27.92 -82.09
N MET FA 362 -3.62 -28.52 -82.79
CA MET FA 362 -3.31 -29.34 -83.96
C MET FA 362 -3.24 -28.58 -85.27
N SER FA 363 -3.42 -27.27 -85.27
CA SER FA 363 -3.31 -26.56 -86.53
C SER FA 363 -2.74 -25.19 -86.29
N MET FA 364 -2.19 -24.62 -87.35
CA MET FA 364 -1.67 -23.27 -87.32
C MET FA 364 -2.14 -22.60 -88.59
N LEU FA 365 -2.25 -21.29 -88.55
CA LEU FA 365 -2.74 -20.52 -89.69
C LEU FA 365 -1.52 -19.93 -90.35
N PHE FA 366 -1.08 -20.56 -91.42
CA PHE FA 366 0.18 -20.28 -92.08
C PHE FA 366 0.01 -20.08 -93.57
N ASP FA 367 0.71 -19.09 -94.11
CA ASP FA 367 0.62 -18.75 -95.52
C ASP FA 367 1.26 -19.71 -96.50
N HIS FA 368 0.80 -19.64 -97.74
CA HIS FA 368 1.37 -20.45 -98.80
C HIS FA 368 1.73 -19.53 -99.96
N HIS FA 369 2.92 -19.71 -100.52
CA HIS FA 369 3.35 -18.90 -101.64
C HIS FA 369 3.29 -19.66 -102.95
N GLU GA 36 -7.19 -55.37 -55.03
CA GLU GA 36 -6.00 -55.85 -54.31
C GLU GA 36 -5.14 -56.67 -55.27
N GLY GA 37 -3.84 -56.75 -55.00
CA GLY GA 37 -2.94 -57.47 -55.85
C GLY GA 37 -2.42 -56.62 -56.99
N ASP GA 38 -1.65 -57.25 -57.85
CA ASP GA 38 -1.08 -56.56 -59.00
C ASP GA 38 -2.03 -56.53 -60.19
N GLY GA 39 -3.24 -57.07 -60.05
CA GLY GA 39 -4.22 -57.09 -61.10
C GLY GA 39 -4.43 -58.43 -61.74
N SER GA 40 -3.51 -59.36 -61.50
CA SER GA 40 -3.55 -60.69 -62.10
C SER GA 40 -4.75 -61.53 -61.75
N ALA GA 41 -5.57 -61.06 -60.81
CA ALA GA 41 -6.76 -61.77 -60.37
C ALA GA 41 -7.89 -61.72 -61.38
N PRO GA 42 -8.88 -62.58 -61.23
CA PRO GA 42 -9.96 -62.54 -62.21
C PRO GA 42 -10.73 -61.21 -62.26
N GLY GA 43 -10.98 -60.52 -61.17
CA GLY GA 43 -11.75 -59.28 -61.22
C GLY GA 43 -11.03 -58.02 -60.79
N GLY GA 44 -11.50 -56.86 -61.22
CA GLY GA 44 -10.87 -55.60 -60.87
C GLY GA 44 -10.04 -54.96 -61.97
N SER GA 45 -8.82 -54.54 -61.65
CA SER GA 45 -7.93 -53.91 -62.62
C SER GA 45 -7.15 -54.89 -63.50
N VAL GA 46 -6.78 -54.47 -64.69
CA VAL GA 46 -6.06 -55.25 -65.68
C VAL GA 46 -4.58 -55.34 -65.40
N TRP GA 47 -4.05 -56.56 -65.38
CA TRP GA 47 -2.63 -56.72 -65.18
C TRP GA 47 -2.06 -56.27 -66.51
N GLN GA 48 -1.10 -55.36 -66.49
CA GLN GA 48 -0.54 -54.89 -67.73
C GLN GA 48 0.97 -54.97 -67.70
N THR GA 49 1.54 -55.15 -68.88
CA THR GA 49 2.97 -55.40 -69.05
C THR GA 49 3.78 -54.13 -68.81
N THR GA 50 5.08 -54.33 -68.59
CA THR GA 50 5.98 -53.23 -68.29
C THR GA 50 6.09 -52.26 -69.46
N ASP GA 51 6.48 -51.04 -69.13
CA ASP GA 51 6.56 -49.95 -70.09
C ASP GA 51 7.85 -50.04 -70.90
N TYR GA 52 7.71 -50.06 -72.23
CA TYR GA 52 8.88 -50.03 -73.10
C TYR GA 52 9.29 -48.63 -73.54
N ILE GA 53 8.50 -47.60 -73.24
CA ILE GA 53 8.87 -46.25 -73.66
C ILE GA 53 10.04 -45.73 -72.84
N ALA GA 54 9.96 -45.88 -71.52
CA ALA GA 54 10.87 -45.19 -70.62
C ALA GA 54 12.33 -45.38 -71.02
N LEU GA 55 12.70 -46.58 -71.43
CA LEU GA 55 14.08 -46.83 -71.84
C LEU GA 55 14.38 -46.37 -73.26
N SER GA 56 13.37 -46.22 -74.10
CA SER GA 56 13.64 -45.71 -75.44
C SER GA 56 13.78 -44.19 -75.45
N MET GA 57 13.23 -43.50 -74.45
CA MET GA 57 13.32 -42.06 -74.39
C MET GA 57 14.51 -41.54 -73.61
N VAL GA 58 15.25 -42.39 -72.91
CA VAL GA 58 16.34 -41.91 -72.09
C VAL GA 58 17.42 -41.33 -73.00
N VAL GA 59 17.83 -40.11 -72.73
CA VAL GA 59 18.81 -39.39 -73.52
C VAL GA 59 20.17 -39.53 -72.85
N TYR GA 60 21.11 -40.10 -73.56
CA TYR GA 60 22.47 -40.23 -73.08
C TYR GA 60 23.32 -39.15 -73.73
N ARG GA 61 24.30 -38.66 -73.00
CA ARG GA 61 24.98 -37.42 -73.36
C ARG GA 61 26.48 -37.65 -73.32
N THR GA 62 27.14 -37.50 -74.46
CA THR GA 62 28.58 -37.67 -74.54
C THR GA 62 29.23 -36.45 -75.18
N ALA GA 63 30.54 -36.53 -75.42
CA ALA GA 63 31.24 -35.42 -76.06
C ALA GA 63 32.50 -35.96 -76.74
N ILE GA 64 33.02 -35.16 -77.65
CA ILE GA 64 34.28 -35.45 -78.32
C ILE GA 64 35.19 -34.24 -78.17
N LYS GA 65 36.29 -34.42 -77.48
CA LYS GA 65 37.25 -33.35 -77.22
C LYS GA 65 38.55 -33.68 -77.94
N LEU GA 66 39.12 -32.68 -78.61
CA LEU GA 66 40.33 -32.86 -79.38
C LEU GA 66 41.21 -31.62 -79.23
N ARG GA 67 42.52 -31.83 -79.13
CA ARG GA 67 43.46 -30.73 -79.10
C ARG GA 67 44.36 -30.74 -80.33
N ASN GA 68 44.85 -29.57 -80.66
CA ASN GA 68 45.59 -29.35 -81.88
C ASN GA 68 46.51 -28.17 -81.64
N PHE GA 69 47.62 -28.12 -82.35
CA PHE GA 69 48.46 -26.93 -82.42
C PHE GA 69 48.28 -26.30 -83.78
N VAL GA 70 48.01 -25.01 -83.80
CA VAL GA 70 47.79 -24.26 -85.03
C VAL GA 70 48.98 -23.36 -85.26
N ASN GA 71 49.53 -23.40 -86.47
CA ASN GA 71 50.61 -22.51 -86.89
C ASN GA 71 50.12 -21.71 -88.07
N ILE GA 72 50.00 -20.40 -87.90
CA ILE GA 72 49.53 -19.51 -88.94
C ILE GA 72 50.73 -18.68 -89.40
N ARG GA 73 51.16 -18.90 -90.63
CA ARG GA 73 52.33 -18.22 -91.16
C ARG GA 73 52.01 -17.53 -92.47
N GLY GA 74 52.76 -16.48 -92.76
CA GLY GA 74 52.69 -15.82 -94.04
C GLY GA 74 51.32 -15.25 -94.37
N LEU GA 75 50.61 -14.74 -93.37
CA LEU GA 75 49.26 -14.25 -93.54
C LEU GA 75 49.35 -12.72 -93.60
N THR GA 76 49.09 -12.16 -94.77
CA THR GA 76 49.16 -10.72 -94.93
C THR GA 76 47.91 -10.07 -94.33
N PRO GA 77 47.93 -8.76 -94.08
CA PRO GA 77 46.80 -8.13 -93.41
C PRO GA 77 45.50 -8.15 -94.20
N THR GA 78 45.57 -8.29 -95.52
CA THR GA 78 44.34 -8.39 -96.30
C THR GA 78 43.72 -9.77 -96.18
N GLU GA 79 44.53 -10.81 -96.31
CA GLU GA 79 44.05 -12.18 -96.19
C GLU GA 79 43.80 -12.54 -94.73
N MET GA 80 42.99 -13.57 -94.54
CA MET GA 80 42.39 -13.86 -93.25
C MET GA 80 42.14 -15.36 -93.13
N ILE GA 81 42.33 -15.88 -91.92
CA ILE GA 81 42.09 -17.30 -91.65
C ILE GA 81 40.62 -17.50 -91.32
N VAL GA 82 40.00 -18.44 -92.02
CA VAL GA 82 38.60 -18.79 -91.79
C VAL GA 82 38.57 -19.94 -90.80
N ILE GA 83 37.87 -19.74 -89.68
CA ILE GA 83 37.77 -20.80 -88.68
C ILE GA 83 36.65 -21.70 -89.16
N PRO GA 84 36.91 -22.91 -89.59
CA PRO GA 84 35.83 -23.78 -90.03
C PRO GA 84 35.04 -24.33 -88.86
N TRP GA 85 34.56 -23.43 -88.01
CA TRP GA 85 34.05 -23.87 -86.72
C TRP GA 85 32.57 -24.17 -86.79
N ASN GA 86 31.93 -23.87 -87.91
CA ASN GA 86 30.53 -24.18 -88.11
C ASN GA 86 30.32 -25.46 -88.90
N VAL GA 87 31.38 -26.16 -89.29
CA VAL GA 87 31.25 -27.44 -89.97
C VAL GA 87 31.40 -28.54 -88.94
N MET GA 88 30.53 -29.55 -89.05
CA MET GA 88 30.46 -30.60 -88.05
C MET GA 88 31.76 -31.39 -87.98
N ARG GA 89 32.38 -31.61 -89.14
CA ARG GA 89 33.59 -32.41 -89.22
C ARG GA 89 34.77 -31.77 -88.49
N PHE GA 90 34.69 -30.49 -88.19
CA PHE GA 90 35.77 -29.80 -87.49
C PHE GA 90 35.96 -30.36 -86.09
N TYR GA 91 34.86 -30.59 -85.37
CA TYR GA 91 34.94 -30.96 -83.97
C TYR GA 91 35.19 -32.45 -83.77
N CYS GA 92 34.47 -33.29 -84.49
CA CYS GA 92 34.47 -34.72 -84.24
C CYS GA 92 35.37 -35.53 -85.16
N GLU GA 93 36.06 -34.88 -86.08
CA GLU GA 93 37.06 -35.56 -86.91
C GLU GA 93 38.34 -34.75 -86.85
N TYR GA 94 39.45 -35.43 -86.71
CA TYR GA 94 40.70 -34.77 -86.37
C TYR GA 94 41.51 -34.66 -87.67
N ASN GA 95 41.56 -33.47 -88.23
CA ASN GA 95 42.29 -33.29 -89.47
C ASN GA 95 43.48 -32.41 -89.15
N THR GA 96 44.64 -33.03 -89.06
CA THR GA 96 45.88 -32.31 -88.82
C THR GA 96 46.98 -33.05 -89.56
N GLY GA 97 47.79 -32.34 -90.33
CA GLY GA 97 48.99 -32.95 -90.87
C GLY GA 97 48.70 -34.22 -91.64
N THR GA 98 49.37 -35.30 -91.23
CA THR GA 98 49.24 -36.59 -91.90
C THR GA 98 47.95 -37.32 -91.55
N TYR GA 99 47.31 -36.98 -90.42
CA TYR GA 99 46.11 -37.70 -89.99
C TYR GA 99 45.04 -37.67 -91.08
N GLY GA 100 44.67 -36.49 -91.53
CA GLY GA 100 43.62 -36.37 -92.54
C GLY GA 100 43.90 -37.15 -93.80
N LEU GA 101 45.16 -37.44 -94.09
CA LEU GA 101 45.50 -38.27 -95.24
C LEU GA 101 45.20 -39.74 -94.94
N SER GA 102 45.44 -40.18 -93.71
CA SER GA 102 45.10 -41.53 -93.30
C SER GA 102 43.60 -41.68 -93.15
N GLY GA 103 43.14 -42.92 -93.20
CA GLY GA 103 41.72 -43.21 -93.24
C GLY GA 103 41.05 -43.26 -91.89
N ASN GA 104 39.76 -42.92 -91.88
CA ASN GA 104 38.88 -43.03 -90.72
C ASN GA 104 39.50 -42.39 -89.49
N VAL GA 105 39.58 -41.06 -89.54
CA VAL GA 105 40.13 -40.29 -88.44
C VAL GA 105 39.04 -39.80 -87.49
N HIS GA 106 37.80 -40.19 -87.72
CA HIS GA 106 36.73 -39.87 -86.78
C HIS GA 106 37.04 -40.40 -85.40
N HIS GA 107 36.61 -39.65 -84.39
CA HIS GA 107 36.76 -40.10 -83.02
C HIS GA 107 35.83 -41.29 -82.77
N LYS GA 108 36.27 -42.21 -81.92
CA LYS GA 108 35.54 -43.45 -81.76
C LYS GA 108 34.22 -43.28 -81.03
N ASN GA 109 34.07 -42.22 -80.23
CA ASN GA 109 32.75 -41.92 -79.70
C ASN GA 109 31.77 -41.59 -80.80
N TYR GA 110 32.25 -41.02 -81.89
CA TYR GA 110 31.33 -40.73 -82.97
C TYR GA 110 30.98 -41.97 -83.78
N SER GA 111 31.93 -42.88 -83.95
CA SER GA 111 31.66 -44.09 -84.69
C SER GA 111 30.53 -44.89 -84.08
N MET GA 112 30.42 -44.86 -82.75
CA MET GA 112 29.32 -45.56 -82.11
C MET GA 112 28.03 -44.75 -82.06
N LEU GA 113 28.11 -43.42 -82.20
CA LEU GA 113 26.87 -42.67 -82.33
C LEU GA 113 26.07 -43.12 -83.54
N LEU GA 114 26.72 -43.78 -84.48
CA LEU GA 114 26.04 -44.43 -85.58
C LEU GA 114 25.52 -45.82 -85.20
N ALA GA 115 25.97 -46.36 -84.07
CA ALA GA 115 25.43 -47.62 -83.58
C ALA GA 115 24.10 -47.42 -82.87
N CYS GA 116 23.98 -46.36 -82.06
CA CYS GA 116 22.71 -46.01 -81.47
C CYS GA 116 21.79 -45.43 -82.53
N LYS GA 117 20.48 -45.44 -82.26
CA LYS GA 117 19.57 -45.12 -83.35
C LYS GA 117 19.45 -43.63 -83.62
N ALA GA 118 19.72 -42.80 -82.63
CA ALA GA 118 19.59 -41.36 -82.79
C ALA GA 118 20.73 -40.68 -82.05
N HIS GA 119 21.26 -39.62 -82.65
CA HIS GA 119 22.21 -38.76 -81.96
C HIS GA 119 21.92 -37.33 -82.35
N ARG GA 120 22.26 -36.41 -81.46
CA ARG GA 120 22.05 -35.02 -81.73
C ARG GA 120 23.23 -34.21 -81.24
N PRO GA 121 23.69 -33.23 -82.02
CA PRO GA 121 24.95 -32.55 -81.72
C PRO GA 121 24.95 -31.61 -80.54
N THR GA 122 23.82 -31.03 -80.14
CA THR GA 122 23.72 -30.07 -79.04
C THR GA 122 24.85 -29.04 -79.06
N LYS GA 123 25.51 -28.80 -77.93
CA LYS GA 123 26.47 -27.73 -77.84
C LYS GA 123 27.74 -28.05 -78.62
N VAL GA 124 28.39 -27.01 -79.11
CA VAL GA 124 29.64 -27.14 -79.86
C VAL GA 124 30.49 -25.91 -79.57
N GLY GA 125 31.80 -26.09 -79.50
CA GLY GA 125 32.65 -24.96 -79.16
C GLY GA 125 34.11 -25.28 -79.33
N TYR GA 126 34.94 -24.26 -79.15
CA TYR GA 126 36.38 -24.44 -79.28
C TYR GA 126 37.10 -23.37 -78.47
N THR GA 127 38.39 -23.61 -78.23
CA THR GA 127 39.22 -22.73 -77.43
C THR GA 127 40.54 -22.47 -78.14
N LEU GA 128 40.93 -21.20 -78.21
CA LEU GA 128 42.26 -20.79 -78.62
C LEU GA 128 43.06 -20.40 -77.40
N SER GA 129 44.27 -20.93 -77.28
CA SER GA 129 45.00 -20.78 -76.04
C SER GA 129 46.49 -20.66 -76.29
N ASN GA 130 47.16 -19.97 -75.38
CA ASN GA 130 48.63 -19.86 -75.34
C ASN GA 130 49.20 -19.46 -76.70
N LEU GA 131 48.92 -18.22 -77.03
CA LEU GA 131 49.36 -17.66 -78.30
C LEU GA 131 50.85 -17.40 -78.27
N ILE GA 132 51.52 -17.78 -79.35
CA ILE GA 132 52.93 -17.49 -79.56
C ILE GA 132 53.06 -16.80 -80.91
N LEU GA 133 53.48 -15.55 -80.90
CA LEU GA 133 53.80 -14.82 -82.12
C LEU GA 133 55.28 -14.88 -82.39
N THR GA 134 55.62 -15.10 -83.66
CA THR GA 134 56.99 -15.09 -84.12
C THR GA 134 57.09 -14.16 -85.31
N SER GA 135 58.31 -13.80 -85.68
CA SER GA 135 58.55 -12.83 -86.73
C SER GA 135 59.57 -13.37 -87.71
N ASP GA 136 59.26 -13.25 -89.00
CA ASP GA 136 60.20 -13.54 -90.07
C ASP GA 136 61.03 -12.33 -90.44
N GLU GA 137 60.88 -11.23 -89.70
CA GLU GA 137 61.56 -9.99 -90.07
C GLU GA 137 63.06 -10.15 -90.18
N LEU GA 138 63.66 -10.94 -89.28
CA LEU GA 138 65.09 -11.19 -89.37
C LEU GA 138 65.43 -12.18 -90.47
N VAL GA 139 64.45 -12.89 -91.00
CA VAL GA 139 64.67 -13.88 -92.04
C VAL GA 139 64.86 -13.16 -93.38
N SER GA 140 65.83 -13.64 -94.16
CA SER GA 140 66.06 -13.16 -95.51
C SER GA 140 66.46 -14.34 -96.38
N THR GA 141 66.41 -14.13 -97.70
CA THR GA 141 66.77 -15.22 -98.61
C THR GA 141 68.20 -15.68 -98.42
N GLY GA 142 69.07 -14.80 -97.93
CA GLY GA 142 70.42 -15.23 -97.59
C GLY GA 142 70.45 -16.17 -96.41
N GLY GA 143 69.46 -16.09 -95.53
CA GLY GA 143 69.35 -17.02 -94.43
C GLY GA 143 70.22 -16.64 -93.24
N THR GA 144 70.70 -17.67 -92.55
CA THR GA 144 71.57 -17.58 -91.37
C THR GA 144 70.86 -17.03 -90.15
N LEU GA 145 69.66 -16.47 -90.33
CA LEU GA 145 68.81 -16.04 -89.24
C LEU GA 145 67.40 -16.52 -89.49
N GLY GA 146 66.84 -17.25 -88.52
CA GLY GA 146 65.51 -17.78 -88.63
C GLY GA 146 64.50 -16.92 -87.89
N THR GA 147 63.24 -17.36 -87.97
CA THR GA 147 62.19 -16.63 -87.27
C THR GA 147 62.38 -16.78 -85.77
N THR GA 148 61.86 -15.81 -85.03
CA THR GA 148 61.91 -15.90 -83.58
C THR GA 148 60.76 -15.08 -83.03
N THR GA 149 60.41 -15.37 -81.78
CA THR GA 149 59.31 -14.68 -81.12
C THR GA 149 59.52 -13.18 -81.14
N THR GA 150 58.42 -12.44 -81.20
CA THR GA 150 58.49 -10.99 -81.31
C THR GA 150 59.27 -10.41 -80.14
N PHE GA 151 60.01 -9.33 -80.43
CA PHE GA 151 60.89 -8.73 -79.44
C PHE GA 151 60.12 -8.29 -78.20
N ASN GA 152 58.91 -7.78 -78.39
CA ASN GA 152 58.03 -7.45 -77.28
C ASN GA 152 56.65 -8.02 -77.56
N THR GA 153 55.81 -8.01 -76.55
CA THR GA 153 54.50 -8.65 -76.60
C THR GA 153 53.41 -7.74 -77.12
N SER GA 154 53.76 -6.53 -77.57
CA SER GA 154 52.77 -5.63 -78.14
C SER GA 154 52.02 -6.19 -79.36
N PRO GA 155 52.63 -6.96 -80.27
CA PRO GA 155 51.86 -7.47 -81.40
C PRO GA 155 50.76 -8.40 -80.94
N TYR GA 156 49.80 -8.62 -81.83
CA TYR GA 156 48.62 -9.39 -81.50
C TYR GA 156 48.05 -10.04 -82.75
N MET GA 157 47.24 -11.06 -82.53
CA MET GA 157 46.47 -11.69 -83.59
C MET GA 157 45.00 -11.37 -83.37
N ILE GA 158 44.32 -10.95 -84.42
CA ILE GA 158 42.95 -10.46 -84.30
C ILE GA 158 42.02 -11.64 -84.50
N HIS GA 159 41.17 -11.90 -83.51
CA HIS GA 159 40.10 -12.88 -83.67
C HIS GA 159 38.81 -12.14 -83.96
N SER GA 160 38.27 -12.34 -85.15
CA SER GA 160 37.12 -11.61 -85.61
C SER GA 160 35.91 -12.52 -85.65
N ILE GA 161 34.79 -12.04 -85.10
CA ILE GA 161 33.51 -12.71 -85.19
C ILE GA 161 32.61 -11.82 -86.01
N ASP GA 162 32.12 -12.32 -87.14
CA ASP GA 162 31.31 -11.46 -88.00
C ASP GA 162 29.86 -11.67 -87.60
N ASP GA 163 29.31 -10.70 -86.88
CA ASP GA 163 27.93 -10.76 -86.42
C ASP GA 163 26.96 -10.27 -87.49
N GLN GA 164 27.34 -9.21 -88.19
CA GLN GA 164 26.49 -8.58 -89.18
C GLN GA 164 26.57 -9.30 -90.52
N GLN GA 165 27.39 -10.35 -90.60
CA GLN GA 165 27.57 -11.12 -91.82
C GLN GA 165 28.05 -10.23 -92.96
N CYS GA 166 29.14 -9.52 -92.71
CA CYS GA 166 29.83 -8.84 -93.80
C CYS GA 166 30.17 -9.83 -94.90
N LEU GA 167 30.62 -11.02 -94.53
CA LEU GA 167 30.94 -12.09 -95.46
C LEU GA 167 29.91 -13.19 -95.29
N SER GA 168 29.05 -13.34 -96.29
CA SER GA 168 28.06 -14.41 -96.27
C SER GA 168 28.70 -15.74 -96.64
N LYS GA 169 29.51 -15.73 -97.68
CA LYS GA 169 30.10 -16.93 -98.25
C LYS GA 169 31.55 -16.63 -98.54
N VAL GA 170 32.43 -17.53 -98.11
CA VAL GA 170 33.86 -17.28 -98.10
C VAL GA 170 34.55 -18.29 -99.01
N TYR GA 171 35.43 -17.80 -99.86
CA TYR GA 171 36.14 -18.62 -100.82
C TYR GA 171 37.64 -18.62 -100.52
N PRO GA 172 38.35 -19.67 -100.89
CA PRO GA 172 39.81 -19.65 -100.76
C PRO GA 172 40.45 -18.62 -101.69
N LYS GA 173 41.70 -18.29 -101.40
CA LYS GA 173 42.43 -17.38 -102.26
C LYS GA 173 42.65 -18.00 -103.63
N THR GA 174 42.89 -17.14 -104.61
CA THR GA 174 42.97 -17.57 -106.00
C THR GA 174 43.92 -18.75 -106.18
N ASP GA 175 45.12 -18.64 -105.62
CA ASP GA 175 46.11 -19.71 -105.82
C ASP GA 175 45.84 -20.90 -104.91
N THR GA 176 45.44 -20.65 -103.67
CA THR GA 176 45.37 -21.73 -102.68
C THR GA 176 44.06 -22.51 -102.84
N VAL GA 177 43.91 -23.53 -101.99
CA VAL GA 177 42.70 -24.33 -101.95
C VAL GA 177 42.58 -24.85 -100.52
N TRP GA 178 41.37 -25.22 -100.13
CA TRP GA 178 41.11 -25.65 -98.77
C TRP GA 178 40.93 -27.15 -98.73
N PRO GA 179 41.89 -27.92 -98.24
CA PRO GA 179 41.67 -29.35 -98.06
C PRO GA 179 40.81 -29.60 -96.84
N VAL GA 180 40.00 -30.66 -96.91
CA VAL GA 180 39.27 -31.01 -95.71
C VAL GA 180 40.18 -31.76 -94.76
N SER GA 181 41.19 -32.45 -95.30
CA SER GA 181 42.15 -33.15 -94.46
C SER GA 181 42.99 -32.21 -93.62
N SER GA 182 43.04 -30.94 -94.00
CA SER GA 182 43.80 -29.92 -93.31
C SER GA 182 42.96 -29.12 -92.33
N MET GA 183 41.71 -29.51 -92.12
CA MET GA 183 40.71 -28.61 -91.52
C MET GA 183 41.14 -28.07 -90.16
N ARG GA 184 41.59 -28.94 -89.26
CA ARG GA 184 41.76 -28.49 -87.87
C ARG GA 184 43.01 -27.66 -87.64
N GLU GA 185 44.08 -27.83 -88.41
CA GLU GA 185 45.13 -26.83 -88.35
C GLU GA 185 44.71 -25.74 -89.31
N LEU GA 186 44.71 -24.50 -88.87
CA LEU GA 186 43.89 -23.54 -89.58
C LEU GA 186 44.80 -22.95 -90.64
N ASP GA 187 44.68 -23.46 -91.85
CA ASP GA 187 45.33 -22.93 -93.03
C ASP GA 187 44.40 -22.20 -93.97
N TYR GA 188 43.10 -22.13 -93.68
CA TYR GA 188 42.18 -21.68 -94.71
C TYR GA 188 42.28 -20.16 -94.78
N VAL GA 189 42.73 -19.66 -95.92
CA VAL GA 189 43.01 -18.24 -96.10
C VAL GA 189 42.03 -17.69 -97.11
N ALA GA 190 41.24 -16.72 -96.68
CA ALA GA 190 40.38 -15.96 -97.55
C ALA GA 190 40.98 -14.58 -97.74
N SER GA 191 40.79 -14.03 -98.92
CA SER GA 191 41.18 -12.66 -99.18
C SER GA 191 39.90 -11.87 -99.39
N THR GA 192 39.57 -11.01 -98.43
CA THR GA 192 38.35 -10.22 -98.50
C THR GA 192 38.67 -8.96 -99.30
N VAL GA 193 37.98 -8.78 -100.41
CA VAL GA 193 38.31 -7.73 -101.36
C VAL GA 193 37.01 -7.12 -101.88
N SER GA 194 36.94 -5.79 -101.89
CA SER GA 194 35.86 -5.07 -102.54
C SER GA 194 36.19 -5.00 -104.03
N GLY GA 195 35.48 -4.18 -104.80
CA GLY GA 195 35.75 -4.21 -106.21
C GLY GA 195 37.18 -3.84 -106.57
N ASP GA 196 37.61 -2.63 -106.22
CA ASP GA 196 39.03 -2.26 -106.28
C ASP GA 196 39.73 -2.31 -104.93
N ASN GA 197 39.01 -2.59 -103.85
CA ASN GA 197 39.50 -2.32 -102.51
C ASN GA 197 39.82 -3.63 -101.80
N ALA GA 198 41.02 -3.71 -101.23
CA ALA GA 198 41.37 -4.82 -100.36
C ALA GA 198 40.84 -4.50 -98.96
N ILE GA 199 39.98 -5.36 -98.45
CA ILE GA 199 39.38 -5.15 -97.14
C ILE GA 199 40.34 -5.65 -96.06
N ILE GA 200 40.61 -4.80 -95.07
CA ILE GA 200 41.26 -5.26 -93.86
C ILE GA 200 40.17 -5.92 -93.01
N PRO GA 201 40.28 -7.22 -92.73
CA PRO GA 201 39.14 -7.94 -92.13
C PRO GA 201 38.69 -7.38 -90.80
N SER GA 202 39.62 -6.96 -89.95
CA SER GA 202 39.27 -6.44 -88.64
C SER GA 202 38.38 -5.21 -88.72
N THR GA 203 38.41 -4.48 -89.83
CA THR GA 203 37.68 -3.22 -89.89
C THR GA 203 36.20 -3.42 -90.15
N ILE GA 204 35.83 -4.41 -90.96
CA ILE GA 204 34.42 -4.63 -91.26
C ILE GA 204 33.73 -5.43 -90.16
N PHE GA 205 34.42 -6.40 -89.57
CA PHE GA 205 33.77 -7.34 -88.66
C PHE GA 205 33.39 -6.67 -87.35
N ASN GA 206 32.43 -7.27 -86.67
CA ASN GA 206 31.81 -6.65 -85.51
C ASN GA 206 32.66 -6.83 -84.27
N LYS GA 207 32.70 -8.04 -83.72
CA LYS GA 207 33.56 -8.34 -82.59
C LYS GA 207 34.94 -8.69 -83.09
N ASN GA 208 35.92 -7.90 -82.70
CA ASN GA 208 37.31 -8.13 -83.03
C ASN GA 208 38.09 -8.12 -81.72
N ARG GA 209 38.65 -9.26 -81.36
CA ARG GA 209 39.46 -9.41 -80.17
C ARG GA 209 40.92 -9.33 -80.57
N TYR GA 210 41.66 -8.39 -79.99
CA TYR GA 210 43.08 -8.32 -80.24
C TYR GA 210 43.77 -9.12 -79.14
N TRP GA 211 44.29 -10.28 -79.51
CA TRP GA 211 44.71 -11.28 -78.55
C TRP GA 211 46.21 -11.41 -78.61
N LYS GA 212 46.85 -11.10 -77.49
CA LYS GA 212 48.29 -10.97 -77.42
C LYS GA 212 48.90 -12.19 -76.74
N GLN GA 213 50.21 -12.15 -76.60
CA GLN GA 213 50.94 -13.18 -75.91
C GLN GA 213 50.75 -13.00 -74.41
N GLY GA 214 50.24 -14.02 -73.74
CA GLY GA 214 49.95 -13.96 -72.33
C GLY GA 214 48.50 -13.74 -72.00
N ASP GA 215 47.68 -13.33 -72.97
CA ASP GA 215 46.26 -13.18 -72.73
C ASP GA 215 45.63 -14.52 -72.43
N ASP GA 216 44.50 -14.47 -71.74
CA ASP GA 216 43.77 -15.67 -71.40
C ASP GA 216 43.24 -16.34 -72.66
N ALA GA 217 42.95 -17.62 -72.54
CA ALA GA 217 42.44 -18.37 -73.67
C ALA GA 217 41.13 -17.79 -74.15
N LEU GA 218 40.88 -17.93 -75.44
CA LEU GA 218 39.66 -17.45 -76.07
C LEU GA 218 38.69 -18.61 -76.23
N HIS GA 219 37.55 -18.54 -75.55
CA HIS GA 219 36.59 -19.62 -75.52
C HIS GA 219 35.38 -19.23 -76.35
N PHE GA 220 34.99 -20.09 -77.28
CA PHE GA 220 33.85 -19.83 -78.13
C PHE GA 220 32.95 -21.04 -78.13
N SER GA 221 31.65 -20.83 -77.99
CA SER GA 221 30.70 -21.91 -77.85
C SER GA 221 29.45 -21.59 -78.63
N HIS GA 222 28.74 -22.64 -79.02
CA HIS GA 222 27.43 -22.48 -79.65
C HIS GA 222 26.52 -23.57 -79.11
N ASP GA 223 25.35 -23.16 -78.60
CA ASP GA 223 24.37 -24.12 -78.10
C ASP GA 223 23.37 -24.42 -79.20
N LEU GA 224 23.12 -25.70 -79.43
CA LEU GA 224 22.09 -26.14 -80.34
C LEU GA 224 20.91 -26.68 -79.54
N ASP GA 225 19.72 -26.13 -79.80
CA ASP GA 225 18.49 -26.73 -79.33
C ASP GA 225 17.72 -27.20 -80.54
N LEU GA 226 17.67 -28.51 -80.75
CA LEU GA 226 16.98 -29.12 -81.86
C LEU GA 226 15.75 -29.82 -81.32
N GLY GA 227 14.67 -29.77 -82.09
CA GLY GA 227 13.54 -30.56 -81.67
C GLY GA 227 13.58 -31.98 -82.16
N PHE GA 228 14.64 -32.36 -82.86
CA PHE GA 228 14.70 -33.65 -83.53
C PHE GA 228 16.09 -34.22 -83.36
N TRP GA 229 16.31 -35.36 -84.01
CA TRP GA 229 17.50 -36.16 -83.84
C TRP GA 229 18.02 -36.54 -85.22
N PHE GA 230 19.23 -37.06 -85.27
CA PHE GA 230 19.83 -37.48 -86.53
C PHE GA 230 20.11 -38.97 -86.49
N GLY GA 231 19.81 -39.66 -87.58
CA GLY GA 231 20.05 -41.08 -87.64
C GLY GA 231 21.23 -41.49 -88.49
N SER GA 232 21.82 -40.56 -89.22
CA SER GA 232 22.90 -40.85 -90.13
C SER GA 232 24.14 -40.08 -89.73
N ASP GA 233 25.23 -40.27 -90.47
CA ASP GA 233 26.43 -39.52 -90.20
C ASP GA 233 26.30 -38.10 -90.76
N TYR GA 234 27.05 -37.17 -90.17
CA TYR GA 234 27.01 -35.81 -90.66
C TYR GA 234 27.57 -35.71 -92.07
N GLY GA 235 28.71 -36.34 -92.33
CA GLY GA 235 29.18 -36.43 -93.70
C GLY GA 235 29.47 -35.08 -94.32
N ASN GA 236 30.38 -34.33 -93.72
CA ASN GA 236 30.74 -32.95 -94.10
C ASN GA 236 29.50 -32.07 -94.26
N ALA GA 237 28.69 -32.08 -93.22
CA ALA GA 237 27.58 -31.15 -93.07
C ALA GA 237 27.96 -30.07 -92.08
N TYR GA 238 27.46 -28.86 -92.31
CA TYR GA 238 27.55 -27.85 -91.28
C TYR GA 238 26.79 -28.32 -90.05
N VAL GA 239 27.38 -28.07 -88.88
CA VAL GA 239 26.63 -28.34 -87.66
C VAL GA 239 25.32 -27.56 -87.67
N PRO GA 240 24.19 -28.18 -87.35
CA PRO GA 240 22.89 -27.65 -87.78
C PRO GA 240 22.65 -26.19 -87.46
N GLN GA 241 22.16 -25.46 -88.45
CA GLN GA 241 21.92 -24.03 -88.37
C GLN GA 241 20.67 -23.72 -89.17
N ASN GA 242 19.95 -22.71 -88.76
CA ASN GA 242 18.83 -22.19 -89.53
C ASN GA 242 19.20 -20.79 -89.99
N ASN GA 243 19.39 -20.62 -91.29
CA ASN GA 243 19.91 -19.35 -91.77
C ASN GA 243 19.38 -19.05 -93.16
N ASP GA 244 19.79 -17.89 -93.66
CA ASP GA 244 19.61 -17.57 -95.07
C ASP GA 244 20.36 -18.55 -95.95
N SER GA 245 21.53 -19.00 -95.49
CA SER GA 245 22.34 -19.93 -96.27
C SER GA 245 21.90 -21.38 -96.10
N MET GA 246 21.39 -21.76 -94.94
CA MET GA 246 21.22 -23.19 -94.69
C MET GA 246 20.16 -23.44 -93.63
N ASN GA 247 19.65 -24.67 -93.63
CA ASN GA 247 18.66 -25.11 -92.65
C ASN GA 247 19.14 -26.38 -91.97
N ALA GA 248 18.61 -26.61 -90.77
CA ALA GA 248 19.16 -27.63 -89.88
C ALA GA 248 18.73 -29.04 -90.25
N VAL GA 249 17.56 -29.18 -90.85
CA VAL GA 249 16.98 -30.49 -91.15
C VAL GA 249 17.18 -30.78 -92.63
N GLY GA 250 17.62 -32.00 -92.94
CA GLY GA 250 18.09 -32.30 -94.28
C GLY GA 250 17.19 -33.07 -95.20
N THR GA 251 16.12 -33.66 -94.69
CA THR GA 251 15.25 -34.46 -95.51
C THR GA 251 14.20 -33.59 -96.17
N ILE GA 252 13.95 -33.83 -97.45
CA ILE GA 252 12.85 -33.17 -98.14
C ILE GA 252 11.55 -33.72 -97.56
N PRO GA 253 10.70 -32.88 -96.98
CA PRO GA 253 9.41 -33.36 -96.50
C PRO GA 253 8.52 -33.81 -97.66
N THR GA 254 7.66 -34.77 -97.38
CA THR GA 254 6.89 -35.46 -98.41
C THR GA 254 5.40 -35.40 -98.07
N SER GA 255 4.58 -35.73 -99.07
CA SER GA 255 3.20 -35.29 -99.13
C SER GA 255 2.31 -35.95 -98.09
N LYS GA 256 1.26 -35.22 -97.70
CA LYS GA 256 0.09 -35.76 -97.01
C LYS GA 256 0.42 -36.32 -95.64
N HIS GA 257 1.32 -35.66 -94.93
CA HIS GA 257 1.60 -35.96 -93.53
C HIS GA 257 2.47 -34.86 -92.97
N ILE GA 258 2.83 -35.01 -91.70
CA ILE GA 258 3.53 -33.98 -90.95
C ILE GA 258 5.02 -34.30 -90.95
N ASN GA 259 5.84 -33.26 -91.04
CA ASN GA 259 7.28 -33.41 -91.16
C ASN GA 259 7.95 -32.40 -90.27
N VAL GA 260 9.11 -32.76 -89.73
CA VAL GA 260 9.86 -31.81 -88.91
C VAL GA 260 10.52 -30.80 -89.82
N ARG GA 261 10.33 -29.52 -89.51
CA ARG GA 261 10.72 -28.41 -90.35
C ARG GA 261 11.57 -27.46 -89.51
N GLY GA 262 12.66 -26.97 -90.09
CA GLY GA 262 13.47 -25.99 -89.40
C GLY GA 262 12.72 -24.69 -89.21
N VAL GA 263 13.06 -23.99 -88.13
CA VAL GA 263 12.40 -22.74 -87.78
C VAL GA 263 13.36 -21.93 -86.92
N ASN GA 264 13.16 -20.61 -86.90
CA ASN GA 264 13.67 -19.66 -85.90
C ASN GA 264 15.06 -19.06 -86.06
N ASN GA 265 15.88 -19.41 -87.05
CA ASN GA 265 17.16 -18.73 -87.22
C ASN GA 265 18.06 -18.84 -85.98
N ARG GA 266 18.60 -20.04 -85.79
CA ARG GA 266 19.80 -20.21 -84.98
C ARG GA 266 20.95 -20.47 -85.92
N GLY GA 267 22.03 -19.70 -85.77
CA GLY GA 267 23.18 -19.86 -86.64
C GLY GA 267 24.46 -19.46 -85.94
N MET GA 268 25.58 -19.67 -86.60
CA MET GA 268 26.88 -19.35 -86.03
C MET GA 268 27.58 -18.22 -86.76
N ALA GA 269 28.23 -17.34 -86.00
CA ALA GA 269 28.95 -16.22 -86.57
C ALA GA 269 30.25 -16.68 -87.22
N GLY GA 270 30.57 -16.11 -88.37
CA GLY GA 270 31.79 -16.48 -89.09
C GLY GA 270 33.06 -16.01 -88.39
N HIS GA 271 33.64 -16.89 -87.57
CA HIS GA 271 34.87 -16.58 -86.86
C HIS GA 271 36.02 -16.48 -87.86
N TYR GA 272 37.00 -15.63 -87.56
CA TYR GA 272 38.13 -15.46 -88.45
C TYR GA 272 39.36 -15.06 -87.65
N LEU GA 273 40.53 -15.26 -88.24
CA LEU GA 273 41.79 -14.86 -87.66
C LEU GA 273 42.58 -14.03 -88.65
N SER GA 274 43.18 -12.96 -88.17
CA SER GA 274 43.92 -12.06 -89.04
C SER GA 274 44.95 -11.33 -88.20
N PHE GA 275 45.90 -10.71 -88.88
CA PHE GA 275 46.89 -9.93 -88.18
C PHE GA 275 46.76 -8.47 -88.56
N PRO GA 276 47.08 -7.55 -87.65
CA PRO GA 276 46.98 -6.14 -87.96
C PRO GA 276 47.99 -5.76 -89.01
N PRO GA 277 47.64 -4.89 -89.95
CA PRO GA 277 48.64 -4.40 -90.89
C PRO GA 277 49.70 -3.60 -90.17
N ILE GA 278 50.97 -3.97 -90.40
CA ILE GA 278 52.10 -3.25 -89.86
C ILE GA 278 53.07 -3.04 -91.01
N ARG GA 279 53.29 -1.80 -91.39
CA ARG GA 279 54.19 -1.54 -92.49
C ARG GA 279 55.64 -1.67 -92.05
N THR GA 280 56.47 -2.11 -92.97
CA THR GA 280 57.90 -2.26 -92.77
C THR GA 280 58.64 -1.44 -93.81
N ASN GA 281 59.97 -1.53 -93.77
CA ASN GA 281 60.78 -1.01 -94.85
C ASN GA 281 60.35 -1.60 -96.19
N ASP GA 282 59.95 -2.86 -96.21
CA ASP GA 282 59.42 -3.51 -97.40
C ASP GA 282 58.14 -4.25 -97.05
N GLY GA 283 57.03 -3.85 -97.65
CA GLY GA 283 55.80 -4.59 -97.49
C GLY GA 283 55.26 -4.51 -96.08
N GLN GA 284 54.79 -5.65 -95.59
CA GLN GA 284 54.08 -5.74 -94.33
C GLN GA 284 54.89 -6.53 -93.32
N PHE GA 285 54.66 -6.25 -92.05
CA PHE GA 285 55.36 -6.96 -91.00
C PHE GA 285 54.94 -8.42 -91.04
N LYS GA 286 55.90 -9.30 -90.85
CA LYS GA 286 55.61 -10.72 -90.96
C LYS GA 286 55.29 -11.23 -89.56
N LEU GA 287 54.02 -11.51 -89.31
CA LEU GA 287 53.57 -12.09 -88.06
C LEU GA 287 53.17 -13.53 -88.29
N ASN GA 288 53.66 -14.39 -87.42
CA ASN GA 288 53.33 -15.80 -87.43
C ASN GA 288 52.75 -16.10 -86.07
N ALA GA 289 51.79 -17.00 -86.00
CA ALA GA 289 51.13 -17.27 -84.74
C ALA GA 289 51.13 -18.77 -84.47
N GLN GA 290 51.30 -19.12 -83.21
CA GLN GA 290 50.96 -20.45 -82.72
C GLN GA 290 49.93 -20.32 -81.62
N PHE GA 291 49.02 -21.28 -81.57
CA PHE GA 291 48.14 -21.42 -80.42
C PHE GA 291 47.63 -22.84 -80.41
N THR GA 292 47.10 -23.27 -79.27
CA THR GA 292 46.49 -24.57 -79.16
C THR GA 292 45.01 -24.46 -79.45
N LEU GA 293 44.50 -25.41 -80.23
CA LEU GA 293 43.08 -25.46 -80.56
C LEU GA 293 42.48 -26.62 -79.79
N GLU GA 294 41.62 -26.32 -78.83
CA GLU GA 294 40.84 -27.32 -78.12
C GLU GA 294 39.40 -27.17 -78.56
N THR GA 295 38.89 -28.17 -79.28
CA THR GA 295 37.50 -28.18 -79.69
C THR GA 295 36.74 -29.22 -78.88
N GLU GA 296 35.48 -28.92 -78.60
CA GLU GA 296 34.61 -29.87 -77.93
C GLU GA 296 33.24 -29.82 -78.57
N ILE GA 297 32.70 -30.99 -78.89
CA ILE GA 297 31.33 -31.12 -79.36
C ILE GA 297 30.63 -32.12 -78.47
N GLU GA 298 29.47 -31.74 -77.95
CA GLU GA 298 28.75 -32.54 -76.97
C GLU GA 298 27.54 -33.16 -77.64
N PHE GA 299 27.57 -34.47 -77.84
CA PHE GA 299 26.44 -35.16 -78.45
C PHE GA 299 25.49 -35.70 -77.39
N GLU GA 300 24.21 -35.64 -77.69
CA GLU GA 300 23.22 -36.48 -77.04
C GLU GA 300 22.89 -37.63 -77.97
N PHE GA 301 22.69 -38.81 -77.40
CA PHE GA 301 22.27 -39.94 -78.21
C PHE GA 301 21.21 -40.72 -77.47
N ARG GA 302 20.57 -41.62 -78.20
CA ARG GA 302 19.37 -42.29 -77.73
C ARG GA 302 19.36 -43.70 -78.29
N LEU GA 303 18.86 -44.65 -77.52
CA LEU GA 303 19.04 -46.05 -77.85
C LEU GA 303 17.79 -46.65 -78.46
N TRP GA 304 17.88 -47.94 -78.75
CA TRP GA 304 16.90 -48.69 -79.52
C TRP GA 304 15.67 -49.02 -78.71
N GLU GA 305 14.59 -49.34 -79.41
CA GLU GA 305 13.32 -49.66 -78.79
C GLU GA 305 13.44 -50.93 -77.95
N GLN GA 306 12.81 -50.91 -76.78
CA GLN GA 306 12.78 -52.10 -75.95
C GLN GA 306 11.80 -53.12 -76.50
N GLY GA 307 11.99 -54.36 -76.10
CA GLY GA 307 11.08 -55.41 -76.48
C GLY GA 307 11.52 -56.12 -77.74
N VAL GA 308 10.62 -56.96 -78.24
CA VAL GA 308 10.87 -57.67 -79.49
C VAL GA 308 11.05 -56.69 -80.63
N GLN GA 309 10.51 -55.48 -80.51
CA GLN GA 309 10.70 -54.48 -81.54
C GLN GA 309 12.17 -54.17 -81.77
N GLY GA 310 12.98 -54.27 -80.74
CA GLY GA 310 14.39 -53.98 -80.82
C GLY GA 310 15.29 -55.15 -81.17
N ILE GA 311 14.71 -56.30 -81.49
CA ILE GA 311 15.51 -57.45 -81.92
C ILE GA 311 16.04 -57.20 -83.32
N ASN GA 312 17.33 -57.50 -83.52
CA ASN GA 312 17.98 -57.20 -84.81
C ASN GA 312 17.21 -57.78 -85.99
N SER GA 313 16.80 -59.04 -85.89
CA SER GA 313 16.19 -59.70 -87.04
C SER GA 313 14.86 -59.06 -87.40
N VAL GA 314 14.03 -58.73 -86.40
CA VAL GA 314 12.71 -58.18 -86.66
C VAL GA 314 12.68 -56.67 -86.59
N HIS GA 315 13.79 -56.01 -86.25
CA HIS GA 315 13.76 -54.56 -86.17
C HIS GA 315 13.72 -53.90 -87.54
N THR GA 316 14.14 -54.61 -88.59
CA THR GA 316 14.10 -54.01 -89.92
C THR GA 316 12.67 -53.66 -90.30
N ASN GA 317 11.76 -54.63 -90.22
CA ASN GA 317 10.38 -54.42 -90.60
C ASN GA 317 9.47 -54.01 -89.43
N LEU GA 318 9.93 -54.08 -88.18
CA LEU GA 318 9.21 -53.48 -87.06
C LEU GA 318 9.74 -52.10 -86.69
N ASN GA 319 10.71 -51.56 -87.41
CA ASN GA 319 11.16 -50.21 -87.15
C ASN GA 319 9.98 -49.25 -87.26
N PRO GA 320 9.81 -48.34 -86.32
CA PRO GA 320 8.68 -47.40 -86.41
C PRO GA 320 8.78 -46.54 -87.65
N ALA GA 321 7.66 -46.39 -88.34
CA ALA GA 321 7.63 -45.46 -89.46
C ALA GA 321 7.61 -44.01 -89.01
N ASN GA 322 7.38 -43.75 -87.73
CA ASN GA 322 7.42 -42.40 -87.20
C ASN GA 322 8.80 -42.00 -86.73
N ASP GA 323 9.82 -42.83 -86.94
CA ASP GA 323 11.18 -42.34 -86.84
C ASP GA 323 11.35 -41.09 -87.67
N SER GA 324 10.85 -41.13 -88.92
CA SER GA 324 10.95 -39.98 -89.81
C SER GA 324 10.36 -38.74 -89.18
N LEU GA 325 9.53 -38.91 -88.17
CA LEU GA 325 8.93 -37.77 -87.50
C LEU GA 325 9.96 -37.06 -86.63
N TRP GA 326 10.61 -37.79 -85.73
CA TRP GA 326 11.68 -37.22 -84.89
C TRP GA 326 13.10 -37.54 -85.35
N ILE GA 327 13.33 -38.36 -86.37
CA ILE GA 327 14.73 -38.62 -86.78
C ILE GA 327 15.02 -38.10 -88.17
N GLN GA 328 15.94 -37.16 -88.29
CA GLN GA 328 15.88 -36.27 -89.44
C GLN GA 328 17.10 -36.06 -90.33
N SER GA 329 18.19 -36.79 -90.12
CA SER GA 329 19.45 -36.65 -90.89
C SER GA 329 20.16 -35.28 -90.72
N TYR GA 330 20.96 -34.87 -91.70
CA TYR GA 330 21.71 -33.60 -91.59
C TYR GA 330 21.25 -32.59 -92.62
N GLY GA 331 21.20 -31.32 -92.25
CA GLY GA 331 20.56 -30.37 -93.12
C GLY GA 331 21.30 -29.93 -94.35
N SER GA 332 22.49 -29.38 -94.17
CA SER GA 332 23.16 -28.68 -95.25
C SER GA 332 24.64 -28.99 -95.19
N LEU GA 333 25.21 -29.23 -96.35
CA LEU GA 333 26.56 -29.72 -96.48
C LEU GA 333 27.48 -28.58 -96.86
N VAL GA 334 28.72 -28.62 -96.35
CA VAL GA 334 29.73 -27.77 -96.94
C VAL GA 334 29.94 -28.23 -98.37
N SER GA 335 30.43 -27.33 -99.21
CA SER GA 335 30.56 -27.62 -100.62
C SER GA 335 31.95 -28.22 -100.84
N ILE GA 336 31.98 -29.50 -101.18
CA ILE GA 336 33.21 -30.27 -101.28
C ILE GA 336 33.29 -30.84 -102.67
N THR GA 337 34.28 -30.41 -103.45
CA THR GA 337 34.67 -31.14 -104.64
C THR GA 337 35.99 -31.83 -104.34
N GLU GA 338 36.12 -33.07 -104.78
CA GLU GA 338 37.25 -33.91 -104.40
C GLU GA 338 37.31 -33.91 -102.87
N SER GA 339 38.48 -33.71 -102.28
CA SER GA 339 38.62 -33.57 -100.83
C SER GA 339 38.62 -32.12 -100.39
N LYS GA 340 38.41 -31.18 -101.30
CA LYS GA 340 38.73 -29.78 -101.08
C LYS GA 340 37.47 -28.96 -100.90
N ILE GA 341 37.46 -28.09 -99.90
CA ILE GA 341 36.31 -27.25 -99.64
C ILE GA 341 36.22 -26.15 -100.69
N ASN GA 342 35.05 -26.00 -101.30
CA ASN GA 342 34.86 -24.96 -102.30
C ASN GA 342 34.63 -23.60 -101.65
N ASN GA 343 33.82 -23.56 -100.61
CA ASN GA 343 33.46 -22.33 -99.95
C ASN GA 343 32.97 -22.68 -98.56
N ILE GA 344 32.93 -21.68 -97.68
CA ILE GA 344 32.33 -21.83 -96.37
C ILE GA 344 31.28 -20.76 -96.19
N GLN GA 345 30.09 -21.16 -95.80
CA GLN GA 345 28.99 -20.28 -95.50
C GLN GA 345 28.87 -20.15 -94.00
N PHE GA 346 28.55 -18.95 -93.51
CA PHE GA 346 28.45 -18.75 -92.07
C PHE GA 346 27.04 -18.52 -91.58
N GLY GA 347 26.40 -17.42 -91.98
CA GLY GA 347 25.04 -17.17 -91.56
C GLY GA 347 24.68 -17.28 -90.09
N PRO GA 348 25.07 -16.27 -89.31
CA PRO GA 348 24.86 -16.16 -87.87
C PRO GA 348 23.44 -15.87 -87.48
N THR GA 349 23.11 -15.95 -86.20
CA THR GA 349 21.76 -15.61 -85.79
C THR GA 349 21.91 -14.12 -85.80
N CYS GA 350 21.37 -13.46 -86.81
CA CYS GA 350 21.58 -12.04 -86.90
C CYS GA 350 20.73 -11.30 -85.90
N PRO GA 351 21.29 -10.25 -85.32
CA PRO GA 351 20.63 -9.48 -84.26
C PRO GA 351 19.47 -8.66 -84.74
N ARG GA 352 19.34 -8.41 -86.04
CA ARG GA 352 18.24 -7.60 -86.53
C ARG GA 352 17.01 -8.42 -86.89
N VAL GA 353 17.08 -9.74 -86.86
CA VAL GA 353 15.87 -10.55 -86.86
C VAL GA 353 15.12 -10.29 -85.56
N ASP GA 354 13.79 -10.30 -85.62
CA ASP GA 354 12.97 -10.10 -84.45
C ASP GA 354 13.37 -11.11 -83.37
N ALA GA 355 13.53 -10.61 -82.14
CA ALA GA 355 13.93 -11.48 -81.05
C ALA GA 355 12.93 -12.61 -80.83
N ARG GA 356 11.69 -12.45 -81.29
CA ARG GA 356 10.71 -13.51 -81.15
C ARG GA 356 11.01 -14.66 -82.10
N ASN GA 357 11.68 -14.37 -83.22
CA ASN GA 357 12.10 -15.43 -84.12
C ASN GA 357 13.35 -16.14 -83.64
N LYS GA 358 14.21 -15.47 -82.89
CA LYS GA 358 15.55 -15.97 -82.61
C LYS GA 358 15.58 -16.96 -81.46
N GLY GA 359 14.44 -17.34 -80.91
CA GLY GA 359 14.42 -18.11 -79.69
C GLY GA 359 14.87 -19.55 -79.82
N GLY GA 360 14.55 -20.37 -78.82
CA GLY GA 360 15.24 -21.62 -78.59
C GLY GA 360 15.15 -22.74 -79.61
N LYS GA 361 13.94 -23.18 -79.92
CA LYS GA 361 13.75 -24.46 -80.60
C LYS GA 361 13.99 -24.33 -82.10
N MET GA 362 14.87 -25.16 -82.64
CA MET GA 362 15.26 -25.04 -84.04
C MET GA 362 14.40 -25.83 -85.00
N SER GA 363 13.36 -26.51 -84.54
CA SER GA 363 12.53 -27.22 -85.49
C SER GA 363 11.11 -27.22 -85.00
N MET GA 364 10.20 -27.43 -85.94
CA MET GA 364 8.79 -27.54 -85.64
C MET GA 364 8.26 -28.72 -86.45
N LEU GA 365 7.20 -29.33 -85.96
CA LEU GA 365 6.64 -30.50 -86.59
C LEU GA 365 5.41 -30.01 -87.36
N PHE GA 366 5.61 -29.82 -88.66
CA PHE GA 366 4.65 -29.19 -89.54
C PHE GA 366 4.34 -30.01 -90.77
N ASP GA 367 3.08 -30.07 -91.15
CA ASP GA 367 2.64 -30.86 -92.29
C ASP GA 367 3.02 -30.35 -93.68
N HIS GA 368 3.01 -31.25 -94.63
CA HIS GA 368 3.28 -30.89 -96.01
C HIS GA 368 2.16 -31.45 -96.87
N HIS GA 369 1.64 -30.62 -97.78
CA HIS GA 369 0.58 -31.05 -98.66
C HIS GA 369 1.08 -31.34 -100.07
N GLU HA 36 43.49 -5.80 -64.96
CA GLU HA 36 43.41 -4.36 -64.82
C GLU HA 36 43.55 -3.71 -66.19
N GLY HA 37 43.01 -2.50 -66.35
CA GLY HA 37 43.07 -1.81 -67.61
C GLY HA 37 41.92 -2.20 -68.53
N ASP HA 38 41.96 -1.66 -69.73
CA ASP HA 38 40.94 -1.95 -70.72
C ASP HA 38 41.22 -3.22 -71.50
N GLY HA 39 42.30 -3.93 -71.20
CA GLY HA 39 42.65 -5.16 -71.85
C GLY HA 39 43.81 -5.05 -72.80
N SER HA 40 44.20 -3.82 -73.14
CA SER HA 40 45.27 -3.55 -74.08
C SER HA 40 46.64 -4.06 -73.67
N ALA HA 41 46.76 -4.52 -72.45
CA ALA HA 41 48.03 -5.03 -71.91
C ALA HA 41 48.40 -6.39 -72.48
N PRO HA 42 49.66 -6.78 -72.33
CA PRO HA 42 50.01 -8.09 -72.87
C PRO HA 42 49.25 -9.28 -72.29
N GLY HA 43 48.94 -9.32 -71.00
CA GLY HA 43 48.25 -10.47 -70.43
C GLY HA 43 46.86 -10.22 -69.86
N GLY HA 44 46.05 -11.25 -69.75
CA GLY HA 44 44.70 -11.09 -69.22
C GLY HA 44 43.60 -11.13 -70.26
N SER HA 45 42.67 -10.17 -70.20
CA SER HA 45 41.56 -10.11 -71.13
C SER HA 45 41.89 -9.43 -72.47
N VAL HA 46 41.17 -9.78 -73.52
CA VAL HA 46 41.36 -9.28 -74.87
C VAL HA 46 40.74 -7.92 -75.08
N TRP HA 47 41.53 -6.99 -75.59
CA TRP HA 47 40.98 -5.67 -75.89
C TRP HA 47 40.14 -5.94 -77.11
N GLN HA 48 38.89 -5.51 -77.09
CA GLN HA 48 38.03 -5.76 -78.23
C GLN HA 48 37.34 -4.48 -78.67
N THR HA 49 37.07 -4.41 -79.96
CA THR HA 49 36.55 -3.22 -80.61
C THR HA 49 35.09 -2.97 -80.24
N THR HA 50 34.65 -1.74 -80.48
CA THR HA 50 33.30 -1.33 -80.13
C THR HA 50 32.26 -2.11 -80.92
N ASP HA 51 31.06 -2.15 -80.35
CA ASP HA 51 29.96 -2.93 -80.90
C ASP HA 51 29.28 -2.17 -82.03
N TYR HA 52 29.18 -2.80 -83.19
CA TYR HA 52 28.46 -2.23 -84.31
C TYR HA 52 26.99 -2.65 -84.40
N ILE HA 53 26.54 -3.58 -83.56
CA ILE HA 53 25.14 -4.00 -83.63
C ILE HA 53 24.23 -2.91 -83.07
N ALA HA 54 24.59 -2.38 -81.90
CA ALA HA 54 23.66 -1.54 -81.14
C ALA HA 54 23.04 -0.45 -81.99
N LEU HA 55 23.83 0.17 -82.85
CA LEU HA 55 23.30 1.24 -83.70
C LEU HA 55 22.58 0.72 -84.93
N SER HA 56 22.82 -0.51 -85.34
CA SER HA 56 22.07 -1.05 -86.47
C SER HA 56 20.70 -1.56 -86.05
N MET HA 57 20.52 -1.88 -84.77
CA MET HA 57 19.24 -2.37 -84.28
C MET HA 57 18.32 -1.29 -83.77
N VAL HA 58 18.78 -0.05 -83.63
CA VAL HA 58 17.93 0.98 -83.05
C VAL HA 58 16.78 1.25 -84.01
N VAL HA 59 15.56 1.21 -83.49
CA VAL HA 59 14.35 1.39 -84.28
C VAL HA 59 13.90 2.83 -84.10
N TYR HA 60 13.81 3.54 -85.22
CA TYR HA 60 13.31 4.90 -85.22
C TYR HA 60 11.89 4.89 -85.72
N ARG HA 61 11.07 5.79 -85.18
CA ARG HA 61 9.63 5.69 -85.32
C ARG HA 61 9.09 7.03 -85.79
N THR HA 62 8.48 7.04 -86.98
CA THR HA 62 7.90 8.26 -87.53
C THR HA 62 6.44 8.03 -87.91
N ALA HA 63 5.82 9.03 -88.54
CA ALA HA 63 4.44 8.90 -88.97
C ALA HA 63 4.19 9.86 -90.12
N ILE HA 64 3.12 9.59 -90.85
CA ILE HA 64 2.64 10.47 -91.92
C ILE HA 64 1.18 10.77 -91.66
N LYS HA 65 0.88 12.04 -91.43
CA LYS HA 65 -0.47 12.49 -91.14
C LYS HA 65 -0.94 13.39 -92.26
N LEU HA 66 -2.16 13.18 -92.73
CA LEU HA 66 -2.72 13.93 -93.84
C LEU HA 66 -4.19 14.20 -93.57
N ARG HA 67 -4.65 15.40 -93.94
CA ARG HA 67 -6.06 15.74 -93.84
C ARG HA 67 -6.65 15.97 -95.22
N ASN HA 68 -7.96 15.76 -95.29
CA ASN HA 68 -8.68 15.79 -96.54
C ASN HA 68 -10.11 16.15 -96.22
N PHE HA 69 -10.80 16.74 -97.18
CA PHE HA 69 -12.24 16.92 -97.10
C PHE HA 69 -12.89 15.96 -98.08
N VAL HA 70 -13.87 15.21 -97.62
CA VAL HA 70 -14.56 14.22 -98.43
C VAL HA 70 -15.97 14.73 -98.70
N ASN HA 71 -16.37 14.70 -99.96
CA ASN HA 71 -17.72 15.05 -100.38
C ASN HA 71 -18.33 13.84 -101.06
N ILE HA 72 -19.36 13.29 -100.45
CA ILE HA 72 -20.04 12.11 -100.97
C ILE HA 72 -21.41 12.56 -101.48
N ARG HA 73 -21.60 12.51 -102.79
CA ARG HA 73 -22.84 12.98 -103.39
C ARG HA 73 -23.45 11.89 -104.27
N GLY HA 74 -24.77 11.97 -104.41
CA GLY HA 74 -25.48 11.10 -105.34
C GLY HA 74 -25.32 9.63 -105.06
N LEU HA 75 -25.27 9.25 -103.79
CA LEU HA 75 -25.06 7.87 -103.39
C LEU HA 75 -26.41 7.30 -102.99
N THR HA 76 -26.93 6.38 -103.79
CA THR HA 76 -28.22 5.78 -103.50
C THR HA 76 -28.08 4.75 -102.39
N PRO HA 77 -29.18 4.34 -101.75
CA PRO HA 77 -29.06 3.42 -100.62
C PRO HA 77 -28.50 2.05 -100.96
N THR HA 78 -28.60 1.63 -102.21
CA THR HA 78 -28.01 0.34 -102.59
C THR HA 78 -26.50 0.45 -102.73
N GLU HA 79 -26.03 1.48 -103.41
CA GLU HA 79 -24.61 1.69 -103.60
C GLU HA 79 -23.97 2.23 -102.32
N MET HA 80 -22.66 2.06 -102.24
CA MET HA 80 -21.93 2.22 -100.98
C MET HA 80 -20.51 2.67 -101.26
N ILE HA 81 -19.98 3.54 -100.40
CA ILE HA 81 -18.61 4.02 -100.53
C ILE HA 81 -17.67 3.04 -99.86
N VAL HA 82 -16.66 2.63 -100.60
CA VAL HA 82 -15.63 1.73 -100.11
C VAL HA 82 -14.49 2.57 -99.56
N ILE HA 83 -14.16 2.37 -98.28
CA ILE HA 83 -13.07 3.14 -97.69
C ILE HA 83 -11.80 2.40 -98.07
N PRO HA 84 -10.96 2.92 -98.91
CA PRO HA 84 -9.73 2.21 -99.27
C PRO HA 84 -8.71 2.26 -98.15
N TRP HA 85 -9.13 1.86 -96.96
CA TRP HA 85 -8.33 2.14 -95.79
C TRP HA 85 -7.34 1.02 -95.50
N ASN HA 86 -7.44 -0.09 -96.23
CA ASN HA 86 -6.50 -1.18 -96.10
C ASN HA 86 -5.41 -1.15 -97.16
N VAL HA 87 -5.39 -0.16 -98.03
CA VAL HA 87 -4.33 -0.02 -99.01
C VAL HA 87 -3.30 0.97 -98.48
N MET HA 88 -2.03 0.62 -98.64
CA MET HA 88 -0.95 1.41 -98.04
C MET HA 88 -0.91 2.81 -98.62
N ARG HA 89 -1.19 2.94 -99.91
CA ARG HA 89 -1.12 4.22 -100.60
C ARG HA 89 -2.15 5.22 -100.08
N PHE HA 90 -3.17 4.76 -99.38
CA PHE HA 90 -4.19 5.64 -98.85
C PHE HA 90 -3.61 6.60 -97.82
N TYR HA 91 -2.77 6.09 -96.92
CA TYR HA 91 -2.31 6.88 -95.80
C TYR HA 91 -1.12 7.77 -96.16
N CYS HA 92 -0.15 7.24 -96.87
CA CYS HA 92 1.12 7.91 -97.09
C CYS HA 92 1.24 8.61 -98.43
N GLU HA 93 0.21 8.53 -99.28
CA GLU HA 93 0.19 9.27 -100.52
C GLU HA 93 -1.13 10.01 -100.59
N TYR HA 94 -1.08 11.26 -101.01
CA TYR HA 94 -2.22 12.15 -100.87
C TYR HA 94 -2.89 12.24 -102.22
N ASN HA 95 -4.02 11.57 -102.38
CA ASN HA 95 -4.71 11.58 -103.66
C ASN HA 95 -6.01 12.33 -103.45
N THR HA 96 -6.04 13.57 -103.90
CA THR HA 96 -7.23 14.39 -103.82
C THR HA 96 -7.24 15.29 -105.04
N GLY HA 97 -8.37 15.35 -105.75
CA GLY HA 97 -8.51 16.35 -106.79
C GLY HA 97 -7.38 16.32 -107.80
N THR HA 98 -6.73 17.46 -107.96
CA THR HA 98 -5.65 17.61 -108.93
C THR HA 98 -4.34 17.00 -108.46
N TYR HA 99 -4.16 16.81 -107.15
CA TYR HA 99 -2.89 16.29 -106.63
C TYR HA 99 -2.53 14.96 -107.29
N GLY HA 100 -3.42 13.98 -107.22
CA GLY HA 100 -3.14 12.67 -107.79
C GLY HA 100 -2.78 12.70 -109.25
N LEU HA 101 -3.21 13.73 -109.97
CA LEU HA 101 -2.82 13.89 -111.37
C LEU HA 101 -1.36 14.36 -111.48
N SER HA 102 -0.94 15.23 -110.57
CA SER HA 102 0.44 15.67 -110.53
C SER HA 102 1.34 14.55 -110.00
N GLY HA 103 2.63 14.67 -110.30
CA GLY HA 103 3.56 13.60 -110.02
C GLY HA 103 4.13 13.64 -108.61
N ASN HA 104 4.47 12.45 -108.12
CA ASN HA 104 5.17 12.25 -106.85
C ASN HA 104 4.48 13.00 -105.72
N VAL HA 105 3.29 12.50 -105.37
CA VAL HA 105 2.51 13.09 -104.29
C VAL HA 105 2.76 12.38 -102.96
N HIS HA 106 3.68 11.44 -102.92
CA HIS HA 106 4.06 10.81 -101.67
C HIS HA 106 4.55 11.85 -100.67
N HIS HA 107 4.27 11.60 -99.40
CA HIS HA 107 4.77 12.46 -98.34
C HIS HA 107 6.27 12.30 -98.22
N LYS HA 108 6.96 13.38 -97.88
CA LYS HA 108 8.42 13.35 -97.91
C LYS HA 108 9.02 12.49 -96.80
N ASN HA 109 8.29 12.28 -95.71
CA ASN HA 109 8.77 11.29 -94.74
C ASN HA 109 8.82 9.91 -95.34
N TYR HA 110 7.94 9.62 -96.30
CA TYR HA 110 8.00 8.30 -96.90
C TYR HA 110 9.12 8.19 -97.92
N SER HA 111 9.41 9.28 -98.64
CA SER HA 111 10.48 9.24 -99.62
C SER HA 111 11.81 8.90 -98.97
N MET HA 112 12.02 9.34 -97.74
CA MET HA 112 13.27 8.98 -97.05
C MET HA 112 13.20 7.62 -96.38
N LEU HA 113 12.02 7.08 -96.11
CA LEU HA 113 11.96 5.71 -95.63
C LEU HA 113 12.58 4.75 -96.62
N LEU HA 114 12.69 5.16 -97.87
CA LEU HA 114 13.45 4.43 -98.86
C LEU HA 114 14.94 4.72 -98.80
N ALA HA 115 15.33 5.77 -98.09
CA ALA HA 115 16.75 6.04 -97.89
C ALA HA 115 17.33 5.16 -96.78
N CYS HA 116 16.59 4.97 -95.69
CA CYS HA 116 17.01 4.02 -94.67
C CYS HA 116 16.82 2.60 -95.17
N LYS HA 117 17.51 1.64 -94.56
CA LYS HA 117 17.55 0.33 -95.17
C LYS HA 117 16.28 -0.48 -94.91
N ALA HA 118 15.57 -0.20 -93.84
CA ALA HA 118 14.38 -0.95 -93.48
C ALA HA 118 13.34 0.00 -92.94
N HIS HA 119 12.08 -0.24 -93.31
CA HIS HA 119 10.97 0.46 -92.70
C HIS HA 119 9.83 -0.51 -92.51
N ARG HA 120 9.01 -0.24 -91.52
CA ARG HA 120 7.87 -1.10 -91.26
C ARG HA 120 6.65 -0.25 -90.91
N PRO HA 121 5.48 -0.60 -91.43
CA PRO HA 121 4.32 0.28 -91.33
C PRO HA 121 3.67 0.37 -89.96
N THR HA 122 3.79 -0.63 -89.10
CA THR HA 122 3.16 -0.64 -87.76
C THR HA 122 1.72 -0.14 -87.79
N LYS HA 123 1.36 0.76 -86.88
CA LYS HA 123 -0.05 1.14 -86.75
C LYS HA 123 -0.50 1.99 -87.93
N VAL HA 124 -1.78 1.91 -88.24
CA VAL HA 124 -2.39 2.68 -89.32
C VAL HA 124 -3.82 2.98 -88.92
N GLY HA 125 -4.31 4.15 -89.31
CA GLY HA 125 -5.66 4.53 -88.90
C GLY HA 125 -6.13 5.79 -89.58
N TYR HA 126 -7.39 6.13 -89.34
CA TYR HA 126 -7.97 7.32 -89.93
C TYR HA 126 -9.13 7.81 -89.09
N THR HA 127 -9.53 9.04 -89.33
CA THR HA 127 -10.59 9.69 -88.56
C THR HA 127 -11.56 10.38 -89.52
N LEU HA 128 -12.84 10.15 -89.29
CA LEU HA 128 -13.92 10.90 -89.93
C LEU HA 128 -14.47 11.90 -88.93
N SER HA 129 -14.61 13.15 -89.35
CA SER HA 129 -14.93 14.20 -88.40
C SER HA 129 -15.81 15.26 -89.02
N ASN HA 130 -16.61 15.91 -88.18
CA ASN HA 130 -17.42 17.07 -88.55
C ASN HA 130 -18.23 16.83 -89.81
N LEU HA 131 -19.21 15.95 -89.64
CA LEU HA 131 -20.07 15.57 -90.74
C LEU HA 131 -21.03 16.69 -91.08
N ILE HA 132 -21.20 16.94 -92.36
CA ILE HA 132 -22.17 17.90 -92.87
C ILE HA 132 -23.00 17.17 -93.91
N LEU HA 133 -24.29 17.02 -93.64
CA LEU HA 133 -25.24 16.48 -94.59
C LEU HA 133 -25.95 17.61 -95.30
N THR HA 134 -26.12 17.46 -96.61
CA THR HA 134 -26.87 18.38 -97.43
C THR HA 134 -27.88 17.60 -98.23
N SER HA 135 -28.84 18.30 -98.81
CA SER HA 135 -29.93 17.67 -99.53
C SER HA 135 -30.11 18.32 -100.89
N ASP HA 136 -30.23 17.50 -101.91
CA ASP HA 136 -30.60 17.94 -103.25
C ASP HA 136 -32.10 17.97 -103.45
N GLU HA 137 -32.88 17.72 -102.40
CA GLU HA 137 -34.32 17.60 -102.54
C GLU HA 137 -34.93 18.86 -103.13
N LEU HA 138 -34.44 20.03 -102.74
CA LEU HA 138 -34.94 21.26 -103.32
C LEU HA 138 -34.41 21.50 -104.73
N VAL HA 139 -33.38 20.77 -105.14
CA VAL HA 139 -32.80 20.93 -106.46
C VAL HA 139 -33.70 20.25 -107.49
N SER HA 140 -33.86 20.91 -108.64
CA SER HA 140 -34.58 20.36 -109.76
C SER HA 140 -33.88 20.81 -111.04
N THR HA 141 -34.22 20.14 -112.15
CA THR HA 141 -33.59 20.50 -113.42
C THR HA 141 -33.88 21.94 -113.82
N GLY HA 142 -35.00 22.49 -113.35
CA GLY HA 142 -35.25 23.91 -113.58
C GLY HA 142 -34.29 24.80 -112.82
N GLY HA 143 -33.76 24.31 -111.70
CA GLY HA 143 -32.75 25.05 -110.98
C GLY HA 143 -33.34 26.09 -110.03
N THR HA 144 -32.61 27.19 -109.88
CA THR HA 144 -32.96 28.35 -109.05
C THR HA 144 -32.90 28.04 -107.56
N LEU HA 145 -32.82 26.76 -107.20
CA LEU HA 145 -32.61 26.34 -105.82
C LEU HA 145 -31.53 25.28 -105.80
N GLY HA 146 -30.50 25.52 -104.98
CA GLY HA 146 -29.40 24.59 -104.85
C GLY HA 146 -29.53 23.73 -103.62
N THR HA 147 -28.54 22.84 -103.45
CA THR HA 147 -28.56 21.98 -102.28
C THR HA 147 -28.31 22.79 -101.03
N THR HA 148 -28.78 22.28 -99.90
CA THR HA 148 -28.54 22.95 -98.64
C THR HA 148 -28.59 21.90 -97.54
N THR HA 149 -28.00 22.24 -96.40
CA THR HA 149 -27.95 21.33 -95.28
C THR HA 149 -29.35 20.88 -94.88
N THR HA 150 -29.43 19.66 -94.38
CA THR HA 150 -30.73 19.08 -94.04
C THR HA 150 -31.46 19.96 -93.04
N PHE HA 151 -32.79 20.01 -93.17
CA PHE HA 151 -33.60 20.89 -92.35
C PHE HA 151 -33.43 20.59 -90.87
N ASN HA 152 -33.30 19.31 -90.51
CA ASN HA 152 -32.99 18.92 -89.15
C ASN HA 152 -31.86 17.90 -89.18
N THR HA 153 -31.31 17.63 -88.01
CA THR HA 153 -30.12 16.80 -87.88
C THR HA 153 -30.44 15.32 -87.74
N SER HA 154 -31.70 14.93 -87.88
CA SER HA 154 -32.06 13.52 -87.81
C SER HA 154 -31.38 12.65 -88.87
N PRO HA 155 -31.15 13.09 -90.11
CA PRO HA 155 -30.48 12.20 -91.06
C PRO HA 155 -29.07 11.86 -90.63
N TYR HA 156 -28.53 10.80 -91.21
CA TYR HA 156 -27.24 10.28 -90.80
C TYR HA 156 -26.57 9.58 -91.97
N MET HA 157 -25.26 9.42 -91.86
CA MET HA 157 -24.49 8.61 -92.79
C MET HA 157 -24.01 7.37 -92.05
N ILE HA 158 -24.17 6.22 -92.67
CA ILE HA 158 -23.90 4.96 -92.01
C ILE HA 158 -22.45 4.58 -92.28
N HIS HA 159 -21.68 4.40 -91.22
CA HIS HA 159 -20.33 3.87 -91.35
C HIS HA 159 -20.36 2.39 -91.01
N SER HA 160 -20.09 1.55 -91.98
CA SER HA 160 -20.21 0.11 -91.83
C SER HA 160 -18.83 -0.52 -91.79
N ILE HA 161 -18.61 -1.40 -90.82
CA ILE HA 161 -17.41 -2.22 -90.73
C ILE HA 161 -17.84 -3.65 -90.93
N ASP HA 162 -17.32 -4.31 -91.96
CA ASP HA 162 -17.78 -5.66 -92.23
C ASP HA 162 -16.82 -6.60 -91.50
N ASP HA 163 -17.29 -7.16 -90.39
CA ASP HA 163 -16.49 -8.08 -89.59
C ASP HA 163 -16.58 -9.49 -90.12
N GLN HA 164 -17.77 -9.90 -90.51
CA GLN HA 164 -18.02 -11.25 -90.98
C GLN HA 164 -17.63 -11.44 -92.43
N GLN HA 165 -17.15 -10.39 -93.07
CA GLN HA 165 -16.74 -10.41 -94.46
C GLN HA 165 -17.90 -10.86 -95.36
N CYS HA 166 -19.02 -10.16 -95.23
CA CYS HA 166 -20.09 -10.31 -96.20
C CYS HA 166 -19.56 -10.09 -97.61
N LEU HA 167 -18.71 -9.08 -97.77
CA LEU HA 167 -18.09 -8.76 -99.05
C LEU HA 167 -16.61 -9.08 -98.93
N SER HA 168 -16.19 -10.13 -99.63
CA SER HA 168 -14.78 -10.50 -99.67
C SER HA 168 -14.01 -9.59 -100.60
N LYS HA 169 -14.55 -9.36 -101.78
CA LYS HA 169 -13.90 -8.62 -102.84
C LYS HA 169 -14.91 -7.67 -103.44
N VAL HA 170 -14.53 -6.41 -103.59
CA VAL HA 170 -15.45 -5.33 -103.92
C VAL HA 170 -15.04 -4.74 -105.25
N TYR HA 171 -16.02 -4.56 -106.14
CA TYR HA 171 -15.80 -4.03 -107.47
C TYR HA 171 -16.50 -2.69 -107.63
N PRO HA 172 -16.01 -1.83 -108.52
CA PRO HA 172 -16.73 -0.60 -108.82
C PRO HA 172 -18.05 -0.88 -109.53
N LYS HA 173 -18.92 0.13 -109.52
CA LYS HA 173 -20.18 0.01 -110.23
C LYS HA 173 -19.94 -0.12 -111.73
N THR HA 174 -20.93 -0.68 -112.41
CA THR HA 174 -20.80 -1.00 -113.82
C THR HA 174 -20.28 0.18 -114.64
N ASP HA 175 -20.89 1.35 -114.45
CA ASP HA 175 -20.49 2.50 -115.25
C ASP HA 175 -19.21 3.14 -114.74
N THR HA 176 -19.05 3.22 -113.42
CA THR HA 176 -17.97 4.00 -112.85
C THR HA 176 -16.67 3.19 -112.85
N VAL HA 177 -15.60 3.83 -112.37
CA VAL HA 177 -14.30 3.18 -112.21
C VAL HA 177 -13.60 3.88 -111.06
N TRP HA 178 -12.64 3.20 -110.47
CA TRP HA 178 -11.95 3.72 -109.29
C TRP HA 178 -10.57 4.20 -109.67
N PRO HA 179 -10.32 5.49 -109.76
CA PRO HA 179 -8.96 5.97 -109.99
C PRO HA 179 -8.15 5.87 -108.71
N VAL HA 180 -6.85 5.60 -108.86
CA VAL HA 180 -6.03 5.63 -107.68
C VAL HA 180 -5.70 7.08 -107.33
N SER HA 181 -5.67 7.96 -108.32
CA SER HA 181 -5.44 9.38 -108.07
C SER HA 181 -6.55 10.02 -107.26
N SER HA 182 -7.72 9.38 -107.23
CA SER HA 182 -8.87 9.88 -106.50
C SER HA 182 -9.01 9.26 -105.12
N MET HA 183 -8.03 8.48 -104.68
CA MET HA 183 -8.23 7.55 -103.57
C MET HA 183 -8.71 8.25 -102.30
N ARG HA 184 -8.06 9.34 -101.89
CA ARG HA 184 -8.34 9.85 -100.56
C ARG HA 184 -9.63 10.63 -100.44
N GLU HA 185 -10.13 11.25 -101.51
CA GLU HA 185 -11.50 11.74 -101.44
C GLU HA 185 -12.34 10.56 -101.85
N LEU HA 186 -13.36 10.24 -101.06
CA LEU HA 186 -13.88 8.89 -101.16
C LEU HA 186 -14.98 8.95 -102.20
N ASP HA 187 -14.64 8.57 -103.42
CA ASP HA 187 -15.58 8.40 -104.50
C ASP HA 187 -15.88 6.95 -104.84
N TYR HA 188 -15.24 5.98 -104.19
CA TYR HA 188 -15.34 4.63 -104.70
C TYR HA 188 -16.69 4.07 -104.32
N VAL HA 189 -17.49 3.76 -105.32
CA VAL HA 189 -18.87 3.34 -105.12
C VAL HA 189 -19.00 1.91 -105.56
N ALA HA 190 -19.39 1.05 -104.63
CA ALA HA 190 -19.74 -0.32 -104.93
C ALA HA 190 -21.24 -0.46 -104.84
N SER HA 191 -21.78 -1.33 -105.67
CA SER HA 191 -23.19 -1.68 -105.60
C SER HA 191 -23.25 -3.13 -105.16
N THR HA 192 -23.69 -3.36 -103.93
CA THR HA 192 -23.78 -4.71 -103.38
C THR HA 192 -25.12 -5.28 -103.79
N VAL HA 193 -25.09 -6.38 -104.54
CA VAL HA 193 -26.29 -6.92 -105.17
C VAL HA 193 -26.24 -8.44 -105.07
N SER HA 194 -27.34 -9.04 -104.63
CA SER HA 194 -27.52 -10.49 -104.68
C SER HA 194 -27.94 -10.85 -106.10
N GLY HA 195 -28.40 -12.08 -106.32
CA GLY HA 195 -28.71 -12.42 -107.70
C GLY HA 195 -29.78 -11.55 -108.31
N ASP HA 196 -30.99 -11.54 -107.75
CA ASP HA 196 -32.00 -10.56 -108.11
C ASP HA 196 -32.13 -9.42 -107.11
N ASN HA 197 -31.39 -9.45 -106.01
CA ASN HA 197 -31.67 -8.61 -104.86
C ASN HA 197 -30.62 -7.53 -104.73
N ALA HA 198 -31.06 -6.29 -104.59
CA ALA HA 198 -30.16 -5.20 -104.24
C ALA HA 198 -29.98 -5.18 -102.73
N ILE HA 199 -28.75 -5.32 -102.29
CA ILE HA 199 -28.44 -5.38 -100.86
C ILE HA 199 -28.35 -3.95 -100.33
N ILE HA 200 -29.07 -3.67 -99.26
CA ILE HA 200 -28.83 -2.44 -98.48
C ILE HA 200 -27.62 -2.72 -97.61
N PRO HA 201 -26.51 -1.99 -97.80
CA PRO HA 201 -25.25 -2.39 -97.15
C PRO HA 201 -25.33 -2.44 -95.64
N SER HA 202 -26.03 -1.50 -95.01
CA SER HA 202 -26.12 -1.47 -93.57
C SER HA 202 -26.75 -2.72 -92.99
N THR HA 203 -27.54 -3.45 -93.77
CA THR HA 203 -28.26 -4.58 -93.22
C THR HA 203 -27.40 -5.82 -93.08
N ILE HA 204 -26.48 -6.05 -94.01
CA ILE HA 204 -25.63 -7.24 -93.94
C ILE HA 204 -24.45 -7.03 -92.99
N PHE HA 205 -23.88 -5.83 -92.96
CA PHE HA 205 -22.63 -5.60 -92.26
C PHE HA 205 -22.84 -5.65 -90.75
N ASN HA 206 -21.75 -5.91 -90.04
CA ASN HA 206 -21.83 -6.20 -88.62
C ASN HA 206 -21.91 -4.92 -87.80
N LYS HA 207 -20.82 -4.17 -87.71
CA LYS HA 207 -20.83 -2.90 -87.02
C LYS HA 207 -21.28 -1.82 -88.00
N ASN HA 208 -22.40 -1.18 -87.68
CA ASN HA 208 -22.94 -0.08 -88.46
C ASN HA 208 -23.15 1.08 -87.51
N ARG HA 209 -22.39 2.15 -87.70
CA ARG HA 209 -22.51 3.35 -86.91
C ARG HA 209 -23.35 4.35 -87.68
N TYR HA 210 -24.44 4.81 -87.07
CA TYR HA 210 -25.24 5.85 -87.70
C TYR HA 210 -24.74 7.17 -87.17
N TRP HA 211 -24.07 7.93 -88.02
CA TRP HA 211 -23.27 9.06 -87.60
C TRP HA 211 -23.92 10.32 -88.13
N LYS HA 212 -24.35 11.18 -87.21
CA LYS HA 212 -25.16 12.33 -87.52
C LYS HA 212 -24.33 13.60 -87.47
N GLN HA 213 -25.00 14.71 -87.72
CA GLN HA 213 -24.37 16.02 -87.64
C GLN HA 213 -24.24 16.40 -86.17
N GLY HA 214 -23.01 16.67 -85.74
CA GLY HA 214 -22.73 16.97 -84.36
C GLY HA 214 -22.15 15.83 -83.57
N ASP HA 215 -22.23 14.61 -84.07
CA ASP HA 215 -21.62 13.49 -83.39
C ASP HA 215 -20.11 13.64 -83.34
N ASP HA 216 -19.51 12.96 -82.38
CA ASP HA 216 -18.06 13.01 -82.23
C ASP HA 216 -17.41 12.34 -83.42
N ALA HA 217 -16.14 12.66 -83.64
CA ALA HA 217 -15.40 12.10 -84.75
C ALA HA 217 -15.31 10.59 -84.61
N LEU HA 218 -15.25 9.91 -85.75
CA LEU HA 218 -15.15 8.46 -85.81
C LEU HA 218 -13.69 8.08 -86.03
N HIS HA 219 -13.10 7.40 -85.06
CA HIS HA 219 -11.68 7.06 -85.09
C HIS HA 219 -11.54 5.58 -85.36
N PHE HA 220 -10.73 5.23 -86.36
CA PHE HA 220 -10.51 3.83 -86.70
C PHE HA 220 -9.02 3.60 -86.82
N SER HA 221 -8.54 2.51 -86.24
CA SER HA 221 -7.13 2.24 -86.17
C SER HA 221 -6.89 0.76 -86.41
N HIS HA 222 -5.70 0.44 -86.88
CA HIS HA 222 -5.26 -0.94 -87.02
C HIS HA 222 -3.81 -1.03 -86.60
N ASP HA 223 -3.50 -1.93 -85.68
CA ASP HA 223 -2.14 -2.14 -85.23
C ASP HA 223 -1.53 -3.29 -86.03
N LEU HA 224 -0.34 -3.07 -86.56
CA LEU HA 224 0.43 -4.10 -87.22
C LEU HA 224 1.58 -4.53 -86.32
N ASP HA 225 1.67 -5.82 -86.04
CA ASP HA 225 2.86 -6.39 -85.43
C ASP HA 225 3.48 -7.33 -86.45
N LEU HA 226 4.59 -6.92 -87.03
CA LEU HA 226 5.31 -7.68 -88.03
C LEU HA 226 6.60 -8.20 -87.40
N GLY HA 227 6.98 -9.40 -87.76
CA GLY HA 227 8.27 -9.84 -87.29
C GLY HA 227 9.40 -9.43 -88.20
N PHE HA 228 9.11 -8.68 -89.25
CA PHE HA 228 10.09 -8.40 -90.29
C PHE HA 228 9.92 -6.96 -90.73
N TRP HA 229 10.69 -6.58 -91.74
CA TRP HA 229 10.82 -5.20 -92.19
C TRP HA 229 10.70 -5.19 -93.70
N PHE HA 230 10.54 -4.01 -94.27
CA PHE HA 230 10.43 -3.86 -95.71
C PHE HA 230 11.57 -3.01 -96.22
N GLY HA 231 12.16 -3.43 -97.34
CA GLY HA 231 13.25 -2.68 -97.91
C GLY HA 231 12.90 -1.89 -99.15
N SER HA 232 11.70 -2.10 -99.69
CA SER HA 232 11.29 -1.45 -100.94
C SER HA 232 10.07 -0.59 -100.68
N ASP HA 233 9.60 0.07 -101.73
CA ASP HA 233 8.39 0.85 -101.61
C ASP HA 233 7.17 -0.04 -101.64
N TYR HA 234 6.08 0.42 -101.02
CA TYR HA 234 4.86 -0.36 -101.03
C TYR HA 234 4.31 -0.53 -102.44
N GLY HA 235 4.24 0.56 -103.20
CA GLY HA 235 3.90 0.42 -104.60
C GLY HA 235 2.52 -0.14 -104.83
N ASN HA 236 1.50 0.54 -104.31
CA ASN HA 236 0.09 0.12 -104.33
C ASN HA 236 -0.07 -1.31 -103.83
N ALA HA 237 0.48 -1.55 -102.65
CA ALA HA 237 0.26 -2.77 -101.90
C ALA HA 237 -0.73 -2.50 -100.77
N TYR HA 238 -1.55 -3.50 -100.46
CA TYR HA 238 -2.32 -3.42 -99.23
C TYR HA 238 -1.37 -3.33 -98.06
N VAL HA 239 -1.70 -2.49 -97.08
CA VAL HA 239 -0.94 -2.48 -95.85
C VAL HA 239 -0.96 -3.88 -95.24
N PRO HA 240 0.17 -4.42 -94.80
CA PRO HA 240 0.31 -5.88 -94.66
C PRO HA 240 -0.78 -6.53 -93.83
N GLN HA 241 -1.30 -7.63 -94.35
CA GLN HA 241 -2.39 -8.37 -93.75
C GLN HA 241 -2.15 -9.85 -94.01
N ASN HA 242 -2.61 -10.69 -93.11
CA ASN HA 242 -2.61 -12.13 -93.30
C ASN HA 242 -4.06 -12.57 -93.40
N ASN HA 243 -4.48 -13.03 -94.57
CA ASN HA 243 -5.89 -13.33 -94.76
C ASN HA 243 -6.08 -14.43 -95.77
N ASP HA 244 -7.34 -14.79 -95.97
CA ASP HA 244 -7.72 -15.63 -97.09
C ASP HA 244 -7.37 -14.98 -98.42
N SER HA 245 -7.50 -13.65 -98.49
CA SER HA 245 -7.21 -12.94 -99.72
C SER HA 245 -5.72 -12.63 -99.89
N MET HA 246 -4.99 -12.42 -98.81
CA MET HA 246 -3.65 -11.87 -98.99
C MET HA 246 -2.76 -12.21 -97.80
N ASN HA 247 -1.45 -12.13 -98.03
CA ASN HA 247 -0.45 -12.35 -97.00
C ASN HA 247 0.50 -11.16 -96.92
N ALA HA 248 1.12 -11.01 -95.75
CA ALA HA 248 1.84 -9.79 -95.43
C ALA HA 248 3.21 -9.72 -96.09
N VAL HA 249 3.84 -10.87 -96.33
CA VAL HA 249 5.20 -10.93 -96.84
C VAL HA 249 5.15 -11.24 -98.33
N GLY HA 250 5.94 -10.52 -99.12
CA GLY HA 250 5.78 -10.55 -100.56
C GLY HA 250 6.75 -11.36 -101.37
N THR HA 251 7.86 -11.78 -100.77
CA THR HA 251 8.87 -12.51 -101.52
C THR HA 251 8.56 -13.99 -101.52
N ILE HA 252 8.71 -14.62 -102.68
CA ILE HA 252 8.60 -16.06 -102.78
C ILE HA 252 9.79 -16.66 -102.05
N PRO HA 253 9.57 -17.46 -101.00
CA PRO HA 253 10.69 -18.12 -100.35
C PRO HA 253 11.35 -19.14 -101.27
N THR HA 254 12.65 -19.35 -101.07
CA THR HA 254 13.47 -20.12 -101.98
C THR HA 254 14.21 -21.22 -101.22
N SER HA 255 14.75 -22.15 -101.99
CA SER HA 255 15.05 -23.49 -101.49
C SER HA 255 16.21 -23.52 -100.51
N LYS HA 256 16.15 -24.52 -99.62
CA LYS HA 256 17.29 -24.97 -98.82
C LYS HA 256 17.80 -23.92 -97.86
N HIS HA 257 16.88 -23.16 -97.27
CA HIS HA 257 17.19 -22.24 -96.18
C HIS HA 257 15.89 -21.75 -95.58
N ILE HA 258 16.01 -20.87 -94.60
CA ILE HA 258 14.90 -20.41 -93.79
C ILE HA 258 14.43 -19.07 -94.34
N ASN HA 259 13.12 -18.86 -94.33
CA ASN HA 259 12.52 -17.66 -94.91
C ASN HA 259 11.43 -17.17 -93.99
N VAL HA 260 11.25 -15.86 -93.96
CA VAL HA 260 10.18 -15.30 -93.14
C VAL HA 260 8.85 -15.53 -93.84
N ARG HA 261 7.90 -16.09 -93.09
CA ARG HA 261 6.62 -16.55 -93.62
C ARG HA 261 5.51 -15.91 -92.82
N GLY HA 262 4.47 -15.45 -93.51
CA GLY HA 262 3.33 -14.91 -92.82
C GLY HA 262 2.61 -15.98 -92.01
N VAL HA 263 1.99 -15.53 -90.91
CA VAL HA 263 1.29 -16.44 -90.02
C VAL HA 263 0.24 -15.64 -89.27
N ASN HA 264 -0.79 -16.33 -88.77
CA ASN HA 264 -1.72 -15.90 -87.73
C ASN HA 264 -2.95 -15.05 -88.09
N ASN HA 265 -3.18 -14.65 -89.34
CA ASN HA 265 -4.43 -13.95 -89.65
C ASN HA 265 -4.61 -12.67 -88.83
N ARG HA 266 -3.83 -11.66 -89.20
CA ARG HA 266 -4.16 -10.28 -88.86
C ARG HA 266 -4.65 -9.62 -90.14
N GLY HA 267 -5.81 -8.99 -90.08
CA GLY HA 267 -6.37 -8.35 -91.25
C GLY HA 267 -7.24 -7.18 -90.86
N MET HA 268 -7.70 -6.44 -91.87
CA MET HA 268 -8.55 -5.27 -91.62
C MET HA 268 -9.98 -5.47 -92.13
N ALA HA 269 -10.94 -4.97 -91.37
CA ALA HA 269 -12.34 -5.08 -91.74
C ALA HA 269 -12.67 -4.09 -92.85
N GLY HA 270 -13.48 -4.53 -93.81
CA GLY HA 270 -13.87 -3.68 -94.92
C GLY HA 270 -14.79 -2.54 -94.53
N HIS HA 271 -14.22 -1.38 -94.24
CA HIS HA 271 -15.00 -0.22 -93.86
C HIS HA 271 -15.79 0.28 -95.06
N TYR HA 272 -16.96 0.87 -94.81
CA TYR HA 272 -17.79 1.36 -95.90
C TYR HA 272 -18.64 2.52 -95.41
N LEU HA 273 -19.12 3.31 -96.36
CA LEU HA 273 -20.01 4.42 -96.07
C LEU HA 273 -21.24 4.31 -96.95
N SER HA 274 -22.40 4.56 -96.35
CA SER HA 274 -23.65 4.45 -97.07
C SER HA 274 -24.68 5.34 -96.38
N PHE HA 275 -25.78 5.59 -97.08
CA PHE HA 275 -26.84 6.37 -96.50
C PHE HA 275 -28.08 5.51 -96.33
N PRO HA 276 -28.89 5.78 -95.32
CA PRO HA 276 -30.11 4.98 -95.12
C PRO HA 276 -31.08 5.23 -96.25
N PRO HA 277 -31.78 4.21 -96.72
CA PRO HA 277 -32.82 4.44 -97.72
C PRO HA 277 -33.94 5.29 -97.12
N ILE HA 278 -34.28 6.37 -97.82
CA ILE HA 278 -35.38 7.23 -97.44
C ILE HA 278 -36.20 7.45 -98.70
N ARG HA 279 -37.43 6.98 -98.71
CA ARG HA 279 -38.25 7.16 -99.89
C ARG HA 279 -38.80 8.57 -99.96
N THR HA 280 -38.95 9.06 -101.18
CA THR HA 280 -39.50 10.37 -101.46
C THR HA 280 -40.71 10.22 -102.37
N ASN HA 281 -41.29 11.35 -102.75
CA ASN HA 281 -42.30 11.36 -103.79
C ASN HA 281 -41.77 10.70 -105.07
N ASP HA 282 -40.48 10.89 -105.36
CA ASP HA 282 -39.83 10.23 -106.48
C ASP HA 282 -38.51 9.63 -106.03
N GLY HA 283 -38.39 8.32 -106.12
CA GLY HA 283 -37.12 7.67 -105.84
C GLY HA 283 -36.73 7.77 -104.38
N GLN HA 284 -35.45 8.07 -104.16
CA GLN HA 284 -34.84 8.03 -102.84
C GLN HA 284 -34.43 9.43 -102.42
N PHE HA 285 -34.38 9.64 -101.11
CA PHE HA 285 -33.98 10.94 -100.59
C PHE HA 285 -32.52 11.17 -100.97
N LYS HA 286 -32.21 12.40 -101.36
CA LYS HA 286 -30.86 12.68 -101.82
C LYS HA 286 -30.08 13.20 -100.63
N LEU HA 287 -29.17 12.38 -100.12
CA LEU HA 287 -28.29 12.76 -99.03
C LEU HA 287 -26.89 12.92 -99.57
N ASN HA 288 -26.26 14.02 -99.20
CA ASN HA 288 -24.90 14.32 -99.57
C ASN HA 288 -24.17 14.54 -98.26
N ALA HA 289 -22.91 14.14 -98.20
CA ALA HA 289 -22.17 14.23 -96.95
C ALA HA 289 -20.86 14.94 -97.18
N GLN HA 290 -20.46 15.74 -96.20
CA GLN HA 290 -19.09 16.19 -96.08
C GLN HA 290 -18.53 15.75 -94.74
N PHE HA 291 -17.25 15.42 -94.72
CA PHE HA 291 -16.54 15.23 -93.47
C PHE HA 291 -15.06 15.40 -93.77
N THR HA 292 -14.28 15.60 -92.71
CA THR HA 292 -12.84 15.68 -92.85
C THR HA 292 -12.25 14.31 -92.64
N LEU HA 293 -11.29 13.96 -93.48
CA LEU HA 293 -10.59 12.68 -93.38
C LEU HA 293 -9.19 12.97 -92.88
N GLU HA 294 -8.89 12.55 -91.66
CA GLU HA 294 -7.55 12.61 -91.10
C GLU HA 294 -7.02 11.19 -91.04
N THR HA 295 -6.02 10.88 -91.85
CA THR HA 295 -5.37 9.58 -91.81
C THR HA 295 -4.00 9.72 -91.19
N GLU HA 296 -3.58 8.69 -90.48
CA GLU HA 296 -2.24 8.63 -89.91
C GLU HA 296 -1.69 7.22 -90.07
N ILE HA 297 -0.47 7.13 -90.56
CA ILE HA 297 0.25 5.88 -90.62
C ILE HA 297 1.58 6.07 -89.92
N GLU HA 298 1.90 5.18 -89.01
CA GLU HA 298 3.08 5.32 -88.16
C GLU HA 298 4.12 4.31 -88.61
N PHE HA 299 5.20 4.78 -89.19
CA PHE HA 299 6.27 3.89 -89.63
C PHE HA 299 7.35 3.78 -88.57
N GLU HA 300 7.89 2.58 -88.44
CA GLU HA 300 9.19 2.36 -87.82
C GLU HA 300 10.21 2.19 -88.93
N PHE HA 301 11.41 2.73 -88.73
CA PHE HA 301 12.46 2.53 -89.70
C PHE HA 301 13.77 2.28 -88.96
N ARG HA 302 14.75 1.82 -89.71
CA ARG HA 302 15.98 1.31 -89.15
C ARG HA 302 17.12 1.64 -90.10
N LEU HA 303 18.29 1.93 -89.55
CA LEU HA 303 19.35 2.52 -90.34
C LEU HA 303 20.41 1.49 -90.71
N TRP HA 304 21.43 1.97 -91.40
CA TRP HA 304 22.44 1.16 -92.05
C TRP HA 304 23.45 0.62 -91.06
N GLU HA 305 24.16 -0.42 -91.48
CA GLU HA 305 25.16 -1.06 -90.63
C GLU HA 305 26.31 -0.13 -90.32
N GLN HA 306 26.76 -0.16 -89.07
CA GLN HA 306 27.91 0.64 -88.69
C GLN HA 306 29.20 0.02 -89.22
N GLY HA 307 30.22 0.86 -89.30
CA GLY HA 307 31.52 0.38 -89.71
C GLY HA 307 31.73 0.51 -91.20
N VAL HA 308 32.83 -0.09 -91.65
CA VAL HA 308 33.14 -0.10 -93.07
C VAL HA 308 32.06 -0.82 -93.85
N GLN HA 309 31.31 -1.70 -93.19
CA GLN HA 309 30.21 -2.39 -93.87
C GLN HA 309 29.19 -1.40 -94.42
N GLY HA 310 29.01 -0.27 -93.75
CA GLY HA 310 28.05 0.74 -94.15
C GLY HA 310 28.57 1.79 -95.09
N ILE HA 311 29.79 1.67 -95.58
CA ILE HA 311 30.33 2.61 -96.56
C ILE HA 311 29.65 2.37 -97.90
N ASN HA 312 29.24 3.46 -98.56
CA ASN HA 312 28.49 3.35 -99.81
C ASN HA 312 29.21 2.47 -100.83
N SER HA 313 30.50 2.69 -101.02
CA SER HA 313 31.21 1.99 -102.08
C SER HA 313 31.27 0.50 -101.82
N VAL HA 314 31.54 0.10 -100.57
CA VAL HA 314 31.68 -1.31 -100.25
C VAL HA 314 30.41 -1.93 -99.70
N HIS HA 315 29.35 -1.15 -99.51
CA HIS HA 315 28.13 -1.73 -98.97
C HIS HA 315 27.40 -2.59 -99.99
N THR HA 316 27.65 -2.38 -101.29
CA THR HA 316 26.98 -3.21 -102.29
C THR HA 316 27.33 -4.68 -102.10
N ASN HA 317 28.61 -4.99 -102.07
CA ASN HA 317 29.07 -6.36 -101.92
C ASN HA 317 29.34 -6.80 -100.48
N LEU HA 318 29.34 -5.88 -99.52
CA LEU HA 318 29.32 -6.26 -98.11
C LEU HA 318 27.95 -6.23 -97.48
N ASN HA 319 26.91 -5.95 -98.25
CA ASN HA 319 25.56 -6.03 -97.73
C ASN HA 319 25.31 -7.42 -97.18
N PRO HA 320 24.73 -7.55 -95.98
CA PRO HA 320 24.48 -8.89 -95.44
C PRO HA 320 23.51 -9.67 -96.32
N ALA HA 321 23.84 -10.94 -96.56
CA ALA HA 321 22.91 -11.78 -97.27
C ALA HA 321 21.74 -12.20 -96.41
N ASN HA 322 21.81 -11.97 -95.10
CA ASN HA 322 20.71 -12.28 -94.22
C ASN HA 322 19.74 -11.12 -94.06
N ASP HA 323 19.93 -10.04 -94.82
CA ASP HA 323 18.84 -9.08 -94.97
C ASP HA 323 17.56 -9.79 -95.39
N SER HA 324 17.67 -10.69 -96.37
CA SER HA 324 16.52 -11.44 -96.84
C SER HA 324 15.84 -12.17 -95.71
N LEU HA 325 16.54 -12.38 -94.61
CA LEU HA 325 15.94 -13.05 -93.47
C LEU HA 325 14.94 -12.14 -92.77
N TRP HA 326 15.36 -10.94 -92.38
CA TRP HA 326 14.47 -9.96 -91.76
C TRP HA 326 13.97 -8.85 -92.69
N ILE HA 327 14.42 -8.75 -93.93
CA ILE HA 327 13.91 -7.67 -94.79
C ILE HA 327 13.13 -8.21 -95.97
N GLN HA 328 11.83 -7.89 -96.05
CA GLN HA 328 10.94 -8.76 -96.80
C GLN HA 328 10.03 -8.23 -97.90
N SER HA 329 10.15 -6.95 -98.25
CA SER HA 329 9.30 -6.30 -99.27
C SER HA 329 7.81 -6.20 -98.89
N TYR HA 330 6.92 -6.11 -99.88
CA TYR HA 330 5.48 -5.97 -99.62
C TYR HA 330 4.68 -7.17 -100.09
N GLY HA 331 3.67 -7.58 -99.34
CA GLY HA 331 3.07 -8.85 -99.63
C GLY HA 331 2.15 -8.94 -100.82
N SER HA 332 1.11 -8.11 -100.83
CA SER HA 332 0.03 -8.28 -101.79
C SER HA 332 -0.43 -6.93 -102.27
N LEU HA 333 -0.66 -6.84 -103.57
CA LEU HA 333 -0.94 -5.57 -104.22
C LEU HA 333 -2.43 -5.44 -104.48
N VAL HA 334 -2.93 -4.21 -104.41
CA VAL HA 334 -4.24 -3.97 -104.96
C VAL HA 334 -4.14 -4.20 -106.46
N SER HA 335 -5.28 -4.51 -107.08
CA SER HA 335 -5.28 -4.86 -108.48
C SER HA 335 -5.49 -3.57 -109.27
N ILE HA 336 -4.46 -3.16 -110.00
CA ILE HA 336 -4.42 -1.88 -110.69
C ILE HA 336 -4.16 -2.15 -112.15
N THR HA 337 -5.13 -1.84 -113.01
CA THR HA 337 -4.86 -1.71 -114.42
C THR HA 337 -4.89 -0.23 -114.75
N GLU HA 338 -3.95 0.21 -115.59
CA GLU HA 338 -3.73 1.63 -115.85
C GLU HA 338 -3.55 2.30 -114.49
N SER HA 339 -4.21 3.42 -114.22
CA SER HA 339 -4.20 4.06 -112.92
C SER HA 339 -5.39 3.65 -112.06
N LYS HA 340 -6.21 2.72 -112.52
CA LYS HA 340 -7.54 2.51 -111.98
C LYS HA 340 -7.60 1.21 -111.19
N ILE HA 341 -8.21 1.26 -110.01
CA ILE HA 341 -8.32 0.08 -109.16
C ILE HA 341 -9.37 -0.86 -109.74
N ASN HA 342 -9.00 -2.13 -109.91
CA ASN HA 342 -9.94 -3.11 -110.42
C ASN HA 342 -10.90 -3.58 -109.35
N ASN HA 343 -10.38 -3.85 -108.16
CA ASN HA 343 -11.17 -4.37 -107.06
C ASN HA 343 -10.43 -4.06 -105.77
N ILE HA 344 -11.16 -4.14 -104.66
CA ILE HA 344 -10.54 -4.03 -103.35
C ILE HA 344 -10.92 -5.26 -102.54
N GLN HA 345 -9.93 -5.90 -101.96
CA GLN HA 345 -10.11 -7.05 -101.08
C GLN HA 345 -9.96 -6.57 -99.66
N PHE HA 346 -10.75 -7.13 -98.75
CA PHE HA 346 -10.67 -6.70 -97.36
C PHE HA 346 -10.10 -7.75 -96.42
N GLY HA 347 -10.78 -8.88 -96.25
CA GLY HA 347 -10.27 -9.93 -95.39
C GLY HA 347 -9.79 -9.57 -94.00
N PRO HA 348 -10.74 -9.36 -93.08
CA PRO HA 348 -10.55 -8.98 -91.69
C PRO HA 348 -10.03 -10.10 -90.83
N THR HA 349 -9.61 -9.81 -89.61
CA THR HA 349 -9.19 -10.88 -88.73
C THR HA 349 -10.55 -11.37 -88.32
N CYS HA 350 -10.98 -12.50 -88.86
CA CYS HA 350 -12.31 -12.94 -88.55
C CYS HA 350 -12.38 -13.53 -87.18
N PRO HA 351 -13.49 -13.25 -86.48
CA PRO HA 351 -13.69 -13.68 -85.09
C PRO HA 351 -13.87 -15.16 -84.92
N ARG HA 352 -14.20 -15.89 -85.98
CA ARG HA 352 -14.42 -17.32 -85.84
C ARG HA 352 -13.16 -18.15 -86.06
N VAL HA 353 -12.05 -17.54 -86.47
CA VAL HA 353 -10.76 -18.19 -86.36
C VAL HA 353 -10.42 -18.37 -84.89
N ASP HA 354 -9.78 -19.48 -84.56
CA ASP HA 354 -9.37 -19.76 -83.19
C ASP HA 354 -8.56 -18.59 -82.66
N ALA HA 355 -8.89 -18.15 -81.45
CA ALA HA 355 -8.18 -17.02 -80.85
C ALA HA 355 -6.70 -17.29 -80.71
N ARG HA 356 -6.29 -18.56 -80.70
CA ARG HA 356 -4.88 -18.87 -80.63
C ARG HA 356 -4.17 -18.56 -81.94
N ASN HA 357 -4.90 -18.58 -83.04
CA ASN HA 357 -4.32 -18.16 -84.32
C ASN HA 357 -4.27 -16.66 -84.47
N LYS HA 358 -5.17 -15.93 -83.84
CA LYS HA 358 -5.36 -14.51 -84.14
C LYS HA 358 -4.38 -13.61 -83.43
N GLY HA 359 -3.42 -14.16 -82.71
CA GLY HA 359 -2.57 -13.37 -81.85
C GLY HA 359 -1.57 -12.47 -82.55
N GLY HA 360 -0.58 -11.99 -81.81
CA GLY HA 360 0.18 -10.83 -82.21
C GLY HA 360 1.05 -10.86 -83.45
N LYS HA 361 1.98 -11.79 -83.51
CA LYS HA 361 3.08 -11.71 -84.47
C LYS HA 361 2.65 -12.18 -85.85
N MET HA 362 2.85 -11.34 -86.86
CA MET HA 362 2.36 -11.64 -88.20
C MET HA 362 3.33 -12.42 -89.06
N SER HA 363 4.49 -12.80 -88.56
CA SER HA 363 5.39 -13.58 -89.39
C SER HA 363 6.16 -14.55 -88.53
N MET HA 364 6.66 -15.58 -89.18
CA MET HA 364 7.49 -16.57 -88.53
C MET HA 364 8.65 -16.84 -89.48
N LEU HA 365 9.76 -17.26 -88.91
CA LEU HA 365 10.96 -17.51 -89.69
C LEU HA 365 11.04 -19.03 -89.87
N PHE HA 366 10.61 -19.47 -91.04
CA PHE HA 366 10.42 -20.87 -91.35
C PHE HA 366 11.10 -21.28 -92.63
N ASP HA 367 11.73 -22.46 -92.62
CA ASP HA 367 12.47 -22.95 -93.77
C ASP HA 367 11.65 -23.42 -94.96
N HIS HA 368 12.31 -23.45 -96.11
CA HIS HA 368 11.67 -23.94 -97.32
C HIS HA 368 12.58 -24.99 -97.95
N HIS HA 369 12.00 -26.11 -98.35
CA HIS HA 369 12.79 -27.17 -98.97
C HIS HA 369 12.59 -27.21 -100.49
N GLU IA 36 23.44 64.32 -38.21
CA GLU IA 36 22.08 64.70 -37.86
C GLU IA 36 21.55 65.70 -38.88
N GLY IA 37 20.24 65.76 -39.04
CA GLY IA 37 19.65 66.66 -40.01
C GLY IA 37 19.57 66.05 -41.39
N ASP IA 38 19.11 66.86 -42.34
CA ASP IA 38 18.99 66.41 -43.71
C ASP IA 38 20.28 66.57 -44.50
N GLY IA 39 21.35 67.04 -43.86
CA GLY IA 39 22.63 67.21 -44.51
C GLY IA 39 23.01 68.64 -44.77
N SER IA 40 22.03 69.55 -44.69
CA SER IA 40 22.22 70.95 -44.98
C SER IA 40 23.21 71.67 -44.09
N ALA IA 41 23.67 71.02 -43.05
CA ALA IA 41 24.62 71.60 -42.11
C ALA IA 41 26.03 71.70 -42.67
N PRO IA 42 26.89 72.49 -42.05
CA PRO IA 42 28.24 72.58 -42.59
C PRO IA 42 29.02 71.27 -42.63
N GLY IA 43 28.91 70.38 -41.65
CA GLY IA 43 29.69 69.15 -41.68
C GLY IA 43 28.90 67.85 -41.76
N GLY IA 44 29.54 66.77 -42.21
CA GLY IA 44 28.85 65.50 -42.32
C GLY IA 44 28.46 65.11 -43.73
N SER IA 45 27.23 64.67 -43.93
CA SER IA 45 26.74 64.26 -45.24
C SER IA 45 26.27 65.40 -46.14
N VAL IA 46 26.33 65.21 -47.44
CA VAL IA 46 25.96 66.20 -48.45
C VAL IA 46 24.47 66.28 -48.67
N TRP IA 47 23.92 67.49 -48.60
CA TRP IA 47 22.52 67.65 -48.87
C TRP IA 47 22.43 67.48 -50.37
N GLN IA 48 21.56 66.61 -50.84
CA GLN IA 48 21.47 66.40 -52.26
C GLN IA 48 20.03 66.50 -52.72
N THR IA 49 19.88 66.93 -53.98
CA THR IA 49 18.59 67.25 -54.56
C THR IA 49 17.78 65.99 -54.86
N THR IA 50 16.48 66.19 -55.04
CA THR IA 50 15.56 65.08 -55.28
C THR IA 50 15.89 64.34 -56.57
N ASP IA 51 15.45 63.09 -56.63
CA ASP IA 51 15.73 62.20 -57.74
C ASP IA 51 14.79 62.48 -58.90
N TYR IA 52 15.35 62.75 -60.08
CA TYR IA 52 14.56 62.91 -61.28
C TYR IA 52 14.37 61.63 -62.08
N ILE IA 53 15.04 60.53 -61.73
CA ILE IA 53 14.87 59.31 -62.50
C ILE IA 53 13.51 58.69 -62.22
N ALA IA 54 13.14 58.58 -60.94
CA ALA IA 54 12.00 57.77 -60.55
C ALA IA 54 10.76 58.07 -61.38
N LEU IA 55 10.51 59.35 -61.66
CA LEU IA 55 9.34 59.69 -62.46
C LEU IA 55 9.55 59.52 -63.95
N SER IA 56 10.79 59.50 -64.42
CA SER IA 56 11.00 59.25 -65.83
C SER IA 56 10.92 57.77 -66.18
N MET IA 57 11.12 56.89 -65.20
CA MET IA 57 11.06 55.46 -65.44
C MET IA 57 9.70 54.85 -65.21
N VAL IA 58 8.74 55.59 -64.65
CA VAL IA 58 7.45 54.98 -64.35
C VAL IA 58 6.76 54.63 -65.66
N VAL IA 59 6.32 53.38 -65.77
CA VAL IA 59 5.69 52.86 -66.96
C VAL IA 59 4.18 52.92 -66.77
N TYR IA 60 3.51 53.64 -67.65
CA TYR IA 60 2.06 53.72 -67.63
C TYR IA 60 1.53 52.80 -68.72
N ARG IA 61 0.37 52.22 -68.46
CA ARG IA 61 -0.10 51.10 -69.25
C ARG IA 61 -1.55 51.36 -69.67
N THR IA 62 -1.77 51.44 -70.98
CA THR IA 62 -3.11 51.68 -71.51
C THR IA 62 -3.48 50.62 -72.54
N ALA IA 63 -4.62 50.77 -73.19
CA ALA IA 63 -5.04 49.83 -74.21
C ALA IA 63 -6.00 50.52 -75.16
N ILE IA 64 -6.17 49.92 -76.33
CA ILE IA 64 -7.13 50.37 -77.33
C ILE IA 64 -7.99 49.18 -77.70
N LYS IA 65 -9.28 49.26 -77.41
CA LYS IA 65 -10.24 48.20 -77.68
C LYS IA 65 -11.23 48.69 -78.71
N LEU IA 66 -11.50 47.85 -79.72
CA LEU IA 66 -12.40 48.21 -80.81
C LEU IA 66 -13.23 47.00 -81.19
N ARG IA 67 -14.50 47.22 -81.51
CA ARG IA 67 -15.38 46.17 -82.00
C ARG IA 67 -15.80 46.45 -83.42
N ASN IA 68 -16.11 45.36 -84.11
CA ASN IA 68 -16.40 45.40 -85.52
C ASN IA 68 -17.30 44.22 -85.83
N PHE IA 69 -18.11 44.34 -86.87
CA PHE IA 69 -18.83 43.22 -87.43
C PHE IA 69 -18.20 42.84 -88.75
N VAL IA 70 -17.89 41.55 -88.91
CA VAL IA 70 -17.24 41.06 -90.11
C VAL IA 70 -18.26 40.24 -90.89
N ASN IA 71 -18.37 40.51 -92.19
CA ASN IA 71 -19.22 39.77 -93.09
C ASN IA 71 -18.34 39.18 -94.17
N ILE IA 72 -18.23 37.86 -94.22
CA ILE IA 72 -17.41 37.15 -95.19
C ILE IA 72 -18.35 36.46 -96.17
N ARG IA 73 -18.36 36.93 -97.41
CA ARG IA 73 -19.26 36.39 -98.41
C ARG IA 73 -18.51 35.94 -99.64
N GLY IA 74 -19.08 34.98 -100.36
CA GLY IA 74 -18.56 34.57 -101.64
C GLY IA 74 -17.14 34.04 -101.59
N LEU IA 75 -16.79 33.33 -100.52
CA LEU IA 75 -15.45 32.82 -100.31
C LEU IA 75 -15.46 31.34 -100.68
N THR IA 76 -14.81 30.99 -101.77
CA THR IA 76 -14.77 29.61 -102.21
C THR IA 76 -13.77 28.82 -101.36
N PRO IA 77 -13.84 27.49 -101.38
CA PRO IA 77 -12.97 26.71 -100.49
C PRO IA 77 -11.50 26.84 -100.78
N THR IA 78 -11.12 27.22 -102.00
CA THR IA 78 -9.70 27.43 -102.29
C THR IA 78 -9.20 28.74 -101.71
N GLU IA 79 -9.95 29.81 -101.91
CA GLU IA 79 -9.59 31.12 -101.39
C GLU IA 79 -9.85 31.20 -99.90
N MET IA 80 -9.18 32.15 -99.25
CA MET IA 80 -9.06 32.18 -97.81
C MET IA 80 -8.91 33.61 -97.33
N ILE IA 81 -9.52 33.92 -96.19
CA ILE IA 81 -9.43 35.25 -95.60
C ILE IA 81 -8.16 35.34 -94.76
N VAL IA 82 -7.37 36.36 -95.03
CA VAL IA 82 -6.16 36.63 -94.28
C VAL IA 82 -6.49 37.57 -93.13
N ILE IA 83 -6.20 37.15 -91.91
CA ILE IA 83 -6.48 38.00 -90.76
C ILE IA 83 -5.29 38.94 -90.66
N PRO IA 84 -5.42 40.20 -90.92
CA PRO IA 84 -4.28 41.12 -90.81
C PRO IA 84 -3.95 41.41 -89.36
N TRP IA 85 -3.77 40.35 -88.57
CA TRP IA 85 -3.72 40.53 -87.13
C TRP IA 85 -2.32 40.79 -86.65
N ASN IA 86 -1.33 40.68 -87.51
CA ASN IA 86 0.05 40.99 -87.18
C ASN IA 86 0.47 42.38 -87.61
N VAL IA 87 -0.42 43.17 -88.18
CA VAL IA 87 -0.12 44.55 -88.54
C VAL IA 87 -0.63 45.45 -87.43
N MET IA 88 0.19 46.43 -87.05
CA MET IA 88 -0.12 47.27 -85.90
C MET IA 88 -1.38 48.07 -86.15
N ARG IA 89 -1.59 48.53 -87.37
CA ARG IA 89 -2.74 49.37 -87.71
C ARG IA 89 -4.07 48.65 -87.55
N PHE IA 90 -4.05 47.32 -87.49
CA PHE IA 90 -5.28 46.56 -87.32
C PHE IA 90 -5.95 46.85 -86.00
N TYR IA 91 -5.16 46.91 -84.92
CA TYR IA 91 -5.72 47.03 -83.59
C TYR IA 91 -6.08 48.45 -83.20
N CYS IA 92 -5.18 49.40 -83.48
CA CYS IA 92 -5.29 50.75 -82.98
C CYS IA 92 -5.87 51.74 -83.99
N GLU IA 93 -6.18 51.31 -85.19
CA GLU IA 93 -6.87 52.15 -86.16
C GLU IA 93 -8.07 51.39 -86.69
N TYR IA 94 -9.19 52.07 -86.81
CA TYR IA 94 -10.46 51.39 -87.04
C TYR IA 94 -10.78 51.55 -88.52
N ASN IA 95 -10.61 50.48 -89.28
CA ASN IA 95 -10.86 50.56 -90.70
C ASN IA 95 -12.06 49.67 -90.97
N THR IA 96 -13.21 50.30 -91.16
CA THR IA 96 -14.44 49.61 -91.49
C THR IA 96 -15.25 50.49 -92.40
N GLY IA 97 -15.73 49.96 -93.52
CA GLY IA 97 -16.69 50.69 -94.31
C GLY IA 97 -16.20 52.08 -94.69
N THR IA 98 -17.00 53.09 -94.34
CA THR IA 98 -16.70 54.47 -94.67
C THR IA 98 -15.63 55.08 -93.77
N TYR IA 99 -15.39 54.52 -92.58
CA TYR IA 99 -14.43 55.11 -91.66
C TYR IA 99 -13.06 55.25 -92.30
N GLY IA 100 -12.51 54.15 -92.82
CA GLY IA 100 -11.18 54.20 -93.42
C GLY IA 100 -11.05 55.21 -94.54
N LEU IA 101 -12.15 55.58 -95.17
CA LEU IA 101 -12.11 56.62 -96.18
C LEU IA 101 -11.97 57.99 -95.55
N SER IA 102 -12.62 58.20 -94.40
CA SER IA 102 -12.49 59.45 -93.67
C SER IA 102 -11.12 59.52 -93.00
N GLY IA 103 -10.72 60.74 -92.66
CA GLY IA 103 -9.38 60.97 -92.18
C GLY IA 103 -9.20 60.76 -90.68
N ASN IA 104 -7.99 60.38 -90.31
CA ASN IA 104 -7.54 60.26 -88.92
C ASN IA 104 -8.53 59.41 -88.10
N VAL IA 105 -8.54 58.11 -88.42
CA VAL IA 105 -9.40 57.18 -87.74
C VAL IA 105 -8.68 56.48 -86.59
N HIS IA 106 -7.45 56.88 -86.30
CA HIS IA 106 -6.74 56.35 -85.15
C HIS IA 106 -7.53 56.62 -83.87
N HIS IA 107 -7.43 55.69 -82.94
CA HIS IA 107 -8.04 55.88 -81.63
C HIS IA 107 -7.29 56.97 -80.88
N LYS IA 108 -8.03 57.73 -80.07
CA LYS IA 108 -7.42 58.91 -79.45
C LYS IA 108 -6.43 58.55 -78.36
N ASN IA 109 -6.52 57.36 -77.76
CA ASN IA 109 -5.45 56.92 -76.88
C ASN IA 109 -4.14 56.78 -77.63
N TYR IA 110 -4.21 56.44 -78.91
CA TYR IA 110 -2.97 56.32 -79.64
C TYR IA 110 -2.41 57.67 -80.05
N SER IA 111 -3.28 58.63 -80.35
CA SER IA 111 -2.81 59.95 -80.74
C SER IA 111 -1.98 60.58 -79.63
N MET IA 112 -2.32 60.31 -78.38
CA MET IA 112 -1.52 60.84 -77.29
C MET IA 112 -0.30 59.99 -76.97
N LEU IA 113 -0.28 58.72 -77.36
CA LEU IA 113 0.96 57.95 -77.21
C LEU IA 113 2.10 58.61 -77.97
N LEU IA 114 1.78 59.44 -78.93
CA LEU IA 114 2.77 60.27 -79.60
C LEU IA 114 3.08 61.54 -78.82
N ALA IA 115 2.27 61.88 -77.83
CA ALA IA 115 2.58 63.00 -76.96
C ALA IA 115 3.59 62.64 -75.88
N CYS IA 116 3.46 61.45 -75.31
CA CYS IA 116 4.48 60.96 -74.39
C CYS IA 116 5.72 60.55 -75.17
N LYS IA 117 6.86 60.47 -74.49
CA LYS IA 117 8.09 60.33 -75.24
C LYS IA 117 8.33 58.90 -75.73
N ALA IA 118 7.77 57.91 -75.06
CA ALA IA 118 8.00 56.52 -75.43
C ALA IA 118 6.71 55.76 -75.24
N HIS IA 119 6.44 54.84 -76.18
CA HIS IA 119 5.35 53.91 -76.02
C HIS IA 119 5.80 52.56 -76.55
N ARG IA 120 5.20 51.51 -76.00
CA ARG IA 120 5.54 50.18 -76.44
C ARG IA 120 4.28 49.33 -76.54
N PRO IA 121 4.15 48.53 -77.59
CA PRO IA 121 2.88 47.85 -77.86
C PRO IA 121 2.51 46.69 -76.94
N THR IA 122 3.47 46.02 -76.30
CA THR IA 122 3.21 44.88 -75.42
C THR IA 122 2.19 43.91 -76.01
N LYS IA 123 1.21 43.49 -75.23
CA LYS IA 123 0.30 42.44 -75.67
C LYS IA 123 -0.64 42.94 -76.76
N VAL IA 124 -1.07 42.03 -77.63
CA VAL IA 124 -1.98 42.34 -78.70
C VAL IA 124 -2.84 41.10 -78.96
N GLY IA 125 -4.10 41.31 -79.31
CA GLY IA 125 -4.98 40.16 -79.49
C GLY IA 125 -6.32 40.57 -80.07
N TYR IA 126 -7.13 39.55 -80.37
CA TYR IA 126 -8.44 39.79 -80.93
C TYR IA 126 -9.35 38.62 -80.63
N THR IA 127 -10.65 38.86 -80.80
CA THR IA 127 -11.67 37.87 -80.50
C THR IA 127 -12.67 37.79 -81.64
N LEU IA 128 -12.97 36.57 -82.08
CA LEU IA 128 -14.07 36.28 -82.99
C LEU IA 128 -15.22 35.70 -82.18
N SER IA 129 -16.42 36.23 -82.39
CA SER IA 129 -17.53 35.89 -81.51
C SER IA 129 -18.84 35.86 -82.27
N ASN IA 130 -19.76 35.03 -81.77
CA ASN IA 130 -21.15 34.97 -82.25
C ASN IA 130 -21.21 34.85 -83.77
N LEU IA 131 -20.80 33.68 -84.21
CA LEU IA 131 -20.76 33.38 -85.63
C LEU IA 131 -22.17 33.16 -86.16
N ILE IA 132 -22.45 33.75 -87.31
CA ILE IA 132 -23.70 33.54 -88.03
C ILE IA 132 -23.34 33.14 -89.44
N LEU IA 133 -23.71 31.92 -89.81
CA LEU IA 133 -23.57 31.43 -91.18
C LEU IA 133 -24.88 31.60 -91.92
N THR IA 134 -24.78 32.05 -93.17
CA THR IA 134 -25.92 32.17 -94.05
C THR IA 134 -25.57 31.48 -95.35
N SER IA 135 -26.60 31.22 -96.16
CA SER IA 135 -26.44 30.48 -97.40
C SER IA 135 -27.08 31.22 -98.55
N ASP IA 136 -26.36 31.33 -99.66
CA ASP IA 136 -26.90 31.84 -100.91
C ASP IA 136 -27.51 30.74 -101.76
N GLU IA 137 -27.58 29.53 -101.23
CA GLU IA 137 -28.05 28.39 -102.03
C GLU IA 137 -29.44 28.63 -102.59
N LEU IA 138 -30.32 29.26 -101.82
CA LEU IA 138 -31.65 29.57 -102.34
C LEU IA 138 -31.64 30.75 -103.28
N VAL IA 139 -30.55 31.52 -103.31
CA VAL IA 139 -30.45 32.68 -104.18
C VAL IA 139 -30.16 32.23 -105.59
N SER IA 140 -30.81 32.88 -106.55
CA SER IA 140 -30.58 32.66 -107.97
C SER IA 140 -30.69 34.00 -108.69
N THR IA 141 -30.20 34.04 -109.93
CA THR IA 141 -30.25 35.28 -110.69
C THR IA 141 -31.69 35.75 -110.92
N GLY IA 142 -32.64 34.81 -110.91
CA GLY IA 142 -34.04 35.22 -110.98
C GLY IA 142 -34.50 35.93 -109.73
N GLY IA 143 -33.86 35.64 -108.58
CA GLY IA 143 -34.16 36.36 -107.37
C GLY IA 143 -35.35 35.79 -106.63
N THR IA 144 -36.08 36.69 -105.95
CA THR IA 144 -37.29 36.42 -105.19
C THR IA 144 -37.00 35.62 -103.92
N LEU IA 145 -35.80 35.08 -103.79
CA LEU IA 145 -35.36 34.42 -102.57
C LEU IA 145 -33.96 34.90 -102.25
N GLY IA 146 -33.78 35.42 -101.03
CA GLY IA 146 -32.50 35.92 -100.58
C GLY IA 146 -31.78 34.90 -99.71
N THR IA 147 -30.59 35.31 -99.28
CA THR IA 147 -29.81 34.43 -98.42
C THR IA 147 -30.49 34.31 -97.06
N THR IA 148 -30.22 33.19 -96.39
CA THR IA 148 -30.76 33.02 -95.06
C THR IA 148 -29.84 32.08 -94.30
N THR IA 149 -29.93 32.12 -92.98
CA THR IA 149 -29.09 31.30 -92.13
C THR IA 149 -29.24 29.82 -92.50
N THR IA 150 -28.15 29.08 -92.33
CA THR IA 150 -28.14 27.68 -92.71
C THR IA 150 -29.25 26.91 -92.00
N PHE IA 151 -29.81 25.93 -92.72
CA PHE IA 151 -30.96 25.18 -92.20
C PHE IA 151 -30.62 24.50 -90.88
N ASN IA 152 -29.41 23.99 -90.74
CA ASN IA 152 -28.94 23.44 -89.49
C ASN IA 152 -27.57 24.00 -89.18
N THR IA 153 -27.12 23.78 -87.95
CA THR IA 153 -25.89 24.37 -87.45
C THR IA 153 -24.65 23.54 -87.74
N SER IA 154 -24.80 22.45 -88.49
CA SER IA 154 -23.64 21.64 -88.85
C SER IA 154 -22.55 22.38 -89.62
N PRO IA 155 -22.84 23.33 -90.52
CA PRO IA 155 -21.75 24.02 -91.22
C PRO IA 155 -20.90 24.82 -90.26
N TYR IA 156 -19.70 25.16 -90.71
CA TYR IA 156 -18.72 25.82 -89.86
C TYR IA 156 -17.79 26.67 -90.71
N MET IA 157 -17.14 27.61 -90.05
CA MET IA 157 -16.08 28.39 -90.65
C MET IA 157 -14.77 27.99 -90.01
N ILE IA 158 -13.75 27.76 -90.83
CA ILE IA 158 -12.50 27.20 -90.36
C ILE IA 158 -11.58 28.36 -90.01
N HIS IA 159 -11.12 28.41 -88.77
CA HIS IA 159 -10.10 29.37 -88.37
C HIS IA 159 -8.76 28.66 -88.34
N SER IA 160 -7.86 29.06 -89.22
CA SER IA 160 -6.59 28.38 -89.40
C SER IA 160 -5.47 29.24 -88.86
N ILE IA 161 -4.59 28.64 -88.07
CA ILE IA 161 -3.37 29.28 -87.59
C ILE IA 161 -2.22 28.52 -88.22
N ASP IA 162 -1.39 29.21 -88.99
CA ASP IA 162 -0.32 28.49 -89.68
C ASP IA 162 0.91 28.58 -88.78
N ASP IA 163 1.22 27.48 -88.12
CA ASP IA 163 2.36 27.41 -87.22
C ASP IA 163 3.64 27.09 -87.98
N GLN IA 164 3.55 26.18 -88.93
CA GLN IA 164 4.70 25.73 -89.69
C GLN IA 164 5.06 26.68 -90.82
N GLN IA 165 4.28 27.76 -90.97
CA GLN IA 165 4.49 28.74 -92.02
C GLN IA 165 4.46 28.10 -93.39
N CYS IA 166 3.37 27.38 -93.67
CA CYS IA 166 3.11 26.94 -95.03
C CYS IA 166 3.13 28.12 -95.98
N LEU IA 167 2.54 29.24 -95.55
CA LEU IA 167 2.51 30.47 -96.33
C LEU IA 167 3.39 31.49 -95.63
N SER IA 168 4.53 31.80 -96.23
CA SER IA 168 5.42 32.82 -95.69
C SER IA 168 4.90 34.20 -96.00
N LYS IA 169 4.49 34.42 -97.23
CA LYS IA 169 4.09 35.72 -97.73
C LYS IA 169 2.82 35.52 -98.54
N VAL IA 170 1.83 36.35 -98.28
CA VAL IA 170 0.48 36.14 -98.79
C VAL IA 170 0.10 37.33 -99.68
N TYR IA 171 -0.43 37.03 -100.85
CA TYR IA 171 -0.80 38.04 -101.83
C TYR IA 171 -2.31 38.03 -102.05
N PRO IA 172 -2.88 39.16 -102.45
CA PRO IA 172 -4.30 39.16 -102.82
C PRO IA 172 -4.55 38.34 -104.08
N LYS IA 173 -5.82 38.00 -104.28
CA LYS IA 173 -6.20 37.29 -105.49
C LYS IA 173 -5.96 38.16 -106.72
N THR IA 174 -5.83 37.50 -107.87
CA THR IA 174 -5.46 38.19 -109.10
C THR IA 174 -6.32 39.40 -109.37
N ASP IA 175 -7.64 39.24 -109.27
CA ASP IA 175 -8.53 40.35 -109.59
C ASP IA 175 -8.63 41.35 -108.44
N THR IA 176 -8.66 40.86 -107.21
CA THR IA 176 -8.95 41.73 -106.08
C THR IA 176 -7.70 42.48 -105.63
N VAL IA 177 -7.87 43.33 -104.62
CA VAL IA 177 -6.78 44.07 -104.01
C VAL IA 177 -7.17 44.32 -102.56
N TRP IA 178 -6.16 44.56 -101.73
CA TRP IA 178 -6.39 44.72 -100.31
C TRP IA 178 -6.28 46.19 -99.93
N PRO IA 179 -7.37 46.89 -99.67
CA PRO IA 179 -7.27 48.25 -99.16
C PRO IA 179 -6.88 48.25 -97.69
N VAL IA 180 -6.13 49.27 -97.30
CA VAL IA 180 -5.85 49.37 -95.88
C VAL IA 180 -7.05 49.97 -95.16
N SER IA 181 -7.85 50.78 -95.87
CA SER IA 181 -9.05 51.35 -95.29
C SER IA 181 -10.09 50.28 -94.97
N SER IA 182 -9.97 49.11 -95.58
CA SER IA 182 -10.89 48.00 -95.38
C SER IA 182 -10.40 47.01 -94.34
N MET IA 183 -9.30 47.30 -93.64
CA MET IA 183 -8.54 46.29 -92.93
C MET IA 183 -9.39 45.52 -91.92
N ARG IA 184 -10.15 46.22 -91.08
CA ARG IA 184 -10.74 45.53 -89.94
C ARG IA 184 -11.98 44.72 -90.29
N GLU IA 185 -12.73 45.06 -91.33
CA GLU IA 185 -13.71 44.09 -91.81
C GLU IA 185 -12.96 43.20 -92.76
N LEU IA 186 -13.06 41.89 -92.58
CA LEU IA 186 -12.03 41.05 -93.14
C LEU IA 186 -12.51 40.69 -94.53
N ASP IA 187 -12.00 41.43 -95.51
CA ASP IA 187 -12.20 41.14 -96.92
C ASP IA 187 -10.98 40.56 -97.61
N TYR IA 188 -9.86 40.41 -96.92
CA TYR IA 188 -8.63 40.11 -97.65
C TYR IA 188 -8.65 38.65 -98.03
N VAL IA 189 -8.67 38.38 -99.32
CA VAL IA 189 -8.84 37.03 -99.84
C VAL IA 189 -7.55 36.63 -100.55
N ALA IA 190 -6.93 35.58 -100.06
CA ALA IA 190 -5.80 34.96 -100.71
C ALA IA 190 -6.26 33.67 -101.35
N SER IA 191 -5.67 33.33 -102.47
CA SER IA 191 -5.90 32.04 -103.11
C SER IA 191 -4.60 31.27 -103.01
N THR IA 192 -4.58 30.24 -102.17
CA THR IA 192 -3.38 29.44 -101.98
C THR IA 192 -3.37 28.35 -103.04
N VAL IA 193 -2.34 28.35 -103.88
CA VAL IA 193 -2.31 27.50 -105.06
C VAL IA 193 -0.88 26.96 -105.22
N SER IA 194 -0.78 25.66 -105.44
CA SER IA 194 0.48 25.04 -105.81
C SER IA 194 0.68 25.26 -107.32
N GLY IA 195 1.63 24.56 -107.94
CA GLY IA 195 1.84 24.87 -109.33
C GLY IA 195 0.62 24.62 -110.21
N ASP IA 196 0.14 23.38 -110.25
CA ASP IA 196 -1.15 23.09 -110.86
C ASP IA 196 -2.27 22.90 -109.84
N ASN IA 197 -1.96 22.94 -108.54
CA ASN IA 197 -2.87 22.46 -107.52
C ASN IA 197 -3.44 23.62 -106.73
N ALA IA 198 -4.76 23.63 -106.59
CA ALA IA 198 -5.43 24.56 -105.70
C ALA IA 198 -5.39 23.98 -104.29
N ILE IA 199 -4.78 24.70 -103.36
CA ILE IA 199 -4.64 24.23 -102.00
C ILE IA 199 -5.92 24.56 -101.23
N ILE IA 200 -6.48 23.55 -100.56
CA ILE IA 200 -7.52 23.80 -99.56
C ILE IA 200 -6.81 24.26 -98.31
N PRO IA 201 -7.04 25.49 -97.84
CA PRO IA 201 -6.19 26.05 -96.77
C PRO IA 201 -6.20 25.23 -95.49
N SER IA 202 -7.35 24.70 -95.11
CA SER IA 202 -7.43 23.94 -93.87
C SER IA 202 -6.54 22.71 -93.87
N THR IA 203 -6.16 22.20 -95.04
CA THR IA 203 -5.43 20.95 -95.09
C THR IA 203 -3.95 21.15 -94.79
N ILE IA 204 -3.36 22.25 -95.24
CA ILE IA 204 -1.93 22.48 -95.00
C ILE IA 204 -1.68 23.04 -93.60
N PHE IA 205 -2.56 23.91 -93.11
CA PHE IA 205 -2.28 24.64 -91.88
C PHE IA 205 -2.34 23.73 -90.67
N ASN IA 206 -1.69 24.17 -89.60
CA ASN IA 206 -1.48 23.32 -88.44
C ASN IA 206 -2.70 23.29 -87.54
N LYS IA 207 -2.96 24.39 -86.83
CA LYS IA 207 -4.15 24.50 -86.01
C LYS IA 207 -5.29 24.99 -86.88
N ASN IA 208 -6.33 24.16 -86.99
CA ASN IA 208 -7.54 24.50 -87.71
C ASN IA 208 -8.71 24.27 -86.77
N ARG IA 209 -9.38 25.35 -86.42
CA ARG IA 209 -10.56 25.28 -85.56
C ARG IA 209 -11.80 25.33 -86.43
N TYR IA 210 -12.65 24.33 -86.33
CA TYR IA 210 -13.91 24.36 -87.04
C TYR IA 210 -14.93 24.96 -86.11
N TRP IA 211 -15.35 26.18 -86.42
CA TRP IA 211 -16.09 27.01 -85.48
C TRP IA 211 -17.50 27.19 -86.02
N LYS IA 212 -18.46 26.70 -85.26
CA LYS IA 212 -19.84 26.60 -85.70
C LYS IA 212 -20.68 27.69 -85.05
N GLN IA 213 -21.96 27.67 -85.37
CA GLN IA 213 -22.92 28.59 -84.78
C GLN IA 213 -23.23 28.13 -83.38
N GLY IA 214 -23.01 28.99 -82.40
CA GLY IA 214 -23.21 28.65 -81.01
C GLY IA 214 -21.94 28.34 -80.25
N ASP IA 215 -20.84 28.09 -80.95
CA ASP IA 215 -19.58 27.85 -80.28
C ASP IA 215 -19.13 29.09 -79.54
N ASP IA 216 -18.28 28.87 -78.53
CA ASP IA 216 -17.76 29.97 -77.75
C ASP IA 216 -16.86 30.83 -78.61
N ALA IA 217 -16.67 32.07 -78.16
CA ALA IA 217 -15.84 33.00 -78.91
C ALA IA 217 -14.41 32.48 -79.01
N LEU IA 218 -13.75 32.84 -80.11
CA LEU IA 218 -12.37 32.44 -80.36
C LEU IA 218 -11.45 33.59 -79.97
N HIS IA 219 -10.61 33.35 -78.97
CA HIS IA 219 -9.73 34.38 -78.42
C HIS IA 219 -8.31 34.11 -78.86
N PHE IA 220 -7.66 35.12 -79.43
CA PHE IA 220 -6.28 34.98 -79.88
C PHE IA 220 -5.48 36.14 -79.35
N SER IA 221 -4.30 35.86 -78.82
CA SER IA 221 -3.50 36.87 -78.17
C SER IA 221 -2.04 36.66 -78.53
N HIS IA 222 -1.27 37.73 -78.47
CA HIS IA 222 0.17 37.65 -78.63
C HIS IA 222 0.81 38.59 -77.63
N ASP IA 223 1.75 38.07 -76.84
CA ASP IA 223 2.47 38.87 -75.88
C ASP IA 223 3.78 39.35 -76.50
N LEU IA 224 4.05 40.64 -76.39
CA LEU IA 224 5.32 41.20 -76.81
C LEU IA 224 6.15 41.54 -75.58
N ASP IA 225 7.36 41.02 -75.51
CA ASP IA 225 8.35 41.49 -74.55
C ASP IA 225 9.47 42.14 -75.33
N LEU IA 226 9.54 43.46 -75.27
CA LEU IA 226 10.55 44.25 -75.94
C LEU IA 226 11.50 44.79 -74.91
N GLY IA 227 12.78 44.85 -75.25
CA GLY IA 227 13.67 45.52 -74.34
C GLY IA 227 13.74 47.00 -74.56
N PHE IA 228 12.97 47.54 -75.48
CA PHE IA 228 13.10 48.93 -75.88
C PHE IA 228 11.73 49.51 -76.09
N TRP IA 229 11.69 50.75 -76.56
CA TRP IA 229 10.49 51.55 -76.66
C TRP IA 229 10.46 52.19 -78.03
N PHE IA 230 9.31 52.75 -78.38
CA PHE IA 230 9.16 53.42 -79.67
C PHE IA 230 8.83 54.88 -79.46
N GLY IA 231 9.46 55.74 -80.24
CA GLY IA 231 9.22 57.16 -80.12
C GLY IA 231 8.36 57.76 -81.21
N SER IA 232 8.10 56.99 -82.26
CA SER IA 232 7.37 57.49 -83.42
C SER IA 232 6.09 56.69 -83.61
N ASP IA 233 5.31 57.05 -84.61
CA ASP IA 233 4.11 56.30 -84.91
C ASP IA 233 4.46 55.02 -85.65
N TYR IA 234 3.59 54.02 -85.52
CA TYR IA 234 3.84 52.76 -86.21
C TYR IA 234 3.79 52.95 -87.72
N GLY IA 235 2.78 53.64 -88.22
CA GLY IA 235 2.79 54.00 -89.63
C GLY IA 235 2.77 52.80 -90.55
N ASN IA 236 1.73 51.97 -90.44
CA ASN IA 236 1.57 50.71 -91.16
C ASN IA 236 2.82 49.83 -91.07
N ALA IA 237 3.24 49.62 -89.82
CA ALA IA 237 4.26 48.65 -89.49
C ALA IA 237 3.60 47.41 -88.90
N TYR IA 238 4.20 46.25 -89.16
CA TYR IA 238 3.80 45.06 -88.43
C TYR IA 238 4.07 45.29 -86.95
N VAL IA 239 3.14 44.85 -86.11
CA VAL IA 239 3.43 44.86 -84.67
C VAL IA 239 4.69 44.06 -84.41
N PRO IA 240 5.63 44.56 -83.60
CA PRO IA 240 7.01 44.09 -83.67
C PRO IA 240 7.18 42.59 -83.55
N GLN IA 241 7.99 42.04 -84.45
CA GLN IA 241 8.24 40.62 -84.55
C GLN IA 241 9.69 40.42 -84.93
N ASN IA 242 10.27 39.31 -84.50
CA ASN IA 242 11.60 38.90 -84.92
C ASN IA 242 11.44 37.63 -85.74
N ASN IA 243 11.72 37.71 -87.04
CA ASN IA 243 11.44 36.56 -87.89
C ASN IA 243 12.40 36.51 -89.05
N ASP IA 244 12.23 35.48 -89.86
CA ASP IA 244 12.88 35.42 -91.16
C ASP IA 244 12.42 36.57 -92.05
N SER IA 245 11.16 36.96 -91.93
CA SER IA 245 10.64 38.05 -92.75
C SER IA 245 10.94 39.42 -92.18
N MET IA 246 11.01 39.57 -90.86
CA MET IA 246 11.04 40.92 -90.31
C MET IA 246 11.68 40.93 -88.94
N ASN IA 247 12.13 42.13 -88.53
CA ASN IA 247 12.71 42.35 -87.22
C ASN IA 247 11.98 43.49 -86.51
N ALA IA 248 12.07 43.48 -85.18
CA ALA IA 248 11.23 44.33 -84.35
C ALA IA 248 11.71 45.76 -84.30
N VAL IA 249 13.01 45.99 -84.43
CA VAL IA 249 13.62 47.30 -84.27
C VAL IA 249 13.92 47.88 -85.66
N GLY IA 250 13.57 49.14 -85.86
CA GLY IA 250 13.56 49.69 -87.20
C GLY IA 250 14.70 50.59 -87.61
N THR IA 251 15.51 51.04 -86.67
CA THR IA 251 16.59 51.95 -86.99
C THR IA 251 17.83 51.18 -87.40
N ILE IA 252 18.48 51.65 -88.46
CA ILE IA 252 19.77 51.10 -88.84
C ILE IA 252 20.77 51.49 -87.78
N PRO IA 253 21.40 50.53 -87.11
CA PRO IA 253 22.45 50.87 -86.15
C PRO IA 253 23.65 51.49 -86.84
N THR IA 254 24.35 52.36 -86.11
CA THR IA 254 25.40 53.20 -86.68
C THR IA 254 26.68 53.03 -85.88
N SER IA 255 27.77 53.52 -86.46
CA SER IA 255 29.11 53.04 -86.14
C SER IA 255 29.58 53.48 -84.76
N LYS IA 256 30.46 52.65 -84.18
CA LYS IA 256 31.32 53.02 -83.05
C LYS IA 256 30.52 53.34 -81.79
N HIS IA 257 29.46 52.57 -81.57
CA HIS IA 257 28.73 52.62 -80.30
C HIS IA 257 27.75 51.46 -80.27
N ILE IA 258 26.98 51.39 -79.20
CA ILE IA 258 26.10 50.26 -78.92
C ILE IA 258 24.69 50.63 -79.36
N ASN IA 259 23.98 49.65 -79.93
CA ASN IA 259 22.67 49.87 -80.49
C ASN IA 259 21.76 48.72 -80.07
N VAL IA 260 20.48 49.02 -79.91
CA VAL IA 260 19.53 47.97 -79.57
C VAL IA 260 19.25 47.15 -80.82
N ARG IA 261 19.36 45.84 -80.69
CA ARG IA 261 19.30 44.91 -81.81
C ARG IA 261 18.26 43.85 -81.50
N GLY IA 262 17.44 43.52 -82.49
CA GLY IA 262 16.49 42.45 -82.31
C GLY IA 262 17.15 41.11 -82.12
N VAL IA 263 16.50 40.23 -81.36
CA VAL IA 263 17.05 38.93 -81.05
C VAL IA 263 15.89 38.00 -80.73
N ASN IA 264 16.10 36.70 -80.89
CA ASN IA 264 15.32 35.59 -80.31
C ASN IA 264 14.07 35.08 -81.03
N ASN IA 265 13.63 35.63 -82.16
CA ASN IA 265 12.50 35.03 -82.87
C ASN IA 265 11.24 34.95 -82.00
N ARG IA 266 10.62 36.11 -81.80
CA ARG IA 266 9.22 36.16 -81.41
C ARG IA 266 8.43 36.61 -82.63
N GLY IA 267 7.40 35.87 -82.99
CA GLY IA 267 6.61 36.22 -84.15
C GLY IA 267 5.19 35.75 -83.99
N MET IA 268 4.34 36.12 -84.95
CA MET IA 268 2.94 35.74 -84.91
C MET IA 268 2.57 34.78 -86.04
N ALA IA 269 1.71 33.81 -85.71
CA ALA IA 269 1.27 32.82 -86.70
C ALA IA 269 0.24 33.44 -87.64
N GLY IA 270 0.34 33.10 -88.92
CA GLY IA 270 -0.57 33.63 -89.92
C GLY IA 270 -1.98 33.09 -89.79
N HIS IA 271 -2.83 33.82 -89.07
CA HIS IA 271 -4.22 33.42 -88.88
C HIS IA 271 -4.96 33.55 -90.20
N TYR IA 272 -5.96 32.70 -90.41
CA TYR IA 272 -6.72 32.73 -91.65
C TYR IA 272 -8.13 32.22 -91.40
N LEU IA 273 -9.03 32.57 -92.30
CA LEU IA 273 -10.42 32.11 -92.25
C LEU IA 273 -10.79 31.50 -93.59
N SER IA 274 -11.48 30.38 -93.55
CA SER IA 274 -11.86 29.67 -94.76
C SER IA 274 -13.09 28.83 -94.47
N PHE IA 275 -13.73 28.39 -95.52
CA PHE IA 275 -14.87 27.52 -95.36
C PHE IA 275 -14.58 26.15 -95.93
N PRO IA 276 -15.15 25.09 -95.37
CA PRO IA 276 -14.91 23.76 -95.88
C PRO IA 276 -15.51 23.61 -97.26
N PRO IA 277 -14.82 22.92 -98.17
CA PRO IA 277 -15.44 22.64 -99.47
C PRO IA 277 -16.66 21.77 -99.31
N ILE IA 278 -17.78 22.20 -99.88
CA ILE IA 278 -19.00 21.44 -99.89
C ILE IA 278 -19.52 21.47 -101.31
N ARG IA 279 -19.56 20.33 -101.97
CA ARG IA 279 -20.03 20.31 -103.34
C ARG IA 279 -21.55 20.39 -103.39
N THR IA 280 -22.03 21.03 -104.45
CA THR IA 280 -23.45 21.19 -104.71
C THR IA 280 -23.77 20.60 -106.07
N ASN IA 281 -25.05 20.73 -106.46
CA ASN IA 281 -25.42 20.44 -107.83
C ASN IA 281 -24.59 21.24 -108.82
N ASP IA 282 -24.25 22.48 -108.45
CA ASP IA 282 -23.38 23.32 -109.26
C ASP IA 282 -22.31 23.94 -108.38
N GLY IA 283 -21.05 23.61 -108.64
CA GLY IA 283 -19.96 24.28 -107.94
C GLY IA 283 -19.93 23.92 -106.46
N GLN IA 284 -19.70 24.94 -105.64
CA GLN IA 284 -19.45 24.77 -104.22
C GLN IA 284 -20.58 25.39 -103.42
N PHE IA 285 -20.78 24.87 -102.21
CA PHE IA 285 -21.81 25.39 -101.35
C PHE IA 285 -21.46 26.82 -100.99
N LYS IA 286 -22.45 27.69 -100.97
CA LYS IA 286 -22.17 29.10 -100.71
C LYS IA 286 -22.37 29.32 -99.21
N LEU IA 287 -21.27 29.52 -98.51
CA LEU IA 287 -21.29 29.84 -97.09
C LEU IA 287 -20.87 31.28 -96.90
N ASN IA 288 -21.64 31.98 -96.10
CA ASN IA 288 -21.38 33.36 -95.75
C ASN IA 288 -21.31 33.38 -94.24
N ALA IA 289 -20.45 34.22 -93.69
CA ALA IA 289 -20.26 34.24 -92.25
C ALA IA 289 -20.39 35.65 -91.73
N GLN IA 290 -20.99 35.78 -90.55
CA GLN IA 290 -20.87 36.98 -89.75
C GLN IA 290 -20.27 36.62 -88.41
N PHE IA 291 -19.46 37.52 -87.87
CA PHE IA 291 -19.02 37.43 -86.49
C PHE IA 291 -18.60 38.81 -86.05
N THR IA 292 -18.49 38.98 -84.74
CA THR IA 292 -18.00 40.24 -84.20
C THR IA 292 -16.50 40.13 -83.99
N LEU IA 293 -15.80 41.18 -84.36
CA LEU IA 293 -14.35 41.25 -84.18
C LEU IA 293 -14.07 42.23 -83.05
N GLU IA 294 -13.58 41.73 -81.93
CA GLU IA 294 -13.12 42.56 -80.83
C GLU IA 294 -11.61 42.45 -80.78
N THR IA 295 -10.92 43.54 -81.09
CA THR IA 295 -9.48 43.59 -81.00
C THR IA 295 -9.07 44.43 -79.80
N GLU IA 296 -7.96 44.05 -79.18
CA GLU IA 296 -7.40 44.83 -78.09
C GLU IA 296 -5.89 44.85 -78.24
N ILE IA 297 -5.31 46.04 -78.14
CA ILE IA 297 -3.87 46.22 -78.09
C ILE IA 297 -3.54 47.00 -76.83
N GLU IA 298 -2.61 46.50 -76.05
CA GLU IA 298 -2.30 47.09 -74.76
C GLU IA 298 -0.95 47.77 -74.85
N PHE IA 299 -0.94 49.11 -74.80
CA PHE IA 299 0.29 49.86 -74.85
C PHE IA 299 0.81 50.17 -73.46
N GLU IA 300 2.13 50.12 -73.31
CA GLU IA 300 2.82 50.79 -72.23
C GLU IA 300 3.40 52.08 -72.76
N PHE IA 301 3.36 53.13 -71.96
CA PHE IA 301 3.99 54.38 -72.36
C PHE IA 301 4.72 54.97 -71.17
N ARG IA 302 5.53 55.97 -71.46
CA ARG IA 302 6.48 56.50 -70.50
C ARG IA 302 6.64 57.99 -70.76
N LEU IA 303 6.82 58.76 -69.70
CA LEU IA 303 6.70 60.20 -69.81
C LEU IA 303 8.07 60.87 -69.84
N TRP IA 304 8.05 62.19 -69.91
CA TRP IA 304 9.20 63.03 -70.16
C TRP IA 304 10.08 63.17 -68.93
N GLU IA 305 11.32 63.58 -69.16
CA GLU IA 305 12.30 63.74 -68.09
C GLU IA 305 11.87 64.84 -67.13
N GLN IA 306 12.06 64.58 -65.84
CA GLN IA 306 11.78 65.60 -64.84
C GLN IA 306 12.86 66.67 -64.83
N GLY IA 307 12.50 67.83 -64.30
CA GLY IA 307 13.45 68.89 -64.16
C GLY IA 307 13.43 69.84 -65.34
N VAL IA 308 14.42 70.72 -65.34
CA VAL IA 308 14.58 71.66 -66.45
C VAL IA 308 14.82 70.91 -67.74
N GLN IA 309 15.33 69.68 -67.67
CA GLN IA 309 15.54 68.89 -68.87
C GLN IA 309 14.24 68.68 -69.63
N GLY IA 310 13.12 68.61 -68.94
CA GLY IA 310 11.83 68.39 -69.54
C GLY IA 310 11.07 69.63 -69.94
N ILE IA 311 11.68 70.82 -69.84
CA ILE IA 311 11.04 72.04 -70.29
C ILE IA 311 11.01 72.07 -71.81
N ASN IA 312 9.85 72.44 -72.37
CA ASN IA 312 9.68 72.41 -73.83
C ASN IA 312 10.79 73.17 -74.54
N SER IA 313 11.10 74.38 -74.09
CA SER IA 313 12.04 75.22 -74.83
C SER IA 313 13.43 74.61 -74.84
N VAL IA 314 13.88 74.08 -73.70
CA VAL IA 314 15.24 73.54 -73.59
C VAL IA 314 15.29 72.04 -73.80
N HIS IA 315 14.15 71.37 -73.97
CA HIS IA 315 14.20 69.93 -74.17
C HIS IA 315 14.72 69.54 -75.54
N THR IA 316 14.65 70.43 -76.51
CA THR IA 316 15.16 70.10 -77.83
C THR IA 316 16.65 69.76 -77.77
N ASN IA 317 17.44 70.68 -77.22
CA ASN IA 317 18.87 70.49 -77.14
C ASN IA 317 19.36 69.85 -75.84
N LEU IA 318 18.50 69.71 -74.82
CA LEU IA 318 18.82 68.88 -73.66
C LEU IA 318 18.24 67.48 -73.74
N ASN IA 319 17.59 67.12 -74.83
CA ASN IA 319 17.12 65.76 -75.00
C ASN IA 319 18.30 64.80 -74.87
N PRO IA 320 18.17 63.72 -74.12
CA PRO IA 320 19.29 62.78 -73.99
C PRO IA 320 19.64 62.16 -75.33
N ALA IA 321 20.94 62.09 -75.62
CA ALA IA 321 21.36 61.40 -76.82
C ALA IA 321 21.28 59.89 -76.66
N ASN IA 322 21.07 59.40 -75.44
CA ASN IA 322 20.91 57.98 -75.22
C ASN IA 322 19.46 57.53 -75.32
N ASP IA 323 18.56 58.43 -75.71
CA ASP IA 323 17.25 57.97 -76.16
C ASP IA 323 17.41 56.90 -77.23
N SER IA 324 18.29 57.15 -78.20
CA SER IA 324 18.53 56.19 -79.26
C SER IA 324 18.92 54.83 -78.71
N LEU IA 325 19.37 54.79 -77.47
CA LEU IA 325 19.74 53.53 -76.86
C LEU IA 325 18.50 52.70 -76.53
N TRP IA 326 17.55 53.27 -75.79
CA TRP IA 326 16.30 52.60 -75.47
C TRP IA 326 15.10 53.04 -76.32
N ILE IA 327 15.20 54.05 -77.19
CA ILE IA 327 14.01 54.43 -77.98
C ILE IA 327 14.22 54.17 -79.46
N GLN IA 328 13.43 53.30 -80.06
CA GLN IA 328 13.88 52.63 -81.26
C GLN IA 328 13.05 52.63 -82.53
N SER IA 329 11.94 53.34 -82.57
CA SER IA 329 11.01 53.39 -83.73
C SER IA 329 10.33 52.04 -84.05
N TYR IA 330 9.91 51.84 -85.30
CA TYR IA 330 9.21 50.60 -85.70
C TYR IA 330 10.02 49.78 -86.68
N GLY IA 331 9.98 48.45 -86.55
CA GLY IA 331 10.92 47.66 -87.32
C GLY IA 331 10.65 47.48 -88.79
N SER IA 332 9.48 46.95 -89.11
CA SER IA 332 9.23 46.49 -90.47
C SER IA 332 7.81 46.82 -90.86
N LEU IA 333 7.65 47.30 -92.07
CA LEU IA 333 6.40 47.84 -92.56
C LEU IA 333 5.70 46.81 -93.43
N VAL IA 334 4.37 46.80 -93.36
CA VAL IA 334 3.64 46.11 -94.41
C VAL IA 334 3.91 46.83 -95.72
N SER IA 335 3.76 46.12 -96.81
CA SER IA 335 4.11 46.68 -98.11
C SER IA 335 2.86 47.34 -98.67
N ILE IA 336 2.89 48.67 -98.76
CA ILE IA 336 1.74 49.47 -99.12
C ILE IA 336 2.12 50.30 -100.34
N THR IA 337 1.46 50.06 -101.45
CA THR IA 337 1.47 51.00 -102.55
C THR IA 337 0.10 51.65 -102.59
N GLU IA 338 0.09 52.96 -102.82
CA GLU IA 338 -1.14 53.76 -102.70
C GLU IA 338 -1.71 53.48 -101.30
N SER IA 339 -3.00 53.21 -101.17
CA SER IA 339 -3.60 52.82 -99.91
C SER IA 339 -3.71 51.30 -99.77
N LYS IA 340 -3.17 50.55 -100.71
CA LYS IA 340 -3.50 49.14 -100.88
C LYS IA 340 -2.35 48.26 -100.45
N ILE IA 341 -2.65 47.21 -99.67
CA ILE IA 341 -1.63 46.30 -99.20
C ILE IA 341 -1.16 45.41 -100.35
N ASN IA 342 0.15 45.34 -100.55
CA ASN IA 342 0.70 44.50 -101.60
C ASN IA 342 0.75 43.04 -101.18
N ASN IA 343 1.17 42.79 -99.95
CA ASN IA 343 1.32 41.44 -99.44
C ASN IA 343 1.30 41.51 -97.92
N ILE IA 344 1.08 40.37 -97.29
CA ILE IA 344 1.19 40.26 -95.85
C ILE IA 344 2.15 39.13 -95.53
N GLN IA 345 3.13 39.42 -94.69
CA GLN IA 345 4.10 38.46 -94.21
C GLN IA 345 3.70 38.04 -92.80
N PHE IA 346 3.89 36.77 -92.47
CA PHE IA 346 3.50 36.32 -91.14
C PHE IA 346 4.69 35.94 -90.25
N GLY IA 347 5.45 34.93 -90.61
CA GLY IA 347 6.60 34.55 -89.82
C GLY IA 347 6.43 34.38 -88.32
N PRO IA 348 5.85 33.26 -87.91
CA PRO IA 348 5.56 32.87 -86.53
C PRO IA 348 6.78 32.47 -85.75
N THR IA 349 6.65 32.31 -84.44
CA THR IA 349 7.79 31.86 -83.67
C THR IA 349 7.70 30.40 -84.01
N CYS IA 350 8.58 29.91 -84.88
CA CYS IA 350 8.46 28.54 -85.30
C CYS IA 350 8.94 27.60 -84.22
N PRO IA 351 8.25 26.48 -84.07
CA PRO IA 351 8.54 25.51 -83.02
C PRO IA 351 9.83 24.76 -83.21
N ARG IA 352 10.39 24.75 -84.42
CA ARG IA 352 11.62 24.01 -84.65
C ARG IA 352 12.87 24.83 -84.42
N VAL IA 353 12.75 26.14 -84.18
CA VAL IA 353 13.87 26.88 -83.62
C VAL IA 353 14.13 26.38 -82.20
N ASP IA 354 15.41 26.35 -81.82
CA ASP IA 354 15.79 25.91 -80.49
C ASP IA 354 15.03 26.71 -79.45
N ALA IA 355 14.48 26.01 -78.46
CA ALA IA 355 13.71 26.67 -77.42
C ALA IA 355 14.54 27.71 -76.68
N ARG IA 356 15.87 27.59 -76.71
CA ARG IA 356 16.71 28.59 -76.06
C ARG IA 356 16.72 29.89 -76.83
N ASN IA 357 16.47 29.84 -78.13
CA ASN IA 357 16.33 31.06 -78.91
C ASN IA 357 14.97 31.71 -78.76
N LYS IA 358 13.94 30.93 -78.48
CA LYS IA 358 12.57 31.42 -78.58
C LYS IA 358 12.11 32.18 -77.35
N GLY IA 359 12.99 32.42 -76.39
CA GLY IA 359 12.58 32.95 -75.10
C GLY IA 359 12.16 34.41 -75.12
N GLY IA 360 12.10 35.01 -73.93
CA GLY IA 360 11.32 36.21 -73.73
C GLY IA 360 11.71 37.50 -74.42
N LYS IA 361 12.95 37.96 -74.22
CA LYS IA 361 13.30 39.33 -74.55
C LYS IA 361 13.60 39.49 -76.04
N MET IA 362 12.91 40.43 -76.68
CA MET IA 362 13.02 40.59 -78.13
C MET IA 362 14.13 41.51 -78.58
N SER IA 363 14.93 42.05 -77.69
CA SER IA 363 16.00 42.91 -78.15
C SER IA 363 17.19 42.77 -77.23
N MET IA 364 18.35 43.12 -77.75
CA MET IA 364 19.58 43.13 -76.98
C MET IA 364 20.30 44.41 -77.33
N LEU IA 365 21.12 44.89 -76.41
CA LEU IA 365 21.82 46.14 -76.60
C LEU IA 365 23.24 45.76 -76.98
N PHE IA 366 23.51 45.83 -78.28
CA PHE IA 366 24.73 45.34 -78.88
C PHE IA 366 25.39 46.37 -79.77
N ASP IA 367 26.72 46.44 -79.70
CA ASP IA 367 27.49 47.42 -80.45
C ASP IA 367 27.61 47.18 -81.94
N HIS IA 368 27.92 48.24 -82.66
CA HIS IA 368 28.13 48.16 -84.09
C HIS IA 368 29.46 48.83 -84.42
N HIS IA 369 30.27 48.16 -85.23
CA HIS IA 369 31.56 48.72 -85.61
C HIS IA 369 31.55 49.27 -87.02
N GLU JA 36 48.96 1.51 -61.20
CA GLU JA 36 49.85 1.94 -60.13
C GLU JA 36 50.96 2.81 -60.72
N GLY JA 37 51.54 3.68 -59.91
CA GLY JA 37 52.57 4.58 -60.38
C GLY JA 37 52.00 5.84 -60.98
N ASP JA 38 52.90 6.65 -61.51
CA ASP JA 38 52.51 7.91 -62.13
C ASP JA 38 52.13 7.74 -63.60
N GLY JA 39 52.16 6.51 -64.11
CA GLY JA 39 51.79 6.22 -65.48
C GLY JA 39 52.96 5.89 -66.38
N SER JA 40 54.17 6.19 -65.92
CA SER JA 40 55.39 5.98 -66.69
C SER JA 40 55.68 4.55 -67.08
N ALA JA 41 54.91 3.62 -66.54
CA ALA JA 41 55.09 2.19 -66.81
C ALA JA 41 54.61 1.80 -68.20
N PRO JA 42 55.02 0.62 -68.68
CA PRO JA 42 54.56 0.26 -70.00
C PRO JA 42 53.05 0.13 -70.17
N GLY JA 43 52.29 -0.37 -69.19
CA GLY JA 43 50.85 -0.52 -69.37
C GLY JA 43 49.98 0.29 -68.44
N GLY JA 44 48.71 0.53 -68.83
CA GLY JA 44 47.81 1.31 -68.01
C GLY JA 44 47.58 2.73 -68.48
N SER JA 45 47.66 3.70 -67.58
CA SER JA 45 47.44 5.10 -67.92
C SER JA 45 48.67 5.82 -68.51
N VAL JA 46 48.44 6.84 -69.31
CA VAL JA 46 49.45 7.62 -69.99
C VAL JA 46 50.12 8.64 -69.09
N TRP JA 47 51.44 8.62 -69.05
CA TRP JA 47 52.14 9.61 -68.26
C TRP JA 47 51.98 10.87 -69.08
N GLN JA 48 51.52 11.94 -68.48
CA GLN JA 48 51.32 13.16 -69.23
C GLN JA 48 51.98 14.33 -68.53
N THR JA 49 52.40 15.30 -69.34
CA THR JA 49 53.19 16.43 -68.88
C THR JA 49 52.34 17.41 -68.08
N THR JA 50 53.03 18.27 -67.34
CA THR JA 50 52.37 19.23 -66.48
C THR JA 50 51.54 20.23 -67.28
N ASP JA 51 50.56 20.82 -66.60
CA ASP JA 51 49.61 21.73 -67.21
C ASP JA 51 50.20 23.12 -67.35
N TYR JA 52 50.20 23.64 -68.57
CA TYR JA 52 50.64 25.01 -68.80
C TYR JA 52 49.52 26.04 -68.76
N ILE JA 53 48.25 25.63 -68.67
CA ILE JA 53 47.17 26.60 -68.63
C ILE JA 53 47.15 27.32 -67.29
N ALA JA 54 47.23 26.57 -66.20
CA ALA JA 54 46.93 27.11 -64.87
C ALA JA 54 47.68 28.40 -64.60
N LEU JA 55 48.95 28.48 -65.01
CA LEU JA 55 49.72 29.69 -64.78
C LEU JA 55 49.44 30.77 -65.81
N SER JA 56 48.91 30.44 -66.98
CA SER JA 56 48.57 31.48 -67.93
C SER JA 56 47.24 32.13 -67.62
N MET JA 57 46.38 31.45 -66.87
CA MET JA 57 45.08 32.00 -66.52
C MET JA 57 45.06 32.75 -65.20
N VAL JA 58 46.13 32.70 -64.41
CA VAL JA 58 46.09 33.36 -63.11
C VAL JA 58 46.01 34.86 -63.32
N VAL JA 59 45.03 35.49 -62.67
CA VAL JA 59 44.77 36.91 -62.80
C VAL JA 59 45.41 37.62 -61.62
N TYR JA 60 46.32 38.52 -61.92
CA TYR JA 60 46.98 39.34 -60.91
C TYR JA 60 46.32 40.71 -60.91
N ARG JA 61 46.24 41.31 -59.73
CA ARG JA 61 45.38 42.46 -59.53
C ARG JA 61 46.17 43.56 -58.84
N THR JA 62 46.31 44.70 -59.53
CA THR JA 62 47.04 45.83 -58.98
C THR JA 62 46.19 47.09 -59.02
N ALA JA 63 46.77 48.23 -58.66
CA ALA JA 63 46.05 49.49 -58.69
C ALA JA 63 47.03 50.63 -58.82
N ILE JA 64 46.53 51.78 -59.24
CA ILE JA 64 47.30 53.02 -59.32
C ILE JA 64 46.54 54.08 -58.56
N LYS JA 65 47.13 54.58 -57.49
CA LYS JA 65 46.52 55.59 -56.64
C LYS JA 65 47.33 56.86 -56.73
N LEU JA 66 46.65 58.00 -56.89
CA LEU JA 66 47.31 59.29 -57.05
C LEU JA 66 46.51 60.35 -56.30
N ARG JA 67 47.22 61.27 -55.66
CA ARG JA 67 46.59 62.40 -55.01
C ARG JA 67 46.97 63.70 -55.68
N ASN JA 68 46.08 64.68 -55.55
CA ASN JA 68 46.20 65.94 -56.23
C ASN JA 68 45.46 66.97 -55.40
N PHE JA 69 45.87 68.22 -55.52
CA PHE JA 69 45.11 69.34 -54.98
C PHE JA 69 44.48 70.09 -56.14
N VAL JA 70 43.17 70.33 -56.05
CA VAL JA 70 42.43 71.01 -57.10
C VAL JA 70 42.07 72.39 -56.59
N ASN JA 71 42.33 73.41 -57.41
CA ASN JA 71 41.96 74.78 -57.14
C ASN JA 71 41.04 75.25 -58.25
N ILE JA 72 39.79 75.53 -57.92
CA ILE JA 72 38.79 75.97 -58.89
C ILE JA 72 38.52 77.44 -58.61
N ARG JA 73 38.91 78.31 -59.52
CA ARG JA 73 38.76 79.74 -59.33
C ARG JA 73 38.01 80.36 -60.50
N GLY JA 74 37.34 81.48 -60.22
CA GLY JA 74 36.72 82.27 -61.26
C GLY JA 74 35.68 81.53 -62.07
N LEU JA 75 34.91 80.65 -61.42
CA LEU JA 75 33.92 79.83 -62.09
C LEU JA 75 32.56 80.46 -61.83
N THR JA 76 31.96 81.02 -62.88
CA THR JA 76 30.67 81.66 -62.73
C THR JA 76 29.58 80.59 -62.65
N PRO JA 77 28.37 80.95 -62.19
CA PRO JA 77 27.33 79.93 -62.00
C PRO JA 77 26.86 79.28 -63.28
N THR JA 78 27.03 79.91 -64.43
CA THR JA 78 26.66 79.27 -65.69
C THR JA 78 27.68 78.23 -66.10
N GLU JA 79 28.96 78.58 -66.04
CA GLU JA 79 30.02 77.67 -66.40
C GLU JA 79 30.24 76.63 -65.30
N MET JA 80 30.86 75.53 -65.68
CA MET JA 80 30.87 74.31 -64.88
C MET JA 80 32.14 73.52 -65.14
N ILE JA 81 32.69 72.91 -64.10
CA ILE JA 81 33.89 72.10 -64.22
C ILE JA 81 33.49 70.69 -64.63
N VAL JA 82 34.12 70.20 -65.69
CA VAL JA 82 33.90 68.85 -66.18
C VAL JA 82 34.92 67.93 -65.53
N ILE JA 83 34.45 66.90 -64.83
CA ILE JA 83 35.36 65.97 -64.20
C ILE JA 83 35.77 64.99 -65.28
N PRO JA 84 36.98 64.98 -65.76
CA PRO JA 84 37.37 64.02 -66.79
C PRO JA 84 37.54 62.63 -66.21
N TRP JA 85 36.51 62.15 -65.52
CA TRP JA 85 36.68 60.96 -64.71
C TRP JA 85 36.39 59.70 -65.49
N ASN JA 86 35.88 59.83 -66.69
CA ASN JA 86 35.62 58.70 -67.57
C ASN JA 86 36.72 58.47 -68.58
N VAL JA 87 37.79 59.26 -68.56
CA VAL JA 87 38.92 59.04 -69.44
C VAL JA 87 39.98 58.27 -68.68
N MET JA 88 40.57 57.27 -69.34
CA MET JA 88 41.49 56.36 -68.68
C MET JA 88 42.72 57.10 -68.18
N ARG JA 89 43.19 58.08 -68.95
CA ARG JA 89 44.41 58.81 -68.61
C ARG JA 89 44.27 59.63 -67.33
N PHE JA 90 43.05 59.87 -66.88
CA PHE JA 90 42.84 60.63 -65.65
C PHE JA 90 43.40 59.91 -64.44
N TYR JA 91 43.17 58.60 -64.35
CA TYR JA 91 43.53 57.86 -63.16
C TYR JA 91 44.99 57.44 -63.13
N CYS JA 92 45.49 56.92 -64.24
CA CYS JA 92 46.79 56.28 -64.28
C CYS JA 92 47.91 57.17 -64.81
N GLU JA 93 47.61 58.40 -65.21
CA GLU JA 93 48.63 59.36 -65.59
C GLU JA 93 48.38 60.64 -64.83
N TYR JA 94 49.45 61.23 -64.31
CA TYR JA 94 49.33 62.30 -63.33
C TYR JA 94 49.56 63.61 -64.08
N ASN JA 95 48.50 64.34 -64.34
CA ASN JA 95 48.63 65.59 -65.07
C ASN JA 95 48.29 66.70 -64.10
N THR JA 96 49.31 67.37 -63.60
CA THR JA 96 49.15 68.50 -62.70
C THR JA 96 50.27 69.48 -62.98
N GLY JA 97 49.94 70.75 -63.16
CA GLY JA 97 50.98 71.75 -63.21
C GLY JA 97 52.04 71.45 -64.24
N THR JA 98 53.29 71.40 -63.77
CA THR JA 98 54.44 71.18 -64.64
C THR JA 98 54.60 69.72 -65.04
N TYR JA 99 54.02 68.78 -64.29
CA TYR JA 99 54.20 67.36 -64.58
C TYR JA 99 53.78 67.03 -66.00
N GLY JA 100 52.54 67.37 -66.37
CA GLY JA 100 52.04 67.07 -67.69
C GLY JA 100 52.89 67.62 -68.82
N LEU JA 101 53.65 68.69 -68.54
CA LEU JA 101 54.57 69.21 -69.54
C LEU JA 101 55.79 68.32 -69.68
N SER JA 102 56.27 67.76 -68.57
CA SER JA 102 57.38 66.82 -68.61
C SER JA 102 56.92 65.48 -69.19
N GLY JA 103 57.89 64.70 -69.65
CA GLY JA 103 57.58 63.48 -70.39
C GLY JA 103 57.35 62.27 -69.51
N ASN JA 104 56.54 61.36 -70.03
CA ASN JA 104 56.28 60.05 -69.44
C ASN JA 104 55.91 60.17 -67.96
N VAL JA 105 54.71 60.73 -67.73
CA VAL JA 105 54.21 60.91 -66.38
C VAL JA 105 53.31 59.74 -65.96
N HIS JA 106 53.19 58.72 -66.79
CA HIS JA 106 52.46 57.53 -66.41
C HIS JA 106 53.05 56.92 -65.13
N HIS JA 107 52.17 56.34 -64.32
CA HIS JA 107 52.62 55.64 -63.13
C HIS JA 107 53.34 54.37 -63.55
N LYS JA 108 54.35 53.99 -62.76
CA LYS JA 108 55.21 52.87 -63.19
C LYS JA 108 54.51 51.53 -63.10
N ASN JA 109 53.47 51.40 -62.28
CA ASN JA 109 52.67 50.18 -62.35
C ASN JA 109 52.00 50.05 -63.70
N TYR JA 110 51.69 51.16 -64.35
CA TYR JA 110 51.07 51.04 -65.65
C TYR JA 110 52.08 50.73 -66.73
N SER JA 111 53.30 51.25 -66.61
CA SER JA 111 54.32 50.98 -67.61
C SER JA 111 54.59 49.49 -67.71
N MET JA 112 54.52 48.76 -66.60
CA MET JA 112 54.71 47.33 -66.67
C MET JA 112 53.45 46.56 -67.06
N LEU JA 113 52.26 47.15 -66.92
CA LEU JA 113 51.09 46.49 -67.44
C LEU JA 113 51.21 46.26 -68.94
N LEU JA 114 52.09 47.02 -69.60
CA LEU JA 114 52.44 46.78 -70.98
C LEU JA 114 53.50 45.69 -71.13
N ALA JA 115 54.15 45.31 -70.04
CA ALA JA 115 55.09 44.19 -70.07
C ALA JA 115 54.37 42.85 -70.01
N CYS JA 116 53.35 42.74 -69.18
CA CYS JA 116 52.52 41.55 -69.17
C CYS JA 116 51.62 41.54 -70.41
N LYS JA 117 51.13 40.36 -70.77
CA LYS JA 117 50.48 40.27 -72.07
C LYS JA 117 49.08 40.83 -72.09
N ALA JA 118 48.40 40.87 -70.96
CA ALA JA 118 47.04 41.33 -70.89
C ALA JA 118 46.83 42.12 -69.62
N HIS JA 119 46.09 43.22 -69.72
CA HIS JA 119 45.66 43.94 -68.54
C HIS JA 119 44.23 44.40 -68.76
N ARG JA 120 43.51 44.56 -67.65
CA ARG JA 120 42.15 45.01 -67.74
C ARG JA 120 41.86 46.02 -66.63
N PRO JA 121 41.15 47.10 -66.94
CA PRO JA 121 41.03 48.20 -65.98
C PRO JA 121 40.13 47.96 -64.77
N THR JA 122 39.15 47.06 -64.85
CA THR JA 122 38.22 46.78 -63.74
C THR JA 122 37.72 48.06 -63.07
N LYS JA 123 37.74 48.11 -61.75
CA LYS JA 123 37.13 49.23 -61.04
C LYS JA 123 37.93 50.51 -61.21
N VAL JA 124 37.24 51.64 -61.16
CA VAL JA 124 37.86 52.94 -61.27
C VAL JA 124 37.06 53.93 -60.42
N GLY JA 125 37.74 54.88 -59.81
CA GLY JA 125 37.03 55.80 -58.92
C GLY JA 125 37.90 56.93 -58.46
N TYR JA 126 37.28 57.87 -57.75
CA TYR JA 126 38.02 59.02 -57.24
C TYR JA 126 37.31 59.58 -56.02
N THR JA 127 38.03 60.41 -55.28
CA THR JA 127 37.53 60.99 -54.05
C THR JA 127 37.82 62.49 -54.02
N LEU JA 128 36.81 63.28 -53.69
CA LEU JA 128 36.96 64.70 -53.38
C LEU JA 128 36.90 64.87 -51.87
N SER JA 129 37.86 65.61 -51.32
CA SER JA 129 37.99 65.64 -49.87
C SER JA 129 38.46 67.00 -49.39
N ASN JA 130 38.08 67.34 -48.17
CA ASN JA 130 38.55 68.53 -47.45
C ASN JA 130 38.44 69.78 -48.32
N LEU JA 131 37.19 70.15 -48.52
CA LEU JA 131 36.87 71.31 -49.33
C LEU JA 131 37.22 72.59 -48.58
N ILE JA 132 37.84 73.52 -49.29
CA ILE JA 132 38.13 74.86 -48.78
C ILE JA 132 37.58 75.85 -49.79
N LEU JA 133 36.59 76.62 -49.36
CA LEU JA 133 36.06 77.72 -50.16
C LEU JA 133 36.71 79.03 -49.74
N THR JA 134 37.06 79.84 -50.73
CA THR JA 134 37.60 81.16 -50.51
C THR JA 134 36.79 82.15 -51.35
N SER JA 135 36.96 83.43 -51.04
CA SER JA 135 36.17 84.46 -51.69
C SER JA 135 37.09 85.56 -52.19
N ASP JA 136 36.87 85.99 -53.43
CA ASP JA 136 37.52 87.16 -53.99
C ASP JA 136 36.74 88.43 -53.73
N GLU JA 137 35.67 88.34 -52.96
CA GLU JA 137 34.78 89.49 -52.76
C GLU JA 137 35.54 90.69 -52.20
N LEU JA 138 36.48 90.46 -51.28
CA LEU JA 138 37.27 91.56 -50.76
C LEU JA 138 38.34 92.03 -51.74
N VAL JA 139 38.61 91.23 -52.78
CA VAL JA 139 39.62 91.59 -53.77
C VAL JA 139 39.07 92.63 -54.71
N SER JA 140 39.89 93.61 -55.05
CA SER JA 140 39.56 94.63 -56.03
C SER JA 140 40.82 94.94 -56.83
N THR JA 141 40.63 95.63 -57.96
CA THR JA 141 41.78 95.96 -58.80
C THR JA 141 42.77 96.86 -58.06
N GLY JA 142 42.29 97.63 -57.09
CA GLY JA 142 43.21 98.40 -56.26
C GLY JA 142 44.07 97.52 -55.38
N GLY JA 143 43.59 96.33 -55.04
CA GLY JA 143 44.39 95.38 -54.29
C GLY JA 143 44.35 95.63 -52.80
N THR JA 144 45.48 95.32 -52.15
CA THR JA 144 45.72 95.49 -50.72
C THR JA 144 44.92 94.51 -49.88
N LEU JA 145 43.94 93.84 -50.48
CA LEU JA 145 43.19 92.78 -49.82
C LEU JA 145 43.09 91.60 -50.77
N GLY JA 146 43.52 90.43 -50.31
CA GLY JA 146 43.49 89.22 -51.10
C GLY JA 146 42.29 88.36 -50.75
N THR JA 147 42.20 87.24 -51.46
CA THR JA 147 41.11 86.32 -51.19
C THR JA 147 41.29 85.68 -49.82
N THR JA 148 40.18 85.25 -49.24
CA THR JA 148 40.26 84.56 -47.97
C THR JA 148 39.05 83.65 -47.85
N THR JA 149 39.16 82.67 -46.97
CA THR JA 149 38.09 81.71 -46.78
C THR JA 149 36.78 82.41 -46.43
N THR JA 150 35.68 81.82 -46.86
CA THR JA 150 34.38 82.43 -46.65
C THR JA 150 34.13 82.69 -45.17
N PHE JA 151 33.43 83.81 -44.90
CA PHE JA 151 33.21 84.24 -43.52
C PHE JA 151 32.47 83.17 -42.72
N ASN JA 152 31.54 82.47 -43.34
CA ASN JA 152 30.87 81.35 -42.70
C ASN JA 152 30.85 80.18 -43.68
N THR JA 153 30.50 79.02 -43.17
CA THR JA 153 30.58 77.78 -43.91
C THR JA 153 29.31 77.47 -44.70
N SER JA 154 28.35 78.39 -44.72
CA SER JA 154 27.14 78.19 -45.51
C SER JA 154 27.38 78.00 -47.01
N PRO JA 155 28.35 78.65 -47.67
CA PRO JA 155 28.53 78.40 -49.10
C PRO JA 155 28.96 76.97 -49.36
N TYR JA 156 28.78 76.55 -50.61
CA TYR JA 156 29.02 75.18 -50.99
C TYR JA 156 29.42 75.10 -52.46
N MET JA 157 30.04 73.98 -52.81
CA MET JA 157 30.32 73.65 -54.20
C MET JA 157 29.45 72.49 -54.60
N ILE JA 158 28.82 72.60 -55.76
CA ILE JA 158 27.82 71.62 -56.19
C ILE JA 158 28.54 70.55 -56.99
N HIS JA 159 28.43 69.30 -56.56
CA HIS JA 159 28.92 68.19 -57.34
C HIS JA 159 27.74 67.55 -58.06
N SER JA 160 27.73 67.62 -59.37
CA SER JA 160 26.60 67.18 -60.17
C SER JA 160 26.96 65.91 -60.91
N ILE JA 161 26.08 64.92 -60.84
CA ILE JA 161 26.20 63.70 -61.63
C ILE JA 161 25.04 63.69 -62.60
N ASP JA 162 25.32 63.67 -63.89
CA ASP JA 162 24.23 63.73 -64.85
C ASP JA 162 23.85 62.31 -65.19
N ASP JA 163 22.72 61.85 -64.65
CA ASP JA 163 22.23 60.51 -64.88
C ASP JA 163 21.42 60.43 -66.16
N GLN JA 164 20.60 61.44 -66.41
CA GLN JA 164 19.71 61.46 -67.55
C GLN JA 164 20.42 61.92 -68.81
N GLN JA 165 21.71 62.24 -68.70
CA GLN JA 165 22.51 62.71 -69.82
C GLN JA 165 21.90 63.95 -70.44
N CYS JA 166 21.67 64.97 -69.61
CA CYS JA 166 21.33 66.28 -70.13
C CYS JA 166 22.39 66.74 -71.12
N LEU JA 167 23.65 66.50 -70.79
CA LEU JA 167 24.78 66.84 -71.65
C LEU JA 167 25.38 65.54 -72.16
N SER JA 168 25.20 65.29 -73.46
CA SER JA 168 25.79 64.11 -74.08
C SER JA 168 27.27 64.33 -74.34
N LYS JA 169 27.61 65.49 -74.89
CA LYS JA 169 28.95 65.82 -75.33
C LYS JA 169 29.25 67.23 -74.88
N VAL JA 170 30.41 67.41 -74.27
CA VAL JA 170 30.74 68.64 -73.56
C VAL JA 170 31.95 69.27 -74.22
N TYR JA 171 31.87 70.57 -74.48
CA TYR JA 171 32.91 71.32 -75.15
C TYR JA 171 33.49 72.36 -74.21
N PRO JA 172 34.74 72.75 -74.41
CA PRO JA 172 35.30 73.87 -73.63
C PRO JA 172 34.62 75.18 -73.98
N LYS JA 173 34.79 76.16 -73.09
CA LYS JA 173 34.26 77.48 -73.35
C LYS JA 173 34.94 78.10 -74.56
N THR JA 174 34.27 79.08 -75.16
CA THR JA 174 34.71 79.67 -76.41
C THR JA 174 36.17 80.09 -76.35
N ASP JA 175 36.54 80.83 -75.31
CA ASP JA 175 37.90 81.34 -75.23
C ASP JA 175 38.88 80.27 -74.76
N THR JA 176 38.48 79.44 -73.81
CA THR JA 176 39.42 78.52 -73.18
C THR JA 176 39.63 77.28 -74.03
N VAL JA 177 40.50 76.39 -73.55
CA VAL JA 177 40.75 75.11 -74.19
C VAL JA 177 41.17 74.15 -73.09
N TRP JA 178 41.02 72.85 -73.37
CA TRP JA 178 41.29 71.83 -72.37
C TRP JA 178 42.60 71.14 -72.69
N PRO JA 179 43.68 71.41 -71.96
CA PRO JA 179 44.91 70.64 -72.16
C PRO JA 179 44.78 69.27 -71.52
N VAL JA 180 45.43 68.28 -72.14
CA VAL JA 180 45.45 66.99 -71.48
C VAL JA 180 46.48 67.00 -70.38
N SER JA 181 47.53 67.82 -70.51
CA SER JA 181 48.54 67.95 -69.47
C SER JA 181 47.98 68.54 -68.19
N SER JA 182 46.84 69.21 -68.28
CA SER JA 182 46.19 69.85 -67.14
C SER JA 182 45.10 68.98 -66.52
N MET JA 183 44.97 67.73 -66.97
CA MET JA 183 43.74 66.96 -66.74
C MET JA 183 43.40 66.85 -65.25
N ARG JA 184 44.36 66.46 -64.42
CA ARG JA 184 43.99 66.07 -63.06
C ARG JA 184 43.72 67.25 -62.13
N GLU JA 185 44.30 68.42 -62.36
CA GLU JA 185 43.79 69.59 -61.65
C GLU JA 185 42.65 70.10 -62.49
N LEU JA 186 41.50 70.32 -61.88
CA LEU JA 186 40.30 70.35 -62.70
C LEU JA 186 40.13 71.80 -63.11
N ASP JA 187 40.58 72.11 -64.32
CA ASP JA 187 40.36 73.39 -64.97
C ASP JA 187 39.34 73.35 -66.07
N TYR JA 188 38.77 72.19 -66.40
CA TYR JA 188 38.00 72.13 -67.63
C TYR JA 188 36.65 72.76 -67.38
N VAL JA 189 36.38 73.85 -68.09
CA VAL JA 189 35.20 74.66 -67.86
C VAL JA 189 34.31 74.56 -69.09
N ALA JA 190 33.11 74.05 -68.89
CA ALA JA 190 32.08 74.05 -69.90
C ALA JA 190 31.05 75.11 -69.55
N SER JA 191 30.48 75.72 -70.57
CA SER JA 191 29.38 76.65 -70.39
C SER JA 191 28.16 75.99 -71.00
N THR JA 192 27.23 75.56 -70.16
CA THR JA 192 26.02 74.90 -70.64
C THR JA 192 24.99 75.97 -70.96
N VAL JA 193 24.57 76.03 -72.22
CA VAL JA 193 23.75 77.13 -72.72
C VAL JA 193 22.69 76.56 -73.65
N SER JA 194 21.45 76.97 -73.45
CA SER JA 194 20.37 76.68 -74.38
C SER JA 194 20.46 77.68 -75.52
N GLY JA 195 19.44 77.77 -76.36
CA GLY JA 195 19.60 78.67 -77.48
C GLY JA 195 19.82 80.11 -77.08
N ASP JA 196 18.87 80.73 -76.37
CA ASP JA 196 19.10 82.00 -75.72
C ASP JA 196 19.39 81.90 -74.24
N ASN JA 197 19.35 80.70 -73.66
CA ASN JA 197 19.28 80.54 -72.22
C ASN JA 197 20.59 79.99 -71.69
N ALA JA 198 21.13 80.65 -70.67
CA ALA JA 198 22.26 80.11 -69.94
C ALA JA 198 21.75 79.13 -68.89
N ILE JA 199 22.20 77.89 -68.99
CA ILE JA 199 21.74 76.84 -68.08
C ILE JA 199 22.55 76.91 -66.80
N ILE JA 200 21.87 76.95 -65.66
CA ILE JA 200 22.52 76.72 -64.38
C ILE JA 200 22.70 75.21 -64.24
N PRO JA 201 23.94 74.70 -64.19
CA PRO JA 201 24.13 73.24 -64.30
C PRO JA 201 23.41 72.44 -63.24
N SER JA 202 23.39 72.92 -62.00
CA SER JA 202 22.75 72.18 -60.93
C SER JA 202 21.27 71.94 -61.18
N THR JA 203 20.63 72.75 -62.01
CA THR JA 203 19.18 72.65 -62.17
C THR JA 203 18.79 71.51 -63.10
N ILE JA 204 19.57 71.27 -64.14
CA ILE JA 204 19.22 70.20 -65.08
C ILE JA 204 19.67 68.84 -64.57
N PHE JA 205 20.82 68.76 -63.92
CA PHE JA 205 21.42 67.48 -63.59
C PHE JA 205 20.63 66.77 -62.49
N ASN JA 206 20.81 65.46 -62.44
CA ASN JA 206 19.96 64.63 -61.60
C ASN JA 206 20.44 64.64 -60.15
N LYS JA 207 21.56 63.98 -59.88
CA LYS JA 207 22.15 64.00 -58.55
C LYS JA 207 23.03 65.24 -58.44
N ASN JA 208 22.68 66.11 -57.50
CA ASN JA 208 23.45 67.31 -57.19
C ASN JA 208 23.72 67.31 -55.71
N ARG JA 209 24.99 67.17 -55.35
CA ARG JA 209 25.41 67.19 -53.96
C ARG JA 209 25.93 68.58 -53.63
N TYR JA 210 25.34 69.22 -52.63
CA TYR JA 210 25.85 70.51 -52.19
C TYR JA 210 26.83 70.23 -51.08
N TRP JA 211 28.11 70.45 -51.36
CA TRP JA 211 29.18 69.95 -50.52
C TRP JA 211 29.89 71.14 -49.90
N LYS JA 212 29.84 71.22 -48.59
CA LYS JA 212 30.28 72.38 -47.85
C LYS JA 212 31.63 72.11 -47.19
N GLN JA 213 32.10 73.11 -46.48
CA GLN JA 213 33.34 73.00 -45.72
C GLN JA 213 33.06 72.19 -44.47
N GLY JA 214 33.80 71.10 -44.30
CA GLY JA 214 33.60 70.20 -43.18
C GLY JA 214 32.82 68.95 -43.51
N ASP JA 215 32.15 68.92 -44.65
CA ASP JA 215 31.45 67.71 -45.06
C ASP JA 215 32.43 66.58 -45.31
N ASP JA 216 31.91 65.37 -45.21
CA ASP JA 216 32.73 64.19 -45.45
C ASP JA 216 33.16 64.14 -46.91
N ALA JA 217 34.23 63.40 -47.18
CA ALA JA 217 34.73 63.29 -48.52
C ALA JA 217 33.69 62.66 -49.44
N LEU JA 218 33.74 63.05 -50.71
CA LEU JA 218 32.82 62.54 -51.72
C LEU JA 218 33.51 61.44 -52.50
N HIS JA 219 33.00 60.22 -52.40
CA HIS JA 219 33.61 59.06 -53.01
C HIS JA 219 32.79 58.63 -54.21
N PHE JA 220 33.44 58.46 -55.36
CA PHE JA 220 32.76 58.05 -56.57
C PHE JA 220 33.53 56.90 -57.19
N SER JA 221 32.82 55.87 -57.61
CA SER JA 221 33.44 54.66 -58.11
C SER JA 221 32.66 54.15 -59.29
N HIS JA 222 33.35 53.40 -60.15
CA HIS JA 222 32.70 52.71 -61.25
C HIS JA 222 33.33 51.35 -61.39
N ASP JA 223 32.51 50.30 -61.40
CA ASP JA 223 32.98 48.95 -61.57
C ASP JA 223 32.89 48.57 -63.04
N LEU JA 224 33.96 48.02 -63.58
CA LEU JA 224 33.98 47.49 -64.93
C LEU JA 224 33.99 45.97 -64.86
N ASP JA 225 33.04 45.34 -65.52
CA ASP JA 225 33.09 43.90 -65.77
C ASP JA 225 33.24 43.71 -67.27
N LEU JA 226 34.43 43.32 -67.70
CA LEU JA 226 34.74 43.08 -69.09
C LEU JA 226 34.88 41.59 -69.30
N GLY JA 227 34.43 41.11 -70.45
CA GLY JA 227 34.71 39.73 -70.73
C GLY JA 227 36.03 39.51 -71.39
N PHE JA 228 36.82 40.56 -71.59
CA PHE JA 228 38.02 40.48 -72.38
C PHE JA 228 39.10 41.31 -71.72
N TRP JA 229 40.24 41.40 -72.38
CA TRP JA 229 41.45 42.00 -71.84
C TRP JA 229 42.02 42.94 -72.89
N PHE JA 230 42.98 43.75 -72.47
CA PHE JA 230 43.62 44.69 -73.37
C PHE JA 230 45.11 44.38 -73.48
N GLY JA 231 45.62 44.43 -74.69
CA GLY JA 231 47.03 44.15 -74.89
C GLY JA 231 47.89 45.37 -75.16
N SER JA 232 47.27 46.52 -75.38
CA SER JA 232 47.99 47.73 -75.75
C SER JA 232 47.75 48.79 -74.68
N ASP JA 233 48.37 49.95 -74.88
CA ASP JA 233 48.14 51.06 -73.97
C ASP JA 233 46.81 51.73 -74.27
N TYR JA 234 46.24 52.36 -73.25
CA TYR JA 234 44.97 53.04 -73.45
C TYR JA 234 45.12 54.21 -74.42
N GLY JA 235 46.14 55.03 -74.23
CA GLY JA 235 46.44 56.04 -75.23
C GLY JA 235 45.32 57.05 -75.41
N ASN JA 236 44.98 57.75 -74.33
CA ASN JA 236 43.87 58.70 -74.27
C ASN JA 236 42.57 58.09 -74.81
N ALA JA 237 42.23 56.93 -74.27
CA ALA JA 237 40.95 56.30 -74.47
C ALA JA 237 40.08 56.50 -73.24
N TYR JA 238 38.78 56.63 -73.46
CA TYR JA 238 37.86 56.56 -72.33
C TYR JA 238 37.99 55.20 -71.67
N VAL JA 239 37.97 55.18 -70.35
CA VAL JA 239 37.91 53.89 -69.66
C VAL JA 239 36.67 53.13 -70.14
N PRO JA 240 36.79 51.85 -70.47
CA PRO JA 240 35.80 51.21 -71.34
C PRO JA 240 34.37 51.36 -70.91
N GLN JA 241 33.52 51.71 -71.87
CA GLN JA 241 32.11 51.98 -71.64
C GLN JA 241 31.35 51.48 -72.86
N ASN JA 242 30.12 51.06 -72.64
CA ASN JA 242 29.20 50.71 -73.73
C ASN JA 242 28.08 51.73 -73.71
N ASN JA 243 28.02 52.57 -74.74
CA ASN JA 243 27.06 53.66 -74.71
C ASN JA 243 26.60 54.02 -76.10
N ASP JA 244 25.69 54.99 -76.15
CA ASP JA 244 25.36 55.64 -77.40
C ASP JA 244 26.57 56.34 -78.00
N SER JA 245 27.44 56.89 -77.15
CA SER JA 245 28.62 57.58 -77.64
C SER JA 245 29.78 56.65 -77.95
N MET JA 246 29.92 55.54 -77.23
CA MET JA 246 31.16 54.79 -77.33
C MET JA 246 30.95 53.34 -76.94
N ASN JA 247 31.88 52.49 -77.38
CA ASN JA 247 31.89 51.07 -77.05
C ASN JA 247 33.23 50.68 -76.47
N ALA JA 248 33.21 49.59 -75.69
CA ALA JA 248 34.35 49.24 -74.85
C ALA JA 248 35.48 48.59 -75.63
N VAL JA 249 35.17 47.89 -76.70
CA VAL JA 249 36.14 47.11 -77.45
C VAL JA 249 36.52 47.88 -78.72
N GLY JA 250 37.81 47.95 -79.00
CA GLY JA 250 38.29 48.88 -80.01
C GLY JA 250 38.66 48.34 -81.37
N THR JA 251 38.77 47.02 -81.50
CA THR JA 251 39.19 46.44 -82.76
C THR JA 251 37.97 46.22 -83.65
N ILE JA 252 38.12 46.57 -84.93
CA ILE JA 252 37.10 46.24 -85.91
C ILE JA 252 37.09 44.73 -86.09
N PRO JA 253 35.97 44.07 -85.81
CA PRO JA 253 35.90 42.63 -86.07
C PRO JA 253 35.97 42.33 -87.56
N THR JA 254 36.52 41.15 -87.88
CA THR JA 254 36.86 40.80 -89.24
C THR JA 254 36.23 39.46 -89.61
N SER JA 255 36.22 39.18 -90.91
CA SER JA 255 35.26 38.25 -91.51
C SER JA 255 35.51 36.79 -91.12
N LYS JA 256 34.42 36.03 -91.12
CA LYS JA 256 34.44 34.57 -91.15
C LYS JA 256 35.08 33.97 -89.89
N HIS JA 257 34.81 34.59 -88.75
CA HIS JA 257 35.16 34.02 -87.46
C HIS JA 257 34.48 34.83 -86.37
N ILE JA 258 34.75 34.45 -85.13
CA ILE JA 258 34.06 35.00 -83.97
C ILE JA 258 34.94 36.08 -83.36
N ASN JA 259 34.31 37.16 -82.88
CA ASN JA 259 35.02 38.31 -82.37
C ASN JA 259 34.33 38.78 -81.10
N VAL JA 260 35.12 39.32 -80.18
CA VAL JA 260 34.53 39.85 -78.95
C VAL JA 260 33.86 41.18 -79.27
N ARG JA 261 32.61 41.31 -78.85
CA ARG JA 261 31.75 42.43 -79.21
C ARG JA 261 31.21 43.04 -77.93
N GLY JA 262 31.19 44.36 -77.86
CA GLY JA 262 30.60 45.02 -76.72
C GLY JA 262 29.11 44.79 -76.65
N VAL JA 263 28.58 44.78 -75.43
CA VAL JA 263 27.16 44.52 -75.21
C VAL JA 263 26.78 45.16 -73.87
N ASN JA 264 25.50 45.45 -73.71
CA ASN JA 264 24.80 45.71 -72.44
C ASN JA 264 24.81 47.11 -71.84
N ASN JA 265 25.47 48.13 -72.40
CA ASN JA 265 25.34 49.47 -71.84
C ASN JA 265 25.78 49.56 -70.38
N ARG JA 266 27.09 49.49 -70.18
CA ARG JA 266 27.70 49.98 -68.96
C ARG JA 266 28.41 51.28 -69.30
N GLY JA 267 28.12 52.33 -68.55
CA GLY JA 267 28.73 53.61 -68.83
C GLY JA 267 28.85 54.44 -67.57
N MET JA 268 29.51 55.58 -67.68
CA MET JA 268 29.71 56.45 -66.53
C MET JA 268 28.95 57.77 -66.65
N ALA JA 269 28.40 58.24 -65.55
CA ALA JA 269 27.65 59.49 -65.52
C ALA JA 269 28.60 60.68 -65.58
N GLY JA 270 28.22 61.70 -66.33
CA GLY JA 270 29.04 62.89 -66.48
C GLY JA 270 29.10 63.73 -65.22
N HIS JA 271 30.13 63.49 -64.39
CA HIS JA 271 30.31 64.24 -63.16
C HIS JA 271 30.69 65.68 -63.49
N TYR JA 272 30.30 66.61 -62.63
CA TYR JA 272 30.60 68.01 -62.88
C TYR JA 272 30.69 68.75 -61.55
N LEU JA 273 31.36 69.90 -61.58
CA LEU JA 273 31.47 70.77 -60.42
C LEU JA 273 31.03 72.17 -60.80
N SER JA 274 30.27 72.80 -59.92
CA SER JA 274 29.76 74.13 -60.18
C SER JA 274 29.46 74.81 -58.84
N PHE JA 275 29.29 76.11 -58.91
CA PHE JA 275 28.94 76.84 -57.71
C PHE JA 275 27.55 77.43 -57.84
N PRO JA 276 26.83 77.56 -56.74
CA PRO JA 276 25.49 78.13 -56.80
C PRO JA 276 25.56 79.59 -57.18
N PRO JA 277 24.63 80.06 -58.01
CA PRO JA 277 24.59 81.50 -58.30
C PRO JA 277 24.27 82.28 -57.05
N ILE JA 278 25.10 83.27 -56.76
CA ILE JA 278 24.87 84.17 -55.63
C ILE JA 278 25.09 85.57 -56.18
N ARG JA 279 24.03 86.37 -56.18
CA ARG JA 279 24.16 87.72 -56.69
C ARG JA 279 24.84 88.63 -55.68
N THR JA 280 25.60 89.59 -56.19
CA THR JA 280 26.29 90.57 -55.39
C THR JA 280 25.85 91.96 -55.82
N ASN JA 281 26.45 92.98 -55.20
CA ASN JA 281 26.30 94.33 -55.69
C ASN JA 281 26.69 94.43 -57.16
N ASP JA 282 27.70 93.68 -57.57
CA ASP JA 282 28.11 93.61 -58.97
C ASP JA 282 28.29 92.15 -59.37
N GLY JA 283 27.49 91.70 -60.34
CA GLY JA 283 27.68 90.37 -60.88
C GLY JA 283 27.37 89.28 -59.87
N GLN JA 284 28.24 88.27 -59.85
CA GLN JA 284 28.02 87.05 -59.09
C GLN JA 284 29.05 86.94 -57.98
N PHE JA 285 28.67 86.24 -56.93
CA PHE JA 285 29.58 86.03 -55.81
C PHE JA 285 30.76 85.22 -56.29
N LYS JA 286 31.95 85.58 -55.86
CA LYS JA 286 33.14 84.89 -56.35
C LYS JA 286 33.47 83.79 -55.35
N LEU JA 287 33.23 82.55 -55.77
CA LEU JA 287 33.56 81.38 -54.96
C LEU JA 287 34.73 80.66 -55.61
N ASN JA 288 35.69 80.33 -54.78
CA ASN JA 288 36.86 79.58 -55.19
C ASN JA 288 36.89 78.35 -54.30
N ALA JA 289 37.33 77.24 -54.85
CA ALA JA 289 37.31 76.00 -54.09
C ALA JA 289 38.67 75.35 -54.12
N GLN JA 290 39.06 74.74 -53.00
CA GLN JA 290 40.12 73.77 -52.97
C GLN JA 290 39.59 72.45 -52.45
N PHE JA 291 40.11 71.35 -52.99
CA PHE JA 291 39.88 70.05 -52.40
C PHE JA 291 40.99 69.14 -52.88
N THR JA 292 41.14 68.01 -52.19
CA THR JA 292 42.11 67.02 -52.61
C THR JA 292 41.43 66.01 -53.52
N LEU JA 293 42.11 65.65 -54.58
CA LEU JA 293 41.61 64.65 -55.52
C LEU JA 293 42.42 63.38 -55.33
N GLU JA 294 41.79 62.34 -54.82
CA GLU JA 294 42.40 61.02 -54.73
C GLU JA 294 41.70 60.13 -55.74
N THR JA 295 42.43 59.72 -56.78
CA THR JA 295 41.90 58.80 -57.76
C THR JA 295 42.55 57.44 -57.58
N GLU JA 296 41.78 56.40 -57.86
CA GLU JA 296 42.30 55.04 -57.84
C GLU JA 296 41.72 54.27 -59.00
N ILE JA 297 42.58 53.58 -59.74
CA ILE JA 297 42.18 52.67 -60.78
C ILE JA 297 42.80 51.32 -60.50
N GLU JA 298 42.00 50.28 -60.50
CA GLU JA 298 42.44 48.95 -60.11
C GLU JA 298 42.54 48.09 -61.35
N PHE JA 299 43.76 47.74 -61.75
CA PHE JA 299 43.96 46.89 -62.91
C PHE JA 299 44.07 45.43 -62.50
N GLU JA 300 43.51 44.56 -63.34
CA GLU JA 300 43.87 43.16 -63.37
C GLU JA 300 44.83 42.94 -64.53
N PHE JA 301 45.82 42.10 -64.34
CA PHE JA 301 46.71 41.77 -65.44
C PHE JA 301 47.00 40.27 -65.41
N ARG JA 302 47.58 39.80 -66.49
CA ARG JA 302 47.72 38.38 -66.74
C ARG JA 302 49.02 38.14 -67.49
N LEU JA 303 49.68 37.03 -67.20
CA LEU JA 303 51.05 36.86 -67.66
C LEU JA 303 51.12 35.94 -68.87
N TRP JA 304 52.34 35.70 -69.31
CA TRP JA 304 52.66 35.03 -70.57
C TRP JA 304 52.47 33.52 -70.46
N GLU JA 305 52.35 32.90 -71.63
CA GLU JA 305 52.14 31.46 -71.71
C GLU JA 305 53.33 30.70 -71.16
N GLN JA 306 53.06 29.64 -70.41
CA GLN JA 306 54.12 28.79 -69.91
C GLN JA 306 54.68 27.92 -71.01
N GLY JA 307 55.89 27.44 -70.80
CA GLY JA 307 56.51 26.53 -71.73
C GLY JA 307 57.35 27.24 -72.75
N VAL JA 308 57.78 26.47 -73.76
CA VAL JA 308 58.55 27.03 -74.85
C VAL JA 308 57.74 28.08 -75.60
N GLN JA 309 56.41 28.00 -75.52
CA GLN JA 309 55.58 29.01 -76.16
C GLN JA 309 55.87 30.40 -75.65
N GLY JA 310 56.27 30.52 -74.38
CA GLY JA 310 56.56 31.80 -73.77
C GLY JA 310 57.99 32.27 -73.88
N ILE JA 311 58.84 31.56 -74.63
CA ILE JA 311 60.21 32.00 -74.85
C ILE JA 311 60.21 33.20 -75.79
N ASN JA 312 60.99 34.23 -75.44
CA ASN JA 312 61.00 35.46 -76.21
C ASN JA 312 61.24 35.22 -77.69
N SER JA 313 62.23 34.40 -78.01
CA SER JA 313 62.62 34.24 -79.41
C SER JA 313 61.51 33.57 -80.22
N VAL JA 314 60.88 32.54 -79.66
CA VAL JA 314 59.86 31.81 -80.39
C VAL JA 314 58.45 32.27 -80.06
N HIS JA 315 58.28 33.23 -79.15
CA HIS JA 315 56.93 33.67 -78.84
C HIS JA 315 56.33 34.54 -79.94
N THR JA 316 57.17 35.14 -80.78
CA THR JA 316 56.63 35.95 -81.87
C THR JA 316 55.73 35.12 -82.78
N ASN JA 317 56.27 34.02 -83.29
CA ASN JA 317 55.53 33.16 -84.21
C ASN JA 317 54.79 32.01 -83.53
N LEU JA 318 55.02 31.75 -82.25
CA LEU JA 318 54.16 30.85 -81.49
C LEU JA 318 53.09 31.57 -80.66
N ASN JA 319 53.00 32.88 -80.77
CA ASN JA 319 51.93 33.59 -80.10
C ASN JA 319 50.59 33.03 -80.56
N PRO JA 320 49.65 32.76 -79.64
CA PRO JA 320 48.35 32.22 -80.06
C PRO JA 320 47.62 33.21 -80.95
N ALA JA 321 47.04 32.70 -82.03
CA ALA JA 321 46.21 33.55 -82.85
C ALA JA 321 44.86 33.82 -82.22
N ASN JA 322 44.52 33.11 -81.15
CA ASN JA 322 43.27 33.35 -80.44
C ASN JA 322 43.44 34.37 -79.33
N ASP JA 323 44.61 34.99 -79.21
CA ASP JA 323 44.70 36.21 -78.42
C ASP JA 323 43.63 37.20 -78.85
N SER JA 324 43.49 37.39 -80.16
CA SER JA 324 42.48 38.30 -80.69
C SER JA 324 41.10 37.96 -80.18
N LEU JA 325 40.91 36.73 -79.72
CA LEU JA 325 39.61 36.33 -79.20
C LEU JA 325 39.36 36.99 -77.84
N TRP JA 326 40.27 36.83 -76.89
CA TRP JA 326 40.16 37.46 -75.58
C TRP JA 326 41.02 38.72 -75.40
N ILE JA 327 41.87 39.10 -76.33
CA ILE JA 327 42.67 40.32 -76.10
C ILE JA 327 42.33 41.42 -77.10
N GLN JA 328 41.82 42.55 -76.62
CA GLN JA 328 41.00 43.38 -77.48
C GLN JA 328 41.30 44.85 -77.68
N SER JA 329 42.40 45.36 -77.14
CA SER JA 329 42.77 46.80 -77.21
C SER JA 329 41.79 47.76 -76.49
N TYR JA 330 41.74 49.02 -76.92
CA TYR JA 330 40.88 50.01 -76.26
C TYR JA 330 39.78 50.51 -77.19
N GLY JA 331 38.58 50.73 -76.65
CA GLY JA 331 37.47 50.97 -77.55
C GLY JA 331 37.37 52.32 -78.21
N SER JA 332 37.33 53.37 -77.41
CA SER JA 332 36.98 54.68 -77.93
C SER JA 332 37.84 55.73 -77.26
N LEU JA 333 38.31 56.67 -78.07
CA LEU JA 333 39.29 57.63 -77.65
C LEU JA 333 38.60 58.96 -77.37
N VAL JA 334 39.13 59.69 -76.38
CA VAL JA 334 38.75 61.09 -76.28
C VAL JA 334 39.27 61.78 -77.52
N SER JA 335 38.65 62.89 -77.87
CA SER JA 335 39.00 63.59 -79.11
C SER JA 335 40.08 64.59 -78.78
N ILE JA 336 41.29 64.34 -79.28
CA ILE JA 336 42.48 65.11 -78.95
C ILE JA 336 43.06 65.64 -80.24
N THR JA 337 43.07 66.96 -80.39
CA THR JA 337 43.91 67.59 -81.39
C THR JA 337 45.05 68.27 -80.64
N GLU JA 338 46.24 68.16 -81.19
CA GLU JA 338 47.47 68.58 -80.51
C GLU JA 338 47.47 67.89 -79.14
N SER JA 339 47.73 68.60 -78.05
CA SER JA 339 47.63 68.06 -76.71
C SER JA 339 46.29 68.35 -76.06
N LYS JA 340 45.36 68.95 -76.79
CA LYS JA 340 44.19 69.59 -76.20
C LYS JA 340 42.94 68.79 -76.47
N ILE JA 341 42.12 68.60 -75.44
CA ILE JA 341 40.88 67.84 -75.58
C ILE JA 341 39.86 68.68 -76.34
N ASN JA 342 39.28 68.09 -77.38
CA ASN JA 342 38.26 68.79 -78.15
C ASN JA 342 36.91 68.76 -77.46
N ASN JA 343 36.54 67.62 -76.91
CA ASN JA 343 35.25 67.44 -76.26
C ASN JA 343 35.36 66.25 -75.33
N ILE JA 344 34.41 66.15 -74.41
CA ILE JA 344 34.30 64.98 -73.56
C ILE JA 344 32.89 64.43 -73.68
N GLN JA 345 32.79 63.14 -73.95
CA GLN JA 345 31.54 62.42 -74.02
C GLN JA 345 31.35 61.65 -72.74
N PHE JA 346 30.11 61.57 -72.25
CA PHE JA 346 29.88 60.86 -71.00
C PHE JA 346 29.09 59.57 -71.17
N GLY JA 347 27.85 59.64 -71.61
CA GLY JA 347 27.07 58.44 -71.81
C GLY JA 347 27.01 57.40 -70.70
N PRO JA 348 26.21 57.68 -69.67
CA PRO JA 348 26.01 56.86 -68.48
C PRO JA 348 25.18 55.63 -68.74
N THR JA 349 25.11 54.71 -67.79
CA THR JA 349 24.26 53.56 -67.96
C THR JA 349 22.96 54.21 -67.65
N CYS JA 350 22.14 54.49 -68.66
CA CYS JA 350 20.91 55.20 -68.39
C CYS JA 350 19.89 54.29 -67.77
N PRO JA 351 19.13 54.84 -66.82
CA PRO JA 351 18.15 54.07 -66.05
C PRO JA 351 16.94 53.65 -66.85
N ARG JA 352 16.69 54.27 -67.99
CA ARG JA 352 15.52 53.90 -68.78
C ARG JA 352 15.79 52.81 -69.80
N VAL JA 353 17.04 52.39 -69.97
CA VAL JA 353 17.30 51.13 -70.66
C VAL JA 353 16.76 49.99 -69.81
N ASP JA 354 16.24 48.96 -70.48
CA ASP JA 354 15.72 47.80 -69.78
C ASP JA 354 16.78 47.24 -68.84
N ALA JA 355 16.38 46.95 -67.61
CA ALA JA 355 17.31 46.43 -66.62
C ALA JA 355 17.96 45.13 -67.08
N ARG JA 356 17.32 44.42 -68.01
CA ARG JA 356 17.92 43.19 -68.52
C ARG JA 356 19.09 43.48 -69.43
N ASN JA 357 19.11 44.66 -70.04
CA ASN JA 357 20.26 45.07 -70.84
C ASN JA 357 21.40 45.59 -69.97
N LYS JA 358 21.11 46.15 -68.81
CA LYS JA 358 22.09 46.92 -68.06
C LYS JA 358 23.00 46.04 -67.21
N GLY JA 359 22.89 44.72 -67.31
CA GLY JA 359 23.57 43.83 -66.39
C GLY JA 359 25.08 43.76 -66.57
N GLY JA 360 25.68 42.73 -65.98
CA GLY JA 360 27.10 42.74 -65.69
C GLY JA 360 28.11 42.77 -66.80
N LYS JA 361 28.05 41.80 -67.71
CA LYS JA 361 29.16 41.52 -68.61
C LYS JA 361 29.16 42.48 -69.79
N MET JA 362 30.28 43.16 -70.02
CA MET JA 362 30.35 44.19 -71.04
C MET JA 362 30.74 43.70 -72.41
N SER JA 363 30.95 42.41 -72.59
CA SER JA 363 31.30 41.94 -73.93
C SER JA 363 30.73 40.57 -74.15
N MET JA 364 30.59 40.22 -75.42
CA MET JA 364 30.13 38.91 -75.81
C MET JA 364 31.01 38.47 -76.96
N LEU JA 365 31.15 37.17 -77.13
CA LEU JA 365 32.02 36.61 -78.15
C LEU JA 365 31.09 36.18 -79.28
N PHE JA 366 31.03 37.02 -80.29
CA PHE JA 366 30.08 36.90 -81.38
C PHE JA 366 30.74 36.97 -82.74
N ASP JA 367 30.29 36.13 -83.66
CA ASP JA 367 30.87 36.05 -85.00
C ASP JA 367 30.56 37.19 -85.93
N HIS JA 368 31.40 37.34 -86.95
CA HIS JA 368 31.21 38.35 -87.96
C HIS JA 368 31.29 37.68 -89.33
N HIS JA 369 30.35 37.99 -90.20
CA HIS JA 369 30.34 37.41 -91.53
C HIS JA 369 30.82 38.40 -92.59
N GLU KA 36 -19.33 19.07 -73.54
CA GLU KA 36 -19.26 17.62 -73.65
C GLU KA 36 -18.91 17.24 -75.09
N GLY KA 37 -18.32 16.07 -75.27
CA GLY KA 37 -17.91 15.62 -76.59
C GLY KA 37 -16.55 16.14 -76.98
N ASP KA 38 -16.16 15.83 -78.21
CA ASP KA 38 -14.88 16.27 -78.72
C ASP KA 38 -14.91 17.67 -79.30
N GLY KA 39 -16.06 18.34 -79.24
CA GLY KA 39 -16.21 19.69 -79.75
C GLY KA 39 -17.00 19.78 -81.03
N SER KA 40 -17.19 18.65 -81.70
CA SER KA 40 -17.89 18.59 -82.99
C SER KA 40 -19.32 19.06 -82.98
N ALA KA 41 -19.87 19.30 -81.79
CA ALA KA 41 -21.24 19.74 -81.63
C ALA KA 41 -21.45 21.19 -82.03
N PRO KA 42 -22.70 21.59 -82.24
CA PRO KA 42 -22.90 22.98 -82.63
C PRO KA 42 -22.42 24.02 -81.61
N GLY KA 43 -22.56 23.80 -80.31
CA GLY KA 43 -22.13 24.81 -79.35
C GLY KA 43 -21.01 24.42 -78.40
N GLY KA 44 -20.31 25.39 -77.81
CA GLY KA 44 -19.22 25.09 -76.90
C GLY KA 44 -17.84 25.28 -77.49
N SER KA 45 -16.95 24.31 -77.30
CA SER KA 45 -15.58 24.37 -77.80
C SER KA 45 -15.43 23.96 -79.28
N VAL KA 46 -14.41 24.47 -79.94
CA VAL KA 46 -14.12 24.25 -81.34
C VAL KA 46 -13.42 22.92 -81.58
N TRP KA 47 -13.96 22.13 -82.49
CA TRP KA 47 -13.30 20.88 -82.82
C TRP KA 47 -12.11 21.33 -83.62
N GLN KA 48 -10.92 20.87 -83.26
CA GLN KA 48 -9.75 21.30 -83.98
C GLN KA 48 -8.91 20.10 -84.39
N THR KA 49 -8.21 20.27 -85.50
CA THR KA 49 -7.47 19.19 -86.14
C THR KA 49 -6.21 18.84 -85.36
N THR KA 50 -5.68 17.66 -85.66
CA THR KA 50 -4.51 17.15 -84.97
C THR KA 50 -3.29 18.02 -85.19
N ASP KA 51 -2.34 17.93 -84.25
CA ASP KA 51 -1.15 18.75 -84.26
C ASP KA 51 -0.11 18.19 -85.21
N TYR KA 52 0.35 19.03 -86.14
CA TYR KA 52 1.43 18.64 -87.03
C TYR KA 52 2.82 19.03 -86.53
N ILE KA 53 2.94 19.78 -85.45
CA ILE KA 53 4.26 20.15 -84.97
C ILE KA 53 4.96 18.96 -84.34
N ALA KA 54 4.26 18.23 -83.47
CA ALA KA 54 4.90 17.24 -82.62
C ALA KA 54 5.80 16.30 -83.40
N LEU KA 55 5.36 15.87 -84.58
CA LEU KA 55 6.19 14.97 -85.38
C LEU KA 55 7.27 15.68 -86.18
N SER KA 56 7.13 16.98 -86.42
CA SER KA 56 8.19 17.68 -87.10
C SER KA 56 9.33 18.06 -86.16
N MET KA 57 9.07 18.14 -84.86
CA MET KA 57 10.09 18.48 -83.89
C MET KA 57 10.82 17.29 -83.29
N VAL KA 58 10.37 16.07 -83.55
CA VAL KA 58 11.02 14.93 -82.92
C VAL KA 58 12.43 14.79 -83.48
N VAL KA 59 13.40 14.70 -82.58
CA VAL KA 59 14.81 14.63 -82.93
C VAL KA 59 15.23 13.17 -82.89
N TYR KA 60 15.70 12.67 -84.02
CA TYR KA 60 16.21 11.32 -84.11
C TYR KA 60 17.73 11.38 -84.09
N ARG KA 61 18.34 10.37 -83.48
CA ARG KA 61 19.75 10.44 -83.11
C ARG KA 61 20.46 9.20 -83.61
N THR KA 62 21.43 9.40 -84.49
CA THR KA 62 22.20 8.28 -85.04
C THR KA 62 23.69 8.52 -84.87
N ALA KA 63 24.52 7.64 -85.41
CA ALA KA 63 25.96 7.80 -85.32
C ALA KA 63 26.61 7.06 -86.48
N ILE KA 64 27.86 7.42 -86.75
CA ILE KA 64 28.69 6.75 -87.74
C ILE KA 64 29.99 6.36 -87.07
N LYS KA 65 30.24 5.06 -86.98
CA LYS KA 65 31.43 4.52 -86.34
C LYS KA 65 32.28 3.83 -87.39
N LEU KA 66 33.58 4.08 -87.36
CA LEU KA 66 34.50 3.53 -88.35
C LEU KA 66 35.81 3.17 -87.66
N ARG KA 67 36.40 2.06 -88.06
CA ARG KA 67 37.70 1.64 -87.56
C ARG KA 67 38.73 1.65 -88.68
N ASN KA 68 39.97 1.84 -88.27
CA ASN KA 68 41.07 2.02 -89.19
C ASN KA 68 42.33 1.56 -88.47
N PHE KA 69 43.31 1.12 -89.24
CA PHE KA 69 44.65 0.89 -88.71
C PHE KA 69 45.56 2.00 -89.23
N VAL KA 70 46.30 2.62 -88.33
CA VAL KA 70 47.19 3.71 -88.67
C VAL KA 70 48.63 3.22 -88.54
N ASN KA 71 49.43 3.47 -89.57
CA ASN KA 71 50.85 3.16 -89.56
C ASN KA 71 51.61 4.45 -89.76
N ILE KA 72 52.36 4.85 -88.75
CA ILE KA 72 53.14 6.09 -88.79
C ILE KA 72 54.61 5.69 -88.88
N ARG KA 73 55.23 5.98 -90.02
CA ARG KA 73 56.61 5.60 -90.24
C ARG KA 73 57.45 6.79 -90.65
N GLY KA 74 58.74 6.71 -90.35
CA GLY KA 74 59.69 7.70 -90.82
C GLY KA 74 59.40 9.11 -90.34
N LEU KA 75 58.92 9.24 -89.10
CA LEU KA 75 58.53 10.53 -88.55
C LEU KA 75 59.66 10.98 -87.63
N THR KA 76 60.38 12.02 -88.02
CA THR KA 76 61.48 12.50 -87.21
C THR KA 76 60.94 13.32 -86.04
N PRO KA 77 61.75 13.57 -85.02
CA PRO KA 77 61.22 14.26 -83.83
C PRO KA 77 60.78 15.68 -84.08
N THR KA 78 61.27 16.34 -85.13
CA THR KA 78 60.80 17.69 -85.44
C THR KA 78 59.43 17.66 -86.09
N GLU KA 79 59.25 16.78 -87.07
CA GLU KA 79 57.98 16.66 -87.76
C GLU KA 79 56.97 15.91 -86.90
N MET KA 80 55.70 16.10 -87.22
CA MET KA 80 54.61 15.75 -86.33
C MET KA 80 53.37 15.39 -87.15
N ILE KA 81 52.62 14.41 -86.70
CA ILE KA 81 51.39 13.99 -87.36
C ILE KA 81 50.24 14.86 -86.89
N VAL KA 82 49.52 15.44 -87.84
CA VAL KA 82 48.36 16.25 -87.55
C VAL KA 82 47.13 15.37 -87.58
N ILE KA 83 46.39 15.33 -86.48
CA ILE KA 83 45.18 14.52 -86.44
C ILE KA 83 44.10 15.36 -87.08
N PRO KA 84 43.60 15.03 -88.23
CA PRO KA 84 42.54 15.83 -88.85
C PRO KA 84 41.21 15.60 -88.17
N TRP KA 85 41.19 15.76 -86.85
CA TRP KA 85 40.04 15.30 -86.09
C TRP KA 85 38.99 16.37 -85.96
N ASN KA 86 39.28 17.58 -86.39
CA ASN KA 86 38.32 18.67 -86.38
C ASN KA 86 37.66 18.87 -87.73
N VAL KA 87 37.96 18.06 -88.73
CA VAL KA 87 37.29 18.14 -90.02
C VAL KA 87 36.18 17.10 -90.05
N MET KA 88 35.02 17.51 -90.56
CA MET KA 88 33.83 16.67 -90.51
C MET KA 88 34.04 15.40 -91.31
N ARG KA 89 34.74 15.50 -92.44
CA ARG KA 89 34.94 14.36 -93.34
C ARG KA 89 35.77 13.25 -92.70
N PHE KA 90 36.48 13.55 -91.63
CA PHE KA 90 37.30 12.55 -90.96
C PHE KA 90 36.44 11.44 -90.37
N TYR KA 91 35.34 11.80 -89.73
CA TYR KA 91 34.54 10.83 -89.00
C TYR KA 91 33.57 10.06 -89.88
N CYS KA 92 32.87 10.75 -90.77
CA CYS KA 92 31.78 10.18 -91.52
C CYS KA 92 32.15 9.74 -92.94
N GLU KA 93 33.38 9.94 -93.36
CA GLU KA 93 33.85 9.42 -94.63
C GLU KA 93 35.14 8.68 -94.40
N TYR KA 94 35.27 7.52 -95.03
CA TYR KA 94 36.33 6.58 -94.67
C TYR KA 94 37.42 6.74 -95.72
N ASN KA 95 38.51 7.38 -95.36
CA ASN KA 95 39.59 7.59 -96.32
C ASN KA 95 40.76 6.77 -95.82
N THR KA 96 40.99 5.64 -96.46
CA THR KA 96 42.10 4.77 -96.14
C THR KA 96 42.56 4.11 -97.43
N GLY KA 97 43.85 4.16 -97.72
CA GLY KA 97 44.37 3.36 -98.81
C GLY KA 97 43.65 3.61 -100.12
N THR KA 98 43.12 2.54 -100.70
CA THR KA 98 42.44 2.61 -101.98
C THR KA 98 41.03 3.16 -101.88
N TYR KA 99 40.41 3.12 -100.69
CA TYR KA 99 39.03 3.57 -100.55
C TYR KA 99 38.87 5.00 -101.03
N GLY KA 100 39.66 5.93 -100.48
CA GLY KA 100 39.54 7.32 -100.85
C GLY KA 100 39.69 7.58 -102.34
N LEU KA 101 40.37 6.69 -103.06
CA LEU KA 101 40.46 6.81 -104.50
C LEU KA 101 39.16 6.41 -105.17
N SER KA 102 38.48 5.40 -104.63
CA SER KA 102 37.18 5.00 -105.15
C SER KA 102 36.12 6.03 -104.75
N GLY KA 103 35.02 6.01 -105.49
CA GLY KA 103 34.01 7.04 -105.34
C GLY KA 103 32.99 6.76 -104.23
N ASN KA 104 32.47 7.85 -103.68
CA ASN KA 104 31.38 7.84 -102.71
C ASN KA 104 31.67 6.87 -101.56
N VAL KA 105 32.66 7.26 -100.74
CA VAL KA 105 33.06 6.45 -99.61
C VAL KA 105 32.35 6.91 -98.33
N HIS KA 106 31.43 7.86 -98.43
CA HIS KA 106 30.64 8.26 -97.28
C HIS KA 106 29.88 7.06 -96.71
N HIS KA 107 29.72 7.07 -95.40
CA HIS KA 107 28.91 6.04 -94.75
C HIS KA 107 27.45 6.24 -95.12
N LYS KA 108 26.72 5.13 -95.23
CA LYS KA 108 25.36 5.22 -95.75
C LYS KA 108 24.40 5.86 -94.77
N ASN KA 109 24.70 5.86 -93.46
CA ASN KA 109 23.90 6.66 -92.55
C ASN KA 109 24.01 8.13 -92.87
N TYR KA 110 25.14 8.56 -93.41
CA TYR KA 110 25.25 9.96 -93.74
C TYR KA 110 24.53 10.29 -95.04
N SER KA 111 24.54 9.38 -95.99
CA SER KA 111 23.86 9.63 -97.25
C SER KA 111 22.37 9.88 -97.04
N MET KA 112 21.78 9.23 -96.06
CA MET KA 112 20.37 9.50 -95.78
C MET KA 112 20.16 10.71 -94.88
N LEU KA 113 21.17 11.15 -94.14
CA LEU KA 113 21.02 12.40 -93.41
C LEU KA 113 20.73 13.55 -94.36
N LEU KA 114 21.06 13.38 -95.63
CA LEU KA 114 20.66 14.31 -96.67
C LEU KA 114 19.25 14.06 -97.16
N ALA KA 115 18.66 12.91 -96.83
CA ALA KA 115 17.27 12.65 -97.17
C ALA KA 115 16.32 13.33 -96.18
N CYS KA 116 16.65 13.30 -94.89
CA CYS KA 116 15.88 14.05 -93.91
C CYS KA 116 16.18 15.53 -94.05
N LYS KA 117 15.29 16.38 -93.54
CA LYS KA 117 15.43 17.79 -93.87
C LYS KA 117 16.50 18.49 -93.06
N ALA KA 118 16.82 17.99 -91.88
CA ALA KA 118 17.80 18.63 -91.02
C ALA KA 118 18.62 17.57 -90.33
N HIS KA 119 19.93 17.83 -90.21
CA HIS KA 119 20.78 16.99 -89.40
C HIS KA 119 21.77 17.87 -88.67
N ARG KA 120 22.23 17.40 -87.52
CA ARG KA 120 23.17 18.15 -86.75
C ARG KA 120 24.23 17.22 -86.18
N PRO KA 121 25.50 17.63 -86.20
CA PRO KA 121 26.58 16.70 -85.88
C PRO KA 121 26.74 16.33 -84.40
N THR KA 122 26.30 17.17 -83.46
CA THR KA 122 26.44 16.90 -82.03
C THR KA 122 27.83 16.38 -81.65
N LYS KA 123 27.90 15.32 -80.86
CA LYS KA 123 29.18 14.87 -80.34
C LYS KA 123 30.04 14.24 -81.44
N VAL KA 124 31.35 14.34 -81.27
CA VAL KA 124 32.30 13.77 -82.21
C VAL KA 124 33.54 13.35 -81.42
N GLY KA 125 34.16 12.25 -81.83
CA GLY KA 125 35.30 11.76 -81.06
C GLY KA 125 36.01 10.63 -81.77
N TYR KA 126 37.14 10.22 -81.18
CA TYR KA 126 37.91 9.14 -81.76
C TYR KA 126 38.74 8.47 -80.67
N THR KA 127 39.23 7.28 -80.99
CA THR KA 127 39.99 6.47 -80.05
C THR KA 127 41.25 5.94 -80.72
N LEU KA 128 42.38 6.08 -80.06
CA LEU KA 128 43.63 5.43 -80.42
C LEU KA 128 43.85 4.25 -79.50
N SER KA 129 44.16 3.09 -80.07
CA SER KA 129 44.18 1.87 -79.27
C SER KA 129 45.25 0.92 -79.75
N ASN KA 130 45.75 0.10 -78.82
CA ASN KA 130 46.66 -1.00 -79.09
C ASN KA 130 47.84 -0.55 -79.95
N LEU KA 131 48.67 0.25 -79.31
CA LEU KA 131 49.84 0.80 -79.96
C LEU KA 131 50.90 -0.28 -80.15
N ILE KA 132 51.49 -0.29 -81.33
CA ILE KA 132 52.62 -1.17 -81.65
C ILE KA 132 53.72 -0.29 -82.21
N LEU KA 133 54.83 -0.22 -81.49
CA LEU KA 133 56.03 0.45 -81.96
C LEU KA 133 56.98 -0.55 -82.58
N THR KA 134 57.57 -0.16 -83.70
CA THR KA 134 58.58 -0.95 -84.37
C THR KA 134 59.78 -0.06 -84.65
N SER KA 135 60.90 -0.67 -84.98
CA SER KA 135 62.15 0.05 -85.16
C SER KA 135 62.78 -0.35 -86.47
N ASP KA 136 63.23 0.64 -87.23
CA ASP KA 136 64.04 0.43 -88.42
C ASP KA 136 65.52 0.40 -88.11
N GLU KA 137 65.88 0.43 -86.83
CA GLU KA 137 67.29 0.52 -86.45
C GLU KA 137 68.10 -0.63 -87.03
N LEU KA 138 67.54 -1.83 -87.05
CA LEU KA 138 68.25 -2.95 -87.64
C LEU KA 138 68.24 -2.91 -89.16
N VAL KA 139 67.38 -2.08 -89.75
CA VAL KA 139 67.28 -1.97 -91.20
C VAL KA 139 68.45 -1.15 -91.73
N SER KA 140 69.00 -1.59 -92.85
CA SER KA 140 70.05 -0.86 -93.55
C SER KA 140 69.83 -1.05 -95.05
N THR KA 141 70.50 -0.21 -95.83
CA THR KA 141 70.34 -0.29 -97.29
C THR KA 141 70.80 -1.65 -97.82
N GLY KA 142 71.72 -2.31 -97.12
CA GLY KA 142 72.08 -3.67 -97.50
C GLY KA 142 70.95 -4.66 -97.28
N GLY KA 143 70.06 -4.36 -96.35
CA GLY KA 143 68.88 -5.20 -96.14
C GLY KA 143 69.16 -6.41 -95.26
N THR KA 144 68.45 -7.49 -95.58
CA THR KA 144 68.53 -8.79 -94.91
C THR KA 144 67.97 -8.76 -93.49
N LEU KA 145 67.73 -7.57 -92.95
CA LEU KA 145 67.06 -7.40 -91.67
C LEU KA 145 66.00 -6.33 -91.81
N GLY KA 146 64.76 -6.68 -91.46
CA GLY KA 146 63.65 -5.76 -91.53
C GLY KA 146 63.33 -5.14 -90.19
N THR KA 147 62.32 -4.27 -90.19
CA THR KA 147 61.91 -3.65 -88.96
C THR KA 147 61.29 -4.67 -88.03
N THR KA 148 61.34 -4.39 -86.74
CA THR KA 148 60.71 -5.27 -85.78
C THR KA 148 60.35 -4.44 -84.56
N THR KA 149 59.42 -4.97 -83.77
CA THR KA 149 58.97 -4.28 -82.58
C THR KA 149 60.14 -3.96 -81.66
N THR KA 150 60.02 -2.85 -80.94
CA THR KA 150 61.10 -2.39 -80.08
C THR KA 150 61.48 -3.46 -79.07
N PHE KA 151 62.78 -3.53 -78.76
CA PHE KA 151 63.30 -4.56 -77.88
C PHE KA 151 62.62 -4.53 -76.52
N ASN KA 152 62.34 -3.35 -76.01
CA ASN KA 152 61.58 -3.20 -74.78
C ASN KA 152 60.49 -2.15 -75.00
N THR KA 153 59.57 -2.08 -74.05
CA THR KA 153 58.39 -1.26 -74.17
C THR KA 153 58.59 0.16 -73.67
N SER KA 154 59.81 0.52 -73.29
CA SER KA 154 60.08 1.89 -72.86
C SER KA 154 59.77 2.96 -73.89
N PRO KA 155 59.98 2.76 -75.20
CA PRO KA 155 59.65 3.84 -76.14
C PRO KA 155 58.16 4.13 -76.15
N TYR KA 156 57.81 5.30 -76.68
CA TYR KA 156 56.44 5.77 -76.64
C TYR KA 156 56.19 6.70 -77.81
N MET KA 157 54.91 6.88 -78.12
CA MET KA 157 54.46 7.87 -79.08
C MET KA 157 53.73 8.95 -78.34
N ILE KA 158 54.05 10.20 -78.65
CA ILE KA 158 53.54 11.34 -77.89
C ILE KA 158 52.25 11.80 -78.55
N HIS KA 159 51.16 11.80 -77.81
CA HIS KA 159 49.92 12.39 -78.29
C HIS KA 159 49.78 13.78 -77.67
N SER KA 160 49.82 14.79 -78.52
CA SER KA 160 49.84 16.18 -78.07
C SER KA 160 48.51 16.84 -78.38
N ILE KA 161 47.95 17.52 -77.40
CA ILE KA 161 46.76 18.35 -77.57
C ILE KA 161 47.19 19.78 -77.35
N ASP KA 162 47.02 20.63 -78.34
CA ASP KA 162 47.50 22.00 -78.18
C ASP KA 162 46.33 22.82 -77.66
N ASP KA 163 46.37 23.15 -76.39
CA ASP KA 163 45.32 23.93 -75.74
C ASP KA 163 45.53 25.42 -75.94
N GLN KA 164 46.78 25.86 -75.83
CA GLN KA 164 47.13 27.26 -75.92
C GLN KA 164 47.25 27.72 -77.36
N GLN KA 165 47.04 26.82 -78.31
CA GLN KA 165 47.13 27.12 -79.73
C GLN KA 165 48.50 27.68 -80.09
N CYS KA 166 49.54 26.93 -79.72
CA CYS KA 166 50.86 27.22 -80.23
C CYS KA 166 50.84 27.28 -81.75
N LEU KA 167 50.13 26.35 -82.37
CA LEU KA 167 49.98 26.29 -83.82
C LEU KA 167 48.54 26.64 -84.15
N SER KA 168 48.34 27.81 -84.75
CA SER KA 168 47.01 28.22 -85.18
C SER KA 168 46.63 27.52 -86.47
N LYS KA 169 47.55 27.49 -87.42
CA LYS KA 169 47.31 26.98 -88.76
C LYS KA 169 48.50 26.12 -89.13
N VAL KA 170 48.22 24.94 -89.65
CA VAL KA 170 49.24 23.91 -89.83
C VAL KA 170 49.33 23.58 -91.32
N TYR KA 171 50.55 23.53 -91.83
CA TYR KA 171 50.81 23.28 -93.23
C TYR KA 171 51.56 21.96 -93.40
N PRO KA 172 51.42 21.31 -94.54
CA PRO KA 172 52.24 20.12 -94.81
C PRO KA 172 53.71 20.48 -94.96
N LYS KA 173 54.56 19.46 -94.85
CA LYS KA 173 55.98 19.67 -95.06
C LYS KA 173 56.26 20.08 -96.50
N THR KA 174 57.41 20.72 -96.70
CA THR KA 174 57.75 21.31 -97.98
C THR KA 174 57.56 20.31 -99.13
N ASP KA 175 58.12 19.11 -98.97
CA ASP KA 175 58.05 18.15 -100.06
C ASP KA 175 56.69 17.45 -100.13
N THR KA 176 56.11 17.14 -98.98
CA THR KA 176 54.91 16.31 -98.96
C THR KA 176 53.66 17.14 -99.24
N VAL KA 177 52.52 16.46 -99.28
CA VAL KA 177 51.23 17.11 -99.44
C VAL KA 177 50.20 16.23 -98.75
N TRP KA 178 49.07 16.82 -98.40
CA TRP KA 178 48.05 16.12 -97.64
C TRP KA 178 46.89 15.77 -98.55
N PRO KA 179 46.73 14.51 -98.96
CA PRO KA 179 45.53 14.14 -99.70
C PRO KA 179 44.34 14.02 -98.78
N VAL KA 180 43.17 14.36 -99.31
CA VAL KA 180 41.99 14.12 -98.49
C VAL KA 180 41.60 12.66 -98.55
N SER KA 181 41.95 11.97 -99.64
CA SER KA 181 41.69 10.54 -99.74
C SER KA 181 42.48 9.73 -98.74
N SER KA 182 43.54 10.30 -98.20
CA SER KA 182 44.41 9.65 -97.24
C SER KA 182 44.06 9.99 -95.80
N MET KA 183 42.95 10.71 -95.57
CA MET KA 183 42.73 11.42 -94.32
C MET KA 183 42.80 10.49 -93.11
N ARG KA 184 42.08 9.36 -93.15
CA ARG KA 184 41.91 8.60 -91.91
C ARG KA 184 43.12 7.77 -91.52
N GLU KA 185 43.96 7.34 -92.45
CA GLU KA 185 45.25 6.81 -92.02
C GLU KA 185 46.14 8.02 -91.90
N LEU KA 186 46.82 8.15 -90.76
CA LEU KA 186 47.30 9.48 -90.43
C LEU KA 186 48.68 9.57 -91.03
N ASP KA 187 48.76 10.18 -92.20
CA ASP KA 187 50.01 10.52 -92.87
C ASP KA 187 50.35 12.00 -92.82
N TYR KA 188 49.50 12.85 -92.23
CA TYR KA 188 49.72 14.26 -92.44
C TYR KA 188 50.84 14.71 -91.52
N VAL KA 189 51.93 15.17 -92.12
CA VAL KA 189 53.15 15.50 -91.39
C VAL KA 189 53.38 16.99 -91.49
N ALA KA 190 53.39 17.64 -90.35
CA ALA KA 190 53.77 19.03 -90.25
C ALA KA 190 55.16 19.11 -89.65
N SER KA 191 55.92 20.10 -90.07
CA SER KA 191 57.21 20.38 -89.46
C SER KA 191 57.08 21.72 -88.77
N THR KA 192 57.07 21.71 -87.44
CA THR KA 192 56.93 22.93 -86.67
C THR KA 192 58.31 23.53 -86.47
N VAL KA 193 58.50 24.75 -86.98
CA VAL KA 193 59.82 25.36 -87.06
C VAL KA 193 59.69 26.83 -86.70
N SER KA 194 60.56 27.30 -85.82
CA SER KA 194 60.69 28.72 -85.53
C SER KA 194 61.56 29.33 -86.64
N GLY KA 195 62.03 30.56 -86.46
CA GLY KA 195 62.76 31.14 -87.57
C GLY KA 195 64.00 30.36 -87.94
N ASP KA 196 64.95 30.22 -87.02
CA ASP KA 196 66.06 29.29 -87.19
C ASP KA 196 65.88 27.98 -86.43
N ASN KA 197 64.81 27.83 -85.65
CA ASN KA 197 64.72 26.78 -84.65
C ASN KA 197 63.71 25.73 -85.08
N ALA KA 198 64.13 24.47 -85.04
CA ALA KA 198 63.20 23.37 -85.22
C ALA KA 198 62.53 23.07 -83.89
N ILE KA 199 61.21 23.17 -83.86
CA ILE KA 199 60.46 22.97 -82.64
C ILE KA 199 60.22 21.48 -82.45
N ILE KA 200 60.56 20.97 -81.25
CA ILE KA 200 60.11 19.65 -80.86
C ILE KA 200 58.67 19.78 -80.41
N PRO KA 201 57.71 19.14 -81.09
CA PRO KA 201 56.29 19.45 -80.84
C PRO KA 201 55.86 19.23 -79.41
N SER KA 202 56.34 18.16 -78.77
CA SER KA 202 55.93 17.86 -77.40
C SER KA 202 56.29 18.97 -76.43
N THR KA 203 57.27 19.80 -76.75
CA THR KA 203 57.74 20.79 -75.79
C THR KA 203 56.83 22.00 -75.72
N ILE KA 204 56.27 22.43 -76.85
CA ILE KA 204 55.41 23.61 -76.84
C ILE KA 204 54.00 23.26 -76.40
N PHE KA 205 53.49 22.10 -76.80
CA PHE KA 205 52.09 21.79 -76.60
C PHE KA 205 51.77 21.56 -75.13
N ASN KA 206 50.49 21.71 -74.79
CA ASN KA 206 50.07 21.73 -73.40
C ASN KA 206 49.93 20.32 -72.85
N LYS KA 207 48.90 19.61 -73.26
CA LYS KA 207 48.71 18.23 -72.87
C LYS KA 207 49.50 17.34 -73.82
N ASN KA 208 50.46 16.62 -73.27
CA ASN KA 208 51.27 15.65 -74.00
C ASN KA 208 51.19 14.33 -73.28
N ARG KA 209 50.58 13.35 -73.91
CA ARG KA 209 50.46 12.02 -73.35
C ARG KA 209 51.55 11.14 -73.96
N TYR KA 210 52.39 10.55 -73.13
CA TYR KA 210 53.38 9.62 -73.63
C TYR KA 210 52.77 8.24 -73.55
N TRP KA 211 52.45 7.67 -74.70
CA TRP KA 211 51.59 6.51 -74.78
C TRP KA 211 52.42 5.34 -75.29
N LYS KA 212 52.54 4.33 -74.45
CA LYS KA 212 53.46 3.22 -74.68
C LYS KA 212 52.70 1.99 -75.15
N GLN KA 213 53.44 0.92 -75.36
CA GLN KA 213 52.87 -0.35 -75.73
C GLN KA 213 52.26 -0.99 -74.49
N GLY KA 214 50.97 -1.30 -74.55
CA GLY KA 214 50.25 -1.85 -73.44
C GLY KA 214 49.40 -0.86 -72.69
N ASP KA 215 49.61 0.44 -72.91
CA ASP KA 215 48.77 1.44 -72.27
C ASP KA 215 47.34 1.33 -72.77
N ASP KA 216 46.42 1.83 -71.94
CA ASP KA 216 45.02 1.81 -72.30
C ASP KA 216 44.78 2.71 -73.50
N ALA KA 217 43.66 2.47 -74.19
CA ALA KA 217 43.33 3.25 -75.35
C ALA KA 217 43.14 4.72 -74.98
N LEU KA 218 43.45 5.59 -75.93
CA LEU KA 218 43.32 7.03 -75.74
C LEU KA 218 42.02 7.49 -76.37
N HIS KA 219 41.11 7.99 -75.55
CA HIS KA 219 39.77 8.38 -75.99
C HIS KA 219 39.68 9.89 -76.01
N PHE KA 220 39.25 10.45 -77.14
CA PHE KA 220 39.11 11.89 -77.29
C PHE KA 220 37.74 12.19 -77.85
N SER KA 221 37.06 13.16 -77.27
CA SER KA 221 35.69 13.47 -77.64
C SER KA 221 35.50 14.97 -77.66
N HIS KA 222 34.53 15.41 -78.44
CA HIS KA 222 34.12 16.80 -78.45
C HIS KA 222 32.61 16.85 -78.54
N ASP KA 223 31.98 17.58 -77.62
CA ASP KA 223 30.54 17.75 -77.63
C ASP KA 223 30.20 19.04 -78.36
N LEU KA 224 29.26 18.96 -79.29
CA LEU KA 224 28.73 20.13 -79.97
C LEU KA 224 27.33 20.42 -79.45
N ASP KA 225 27.11 21.63 -78.97
CA ASP KA 225 25.76 22.13 -78.71
C ASP KA 225 25.50 23.26 -79.68
N LEU KA 226 24.65 22.99 -80.67
CA LEU KA 226 24.29 23.96 -81.69
C LEU KA 226 22.86 24.38 -81.44
N GLY KA 227 22.56 25.65 -81.68
CA GLY KA 227 21.18 26.02 -81.61
C GLY KA 227 20.43 25.82 -82.90
N PHE KA 228 21.09 25.28 -83.91
CA PHE KA 228 20.52 25.21 -85.25
C PHE KA 228 20.88 23.87 -85.86
N TRP KA 229 20.50 23.72 -87.12
CA TRP KA 229 20.58 22.46 -87.84
C TRP KA 229 21.20 22.72 -89.20
N PHE KA 230 21.58 21.66 -89.88
CA PHE KA 230 22.17 21.78 -91.21
C PHE KA 230 21.30 21.07 -92.23
N GLY KA 231 21.10 21.70 -93.38
CA GLY KA 231 20.29 21.11 -94.41
C GLY KA 231 21.06 20.55 -95.58
N SER KA 232 22.36 20.81 -95.64
CA SER KA 232 23.18 20.40 -96.77
C SER KA 232 24.29 19.46 -96.29
N ASP KA 233 25.10 19.00 -97.22
CA ASP KA 233 26.22 18.16 -96.84
C ASP KA 233 27.35 19.01 -96.30
N TYR KA 234 28.18 18.40 -95.45
CA TYR KA 234 29.31 19.14 -94.90
C TYR KA 234 30.30 19.54 -95.99
N GLY KA 235 30.65 18.61 -96.87
CA GLY KA 235 31.44 19.00 -98.02
C GLY KA 235 32.80 19.55 -97.66
N ASN KA 236 33.61 18.75 -96.97
CA ASN KA 236 34.92 19.12 -96.44
C ASN KA 236 34.87 20.44 -95.66
N ALA KA 237 33.94 20.48 -94.71
CA ALA KA 237 33.86 21.53 -93.72
C ALA KA 237 34.42 21.02 -92.40
N TYR KA 238 35.05 21.91 -91.64
CA TYR KA 238 35.37 21.59 -90.26
C TYR KA 238 34.08 21.31 -89.51
N VAL KA 239 34.10 20.29 -88.66
CA VAL KA 239 32.96 20.08 -87.77
C VAL KA 239 32.74 21.34 -86.95
N PRO KA 240 31.50 21.83 -86.82
CA PRO KA 240 31.28 23.23 -86.46
C PRO KA 240 32.00 23.69 -85.22
N GLN KA 241 32.64 24.85 -85.32
CA GLN KA 241 33.43 25.43 -84.27
C GLN KA 241 33.25 26.94 -84.32
N ASN KA 242 33.36 27.58 -83.17
CA ASN KA 242 33.37 29.04 -83.08
C ASN KA 242 34.75 29.45 -82.61
N ASN KA 243 35.53 30.10 -83.46
CA ASN KA 243 36.90 30.38 -83.11
C ASN KA 243 37.38 31.64 -83.77
N ASP KA 244 38.63 31.99 -83.47
CA ASP KA 244 39.33 33.01 -84.23
C ASP KA 244 39.48 32.62 -85.68
N SER KA 245 39.66 31.33 -85.95
CA SER KA 245 39.83 30.87 -87.32
C SER KA 245 38.50 30.65 -88.03
N MET KA 246 37.44 30.26 -87.33
CA MET KA 246 36.26 29.79 -88.03
C MET KA 246 35.01 29.93 -87.17
N ASN KA 247 33.87 29.94 -87.84
CA ASN KA 247 32.57 30.00 -87.19
C ASN KA 247 31.69 28.85 -87.65
N ALA KA 248 30.72 28.50 -86.81
CA ALA KA 248 29.97 27.27 -86.98
C ALA KA 248 28.90 27.37 -88.06
N VAL KA 249 28.36 28.55 -88.28
CA VAL KA 249 27.24 28.75 -89.19
C VAL KA 249 27.77 29.33 -90.50
N GLY KA 250 27.32 28.79 -91.62
CA GLY KA 250 27.96 29.10 -92.89
C GLY KA 250 27.29 30.07 -93.83
N THR KA 251 26.03 30.41 -93.56
CA THR KA 251 25.30 31.28 -94.46
C THR KA 251 25.56 32.74 -94.08
N ILE KA 252 25.79 33.57 -95.09
CA ILE KA 252 25.87 35.00 -94.87
C ILE KA 252 24.48 35.50 -94.49
N PRO KA 253 24.32 36.08 -93.30
CA PRO KA 253 23.02 36.66 -92.95
C PRO KA 253 22.68 37.84 -93.84
N THR KA 254 21.38 38.05 -94.05
CA THR KA 254 20.89 39.00 -95.03
C THR KA 254 19.90 39.96 -94.37
N SER KA 255 19.62 41.04 -95.09
CA SER KA 255 19.13 42.28 -94.49
C SER KA 255 17.70 42.16 -93.95
N LYS KA 256 17.43 42.97 -92.94
CA LYS KA 256 16.07 43.31 -92.50
C LYS KA 256 15.30 42.10 -91.97
N HIS KA 257 16.00 41.22 -91.26
CA HIS KA 257 15.37 40.14 -90.53
C HIS KA 257 16.41 39.50 -89.62
N ILE KA 258 15.98 38.46 -88.92
CA ILE KA 258 16.79 37.82 -87.88
C ILE KA 258 17.44 36.59 -88.48
N ASN KA 259 18.69 36.34 -88.09
CA ASN KA 259 19.49 35.26 -88.64
C ASN KA 259 20.21 34.55 -87.51
N VAL KA 260 20.42 33.26 -87.66
CA VAL KA 260 21.17 32.52 -86.65
C VAL KA 260 22.65 32.85 -86.80
N ARG KA 261 23.27 33.22 -85.69
CA ARG KA 261 24.64 33.74 -85.66
C ARG KA 261 25.44 32.92 -84.67
N GLY KA 262 26.66 32.57 -85.04
CA GLY KA 262 27.53 31.87 -84.11
C GLY KA 262 27.90 32.73 -82.93
N VAL KA 263 28.13 32.09 -81.79
CA VAL KA 263 28.45 32.80 -80.56
C VAL KA 263 29.22 31.84 -79.66
N ASN KA 264 30.00 32.38 -78.74
CA ASN KA 264 30.54 31.74 -77.54
C ASN KA 264 31.84 30.94 -77.62
N ASN KA 265 32.49 30.76 -78.76
CA ASN KA 265 33.80 30.09 -78.76
C ASN KA 265 33.73 28.68 -78.18
N ARG KA 266 33.15 27.78 -78.97
CA ARG KA 266 33.40 26.35 -78.81
C ARG KA 266 34.31 25.91 -79.95
N GLY KA 267 35.40 25.25 -79.60
CA GLY KA 267 36.34 24.82 -80.63
C GLY KA 267 37.07 23.57 -80.19
N MET KA 268 37.87 23.02 -81.10
CA MET KA 268 38.62 21.80 -80.80
C MET KA 268 40.12 22.04 -80.76
N ALA KA 269 40.79 21.39 -79.83
CA ALA KA 269 42.24 21.52 -79.68
C ALA KA 269 42.96 20.74 -80.77
N GLY KA 270 44.03 21.31 -81.31
CA GLY KA 270 44.79 20.67 -82.37
C GLY KA 270 45.57 19.46 -81.89
N HIS KA 271 44.96 18.28 -82.03
CA HIS KA 271 45.61 17.03 -81.64
C HIS KA 271 46.77 16.75 -82.58
N TYR KA 272 47.81 16.09 -82.05
CA TYR KA 272 48.97 15.78 -82.88
C TYR KA 272 49.64 14.52 -82.35
N LEU KA 273 50.44 13.90 -83.21
CA LEU KA 273 51.21 12.72 -82.85
C LEU KA 273 52.67 12.96 -83.23
N SER KA 274 53.56 12.56 -82.33
CA SER KA 274 54.99 12.76 -82.55
C SER KA 274 55.75 11.73 -81.74
N PHE KA 275 57.01 11.59 -82.06
CA PHE KA 275 57.85 10.68 -81.31
C PHE KA 275 58.94 11.46 -80.59
N PRO KA 276 59.37 10.99 -79.42
CA PRO KA 276 60.42 11.68 -78.69
C PRO KA 276 61.73 11.61 -79.45
N PRO KA 277 62.50 12.69 -79.46
CA PRO KA 277 63.83 12.61 -80.08
C PRO KA 277 64.71 11.63 -79.32
N ILE KA 278 65.30 10.69 -80.04
CA ILE KA 278 66.24 9.74 -79.48
C ILE KA 278 67.43 9.72 -80.41
N ARG KA 279 68.58 10.15 -79.92
CA ARG KA 279 69.76 10.16 -80.77
C ARG KA 279 70.34 8.77 -80.90
N THR KA 280 70.92 8.52 -82.07
CA THR KA 280 71.57 7.26 -82.38
C THR KA 280 73.01 7.53 -82.79
N ASN KA 281 73.72 6.47 -83.16
CA ASN KA 281 75.01 6.63 -83.79
C ASN KA 281 74.92 7.53 -85.01
N ASP KA 282 73.81 7.44 -85.75
CA ASP KA 282 73.55 8.32 -86.88
C ASP KA 282 72.13 8.86 -86.80
N GLY KA 283 72.02 10.18 -86.68
CA GLY KA 283 70.71 10.79 -86.73
C GLY KA 283 69.85 10.44 -85.54
N GLN KA 284 68.58 10.15 -85.81
CA GLN KA 284 67.57 9.96 -84.79
C GLN KA 284 67.09 8.52 -84.80
N PHE KA 285 66.60 8.08 -83.65
CA PHE KA 285 66.09 6.72 -83.54
C PHE KA 285 64.86 6.60 -84.42
N LYS KA 286 64.74 5.49 -85.11
CA LYS KA 286 63.62 5.33 -86.04
C LYS KA 286 62.51 4.63 -85.30
N LEU KA 287 61.45 5.37 -84.98
CA LEU KA 287 60.27 4.82 -84.35
C LEU KA 287 59.13 4.81 -85.35
N ASN KA 288 58.46 3.68 -85.42
CA ASN KA 288 57.31 3.49 -86.27
C ASN KA 288 56.20 3.07 -85.34
N ALA KA 289 54.98 3.48 -85.64
CA ALA KA 289 53.86 3.19 -84.75
C ALA KA 289 52.73 2.58 -85.53
N GLN KA 290 52.04 1.62 -84.91
CA GLN KA 290 50.73 1.20 -85.34
C GLN KA 290 49.75 1.40 -84.21
N PHE KA 291 48.53 1.77 -84.56
CA PHE KA 291 47.42 1.75 -83.61
C PHE KA 291 46.14 1.68 -84.41
N THR KA 292 45.06 1.32 -83.73
CA THR KA 292 43.76 1.31 -84.36
C THR KA 292 43.07 2.64 -84.12
N LEU KA 293 42.45 3.17 -85.14
CA LEU KA 293 41.71 4.42 -85.06
C LEU KA 293 40.23 4.09 -85.11
N GLU KA 294 39.53 4.29 -84.01
CA GLU KA 294 38.08 4.17 -83.96
C GLU KA 294 37.51 5.57 -83.80
N THR KA 295 36.83 6.05 -84.84
CA THR KA 295 36.17 7.34 -84.79
C THR KA 295 34.67 7.14 -84.69
N GLU KA 296 34.01 8.04 -83.98
CA GLU KA 296 32.55 8.03 -83.90
C GLU KA 296 32.05 9.45 -83.97
N ILE KA 297 31.06 9.68 -84.82
CA ILE KA 297 30.36 10.94 -84.89
C ILE KA 297 28.87 10.67 -84.72
N GLU KA 298 28.24 11.38 -83.82
CA GLU KA 298 26.86 11.13 -83.46
C GLU KA 298 25.99 12.23 -84.04
N PHE KA 299 25.19 11.92 -85.04
CA PHE KA 299 24.29 12.90 -85.63
C PHE KA 299 22.92 12.85 -84.99
N GLU KA 300 22.33 14.03 -84.83
CA GLU KA 300 20.89 14.16 -84.66
C GLU KA 300 20.29 14.57 -85.99
N PHE KA 301 19.12 14.03 -86.31
CA PHE KA 301 18.44 14.46 -87.52
C PHE KA 301 16.96 14.61 -87.23
N ARG KA 302 16.26 15.22 -88.17
CA ARG KA 302 14.90 15.67 -87.96
C ARG KA 302 14.16 15.55 -89.28
N LEU KA 303 12.89 15.19 -89.23
CA LEU KA 303 12.17 14.79 -90.42
C LEU KA 303 11.27 15.91 -90.93
N TRP KA 304 10.56 15.60 -92.00
CA TRP KA 304 9.80 16.55 -92.79
C TRP KA 304 8.49 16.93 -92.11
N GLU KA 305 7.93 18.05 -92.55
CA GLU KA 305 6.69 18.57 -91.99
C GLU KA 305 5.54 17.61 -92.25
N GLN KA 306 4.69 17.43 -91.24
CA GLN KA 306 3.50 16.62 -91.42
C GLN KA 306 2.45 17.36 -92.22
N GLY KA 307 1.54 16.60 -92.81
CA GLY KA 307 0.44 17.17 -93.54
C GLY KA 307 0.74 17.33 -95.00
N VAL KA 308 -0.16 18.03 -95.67
CA VAL KA 308 0.03 18.32 -97.09
C VAL KA 308 1.28 19.13 -97.31
N GLN KA 309 1.74 19.86 -96.30
CA GLN KA 309 2.98 20.61 -96.42
C GLN KA 309 4.16 19.72 -96.77
N GLY KA 310 4.14 18.47 -96.31
CA GLY KA 310 5.21 17.54 -96.54
C GLY KA 310 5.07 16.69 -97.77
N ILE KA 311 4.07 16.94 -98.61
CA ILE KA 311 3.94 16.22 -99.87
C ILE KA 311 5.01 16.67 -100.84
N ASN KA 312 5.66 15.71 -101.51
CA ASN KA 312 6.78 16.03 -102.39
C ASN KA 312 6.42 17.10 -103.41
N SER KA 313 5.26 16.96 -104.06
CA SER KA 313 4.94 17.87 -105.16
C SER KA 313 4.74 19.29 -104.66
N VAL KA 314 4.06 19.46 -103.53
CA VAL KA 314 3.76 20.79 -103.01
C VAL KA 314 4.76 21.25 -101.96
N HIS KA 315 5.73 20.42 -101.57
CA HIS KA 315 6.68 20.86 -100.56
C HIS KA 315 7.67 21.86 -101.10
N THR KA 316 7.88 21.90 -102.41
CA THR KA 316 8.82 22.87 -102.96
C THR KA 316 8.38 24.29 -102.63
N ASN KA 317 7.14 24.64 -102.98
CA ASN KA 317 6.63 25.97 -102.75
C ASN KA 317 5.88 26.14 -101.43
N LEU KA 318 5.58 25.06 -100.70
CA LEU KA 318 5.11 25.18 -99.32
C LEU KA 318 6.20 24.98 -98.29
N ASN KA 319 7.44 24.82 -98.70
CA ASN KA 319 8.54 24.75 -97.75
C ASN KA 319 8.54 26.02 -96.90
N PRO KA 320 8.68 25.91 -95.58
CA PRO KA 320 8.69 27.11 -94.75
C PRO KA 320 9.87 28.01 -95.09
N ALA KA 321 9.60 29.30 -95.19
CA ALA KA 321 10.70 30.24 -95.38
C ALA KA 321 11.49 30.47 -94.11
N ASN KA 322 10.99 29.99 -92.97
CA ASN KA 322 11.72 30.10 -91.72
C ASN KA 322 12.62 28.90 -91.47
N ASP KA 323 12.73 27.98 -92.43
CA ASP KA 323 13.84 27.03 -92.39
C ASP KA 323 15.15 27.77 -92.22
N SER KA 324 15.35 28.83 -93.00
CA SER KA 324 16.58 29.62 -92.90
C SER KA 324 16.82 30.11 -91.50
N LEU KA 325 15.78 30.13 -90.67
CA LEU KA 325 15.92 30.57 -89.30
C LEU KA 325 16.67 29.51 -88.48
N TRP KA 326 16.18 28.27 -88.48
CA TRP KA 326 16.83 27.17 -87.79
C TRP KA 326 17.66 26.24 -88.69
N ILE KA 327 17.65 26.38 -90.01
CA ILE KA 327 18.46 25.46 -90.83
C ILE KA 327 19.59 26.19 -91.55
N GLN KA 328 20.84 25.84 -91.25
CA GLN KA 328 21.89 26.81 -91.48
C GLN KA 328 23.13 26.45 -92.28
N SER KA 329 23.19 25.28 -92.90
CA SER KA 329 24.35 24.78 -93.67
C SER KA 329 25.63 24.57 -92.83
N TYR KA 330 26.80 24.64 -93.47
CA TYR KA 330 28.07 24.41 -92.76
C TYR KA 330 28.94 25.65 -92.72
N GLY KA 331 29.63 25.88 -91.60
CA GLY KA 331 30.26 27.17 -91.44
C GLY KA 331 31.53 27.44 -92.22
N SER KA 332 32.52 26.59 -92.03
CA SER KA 332 33.86 26.91 -92.52
C SER KA 332 34.50 25.64 -93.06
N LEU KA 333 35.16 25.78 -94.19
CA LEU KA 333 35.68 24.67 -94.95
C LEU KA 333 37.17 24.54 -94.71
N VAL KA 334 37.65 23.30 -94.69
CA VAL KA 334 39.08 23.12 -94.82
C VAL KA 334 39.49 23.63 -96.19
N SER KA 335 40.75 24.00 -96.32
CA SER KA 335 41.22 24.61 -97.56
C SER KA 335 41.72 23.49 -98.45
N ILE KA 336 41.01 23.24 -99.54
CA ILE KA 336 41.25 22.12 -100.42
C ILE KA 336 41.48 22.67 -101.82
N THR KA 337 42.68 22.48 -102.34
CA THR KA 337 42.91 22.62 -103.77
C THR KA 337 43.10 21.22 -104.33
N GLU KA 338 42.51 20.98 -105.49
CA GLU KA 338 42.44 19.64 -106.07
C GLU KA 338 41.83 18.74 -105.00
N SER KA 339 42.40 17.57 -104.74
CA SER KA 339 41.97 16.70 -103.66
C SER KA 339 42.80 16.90 -102.39
N LYS KA 340 43.69 17.87 -102.37
CA LYS KA 340 44.75 17.95 -101.38
C LYS KA 340 44.51 19.07 -100.40
N ILE KA 341 44.68 18.78 -99.10
CA ILE KA 341 44.47 19.78 -98.07
C ILE KA 341 45.62 20.78 -98.08
N ASN KA 342 45.28 22.06 -98.12
CA ASN KA 342 46.31 23.10 -98.11
C ASN KA 342 46.83 23.34 -96.71
N ASN KA 343 45.94 23.39 -95.73
CA ASN KA 343 46.30 23.67 -94.35
C ASN KA 343 45.18 23.16 -93.46
N ILE KA 344 45.49 23.01 -92.19
CA ILE KA 344 44.47 22.67 -91.20
C ILE KA 344 44.52 23.73 -90.09
N GLN KA 345 43.37 24.28 -89.77
CA GLN KA 345 43.21 25.23 -88.70
C GLN KA 345 42.60 24.51 -87.51
N PHE KA 346 43.03 24.87 -86.30
CA PHE KA 346 42.50 24.19 -85.13
C PHE KA 346 41.61 25.08 -84.25
N GLY KA 347 42.16 26.12 -83.67
CA GLY KA 347 41.36 27.02 -82.85
C GLY KA 347 40.45 26.42 -81.78
N PRO KA 348 41.04 26.01 -80.66
CA PRO KA 348 40.40 25.38 -79.52
C PRO KA 348 39.59 26.35 -78.68
N THR KA 349 38.80 25.84 -77.75
CA THR KA 349 38.07 26.75 -76.89
C THR KA 349 39.19 27.11 -75.97
N CYS KA 350 39.75 28.31 -76.11
CA CYS KA 350 40.89 28.65 -75.29
C CYS KA 350 40.47 28.96 -73.89
N PRO KA 351 41.28 28.54 -72.92
CA PRO KA 351 40.98 28.68 -71.50
C PRO KA 351 41.06 30.10 -71.00
N ARG KA 352 41.71 31.01 -71.74
CA ARG KA 352 41.81 32.38 -71.28
C ARG KA 352 40.68 33.27 -71.75
N VAL KA 353 39.79 32.78 -72.61
CA VAL KA 353 38.52 33.46 -72.82
C VAL KA 353 37.70 33.36 -71.54
N ASP KA 354 36.94 34.42 -71.25
CA ASP KA 354 36.10 34.45 -70.07
C ASP KA 354 35.19 33.23 -70.06
N ALA KA 355 35.11 32.56 -68.92
CA ALA KA 355 34.28 31.36 -68.81
C ALA KA 355 32.83 31.65 -69.13
N ARG KA 356 32.40 32.91 -69.03
CA ARG KA 356 31.03 33.25 -69.38
C ARG KA 356 30.82 33.21 -70.87
N ASN KA 357 31.88 33.40 -71.65
CA ASN KA 357 31.77 33.26 -73.10
C ASN KA 357 31.83 31.81 -73.54
N LYS KA 358 32.49 30.94 -72.79
CA LYS KA 358 32.81 29.60 -73.26
C LYS KA 358 31.67 28.61 -73.10
N GLY KA 359 30.50 29.06 -72.66
CA GLY KA 359 29.44 28.14 -72.29
C GLY KA 359 28.78 27.43 -73.45
N GLY KA 360 27.60 26.86 -73.18
CA GLY KA 360 27.07 25.80 -74.01
C GLY KA 360 26.65 26.08 -75.43
N LYS KA 361 25.76 27.05 -75.65
CA LYS KA 361 25.06 27.17 -76.91
C LYS KA 361 25.91 27.88 -77.96
N MET KA 362 26.10 27.25 -79.11
CA MET KA 362 26.99 27.77 -80.13
C MET KA 362 26.34 28.72 -81.11
N SER KA 363 25.08 29.04 -80.96
CA SER KA 363 24.49 29.99 -81.89
C SER KA 363 23.43 30.82 -81.17
N MET KA 364 23.15 31.96 -81.76
CA MET KA 364 22.11 32.84 -81.25
C MET KA 364 21.34 33.32 -82.46
N LEU KA 365 20.08 33.67 -82.24
CA LEU KA 365 19.21 34.09 -83.31
C LEU KA 365 19.15 35.61 -83.23
N PHE KA 366 19.92 36.25 -84.08
CA PHE KA 366 20.16 37.68 -84.04
C PHE KA 366 19.94 38.34 -85.39
N ASP KA 367 19.31 39.51 -85.37
CA ASP KA 367 18.98 40.24 -86.58
C ASP KA 367 20.13 40.89 -87.32
N HIS KA 368 19.90 41.16 -88.60
CA HIS KA 368 20.89 41.83 -89.41
C HIS KA 368 20.22 43.00 -90.11
N HIS KA 369 20.86 44.17 -90.09
CA HIS KA 369 20.29 45.34 -90.72
C HIS KA 369 20.99 45.67 -92.04
N GLU LA 36 -23.98 26.85 -69.64
CA GLU LA 36 -22.61 26.46 -69.96
C GLU LA 36 -22.10 27.30 -71.13
N GLY LA 37 -20.78 27.47 -71.22
CA GLY LA 37 -20.20 28.27 -72.27
C GLY LA 37 -20.13 29.73 -71.91
N ASP LA 38 -19.68 30.52 -72.86
CA ASP LA 38 -19.56 31.96 -72.64
C ASP LA 38 -20.86 32.71 -72.92
N GLY LA 39 -21.93 31.99 -73.27
CA GLY LA 39 -23.21 32.59 -73.54
C GLY LA 39 -23.59 32.62 -75.00
N SER LA 40 -22.63 32.39 -75.88
CA SER LA 40 -22.82 32.44 -77.32
C SER LA 40 -23.82 31.45 -77.88
N ALA LA 41 -24.27 30.51 -77.04
CA ALA LA 41 -25.22 29.48 -77.46
C ALA LA 41 -26.63 30.02 -77.64
N PRO LA 42 -27.48 29.27 -78.32
CA PRO LA 42 -28.83 29.78 -78.49
C PRO LA 42 -29.61 30.03 -77.20
N GLY LA 43 -29.50 29.22 -76.16
CA GLY LA 43 -30.26 29.45 -74.95
C GLY LA 43 -29.47 29.74 -73.68
N GLY LA 44 -30.11 30.36 -72.69
CA GLY LA 44 -29.41 30.70 -71.46
C GLY LA 44 -29.03 32.16 -71.30
N SER LA 45 -27.79 32.43 -70.91
CA SER LA 45 -27.30 33.79 -70.73
C SER LA 45 -26.85 34.49 -72.01
N VAL LA 46 -26.92 35.80 -72.05
CA VAL LA 46 -26.56 36.64 -73.18
C VAL LA 46 -25.08 36.85 -73.31
N TRP LA 47 -24.53 36.58 -74.49
CA TRP LA 47 -23.12 36.84 -74.70
C TRP LA 47 -23.05 38.33 -74.79
N GLN LA 48 -22.18 38.94 -74.01
CA GLN LA 48 -22.09 40.38 -74.04
C GLN LA 48 -20.66 40.83 -74.24
N THR LA 49 -20.51 41.99 -74.85
CA THR LA 49 -19.23 42.52 -75.28
C THR LA 49 -18.42 43.02 -74.09
N THR LA 50 -17.12 43.18 -74.32
CA THR LA 50 -16.19 43.60 -73.27
C THR LA 50 -16.52 45.00 -72.77
N ASP LA 51 -16.08 45.27 -71.54
CA ASP LA 51 -16.37 46.51 -70.85
C ASP LA 51 -15.43 47.61 -71.33
N TYR LA 52 -16.00 48.72 -71.78
CA TYR LA 52 -15.21 49.88 -72.14
C TYR LA 52 -15.03 50.90 -71.01
N ILE LA 53 -15.69 50.72 -69.87
CA ILE LA 53 -15.52 51.68 -68.79
C ILE LA 53 -14.15 51.52 -68.14
N ALA LA 54 -13.78 50.29 -67.82
CA ALA LA 54 -12.62 50.03 -66.96
C ALA LA 54 -11.39 50.80 -67.40
N LEU LA 55 -11.14 50.88 -68.71
CA LEU LA 55 -9.99 51.61 -69.19
C LEU LA 55 -10.20 53.10 -69.27
N SER LA 56 -11.45 53.57 -69.32
CA SER LA 56 -11.66 55.01 -69.31
C SER LA 56 -11.59 55.59 -67.91
N MET LA 57 -11.77 54.77 -66.87
CA MET LA 57 -11.71 55.24 -65.50
C MET LA 57 -10.34 55.13 -64.87
N VAL LA 58 -9.38 54.46 -65.51
CA VAL LA 58 -8.09 54.27 -64.87
C VAL LA 58 -7.40 55.62 -64.75
N VAL LA 59 -6.95 55.94 -63.54
CA VAL LA 59 -6.33 57.21 -63.22
C VAL LA 59 -4.83 57.02 -63.26
N TYR LA 60 -4.16 57.77 -64.12
CA TYR LA 60 -2.72 57.75 -64.21
C TYR LA 60 -2.17 58.97 -63.49
N ARG LA 61 -1.02 58.81 -62.86
CA ARG LA 61 -0.54 59.78 -61.89
C ARG LA 61 0.89 60.16 -62.23
N THR LA 62 1.12 61.43 -62.54
CA THR LA 62 2.45 61.93 -62.87
C THR LA 62 2.81 63.12 -61.99
N ALA LA 63 3.96 63.74 -62.26
CA ALA LA 63 4.37 64.91 -61.50
C ALA LA 63 5.33 65.73 -62.35
N ILE LA 64 5.49 66.99 -61.96
CA ILE LA 64 6.45 67.90 -62.56
C ILE LA 64 7.31 68.47 -61.46
N LYS LA 65 8.60 68.17 -61.51
CA LYS LA 65 9.55 68.63 -60.51
C LYS LA 65 10.54 69.57 -61.17
N LEU LA 66 10.81 70.69 -60.51
CA LEU LA 66 11.70 71.72 -61.05
C LEU LA 66 12.54 72.30 -59.92
N ARG LA 67 13.81 72.58 -60.21
CA ARG LA 67 14.68 73.24 -59.25
C ARG LA 67 15.09 74.60 -59.76
N ASN LA 68 15.42 75.47 -58.81
CA ASN LA 68 15.69 76.86 -59.08
C ASN LA 68 16.59 77.35 -57.98
N PHE LA 69 17.39 78.37 -58.28
CA PHE LA 69 18.13 79.10 -57.26
C PHE LA 69 17.48 80.47 -57.10
N VAL LA 70 17.18 80.85 -55.87
CA VAL LA 70 16.53 82.11 -55.56
C VAL LA 70 17.54 83.02 -54.90
N ASN LA 71 17.65 84.24 -55.39
CA ASN LA 71 18.50 85.27 -54.80
C ASN LA 71 17.61 86.43 -54.40
N ILE LA 72 17.52 86.69 -53.11
CA ILE LA 72 16.69 87.76 -52.57
C ILE LA 72 17.63 88.84 -52.06
N ARG LA 73 17.63 89.99 -52.71
CA ARG LA 73 18.52 91.07 -52.36
C ARG LA 73 17.76 92.36 -52.12
N GLY LA 74 18.34 93.22 -51.30
CA GLY LA 74 17.80 94.56 -51.10
C GLY LA 74 16.40 94.58 -50.56
N LEU LA 75 16.06 93.65 -49.68
CA LEU LA 75 14.72 93.53 -49.14
C LEU LA 75 14.73 94.13 -47.74
N THR LA 76 14.07 95.27 -47.58
CA THR LA 76 14.04 95.93 -46.28
C THR LA 76 13.06 95.22 -45.36
N PRO LA 77 13.13 95.45 -44.05
CA PRO LA 77 12.27 94.70 -43.13
C PRO LA 77 10.79 94.97 -43.30
N THR LA 78 10.40 96.10 -43.87
CA THR LA 78 8.98 96.35 -44.11
C THR LA 78 8.47 95.55 -45.31
N GLU LA 79 9.23 95.58 -46.40
CA GLU LA 79 8.86 94.85 -47.60
C GLU LA 79 9.13 93.36 -47.43
N MET LA 80 8.46 92.57 -48.26
CA MET LA 80 8.34 91.13 -48.04
C MET LA 80 8.20 90.42 -49.38
N ILE LA 81 8.80 89.24 -49.49
CA ILE LA 81 8.71 88.44 -50.70
C ILE LA 81 7.45 87.59 -50.65
N VAL LA 82 6.66 87.68 -51.70
CA VAL LA 82 5.43 86.90 -51.83
C VAL LA 82 5.77 85.62 -52.57
N ILE LA 83 5.49 84.47 -51.95
CA ILE LA 83 5.77 83.20 -52.60
C ILE LA 83 4.57 82.94 -53.51
N PRO LA 84 4.71 82.99 -54.80
CA PRO LA 84 3.57 82.72 -55.67
C PRO LA 84 3.24 81.23 -55.72
N TRP LA 85 3.06 80.64 -54.55
CA TRP LA 85 3.03 79.19 -54.48
C TRP LA 85 1.63 78.66 -54.64
N ASN LA 86 0.63 79.54 -54.67
CA ASN LA 86 -0.74 79.14 -54.91
C ASN LA 86 -1.18 79.33 -56.35
N VAL LA 87 -0.29 79.77 -57.24
CA VAL LA 87 -0.60 79.89 -58.65
C VAL LA 87 -0.09 78.65 -59.36
N MET LA 88 -0.91 78.12 -60.26
CA MET LA 88 -0.60 76.85 -60.90
C MET LA 88 0.66 76.95 -61.74
N ARG LA 89 0.86 78.09 -62.39
CA ARG LA 89 2.00 78.29 -63.28
C ARG LA 89 3.33 78.26 -62.55
N PHE LA 90 3.32 78.41 -61.24
CA PHE LA 90 4.55 78.39 -60.47
C PHE LA 90 5.22 77.03 -60.54
N TYR LA 91 4.44 75.96 -60.42
CA TYR LA 91 5.01 74.63 -60.30
C TYR LA 91 5.36 74.01 -61.65
N CYS LA 92 4.46 74.12 -62.62
CA CYS LA 92 4.58 73.41 -63.88
C CYS LA 92 5.14 74.24 -65.02
N GLU LA 93 5.46 75.50 -64.79
CA GLU LA 93 6.12 76.32 -65.79
C GLU LA 93 7.31 76.97 -65.13
N TYR LA 94 8.44 76.98 -65.83
CA TYR LA 94 9.71 77.33 -65.22
C TYR LA 94 10.03 78.76 -65.60
N ASN LA 95 9.85 79.68 -64.68
CA ASN LA 95 10.10 81.09 -65.01
C ASN LA 95 11.30 81.50 -64.18
N THR LA 96 12.45 81.59 -64.85
CA THR LA 96 13.67 82.03 -64.21
C THR LA 96 14.47 82.79 -65.25
N GLY LA 97 14.95 83.97 -64.91
CA GLY LA 97 15.90 84.64 -65.77
C GLY LA 97 15.41 84.78 -67.20
N THR LA 98 16.19 84.27 -68.13
CA THR LA 98 15.89 84.36 -69.55
C THR LA 98 14.82 83.38 -70.00
N TYR LA 99 14.60 82.30 -69.25
CA TYR LA 99 13.64 81.28 -69.67
C TYR LA 99 12.26 81.88 -69.90
N GLY LA 100 11.71 82.57 -68.90
CA GLY LA 100 10.39 83.15 -69.04
C GLY LA 100 10.24 84.08 -70.22
N LEU LA 101 11.34 84.66 -70.70
CA LEU LA 101 11.29 85.49 -71.90
C LEU LA 101 11.14 84.62 -73.14
N SER LA 102 11.80 83.47 -73.17
CA SER LA 102 11.67 82.53 -74.27
C SER LA 102 10.30 81.85 -74.22
N GLY LA 103 9.89 81.31 -75.37
CA GLY LA 103 8.55 80.79 -75.51
C GLY LA 103 8.39 79.35 -75.05
N ASN LA 104 7.18 79.04 -74.60
CA ASN LA 104 6.75 77.69 -74.24
C ASN LA 104 7.74 77.04 -73.29
N VAL LA 105 7.75 77.57 -72.06
CA VAL LA 105 8.63 77.04 -71.02
C VAL LA 105 7.90 76.03 -70.15
N HIS LA 106 6.67 75.68 -70.48
CA HIS LA 106 5.98 74.61 -69.76
C HIS LA 106 6.76 73.32 -69.82
N HIS LA 107 6.67 72.54 -68.75
CA HIS LA 107 7.30 71.24 -68.72
C HIS LA 107 6.55 70.31 -69.67
N LYS LA 108 7.28 69.38 -70.29
CA LYS LA 108 6.68 68.58 -71.34
C LYS LA 108 5.69 67.55 -70.80
N ASN LA 109 5.79 67.16 -69.53
CA ASN LA 109 4.72 66.36 -68.95
C ASN LA 109 3.43 67.13 -68.92
N TYR LA 110 3.48 68.44 -68.80
CA TYR LA 110 2.23 69.18 -68.79
C TYR LA 110 1.67 69.35 -70.19
N SER LA 111 2.53 69.50 -71.19
CA SER LA 111 2.06 69.65 -72.56
C SER LA 111 1.23 68.46 -72.99
N MET LA 112 1.58 67.26 -72.52
CA MET LA 112 0.78 66.09 -72.86
C MET LA 112 -0.43 65.91 -71.96
N LEU LA 113 -0.45 66.51 -70.77
CA LEU LA 113 -1.68 66.48 -69.98
C LEU LA 113 -2.83 67.11 -70.74
N LEU LA 114 -2.53 67.94 -71.73
CA LEU LA 114 -3.51 68.45 -72.66
C LEU LA 114 -3.83 67.47 -73.77
N ALA LA 115 -3.01 66.43 -73.94
CA ALA LA 115 -3.32 65.39 -74.91
C ALA LA 115 -4.33 64.39 -74.36
N CYS LA 116 -4.19 64.01 -73.10
CA CYS LA 116 -5.20 63.19 -72.45
C CYS LA 116 -6.44 64.03 -72.17
N LYS LA 117 -7.58 63.35 -71.98
CA LYS LA 117 -8.82 64.12 -71.95
C LYS LA 117 -9.05 64.83 -70.63
N ALA LA 118 -8.49 64.34 -69.54
CA ALA LA 118 -8.70 64.92 -68.24
C ALA LA 118 -7.41 64.89 -67.45
N HIS LA 119 -7.14 65.96 -66.71
CA HIS LA 119 -6.04 65.97 -65.76
C HIS LA 119 -6.49 66.71 -64.53
N ARG LA 120 -5.89 66.35 -63.40
CA ARG LA 120 -6.21 67.00 -62.16
C ARG LA 120 -4.96 67.24 -61.34
N PRO LA 121 -4.83 68.41 -60.72
CA PRO LA 121 -3.55 68.80 -60.12
C PRO LA 121 -3.18 68.09 -58.82
N THR LA 122 -4.13 67.57 -58.05
CA THR LA 122 -3.86 66.89 -56.78
C THR LA 122 -2.84 67.64 -55.92
N LYS LA 123 -1.85 66.93 -55.39
CA LYS LA 123 -0.94 67.56 -54.43
C LYS LA 123 -0.01 68.55 -55.11
N VAL LA 124 0.42 69.55 -54.36
CA VAL LA 124 1.34 70.57 -54.85
C VAL LA 124 2.19 71.02 -53.68
N GLY LA 125 3.45 71.34 -53.95
CA GLY LA 125 4.33 71.72 -52.85
C GLY LA 125 5.65 72.23 -53.35
N TYR LA 126 6.48 72.70 -52.41
CA TYR LA 126 7.79 73.22 -52.75
C TYR LA 126 8.71 73.12 -51.55
N THR LA 127 10.00 73.26 -51.82
CA THR LA 127 11.03 73.13 -50.79
C THR LA 127 12.03 74.28 -50.92
N LEU LA 128 12.32 74.90 -49.78
CA LEU LA 128 13.42 75.86 -49.66
C LEU LA 128 14.58 75.17 -48.96
N SER LA 129 15.77 75.29 -49.53
CA SER LA 129 16.89 74.49 -49.04
C SER LA 129 18.19 75.24 -49.15
N ASN LA 130 19.13 74.90 -48.26
CA ASN LA 130 20.50 75.39 -48.28
C ASN LA 130 20.57 76.90 -48.42
N LEU LA 131 20.15 77.54 -47.33
CA LEU LA 131 20.11 78.98 -47.27
C LEU LA 131 21.52 79.55 -47.17
N ILE LA 132 21.79 80.59 -47.93
CA ILE LA 132 23.03 81.34 -47.86
C ILE LA 132 22.67 82.80 -47.68
N LEU LA 133 23.04 83.36 -46.55
CA LEU LA 133 22.89 84.78 -46.29
C LEU LA 133 24.20 85.50 -46.58
N THR LA 134 24.10 86.65 -47.24
CA THR LA 134 25.22 87.51 -47.51
C THR LA 134 24.88 88.91 -47.04
N SER LA 135 25.89 89.76 -46.94
CA SER LA 135 25.73 91.10 -46.41
C SER LA 135 26.36 92.11 -47.34
N ASP LA 136 25.64 93.17 -47.63
CA ASP LA 136 26.16 94.33 -48.34
C ASP LA 136 26.77 95.35 -47.40
N GLU LA 137 26.87 95.04 -46.11
CA GLU LA 137 27.33 96.01 -45.13
C GLU LA 137 28.72 96.53 -45.47
N LEU LA 138 29.60 95.67 -45.96
CA LEU LA 138 30.92 96.14 -46.36
C LEU LA 138 30.90 96.88 -47.68
N VAL LA 139 29.81 96.78 -48.43
CA VAL LA 139 29.69 97.44 -49.73
C VAL LA 139 29.40 98.91 -49.52
N SER LA 140 30.04 99.75 -50.32
CA SER LA 140 29.80 101.17 -50.34
C SER LA 140 29.90 101.66 -51.77
N THR LA 141 29.40 102.88 -52.02
CA THR LA 141 29.44 103.42 -53.37
C THR LA 141 30.88 103.57 -53.88
N GLY LA 142 31.84 103.73 -52.97
CA GLY LA 142 33.23 103.74 -53.37
C GLY LA 142 33.69 102.38 -53.88
N GLY LA 143 33.07 101.31 -53.40
CA GLY LA 143 33.36 99.99 -53.91
C GLY LA 143 34.56 99.35 -53.23
N THR LA 144 35.29 98.55 -54.01
CA THR LA 144 36.51 97.84 -53.62
C THR LA 144 36.23 96.72 -52.63
N LEU LA 145 35.03 96.68 -52.05
CA LEU LA 145 34.61 95.58 -51.20
C LEU LA 145 33.20 95.17 -51.62
N GLY LA 146 33.03 93.89 -51.93
CA GLY LA 146 31.75 93.36 -52.33
C GLY LA 146 31.03 92.67 -51.19
N THR LA 147 29.84 92.17 -51.50
CA THR LA 147 29.08 91.47 -50.49
C THR LA 147 29.77 90.15 -50.14
N THR LA 148 29.50 89.66 -48.94
CA THR LA 148 30.05 88.38 -48.55
C THR LA 148 29.13 87.79 -47.49
N THR LA 149 29.24 86.48 -47.31
CA THR LA 149 28.41 85.78 -46.35
C THR LA 149 28.56 86.39 -44.96
N THR LA 150 27.48 86.33 -44.19
CA THR LA 150 27.47 86.94 -42.87
C THR LA 150 28.59 86.38 -42.01
N PHE LA 151 29.15 87.25 -41.16
CA PHE LA 151 30.30 86.87 -40.35
C PHE LA 151 29.98 85.69 -39.45
N ASN LA 152 28.77 85.63 -38.91
CA ASN LA 152 28.33 84.47 -38.16
C ASN LA 152 26.94 84.07 -38.65
N THR LA 153 26.50 82.90 -38.23
CA THR LA 153 25.27 82.30 -38.73
C THR LA 153 24.04 82.71 -37.94
N SER LA 154 24.18 83.64 -37.00
CA SER LA 154 23.03 84.12 -36.25
C SER LA 154 21.93 84.76 -37.11
N PRO LA 155 22.21 85.49 -38.19
CA PRO LA 155 21.12 86.05 -38.98
C PRO LA 155 20.26 84.97 -39.61
N TYR LA 156 19.06 85.35 -40.01
CA TYR LA 156 18.09 84.41 -40.51
C TYR LA 156 17.15 85.10 -41.49
N MET LA 157 16.49 84.28 -42.30
CA MET LA 157 15.42 84.74 -43.17
C MET LA 157 14.11 84.17 -42.65
N ILE LA 158 13.10 85.01 -42.56
CA ILE LA 158 11.84 84.63 -41.92
C ILE LA 158 10.92 84.08 -43.01
N HIS LA 159 10.48 82.86 -42.84
CA HIS LA 159 9.46 82.30 -43.71
C HIS LA 159 8.12 82.38 -43.00
N SER LA 160 7.21 83.18 -43.53
CA SER LA 160 5.94 83.46 -42.89
C SER LA 160 4.82 82.78 -43.65
N ILE LA 161 3.95 82.09 -42.91
CA ILE LA 161 2.73 81.51 -43.45
C ILE LA 161 1.57 82.25 -42.81
N ASP LA 162 0.75 82.90 -43.61
CA ASP LA 162 -0.33 83.68 -43.01
C ASP LA 162 -1.55 82.78 -42.94
N ASP LA 163 -1.85 82.31 -41.73
CA ASP LA 163 -2.99 81.43 -41.51
C ASP LA 163 -4.28 82.22 -41.32
N GLN LA 164 -4.19 83.32 -40.59
CA GLN LA 164 -5.35 84.13 -40.26
C GLN LA 164 -5.70 85.08 -41.39
N GLN LA 165 -4.94 85.06 -42.47
CA GLN LA 165 -5.16 85.92 -43.62
C GLN LA 165 -5.13 87.39 -43.21
N CYS LA 166 -4.04 87.78 -42.56
CA CYS LA 166 -3.78 89.20 -42.35
C CYS LA 166 -3.81 89.94 -43.68
N LEU LA 167 -3.23 89.34 -44.71
CA LEU LA 167 -3.21 89.90 -46.05
C LEU LA 167 -4.09 89.03 -46.93
N SER LA 168 -5.24 89.57 -47.32
CA SER LA 168 -6.13 88.87 -48.23
C SER LA 168 -5.62 88.94 -49.66
N LYS LA 169 -5.21 90.12 -50.08
CA LYS LA 169 -4.82 90.41 -51.45
C LYS LA 169 -3.56 91.25 -51.40
N VAL LA 170 -2.56 90.85 -52.18
CA VAL LA 170 -1.22 91.40 -52.07
C VAL LA 170 -0.86 92.07 -53.38
N TYR LA 171 -0.33 93.28 -53.30
CA TYR LA 171 0.04 94.08 -54.44
C TYR LA 171 1.54 94.30 -54.49
N PRO LA 172 2.11 94.52 -55.66
CA PRO LA 172 3.52 94.89 -55.73
C PRO LA 172 3.77 96.27 -55.14
N LYS LA 173 5.04 96.53 -54.85
CA LYS LA 173 5.41 97.85 -54.35
C LYS LA 173 5.17 98.91 -55.42
N THR LA 174 5.03 100.15 -54.95
CA THR LA 174 4.64 101.24 -55.83
C THR LA 174 5.51 101.31 -57.08
N ASP LA 175 6.83 101.26 -56.91
CA ASP LA 175 7.70 101.38 -58.06
C ASP LA 175 7.81 100.09 -58.86
N THR LA 176 7.85 98.95 -58.17
CA THR LA 176 8.14 97.70 -58.84
C THR LA 176 6.89 97.13 -59.51
N VAL LA 177 7.06 95.99 -60.17
CA VAL LA 177 5.97 95.26 -60.78
C VAL LA 177 6.36 93.79 -60.79
N TRP LA 178 5.36 92.93 -60.89
CA TRP LA 178 5.59 91.49 -60.82
C TRP LA 178 5.47 90.88 -62.20
N PRO LA 179 6.57 90.51 -62.85
CA PRO LA 179 6.47 89.78 -64.11
C PRO LA 179 6.09 88.34 -63.86
N VAL LA 180 5.32 87.77 -64.80
CA VAL LA 180 5.06 86.35 -64.65
C VAL LA 180 6.27 85.56 -65.13
N SER LA 181 7.05 86.12 -66.05
CA SER LA 181 8.26 85.46 -66.52
C SER LA 181 9.30 85.33 -65.44
N SER LA 182 9.18 86.12 -64.38
CA SER LA 182 10.11 86.12 -63.26
C SER LA 182 9.63 85.25 -62.10
N MET LA 183 8.53 84.51 -62.27
CA MET LA 183 7.79 83.97 -61.14
C MET LA 183 8.64 83.10 -60.23
N ARG LA 184 9.40 82.16 -60.79
CA ARG LA 184 10.00 81.16 -59.92
C ARG LA 184 11.24 81.64 -59.18
N GLU LA 185 11.98 82.62 -59.69
CA GLU LA 185 12.97 83.26 -58.83
C GLU LA 185 12.21 84.34 -58.09
N LEU LA 186 12.33 84.38 -56.79
CA LEU LA 186 11.29 85.07 -56.03
C LEU LA 186 11.77 86.50 -55.92
N ASP LA 187 11.26 87.35 -56.80
CA ASP LA 187 11.45 88.78 -56.75
C ASP LA 187 10.22 89.55 -56.29
N TYR LA 188 9.10 88.90 -56.01
CA TYR LA 188 7.88 89.66 -55.84
C TYR LA 188 7.90 90.28 -54.46
N VAL LA 189 7.91 91.60 -54.40
CA VAL LA 189 8.08 92.33 -53.17
C VAL LA 189 6.80 93.08 -52.89
N ALA LA 190 6.18 92.78 -51.76
CA ALA LA 190 5.06 93.52 -51.25
C ALA LA 190 5.52 94.36 -50.09
N SER LA 191 4.92 95.52 -49.94
CA SER LA 191 5.15 96.36 -48.78
C SER LA 191 3.86 96.39 -47.99
N THR LA 192 3.84 95.73 -46.83
CA THR LA 192 2.66 95.67 -46.00
C THR LA 192 2.64 96.90 -45.11
N VAL LA 193 1.61 97.72 -45.25
CA VAL LA 193 1.56 99.03 -44.62
C VAL LA 193 0.15 99.27 -44.09
N SER LA 194 0.05 99.70 -42.85
CA SER LA 194 -1.21 100.18 -42.29
C SER LA 194 -1.41 101.61 -42.75
N GLY LA 195 -2.36 102.34 -42.17
CA GLY LA 195 -2.59 103.66 -42.69
C GLY LA 195 -1.37 104.56 -42.60
N ASP LA 196 -0.89 104.83 -41.39
CA ASP LA 196 0.41 105.47 -41.20
C ASP LA 196 1.52 104.51 -40.86
N ASN LA 197 1.23 103.22 -40.69
CA ASN LA 197 2.14 102.30 -40.04
C ASN LA 197 2.73 101.32 -41.06
N ALA LA 198 4.04 101.20 -41.05
CA ALA LA 198 4.70 100.16 -41.83
C ALA LA 198 4.68 98.87 -41.02
N ILE LA 199 4.07 97.84 -41.58
CA ILE LA 199 3.94 96.55 -40.89
C ILE LA 199 5.22 95.76 -41.09
N ILE LA 200 5.79 95.27 -39.98
CA ILE LA 200 6.83 94.25 -40.07
C ILE LA 200 6.13 92.93 -40.31
N PRO LA 201 6.35 92.27 -41.45
CA PRO LA 201 5.51 91.12 -41.81
C PRO LA 201 5.53 90.00 -40.80
N SER LA 202 6.69 89.70 -40.21
CA SER LA 202 6.78 88.61 -39.25
C SER LA 202 5.89 88.81 -38.04
N THR LA 203 5.51 90.05 -37.73
CA THR LA 203 4.78 90.30 -36.51
C THR LA 203 3.30 89.96 -36.64
N ILE LA 204 2.70 90.22 -37.80
CA ILE LA 204 1.28 89.93 -37.98
C ILE LA 204 1.04 88.46 -38.30
N PHE LA 205 1.91 87.84 -39.07
CA PHE LA 205 1.64 86.51 -39.60
C PHE LA 205 1.71 85.46 -38.49
N ASN LA 206 1.06 84.34 -38.75
CA ASN LA 206 0.85 83.34 -37.70
C ASN LA 206 2.09 82.45 -37.55
N LYS LA 207 2.33 81.57 -38.51
CA LYS LA 207 3.54 80.76 -38.48
C LYS LA 207 4.67 81.53 -39.11
N ASN LA 208 5.71 81.78 -38.33
CA ASN LA 208 6.92 82.45 -38.78
C ASN LA 208 8.10 81.57 -38.42
N ARG LA 209 8.76 81.04 -39.41
CA ARG LA 209 9.94 80.22 -39.22
C ARG LA 209 11.18 81.07 -39.43
N TYR LA 210 12.04 81.13 -38.42
CA TYR LA 210 13.29 81.84 -38.57
C TYR LA 210 14.32 80.83 -39.02
N TRP LA 211 14.74 80.93 -40.28
CA TRP LA 211 15.47 79.88 -40.95
C TRP LA 211 16.87 80.38 -41.22
N LYS LA 212 17.85 79.72 -40.62
CA LYS LA 212 19.22 80.16 -40.60
C LYS LA 212 20.05 79.36 -41.57
N GLN LA 213 21.34 79.68 -41.61
CA GLN LA 213 22.29 78.95 -42.42
C GLN LA 213 22.63 77.65 -41.73
N GLY LA 214 22.40 76.53 -42.42
CA GLY LA 214 22.60 75.22 -41.86
C GLY LA 214 21.34 74.53 -41.41
N ASP LA 215 20.24 75.25 -41.27
CA ASP LA 215 18.98 74.62 -40.92
C ASP LA 215 18.52 73.67 -42.02
N ASP LA 216 17.69 72.73 -41.63
CA ASP LA 216 17.17 71.76 -42.58
C ASP LA 216 16.27 72.46 -43.58
N ALA LA 217 16.06 71.82 -44.72
CA ALA LA 217 15.22 72.39 -45.75
C ALA LA 217 13.81 72.58 -45.25
N LEU LA 218 13.13 73.59 -45.79
CA LEU LA 218 11.76 73.90 -45.43
C LEU LA 218 10.83 73.32 -46.48
N HIS LA 219 9.99 72.37 -46.08
CA HIS LA 219 9.12 71.66 -47.00
C HIS LA 219 7.69 72.12 -46.80
N PHE LA 220 7.04 72.51 -47.88
CA PHE LA 220 5.66 72.97 -47.81
C PHE LA 220 4.86 72.25 -48.87
N SER LA 221 3.68 71.78 -48.49
CA SER LA 221 2.87 70.96 -49.37
C SER LA 221 1.41 71.35 -49.21
N HIS LA 222 0.64 71.10 -50.25
CA HIS LA 222 -0.81 71.27 -50.21
C HIS LA 222 -1.44 70.12 -50.95
N ASP LA 223 -2.37 69.43 -50.31
CA ASP LA 223 -3.10 68.34 -50.93
C ASP LA 223 -4.41 68.87 -51.50
N LEU LA 224 -4.69 68.54 -52.74
CA LEU LA 224 -5.96 68.85 -53.38
C LEU LA 224 -6.79 67.58 -53.50
N ASP LA 225 -7.99 67.60 -52.96
CA ASP LA 225 -8.98 66.56 -53.26
C ASP LA 225 -10.10 67.22 -54.03
N LEU LA 226 -10.18 66.93 -55.32
CA LEU LA 226 -11.19 67.48 -56.20
C LEU LA 226 -12.15 66.35 -56.56
N GLY LA 227 -13.42 66.68 -56.67
CA GLY LA 227 -14.32 65.67 -57.17
C GLY LA 227 -14.40 65.63 -58.67
N PHE LA 228 -13.63 66.45 -59.36
CA PHE LA 228 -13.78 66.63 -60.79
C PHE LA 228 -12.40 66.74 -61.41
N TRP LA 229 -12.38 67.00 -62.70
CA TRP LA 229 -11.18 66.96 -63.52
C TRP LA 229 -11.15 68.21 -64.38
N PHE LA 230 -10.01 68.47 -65.00
CA PHE LA 230 -9.88 69.62 -65.87
C PHE LA 230 -9.54 69.18 -67.28
N GLY LA 231 -10.20 69.80 -68.26
CA GLY LA 231 -9.95 69.44 -69.63
C GLY LA 231 -9.11 70.43 -70.41
N SER LA 232 -8.84 71.59 -69.83
CA SER LA 232 -8.12 72.66 -70.52
C SER LA 232 -6.84 72.97 -69.76
N ASP LA 233 -6.07 73.91 -70.29
CA ASP LA 233 -4.87 74.34 -69.61
C ASP LA 233 -5.22 75.27 -68.47
N TYR LA 234 -4.34 75.32 -67.46
CA TYR LA 234 -4.59 76.21 -66.34
C TYR LA 234 -4.55 77.67 -66.77
N GLY LA 235 -3.54 78.06 -67.55
CA GLY LA 235 -3.57 79.38 -68.14
C GLY LA 235 -3.54 80.49 -67.11
N ASN LA 236 -2.51 80.52 -66.28
CA ASN LA 236 -2.34 81.45 -65.16
C ASN LA 236 -3.58 81.48 -64.27
N ALA LA 237 -4.00 80.30 -63.85
CA ALA LA 237 -5.01 80.12 -62.83
C ALA LA 237 -4.34 79.74 -61.51
N TYR LA 238 -4.93 80.20 -60.41
CA TYR LA 238 -4.52 79.68 -59.12
C TYR LA 238 -4.78 78.18 -59.10
N VAL LA 239 -3.86 77.43 -58.53
CA VAL LA 239 -4.13 76.01 -58.30
C VAL LA 239 -5.39 75.87 -57.45
N PRO LA 240 -6.32 75.00 -57.81
CA PRO LA 240 -7.71 75.14 -57.35
C PRO LA 240 -7.86 75.27 -55.85
N GLN LA 241 -8.68 76.24 -55.45
CA GLN LA 241 -8.91 76.57 -54.06
C GLN LA 241 -10.37 76.97 -53.92
N ASN LA 242 -10.94 76.73 -52.75
CA ASN LA 242 -12.27 77.21 -52.42
C ASN LA 242 -12.12 78.22 -51.30
N ASN LA 243 -12.39 79.49 -51.60
CA ASN LA 243 -12.12 80.52 -50.60
C ASN LA 243 -13.09 81.67 -50.75
N ASP LA 244 -12.91 82.65 -49.86
CA ASP LA 244 -13.56 83.94 -50.01
C ASP LA 244 -13.13 84.62 -51.30
N SER LA 245 -11.86 84.44 -51.67
CA SER LA 245 -11.35 85.07 -52.88
C SER LA 245 -11.66 84.28 -54.15
N MET LA 246 -11.73 82.96 -54.07
CA MET LA 246 -11.75 82.19 -55.30
C MET LA 246 -12.39 80.83 -55.09
N ASN LA 247 -12.84 80.23 -56.19
CA ASN LA 247 -13.41 78.89 -56.19
C ASN LA 247 -12.69 78.01 -57.20
N ALA LA 248 -12.77 76.70 -56.96
CA ALA LA 248 -11.93 75.75 -57.68
C ALA LA 248 -12.42 75.46 -59.08
N VAL LA 249 -13.73 75.54 -59.31
CA VAL LA 249 -14.33 75.17 -60.58
C VAL LA 249 -14.63 76.43 -61.37
N GLY LA 250 -14.30 76.42 -62.66
CA GLY LA 250 -14.30 77.65 -63.43
C GLY LA 250 -15.44 77.91 -64.37
N THR LA 251 -16.25 76.89 -64.65
CA THR LA 251 -17.34 77.06 -65.60
C THR LA 251 -18.57 77.58 -64.90
N ILE LA 252 -19.24 78.54 -65.53
CA ILE LA 252 -20.52 79.01 -65.05
C ILE LA 252 -21.53 77.88 -65.25
N PRO LA 253 -22.15 77.38 -64.19
CA PRO LA 253 -23.19 76.37 -64.36
C PRO LA 253 -24.40 76.94 -65.08
N THR LA 254 -25.10 76.08 -65.81
CA THR LA 254 -26.15 76.49 -66.72
C THR LA 254 -27.44 75.72 -66.42
N SER LA 255 -28.53 76.22 -66.99
CA SER LA 255 -29.86 75.97 -66.46
C SER LA 255 -30.33 74.53 -66.66
N LYS LA 256 -31.20 74.10 -65.74
CA LYS LA 256 -32.05 72.92 -65.92
C LYS LA 256 -31.24 71.63 -66.02
N HIS LA 257 -30.17 71.53 -65.23
CA HIS LA 257 -29.44 70.29 -65.08
C HIS LA 257 -28.45 70.46 -63.93
N ILE LA 258 -27.68 69.41 -63.69
CA ILE LA 258 -26.79 69.33 -62.54
C ILE LA 258 -25.39 69.72 -62.98
N ASN LA 259 -24.68 70.44 -62.11
CA ASN LA 259 -23.36 70.96 -62.43
C ASN LA 259 -22.45 70.75 -61.24
N VAL LA 260 -21.18 70.54 -61.51
CA VAL LA 260 -20.22 70.39 -60.41
C VAL LA 260 -19.93 71.76 -59.83
N ARG LA 261 -20.05 71.85 -58.50
CA ARG LA 261 -19.99 73.10 -57.78
C ARG LA 261 -18.94 72.98 -56.69
N GLY LA 262 -18.12 74.02 -56.53
CA GLY LA 262 -17.16 74.02 -55.45
C GLY LA 262 -17.83 74.05 -54.09
N VAL LA 263 -17.16 73.45 -53.11
CA VAL LA 263 -17.70 73.36 -51.77
C VAL LA 263 -16.53 73.21 -50.80
N ASN LA 264 -16.74 73.57 -49.54
CA ASN LA 264 -15.95 73.19 -48.36
C ASN LA 264 -14.71 74.00 -47.98
N ASN LA 265 -14.27 75.01 -48.72
CA ASN LA 265 -13.14 75.83 -48.25
C ASN LA 265 -11.88 75.00 -48.04
N ARG LA 266 -11.26 74.60 -49.14
CA ARG LA 266 -9.86 74.22 -49.14
C ARG LA 266 -9.09 75.34 -49.80
N GLY LA 267 -8.05 75.83 -49.13
CA GLY LA 267 -7.27 76.92 -49.68
C GLY LA 267 -5.85 76.85 -49.19
N MET LA 268 -5.01 77.74 -49.72
CA MET LA 268 -3.59 77.77 -49.34
C MET LA 268 -3.22 79.04 -48.59
N ALA LA 269 -2.37 78.89 -47.58
CA ALA LA 269 -1.92 80.02 -46.77
C ALA LA 269 -0.91 80.85 -47.55
N GLY LA 270 -1.02 82.17 -47.43
CA GLY LA 270 -0.11 83.07 -48.12
C GLY LA 270 1.31 83.04 -47.58
N HIS LA 271 2.15 82.21 -48.18
CA HIS LA 271 3.55 82.10 -47.76
C HIS LA 271 4.29 83.39 -48.11
N TYR LA 272 5.29 83.73 -47.31
CA TYR LA 272 6.04 84.96 -47.55
C TYR LA 272 7.45 84.79 -47.02
N LEU LA 273 8.35 85.64 -47.52
CA LEU LA 273 9.73 85.67 -47.07
C LEU LA 273 10.10 87.10 -46.70
N SER LA 274 10.80 87.24 -45.58
CA SER LA 274 11.17 88.56 -45.09
C SER LA 274 12.41 88.41 -44.22
N PHE LA 275 13.05 89.54 -43.96
CA PHE LA 275 14.20 89.52 -43.09
C PHE LA 275 13.90 90.31 -41.82
N PRO LA 276 14.48 89.93 -40.70
CA PRO LA 276 14.25 90.66 -39.46
C PRO LA 276 14.84 92.06 -39.54
N PRO LA 277 14.15 93.06 -39.01
CA PRO LA 277 14.76 94.39 -38.96
C PRO LA 277 15.99 94.38 -38.07
N ILE LA 278 17.10 94.87 -38.61
CA ILE LA 278 18.33 95.02 -37.86
C ILE LA 278 18.83 96.43 -38.14
N ARG LA 279 18.88 97.26 -37.12
CA ARG LA 279 19.34 98.61 -37.32
C ARG LA 279 20.85 98.67 -37.43
N THR LA 280 21.33 99.59 -38.24
CA THR LA 280 22.75 99.83 -38.43
C THR LA 280 23.07 101.28 -38.09
N ASN LA 281 24.33 101.65 -38.29
CA ASN LA 281 24.71 103.05 -38.22
C ASN LA 281 23.86 103.88 -39.18
N ASP LA 282 23.52 103.33 -40.34
CA ASP LA 282 22.63 103.98 -41.30
C ASP LA 282 21.57 102.99 -41.76
N GLY LA 283 20.31 103.30 -41.47
CA GLY LA 283 19.24 102.49 -42.00
C GLY LA 283 19.20 101.09 -41.40
N GLN LA 284 18.97 100.11 -42.27
CA GLN LA 284 18.73 98.74 -41.88
C GLN LA 284 19.86 97.86 -42.36
N PHE LA 285 20.07 96.75 -41.64
CA PHE LA 285 21.11 95.81 -42.02
C PHE LA 285 20.75 95.22 -43.36
N LYS LA 286 21.73 95.06 -44.23
CA LYS LA 286 21.45 94.57 -45.56
C LYS LA 286 21.66 93.06 -45.54
N LEU LA 287 20.56 92.32 -45.62
CA LEU LA 287 20.59 90.88 -45.69
C LEU LA 287 20.17 90.45 -47.08
N ASN LA 288 20.94 89.55 -47.64
CA ASN LA 288 20.67 88.97 -48.94
C ASN LA 288 20.60 87.48 -48.70
N ALA LA 289 19.75 86.79 -49.44
CA ALA LA 289 19.57 85.37 -49.22
C ALA LA 289 19.70 84.62 -50.53
N GLN LA 290 20.30 83.44 -50.46
CA GLN LA 290 20.18 82.45 -51.51
C GLN LA 290 19.59 81.18 -50.93
N PHE LA 291 18.78 80.50 -51.72
CA PHE LA 291 18.35 79.15 -51.39
C PHE LA 291 17.91 78.48 -52.68
N THR LA 292 17.82 77.16 -52.65
CA THR LA 292 17.32 76.41 -53.78
C THR LA 292 15.83 76.22 -53.63
N LEU LA 293 15.11 76.41 -54.73
CA LEU LA 293 13.67 76.21 -54.76
C LEU LA 293 13.39 74.94 -55.54
N GLU LA 294 12.91 73.91 -54.85
CA GLU LA 294 12.45 72.69 -55.48
C GLU LA 294 10.94 72.65 -55.36
N THR LA 295 10.25 72.78 -56.48
CA THR LA 295 8.80 72.67 -56.50
C THR LA 295 8.40 71.35 -57.14
N GLU LA 296 7.30 70.79 -56.65
CA GLU LA 296 6.73 69.58 -57.24
C GLU LA 296 5.22 69.71 -57.28
N ILE LA 297 4.64 69.41 -58.42
CA ILE LA 297 3.20 69.33 -58.58
C ILE LA 297 2.88 67.96 -59.15
N GLU LA 298 1.95 67.26 -58.52
CA GLU LA 298 1.63 65.89 -58.88
C GLU LA 298 0.29 65.86 -59.57
N PHE LA 299 0.27 65.59 -60.86
CA PHE LA 299 -0.97 65.51 -61.61
C PHE LA 299 -1.48 64.08 -61.68
N GLU LA 300 -2.79 63.95 -61.60
CA GLU LA 300 -3.48 62.75 -62.07
C GLU LA 300 -4.07 63.07 -63.43
N PHE LA 301 -4.03 62.10 -64.34
CA PHE LA 301 -4.66 62.29 -65.63
C PHE LA 301 -5.39 61.01 -66.01
N ARG LA 302 -6.22 61.13 -67.04
CA ARG LA 302 -7.16 60.09 -67.40
C ARG LA 302 -7.33 60.10 -68.91
N LEU LA 303 -7.50 58.92 -69.49
CA LEU LA 303 -7.39 58.79 -70.93
C LEU LA 303 -8.77 58.70 -71.58
N TRP LA 304 -8.74 58.54 -72.90
CA TRP LA 304 -9.91 58.65 -73.76
C TRP LA 304 -10.78 57.41 -73.69
N GLU LA 305 -12.02 57.56 -74.13
CA GLU LA 305 -13.00 56.48 -74.11
C GLU LA 305 -12.56 55.35 -75.03
N GLN LA 306 -12.75 54.12 -74.57
CA GLN LA 306 -12.46 52.96 -75.40
C GLN LA 306 -13.55 52.77 -76.45
N GLY LA 307 -13.19 52.06 -77.50
CA GLY LA 307 -14.14 51.74 -78.52
C GLY LA 307 -14.15 52.74 -79.65
N VAL LA 308 -15.14 52.60 -80.52
CA VAL LA 308 -15.30 53.52 -81.62
C VAL LA 308 -15.55 54.93 -81.11
N GLN LA 309 -16.06 55.05 -79.87
CA GLN LA 309 -16.27 56.38 -79.29
C GLN LA 309 -14.98 57.17 -79.22
N GLY LA 310 -13.85 56.49 -79.05
CA GLY LA 310 -12.56 57.13 -78.94
C GLY LA 310 -11.81 57.32 -80.23
N ILE LA 311 -12.43 57.03 -81.38
CA ILE LA 311 -11.79 57.26 -82.66
C ILE LA 311 -11.77 58.76 -82.94
N ASN LA 312 -10.63 59.27 -83.41
CA ASN LA 312 -10.47 60.70 -83.61
C ASN LA 312 -11.57 61.29 -84.48
N SER LA 313 -11.89 60.63 -85.59
CA SER LA 313 -12.84 61.21 -86.54
C SER LA 313 -14.23 61.31 -85.93
N VAL LA 314 -14.67 60.28 -85.23
CA VAL LA 314 -16.01 60.26 -84.67
C VAL LA 314 -16.06 60.70 -83.22
N HIS LA 315 -14.93 61.00 -82.60
CA HIS LA 315 -14.96 61.43 -81.20
C HIS LA 315 -15.49 62.84 -81.04
N THR LA 316 -15.43 63.66 -82.09
CA THR LA 316 -15.95 65.01 -81.98
C THR LA 316 -17.42 65.00 -81.63
N ASN LA 317 -18.22 64.30 -82.43
CA ASN LA 317 -19.66 64.24 -82.23
C ASN LA 317 -20.12 63.06 -81.38
N LEU LA 318 -19.26 62.09 -81.07
CA LEU LA 318 -19.57 61.09 -80.06
C LEU LA 318 -19.00 61.39 -78.70
N ASN LA 319 -18.34 62.53 -78.53
CA ASN LA 319 -17.87 62.92 -77.21
C ASN LA 319 -19.04 62.96 -76.24
N PRO LA 320 -18.91 62.39 -75.05
CA PRO LA 320 -20.02 62.41 -74.09
C PRO LA 320 -20.38 63.84 -73.71
N ALA LA 321 -21.67 64.13 -73.69
CA ALA LA 321 -22.11 65.42 -73.19
C ALA LA 321 -22.01 65.52 -71.68
N ASN LA 322 -21.80 64.41 -70.99
CA ASN LA 322 -21.62 64.43 -69.55
C ASN LA 322 -20.18 64.61 -69.14
N ASP LA 323 -19.27 64.84 -70.10
CA ASP LA 323 -17.97 65.37 -69.72
C ASP LA 323 -18.13 66.59 -68.84
N SER LA 324 -19.02 67.51 -69.25
CA SER LA 324 -19.26 68.71 -68.47
C SER LA 324 -19.63 68.39 -67.05
N LEU LA 325 -20.08 67.18 -66.80
CA LEU LA 325 -20.44 66.79 -65.45
C LEU LA 325 -19.19 66.61 -64.59
N TRP LA 326 -18.25 65.78 -65.04
CA TRP LA 326 -16.98 65.59 -64.32
C TRP LA 326 -15.79 66.36 -64.91
N ILE LA 327 -15.89 67.05 -66.04
CA ILE LA 327 -14.72 67.77 -66.55
C ILE LA 327 -14.94 69.27 -66.56
N GLN LA 328 -14.14 70.01 -65.78
CA GLN LA 328 -14.60 71.31 -65.33
C GLN LA 328 -13.78 72.57 -65.54
N SER LA 329 -12.67 72.49 -66.27
CA SER LA 329 -11.75 73.63 -66.50
C SER LA 329 -11.07 74.17 -65.23
N TYR LA 330 -10.65 75.44 -65.24
CA TYR LA 330 -9.95 76.04 -64.09
C TYR LA 330 -10.75 77.15 -63.44
N GLY LA 331 -10.71 77.24 -62.12
CA GLY LA 331 -11.65 78.11 -61.47
C GLY LA 331 -11.39 79.59 -61.52
N SER LA 332 -10.22 80.01 -61.05
CA SER LA 332 -9.98 81.42 -60.83
C SER LA 332 -8.56 81.76 -61.23
N LEU LA 333 -8.42 82.89 -61.90
CA LEU LA 333 -7.16 83.27 -62.52
C LEU LA 333 -6.46 84.30 -61.66
N VAL LA 334 -5.13 84.26 -61.66
CA VAL LA 334 -4.40 85.40 -61.15
C VAL LA 334 -4.69 86.56 -62.08
N SER LA 335 -4.54 87.77 -61.55
CA SER LA 335 -4.89 88.96 -62.31
C SER LA 335 -3.65 89.39 -63.07
N ILE LA 336 -3.69 89.27 -64.40
CA ILE LA 336 -2.55 89.50 -65.26
C ILE LA 336 -2.93 90.55 -66.27
N THR LA 337 -2.29 91.71 -66.21
CA THR LA 337 -2.31 92.64 -67.33
C THR LA 337 -0.94 92.57 -67.99
N GLU LA 338 -0.93 92.57 -69.32
CA GLU LA 338 0.29 92.33 -70.10
C GLU LA 338 0.86 91.00 -69.60
N SER LA 339 2.15 90.93 -69.32
CA SER LA 339 2.77 89.75 -68.72
C SER LA 339 2.89 89.86 -67.20
N LYS LA 340 2.34 90.92 -66.61
CA LYS LA 340 2.69 91.32 -65.25
C LYS LA 340 1.53 91.03 -64.30
N ILE LA 341 1.85 90.44 -63.15
CA ILE LA 341 0.83 90.12 -62.15
C ILE LA 341 0.37 91.39 -61.47
N ASN LA 342 -0.95 91.60 -61.43
CA ASN LA 342 -1.50 92.77 -60.77
C ASN LA 342 -1.53 92.60 -59.27
N ASN LA 343 -1.95 91.43 -58.81
CA ASN LA 343 -2.09 91.15 -57.38
C ASN LA 343 -2.07 89.64 -57.21
N ILE LA 344 -1.83 89.22 -55.97
CA ILE LA 344 -1.94 87.81 -55.63
C ILE LA 344 -2.89 87.68 -54.46
N GLN LA 345 -3.87 86.80 -54.60
CA GLN LA 345 -4.83 86.48 -53.56
C GLN LA 345 -4.42 85.16 -52.93
N PHE LA 346 -4.60 85.04 -51.62
CA PHE LA 346 -4.20 83.81 -50.94
C PHE LA 346 -5.37 82.98 -50.43
N GLY LA 347 -6.13 83.51 -49.48
CA GLY LA 347 -7.28 82.78 -48.97
C GLY LA 347 -7.11 81.33 -48.56
N PRO LA 348 -6.51 81.12 -47.38
CA PRO LA 348 -6.21 79.82 -46.77
C PRO LA 348 -7.43 79.12 -46.24
N THR LA 349 -7.30 77.85 -45.87
CA THR LA 349 -8.42 77.17 -45.28
C THR LA 349 -8.33 77.75 -43.90
N CYS LA 350 -9.21 78.68 -43.57
CA CYS LA 350 -9.09 79.31 -42.28
C CYS LA 350 -9.56 78.40 -41.18
N PRO LA 351 -8.86 78.45 -40.05
CA PRO LA 351 -9.14 77.56 -38.91
C PRO LA 351 -10.42 77.89 -38.20
N ARG LA 352 -10.99 79.07 -38.38
CA ARG LA 352 -12.22 79.41 -37.68
C ARG LA 352 -13.48 79.05 -38.45
N VAL LA 353 -13.36 78.59 -39.69
CA VAL LA 353 -14.47 77.91 -40.33
C VAL LA 353 -14.73 76.60 -39.60
N ASP LA 354 -16.00 76.22 -39.50
CA ASP LA 354 -16.38 74.98 -38.84
C ASP LA 354 -15.62 73.82 -39.46
N ALA LA 355 -15.05 72.97 -38.62
CA ALA LA 355 -14.28 71.83 -39.10
C ALA LA 355 -15.11 70.93 -39.99
N ARG LA 356 -16.44 70.97 -39.87
CA ARG LA 356 -17.28 70.16 -40.74
C ARG LA 356 -17.30 70.70 -42.16
N ASN LA 357 -17.06 72.00 -42.32
CA ASN LA 357 -16.94 72.57 -43.65
C ASN LA 357 -15.57 72.31 -44.28
N LYS LA 358 -14.53 72.17 -43.47
CA LYS LA 358 -13.17 72.19 -43.97
C LYS LA 358 -12.71 70.86 -44.53
N GLY LA 359 -13.59 69.86 -44.59
CA GLY LA 359 -13.17 68.52 -44.90
C GLY LA 359 -12.75 68.28 -46.35
N GLY LA 360 -12.68 67.02 -46.75
CA GLY LA 360 -11.92 66.62 -47.90
C GLY LA 360 -12.32 67.09 -49.30
N LYS LA 361 -13.55 66.81 -49.70
CA LYS LA 361 -13.93 66.90 -51.10
C LYS LA 361 -14.22 68.34 -51.51
N MET LA 362 -13.55 68.83 -52.54
CA MET LA 362 -13.67 70.23 -52.93
C MET LA 362 -14.78 70.51 -53.91
N SER LA 363 -15.57 69.54 -54.30
CA SER LA 363 -16.66 69.85 -55.22
C SER LA 363 -17.84 68.94 -54.91
N MET LA 364 -19.00 69.40 -55.34
CA MET LA 364 -20.23 68.63 -55.22
C MET LA 364 -20.95 68.77 -56.54
N LEU LA 365 -21.76 67.77 -56.85
CA LEU LA 365 -22.48 67.74 -58.11
C LEU LA 365 -23.90 68.18 -57.80
N PHE LA 366 -24.18 69.45 -58.08
CA PHE LA 366 -25.40 70.13 -57.68
C PHE LA 366 -26.07 70.82 -58.84
N ASP LA 367 -27.40 70.72 -58.89
CA ASP LA 367 -28.17 71.31 -59.97
C ASP LA 367 -28.31 72.82 -59.98
N HIS LA 368 -28.62 73.35 -61.16
CA HIS LA 368 -28.85 74.77 -61.31
C HIS LA 368 -30.17 74.98 -62.01
N HIS LA 369 -30.99 75.88 -61.49
CA HIS LA 369 -32.29 76.15 -62.09
C HIS LA 369 -32.29 77.46 -62.88
N GLU MA 36 25.04 70.46 -23.56
CA GLU MA 36 26.23 69.96 -22.87
C GLU MA 36 27.04 71.14 -22.36
N GLY MA 37 27.83 70.92 -21.31
CA GLY MA 37 28.62 71.99 -20.73
C GLY MA 37 27.85 72.77 -19.69
N ASP MA 38 28.49 73.81 -19.18
CA ASP MA 38 27.87 74.66 -18.18
C ASP MA 38 27.02 75.75 -18.80
N GLY MA 39 26.90 75.80 -20.12
CA GLY MA 39 26.10 76.78 -20.81
C GLY MA 39 26.90 77.84 -21.53
N SER MA 40 28.19 77.93 -21.21
CA SER MA 40 29.07 78.95 -21.77
C SER MA 40 29.25 78.88 -23.27
N ALA MA 41 28.74 77.84 -23.91
CA ALA MA 41 28.86 77.65 -25.35
C ALA MA 41 27.95 78.58 -26.14
N PRO MA 42 28.20 78.72 -27.43
CA PRO MA 42 27.33 79.62 -28.18
C PRO MA 42 25.85 79.21 -28.21
N GLY MA 43 25.50 77.94 -28.28
CA GLY MA 43 24.08 77.57 -28.35
C GLY MA 43 23.55 76.74 -27.20
N GLY MA 44 22.23 76.75 -26.99
CA GLY MA 44 21.64 75.99 -25.90
C GLY MA 44 21.21 76.82 -24.71
N SER MA 45 21.57 76.39 -23.50
CA SER MA 45 21.22 77.10 -22.27
C SER MA 45 22.14 78.27 -21.91
N VAL MA 46 21.62 79.25 -21.20
CA VAL MA 46 22.33 80.46 -20.80
C VAL MA 46 23.23 80.23 -19.60
N TRP MA 47 24.48 80.63 -19.73
CA TRP MA 47 25.38 80.51 -18.60
C TRP MA 47 24.91 81.62 -17.68
N GLN MA 48 24.67 81.29 -16.43
CA GLN MA 48 24.18 82.31 -15.51
C GLN MA 48 25.01 82.31 -14.24
N THR MA 49 25.10 83.50 -13.65
CA THR MA 49 25.96 83.76 -12.50
C THR MA 49 25.41 83.11 -11.24
N THR MA 50 26.29 82.98 -10.25
CA THR MA 50 25.93 82.34 -8.99
C THR MA 50 24.85 83.11 -8.25
N ASP MA 51 24.15 82.39 -7.38
CA ASP MA 51 23.02 82.93 -6.64
C ASP MA 51 23.50 83.73 -5.44
N TYR MA 52 23.05 84.98 -5.35
CA TYR MA 52 23.35 85.80 -4.19
C TYR MA 52 22.28 85.75 -3.10
N ILE MA 53 21.14 85.11 -3.34
CA ILE MA 53 20.11 85.05 -2.32
C ILE MA 53 20.52 84.11 -1.19
N ALA MA 54 21.00 82.92 -1.54
CA ALA MA 54 21.16 81.84 -0.57
C ALA MA 54 21.91 82.30 0.66
N LEU MA 55 22.96 83.10 0.48
CA LEU MA 55 23.72 83.58 1.63
C LEU MA 55 23.08 84.77 2.33
N SER MA 56 22.20 85.50 1.67
CA SER MA 56 21.52 86.59 2.36
C SER MA 56 20.36 86.09 3.20
N MET MA 57 19.82 84.91 2.89
CA MET MA 57 18.70 84.37 3.64
C MET MA 57 19.12 83.47 4.79
N VAL MA 58 20.39 83.11 4.91
CA VAL MA 58 20.78 82.18 5.96
C VAL MA 58 20.59 82.85 7.31
N VAL MA 59 19.87 82.18 8.20
CA VAL MA 59 19.55 82.69 9.52
C VAL MA 59 20.53 82.12 10.52
N TYR MA 60 21.26 82.99 11.18
CA TYR MA 60 22.19 82.60 12.22
C TYR MA 60 21.55 82.86 13.57
N ARG MA 61 21.86 82.00 14.54
CA ARG MA 61 21.08 81.94 15.77
C ARG MA 61 22.02 81.98 16.95
N THR MA 62 21.90 83.02 17.78
CA THR MA 62 22.74 83.16 18.95
C THR MA 62 21.88 83.35 20.20
N ALA MA 63 22.52 83.62 21.33
CA ALA MA 63 21.78 83.85 22.57
C ALA MA 63 22.65 84.68 23.51
N ILE MA 64 21.99 85.28 24.50
CA ILE MA 64 22.66 86.02 25.55
C ILE MA 64 22.17 85.48 26.89
N LYS MA 65 23.08 84.89 27.65
CA LYS MA 65 22.76 84.30 28.94
C LYS MA 65 23.46 85.09 30.03
N LEU MA 66 22.74 85.40 31.10
CA LEU MA 66 23.27 86.19 32.19
C LEU MA 66 22.73 85.64 33.51
N ARG MA 67 23.58 85.64 34.53
CA ARG MA 67 23.18 85.24 35.87
C ARG MA 67 23.28 86.41 36.83
N ASN MA 68 22.47 86.33 37.86
CA ASN MA 68 22.30 87.41 38.81
C ASN MA 68 21.87 86.79 40.13
N PHE MA 69 22.18 87.46 41.22
CA PHE MA 69 21.61 87.13 42.52
C PHE MA 69 20.60 88.18 42.90
N VAL MA 70 19.40 87.76 43.28
CA VAL MA 70 18.33 88.67 43.63
C VAL MA 70 18.12 88.58 45.13
N ASN MA 71 18.06 89.75 45.78
CA ASN MA 71 17.76 89.84 47.21
C ASN MA 71 16.51 90.69 47.35
N ILE MA 72 15.44 90.08 47.84
CA ILE MA 72 14.16 90.76 48.03
C ILE MA 72 13.96 90.92 49.53
N ARG MA 73 13.99 92.16 50.00
CA ARG MA 73 13.87 92.43 51.42
C ARG MA 73 12.75 93.43 51.68
N GLY MA 74 12.19 93.34 52.88
CA GLY MA 74 11.22 94.34 53.34
C GLY MA 74 9.99 94.44 52.47
N LEU MA 75 9.52 93.32 51.94
CA LEU MA 75 8.38 93.30 51.03
C LEU MA 75 7.17 92.84 51.84
N THR MA 76 6.24 93.75 52.07
CA THR MA 76 5.05 93.41 52.84
C THR MA 76 4.08 92.62 51.96
N PRO MA 77 3.10 91.94 52.57
CA PRO MA 77 2.22 91.08 51.76
C PRO MA 77 1.35 91.82 50.77
N THR MA 78 1.11 93.11 50.97
CA THR MA 78 0.34 93.87 49.99
C THR MA 78 1.19 94.21 48.78
N GLU MA 79 2.40 94.70 49.01
CA GLU MA 79 3.31 95.04 47.93
C GLU MA 79 3.92 93.79 47.30
N MET MA 80 4.40 93.95 46.08
CA MET MA 80 4.72 92.83 45.21
C MET MA 80 5.85 93.22 44.26
N ILE MA 81 6.73 92.27 43.98
CA ILE MA 81 7.84 92.49 43.07
C ILE MA 81 7.37 92.23 41.65
N VAL MA 82 7.61 93.20 40.78
CA VAL MA 82 7.27 93.10 39.37
C VAL MA 82 8.48 92.55 38.63
N ILE MA 83 8.30 91.42 37.94
CA ILE MA 83 9.41 90.84 37.20
C ILE MA 83 9.44 91.58 35.87
N PRO MA 84 10.42 92.40 35.60
CA PRO MA 84 10.46 93.10 34.31
C PRO MA 84 10.86 92.18 33.18
N TRP MA 85 10.15 91.07 33.06
CA TRP MA 85 10.63 90.00 32.20
C TRP MA 85 10.11 90.15 30.79
N ASN MA 86 9.21 91.09 30.55
CA ASN MA 86 8.70 91.38 29.23
C ASN MA 86 9.41 92.56 28.57
N VAL MA 87 10.39 93.16 29.22
CA VAL MA 87 11.16 94.24 28.61
C VAL MA 87 12.44 93.64 28.05
N MET MA 88 12.79 94.08 26.84
CA MET MA 88 13.91 93.49 26.12
C MET MA 88 15.22 93.71 26.86
N ARG MA 89 15.37 94.88 27.48
CA ARG MA 89 16.59 95.24 28.16
C ARG MA 89 16.88 94.35 29.37
N PHE MA 90 15.89 93.63 29.86
CA PHE MA 90 16.08 92.75 31.00
C PHE MA 90 17.05 91.62 30.68
N TYR MA 91 16.90 91.01 29.50
CA TYR MA 91 17.66 89.82 29.17
C TYR MA 91 19.05 90.13 28.65
N CYS MA 92 19.16 91.10 27.74
CA CYS MA 92 20.40 91.35 27.02
C CYS MA 92 21.24 92.48 27.57
N GLU MA 93 20.78 93.15 28.62
CA GLU MA 93 21.58 94.16 29.30
C GLU MA 93 21.58 93.85 30.78
N TYR MA 94 22.73 93.96 31.40
CA TYR MA 94 22.92 93.42 32.74
C TYR MA 94 22.85 94.60 33.70
N ASN MA 95 21.74 94.73 34.40
CA ASN MA 95 21.59 95.86 35.32
C ASN MA 95 21.56 95.27 36.71
N THR MA 96 22.68 95.40 37.41
CA THR MA 96 22.79 94.95 38.78
C THR MA 96 23.72 95.90 39.50
N GLY MA 97 23.32 96.38 40.67
CA GLY MA 97 24.25 97.12 41.50
C GLY MA 97 24.91 98.28 40.78
N THR MA 98 26.24 98.26 40.77
CA THR MA 98 27.02 99.32 40.16
C THR MA 98 27.08 99.22 38.64
N TYR MA 99 26.82 98.04 38.07
CA TYR MA 99 26.93 97.87 36.62
C TYR MA 99 26.05 98.87 35.88
N GLY MA 100 24.77 98.90 36.19
CA GLY MA 100 23.85 99.80 35.50
C GLY MA 100 24.25 101.25 35.58
N LEU MA 101 25.03 101.63 36.59
CA LEU MA 101 25.53 102.99 36.67
C LEU MA 101 26.66 103.22 35.66
N SER MA 102 27.50 102.21 35.47
CA SER MA 102 28.56 102.27 34.47
C SER MA 102 27.97 102.17 33.07
N GLY MA 103 28.73 102.63 32.09
CA GLY MA 103 28.24 102.76 30.73
C GLY MA 103 28.36 101.49 29.91
N ASN MA 104 27.44 101.36 28.95
CA ASN MA 104 27.44 100.30 27.95
C ASN MA 104 27.59 98.93 28.59
N VAL MA 105 26.52 98.53 29.30
CA VAL MA 105 26.51 97.23 29.96
C VAL MA 105 25.84 96.17 29.10
N HIS MA 106 25.48 96.50 27.87
CA HIS MA 106 24.96 95.50 26.95
C HIS MA 106 25.96 94.37 26.75
N HIS MA 107 25.43 93.17 26.56
CA HIS MA 107 26.27 92.04 26.25
C HIS MA 107 26.85 92.20 24.85
N LYS MA 108 28.08 91.71 24.66
CA LYS MA 108 28.76 91.98 23.41
C LYS MA 108 28.18 91.22 22.23
N ASN MA 109 27.48 90.10 22.47
CA ASN MA 109 26.74 89.49 21.39
C ASN MA 109 25.66 90.41 20.87
N TYR MA 110 25.11 91.25 21.73
CA TYR MA 110 24.08 92.15 21.25
C TYR MA 110 24.68 93.33 20.50
N SER MA 111 25.84 93.80 20.92
CA SER MA 111 26.48 94.92 20.23
C SER MA 111 26.75 94.59 18.77
N MET MA 112 27.06 93.34 18.47
CA MET MA 112 27.26 92.96 17.08
C MET MA 112 25.97 92.63 16.35
N LEU MA 113 24.89 92.31 17.06
CA LEU MA 113 23.62 92.17 16.37
C LEU MA 113 23.23 93.45 15.66
N LEU MA 114 23.81 94.57 16.06
CA LEU MA 114 23.68 95.81 15.34
C LEU MA 114 24.65 95.91 14.18
N ALA MA 115 25.66 95.04 14.12
CA ALA MA 115 26.55 95.00 12.98
C ALA MA 115 25.94 94.25 11.81
N CYS MA 116 25.26 93.14 12.08
CA CYS MA 116 24.51 92.45 11.04
C CYS MA 116 23.26 93.24 10.70
N LYS MA 117 22.70 92.98 9.51
CA LYS MA 117 21.66 93.89 9.05
C LYS MA 117 20.32 93.63 9.70
N ALA MA 118 20.06 92.43 10.17
CA ALA MA 118 18.78 92.09 10.76
C ALA MA 118 19.01 91.17 11.95
N HIS MA 119 18.24 91.38 13.01
CA HIS MA 119 18.22 90.45 14.13
C HIS MA 119 16.80 90.33 14.62
N ARG MA 120 16.49 89.19 15.20
CA ARG MA 120 15.17 88.97 15.72
C ARG MA 120 15.26 88.23 17.05
N PRO MA 121 14.45 88.65 18.03
CA PRO MA 121 14.62 88.15 19.40
C PRO MA 121 14.20 86.72 19.66
N THR MA 122 13.28 86.14 18.88
CA THR MA 122 12.79 84.77 19.08
C THR MA 122 12.51 84.45 20.55
N LYS MA 123 12.98 83.31 21.04
CA LYS MA 123 12.62 82.88 22.38
C LYS MA 123 13.28 83.73 23.44
N VAL MA 124 12.61 83.85 24.59
CA VAL MA 124 13.12 84.61 25.72
C VAL MA 124 12.63 83.93 26.99
N GLY MA 125 13.45 83.94 28.03
CA GLY MA 125 13.07 83.25 29.25
C GLY MA 125 14.01 83.53 30.39
N TYR MA 126 13.64 83.02 31.56
CA TYR MA 126 14.47 83.22 32.75
C TYR MA 126 14.21 82.10 33.74
N THR MA 127 15.12 81.97 34.71
CA THR MA 127 15.05 80.92 35.71
C THR MA 127 15.30 81.52 37.09
N LEU MA 128 14.43 81.16 38.04
CA LEU MA 128 14.64 81.42 39.45
C LEU MA 128 15.09 80.13 40.12
N SER MA 129 16.16 80.22 40.91
CA SER MA 129 16.78 79.01 41.42
C SER MA 129 17.34 79.22 42.80
N ASN MA 130 17.39 78.13 43.57
CA ASN MA 130 18.05 78.07 44.88
C ASN MA 130 17.61 79.21 45.77
N LEU MA 131 16.36 79.11 46.18
CA LEU MA 131 15.75 80.12 47.03
C LEU MA 131 16.29 80.02 48.44
N ILE MA 132 16.61 81.17 49.02
CA ILE MA 132 17.02 81.28 50.41
C ILE MA 132 16.12 82.32 51.06
N LEU MA 133 15.32 81.89 52.02
CA LEU MA 133 14.52 82.79 52.83
C LEU MA 133 15.24 83.09 54.14
N THR MA 134 15.20 84.35 54.54
CA THR MA 134 15.75 84.79 55.80
C THR MA 134 14.68 85.60 56.52
N SER MA 135 14.90 85.83 57.81
CA SER MA 135 13.91 86.50 58.64
C SER MA 135 14.57 87.62 59.42
N ASP MA 136 13.93 88.78 59.42
CA ASP MA 136 14.32 89.90 60.27
C ASP MA 136 13.63 89.84 61.63
N GLU MA 137 12.89 88.77 61.90
CA GLU MA 137 12.11 88.71 63.13
C GLU MA 137 12.97 88.88 64.37
N LEU MA 138 14.17 88.30 64.37
CA LEU MA 138 15.07 88.49 65.50
C LEU MA 138 15.71 89.86 65.51
N VAL MA 139 15.64 90.59 64.40
CA VAL MA 139 16.24 91.91 64.31
C VAL MA 139 15.36 92.93 65.02
N SER MA 140 16.00 93.83 65.75
CA SER MA 140 15.33 94.94 66.40
C SER MA 140 16.23 96.17 66.33
N THR MA 141 15.64 97.33 66.60
CA THR MA 141 16.43 98.56 66.53
C THR MA 141 17.58 98.55 67.54
N GLY MA 142 17.44 97.80 68.63
CA GLY MA 142 18.56 97.64 69.54
C GLY MA 142 19.70 96.86 68.92
N GLY MA 143 19.39 95.98 67.97
CA GLY MA 143 20.44 95.27 67.25
C GLY MA 143 20.90 94.02 67.99
N THR MA 144 22.20 93.72 67.81
CA THR MA 144 22.91 92.60 68.41
C THR MA 144 22.47 91.26 67.86
N LEU MA 145 21.36 91.23 67.12
CA LEU MA 145 20.91 90.04 66.41
C LEU MA 145 20.52 90.43 65.00
N GLY MA 146 21.13 89.77 64.01
CA GLY MA 146 20.86 90.04 62.62
C GLY MA 146 19.87 89.03 62.03
N THR MA 147 19.57 89.24 60.76
CA THR MA 147 18.66 88.33 60.08
C THR MA 147 19.32 86.97 59.93
N THR MA 148 18.49 85.93 59.81
CA THR MA 148 19.02 84.61 59.59
C THR MA 148 17.95 83.79 58.89
N THR MA 149 18.37 82.71 58.24
CA THR MA 149 17.47 81.86 57.51
C THR MA 149 16.35 81.37 58.41
N THR MA 150 15.18 81.17 57.81
CA THR MA 150 14.00 80.78 58.58
C THR MA 150 14.27 79.48 59.34
N PHE MA 151 13.67 79.40 60.54
CA PHE MA 151 13.92 78.27 61.42
C PHE MA 151 13.54 76.95 60.76
N ASN MA 152 12.47 76.94 59.98
CA ASN MA 152 12.10 75.78 59.21
C ASN MA 152 11.77 76.23 57.79
N THR MA 153 11.65 75.26 56.90
CA THR MA 153 11.50 75.50 55.48
C THR MA 153 10.06 75.69 55.05
N SER MA 154 9.12 75.70 55.99
CA SER MA 154 7.72 75.93 55.66
C SER MA 154 7.44 77.25 54.95
N PRO MA 155 8.10 78.37 55.25
CA PRO MA 155 7.79 79.60 54.52
C PRO MA 155 8.14 79.49 53.05
N TYR MA 156 7.56 80.38 52.27
CA TYR MA 156 7.70 80.32 50.81
C TYR MA 156 7.58 81.72 50.23
N MET MA 157 8.07 81.85 49.01
CA MET MA 157 7.87 83.05 48.21
C MET MA 157 6.94 82.71 47.05
N ILE MA 158 5.95 83.55 46.83
CA ILE MA 158 4.91 83.27 45.87
C ILE MA 158 5.33 83.84 44.52
N HIS MA 159 5.41 83.00 43.51
CA HIS MA 159 5.63 83.46 42.15
C HIS MA 159 4.30 83.47 41.43
N SER MA 160 3.84 84.65 41.06
CA SER MA 160 2.52 84.83 40.49
C SER MA 160 2.65 85.17 39.01
N ILE MA 161 1.87 84.47 38.19
CA ILE MA 161 1.74 84.77 36.77
C ILE MA 161 0.32 85.25 36.54
N ASP MA 162 0.14 86.46 36.06
CA ASP MA 162 -1.22 86.97 35.91
C ASP MA 162 -1.65 86.66 34.49
N ASP MA 163 -2.50 85.64 34.36
CA ASP MA 163 -3.01 85.22 33.06
C ASP MA 163 -4.21 86.05 32.63
N GLN MA 164 -5.09 86.35 33.57
CA GLN MA 164 -6.32 87.07 33.30
C GLN MA 164 -6.09 88.57 33.25
N GLN MA 165 -4.85 89.00 33.47
CA GLN MA 165 -4.49 90.41 33.45
C GLN MA 165 -5.32 91.19 34.46
N CYS MA 166 -5.28 90.73 35.72
CA CYS MA 166 -5.81 91.54 36.81
C CYS MA 166 -5.17 92.90 36.82
N LEU MA 167 -3.86 92.96 36.58
CA LEU MA 167 -3.10 94.20 36.50
C LEU MA 167 -2.68 94.40 35.06
N SER MA 168 -3.28 95.39 34.41
CA SER MA 168 -2.90 95.73 33.04
C SER MA 168 -1.61 96.53 33.02
N LYS MA 169 -1.51 97.51 33.89
CA LYS MA 169 -0.42 98.45 33.93
C LYS MA 169 -0.02 98.64 35.38
N VAL MA 170 1.28 98.56 35.65
CA VAL MA 170 1.78 98.47 37.00
C VAL MA 170 2.68 99.67 37.26
N TYR MA 171 2.48 100.32 38.40
CA TYR MA 171 3.21 101.50 38.78
C TYR MA 171 4.05 101.24 40.03
N PRO MA 172 5.15 101.95 40.21
CA PRO MA 172 5.90 101.84 41.46
C PRO MA 172 5.11 102.37 42.65
N LYS MA 173 5.55 101.98 43.84
CA LYS MA 173 4.92 102.49 45.04
C LYS MA 173 5.13 104.00 45.16
N THR MA 174 4.25 104.64 45.93
CA THR MA 174 4.23 106.09 46.03
C THR MA 174 5.61 106.66 46.32
N ASP MA 175 6.30 106.11 47.32
CA ASP MA 175 7.59 106.68 47.70
C ASP MA 175 8.70 106.22 46.75
N THR MA 176 8.67 104.96 46.33
CA THR MA 176 9.80 104.40 45.60
C THR MA 176 9.73 104.80 44.12
N VAL MA 177 10.74 104.35 43.37
CA VAL MA 177 10.80 104.55 41.94
C VAL MA 177 11.59 103.40 41.35
N TRP MA 178 11.39 103.14 40.07
CA TRP MA 178 12.02 102.00 39.42
C TRP MA 178 13.16 102.47 38.54
N PRO MA 179 14.41 102.29 38.94
CA PRO MA 179 15.52 102.60 38.04
C PRO MA 179 15.66 101.52 36.98
N VAL MA 180 16.09 101.94 35.78
CA VAL MA 180 16.36 100.93 34.79
C VAL MA 180 17.72 100.30 35.07
N SER MA 181 18.63 101.04 35.70
CA SER MA 181 19.93 100.50 36.07
C SER MA 181 19.82 99.40 37.10
N SER MA 182 18.71 99.33 37.81
CA SER MA 182 18.46 98.34 38.84
C SER MA 182 17.69 97.14 38.34
N MET MA 183 17.44 97.06 37.03
CA MET MA 183 16.38 96.18 36.50
C MET MA 183 16.56 94.73 36.91
N ARG MA 184 17.77 94.18 36.74
CA ARG MA 184 17.90 92.73 36.87
C ARG MA 184 17.92 92.23 38.31
N GLU MA 185 18.36 93.03 39.28
CA GLU MA 185 18.10 92.63 40.66
C GLU MA 185 16.71 93.17 40.95
N LEU MA 186 15.83 92.33 41.47
CA LEU MA 186 14.43 92.67 41.34
C LEU MA 186 14.09 93.47 42.58
N ASP MA 187 14.09 94.79 42.42
CA ASP MA 187 13.63 95.73 43.42
C ASP MA 187 12.29 96.35 43.11
N TYR MA 188 11.67 96.05 41.98
CA TYR MA 188 10.54 96.85 41.57
C TYR MA 188 9.33 96.40 42.38
N VAL MA 189 8.81 97.31 43.20
CA VAL MA 189 7.75 97.00 44.14
C VAL MA 189 6.50 97.76 43.72
N ALA MA 190 5.45 97.01 43.43
CA ALA MA 190 4.14 97.56 43.18
C ALA MA 190 3.26 97.28 44.38
N SER MA 191 2.37 98.20 44.67
CA SER MA 191 1.37 97.99 45.70
C SER MA 191 0.03 97.91 45.00
N THR MA 192 -0.54 96.72 44.96
CA THR MA 192 -1.82 96.50 44.29
C THR MA 192 -2.93 96.82 45.28
N VAL MA 193 -3.75 97.80 44.97
CA VAL MA 193 -4.72 98.35 45.90
C VAL MA 193 -6.02 98.62 45.15
N SER MA 194 -7.14 98.18 45.72
CA SER MA 194 -8.46 98.54 45.24
C SER MA 194 -8.80 99.91 45.79
N GLY MA 195 -10.04 100.35 45.69
CA GLY MA 195 -10.30 101.70 46.14
C GLY MA 195 -9.99 101.92 47.61
N ASP MA 196 -10.65 101.19 48.50
CA ASP MA 196 -10.26 101.13 49.90
C ASP MA 196 -9.48 99.88 50.28
N ASN MA 197 -9.28 98.96 49.35
CA ASN MA 197 -8.86 97.61 49.68
C ASN MA 197 -7.43 97.39 49.23
N ALA MA 198 -6.60 96.89 50.13
CA ALA MA 198 -5.26 96.44 49.76
C ALA MA 198 -5.37 95.02 49.24
N ILE MA 199 -4.94 94.82 48.00
CA ILE MA 199 -5.02 93.51 47.36
C ILE MA 199 -3.83 92.67 47.78
N ILE MA 200 -4.08 91.46 48.26
CA ILE MA 200 -3.02 90.48 48.41
C ILE MA 200 -2.77 89.90 47.02
N PRO MA 201 -1.57 90.08 46.45
CA PRO MA 201 -1.38 89.74 45.03
C PRO MA 201 -1.67 88.29 44.69
N SER MA 202 -1.29 87.36 45.55
CA SER MA 202 -1.50 85.95 45.27
C SER MA 202 -2.97 85.60 45.11
N THR MA 203 -3.88 86.39 45.66
CA THR MA 203 -5.28 86.02 45.64
C THR MA 203 -5.94 86.32 44.30
N ILE MA 204 -5.56 87.41 43.64
CA ILE MA 204 -6.18 87.75 42.36
C ILE MA 204 -5.55 86.99 41.22
N PHE MA 205 -4.24 86.77 41.25
CA PHE MA 205 -3.53 86.23 40.10
C PHE MA 205 -3.88 84.76 39.88
N ASN MA 206 -3.66 84.33 38.65
CA ASN MA 206 -4.14 83.01 38.23
C ASN MA 206 -3.19 81.91 38.68
N LYS MA 207 -2.02 81.81 38.05
CA LYS MA 207 -1.02 80.84 38.46
C LYS MA 207 -0.19 81.45 39.57
N ASN MA 208 -0.22 80.82 40.73
CA ASN MA 208 0.57 81.22 41.88
C ASN MA 208 1.34 80.00 42.35
N ARG MA 209 2.64 80.05 42.23
CA ARG MA 209 3.52 78.99 42.68
C ARG MA 209 4.07 79.35 44.04
N TYR MA 210 3.85 78.49 45.03
CA TYR MA 210 4.44 78.72 46.34
C TYR MA 210 5.75 77.96 46.36
N TRP MA 211 6.85 78.71 46.34
CA TRP MA 211 8.16 78.15 46.07
C TRP MA 211 8.99 78.27 47.32
N LYS MA 212 9.40 77.11 47.83
CA LYS MA 212 10.04 77.01 49.13
C LYS MA 212 11.53 76.79 48.98
N GLN MA 213 12.19 76.66 50.10
CA GLN MA 213 13.61 76.37 50.14
C GLN MA 213 13.81 74.89 49.82
N GLY MA 214 14.59 74.61 48.78
CA GLY MA 214 14.80 73.26 48.34
C GLY MA 214 14.00 72.86 47.12
N ASP MA 215 12.98 73.62 46.77
CA ASP MA 215 12.21 73.33 45.58
C ASP MA 215 13.08 73.49 44.33
N ASP MA 216 12.66 72.81 43.27
CA ASP MA 216 13.39 72.90 42.02
C ASP MA 216 13.29 74.30 41.45
N ALA MA 217 14.22 74.62 40.56
CA ALA MA 217 14.25 75.93 39.96
C ALA MA 217 12.97 76.18 39.17
N LEU MA 218 12.57 77.44 39.10
CA LEU MA 218 11.38 77.86 38.37
C LEU MA 218 11.80 78.39 37.01
N HIS MA 219 11.37 77.71 35.95
CA HIS MA 219 11.77 78.04 34.60
C HIS MA 219 10.61 78.69 33.87
N PHE MA 220 10.83 79.85 33.27
CA PHE MA 220 9.79 80.55 32.55
C PHE MA 220 10.34 80.95 31.20
N SER MA 221 9.55 80.73 30.15
CA SER MA 221 10.00 80.96 28.79
C SER MA 221 8.88 81.57 27.99
N HIS MA 222 9.25 82.28 26.94
CA HIS MA 222 8.29 82.81 25.99
C HIS MA 222 8.88 82.66 24.59
N ASP MA 223 8.12 82.04 23.69
CA ASP MA 223 8.55 81.88 22.31
C ASP MA 223 7.97 83.00 21.48
N LEU MA 224 8.81 83.65 20.69
CA LEU MA 224 8.39 84.65 19.74
C LEU MA 224 8.47 84.07 18.34
N ASP MA 225 7.36 84.12 17.61
CA ASP MA 225 7.36 83.87 16.17
C ASP MA 225 7.00 85.17 15.48
N LEU MA 226 7.98 85.80 14.86
CA LEU MA 226 7.80 87.04 14.14
C LEU MA 226 7.91 86.76 12.67
N GLY MA 227 7.10 87.45 11.88
CA GLY MA 227 7.31 87.32 10.45
C GLY MA 227 8.33 88.26 9.90
N PHE MA 228 8.97 89.06 10.75
CA PHE MA 228 9.84 90.13 10.30
C PHE MA 228 11.05 90.18 11.20
N TRP MA 229 11.89 91.17 10.96
CA TRP MA 229 13.19 91.30 11.58
C TRP MA 229 13.35 92.73 12.07
N PHE MA 230 14.37 92.96 12.89
CA PHE MA 230 14.63 94.29 13.41
C PHE MA 230 16.00 94.76 12.94
N GLY MA 231 16.08 96.02 12.53
CA GLY MA 231 17.34 96.56 12.07
C GLY MA 231 18.02 97.51 13.04
N SER MA 232 17.32 97.89 14.11
CA SER MA 232 17.84 98.86 15.05
C SER MA 232 17.95 98.23 16.43
N ASP MA 233 18.43 99.00 17.40
CA ASP MA 233 18.50 98.50 18.75
C ASP MA 233 17.13 98.55 19.40
N TYR MA 234 16.91 97.69 20.40
CA TYR MA 234 15.63 97.69 21.09
C TYR MA 234 15.42 98.98 21.84
N GLY MA 235 16.42 99.44 22.58
CA GLY MA 235 16.32 100.77 23.16
C GLY MA 235 15.19 100.91 24.15
N ASN MA 236 15.21 100.09 25.20
CA ASN MA 236 14.16 99.99 26.22
C ASN MA 236 12.77 99.82 25.60
N ALA MA 237 12.68 98.84 24.72
CA ALA MA 237 11.42 98.38 24.17
C ALA MA 237 11.02 97.08 24.86
N TYR MA 238 9.73 96.88 25.03
CA TYR MA 238 9.25 95.57 25.42
C TYR MA 238 9.63 94.57 24.35
N VAL MA 239 10.06 93.39 24.78
CA VAL MA 239 10.27 92.31 23.81
C VAL MA 239 8.97 92.06 23.05
N PRO MA 240 9.00 91.95 21.72
CA PRO MA 240 7.80 92.17 20.92
C PRO MA 240 6.59 91.37 21.35
N GLN MA 241 5.46 92.05 21.44
CA GLN MA 241 4.21 91.49 21.88
C GLN MA 241 3.09 92.13 21.08
N ASN MA 242 2.02 91.39 20.87
CA ASN MA 242 0.80 91.93 20.27
C ASN MA 242 -0.28 91.89 21.34
N ASN MA 243 -0.71 93.06 21.79
CA ASN MA 243 -1.63 93.10 22.91
C ASN MA 243 -2.55 94.29 22.82
N ASP MA 244 -3.44 94.37 23.81
CA ASP MA 244 -4.21 95.59 24.04
C ASP MA 244 -3.29 96.75 24.37
N SER MA 245 -2.21 96.49 25.09
CA SER MA 245 -1.28 97.54 25.47
C SER MA 245 -0.27 97.87 24.38
N MET MA 246 0.14 96.89 23.57
CA MET MA 246 1.29 97.14 22.71
C MET MA 246 1.26 96.22 21.49
N ASN MA 247 2.01 96.63 20.47
CA ASN MA 247 2.17 95.85 19.25
C ASN MA 247 3.65 95.65 18.95
N ALA MA 248 3.92 94.59 18.19
CA ALA MA 248 5.29 94.10 18.04
C ALA MA 248 6.11 94.93 17.06
N VAL MA 249 5.46 95.53 16.07
CA VAL MA 249 6.14 96.24 15.00
C VAL MA 249 6.05 97.74 15.28
N GLY MA 250 7.17 98.45 15.13
CA GLY MA 250 7.25 99.81 15.61
C GLY MA 250 7.14 100.93 14.62
N THR MA 251 7.25 100.64 13.33
CA THR MA 251 7.22 101.68 12.32
C THR MA 251 5.78 101.99 11.94
N ILE MA 252 5.47 103.28 11.81
CA ILE MA 252 4.19 103.70 11.28
C ILE MA 252 4.16 103.33 9.80
N PRO MA 253 3.22 102.49 9.37
CA PRO MA 253 3.11 102.19 7.94
C PRO MA 253 2.67 103.41 7.16
N THR MA 254 3.11 103.47 5.91
CA THR MA 254 2.97 104.66 5.09
C THR MA 254 2.28 104.32 3.77
N SER MA 255 1.85 105.35 3.07
CA SER MA 255 0.77 105.25 2.09
C SER MA 255 1.19 104.49 0.83
N LYS MA 256 0.17 103.87 0.21
CA LYS MA 256 0.23 103.40 -1.17
C LYS MA 256 1.27 102.29 -1.37
N HIS MA 257 1.39 101.41 -0.38
CA HIS MA 257 2.18 100.19 -0.52
C HIS MA 257 1.89 99.30 0.67
N ILE MA 258 2.58 98.16 0.70
CA ILE MA 258 2.32 97.11 1.67
C ILE MA 258 3.32 97.23 2.81
N ASN MA 259 2.86 96.98 4.02
CA ASN MA 259 3.67 97.16 5.22
C ASN MA 259 3.44 95.98 6.14
N VAL MA 260 4.48 95.61 6.89
CA VAL MA 260 4.32 94.52 7.85
C VAL MA 260 3.56 95.04 9.05
N ARG MA 261 2.52 94.31 9.43
CA ARG MA 261 1.56 94.72 10.44
C ARG MA 261 1.46 93.63 11.49
N GLY MA 262 1.44 94.02 12.76
CA GLY MA 262 1.25 93.05 13.81
C GLY MA 262 -0.12 92.41 13.75
N VAL MA 263 -0.20 91.16 14.20
CA VAL MA 263 -1.44 90.41 14.16
C VAL MA 263 -1.37 89.33 15.24
N ASN MA 264 -2.53 88.87 15.69
CA ASN MA 264 -2.75 87.61 16.42
C ASN MA 264 -2.59 87.57 17.93
N ASN MA 265 -2.18 88.63 18.63
CA ASN MA 265 -2.15 88.56 20.10
C ASN MA 265 -1.23 87.45 20.61
N ARG MA 266 0.06 87.68 20.49
CA ARG MA 266 1.03 86.99 21.32
C ARG MA 266 1.54 87.97 22.35
N GLY MA 267 1.50 87.58 23.62
CA GLY MA 267 1.95 88.46 24.68
C GLY MA 267 2.47 87.67 25.85
N MET MA 268 3.02 88.39 26.83
CA MET MA 268 3.57 87.74 28.02
C MET MA 268 2.78 88.06 29.28
N ALA MA 269 2.62 87.05 30.14
CA ALA MA 269 1.90 87.22 31.39
C ALA MA 269 2.74 88.00 32.40
N GLY MA 270 2.09 88.89 33.13
CA GLY MA 270 2.78 89.70 34.13
C GLY MA 270 3.24 88.90 35.33
N HIS MA 271 4.49 88.43 35.28
CA HIS MA 271 5.07 87.67 36.38
C HIS MA 271 5.27 88.59 37.59
N TYR MA 272 5.16 88.03 38.79
CA TYR MA 272 5.32 88.82 39.99
C TYR MA 272 5.85 87.94 41.12
N LEU MA 273 6.42 88.57 42.12
CA LEU MA 273 6.90 87.90 43.32
C LEU MA 273 6.33 88.57 44.55
N SER MA 274 5.90 87.75 45.50
CA SER MA 274 5.27 88.28 46.71
C SER MA 274 5.44 87.25 47.81
N PHE MA 275 5.21 87.69 49.03
CA PHE MA 275 5.28 86.77 50.15
C PHE MA 275 3.92 86.63 50.79
N PRO MA 276 3.60 85.48 51.35
CA PRO MA 276 2.32 85.28 51.99
C PRO MA 276 2.20 86.15 53.22
N PRO MA 277 1.04 86.73 53.48
CA PRO MA 277 0.86 87.47 54.73
C PRO MA 277 0.96 86.53 55.91
N ILE MA 278 1.82 86.88 56.86
CA ILE MA 278 1.96 86.14 58.11
C ILE MA 278 1.94 87.16 59.22
N ARG MA 279 0.93 87.10 60.06
CA ARG MA 279 0.83 88.06 61.15
C ARG MA 279 1.79 87.69 62.26
N THR MA 280 2.29 88.72 62.93
CA THR MA 280 3.20 88.60 64.06
C THR MA 280 2.59 89.31 65.26
N ASN MA 281 3.34 89.31 66.36
CA ASN MA 281 2.99 90.16 67.49
C ASN MA 281 2.85 91.62 67.05
N ASP MA 282 3.69 92.05 66.10
CA ASP MA 282 3.59 93.39 65.54
C ASP MA 282 3.67 93.30 64.02
N GLY MA 283 2.59 93.72 63.35
CA GLY MA 283 2.63 93.80 61.91
C GLY MA 283 2.72 92.44 61.25
N GLN MA 284 3.55 92.37 60.22
CA GLN MA 284 3.64 91.20 59.35
C GLN MA 284 5.00 90.53 59.52
N PHE MA 285 5.03 89.23 59.25
CA PHE MA 285 6.27 88.50 59.35
C PHE MA 285 7.24 89.02 58.31
N LYS MA 286 8.49 89.16 58.69
CA LYS MA 286 9.47 89.74 57.77
C LYS MA 286 10.13 88.59 57.04
N LEU MA 287 9.81 88.44 55.76
CA LEU MA 287 10.43 87.45 54.90
C LEU MA 287 11.33 88.16 53.90
N ASN MA 288 12.52 87.63 53.78
CA ASN MA 288 13.50 88.12 52.83
C ASN MA 288 13.86 86.93 51.97
N ALA MA 289 14.13 87.17 50.70
CA ALA MA 289 14.40 86.07 49.79
C ALA MA 289 15.69 86.32 49.04
N GLN MA 290 16.45 85.25 48.81
CA GLN MA 290 17.50 85.24 47.81
C GLN MA 290 17.21 84.15 46.80
N PHE MA 291 17.54 84.41 45.55
CA PHE MA 291 17.56 83.37 44.53
C PHE MA 291 18.47 83.84 43.41
N THR MA 292 18.88 82.91 42.58
CA THR MA 292 19.68 83.25 41.41
C THR MA 292 18.76 83.46 40.23
N LEU MA 293 19.03 84.51 39.46
CA LEU MA 293 18.27 84.83 38.27
C LEU MA 293 19.14 84.49 37.07
N GLU MA 294 18.76 83.47 36.32
CA GLU MA 294 19.38 83.14 35.05
C GLU MA 294 18.42 83.50 33.95
N THR MA 295 18.76 84.50 33.15
CA THR MA 295 17.95 84.88 32.01
C THR MA 295 18.66 84.45 30.73
N GLU MA 296 17.87 84.08 29.73
CA GLU MA 296 18.40 83.77 28.42
C GLU MA 296 17.48 84.34 27.36
N ILE MA 297 18.07 85.04 26.39
CA ILE MA 297 17.35 85.50 25.22
C ILE MA 297 18.08 84.99 23.99
N GLU MA 298 17.35 84.37 23.09
CA GLU MA 298 17.93 83.72 21.93
C GLU MA 298 17.62 84.54 20.70
N PHE MA 299 18.64 85.18 20.13
CA PHE MA 299 18.46 85.97 18.92
C PHE MA 299 18.74 85.15 17.68
N GLU MA 300 17.96 85.39 16.64
CA GLU MA 300 18.34 85.06 15.28
C GLU MA 300 18.84 86.32 14.60
N PHE MA 301 19.86 86.18 13.77
CA PHE MA 301 20.33 87.33 13.01
C PHE MA 301 20.66 86.88 11.60
N ARG MA 302 20.85 87.87 10.74
CA ARG MA 302 20.93 87.64 9.31
C ARG MA 302 21.90 88.65 8.72
N LEU MA 303 22.65 88.23 7.71
CA LEU MA 303 23.79 89.02 7.27
C LEU MA 303 23.46 89.79 5.99
N TRP MA 304 24.47 90.49 5.50
CA TRP MA 304 24.36 91.47 4.44
C TRP MA 304 24.26 90.80 3.08
N GLU MA 305 23.77 91.57 2.11
CA GLU MA 305 23.58 91.07 0.75
C GLU MA 305 24.92 90.72 0.12
N GLN MA 306 24.94 89.61 -0.61
CA GLN MA 306 26.14 89.23 -1.33
C GLN MA 306 26.31 90.08 -2.57
N GLY MA 307 27.54 90.13 -3.06
CA GLY MA 307 27.82 90.83 -4.28
C GLY MA 307 28.24 92.26 -4.03
N VAL MA 308 28.32 93.01 -5.13
CA VAL MA 308 28.65 94.42 -5.05
C VAL MA 308 27.61 95.17 -4.24
N GLN MA 309 26.39 94.64 -4.16
CA GLN MA 309 25.36 95.27 -3.35
C GLN MA 309 25.78 95.40 -1.90
N GLY MA 310 26.58 94.46 -1.41
CA GLY MA 310 27.03 94.46 -0.03
C GLY MA 310 28.32 95.20 0.24
N ILE MA 311 28.88 95.88 -0.76
CA ILE MA 311 30.07 96.68 -0.53
C ILE MA 311 29.73 97.92 0.28
N ASN MA 312 30.55 98.23 1.28
CA ASN MA 312 30.25 99.33 2.19
C ASN MA 312 29.98 100.63 1.44
N SER MA 313 30.84 100.96 0.47
CA SER MA 313 30.72 102.25 -0.18
C SER MA 313 29.43 102.37 -0.97
N VAL MA 314 29.05 101.32 -1.69
CA VAL MA 314 27.86 101.36 -2.54
C VAL MA 314 26.64 100.78 -1.85
N HIS MA 315 26.76 100.25 -0.63
CA HIS MA 315 25.58 99.69 0.02
C HIS MA 315 24.63 100.75 0.50
N THR MA 316 25.10 101.98 0.71
CA THR MA 316 24.20 103.03 1.16
C THR MA 316 23.07 103.25 0.16
N ASN MA 317 23.43 103.50 -1.09
CA ASN MA 317 22.46 103.77 -2.14
C ASN MA 317 22.02 102.53 -2.92
N LEU MA 318 22.68 101.38 -2.76
CA LEU MA 318 22.16 100.12 -3.26
C LEU MA 318 21.43 99.30 -2.23
N ASN MA 319 21.26 99.80 -1.02
CA ASN MA 319 20.46 99.11 -0.02
C ASN MA 319 19.06 98.88 -0.58
N PRO MA 320 18.50 97.68 -0.44
CA PRO MA 320 17.15 97.43 -0.96
C PRO MA 320 16.13 98.31 -0.27
N ALA MA 321 15.24 98.89 -1.05
CA ALA MA 321 14.14 99.64 -0.46
C ALA MA 321 13.09 98.73 0.14
N ASN MA 322 13.15 97.43 -0.14
CA ASN MA 322 12.22 96.47 0.44
C ASN MA 322 12.73 95.91 1.75
N ASP MA 323 13.85 96.40 2.28
CA ASP MA 323 14.16 96.15 3.67
C ASP MA 323 12.98 96.51 4.55
N SER MA 324 12.40 97.70 4.30
CA SER MA 324 11.25 98.14 5.07
C SER MA 324 10.13 97.13 5.05
N LEU MA 325 10.15 96.23 4.08
CA LEU MA 325 9.12 95.20 3.99
C LEU MA 325 9.32 94.15 5.08
N TRP MA 326 10.51 93.56 5.16
CA TRP MA 326 10.84 92.59 6.21
C TRP MA 326 11.66 93.14 7.36
N ILE MA 327 12.14 94.38 7.34
CA ILE MA 327 12.94 94.87 8.49
C ILE MA 327 12.25 96.01 9.22
N GLN MA 328 11.90 95.81 10.48
CA GLN MA 328 10.81 96.59 11.05
C GLN MA 328 10.98 97.36 12.33
N SER MA 329 12.18 97.42 12.90
CA SER MA 329 12.46 98.11 14.18
C SER MA 329 11.76 97.49 15.41
N TYR MA 330 11.54 98.28 16.46
CA TYR MA 330 10.92 97.76 17.69
C TYR MA 330 9.56 98.38 17.94
N GLY MA 331 8.61 97.60 18.44
CA GLY MA 331 7.26 98.10 18.47
C GLY MA 331 6.90 99.11 19.52
N SER MA 332 7.10 98.76 20.79
CA SER MA 332 6.55 99.55 21.87
C SER MA 332 7.55 99.61 23.00
N LEU MA 333 7.69 100.79 23.56
CA LEU MA 333 8.73 101.09 24.53
C LEU MA 333 8.15 101.07 25.93
N VAL MA 334 8.95 100.62 26.89
CA VAL MA 334 8.60 100.90 28.26
C VAL MA 334 8.65 102.40 28.46
N SER MA 335 7.91 102.89 29.45
CA SER MA 335 7.80 104.32 29.65
C SER MA 335 8.91 104.74 30.60
N ILE MA 336 9.87 105.49 30.08
CA ILE MA 336 11.08 105.86 30.80
C ILE MA 336 11.17 107.36 30.82
N THR MA 337 11.08 107.96 32.00
CA THR MA 337 11.51 109.33 32.19
C THR MA 337 12.82 109.29 32.96
N GLU MA 338 13.77 110.12 32.56
CA GLU MA 338 15.13 110.06 33.08
C GLU MA 338 15.62 108.63 32.89
N SER MA 339 16.22 108.01 33.89
CA SER MA 339 16.60 106.61 33.84
C SER MA 339 15.55 105.69 34.46
N LYS MA 340 14.41 106.23 34.87
CA LYS MA 340 13.50 105.55 35.78
C LYS MA 340 12.25 105.10 35.04
N ILE MA 341 11.84 103.86 35.29
CA ILE MA 341 10.66 103.32 34.64
C ILE MA 341 9.42 103.92 35.26
N ASN MA 342 8.52 104.45 34.42
CA ASN MA 342 7.28 105.03 34.91
C ASN MA 342 6.26 103.96 35.25
N ASN MA 343 6.13 102.96 34.39
CA ASN MA 343 5.14 101.92 34.56
C ASN MA 343 5.59 100.72 33.74
N ILE MA 344 5.02 99.56 34.04
CA ILE MA 344 5.24 98.37 33.23
C ILE MA 344 3.89 97.83 32.81
N GLN MA 345 3.75 97.58 31.52
CA GLN MA 345 2.55 96.99 30.94
C GLN MA 345 2.84 95.53 30.66
N PHE MA 346 1.85 94.67 30.87
CA PHE MA 346 2.07 93.25 30.64
C PHE MA 346 1.32 92.70 29.45
N GLY MA 347 0.00 92.69 29.48
CA GLY MA 347 -0.78 92.20 28.35
C GLY MA 347 -0.41 90.85 27.75
N PRO MA 348 -0.82 89.78 28.44
CA PRO MA 348 -0.58 88.38 28.08
C PRO MA 348 -1.42 87.91 26.92
N THR MA 349 -1.13 86.73 26.39
CA THR MA 349 -1.96 86.21 25.32
C THR MA 349 -3.10 85.72 26.16
N CYS MA 350 -4.21 86.44 26.16
CA CYS MA 350 -5.29 86.04 27.04
C CYS MA 350 -6.02 84.84 26.49
N PRO MA 351 -6.42 83.96 27.38
CA PRO MA 351 -7.06 82.68 27.01
C PRO MA 351 -8.46 82.85 26.45
N ARG MA 352 -9.10 83.98 26.68
CA ARG MA 352 -10.46 84.17 26.19
C ARG MA 352 -10.52 84.76 24.80
N VAL MA 353 -9.39 85.20 24.23
CA VAL MA 353 -9.35 85.44 22.79
C VAL MA 353 -9.54 84.12 22.05
N ASP MA 354 -10.22 84.18 20.92
CA ASP MA 354 -10.44 82.99 20.11
C ASP MA 354 -9.10 82.33 19.80
N ALA MA 355 -9.06 81.02 19.97
CA ALA MA 355 -7.83 80.29 19.73
C ALA MA 355 -7.34 80.45 18.30
N ARG MA 356 -8.23 80.81 17.37
CA ARG MA 356 -7.82 81.02 16.00
C ARG MA 356 -7.03 82.32 15.86
N ASN MA 357 -7.25 83.27 16.77
CA ASN MA 357 -6.44 84.48 16.77
C ASN MA 357 -5.10 84.28 17.44
N LYS MA 358 -4.99 83.37 18.38
CA LYS MA 358 -3.84 83.29 19.26
C LYS MA 358 -2.67 82.54 18.63
N GLY MA 359 -2.77 82.13 17.38
CA GLY MA 359 -1.79 81.24 16.79
C GLY MA 359 -0.43 81.86 16.52
N GLY MA 360 0.37 81.20 15.70
CA GLY MA 360 1.80 81.41 15.67
C GLY MA 360 2.36 82.74 15.22
N LYS MA 361 2.03 83.18 14.02
CA LYS MA 361 2.77 84.24 13.36
C LYS MA 361 2.33 85.61 13.87
N MET MA 362 3.29 86.41 14.32
CA MET MA 362 2.97 87.69 14.94
C MET MA 362 2.90 88.85 13.98
N SER MA 363 3.07 88.64 12.69
CA SER MA 363 2.96 89.77 11.78
C SER MA 363 2.38 89.30 10.47
N MET MA 364 1.82 90.24 9.74
CA MET MA 364 1.30 89.99 8.42
C MET MA 364 1.74 91.14 7.54
N LEU MA 365 1.85 90.88 6.25
CA LEU MA 365 2.33 91.87 5.31
C LEU MA 365 1.09 92.41 4.61
N PHE MA 366 0.66 93.57 5.07
CA PHE MA 366 -0.61 94.18 4.69
C PHE MA 366 -0.45 95.61 4.23
N ASP MA 367 -1.15 95.97 3.17
CA ASP MA 367 -1.06 97.31 2.60
C ASP MA 367 -1.71 98.44 3.39
N HIS MA 368 -1.26 99.65 3.11
CA HIS MA 368 -1.82 100.83 3.73
C HIS MA 368 -2.20 101.82 2.65
N HIS MA 369 -3.39 102.38 2.75
CA HIS MA 369 -3.83 103.35 1.75
C HIS MA 369 -3.77 104.78 2.28
N GLU NA 36 -43.83 64.80 -4.86
CA GLU NA 36 -43.76 64.43 -6.26
C GLU NA 36 -43.91 65.67 -7.14
N GLY NA 37 -43.37 65.62 -8.35
CA GLY NA 37 -43.44 66.76 -9.24
C GLY NA 37 -42.31 67.72 -9.01
N ASP NA 38 -42.35 68.83 -9.74
CA ASP NA 38 -41.33 69.85 -9.63
C ASP NA 38 -41.60 70.84 -8.50
N GLY NA 39 -42.68 70.64 -7.75
CA GLY NA 39 -43.04 71.49 -6.65
C GLY NA 39 -44.21 72.40 -6.91
N SER NA 40 -44.60 72.54 -8.17
CA SER NA 40 -45.68 73.42 -8.59
C SER NA 40 -47.03 73.09 -8.01
N ALA NA 41 -47.15 71.95 -7.34
CA ALA NA 41 -48.41 71.51 -6.76
C ALA NA 41 -48.79 72.29 -5.51
N PRO NA 42 -50.04 72.20 -5.08
CA PRO NA 42 -50.40 72.96 -3.88
C PRO NA 42 -49.62 72.58 -2.62
N GLY NA 43 -49.30 71.32 -2.37
CA GLY NA 43 -48.60 70.96 -1.15
C GLY NA 43 -47.22 70.36 -1.30
N GLY NA 44 -46.39 70.41 -0.27
CA GLY NA 44 -45.05 69.87 -0.35
C GLY NA 44 -43.94 70.91 -0.49
N SER NA 45 -43.02 70.70 -1.42
CA SER NA 45 -41.92 71.62 -1.66
C SER NA 45 -42.26 72.81 -2.55
N VAL NA 46 -41.55 73.92 -2.37
CA VAL NA 46 -41.74 75.16 -3.10
C VAL NA 46 -41.14 75.14 -4.47
N TRP NA 47 -41.93 75.50 -5.47
CA TRP NA 47 -41.38 75.57 -6.82
C TRP NA 47 -40.55 76.83 -6.77
N GLN NA 48 -39.31 76.74 -7.18
CA GLN NA 48 -38.45 77.91 -7.13
C GLN NA 48 -37.77 78.13 -8.48
N THR NA 49 -37.50 79.39 -8.76
CA THR NA 49 -37.00 79.83 -10.04
C THR NA 49 -35.54 79.44 -10.24
N THR NA 50 -35.10 79.48 -11.49
CA THR NA 50 -33.75 79.07 -11.85
C THR NA 50 -32.71 79.98 -11.21
N ASP NA 51 -31.50 79.43 -11.08
CA ASP NA 51 -30.39 80.11 -10.42
C ASP NA 51 -29.73 81.10 -11.35
N TYR NA 52 -29.65 82.35 -10.92
CA TYR NA 52 -28.92 83.37 -11.68
C TYR NA 52 -27.46 83.52 -11.29
N ILE NA 53 -27.00 82.86 -10.23
CA ILE NA 53 -25.60 83.01 -9.84
C ILE NA 53 -24.69 82.28 -10.82
N ALA NA 54 -25.04 81.04 -11.14
CA ALA NA 54 -24.12 80.15 -11.85
C ALA NA 54 -23.51 80.80 -13.08
N LEU NA 55 -24.31 81.55 -13.83
CA LEU NA 55 -23.78 82.21 -15.03
C LEU NA 55 -23.07 83.51 -14.72
N SER NA 56 -23.31 84.13 -13.57
CA SER NA 56 -22.56 85.32 -13.23
C SER NA 56 -21.19 85.01 -12.67
N MET NA 57 -20.99 83.79 -12.15
CA MET NA 57 -19.70 83.41 -11.58
C MET NA 57 -18.78 82.72 -12.57
N VAL NA 58 -19.26 82.37 -13.76
CA VAL NA 58 -18.41 81.64 -14.69
C VAL NA 58 -17.26 82.54 -15.13
N VAL NA 59 -16.05 82.05 -15.00
CA VAL NA 59 -14.84 82.80 -15.31
C VAL NA 59 -14.39 82.39 -16.71
N TYR NA 60 -14.31 83.37 -17.60
CA TYR NA 60 -13.82 83.15 -18.95
C TYR NA 60 -12.39 83.65 -19.02
N ARG NA 61 -11.59 82.97 -19.83
CA ARG NA 61 -10.14 83.14 -19.76
C ARG NA 61 -9.61 83.38 -21.16
N THR NA 62 -9.00 84.55 -21.37
CA THR NA 62 -8.43 84.89 -22.67
C THR NA 62 -6.98 85.32 -22.52
N ALA NA 63 -6.36 85.77 -23.61
CA ALA NA 63 -4.99 86.22 -23.56
C ALA NA 63 -4.74 87.20 -24.70
N ILE NA 64 -3.67 87.97 -24.56
CA ILE NA 64 -3.21 88.89 -25.60
C ILE NA 64 -1.75 88.58 -25.86
N LYS NA 65 -1.45 88.14 -27.08
CA LYS NA 65 -0.10 87.79 -27.49
C LYS NA 65 0.35 88.76 -28.56
N LEU NA 66 1.58 89.25 -28.44
CA LEU NA 66 2.13 90.23 -29.36
C LEU NA 66 3.60 89.93 -29.59
N ARG NA 67 4.05 90.09 -30.83
CA ARG NA 67 5.46 89.95 -31.17
C ARG NA 67 6.04 91.27 -31.63
N ASN NA 68 7.34 91.38 -31.43
CA ASN NA 68 8.06 92.61 -31.67
C ASN NA 68 9.50 92.24 -31.98
N PHE NA 69 10.17 93.10 -32.73
CA PHE NA 69 11.61 92.99 -32.90
C PHE NA 69 12.26 94.13 -32.13
N VAL NA 70 13.25 93.79 -31.31
CA VAL NA 70 13.93 94.76 -30.47
C VAL NA 70 15.34 94.95 -31.03
N ASN NA 71 15.73 96.20 -31.21
CA ASN NA 71 17.08 96.56 -31.63
C ASN NA 71 17.68 97.44 -30.56
N ILE NA 72 18.73 96.94 -29.91
CA ILE NA 72 19.42 97.65 -28.84
C ILE NA 72 20.77 98.09 -29.38
N ARG NA 73 20.96 99.39 -29.55
CA ARG NA 73 22.19 99.91 -30.12
C ARG NA 73 22.80 100.95 -29.19
N GLY NA 74 24.12 101.09 -29.30
CA GLY NA 74 24.83 102.15 -28.61
C GLY NA 74 24.68 102.13 -27.10
N LEU NA 75 24.64 100.93 -26.52
CA LEU NA 75 24.43 100.77 -25.09
C LEU NA 75 25.79 100.47 -24.46
N THR NA 76 26.31 101.42 -23.70
CA THR NA 76 27.60 101.24 -23.06
C THR NA 76 27.47 100.31 -21.86
N PRO NA 77 28.57 99.76 -21.35
CA PRO NA 77 28.47 98.78 -20.27
C PRO NA 77 27.92 99.36 -18.97
N THR NA 78 28.01 100.66 -18.75
CA THR NA 78 27.42 101.24 -17.55
C THR NA 78 25.91 101.35 -17.66
N GLU NA 79 25.43 101.85 -18.79
CA GLU NA 79 24.01 102.00 -19.03
C GLU NA 79 23.37 100.65 -19.35
N MET NA 80 22.06 100.58 -19.16
CA MET NA 80 21.34 99.32 -19.10
C MET NA 80 19.92 99.51 -19.58
N ILE NA 81 19.39 98.52 -20.30
CA ILE NA 81 18.03 98.55 -20.79
C ILE NA 81 17.08 98.05 -19.71
N VAL NA 82 16.07 98.85 -19.42
CA VAL NA 82 15.05 98.50 -18.44
C VAL NA 82 13.92 97.81 -19.17
N ILE NA 83 13.59 96.59 -18.76
CA ILE NA 83 12.50 95.87 -19.41
C ILE NA 83 11.23 96.36 -18.73
N PRO NA 84 10.38 97.10 -19.38
CA PRO NA 84 9.16 97.57 -18.73
C PRO NA 84 8.14 96.44 -18.60
N TRP NA 85 8.56 95.34 -18.01
CA TRP NA 85 7.77 94.13 -18.09
C TRP NA 85 6.79 94.04 -16.94
N ASN NA 86 6.88 94.94 -15.96
CA ASN NA 86 5.96 94.99 -14.86
C ASN NA 86 4.85 96.02 -15.05
N VAL NA 87 4.83 96.72 -16.18
CA VAL NA 87 3.76 97.66 -16.48
C VAL NA 87 2.73 96.96 -17.35
N MET NA 88 1.46 97.17 -17.03
CA MET NA 88 0.38 96.44 -17.69
C MET NA 88 0.34 96.77 -19.18
N ARG NA 89 0.60 98.03 -19.53
CA ARG NA 89 0.53 98.49 -20.90
C ARG NA 89 1.55 97.83 -21.81
N PHE NA 90 2.58 97.21 -21.24
CA PHE NA 90 3.60 96.56 -22.03
C PHE NA 90 3.03 95.37 -22.80
N TYR NA 91 2.20 94.58 -22.14
CA TYR NA 91 1.73 93.33 -22.74
C TYR NA 91 0.54 93.52 -23.66
N CYS NA 92 -0.44 94.32 -23.25
CA CYS NA 92 -1.71 94.42 -23.94
C CYS NA 92 -1.83 95.62 -24.86
N GLU NA 93 -0.82 96.47 -24.92
CA GLU NA 93 -0.80 97.57 -25.87
C GLU NA 93 0.51 97.52 -26.62
N TYR NA 94 0.46 97.73 -27.93
CA TYR NA 94 1.59 97.45 -28.78
C TYR NA 94 2.26 98.77 -29.09
N ASN NA 95 3.38 99.05 -28.46
CA ASN NA 95 4.06 100.31 -28.69
C ASN NA 95 5.36 99.97 -29.40
N THR NA 96 5.38 100.22 -30.70
CA THR NA 96 6.57 100.01 -31.50
C THR NA 96 6.58 101.07 -32.59
N GLY NA 97 7.70 101.76 -32.77
CA GLY NA 97 7.83 102.62 -33.92
C GLY NA 97 6.69 103.61 -34.06
N THR NA 98 6.03 103.59 -35.21
CA THR NA 98 4.95 104.52 -35.52
C THR NA 98 3.65 104.14 -34.83
N TYR NA 99 3.47 102.88 -34.42
CA TYR NA 99 2.21 102.45 -33.81
C TYR NA 99 1.85 103.32 -32.61
N GLY NA 100 2.75 103.42 -31.64
CA GLY NA 100 2.47 104.19 -30.45
C GLY NA 100 2.11 105.63 -30.71
N LEU NA 101 2.52 106.17 -31.86
CA LEU NA 101 2.11 107.52 -32.23
C LEU NA 101 0.66 107.54 -32.70
N SER NA 102 0.24 106.50 -33.42
CA SER NA 102 -1.14 106.39 -33.84
C SER NA 102 -2.03 106.04 -32.64
N GLY NA 103 -3.32 106.31 -32.80
CA GLY NA 103 -4.25 106.20 -31.70
C GLY NA 103 -4.82 104.80 -31.50
N ASN NA 104 -5.14 104.51 -30.24
CA ASN NA 104 -5.84 103.30 -29.83
C ASN NA 104 -5.14 102.06 -30.38
N VAL NA 105 -3.95 101.80 -29.83
CA VAL NA 105 -3.17 100.65 -30.24
C VAL NA 105 -3.40 99.46 -29.32
N HIS NA 106 -4.33 99.57 -28.38
CA HIS NA 106 -4.69 98.43 -27.55
C HIS NA 106 -5.17 97.27 -28.41
N HIS NA 107 -4.89 96.06 -27.96
CA HIS NA 107 -5.38 94.88 -28.62
C HIS NA 107 -6.89 94.78 -28.44
N LYS NA 108 -7.58 94.26 -29.44
CA LYS NA 108 -9.04 94.28 -29.40
C LYS NA 108 -9.62 93.33 -28.38
N ASN NA 109 -8.89 92.29 -27.98
CA ASN NA 109 -9.36 91.50 -26.84
C ASN NA 109 -9.40 92.32 -25.59
N TYR NA 110 -8.54 93.32 -25.46
CA TYR NA 110 -8.60 94.13 -24.27
C TYR NA 110 -9.71 95.15 -24.32
N SER NA 111 -10.01 95.67 -25.51
CA SER NA 111 -11.09 96.64 -25.63
C SER NA 111 -12.42 96.06 -25.18
N MET NA 112 -12.63 94.77 -25.40
CA MET NA 112 -13.86 94.14 -24.93
C MET NA 112 -13.78 93.70 -23.48
N LEU NA 113 -12.59 93.53 -22.91
CA LEU NA 113 -12.53 93.28 -21.48
C LEU NA 113 -13.15 94.42 -20.70
N LEU NA 114 -13.27 95.59 -21.31
CA LEU NA 114 -14.02 96.69 -20.74
C LEU NA 114 -15.52 96.57 -21.01
N ALA NA 115 -15.92 95.69 -21.92
CA ALA NA 115 -17.34 95.43 -22.15
C ALA NA 115 -17.91 94.49 -21.10
N CYS NA 116 -17.16 93.45 -20.73
CA CYS NA 116 -17.57 92.60 -19.63
C CYS NA 116 -17.37 93.34 -18.31
N LYS NA 117 -18.06 92.88 -17.26
CA LYS NA 117 -18.09 93.70 -16.06
C LYS NA 117 -16.82 93.59 -15.24
N ALA NA 118 -16.10 92.48 -15.34
CA ALA NA 118 -14.91 92.27 -14.54
C ALA NA 118 -13.86 91.58 -15.39
N HIS NA 119 -12.61 91.99 -15.23
CA HIS NA 119 -11.50 91.27 -15.82
C HIS NA 119 -10.36 91.25 -14.83
N ARG NA 120 -9.52 90.23 -14.94
CA ARG NA 120 -8.39 90.13 -14.06
C ARG NA 120 -7.18 89.65 -14.85
N PRO NA 121 -6.01 90.23 -14.59
CA PRO NA 121 -4.85 89.99 -15.46
C PRO NA 121 -4.18 88.62 -15.31
N THR NA 122 -4.30 87.93 -14.19
CA THR NA 122 -3.66 86.63 -13.96
C THR NA 122 -2.22 86.58 -14.45
N LYS NA 123 -1.86 85.54 -15.20
CA LYS NA 123 -0.46 85.36 -15.56
C LYS NA 123 -0.02 86.38 -16.60
N VAL NA 124 1.28 86.70 -16.57
CA VAL NA 124 1.87 87.63 -17.51
C VAL NA 124 3.30 87.21 -17.75
N GLY NA 125 3.78 87.40 -18.97
CA GLY NA 125 5.13 86.93 -19.29
C GLY NA 125 5.59 87.40 -20.65
N TYR NA 126 6.86 87.11 -20.93
CA TYR NA 126 7.42 87.50 -22.22
C TYR NA 126 8.59 86.59 -22.56
N THR NA 127 8.98 86.62 -23.83
CA THR NA 127 10.04 85.78 -24.35
C THR NA 127 11.00 86.60 -25.19
N LEU NA 128 12.29 86.42 -24.93
CA LEU NA 128 13.36 86.93 -25.78
C LEU NA 128 13.91 85.79 -26.61
N SER NA 129 14.04 85.99 -27.91
CA SER NA 129 14.36 84.88 -28.78
C SER NA 129 15.24 85.32 -29.93
N ASN NA 130 16.03 84.39 -30.44
CA ASN NA 130 16.84 84.55 -31.66
C ASN NA 130 17.64 85.85 -31.62
N LEU NA 131 18.63 85.83 -30.74
CA LEU NA 131 19.49 86.98 -30.54
C LEU NA 131 20.44 87.13 -31.71
N ILE NA 132 20.60 88.37 -32.18
CA ILE NA 132 21.56 88.70 -33.21
C ILE NA 132 22.39 89.86 -32.68
N LEU NA 133 23.67 89.62 -32.48
CA LEU NA 133 24.62 90.66 -32.11
C LEU NA 133 25.33 91.18 -33.35
N THR NA 134 25.49 92.49 -33.42
CA THR NA 134 26.22 93.14 -34.47
C THR NA 134 27.23 94.07 -33.84
N SER NA 135 28.20 94.53 -34.64
CA SER NA 135 29.29 95.36 -34.13
C SER NA 135 29.45 96.58 -35.00
N ASP NA 136 29.58 97.74 -34.36
CA ASP NA 136 29.93 98.98 -35.03
C ASP NA 136 31.43 99.18 -35.10
N GLU NA 137 32.21 98.19 -34.67
CA GLU NA 137 33.66 98.35 -34.60
C GLU NA 137 34.27 98.72 -35.94
N LEU NA 138 33.76 98.15 -37.03
CA LEU NA 138 34.26 98.52 -38.34
C LEU NA 138 33.73 99.86 -38.80
N VAL NA 139 32.70 100.39 -38.15
CA VAL NA 139 32.10 101.66 -38.52
C VAL NA 139 32.99 102.79 -38.02
N SER NA 140 33.15 103.81 -38.87
CA SER NA 140 33.86 105.02 -38.51
C SER NA 140 33.16 106.20 -39.16
N THR NA 141 33.48 107.40 -38.70
CA THR NA 141 32.85 108.60 -39.25
C THR NA 141 33.13 108.74 -40.74
N GLY NA 142 34.25 108.20 -41.22
CA GLY NA 142 34.49 108.19 -42.65
C GLY NA 142 33.54 107.30 -43.40
N GLY NA 143 33.01 106.27 -42.73
CA GLY NA 143 32.00 105.43 -43.35
C GLY NA 143 32.60 104.33 -44.21
N THR NA 144 31.86 103.98 -45.26
CA THR NA 144 32.20 102.98 -46.27
C THR NA 144 32.16 101.56 -45.70
N LEU NA 145 32.08 101.42 -44.39
CA LEU NA 145 31.90 100.12 -43.75
C LEU NA 145 30.82 100.27 -42.69
N GLY NA 146 29.78 99.43 -42.78
CA GLY NA 146 28.69 99.45 -41.84
C GLY NA 146 28.83 98.38 -40.79
N THR NA 147 27.86 98.35 -39.88
CA THR NA 147 27.88 97.35 -38.84
C THR NA 147 27.64 95.97 -39.43
N THR NA 148 28.12 94.95 -38.74
CA THR NA 148 27.88 93.59 -39.19
C THR NA 148 27.94 92.69 -37.97
N THR NA 149 27.35 91.50 -38.12
CA THR NA 149 27.31 90.54 -37.02
C THR NA 149 28.72 90.23 -36.53
N THR NA 150 28.82 89.94 -35.24
CA THR NA 150 30.10 89.71 -34.63
C THR NA 150 30.85 88.57 -35.33
N PHE NA 151 32.17 88.70 -35.40
CA PHE NA 151 32.99 87.74 -36.14
C PHE NA 151 32.82 86.34 -35.59
N ASN NA 152 32.70 86.20 -34.28
CA ASN NA 152 32.40 84.93 -33.66
C ASN NA 152 31.27 85.12 -32.65
N THR NA 153 30.73 84.01 -32.18
CA THR NA 153 29.55 84.00 -31.34
C THR NA 153 29.87 84.12 -29.86
N SER NA 154 31.13 84.32 -29.51
CA SER NA 154 31.50 84.50 -28.11
C SER NA 154 30.83 85.68 -27.41
N PRO NA 155 30.58 86.83 -28.05
CA PRO NA 155 29.91 87.92 -27.33
C PRO NA 155 28.50 87.54 -26.93
N TYR NA 156 27.97 88.28 -25.98
CA TYR NA 156 26.67 87.97 -25.39
C TYR NA 156 26.00 89.23 -24.89
N MET NA 157 24.70 89.14 -24.70
CA MET NA 157 23.92 90.18 -24.06
C MET NA 157 23.45 89.65 -22.71
N ILE NA 158 23.61 90.46 -21.67
CA ILE NA 158 23.36 90.03 -20.31
C ILE NA 158 21.91 90.34 -19.99
N HIS NA 159 21.14 89.32 -19.62
CA HIS NA 159 19.79 89.54 -19.11
C HIS NA 159 19.83 89.44 -17.60
N SER NA 160 19.55 90.54 -16.93
CA SER NA 160 19.69 90.63 -15.50
C SER NA 160 18.31 90.70 -14.85
N ILE NA 161 18.10 89.88 -13.83
CA ILE NA 161 16.90 89.92 -13.00
C ILE NA 161 17.34 90.36 -11.62
N ASP NA 162 16.82 91.49 -11.14
CA ASP NA 162 17.28 91.97 -9.84
C ASP NA 162 16.33 91.41 -8.80
N ASP NA 163 16.81 90.40 -8.07
CA ASP NA 163 16.02 89.77 -7.02
C ASP NA 163 16.11 90.52 -5.72
N GLN NA 164 17.30 90.99 -5.39
CA GLN NA 164 17.55 91.67 -4.13
C GLN NA 164 17.15 93.13 -4.19
N GLN NA 165 16.66 93.58 -5.32
CA GLN NA 165 16.25 94.97 -5.53
C GLN NA 165 17.41 95.92 -5.25
N CYS NA 166 18.52 95.69 -5.93
CA CYS NA 166 19.59 96.68 -5.93
C CYS NA 166 19.05 98.02 -6.40
N LEU NA 167 18.20 98.01 -7.41
CA LEU NA 167 17.56 99.21 -7.94
C LEU NA 167 16.08 99.15 -7.58
N SER NA 168 15.66 100.01 -6.67
CA SER NA 168 14.26 100.10 -6.30
C SER NA 168 13.47 100.86 -7.35
N LYS NA 169 14.00 101.99 -7.79
CA LYS NA 169 13.34 102.91 -8.69
C LYS NA 169 14.35 103.34 -9.73
N VAL NA 170 13.96 103.29 -10.99
CA VAL NA 170 14.87 103.44 -12.11
C VAL NA 170 14.46 104.66 -12.92
N TYR NA 171 15.43 105.50 -13.25
CA TYR NA 171 15.21 106.72 -13.98
C TYR NA 171 15.90 106.66 -15.33
N PRO NA 172 15.40 107.40 -16.33
CA PRO NA 172 16.11 107.49 -17.59
C PRO NA 172 17.43 108.23 -17.45
N LYS NA 173 18.29 108.06 -18.44
CA LYS NA 173 19.54 108.79 -18.45
C LYS NA 173 19.29 110.29 -18.57
N THR NA 174 20.29 111.06 -18.14
CA THR NA 174 20.14 112.51 -18.05
C THR NA 174 19.62 113.11 -19.35
N ASP NA 175 20.23 112.74 -20.48
CA ASP NA 175 19.82 113.33 -21.75
C ASP NA 175 18.54 112.71 -22.29
N THR NA 176 18.39 111.39 -22.15
CA THR NA 176 17.30 110.70 -22.80
C THR NA 176 16.01 110.83 -22.01
N VAL NA 177 14.95 110.24 -22.55
CA VAL NA 177 13.66 110.19 -21.88
C VAL NA 177 12.95 108.93 -22.37
N TRP NA 178 11.99 108.45 -21.60
CA TRP NA 178 11.31 107.22 -21.90
C TRP NA 178 9.92 107.51 -22.44
N PRO NA 179 9.66 107.37 -23.74
CA PRO NA 179 8.30 107.50 -24.23
C PRO NA 179 7.50 106.26 -23.91
N VAL NA 180 6.21 106.45 -23.67
CA VAL NA 180 5.38 105.27 -23.50
C VAL NA 180 5.05 104.68 -24.86
N SER NA 181 5.02 105.52 -25.90
CA SER NA 181 4.77 105.03 -27.26
C SER NA 181 5.89 104.14 -27.76
N SER NA 182 7.06 104.21 -27.13
CA SER NA 182 8.22 103.43 -27.50
C SER NA 182 8.37 102.16 -26.67
N MET NA 183 7.39 101.85 -25.82
CA MET NA 183 7.60 100.91 -24.72
C MET NA 183 8.09 99.55 -25.19
N ARG NA 184 7.44 98.96 -26.19
CA ARG NA 184 7.72 97.55 -26.49
C ARG NA 184 9.01 97.32 -27.25
N GLU NA 185 9.50 98.27 -28.04
CA GLU NA 185 10.87 98.14 -28.51
C GLU NA 185 11.72 98.73 -27.42
N LEU NA 186 12.74 98.01 -26.98
CA LEU NA 186 13.27 98.35 -25.66
C LEU NA 186 14.36 99.35 -25.92
N ASP NA 187 14.02 100.62 -25.73
CA ASP NA 187 14.95 101.73 -25.75
C ASP NA 187 15.25 102.31 -24.39
N TYR NA 188 14.62 101.82 -23.31
CA TYR NA 188 14.71 102.55 -22.06
C TYR NA 188 16.08 102.27 -21.45
N VAL NA 189 16.87 103.32 -21.32
CA VAL NA 189 18.26 103.19 -20.89
C VAL NA 189 18.40 103.87 -19.53
N ALA NA 190 18.78 103.10 -18.55
CA ALA NA 190 19.13 103.61 -17.24
C ALA NA 190 20.64 103.57 -17.09
N SER NA 191 21.18 104.53 -16.38
CA SER NA 191 22.59 104.52 -16.03
C SER NA 191 22.66 104.33 -14.52
N THR NA 192 23.11 103.15 -14.10
CA THR NA 192 23.20 102.85 -12.68
C THR NA 192 24.55 103.36 -12.19
N VAL NA 193 24.53 104.27 -11.23
CA VAL NA 193 25.72 104.98 -10.80
C VAL NA 193 25.68 105.14 -9.29
N SER NA 194 26.79 104.82 -8.63
CA SER NA 194 26.97 105.11 -7.22
C SER NA 194 27.38 106.56 -7.10
N GLY NA 195 27.85 106.99 -5.92
CA GLY NA 195 28.15 108.40 -5.83
C GLY NA 195 29.21 108.88 -6.79
N ASP NA 196 30.42 108.33 -6.71
CA ASP NA 196 31.43 108.52 -7.74
C ASP NA 196 31.56 107.34 -8.69
N ASN NA 197 30.82 106.26 -8.48
CA ASN NA 197 31.11 104.99 -9.11
C ASN NA 197 30.04 104.67 -10.16
N ALA NA 198 30.48 104.34 -11.35
CA ALA NA 198 29.59 103.81 -12.37
C ALA NA 198 29.42 102.32 -12.14
N ILE NA 199 28.18 101.90 -11.92
CA ILE NA 199 27.89 100.50 -11.63
C ILE NA 199 27.80 99.73 -12.94
N ILE NA 200 28.53 98.63 -13.05
CA ILE NA 200 28.28 97.66 -14.12
C ILE NA 200 27.06 96.84 -13.70
N PRO NA 201 25.96 96.90 -14.44
CA PRO NA 201 24.71 96.32 -13.95
C PRO NA 201 24.79 94.84 -13.64
N SER NA 202 25.49 94.07 -14.46
CA SER NA 202 25.59 92.63 -14.25
C SER NA 202 26.23 92.28 -12.92
N THR NA 203 27.01 93.18 -12.34
CA THR NA 203 27.75 92.83 -11.13
C THR NA 203 26.88 92.88 -9.89
N ILE NA 204 25.96 93.84 -9.81
CA ILE NA 204 25.12 93.96 -8.63
C ILE NA 204 23.96 92.98 -8.67
N PHE NA 205 23.38 92.76 -9.85
CA PHE NA 205 22.13 92.02 -9.94
C PHE NA 205 22.34 90.54 -9.64
N ASN NA 206 21.25 89.88 -9.27
CA ASN NA 206 21.34 88.52 -8.75
C ASN NA 206 21.43 87.50 -9.87
N LYS NA 207 20.33 87.28 -10.58
CA LYS NA 207 20.35 86.39 -11.72
C LYS NA 207 20.79 87.19 -12.95
N ASN NA 208 21.90 86.76 -13.54
CA ASN NA 208 22.42 87.35 -14.76
C ASN NA 208 22.65 86.23 -15.74
N ARG NA 209 21.88 86.24 -16.82
CA ARG NA 209 22.00 85.26 -17.88
C ARG NA 209 22.84 85.85 -19.00
N TYR NA 210 23.93 85.19 -19.36
CA TYR NA 210 24.72 85.63 -20.49
C TYR NA 210 24.21 84.88 -21.70
N TRP NA 211 23.53 85.59 -22.58
CA TRP NA 211 22.73 84.98 -23.63
C TRP NA 211 23.37 85.30 -24.96
N LYS NA 212 23.80 84.26 -25.65
CA LYS NA 212 24.61 84.37 -26.84
C LYS NA 212 23.77 84.12 -28.08
N GLN NA 213 24.43 84.18 -29.22
CA GLN NA 213 23.81 83.88 -30.50
C GLN NA 213 23.67 82.36 -30.63
N GLY NA 214 22.45 81.89 -30.82
CA GLY NA 214 22.17 80.48 -30.90
C GLY NA 214 21.61 79.88 -29.63
N ASP NA 215 21.68 80.58 -28.51
CA ASP NA 215 21.09 80.09 -27.29
C ASP NA 215 19.58 80.02 -27.42
N ASP NA 216 18.98 79.17 -26.60
CA ASP NA 216 17.54 79.02 -26.60
C ASP NA 216 16.88 80.30 -26.13
N ALA NA 217 15.61 80.45 -26.48
CA ALA NA 217 14.87 81.63 -26.11
C ALA NA 217 14.79 81.75 -24.60
N LEU NA 218 14.71 82.99 -24.12
CA LEU NA 218 14.62 83.28 -22.70
C LEU NA 218 13.16 83.56 -22.35
N HIS NA 219 12.58 82.71 -21.51
CA HIS NA 219 11.17 82.79 -21.18
C HIS NA 219 11.03 83.30 -19.76
N PHE NA 220 10.21 84.33 -19.57
CA PHE NA 220 9.99 84.91 -18.26
C PHE NA 220 8.51 85.06 -18.05
N SER NA 221 8.04 84.67 -16.87
CA SER NA 221 6.62 84.64 -16.58
C SER NA 221 6.39 85.11 -15.15
N HIS NA 222 5.19 85.63 -14.92
CA HIS NA 222 4.77 85.99 -13.58
C HIS NA 222 3.32 85.58 -13.42
N ASP NA 223 3.03 84.82 -12.37
CA ASP NA 223 1.66 84.41 -12.08
C ASP NA 223 1.05 85.39 -11.08
N LEU NA 224 -0.15 85.86 -11.38
CA LEU NA 224 -0.91 86.69 -10.45
C LEU NA 224 -2.05 85.87 -9.89
N ASP NA 225 -2.14 85.80 -8.57
CA ASP NA 225 -3.32 85.29 -7.90
C ASP NA 225 -3.94 86.45 -7.14
N LEU NA 226 -5.06 86.95 -7.64
CA LEU NA 226 -5.77 88.05 -7.04
C LEU NA 226 -7.05 87.51 -6.43
N GLY NA 227 -7.45 88.06 -5.28
CA GLY NA 227 -8.73 87.67 -4.78
C GLY NA 227 -9.86 88.48 -5.34
N PHE NA 228 -9.58 89.41 -6.24
CA PHE NA 228 -10.57 90.37 -6.69
C PHE NA 228 -10.40 90.57 -8.19
N TRP NA 229 -11.18 91.49 -8.72
CA TRP NA 229 -11.32 91.72 -10.15
C TRP NA 229 -11.21 93.20 -10.41
N PHE NA 230 -11.06 93.57 -11.67
CA PHE NA 230 -10.96 94.96 -12.06
C PHE NA 230 -12.10 95.33 -12.98
N GLY NA 231 -12.70 96.49 -12.75
CA GLY NA 231 -13.79 96.93 -13.58
C GLY NA 231 -13.46 98.01 -14.56
N SER NA 232 -12.27 98.59 -14.46
CA SER NA 232 -11.87 99.71 -15.30
C SER NA 232 -10.65 99.33 -16.12
N ASP NA 233 -10.18 100.26 -16.94
CA ASP NA 233 -8.98 100.00 -17.71
C ASP NA 233 -7.75 100.20 -16.82
N TYR NA 234 -6.66 99.51 -17.19
CA TYR NA 234 -5.44 99.65 -16.42
C TYR NA 234 -4.89 101.08 -16.50
N GLY NA 235 -4.83 101.65 -17.71
CA GLY NA 235 -4.50 103.05 -17.80
C GLY NA 235 -3.11 103.38 -17.29
N ASN NA 236 -2.10 102.75 -17.88
CA ASN NA 236 -0.69 102.86 -17.48
C ASN NA 236 -0.51 102.60 -15.98
N ALA NA 237 -1.06 101.48 -15.54
CA ALA NA 237 -0.83 100.94 -14.22
C ALA NA 237 0.16 99.79 -14.30
N TYR NA 238 0.99 99.65 -13.27
CA TYR NA 238 1.76 98.43 -13.15
C TYR NA 238 0.82 97.24 -13.04
N VAL NA 239 1.16 96.16 -13.71
CA VAL NA 239 0.40 94.93 -13.50
C VAL NA 239 0.44 94.56 -12.03
N PRO NA 240 -0.69 94.21 -11.40
CA PRO NA 240 -0.82 94.30 -9.95
C PRO NA 240 0.28 93.60 -9.17
N GLN NA 241 0.80 94.31 -8.18
CA GLN NA 241 1.90 93.85 -7.35
C GLN NA 241 1.65 94.36 -5.95
N ASN NA 242 2.13 93.60 -4.96
CA ASN NA 242 2.13 94.04 -3.57
C ASN NA 242 3.58 94.21 -3.16
N ASN NA 243 3.99 95.45 -2.91
CA ASN NA 243 5.40 95.68 -2.66
C ASN NA 243 5.59 96.86 -1.73
N ASP NA 244 6.86 97.13 -1.42
CA ASP NA 244 7.23 98.38 -0.79
C ASP NA 244 6.88 99.57 -1.65
N SER NA 245 6.99 99.42 -2.96
CA SER NA 245 6.69 100.51 -3.87
C SER NA 245 5.21 100.63 -4.20
N MET NA 246 4.47 99.53 -4.23
CA MET NA 246 3.13 99.59 -4.78
C MET NA 246 2.25 98.48 -4.25
N ASN NA 247 0.94 98.69 -4.36
CA ASN NA 247 -0.05 97.71 -3.96
C ASN NA 247 -1.00 97.43 -5.12
N ALA NA 248 -1.62 96.24 -5.06
CA ALA NA 248 -2.35 95.73 -6.21
C ALA NA 248 -3.72 96.35 -6.38
N VAL NA 249 -4.34 96.78 -5.29
CA VAL NA 249 -5.71 97.29 -5.31
C VAL NA 249 -5.67 98.81 -5.24
N GLY NA 250 -6.46 99.45 -6.09
CA GLY NA 250 -6.31 100.88 -6.29
C GLY NA 250 -7.29 101.81 -5.63
N THR NA 251 -8.39 101.29 -5.11
CA THR NA 251 -9.40 102.14 -4.51
C THR NA 251 -9.08 102.39 -3.05
N ILE NA 252 -9.23 103.64 -2.63
CA ILE NA 252 -9.12 103.98 -1.21
C ILE NA 252 -10.30 103.35 -0.49
N PRO NA 253 -10.07 102.45 0.47
CA PRO NA 253 -11.19 101.92 1.24
C PRO NA 253 -11.84 102.99 2.09
N THR NA 254 -13.13 102.81 2.33
CA THR NA 254 -13.97 103.84 2.94
C THR NA 254 -14.70 103.27 4.15
N SER NA 255 -15.24 104.18 4.96
CA SER NA 255 -15.53 103.91 6.35
C SER NA 255 -16.69 102.94 6.56
N LYS NA 256 -16.62 102.23 7.69
CA LYS NA 256 -17.75 101.52 8.28
C LYS NA 256 -18.25 100.38 7.39
N HIS NA 257 -17.33 99.68 6.75
CA HIS NA 257 -17.64 98.46 6.03
C HIS NA 257 -16.34 97.79 5.63
N ILE NA 258 -16.47 96.67 4.93
CA ILE NA 258 -15.35 95.81 4.61
C ILE NA 258 -14.89 96.12 3.18
N ASN NA 259 -13.58 96.09 2.97
CA ASN NA 259 -12.99 96.47 1.69
C ASN NA 259 -11.89 95.48 1.35
N VAL NA 260 -11.72 95.23 0.06
CA VAL NA 260 -10.65 94.34 -0.36
C VAL NA 260 -9.32 95.07 -0.24
N ARG NA 261 -8.36 94.43 0.42
CA ARG NA 261 -7.10 95.02 0.78
C ARG NA 261 -5.97 94.14 0.27
N GLY NA 262 -4.94 94.76 -0.29
CA GLY NA 262 -3.79 93.99 -0.72
C GLY NA 262 -3.07 93.37 0.46
N VAL NA 263 -2.44 92.22 0.21
CA VAL NA 263 -1.74 91.49 1.24
C VAL NA 263 -0.67 90.62 0.57
N ASN NA 264 0.35 90.26 1.32
CA ASN NA 264 1.29 89.15 1.08
C ASN NA 264 2.51 89.38 0.18
N ASN NA 265 2.74 90.53 -0.43
CA ASN NA 265 3.98 90.75 -1.18
C ASN NA 265 4.16 89.73 -2.31
N ARG NA 266 3.37 89.92 -3.36
CA ARG NA 266 3.69 89.36 -4.67
C ARG NA 266 4.17 90.50 -5.54
N GLY NA 267 5.34 90.35 -6.16
CA GLY NA 267 5.89 91.40 -6.98
C GLY NA 267 6.76 90.82 -8.07
N MET NA 268 7.21 91.70 -8.98
CA MET NA 268 8.04 91.27 -10.08
C MET NA 268 9.47 91.82 -9.98
N ALA NA 269 10.44 90.98 -10.35
CA ALA NA 269 11.84 91.37 -10.32
C ALA NA 269 12.16 92.31 -11.48
N GLY NA 270 12.96 93.32 -11.22
CA GLY NA 270 13.34 94.28 -12.24
C GLY NA 270 14.26 93.71 -13.29
N HIS NA 271 13.69 93.23 -14.39
CA HIS NA 271 14.46 92.66 -15.48
C HIS NA 271 15.24 93.77 -16.17
N TYR NA 272 16.41 93.43 -16.71
CA TYR NA 272 17.24 94.42 -17.38
C TYR NA 272 18.09 93.75 -18.45
N LEU NA 273 18.55 94.56 -19.40
CA LEU NA 273 19.44 94.10 -20.46
C LEU NA 273 20.67 94.98 -20.49
N SER NA 274 21.83 94.35 -20.65
CA SER NA 274 23.09 95.09 -20.66
C SER NA 274 24.11 94.27 -21.43
N PHE NA 275 25.19 94.92 -21.79
CA PHE NA 275 26.26 94.23 -22.47
C PHE NA 275 27.51 94.22 -21.60
N PRO NA 276 28.33 93.18 -21.69
CA PRO NA 276 29.54 93.12 -20.90
C PRO NA 276 30.51 94.20 -21.34
N PRO NA 277 31.21 94.83 -20.40
CA PRO NA 277 32.25 95.78 -20.80
C PRO NA 277 33.36 95.06 -21.54
N ILE NA 278 33.68 95.57 -22.73
CA ILE NA 278 34.80 95.06 -23.52
C ILE NA 278 35.60 96.26 -23.96
N ARG NA 279 36.83 96.36 -23.50
CA ARG NA 279 37.65 97.51 -23.88
C ARG NA 279 38.18 97.33 -25.28
N THR NA 280 38.34 98.45 -25.97
CA THR NA 280 38.88 98.52 -27.31
C THR NA 280 40.09 99.45 -27.32
N ASN NA 281 40.65 99.63 -28.51
CA ASN NA 281 41.66 100.68 -28.69
C ASN NA 281 41.12 102.03 -28.25
N ASP NA 282 39.83 102.28 -28.48
CA ASP NA 282 39.18 103.49 -28.01
C ASP NA 282 37.86 103.14 -27.33
N GLY NA 283 37.75 103.45 -26.05
CA GLY NA 283 36.48 103.28 -25.36
C GLY NA 283 36.10 101.81 -25.22
N GLN NA 284 34.82 101.54 -25.47
CA GLN NA 284 34.22 100.25 -25.20
C GLN NA 284 33.80 99.59 -26.52
N PHE NA 285 33.76 98.27 -26.51
CA PHE NA 285 33.36 97.54 -27.69
C PHE NA 285 31.90 97.86 -27.98
N LYS NA 286 31.58 98.05 -29.25
CA LYS NA 286 30.23 98.45 -29.60
C LYS NA 286 29.45 97.18 -29.91
N LEU NA 287 28.55 96.81 -29.02
CA LEU NA 287 27.66 95.67 -29.21
C LEU NA 287 26.25 96.17 -29.45
N ASN NA 288 25.63 95.62 -30.47
CA ASN NA 288 24.27 95.92 -30.81
C ASN NA 288 23.55 94.59 -30.81
N ALA NA 289 22.29 94.59 -30.39
CA ALA NA 289 21.56 93.34 -30.27
C ALA NA 289 20.24 93.45 -31.00
N GLN NA 290 19.84 92.34 -31.63
CA GLN NA 290 18.47 92.14 -32.05
C GLN NA 290 17.93 90.89 -31.39
N PHE NA 291 16.65 90.92 -31.06
CA PHE NA 291 15.94 89.72 -30.66
C PHE NA 291 14.46 89.98 -30.86
N THR NA 292 13.69 88.89 -30.89
CA THR NA 292 12.25 89.01 -30.98
C THR NA 292 11.65 89.03 -29.58
N LEU NA 293 10.70 89.92 -29.37
CA LEU NA 293 9.99 90.02 -28.10
C LEU NA 293 8.60 89.47 -28.30
N GLU NA 294 8.32 88.34 -27.67
CA GLU NA 294 6.97 87.78 -27.63
C GLU NA 294 6.46 87.95 -26.21
N THR NA 295 5.45 88.79 -26.05
CA THR NA 295 4.80 88.96 -24.75
C THR NA 295 3.43 88.31 -24.78
N GLU NA 296 3.03 87.79 -23.63
CA GLU NA 296 1.69 87.23 -23.48
C GLU NA 296 1.16 87.61 -22.12
N ILE NA 297 -0.08 88.11 -22.10
CA ILE NA 297 -0.80 88.38 -20.87
C ILE NA 297 -2.12 87.65 -20.94
N GLU NA 298 -2.43 86.90 -19.91
CA GLU NA 298 -3.61 86.03 -19.89
C GLU NA 298 -4.64 86.63 -18.97
N PHE NA 299 -5.73 87.13 -19.52
CA PHE NA 299 -6.80 87.71 -18.71
C PHE NA 299 -7.87 86.67 -18.42
N GLU NA 300 -8.41 86.74 -17.21
CA GLU NA 300 -9.71 86.16 -16.90
C GLU NA 300 -10.73 87.27 -16.91
N PHE NA 301 -11.92 86.98 -17.40
CA PHE NA 301 -12.99 87.96 -17.35
C PHE NA 301 -14.28 87.27 -16.97
N ARG NA 302 -15.27 88.08 -16.65
CA ARG NA 302 -16.50 87.60 -16.04
C ARG NA 302 -17.64 88.49 -16.52
N LEU NA 303 -18.81 87.88 -16.71
CA LEU NA 303 -19.88 88.56 -17.42
C LEU NA 303 -20.94 89.09 -16.45
N TRP NA 304 -21.96 89.70 -17.04
CA TRP NA 304 -22.97 90.46 -16.34
C TRP NA 304 -23.98 89.56 -15.64
N GLU NA 305 -24.69 90.16 -14.68
CA GLU NA 305 -25.67 89.43 -13.89
C GLU NA 305 -26.82 88.95 -14.76
N GLN NA 306 -27.27 87.73 -14.52
CA GLN NA 306 -28.42 87.21 -15.24
C GLN NA 306 -29.70 87.82 -14.72
N GLY NA 307 -30.73 87.77 -15.54
CA GLY NA 307 -32.03 88.25 -15.14
C GLY NA 307 -32.26 89.68 -15.51
N VAL NA 308 -33.36 90.23 -14.99
CA VAL NA 308 -33.67 91.62 -15.22
C VAL NA 308 -32.59 92.52 -14.64
N GLN NA 309 -31.83 92.02 -13.66
CA GLN NA 309 -30.74 92.81 -13.10
C GLN NA 309 -29.72 93.19 -14.17
N GLY NA 310 -29.54 92.35 -15.18
CA GLY NA 310 -28.59 92.58 -16.25
C GLY NA 310 -29.12 93.33 -17.44
N ILE NA 311 -30.35 93.83 -17.39
CA ILE NA 311 -30.89 94.63 -18.48
C ILE NA 311 -30.22 96.00 -18.48
N ASN NA 312 -29.82 96.47 -19.66
CA ASN NA 312 -29.08 97.72 -19.76
C ASN NA 312 -29.79 98.87 -19.06
N SER NA 313 -31.09 99.01 -19.31
CA SER NA 313 -31.80 100.18 -18.78
C SER NA 313 -31.86 100.16 -17.27
N VAL NA 314 -32.11 99.00 -16.67
CA VAL NA 314 -32.25 98.91 -15.21
C VAL NA 314 -30.97 98.48 -14.52
N HIS NA 315 -29.91 98.17 -15.27
CA HIS NA 315 -28.68 97.74 -14.61
C HIS NA 315 -27.96 98.89 -13.93
N THR NA 316 -28.21 100.13 -14.36
CA THR NA 316 -27.56 101.26 -13.71
C THR NA 316 -27.89 101.32 -12.23
N ASN NA 317 -29.17 101.33 -11.91
CA ASN NA 317 -29.62 101.42 -10.53
C ASN NA 317 -29.88 100.06 -9.87
N LEU NA 318 -29.88 98.96 -10.61
CA LEU NA 318 -29.86 97.63 -10.00
C LEU NA 318 -28.48 97.02 -9.92
N ASN NA 319 -27.44 97.74 -10.34
CA ASN NA 319 -26.08 97.25 -10.18
C ASN NA 319 -25.82 96.93 -8.72
N PRO NA 320 -25.24 95.78 -8.39
CA PRO NA 320 -24.98 95.46 -6.99
C PRO NA 320 -24.03 96.46 -6.37
N ALA NA 321 -24.35 96.91 -5.16
CA ALA NA 321 -23.42 97.77 -4.45
C ALA NA 321 -22.24 96.99 -3.89
N ASN NA 322 -22.30 95.66 -3.90
CA ASN NA 322 -21.19 94.84 -3.46
C ASN NA 322 -20.23 94.50 -4.58
N ASP NA 323 -20.42 95.07 -5.77
CA ASP NA 323 -19.34 95.06 -6.75
C ASP NA 323 -18.07 95.60 -6.12
N SER NA 324 -18.18 96.72 -5.41
CA SER NA 324 -17.02 97.31 -4.75
C SER NA 324 -16.33 96.33 -3.84
N LEU NA 325 -17.02 95.27 -3.45
CA LEU NA 325 -16.42 94.26 -2.60
C LEU NA 325 -15.42 93.42 -3.38
N TRP NA 326 -15.85 92.83 -4.50
CA TRP NA 326 -14.96 92.06 -5.36
C TRP NA 326 -14.46 92.80 -6.62
N ILE NA 327 -14.93 94.00 -6.93
CA ILE NA 327 -14.41 94.68 -8.14
C ILE NA 327 -13.63 95.94 -7.79
N GLN NA 328 -12.35 95.97 -8.13
CA GLN NA 328 -11.45 96.85 -7.40
C GLN NA 328 -10.56 97.85 -8.12
N SER NA 329 -10.69 97.99 -9.44
CA SER NA 329 -9.84 98.89 -10.26
C SER NA 329 -8.34 98.50 -10.29
N TYR NA 330 -7.47 99.47 -10.55
CA TYR NA 330 -6.02 99.20 -10.65
C TYR NA 330 -5.23 99.87 -9.55
N GLY NA 331 -4.20 99.19 -9.02
CA GLY NA 331 -3.60 99.70 -7.82
C GLY NA 331 -2.69 100.90 -7.96
N SER NA 332 -1.65 100.77 -8.78
CA SER NA 332 -0.58 101.75 -8.76
C SER NA 332 -0.12 102.00 -10.19
N LEU NA 333 0.10 103.26 -10.49
CA LEU NA 333 0.36 103.70 -11.85
C LEU NA 333 1.85 103.95 -12.02
N VAL NA 334 2.35 103.67 -13.22
CA VAL NA 334 3.65 104.18 -13.57
C VAL NA 334 3.55 105.71 -13.59
N SER NA 335 4.69 106.36 -13.39
CA SER NA 335 4.68 107.82 -13.29
C SER NA 335 4.88 108.37 -14.69
N ILE NA 336 3.84 109.02 -15.20
CA ILE NA 336 3.80 109.48 -16.58
C ILE NA 336 3.53 110.98 -16.55
N THR NA 337 4.49 111.77 -17.01
CA THR NA 337 4.21 113.14 -17.37
C THR NA 337 4.23 113.21 -18.89
N GLU NA 338 3.28 113.96 -19.45
CA GLU NA 338 3.06 113.99 -20.89
C GLU NA 338 2.88 112.53 -21.33
N SER NA 339 3.54 112.09 -22.39
CA SER NA 339 3.54 110.69 -22.81
C SER NA 339 4.74 109.92 -22.27
N LYS NA 340 5.56 110.53 -21.43
CA LYS NA 340 6.89 110.03 -21.15
C LYS NA 340 6.96 109.48 -19.73
N ILE NA 341 7.57 108.31 -19.58
CA ILE NA 341 7.70 107.67 -18.29
C ILE NA 341 8.74 108.40 -17.46
N ASN NA 342 8.37 108.77 -16.24
CA ASN NA 342 9.31 109.45 -15.35
C ASN NA 342 10.28 108.48 -14.71
N ASN NA 343 9.78 107.34 -14.25
CA ASN NA 343 10.58 106.35 -13.56
C ASN NA 343 9.84 105.03 -13.65
N ILE NA 344 10.57 103.95 -13.39
CA ILE NA 344 9.97 102.63 -13.28
C ILE NA 344 10.36 102.04 -11.93
N GLN NA 345 9.37 101.57 -11.19
CA GLN NA 345 9.57 100.90 -9.92
C GLN NA 345 9.41 99.41 -10.15
N PHE NA 346 10.22 98.61 -9.45
CA PHE NA 346 10.15 97.17 -9.65
C PHE NA 346 9.59 96.42 -8.45
N GLY NA 347 10.27 96.44 -7.31
CA GLY NA 347 9.77 95.77 -6.13
C GLY NA 347 9.30 94.33 -6.25
N PRO NA 348 10.25 93.40 -6.32
CA PRO NA 348 10.06 91.95 -6.46
C PRO NA 348 9.56 91.29 -5.20
N THR NA 349 9.15 90.04 -5.29
CA THR NA 349 8.73 89.34 -4.09
C THR NA 349 10.09 89.03 -3.54
N CYS NA 350 10.53 89.76 -2.51
CA CYS NA 350 11.86 89.53 -2.03
C CYS NA 350 11.94 88.27 -1.23
N PRO NA 351 13.05 87.55 -1.39
CA PRO NA 351 13.26 86.25 -0.75
C PRO NA 351 13.45 86.34 0.75
N ARG NA 352 13.78 87.50 1.29
CA ARG NA 352 14.00 87.60 2.72
C ARG NA 352 12.75 87.94 3.51
N VAL NA 353 11.63 88.25 2.84
CA VAL NA 353 10.34 88.24 3.52
C VAL NA 353 10.02 86.81 3.93
N ASP NA 354 9.38 86.68 5.10
CA ASP NA 354 8.99 85.37 5.59
C ASP NA 354 8.17 84.64 4.53
N ALA NA 355 8.51 83.38 4.30
CA ALA NA 355 7.80 82.60 3.29
C ALA NA 355 6.31 82.49 3.58
N ARG NA 356 5.92 82.70 4.84
CA ARG NA 356 4.49 82.66 5.17
C ARG NA 356 3.78 83.90 4.65
N ASN NA 357 4.50 85.00 4.47
CA ASN NA 357 3.92 86.18 3.87
C ASN NA 357 3.86 86.09 2.35
N LYS NA 358 4.76 85.35 1.73
CA LYS NA 358 4.95 85.42 0.29
C LYS NA 358 3.96 84.55 -0.48
N GLY NA 359 3.00 83.93 0.19
CA GLY NA 359 2.15 82.94 -0.44
C GLY NA 359 1.15 83.49 -1.43
N GLY NA 360 0.16 82.68 -1.78
CA GLY NA 360 -0.61 82.86 -3.00
C GLY NA 360 -1.48 84.08 -3.16
N LYS NA 361 -2.41 84.30 -2.26
CA LYS NA 361 -3.52 85.22 -2.49
C LYS NA 361 -3.09 86.67 -2.26
N MET NA 362 -3.29 87.52 -3.26
CA MET NA 362 -2.82 88.90 -3.19
C MET NA 362 -3.79 89.88 -2.56
N SER NA 363 -4.94 89.43 -2.09
CA SER NA 363 -5.83 90.38 -1.46
C SER NA 363 -6.60 89.69 -0.35
N MET NA 364 -7.10 90.49 0.56
CA MET NA 364 -7.92 90.02 1.65
C MET NA 364 -9.09 90.98 1.77
N LEU NA 365 -10.19 90.50 2.29
CA LEU NA 365 -11.40 91.30 2.40
C LEU NA 365 -11.47 91.72 3.86
N PHE NA 366 -11.05 92.96 4.11
CA PHE NA 366 -10.86 93.49 5.44
C PHE NA 366 -11.55 94.82 5.64
N ASP NA 367 -12.16 95.01 6.79
CA ASP NA 367 -12.90 96.23 7.10
C ASP NA 367 -12.09 97.48 7.36
N HIS NA 368 -12.75 98.62 7.20
CA HIS NA 368 -12.13 99.89 7.47
C HIS NA 368 -13.03 100.67 8.41
N HIS NA 369 -12.46 101.27 9.44
CA HIS NA 369 -13.24 102.05 10.39
C HIS NA 369 -13.05 103.55 10.18
N GLU OA 36 73.20 16.25 22.84
CA GLU OA 36 73.28 14.81 22.70
C GLU OA 36 74.37 14.27 23.63
N GLY OA 37 74.24 13.00 24.03
CA GLY OA 37 75.20 12.40 24.94
C GLY OA 37 74.85 12.65 26.38
N ASP OA 38 75.73 12.20 27.26
CA ASP OA 38 75.53 12.38 28.69
C ASP OA 38 76.04 13.73 29.19
N GLY OA 39 76.55 14.57 28.30
CA GLY OA 39 77.04 15.88 28.65
C GLY OA 39 78.55 16.01 28.63
N SER OA 40 79.24 14.87 28.59
CA SER OA 40 80.70 14.83 28.62
C SER OA 40 81.40 15.52 27.47
N ALA OA 41 80.63 15.93 26.47
CA ALA OA 41 81.17 16.60 25.28
C ALA OA 41 81.60 18.03 25.56
N PRO OA 42 82.39 18.61 24.68
CA PRO OA 42 82.81 19.99 24.94
C PRO OA 42 81.67 21.00 25.04
N GLY OA 43 80.61 20.92 24.24
CA GLY OA 43 79.56 21.92 24.32
C GLY OA 43 78.18 21.42 24.73
N GLY OA 44 77.32 22.30 25.22
CA GLY OA 44 75.99 21.90 25.66
C GLY OA 44 75.81 21.82 27.16
N SER OA 45 75.22 20.73 27.65
CA SER OA 45 74.98 20.54 29.07
C SER OA 45 76.19 20.00 29.85
N VAL OA 46 76.25 20.29 31.14
CA VAL OA 46 77.33 19.91 32.03
C VAL OA 46 77.21 18.48 32.51
N TRP OA 47 78.28 17.71 32.35
CA TRP OA 47 78.26 16.36 32.86
C TRP OA 47 78.35 16.55 34.35
N GLN OA 48 77.46 15.93 35.10
CA GLN OA 48 77.50 16.11 36.53
C GLN OA 48 77.45 14.75 37.23
N THR OA 49 78.07 14.72 38.41
CA THR OA 49 78.28 13.50 39.16
C THR OA 49 76.99 13.01 39.79
N THR OA 50 77.00 11.74 40.18
CA THR OA 50 75.82 11.10 40.75
C THR OA 50 75.40 11.75 42.06
N ASP OA 51 74.13 11.57 42.39
CA ASP OA 51 73.52 12.19 43.56
C ASP OA 51 73.84 11.40 44.81
N TYR OA 52 74.41 12.08 45.81
CA TYR OA 52 74.66 11.46 47.09
C TYR OA 52 73.54 11.65 48.11
N ILE OA 53 72.52 12.45 47.81
CA ILE OA 53 71.44 12.65 48.78
C ILE OA 53 70.58 11.40 48.85
N ALA OA 54 70.18 10.87 47.70
CA ALA OA 54 69.13 9.85 47.65
C ALA OA 54 69.37 8.72 48.64
N LEU OA 55 70.61 8.28 48.77
CA LEU OA 55 70.92 7.20 49.70
C LEU OA 55 71.06 7.66 51.13
N SER OA 56 71.33 8.95 51.37
CA SER OA 56 71.38 9.42 52.74
C SER OA 56 69.99 9.68 53.31
N MET OA 57 68.99 9.90 52.46
CA MET OA 57 67.64 10.15 52.92
C MET OA 57 66.79 8.91 53.05
N VAL OA 58 67.24 7.76 52.57
CA VAL OA 58 66.39 6.57 52.62
C VAL OA 58 66.18 6.17 54.07
N VAL OA 59 64.92 6.00 54.44
CA VAL OA 59 64.53 5.67 55.81
C VAL OA 59 64.31 4.18 55.89
N TYR OA 60 65.05 3.52 56.75
CA TYR OA 60 64.89 2.10 57.00
C TYR OA 60 64.13 1.91 58.28
N ARG OA 61 63.31 0.87 58.33
CA ARG OA 61 62.30 0.75 59.36
C ARG OA 61 62.39 -0.63 60.00
N THR OA 62 62.68 -0.67 61.29
CA THR OA 62 62.79 -1.93 62.01
C THR OA 62 61.89 -1.92 63.25
N ALA OA 63 61.98 -2.96 64.07
CA ALA OA 63 61.18 -3.03 65.28
C ALA OA 63 61.87 -3.95 66.27
N ILE OA 64 61.48 -3.81 67.54
CA ILE OA 64 61.94 -4.69 68.61
C ILE OA 64 60.72 -5.23 69.32
N LYS OA 65 60.54 -6.54 69.26
CA LYS OA 65 59.41 -7.21 69.87
C LYS OA 65 59.91 -8.11 70.98
N LEU OA 66 59.24 -8.07 72.12
CA LEU OA 66 59.64 -8.84 73.30
C LEU OA 66 58.40 -9.35 74.01
N ARG OA 67 58.47 -10.58 74.51
CA ARG OA 67 57.40 -11.14 75.31
C ARG OA 67 57.86 -11.38 76.73
N ASN OA 68 56.88 -11.38 77.63
CA ASN OA 68 57.13 -11.44 79.05
C ASN OA 68 55.90 -12.05 79.69
N PHE OA 69 56.09 -12.68 80.83
CA PHE OA 69 54.98 -13.10 81.68
C PHE OA 69 54.95 -12.19 82.90
N VAL OA 70 53.80 -11.63 83.21
CA VAL OA 70 53.64 -10.72 84.32
C VAL OA 70 52.82 -11.43 85.40
N ASN OA 71 53.31 -11.40 86.62
CA ASN OA 71 52.61 -11.93 87.78
C ASN OA 71 52.39 -10.79 88.76
N ILE OA 72 51.14 -10.44 88.98
CA ILE OA 72 50.77 -9.35 89.89
C ILE OA 72 50.12 -9.99 91.11
N ARG OA 73 50.79 -9.89 92.25
CA ARG OA 73 50.32 -10.52 93.47
C ARG OA 73 50.24 -9.49 94.60
N GLY OA 74 49.34 -9.77 95.54
CA GLY OA 74 49.26 -8.97 96.76
C GLY OA 74 48.97 -7.51 96.52
N LEU OA 75 48.14 -7.20 95.53
CA LEU OA 75 47.83 -5.83 95.17
C LEU OA 75 46.47 -5.50 95.75
N THR OA 76 46.44 -4.63 96.75
CA THR OA 76 45.18 -4.26 97.38
C THR OA 76 44.42 -3.29 96.49
N PRO OA 77 43.12 -3.09 96.72
CA PRO OA 77 42.35 -2.23 95.81
C PRO OA 77 42.77 -0.78 95.81
N THR OA 78 43.42 -0.29 96.86
CA THR OA 78 43.91 1.08 96.85
C THR OA 78 45.15 1.22 96.00
N GLU OA 79 46.11 0.32 96.16
CA GLU OA 79 47.33 0.34 95.40
C GLU OA 79 47.09 -0.16 93.98
N MET OA 80 48.00 0.20 93.09
CA MET OA 80 47.78 0.09 91.65
C MET OA 80 49.10 -0.11 90.94
N ILE OA 81 49.09 -0.92 89.89
CA ILE OA 81 50.28 -1.19 89.10
C ILE OA 81 50.43 -0.11 88.04
N VAL OA 82 51.60 0.50 87.99
CA VAL OA 82 51.92 1.52 87.01
C VAL OA 82 52.57 0.84 85.82
N ILE OA 83 51.97 1.01 84.63
CA ILE OA 83 52.55 0.40 83.44
C ILE OA 83 53.64 1.36 82.97
N PRO OA 84 54.88 1.02 83.06
CA PRO OA 84 55.93 1.93 82.60
C PRO OA 84 56.00 1.98 81.08
N TRP OA 85 54.87 2.24 80.45
CA TRP OA 85 54.78 2.02 79.02
C TRP OA 85 55.16 3.26 78.24
N ASN OA 86 55.38 4.38 78.93
CA ASN OA 86 55.84 5.60 78.29
C ASN OA 86 57.34 5.80 78.41
N VAL OA 87 58.06 4.87 79.02
CA VAL OA 87 59.51 4.96 79.10
C VAL OA 87 60.10 4.12 77.98
N MET OA 88 61.12 4.67 77.32
CA MET OA 88 61.67 4.03 76.13
C MET OA 88 62.29 2.69 76.46
N ARG OA 89 62.92 2.58 77.63
CA ARG OA 89 63.60 1.37 78.04
C ARG OA 89 62.66 0.20 78.24
N PHE OA 90 61.37 0.46 78.38
CA PHE OA 90 60.41 -0.61 78.56
C PHE OA 90 60.34 -1.52 77.35
N TYR OA 91 60.32 -0.93 76.16
CA TYR OA 91 60.08 -1.70 74.95
C TYR OA 91 61.35 -2.38 74.42
N CYS OA 92 62.46 -1.66 74.38
CA CYS OA 92 63.66 -2.11 73.70
C CYS OA 92 64.71 -2.70 74.64
N GLU OA 93 64.46 -2.74 75.93
CA GLU OA 93 65.35 -3.41 76.87
C GLU OA 93 64.51 -4.33 77.71
N TYR OA 94 65.01 -5.54 77.94
CA TYR OA 94 64.20 -6.60 78.50
C TYR OA 94 64.56 -6.72 79.96
N ASN OA 95 63.69 -6.23 80.84
CA ASN OA 95 64.00 -6.27 82.26
C ASN OA 95 62.99 -7.22 82.88
N THR OA 96 63.46 -8.43 83.18
CA THR OA 96 62.63 -9.43 83.83
C THR OA 96 63.54 -10.25 84.72
N GLY OA 97 63.14 -10.44 85.98
CA GLY OA 97 63.85 -11.39 86.82
C GLY OA 97 65.34 -11.13 86.88
N THR OA 98 66.12 -12.14 86.52
CA THR OA 98 67.57 -12.07 86.58
C THR OA 98 68.17 -11.28 85.43
N TYR OA 99 67.45 -11.14 84.32
CA TYR OA 99 68.00 -10.46 83.14
C TYR OA 99 68.48 -9.05 83.49
N GLY OA 100 67.60 -8.23 84.06
CA GLY OA 100 67.97 -6.87 84.39
C GLY OA 100 69.18 -6.76 85.29
N LEU OA 101 69.47 -7.80 86.05
CA LEU OA 101 70.68 -7.81 86.87
C LEU OA 101 71.91 -8.04 86.02
N SER OA 102 71.80 -8.88 85.00
CA SER OA 102 72.90 -9.11 84.07
C SER OA 102 73.06 -7.89 83.15
N GLY OA 103 74.25 -7.79 82.56
CA GLY OA 103 74.61 -6.61 81.81
C GLY OA 103 74.15 -6.63 80.35
N ASN OA 104 73.91 -5.44 79.83
CA ASN OA 104 73.60 -5.19 78.42
C ASN OA 104 72.48 -6.11 77.95
N VAL OA 105 71.28 -5.82 78.46
CA VAL OA 105 70.09 -6.59 78.09
C VAL OA 105 69.33 -5.93 76.94
N HIS OA 106 69.86 -4.85 76.38
CA HIS OA 106 69.25 -4.25 75.21
C HIS OA 106 69.14 -5.25 74.07
N HIS OA 107 68.09 -5.12 73.29
CA HIS OA 107 67.93 -5.95 72.11
C HIS OA 107 68.97 -5.56 71.06
N LYS OA 108 69.45 -6.54 70.30
CA LYS OA 108 70.56 -6.28 69.41
C LYS OA 108 70.18 -5.40 68.22
N ASN OA 109 68.90 -5.36 67.84
CA ASN OA 109 68.50 -4.37 66.85
C ASN OA 109 68.70 -2.96 67.37
N TYR OA 110 68.60 -2.77 68.68
CA TYR OA 110 68.82 -1.42 69.18
C TYR OA 110 70.29 -1.08 69.26
N SER OA 111 71.14 -2.06 69.57
CA SER OA 111 72.56 -1.80 69.65
C SER OA 111 73.11 -1.29 68.33
N MET OA 112 72.55 -1.76 67.21
CA MET OA 112 73.00 -1.25 65.92
C MET OA 112 72.32 0.04 65.52
N LEU OA 113 71.16 0.36 66.09
CA LEU OA 113 70.60 1.68 65.83
C LEU OA 113 71.55 2.78 66.26
N LEU OA 114 72.49 2.47 67.13
CA LEU OA 114 73.57 3.37 67.47
C LEU OA 114 74.71 3.31 66.46
N ALA OA 115 74.72 2.29 65.59
CA ALA OA 115 75.70 2.24 64.52
C ALA OA 115 75.31 3.14 63.35
N CYS OA 116 74.03 3.15 62.98
CA CYS OA 116 73.55 4.09 61.98
C CYS OA 116 73.50 5.48 62.58
N LYS OA 117 73.49 6.50 61.71
CA LYS OA 117 73.69 7.85 62.24
C LYS OA 117 72.44 8.42 62.89
N ALA OA 118 71.26 7.97 62.50
CA ALA OA 118 70.02 8.51 63.02
C ALA OA 118 69.03 7.38 63.21
N HIS OA 119 68.28 7.44 64.30
CA HIS OA 119 67.16 6.53 64.50
C HIS OA 119 66.03 7.30 65.13
N ARG OA 120 64.82 6.85 64.87
CA ARG OA 120 63.66 7.50 65.44
C ARG OA 120 62.65 6.46 65.90
N PRO OA 121 62.04 6.65 67.06
CA PRO OA 121 61.23 5.58 67.67
C PRO OA 121 59.88 5.32 67.02
N THR OA 122 59.27 6.27 66.34
CA THR OA 122 57.96 6.11 65.70
C THR OA 122 56.95 5.40 66.61
N LYS OA 123 56.25 4.40 66.09
CA LYS OA 123 55.17 3.80 66.86
C LYS OA 123 55.70 2.95 68.01
N VAL OA 124 54.91 2.85 69.07
CA VAL OA 124 55.25 2.06 70.24
C VAL OA 124 53.97 1.51 70.82
N GLY OA 125 54.03 0.30 71.37
CA GLY OA 125 52.80 -0.30 71.88
C GLY OA 125 53.08 -1.58 72.63
N TYR OA 126 52.02 -2.13 73.23
CA TYR OA 126 52.15 -3.37 73.98
C TYR OA 126 50.82 -4.07 74.04
N THR OA 127 50.86 -5.34 74.41
CA THR OA 127 49.67 -6.19 74.46
C THR OA 127 49.65 -6.97 75.77
N LEU OA 128 48.50 -6.96 76.42
CA LEU OA 128 48.21 -7.83 77.56
C LEU OA 128 47.31 -8.96 77.08
N SER OA 129 47.68 -10.19 77.42
CA SER OA 129 46.99 -11.33 76.83
C SER OA 129 46.89 -12.47 77.80
N ASN OA 130 45.85 -13.29 77.62
CA ASN OA 130 45.65 -14.55 78.36
C ASN OA 130 45.80 -14.36 79.86
N LEU OA 131 44.81 -13.66 80.39
CA LEU OA 131 44.80 -13.36 81.81
C LEU OA 131 44.46 -14.59 82.62
N ILE OA 132 45.19 -14.80 83.70
CA ILE OA 132 44.93 -15.85 84.66
C ILE OA 132 44.84 -15.22 86.02
N LEU OA 133 43.67 -15.28 86.64
CA LEU OA 133 43.47 -14.85 88.01
C LEU OA 133 43.56 -16.03 88.95
N THR OA 134 44.24 -15.83 90.07
CA THR OA 134 44.34 -16.82 91.12
C THR OA 134 43.96 -16.16 92.43
N SER OA 135 43.71 -16.97 93.45
CA SER OA 135 43.24 -16.48 94.73
C SER OA 135 44.07 -17.07 95.84
N ASP OA 136 44.50 -16.22 96.77
CA ASP OA 136 45.13 -16.64 98.01
C ASP OA 136 44.13 -16.89 99.11
N GLU OA 137 42.83 -16.82 98.81
CA GLU OA 137 41.81 -16.93 99.83
C GLU OA 137 41.92 -18.24 100.60
N LEU OA 138 42.23 -19.33 99.92
CA LEU OA 138 42.42 -20.59 100.62
C LEU OA 138 43.75 -20.66 101.36
N VAL OA 139 44.66 -19.76 101.07
CA VAL OA 139 45.97 -19.75 101.70
C VAL OA 139 45.84 -19.16 103.11
N SER OA 140 46.55 -19.78 104.05
CA SER OA 140 46.63 -19.28 105.41
C SER OA 140 48.04 -19.54 105.93
N THR OA 141 48.39 -18.88 107.03
CA THR OA 141 49.73 -19.06 107.59
C THR OA 141 49.98 -20.50 108.00
N GLY OA 142 48.93 -21.25 108.33
CA GLY OA 142 49.10 -22.67 108.58
C GLY OA 142 49.48 -23.44 107.33
N GLY OA 143 49.11 -22.94 106.16
CA GLY OA 143 49.53 -23.55 104.92
C GLY OA 143 48.64 -24.72 104.51
N THR OA 144 49.27 -25.70 103.85
CA THR OA 144 48.67 -26.95 103.38
C THR OA 144 47.71 -26.71 102.22
N LEU OA 145 47.35 -25.46 101.96
CA LEU OA 145 46.56 -25.09 100.78
C LEU OA 145 47.20 -23.87 100.13
N GLY OA 146 47.50 -23.99 98.84
CA GLY OA 146 48.11 -22.91 98.10
C GLY OA 146 47.09 -22.14 97.28
N THR OA 147 47.58 -21.13 96.58
CA THR OA 147 46.70 -20.36 95.73
C THR OA 147 46.23 -21.19 94.56
N THR OA 148 45.07 -20.82 94.02
CA THR OA 148 44.56 -21.52 92.86
C THR OA 148 43.66 -20.55 92.10
N THR OA 149 43.44 -20.86 90.83
CA THR OA 149 42.62 -20.02 89.98
C THR OA 149 41.23 -19.82 90.59
N THR OA 150 40.66 -18.65 90.33
CA THR OA 150 39.37 -18.31 90.92
C THR OA 150 38.32 -19.35 90.56
N PHE OA 151 37.41 -19.60 91.49
CA PHE OA 151 36.41 -20.64 91.33
C PHE OA 151 35.55 -20.39 90.10
N ASN OA 152 35.23 -19.14 89.82
CA ASN OA 152 34.54 -18.78 88.59
C ASN OA 152 35.25 -17.60 87.95
N THR OA 153 34.89 -17.31 86.72
CA THR OA 153 35.57 -16.31 85.91
C THR OA 153 35.01 -14.91 86.09
N SER OA 154 34.08 -14.72 87.01
CA SER OA 154 33.54 -13.39 87.28
C SER OA 154 34.59 -12.36 87.72
N PRO OA 155 35.62 -12.69 88.49
CA PRO OA 155 36.59 -11.65 88.86
C PRO OA 155 37.33 -11.12 87.64
N TYR OA 156 37.94 -9.96 87.81
CA TYR OA 156 38.58 -9.27 86.71
C TYR OA 156 39.71 -8.40 87.23
N MET OA 157 40.61 -8.05 86.32
CA MET OA 157 41.66 -7.08 86.59
C MET OA 157 41.35 -5.82 85.78
N ILE OA 158 41.45 -4.67 86.43
CA ILE OA 158 41.03 -3.42 85.82
C ILE OA 158 42.24 -2.81 85.13
N HIS OA 159 42.13 -2.57 83.84
CA HIS OA 159 43.15 -1.83 83.12
C HIS OA 159 42.67 -0.39 82.95
N SER OA 160 43.37 0.54 83.58
CA SER OA 160 42.95 1.92 83.62
C SER OA 160 43.87 2.76 82.75
N ILE OA 161 43.28 3.61 81.91
CA ILE OA 161 44.01 4.60 81.13
C ILE OA 161 43.58 5.96 81.64
N ASP OA 162 44.52 6.74 82.14
CA ASP OA 162 44.14 8.02 82.72
C ASP OA 162 44.25 9.06 81.60
N ASP OA 163 43.10 9.47 81.07
CA ASP OA 163 43.06 10.46 80.00
C ASP OA 163 43.11 11.87 80.55
N GLN OA 164 42.39 12.11 81.63
CA GLN OA 164 42.28 13.43 82.23
C GLN OA 164 43.46 13.75 83.10
N GLN OA 165 44.40 12.83 83.23
CA GLN OA 165 45.59 13.00 84.05
C GLN OA 165 45.21 13.30 85.50
N CYS OA 166 44.40 12.43 86.07
CA CYS OA 166 44.18 12.47 87.51
C CYS OA 166 45.51 12.41 88.25
N LEU OA 167 46.41 11.56 87.77
CA LEU OA 167 47.74 11.41 88.34
C LEU OA 167 48.74 11.96 87.34
N SER OA 168 49.33 13.09 87.67
CA SER OA 168 50.36 13.68 86.83
C SER OA 168 51.68 12.96 87.00
N LYS OA 169 52.06 12.71 88.24
CA LYS OA 169 53.34 12.15 88.61
C LYS OA 169 53.10 11.09 89.66
N VAL OA 170 53.69 9.91 89.45
CA VAL OA 170 53.37 8.73 90.23
C VAL OA 170 54.61 8.28 90.97
N TYR OA 171 54.47 8.00 92.26
CA TYR OA 171 55.55 7.59 93.12
C TYR OA 171 55.34 6.17 93.61
N PRO OA 172 56.41 5.45 93.94
CA PRO OA 172 56.25 4.14 94.56
C PRO OA 172 55.65 4.25 95.95
N LYS OA 173 55.15 3.12 96.44
CA LYS OA 173 54.63 3.08 97.79
C LYS OA 173 55.74 3.32 98.80
N THR OA 174 55.33 3.76 100.00
CA THR OA 174 56.28 4.18 101.01
C THR OA 174 57.37 3.14 101.25
N ASP OA 175 56.98 1.88 101.43
CA ASP OA 175 57.97 0.85 101.73
C ASP OA 175 58.71 0.39 100.48
N THR OA 176 58.01 0.27 99.36
CA THR OA 176 58.59 -0.36 98.19
C THR OA 176 59.45 0.64 97.41
N VAL OA 177 60.05 0.15 96.32
CA VAL OA 177 60.82 0.99 95.42
C VAL OA 177 60.74 0.34 94.05
N TRP OA 178 60.99 1.13 93.02
CA TRP OA 178 60.84 0.66 91.64
C TRP OA 178 62.21 0.43 91.03
N PRO OA 179 62.66 -0.80 90.87
CA PRO OA 179 63.90 -1.05 90.15
C PRO OA 179 63.69 -0.90 88.66
N VAL OA 180 64.73 -0.42 87.97
CA VAL OA 180 64.61 -0.38 86.53
C VAL OA 180 64.86 -1.78 85.97
N SER OA 181 65.65 -2.59 86.68
CA SER OA 181 65.89 -3.97 86.25
C SER OA 181 64.64 -4.82 86.30
N SER OA 182 63.63 -4.37 87.05
CA SER OA 182 62.37 -5.08 87.19
C SER OA 182 61.29 -4.58 86.25
N MET OA 183 61.64 -3.68 85.33
CA MET OA 183 60.64 -2.86 84.65
C MET OA 183 59.58 -3.69 83.94
N ARG OA 184 59.98 -4.69 83.15
CA ARG OA 184 59.01 -5.32 82.27
C ARG OA 184 58.07 -6.30 82.96
N GLU OA 185 58.47 -6.93 84.06
CA GLU OA 185 57.47 -7.62 84.85
C GLU OA 185 56.90 -6.57 85.76
N LEU OA 186 55.59 -6.45 85.82
CA LEU OA 186 55.04 -5.21 86.31
C LEU OA 186 54.87 -5.38 87.80
N ASP OA 187 55.85 -4.88 88.55
CA ASP OA 187 55.79 -4.80 89.99
C ASP OA 187 55.56 -3.40 90.52
N TYR OA 188 55.46 -2.38 89.67
CA TYR OA 188 55.51 -1.03 90.20
C TYR OA 188 54.16 -0.71 90.80
N VAL OA 189 54.13 -0.48 92.10
CA VAL OA 189 52.90 -0.30 92.84
C VAL OA 189 52.86 1.12 93.34
N ALA OA 190 51.84 1.85 92.92
CA ALA OA 190 51.55 3.17 93.44
C ALA OA 190 50.33 3.07 94.34
N SER OA 191 50.31 3.89 95.37
CA SER OA 191 49.15 4.00 96.23
C SER OA 191 48.60 5.40 96.01
N THR OA 192 47.44 5.48 95.35
CA THR OA 192 46.82 6.77 95.07
C THR OA 192 45.97 7.15 96.27
N VAL OA 193 46.29 8.28 96.89
CA VAL OA 193 45.71 8.66 98.16
C VAL OA 193 45.44 10.16 98.14
N SER OA 194 44.22 10.55 98.54
CA SER OA 194 43.90 11.95 98.77
C SER OA 194 44.42 12.33 100.15
N GLY OA 195 44.02 13.48 100.68
CA GLY OA 195 44.61 13.85 101.96
C GLY OA 195 44.33 12.85 103.06
N ASP OA 196 43.06 12.62 103.40
CA ASP OA 196 42.67 11.51 104.25
C ASP OA 196 42.12 10.32 103.51
N ASN OA 197 41.98 10.40 102.19
CA ASN OA 197 41.16 9.46 101.43
C ASN OA 197 42.05 8.55 100.59
N ALA OA 198 41.82 7.25 100.71
CA ALA OA 198 42.46 6.30 99.80
C ALA OA 198 41.64 6.22 98.52
N ILE OA 199 42.26 6.53 97.41
CA ILE OA 199 41.58 6.55 96.12
C ILE OA 199 41.54 5.14 95.57
N ILE OA 200 40.35 4.67 95.19
CA ILE OA 200 40.25 3.47 94.36
C ILE OA 200 40.57 3.88 92.94
N PRO OA 201 41.64 3.34 92.34
CA PRO OA 201 42.12 3.90 91.06
C PRO OA 201 41.09 3.85 89.95
N SER OA 202 40.31 2.78 89.86
CA SER OA 202 39.33 2.66 88.80
C SER OA 202 38.29 3.75 88.82
N THR OA 203 38.07 4.40 89.96
CA THR OA 203 37.00 5.36 90.07
C THR OA 203 37.37 6.71 89.47
N ILE OA 204 38.62 7.13 89.63
CA ILE OA 204 39.03 8.43 89.10
C ILE OA 204 39.36 8.36 87.61
N PHE OA 205 39.96 7.27 87.16
CA PHE OA 205 40.49 7.20 85.81
C PHE OA 205 39.37 7.13 84.78
N ASN OA 206 39.71 7.52 83.56
CA ASN OA 206 38.70 7.71 82.53
C ASN OA 206 38.31 6.39 81.88
N LYS OA 207 39.21 5.82 81.07
CA LYS OA 207 38.96 4.52 80.48
C LYS OA 207 39.41 3.45 81.46
N ASN OA 208 38.46 2.62 81.88
CA ASN OA 208 38.72 1.49 82.76
C ASN OA 208 38.14 0.26 82.10
N ARG OA 209 39.00 -0.66 81.71
CA ARG OA 209 38.60 -1.91 81.11
C ARG OA 209 38.61 -2.99 82.18
N TYR OA 210 37.47 -3.64 82.37
CA TYR OA 210 37.43 -4.76 83.31
C TYR OA 210 37.68 -6.01 82.50
N TRP OA 211 38.84 -6.61 82.69
CA TRP OA 211 39.36 -7.62 81.79
C TRP OA 211 39.40 -8.94 82.54
N LYS OA 212 38.63 -9.90 82.05
CA LYS OA 212 38.39 -11.14 82.74
C LYS OA 212 39.19 -12.27 82.11
N GLN OA 213 39.02 -13.46 82.66
CA GLN OA 213 39.65 -14.64 82.12
C GLN OA 213 38.88 -15.09 80.88
N GLY OA 214 39.58 -15.18 79.76
CA GLY OA 214 38.96 -15.52 78.50
C GLY OA 214 38.72 -14.35 77.59
N ASP OA 215 38.79 -13.13 78.10
CA ASP OA 215 38.64 -11.96 77.25
C ASP OA 215 39.77 -11.88 76.25
N ASP OA 216 39.51 -11.17 75.16
CA ASP OA 216 40.52 -11.00 74.13
C ASP OA 216 41.67 -10.16 74.67
N ALA OA 217 42.81 -10.27 74.01
CA ALA OA 217 43.99 -9.54 74.43
C ALA OA 217 43.73 -8.04 74.35
N LEU OA 218 44.40 -7.30 75.23
CA LEU OA 218 44.28 -5.85 75.29
C LEU OA 218 45.46 -5.23 74.56
N HIS OA 219 45.19 -4.53 73.47
CA HIS OA 219 46.23 -3.96 72.62
C HIS OA 219 46.27 -2.47 72.82
N PHE OA 220 47.47 -1.94 73.10
CA PHE OA 220 47.63 -0.51 73.30
C PHE OA 220 48.80 -0.04 72.46
N SER OA 221 48.62 1.08 71.78
CA SER OA 221 49.60 1.56 70.84
C SER OA 221 49.70 3.08 70.96
N HIS OA 222 50.85 3.60 70.58
CA HIS OA 222 51.05 5.04 70.49
C HIS OA 222 51.87 5.33 69.25
N ASP OA 223 51.38 6.22 68.40
CA ASP OA 223 52.09 6.62 67.20
C ASP OA 223 52.88 7.88 67.49
N LEU OA 224 54.15 7.89 67.13
CA LEU OA 224 55.00 9.07 67.22
C LEU OA 224 55.22 9.62 65.82
N ASP OA 225 54.91 10.88 65.62
CA ASP OA 225 55.34 11.60 64.42
C ASP OA 225 56.31 12.68 64.88
N LEU OA 226 57.57 12.48 64.60
CA LEU OA 226 58.63 13.42 64.95
C LEU OA 226 59.13 14.08 63.68
N GLY OA 227 59.46 15.35 63.78
CA GLY OA 227 60.07 15.96 62.62
C GLY OA 227 61.57 15.78 62.58
N PHE OA 228 62.13 15.06 63.55
CA PHE OA 228 63.58 14.99 63.70
C PHE OA 228 63.95 13.57 64.07
N TRP OA 229 65.23 13.38 64.34
CA TRP OA 229 65.83 12.07 64.52
C TRP OA 229 66.70 12.13 65.76
N PHE OA 230 67.13 10.97 66.24
CA PHE OA 230 67.98 10.88 67.40
C PHE OA 230 69.30 10.25 67.04
N GLY OA 231 70.39 10.82 67.54
CA GLY OA 231 71.70 10.28 67.25
C GLY OA 231 72.34 9.52 68.39
N SER OA 232 71.75 9.57 69.57
CA SER OA 232 72.33 8.94 70.75
C SER OA 232 71.38 7.89 71.28
N ASP OA 233 71.79 7.22 72.35
CA ASP OA 233 70.92 6.25 72.98
C ASP OA 233 69.87 6.94 73.83
N TYR OA 234 68.73 6.28 74.02
CA TYR OA 234 67.69 6.86 74.84
C TYR OA 234 68.14 7.02 76.29
N GLY OA 235 68.74 5.98 76.86
CA GLY OA 235 69.36 6.13 78.16
C GLY OA 235 68.36 6.48 79.25
N ASN OA 236 67.37 5.63 79.45
CA ASN OA 236 66.25 5.82 80.39
C ASN OA 236 65.59 7.17 80.18
N ALA OA 237 65.22 7.44 78.95
CA ALA OA 237 64.38 8.56 78.57
C ALA OA 237 62.96 8.07 78.31
N TYR OA 238 61.98 8.91 78.64
CA TYR OA 238 60.64 8.64 78.18
C TYR OA 238 60.62 8.63 76.67
N VAL OA 239 59.88 7.70 76.10
CA VAL OA 239 59.68 7.74 74.64
C VAL OA 239 59.06 9.08 74.27
N PRO OA 240 59.55 9.77 73.25
CA PRO OA 240 59.34 11.22 73.13
C PRO OA 240 57.88 11.64 73.22
N GLN OA 241 57.65 12.68 74.01
CA GLN OA 241 56.33 13.20 74.29
C GLN OA 241 56.44 14.71 74.42
N ASN OA 242 55.39 15.42 74.07
CA ASN OA 242 55.29 16.85 74.29
C ASN OA 242 54.18 17.06 75.31
N ASN OA 243 54.53 17.51 76.51
CA ASN OA 243 53.54 17.60 77.56
C ASN OA 243 53.86 18.71 78.52
N ASP OA 244 52.98 18.87 79.50
CA ASP OA 244 53.27 19.71 80.65
C ASP OA 244 54.48 19.19 81.41
N SER OA 245 54.63 17.87 81.48
CA SER OA 245 55.74 17.28 82.20
C SER OA 245 57.02 17.23 81.38
N MET OA 246 56.93 17.07 80.06
CA MET OA 246 58.14 16.75 79.32
C MET OA 246 58.01 17.15 77.86
N ASN OA 247 59.16 17.29 77.20
CA ASN OA 247 59.23 17.61 75.79
C ASN OA 247 60.08 16.59 75.05
N ALA OA 248 59.84 16.47 73.76
CA ALA OA 248 60.37 15.36 72.98
C ALA OA 248 61.84 15.54 72.62
N VAL OA 249 62.29 16.79 72.46
CA VAL OA 249 63.63 17.09 72.00
C VAL OA 249 64.49 17.48 73.20
N GLY OA 250 65.70 16.93 73.26
CA GLY OA 250 66.48 17.02 74.47
C GLY OA 250 67.61 18.02 74.53
N THR OA 251 68.00 18.57 73.39
CA THR OA 251 69.13 19.49 73.37
C THR OA 251 68.66 20.90 73.66
N ILE OA 252 69.41 21.61 74.49
CA ILE OA 252 69.16 23.02 74.71
C ILE OA 252 69.50 23.76 73.43
N PRO OA 253 68.55 24.45 72.81
CA PRO OA 253 68.88 25.25 71.63
C PRO OA 253 69.80 26.41 71.98
N THR OA 254 70.61 26.81 71.02
CA THR OA 254 71.71 27.74 71.24
C THR OA 254 71.61 28.90 70.25
N SER OA 255 72.36 29.95 70.55
CA SER OA 255 72.06 31.29 70.05
C SER OA 255 72.31 31.45 68.56
N LYS OA 256 71.54 32.37 67.97
CA LYS OA 256 71.83 32.96 66.66
C LYS OA 256 71.77 31.94 65.53
N HIS OA 257 70.82 31.02 65.62
CA HIS OA 257 70.51 30.10 64.54
C HIS OA 257 69.22 29.37 64.86
N ILE OA 258 68.83 28.47 63.97
CA ILE OA 258 67.55 27.79 64.04
C ILE OA 258 67.75 26.42 64.67
N ASN OA 259 66.79 26.02 65.50
CA ASN OA 259 66.89 24.79 66.26
C ASN OA 259 65.56 24.06 66.20
N VAL OA 260 65.61 22.74 66.22
CA VAL OA 260 64.37 21.97 66.24
C VAL OA 260 63.77 22.04 67.63
N ARG OA 261 62.49 22.39 67.68
CA ARG OA 261 61.78 22.68 68.93
C ARG OA 261 60.53 21.83 68.98
N GLY OA 262 60.25 21.26 70.14
CA GLY OA 262 59.04 20.50 70.31
C GLY OA 262 57.81 21.38 70.20
N VAL OA 263 56.72 20.79 69.72
CA VAL OA 263 55.47 21.53 69.53
C VAL OA 263 54.33 20.53 69.58
N ASN OA 264 53.13 21.01 69.88
CA ASN OA 264 51.83 20.38 69.65
C ASN OA 264 51.26 19.38 70.65
N ASN OA 265 51.94 19.02 71.74
CA ASN OA 265 51.30 18.15 72.73
C ASN OA 265 50.85 16.81 72.14
N ARG OA 266 51.84 15.96 71.88
CA ARG OA 266 51.59 14.53 71.75
C ARG OA 266 52.13 13.87 73.00
N GLY OA 267 51.31 13.06 73.66
CA GLY OA 267 51.73 12.41 74.88
C GLY OA 267 51.01 11.10 75.06
N MET OA 268 51.42 10.36 76.09
CA MET OA 268 50.80 9.06 76.37
C MET OA 268 50.02 9.05 77.68
N ALA OA 269 48.88 8.37 77.68
CA ALA OA 269 48.04 8.27 78.86
C ALA OA 269 48.65 7.31 79.87
N GLY OA 270 48.57 7.67 81.14
CA GLY OA 270 49.11 6.83 82.20
C GLY OA 270 48.35 5.55 82.42
N HIS OA 271 48.78 4.48 81.76
CA HIS OA 271 48.13 3.18 81.90
C HIS OA 271 48.37 2.64 83.30
N TYR OA 272 47.42 1.86 83.82
CA TYR OA 272 47.56 1.31 85.16
C TYR OA 272 46.79 0.00 85.25
N LEU OA 273 47.15 -0.80 86.24
CA LEU OA 273 46.47 -2.05 86.51
C LEU OA 273 46.08 -2.09 87.98
N SER OA 274 44.86 -2.55 88.24
CA SER OA 274 44.35 -2.60 89.60
C SER OA 274 43.28 -3.68 89.67
N PHE OA 275 42.93 -4.06 90.89
CA PHE OA 275 41.88 -5.02 91.07
C PHE OA 275 40.70 -4.38 91.78
N PRO OA 276 39.49 -4.83 91.50
CA PRO OA 276 38.32 -4.25 92.16
C PRO OA 276 38.33 -4.59 93.63
N PRO OA 277 37.94 -3.65 94.49
CA PRO OA 277 37.82 -4.00 95.91
C PRO OA 277 36.73 -5.04 96.12
N ILE OA 278 37.09 -6.11 96.80
CA ILE OA 278 36.15 -7.16 97.16
C ILE OA 278 36.36 -7.44 98.64
N ARG OA 279 35.36 -7.17 99.46
CA ARG OA 279 35.51 -7.41 100.88
C ARG OA 279 35.36 -8.88 101.19
N THR OA 280 36.10 -9.31 102.20
CA THR OA 280 36.06 -10.68 102.70
C THR OA 280 35.71 -10.67 104.17
N ASN OA 281 35.69 -11.86 104.77
CA ASN OA 281 35.59 -11.96 106.22
C ASN OA 281 36.69 -11.15 106.89
N ASP OA 282 37.88 -11.13 106.29
CA ASP OA 282 38.99 -10.31 106.79
C ASP OA 282 39.60 -9.54 105.63
N GLY OA 283 39.54 -8.21 105.70
CA GLY OA 283 40.22 -7.39 104.72
C GLY OA 283 39.61 -7.51 103.33
N GLN OA 284 40.49 -7.62 102.33
CA GLN OA 284 40.11 -7.56 100.94
C GLN OA 284 40.37 -8.90 100.28
N PHE OA 285 39.61 -9.17 99.22
CA PHE OA 285 39.79 -10.42 98.49
C PHE OA 285 41.17 -10.40 97.85
N LYS OA 286 41.84 -11.52 97.88
CA LYS OA 286 43.20 -11.58 97.37
C LYS OA 286 43.12 -12.03 95.92
N LEU OA 287 43.36 -11.11 94.99
CA LEU OA 287 43.40 -11.41 93.58
C LEU OA 287 44.82 -11.32 93.10
N ASN OA 288 45.23 -12.32 92.35
CA ASN OA 288 46.55 -12.39 91.75
C ASN OA 288 46.30 -12.56 90.27
N ALA OA 289 47.15 -11.97 89.45
CA ALA OA 289 46.94 -12.01 88.01
C ALA OA 289 48.19 -12.49 87.31
N GLN OA 290 47.99 -13.27 86.26
CA GLN OA 290 49.03 -13.51 85.28
C GLN OA 290 48.53 -13.07 83.91
N PHE OA 291 49.44 -12.53 83.11
CA PHE OA 291 49.15 -12.31 81.70
C PHE OA 291 50.49 -12.23 80.98
N THR OA 292 50.44 -12.37 79.66
CA THR OA 292 51.63 -12.21 78.85
C THR OA 292 51.73 -10.77 78.39
N LEU OA 293 52.93 -10.23 78.45
CA LEU OA 293 53.20 -8.87 78.00
C LEU OA 293 53.99 -8.96 76.71
N GLU OA 294 53.37 -8.56 75.60
CA GLU OA 294 54.04 -8.45 74.33
C GLU OA 294 54.18 -6.97 74.01
N THR OA 295 55.40 -6.46 74.03
CA THR OA 295 55.67 -5.08 73.66
C THR OA 295 56.33 -5.04 72.30
N GLU OA 296 56.03 -3.99 71.55
CA GLU OA 296 56.68 -3.75 70.26
C GLU OA 296 56.97 -2.27 70.12
N ILE OA 297 58.19 -1.96 69.73
CA ILE OA 297 58.59 -0.61 69.39
C ILE OA 297 59.18 -0.63 67.99
N GLU OA 298 58.70 0.25 67.13
CA GLU OA 298 59.08 0.25 65.73
C GLU OA 298 59.99 1.43 65.47
N PHE OA 299 61.25 1.17 65.21
CA PHE OA 299 62.20 2.24 64.92
C PHE OA 299 62.33 2.46 63.42
N GLU OA 300 62.46 3.72 63.05
CA GLU OA 300 63.02 4.10 61.76
C GLU OA 300 64.47 4.49 61.98
N PHE OA 301 65.34 4.14 61.03
CA PHE OA 301 66.72 4.56 61.12
C PHE OA 301 67.20 4.97 59.74
N ARG OA 302 68.35 5.62 59.72
CA ARG OA 302 68.84 6.29 58.53
C ARG OA 302 70.36 6.20 58.52
N LEU OA 303 70.94 6.06 57.34
CA LEU OA 303 72.33 5.69 57.24
C LEU OA 303 73.21 6.89 56.92
N TRP OA 304 74.50 6.62 56.78
CA TRP OA 304 75.55 7.61 56.69
C TRP OA 304 75.60 8.25 55.31
N GLU OA 305 76.24 9.41 55.24
CA GLU OA 305 76.36 10.16 54.00
C GLU OA 305 77.17 9.39 52.97
N GLN OA 306 76.72 9.43 51.73
CA GLN OA 306 77.48 8.79 50.65
C GLN OA 306 78.69 9.63 50.28
N GLY OA 307 79.65 8.98 49.66
CA GLY OA 307 80.81 9.68 49.18
C GLY OA 307 81.94 9.67 50.18
N VAL OA 308 82.96 10.46 49.86
CA VAL OA 308 84.09 10.60 50.75
C VAL OA 308 83.66 11.18 52.09
N GLN OA 309 82.53 11.89 52.10
CA GLN OA 309 82.02 12.44 53.36
C GLN OA 309 81.75 11.34 54.38
N GLY OA 310 81.37 10.15 53.91
CA GLY OA 310 81.06 9.03 54.77
C GLY OA 310 82.22 8.13 55.11
N ILE OA 311 83.44 8.47 54.72
CA ILE OA 311 84.60 7.68 55.08
C ILE OA 311 84.91 7.89 56.56
N ASN OA 312 85.19 6.79 57.27
CA ASN OA 312 85.39 6.85 58.71
C ASN OA 312 86.44 7.89 59.10
N SER OA 313 87.58 7.88 58.40
CA SER OA 313 88.68 8.75 58.82
C SER OA 313 88.32 10.21 58.65
N VAL OA 314 87.67 10.58 57.56
CA VAL OA 314 87.35 11.97 57.29
C VAL OA 314 85.94 12.35 57.70
N HIS OA 315 85.15 11.40 58.19
CA HIS OA 315 83.79 11.75 58.59
C HIS OA 315 83.75 12.54 59.88
N THR OA 316 84.79 12.45 60.71
CA THR OA 316 84.78 13.22 61.95
C THR OA 316 84.70 14.71 61.66
N ASN OA 317 85.60 15.22 60.84
CA ASN OA 317 85.64 16.63 60.53
C ASN OA 317 84.86 17.02 59.27
N LEU OA 318 84.39 16.06 58.47
CA LEU OA 318 83.43 16.35 57.41
C LEU OA 318 82.00 16.08 57.80
N ASN OA 319 81.74 15.67 59.03
CA ASN OA 319 80.38 15.51 59.50
C ASN OA 319 79.61 16.81 59.31
N PRO OA 320 78.40 16.79 58.76
CA PRO OA 320 77.65 18.03 58.58
C PRO OA 320 77.36 18.70 59.91
N ALA OA 321 77.56 20.01 59.96
CA ALA OA 321 77.17 20.75 61.15
C ALA OA 321 75.68 20.93 61.24
N ASN OA 322 74.94 20.64 60.18
CA ASN OA 322 73.49 20.71 60.22
C ASN OA 322 72.85 19.42 60.65
N ASP OA 323 73.64 18.42 61.06
CA ASP OA 323 73.06 17.31 61.80
C ASP OA 323 72.25 17.83 62.97
N SER OA 324 72.81 18.79 63.71
CA SER OA 324 72.11 19.37 64.85
C SER OA 324 70.77 19.92 64.46
N LEU OA 325 70.57 20.18 63.17
CA LEU OA 325 69.29 20.68 62.71
C LEU OA 325 68.23 19.59 62.75
N TRP OA 326 68.49 18.45 62.11
CA TRP OA 326 67.58 17.31 62.14
C TRP OA 326 67.97 16.19 63.12
N ILE OA 327 69.11 16.24 63.79
CA ILE OA 327 69.44 15.14 64.71
C ILE OA 327 69.51 15.61 66.16
N GLN OA 328 68.63 15.10 67.01
CA GLN OA 328 68.28 15.86 68.20
C GLN OA 328 68.38 15.25 69.60
N SER OA 329 68.90 14.03 69.73
CA SER OA 329 69.00 13.31 71.01
C SER OA 329 67.64 12.96 71.66
N TYR OA 330 67.62 12.78 72.98
CA TYR OA 330 66.38 12.41 73.68
C TYR OA 330 65.89 13.49 74.62
N GLY OA 331 64.58 13.69 74.70
CA GLY OA 331 64.11 14.87 75.39
C GLY OA 331 64.16 14.87 76.89
N SER OA 332 63.51 13.90 77.51
CA SER OA 332 63.27 13.95 78.94
C SER OA 332 63.44 12.57 79.53
N LEU OA 333 64.10 12.52 80.67
CA LEU OA 333 64.51 11.26 81.28
C LEU OA 333 63.56 10.92 82.41
N VAL OA 334 63.33 9.62 82.61
CA VAL OA 334 62.73 9.21 83.86
C VAL OA 334 63.72 9.54 84.96
N SER OA 335 63.20 9.70 86.17
CA SER OA 335 64.03 10.12 87.28
C SER OA 335 64.58 8.87 87.94
N ILE OA 336 65.89 8.66 87.83
CA ILE OA 336 66.55 7.45 88.27
C ILE OA 336 67.63 7.84 89.24
N THR OA 337 67.49 7.42 90.50
CA THR OA 337 68.62 7.43 91.42
C THR OA 337 69.04 5.98 91.60
N GLU OA 338 70.34 5.74 91.62
CA GLU OA 338 70.90 4.39 91.61
C GLU OA 338 70.28 3.68 90.40
N SER OA 339 69.79 2.46 90.56
CA SER OA 339 69.06 1.75 89.51
C SER OA 339 67.55 1.92 89.62
N LYS OA 340 67.08 2.73 90.55
CA LYS OA 340 65.69 2.69 90.99
C LYS OA 340 64.95 3.93 90.50
N ILE OA 341 63.75 3.71 89.96
CA ILE OA 341 62.94 4.81 89.45
C ILE OA 341 62.36 5.60 90.61
N ASN OA 342 62.55 6.92 90.58
CA ASN OA 342 62.01 7.78 91.62
C ASN OA 342 60.53 8.03 91.43
N ASN OA 343 60.13 8.31 90.21
CA ASN OA 343 58.75 8.63 89.89
C ASN OA 343 58.54 8.37 88.41
N ILE OA 344 57.27 8.27 88.02
CA ILE OA 344 56.92 8.19 86.61
C ILE OA 344 55.93 9.29 86.30
N GLN OA 345 56.21 10.05 85.26
CA GLN OA 345 55.34 11.10 84.76
C GLN OA 345 54.63 10.57 83.53
N PHE OA 346 53.36 10.95 83.37
CA PHE OA 346 52.61 10.46 82.22
C PHE OA 346 52.28 11.53 81.19
N GLY OA 347 51.48 12.52 81.56
CA GLY OA 347 51.15 13.59 80.63
C GLY OA 347 50.69 13.23 79.24
N PRO OA 348 49.43 12.82 79.12
CA PRO OA 348 48.75 12.40 77.90
C PRO OA 348 48.42 13.54 76.97
N THR OA 349 48.00 13.25 75.75
CA THR OA 349 47.60 14.32 74.87
C THR OA 349 46.24 14.56 75.44
N CYS OA 350 46.07 15.64 76.20
CA CYS OA 350 44.80 15.85 76.83
C CYS OA 350 43.78 16.34 75.84
N PRO OA 351 42.55 15.85 75.99
CA PRO OA 351 41.45 16.16 75.07
C PRO OA 351 40.97 17.58 75.14
N ARG OA 352 41.27 18.32 76.21
CA ARG OA 352 40.79 19.68 76.32
C ARG OA 352 41.76 20.71 75.73
N VAL OA 353 42.96 20.30 75.32
CA VAL OA 353 43.76 21.15 74.45
C VAL OA 353 43.06 21.29 73.12
N ASP OA 354 43.16 22.47 72.51
CA ASP OA 354 42.55 22.73 71.22
C ASP OA 354 43.01 21.67 70.22
N ALA OA 355 42.07 21.12 69.47
CA ALA OA 355 42.40 20.09 68.50
C ALA OA 355 43.39 20.57 67.47
N ARG OA 356 43.50 21.89 67.27
CA ARG OA 356 44.47 22.42 66.34
C ARG OA 356 45.88 22.29 66.88
N ASN OA 357 46.03 22.26 68.20
CA ASN OA 357 47.34 22.02 68.79
C ASN OA 357 47.72 20.55 68.79
N LYS OA 358 46.75 19.65 68.83
CA LYS OA 358 47.02 18.25 69.11
C LYS OA 358 47.45 17.47 67.88
N GLY OA 359 47.63 18.13 66.75
CA GLY OA 359 47.86 17.43 65.50
C GLY OA 359 49.20 16.74 65.36
N GLY OA 360 49.56 16.38 64.13
CA GLY OA 360 50.56 15.38 63.89
C GLY OA 360 52.00 15.61 64.30
N LYS OA 361 52.61 16.68 63.81
CA LYS OA 361 54.06 16.82 63.84
C LYS OA 361 54.53 17.30 65.21
N MET OA 362 55.45 16.56 65.82
CA MET OA 362 55.89 16.86 67.18
C MET OA 362 57.05 17.83 67.27
N SER OA 363 57.54 18.35 66.17
CA SER OA 363 58.63 19.31 66.29
C SER OA 363 58.52 20.34 65.19
N MET OA 364 59.14 21.47 65.43
CA MET OA 364 59.21 22.54 64.46
C MET OA 364 60.64 23.06 64.47
N LEU OA 365 61.06 23.60 63.35
CA LEU OA 365 62.42 24.08 63.20
C LEU OA 365 62.36 25.60 63.38
N PHE OA 366 62.70 26.04 64.58
CA PHE OA 366 62.54 27.41 65.02
C PHE OA 366 63.80 27.99 65.60
N ASP OA 367 64.08 29.24 65.26
CA ASP OA 367 65.29 29.92 65.70
C ASP OA 367 65.35 30.32 67.16
N HIS OA 368 66.58 30.52 67.64
CA HIS OA 368 66.78 30.96 69.01
C HIS OA 368 67.71 32.18 68.97
N HIS OA 369 67.35 33.22 69.72
CA HIS OA 369 68.17 34.42 69.76
C HIS OA 369 68.97 34.52 71.05
N GLU PA 36 20.74 56.58 50.14
CA GLU PA 36 21.11 57.20 48.86
C GLU PA 36 22.24 58.20 49.10
N GLY PA 37 23.04 58.46 48.06
CA GLY PA 37 24.16 59.37 48.20
C GLY PA 37 25.40 58.67 48.69
N ASP PA 38 26.43 59.47 48.91
CA ASP PA 38 27.70 58.94 49.39
C ASP PA 38 27.73 58.83 50.91
N GLY PA 39 26.65 59.17 51.60
CA GLY PA 39 26.57 59.09 53.03
C GLY PA 39 26.61 60.42 53.74
N SER PA 40 27.00 61.46 53.02
CA SER PA 40 27.15 62.80 53.58
C SER PA 40 25.88 63.42 54.12
N ALA PA 41 24.74 62.77 53.89
CA ALA PA 41 23.44 63.26 54.35
C ALA PA 41 23.24 63.09 55.84
N PRO PA 42 22.26 63.77 56.40
CA PRO PA 42 22.07 63.62 57.84
C PRO PA 42 21.73 62.19 58.29
N GLY PA 43 20.95 61.41 57.56
CA GLY PA 43 20.60 60.07 58.03
C GLY PA 43 21.07 58.92 57.16
N GLY PA 44 21.17 57.72 57.73
CA GLY PA 44 21.62 56.56 56.97
C GLY PA 44 23.05 56.13 57.27
N SER PA 45 23.84 55.88 56.23
CA SER PA 45 25.23 55.46 56.37
C SER PA 45 26.22 56.60 56.62
N VAL PA 46 27.32 56.31 57.28
CA VAL PA 46 28.37 57.25 57.63
C VAL PA 46 29.30 57.55 56.47
N TRP PA 47 29.49 58.84 56.20
CA TRP PA 47 30.42 59.21 55.15
C TRP PA 47 31.77 58.93 55.79
N GLN PA 48 32.62 58.18 55.11
CA GLN PA 48 33.91 57.87 55.69
C GLN PA 48 35.02 58.18 54.70
N THR PA 49 36.17 58.52 55.27
CA THR PA 49 37.31 59.00 54.51
C THR PA 49 37.98 57.87 53.74
N THR PA 50 38.79 58.26 52.75
CA THR PA 50 39.46 57.30 51.89
C THR PA 50 40.44 56.43 52.67
N ASP PA 51 40.72 55.27 52.10
CA ASP PA 51 41.56 54.26 52.73
C ASP PA 51 43.03 54.59 52.54
N TYR PA 52 43.76 54.67 53.65
CA TYR PA 52 45.20 54.87 53.58
C TYR PA 52 46.01 53.58 53.58
N ILE PA 53 45.39 52.42 53.78
CA ILE PA 53 46.15 51.18 53.80
C ILE PA 53 46.59 50.80 52.40
N ALA PA 54 45.68 50.86 51.43
CA ALA PA 54 45.91 50.28 50.13
C ALA PA 54 47.23 50.71 49.52
N LEU PA 55 47.58 51.98 49.67
CA LEU PA 55 48.85 52.46 49.13
C LEU PA 55 50.05 52.14 50.00
N SER PA 56 49.84 51.88 51.29
CA SER PA 56 50.98 51.49 52.12
C SER PA 56 51.33 50.02 51.96
N MET PA 57 50.39 49.19 51.49
CA MET PA 57 50.64 47.78 51.31
C MET PA 57 51.13 47.42 49.92
N VAL PA 58 51.11 48.34 48.96
CA VAL PA 58 51.50 47.98 47.61
C VAL PA 58 52.98 47.63 47.59
N VAL PA 59 53.31 46.48 47.05
CA VAL PA 59 54.67 45.97 47.00
C VAL PA 59 55.25 46.28 45.63
N TYR PA 60 56.33 47.03 45.61
CA TYR PA 60 57.03 47.35 44.39
C TYR PA 60 58.26 46.46 44.29
N ARG PA 61 58.61 46.08 43.07
CA ARG PA 61 59.55 44.99 42.86
C ARG PA 61 60.62 45.44 41.89
N THR PA 62 61.87 45.47 42.34
CA THR PA 62 62.98 45.87 41.49
C THR PA 62 64.07 44.81 41.51
N ALA PA 63 65.20 45.10 40.87
CA ALA PA 63 66.31 44.15 40.85
C ALA PA 63 67.61 44.92 40.61
N ILE PA 64 68.71 44.26 40.93
CA ILE PA 64 70.04 44.79 40.67
C ILE PA 64 70.82 43.73 39.91
N LYS PA 65 71.19 44.04 38.68
CA LYS PA 65 71.92 43.12 37.81
C LYS PA 65 73.31 43.69 37.56
N LEU PA 66 74.33 42.84 37.66
CA LEU PA 66 75.70 43.25 37.50
C LEU PA 66 76.46 42.16 36.76
N ARG PA 67 77.36 42.55 35.87
CA ARG PA 67 78.23 41.63 35.18
C ARG PA 67 79.68 41.85 35.56
N ASN PA 68 80.45 40.79 35.44
CA ASN PA 68 81.82 40.76 35.89
C ASN PA 68 82.55 39.73 35.06
N PHE PA 69 83.85 39.89 34.90
CA PHE PA 69 84.71 38.86 34.35
C PHE PA 69 85.54 38.28 35.48
N VAL PA 70 85.55 36.97 35.59
CA VAL PA 70 86.28 36.27 36.64
C VAL PA 70 87.47 35.57 36.01
N ASN PA 71 88.65 35.77 36.59
CA ASN PA 71 89.87 35.09 36.18
C ASN PA 71 90.38 34.29 37.36
N ILE PA 72 90.38 32.97 37.23
CA ILE PA 72 90.83 32.08 38.28
C ILE PA 72 92.16 31.48 37.83
N ARG PA 73 93.23 31.83 38.52
CA ARG PA 73 94.56 31.37 38.14
C ARG PA 73 95.27 30.72 39.31
N GLY PA 74 96.17 29.81 39.00
CA GLY PA 74 97.04 29.22 40.00
C GLY PA 74 96.30 28.47 41.09
N LEU PA 75 95.21 27.80 40.74
CA LEU PA 75 94.37 27.11 41.70
C LEU PA 75 94.71 25.62 41.61
N THR PA 76 95.35 25.09 42.64
CA THR PA 76 95.73 23.69 42.64
C THR PA 76 94.50 22.82 42.93
N PRO PA 77 94.57 21.52 42.64
CA PRO PA 77 93.38 20.68 42.82
C PRO PA 77 92.90 20.54 44.25
N THR PA 78 93.77 20.77 45.23
CA THR PA 78 93.32 20.72 46.62
C THR PA 78 92.55 21.97 47.00
N GLU PA 79 93.08 23.13 46.64
CA GLU PA 79 92.43 24.40 46.93
C GLU PA 79 91.26 24.64 45.98
N MET PA 80 90.37 25.51 46.41
CA MET PA 80 89.04 25.63 45.81
C MET PA 80 88.54 27.06 45.96
N ILE PA 81 87.84 27.54 44.94
CA ILE PA 81 87.26 28.88 44.97
C ILE PA 81 85.91 28.83 45.65
N VAL PA 82 85.73 29.70 46.64
CA VAL PA 82 84.48 29.82 47.37
C VAL PA 82 83.64 30.89 46.69
N ILE PA 83 82.44 30.52 46.26
CA ILE PA 83 81.56 31.48 45.61
C ILE PA 83 80.87 32.23 46.74
N PRO PA 84 81.15 33.48 46.98
CA PRO PA 84 80.47 34.20 48.06
C PRO PA 84 79.05 34.55 47.69
N TRP PA 85 78.29 33.54 47.28
CA TRP PA 85 77.02 33.81 46.64
C TRP PA 85 75.89 33.88 47.64
N ASN PA 86 76.16 33.55 48.90
CA ASN PA 86 75.18 33.65 49.96
C ASN PA 86 75.33 34.92 50.77
N VAL PA 87 76.26 35.80 50.44
CA VAL PA 87 76.39 37.08 51.12
C VAL PA 87 75.68 38.13 50.29
N MET PA 88 74.93 38.99 50.98
CA MET PA 88 74.08 39.96 50.31
C MET PA 88 74.90 40.94 49.48
N ARG PA 89 76.06 41.32 49.99
CA ARG PA 89 76.91 42.30 49.34
C ARG PA 89 77.44 41.82 47.99
N PHE PA 90 77.39 40.52 47.73
CA PHE PA 90 77.87 39.98 46.47
C PHE PA 90 77.04 40.48 45.30
N TYR PA 91 75.72 40.49 45.46
CA TYR PA 91 74.83 40.79 44.35
C TYR PA 91 74.66 42.28 44.12
N CYS PA 92 74.44 43.04 45.19
CA CYS PA 92 74.05 44.44 45.08
C CYS PA 92 75.19 45.43 45.25
N GLU PA 93 76.40 44.95 45.50
CA GLU PA 93 77.57 45.83 45.54
C GLU PA 93 78.63 45.22 44.63
N TYR PA 94 79.28 46.06 43.86
CA TYR PA 94 80.11 45.59 42.76
C TYR PA 94 81.56 45.68 43.25
N ASN PA 95 82.15 44.54 43.58
CA ASN PA 95 83.52 44.55 44.07
C ASN PA 95 84.35 43.86 43.01
N THR PA 96 85.08 44.64 42.24
CA THR PA 96 85.98 44.12 41.23
C THR PA 96 87.16 45.07 41.14
N GLY PA 97 88.37 44.53 41.18
CA GLY PA 97 89.53 45.35 40.88
C GLY PA 97 89.60 46.60 41.72
N THR PA 98 89.67 47.75 41.05
CA THR PA 98 89.80 49.04 41.72
C THR PA 98 88.48 49.54 42.31
N TYR PA 99 87.34 49.04 41.82
CA TYR PA 99 86.05 49.53 42.29
C TYR PA 99 85.92 49.40 43.81
N GLY PA 100 86.12 48.20 44.33
CA GLY PA 100 85.99 47.98 45.76
C GLY PA 100 86.87 48.86 46.60
N LEU PA 101 87.97 49.36 46.04
CA LEU PA 101 88.82 50.30 46.76
C LEU PA 101 88.17 51.68 46.80
N SER PA 102 87.50 52.08 45.72
CA SER PA 102 86.78 53.34 45.71
C SER PA 102 85.52 53.24 46.55
N GLY PA 103 85.01 54.39 46.95
CA GLY PA 103 83.91 54.46 47.90
C GLY PA 103 82.54 54.33 47.28
N ASN PA 104 81.62 53.79 48.07
CA ASN PA 104 80.20 53.69 47.75
C ASN PA 104 79.98 53.09 46.36
N VAL PA 105 80.28 51.79 46.28
CA VAL PA 105 80.13 51.06 45.04
C VAL PA 105 78.78 50.35 44.97
N HIS PA 106 77.92 50.56 45.95
CA HIS PA 106 76.57 50.01 45.89
C HIS PA 106 75.84 50.51 44.65
N HIS PA 107 74.99 49.64 44.11
CA HIS PA 107 74.15 50.03 42.99
C HIS PA 107 73.12 51.04 43.45
N LYS PA 108 72.77 51.97 42.56
CA LYS PA 108 71.92 53.07 42.98
C LYS PA 108 70.48 52.65 43.24
N ASN PA 109 70.03 51.54 42.66
CA ASN PA 109 68.74 51.00 43.06
C ASN PA 109 68.75 50.59 44.52
N TYR PA 110 69.89 50.17 45.03
CA TYR PA 110 69.92 49.79 46.42
C TYR PA 110 69.98 51.01 47.34
N SER PA 111 70.66 52.06 46.92
CA SER PA 111 70.74 53.26 47.73
C SER PA 111 69.37 53.83 48.02
N MET PA 112 68.44 53.72 47.06
CA MET PA 112 67.09 54.19 47.31
C MET PA 112 66.22 53.19 48.04
N LEU PA 113 66.58 51.90 48.03
CA LEU PA 113 65.84 50.97 48.87
C LEU PA 113 65.93 51.36 50.33
N LEU PA 114 66.92 52.16 50.69
CA LEU PA 114 66.99 52.76 52.00
C LEU PA 114 66.14 54.02 52.12
N ALA PA 115 65.68 54.57 50.99
CA ALA PA 115 64.76 55.69 51.03
C ALA PA 115 63.33 55.25 51.30
N CYS PA 116 62.90 54.14 50.70
CA CYS PA 116 61.61 53.56 51.03
C CYS PA 116 61.68 52.90 52.40
N LYS PA 117 60.52 52.69 53.03
CA LYS PA 117 60.57 52.30 54.42
C LYS PA 117 60.89 50.82 54.62
N ALA PA 118 60.60 49.99 53.64
CA ALA PA 118 60.83 48.56 53.76
C ALA PA 118 61.32 48.02 52.44
N HIS PA 119 62.27 47.10 52.50
CA HIS PA 119 62.69 46.36 51.32
C HIS PA 119 62.94 44.93 51.72
N ARG PA 120 62.79 44.03 50.76
CA ARG PA 120 63.01 42.64 51.03
C ARG PA 120 63.73 41.99 49.85
N PRO PA 121 64.72 41.14 50.12
CA PRO PA 121 65.59 40.66 49.04
C PRO PA 121 64.99 39.66 48.08
N THR PA 122 63.97 38.89 48.46
CA THR PA 122 63.35 37.87 47.61
C THR PA 122 64.38 37.03 46.85
N LYS PA 123 64.19 36.84 45.55
CA LYS PA 123 65.04 35.92 44.81
C LYS PA 123 66.44 36.48 44.63
N VAL PA 124 67.42 35.58 44.53
CA VAL PA 124 68.81 35.96 44.32
C VAL PA 124 69.46 34.86 43.50
N GLY PA 125 70.39 35.24 42.62
CA GLY PA 125 70.99 34.24 41.76
C GLY PA 125 72.16 34.80 40.98
N TYR PA 126 72.83 33.91 40.25
CA TYR PA 126 73.97 34.32 39.45
C TYR PA 126 74.17 33.33 38.31
N THR PA 127 74.96 33.76 37.32
CA THR PA 127 75.22 32.98 36.13
C THR PA 127 76.71 32.97 35.82
N LEU PA 128 77.25 31.78 35.56
CA LEU PA 128 78.58 31.61 35.01
C LEU PA 128 78.47 31.29 33.53
N SER PA 129 79.23 31.99 32.71
CA SER PA 129 79.02 31.89 31.27
C SER PA 129 80.33 32.02 30.52
N ASN PA 130 80.36 31.39 29.35
CA ASN PA 130 81.47 31.51 28.38
C ASN PA 130 82.82 31.28 29.04
N LEU PA 131 83.02 30.03 29.41
CA LEU PA 131 84.24 29.63 30.08
C LEU PA 131 85.39 29.60 29.10
N ILE PA 132 86.53 30.14 29.53
CA ILE PA 132 87.78 30.08 28.78
C ILE PA 132 88.83 29.51 29.70
N LEU PA 133 89.34 28.34 29.35
CA LEU PA 133 90.47 27.74 30.05
C LEU PA 133 91.76 28.05 29.32
N THR PA 134 92.79 28.38 30.10
CA THR PA 134 94.12 28.62 29.58
C THR PA 134 95.09 27.78 30.38
N SER PA 135 96.30 27.64 29.87
CA SER PA 135 97.31 26.78 30.49
C SER PA 135 98.61 27.54 30.62
N ASP PA 136 99.22 27.44 31.80
CA ASP PA 136 100.56 27.93 32.04
C ASP PA 136 101.61 26.89 31.74
N GLU PA 137 101.21 25.75 31.20
CA GLU PA 137 102.15 24.64 30.99
C GLU PA 137 103.33 25.05 30.12
N LEU PA 138 103.09 25.87 29.10
CA LEU PA 138 104.19 26.35 28.27
C LEU PA 138 104.99 27.44 28.96
N VAL PA 139 104.47 28.02 30.03
CA VAL PA 139 105.15 29.08 30.75
C VAL PA 139 106.25 28.48 31.62
N SER PA 140 107.40 29.15 31.64
CA SER PA 140 108.50 28.79 32.50
C SER PA 140 109.17 30.07 32.99
N THR PA 141 110.01 29.93 34.03
CA THR PA 141 110.69 31.11 34.57
C THR PA 141 111.58 31.78 33.54
N GLY PA 142 112.07 31.02 32.55
CA GLY PA 142 112.80 31.64 31.46
C GLY PA 142 111.93 32.50 30.59
N GLY PA 143 110.63 32.21 30.53
CA GLY PA 143 109.71 33.06 29.80
C GLY PA 143 109.67 32.74 28.31
N THR PA 144 109.43 33.80 27.53
CA THR PA 144 109.36 33.78 26.07
C THR PA 144 108.13 33.05 25.55
N LEU PA 145 107.43 32.32 26.42
CA LEU PA 145 106.16 31.70 26.08
C LEU PA 145 105.17 31.98 27.20
N GLY PA 146 104.03 32.55 26.85
CA GLY PA 146 103.00 32.87 27.82
C GLY PA 146 101.90 31.82 27.83
N THR PA 147 100.93 32.06 28.71
CA THR PA 147 99.81 31.13 28.80
C THR PA 147 98.97 31.23 27.53
N THR PA 148 98.27 30.14 27.24
CA THR PA 148 97.37 30.16 26.09
C THR PA 148 96.28 29.14 26.35
N THR PA 149 95.18 29.30 25.62
CA THR PA 149 94.03 28.42 25.78
C THR PA 149 94.44 26.96 25.57
N THR PA 150 93.76 26.07 26.28
CA THR PA 150 94.11 24.66 26.23
C THR PA 150 94.05 24.14 24.80
N PHE PA 151 94.96 23.21 24.49
CA PHE PA 151 95.10 22.70 23.14
C PHE PA 151 93.80 22.07 22.65
N ASN PA 152 93.08 21.39 23.53
CA ASN PA 152 91.77 20.87 23.21
C ASN PA 152 90.81 21.22 24.34
N THR PA 153 89.53 21.02 24.09
CA THR PA 153 88.47 21.45 24.99
C THR PA 153 88.12 20.41 26.04
N SER PA 154 88.86 19.30 26.09
CA SER PA 154 88.62 18.29 27.12
C SER PA 154 88.74 18.79 28.55
N PRO PA 155 89.65 19.70 28.91
CA PRO PA 155 89.71 20.14 30.30
C PRO PA 155 88.43 20.87 30.71
N TYR PA 156 88.23 20.98 32.01
CA TYR PA 156 87.01 21.54 32.55
C TYR PA 156 87.27 22.16 33.91
N MET PA 157 86.36 23.03 34.31
CA MET PA 157 86.35 23.58 35.66
C MET PA 157 85.15 23.02 36.40
N ILE PA 158 85.36 22.57 37.61
CA ILE PA 158 84.33 21.86 38.36
C ILE PA 158 83.56 22.88 39.18
N HIS PA 159 82.25 22.95 38.97
CA HIS PA 159 81.39 23.75 39.82
C HIS PA 159 80.71 22.84 40.82
N SER PA 160 81.03 23.02 42.09
CA SER PA 160 80.57 22.14 43.14
C SER PA 160 79.53 22.85 43.99
N ILE PA 161 78.41 22.18 44.24
CA ILE PA 161 77.39 22.64 45.16
C ILE PA 161 77.37 21.67 46.32
N ASP PA 162 77.64 22.15 47.53
CA ASP PA 162 77.70 21.22 48.65
C ASP PA 162 76.32 21.18 49.28
N ASP PA 163 75.60 20.09 49.02
CA ASP PA 163 74.26 19.91 49.54
C ASP PA 163 74.28 19.33 50.95
N GLN PA 164 75.18 18.39 51.19
CA GLN PA 164 75.26 17.69 52.46
C GLN PA 164 76.06 18.49 53.48
N GLN PA 165 76.56 19.66 53.08
CA GLN PA 165 77.35 20.52 53.95
C GLN PA 165 78.58 19.78 54.48
N CYS PA 166 79.36 19.23 53.55
CA CYS PA 166 80.68 18.73 53.92
C CYS PA 166 81.48 19.82 54.61
N LEU PA 167 81.39 21.05 54.10
CA LEU PA 167 82.06 22.20 54.68
C LEU PA 167 80.99 23.12 55.26
N SER PA 168 80.95 23.19 56.58
CA SER PA 168 80.03 24.09 57.27
C SER PA 168 80.53 25.52 57.21
N LYS PA 169 81.81 25.70 57.51
CA LYS PA 169 82.43 27.01 57.63
C LYS PA 169 83.75 26.96 56.92
N VAL PA 170 84.01 27.96 56.08
CA VAL PA 170 85.12 27.93 55.15
C VAL PA 170 86.06 29.09 55.48
N TYR PA 171 87.35 28.80 55.54
CA TYR PA 171 88.37 29.77 55.88
C TYR PA 171 89.31 29.99 54.70
N PRO PA 172 89.92 31.16 54.59
CA PRO PA 172 90.94 31.36 53.57
C PRO PA 172 92.18 30.50 53.82
N LYS PA 173 92.99 30.35 52.78
CA LYS PA 173 94.23 29.62 52.93
C LYS PA 173 95.17 30.35 53.89
N THR PA 174 96.11 29.59 54.44
CA THR PA 174 96.99 30.10 55.48
C THR PA 174 97.63 31.42 55.09
N ASP PA 175 98.21 31.48 53.89
CA ASP PA 175 98.91 32.69 53.48
C ASP PA 175 97.94 33.77 53.02
N THR PA 176 96.89 33.40 52.30
CA THR PA 176 96.05 34.39 51.64
C THR PA 176 95.03 34.96 52.64
N VAL PA 177 94.23 35.90 52.15
CA VAL PA 177 93.15 36.49 52.91
C VAL PA 177 92.07 36.91 51.92
N TRP PA 178 90.85 37.05 52.41
CA TRP PA 178 89.72 37.36 51.55
C TRP PA 178 89.32 38.81 51.72
N PRO PA 179 89.63 39.69 50.77
CA PRO PA 179 89.12 41.06 50.86
C PRO PA 179 87.65 41.11 50.48
N VAL PA 180 86.91 42.02 51.10
CA VAL PA 180 85.54 42.18 50.66
C VAL PA 180 85.51 43.02 49.40
N SER PA 181 86.51 43.89 49.21
CA SER PA 181 86.60 44.68 47.99
C SER PA 181 86.85 43.83 46.76
N SER PA 182 87.32 42.61 46.95
CA SER PA 182 87.63 41.69 45.88
C SER PA 182 86.49 40.71 45.60
N MET PA 183 85.35 40.88 46.26
CA MET PA 183 84.36 39.80 46.38
C MET PA 183 83.91 39.26 45.03
N ARG PA 184 83.54 40.14 44.10
CA ARG PA 184 82.86 39.65 42.90
C ARG PA 184 83.78 39.02 41.87
N GLU PA 185 85.06 39.39 41.80
CA GLU PA 185 85.97 38.57 41.03
C GLU PA 185 86.43 37.48 41.97
N LEU PA 186 86.34 36.23 41.57
CA LEU PA 186 86.33 35.20 42.57
C LEU PA 186 87.78 34.82 42.78
N ASP PA 187 88.38 35.38 43.82
CA ASP PA 187 89.70 35.02 44.30
C ASP PA 187 89.71 34.21 45.57
N TYR PA 188 88.55 33.92 46.17
CA TYR PA 188 88.59 33.39 47.51
C TYR PA 188 88.94 31.91 47.42
N VAL PA 189 90.08 31.55 47.99
CA VAL PA 189 90.63 30.21 47.86
C VAL PA 189 90.62 29.57 49.24
N ALA PA 190 89.90 28.46 49.34
CA ALA PA 190 89.92 27.62 50.52
C ALA PA 190 90.71 26.37 50.21
N SER PA 191 91.40 25.86 51.20
CA SER PA 191 92.08 24.59 51.08
C SER PA 191 91.36 23.62 52.01
N THR PA 192 90.64 22.67 51.44
CA THR PA 192 89.89 21.71 52.21
C THR PA 192 90.83 20.55 52.56
N VAL PA 193 91.05 20.33 53.84
CA VAL PA 193 92.07 19.40 54.31
C VAL PA 193 91.51 18.63 55.50
N SER PA 194 91.67 17.31 55.47
CA SER PA 194 91.38 16.46 56.62
C SER PA 194 92.58 16.53 57.56
N GLY PA 195 92.66 15.65 58.55
CA GLY PA 195 93.76 15.81 59.47
C GLY PA 195 95.12 15.69 58.81
N ASP PA 196 95.42 14.55 58.20
CA ASP PA 196 96.59 14.41 57.33
C ASP PA 196 96.25 14.49 55.85
N ASN PA 197 94.98 14.58 55.49
CA ASN PA 197 94.55 14.33 54.13
C ASN PA 197 94.13 15.62 53.45
N ALA PA 198 94.67 15.86 52.26
CA ALA PA 198 94.20 16.96 51.43
C ALA PA 198 92.97 16.48 50.67
N ILE PA 199 91.86 17.17 50.86
CA ILE PA 199 90.60 16.79 50.22
C ILE PA 199 90.57 17.37 48.82
N ILE PA 200 90.28 16.52 47.83
CA ILE PA 200 89.93 17.01 46.51
C ILE PA 200 88.46 17.44 46.59
N PRO PA 201 88.16 18.73 46.37
CA PRO PA 201 86.81 19.22 46.67
C PRO PA 201 85.71 18.52 45.90
N SER PA 202 85.94 18.20 44.63
CA SER PA 202 84.92 17.56 43.81
C SER PA 202 84.50 16.21 44.37
N THR PA 203 85.33 15.56 45.16
CA THR PA 203 85.03 14.21 45.60
C THR PA 203 84.04 14.19 46.75
N ILE PA 204 84.11 15.15 47.67
CA ILE PA 204 83.21 15.16 48.81
C ILE PA 204 81.86 15.78 48.44
N PHE PA 205 81.86 16.81 47.61
CA PHE PA 205 80.64 17.58 47.37
C PHE PA 205 79.63 16.79 46.56
N ASN PA 206 78.37 17.19 46.68
CA ASN PA 206 77.27 16.41 46.14
C ASN PA 206 77.09 16.65 44.65
N LYS PA 207 76.59 17.83 44.28
CA LYS PA 207 76.46 18.19 42.88
C LYS PA 207 77.78 18.78 42.41
N ASN PA 208 78.39 18.14 41.44
CA ASN PA 208 79.62 18.60 40.82
C ASN PA 208 79.39 18.64 39.32
N ARG PA 209 79.40 19.83 38.76
CA ARG PA 209 79.24 20.04 37.33
C ARG PA 209 80.61 20.21 36.71
N TYR PA 210 80.94 19.37 35.74
CA TYR PA 210 82.19 19.54 35.02
C TYR PA 210 81.89 20.37 33.79
N TRP PA 211 82.34 21.61 33.81
CA TRP PA 211 81.88 22.61 32.86
C TRP PA 211 83.04 22.99 31.96
N LYS PA 212 82.87 22.71 30.67
CA LYS PA 212 83.92 22.81 29.70
C LYS PA 212 83.77 24.06 28.86
N GLN PA 213 84.68 24.23 27.92
CA GLN PA 213 84.63 25.32 26.98
C GLN PA 213 83.56 25.02 25.93
N GLY PA 214 82.59 25.91 25.80
CA GLY PA 214 81.49 25.73 24.89
C GLY PA 214 80.21 25.26 25.55
N ASP PA 215 80.28 24.79 26.79
CA ASP PA 215 79.07 24.40 27.49
C ASP PA 215 78.19 25.61 27.74
N ASP PA 216 76.90 25.34 27.92
CA ASP PA 216 75.94 26.39 28.19
C ASP PA 216 76.24 27.03 29.53
N ALA PA 217 75.75 28.25 29.70
CA ALA PA 217 75.96 28.98 30.93
C ALA PA 217 75.36 28.22 32.11
N LEU PA 218 75.97 28.39 33.27
CA LEU PA 218 75.52 27.77 34.50
C LEU PA 218 74.70 28.77 35.30
N HIS PA 219 73.42 28.47 35.49
CA HIS PA 219 72.51 29.39 36.14
C HIS PA 219 72.18 28.86 37.53
N PHE PA 220 72.33 29.70 38.55
CA PHE PA 220 72.05 29.31 39.91
C PHE PA 220 71.18 30.37 40.54
N SER PA 221 70.14 29.94 41.25
CA SER PA 221 69.16 30.85 41.80
C SER PA 221 68.76 30.38 43.18
N HIS PA 222 68.31 31.32 44.00
CA HIS PA 222 67.74 31.00 45.30
C HIS PA 222 66.53 31.90 45.52
N ASP PA 223 65.39 31.29 45.85
CA ASP PA 223 64.18 32.05 46.14
C ASP PA 223 64.08 32.25 47.63
N LEU PA 224 63.83 33.48 48.05
CA LEU PA 224 63.56 33.81 49.43
C LEU PA 224 62.08 34.11 49.59
N ASP PA 225 61.43 33.40 50.51
CA ASP PA 225 60.10 33.77 50.97
C ASP PA 225 60.21 34.18 52.42
N LEU PA 226 60.10 35.47 52.68
CA LEU PA 226 60.18 36.03 54.01
C LEU PA 226 58.80 36.49 54.42
N GLY PA 227 58.48 36.32 55.68
CA GLY PA 227 57.23 36.90 56.13
C GLY PA 227 57.35 38.33 56.55
N PHE PA 228 58.54 38.91 56.44
CA PHE PA 228 58.81 40.23 57.00
C PHE PA 228 59.66 41.01 56.02
N TRP PA 229 60.06 42.19 56.45
CA TRP PA 229 60.73 43.17 55.61
C TRP PA 229 61.93 43.70 56.37
N PHE PA 230 62.80 44.41 55.66
CA PHE PA 230 63.99 44.98 56.28
C PHE PA 230 63.94 46.50 56.15
N GLY PA 231 64.30 47.19 57.22
CA GLY PA 231 64.29 48.63 57.20
C GLY PA 231 65.66 49.27 57.13
N SER PA 232 66.72 48.48 57.27
CA SER PA 232 68.07 49.00 57.30
C SER PA 232 68.87 48.41 56.16
N ASP PA 233 70.13 48.81 56.05
CA ASP PA 233 70.99 48.24 55.04
C ASP PA 233 71.48 46.86 55.47
N TYR PA 234 71.81 46.03 54.49
CA TYR PA 234 72.31 44.70 54.82
C TYR PA 234 73.64 44.78 55.54
N GLY PA 235 74.57 45.59 55.05
CA GLY PA 235 75.78 45.83 55.81
C GLY PA 235 76.61 44.58 56.04
N ASN PA 236 77.03 43.94 54.95
CA ASN PA 236 77.76 42.67 54.94
C ASN PA 236 77.06 41.61 55.79
N ALA PA 237 75.78 41.43 55.51
CA ALA PA 237 75.00 40.34 56.05
C ALA PA 237 74.83 39.27 54.98
N TYR PA 238 74.78 38.01 55.41
CA TYR PA 238 74.36 36.97 54.50
C TYR PA 238 72.93 37.25 54.05
N VAL PA 239 72.67 37.03 52.77
CA VAL PA 239 71.28 37.11 52.31
C VAL PA 239 70.43 36.13 53.11
N PRO PA 240 69.27 36.54 53.61
CA PRO PA 240 68.65 35.85 54.74
C PRO PA 240 68.49 34.35 54.56
N GLN PA 241 68.87 33.61 55.60
CA GLN PA 241 68.85 32.16 55.61
C GLN PA 241 68.46 31.71 57.00
N ASN PA 242 67.82 30.57 57.08
CA ASN PA 242 67.54 29.92 58.36
C ASN PA 242 68.34 28.63 58.40
N ASN PA 243 69.33 28.56 59.27
CA ASN PA 243 70.22 27.42 59.24
C ASN PA 243 70.75 27.12 60.63
N ASP PA 244 71.56 26.07 60.69
CA ASP PA 244 72.37 25.81 61.87
C ASP PA 244 73.35 26.94 62.13
N SER PA 245 73.87 27.54 61.06
CA SER PA 245 74.82 28.63 61.20
C SER PA 245 74.16 29.98 61.43
N MET PA 246 72.97 30.21 60.88
CA MET PA 246 72.47 31.58 60.87
C MET PA 246 70.95 31.60 60.75
N ASN PA 247 70.37 32.73 61.14
CA ASN PA 247 68.94 32.95 61.04
C ASN PA 247 68.66 34.24 60.28
N ALA PA 248 67.47 34.32 59.70
CA ALA PA 248 67.15 35.35 58.73
C ALA PA 248 66.84 36.70 59.37
N VAL PA 249 66.31 36.69 60.58
CA VAL PA 249 65.86 37.90 61.25
C VAL PA 249 66.91 38.31 62.28
N GLY PA 250 67.24 39.60 62.31
CA GLY PA 250 68.40 40.04 63.06
C GLY PA 250 68.18 40.71 64.39
N THR PA 251 66.96 41.10 64.70
CA THR PA 251 66.69 41.80 65.94
C THR PA 251 66.45 40.81 67.06
N ILE PA 252 67.03 41.09 68.22
CA ILE PA 252 66.75 40.30 69.42
C ILE PA 252 65.31 40.61 69.82
N PRO PA 253 64.43 39.61 69.86
CA PRO PA 253 63.07 39.85 70.34
C PRO PA 253 63.07 40.22 71.82
N THR PA 254 62.08 41.01 72.21
CA THR PA 254 62.04 41.63 73.53
C THR PA 254 60.71 41.32 74.21
N SER PA 255 60.67 41.57 75.51
CA SER PA 255 59.73 40.92 76.41
C SER PA 255 58.30 41.38 76.22
N LYS PA 256 57.37 40.47 76.54
CA LYS PA 256 55.96 40.78 76.78
C LYS PA 256 55.25 41.31 75.54
N HIS PA 257 55.59 40.75 74.39
CA HIS PA 257 54.86 41.01 73.15
C HIS PA 257 55.34 40.03 72.10
N ILE PA 258 54.79 40.17 70.90
CA ILE PA 258 54.99 39.22 69.81
C ILE PA 258 56.07 39.77 68.89
N ASN PA 259 56.92 38.89 68.39
CA ASN PA 259 58.07 39.26 67.58
C ASN PA 259 58.17 38.32 66.41
N VAL PA 260 58.64 38.83 65.28
CA VAL PA 260 58.84 37.97 64.12
C VAL PA 260 60.08 37.12 64.34
N ARG PA 261 59.93 35.81 64.15
CA ARG PA 261 60.94 34.82 64.48
C ARG PA 261 61.20 33.97 63.25
N GLY PA 262 62.47 33.70 62.98
CA GLY PA 262 62.81 32.82 61.87
C GLY PA 262 62.32 31.41 62.13
N VAL PA 263 62.00 30.71 61.04
CA VAL PA 263 61.48 29.35 61.12
C VAL PA 263 61.79 28.66 59.80
N ASN PA 264 61.83 27.33 59.84
CA ASN PA 264 61.73 26.41 58.69
C ASN PA 264 62.98 26.05 57.89
N ASN PA 265 64.17 26.58 58.16
CA ASN PA 265 65.35 26.12 57.43
C ASN PA 265 65.23 26.30 55.92
N ARG PA 266 65.34 27.55 55.50
CA ARG PA 266 65.70 27.86 54.13
C ARG PA 266 67.13 28.35 54.13
N GLY PA 267 67.97 27.76 53.29
CA GLY PA 267 69.37 28.14 53.24
C GLY PA 267 69.95 27.91 51.86
N MET PA 268 71.19 28.34 51.68
CA MET PA 268 71.86 28.19 50.39
C MET PA 268 73.03 27.22 50.45
N ALA PA 269 73.18 26.42 49.40
CA ALA PA 269 74.27 25.46 49.32
C ALA PA 269 75.59 26.16 49.02
N GLY PA 270 76.65 25.71 49.67
CA GLY PA 270 77.97 26.30 49.47
C GLY PA 270 78.56 26.01 48.10
N HIS PA 271 78.35 26.92 47.16
CA HIS PA 271 78.88 26.76 45.81
C HIS PA 271 80.39 26.91 45.84
N TYR PA 272 81.08 26.21 44.94
CA TYR PA 272 82.53 26.27 44.90
C TYR PA 272 83.01 26.02 43.48
N LEU PA 273 84.24 26.44 43.21
CA LEU PA 273 84.89 26.20 41.93
C LEU PA 273 86.24 25.57 42.16
N SER PA 274 86.56 24.58 41.34
CA SER PA 274 87.82 23.86 41.49
C SER PA 274 88.18 23.25 40.15
N PHE PA 275 89.43 22.83 40.04
CA PHE PA 275 89.86 22.17 38.82
C PHE PA 275 90.23 20.73 39.12
N PRO PA 276 90.03 19.83 38.17
CA PRO PA 276 90.37 18.44 38.38
C PRO PA 276 91.87 18.28 38.52
N PRO PA 277 92.34 17.42 39.43
CA PRO PA 277 93.77 17.15 39.49
C PRO PA 277 94.24 16.49 38.22
N ILE PA 278 95.29 17.06 37.62
CA ILE PA 278 95.91 16.51 36.43
C ILE PA 278 97.41 16.52 36.70
N ARG PA 279 98.01 15.35 36.78
CA ARG PA 279 99.43 15.30 37.05
C ARG PA 279 100.23 15.62 35.79
N THR PA 280 101.37 16.24 36.00
CA THR PA 280 102.30 16.60 34.95
C THR PA 280 103.66 15.98 35.23
N ASN PA 281 104.62 16.27 34.37
CA ASN PA 281 106.00 15.94 34.66
C ASN PA 281 106.43 16.53 36.00
N ASP PA 282 105.95 17.72 36.33
CA ASP PA 282 106.20 18.34 37.62
C ASP PA 282 104.89 18.85 38.21
N GLY PA 283 104.50 18.31 39.35
CA GLY PA 283 103.35 18.84 40.05
C GLY PA 283 102.06 18.60 39.31
N GLN PA 284 101.21 19.62 39.28
CA GLN PA 284 99.86 19.53 38.77
C GLN PA 284 99.71 20.38 37.52
N PHE PA 285 98.77 19.99 36.67
CA PHE PA 285 98.52 20.74 35.45
C PHE PA 285 98.00 22.11 35.84
N LYS PA 286 98.47 23.13 35.14
CA LYS PA 286 98.09 24.48 35.49
C LYS PA 286 96.89 24.85 34.64
N LEU PA 287 95.72 24.92 35.27
CA LEU PA 287 94.50 25.35 34.62
C LEU PA 287 94.11 26.72 35.13
N ASN PA 288 93.79 27.60 34.20
CA ASN PA 288 93.33 28.93 34.49
C ASN PA 288 91.98 29.06 33.83
N ALA PA 289 91.07 29.80 34.44
CA ALA PA 289 89.73 29.89 33.91
C ALA PA 289 89.32 31.34 33.78
N GLN PA 290 88.60 31.65 32.72
CA GLN PA 290 87.82 32.87 32.64
C GLN PA 290 86.36 32.52 32.43
N PHE PA 291 85.48 33.32 33.02
CA PHE PA 291 84.07 33.26 32.70
C PHE PA 291 83.46 34.59 33.11
N THR PA 292 82.26 34.85 32.58
CA THR PA 292 81.53 36.04 32.96
C THR PA 292 80.61 35.71 34.11
N LEU PA 293 80.57 36.61 35.09
CA LEU PA 293 79.70 36.45 36.24
C LEU PA 293 78.57 37.45 36.10
N GLU PA 294 77.36 36.97 35.89
CA GLU PA 294 76.16 37.79 35.90
C GLU PA 294 75.38 37.45 37.14
N THR PA 295 75.29 38.39 38.07
CA THR PA 295 74.49 38.21 39.27
C THR PA 295 73.24 39.06 39.18
N GLU PA 296 72.15 38.56 39.75
CA GLU PA 296 70.92 39.32 39.84
C GLU PA 296 70.30 39.09 41.21
N ILE PA 297 69.91 40.18 41.86
CA ILE PA 297 69.15 40.12 43.09
C ILE PA 297 67.90 40.94 42.90
N GLU PA 298 66.75 40.36 43.22
CA GLU PA 298 65.46 40.98 42.97
C GLU PA 298 64.87 41.43 44.29
N PHE PA 299 64.81 42.74 44.50
CA PHE PA 299 64.23 43.28 45.72
C PHE PA 299 62.76 43.60 45.54
N GLU PA 300 61.99 43.36 46.58
CA GLU PA 300 60.69 44.00 46.76
C GLU PA 300 60.85 45.13 47.74
N PHE PA 301 60.15 46.23 47.50
CA PHE PA 301 60.17 47.32 48.46
C PHE PA 301 58.78 47.88 48.60
N ARG PA 302 58.61 48.71 49.62
CA ARG PA 302 57.30 49.15 50.05
C ARG PA 302 57.43 50.58 50.58
N LEU PA 303 56.41 51.39 50.35
CA LEU PA 303 56.54 52.82 50.57
C LEU PA 303 55.88 53.24 51.87
N TRP PA 304 55.93 54.55 52.11
CA TRP PA 304 55.57 55.18 53.37
C TRP PA 304 54.06 55.27 53.54
N GLU PA 305 53.64 55.45 54.79
CA GLU PA 305 52.23 55.53 55.13
C GLU PA 305 51.59 56.75 54.48
N GLN PA 306 50.38 56.57 53.97
CA GLN PA 306 49.64 57.69 53.42
C GLN PA 306 49.09 58.57 54.53
N GLY PA 307 48.78 59.81 54.16
CA GLY PA 307 48.17 60.72 55.09
C GLY PA 307 49.19 61.56 55.82
N VAL PA 308 48.69 62.27 56.84
CA VAL PA 308 49.56 63.08 57.67
C VAL PA 308 50.58 62.21 58.38
N GLN PA 309 50.28 60.93 58.56
CA GLN PA 309 51.23 60.02 59.19
C GLN PA 309 52.54 59.96 58.42
N GLY PA 310 52.49 60.13 57.10
CA GLY PA 310 53.65 60.08 56.26
C GLY PA 310 54.36 61.39 56.03
N ILE PA 311 53.96 62.45 56.71
CA ILE PA 311 54.66 63.73 56.60
C ILE PA 311 55.98 63.65 57.32
N ASN PA 312 57.04 64.15 56.68
CA ASN PA 312 58.39 64.04 57.24
C ASN PA 312 58.46 64.55 58.66
N SER PA 313 57.90 65.73 58.93
CA SER PA 313 58.06 66.35 60.24
C SER PA 313 57.39 65.53 61.33
N VAL PA 314 56.17 65.02 61.06
CA VAL PA 314 55.43 64.28 62.07
C VAL PA 314 55.59 62.78 61.94
N HIS PA 315 56.32 62.29 60.94
CA HIS PA 315 56.48 60.85 60.82
C HIS PA 315 57.42 60.27 61.87
N THR PA 316 58.29 61.09 62.44
CA THR PA 316 59.20 60.58 63.46
C THR PA 316 58.41 60.02 64.65
N ASN PA 317 57.52 60.83 65.22
CA ASN PA 317 56.74 60.43 66.37
C ASN PA 317 55.39 59.82 66.02
N LEU PA 318 54.93 59.89 64.77
CA LEU PA 318 53.77 59.12 64.33
C LEU PA 318 54.15 57.82 63.63
N ASN PA 319 55.42 57.48 63.54
CA ASN PA 319 55.82 56.21 62.98
C ASN PA 319 55.14 55.08 63.76
N PRO PA 320 54.56 54.10 63.08
CA PRO PA 320 53.91 53.01 63.82
C PRO PA 320 54.90 52.24 64.67
N ALA PA 321 54.52 51.95 65.89
CA ALA PA 321 55.35 51.10 66.73
C ALA PA 321 55.28 49.64 66.31
N ASN PA 322 54.34 49.28 65.46
CA ASN PA 322 54.24 47.92 64.94
C ASN PA 322 55.05 47.71 63.68
N ASP PA 323 55.82 48.71 63.25
CA ASP PA 323 56.87 48.43 62.28
C ASP PA 323 57.73 47.28 62.74
N SER PA 324 58.13 47.30 64.01
CA SER PA 324 58.95 46.24 64.57
C SER PA 324 58.30 44.89 64.40
N LEU PA 325 56.99 44.87 64.16
CA LEU PA 325 56.31 43.61 63.96
C LEU PA 325 56.64 43.03 62.59
N TRP PA 326 56.46 43.80 61.53
CA TRP PA 326 56.82 43.36 60.17
C TRP PA 326 58.13 43.92 59.64
N ILE PA 327 58.82 44.82 60.33
CA ILE PA 327 60.10 45.32 59.77
C ILE PA 327 61.28 44.93 60.63
N GLN PA 328 62.21 44.16 60.09
CA GLN PA 328 63.04 43.34 60.96
C GLN PA 328 64.56 43.37 60.86
N SER PA 329 65.13 44.25 60.05
CA SER PA 329 66.60 44.35 59.84
C SER PA 329 67.24 43.11 59.18
N TYR PA 330 68.53 42.88 59.40
CA TYR PA 330 69.23 41.75 58.77
C TYR PA 330 69.70 40.73 59.79
N GLY PA 331 69.62 39.45 59.47
CA GLY PA 331 69.84 38.46 60.50
C GLY PA 331 71.25 38.22 60.95
N SER PA 332 72.12 37.85 60.02
CA SER PA 332 73.42 37.33 60.39
C SER PA 332 74.45 37.86 59.42
N LEU PA 333 75.59 38.26 59.97
CA LEU PA 333 76.61 38.96 59.24
C LEU PA 333 77.74 38.00 58.88
N VAL PA 334 78.34 38.21 57.71
CA VAL PA 334 79.61 37.57 57.47
C VAL PA 334 80.61 38.13 58.47
N SER PA 335 81.65 37.37 58.75
CA SER PA 335 82.60 37.76 59.78
C SER PA 335 83.69 38.58 59.10
N ILE PA 336 83.74 39.86 59.42
CA ILE PA 336 84.61 40.82 58.75
C ILE PA 336 85.46 41.48 59.81
N THR PA 337 86.77 41.25 59.76
CA THR PA 337 87.70 42.10 60.47
C THR PA 337 88.41 42.97 59.44
N GLU PA 338 88.59 44.23 59.76
CA GLU PA 338 89.07 45.22 58.80
C GLU PA 338 88.15 45.15 57.59
N SER PA 339 88.69 45.10 56.38
CA SER PA 339 87.90 44.90 55.17
C SER PA 339 87.84 43.44 54.74
N LYS PA 340 88.41 42.54 55.53
CA LYS PA 340 88.74 41.20 55.08
C LYS PA 340 87.79 40.17 55.69
N ILE PA 341 87.29 39.26 54.87
CA ILE PA 341 86.38 38.23 55.35
C ILE PA 341 87.16 37.19 56.16
N ASN PA 342 86.68 36.90 57.36
CA ASN PA 342 87.34 35.90 58.19
C ASN PA 342 86.97 34.49 57.76
N ASN PA 343 85.70 34.27 57.47
CA ASN PA 343 85.20 32.95 57.12
C ASN PA 343 83.89 33.14 56.38
N ILE PA 344 83.46 32.10 55.67
CA ILE PA 344 82.15 32.08 55.05
C ILE PA 344 81.42 30.85 55.52
N GLN PA 345 80.20 31.03 55.99
CA GLN PA 345 79.32 29.97 56.41
C GLN PA 345 78.30 29.74 55.32
N PHE PA 346 77.93 28.48 55.08
CA PHE PA 346 76.98 28.19 54.02
C PHE PA 346 75.63 27.71 54.53
N GLY PA 347 75.57 26.56 55.17
CA GLY PA 347 74.32 26.06 55.71
C GLY PA 347 73.10 26.03 54.80
N PRO PA 348 73.05 25.06 53.90
CA PRO PA 348 72.00 24.83 52.91
C PRO PA 348 70.72 24.30 53.49
N THR PA 349 69.65 24.26 52.73
CA THR PA 349 68.42 23.69 53.24
C THR PA 349 68.78 22.24 53.07
N CYS PA 350 69.11 21.57 54.16
CA CYS PA 350 69.55 20.20 54.01
C CYS PA 350 68.39 19.28 53.74
N PRO PA 351 68.61 18.30 52.87
CA PRO PA 351 67.57 17.38 52.43
C PRO PA 351 67.12 16.41 53.49
N ARG PA 352 67.88 16.22 54.56
CA ARG PA 352 67.49 15.27 55.59
C ARG PA 352 66.65 15.91 56.69
N VAL PA 353 66.49 17.22 56.70
CA VAL PA 353 65.43 17.83 57.51
C VAL PA 353 64.08 17.39 56.97
N ASP PA 354 63.12 17.18 57.86
CA ASP PA 354 61.78 16.80 57.46
C ASP PA 354 61.24 17.79 56.44
N ALA PA 355 60.67 17.25 55.36
CA ALA PA 355 60.14 18.12 54.32
C ALA PA 355 59.07 19.06 54.85
N ARG PA 356 58.44 18.73 55.97
CA ARG PA 356 57.45 19.61 56.55
C ARG PA 356 58.09 20.84 57.16
N ASN PA 357 59.35 20.73 57.58
CA ASN PA 357 60.08 21.89 58.07
C ASN PA 357 60.60 22.76 56.95
N LYS PA 358 60.89 22.18 55.78
CA LYS PA 358 61.65 22.88 54.75
C LYS PA 358 60.79 23.79 53.90
N GLY PA 359 59.51 23.96 54.22
CA GLY PA 359 58.60 24.65 53.33
C GLY PA 359 58.80 26.15 53.23
N GLY PA 360 57.79 26.84 52.71
CA GLY PA 360 57.98 28.17 52.17
C GLY PA 360 58.37 29.32 53.07
N LYS PA 361 57.59 29.59 54.10
CA LYS PA 361 57.67 30.86 54.82
C LYS PA 361 58.82 30.85 55.82
N MET PA 362 59.70 31.83 55.72
CA MET PA 362 60.91 31.86 56.55
C MET PA 362 60.74 32.55 57.88
N SER PA 363 59.56 33.04 58.22
CA SER PA 363 59.42 33.66 59.52
C SER PA 363 58.03 33.41 60.05
N MET PA 364 57.90 33.53 61.36
CA MET PA 364 56.63 33.40 62.03
C MET PA 364 56.56 34.52 63.05
N LEU PA 365 55.35 34.93 63.38
CA LEU PA 365 55.14 36.03 64.29
C LEU PA 365 54.78 35.40 65.64
N PHE PA 366 55.78 35.32 66.50
CA PHE PA 366 55.71 34.59 67.76
C PHE PA 366 56.13 35.43 68.94
N ASP PA 367 55.41 35.30 70.04
CA ASP PA 367 55.67 36.08 71.24
C ASP PA 367 56.91 35.71 72.05
N HIS PA 368 57.37 36.65 72.84
CA HIS PA 368 58.51 36.42 73.71
C HIS PA 368 58.12 36.84 75.11
N HIS PA 369 58.44 36.00 76.09
CA HIS PA 369 58.12 36.31 77.48
C HIS PA 369 59.35 36.75 78.26
N GLU QA 36 33.51 65.97 -25.92
CA GLU QA 36 34.18 64.98 -26.75
C GLU QA 36 35.54 65.51 -27.17
N GLY QA 37 36.47 64.61 -27.47
CA GLY QA 37 37.81 65.01 -27.85
C GLY QA 37 38.70 65.21 -26.64
N ASP QA 38 39.92 65.65 -26.91
CA ASP QA 38 40.89 65.90 -25.86
C ASP QA 38 40.74 67.27 -25.23
N GLY QA 39 39.77 68.06 -25.68
CA GLY QA 39 39.54 69.39 -25.16
C GLY QA 39 39.95 70.50 -26.07
N SER QA 40 40.73 70.18 -27.10
CA SER QA 40 41.25 71.16 -28.03
C SER QA 40 40.21 71.93 -28.83
N ALA QA 41 38.95 71.51 -28.73
CA ALA QA 41 37.86 72.14 -29.45
C ALA QA 41 37.47 73.49 -28.87
N PRO QA 42 36.73 74.28 -29.63
CA PRO QA 42 36.35 75.58 -29.06
C PRO QA 42 35.53 75.53 -27.79
N GLY QA 43 34.60 74.60 -27.60
CA GLY QA 43 33.79 74.58 -26.39
C GLY QA 43 33.93 73.35 -25.50
N GLY QA 44 33.57 73.47 -24.23
CA GLY QA 44 33.70 72.35 -23.31
C GLY QA 44 34.86 72.43 -22.35
N SER QA 45 35.61 71.35 -22.21
CA SER QA 45 36.76 71.30 -21.30
C SER QA 45 38.05 71.89 -21.89
N VAL QA 46 38.93 72.38 -21.03
CA VAL QA 46 40.20 73.01 -21.39
C VAL QA 46 41.27 72.01 -21.73
N TRP QA 47 41.91 72.18 -22.88
CA TRP QA 47 43.00 71.31 -23.23
C TRP QA 47 44.10 71.77 -22.32
N GLN QA 48 44.72 70.85 -21.60
CA GLN QA 48 45.78 71.25 -20.69
C GLN QA 48 47.02 70.40 -20.91
N THR QA 49 48.16 71.01 -20.63
CA THR QA 49 49.46 70.43 -20.91
C THR QA 49 49.79 69.30 -19.95
N THR QA 50 50.77 68.49 -20.34
CA THR QA 50 51.16 67.33 -19.56
C THR QA 50 51.72 67.73 -18.20
N ASP QA 51 51.65 66.79 -17.27
CA ASP QA 51 52.04 67.01 -15.89
C ASP QA 51 53.56 66.91 -15.74
N TYR QA 52 54.17 67.95 -15.19
CA TYR QA 52 55.60 67.91 -14.89
C TYR QA 52 55.93 67.45 -13.48
N ILE QA 53 54.95 67.26 -12.61
CA ILE QA 53 55.25 66.81 -11.26
C ILE QA 53 55.67 65.36 -11.25
N ALA QA 54 54.91 64.50 -11.93
CA ALA QA 54 55.06 63.07 -11.77
C ALA QA 54 56.50 62.62 -11.90
N LEU QA 55 57.24 63.18 -12.84
CA LEU QA 55 58.64 62.80 -13.01
C LEU QA 55 59.58 63.48 -12.03
N SER QA 56 59.18 64.60 -11.44
CA SER QA 56 60.04 65.21 -10.44
C SER QA 56 59.90 64.54 -9.08
N MET QA 57 58.79 63.85 -8.84
CA MET QA 57 58.58 63.18 -7.56
C MET QA 57 59.05 61.74 -7.54
N VAL QA 58 59.42 61.16 -8.68
CA VAL QA 58 59.79 59.76 -8.68
C VAL QA 58 61.07 59.58 -7.88
N VAL QA 59 61.04 58.65 -6.93
CA VAL QA 59 62.16 58.40 -6.04
C VAL QA 59 62.93 57.20 -6.57
N TYR QA 60 64.20 57.42 -6.86
CA TYR QA 60 65.08 56.35 -7.31
C TYR QA 60 65.94 55.92 -6.14
N ARG QA 61 66.26 54.64 -6.10
CA ARG QA 61 66.81 54.03 -4.89
C ARG QA 61 68.05 53.25 -5.25
N THR QA 62 69.19 53.65 -4.69
CA THR QA 62 70.45 52.97 -4.94
C THR QA 62 71.13 52.57 -3.64
N ALA QA 63 72.34 52.04 -3.72
CA ALA QA 63 73.07 51.67 -2.52
C ALA QA 63 74.55 51.67 -2.83
N ILE QA 64 75.36 51.72 -1.76
CA ILE QA 64 76.81 51.62 -1.85
C ILE QA 64 77.26 50.52 -0.91
N LYS QA 65 77.82 49.46 -1.47
CA LYS QA 65 78.29 48.32 -0.70
C LYS QA 65 79.79 48.23 -0.81
N LEU QA 66 80.45 48.00 0.32
CA LEU QA 66 81.91 47.95 0.38
C LEU QA 66 82.34 46.86 1.35
N ARG QA 67 83.39 46.14 1.01
CA ARG QA 67 83.96 45.14 1.88
C ARG QA 67 85.36 45.54 2.32
N ASN QA 68 85.75 45.03 3.47
CA ASN QA 68 86.99 45.41 4.12
C ASN QA 68 87.40 44.25 4.99
N PHE QA 69 88.70 44.13 5.24
CA PHE QA 69 89.21 43.23 6.26
C PHE QA 69 89.70 44.06 7.43
N VAL QA 70 89.27 43.71 8.62
CA VAL QA 70 89.63 44.43 9.83
C VAL QA 70 90.57 43.57 10.64
N ASN QA 71 91.68 44.15 11.07
CA ASN QA 71 92.64 43.50 11.95
C ASN QA 71 92.75 44.31 13.22
N ILE QA 72 92.33 43.73 14.34
CA ILE QA 72 92.36 44.40 15.63
C ILE QA 72 93.44 43.74 16.45
N ARG QA 73 94.51 44.47 16.74
CA ARG QA 73 95.64 43.92 17.46
C ARG QA 73 95.98 44.78 18.67
N GLY QA 74 96.57 44.14 19.68
CA GLY QA 74 97.08 44.85 20.83
C GLY QA 74 96.04 45.63 21.59
N LEU QA 75 94.83 45.10 21.69
CA LEU QA 75 93.72 45.78 22.34
C LEU QA 75 93.56 45.18 23.73
N THR QA 76 93.89 45.95 24.76
CA THR QA 76 93.78 45.45 26.12
C THR QA 76 92.32 45.46 26.56
N PRO QA 77 91.98 44.74 27.63
CA PRO QA 77 90.57 44.64 28.02
C PRO QA 77 89.94 45.95 28.45
N THR QA 78 90.73 46.93 28.88
CA THR QA 78 90.17 48.23 29.23
C THR QA 78 89.82 49.03 27.99
N GLU QA 79 90.74 49.08 27.04
CA GLU QA 79 90.52 49.82 25.80
C GLU QA 79 89.59 49.05 24.87
N MET QA 80 88.99 49.77 23.94
CA MET QA 80 87.84 49.29 23.18
C MET QA 80 87.83 49.93 21.81
N ILE QA 81 87.42 49.16 20.80
CA ILE QA 81 87.32 49.67 19.44
C ILE QA 81 85.98 50.34 19.24
N VAL QA 82 86.00 51.56 18.75
CA VAL QA 82 84.80 52.32 18.47
C VAL QA 82 84.42 52.07 17.02
N ILE QA 83 83.21 51.58 16.79
CA ILE QA 83 82.77 51.33 15.42
C ILE QA 83 82.26 52.67 14.90
N PRO QA 84 82.92 53.31 13.99
CA PRO QA 84 82.42 54.60 13.48
C PRO QA 84 81.23 54.40 12.56
N TRP QA 85 80.22 53.69 13.05
CA TRP QA 85 79.17 53.22 12.17
C TRP QA 85 78.04 54.23 12.05
N ASN QA 86 78.07 55.27 12.86
CA ASN QA 86 77.09 56.34 12.78
C ASN QA 86 77.56 57.54 11.99
N VAL QA 87 78.76 57.50 11.43
CA VAL QA 87 79.25 58.57 10.57
C VAL QA 87 79.00 58.19 9.13
N MET QA 88 78.51 59.15 8.35
CA MET QA 88 78.10 58.88 6.99
C MET QA 88 79.27 58.42 6.14
N ARG QA 89 80.45 58.99 6.36
CA ARG QA 89 81.63 58.69 5.57
C ARG QA 89 82.09 57.25 5.72
N PHE QA 90 81.64 56.56 6.76
CA PHE QA 90 82.04 55.18 6.98
C PHE QA 90 81.52 54.28 5.87
N TYR QA 91 80.27 54.47 5.46
CA TYR QA 91 79.64 53.55 4.52
C TYR QA 91 79.98 53.86 3.07
N CYS QA 92 79.94 55.12 2.69
CA CYS QA 92 80.04 55.52 1.28
C CYS QA 92 81.42 55.99 0.87
N GLU QA 93 82.38 56.03 1.78
CA GLU QA 93 83.76 56.33 1.43
C GLU QA 93 84.65 55.24 2.02
N TYR QA 94 85.61 54.79 1.25
CA TYR QA 94 86.34 53.58 1.58
C TYR QA 94 87.67 54.01 2.16
N ASN QA 95 87.83 53.92 3.47
CA ASN QA 95 89.07 54.35 4.09
C ASN QA 95 89.72 53.09 4.64
N THR QA 96 90.73 52.62 3.93
CA THR QA 96 91.50 51.47 4.35
C THR QA 96 92.93 51.68 3.91
N GLY QA 97 93.89 51.48 4.80
CA GLY QA 97 95.27 51.46 4.39
C GLY QA 97 95.68 52.68 3.58
N THR QA 98 96.18 52.45 2.38
CA THR QA 98 96.66 53.51 1.52
C THR QA 98 95.53 54.27 0.82
N TYR QA 99 94.35 53.68 0.70
CA TYR QA 99 93.25 54.33 0.00
C TYR QA 99 92.95 55.71 0.56
N GLY QA 100 92.68 55.77 1.87
CA GLY QA 100 92.36 57.04 2.50
C GLY QA 100 93.40 58.12 2.29
N LEU QA 101 94.65 57.73 2.05
CA LEU QA 101 95.69 58.70 1.75
C LEU QA 101 95.54 59.24 0.33
N SER QA 102 95.14 58.39 -0.60
CA SER QA 102 94.88 58.81 -1.97
C SER QA 102 93.58 59.62 -2.03
N GLY QA 103 93.44 60.40 -3.09
CA GLY QA 103 92.35 61.34 -3.19
C GLY QA 103 91.08 60.76 -3.76
N ASN QA 104 89.95 61.34 -3.34
CA ASN QA 104 88.62 61.05 -3.85
C ASN QA 104 88.35 59.55 -3.85
N VAL QA 105 88.21 59.02 -2.63
CA VAL QA 105 87.94 57.59 -2.46
C VAL QA 105 86.45 57.33 -2.32
N HIS QA 106 85.61 58.34 -2.46
CA HIS QA 106 84.17 58.14 -2.47
C HIS QA 106 83.77 57.16 -3.56
N HIS QA 107 82.74 56.38 -3.28
CA HIS QA 107 82.19 55.48 -4.28
C HIS QA 107 81.50 56.29 -5.37
N LYS QA 108 81.56 55.80 -6.61
CA LYS QA 108 81.08 56.60 -7.72
C LYS QA 108 79.57 56.73 -7.76
N ASN QA 109 78.83 55.81 -7.12
CA ASN QA 109 77.40 56.05 -6.97
C ASN QA 109 77.14 57.27 -6.11
N TYR QA 110 78.03 57.57 -5.18
CA TYR QA 110 77.80 58.76 -4.37
C TYR QA 110 78.17 60.03 -5.11
N SER QA 111 79.20 59.97 -5.95
CA SER QA 111 79.60 61.15 -6.70
C SER QA 111 78.47 61.65 -7.58
N MET QA 112 77.66 60.74 -8.12
CA MET QA 112 76.52 61.18 -8.91
C MET QA 112 75.30 61.54 -8.08
N LEU QA 113 75.21 61.07 -6.84
CA LEU QA 113 74.13 61.56 -5.98
C LEU QA 113 74.20 63.06 -5.81
N LEU QA 114 75.36 63.65 -6.06
CA LEU QA 114 75.51 65.09 -6.12
C LEU QA 114 75.12 65.65 -7.48
N ALA QA 115 74.97 64.80 -8.50
CA ALA QA 115 74.47 65.26 -9.79
C ALA QA 115 72.96 65.40 -9.78
N CYS QA 116 72.24 64.46 -9.16
CA CYS QA 116 70.81 64.61 -8.99
C CYS QA 116 70.53 65.67 -7.92
N LYS QA 117 69.32 66.21 -7.93
CA LYS QA 117 69.11 67.39 -7.10
C LYS QA 117 68.90 67.05 -5.63
N ALA QA 118 68.45 65.85 -5.32
CA ALA QA 118 68.17 65.46 -3.95
C ALA QA 118 68.58 64.02 -3.75
N HIS QA 119 69.17 63.73 -2.60
CA HIS QA 119 69.42 62.36 -2.20
C HIS QA 119 69.15 62.24 -0.71
N ARG QA 120 68.79 61.03 -0.30
CA ARG QA 120 68.52 60.79 1.09
C ARG QA 120 69.09 59.44 1.50
N PRO QA 121 69.71 59.37 2.68
CA PRO QA 121 70.49 58.17 3.04
C PRO QA 121 69.67 56.93 3.39
N THR QA 122 68.43 57.06 3.85
CA THR QA 122 67.59 55.92 4.25
C THR QA 122 68.35 54.89 5.09
N LYS QA 123 68.23 53.61 4.76
CA LYS QA 123 68.80 52.58 5.61
C LYS QA 123 70.32 52.57 5.53
N VAL QA 124 70.94 52.13 6.62
CA VAL QA 124 72.39 52.02 6.70
C VAL QA 124 72.72 50.85 7.61
N GLY QA 125 73.79 50.14 7.31
CA GLY QA 125 74.12 48.97 8.09
C GLY QA 125 75.46 48.40 7.75
N TYR QA 126 75.87 47.39 8.52
CA TYR QA 126 77.15 46.74 8.27
C TYR QA 126 77.13 45.33 8.82
N THR QA 127 78.10 44.53 8.39
CA THR QA 127 78.19 43.13 8.78
C THR QA 127 79.62 42.80 9.18
N LEU QA 128 79.76 42.13 10.32
CA LEU QA 128 81.00 41.52 10.75
C LEU QA 128 80.93 40.02 10.50
N SER QA 129 81.96 39.47 9.87
CA SER QA 129 81.85 38.10 9.41
C SER QA 129 83.19 37.39 9.50
N ASN QA 130 83.13 36.08 9.66
CA ASN QA 130 84.29 35.18 9.61
C ASN QA 130 85.43 35.68 10.49
N LEU QA 131 85.17 35.59 11.79
CA LEU QA 131 86.12 36.05 12.78
C LEU QA 131 87.29 35.08 12.86
N ILE QA 132 88.49 35.65 12.93
CA ILE QA 132 89.71 34.88 13.16
C ILE QA 132 90.43 35.52 14.33
N LEU QA 133 90.56 34.77 15.41
CA LEU QA 133 91.35 35.19 16.56
C LEU QA 133 92.74 34.58 16.48
N THR QA 134 93.74 35.39 16.80
CA THR QA 134 95.11 34.95 16.87
C THR QA 134 95.68 35.38 18.21
N SER QA 135 96.82 34.82 18.58
CA SER QA 135 97.42 35.07 19.88
C SER QA 135 98.89 35.43 19.72
N ASP QA 136 99.31 36.49 20.40
CA ASP QA 136 100.71 36.84 20.50
C ASP QA 136 101.39 36.17 21.68
N GLU QA 137 100.68 35.27 22.37
CA GLU QA 137 101.22 34.67 23.59
C GLU QA 137 102.54 33.97 23.33
N LEU QA 138 102.67 33.29 22.20
CA LEU QA 138 103.95 32.66 21.88
C LEU QA 138 105.00 33.66 21.42
N VAL QA 139 104.59 34.87 21.10
CA VAL QA 139 105.53 35.90 20.64
C VAL QA 139 106.28 36.47 21.82
N SER QA 140 107.57 36.69 21.63
CA SER QA 140 108.42 37.34 22.62
C SER QA 140 109.42 38.22 21.88
N THR QA 141 110.05 39.12 22.63
CA THR QA 141 111.02 40.02 22.02
C THR QA 141 112.18 39.26 21.39
N GLY QA 142 112.49 38.06 21.89
CA GLY QA 142 113.48 37.23 21.24
C GLY QA 142 113.03 36.73 19.89
N GLY QA 143 111.72 36.61 19.69
CA GLY QA 143 111.20 36.25 18.39
C GLY QA 143 111.20 34.74 18.15
N THR QA 144 111.39 34.38 16.89
CA THR QA 144 111.47 33.00 16.38
C THR QA 144 110.11 32.30 16.43
N LEU QA 145 109.15 32.89 17.12
CA LEU QA 145 107.77 32.40 17.12
C LEU QA 145 106.83 33.57 16.91
N GLY QA 146 105.98 33.47 15.90
CA GLY QA 146 105.02 34.52 15.59
C GLY QA 146 103.65 34.20 16.14
N THR QA 147 102.73 35.13 15.90
CA THR QA 147 101.36 34.92 16.34
C THR QA 147 100.72 33.79 15.56
N THR QA 148 99.73 33.16 16.17
CA THR QA 148 99.01 32.11 15.47
C THR QA 148 97.62 32.04 16.08
N THR QA 149 96.70 31.44 15.32
CA THR QA 149 95.32 31.31 15.76
C THR QA 149 95.25 30.61 17.10
N THR QA 150 94.24 30.98 17.90
CA THR QA 150 94.10 30.44 19.24
C THR QA 150 94.02 28.92 19.19
N PHE QA 151 94.60 28.29 20.22
CA PHE QA 151 94.68 26.83 20.26
C PHE QA 151 93.30 26.20 20.21
N ASN QA 152 92.31 26.81 20.85
CA ASN QA 152 90.94 26.37 20.76
C ASN QA 152 90.06 27.57 20.50
N THR QA 153 88.80 27.30 20.15
CA THR QA 153 87.87 28.32 19.71
C THR QA 153 87.11 28.96 20.86
N SER QA 154 87.43 28.61 22.10
CA SER QA 154 86.76 29.22 23.25
C SER QA 154 86.91 30.75 23.33
N PRO QA 155 88.03 31.37 22.96
CA PRO QA 155 88.10 32.83 23.05
C PRO QA 155 87.11 33.49 22.11
N TYR QA 156 86.83 34.76 22.39
CA TYR QA 156 85.82 35.49 21.66
C TYR QA 156 86.14 36.97 21.65
N MET QA 157 85.54 37.68 20.71
CA MET QA 157 85.59 39.13 20.67
C MET QA 157 84.20 39.66 21.00
N ILE QA 158 84.15 40.64 21.87
CA ILE QA 158 82.87 41.13 22.40
C ILE QA 158 82.41 42.27 21.51
N HIS QA 159 81.23 42.13 20.94
CA HIS QA 159 80.60 43.23 20.21
C HIS QA 159 79.57 43.87 21.12
N SER QA 160 79.81 45.12 21.49
CA SER QA 160 78.97 45.81 22.46
C SER QA 160 78.16 46.88 21.77
N ILE QA 161 76.87 46.92 22.06
CA ILE QA 161 75.98 47.97 21.61
C ILE QA 161 75.54 48.73 22.85
N ASP QA 162 75.82 50.02 22.92
CA ASP QA 162 75.48 50.75 24.13
C ASP QA 162 74.10 51.36 23.90
N ASP QA 163 73.09 50.76 24.52
CA ASP QA 163 71.71 51.23 24.40
C ASP QA 163 71.42 52.35 25.39
N GLN QA 164 71.93 52.22 26.60
CA GLN QA 164 71.66 53.17 27.67
C GLN QA 164 72.57 54.37 27.57
N GLN QA 165 73.47 54.39 26.60
CA GLN QA 165 74.42 55.49 26.40
C GLN QA 165 75.27 55.69 27.63
N CYS QA 166 75.91 54.62 28.08
CA CYS QA 166 76.96 54.75 29.09
C CYS QA 166 78.01 55.75 28.63
N LEU QA 167 78.38 55.69 27.36
CA LEU QA 167 79.33 56.61 26.76
C LEU QA 167 78.58 57.51 25.80
N SER QA 168 78.44 58.78 26.15
CA SER QA 168 77.81 59.75 25.28
C SER QA 168 78.74 60.19 24.17
N LYS QA 169 79.98 60.49 24.55
CA LYS QA 169 80.99 61.05 23.66
C LYS QA 169 82.29 60.32 23.92
N VAL QA 170 82.94 59.87 22.85
CA VAL QA 170 84.05 58.95 22.94
C VAL QA 170 85.29 59.63 22.36
N TYR QA 171 86.40 59.55 23.07
CA TYR QA 171 87.64 60.17 22.68
C TYR QA 171 88.70 59.12 22.42
N PRO QA 172 89.68 59.41 21.57
CA PRO QA 172 90.80 58.48 21.39
C PRO QA 172 91.65 58.40 22.65
N LYS QA 173 92.46 57.35 22.72
CA LYS QA 173 93.38 57.19 23.83
C LYS QA 173 94.41 58.31 23.83
N THR QA 174 94.98 58.55 25.01
CA THR QA 174 95.88 59.68 25.20
C THR QA 174 96.96 59.74 24.13
N ASP QA 175 97.63 58.62 23.87
CA ASP QA 175 98.72 58.64 22.92
C ASP QA 175 98.23 58.60 21.47
N THR QA 176 97.18 57.83 21.20
CA THR QA 176 96.78 57.59 19.84
C THR QA 176 95.92 58.74 19.31
N VAL QA 177 95.52 58.62 18.05
CA VAL QA 177 94.62 59.58 17.41
C VAL QA 177 93.85 58.82 16.35
N TRP QA 178 92.70 59.37 15.97
CA TRP QA 178 91.81 58.71 15.03
C TRP QA 178 91.90 59.37 13.67
N PRO QA 179 92.57 58.78 12.68
CA PRO QA 179 92.54 59.35 11.34
C PRO QA 179 91.21 59.05 10.67
N VAL QA 180 90.76 59.97 9.83
CA VAL QA 180 89.57 59.65 9.07
C VAL QA 180 89.93 58.75 7.90
N SER QA 181 91.18 58.85 7.41
CA SER QA 181 91.63 57.99 6.33
C SER QA 181 91.71 56.53 6.77
N SER QA 182 91.73 56.28 8.07
CA SER QA 182 91.81 54.94 8.62
C SER QA 182 90.45 54.38 9.00
N MET QA 183 89.37 55.08 8.67
CA MET QA 183 88.07 54.84 9.32
C MET QA 183 87.60 53.40 9.19
N ARG QA 184 87.63 52.84 7.98
CA ARG QA 184 86.94 51.58 7.78
C ARG QA 184 87.69 50.36 8.31
N GLU QA 185 89.01 50.39 8.39
CA GLU QA 185 89.68 49.36 9.18
C GLU QA 185 89.66 49.86 10.59
N LEU QA 186 89.21 49.05 11.53
CA LEU QA 186 88.76 49.63 12.78
C LEU QA 186 89.98 49.65 13.68
N ASP QA 187 90.63 50.81 13.73
CA ASP QA 187 91.71 51.09 14.65
C ASP QA 187 91.33 52.00 15.80
N TYR QA 188 90.10 52.50 15.85
CA TYR QA 188 89.83 53.57 16.79
C TYR QA 188 89.69 52.97 18.17
N VAL QA 189 90.57 53.34 19.07
CA VAL QA 189 90.67 52.75 20.39
C VAL QA 189 90.31 53.82 21.41
N ALA QA 190 89.26 53.55 22.16
CA ALA QA 190 88.88 54.36 23.30
C ALA QA 190 89.25 53.61 24.57
N SER QA 191 89.63 54.36 25.59
CA SER QA 191 89.86 53.78 26.90
C SER QA 191 88.78 54.34 27.81
N THR QA 192 87.84 53.49 28.20
CA THR QA 192 86.75 53.91 29.07
C THR QA 192 87.21 53.81 30.50
N VAL QA 193 87.23 54.93 31.21
CA VAL QA 193 87.83 55.02 32.53
C VAL QA 193 86.95 55.88 33.42
N SER QA 194 86.67 55.40 34.62
CA SER QA 194 86.01 56.19 35.65
C SER QA 194 87.07 57.06 36.31
N GLY QA 195 86.76 57.68 37.43
CA GLY QA 195 87.77 58.56 37.98
C GLY QA 195 89.07 57.87 38.33
N ASP QA 196 89.03 56.90 39.24
CA ASP QA 196 90.16 56.01 39.46
C ASP QA 196 90.01 54.65 38.79
N ASN QA 197 88.88 54.39 38.15
CA ASN QA 197 88.51 53.03 37.77
C ASN QA 197 88.61 52.85 36.26
N ALA QA 198 89.31 51.81 35.84
CA ALA QA 198 89.30 51.41 34.44
C ALA QA 198 88.06 50.56 34.18
N ILE QA 199 87.22 51.02 33.26
CA ILE QA 199 85.98 50.33 32.95
C ILE QA 199 86.26 49.21 31.97
N ILE QA 200 85.81 48.01 32.28
CA ILE QA 200 85.77 46.93 31.30
C ILE QA 200 84.53 47.20 30.44
N PRO QA 201 84.68 47.45 29.13
CA PRO QA 201 83.55 47.94 28.34
C PRO QA 201 82.36 47.01 28.33
N SER QA 202 82.59 45.69 28.25
CA SER QA 202 81.49 44.75 28.20
C SER QA 202 80.60 44.80 29.42
N THR QA 203 81.10 45.30 30.54
CA THR QA 203 80.33 45.26 31.77
C THR QA 203 79.27 46.35 31.84
N ILE QA 204 79.59 47.54 31.32
CA ILE QA 204 78.62 48.64 31.38
C ILE QA 204 77.60 48.55 30.26
N PHE QA 205 78.01 48.12 29.07
CA PHE QA 205 77.15 48.20 27.90
C PHE QA 205 76.01 47.20 27.98
N ASN QA 206 74.96 47.49 27.23
CA ASN QA 206 73.72 46.75 27.37
C ASN QA 206 73.77 45.43 26.59
N LYS QA 207 73.71 45.51 25.27
CA LYS QA 207 73.84 44.32 24.45
C LYS QA 207 75.32 44.06 24.22
N ASN QA 208 75.78 42.89 24.67
CA ASN QA 208 77.14 42.44 24.47
C ASN QA 208 77.08 41.06 23.86
N ARG QA 209 77.53 40.94 22.62
CA ARG QA 209 77.57 39.67 21.92
C ARG QA 209 78.98 39.11 22.03
N TYR QA 210 79.11 37.90 22.56
CA TYR QA 210 80.41 37.26 22.60
C TYR QA 210 80.50 36.40 21.35
N TRP QA 211 81.35 36.83 20.42
CA TRP QA 211 81.33 36.30 19.06
C TRP QA 211 82.62 35.55 18.84
N LYS QA 212 82.49 34.26 18.58
CA LYS QA 212 83.61 33.34 18.54
C LYS QA 212 83.95 32.99 17.10
N GLN QA 213 84.96 32.14 16.96
CA GLN QA 213 85.35 31.64 15.66
C GLN QA 213 84.36 30.59 15.21
N GLY QA 214 83.75 30.79 14.05
CA GLY QA 214 82.74 29.91 13.54
C GLY QA 214 81.32 30.40 13.73
N ASP QA 215 81.11 31.40 14.58
CA ASP QA 215 79.78 31.97 14.75
C ASP QA 215 79.32 32.63 13.46
N ASP QA 216 78.01 32.75 13.32
CA ASP QA 216 77.44 33.38 12.16
C ASP QA 216 77.80 34.86 12.14
N ALA QA 217 77.72 35.45 10.96
CA ALA QA 217 78.05 36.86 10.81
C ALA QA 217 77.12 37.72 11.65
N LEU QA 218 77.65 38.85 12.10
CA LEU QA 218 76.90 39.79 12.91
C LEU QA 218 76.39 40.91 12.02
N HIS QA 219 75.08 41.04 11.90
CA HIS QA 219 74.45 41.99 11.00
C HIS QA 219 73.84 43.12 11.82
N PHE QA 220 74.18 44.35 11.47
CA PHE QA 220 73.65 45.50 12.17
C PHE QA 220 73.13 46.49 11.16
N SER QA 221 71.95 47.03 11.41
CA SER QA 221 71.27 47.89 10.46
C SER QA 221 70.61 49.03 11.20
N HIS QA 222 70.42 50.14 10.49
CA HIS QA 222 69.66 51.26 11.01
C HIS QA 222 68.80 51.81 9.89
N ASP QA 223 67.50 51.94 10.14
CA ASP QA 223 66.59 52.51 9.16
C ASP QA 223 66.41 53.98 9.44
N LEU QA 224 66.54 54.80 8.41
CA LEU QA 224 66.27 56.23 8.50
C LEU QA 224 64.96 56.53 7.79
N ASP QA 225 64.04 57.17 8.48
CA ASP QA 225 62.86 57.75 7.85
C ASP QA 225 62.97 59.25 8.03
N LEU QA 226 63.27 59.94 6.94
CA LEU QA 226 63.41 61.39 6.93
C LEU QA 226 62.22 61.96 6.18
N GLY QA 227 61.74 63.10 6.64
CA GLY QA 227 60.73 63.75 5.85
C GLY QA 227 61.27 64.65 4.78
N PHE QA 228 62.59 64.71 4.63
CA PHE QA 228 63.22 65.68 3.76
C PHE QA 228 64.37 65.00 3.04
N TRP QA 229 65.10 65.80 2.28
CA TRP QA 229 66.13 65.34 1.37
C TRP QA 229 67.36 66.20 1.57
N PHE QA 230 68.48 65.75 1.01
CA PHE QA 230 69.72 66.50 1.10
C PHE QA 230 70.19 66.90 -0.28
N GLY QA 231 70.65 68.14 -0.41
CA GLY QA 231 71.13 68.62 -1.68
C GLY QA 231 72.63 68.73 -1.81
N SER QA 232 73.35 68.56 -0.70
CA SER QA 232 74.79 68.73 -0.68
C SER QA 232 75.45 67.43 -0.26
N ASP QA 233 76.78 67.43 -0.23
CA ASP QA 233 77.50 66.26 0.23
C ASP QA 233 77.45 66.18 1.75
N TYR QA 234 77.58 64.96 2.28
CA TYR QA 234 77.58 64.80 3.72
C TYR QA 234 78.80 65.46 4.35
N GLY QA 235 79.98 65.25 3.79
CA GLY QA 235 81.12 66.02 4.25
C GLY QA 235 81.47 65.78 5.69
N ASN QA 236 81.75 64.52 6.04
CA ASN QA 236 82.02 64.06 7.41
C ASN QA 236 80.95 64.51 8.39
N ALA QA 237 79.71 64.22 8.01
CA ALA QA 237 78.56 64.36 8.88
C ALA QA 237 78.13 63.01 9.41
N TYR QA 238 77.64 62.97 10.64
CA TYR QA 238 76.98 61.76 11.10
C TYR QA 238 75.79 61.48 10.21
N VAL QA 239 75.59 60.21 9.90
CA VAL QA 239 74.34 59.85 9.20
C VAL QA 239 73.15 60.29 10.04
N PRO QA 240 72.15 60.93 9.45
CA PRO QA 240 71.23 61.78 10.22
C PRO QA 240 70.60 61.09 11.42
N GLN QA 241 70.61 61.79 12.54
CA GLN QA 241 70.12 61.30 13.80
C GLN QA 241 69.49 62.46 14.55
N ASN QA 242 68.49 62.16 15.36
CA ASN QA 242 67.89 63.14 16.25
C ASN QA 242 68.21 62.71 17.67
N ASN QA 243 69.04 63.48 18.36
CA ASN QA 243 69.50 63.04 19.67
C ASN QA 243 69.77 64.22 20.57
N ASP QA 244 70.18 63.90 21.79
CA ASP QA 244 70.75 64.89 22.69
C ASP QA 244 72.02 65.48 22.12
N SER QA 245 72.80 64.68 21.41
CA SER QA 245 74.04 65.17 20.82
C SER QA 245 73.84 65.87 19.49
N MET QA 246 72.86 65.46 18.69
CA MET QA 246 72.83 65.94 17.32
C MET QA 246 71.43 65.87 16.74
N ASN QA 247 71.22 66.64 15.69
CA ASN QA 247 69.96 66.66 14.96
C ASN QA 247 70.20 66.40 13.48
N ALA QA 248 69.15 65.93 12.81
CA ALA QA 248 69.29 65.38 11.47
C ALA QA 248 69.38 66.45 10.41
N VAL QA 249 68.77 67.61 10.63
CA VAL QA 249 68.68 68.67 9.63
C VAL QA 249 69.70 69.74 9.98
N GLY QA 250 70.44 70.20 8.96
CA GLY QA 250 71.61 71.03 9.22
C GLY QA 250 71.50 72.52 9.01
N THR QA 251 70.45 72.97 8.35
CA THR QA 251 70.31 74.39 8.06
C THR QA 251 69.65 75.10 9.22
N ILE QA 252 70.19 76.26 9.56
CA ILE QA 252 69.54 77.12 10.56
C ILE QA 252 68.25 77.65 9.93
N PRO QA 253 67.10 77.37 10.52
CA PRO QA 253 65.86 77.95 10.00
C PRO QA 253 65.83 79.46 10.18
N THR QA 254 65.13 80.12 9.26
CA THR QA 254 65.18 81.57 9.15
C THR QA 254 63.76 82.14 9.19
N SER QA 255 63.70 83.45 9.39
CA SER QA 255 62.51 84.10 9.95
C SER QA 255 61.32 84.12 8.98
N LYS QA 256 60.13 84.14 9.58
CA LYS QA 256 58.88 84.51 8.90
C LYS QA 256 58.51 83.54 7.79
N HIS QA 257 58.76 82.26 8.01
CA HIS QA 257 58.26 81.21 7.11
C HIS QA 257 58.49 79.88 7.79
N ILE QA 258 58.13 78.81 7.08
CA ILE QA 258 58.11 77.47 7.62
C ILE QA 258 59.39 76.76 7.20
N ASN QA 259 59.94 75.95 8.10
CA ASN QA 259 61.21 75.30 7.88
C ASN QA 259 61.11 73.86 8.36
N VAL QA 260 61.84 72.97 7.70
CA VAL QA 260 61.84 71.58 8.13
C VAL QA 260 62.71 71.45 9.38
N ARG QA 261 62.15 70.83 10.41
CA ARG QA 261 62.74 70.76 11.73
C ARG QA 261 62.83 69.31 12.16
N GLY QA 262 63.94 68.92 12.74
CA GLY QA 262 64.07 67.58 13.26
C GLY QA 262 63.12 67.34 14.42
N VAL QA 263 62.70 66.09 14.55
CA VAL QA 263 61.75 65.71 15.60
C VAL QA 263 61.94 64.23 15.88
N ASN QA 264 61.54 63.80 17.07
CA ASN QA 264 61.25 62.41 17.46
C ASN QA 264 62.38 61.50 17.94
N ASN QA 265 63.65 61.90 17.97
CA ASN QA 265 64.68 61.02 18.54
C ASN QA 265 64.76 59.68 17.83
N ARG QA 266 65.32 59.70 16.63
CA ARG QA 266 65.88 58.52 16.02
C ARG QA 266 67.39 58.65 16.08
N GLY QA 267 68.06 57.62 16.61
CA GLY QA 267 69.50 57.68 16.74
C GLY QA 267 70.09 56.29 16.68
N MET QA 268 71.42 56.23 16.66
CA MET QA 268 72.12 54.95 16.58
C MET QA 268 72.90 54.64 17.86
N ALA QA 269 72.88 53.38 18.26
CA ALA QA 269 73.58 52.93 19.46
C ALA QA 269 75.08 52.86 19.19
N GLY QA 270 75.88 53.28 20.16
CA GLY QA 270 77.32 53.26 20.03
C GLY QA 270 77.91 51.86 20.03
N HIS QA 271 78.10 51.30 18.84
CA HIS QA 271 78.67 49.97 18.71
C HIS QA 271 80.14 49.99 19.12
N TYR QA 272 80.63 48.89 19.66
CA TYR QA 272 82.02 48.84 20.09
C TYR QA 272 82.52 47.40 20.01
N LEU QA 273 83.85 47.26 19.97
CA LEU QA 273 84.49 45.96 19.96
C LEU QA 273 85.53 45.92 21.05
N SER QA 274 85.58 44.81 21.77
CA SER QA 274 86.51 44.66 22.88
C SER QA 274 86.77 43.17 23.10
N PHE QA 275 87.81 42.90 23.85
CA PHE QA 275 88.12 41.51 24.17
C PHE QA 275 87.96 41.28 25.65
N PRO QA 276 87.58 40.08 26.07
CA PRO QA 276 87.42 39.80 27.47
C PRO QA 276 88.76 39.83 28.18
N PRO QA 277 88.82 40.37 29.39
CA PRO QA 277 90.07 40.29 30.14
C PRO QA 277 90.43 38.85 30.45
N ILE QA 278 91.64 38.46 30.11
CA ILE QA 278 92.16 37.15 30.43
C ILE QA 278 93.54 37.35 31.01
N ARG QA 279 93.72 37.01 32.28
CA ARG QA 279 95.02 37.20 32.90
C ARG QA 279 95.99 36.11 32.46
N THR QA 280 97.25 36.50 32.38
CA THR QA 280 98.33 35.60 32.03
C THR QA 280 99.37 35.62 33.13
N ASN QA 281 100.46 34.88 32.91
CA ASN QA 281 101.62 35.00 33.77
C ASN QA 281 102.10 36.44 33.86
N ASP QA 282 101.99 37.18 32.74
CA ASP QA 282 102.32 38.60 32.72
C ASP QA 282 101.20 39.37 32.02
N GLY QA 283 100.55 40.26 32.75
CA GLY QA 283 99.58 41.13 32.12
C GLY QA 283 98.35 40.38 31.64
N GLN QA 284 97.90 40.74 30.44
CA GLN QA 284 96.64 40.26 29.89
C GLN QA 284 96.90 39.40 28.68
N PHE QA 285 95.97 38.49 28.41
CA PHE QA 285 96.09 37.62 27.27
C PHE QA 285 96.03 38.45 26.01
N LYS QA 286 96.87 38.14 25.04
CA LYS QA 286 96.93 38.95 23.84
C LYS QA 286 96.00 38.32 22.82
N LEU QA 287 94.87 38.97 22.57
CA LEU QA 287 93.93 38.53 21.56
C LEU QA 287 93.97 39.50 20.40
N ASN QA 288 94.04 38.94 19.21
CA ASN QA 288 94.03 39.69 17.98
C ASN QA 288 92.86 39.14 17.18
N ALA QA 289 92.19 40.00 16.43
CA ALA QA 289 91.01 39.56 15.71
C ALA QA 289 91.12 39.97 14.24
N GLN QA 290 90.63 39.10 13.37
CA GLN QA 290 90.32 39.46 12.00
C GLN QA 290 88.85 39.20 11.75
N PHE QA 291 88.23 40.05 10.95
CA PHE QA 291 86.91 39.77 10.41
C PHE QA 291 86.74 40.62 9.17
N THR QA 292 85.76 40.25 8.36
CA THR QA 292 85.42 41.03 7.18
C THR QA 292 84.34 42.03 7.54
N LEU QA 293 84.50 43.26 7.07
CA LEU QA 293 83.53 44.32 7.29
C LEU QA 293 82.81 44.57 5.98
N GLU QA 294 81.54 44.22 5.91
CA GLU QA 294 80.69 44.55 4.78
C GLU QA 294 79.72 45.62 5.23
N THR QA 295 79.85 46.82 4.69
CA THR QA 295 78.94 47.90 4.98
C THR QA 295 78.06 48.15 3.77
N GLU QA 296 76.82 48.55 4.02
CA GLU QA 296 75.90 48.92 2.97
C GLU QA 296 75.11 50.15 3.41
N ILE QA 297 75.04 51.14 2.54
CA ILE QA 297 74.19 52.30 2.75
C ILE QA 297 73.31 52.44 1.54
N GLU QA 298 72.01 52.58 1.76
CA GLU QA 298 71.02 52.59 0.69
C GLU QA 298 70.51 54.00 0.53
N PHE QA 299 70.86 54.65 -0.56
CA PHE QA 299 70.37 55.99 -0.83
C PHE QA 299 69.12 55.98 -1.68
N GLU QA 300 68.21 56.90 -1.39
CA GLU QA 300 67.19 57.32 -2.32
C GLU QA 300 67.62 58.63 -2.93
N PHE QA 301 67.35 58.80 -4.22
CA PHE QA 301 67.65 60.08 -4.85
C PHE QA 301 66.50 60.45 -5.78
N ARG QA 302 66.53 61.69 -6.22
CA ARG QA 302 65.40 62.30 -6.92
C ARG QA 302 65.94 63.27 -7.94
N LEU QA 303 65.27 63.36 -9.08
CA LEU QA 303 65.84 64.05 -10.22
C LEU QA 303 65.25 65.44 -10.39
N TRP QA 304 65.70 66.12 -11.43
CA TRP QA 304 65.45 67.53 -11.68
C TRP QA 304 64.04 67.76 -12.22
N GLU QA 305 63.60 69.00 -12.11
CA GLU QA 305 62.27 69.39 -12.56
C GLU QA 305 62.13 69.24 -14.06
N GLN QA 306 60.99 68.72 -14.48
CA GLN QA 306 60.71 68.61 -15.91
C GLN QA 306 60.37 69.97 -16.50
N GLY QA 307 60.53 70.06 -17.80
CA GLY QA 307 60.18 71.27 -18.51
C GLY QA 307 61.33 72.21 -18.65
N VAL QA 308 61.02 73.43 -19.12
CA VAL QA 308 62.02 74.46 -19.25
C VAL QA 308 62.63 74.80 -17.89
N GLN QA 309 61.90 74.54 -16.81
CA GLN QA 309 62.44 74.78 -15.49
C GLN QA 309 63.72 74.00 -15.24
N GLY QA 310 63.85 72.83 -15.85
CA GLY QA 310 65.01 71.98 -15.68
C GLY QA 310 66.13 72.21 -16.67
N ILE QA 311 66.03 73.22 -17.52
CA ILE QA 311 67.11 73.54 -18.44
C ILE QA 311 68.27 74.15 -17.67
N ASN QA 312 69.49 73.70 -17.97
CA ASN QA 312 70.67 74.14 -17.21
C ASN QA 312 70.77 75.65 -17.16
N SER QA 313 70.60 76.32 -18.31
CA SER QA 313 70.84 77.76 -18.35
C SER QA 313 69.83 78.51 -17.51
N VAL QA 314 68.55 78.12 -17.56
CA VAL QA 314 67.51 78.84 -16.84
C VAL QA 314 67.19 78.20 -15.49
N HIS QA 315 67.81 77.07 -15.16
CA HIS QA 315 67.49 76.45 -13.88
C HIS QA 315 68.08 77.20 -12.70
N THR QA 316 69.12 78.01 -12.93
CA THR QA 316 69.70 78.77 -11.83
C THR QA 316 68.67 79.70 -11.21
N ASN QA 317 68.06 80.53 -12.03
CA ASN QA 317 67.08 81.50 -11.55
C ASN QA 317 65.63 81.00 -11.61
N LEU QA 318 65.35 79.88 -12.25
CA LEU QA 318 64.05 79.22 -12.11
C LEU QA 318 64.03 78.10 -11.08
N ASN QA 319 65.13 77.88 -10.38
CA ASN QA 319 65.13 76.89 -9.30
C ASN QA 319 64.06 77.26 -8.29
N PRO QA 320 63.24 76.30 -7.85
CA PRO QA 320 62.20 76.62 -6.87
C PRO QA 320 62.81 77.12 -5.57
N ALA QA 321 62.23 78.19 -5.03
CA ALA QA 321 62.66 78.65 -3.73
C ALA QA 321 62.15 77.76 -2.61
N ASN QA 322 61.22 76.86 -2.89
CA ASN QA 322 60.73 75.92 -1.91
C ASN QA 322 61.54 74.64 -1.87
N ASP QA 323 62.63 74.55 -2.62
CA ASP QA 323 63.61 73.52 -2.35
C ASP QA 323 64.00 73.53 -0.89
N SER QA 324 64.27 74.72 -0.35
CA SER QA 324 64.64 74.85 1.05
C SER QA 324 63.59 74.24 1.96
N LEU QA 325 62.39 74.06 1.45
CA LEU QA 325 61.34 73.44 2.26
C LEU QA 325 61.60 71.95 2.43
N TRP QA 326 61.78 71.22 1.33
CA TRP QA 326 62.09 69.80 1.39
C TRP QA 326 63.56 69.45 1.17
N ILE QA 327 64.45 70.38 0.83
CA ILE QA 327 65.86 70.00 0.64
C ILE QA 327 66.77 70.64 1.68
N GLN QA 328 67.43 69.84 2.50
CA GLN QA 328 67.86 70.34 3.80
C GLN QA 328 69.30 70.22 4.25
N SER QA 329 70.21 69.76 3.40
CA SER QA 329 71.63 69.55 3.75
C SER QA 329 71.89 68.47 4.84
N TYR QA 330 73.00 68.57 5.55
CA TYR QA 330 73.35 67.57 6.57
C TYR QA 330 73.36 68.17 7.97
N GLY QA 331 72.90 67.41 8.97
CA GLY QA 331 72.67 68.04 10.24
C GLY QA 331 73.87 68.34 11.10
N SER QA 332 74.65 67.31 11.41
CA SER QA 332 75.67 67.44 12.43
C SER QA 332 76.91 66.69 11.99
N LEU QA 333 78.06 67.31 12.22
CA LEU QA 333 79.32 66.83 11.70
C LEU QA 333 80.09 66.13 12.81
N VAL QA 334 80.84 65.09 12.45
CA VAL QA 334 81.84 64.61 13.37
C VAL QA 334 82.86 65.72 13.55
N SER QA 335 83.57 65.69 14.67
CA SER QA 335 84.50 66.76 14.99
C SER QA 335 85.85 66.38 14.42
N ILE QA 336 86.29 67.11 13.40
CA ILE QA 336 87.49 66.80 12.65
C ILE QA 336 88.41 68.00 12.72
N THR QA 337 89.57 67.83 13.34
CA THR QA 337 90.66 68.76 13.16
C THR QA 337 91.69 68.07 12.29
N GLU QA 338 92.26 68.81 11.34
CA GLU QA 338 93.13 68.24 10.32
C GLU QA 338 92.36 67.10 9.66
N SER QA 339 92.95 65.93 9.48
CA SER QA 339 92.25 64.76 8.99
C SER QA 339 91.76 63.85 10.11
N LYS QA 340 91.93 64.26 11.36
CA LYS QA 340 91.83 63.36 12.50
C LYS QA 340 90.56 63.61 13.29
N ILE QA 341 89.86 62.54 13.64
CA ILE QA 341 88.62 62.66 14.39
C ILE QA 341 88.93 63.04 15.83
N ASN QA 342 88.28 64.08 16.33
CA ASN QA 342 88.49 64.49 17.71
C ASN QA 342 87.71 63.62 18.68
N ASN QA 343 86.47 63.31 18.36
CA ASN QA 343 85.60 62.53 19.22
C ASN QA 343 84.50 61.94 18.35
N ILE QA 344 83.83 60.93 18.89
CA ILE QA 344 82.65 60.38 18.25
C ILE QA 344 81.50 60.41 19.24
N GLN QA 345 80.38 60.95 18.81
CA GLN QA 345 79.16 61.00 19.58
C GLN QA 345 78.22 59.91 19.08
N PHE QA 346 77.48 59.28 19.98
CA PHE QA 346 76.59 58.21 19.55
C PHE QA 346 75.12 58.56 19.68
N GLY QA 347 74.62 58.77 20.89
CA GLY QA 347 73.23 59.13 21.07
C GLY QA 347 72.16 58.31 20.37
N PRO QA 348 71.88 57.13 20.92
CA PRO QA 348 70.92 56.15 20.43
C PRO QA 348 69.48 56.55 20.66
N THR QA 349 68.53 55.85 20.07
CA THR QA 349 67.14 56.16 20.33
C THR QA 349 67.02 55.50 21.66
N CYS QA 350 67.00 56.28 22.73
CA CYS QA 350 66.98 55.66 24.04
C CYS QA 350 65.61 55.12 24.35
N PRO QA 351 65.58 53.96 24.99
CA PRO QA 351 64.34 53.25 25.31
C PRO QA 351 63.49 53.93 26.35
N ARG QA 352 64.05 54.84 27.14
CA ARG QA 352 63.27 55.50 28.18
C ARG QA 352 62.58 56.77 27.71
N VAL QA 353 62.87 57.24 26.50
CA VAL QA 353 62.00 58.23 25.89
C VAL QA 353 60.64 57.61 25.61
N ASP QA 354 59.59 58.40 25.77
CA ASP QA 354 58.24 57.94 25.52
C ASP QA 354 58.15 57.34 24.12
N ALA QA 355 57.54 56.16 24.03
CA ALA QA 355 57.42 55.49 22.74
C ALA QA 355 56.68 56.34 21.73
N ARG QA 356 55.88 57.30 22.17
CA ARG QA 356 55.18 58.18 21.25
C ARG QA 356 56.13 59.16 20.60
N ASN QA 357 57.24 59.47 21.27
CA ASN QA 357 58.26 60.31 20.66
C ASN QA 357 59.15 59.53 19.70
N LYS QA 358 59.34 58.25 19.91
CA LYS QA 358 60.37 57.50 19.22
C LYS QA 358 59.94 57.04 17.83
N GLY QA 359 58.77 57.43 17.36
CA GLY QA 359 58.22 56.86 16.15
C GLY QA 359 58.92 57.28 14.87
N GLY QA 360 58.25 57.06 13.74
CA GLY QA 360 58.91 57.00 12.46
C GLY QA 360 59.58 58.24 11.88
N LYS QA 361 58.84 59.32 11.73
CA LYS QA 361 59.27 60.42 10.88
C LYS QA 361 60.25 61.33 11.61
N MET QA 362 61.41 61.55 11.01
CA MET QA 362 62.47 62.31 11.68
C MET QA 362 62.42 63.79 11.45
N SER QA 363 61.44 64.31 10.74
CA SER QA 363 61.39 65.75 10.57
C SER QA 363 59.95 66.20 10.50
N MET QA 364 59.75 67.47 10.79
CA MET QA 364 58.46 68.10 10.69
C MET QA 364 58.66 69.44 10.03
N LEU QA 365 57.63 69.93 9.37
CA LEU QA 365 57.72 71.18 8.63
C LEU QA 365 57.04 72.22 9.50
N PHE QA 366 57.87 72.98 10.20
CA PHE QA 366 57.44 73.91 11.24
C PHE QA 366 58.02 75.30 11.05
N ASP QA 367 57.19 76.31 11.28
CA ASP QA 367 57.58 77.70 11.09
C ASP QA 367 58.55 78.28 12.11
N HIS QA 368 59.22 79.35 11.70
CA HIS QA 368 60.12 80.04 12.57
C HIS QA 368 59.77 81.52 12.55
N HIS QA 369 59.70 82.13 13.72
CA HIS QA 369 59.37 83.56 13.80
C HIS QA 369 60.60 84.40 14.10
N GLU RA 36 16.83 62.92 43.64
CA GLU RA 36 15.63 63.37 42.96
C GLU RA 36 15.66 64.90 42.85
N GLY RA 37 14.97 65.45 41.85
CA GLY RA 37 14.96 66.88 41.65
C GLY RA 37 16.13 67.34 40.80
N ASP RA 38 16.23 68.65 40.64
CA ASP RA 38 17.30 69.24 39.86
C ASP RA 38 18.56 69.45 40.67
N GLY RA 39 18.57 69.07 41.94
CA GLY RA 39 19.73 69.21 42.80
C GLY RA 39 19.60 70.29 43.83
N SER RA 40 18.62 71.17 43.67
CA SER RA 40 18.41 72.30 44.55
C SER RA 40 18.11 71.96 45.99
N ALA RA 41 17.88 70.68 46.27
CA ALA RA 41 17.56 70.21 47.61
C ALA RA 41 18.75 70.21 48.54
N PRO RA 42 18.52 70.11 49.84
CA PRO RA 42 19.68 70.13 50.73
C PRO RA 42 20.67 68.97 50.53
N GLY RA 43 20.24 67.76 50.23
CA GLY RA 43 21.19 66.67 50.07
C GLY RA 43 21.26 66.02 48.69
N GLY RA 44 22.38 65.35 48.38
CA GLY RA 44 22.53 64.71 47.08
C GLY RA 44 23.45 65.45 46.13
N SER RA 45 23.02 65.64 44.88
CA SER RA 45 23.81 66.32 43.88
C SER RA 45 23.73 67.85 43.93
N VAL RA 46 24.76 68.52 43.45
CA VAL RA 46 24.90 69.98 43.45
C VAL RA 46 24.12 70.62 42.32
N TRP RA 47 23.30 71.60 42.65
CA TRP RA 47 22.60 72.32 41.62
C TRP RA 47 23.67 73.16 40.99
N GLN RA 48 23.81 73.11 39.68
CA GLN RA 48 24.85 73.89 39.04
C GLN RA 48 24.28 74.69 37.89
N THR RA 49 24.92 75.83 37.64
CA THR RA 49 24.45 76.81 36.69
C THR RA 49 24.65 76.35 35.26
N THR RA 50 23.94 77.00 34.34
CA THR RA 50 23.97 76.64 32.93
C THR RA 50 25.36 76.83 32.33
N ASP RA 51 25.61 76.12 31.25
CA ASP RA 51 26.90 76.10 30.60
C ASP RA 51 27.06 77.32 29.70
N TYR RA 52 28.13 78.08 29.91
CA TYR RA 52 28.45 79.20 29.04
C TYR RA 52 29.39 78.85 27.89
N ILE RA 53 29.95 77.65 27.85
CA ILE RA 53 30.86 77.30 26.76
C ILE RA 53 30.09 77.10 25.47
N ALA RA 54 29.00 76.33 25.52
CA ALA RA 54 28.35 75.84 24.32
C ALA RA 54 28.08 76.96 23.32
N LEU RA 55 27.66 78.12 23.80
CA LEU RA 55 27.39 79.23 22.89
C LEU RA 55 28.64 79.99 22.48
N SER RA 56 29.72 79.89 23.25
CA SER RA 56 30.95 80.55 22.81
C SER RA 56 31.70 79.73 21.77
N MET RA 57 31.45 78.42 21.71
CA MET RA 57 32.13 77.58 20.74
C MET RA 57 31.39 77.41 19.44
N VAL RA 58 30.15 77.87 19.33
CA VAL RA 58 29.39 77.64 18.11
C VAL RA 58 30.04 78.43 16.98
N VAL RA 59 30.32 77.73 15.88
CA VAL RA 59 31.00 78.31 14.73
C VAL RA 59 29.94 78.69 13.70
N TYR RA 60 29.89 79.96 13.35
CA TYR RA 60 28.99 80.45 12.33
C TYR RA 60 29.78 80.65 11.05
N ARG RA 61 29.13 80.41 9.93
CA ARG RA 61 29.83 80.26 8.66
C ARG RA 61 29.18 81.15 7.62
N THR RA 62 29.94 82.10 7.09
CA THR RA 62 29.43 83.01 6.07
C THR RA 62 30.34 83.01 4.86
N ALA RA 63 30.06 83.89 3.89
CA ALA RA 63 30.89 83.99 2.71
C ALA RA 63 30.73 85.36 2.10
N ILE RA 64 31.70 85.74 1.26
CA ILE RA 64 31.65 86.98 0.50
C ILE RA 64 31.85 86.62 -0.96
N LYS RA 65 30.85 86.89 -1.78
CA LYS RA 65 30.88 86.60 -3.21
C LYS RA 65 30.84 87.90 -3.97
N LEU RA 66 31.69 88.02 -4.98
CA LEU RA 66 31.80 89.24 -5.77
C LEU RA 66 32.05 88.86 -7.23
N ARG RA 67 31.43 89.60 -8.14
CA ARG RA 67 31.64 89.43 -9.56
C ARG RA 67 32.31 90.66 -10.16
N ASN RA 68 33.02 90.43 -11.25
CA ASN RA 68 33.83 91.43 -11.88
C ASN RA 68 33.95 91.05 -13.34
N PHE RA 69 34.18 92.04 -14.19
CA PHE RA 69 34.56 91.81 -15.57
C PHE RA 69 36.02 92.18 -15.73
N VAL RA 70 36.80 91.29 -16.32
CA VAL RA 70 38.23 91.49 -16.50
C VAL RA 70 38.47 91.70 -17.98
N ASN RA 71 39.22 92.75 -18.30
CA ASN RA 71 39.65 93.04 -19.66
C ASN RA 71 41.16 93.05 -19.68
N ILE RA 72 41.76 92.10 -20.40
CA ILE RA 72 43.20 91.97 -20.51
C ILE RA 72 43.58 92.38 -21.92
N ARG RA 73 44.30 93.50 -22.04
CA ARG RA 73 44.66 94.03 -23.34
C ARG RA 73 46.16 94.26 -23.41
N GLY RA 74 46.69 94.19 -24.64
CA GLY RA 74 48.07 94.55 -24.88
C GLY RA 74 49.07 93.71 -24.13
N LEU RA 75 48.78 92.43 -23.97
CA LEU RA 75 49.63 91.53 -23.20
C LEU RA 75 50.45 90.71 -24.19
N THR RA 76 51.75 90.95 -24.25
CA THR RA 76 52.60 90.23 -25.18
C THR RA 76 52.89 88.83 -24.64
N PRO RA 77 53.36 87.92 -25.48
CA PRO RA 77 53.54 86.54 -25.02
C PRO RA 77 54.58 86.36 -23.94
N THR RA 78 55.52 87.29 -23.80
CA THR RA 78 56.50 87.19 -22.72
C THR RA 78 55.88 87.61 -21.40
N GLU RA 79 55.18 88.72 -21.39
CA GLU RA 79 54.54 89.22 -20.18
C GLU RA 79 53.28 88.41 -19.86
N MET RA 80 52.86 88.48 -18.61
CA MET RA 80 51.90 87.55 -18.05
C MET RA 80 51.11 88.22 -16.95
N ILE RA 81 49.82 87.90 -16.86
CA ILE RA 81 48.96 88.45 -15.81
C ILE RA 81 49.08 87.61 -14.56
N VAL RA 82 49.35 88.26 -13.45
CA VAL RA 82 49.46 87.61 -12.16
C VAL RA 82 48.09 87.65 -11.50
N ILE RA 83 47.54 86.49 -11.14
CA ILE RA 83 46.24 86.46 -10.49
C ILE RA 83 46.52 86.70 -9.02
N PRO RA 84 46.15 87.81 -8.46
CA PRO RA 84 46.41 88.05 -7.03
C PRO RA 84 45.46 87.24 -6.16
N TRP RA 85 45.42 85.93 -6.40
CA TRP RA 85 44.35 85.13 -5.83
C TRP RA 85 44.75 84.58 -4.46
N ASN RA 86 45.99 84.75 -4.07
CA ASN RA 86 46.45 84.35 -2.76
C ASN RA 86 46.49 85.49 -1.75
N VAL RA 87 46.07 86.69 -2.13
CA VAL RA 87 45.98 87.79 -1.20
C VAL RA 87 44.55 87.89 -0.70
N MET RA 88 44.40 88.11 0.60
CA MET RA 88 43.09 88.07 1.23
C MET RA 88 42.19 89.18 0.68
N ARG RA 89 42.78 90.34 0.41
CA ARG RA 89 42.02 91.50 -0.04
C ARG RA 89 41.39 91.29 -1.40
N PHE RA 90 41.85 90.30 -2.15
CA PHE RA 90 41.30 90.03 -3.47
C PHE RA 90 39.84 89.60 -3.38
N TYR RA 91 39.52 88.72 -2.43
CA TYR RA 91 38.20 88.12 -2.37
C TYR RA 91 37.18 89.01 -1.66
N CYS RA 92 37.56 89.58 -0.53
CA CYS RA 92 36.61 90.28 0.34
C CYS RA 92 36.61 91.78 0.18
N GLU RA 93 37.45 92.34 -0.68
CA GLU RA 93 37.41 93.75 -0.99
C GLU RA 93 37.37 93.91 -2.50
N TYR RA 94 36.52 94.81 -2.97
CA TYR RA 94 36.18 94.85 -4.39
C TYR RA 94 36.99 96.00 -4.98
N ASN RA 95 38.03 95.67 -5.72
CA ASN RA 95 38.86 96.71 -6.32
C ASN RA 95 38.67 96.61 -7.81
N THR RA 96 37.89 97.53 -8.35
CA THR RA 96 37.65 97.60 -9.78
C THR RA 96 37.48 99.06 -10.15
N GLY RA 97 38.18 99.53 -11.16
CA GLY RA 97 37.90 100.85 -11.68
C GLY RA 97 37.94 101.93 -10.62
N THR RA 98 36.83 102.66 -10.51
CA THR RA 98 36.73 103.77 -9.57
C THR RA 98 36.51 103.31 -8.13
N TYR RA 99 36.01 102.09 -7.93
CA TYR RA 99 35.71 101.63 -6.57
C TYR RA 99 36.91 101.73 -5.67
N GLY RA 100 38.03 101.10 -6.06
CA GLY RA 100 39.22 101.11 -5.25
C GLY RA 100 39.71 102.50 -4.89
N LEU RA 101 39.38 103.50 -5.69
CA LEU RA 101 39.73 104.87 -5.35
C LEU RA 101 38.83 105.41 -4.24
N SER RA 102 37.55 105.03 -4.25
CA SER RA 102 36.64 105.41 -3.18
C SER RA 102 36.95 104.62 -1.92
N GLY RA 103 36.50 105.15 -0.79
CA GLY RA 103 36.86 104.61 0.50
C GLY RA 103 35.98 103.47 0.97
N ASN RA 104 36.59 102.58 1.76
CA ASN RA 104 35.91 101.48 2.45
C ASN RA 104 35.07 100.67 1.47
N VAL RA 105 35.78 99.95 0.60
CA VAL RA 105 35.13 99.10 -0.39
C VAL RA 105 35.00 97.66 0.09
N HIS RA 106 35.39 97.39 1.34
CA HIS RA 106 35.19 96.07 1.90
C HIS RA 106 33.71 95.68 1.88
N HIS RA 107 33.46 94.40 1.69
CA HIS RA 107 32.10 93.90 1.76
C HIS RA 107 31.59 93.98 3.19
N LYS RA 108 30.29 94.23 3.35
CA LYS RA 108 29.77 94.49 4.68
C LYS RA 108 29.73 93.24 5.55
N ASN RA 109 29.69 92.05 4.96
CA ASN RA 109 29.87 90.86 5.78
C ASN RA 109 31.24 90.84 6.43
N TYR RA 110 32.24 91.42 5.78
CA TYR RA 110 33.55 91.42 6.41
C TYR RA 110 33.65 92.48 7.49
N SER RA 111 32.99 93.61 7.32
CA SER RA 111 33.04 94.66 8.32
C SER RA 111 32.51 94.16 9.66
N MET RA 112 31.52 93.27 9.64
CA MET RA 112 31.02 92.72 10.89
C MET RA 112 31.83 91.54 11.39
N LEU RA 113 32.61 90.88 10.53
CA LEU RA 113 33.53 89.86 11.05
C LEU RA 113 34.50 90.45 12.04
N LEU RA 114 34.68 91.76 12.00
CA LEU RA 114 35.44 92.47 13.02
C LEU RA 114 34.59 92.79 14.24
N ALA RA 115 33.27 92.65 14.15
CA ALA RA 115 32.40 92.81 15.31
C ALA RA 115 32.39 91.56 16.18
N CYS RA 116 32.35 90.38 15.57
CA CYS RA 116 32.50 89.14 16.32
C CYS RA 116 33.95 88.97 16.75
N LYS RA 117 34.17 88.14 17.77
CA LYS RA 117 35.49 88.15 18.37
C LYS RA 117 36.51 87.36 17.56
N ALA RA 118 36.08 86.41 16.76
CA ALA RA 118 36.99 85.58 15.99
C ALA RA 118 36.39 85.31 14.63
N HIS RA 119 37.23 85.33 13.61
CA HIS RA 119 36.82 84.89 12.29
C HIS RA 119 37.98 84.13 11.66
N ARG RA 120 37.63 83.22 10.76
CA ARG RA 120 38.64 82.45 10.10
C ARG RA 120 38.27 82.28 8.63
N PRO RA 121 39.25 82.41 7.73
CA PRO RA 121 38.94 82.49 6.30
C PRO RA 121 38.51 81.19 5.63
N THR RA 122 38.88 80.02 6.14
CA THR RA 122 38.53 78.73 5.54
C THR RA 122 38.71 78.71 4.02
N LYS RA 123 37.72 78.22 3.29
CA LYS RA 123 37.90 78.03 1.86
C LYS RA 123 37.92 79.36 1.12
N VAL RA 124 38.63 79.39 -0.01
CA VAL RA 124 38.72 80.57 -0.85
C VAL RA 124 38.86 80.10 -2.29
N GLY RA 125 38.28 80.85 -3.22
CA GLY RA 125 38.32 80.41 -4.60
C GLY RA 125 37.79 81.47 -5.54
N TYR RA 126 37.90 81.19 -6.84
CA TYR RA 126 37.42 82.12 -7.85
C TYR RA 126 37.10 81.37 -9.13
N THR RA 127 36.36 82.03 -10.01
CA THR RA 127 35.92 81.45 -11.26
C THR RA 127 36.17 82.42 -12.40
N LEU RA 128 36.75 81.92 -13.48
CA LEU RA 128 36.85 82.61 -14.75
C LEU RA 128 35.81 82.05 -15.70
N SER RA 129 35.05 82.92 -16.34
CA SER RA 129 33.90 82.45 -17.10
C SER RA 129 33.67 83.30 -18.33
N ASN RA 130 33.08 82.68 -19.34
CA ASN RA 130 32.62 83.35 -20.56
C ASN RA 130 33.69 84.25 -21.16
N LEU RA 131 34.71 83.58 -21.68
CA LEU RA 131 35.84 84.25 -22.27
C LEU RA 131 35.45 84.86 -23.61
N ILE RA 132 35.89 86.08 -23.83
CA ILE RA 132 35.74 86.78 -25.10
C ILE RA 132 37.11 87.27 -25.52
N LEU RA 133 37.61 86.74 -26.62
CA LEU RA 133 38.84 87.22 -27.23
C LEU RA 133 38.53 88.21 -28.34
N THR RA 134 39.30 89.27 -28.38
CA THR RA 134 39.20 90.27 -29.44
C THR RA 134 40.59 90.49 -30.00
N SER RA 135 40.66 91.14 -31.15
CA SER RA 135 41.92 91.35 -31.85
C SER RA 135 42.06 92.79 -32.25
N ASP RA 136 43.23 93.35 -31.99
CA ASP RA 136 43.61 94.67 -32.47
C ASP RA 136 44.27 94.62 -33.84
N GLU RA 137 44.30 93.44 -34.46
CA GLU RA 137 45.02 93.27 -35.73
C GLU RA 137 44.51 94.22 -36.79
N LEU RA 138 43.20 94.44 -36.84
CA LEU RA 138 42.66 95.39 -37.80
C LEU RA 138 42.89 96.84 -37.39
N VAL RA 139 43.27 97.07 -36.14
CA VAL RA 139 43.50 98.41 -35.64
C VAL RA 139 44.86 98.91 -36.14
N SER RA 140 44.90 100.17 -36.53
CA SER RA 140 46.13 100.84 -36.92
C SER RA 140 46.07 102.28 -36.44
N THR RA 141 47.23 102.94 -36.43
CA THR RA 141 47.27 104.32 -35.98
C THR RA 141 46.40 105.23 -36.84
N GLY RA 142 46.18 104.87 -38.10
CA GLY RA 142 45.23 105.61 -38.93
C GLY RA 142 43.81 105.47 -38.45
N GLY RA 143 43.49 104.35 -37.79
CA GLY RA 143 42.17 104.18 -37.21
C GLY RA 143 41.15 103.67 -38.21
N THR RA 144 39.91 104.10 -38.01
CA THR RA 144 38.74 103.79 -38.83
C THR RA 144 38.31 102.34 -38.70
N LEU RA 145 39.14 101.50 -38.09
CA LEU RA 145 38.78 100.13 -37.77
C LEU RA 145 39.21 99.84 -36.34
N GLY RA 146 38.25 99.39 -35.52
CA GLY RA 146 38.51 99.07 -34.14
C GLY RA 146 38.71 97.59 -33.93
N THR RA 147 38.96 97.22 -32.67
CA THR RA 147 39.14 95.83 -32.35
C THR RA 147 37.82 95.09 -32.50
N THR RA 148 37.92 93.78 -32.74
CA THR RA 148 36.72 92.98 -32.84
C THR RA 148 37.09 91.55 -32.47
N THR RA 149 36.08 90.78 -32.12
CA THR RA 149 36.29 89.40 -31.72
C THR RA 149 37.01 88.62 -32.81
N THR RA 150 37.82 87.65 -32.39
CA THR RA 150 38.63 86.89 -33.32
C THR RA 150 37.75 86.24 -34.38
N PHE RA 151 38.30 86.15 -35.60
CA PHE RA 151 37.53 85.64 -36.73
C PHE RA 151 37.05 84.23 -36.49
N ASN RA 152 37.87 83.41 -35.84
CA ASN RA 152 37.45 82.08 -35.43
C ASN RA 152 37.85 81.87 -33.98
N THR RA 153 37.33 80.80 -33.40
CA THR RA 153 37.47 80.53 -31.98
C THR RA 153 38.73 79.74 -31.64
N SER RA 154 39.59 79.48 -32.62
CA SER RA 154 40.84 78.79 -32.36
C SER RA 154 41.75 79.48 -31.34
N PRO RA 155 41.86 80.81 -31.28
CA PRO RA 155 42.75 81.40 -30.27
C PRO RA 155 42.27 81.11 -28.87
N TYR RA 156 43.18 81.28 -27.91
CA TYR RA 156 42.91 80.92 -26.54
C TYR RA 156 43.75 81.78 -25.61
N MET RA 157 43.31 81.83 -24.35
CA MET RA 157 44.08 82.45 -23.29
C MET RA 157 44.56 81.35 -22.35
N ILE RA 158 45.82 81.40 -21.99
CA ILE RA 158 46.45 80.33 -21.22
C ILE RA 158 46.30 80.66 -19.75
N HIS RA 159 45.68 79.77 -18.99
CA HIS RA 159 45.64 79.89 -17.55
C HIS RA 159 46.69 78.96 -16.98
N SER RA 160 47.70 79.53 -16.34
CA SER RA 160 48.84 78.77 -15.85
C SER RA 160 48.80 78.71 -14.33
N ILE RA 161 48.98 77.52 -13.79
CA ILE RA 161 49.13 77.30 -12.36
C ILE RA 161 50.54 76.81 -12.15
N ASP RA 162 51.34 77.53 -11.37
CA ASP RA 162 52.72 77.13 -11.20
C ASP RA 162 52.78 76.26 -9.96
N ASP RA 163 52.92 74.95 -10.18
CA ASP RA 163 52.99 73.99 -9.09
C ASP RA 163 54.40 73.85 -8.55
N GLN RA 164 55.37 73.84 -9.45
CA GLN RA 164 56.76 73.64 -9.10
C GLN RA 164 57.41 74.93 -8.62
N GLN RA 165 56.66 76.03 -8.60
CA GLN RA 165 57.15 77.33 -8.19
C GLN RA 165 58.36 77.75 -9.03
N CYS RA 166 58.16 77.74 -10.34
CA CYS RA 166 59.15 78.38 -11.22
C CYS RA 166 59.38 79.82 -10.80
N LEU RA 167 58.31 80.52 -10.45
CA LEU RA 167 58.38 81.90 -9.98
C LEU RA 167 58.03 81.90 -8.51
N SER RA 168 59.01 82.16 -7.67
CA SER RA 168 58.78 82.27 -6.23
C SER RA 168 58.16 83.62 -5.89
N LYS RA 169 58.71 84.67 -6.45
CA LYS RA 169 58.34 86.05 -6.14
C LYS RA 169 58.24 86.80 -7.45
N VAL RA 170 57.14 87.53 -7.62
CA VAL RA 170 56.79 88.11 -8.90
C VAL RA 170 56.74 89.62 -8.76
N TYR RA 171 57.37 90.32 -9.69
CA TYR RA 171 57.46 91.77 -9.68
C TYR RA 171 56.73 92.36 -10.87
N PRO RA 172 56.24 93.59 -10.76
CA PRO RA 172 55.65 94.25 -11.93
C PRO RA 172 56.71 94.54 -12.98
N LYS RA 173 56.24 94.81 -14.20
CA LYS RA 173 57.14 95.19 -15.27
C LYS RA 173 57.81 96.51 -14.96
N THR RA 174 58.96 96.73 -15.61
CA THR RA 174 59.80 97.88 -15.31
C THR RA 174 59.00 99.18 -15.32
N ASP RA 175 58.22 99.41 -16.37
CA ASP RA 175 57.50 100.67 -16.47
C ASP RA 175 56.25 100.68 -15.59
N THR RA 176 55.54 99.57 -15.52
CA THR RA 176 54.23 99.56 -14.88
C THR RA 176 54.38 99.44 -13.36
N VAL RA 177 53.24 99.45 -12.68
CA VAL RA 177 53.18 99.26 -11.24
C VAL RA 177 51.83 98.63 -10.93
N TRP RA 178 51.74 97.98 -9.78
CA TRP RA 178 50.53 97.26 -9.41
C TRP RA 178 49.78 98.03 -8.34
N PRO RA 179 48.68 98.70 -8.67
CA PRO RA 179 47.86 99.32 -7.63
C PRO RA 179 47.06 98.27 -6.89
N VAL RA 180 46.85 98.52 -5.59
CA VAL RA 180 45.96 97.60 -4.89
C VAL RA 180 44.52 97.94 -5.21
N SER RA 181 44.24 99.21 -5.53
CA SER RA 181 42.89 99.61 -5.93
C SER RA 181 42.45 98.97 -7.22
N SER RA 182 43.39 98.48 -8.02
CA SER RA 182 43.13 97.85 -9.29
C SER RA 182 43.05 96.34 -9.19
N MET RA 183 43.10 95.78 -7.99
CA MET RA 183 43.43 94.36 -7.81
C MET RA 183 42.50 93.44 -8.57
N ARG RA 184 41.18 93.63 -8.45
CA ARG RA 184 40.28 92.60 -8.96
C ARG RA 184 40.10 92.62 -10.47
N GLU RA 185 40.27 93.74 -11.14
CA GLU RA 185 40.38 93.66 -12.59
C GLU RA 185 41.85 93.39 -12.85
N LEU RA 186 42.15 92.37 -13.66
CA LEU RA 186 43.48 91.82 -13.56
C LEU RA 186 44.31 92.59 -14.56
N ASP RA 187 45.04 93.59 -14.05
CA ASP RA 187 46.02 94.33 -14.80
C ASP RA 187 47.46 93.98 -14.46
N TYR RA 188 47.70 93.10 -13.50
CA TYR RA 188 49.06 92.98 -12.99
C TYR RA 188 49.86 92.18 -13.98
N VAL RA 189 50.88 92.80 -14.56
CA VAL RA 189 51.66 92.22 -15.64
C VAL RA 189 53.07 92.00 -15.13
N ALA RA 190 53.48 90.75 -15.15
CA ALA RA 190 54.85 90.39 -14.87
C ALA RA 190 55.52 90.00 -16.18
N SER RA 191 56.81 90.29 -16.28
CA SER RA 191 57.59 89.84 -17.41
C SER RA 191 58.59 88.83 -16.87
N THR RA 192 58.39 87.57 -17.20
CA THR RA 192 59.28 86.50 -16.73
C THR RA 192 60.44 86.40 -17.69
N VAL RA 193 61.65 86.63 -17.19
CA VAL RA 193 62.83 86.76 -18.02
C VAL RA 193 63.99 86.05 -17.34
N SER RA 194 64.71 85.22 -18.10
CA SER RA 194 65.96 84.63 -17.65
C SER RA 194 67.06 85.68 -17.84
N GLY RA 195 68.32 85.29 -17.73
CA GLY RA 195 69.32 86.33 -17.82
C GLY RA 195 69.31 87.07 -19.14
N ASP RA 196 69.53 86.36 -20.26
CA ASP RA 196 69.30 86.92 -21.59
C ASP RA 196 67.98 86.48 -22.21
N ASN RA 197 67.23 85.61 -21.55
CA ASN RA 197 66.14 84.89 -22.20
C ASN RA 197 64.81 85.38 -21.70
N ALA RA 198 63.92 85.72 -22.63
CA ALA RA 198 62.53 86.00 -22.29
C ALA RA 198 61.78 84.69 -22.17
N ILE RA 199 61.21 84.44 -21.00
CA ILE RA 199 60.49 83.19 -20.75
C ILE RA 199 59.07 83.33 -21.27
N ILE RA 200 58.64 82.37 -22.08
CA ILE RA 200 57.23 82.23 -22.40
C ILE RA 200 56.58 81.53 -21.20
N PRO RA 201 55.66 82.19 -20.50
CA PRO RA 201 55.18 81.66 -19.22
C PRO RA 201 54.58 80.27 -19.31
N SER RA 202 53.81 79.98 -20.36
CA SER RA 202 53.18 78.68 -20.48
C SER RA 202 54.18 77.55 -20.55
N THR RA 203 55.43 77.81 -20.92
CA THR RA 203 56.37 76.72 -21.13
C THR RA 203 56.96 76.22 -19.82
N ILE RA 204 57.21 77.12 -18.87
CA ILE RA 204 57.80 76.70 -17.60
C ILE RA 204 56.76 76.14 -16.65
N PHE RA 205 55.55 76.71 -16.64
CA PHE RA 205 54.57 76.37 -15.62
C PHE RA 205 54.01 74.97 -15.82
N ASN RA 206 53.49 74.42 -14.75
CA ASN RA 206 53.11 73.02 -14.73
C ASN RA 206 51.74 72.80 -15.38
N LYS RA 207 50.68 73.20 -14.70
CA LYS RA 207 49.35 73.12 -15.28
C LYS RA 207 49.10 74.36 -16.10
N ASN RA 208 48.87 74.16 -17.39
CA ASN RA 208 48.54 75.23 -18.32
C ASN RA 208 47.26 74.83 -19.04
N ARG RA 209 46.20 75.57 -18.80
CA ARG RA 209 44.92 75.34 -19.43
C ARG RA 209 44.78 76.31 -20.60
N TYR RA 210 44.57 75.78 -21.80
CA TYR RA 210 44.33 76.64 -22.94
C TYR RA 210 42.82 76.79 -23.06
N TRP RA 211 42.34 77.97 -22.75
CA TRP RA 211 40.92 78.20 -22.52
C TRP RA 211 40.39 79.09 -23.62
N LYS RA 212 39.46 78.56 -24.39
CA LYS RA 212 38.99 79.18 -25.61
C LYS RA 212 37.62 79.80 -25.39
N GLN RA 213 37.10 80.38 -26.45
CA GLN RA 213 35.76 80.95 -26.44
C GLN RA 213 34.75 79.82 -26.52
N GLY RA 214 33.86 79.75 -25.54
CA GLY RA 214 32.89 78.69 -25.45
C GLY RA 214 33.22 77.61 -24.46
N ASP RA 215 34.47 77.54 -24.00
CA ASP RA 215 34.84 76.56 -23.00
C ASP RA 215 34.11 76.83 -21.70
N ASP RA 216 33.98 75.79 -20.89
CA ASP RA 216 33.32 75.92 -19.61
C ASP RA 216 34.14 76.82 -18.69
N ALA RA 217 33.47 77.35 -17.68
CA ALA RA 217 34.14 78.23 -16.74
C ALA RA 217 35.27 77.50 -16.02
N LEU RA 218 36.30 78.24 -15.65
CA LEU RA 218 37.44 77.71 -14.94
C LEU RA 218 37.29 77.99 -13.46
N HIS RA 219 37.17 76.95 -12.66
CA HIS RA 219 36.92 77.06 -11.23
C HIS RA 219 38.18 76.71 -10.46
N PHE RA 220 38.58 77.59 -9.56
CA PHE RA 220 39.78 77.36 -8.77
C PHE RA 220 39.43 77.62 -7.32
N SER RA 221 39.87 76.73 -6.44
CA SER RA 221 39.51 76.78 -5.04
C SER RA 221 40.72 76.42 -4.20
N HIS RA 222 40.72 76.91 -2.96
CA HIS RA 222 41.72 76.53 -1.99
C HIS RA 222 41.04 76.36 -0.65
N ASP RA 223 41.24 75.21 -0.01
CA ASP RA 223 40.68 74.96 1.30
C ASP RA 223 41.72 75.29 2.37
N LEU RA 224 41.32 76.05 3.36
CA LEU RA 224 42.15 76.34 4.51
C LEU RA 224 41.65 75.56 5.71
N ASP RA 225 42.52 74.79 6.33
CA ASP RA 225 42.25 74.20 7.62
C ASP RA 225 43.22 74.82 8.61
N LEU RA 226 42.71 75.70 9.46
CA LEU RA 226 43.51 76.38 10.46
C LEU RA 226 43.13 75.83 11.83
N GLY RA 227 44.11 75.71 12.70
CA GLY RA 227 43.75 75.34 14.04
C GLY RA 227 43.38 76.50 14.91
N PHE RA 228 43.38 77.71 14.36
CA PHE RA 228 43.23 78.90 15.16
C PHE RA 228 42.33 79.87 14.40
N TRP RA 229 42.18 81.06 14.98
CA TRP RA 229 41.22 82.05 14.53
C TRP RA 229 41.93 83.39 14.46
N PHE RA 230 41.30 84.36 13.82
CA PHE RA 230 41.87 85.70 13.71
C PHE RA 230 40.97 86.70 14.39
N GLY RA 231 41.57 87.63 15.13
CA GLY RA 231 40.80 88.63 15.82
C GLY RA 231 40.85 90.01 15.20
N SER RA 232 41.73 90.21 14.22
CA SER RA 232 41.92 91.51 13.61
C SER RA 232 41.60 91.44 12.13
N ASP RA 233 41.71 92.58 11.46
CA ASP RA 233 41.49 92.59 10.02
C ASP RA 233 42.71 92.04 9.30
N TYR RA 234 42.48 91.52 8.10
CA TYR RA 234 43.60 90.98 7.33
C TYR RA 234 44.56 92.08 6.93
N GLY RA 235 44.06 93.20 6.43
CA GLY RA 235 44.92 94.34 6.22
C GLY RA 235 46.02 94.08 5.21
N ASN RA 236 45.63 93.74 3.99
CA ASN RA 236 46.53 93.35 2.89
C ASN RA 236 47.52 92.27 3.33
N ALA RA 237 46.98 91.21 3.90
CA ALA RA 237 47.71 89.99 4.20
C ALA RA 237 47.38 88.94 3.16
N TYR RA 238 48.35 88.10 2.83
CA TYR RA 238 48.04 86.91 2.07
C TYR RA 238 47.06 86.05 2.85
N VAL RA 239 46.09 85.48 2.16
CA VAL RA 239 45.23 84.50 2.83
C VAL RA 239 46.10 83.37 3.37
N PRO RA 240 45.90 82.94 4.62
CA PRO RA 240 46.95 82.23 5.35
C PRO RA 240 47.53 81.03 4.61
N GLN RA 241 48.85 80.97 4.62
CA GLN RA 241 49.61 79.94 3.93
C GLN RA 241 50.82 79.60 4.78
N ASN RA 242 51.27 78.36 4.69
CA ASN RA 242 52.52 77.94 5.31
C ASN RA 242 53.48 77.60 4.19
N ASN RA 243 54.53 78.38 4.03
CA ASN RA 243 55.41 78.20 2.88
C ASN RA 243 56.82 78.60 3.21
N ASP RA 244 57.69 78.42 2.22
CA ASP RA 244 59.01 79.01 2.26
C ASP RA 244 58.95 80.53 2.33
N SER RA 245 57.96 81.12 1.66
CA SER RA 245 57.82 82.57 1.66
C SER RA 245 57.08 83.10 2.88
N MET RA 246 56.14 82.35 3.43
CA MET RA 246 55.25 82.96 4.42
C MET RA 246 54.65 81.90 5.33
N ASN RA 247 54.18 82.35 6.48
CA ASN RA 247 53.51 81.51 7.46
C ASN RA 247 52.14 82.09 7.82
N ALA RA 248 51.26 81.22 8.29
CA ALA RA 248 49.85 81.56 8.42
C ALA RA 248 49.57 82.41 9.65
N VAL RA 249 50.34 82.24 10.70
CA VAL RA 249 50.10 82.91 11.98
C VAL RA 249 51.04 84.09 12.10
N GLY RA 250 50.49 85.24 12.54
CA GLY RA 250 51.23 86.47 12.44
C GLY RA 250 51.87 87.03 13.69
N THR RA 251 51.51 86.51 14.86
CA THR RA 251 52.03 87.04 16.10
C THR RA 251 53.36 86.37 16.43
N ILE RA 252 54.32 87.17 16.87
CA ILE RA 252 55.57 86.64 17.38
C ILE RA 252 55.27 85.93 18.69
N PRO RA 253 55.52 84.63 18.81
CA PRO RA 253 55.34 83.95 20.08
C PRO RA 253 56.31 84.47 21.13
N THR RA 254 55.88 84.41 22.39
CA THR RA 254 56.59 85.04 23.48
C THR RA 254 56.84 84.04 24.60
N SER RA 255 57.73 84.42 25.52
CA SER RA 255 58.47 83.47 26.33
C SER RA 255 57.60 82.77 27.37
N LYS RA 256 58.04 81.56 27.71
CA LYS RA 256 57.60 80.84 28.92
C LYS RA 256 56.12 80.51 28.90
N HIS RA 257 55.61 80.14 27.72
CA HIS RA 257 54.26 79.60 27.60
C HIS RA 257 54.10 79.05 26.20
N ILE RA 258 52.90 78.56 25.92
CA ILE RA 258 52.60 77.85 24.68
C ILE RA 258 51.94 78.81 23.71
N ASN RA 259 52.29 78.68 22.44
CA ASN RA 259 51.82 79.60 21.41
C ASN RA 259 51.43 78.80 20.18
N VAL RA 260 50.43 79.28 19.45
CA VAL RA 260 50.03 78.61 18.23
C VAL RA 260 51.05 78.91 17.14
N ARG RA 261 51.53 77.85 16.49
CA ARG RA 261 52.62 77.91 15.56
C ARG RA 261 52.19 77.28 14.26
N GLY RA 262 52.53 77.92 13.14
CA GLY RA 262 52.23 77.33 11.85
C GLY RA 262 53.00 76.05 11.62
N VAL RA 263 52.41 75.15 10.85
CA VAL RA 263 53.00 73.85 10.58
C VAL RA 263 52.43 73.35 9.26
N ASN RA 264 53.16 72.45 8.61
CA ASN RA 264 52.72 71.53 7.55
C ASN RA 264 52.67 71.99 6.09
N ASN RA 265 53.00 73.23 5.74
CA ASN RA 265 53.06 73.60 4.33
C ASN RA 265 51.72 73.38 3.61
N ARG RA 266 50.78 74.26 3.90
CA ARG RA 266 49.65 74.48 3.01
C ARG RA 266 49.87 75.81 2.32
N GLY RA 267 49.78 75.82 0.99
CA GLY RA 267 50.01 77.05 0.25
C GLY RA 267 49.24 77.04 -1.05
N MET RA 268 49.27 78.17 -1.75
CA MET RA 268 48.54 78.30 -3.01
C MET RA 268 49.49 78.43 -4.21
N ALA RA 269 49.12 77.80 -5.31
CA ALA RA 269 49.92 77.85 -6.53
C ALA RA 269 49.75 79.20 -7.22
N GLY RA 270 50.85 79.74 -7.74
CA GLY RA 270 50.81 81.02 -8.41
C GLY RA 270 50.08 80.98 -9.75
N HIS RA 271 48.79 81.31 -9.72
CA HIS RA 271 47.98 81.33 -10.93
C HIS RA 271 48.43 82.48 -11.82
N TYR RA 272 48.30 82.30 -13.13
CA TYR RA 272 48.71 83.34 -14.07
C TYR RA 272 47.89 83.24 -15.34
N LEU RA 273 47.86 84.34 -16.09
CA LEU RA 273 47.18 84.39 -17.37
C LEU RA 273 48.14 84.92 -18.42
N SER RA 274 48.12 84.30 -19.59
CA SER RA 274 49.02 84.69 -20.66
C SER RA 274 48.39 84.27 -21.98
N PHE RA 275 48.93 84.82 -23.05
CA PHE RA 275 48.46 84.44 -24.37
C PHE RA 275 49.57 83.74 -25.13
N PRO RA 276 49.22 82.81 -26.01
CA PRO RA 276 50.22 82.10 -26.78
C PRO RA 276 50.91 83.05 -27.75
N PRO RA 277 52.22 82.93 -27.92
CA PRO RA 277 52.88 83.74 -28.94
C PRO RA 277 52.37 83.38 -30.33
N ILE RA 278 51.94 84.39 -31.07
CA ILE RA 278 51.52 84.22 -32.44
C ILE RA 278 52.20 85.30 -33.25
N ARG RA 279 53.08 84.92 -34.16
CA ARG RA 279 53.78 85.91 -34.95
C ARG RA 279 52.88 86.47 -36.04
N THR RA 280 53.10 87.73 -36.35
CA THR RA 280 52.38 88.43 -37.40
C THR RA 280 53.38 88.98 -38.40
N ASN RA 281 52.85 89.70 -39.39
CA ASN RA 281 53.71 90.47 -40.28
C ASN RA 281 54.59 91.42 -39.49
N ASP RA 282 54.08 91.98 -38.39
CA ASP RA 282 54.86 92.81 -37.50
C ASP RA 282 54.63 92.38 -36.05
N GLY RA 283 55.68 91.93 -35.39
CA GLY RA 283 55.58 91.63 -33.98
C GLY RA 283 54.69 90.43 -33.70
N GLN RA 284 53.86 90.56 -32.67
CA GLN RA 284 53.06 89.47 -32.15
C GLN RA 284 51.59 89.75 -32.37
N PHE RA 285 50.81 88.68 -32.45
CA PHE RA 285 49.39 88.81 -32.64
C PHE RA 285 48.80 89.49 -31.42
N LYS RA 286 47.87 90.41 -31.64
CA LYS RA 286 47.32 91.16 -30.53
C LYS RA 286 46.07 90.44 -30.07
N LEU RA 287 46.14 89.79 -28.92
CA LEU RA 287 45.01 89.13 -28.30
C LEU RA 287 44.57 89.91 -27.08
N ASN RA 288 43.28 90.15 -27.00
CA ASN RA 288 42.67 90.83 -25.88
C ASN RA 288 41.63 89.86 -25.34
N ALA RA 289 41.43 89.86 -24.04
CA ALA RA 289 40.52 88.90 -23.44
C ALA RA 289 39.53 89.62 -22.54
N GLN RA 290 38.29 89.15 -22.54
CA GLN RA 290 37.34 89.45 -21.50
C GLN RA 290 36.89 88.16 -20.85
N PHE RA 291 36.65 88.22 -19.55
CA PHE RA 291 35.96 87.15 -18.85
C PHE RA 291 35.39 87.73 -17.58
N THR RA 292 34.45 87.00 -16.98
CA THR RA 292 33.88 87.39 -15.71
C THR RA 292 34.67 86.73 -14.59
N LEU RA 293 34.96 87.49 -13.56
CA LEU RA 293 35.66 87.00 -12.39
C LEU RA 293 34.66 86.90 -11.26
N GLU RA 294 34.35 85.68 -10.84
CA GLU RA 294 33.52 85.43 -9.66
C GLU RA 294 34.43 84.87 -8.58
N THR RA 295 34.65 85.64 -7.53
CA THR RA 295 35.43 85.18 -6.40
C THR RA 295 34.50 84.90 -5.22
N GLU RA 296 34.85 83.91 -4.43
CA GLU RA 296 34.13 83.59 -3.21
C GLU RA 296 35.12 83.25 -2.12
N ILE RA 297 34.94 83.86 -0.95
CA ILE RA 297 35.70 83.51 0.24
C ILE RA 297 34.72 83.18 1.33
N GLU RA 298 34.89 82.04 1.98
CA GLU RA 298 33.94 81.54 2.96
C GLU RA 298 34.56 81.69 4.34
N PHE RA 299 34.03 82.60 5.14
CA PHE RA 299 34.51 82.79 6.49
C PHE RA 299 33.72 81.98 7.49
N GLU RA 300 34.41 81.45 8.49
CA GLU RA 300 33.80 81.04 9.74
C GLU RA 300 34.05 82.12 10.77
N PHE RA 301 33.05 82.37 11.61
CA PHE RA 301 33.24 83.33 12.69
C PHE RA 301 32.61 82.78 13.95
N ARG RA 302 32.93 83.43 15.06
CA ARG RA 302 32.61 82.91 16.38
C ARG RA 302 32.32 84.08 17.29
N LEU RA 303 31.39 83.90 18.21
CA LEU RA 303 30.85 85.04 18.95
C LEU RA 303 31.44 85.12 20.35
N TRP RA 304 30.97 86.11 21.09
CA TRP RA 304 31.51 86.52 22.37
C TRP RA 304 31.11 85.57 23.50
N GLU RA 305 31.87 85.64 24.58
CA GLU RA 305 31.62 84.79 25.74
C GLU RA 305 30.28 85.08 26.36
N GLN RA 306 29.56 84.03 26.76
CA GLN RA 306 28.31 84.21 27.46
C GLN RA 306 28.54 84.64 28.89
N GLY RA 307 27.51 85.23 29.47
CA GLY RA 307 27.57 85.62 30.86
C GLY RA 307 28.04 87.03 31.04
N VAL RA 308 28.31 87.38 32.30
CA VAL RA 308 28.83 88.69 32.63
C VAL RA 308 30.17 88.91 31.97
N GLN RA 309 30.89 87.83 31.64
CA GLN RA 309 32.17 87.97 30.95
C GLN RA 309 32.02 88.69 29.63
N GLY RA 310 30.88 88.54 28.97
CA GLY RA 310 30.62 89.16 27.68
C GLY RA 310 29.98 90.53 27.73
N ILE RA 311 29.83 91.11 28.92
CA ILE RA 311 29.31 92.46 29.03
C ILE RA 311 30.36 93.46 28.55
N ASN RA 312 29.94 94.43 27.74
CA ASN RA 312 30.88 95.37 27.14
C ASN RA 312 31.77 96.04 28.18
N SER RA 313 31.16 96.52 29.27
CA SER RA 313 31.93 97.30 30.24
C SER RA 313 32.99 96.45 30.92
N VAL RA 314 32.65 95.22 31.29
CA VAL RA 314 33.59 94.35 32.01
C VAL RA 314 34.34 93.40 31.10
N HIS RA 315 34.03 93.38 29.80
CA HIS RA 315 34.74 92.46 28.93
C HIS RA 315 36.17 92.88 28.66
N THR RA 316 36.48 94.17 28.83
CA THR RA 316 37.85 94.61 28.60
C THR RA 316 38.81 93.88 29.53
N ASN RA 317 38.55 93.94 30.83
CA ASN RA 317 39.41 93.32 31.82
C ASN RA 317 39.02 91.90 32.20
N LEU RA 318 37.85 91.42 31.80
CA LEU RA 318 37.52 90.00 31.90
C LEU RA 318 37.76 89.22 30.62
N ASN RA 319 38.28 89.85 29.59
CA ASN RA 319 38.63 89.12 28.38
C ASN RA 319 39.62 88.01 28.73
N PRO RA 320 39.41 86.79 28.23
CA PRO RA 320 40.33 85.71 28.54
C PRO RA 320 41.73 86.01 28.02
N ALA RA 321 42.72 85.75 28.86
CA ALA RA 321 44.09 85.89 28.40
C ALA RA 321 44.51 84.74 27.49
N ASN RA 322 43.71 83.68 27.42
CA ASN RA 322 43.98 82.57 26.52
C ASN RA 322 43.36 82.76 25.15
N ASP RA 323 42.76 83.92 24.88
CA ASP RA 323 42.47 84.27 23.50
C ASP RA 323 43.73 84.13 22.66
N SER RA 324 44.84 84.66 23.16
CA SER RA 324 46.11 84.57 22.44
C SER RA 324 46.46 83.15 22.10
N LEU RA 325 45.86 82.19 22.80
CA LEU RA 325 46.13 80.80 22.51
C LEU RA 325 45.47 80.37 21.20
N TRP RA 326 44.16 80.60 21.06
CA TRP RA 326 43.44 80.30 19.83
C TRP RA 326 43.16 81.52 18.94
N ILE RA 327 43.45 82.74 19.34
CA ILE RA 327 43.17 83.88 18.43
C ILE RA 327 44.44 84.57 17.98
N GLN RA 328 44.72 84.57 16.69
CA GLN RA 328 46.10 84.71 16.26
C GLN RA 328 46.52 85.77 15.25
N SER RA 329 45.60 86.64 14.83
CA SER RA 329 45.87 87.68 13.80
C SER RA 329 46.20 87.13 12.40
N TYR RA 330 46.91 87.91 11.58
CA TYR RA 330 47.23 87.49 10.21
C TYR RA 330 48.73 87.28 10.02
N GLY RA 331 49.12 86.26 9.24
CA GLY RA 331 50.50 85.90 9.24
C GLY RA 331 51.46 86.79 8.47
N SER RA 332 51.20 86.96 7.18
CA SER RA 332 52.19 87.56 6.31
C SER RA 332 51.49 88.48 5.33
N LEU RA 333 52.08 89.63 5.12
CA LEU RA 333 51.47 90.70 4.36
C LEU RA 333 52.06 90.73 2.96
N VAL RA 334 51.23 91.09 1.98
CA VAL RA 334 51.79 91.48 0.71
C VAL RA 334 52.61 92.74 0.93
N SER RA 335 53.57 92.97 0.05
CA SER RA 335 54.49 94.09 0.23
C SER RA 335 53.89 95.29 -0.47
N ILE RA 336 53.48 96.28 0.31
CA ILE RA 336 52.74 97.43 -0.18
C ILE RA 336 53.52 98.67 0.21
N THR RA 337 54.01 99.41 -0.77
CA THR RA 337 54.44 100.78 -0.54
C THR RA 337 53.41 101.69 -1.19
N GLU RA 338 53.06 102.76 -0.50
CA GLU RA 338 51.96 103.62 -0.89
C GLU RA 338 50.74 102.72 -1.05
N SER RA 339 49.97 102.84 -2.13
CA SER RA 339 48.87 101.94 -2.43
C SER RA 339 49.28 100.80 -3.35
N LYS RA 340 50.55 100.69 -3.70
CA LYS RA 340 51.00 99.90 -4.83
C LYS RA 340 51.72 98.65 -4.36
N ILE RA 341 51.37 97.51 -4.96
CA ILE RA 341 51.99 96.24 -4.58
C ILE RA 341 53.41 96.20 -5.12
N ASN RA 342 54.37 95.88 -4.25
CA ASN RA 342 55.76 95.77 -4.67
C ASN RA 342 56.03 94.45 -5.36
N ASN RA 343 55.51 93.36 -4.82
CA ASN RA 343 55.74 92.03 -5.34
C ASN RA 343 54.64 91.13 -4.85
N ILE RA 344 54.48 89.99 -5.50
CA ILE RA 344 53.57 88.96 -5.02
C ILE RA 344 54.34 87.66 -4.87
N GLN RA 345 54.22 87.04 -3.71
CA GLN RA 345 54.81 85.76 -3.42
C GLN RA 345 53.74 84.70 -3.52
N PHE RA 346 54.09 83.53 -4.03
CA PHE RA 346 53.09 82.48 -4.18
C PHE RA 346 53.30 81.30 -3.25
N GLY RA 347 54.38 80.56 -3.38
CA GLY RA 347 54.65 79.44 -2.50
C GLY RA 347 53.55 78.42 -2.26
N PRO RA 348 53.34 77.54 -3.24
CA PRO RA 348 52.33 76.48 -3.26
C PRO RA 348 52.66 75.33 -2.34
N THR RA 349 51.72 74.43 -2.12
CA THR RA 349 52.02 73.28 -1.31
C THR RA 349 52.75 72.47 -2.34
N CYS RA 350 54.07 72.42 -2.24
CA CYS RA 350 54.82 71.73 -3.28
C CYS RA 350 54.69 70.25 -3.13
N PRO RA 351 54.60 69.56 -4.27
CA PRO RA 351 54.39 68.11 -4.30
C PRO RA 351 55.58 67.31 -3.85
N ARG RA 352 56.77 67.88 -3.81
CA ARG RA 352 57.95 67.14 -3.41
C ARG RA 352 58.21 67.20 -1.91
N VAL RA 353 57.49 68.01 -1.16
CA VAL RA 353 57.47 67.85 0.29
C VAL RA 353 56.81 66.52 0.63
N ASP RA 354 57.32 65.87 1.68
CA ASP RA 354 56.76 64.60 2.12
C ASP RA 354 55.27 64.74 2.35
N ALA RA 355 54.50 63.79 1.83
CA ALA RA 355 53.06 63.83 1.98
C ALA RA 355 52.63 63.85 3.44
N ARG RA 356 53.49 63.39 4.34
CA ARG RA 356 53.16 63.42 5.75
C ARG RA 356 53.21 64.84 6.29
N ASN RA 357 54.01 65.70 5.67
CA ASN RA 357 54.04 67.11 6.06
C ASN RA 357 52.87 67.88 5.47
N LYS RA 358 52.34 67.47 4.32
CA LYS RA 358 51.42 68.30 3.57
C LYS RA 358 49.98 68.20 4.06
N GLY RA 359 49.73 67.48 5.15
CA GLY RA 359 48.38 67.18 5.56
C GLY RA 359 47.58 68.36 6.11
N GLY RA 360 46.49 68.06 6.78
CA GLY RA 360 45.42 69.02 6.98
C GLY RA 360 45.66 70.26 7.82
N LYS RA 361 46.08 70.09 9.07
CA LYS RA 361 46.01 71.16 10.05
C LYS RA 361 47.18 72.13 9.89
N MET RA 362 46.88 73.41 9.74
CA MET RA 362 47.91 74.41 9.47
C MET RA 362 48.55 75.02 10.70
N SER RA 363 48.17 74.59 11.89
CA SER RA 363 48.82 75.16 13.06
C SER RA 363 48.92 74.13 14.14
N MET RA 364 49.86 74.36 15.05
CA MET RA 364 50.04 73.51 16.20
C MET RA 364 50.23 74.42 17.39
N LEU RA 365 49.88 73.94 18.56
CA LEU RA 365 49.96 74.73 19.78
C LEU RA 365 51.23 74.27 20.49
N PHE RA 366 52.27 75.06 20.32
CA PHE RA 366 53.62 74.72 20.75
C PHE RA 366 54.26 75.81 21.58
N ASP RA 367 54.95 75.43 22.64
CA ASP RA 367 55.59 76.37 23.55
C ASP RA 367 56.82 77.09 23.05
N HIS RA 368 57.11 78.22 23.68
CA HIS RA 368 58.28 79.00 23.34
C HIS RA 368 59.05 79.28 24.63
N HIS RA 369 60.36 79.08 24.59
CA HIS RA 369 61.18 79.32 25.76
C HIS RA 369 61.98 80.61 25.64
N GLU SA 36 72.01 24.96 18.36
CA GLU SA 36 71.63 24.33 19.62
C GLU SA 36 72.38 24.97 20.77
N GLY SA 37 71.80 24.91 21.97
CA GLY SA 37 72.42 25.53 23.13
C GLY SA 37 72.04 26.99 23.26
N ASP SA 38 72.63 27.63 24.25
CA ASP SA 38 72.38 29.04 24.50
C ASP SA 38 73.25 29.95 23.67
N GLY SA 39 74.09 29.39 22.80
CA GLY SA 39 74.95 30.16 21.94
C GLY SA 39 76.41 30.15 22.34
N SER SA 40 76.69 29.70 23.55
CA SER SA 40 78.05 29.67 24.09
C SER SA 40 79.03 28.81 23.35
N ALA SA 41 78.55 28.03 22.39
CA ALA SA 41 79.38 27.14 21.59
C ALA SA 41 80.23 27.88 20.58
N PRO SA 42 81.25 27.22 20.04
CA PRO SA 42 82.07 27.93 19.06
C PRO SA 42 81.33 28.41 17.81
N GLY SA 43 80.38 27.67 17.26
CA GLY SA 43 79.71 28.12 16.05
C GLY SA 43 78.21 28.37 16.16
N GLY SA 44 77.65 29.16 15.24
CA GLY SA 44 76.23 29.47 15.29
C GLY SA 44 75.90 30.85 15.81
N SER SA 45 74.93 30.95 16.71
CA SER SA 45 74.52 32.23 17.29
C SER SA 45 75.40 32.74 18.43
N VAL SA 46 75.44 34.04 18.61
CA VAL SA 46 76.25 34.72 19.62
C VAL SA 46 75.61 34.67 21.00
N TRP SA 47 76.38 34.24 21.99
CA TRP SA 47 75.86 34.24 23.34
C TRP SA 47 75.88 35.70 23.70
N GLN SA 48 74.77 36.22 24.19
CA GLN SA 48 74.73 37.62 24.53
C GLN SA 48 74.18 37.81 25.92
N THR SA 49 74.63 38.88 26.56
CA THR SA 49 74.35 39.18 27.96
C THR SA 49 72.91 39.62 28.15
N THR SA 50 72.47 39.56 29.41
CA THR SA 50 71.11 39.90 29.75
C THR SA 50 70.80 41.36 29.48
N ASP SA 51 69.52 41.65 29.31
CA ASP SA 51 69.05 42.98 28.95
C ASP SA 51 68.97 43.88 30.17
N TYR SA 52 69.64 45.03 30.09
CA TYR SA 52 69.55 46.02 31.15
C TYR SA 52 68.46 47.07 30.95
N ILE SA 53 67.80 47.08 29.79
CA ILE SA 53 66.76 48.08 29.58
C ILE SA 53 65.52 47.76 30.39
N ALA SA 54 65.07 46.50 30.35
CA ALA SA 54 63.77 46.13 30.86
C ALA SA 54 63.53 46.67 32.26
N LEU SA 55 64.54 46.59 33.12
CA LEU SA 55 64.38 47.09 34.49
C LEU SA 55 64.53 48.60 34.60
N SER SA 56 65.18 49.25 33.66
CA SER SA 56 65.26 50.69 33.72
C SER SA 56 64.00 51.36 33.21
N MET SA 57 63.21 50.67 32.38
CA MET SA 57 61.97 51.23 31.86
C MET SA 57 60.75 50.95 32.70
N VAL SA 58 60.84 50.09 33.70
CA VAL SA 58 59.66 49.75 34.47
C VAL SA 58 59.18 50.98 35.23
N VAL SA 59 57.90 51.30 35.07
CA VAL SA 59 57.31 52.47 35.69
C VAL SA 59 56.59 52.04 36.95
N TYR SA 60 57.00 52.61 38.08
CA TYR SA 60 56.36 52.34 39.34
C TYR SA 60 55.46 53.52 39.68
N ARG SA 61 54.34 53.22 40.33
CA ARG SA 61 53.25 54.18 40.44
C ARG SA 61 52.83 54.29 41.89
N THR SA 62 52.97 55.49 42.46
CA THR SA 62 52.58 55.74 43.84
C THR SA 62 51.63 56.91 43.93
N ALA SA 63 51.29 57.32 45.16
CA ALA SA 63 50.42 58.46 45.35
C ALA SA 63 50.65 59.05 46.72
N ILE SA 64 50.22 60.30 46.89
CA ILE SA 64 50.27 60.99 48.17
C ILE SA 64 48.87 61.49 48.47
N LYS SA 65 48.28 60.99 49.54
CA LYS SA 65 46.93 61.37 49.95
C LYS SA 65 47.00 62.09 51.28
N LEU SA 66 46.28 63.19 51.39
CA LEU SA 66 46.30 64.02 52.59
C LEU SA 66 44.90 64.55 52.85
N ARG SA 67 44.51 64.59 54.12
CA ARG SA 67 43.24 65.17 54.53
C ARG SA 67 43.46 66.42 55.37
N ASN SA 68 42.47 67.28 55.34
CA ASN SA 68 42.55 68.59 55.95
C ASN SA 68 41.13 69.01 56.27
N PHE SA 69 40.98 69.86 57.27
CA PHE SA 69 39.73 70.55 57.53
C PHE SA 69 39.89 72.00 57.15
N VAL SA 70 38.96 72.51 56.36
CA VAL SA 70 39.01 73.89 55.88
C VAL SA 70 37.91 74.67 56.58
N ASN SA 71 38.27 75.82 57.12
CA ASN SA 71 37.32 76.74 57.74
C ASN SA 71 37.40 78.06 56.99
N ILE SA 72 36.32 78.43 56.33
CA ILE SA 72 36.25 79.66 55.55
C ILE SA 72 35.33 80.60 56.30
N ARG SA 73 35.89 81.69 56.82
CA ARG SA 73 35.12 82.64 57.61
C ARG SA 73 35.27 84.04 57.06
N GLY SA 74 34.25 84.86 57.31
CA GLY SA 74 34.33 86.27 56.99
C GLY SA 74 34.56 86.57 55.53
N LEU SA 75 33.97 85.78 54.65
CA LEU SA 75 34.17 85.90 53.22
C LEU SA 75 32.94 86.61 52.65
N THR SA 76 33.11 87.85 52.21
CA THR SA 76 31.99 88.60 51.67
C THR SA 76 31.69 88.13 50.25
N PRO SA 77 30.51 88.45 49.71
CA PRO SA 77 30.14 87.92 48.39
C PRO SA 77 31.01 88.40 47.26
N THR SA 78 31.70 89.54 47.40
CA THR SA 78 32.60 89.99 46.36
C THR SA 78 33.90 89.19 46.37
N GLU SA 79 34.48 89.02 47.55
CA GLU SA 79 35.72 88.27 47.69
C GLU SA 79 35.46 86.77 47.58
N MET SA 80 36.51 86.03 47.27
CA MET SA 80 36.40 84.66 46.81
C MET SA 80 37.64 83.88 47.21
N ILE SA 81 37.46 82.62 47.58
CA ILE SA 81 38.58 81.75 47.95
C ILE SA 81 39.17 81.12 46.70
N VAL SA 82 40.46 81.26 46.55
CA VAL SA 82 41.19 80.67 45.43
C VAL SA 82 41.68 79.30 45.85
N ILE SA 83 41.30 78.27 45.10
CA ILE SA 83 41.74 76.92 45.43
C ILE SA 83 43.12 76.78 44.81
N PRO SA 84 44.18 76.71 45.57
CA PRO SA 84 45.51 76.57 44.96
C PRO SA 84 45.73 75.16 44.45
N TRP SA 85 44.81 74.69 43.62
CA TRP SA 85 44.78 73.27 43.30
C TRP SA 85 45.63 72.96 42.08
N ASN SA 86 46.13 73.97 41.41
CA ASN SA 86 47.03 73.79 40.29
C ASN SA 86 48.50 73.94 40.66
N VAL SA 87 48.82 74.17 41.92
CA VAL SA 87 50.20 74.22 42.36
C VAL SA 87 50.58 72.86 42.93
N MET SA 88 51.77 72.40 42.57
CA MET SA 88 52.19 71.05 42.92
C MET SA 88 52.29 70.88 44.44
N ARG SA 89 52.74 71.93 45.12
CA ARG SA 89 52.96 71.87 46.56
C ARG SA 89 51.67 71.68 47.34
N PHE SA 90 50.52 71.94 46.72
CA PHE SA 90 49.25 71.78 47.39
C PHE SA 90 48.99 70.32 47.76
N TYR SA 91 49.28 69.40 46.84
CA TYR SA 91 48.92 68.01 47.03
C TYR SA 91 49.93 67.24 47.88
N CYS SA 92 51.21 67.43 47.60
CA CYS SA 92 52.26 66.61 48.20
C CYS SA 92 52.96 67.24 49.38
N GLU SA 93 52.60 68.46 49.76
CA GLU SA 93 53.11 69.07 50.96
C GLU SA 93 51.94 69.58 51.78
N TYR SA 94 52.00 69.35 53.09
CA TYR SA 94 50.82 69.54 53.92
C TYR SA 94 51.00 70.87 54.64
N ASN SA 95 50.28 71.88 54.20
CA ASN SA 95 50.40 73.19 54.82
C ASN SA 95 49.09 73.46 55.52
N THR SA 96 49.09 73.32 56.84
CA THR SA 96 47.93 73.61 57.66
C THR SA 96 48.43 74.15 58.98
N GLY SA 97 47.88 75.26 59.43
CA GLY SA 97 48.16 75.69 60.78
C GLY SA 97 49.63 75.81 61.08
N THR SA 98 50.07 75.10 62.13
CA THR SA 98 51.45 75.15 62.57
C THR SA 98 52.38 74.31 61.70
N TYR SA 99 51.85 73.34 60.95
CA TYR SA 99 52.69 72.46 60.15
C TYR SA 99 53.58 73.26 59.21
N GLY SA 100 52.98 74.10 58.37
CA GLY SA 100 53.74 74.86 57.41
C GLY SA 100 54.83 75.72 58.03
N LEU SA 101 54.69 76.07 59.31
CA LEU SA 101 55.75 76.80 59.99
C LEU SA 101 56.91 75.88 60.33
N SER SA 102 56.62 74.63 60.70
CA SER SA 102 57.65 73.65 60.95
C SER SA 102 58.30 73.21 59.64
N GLY SA 103 59.50 72.65 59.76
CA GLY SA 103 60.30 72.34 58.59
C GLY SA 103 60.01 70.99 57.97
N ASN SA 104 60.22 70.91 56.66
CA ASN SA 104 60.14 69.68 55.88
C ASN SA 104 58.82 68.95 56.14
N VAL SA 105 57.75 69.56 55.64
CA VAL SA 105 56.42 69.00 55.79
C VAL SA 105 56.02 68.16 54.57
N HIS SA 106 56.93 67.99 53.61
CA HIS SA 106 56.66 67.12 52.48
C HIS SA 106 56.34 65.71 52.95
N HIS SA 107 55.46 65.05 52.22
CA HIS SA 107 55.16 63.66 52.50
C HIS SA 107 56.36 62.79 52.16
N LYS SA 108 56.55 61.72 52.92
CA LYS SA 108 57.77 60.94 52.78
C LYS SA 108 57.80 60.14 51.49
N ASN SA 109 56.65 59.84 50.88
CA ASN SA 109 56.68 59.26 49.55
C ASN SA 109 57.29 60.22 48.56
N TYR SA 110 57.15 61.52 48.77
CA TYR SA 110 57.74 62.45 47.84
C TYR SA 110 59.23 62.60 48.08
N SER SA 111 59.67 62.53 49.33
CA SER SA 111 61.10 62.66 49.62
C SER SA 111 61.90 61.58 48.91
N MET SA 112 61.34 60.38 48.77
CA MET SA 112 62.03 59.33 48.04
C MET SA 112 61.86 59.42 46.54
N LEU SA 113 60.83 60.10 46.05
CA LEU SA 113 60.76 60.33 44.61
C LEU SA 113 61.97 61.08 44.11
N LEU SA 114 62.67 61.77 45.00
CA LEU SA 114 63.96 62.37 44.69
C LEU SA 114 65.09 61.36 44.79
N ALA SA 115 64.85 60.20 45.40
CA ALA SA 115 65.86 59.14 45.42
C ALA SA 115 65.90 58.36 44.11
N CYS SA 116 64.74 58.07 43.54
CA CYS SA 116 64.69 57.47 42.22
C CYS SA 116 65.04 58.51 41.17
N LYS SA 117 65.44 58.05 40.00
CA LYS SA 117 66.03 59.01 39.05
C LYS SA 117 64.99 59.84 38.33
N ALA SA 118 63.77 59.36 38.20
CA ALA SA 118 62.73 60.07 37.48
C ALA SA 118 61.41 59.88 38.19
N HIS SA 119 60.63 60.94 38.25
CA HIS SA 119 59.26 60.85 38.73
C HIS SA 119 58.39 61.75 37.87
N ARG SA 120 57.12 61.38 37.77
CA ARG SA 120 56.20 62.16 37.00
C ARG SA 120 54.86 62.26 37.72
N PRO SA 121 54.25 63.45 37.73
CA PRO SA 121 53.08 63.67 38.59
C PRO SA 121 51.79 63.00 38.15
N THR SA 122 51.58 62.71 36.87
CA THR SA 122 50.36 62.10 36.36
C THR SA 122 49.09 62.74 36.95
N LYS SA 123 48.15 61.93 37.41
CA LYS SA 123 46.86 62.46 37.82
C LYS SA 123 46.98 63.23 39.13
N VAL SA 124 46.11 64.22 39.30
CA VAL SA 124 46.06 65.03 40.50
C VAL SA 124 44.61 65.43 40.74
N GLY SA 125 44.21 65.52 42.01
CA GLY SA 125 42.83 65.83 42.29
C GLY SA 125 42.60 66.09 43.76
N TYR SA 126 41.36 66.49 44.08
CA TYR SA 126 41.01 66.76 45.46
C TYR SA 126 39.51 66.60 45.64
N THR SA 127 39.09 66.52 46.89
CA THR SA 127 37.71 66.30 47.26
C THR SA 127 37.30 67.26 48.36
N LEU SA 128 36.17 67.92 48.19
CA LEU SA 128 35.49 68.68 49.23
C LEU SA 128 34.33 67.87 49.75
N SER SA 129 34.22 67.76 51.07
CA SER SA 129 33.27 66.83 51.64
C SER SA 129 32.70 67.36 52.94
N ASN SA 130 31.47 66.93 53.23
CA ASN SA 130 30.80 67.19 54.51
C ASN SA 130 30.86 68.67 54.90
N LEU SA 131 30.12 69.44 54.13
CA LEU SA 131 30.08 70.87 54.33
C LEU SA 131 29.27 71.21 55.57
N ILE SA 132 29.79 72.13 56.36
CA ILE SA 132 29.11 72.67 57.52
C ILE SA 132 29.11 74.18 57.39
N LEU SA 133 27.93 74.77 57.24
CA LEU SA 133 27.76 76.21 57.25
C LEU SA 133 27.37 76.67 58.64
N THR SA 134 27.97 77.78 59.07
CA THR SA 134 27.63 78.42 60.32
C THR SA 134 27.37 79.89 60.04
N SER SA 135 26.78 80.57 61.01
CA SER SA 135 26.38 81.95 60.84
C SER SA 135 26.86 82.78 62.02
N ASP SA 136 27.45 83.93 61.73
CA ASP SA 136 27.80 84.91 62.74
C ASP SA 136 26.67 85.89 62.98
N GLU SA 137 25.51 85.67 62.37
CA GLU SA 137 24.41 86.63 62.46
C GLU SA 137 24.01 86.90 63.90
N LEU SA 138 24.01 85.87 64.75
CA LEU SA 138 23.70 86.09 66.15
C LEU SA 138 24.86 86.71 66.91
N VAL SA 139 26.04 86.73 66.33
CA VAL SA 139 27.22 87.30 66.98
C VAL SA 139 27.16 88.81 66.89
N SER SA 140 27.53 89.47 67.99
CA SER SA 140 27.65 90.92 68.03
C SER SA 140 28.84 91.26 68.91
N THR SA 141 29.28 92.52 68.82
CA THR SA 141 30.43 92.95 69.62
C THR SA 141 30.16 92.82 71.11
N GLY SA 142 28.88 92.90 71.53
CA GLY SA 142 28.55 92.65 72.91
C GLY SA 142 28.78 91.20 73.30
N GLY SA 143 28.68 90.28 72.34
CA GLY SA 143 28.99 88.90 72.62
C GLY SA 143 27.82 88.13 73.20
N THR SA 144 28.15 87.17 74.05
CA THR SA 144 27.22 86.31 74.78
C THR SA 144 26.51 85.32 73.86
N LEU SA 145 26.60 85.52 72.55
CA LEU SA 145 26.09 84.58 71.58
C LEU SA 145 27.15 84.36 70.50
N GLY SA 146 27.52 83.11 70.28
CA GLY SA 146 28.52 82.76 69.30
C GLY SA 146 27.89 82.28 68.00
N THR SA 147 28.75 81.96 67.04
CA THR SA 147 28.25 81.47 65.77
C THR SA 147 27.64 80.09 65.95
N THR SA 148 26.73 79.74 65.05
CA THR SA 148 26.13 78.43 65.10
C THR SA 148 25.68 78.08 63.70
N THR SA 149 25.48 76.78 63.46
CA THR SA 149 25.07 76.30 62.16
C THR SA 149 23.78 76.97 61.72
N THR SA 150 23.65 77.15 60.42
CA THR SA 150 22.50 77.86 59.87
C THR SA 150 21.20 77.19 60.30
N PHE SA 151 20.18 78.02 60.52
CA PHE SA 151 18.91 77.53 61.04
C PHE SA 151 18.30 76.48 60.12
N ASN SA 152 18.44 76.66 58.81
CA ASN SA 152 18.02 75.65 57.85
C ASN SA 152 19.14 75.44 56.85
N THR SA 153 19.00 74.39 56.05
CA THR SA 153 20.04 73.95 55.14
C THR SA 153 19.97 74.63 53.78
N SER SA 154 19.06 75.59 53.60
CA SER SA 154 18.98 76.31 52.34
C SER SA 154 20.26 77.04 51.93
N PRO SA 155 21.06 77.62 52.83
CA PRO SA 155 22.27 78.31 52.38
C PRO SA 155 23.25 77.32 51.76
N TYR SA 156 24.20 77.87 51.00
CA TYR SA 156 25.13 77.05 50.26
C TYR SA 156 26.43 77.81 50.05
N MET SA 157 27.47 77.05 49.74
CA MET SA 157 28.75 77.61 49.34
C MET SA 157 28.96 77.29 47.86
N ILE SA 158 29.36 78.29 47.10
CA ILE SA 158 29.45 78.17 45.65
C ILE SA 158 30.85 77.69 45.30
N HIS SA 159 30.95 76.57 44.61
CA HIS SA 159 32.21 76.12 44.08
C HIS SA 159 32.25 76.47 42.59
N SER SA 160 33.15 77.36 42.23
CA SER SA 160 33.21 77.89 40.87
C SER SA 160 34.44 77.34 40.16
N ILE SA 161 34.24 76.86 38.94
CA ILE SA 161 35.33 76.45 38.07
C ILE SA 161 35.32 77.41 36.90
N ASP SA 162 36.42 78.13 36.69
CA ASP SA 162 36.42 79.11 35.62
C ASP SA 162 36.98 78.42 34.38
N ASP SA 163 36.09 78.10 33.45
CA ASP SA 163 36.47 77.44 32.21
C ASP SA 163 36.93 78.43 31.16
N GLN SA 164 36.24 79.56 31.08
CA GLN SA 164 36.51 80.57 30.07
C GLN SA 164 37.64 81.48 30.48
N GLN SA 165 38.22 81.25 31.66
CA GLN SA 165 39.31 82.05 32.20
C GLN SA 165 38.92 83.51 32.28
N CYS SA 166 37.81 83.77 32.96
CA CYS SA 166 37.49 85.15 33.33
C CYS SA 166 38.65 85.78 34.09
N LEU SA 167 39.26 85.02 34.99
CA LEU SA 167 40.41 85.46 35.76
C LEU SA 167 41.62 84.68 35.28
N SER SA 168 42.53 85.36 34.60
CA SER SA 168 43.76 84.75 34.15
C SER SA 168 44.75 84.62 35.29
N LYS SA 169 44.90 85.69 36.05
CA LYS SA 169 45.89 85.80 37.11
C LYS SA 169 45.21 86.43 38.31
N VAL SA 170 45.40 85.82 39.48
CA VAL SA 170 44.63 86.15 40.66
C VAL SA 170 45.58 86.66 41.73
N TYR SA 171 45.23 87.77 42.36
CA TYR SA 171 46.04 88.40 43.38
C TYR SA 171 45.33 88.39 44.71
N PRO SA 172 46.07 88.41 45.82
CA PRO SA 172 45.42 88.54 47.13
C PRO SA 172 44.77 89.90 47.29
N LYS SA 173 43.88 89.99 48.28
CA LYS SA 173 43.25 91.26 48.58
C LYS SA 173 44.28 92.26 49.08
N THR SA 174 43.93 93.54 48.97
CA THR SA 174 44.86 94.61 49.25
C THR SA 174 45.52 94.43 50.61
N ASP SA 175 44.72 94.18 51.65
CA ASP SA 175 45.29 94.09 52.99
C ASP SA 175 45.95 92.73 53.23
N THR SA 176 45.35 91.66 52.73
CA THR SA 176 45.80 90.32 53.09
C THR SA 176 47.00 89.92 52.24
N VAL SA 177 47.51 88.72 52.51
CA VAL SA 177 48.60 88.13 51.75
C VAL SA 177 48.43 86.62 51.83
N TRP SA 178 49.02 85.92 50.87
CA TRP SA 178 48.86 84.48 50.78
C TRP SA 178 50.13 83.78 51.24
N PRO SA 179 50.15 83.19 52.43
CA PRO SA 179 51.30 82.40 52.83
C PRO SA 179 51.30 81.06 52.13
N VAL SA 180 52.50 80.55 51.83
CA VAL SA 180 52.53 79.20 51.29
C VAL SA 180 52.36 78.20 52.40
N SER SA 181 52.77 78.55 53.63
CA SER SA 181 52.58 77.68 54.77
C SER SA 181 51.12 77.46 55.11
N SER SA 182 50.24 78.34 54.62
CA SER SA 182 48.82 78.27 54.87
C SER SA 182 48.06 77.59 53.74
N MET SA 183 48.76 77.03 52.76
CA MET SA 183 48.15 76.70 51.47
C MET SA 183 46.95 75.79 51.60
N ARG SA 184 47.07 74.69 52.35
CA ARG SA 184 46.03 73.67 52.27
C ARG SA 184 44.77 74.00 53.05
N GLU SA 185 44.83 74.80 54.11
CA GLU SA 185 43.58 75.34 54.64
C GLU SA 185 43.32 76.58 53.82
N LEU SA 186 42.11 76.70 53.29
CA LEU SA 186 41.96 77.61 52.16
C LEU SA 186 41.61 78.95 52.76
N ASP SA 187 42.62 79.80 52.91
CA ASP SA 187 42.47 81.18 53.30
C ASP SA 187 42.66 82.17 52.17
N TYR SA 188 42.99 81.73 50.96
CA TYR SA 188 43.43 82.69 49.97
C TYR SA 188 42.21 83.40 49.42
N VAL SA 189 42.14 84.69 49.64
CA VAL SA 189 40.96 85.49 49.31
C VAL SA 189 41.36 86.46 48.21
N ALA SA 190 40.68 86.34 47.08
CA ALA SA 190 40.79 87.29 45.99
C ALA SA 190 39.53 88.14 45.97
N SER SA 191 39.69 89.39 45.59
CA SER SA 191 38.55 90.27 45.37
C SER SA 191 38.51 90.55 43.88
N THR SA 192 37.52 90.00 43.19
CA THR SA 192 37.39 90.20 41.76
C THR SA 192 36.60 91.47 41.53
N VAL SA 193 37.22 92.44 40.86
CA VAL SA 193 36.67 93.78 40.75
C VAL SA 193 36.92 94.29 39.33
N SER SA 194 35.88 94.83 38.71
CA SER SA 194 36.02 95.54 37.44
C SER SA 194 36.49 96.95 37.75
N GLY SA 195 36.45 97.85 36.79
CA GLY SA 195 37.00 99.16 37.09
C GLY SA 195 36.31 99.85 38.23
N ASP SA 196 35.01 100.13 38.11
CA ASP SA 196 34.20 100.57 39.24
C ASP SA 196 33.35 99.46 39.85
N ASN SA 197 33.38 98.27 39.29
CA ASN SA 197 32.37 97.25 39.59
C ASN SA 197 32.98 96.13 40.40
N ALA SA 198 32.33 95.79 41.51
CA ALA SA 198 32.69 94.60 42.26
C ALA SA 198 32.02 93.40 41.62
N ILE SA 199 32.81 92.43 41.19
CA ILE SA 199 32.29 91.25 40.52
C ILE SA 199 31.84 90.25 41.56
N ILE SA 200 30.61 89.76 41.43
CA ILE SA 200 30.18 88.59 42.17
C ILE SA 200 30.76 87.38 41.45
N PRO SA 201 31.64 86.61 42.09
CA PRO SA 201 32.40 85.58 41.35
C PRO SA 201 31.52 84.55 40.67
N SER SA 202 30.44 84.11 41.31
CA SER SA 202 29.58 83.10 40.73
C SER SA 202 28.96 83.54 39.41
N THR SA 203 28.86 84.84 39.15
CA THR SA 203 28.15 85.30 37.98
C THR SA 203 29.01 85.19 36.71
N ILE SA 204 30.30 85.45 36.82
CA ILE SA 204 31.17 85.39 35.65
C ILE SA 204 31.58 83.96 35.33
N PHE SA 205 31.84 83.15 36.34
CA PHE SA 205 32.44 81.83 36.13
C PHE SA 205 31.46 80.88 35.47
N ASN SA 206 32.03 79.86 34.83
CA ASN SA 206 31.23 78.98 33.97
C ASN SA 206 30.49 77.94 34.80
N LYS SA 207 31.22 76.95 35.32
CA LYS SA 207 30.62 75.95 36.18
C LYS SA 207 30.59 76.49 37.60
N ASN SA 208 29.39 76.62 38.16
CA ASN SA 208 29.18 77.05 39.52
C ASN SA 208 28.29 76.02 40.19
N ARG SA 209 28.83 75.33 41.16
CA ARG SA 209 28.10 74.33 41.92
C ARG SA 209 27.65 74.96 43.23
N TYR SA 210 26.34 74.96 43.49
CA TYR SA 210 25.85 75.45 44.76
C TYR SA 210 25.75 74.25 45.68
N TRP SA 211 26.63 74.19 46.65
CA TRP SA 211 26.85 72.99 47.43
C TRP SA 211 26.39 73.23 48.85
N LYS SA 212 25.39 72.47 49.26
CA LYS SA 212 24.69 72.69 50.51
C LYS SA 212 25.14 71.68 51.56
N GLN SA 213 24.54 71.80 52.72
CA GLN SA 213 24.78 70.86 53.81
C GLN SA 213 24.03 69.57 53.52
N GLY SA 214 24.75 68.46 53.47
CA GLY SA 214 24.18 67.18 53.14
C GLY SA 214 24.43 66.73 51.72
N ASP SA 215 24.85 67.64 50.84
CA ASP SA 215 25.17 67.25 49.48
C ASP SA 215 26.36 66.31 49.46
N ASP SA 216 26.45 65.53 48.39
CA ASP SA 216 27.54 64.60 48.24
C ASP SA 216 28.86 65.36 48.07
N ALA SA 217 29.95 64.67 48.35
CA ALA SA 217 31.26 65.28 48.24
C ALA SA 217 31.53 65.74 46.81
N LEU SA 218 32.31 66.80 46.68
CA LEU SA 218 32.67 67.35 45.39
C LEU SA 218 34.05 66.85 45.01
N HIS SA 219 34.13 66.08 43.92
CA HIS SA 219 35.37 65.45 43.50
C HIS SA 219 35.90 66.15 42.27
N PHE SA 220 37.15 66.56 42.30
CA PHE SA 220 37.76 67.24 41.18
C PHE SA 220 39.09 66.58 40.88
N SER SA 221 39.36 66.33 39.60
CA SER SA 221 40.54 65.59 39.20
C SER SA 221 41.12 66.22 37.94
N HIS SA 222 42.41 66.01 37.76
CA HIS SA 222 43.08 66.42 36.53
C HIS SA 222 44.06 65.33 36.15
N ASP SA 223 43.96 64.85 34.91
CA ASP SA 223 44.89 63.85 34.41
C ASP SA 223 46.01 64.53 33.65
N LEU SA 224 47.24 64.16 33.97
CA LEU SA 224 48.41 64.63 33.25
C LEU SA 224 48.94 63.51 32.38
N ASP SA 225 49.09 63.75 31.09
CA ASP SA 225 49.83 62.87 30.21
C ASP SA 225 51.05 63.64 29.74
N LEU SA 226 52.21 63.27 30.26
CA LEU SA 226 53.48 63.90 29.92
C LEU SA 226 54.28 62.92 29.07
N GLY SA 227 55.00 63.43 28.10
CA GLY SA 227 55.89 62.55 27.40
C GLY SA 227 57.23 62.41 28.05
N PHE SA 228 57.44 63.05 29.20
CA PHE SA 228 58.75 63.12 29.80
C PHE SA 228 58.60 62.96 31.30
N TRP SA 229 59.72 63.12 32.00
CA TRP SA 229 59.83 62.82 33.41
C TRP SA 229 60.56 63.98 34.08
N PHE SA 230 60.52 64.01 35.40
CA PHE SA 230 61.20 65.06 36.15
C PHE SA 230 62.26 64.46 37.04
N GLY SA 231 63.42 65.10 37.08
CA GLY SA 231 64.50 64.60 37.90
C GLY SA 231 64.75 65.38 39.18
N SER SA 232 64.10 66.53 39.32
CA SER SA 232 64.32 67.40 40.46
C SER SA 232 63.03 67.56 41.24
N ASP SA 233 63.10 68.33 42.33
CA ASP SA 233 61.90 68.60 43.10
C ASP SA 233 61.07 69.67 42.40
N TYR SA 234 59.77 69.65 42.67
CA TYR SA 234 58.90 70.66 42.06
C TYR SA 234 59.24 72.05 42.58
N GLY SA 235 59.41 72.21 43.88
CA GLY SA 235 59.91 73.47 44.38
C GLY SA 235 58.99 74.64 44.10
N ASN SA 236 57.76 74.56 44.59
CA ASN SA 236 56.69 75.54 44.35
C ASN SA 236 56.53 75.84 42.86
N ALA SA 237 56.39 74.77 42.08
CA ALA SA 237 56.01 74.83 40.69
C ALA SA 237 54.55 74.46 40.54
N TYR SA 238 53.87 75.09 39.59
CA TYR SA 238 52.56 74.60 39.20
C TYR SA 238 52.68 73.18 38.71
N VAL SA 239 51.73 72.33 39.09
CA VAL SA 239 51.69 71.00 38.49
C VAL SA 239 51.57 71.14 36.97
N PRO SA 240 52.36 70.39 36.20
CA PRO SA 240 52.65 70.78 34.81
C PRO SA 240 51.41 71.06 33.97
N GLN SA 241 51.47 72.17 33.26
CA GLN SA 241 50.37 72.64 32.43
C GLN SA 241 50.97 73.29 31.19
N ASN SA 242 50.23 73.23 30.09
CA ASN SA 242 50.60 73.94 28.88
C ASN SA 242 49.53 75.00 28.65
N ASN SA 243 49.91 76.27 28.77
CA ASN SA 243 48.90 77.31 28.71
C ASN SA 243 49.48 78.59 28.16
N ASP SA 244 48.61 79.58 28.04
CA ASP SA 244 49.05 80.94 27.79
C ASP SA 244 49.95 81.45 28.91
N SER SA 245 49.65 81.05 30.15
CA SER SA 245 50.44 81.49 31.29
C SER SA 245 51.70 80.66 31.49
N MET SA 246 51.68 79.38 31.17
CA MET SA 246 52.78 78.53 31.62
C MET SA 246 52.92 77.31 30.73
N ASN SA 247 54.11 76.71 30.77
CA ASN SA 247 54.42 75.49 30.05
C ASN SA 247 54.95 74.42 31.00
N ALA SA 248 54.80 73.17 30.59
CA ALA SA 248 55.01 72.04 31.48
C ALA SA 248 56.48 71.73 31.70
N VAL SA 249 57.32 72.00 30.71
CA VAL SA 249 58.73 71.63 30.75
C VAL SA 249 59.55 72.87 31.10
N GLY SA 250 60.50 72.70 32.02
CA GLY SA 250 61.16 73.86 32.60
C GLY SA 250 62.55 74.21 32.14
N THR SA 251 63.20 73.33 31.40
CA THR SA 251 64.56 73.59 30.98
C THR SA 251 64.55 74.36 29.67
N ILE SA 252 65.41 75.36 29.58
CA ILE SA 252 65.62 76.07 28.33
C ILE SA 252 66.31 75.11 27.37
N PRO SA 253 65.71 74.79 26.23
CA PRO SA 253 66.39 73.95 25.24
C PRO SA 253 67.60 74.66 24.66
N THR SA 254 68.59 73.86 24.27
CA THR SA 254 69.90 74.37 23.90
C THR SA 254 70.29 73.84 22.52
N SER SA 255 71.32 74.46 21.94
CA SER SA 255 71.51 74.47 20.50
C SER SA 255 71.94 73.11 19.95
N LYS SA 256 71.58 72.90 18.68
CA LYS SA 256 72.16 71.86 17.82
C LYS SA 256 71.87 70.46 18.33
N HIS SA 257 70.67 70.25 18.84
CA HIS SA 257 70.18 68.92 19.17
C HIS SA 257 68.70 69.02 19.48
N ILE SA 258 68.12 67.88 19.85
CA ILE SA 258 66.68 67.75 20.03
C ILE SA 258 66.36 67.86 21.51
N ASN SA 259 65.25 68.52 21.82
CA ASN SA 259 64.87 68.81 23.19
C ASN SA 259 63.38 68.55 23.35
N VAL SA 260 62.98 68.11 24.53
CA VAL SA 260 61.57 67.89 24.79
C VAL SA 260 60.90 69.24 24.98
N ARG SA 261 59.80 69.44 24.26
CA ARG SA 261 59.12 70.72 24.18
C ARG SA 261 57.66 70.52 24.52
N GLY SA 262 57.10 71.42 25.32
CA GLY SA 262 55.69 71.35 25.61
C GLY SA 262 54.84 71.59 24.39
N VAL SA 263 53.66 70.97 24.37
CA VAL SA 263 52.76 71.07 23.23
C VAL SA 263 51.35 70.81 23.74
N ASN SA 264 50.36 71.30 23.01
CA ASN SA 264 48.95 70.89 23.03
C ASN SA 264 47.99 71.51 24.05
N ASN SA 265 48.40 72.39 24.96
CA ASN SA 265 47.43 73.03 25.84
C ASN SA 265 46.62 72.03 26.67
N ARG SA 266 47.29 71.46 27.67
CA ARG SA 266 46.59 70.86 28.79
C ARG SA 266 46.77 71.79 29.98
N GLY SA 267 45.67 72.15 30.63
CA GLY SA 267 45.74 73.06 31.75
C GLY SA 267 44.60 72.80 32.72
N MET SA 268 44.64 73.49 33.86
CA MET SA 268 43.62 73.32 34.88
C MET SA 268 42.76 74.58 35.05
N ALA SA 269 41.47 74.37 35.26
CA ALA SA 269 40.54 75.47 35.45
C ALA SA 269 40.69 76.07 36.84
N GLY SA 270 40.62 77.40 36.93
CA GLY SA 270 40.77 78.08 38.20
C GLY SA 270 39.59 77.86 39.14
N HIS SA 271 39.71 76.86 40.01
CA HIS SA 271 38.66 76.57 40.97
C HIS SA 271 38.58 77.68 42.00
N TYR SA 272 37.38 77.94 42.53
CA TYR SA 272 37.20 78.99 43.51
C TYR SA 272 36.04 78.65 44.43
N LEU SA 273 36.02 79.29 45.59
CA LEU SA 273 34.94 79.14 46.55
C LEU SA 273 34.42 80.51 46.93
N SER SA 274 33.10 80.62 47.01
CA SER SA 274 32.47 81.90 47.33
C SER SA 274 31.10 81.62 47.93
N PHE SA 275 30.55 82.64 48.55
CA PHE SA 275 29.22 82.51 49.10
C PHE SA 275 28.26 83.44 48.37
N PRO SA 276 27.00 83.06 48.25
CA PRO SA 276 26.03 83.90 47.56
C PRO SA 276 25.79 85.17 48.36
N PRO SA 277 25.66 86.31 47.70
CA PRO SA 277 25.30 87.53 48.42
C PRO SA 277 23.91 87.39 49.04
N ILE SA 278 23.83 87.66 50.33
CA ILE SA 278 22.57 87.66 51.05
C ILE SA 278 22.54 88.93 51.87
N ARG SA 279 21.62 89.83 51.55
CA ARG SA 279 21.55 91.08 52.29
C ARG SA 279 20.89 90.87 53.64
N THR SA 280 21.34 91.65 54.61
CA THR SA 280 20.81 91.64 55.96
C THR SA 280 20.34 93.04 56.32
N ASN SA 281 19.88 93.18 57.56
CA ASN SA 281 19.62 94.51 58.10
C ASN SA 281 20.85 95.39 58.00
N ASP SA 282 22.04 94.81 58.16
CA ASP SA 282 23.29 95.52 58.00
C ASP SA 282 24.24 94.68 57.14
N GLY SA 283 24.61 95.22 55.98
CA GLY SA 283 25.62 94.55 55.18
C GLY SA 283 25.13 93.22 54.60
N GLN SA 284 26.01 92.23 54.66
CA GLN SA 284 25.81 90.95 54.01
C GLN SA 284 25.67 89.85 55.06
N PHE SA 285 24.97 88.79 54.69
CA PHE SA 285 24.79 87.68 55.59
C PHE SA 285 26.15 87.04 55.84
N LYS SA 286 26.41 86.66 57.08
CA LYS SA 286 27.72 86.12 57.40
C LYS SA 286 27.63 84.61 57.30
N LEU SA 287 28.23 84.06 56.27
CA LEU SA 287 28.31 82.62 56.06
C LEU SA 287 29.73 82.16 56.31
N ASN SA 288 29.85 81.11 57.09
CA ASN SA 288 31.11 80.48 57.39
C ASN SA 288 30.97 79.04 56.96
N ALA SA 289 32.03 78.44 56.46
CA ALA SA 289 31.95 77.09 55.95
C ALA SA 289 33.04 76.23 56.56
N GLN SA 290 32.69 74.98 56.83
CA GLN SA 290 33.67 73.94 57.07
C GLN SA 290 33.48 72.84 56.05
N PHE SA 291 34.57 72.23 55.62
CA PHE SA 291 34.53 71.00 54.87
C PHE SA 291 35.87 70.32 55.01
N THR SA 292 35.90 69.04 54.67
CA THR SA 292 37.14 68.29 54.67
C THR SA 292 37.76 68.35 53.29
N LEU SA 293 39.05 68.57 53.24
CA LEU SA 293 39.81 68.61 52.00
C LEU SA 293 40.63 67.34 51.91
N GLU SA 294 40.28 66.46 50.98
CA GLU SA 294 41.08 65.28 50.67
C GLU SA 294 41.71 65.49 49.32
N THR SA 295 43.04 65.64 49.30
CA THR SA 295 43.77 65.77 48.06
C THR SA 295 44.54 64.48 47.79
N GLU SA 296 44.68 64.14 46.52
CA GLU SA 296 45.47 63.01 46.10
C GLU SA 296 46.25 63.37 44.86
N ILE SA 297 47.55 63.08 44.87
CA ILE SA 297 48.39 63.22 43.70
C ILE SA 297 49.06 61.89 43.46
N GLU SA 298 48.99 61.39 42.24
CA GLU SA 298 49.46 60.06 41.90
C GLU SA 298 50.74 60.21 41.09
N PHE SA 299 51.87 59.85 41.66
CA PHE SA 299 53.14 59.90 40.95
C PHE SA 299 53.47 58.58 40.29
N GLU SA 300 54.06 58.66 39.11
CA GLU SA 300 54.82 57.56 38.54
C GLU SA 300 56.29 57.86 38.75
N PHE SA 301 57.07 56.83 39.05
CA PHE SA 301 58.50 57.01 39.18
C PHE SA 301 59.22 55.85 38.52
N ARG SA 302 60.51 56.02 38.34
CA ARG SA 302 61.31 55.12 37.53
C ARG SA 302 62.70 55.04 38.12
N LEU SA 303 63.31 53.87 38.05
CA LEU SA 303 64.51 53.60 38.82
C LEU SA 303 65.76 53.69 37.95
N TRP SA 304 66.89 53.44 38.58
CA TRP SA 304 68.21 53.65 38.04
C TRP SA 304 68.60 52.58 37.04
N GLU SA 305 69.60 52.91 36.22
CA GLU SA 305 70.06 51.99 35.18
C GLU SA 305 70.67 50.75 35.80
N GLN SA 306 70.38 49.59 35.20
CA GLN SA 306 70.97 48.35 35.64
C GLN SA 306 72.43 48.26 35.20
N GLY SA 307 73.17 47.41 35.89
CA GLY SA 307 74.54 47.17 35.52
C GLY SA 307 75.50 48.07 36.25
N VAL SA 308 76.75 48.02 35.80
CA VAL SA 308 77.79 48.89 36.36
C VAL SA 308 77.44 50.34 36.14
N GLN SA 309 76.61 50.64 35.14
CA GLN SA 309 76.20 52.02 34.91
C GLN SA 309 75.49 52.60 36.11
N GLY SA 310 74.79 51.77 36.87
CA GLY SA 310 74.04 52.19 38.04
C GLY SA 310 74.79 52.17 39.34
N ILE SA 311 76.09 51.88 39.33
CA ILE SA 311 76.90 51.92 40.54
C ILE SA 311 77.11 53.37 40.95
N ASN SA 312 76.95 53.64 42.25
CA ASN SA 312 77.02 55.01 42.75
C ASN SA 312 78.32 55.70 42.33
N SER SA 313 79.45 55.02 42.49
CA SER SA 313 80.73 55.67 42.25
C SER SA 313 80.89 56.05 40.78
N VAL SA 314 80.51 55.15 39.87
CA VAL SA 314 80.69 55.39 38.45
C VAL SA 314 79.45 55.95 37.78
N HIS SA 315 78.34 56.10 38.49
CA HIS SA 315 77.14 56.63 37.85
C HIS SA 315 77.25 58.12 37.57
N THR SA 316 78.11 58.84 38.29
CA THR SA 316 78.25 60.27 38.03
C THR SA 316 78.68 60.52 36.59
N ASN SA 317 79.78 59.90 36.18
CA ASN SA 317 80.32 60.08 34.85
C ASN SA 317 79.83 59.06 33.82
N LEU SA 318 79.15 57.99 34.23
CA LEU SA 318 78.44 57.13 33.30
C LEU SA 318 76.96 57.44 33.18
N ASN SA 319 76.48 58.47 33.86
CA ASN SA 319 75.10 58.88 33.69
C ASN SA 319 74.83 59.18 32.21
N PRO SA 320 73.73 58.69 31.65
CA PRO SA 320 73.46 58.97 30.24
C PRO SA 320 73.28 60.46 29.99
N ALA SA 321 73.90 60.95 28.93
CA ALA SA 321 73.67 62.33 28.55
C ALA SA 321 72.31 62.53 27.91
N ASN SA 322 71.62 61.45 27.56
CA ASN SA 322 70.28 61.55 27.01
C ASN SA 322 69.20 61.53 28.07
N ASP SA 323 69.58 61.54 29.35
CA ASP SA 323 68.61 61.88 30.38
C ASP SA 323 67.90 63.18 30.03
N SER SA 324 68.68 64.18 29.63
CA SER SA 324 68.11 65.47 29.25
C SER SA 324 67.06 65.33 28.18
N LEU SA 325 67.09 64.22 27.46
CA LEU SA 325 66.10 64.00 26.42
C LEU SA 325 64.74 63.69 27.03
N TRP SA 326 64.67 62.69 27.91
CA TRP SA 326 63.43 62.34 28.62
C TRP SA 326 63.33 62.87 30.05
N ILE SA 327 64.35 63.47 30.64
CA ILE SA 327 64.21 63.96 32.02
C ILE SA 327 64.30 65.47 32.11
N GLN SA 328 63.23 66.13 32.54
CA GLN SA 328 63.04 67.51 32.15
C GLN SA 328 62.81 68.61 33.18
N SER SA 329 62.88 68.29 34.47
CA SER SA 329 62.62 69.24 35.57
C SER SA 329 61.17 69.77 35.64
N TYR SA 330 60.96 70.95 36.22
CA TYR SA 330 59.61 71.51 36.36
C TYR SA 330 59.42 72.79 35.55
N GLY SA 331 58.24 72.97 34.96
CA GLY SA 331 58.13 74.03 33.99
C GLY SA 331 58.03 75.45 34.52
N SER SA 332 57.04 75.71 35.35
CA SER SA 332 56.70 77.08 35.70
C SER SA 332 56.35 77.14 37.16
N LEU SA 333 56.85 78.17 37.82
CA LEU SA 333 56.77 78.30 39.26
C LEU SA 333 55.66 79.28 39.62
N VAL SA 334 54.99 79.01 40.74
CA VAL SA 334 54.18 80.06 41.32
C VAL SA 334 55.11 81.19 41.74
N SER SA 335 54.56 82.39 41.82
CA SER SA 335 55.38 83.55 42.10
C SER SA 335 55.42 83.73 43.61
N ILE SA 336 56.59 83.51 44.20
CA ILE SA 336 56.77 83.48 45.64
C ILE SA 336 57.83 84.50 45.99
N THR SA 337 57.45 85.54 46.73
CA THR SA 337 58.42 86.37 47.42
C THR SA 337 58.32 86.04 48.90
N GLU SA 338 59.46 85.93 49.56
CA GLU SA 338 59.54 85.44 50.92
C GLU SA 338 58.84 84.08 50.94
N SER SA 339 57.95 83.82 51.90
CA SER SA 339 57.14 82.61 51.92
C SER SA 339 55.77 82.82 51.29
N LYS SA 340 55.50 83.98 50.73
CA LYS SA 340 54.15 84.43 50.43
C LYS SA 340 53.90 84.41 48.93
N ILE SA 341 52.75 83.86 48.54
CA ILE SA 341 52.40 83.79 47.12
C ILE SA 341 52.02 85.17 46.61
N ASN SA 342 52.63 85.59 45.51
CA ASN SA 342 52.31 86.88 44.93
C ASN SA 342 51.02 86.83 44.13
N ASN SA 343 50.84 85.78 43.34
CA ASN SA 343 49.69 85.63 42.48
C ASN SA 343 49.54 84.17 42.14
N ILE SA 344 48.36 83.80 41.67
CA ILE SA 344 48.13 82.46 41.15
C ILE SA 344 47.59 82.57 39.73
N GLN SA 345 48.20 81.85 38.82
CA GLN SA 345 47.78 81.77 37.44
C GLN SA 345 47.05 80.47 37.24
N PHE SA 346 45.99 80.47 36.43
CA PHE SA 346 45.23 79.25 36.21
C PHE SA 346 45.37 78.67 34.82
N GLY SA 347 44.92 79.37 33.79
CA GLY SA 347 45.06 78.88 32.44
C GLY SA 347 44.63 77.45 32.13
N PRO SA 348 43.32 77.25 32.02
CA PRO SA 348 42.65 75.97 31.76
C PRO SA 348 42.81 75.51 30.32
N THR SA 349 42.43 74.27 30.03
CA THR SA 349 42.50 73.83 28.66
C THR SA 349 41.23 74.48 28.17
N CYS SA 350 41.37 75.57 27.42
CA CYS SA 350 40.18 76.27 27.01
C CYS SA 350 39.47 75.54 25.91
N PRO SA 351 38.14 75.56 25.96
CA PRO SA 351 37.30 74.82 25.01
C PRO SA 351 37.31 75.40 23.62
N ARG SA 352 37.74 76.64 23.43
CA ARG SA 352 37.73 77.23 22.11
C ARG SA 352 39.04 77.00 21.34
N VAL SA 353 40.06 76.45 21.97
CA VAL SA 353 41.18 75.90 21.21
C VAL SA 353 40.68 74.71 20.40
N ASP SA 354 41.23 74.55 19.19
CA ASP SA 354 40.86 73.45 18.34
C ASP SA 354 41.05 72.13 19.08
N ALA SA 355 40.03 71.27 19.00
CA ALA SA 355 40.10 69.99 19.68
C ALA SA 355 41.29 69.16 19.25
N ARG SA 356 41.84 69.43 18.08
CA ARG SA 356 43.02 68.70 17.63
C ARG SA 356 44.26 69.13 18.40
N ASN SA 357 44.26 70.35 18.92
CA ASN SA 357 45.35 70.80 19.77
C ASN SA 357 45.22 70.27 21.20
N LYS SA 358 44.01 70.04 21.67
CA LYS SA 358 43.78 69.79 23.09
C LYS SA 358 44.04 68.37 23.52
N GLY SA 359 44.54 67.51 22.62
CA GLY SA 359 44.62 66.10 22.89
C GLY SA 359 45.68 65.70 23.91
N GLY SA 360 46.02 64.41 23.93
CA GLY SA 360 46.65 63.80 25.08
C GLY SA 360 48.04 64.23 25.50
N LYS SA 361 49.00 64.13 24.61
CA LYS SA 361 50.41 64.16 24.99
C LYS SA 361 50.89 65.60 25.19
N MET SA 362 51.45 65.88 26.36
CA MET SA 362 51.83 67.25 26.70
C MET SA 362 53.23 67.63 26.28
N SER SA 363 53.97 66.77 25.61
CA SER SA 363 55.29 67.18 25.19
C SER SA 363 55.63 66.51 23.87
N MET SA 364 56.57 67.11 23.17
CA MET SA 364 57.08 66.56 21.93
C MET SA 364 58.59 66.71 21.97
N LEU SA 365 59.27 65.84 21.25
CA LEU SA 365 60.72 65.83 21.25
C LEU SA 365 61.15 66.51 19.96
N PHE SA 366 61.50 67.78 20.10
CA PHE SA 366 61.76 68.67 18.98
C PHE SA 366 63.09 69.38 19.09
N ASP SA 367 63.79 69.49 17.98
CA ASP SA 367 65.11 70.11 17.95
C ASP SA 367 65.17 71.61 18.10
N HIS SA 368 66.34 72.09 18.50
CA HIS SA 368 66.55 73.52 18.64
C HIS SA 368 67.82 73.88 17.88
N HIS SA 369 67.76 74.95 17.09
CA HIS SA 369 68.92 75.37 16.33
C HIS SA 369 69.59 76.61 16.95
N GLU TA 36 56.57 -54.18 2.81
CA GLU TA 36 56.46 -53.82 4.22
C GLU TA 36 57.81 -54.08 4.89
N GLY TA 37 58.07 -53.37 5.98
CA GLY TA 37 59.33 -53.51 6.68
C GLY TA 37 60.41 -52.62 6.11
N ASP TA 38 61.62 -52.78 6.66
CA ASP TA 38 62.76 -51.99 6.20
C ASP TA 38 63.45 -52.63 5.01
N GLY TA 39 62.94 -53.75 4.51
CA GLY TA 39 63.52 -54.43 3.36
C GLY TA 39 64.25 -55.70 3.70
N SER TA 40 64.55 -55.90 4.97
CA SER TA 40 65.31 -57.06 5.45
C SER TA 40 64.66 -58.40 5.19
N ALA TA 41 63.42 -58.40 4.73
CA ALA TA 41 62.67 -59.63 4.46
C ALA TA 41 63.14 -60.33 3.20
N PRO TA 42 62.77 -61.59 3.03
CA PRO TA 42 63.23 -62.26 1.82
C PRO TA 42 62.75 -61.64 0.51
N GLY TA 43 61.53 -61.13 0.40
CA GLY TA 43 61.07 -60.57 -0.87
C GLY TA 43 60.74 -59.08 -0.87
N GLY TA 44 60.74 -58.45 -2.04
CA GLY TA 44 60.46 -57.03 -2.13
C GLY TA 44 61.66 -56.14 -2.35
N SER TA 45 61.78 -55.06 -1.58
CA SER TA 45 62.89 -54.14 -1.70
C SER TA 45 64.16 -54.56 -0.96
N VAL TA 46 65.31 -54.11 -1.43
CA VAL TA 46 66.63 -54.43 -0.88
C VAL TA 46 66.96 -53.62 0.34
N TRP TA 47 67.36 -54.30 1.42
CA TRP TA 47 67.77 -53.59 2.60
C TRP TA 47 69.10 -53.03 2.22
N GLN TA 48 69.30 -51.73 2.40
CA GLN TA 48 70.57 -51.14 2.01
C GLN TA 48 71.13 -50.32 3.16
N THR TA 49 72.46 -50.25 3.18
CA THR TA 49 73.21 -49.65 4.27
C THR TA 49 73.10 -48.13 4.24
N THR TA 50 73.43 -47.52 5.38
CA THR TA 50 73.33 -46.08 5.55
C THR TA 50 74.25 -45.34 4.59
N ASP TA 51 73.90 -44.09 4.32
CA ASP TA 51 74.62 -43.25 3.37
C ASP TA 51 75.86 -42.66 4.01
N TYR TA 52 77.01 -42.88 3.38
CA TYR TA 52 78.25 -42.26 3.83
C TYR TA 52 78.56 -40.93 3.15
N ILE TA 53 77.80 -40.52 2.14
CA ILE TA 53 78.09 -39.25 1.48
C ILE TA 53 77.72 -38.08 2.38
N ALA TA 54 76.52 -38.13 2.95
CA ALA TA 54 75.94 -36.95 3.60
C ALA TA 54 76.91 -36.30 4.58
N LEU TA 55 77.63 -37.10 5.34
CA LEU TA 55 78.58 -36.54 6.30
C LEU TA 55 79.90 -36.14 5.67
N SER TA 56 80.25 -36.67 4.51
CA SER TA 56 81.47 -36.23 3.86
C SER TA 56 81.28 -34.92 3.11
N MET TA 57 80.04 -34.58 2.75
CA MET TA 57 79.77 -33.35 2.03
C MET TA 57 79.44 -32.17 2.92
N VAL TA 58 79.24 -32.38 4.22
CA VAL TA 58 78.84 -31.27 5.07
C VAL TA 58 79.99 -30.26 5.15
N VAL TA 59 79.68 -29.01 4.88
CA VAL TA 59 80.66 -27.94 4.85
C VAL TA 59 80.60 -27.21 6.17
N TYR TA 60 81.72 -27.19 6.88
CA TYR TA 60 81.83 -26.46 8.13
C TYR TA 60 82.57 -25.17 7.86
N ARG TA 61 82.20 -24.12 8.59
CA ARG TA 61 82.58 -22.77 8.24
C ARG TA 61 83.16 -22.08 9.46
N THR TA 62 84.43 -21.68 9.37
CA THR TA 62 85.09 -21.00 10.47
C THR TA 62 85.71 -19.70 10.00
N ALA TA 63 86.45 -19.02 10.87
CA ALA TA 63 87.11 -17.78 10.50
C ALA TA 63 88.30 -17.55 11.41
N ILE TA 64 89.20 -16.68 10.97
CA ILE TA 64 90.35 -16.26 11.75
C ILE TA 64 90.35 -14.74 11.78
N LYS TA 65 90.18 -14.18 12.97
CA LYS TA 65 90.15 -12.74 13.16
C LYS TA 65 91.35 -12.32 13.98
N LEU TA 66 92.01 -11.25 13.55
CA LEU TA 66 93.22 -10.76 14.21
C LEU TA 66 93.21 -9.24 14.21
N ARG TA 67 93.67 -8.64 15.30
CA ARG TA 67 93.81 -7.20 15.39
C ARG TA 67 95.27 -6.82 15.52
N ASN TA 68 95.57 -5.61 15.09
CA ASN TA 68 96.92 -5.12 14.99
C ASN TA 68 96.85 -3.60 15.08
N PHE TA 69 97.92 -2.99 15.55
CA PHE TA 69 98.10 -1.55 15.47
C PHE TA 69 99.15 -1.27 14.42
N VAL TA 70 98.85 -0.37 13.50
CA VAL TA 70 99.74 -0.01 12.41
C VAL TA 70 100.25 1.39 12.66
N ASN TA 71 101.56 1.56 12.58
CA ASN TA 71 102.21 2.87 12.68
C ASN TA 71 102.96 3.12 11.39
N ILE TA 72 102.53 4.13 10.65
CA ILE TA 72 103.13 4.48 9.37
C ILE TA 72 103.87 5.80 9.58
N ARG TA 73 105.19 5.77 9.50
CA ARG TA 73 106.00 6.94 9.75
C ARG TA 73 106.95 7.19 8.58
N GLY TA 74 107.32 8.46 8.42
CA GLY TA 74 108.33 8.83 7.45
C GLY TA 74 108.00 8.46 6.03
N LEU TA 75 106.74 8.57 5.65
CA LEU TA 75 106.27 8.18 4.33
C LEU TA 75 106.10 9.45 3.52
N THR TA 76 106.95 9.65 2.53
CA THR TA 76 106.88 10.85 1.70
C THR TA 76 105.74 10.70 0.70
N PRO TA 77 105.29 11.81 0.09
CA PRO TA 77 104.13 11.73 -0.80
C PRO TA 77 104.35 10.89 -2.04
N THR TA 78 105.59 10.69 -2.47
CA THR TA 78 105.84 9.83 -3.62
C THR TA 78 105.71 8.36 -3.24
N GLU TA 79 106.33 7.97 -2.13
CA GLU TA 79 106.28 6.60 -1.66
C GLU TA 79 104.92 6.29 -1.03
N MET TA 80 104.61 5.01 -0.96
CA MET TA 80 103.26 4.55 -0.69
C MET TA 80 103.30 3.20 0.01
N ILE TA 81 102.39 2.99 0.94
CA ILE TA 81 102.30 1.73 1.67
C ILE TA 81 101.46 0.75 0.87
N VAL TA 82 102.01 -0.43 0.66
CA VAL TA 82 101.32 -1.50 -0.05
C VAL TA 82 100.61 -2.36 0.97
N ILE TA 83 99.30 -2.49 0.83
CA ILE TA 83 98.54 -3.32 1.77
C ILE TA 83 98.69 -4.75 1.27
N PRO TA 84 99.38 -5.61 1.95
CA PRO TA 84 99.52 -7.00 1.47
C PRO TA 84 98.24 -7.78 1.69
N TRP TA 85 97.13 -7.25 1.21
CA TRP TA 85 95.84 -7.78 1.62
C TRP TA 85 95.38 -8.88 0.69
N ASN TA 86 96.08 -9.11 -0.40
CA ASN TA 86 95.78 -10.19 -1.31
C ASN TA 86 96.63 -11.42 -1.08
N VAL TA 87 97.52 -11.41 -0.08
CA VAL TA 87 98.31 -12.59 0.25
C VAL TA 87 97.62 -13.31 1.40
N MET TA 88 97.56 -14.63 1.29
CA MET TA 88 96.81 -15.43 2.25
C MET TA 88 97.40 -15.32 3.65
N ARG TA 89 98.72 -15.25 3.74
CA ARG TA 89 99.41 -15.20 5.02
C ARG TA 89 99.10 -13.94 5.81
N PHE TA 90 98.57 -12.91 5.16
CA PHE TA 90 98.24 -11.68 5.85
C PHE TA 90 97.15 -11.89 6.89
N TYR TA 91 96.10 -12.64 6.52
CA TYR TA 91 94.94 -12.76 7.37
C TYR TA 91 95.10 -13.80 8.46
N CYS TA 92 95.63 -14.97 8.12
CA CYS TA 92 95.65 -16.12 9.01
C CYS TA 92 96.96 -16.32 9.73
N GLU TA 93 97.96 -15.50 9.48
CA GLU TA 93 99.22 -15.55 10.22
C GLU TA 93 99.52 -14.15 10.72
N TYR TA 94 99.95 -14.04 11.97
CA TYR TA 94 100.02 -12.75 12.63
C TYR TA 94 101.47 -12.32 12.60
N ASN TA 95 101.80 -11.37 11.74
CA ASN TA 95 103.18 -10.93 11.65
C ASN TA 95 103.20 -9.50 12.15
N THR TA 96 103.68 -9.32 13.37
CA THR TA 96 103.82 -8.00 13.96
C THR TA 96 105.05 -8.04 14.85
N GLY TA 97 105.93 -7.06 14.71
CA GLY TA 97 107.00 -6.92 15.68
C GLY TA 97 107.80 -8.18 15.86
N THR TA 98 107.88 -8.64 17.12
CA THR TA 98 108.66 -9.82 17.47
C THR TA 98 107.96 -11.12 17.09
N TYR TA 99 106.63 -11.11 16.92
CA TYR TA 99 105.90 -12.35 16.63
C TYR TA 99 106.46 -13.04 15.41
N GLY TA 100 106.52 -12.34 14.27
CA GLY TA 100 107.01 -12.94 13.05
C GLY TA 100 108.39 -13.54 13.15
N LEU TA 101 109.20 -13.06 14.11
CA LEU TA 101 110.50 -13.65 14.33
C LEU TA 101 110.37 -14.98 15.06
N SER TA 102 109.43 -15.09 15.99
CA SER TA 102 109.17 -16.35 16.67
C SER TA 102 108.47 -17.33 15.73
N GLY TA 103 108.55 -18.60 16.08
CA GLY TA 103 108.09 -19.65 15.20
C GLY TA 103 106.60 -19.96 15.32
N ASN TA 104 106.04 -20.42 14.20
CA ASN TA 104 104.67 -20.92 14.11
C ASN TA 104 103.68 -19.92 14.72
N VAL TA 105 103.53 -18.80 14.01
CA VAL TA 105 102.62 -17.75 14.44
C VAL TA 105 101.25 -17.90 13.78
N HIS TA 106 101.04 -18.96 13.01
CA HIS TA 106 99.72 -19.23 12.45
C HIS TA 106 98.67 -19.34 13.55
N HIS TA 107 97.47 -18.89 13.24
CA HIS TA 107 96.36 -19.04 14.16
C HIS TA 107 95.99 -20.52 14.27
N LYS TA 108 95.56 -20.93 15.45
CA LYS TA 108 95.34 -22.35 15.68
C LYS TA 108 94.13 -22.89 14.94
N ASN TA 109 93.16 -22.04 14.58
CA ASN TA 109 92.11 -22.52 13.70
C ASN TA 109 92.67 -22.92 12.35
N TYR TA 110 93.75 -22.29 11.92
CA TYR TA 110 94.31 -22.69 10.64
C TYR TA 110 95.12 -23.96 10.74
N SER TA 111 95.80 -24.16 11.87
CA SER TA 111 96.59 -25.38 12.04
C SER TA 111 95.72 -26.62 11.93
N MET TA 112 94.47 -26.54 12.39
CA MET TA 112 93.59 -27.69 12.26
C MET TA 112 92.90 -27.76 10.90
N LEU TA 113 92.83 -26.66 10.15
CA LEU TA 113 92.34 -26.77 8.79
C LEU TA 113 93.20 -27.70 7.97
N LEU TA 114 94.41 -27.96 8.41
CA LEU TA 114 95.26 -28.99 7.83
C LEU TA 114 94.95 -30.37 8.39
N ALA TA 115 94.20 -30.44 9.48
CA ALA TA 115 93.75 -31.74 10.00
C ALA TA 115 92.55 -32.27 9.23
N CYS TA 116 91.61 -31.40 8.89
CA CYS TA 116 90.51 -31.81 8.03
C CYS TA 116 91.01 -31.96 6.60
N LYS TA 117 90.27 -32.69 5.78
CA LYS TA 117 90.83 -33.07 4.50
C LYS TA 117 90.78 -31.95 3.47
N ALA TA 118 89.84 -31.02 3.61
CA ALA TA 118 89.68 -29.94 2.65
C ALA TA 118 89.34 -28.67 3.38
N HIS TA 119 89.91 -27.56 2.93
CA HIS TA 119 89.51 -26.25 3.41
C HIS TA 119 89.50 -25.29 2.25
N ARG TA 120 88.66 -24.27 2.35
CA ARG TA 120 88.59 -23.29 1.32
C ARG TA 120 88.46 -21.90 1.92
N PRO TA 121 89.17 -20.91 1.37
CA PRO TA 121 89.28 -19.61 2.03
C PRO TA 121 88.04 -18.73 1.98
N THR TA 122 87.15 -18.88 1.01
CA THR TA 122 85.94 -18.05 0.88
C THR TA 122 86.22 -16.57 1.10
N LYS TA 123 85.41 -15.90 1.91
CA LYS TA 123 85.52 -14.45 2.03
C LYS TA 123 86.78 -14.06 2.80
N VAL TA 124 87.31 -12.88 2.48
CA VAL TA 124 88.48 -12.34 3.15
C VAL TA 124 88.33 -10.82 3.18
N GLY TA 125 88.83 -10.21 4.25
CA GLY TA 125 88.66 -8.77 4.38
C GLY TA 125 89.43 -8.21 5.54
N TYR TA 126 89.41 -6.88 5.63
CA TYR TA 126 90.13 -6.20 6.72
C TYR TA 126 89.49 -4.84 6.98
N THR TA 127 89.82 -4.28 8.13
CA THR TA 127 89.27 -3.01 8.57
C THR TA 127 90.38 -2.10 9.08
N LEU TA 128 90.37 -0.86 8.62
CA LEU TA 128 91.19 0.21 9.17
C LEU TA 128 90.32 1.09 10.05
N SER TA 129 90.78 1.38 11.25
CA SER TA 129 89.92 2.04 12.21
C SER TA 129 90.70 2.98 13.10
N ASN TA 130 90.01 4.01 13.59
CA ASN TA 130 90.54 4.95 14.60
C ASN TA 130 91.91 5.47 14.21
N LEU TA 131 91.90 6.28 13.17
CA LEU TA 131 93.11 6.87 12.65
C LEU TA 131 93.63 7.95 13.60
N ILE TA 132 94.94 7.93 13.83
CA ILE TA 132 95.62 8.96 14.59
C ILE TA 132 96.77 9.46 13.75
N LEU TA 133 96.71 10.72 13.35
CA LEU TA 133 97.81 11.38 12.66
C LEU TA 133 98.66 12.16 13.65
N THR TA 134 99.96 12.07 13.50
CA THR TA 134 100.91 12.82 14.28
C THR TA 134 101.86 13.53 13.33
N SER TA 135 102.60 14.49 13.85
CA SER TA 135 103.49 15.31 13.05
C SER TA 135 104.87 15.36 13.66
N ASP TA 136 105.89 15.17 12.85
CA ASP TA 136 107.27 15.38 13.24
C ASP TA 136 107.72 16.81 12.99
N GLU TA 137 106.81 17.69 12.59
CA GLU TA 137 107.19 19.05 12.22
C GLU TA 137 107.91 19.77 13.36
N LEU TA 138 107.45 19.55 14.59
CA LEU TA 138 108.14 20.16 15.72
C LEU TA 138 109.44 19.47 16.06
N VAL TA 139 109.66 18.27 15.53
CA VAL TA 139 110.87 17.51 15.80
C VAL TA 139 112.02 18.07 14.99
N SER TA 140 113.19 18.16 15.62
CA SER TA 140 114.41 18.56 14.97
C SER TA 140 115.56 17.75 15.55
N THR TA 141 116.70 17.77 14.85
CA THR TA 141 117.85 17.01 15.32
C THR TA 141 118.32 17.48 16.69
N GLY TA 142 118.06 18.74 17.03
CA GLY TA 142 118.36 19.21 18.38
C GLY TA 142 117.46 18.57 19.42
N GLY TA 143 116.26 18.15 19.02
CA GLY TA 143 115.40 17.43 19.93
C GLY TA 143 114.58 18.35 20.83
N THR TA 144 114.32 17.86 22.04
CA THR TA 144 113.60 18.54 23.11
C THR TA 144 112.11 18.70 22.79
N LEU TA 145 111.72 18.44 21.54
CA LEU TA 145 110.31 18.40 21.16
C LEU TA 145 110.08 17.16 20.31
N GLY TA 146 109.11 16.34 20.72
CA GLY TA 146 108.78 15.13 20.01
C GLY TA 146 107.57 15.31 19.11
N THR TA 147 107.22 14.24 18.42
CA THR TA 147 106.05 14.28 17.56
C THR TA 147 104.80 14.41 18.40
N THR TA 148 103.75 14.97 17.79
CA THR TA 148 102.48 15.06 18.48
C THR TA 148 101.39 15.10 17.43
N THR TA 149 100.17 14.79 17.86
CA THR TA 149 99.04 14.77 16.95
C THR TA 149 98.87 16.11 16.27
N THR TA 150 98.37 16.07 15.04
CA THR TA 150 98.24 17.27 14.24
C THR TA 150 97.39 18.30 14.96
N PHE TA 151 97.75 19.58 14.76
CA PHE TA 151 97.09 20.67 15.48
C PHE TA 151 95.60 20.69 15.19
N ASN TA 152 95.20 20.39 13.96
CA ASN TA 152 93.81 20.25 13.61
C ASN TA 152 93.62 18.97 12.81
N THR TA 153 92.36 18.59 12.63
CA THR TA 153 92.01 17.32 12.03
C THR TA 153 91.91 17.38 10.52
N SER TA 154 92.24 18.52 9.91
CA SER TA 154 92.22 18.61 8.45
C SER TA 154 93.12 17.63 7.72
N PRO TA 155 94.31 17.26 8.21
CA PRO TA 155 95.12 16.30 7.47
C PRO TA 155 94.45 14.94 7.40
N TYR TA 156 94.91 14.14 6.45
CA TYR TA 156 94.28 12.86 6.18
C TYR TA 156 95.31 11.89 5.62
N MET TA 157 94.98 10.61 5.69
CA MET TA 157 95.74 9.55 5.04
C MET TA 157 94.91 9.00 3.91
N ILE TA 158 95.52 8.83 2.75
CA ILE TA 158 94.80 8.46 1.54
C ILE TA 158 94.82 6.94 1.44
N HIS TA 159 93.64 6.34 1.39
CA HIS TA 159 93.54 4.92 1.10
C HIS TA 159 93.17 4.75 -0.35
N SER TA 160 94.07 4.16 -1.12
CA SER TA 160 93.90 4.05 -2.56
C SER TA 160 93.63 2.60 -2.93
N ILE TA 161 92.61 2.40 -3.76
CA ILE TA 161 92.31 1.10 -4.35
C ILE TA 161 92.55 1.23 -5.84
N ASP TA 162 93.47 0.44 -6.38
CA ASP TA 162 93.77 0.59 -7.80
C ASP TA 162 92.88 -0.38 -8.56
N ASP TA 163 91.86 0.15 -9.20
CA ASP TA 163 90.91 -0.64 -9.97
C ASP TA 163 91.42 -0.90 -11.38
N GLN TA 164 92.01 0.12 -11.98
CA GLN TA 164 92.47 0.03 -13.36
C GLN TA 164 93.84 -0.62 -13.45
N GLN TA 165 94.41 -1.01 -12.32
CA GLN TA 165 95.71 -1.64 -12.26
C GLN TA 165 96.78 -0.75 -12.89
N CYS TA 166 96.86 0.48 -12.41
CA CYS TA 166 97.99 1.32 -12.74
C CYS TA 166 99.29 0.61 -12.41
N LEU TA 167 99.33 -0.06 -11.26
CA LEU TA 167 100.49 -0.82 -10.82
C LEU TA 167 100.12 -2.29 -10.88
N SER TA 168 100.72 -3.01 -11.82
CA SER TA 168 100.51 -4.45 -11.93
C SER TA 168 101.31 -5.20 -10.88
N LYS TA 169 102.58 -4.82 -10.73
CA LYS TA 169 103.52 -5.51 -9.88
C LYS TA 169 104.30 -4.45 -9.12
N VAL TA 170 104.41 -4.63 -7.82
CA VAL TA 170 104.91 -3.59 -6.92
C VAL TA 170 106.17 -4.10 -6.24
N TYR TA 171 107.21 -3.27 -6.23
CA TYR TA 171 108.50 -3.62 -5.67
C TYR TA 171 108.81 -2.73 -4.48
N PRO TA 172 109.61 -3.21 -3.53
CA PRO TA 172 110.05 -2.34 -2.44
C PRO TA 172 110.96 -1.23 -2.95
N LYS TA 173 111.12 -0.20 -2.12
CA LYS TA 173 112.03 0.88 -2.46
C LYS TA 173 113.46 0.37 -2.52
N THR TA 174 114.30 1.12 -3.23
CA THR TA 174 115.66 0.69 -3.52
C THR TA 174 116.39 0.26 -2.25
N ASP TA 175 116.34 1.09 -1.22
CA ASP TA 175 117.09 0.77 0.00
C ASP TA 175 116.38 -0.26 0.85
N THR TA 176 115.05 -0.17 0.95
CA THR TA 176 114.32 -1.00 1.90
C THR TA 176 114.09 -2.39 1.34
N VAL TA 177 113.44 -3.23 2.15
CA VAL TA 177 113.06 -4.58 1.75
C VAL TA 177 111.82 -4.94 2.56
N TRP TA 178 111.06 -5.90 2.04
CA TRP TA 178 109.79 -6.28 2.67
C TRP TA 178 109.95 -7.59 3.39
N PRO TA 179 110.02 -7.61 4.72
CA PRO TA 179 110.02 -8.88 5.43
C PRO TA 179 108.62 -9.47 5.46
N VAL TA 180 108.55 -10.80 5.44
CA VAL TA 180 107.25 -11.39 5.60
C VAL TA 180 106.87 -11.40 7.08
N SER TA 181 107.87 -11.43 7.97
CA SER TA 181 107.61 -11.36 9.39
C SER TA 181 107.01 -10.03 9.82
N SER TA 182 107.17 -9.01 8.98
CA SER TA 182 106.65 -7.67 9.25
C SER TA 182 105.30 -7.41 8.61
N MET TA 183 104.68 -8.43 8.02
CA MET TA 183 103.60 -8.22 7.05
C MET TA 183 102.45 -7.42 7.63
N ARG TA 184 101.96 -7.78 8.82
CA ARG TA 184 100.70 -7.19 9.26
C ARG TA 184 100.82 -5.77 9.79
N GLU TA 185 101.97 -5.37 10.32
CA GLU TA 185 102.15 -3.93 10.55
C GLU TA 185 102.66 -3.39 9.24
N LEU TA 186 102.05 -2.35 8.74
CA LEU TA 186 102.21 -2.09 7.32
C LEU TA 186 103.42 -1.19 7.20
N ASP TA 187 104.56 -1.79 6.90
CA ASP TA 187 105.78 -1.10 6.57
C ASP TA 187 106.13 -1.13 5.10
N TYR TA 188 105.37 -1.80 4.26
CA TYR TA 188 105.86 -2.05 2.91
C TYR TA 188 105.71 -0.77 2.11
N VAL TA 189 106.82 -0.22 1.67
CA VAL TA 189 106.84 1.08 1.01
C VAL TA 189 107.28 0.87 -0.43
N ALA TA 190 106.40 1.24 -1.34
CA ALA TA 190 106.72 1.28 -2.75
C ALA TA 190 106.90 2.73 -3.17
N SER TA 191 107.79 2.97 -4.11
CA SER TA 191 107.94 4.28 -4.70
C SER TA 191 107.49 4.15 -6.15
N THR TA 192 106.35 4.74 -6.46
CA THR TA 192 105.81 4.68 -7.81
C THR TA 192 106.42 5.82 -8.62
N VAL TA 193 107.13 5.46 -9.69
CA VAL TA 193 107.94 6.42 -10.42
C VAL TA 193 107.81 6.12 -11.91
N SER TA 194 107.54 7.15 -12.71
CA SER TA 194 107.59 7.05 -14.16
C SER TA 194 109.06 7.16 -14.58
N GLY TA 195 109.33 7.34 -15.86
CA GLY TA 195 110.73 7.35 -16.23
C GLY TA 195 111.53 8.43 -15.57
N ASP TA 196 111.19 9.70 -15.78
CA ASP TA 196 111.73 10.80 -15.00
C ASP TA 196 110.79 11.29 -13.91
N ASN TA 197 109.58 10.76 -13.82
CA ASN TA 197 108.51 11.38 -13.06
C ASN TA 197 108.22 10.57 -11.81
N ALA TA 198 108.19 11.25 -10.66
CA ALA TA 198 107.72 10.64 -9.44
C ALA TA 198 106.20 10.72 -9.40
N ILE TA 199 105.55 9.57 -9.32
CA ILE TA 199 104.09 9.51 -9.34
C ILE TA 199 103.57 9.77 -7.93
N ILE TA 200 102.64 10.70 -7.78
CA ILE TA 200 101.87 10.81 -6.56
C ILE TA 200 100.81 9.73 -6.61
N PRO TA 201 100.82 8.77 -5.69
CA PRO TA 201 99.96 7.58 -5.87
C PRO TA 201 98.48 7.91 -5.95
N SER TA 202 98.00 8.86 -5.15
CA SER TA 202 96.58 9.19 -5.16
C SER TA 202 96.09 9.68 -6.51
N THR TA 203 96.99 10.17 -7.36
CA THR TA 203 96.55 10.78 -8.60
C THR TA 203 96.23 9.74 -9.67
N ILE TA 204 96.99 8.65 -9.72
CA ILE TA 204 96.75 7.63 -10.73
C ILE TA 204 95.62 6.68 -10.32
N PHE TA 205 95.53 6.35 -9.05
CA PHE TA 205 94.63 5.30 -8.61
C PHE TA 205 93.17 5.75 -8.71
N ASN TA 206 92.29 4.75 -8.77
CA ASN TA 206 90.89 5.03 -9.09
C ASN TA 206 90.13 5.48 -7.85
N LYS TA 207 89.86 4.56 -6.93
CA LYS TA 207 89.21 4.93 -5.68
C LYS TA 207 90.28 5.39 -4.70
N ASN TA 208 90.16 6.64 -4.27
CA ASN TA 208 91.04 7.23 -3.28
C ASN TA 208 90.17 7.80 -2.18
N ARG TA 209 90.26 7.23 -1.00
CA ARG TA 209 89.51 7.69 0.16
C ARG TA 209 90.43 8.56 1.01
N TYR TA 210 90.04 9.80 1.25
CA TYR TA 210 90.81 10.65 2.14
C TYR TA 210 90.22 10.49 3.52
N TRP TA 211 90.95 9.83 4.39
CA TRP TA 211 90.43 9.34 5.64
C TRP TA 211 91.09 10.11 6.77
N LYS TA 212 90.27 10.82 7.54
CA LYS TA 212 90.75 11.77 8.52
C LYS TA 212 90.57 11.20 9.92
N GLN TA 213 90.96 12.00 10.89
CA GLN TA 213 90.79 11.65 12.29
C GLN TA 213 89.34 11.82 12.67
N GLY TA 214 88.71 10.76 13.15
CA GLY TA 214 87.32 10.79 13.50
C GLY TA 214 86.41 10.14 12.47
N ASP TA 215 86.90 9.92 11.26
CA ASP TA 215 86.10 9.25 10.25
C ASP TA 215 85.81 7.81 10.67
N ASP TA 216 84.73 7.27 10.11
CA ASP TA 216 84.35 5.91 10.41
C ASP TA 216 85.40 4.95 9.87
N ALA TA 217 85.40 3.75 10.43
CA ALA TA 217 86.35 2.74 10.02
C ALA TA 217 86.18 2.40 8.54
N LEU TA 218 87.28 2.02 7.91
CA LEU TA 218 87.28 1.66 6.50
C LEU TA 218 87.25 0.14 6.40
N HIS TA 219 86.19 -0.39 5.82
CA HIS TA 219 85.96 -1.82 5.74
C HIS TA 219 86.18 -2.28 4.31
N PHE TA 220 87.02 -3.29 4.12
CA PHE TA 220 87.29 -3.82 2.80
C PHE TA 220 87.15 -5.33 2.84
N SER TA 221 86.48 -5.89 1.84
CA SER TA 221 86.18 -7.29 1.83
C SER TA 221 86.33 -7.83 0.42
N HIS TA 222 86.59 -9.12 0.32
CA HIS TA 222 86.62 -9.82 -0.95
C HIS TA 222 85.97 -11.16 -0.77
N ASP TA 223 84.99 -11.47 -1.62
CA ASP TA 223 84.32 -12.75 -1.59
C ASP TA 223 84.97 -13.68 -2.60
N LEU TA 224 85.30 -14.89 -2.16
CA LEU TA 224 85.80 -15.93 -3.03
C LEU TA 224 84.71 -16.97 -3.26
N ASP TA 225 84.39 -17.23 -4.51
CA ASP TA 225 83.59 -18.39 -4.87
C ASP TA 225 84.47 -19.33 -5.67
N LEU TA 226 84.86 -20.43 -5.06
CA LEU TA 226 85.71 -21.43 -5.67
C LEU TA 226 84.86 -22.67 -5.95
N GLY TA 227 85.12 -23.32 -7.06
CA GLY TA 227 84.43 -24.58 -7.26
C GLY TA 227 85.15 -25.74 -6.63
N PHE TA 228 86.26 -25.51 -5.95
CA PHE TA 228 87.11 -26.58 -5.48
C PHE TA 228 87.60 -26.23 -4.09
N TRP TA 229 88.47 -27.08 -3.58
CA TRP TA 229 88.92 -27.04 -2.19
C TRP TA 229 90.43 -27.17 -2.19
N PHE TA 230 91.04 -26.90 -1.04
CA PHE TA 230 92.48 -27.02 -0.91
C PHE TA 230 92.82 -28.05 0.15
N GLY TA 231 93.81 -28.89 -0.14
CA GLY TA 231 94.21 -29.91 0.79
C GLY TA 231 95.50 -29.64 1.53
N SER TA 232 96.23 -28.61 1.11
CA SER TA 232 97.53 -28.31 1.68
C SER TA 232 97.51 -26.92 2.31
N ASP TA 233 98.64 -26.53 2.89
CA ASP TA 233 98.73 -25.19 3.44
C ASP TA 233 98.95 -24.18 2.33
N TYR TA 234 98.54 -22.93 2.59
CA TYR TA 234 98.74 -21.89 1.59
C TYR TA 234 100.22 -21.62 1.35
N GLY TA 235 101.00 -21.50 2.42
CA GLY TA 235 102.43 -21.43 2.23
C GLY TA 235 102.88 -20.22 1.43
N ASN TA 236 102.56 -19.03 1.92
CA ASN TA 236 102.81 -17.74 1.24
C ASN TA 236 102.31 -17.76 -0.20
N ALA TA 237 101.06 -18.14 -0.35
CA ALA TA 237 100.32 -18.01 -1.60
C ALA TA 237 99.38 -16.82 -1.52
N TYR TA 238 99.19 -16.16 -2.65
CA TYR TA 238 98.11 -15.18 -2.73
C TYR TA 238 96.80 -15.88 -2.48
N VAL TA 239 95.92 -15.24 -1.72
CA VAL TA 239 94.56 -15.78 -1.59
C VAL TA 239 93.95 -15.90 -2.98
N PRO TA 240 93.31 -17.02 -3.31
CA PRO TA 240 93.11 -17.39 -4.72
C PRO TA 240 92.46 -16.31 -5.57
N GLN TA 241 93.06 -16.09 -6.74
CA GLN TA 241 92.63 -15.06 -7.67
C GLN TA 241 92.82 -15.61 -9.08
N ASN TA 242 91.99 -15.16 -10.00
CA ASN TA 242 92.16 -15.46 -11.41
C ASN TA 242 92.48 -14.15 -12.11
N ASN TA 243 93.70 -14.02 -12.62
CA ASN TA 243 94.11 -12.74 -13.15
C ASN TA 243 95.12 -12.93 -14.28
N ASP TA 244 95.52 -11.80 -14.85
CA ASP TA 244 96.67 -11.78 -15.73
C ASP TA 244 97.93 -12.21 -15.00
N SER TA 245 98.05 -11.87 -13.73
CA SER TA 245 99.22 -12.23 -12.96
C SER TA 245 99.16 -13.64 -12.39
N MET TA 246 97.97 -14.14 -12.06
CA MET TA 246 97.93 -15.37 -11.28
C MET TA 246 96.60 -16.09 -11.46
N ASN TA 247 96.61 -17.38 -11.14
CA ASN TA 247 95.42 -18.21 -11.20
C ASN TA 247 95.21 -18.90 -9.85
N ALA TA 248 93.96 -19.28 -9.61
CA ALA TA 248 93.54 -19.72 -8.28
C ALA TA 248 93.96 -21.14 -7.96
N VAL TA 249 94.07 -21.99 -8.97
CA VAL TA 249 94.34 -23.40 -8.78
C VAL TA 249 95.81 -23.68 -9.08
N GLY TA 250 96.47 -24.44 -8.22
CA GLY TA 250 97.91 -24.53 -8.27
C GLY TA 250 98.54 -25.76 -8.88
N THR TA 251 97.75 -26.81 -9.09
CA THR TA 251 98.30 -28.05 -9.62
C THR TA 251 98.33 -28.00 -11.14
N ILE TA 252 99.43 -28.46 -11.71
CA ILE TA 252 99.52 -28.62 -13.16
C ILE TA 252 98.58 -29.76 -13.54
N PRO TA 253 97.58 -29.52 -14.38
CA PRO TA 253 96.73 -30.61 -14.84
C PRO TA 253 97.51 -31.58 -15.71
N THR TA 254 97.08 -32.84 -15.68
CA THR TA 254 97.83 -33.94 -16.27
C THR TA 254 96.94 -34.73 -17.23
N SER TA 255 97.58 -35.55 -18.04
CA SER TA 255 97.01 -36.00 -19.31
C SER TA 255 95.84 -36.96 -19.15
N LYS TA 256 94.96 -36.93 -20.15
CA LYS TA 256 93.98 -37.98 -20.41
C LYS TA 256 92.96 -38.11 -19.27
N HIS TA 257 92.55 -36.98 -18.71
CA HIS TA 257 91.45 -36.95 -17.77
C HIS TA 257 91.08 -35.50 -17.51
N ILE TA 258 90.10 -35.30 -16.64
CA ILE TA 258 89.51 -33.99 -16.40
C ILE TA 258 90.15 -33.39 -15.15
N ASN TA 259 90.38 -32.09 -15.19
CA ASN TA 259 91.08 -31.39 -14.11
C ASN TA 259 90.35 -30.09 -13.83
N VAL TA 260 90.38 -29.66 -12.57
CA VAL TA 260 89.77 -28.39 -12.22
C VAL TA 260 90.68 -27.26 -12.69
N ARG TA 261 90.09 -26.31 -13.41
CA ARG TA 261 90.81 -25.26 -14.09
C ARG TA 261 90.22 -23.93 -13.67
N GLY TA 262 91.09 -22.96 -13.40
CA GLY TA 262 90.61 -21.62 -13.08
C GLY TA 262 89.92 -20.98 -14.26
N VAL TA 263 88.95 -20.12 -13.95
CA VAL TA 263 88.16 -19.46 -14.98
C VAL TA 263 87.62 -18.16 -14.39
N ASN TA 264 87.30 -17.21 -15.26
CA ASN TA 264 86.43 -16.04 -15.02
C ASN TA 264 87.01 -14.77 -14.40
N ASN TA 265 88.28 -14.68 -14.04
CA ASN TA 265 88.81 -13.39 -13.57
C ASN TA 265 88.07 -12.86 -12.35
N ARG TA 266 88.32 -13.49 -11.21
CA ARG TA 266 88.08 -12.87 -9.92
C ARG TA 266 89.43 -12.49 -9.34
N GLY TA 267 89.57 -11.24 -8.93
CA GLY TA 267 90.83 -10.78 -8.39
C GLY TA 267 90.62 -9.67 -7.40
N MET TA 268 91.70 -9.26 -6.75
CA MET TA 268 91.63 -8.18 -5.75
C MET TA 268 92.37 -6.93 -6.19
N ALA TA 269 91.80 -5.77 -5.89
CA ALA TA 269 92.40 -4.49 -6.24
C ALA TA 269 93.56 -4.18 -5.32
N GLY TA 270 94.63 -3.64 -5.88
CA GLY TA 270 95.82 -3.30 -5.11
C GLY TA 270 95.61 -2.14 -4.17
N HIS TA 271 95.25 -2.44 -2.92
CA HIS TA 271 95.03 -1.40 -1.92
C HIS TA 271 96.36 -0.75 -1.56
N TYR TA 272 96.32 0.53 -1.20
CA TYR TA 272 97.53 1.24 -0.85
C TYR TA 272 97.22 2.35 0.13
N LEU TA 273 98.25 2.80 0.84
CA LEU TA 273 98.14 3.90 1.77
C LEU TA 273 99.21 4.93 1.45
N SER TA 274 98.82 6.20 1.48
CA SER TA 274 99.73 7.28 1.15
C SER TA 274 99.26 8.55 1.83
N PHE TA 275 100.13 9.54 1.89
CA PHE TA 275 99.75 10.81 2.46
C PHE TA 275 99.79 11.88 1.38
N PRO TA 276 98.93 12.88 1.48
CA PRO TA 276 98.92 13.95 0.49
C PRO TA 276 100.20 14.75 0.58
N PRO TA 277 100.77 15.16 -0.56
CA PRO TA 277 101.93 16.05 -0.50
C PRO TA 277 101.55 17.37 0.12
N ILE TA 278 102.31 17.79 1.13
CA ILE TA 278 102.14 19.07 1.77
C ILE TA 278 103.52 19.69 1.87
N ARG TA 279 103.74 20.80 1.17
CA ARG TA 279 105.04 21.43 1.21
C ARG TA 279 105.22 22.20 2.51
N THR TA 280 106.46 22.23 2.97
CA THR TA 280 106.86 22.96 4.15
C THR TA 280 107.96 23.94 3.81
N ASN TA 281 108.44 24.64 4.83
CA ASN TA 281 109.66 25.44 4.66
C ASN TA 281 110.80 24.60 4.12
N ASP TA 282 110.87 23.33 4.54
CA ASP TA 282 111.85 22.39 4.02
C ASP TA 282 111.17 21.07 3.66
N GLY TA 283 111.22 20.72 2.39
CA GLY TA 283 110.72 19.41 1.99
C GLY TA 283 109.21 19.30 2.14
N GLN TA 284 108.79 18.15 2.66
CA GLN TA 284 107.39 17.78 2.71
C GLN TA 284 106.93 17.70 4.16
N PHE TA 285 105.64 17.92 4.37
CA PHE TA 285 105.08 17.84 5.70
C PHE TA 285 105.21 16.41 6.21
N LYS TA 286 105.57 16.26 7.46
CA LYS TA 286 105.80 14.93 7.99
C LYS TA 286 104.51 14.47 8.63
N LEU TA 287 103.84 13.52 7.99
CA LEU TA 287 102.62 12.92 8.51
C LEU TA 287 102.92 11.50 8.93
N ASN TA 288 102.47 11.16 10.12
CA ASN TA 288 102.61 9.83 10.66
C ASN TA 288 101.19 9.38 10.98
N ALA TA 289 100.92 8.10 10.82
CA ALA TA 289 99.57 7.61 11.03
C ALA TA 289 99.59 6.42 11.97
N GLN TA 290 98.57 6.35 12.82
CA GLN TA 290 98.23 5.12 13.51
C GLN TA 290 96.81 4.73 13.16
N PHE TA 291 96.57 3.44 13.06
CA PHE TA 291 95.21 2.92 12.99
C PHE TA 291 95.25 1.46 13.43
N THR TA 292 94.08 0.93 13.75
CA THR TA 292 93.98 -0.47 14.09
C THR TA 292 93.64 -1.26 12.84
N LEU TA 293 94.31 -2.39 12.69
CA LEU TA 293 94.07 -3.29 11.56
C LEU TA 293 93.34 -4.51 12.09
N GLU TA 294 92.08 -4.66 11.71
CA GLU TA 294 91.31 -5.86 12.01
C GLU TA 294 91.12 -6.61 10.71
N THR TA 295 91.75 -7.77 10.60
CA THR TA 295 91.58 -8.63 9.44
C THR TA 295 90.74 -9.84 9.81
N GLU TA 296 89.94 -10.30 8.86
CA GLU TA 296 89.15 -11.51 9.03
C GLU TA 296 89.19 -12.32 7.75
N ILE TA 297 89.47 -13.61 7.89
CA ILE TA 297 89.39 -14.55 6.79
C ILE TA 297 88.47 -15.68 7.21
N GLU TA 298 87.50 -16.00 6.38
CA GLU TA 298 86.47 -16.96 6.72
C GLU TA 298 86.71 -18.22 5.92
N PHE TA 299 87.12 -19.30 6.58
CA PHE TA 299 87.35 -20.56 5.91
C PHE TA 299 86.12 -21.44 5.98
N GLU TA 300 85.88 -22.17 4.89
CA GLU TA 300 85.04 -23.36 4.91
C GLU TA 300 85.96 -24.57 4.94
N PHE TA 301 85.58 -25.59 5.69
CA PHE TA 301 86.35 -26.82 5.69
C PHE TA 301 85.39 -28.01 5.67
N ARG TA 302 85.96 -29.17 5.40
CA ARG TA 302 85.18 -30.36 5.11
C ARG TA 302 85.93 -31.56 5.65
N LEU TA 303 85.19 -32.55 6.15
CA LEU TA 303 85.82 -33.60 6.93
C LEU TA 303 85.97 -34.88 6.11
N TRP TA 304 86.50 -35.90 6.78
CA TRP TA 304 86.95 -37.13 6.16
C TRP TA 304 85.79 -38.05 5.80
N GLU TA 305 86.07 -38.99 4.91
CA GLU TA 305 85.06 -39.93 4.44
C GLU TA 305 84.58 -40.81 5.58
N GLN TA 306 83.27 -41.05 5.62
CA GLN TA 306 82.71 -41.96 6.60
C GLN TA 306 83.00 -43.41 6.23
N GLY TA 307 82.93 -44.26 7.23
CA GLY TA 307 83.10 -45.67 7.01
C GLY TA 307 84.54 -46.11 7.20
N VAL TA 308 84.78 -47.36 6.80
CA VAL TA 308 86.13 -47.90 6.86
C VAL TA 308 87.06 -47.12 5.97
N GLN TA 309 86.53 -46.44 4.95
CA GLN TA 309 87.36 -45.61 4.10
C GLN TA 309 88.09 -44.53 4.88
N GLY TA 310 87.50 -44.04 5.96
CA GLY TA 310 88.06 -43.00 6.78
C GLY TA 310 88.94 -43.48 7.93
N ILE TA 311 89.20 -44.77 8.02
CA ILE TA 311 90.09 -45.28 9.06
C ILE TA 311 91.53 -44.90 8.72
N ASN TA 312 92.27 -44.41 9.72
CA ASN TA 312 93.63 -43.92 9.49
C ASN TA 312 94.49 -44.94 8.77
N SER TA 313 94.46 -46.19 9.22
CA SER TA 313 95.38 -47.18 8.67
C SER TA 313 95.08 -47.47 7.21
N VAL TA 314 93.80 -47.58 6.84
CA VAL TA 314 93.42 -47.92 5.48
C VAL TA 314 93.09 -46.71 4.65
N HIS TA 315 93.09 -45.51 5.22
CA HIS TA 315 92.76 -44.34 4.41
C HIS TA 315 93.87 -43.96 3.45
N THR TA 316 95.11 -44.38 3.72
CA THR TA 316 96.19 -44.06 2.80
C THR TA 316 95.91 -44.62 1.41
N ASN TA 317 95.66 -45.92 1.33
CA ASN TA 317 95.41 -46.59 0.06
C ASN TA 317 93.95 -46.67 -0.33
N LEU TA 318 93.01 -46.34 0.56
CA LEU TA 318 91.61 -46.16 0.18
C LEU TA 318 91.23 -44.71 -0.05
N ASN TA 319 92.17 -43.79 0.04
CA ASN TA 319 91.89 -42.40 -0.28
C ASN TA 319 91.35 -42.32 -1.71
N PRO TA 320 90.27 -41.58 -1.95
CA PRO TA 320 89.75 -41.48 -3.32
C PRO TA 320 90.76 -40.84 -4.24
N ALA TA 321 90.92 -41.43 -5.43
CA ALA TA 321 91.76 -40.79 -6.43
C ALA TA 321 91.10 -39.59 -7.06
N ASN TA 322 89.81 -39.39 -6.83
CA ASN TA 322 89.11 -38.23 -7.35
C ASN TA 322 89.14 -37.06 -6.38
N ASP TA 323 89.88 -37.17 -5.28
CA ASP TA 323 90.24 -35.97 -4.53
C ASP TA 323 90.84 -34.94 -5.46
N SER TA 324 91.78 -35.37 -6.30
CA SER TA 324 92.42 -34.46 -7.24
C SER TA 324 91.40 -33.74 -8.10
N LEU TA 325 90.20 -34.27 -8.19
CA LEU TA 325 89.17 -33.63 -8.98
C LEU TA 325 88.66 -32.37 -8.27
N TRP TA 326 88.23 -32.50 -7.01
CA TRP TA 326 87.78 -31.36 -6.22
C TRP TA 326 88.81 -30.83 -5.21
N ILE TA 327 89.97 -31.47 -5.01
CA ILE TA 327 90.92 -30.91 -4.03
C ILE TA 327 92.21 -30.45 -4.70
N GLN TA 328 92.51 -29.16 -4.61
CA GLN TA 328 93.37 -28.58 -5.62
C GLN TA 328 94.62 -27.79 -5.25
N SER TA 329 94.97 -27.74 -3.97
CA SER TA 329 96.14 -26.96 -3.46
C SER TA 329 96.01 -25.43 -3.64
N TYR TA 330 97.14 -24.72 -3.71
CA TYR TA 330 97.13 -23.25 -3.82
C TYR TA 330 97.71 -22.79 -5.15
N GLY TA 331 97.12 -21.75 -5.74
CA GLY TA 331 97.49 -21.44 -7.10
C GLY TA 331 98.82 -20.76 -7.32
N SER TA 332 99.02 -19.61 -6.70
CA SER TA 332 100.14 -18.76 -7.06
C SER TA 332 100.72 -18.15 -5.80
N LEU TA 333 102.04 -18.13 -5.74
CA LEU TA 333 102.76 -17.75 -4.54
C LEU TA 333 103.26 -16.33 -4.68
N VAL TA 334 103.30 -15.60 -3.56
CA VAL TA 334 104.08 -14.39 -3.55
C VAL TA 334 105.54 -14.77 -3.75
N SER TA 335 106.32 -13.83 -4.24
CA SER TA 335 107.70 -14.14 -4.57
C SER TA 335 108.54 -13.83 -3.34
N ILE TA 336 109.09 -14.88 -2.74
CA ILE TA 336 109.79 -14.81 -1.46
C ILE TA 336 111.18 -15.36 -1.68
N THR TA 337 112.20 -14.52 -1.53
CA THR TA 337 113.55 -14.99 -1.33
C THR TA 337 113.91 -14.74 0.12
N GLU TA 338 114.58 -15.72 0.73
CA GLU TA 338 114.83 -15.72 2.16
C GLU TA 338 113.47 -15.55 2.85
N SER TA 339 113.34 -14.66 3.82
CA SER TA 339 112.07 -14.33 4.43
C SER TA 339 111.42 -13.10 3.82
N LYS TA 340 111.99 -12.55 2.76
CA LYS TA 340 111.67 -11.21 2.30
C LYS TA 340 110.89 -11.25 1.01
N ILE TA 341 109.82 -10.46 0.93
CA ILE TA 341 108.98 -10.42 -0.25
C ILE TA 341 109.71 -9.67 -1.35
N ASN TA 342 109.79 -10.29 -2.53
CA ASN TA 342 110.43 -9.64 -3.67
C ASN TA 342 109.53 -8.61 -4.33
N ASN TA 343 108.27 -8.95 -4.50
CA ASN TA 343 107.31 -8.10 -5.17
C ASN TA 343 105.92 -8.53 -4.75
N ILE TA 344 104.94 -7.67 -4.97
CA ILE TA 344 103.54 -8.02 -4.77
C ILE TA 344 102.79 -7.73 -6.05
N GLN TA 345 102.04 -8.71 -6.51
CA GLN TA 345 101.18 -8.60 -7.67
C GLN TA 345 99.76 -8.41 -7.20
N PHE TA 346 98.98 -7.59 -7.90
CA PHE TA 346 97.61 -7.35 -7.47
C PHE TA 346 96.57 -7.94 -8.42
N GLY TA 347 96.49 -7.46 -9.65
CA GLY TA 347 95.55 -8.00 -10.60
C GLY TA 347 94.09 -8.15 -10.18
N PRO TA 348 93.36 -7.04 -10.15
CA PRO TA 348 91.96 -6.93 -9.75
C PRO TA 348 91.00 -7.48 -10.78
N THR TA 349 89.74 -7.62 -10.43
CA THR TA 349 88.78 -8.08 -11.41
C THR TA 349 88.60 -6.78 -12.14
N CYS TA 350 89.17 -6.66 -13.32
CA CYS TA 350 89.09 -5.39 -14.01
C CYS TA 350 87.72 -5.19 -14.61
N PRO TA 351 87.24 -3.95 -14.55
CA PRO TA 351 85.89 -3.61 -15.01
C PRO TA 351 85.73 -3.66 -16.51
N ARG TA 352 86.82 -3.65 -17.28
CA ARG TA 352 86.68 -3.68 -18.72
C ARG TA 352 86.67 -5.08 -19.31
N VAL TA 353 86.90 -6.12 -18.50
CA VAL TA 353 86.57 -7.47 -18.92
C VAL TA 353 85.05 -7.58 -19.05
N ASP TA 354 84.60 -8.34 -20.03
CA ASP TA 354 83.18 -8.55 -20.24
C ASP TA 354 82.54 -9.05 -18.95
N ALA TA 355 81.40 -8.44 -18.59
CA ALA TA 355 80.72 -8.81 -17.36
C ALA TA 355 80.33 -10.27 -17.36
N ARG TA 356 80.23 -10.90 -18.53
CA ARG TA 356 79.91 -12.32 -18.59
C ARG TA 356 81.09 -13.17 -18.13
N ASN TA 357 82.30 -12.66 -18.28
CA ASN TA 357 83.47 -13.35 -17.76
C ASN TA 357 83.64 -13.16 -16.26
N LYS TA 358 83.18 -12.05 -15.71
CA LYS TA 358 83.54 -11.67 -14.35
C LYS TA 358 82.69 -12.33 -13.29
N GLY TA 359 81.81 -13.25 -13.68
CA GLY TA 359 80.82 -13.78 -12.75
C GLY TA 359 81.37 -14.70 -11.69
N GLY TA 360 80.49 -15.45 -11.05
CA GLY TA 360 80.76 -16.04 -9.75
C GLY TA 360 81.84 -17.10 -9.61
N LYS TA 361 81.73 -18.19 -10.35
CA LYS TA 361 82.49 -19.39 -10.07
C LYS TA 361 83.91 -19.30 -10.59
N MET TA 362 84.89 -19.51 -9.72
CA MET TA 362 86.29 -19.31 -10.09
C MET TA 362 86.96 -20.54 -10.66
N SER TA 363 86.26 -21.64 -10.84
CA SER TA 363 86.92 -22.79 -11.43
C SER TA 363 85.92 -23.57 -12.26
N MET TA 364 86.46 -24.36 -13.18
CA MET TA 364 85.66 -25.23 -14.00
C MET TA 364 86.38 -26.56 -14.06
N LEU TA 365 85.64 -27.62 -14.28
CA LEU TA 365 86.19 -28.96 -14.30
C LEU TA 365 86.32 -29.34 -15.76
N PHE TA 366 87.54 -29.20 -16.26
CA PHE TA 366 87.85 -29.32 -17.69
C PHE TA 366 88.99 -30.28 -17.95
N ASP TA 367 88.86 -31.09 -18.99
CA ASP TA 367 89.85 -32.09 -19.33
C ASP TA 367 91.15 -31.59 -19.93
N HIS TA 368 92.17 -32.42 -19.83
CA HIS TA 368 93.46 -32.09 -20.40
C HIS TA 368 93.91 -33.27 -21.26
N HIS TA 369 94.39 -32.98 -22.47
CA HIS TA 369 94.84 -34.04 -23.36
C HIS TA 369 96.36 -34.11 -23.42
N GLU UA 36 54.31 -12.29 -55.19
CA GLU UA 36 53.41 -13.40 -55.45
C GLU UA 36 54.18 -14.55 -56.09
N GLY UA 37 53.69 -15.77 -55.93
CA GLY UA 37 54.36 -16.93 -56.48
C GLY UA 37 55.42 -17.47 -55.52
N ASP UA 38 56.14 -18.48 -56.00
CA ASP UA 38 57.18 -19.09 -55.21
C ASP UA 38 58.51 -18.37 -55.34
N GLY UA 39 58.57 -17.29 -56.10
CA GLY UA 39 59.77 -16.50 -56.27
C GLY UA 39 60.41 -16.65 -57.63
N SER UA 40 60.00 -17.66 -58.38
CA SER UA 40 60.57 -17.97 -59.68
C SER UA 40 60.40 -16.89 -60.72
N ALA UA 41 59.63 -15.86 -60.42
CA ALA UA 41 59.38 -14.75 -61.34
C ALA UA 41 60.57 -13.83 -61.49
N PRO UA 42 60.57 -13.00 -62.51
CA PRO UA 42 61.71 -12.10 -62.65
C PRO UA 42 61.93 -11.13 -61.48
N GLY UA 43 60.89 -10.57 -60.87
CA GLY UA 43 61.11 -9.62 -59.79
C GLY UA 43 60.59 -10.02 -58.41
N GLY UA 44 61.11 -9.43 -57.35
CA GLY UA 44 60.68 -9.76 -56.00
C GLY UA 44 61.64 -10.63 -55.22
N SER UA 45 61.14 -11.68 -54.59
CA SER UA 45 61.95 -12.59 -53.80
C SER UA 45 62.66 -13.67 -54.61
N VAL UA 46 63.78 -14.16 -54.11
CA VAL UA 46 64.62 -15.17 -54.75
C VAL UA 46 64.10 -16.57 -54.58
N TRP UA 47 63.96 -17.29 -55.67
CA TRP UA 47 63.53 -18.67 -55.57
C TRP UA 47 64.74 -19.36 -55.02
N GLN UA 48 64.59 -20.13 -53.95
CA GLN UA 48 65.73 -20.79 -53.38
C GLN UA 48 65.44 -22.26 -53.17
N THR UA 49 66.51 -23.06 -53.24
CA THR UA 49 66.42 -24.50 -53.23
C THR UA 49 66.08 -25.03 -51.84
N THR UA 50 65.64 -26.29 -51.81
CA THR UA 50 65.21 -26.92 -50.56
C THR UA 50 66.37 -27.05 -49.58
N ASP UA 51 66.01 -27.15 -48.30
CA ASP UA 51 66.96 -27.20 -47.21
C ASP UA 51 67.54 -28.59 -47.05
N TYR UA 52 68.86 -28.69 -47.09
CA TYR UA 52 69.53 -29.96 -46.83
C TYR UA 52 69.93 -30.17 -45.38
N ILE UA 53 69.78 -29.18 -44.51
CA ILE UA 53 70.16 -29.37 -43.11
C ILE UA 53 69.16 -30.27 -42.41
N ALA UA 54 67.87 -29.99 -42.58
CA ALA UA 54 66.84 -30.61 -41.75
C ALA UA 54 66.99 -32.12 -41.67
N LEU UA 55 67.31 -32.77 -42.77
CA LEU UA 55 67.48 -34.22 -42.76
C LEU UA 55 68.83 -34.66 -42.25
N SER UA 56 69.84 -33.80 -42.27
CA SER UA 56 71.12 -34.19 -41.70
C SER UA 56 71.14 -34.06 -40.20
N MET UA 57 70.26 -33.24 -39.62
CA MET UA 57 70.22 -33.06 -38.19
C MET UA 57 69.26 -33.98 -37.47
N VAL UA 58 68.43 -34.73 -38.19
CA VAL UA 58 67.45 -35.57 -37.51
C VAL UA 58 68.17 -36.66 -36.75
N VAL UA 59 67.84 -36.79 -35.46
CA VAL UA 59 68.48 -37.75 -34.59
C VAL UA 59 67.59 -38.97 -34.48
N TYR UA 60 68.13 -40.12 -34.86
CA TYR UA 60 67.43 -41.38 -34.75
C TYR UA 60 67.94 -42.11 -33.53
N ARG UA 61 67.06 -42.85 -32.87
CA ARG UA 61 67.33 -43.34 -31.54
C ARG UA 61 67.03 -44.84 -31.49
N THR UA 62 68.05 -45.64 -31.21
CA THR UA 62 67.89 -47.08 -31.12
C THR UA 62 68.42 -47.61 -29.80
N ALA UA 63 68.45 -48.92 -29.63
CA ALA UA 63 68.97 -49.52 -28.41
C ALA UA 63 69.42 -50.94 -28.70
N ILE UA 64 70.25 -51.46 -27.81
CA ILE UA 64 70.70 -52.85 -27.87
C ILE UA 64 70.41 -53.48 -26.52
N LYS UA 65 69.54 -54.48 -26.49
CA LYS UA 65 69.15 -55.16 -25.28
C LYS UA 65 69.63 -56.60 -25.36
N LEU UA 66 70.22 -57.09 -24.27
CA LEU UA 66 70.77 -58.43 -24.22
C LEU UA 66 70.51 -59.03 -22.85
N ARG UA 67 70.19 -60.31 -22.81
CA ARG UA 67 70.01 -61.04 -21.56
C ARG UA 67 71.07 -62.10 -21.40
N ASN UA 68 71.33 -62.44 -20.16
CA ASN UA 68 72.42 -63.33 -19.79
C ASN UA 68 72.05 -63.95 -18.47
N PHE UA 69 72.57 -65.15 -18.21
CA PHE UA 69 72.51 -65.75 -16.89
C PHE UA 69 73.90 -65.71 -16.29
N VAL UA 70 73.99 -65.21 -15.06
CA VAL UA 70 75.25 -65.08 -14.36
C VAL UA 70 75.30 -66.11 -13.25
N ASN UA 71 76.39 -66.84 -13.17
CA ASN UA 71 76.64 -67.80 -12.11
C ASN UA 71 77.92 -67.38 -11.39
N ILE UA 72 77.79 -67.00 -10.13
CA ILE UA 72 78.91 -66.57 -9.32
C ILE UA 72 79.19 -67.65 -8.29
N ARG UA 73 80.31 -68.33 -8.42
CA ARG UA 73 80.65 -69.42 -7.53
C ARG UA 73 82.01 -69.21 -6.90
N GLY UA 74 82.19 -69.80 -5.72
CA GLY UA 74 83.48 -69.82 -5.07
C GLY UA 74 84.04 -68.46 -4.76
N LEU UA 75 83.19 -67.51 -4.40
CA LEU UA 75 83.59 -66.14 -4.14
C LEU UA 75 83.67 -65.95 -2.63
N THR UA 76 84.88 -65.80 -2.11
CA THR UA 76 85.05 -65.64 -0.68
C THR UA 76 84.69 -64.21 -0.27
N PRO UA 77 84.46 -63.96 1.02
CA PRO UA 77 84.00 -62.62 1.42
C PRO UA 77 85.00 -61.52 1.17
N THR UA 78 86.29 -61.82 1.06
CA THR UA 78 87.26 -60.78 0.76
C THR UA 78 87.22 -60.41 -0.72
N GLU UA 79 87.18 -61.40 -1.60
CA GLU UA 79 87.12 -61.17 -3.02
C GLU UA 79 85.72 -60.74 -3.44
N MET UA 80 85.65 -60.10 -4.61
CA MET UA 80 84.47 -59.36 -5.02
C MET UA 80 84.35 -59.35 -6.52
N ILE UA 81 83.13 -59.43 -7.03
CA ILE UA 81 82.88 -59.41 -8.47
C ILE UA 81 82.80 -57.98 -8.93
N VAL UA 82 83.57 -57.65 -9.96
CA VAL UA 82 83.58 -56.33 -10.56
C VAL UA 82 82.57 -56.33 -11.70
N ILE UA 83 81.60 -55.43 -11.65
CA ILE UA 83 80.61 -55.36 -12.72
C ILE UA 83 81.25 -54.51 -13.80
N PRO UA 84 81.61 -55.05 -14.94
CA PRO UA 84 82.21 -54.23 -15.98
C PRO UA 84 81.18 -53.37 -16.67
N TRP UA 85 80.43 -52.60 -15.90
CA TRP UA 85 79.25 -51.97 -16.42
C TRP UA 85 79.55 -50.60 -16.98
N ASN UA 86 80.76 -50.11 -16.78
CA ASN UA 86 81.20 -48.84 -17.36
C ASN UA 86 81.99 -49.00 -18.65
N VAL UA 87 82.17 -50.22 -19.14
CA VAL UA 87 82.84 -50.44 -20.41
C VAL UA 87 81.78 -50.61 -21.48
N MET UA 88 82.01 -49.97 -22.62
CA MET UA 88 81.01 -49.92 -23.67
C MET UA 88 80.71 -51.31 -24.22
N ARG UA 89 81.75 -52.15 -24.32
CA ARG UA 89 81.61 -53.48 -24.88
C ARG UA 89 80.71 -54.38 -24.06
N PHE UA 90 80.44 -54.02 -22.81
CA PHE UA 90 79.59 -54.83 -21.95
C PHE UA 90 78.16 -54.87 -22.48
N TYR UA 91 77.64 -53.73 -22.91
CA TYR UA 91 76.24 -53.65 -23.27
C TYR UA 91 75.96 -54.11 -24.69
N CYS UA 92 76.79 -53.69 -25.64
CA CYS UA 92 76.52 -53.89 -27.06
C CYS UA 92 77.24 -55.08 -27.68
N GLU UA 93 78.06 -55.79 -26.91
CA GLU UA 93 78.69 -57.01 -27.38
C GLU UA 93 78.44 -58.10 -26.36
N TYR UA 94 78.10 -59.28 -26.83
CA TYR UA 94 77.56 -60.32 -25.96
C TYR UA 94 78.70 -61.28 -25.68
N ASN UA 95 79.27 -61.23 -24.50
CA ASN UA 95 80.38 -62.10 -24.18
C ASN UA 95 79.88 -63.04 -23.11
N THR UA 96 79.58 -64.27 -23.51
CA THR UA 96 79.15 -65.31 -22.58
C THR UA 96 79.68 -66.64 -23.11
N GLY UA 97 80.31 -67.41 -22.24
CA GLY UA 97 80.65 -68.77 -22.62
C GLY UA 97 81.42 -68.86 -23.92
N THR UA 98 80.88 -69.62 -24.87
CA THR UA 98 81.54 -69.84 -26.15
C THR UA 98 81.39 -68.66 -27.10
N TYR UA 99 80.39 -67.80 -26.90
CA TYR UA 99 80.16 -66.69 -27.82
C TYR UA 99 81.40 -65.83 -27.98
N GLY UA 100 81.95 -65.33 -26.87
CA GLY UA 100 83.12 -64.47 -26.94
C GLY UA 100 84.30 -65.09 -27.64
N LEU UA 101 84.36 -66.42 -27.68
CA LEU UA 101 85.41 -67.08 -28.45
C LEU UA 101 85.15 -67.01 -29.94
N SER UA 102 83.88 -67.11 -30.34
CA SER UA 102 83.51 -66.96 -31.73
C SER UA 102 83.62 -65.50 -32.16
N GLY UA 103 83.72 -65.29 -33.47
CA GLY UA 103 84.00 -63.97 -33.99
C GLY UA 103 82.77 -63.10 -34.19
N ASN UA 104 82.98 -61.79 -34.08
CA ASN UA 104 81.99 -60.76 -34.37
C ASN UA 104 80.68 -61.03 -33.63
N VAL UA 105 80.75 -60.88 -32.31
CA VAL UA 105 79.58 -61.10 -31.47
C VAL UA 105 78.84 -59.79 -31.19
N HIS UA 106 79.27 -58.69 -31.80
CA HIS UA 106 78.54 -57.44 -31.69
C HIS UA 106 77.10 -57.61 -32.16
N HIS UA 107 76.20 -56.88 -31.52
CA HIS UA 107 74.82 -56.87 -31.95
C HIS UA 107 74.70 -56.14 -33.28
N LYS UA 108 73.78 -56.60 -34.12
CA LYS UA 108 73.72 -56.08 -35.47
C LYS UA 108 73.21 -54.65 -35.55
N ASN UA 109 72.48 -54.18 -34.54
CA ASN UA 109 72.17 -52.75 -34.49
C ASN UA 109 73.43 -51.94 -34.33
N TYR UA 110 74.45 -52.48 -33.68
CA TYR UA 110 75.67 -51.71 -33.54
C TYR UA 110 76.49 -51.74 -34.81
N SER UA 111 76.48 -52.85 -35.53
CA SER UA 111 77.25 -52.93 -36.77
C SER UA 111 76.81 -51.88 -37.76
N MET UA 112 75.52 -51.54 -37.78
CA MET UA 112 75.05 -50.49 -38.66
C MET UA 112 75.24 -49.10 -38.09
N LEU UA 113 75.39 -48.95 -36.78
CA LEU UA 113 75.74 -47.64 -36.26
C LEU UA 113 77.06 -47.15 -36.83
N LEU UA 114 77.87 -48.05 -37.36
CA LEU UA 114 79.06 -47.70 -38.11
C LEU UA 114 78.74 -47.39 -39.56
N ALA UA 115 77.53 -47.72 -40.04
CA ALA UA 115 77.12 -47.33 -41.37
C ALA UA 115 76.64 -45.89 -41.43
N CYS UA 116 75.89 -45.45 -40.42
CA CYS UA 116 75.53 -44.05 -40.31
C CYS UA 116 76.75 -43.24 -39.89
N LYS UA 117 76.70 -41.93 -40.13
CA LYS UA 117 77.93 -41.17 -39.98
C LYS UA 117 78.24 -40.85 -38.53
N ALA UA 118 77.24 -40.78 -37.67
CA ALA UA 118 77.45 -40.43 -36.27
C ALA UA 118 76.55 -41.28 -35.41
N HIS UA 119 77.07 -41.71 -34.27
CA HIS UA 119 76.25 -42.35 -33.26
C HIS UA 119 76.71 -41.89 -31.89
N ARG UA 120 75.79 -41.90 -30.95
CA ARG UA 120 76.12 -41.49 -29.61
C ARG UA 120 75.44 -42.42 -28.61
N PRO UA 121 76.16 -42.81 -27.55
CA PRO UA 121 75.67 -43.87 -26.67
C PRO UA 121 74.52 -43.49 -25.74
N THR UA 122 74.34 -42.22 -25.38
CA THR UA 122 73.27 -41.78 -24.47
C THR UA 122 73.13 -42.68 -23.25
N LYS UA 123 71.90 -43.08 -22.92
CA LYS UA 123 71.69 -43.81 -21.68
C LYS UA 123 72.23 -45.24 -21.77
N VAL UA 124 72.63 -45.77 -20.61
CA VAL UA 124 73.15 -47.12 -20.51
C VAL UA 124 72.75 -47.67 -19.15
N GLY UA 125 72.47 -48.97 -19.09
CA GLY UA 125 72.01 -49.53 -17.84
C GLY UA 125 71.92 -51.04 -17.89
N TYR UA 126 71.62 -51.63 -16.73
CA TYR UA 126 71.51 -53.07 -16.65
C TYR UA 126 70.60 -53.44 -15.49
N THR UA 127 70.15 -54.69 -15.49
CA THR UA 127 69.24 -55.20 -14.48
C THR UA 127 69.72 -56.56 -13.98
N LEU UA 128 69.75 -56.72 -12.67
CA LEU UA 128 69.94 -58.01 -12.01
C LEU UA 128 68.60 -58.50 -11.51
N SER UA 129 68.28 -59.75 -11.79
CA SER UA 129 66.93 -60.22 -11.54
C SER UA 129 66.94 -61.69 -11.14
N ASN UA 130 65.93 -62.07 -10.35
CA ASN UA 130 65.65 -63.45 -9.98
C ASN UA 130 66.90 -64.17 -9.47
N LEU UA 131 67.30 -63.73 -8.29
CA LEU UA 131 68.49 -64.27 -7.66
C LEU UA 131 68.22 -65.66 -7.13
N ILE UA 132 69.16 -66.56 -7.37
CA ILE UA 132 69.14 -67.91 -6.83
C ILE UA 132 70.46 -68.14 -6.12
N LEU UA 133 70.40 -68.32 -4.81
CA LEU UA 133 71.56 -68.70 -4.03
C LEU UA 133 71.58 -70.20 -3.81
N THR UA 134 72.77 -70.78 -3.95
CA THR UA 134 72.99 -72.19 -3.69
C THR UA 134 74.16 -72.31 -2.74
N SER UA 135 74.33 -73.50 -2.17
CA SER UA 135 75.35 -73.73 -1.16
C SER UA 135 76.13 -74.98 -1.49
N ASP UA 136 77.45 -74.88 -1.42
CA ASP UA 136 78.34 -76.03 -1.53
C ASP UA 136 78.60 -76.67 -0.18
N GLU UA 137 77.92 -76.21 0.87
CA GLU UA 137 78.19 -76.70 2.22
C GLU UA 137 78.04 -78.21 2.32
N LEU UA 138 77.04 -78.77 1.65
CA LEU UA 138 76.88 -80.22 1.65
C LEU UA 138 77.89 -80.92 0.76
N VAL UA 139 78.56 -80.18 -0.11
CA VAL UA 139 79.54 -80.75 -1.03
C VAL UA 139 80.83 -81.04 -0.28
N SER UA 140 81.43 -82.18 -0.57
CA SER UA 140 82.73 -82.55 -0.03
C SER UA 140 83.49 -83.30 -1.11
N THR UA 141 84.81 -83.44 -0.90
CA THR UA 141 85.63 -84.12 -1.90
C THR UA 141 85.19 -85.57 -2.09
N GLY UA 142 84.57 -86.18 -1.08
CA GLY UA 142 84.00 -87.51 -1.26
C GLY UA 142 82.82 -87.50 -2.20
N GLY UA 143 82.12 -86.37 -2.29
CA GLY UA 143 81.03 -86.26 -3.25
C GLY UA 143 79.72 -86.82 -2.73
N THR UA 144 78.93 -87.36 -3.66
CA THR UA 144 77.64 -88.00 -3.43
C THR UA 144 76.57 -86.99 -3.03
N LEU UA 145 76.96 -85.76 -2.69
CA LEU UA 145 76.03 -84.68 -2.43
C LEU UA 145 76.51 -83.44 -3.17
N GLY UA 146 75.64 -82.86 -3.99
CA GLY UA 146 75.96 -81.68 -4.76
C GLY UA 146 75.41 -80.43 -4.10
N THR UA 147 75.68 -79.30 -4.75
CA THR UA 147 75.19 -78.05 -4.23
C THR UA 147 73.68 -77.99 -4.37
N THR UA 148 73.05 -77.19 -3.51
CA THR UA 148 71.62 -77.02 -3.60
C THR UA 148 71.28 -75.65 -3.02
N THR UA 149 70.10 -75.15 -3.37
CA THR UA 149 69.66 -73.85 -2.91
C THR UA 149 69.67 -73.80 -1.39
N THR UA 150 69.93 -72.60 -0.86
CA THR UA 150 70.05 -72.42 0.57
C THR UA 150 68.77 -72.89 1.28
N PHE UA 151 68.96 -73.45 2.48
CA PHE UA 151 67.84 -74.03 3.21
C PHE UA 151 66.77 -73.00 3.50
N ASN UA 152 67.17 -71.76 3.78
CA ASN UA 152 66.22 -70.67 3.93
C ASN UA 152 66.72 -69.48 3.13
N THR UA 153 65.87 -68.49 2.98
CA THR UA 153 66.12 -67.35 2.11
C THR UA 153 66.84 -66.21 2.82
N SER UA 154 67.25 -66.41 4.08
CA SER UA 154 68.00 -65.38 4.79
C SER UA 154 69.31 -64.97 4.12
N PRO UA 155 70.09 -65.85 3.48
CA PRO UA 155 71.33 -65.39 2.85
C PRO UA 155 71.05 -64.41 1.73
N TYR UA 156 72.07 -63.66 1.35
CA TYR UA 156 71.93 -62.61 0.38
C TYR UA 156 73.24 -62.39 -0.35
N MET UA 157 73.15 -61.75 -1.50
CA MET UA 157 74.31 -61.29 -2.25
C MET UA 157 74.34 -59.78 -2.19
N ILE UA 158 75.50 -59.21 -1.90
CA ILE UA 158 75.63 -57.78 -1.67
C ILE UA 158 75.96 -57.12 -2.99
N HIS UA 159 75.12 -56.18 -3.41
CA HIS UA 159 75.43 -55.35 -4.56
C HIS UA 159 75.95 -54.01 -4.07
N SER UA 160 77.21 -53.73 -4.35
CA SER UA 160 77.88 -52.55 -3.83
C SER UA 160 78.10 -51.55 -4.94
N ILE UA 161 77.76 -50.29 -4.68
CA ILE UA 161 78.05 -49.19 -5.57
C ILE UA 161 79.03 -48.29 -4.84
N ASP UA 162 80.21 -48.09 -5.41
CA ASP UA 162 81.20 -47.30 -4.70
C ASP UA 162 81.05 -45.87 -5.17
N ASP UA 163 80.46 -45.04 -4.33
CA ASP UA 163 80.24 -43.63 -4.64
C ASP UA 163 81.46 -42.80 -4.31
N GLN UA 164 82.10 -43.08 -3.20
CA GLN UA 164 83.24 -42.32 -2.72
C GLN UA 164 84.53 -42.75 -3.40
N GLN UA 165 84.46 -43.74 -4.29
CA GLN UA 165 85.61 -44.26 -5.01
C GLN UA 165 86.67 -44.76 -4.03
N CYS UA 166 86.26 -45.65 -3.13
CA CYS UA 166 87.23 -46.37 -2.33
C CYS UA 166 88.24 -47.07 -3.23
N LEU UA 167 87.76 -47.65 -4.33
CA LEU UA 167 88.61 -48.32 -5.30
C LEU UA 167 88.60 -47.49 -6.58
N SER UA 168 89.72 -46.85 -6.87
CA SER UA 168 89.85 -46.09 -8.10
C SER UA 168 90.08 -47.00 -9.30
N LYS UA 169 90.97 -47.96 -9.13
CA LYS UA 169 91.40 -48.84 -10.20
C LYS UA 169 91.44 -50.25 -9.63
N VAL UA 170 90.86 -51.19 -10.36
CA VAL UA 170 90.62 -52.53 -9.86
C VAL UA 170 91.37 -53.52 -10.72
N TYR UA 171 92.07 -54.45 -10.07
CA TYR UA 171 92.89 -55.44 -10.73
C TYR UA 171 92.34 -56.83 -10.47
N PRO UA 172 92.57 -57.79 -11.36
CA PRO UA 172 92.20 -59.17 -11.08
C PRO UA 172 93.02 -59.75 -9.96
N LYS UA 173 92.52 -60.85 -9.40
CA LYS UA 173 93.26 -61.55 -8.37
C LYS UA 173 94.57 -62.10 -8.93
N THR UA 174 95.52 -62.36 -8.02
CA THR UA 174 96.86 -62.74 -8.42
C THR UA 174 96.86 -63.91 -9.40
N ASP UA 175 96.10 -64.95 -9.09
CA ASP UA 175 96.12 -66.13 -9.95
C ASP UA 175 95.24 -65.94 -11.18
N THR UA 176 94.09 -65.30 -11.02
CA THR UA 176 93.12 -65.25 -12.11
C THR UA 176 93.47 -64.15 -13.11
N VAL UA 177 92.65 -64.05 -14.15
CA VAL UA 177 92.78 -63.00 -15.16
C VAL UA 177 91.38 -62.75 -15.71
N TRP UA 178 91.20 -61.57 -16.29
CA TRP UA 178 89.90 -61.15 -16.77
C TRP UA 178 89.85 -61.25 -18.28
N PRO UA 179 89.19 -62.25 -18.87
CA PRO UA 179 89.02 -62.26 -20.32
C PRO UA 179 87.96 -61.26 -20.74
N VAL UA 180 88.14 -60.67 -21.92
CA VAL UA 180 87.08 -59.82 -22.41
C VAL UA 180 85.97 -60.68 -23.00
N SER UA 181 86.32 -61.88 -23.50
CA SER UA 181 85.31 -62.79 -24.02
C SER UA 181 84.37 -63.29 -22.94
N SER UA 182 84.77 -63.17 -21.69
CA SER UA 182 83.98 -63.61 -20.55
C SER UA 182 83.17 -62.49 -19.92
N MET UA 183 83.16 -61.31 -20.53
CA MET UA 183 82.75 -60.09 -19.84
C MET UA 183 81.35 -60.18 -19.24
N ARG UA 184 80.37 -60.62 -20.03
CA ARG UA 184 79.00 -60.46 -19.57
C ARG UA 184 78.57 -61.49 -18.54
N GLU UA 185 79.14 -62.68 -18.49
CA GLU UA 185 78.92 -63.51 -17.33
C GLU UA 185 79.96 -63.07 -16.33
N LEU UA 186 79.55 -62.77 -15.11
CA LEU UA 186 80.40 -61.93 -14.30
C LEU UA 186 81.31 -62.88 -13.53
N ASP UA 187 82.51 -63.06 -14.06
CA ASP UA 187 83.58 -63.80 -13.41
C ASP UA 187 84.68 -62.91 -12.84
N TYR UA 188 84.61 -61.60 -13.02
CA TYR UA 188 85.79 -60.81 -12.71
C TYR UA 188 85.87 -60.64 -11.22
N VAL UA 189 86.93 -61.18 -10.62
CA VAL UA 189 87.08 -61.23 -9.18
C VAL UA 189 88.26 -60.34 -8.81
N ALA UA 190 87.98 -59.35 -7.99
CA ALA UA 190 89.00 -58.51 -7.39
C ALA UA 190 89.12 -58.89 -5.93
N SER UA 191 90.32 -58.79 -5.40
CA SER UA 191 90.54 -58.97 -3.98
C SER UA 191 90.98 -57.63 -3.44
N THR UA 192 90.10 -56.99 -2.66
CA THR UA 192 90.40 -55.68 -2.10
C THR UA 192 91.15 -55.89 -0.79
N VAL UA 193 92.38 -55.38 -0.72
CA VAL UA 193 93.28 -55.67 0.38
C VAL UA 193 94.02 -54.40 0.75
N SER UA 194 94.06 -54.09 2.05
CA SER UA 194 94.90 -53.03 2.57
C SER UA 194 96.31 -53.58 2.71
N GLY UA 195 97.20 -52.88 3.40
CA GLY UA 195 98.56 -53.39 3.43
C GLY UA 195 98.67 -54.77 4.05
N ASP UA 196 98.28 -54.92 5.32
CA ASP UA 196 98.12 -56.23 5.92
C ASP UA 196 96.67 -56.68 5.99
N ASN UA 197 95.72 -55.85 5.58
CA ASN UA 197 94.31 -56.06 5.91
C ASN UA 197 93.53 -56.48 4.69
N ALA UA 198 92.78 -57.57 4.81
CA ALA UA 198 91.83 -57.94 3.78
C ALA UA 198 90.54 -57.15 3.98
N ILE UA 199 90.16 -56.38 2.97
CA ILE UA 199 88.98 -55.53 3.06
C ILE UA 199 87.75 -56.37 2.74
N ILE UA 200 86.75 -56.32 3.60
CA ILE UA 200 85.42 -56.82 3.25
C ILE UA 200 84.76 -55.75 2.40
N PRO UA 201 84.44 -56.03 1.13
CA PRO UA 201 84.02 -54.96 0.22
C PRO UA 201 82.81 -54.20 0.68
N SER UA 202 81.82 -54.88 1.24
CA SER UA 202 80.60 -54.22 1.67
C SER UA 202 80.85 -53.16 2.73
N THR UA 203 81.96 -53.24 3.46
CA THR UA 203 82.17 -52.33 4.57
C THR UA 203 82.66 -50.96 4.11
N ILE UA 204 83.50 -50.92 3.08
CA ILE UA 204 84.03 -49.64 2.61
C ILE UA 204 83.05 -48.94 1.69
N PHE UA 205 82.33 -49.67 0.86
CA PHE UA 205 81.53 -49.06 -0.20
C PHE UA 205 80.31 -48.36 0.38
N ASN UA 206 79.80 -47.41 -0.40
CA ASN UA 206 78.77 -46.51 0.10
C ASN UA 206 77.39 -47.16 0.06
N LYS UA 207 76.83 -47.32 -1.13
CA LYS UA 207 75.55 -48.01 -1.28
C LYS UA 207 75.82 -49.49 -1.38
N ASN UA 208 75.27 -50.24 -0.43
CA ASN UA 208 75.36 -51.69 -0.40
C ASN UA 208 73.95 -52.22 -0.26
N ARG UA 209 73.47 -52.90 -1.29
CA ARG UA 209 72.16 -53.51 -1.30
C ARG UA 209 72.31 -54.98 -0.95
N TYR UA 210 71.64 -55.43 0.09
CA TYR UA 210 71.64 -56.84 0.41
C TYR UA 210 70.43 -57.46 -0.25
N TRP UA 211 70.68 -58.24 -1.29
CA TRP UA 211 69.65 -58.65 -2.21
C TRP UA 211 69.45 -60.15 -2.07
N LYS UA 212 68.25 -60.53 -1.66
CA LYS UA 212 67.93 -61.88 -1.28
C LYS UA 212 67.14 -62.57 -2.37
N GLN UA 213 66.78 -63.82 -2.10
CA GLN UA 213 65.95 -64.59 -2.99
C GLN UA 213 64.51 -64.13 -2.86
N GLY UA 214 63.92 -63.69 -3.96
CA GLY UA 214 62.58 -63.17 -3.97
C GLY UA 214 62.50 -61.66 -4.03
N ASP UA 215 63.61 -60.97 -3.75
CA ASP UA 215 63.61 -59.52 -3.87
C ASP UA 215 63.39 -59.09 -5.30
N ASP UA 216 62.90 -57.87 -5.46
CA ASP UA 216 62.67 -57.33 -6.78
C ASP UA 216 63.98 -57.14 -7.51
N ALA UA 217 63.89 -57.08 -8.84
CA ALA UA 217 65.07 -56.91 -9.65
C ALA UA 217 65.78 -55.61 -9.31
N LEU UA 218 67.09 -55.61 -9.49
CA LEU UA 218 67.93 -54.45 -9.22
C LEU UA 218 68.23 -53.75 -10.54
N HIS UA 219 67.74 -52.53 -10.68
CA HIS UA 219 67.86 -51.77 -11.91
C HIS UA 219 68.89 -50.67 -11.74
N PHE UA 220 69.86 -50.60 -12.65
CA PHE UA 220 70.89 -49.59 -12.58
C PHE UA 220 71.01 -48.94 -13.95
N SER UA 221 71.10 -47.62 -13.96
CA SER UA 221 71.10 -46.88 -15.20
C SER UA 221 72.08 -45.73 -15.10
N HIS UA 222 72.57 -45.30 -16.25
CA HIS UA 222 73.41 -44.11 -16.34
C HIS UA 222 73.01 -43.33 -17.57
N ASP UA 223 72.72 -42.05 -17.39
CA ASP UA 223 72.37 -41.18 -18.50
C ASP UA 223 73.61 -40.44 -18.97
N LEU UA 224 73.85 -40.47 -20.28
CA LEU UA 224 74.93 -39.70 -20.89
C LEU UA 224 74.33 -38.52 -21.63
N ASP UA 225 74.79 -37.32 -21.31
CA ASP UA 225 74.51 -36.15 -22.13
C ASP UA 225 75.84 -35.69 -22.71
N LEU UA 226 76.02 -35.92 -24.00
CA LEU UA 226 77.22 -35.54 -24.72
C LEU UA 226 76.89 -34.38 -25.63
N GLY UA 227 77.81 -33.46 -25.77
CA GLY UA 227 77.57 -32.43 -26.76
C GLY UA 227 78.03 -32.81 -28.14
N PHE UA 228 78.52 -34.03 -28.32
CA PHE UA 228 79.15 -34.42 -29.56
C PHE UA 228 78.75 -35.85 -29.88
N TRP UA 229 79.33 -36.37 -30.95
CA TRP UA 229 78.94 -37.64 -31.53
C TRP UA 229 80.21 -38.45 -31.80
N PHE UA 230 80.04 -39.72 -32.09
CA PHE UA 230 81.17 -40.59 -32.38
C PHE UA 230 81.05 -41.13 -33.79
N GLY UA 231 82.17 -41.14 -34.51
CA GLY UA 231 82.16 -41.64 -35.87
C GLY UA 231 82.79 -43.01 -36.05
N SER UA 232 83.43 -43.53 -35.02
CA SER UA 232 84.14 -44.79 -35.10
C SER UA 232 83.55 -45.78 -34.12
N ASP UA 233 84.10 -46.99 -34.11
CA ASP UA 233 83.64 -47.97 -33.15
C ASP UA 233 84.24 -47.69 -31.78
N TYR UA 234 83.55 -48.15 -30.74
CA TYR UA 234 84.07 -47.95 -29.40
C TYR UA 234 85.38 -48.71 -29.19
N GLY UA 235 85.42 -49.98 -29.59
CA GLY UA 235 86.68 -50.68 -29.58
C GLY UA 235 87.28 -50.83 -28.20
N ASN UA 236 86.54 -51.47 -27.30
CA ASN UA 236 86.89 -51.64 -25.88
C ASN UA 236 87.27 -50.31 -25.23
N ALA UA 237 86.39 -49.34 -25.39
CA ALA UA 237 86.44 -48.08 -24.69
C ALA UA 237 85.42 -48.08 -23.57
N TYR UA 238 85.76 -47.42 -22.46
CA TYR UA 238 84.74 -47.14 -21.46
C TYR UA 238 83.64 -46.30 -22.08
N VAL UA 239 82.41 -46.62 -21.74
CA VAL UA 239 81.31 -45.73 -22.15
C VAL UA 239 81.57 -44.33 -21.62
N PRO UA 240 81.43 -43.28 -22.44
CA PRO UA 240 82.09 -42.01 -22.15
C PRO UA 240 81.84 -41.46 -20.75
N GLN UA 241 82.92 -41.03 -20.12
CA GLN UA 241 82.89 -40.52 -18.75
C GLN UA 241 83.91 -39.39 -18.67
N ASN UA 242 83.64 -38.44 -17.80
CA ASN UA 242 84.60 -37.39 -17.48
C ASN UA 242 85.02 -37.58 -16.03
N ASN UA 243 86.28 -37.95 -15.82
CA ASN UA 243 86.69 -38.30 -14.48
C ASN UA 243 88.15 -37.98 -14.26
N ASP UA 244 88.60 -38.24 -13.04
CA ASP UA 244 90.02 -38.25 -12.75
C ASP UA 244 90.74 -39.32 -13.56
N SER UA 245 90.08 -40.44 -13.80
CA SER UA 245 90.71 -41.52 -14.56
C SER UA 245 90.58 -41.33 -16.07
N MET UA 246 89.51 -40.70 -16.55
CA MET UA 246 89.26 -40.77 -17.98
C MET UA 246 88.39 -39.60 -18.43
N ASN UA 247 88.45 -39.33 -19.73
CA ASN UA 247 87.65 -38.28 -20.35
C ASN UA 247 86.87 -38.86 -21.52
N ALA UA 248 85.77 -38.19 -21.86
CA ALA UA 248 84.78 -38.74 -22.77
C ALA UA 248 85.20 -38.64 -24.23
N VAL UA 249 85.98 -37.63 -24.58
CA VAL UA 249 86.35 -37.36 -25.96
C VAL UA 249 87.77 -37.86 -26.20
N GLY UA 250 87.97 -38.56 -27.32
CA GLY UA 250 89.21 -39.29 -27.51
C GLY UA 250 90.25 -38.71 -28.42
N THR UA 251 89.91 -37.70 -29.20
CA THR UA 251 90.86 -37.13 -30.14
C THR UA 251 91.70 -36.07 -29.46
N ILE UA 252 93.00 -36.09 -29.72
CA ILE UA 252 93.87 -35.01 -29.27
C ILE UA 252 93.51 -33.76 -30.06
N PRO UA 253 93.10 -32.69 -29.39
CA PRO UA 253 92.84 -31.44 -30.10
C PRO UA 253 94.11 -30.86 -30.68
N THR UA 254 93.97 -30.14 -31.79
CA THR UA 254 95.09 -29.69 -32.58
C THR UA 254 95.01 -28.19 -32.81
N SER UA 255 96.13 -27.63 -33.27
CA SER UA 255 96.43 -26.22 -33.08
C SER UA 255 95.54 -25.29 -33.91
N LYS UA 256 95.36 -24.08 -33.38
CA LYS UA 256 94.87 -22.93 -34.13
C LYS UA 256 93.44 -23.12 -34.63
N HIS UA 257 92.61 -23.75 -33.83
CA HIS UA 257 91.17 -23.83 -34.09
C HIS UA 257 90.49 -24.38 -32.85
N ILE UA 258 89.17 -24.55 -32.96
CA ILE UA 258 88.33 -24.91 -31.82
C ILE UA 258 88.08 -26.41 -31.87
N ASN UA 259 88.06 -27.04 -30.71
CA ASN UA 259 87.94 -28.48 -30.59
C ASN UA 259 86.96 -28.80 -29.47
N VAL UA 260 86.23 -29.90 -29.63
CA VAL UA 260 85.32 -30.31 -28.58
C VAL UA 260 86.12 -30.93 -27.45
N ARG UA 261 85.85 -30.45 -26.23
CA ARG UA 261 86.64 -30.78 -25.05
C ARG UA 261 85.70 -31.30 -23.97
N GLY UA 262 86.09 -32.36 -23.30
CA GLY UA 262 85.31 -32.85 -22.19
C GLY UA 262 85.26 -31.87 -21.05
N VAL UA 263 84.15 -31.89 -20.31
CA VAL UA 263 83.94 -30.96 -19.21
C VAL UA 263 82.96 -31.60 -18.24
N ASN UA 264 83.00 -31.17 -16.98
CA ASN UA 264 81.95 -31.32 -15.97
C ASN UA 264 81.87 -32.59 -15.12
N ASN UA 265 82.71 -33.62 -15.32
CA ASN UA 265 82.67 -34.77 -14.41
C ASN UA 265 81.30 -35.45 -14.38
N ARG UA 266 81.00 -36.16 -15.45
CA ARG UA 266 79.99 -37.20 -15.41
C ARG UA 266 80.72 -38.53 -15.44
N GLY UA 267 80.41 -39.41 -14.50
CA GLY UA 267 81.08 -40.70 -14.44
C GLY UA 267 80.17 -41.74 -13.83
N MET UA 268 80.63 -42.99 -13.84
CA MET UA 268 79.86 -44.09 -13.28
C MET UA 268 80.48 -44.68 -12.03
N ALA UA 269 79.64 -45.04 -11.06
CA ALA UA 269 80.11 -45.63 -9.82
C ALA UA 269 80.51 -47.08 -10.04
N GLY UA 270 81.60 -47.49 -9.40
CA GLY UA 270 82.09 -48.85 -9.54
C GLY UA 270 81.21 -49.88 -8.86
N HIS UA 271 80.29 -50.46 -9.64
CA HIS UA 271 79.39 -51.47 -9.11
C HIS UA 271 80.17 -52.75 -8.80
N TYR UA 272 79.73 -53.50 -7.78
CA TYR UA 272 80.42 -54.71 -7.40
C TYR UA 272 79.44 -55.69 -6.80
N LEU UA 273 79.82 -56.95 -6.78
CA LEU UA 273 79.03 -58.02 -6.16
C LEU UA 273 79.91 -58.80 -5.20
N SER UA 274 79.35 -59.10 -4.03
CA SER UA 274 80.09 -59.81 -3.01
C SER UA 274 79.12 -60.53 -2.12
N PHE UA 275 79.63 -61.45 -1.33
CA PHE UA 275 78.80 -62.15 -0.39
C PHE UA 275 79.22 -61.83 1.03
N PRO UA 276 78.29 -61.82 1.98
CA PRO UA 276 78.64 -61.53 3.35
C PRO UA 276 79.51 -62.62 3.93
N PRO UA 277 80.51 -62.27 4.72
CA PRO UA 277 81.29 -63.33 5.40
C PRO UA 277 80.40 -64.09 6.36
N ILE UA 278 80.42 -65.41 6.23
CA ILE UA 278 79.71 -66.30 7.14
C ILE UA 278 80.68 -67.39 7.52
N ARG UA 279 81.05 -67.44 8.80
CA ARG UA 279 81.99 -68.46 9.23
C ARG UA 279 81.30 -69.80 9.36
N THR UA 280 82.06 -70.85 9.08
CA THR UA 280 81.62 -72.22 9.19
C THR UA 280 82.54 -72.98 10.14
N ASN UA 281 82.27 -74.28 10.28
CA ASN UA 281 83.21 -75.15 10.96
C ASN UA 281 84.60 -75.06 10.32
N ASP UA 282 84.65 -74.90 9.00
CA ASP UA 282 85.90 -74.71 8.28
C ASP UA 282 85.76 -73.55 7.32
N GLY UA 283 86.55 -72.50 7.53
CA GLY UA 283 86.58 -71.41 6.57
C GLY UA 283 85.28 -70.63 6.54
N GLN UA 284 84.85 -70.31 5.32
CA GLN UA 284 83.73 -69.41 5.09
C GLN UA 284 82.58 -70.18 4.44
N PHE UA 285 81.37 -69.68 4.67
CA PHE UA 285 80.21 -70.31 4.09
C PHE UA 285 80.29 -70.18 2.58
N LYS UA 286 79.93 -71.23 1.88
CA LYS UA 286 80.05 -71.22 0.44
C LYS UA 286 78.72 -70.77 -0.14
N LEU UA 287 78.68 -69.55 -0.65
CA LEU UA 287 77.51 -69.01 -1.31
C LEU UA 287 77.77 -68.91 -2.80
N ASN UA 288 76.82 -69.39 -3.57
CA ASN UA 288 76.86 -69.33 -5.01
C ASN UA 288 75.60 -68.59 -5.42
N ALA UA 289 75.68 -67.81 -6.48
CA ALA UA 289 74.55 -67.01 -6.89
C ALA UA 289 74.25 -67.23 -8.35
N GLN UA 290 72.98 -67.24 -8.70
CA GLN UA 290 72.52 -67.06 -10.06
C GLN UA 290 71.62 -65.85 -10.14
N PHE UA 291 71.69 -65.13 -11.24
CA PHE UA 291 70.72 -64.12 -11.55
C PHE UA 291 70.76 -63.88 -13.05
N THR UA 292 69.71 -63.24 -13.57
CA THR UA 292 69.69 -62.88 -14.96
C THR UA 292 70.23 -61.47 -15.12
N LEU UA 293 71.05 -61.27 -16.13
CA LEU UA 293 71.62 -59.96 -16.43
C LEU UA 293 70.94 -59.45 -17.69
N GLU UA 294 70.14 -58.41 -17.56
CA GLU UA 294 69.55 -57.71 -18.69
C GLU UA 294 70.23 -56.37 -18.80
N THR UA 295 71.01 -56.17 -19.86
CA THR UA 295 71.64 -54.90 -20.12
C THR UA 295 70.96 -54.22 -21.30
N GLU UA 296 70.89 -52.90 -21.23
CA GLU UA 296 70.36 -52.10 -22.33
C GLU UA 296 71.23 -50.87 -22.51
N ILE UA 297 71.61 -50.61 -23.76
CA ILE UA 297 72.30 -49.39 -24.13
C ILE UA 297 71.51 -48.73 -25.24
N GLU UA 298 71.21 -47.46 -25.09
CA GLU UA 298 70.35 -46.74 -26.02
C GLU UA 298 71.20 -45.79 -26.84
N PHE UA 299 71.37 -46.08 -28.11
CA PHE UA 299 72.14 -45.22 -29.00
C PHE UA 299 71.25 -44.22 -29.71
N GLU UA 300 71.76 -43.01 -29.88
CA GLU UA 300 71.27 -42.09 -30.89
C GLU UA 300 72.22 -42.13 -32.07
N PHE UA 301 71.67 -42.05 -33.27
CA PHE UA 301 72.52 -42.00 -34.44
C PHE UA 301 71.95 -40.98 -35.42
N ARG UA 302 72.76 -40.64 -36.41
CA ARG UA 302 72.48 -39.53 -37.29
C ARG UA 302 73.01 -39.86 -38.67
N LEU UA 303 72.31 -39.41 -39.70
CA LEU UA 303 72.58 -39.90 -41.04
C LEU UA 303 73.38 -38.89 -41.86
N TRP UA 304 73.62 -39.26 -43.10
CA TRP UA 304 74.54 -38.59 -44.00
C TRP UA 304 73.93 -37.31 -44.56
N GLU UA 305 74.81 -36.44 -45.06
CA GLU UA 305 74.40 -35.16 -45.61
C GLU UA 305 73.53 -35.35 -46.85
N GLN UA 306 72.48 -34.56 -46.96
CA GLN UA 306 71.64 -34.59 -48.14
C GLN UA 306 72.33 -33.91 -49.31
N GLY UA 307 71.88 -34.26 -50.50
CA GLY UA 307 72.39 -33.63 -51.70
C GLY UA 307 73.54 -34.40 -52.30
N VAL UA 308 74.17 -33.76 -53.28
CA VAL UA 308 75.34 -34.34 -53.92
C VAL UA 308 76.45 -34.54 -52.91
N GLN UA 309 76.44 -33.77 -51.83
CA GLN UA 309 77.46 -33.94 -50.79
C GLN UA 309 77.44 -35.35 -50.22
N GLY UA 310 76.28 -35.99 -50.19
CA GLY UA 310 76.13 -37.32 -49.65
C GLY UA 310 76.30 -38.45 -50.63
N ILE UA 311 76.69 -38.16 -51.87
CA ILE UA 311 76.96 -39.20 -52.84
C ILE UA 311 78.25 -39.92 -52.49
N ASN UA 312 78.23 -41.25 -52.55
CA ASN UA 312 79.39 -42.04 -52.13
C ASN UA 312 80.67 -41.60 -52.82
N SER UA 313 80.62 -41.41 -54.13
CA SER UA 313 81.84 -41.13 -54.88
C SER UA 313 82.44 -39.79 -54.49
N VAL UA 314 81.60 -38.77 -54.33
CA VAL UA 314 82.09 -37.43 -54.01
C VAL UA 314 82.05 -37.12 -52.54
N HIS UA 315 81.55 -38.02 -51.70
CA HIS UA 315 81.50 -37.72 -50.27
C HIS UA 315 82.87 -37.78 -49.62
N THR UA 316 83.82 -38.51 -50.22
CA THR UA 316 85.15 -38.57 -49.64
C THR UA 316 85.77 -37.19 -49.54
N ASN UA 317 85.83 -36.48 -50.65
CA ASN UA 317 86.43 -35.16 -50.69
C ASN UA 317 85.45 -34.01 -50.47
N LEU UA 318 84.15 -34.26 -50.48
CA LEU UA 318 83.18 -33.27 -50.02
C LEU UA 318 82.73 -33.46 -48.57
N ASN UA 319 83.29 -34.43 -47.86
CA ASN UA 319 82.99 -34.58 -46.46
C ASN UA 319 83.32 -33.28 -45.73
N PRO UA 320 82.43 -32.79 -44.86
CA PRO UA 320 82.73 -31.55 -44.15
C PRO UA 320 83.95 -31.69 -43.26
N ALA UA 321 84.82 -30.70 -43.31
CA ALA UA 321 85.96 -30.70 -42.39
C ALA UA 321 85.54 -30.34 -40.97
N ASN UA 322 84.32 -29.85 -40.78
CA ASN UA 322 83.82 -29.56 -39.45
C ASN UA 322 83.13 -30.74 -38.80
N ASP UA 323 83.16 -31.92 -39.44
CA ASP UA 323 82.83 -33.13 -38.71
C ASP UA 323 83.66 -33.22 -37.44
N SER UA 324 84.96 -32.95 -37.55
CA SER UA 324 85.84 -32.99 -36.40
C SER UA 324 85.35 -32.09 -35.29
N LEU UA 325 84.50 -31.13 -35.63
CA LEU UA 325 83.96 -30.25 -34.62
C LEU UA 325 82.95 -30.97 -33.74
N TRP UA 326 81.93 -31.58 -34.35
CA TRP UA 326 80.94 -32.37 -33.62
C TRP UA 326 81.14 -33.88 -33.67
N ILE UA 327 82.09 -34.42 -34.42
CA ILE UA 327 82.25 -35.90 -34.43
C ILE UA 327 83.59 -36.33 -33.85
N GLN UA 328 83.57 -37.06 -32.75
CA GLN UA 328 84.73 -37.04 -31.87
C GLN UA 328 85.41 -38.34 -31.43
N SER UA 329 85.00 -39.48 -31.96
CA SER UA 329 85.56 -40.81 -31.58
C SER UA 329 85.29 -41.22 -30.11
N TYR UA 330 86.13 -42.09 -29.55
CA TYR UA 330 85.92 -42.58 -28.17
C TYR UA 330 87.04 -42.13 -27.25
N GLY UA 331 86.69 -41.79 -26.01
CA GLY UA 331 87.69 -41.13 -25.19
C GLY UA 331 88.79 -41.99 -24.61
N SER UA 332 88.42 -43.00 -23.85
CA SER UA 332 89.37 -43.72 -23.03
C SER UA 332 89.07 -45.20 -23.07
N LEU UA 333 90.11 -45.99 -23.19
CA LEU UA 333 90.00 -47.41 -23.43
C LEU UA 333 90.24 -48.17 -22.13
N VAL UA 334 89.53 -49.28 -21.96
CA VAL UA 334 89.96 -50.21 -20.94
C VAL UA 334 91.33 -50.74 -21.34
N SER UA 335 92.09 -51.18 -20.35
CA SER UA 335 93.45 -51.61 -20.60
C SER UA 335 93.42 -53.09 -20.93
N ILE UA 336 93.73 -53.42 -22.18
CA ILE UA 336 93.60 -54.77 -22.72
C ILE UA 336 94.95 -55.18 -23.25
N THR UA 337 95.56 -56.19 -22.64
CA THR UA 337 96.65 -56.90 -23.28
C THR UA 337 96.12 -58.26 -23.71
N GLU UA 338 96.50 -58.68 -24.90
CA GLU UA 338 95.93 -59.86 -25.54
C GLU UA 338 94.42 -59.66 -25.54
N SER UA 339 93.63 -60.65 -25.14
CA SER UA 339 92.18 -60.51 -25.00
C SER UA 339 91.77 -60.18 -23.57
N LYS UA 340 92.73 -59.96 -22.68
CA LYS UA 340 92.49 -59.99 -21.24
C LYS UA 340 92.55 -58.59 -20.66
N ILE UA 341 91.57 -58.26 -19.82
CA ILE UA 341 91.52 -56.94 -19.20
C ILE UA 341 92.59 -56.85 -18.13
N ASN UA 342 93.40 -55.79 -18.19
CA ASN UA 342 94.44 -55.59 -17.18
C ASN UA 342 93.87 -55.01 -15.90
N ASN UA 343 92.98 -54.03 -16.02
CA ASN UA 343 92.41 -53.35 -14.87
C ASN UA 343 91.12 -52.71 -15.32
N ILE UA 344 90.28 -52.34 -14.35
CA ILE UA 344 89.08 -51.57 -14.63
C ILE UA 344 89.11 -50.33 -13.76
N GLN UA 345 88.91 -49.18 -14.38
CA GLN UA 345 88.81 -47.90 -13.70
C GLN UA 345 87.35 -47.51 -13.61
N PHE UA 346 86.96 -46.90 -12.50
CA PHE UA 346 85.55 -46.53 -12.34
C PHE UA 346 85.31 -45.03 -12.37
N GLY UA 347 85.84 -44.28 -11.41
CA GLY UA 347 85.66 -42.84 -11.41
C GLY UA 347 84.27 -42.28 -11.60
N PRO UA 348 83.46 -42.33 -10.55
CA PRO UA 348 82.06 -41.87 -10.48
C PRO UA 348 81.94 -40.37 -10.46
N THR UA 349 80.73 -39.86 -10.62
CA THR UA 349 80.55 -38.43 -10.53
C THR UA 349 80.57 -38.30 -9.03
N CYS UA 350 81.67 -37.82 -8.47
CA CYS UA 350 81.75 -37.78 -7.04
C CYS UA 350 80.93 -36.66 -6.48
N PRO UA 351 80.28 -36.93 -5.34
CA PRO UA 351 79.36 -35.97 -4.71
C PRO UA 351 80.04 -34.77 -4.12
N ARG UA 352 81.35 -34.83 -3.87
CA ARG UA 352 82.03 -33.70 -3.28
C ARG UA 352 82.58 -32.70 -4.29
N VAL UA 353 82.52 -33.01 -5.59
CA VAL UA 353 82.70 -31.97 -6.59
C VAL UA 353 81.55 -31.00 -6.50
N ASP UA 354 81.84 -29.72 -6.73
CA ASP UA 354 80.82 -28.69 -6.70
C ASP UA 354 79.67 -29.06 -7.63
N ALA UA 355 78.44 -28.93 -7.14
CA ALA UA 355 77.29 -29.28 -7.94
C ALA UA 355 77.21 -28.48 -9.23
N ARG UA 356 77.87 -27.33 -9.28
CA ARG UA 356 77.88 -26.55 -10.51
C ARG UA 356 78.75 -27.19 -11.56
N ASN UA 357 79.73 -27.98 -11.16
CA ASN UA 357 80.54 -28.74 -12.11
C ASN UA 357 79.84 -30.00 -12.59
N LYS UA 358 78.97 -30.59 -11.78
CA LYS UA 358 78.47 -31.93 -12.04
C LYS UA 358 77.30 -31.94 -13.02
N GLY UA 359 76.94 -30.81 -13.59
CA GLY UA 359 75.72 -30.72 -14.38
C GLY UA 359 75.75 -31.43 -15.71
N GLY UA 360 74.81 -31.10 -16.58
CA GLY UA 360 74.44 -31.96 -17.68
C GLY UA 360 75.43 -32.24 -18.80
N LYS UA 361 75.93 -31.21 -19.44
CA LYS UA 361 76.60 -31.36 -20.73
C LYS UA 361 78.04 -31.82 -20.55
N MET UA 362 78.41 -32.92 -21.19
CA MET UA 362 79.73 -33.51 -20.99
C MET UA 362 80.81 -32.98 -21.92
N SER UA 363 80.52 -32.02 -22.77
CA SER UA 363 81.57 -31.51 -23.62
C SER UA 363 81.34 -30.03 -23.87
N MET UA 364 82.41 -29.36 -24.24
CA MET UA 364 82.36 -27.97 -24.60
C MET UA 364 83.21 -27.80 -25.85
N LEU UA 365 82.90 -26.80 -26.64
CA LEU UA 365 83.60 -26.56 -27.88
C LEU UA 365 84.57 -25.42 -27.61
N PHE UA 366 85.81 -25.80 -27.39
CA PHE UA 366 86.86 -24.90 -26.92
C PHE UA 366 88.10 -24.97 -27.77
N ASP UA 367 88.69 -23.82 -28.05
CA ASP UA 367 89.88 -23.73 -28.89
C ASP UA 367 91.18 -24.22 -28.31
N HIS UA 368 92.11 -24.54 -29.19
CA HIS UA 368 93.43 -24.98 -28.77
C HIS UA 368 94.47 -24.14 -29.51
N HIS UA 369 95.45 -23.65 -28.78
CA HIS UA 369 96.49 -22.83 -29.39
C HIS UA 369 97.80 -23.61 -29.57
N GLU VA 36 76.71 14.36 7.39
CA GLU VA 36 76.31 15.50 6.58
C GLU VA 36 77.49 15.99 5.75
N GLY VA 37 77.21 16.63 4.63
CA GLY VA 37 78.26 17.11 3.75
C GLY VA 37 78.71 16.05 2.77
N ASP VA 38 79.72 16.39 1.99
CA ASP VA 38 80.26 15.48 1.01
C ASP VA 38 81.29 14.53 1.58
N GLY VA 39 81.56 14.61 2.88
CA GLY VA 39 82.51 13.76 3.55
C GLY VA 39 83.80 14.44 3.93
N SER VA 40 84.05 15.62 3.37
CA SER VA 40 85.27 16.37 3.61
C SER VA 40 85.52 16.78 5.04
N ALA VA 41 84.54 16.58 5.90
CA ALA VA 41 84.65 16.96 7.31
C ALA VA 41 85.54 16.01 8.10
N PRO VA 42 85.96 16.43 9.29
CA PRO VA 42 86.82 15.53 10.04
C PRO VA 42 86.19 14.19 10.40
N GLY VA 43 84.92 14.09 10.74
CA GLY VA 43 84.35 12.80 11.12
C GLY VA 43 83.24 12.26 10.23
N GLY VA 44 82.99 10.96 10.27
CA GLY VA 44 81.96 10.36 9.43
C GLY VA 44 82.48 9.61 8.22
N SER VA 45 81.90 9.85 7.06
CA SER VA 45 82.30 9.18 5.82
C SER VA 45 83.51 9.80 5.13
N VAL VA 46 84.25 9.00 4.37
CA VAL VA 46 85.45 9.39 3.67
C VAL VA 46 85.17 10.12 2.38
N TRP VA 47 85.78 11.28 2.20
CA TRP VA 47 85.60 12.00 0.96
C TRP VA 47 86.43 11.20 -0.01
N GLN VA 48 85.84 10.82 -1.14
CA GLN VA 48 86.58 10.02 -2.08
C GLN VA 48 86.49 10.62 -3.47
N THR VA 49 87.54 10.38 -4.25
CA THR VA 49 87.71 11.00 -5.56
C THR VA 49 86.77 10.39 -6.59
N THR VA 50 86.60 11.11 -7.69
CA THR VA 50 85.69 10.71 -8.74
C THR VA 50 86.13 9.40 -9.39
N ASP VA 51 85.15 8.72 -9.99
CA ASP VA 51 85.35 7.40 -10.58
C ASP VA 51 85.99 7.52 -11.96
N TYR VA 52 87.10 6.85 -12.16
CA TYR VA 52 87.74 6.79 -13.47
C TYR VA 52 87.31 5.60 -14.31
N ILE VA 53 86.55 4.66 -13.77
CA ILE VA 53 86.13 3.51 -14.56
C ILE VA 53 85.08 3.91 -15.59
N ALA VA 54 84.07 4.65 -15.15
CA ALA VA 54 82.88 4.87 -15.97
C ALA VA 54 83.21 5.32 -17.38
N LEU VA 55 84.19 6.22 -17.51
CA LEU VA 55 84.57 6.69 -18.84
C LEU VA 55 85.48 5.73 -19.59
N SER VA 56 86.18 4.84 -18.89
CA SER VA 56 86.99 3.86 -19.60
C SER VA 56 86.17 2.69 -20.13
N MET VA 57 84.99 2.45 -19.55
CA MET VA 57 84.14 1.36 -19.99
C MET VA 57 83.12 1.76 -21.04
N VAL VA 58 82.96 3.04 -21.33
CA VAL VA 58 81.93 3.43 -22.29
C VAL VA 58 82.30 2.91 -23.66
N VAL VA 59 81.37 2.22 -24.30
CA VAL VA 59 81.57 1.59 -25.59
C VAL VA 59 80.99 2.51 -26.65
N TYR VA 60 81.84 2.94 -27.57
CA TYR VA 60 81.42 3.76 -28.69
C TYR VA 60 81.31 2.88 -29.91
N ARG VA 61 80.35 3.19 -30.78
CA ARG VA 61 79.94 2.26 -31.82
C ARG VA 61 79.92 2.99 -33.15
N THR VA 62 80.74 2.54 -34.08
CA THR VA 62 80.80 3.14 -35.41
C THR VA 62 80.62 2.08 -36.49
N ALA VA 63 80.78 2.48 -37.75
CA ALA VA 63 80.65 1.54 -38.85
C ALA VA 63 81.41 2.06 -40.05
N ILE VA 64 81.71 1.16 -40.97
CA ILE VA 64 82.34 1.49 -42.24
C ILE VA 64 81.48 0.93 -43.36
N LYS VA 65 80.93 1.80 -44.18
CA LYS VA 65 80.06 1.41 -45.28
C LYS VA 65 80.74 1.78 -46.59
N LEU VA 66 80.72 0.84 -47.54
CA LEU VA 66 81.38 1.03 -48.82
C LEU VA 66 80.53 0.43 -49.92
N ARG VA 67 80.46 1.09 -51.07
CA ARG VA 67 79.76 0.57 -52.23
C ARG VA 67 80.74 0.30 -53.36
N ASN VA 68 80.33 -0.64 -54.21
CA ASN VA 68 81.17 -1.15 -55.26
C ASN VA 68 80.27 -1.66 -56.36
N PHE VA 69 80.76 -1.65 -57.58
CA PHE VA 69 80.10 -2.34 -58.68
C PHE VA 69 80.91 -3.58 -59.02
N VAL VA 70 80.23 -4.71 -59.11
CA VAL VA 70 80.87 -5.99 -59.40
C VAL VA 70 80.48 -6.41 -60.80
N ASN VA 71 81.46 -6.79 -61.59
CA ASN VA 71 81.25 -7.31 -62.94
C ASN VA 71 81.84 -8.72 -62.98
N ILE VA 72 80.98 -9.70 -63.17
CA ILE VA 72 81.40 -11.10 -63.22
C ILE VA 72 81.25 -11.57 -64.65
N ARG VA 73 82.36 -11.85 -65.31
CA ARG VA 73 82.34 -12.24 -66.71
C ARG VA 73 83.08 -13.55 -66.91
N GLY VA 74 82.68 -14.26 -67.96
CA GLY VA 74 83.40 -15.46 -68.37
C GLY VA 74 83.47 -16.54 -67.32
N LEU VA 75 82.40 -16.70 -66.55
CA LEU VA 75 82.36 -17.65 -65.45
C LEU VA 75 81.57 -18.87 -65.94
N THR VA 76 82.25 -19.98 -66.14
CA THR VA 76 81.59 -21.19 -66.60
C THR VA 76 80.83 -21.84 -65.46
N PRO VA 77 79.89 -22.75 -65.76
CA PRO VA 77 79.06 -23.32 -64.68
C PRO VA 77 79.83 -24.14 -63.68
N THR VA 78 81.00 -24.67 -64.01
CA THR VA 78 81.80 -25.40 -63.04
C THR VA 78 82.49 -24.46 -62.07
N GLU VA 79 83.11 -23.41 -62.60
CA GLU VA 79 83.80 -22.43 -61.78
C GLU VA 79 82.80 -21.50 -61.08
N MET VA 80 83.26 -20.88 -60.01
CA MET VA 80 82.39 -20.23 -59.06
C MET VA 80 83.11 -19.06 -58.40
N ILE VA 81 82.39 -17.97 -58.15
CA ILE VA 81 82.95 -16.80 -57.49
C ILE VA 81 82.89 -16.99 -55.99
N VAL VA 82 84.03 -16.81 -55.34
CA VAL VA 82 84.13 -16.90 -53.89
C VAL VA 82 83.94 -15.51 -53.32
N ILE VA 83 82.95 -15.36 -52.44
CA ILE VA 83 82.70 -14.05 -51.83
C ILE VA 83 83.67 -13.96 -50.66
N PRO VA 84 84.68 -13.13 -50.71
CA PRO VA 84 85.60 -13.04 -49.58
C PRO VA 84 84.97 -12.30 -48.41
N TRP VA 85 83.80 -12.75 -47.99
CA TRP VA 85 83.00 -11.95 -47.08
C TRP VA 85 83.33 -12.26 -45.64
N ASN VA 86 84.14 -13.28 -45.38
CA ASN VA 86 84.59 -13.62 -44.05
C ASN VA 86 85.95 -13.07 -43.73
N VAL VA 87 86.59 -12.33 -44.63
CA VAL VA 87 87.86 -11.70 -44.34
C VAL VA 87 87.61 -10.25 -43.94
N MET VA 88 88.31 -9.82 -42.90
CA MET VA 88 88.05 -8.50 -42.32
C MET VA 88 88.34 -7.39 -43.32
N ARG VA 89 89.37 -7.57 -44.12
CA ARG VA 89 89.80 -6.55 -45.08
C ARG VA 89 88.77 -6.28 -46.16
N PHE VA 90 87.81 -7.18 -46.34
CA PHE VA 90 86.78 -7.00 -47.35
C PHE VA 90 85.91 -5.80 -47.04
N TYR VA 91 85.51 -5.65 -45.78
CA TYR VA 91 84.54 -4.63 -45.41
C TYR VA 91 85.16 -3.26 -45.21
N CYS VA 92 86.29 -3.20 -44.50
CA CYS VA 92 86.87 -1.94 -44.05
C CYS VA 92 88.00 -1.44 -44.93
N GLU VA 93 88.39 -2.17 -45.96
CA GLU VA 93 89.36 -1.68 -46.92
C GLU VA 93 88.79 -1.86 -48.32
N TYR VA 94 88.96 -0.85 -49.15
CA TYR VA 94 88.24 -0.78 -50.40
C TYR VA 94 89.19 -1.22 -51.50
N ASN VA 95 89.00 -2.43 -52.00
CA ASN VA 95 89.89 -2.93 -53.03
C ASN VA 95 89.06 -3.05 -54.30
N THR VA 96 89.25 -2.10 -55.20
CA THR VA 96 88.57 -2.12 -56.48
C THR VA 96 89.51 -1.52 -57.50
N GLY VA 97 89.70 -2.18 -58.64
CA GLY VA 97 90.42 -1.55 -59.72
C GLY VA 97 91.77 -1.01 -59.32
N THR VA 98 91.98 0.28 -59.55
CA THR VA 98 93.25 0.93 -59.27
C THR VA 98 93.44 1.23 -57.79
N TYR VA 99 92.36 1.30 -57.01
CA TYR VA 99 92.48 1.65 -55.60
C TYR VA 99 93.45 0.73 -54.87
N GLY VA 100 93.20 -0.57 -54.94
CA GLY VA 100 94.05 -1.53 -54.24
C GLY VA 100 95.51 -1.43 -54.60
N LEU VA 101 95.82 -0.90 -55.80
CA LEU VA 101 97.21 -0.69 -56.17
C LEU VA 101 97.78 0.52 -55.44
N SER VA 102 96.98 1.55 -55.25
CA SER VA 102 97.41 2.72 -54.48
C SER VA 102 97.47 2.38 -53.00
N GLY VA 103 98.22 3.19 -52.26
CA GLY VA 103 98.51 2.89 -50.88
C GLY VA 103 97.46 3.38 -49.89
N ASN VA 104 97.36 2.66 -48.79
CA ASN VA 104 96.51 3.01 -47.65
C ASN VA 104 95.09 3.33 -48.09
N VAL VA 105 94.40 2.27 -48.51
CA VAL VA 105 93.02 2.40 -48.96
C VAL VA 105 92.04 2.09 -47.83
N HIS VA 106 92.53 1.86 -46.62
CA HIS VA 106 91.65 1.69 -45.48
C HIS VA 106 90.75 2.90 -45.30
N HIS VA 107 89.54 2.65 -44.83
CA HIS VA 107 88.64 3.74 -44.51
C HIS VA 107 89.14 4.49 -43.29
N LYS VA 108 88.91 5.80 -43.25
CA LYS VA 108 89.51 6.61 -42.20
C LYS VA 108 88.89 6.36 -40.84
N ASN VA 109 87.65 5.86 -40.77
CA ASN VA 109 87.13 5.43 -39.48
C ASN VA 109 87.95 4.29 -38.93
N TYR VA 110 88.52 3.46 -39.79
CA TYR VA 110 89.31 2.37 -39.26
C TYR VA 110 90.68 2.84 -38.83
N SER VA 111 91.26 3.81 -39.53
CA SER VA 111 92.57 4.30 -39.14
C SER VA 111 92.56 4.86 -37.73
N MET VA 112 91.46 5.45 -37.31
CA MET VA 112 91.39 5.94 -35.93
C MET VA 112 90.99 4.86 -34.94
N LEU VA 113 90.37 3.77 -35.38
CA LEU VA 113 90.15 2.67 -34.45
C LEU VA 113 91.45 2.15 -33.88
N LEU VA 114 92.56 2.44 -34.55
CA LEU VA 114 93.89 2.18 -34.02
C LEU VA 114 94.36 3.28 -33.09
N ALA VA 115 93.69 4.43 -33.08
CA ALA VA 115 94.00 5.48 -32.13
C ALA VA 115 93.39 5.22 -30.77
N CYS VA 116 92.16 4.73 -30.73
CA CYS VA 116 91.56 4.30 -29.47
C CYS VA 116 92.18 2.98 -29.04
N LYS VA 117 92.06 2.67 -27.75
CA LYS VA 117 92.86 1.56 -27.25
C LYS VA 117 92.27 0.20 -27.59
N ALA VA 118 90.97 0.12 -27.81
CA ALA VA 118 90.31 -1.14 -28.11
C ALA VA 118 89.25 -0.93 -29.15
N HIS VA 119 89.14 -1.88 -30.07
CA HIS VA 119 88.03 -1.89 -31.01
C HIS VA 119 87.58 -3.33 -31.21
N ARG VA 120 86.32 -3.49 -31.54
CA ARG VA 120 85.79 -4.81 -31.77
C ARG VA 120 84.85 -4.79 -32.96
N PRO VA 121 84.94 -5.80 -33.83
CA PRO VA 121 84.23 -5.75 -35.11
C PRO VA 121 82.72 -5.93 -35.06
N THR VA 122 82.15 -6.58 -34.05
CA THR VA 122 80.71 -6.82 -33.95
C THR VA 122 80.09 -7.26 -35.26
N LYS VA 123 78.97 -6.66 -35.65
CA LYS VA 123 78.24 -7.14 -36.82
C LYS VA 123 78.98 -6.82 -38.11
N VAL VA 124 78.77 -7.66 -39.11
CA VAL VA 124 79.38 -7.49 -40.43
C VAL VA 124 78.41 -8.04 -41.46
N GLY VA 125 78.36 -7.40 -42.63
CA GLY VA 125 77.40 -7.84 -43.62
C GLY VA 125 77.62 -7.15 -44.95
N TYR VA 126 76.85 -7.58 -45.95
CA TYR VA 126 76.95 -6.99 -47.27
C TYR VA 126 75.65 -7.19 -48.02
N THR VA 127 75.49 -6.44 -49.10
CA THR VA 127 74.29 -6.45 -49.91
C THR VA 127 74.64 -6.55 -51.39
N LEU VA 128 73.98 -7.45 -52.09
CA LEU VA 128 74.01 -7.53 -53.55
C LEU VA 128 72.72 -6.94 -54.08
N SER VA 129 72.83 -6.04 -55.06
CA SER VA 129 71.65 -5.29 -55.47
C SER VA 129 71.70 -5.00 -56.96
N ASN VA 130 70.50 -4.86 -57.54
CA ASN VA 130 70.32 -4.41 -58.92
C ASN VA 130 71.19 -5.19 -59.89
N LEU VA 131 70.81 -6.46 -60.03
CA LEU VA 131 71.52 -7.36 -60.89
C LEU VA 131 71.25 -7.04 -62.36
N ILE VA 132 72.32 -7.04 -63.15
CA ILE VA 132 72.23 -6.88 -64.59
C ILE VA 132 72.98 -8.04 -65.21
N LEU VA 133 72.25 -8.89 -65.94
CA LEU VA 133 72.84 -9.96 -66.72
C LEU VA 133 73.01 -9.53 -68.16
N THR VA 134 74.16 -9.86 -68.74
CA THR VA 134 74.43 -9.62 -70.13
C THR VA 134 74.91 -10.91 -70.76
N SER VA 135 74.93 -10.95 -72.08
CA SER VA 135 75.27 -12.16 -72.81
C SER VA 135 76.31 -11.87 -73.87
N ASP VA 136 77.34 -12.70 -73.93
CA ASP VA 136 78.32 -12.67 -75.00
C ASP VA 136 77.91 -13.53 -76.18
N GLU VA 137 76.70 -14.09 -76.14
CA GLU VA 137 76.29 -15.03 -77.18
C GLU VA 137 76.36 -14.41 -78.56
N LEU VA 138 76.01 -13.14 -78.70
CA LEU VA 138 76.12 -12.48 -79.99
C LEU VA 138 77.56 -12.13 -80.33
N VAL VA 139 78.45 -12.16 -79.36
CA VAL VA 139 79.85 -11.82 -79.58
C VAL VA 139 80.54 -12.97 -80.27
N SER VA 140 81.40 -12.64 -81.24
CA SER VA 140 82.24 -13.61 -81.91
C SER VA 140 83.59 -12.96 -82.19
N THR VA 141 84.57 -13.79 -82.53
CA THR VA 141 85.91 -13.26 -82.80
C THR VA 141 85.90 -12.30 -83.98
N GLY VA 142 84.95 -12.45 -84.90
CA GLY VA 142 84.81 -11.47 -85.96
C GLY VA 142 84.34 -10.12 -85.46
N GLY VA 143 83.62 -10.10 -84.34
CA GLY VA 143 83.24 -8.85 -83.73
C GLY VA 143 81.97 -8.27 -84.34
N THR VA 144 81.92 -6.94 -84.35
CA THR VA 144 80.84 -6.12 -84.90
C THR VA 144 79.57 -6.21 -84.07
N LEU VA 145 79.50 -7.16 -83.14
CA LEU VA 145 78.40 -7.26 -82.19
C LEU VA 145 78.98 -7.49 -80.81
N GLY VA 146 78.62 -6.63 -79.87
CA GLY VA 146 79.09 -6.73 -78.50
C GLY VA 146 78.06 -7.40 -77.60
N THR VA 147 78.45 -7.53 -76.33
CA THR VA 147 77.55 -8.13 -75.38
C THR VA 147 76.37 -7.21 -75.13
N THR VA 148 75.25 -7.80 -74.71
CA THR VA 148 74.09 -6.99 -74.38
C THR VA 148 73.26 -7.76 -73.38
N THR VA 149 72.40 -7.05 -72.67
CA THR VA 149 71.56 -7.66 -71.66
C THR VA 149 70.73 -8.78 -72.25
N THR VA 150 70.46 -9.79 -71.42
CA THR VA 150 69.75 -10.96 -71.88
C THR VA 150 68.39 -10.57 -72.49
N PHE VA 151 68.00 -11.32 -73.51
CA PHE VA 151 66.77 -11.00 -74.25
C PHE VA 151 65.56 -11.01 -73.33
N ASN VA 152 65.51 -11.93 -72.38
CA ASN VA 152 64.48 -11.94 -71.38
C ASN VA 152 65.12 -12.13 -70.01
N THR VA 153 64.32 -11.92 -68.97
CA THR VA 153 64.80 -11.89 -67.60
C THR VA 153 64.82 -13.27 -66.95
N SER VA 154 64.51 -14.33 -67.70
CA SER VA 154 64.56 -15.67 -67.14
C SER VA 154 65.93 -16.09 -66.60
N PRO VA 155 67.07 -15.71 -67.20
CA PRO VA 155 68.35 -16.13 -66.63
C PRO VA 155 68.56 -15.54 -65.24
N TYR VA 156 69.48 -16.15 -64.50
CA TYR VA 156 69.71 -15.79 -63.12
C TYR VA 156 71.15 -16.08 -62.74
N MET VA 157 71.59 -15.45 -61.66
CA MET VA 157 72.86 -15.75 -61.03
C MET VA 157 72.59 -16.41 -59.70
N ILE VA 158 73.30 -17.49 -59.42
CA ILE VA 158 73.03 -18.30 -58.25
C ILE VA 158 73.90 -17.80 -57.11
N HIS VA 159 73.28 -17.40 -56.02
CA HIS VA 159 74.02 -17.06 -54.81
C HIS VA 159 73.95 -18.25 -53.87
N SER VA 160 75.09 -18.86 -53.60
CA SER VA 160 75.15 -20.09 -52.83
C SER VA 160 75.76 -19.81 -51.47
N ILE VA 161 75.12 -20.30 -50.42
CA ILE VA 161 75.65 -20.26 -49.07
C ILE VA 161 75.92 -21.69 -48.66
N ASP VA 162 77.16 -22.02 -48.35
CA ASP VA 162 77.45 -23.41 -48.03
C ASP VA 162 77.34 -23.55 -46.52
N ASP VA 163 76.25 -24.16 -46.08
CA ASP VA 163 75.99 -24.38 -44.66
C ASP VA 163 76.68 -25.63 -44.15
N GLN VA 164 76.65 -26.69 -44.95
CA GLN VA 164 77.20 -27.97 -44.56
C GLN VA 164 78.70 -28.03 -44.79
N GLN VA 165 79.29 -26.95 -45.29
CA GLN VA 165 80.71 -26.88 -45.57
C GLN VA 165 81.15 -27.98 -46.52
N CYS VA 166 80.48 -28.05 -47.67
CA CYS VA 166 80.97 -28.88 -48.76
C CYS VA 166 82.40 -28.52 -49.08
N LEU VA 167 82.70 -27.23 -49.10
CA LEU VA 167 84.04 -26.73 -49.37
C LEU VA 167 84.57 -26.13 -48.08
N SER VA 168 85.55 -26.80 -47.48
CA SER VA 168 86.20 -26.30 -46.28
C SER VA 168 87.18 -25.19 -46.61
N LYS VA 169 88.00 -25.42 -47.64
CA LYS VA 169 89.08 -24.54 -48.02
C LYS VA 169 89.06 -24.41 -49.52
N VAL VA 170 89.14 -23.18 -50.01
CA VAL VA 170 88.88 -22.88 -51.41
C VAL VA 170 90.15 -22.29 -52.01
N TYR VA 171 90.53 -22.79 -53.18
CA TYR VA 171 91.73 -22.36 -53.87
C TYR VA 171 91.38 -21.69 -55.20
N PRO VA 172 92.22 -20.79 -55.68
CA PRO VA 172 92.00 -20.24 -57.02
C PRO VA 172 92.16 -21.28 -58.10
N LYS VA 173 91.64 -20.96 -59.28
CA LYS VA 173 91.81 -21.86 -60.42
C LYS VA 173 93.29 -21.97 -60.79
N THR VA 174 93.61 -23.05 -61.48
CA THR VA 174 95.00 -23.37 -61.80
C THR VA 174 95.73 -22.19 -62.42
N ASP VA 175 95.13 -21.57 -63.43
CA ASP VA 175 95.80 -20.49 -64.13
C ASP VA 175 95.72 -19.18 -63.35
N THR VA 176 94.58 -18.90 -62.74
CA THR VA 176 94.35 -17.59 -62.15
C THR VA 176 95.00 -17.50 -60.77
N VAL VA 177 94.87 -16.32 -60.15
CA VAL VA 177 95.35 -16.08 -58.80
C VAL VA 177 94.46 -14.99 -58.21
N TRP VA 178 94.41 -14.94 -56.88
CA TRP VA 178 93.53 -14.02 -56.19
C TRP VA 178 94.34 -12.86 -55.62
N PRO VA 179 94.29 -11.67 -56.21
CA PRO VA 179 94.93 -10.52 -55.59
C PRO VA 179 94.11 -10.02 -54.42
N VAL VA 180 94.81 -9.51 -53.41
CA VAL VA 180 94.05 -8.89 -52.33
C VAL VA 180 93.61 -7.50 -52.76
N SER VA 181 94.36 -6.86 -53.65
CA SER VA 181 93.99 -5.55 -54.16
C SER VA 181 92.71 -5.60 -54.99
N SER VA 182 92.33 -6.78 -55.45
CA SER VA 182 91.14 -6.98 -56.26
C SER VA 182 89.94 -7.43 -55.44
N MET VA 183 90.06 -7.46 -54.11
CA MET VA 183 89.15 -8.22 -53.27
C MET VA 183 87.68 -7.83 -53.48
N ARG VA 184 87.38 -6.53 -53.45
CA ARG VA 184 85.97 -6.14 -53.38
C ARG VA 184 85.23 -6.24 -54.70
N GLU VA 185 85.89 -6.12 -55.85
CA GLU VA 185 85.21 -6.52 -57.08
C GLU VA 185 85.45 -8.01 -57.19
N LEU VA 186 84.41 -8.77 -57.40
CA LEU VA 186 84.53 -10.18 -57.08
C LEU VA 186 85.02 -10.86 -58.34
N ASP VA 187 86.32 -11.09 -58.39
CA ASP VA 187 86.97 -11.87 -59.42
C ASP VA 187 87.41 -13.24 -58.97
N TYR VA 188 87.23 -13.61 -57.69
CA TYR VA 188 87.90 -14.80 -57.22
C TYR VA 188 87.13 -16.00 -57.72
N VAL VA 189 87.77 -16.82 -58.55
CA VAL VA 189 87.13 -17.92 -59.21
C VAL VA 189 87.73 -19.21 -58.69
N ALA VA 190 86.89 -20.04 -58.10
CA ALA VA 190 87.25 -21.38 -57.71
C ALA VA 190 86.62 -22.35 -58.67
N SER VA 191 87.30 -23.45 -58.92
CA SER VA 191 86.74 -24.54 -59.71
C SER VA 191 86.58 -25.71 -58.76
N THR VA 192 85.34 -26.03 -58.43
CA THR VA 192 85.04 -27.13 -57.52
C THR VA 192 84.99 -28.42 -58.33
N VAL VA 193 85.87 -29.35 -58.01
CA VAL VA 193 86.07 -30.54 -58.83
C VAL VA 193 86.25 -31.74 -57.90
N SER VA 194 85.54 -32.82 -58.18
CA SER VA 194 85.76 -34.09 -57.52
C SER VA 194 86.94 -34.77 -58.21
N GLY VA 195 87.18 -36.05 -57.95
CA GLY VA 195 88.36 -36.63 -58.55
C GLY VA 195 88.35 -36.60 -60.06
N ASP VA 196 87.37 -37.23 -60.70
CA ASP VA 196 87.13 -37.06 -62.12
C ASP VA 196 85.97 -36.12 -62.43
N ASN VA 197 85.28 -35.61 -61.42
CA ASN VA 197 83.98 -34.99 -61.62
C ASN VA 197 84.08 -33.49 -61.40
N ALA VA 198 83.57 -32.73 -62.36
CA ALA VA 198 83.42 -31.29 -62.19
C ALA VA 198 82.12 -31.03 -61.43
N ILE VA 199 82.22 -30.39 -60.29
CA ILE VA 199 81.06 -30.13 -59.45
C ILE VA 199 80.36 -28.87 -59.94
N ILE VA 200 79.06 -28.95 -60.18
CA ILE VA 200 78.25 -27.75 -60.36
C ILE VA 200 77.98 -27.19 -58.98
N PRO VA 201 78.45 -25.98 -58.66
CA PRO VA 201 78.43 -25.52 -57.27
C PRO VA 201 77.04 -25.46 -56.66
N SER VA 202 76.04 -25.05 -57.44
CA SER VA 202 74.69 -24.94 -56.91
C SER VA 202 74.14 -26.27 -56.42
N THR VA 203 74.67 -27.38 -56.91
CA THR VA 203 74.08 -28.67 -56.58
C THR VA 203 74.51 -29.16 -55.20
N ILE VA 204 75.75 -28.91 -54.80
CA ILE VA 204 76.21 -29.37 -53.50
C ILE VA 204 75.78 -28.43 -52.37
N PHE VA 205 75.78 -27.13 -52.63
CA PHE VA 205 75.58 -26.16 -51.56
C PHE VA 205 74.15 -26.18 -51.05
N ASN VA 206 73.98 -25.70 -49.83
CA ASN VA 206 72.71 -25.84 -49.13
C ASN VA 206 71.71 -24.78 -49.57
N LYS VA 207 71.93 -23.54 -49.16
CA LYS VA 207 71.08 -22.44 -49.59
C LYS VA 207 71.61 -21.93 -50.92
N ASN VA 208 70.76 -22.01 -51.95
CA ASN VA 208 71.07 -21.50 -53.27
C ASN VA 208 69.92 -20.59 -53.68
N ARG VA 209 70.21 -19.31 -53.81
CA ARG VA 209 69.24 -18.33 -54.25
C ARG VA 209 69.43 -18.08 -55.72
N TYR VA 210 68.39 -18.27 -56.51
CA TYR VA 210 68.45 -17.96 -57.93
C TYR VA 210 67.94 -16.54 -58.08
N TRP VA 211 68.83 -15.62 -58.37
CA TRP VA 211 68.56 -14.19 -58.26
C TRP VA 211 68.57 -13.60 -59.65
N LYS VA 212 67.43 -13.07 -60.05
CA LYS VA 212 67.19 -12.63 -61.41
C LYS VA 212 67.26 -11.12 -61.50
N GLN VA 213 67.02 -10.62 -62.70
CA GLN VA 213 66.97 -9.19 -62.94
C GLN VA 213 65.63 -8.67 -62.44
N GLY VA 214 65.67 -7.70 -61.53
CA GLY VA 214 64.48 -7.16 -60.93
C GLY VA 214 64.18 -7.68 -59.55
N ASP VA 215 64.82 -8.76 -59.14
CA ASP VA 215 64.64 -9.27 -57.79
C ASP VA 215 65.17 -8.26 -56.77
N ASP VA 216 64.64 -8.37 -55.55
CA ASP VA 216 65.07 -7.49 -54.48
C ASP VA 216 66.52 -7.77 -54.13
N ALA VA 217 67.14 -6.79 -53.50
CA ALA VA 217 68.54 -6.93 -53.12
C ALA VA 217 68.71 -8.09 -52.15
N LEU VA 218 69.88 -8.71 -52.20
CA LEU VA 218 70.22 -9.83 -51.34
C LEU VA 218 71.06 -9.32 -50.18
N HIS VA 219 70.53 -9.44 -48.97
CA HIS VA 219 71.17 -8.90 -47.78
C HIS VA 219 71.74 -10.05 -46.95
N PHE VA 220 73.01 -9.96 -46.60
CA PHE VA 220 73.65 -10.99 -45.81
C PHE VA 220 74.37 -10.33 -44.65
N SER VA 221 74.23 -10.89 -43.46
CA SER VA 221 74.78 -10.29 -42.26
C SER VA 221 75.33 -11.37 -41.37
N HIS VA 222 76.27 -10.98 -40.53
CA HIS VA 222 76.81 -11.87 -39.51
C HIS VA 222 77.01 -11.06 -38.24
N ASP VA 223 76.45 -11.54 -37.14
CA ASP VA 223 76.62 -10.88 -35.84
C ASP VA 223 77.78 -11.53 -35.11
N LEU VA 224 78.68 -10.71 -34.60
CA LEU VA 224 79.76 -11.17 -33.74
C LEU VA 224 79.48 -10.77 -32.31
N ASP VA 225 79.47 -11.74 -31.41
CA ASP VA 225 79.49 -11.46 -29.98
C ASP VA 225 80.81 -11.96 -29.44
N LEU VA 226 81.70 -11.03 -29.11
CA LEU VA 226 83.02 -11.34 -28.58
C LEU VA 226 83.03 -10.96 -27.12
N GLY VA 227 83.72 -11.75 -26.31
CA GLY VA 227 83.88 -11.30 -24.94
C GLY VA 227 85.07 -10.41 -24.75
N PHE VA 228 85.78 -10.06 -25.81
CA PHE VA 228 87.04 -9.36 -25.69
C PHE VA 228 87.12 -8.33 -26.81
N TRP VA 229 88.27 -7.68 -26.89
CA TRP VA 229 88.49 -6.53 -27.75
C TRP VA 229 89.82 -6.73 -28.46
N PHE VA 230 90.06 -5.92 -29.48
CA PHE VA 230 91.30 -5.99 -30.24
C PHE VA 230 92.06 -4.69 -30.12
N GLY VA 231 93.37 -4.80 -29.92
CA GLY VA 231 94.18 -3.61 -29.79
C GLY VA 231 95.03 -3.28 -31.00
N SER VA 232 95.09 -4.19 -31.97
CA SER VA 232 95.94 -4.02 -33.14
C SER VA 232 95.08 -4.00 -34.40
N ASP VA 233 95.73 -3.84 -35.54
CA ASP VA 233 95.01 -3.88 -36.79
C ASP VA 233 94.72 -5.33 -37.18
N TYR VA 234 93.66 -5.51 -37.97
CA TYR VA 234 93.33 -6.86 -38.40
C TYR VA 234 94.41 -7.44 -39.30
N GLY VA 235 94.89 -6.67 -40.27
CA GLY VA 235 96.04 -7.11 -41.02
C GLY VA 235 95.81 -8.39 -41.80
N ASN VA 236 94.83 -8.37 -42.69
CA ASN VA 236 94.37 -9.53 -43.48
C ASN VA 236 94.09 -10.74 -42.59
N ALA VA 237 93.29 -10.51 -41.56
CA ALA VA 237 92.74 -11.56 -40.73
C ALA VA 237 91.29 -11.79 -41.11
N TYR VA 238 90.86 -13.05 -41.02
CA TYR VA 238 89.43 -13.31 -41.10
C TYR VA 238 88.73 -12.59 -39.98
N VAL VA 239 87.57 -12.01 -40.29
CA VAL VA 239 86.74 -11.45 -39.22
C VAL VA 239 86.42 -12.54 -38.21
N PRO VA 240 86.57 -12.28 -36.91
CA PRO VA 240 86.74 -13.37 -35.94
C PRO VA 240 85.68 -14.45 -36.02
N GLN VA 241 86.15 -15.69 -35.99
CA GLN VA 241 85.31 -16.87 -36.11
C GLN VA 241 85.90 -17.95 -35.23
N ASN VA 242 85.04 -18.82 -34.71
CA ASN VA 242 85.47 -20.00 -33.98
C ASN VA 242 85.07 -21.21 -34.81
N ASN VA 243 86.05 -21.93 -35.35
CA ASN VA 243 85.72 -23.00 -36.28
C ASN VA 243 86.75 -24.10 -36.21
N ASP VA 244 86.50 -25.13 -37.00
CA ASP VA 244 87.51 -26.14 -37.27
C ASP VA 244 88.73 -25.53 -37.95
N SER VA 245 88.51 -24.54 -38.80
CA SER VA 245 89.62 -23.90 -39.50
C SER VA 245 90.30 -22.82 -38.68
N MET VA 246 89.58 -22.12 -37.82
CA MET VA 246 90.16 -20.92 -37.24
C MET VA 246 89.49 -20.57 -35.92
N ASN VA 247 90.19 -19.76 -35.13
CA ASN VA 247 89.70 -19.27 -33.86
C ASN VA 247 89.79 -17.76 -33.80
N ALA VA 248 88.95 -17.17 -32.95
CA ALA VA 248 88.73 -15.73 -32.98
C ALA VA 248 89.85 -14.95 -32.31
N VAL VA 249 90.50 -15.54 -31.32
CA VAL VA 249 91.51 -14.85 -30.53
C VAL VA 249 92.89 -15.27 -31.00
N GLY VA 250 93.79 -14.30 -31.17
CA GLY VA 250 95.03 -14.56 -31.87
C GLY VA 250 96.29 -14.73 -31.05
N THR VA 251 96.25 -14.37 -29.77
CA THR VA 251 97.45 -14.44 -28.95
C THR VA 251 97.58 -15.84 -28.36
N ILE VA 252 98.80 -16.36 -28.38
CA ILE VA 252 99.09 -17.61 -27.69
C ILE VA 252 99.00 -17.34 -26.20
N PRO VA 253 98.12 -18.02 -25.48
CA PRO VA 253 98.07 -17.86 -24.03
C PRO VA 253 99.33 -18.38 -23.38
N THR VA 254 99.69 -17.78 -22.25
CA THR VA 254 100.97 -18.01 -21.60
C THR VA 254 100.77 -18.41 -20.15
N SER VA 255 101.84 -18.92 -19.55
CA SER VA 255 101.74 -19.80 -18.39
C SER VA 255 101.31 -19.06 -17.12
N LYS VA 256 100.65 -19.82 -16.23
CA LYS VA 256 100.46 -19.46 -14.83
C LYS VA 256 99.60 -18.22 -14.66
N HIS VA 257 98.58 -18.08 -15.50
CA HIS VA 257 97.56 -17.06 -15.32
C HIS VA 257 96.41 -17.35 -16.28
N ILE VA 258 95.42 -16.47 -16.28
CA ILE VA 258 94.18 -16.67 -17.00
C ILE VA 258 94.25 -15.90 -18.31
N ASN VA 259 93.72 -16.48 -19.37
CA ASN VA 259 93.79 -15.92 -20.71
C ASN VA 259 92.44 -16.05 -21.38
N VAL VA 260 92.12 -15.10 -22.24
CA VAL VA 260 90.87 -15.18 -22.97
C VAL VA 260 91.02 -16.21 -24.08
N ARG VA 261 90.07 -17.13 -24.14
CA ARG VA 261 90.12 -18.29 -25.02
C ARG VA 261 88.86 -18.33 -25.84
N GLY VA 262 89.00 -18.63 -27.12
CA GLY VA 262 87.83 -18.79 -27.97
C GLY VA 262 87.00 -19.99 -27.56
N VAL VA 263 85.69 -19.89 -27.79
CA VAL VA 263 84.77 -20.94 -27.40
C VAL VA 263 83.54 -20.83 -28.30
N ASN VA 264 82.82 -21.93 -28.45
CA ASN VA 264 81.43 -22.03 -28.92
C ASN VA 264 81.13 -22.08 -30.42
N ASN VA 265 82.10 -22.01 -31.33
CA ASN VA 265 81.77 -22.19 -32.75
C ASN VA 265 80.74 -21.17 -33.25
N ARG VA 266 81.20 -19.94 -33.41
CA ARG VA 266 80.54 -18.99 -34.27
C ARG VA 266 81.37 -18.84 -35.53
N GLY VA 267 80.76 -19.00 -36.69
CA GLY VA 267 81.49 -18.91 -37.94
C GLY VA 267 80.60 -18.43 -39.06
N MET VA 268 81.19 -18.20 -40.21
CA MET VA 268 80.45 -17.71 -41.37
C MET VA 268 80.39 -18.74 -42.49
N ALA VA 269 79.23 -18.82 -43.14
CA ALA VA 269 79.04 -19.75 -44.25
C ALA VA 269 79.74 -19.24 -45.50
N GLY VA 270 80.37 -20.15 -46.24
CA GLY VA 270 81.07 -19.79 -47.45
C GLY VA 270 80.16 -19.37 -48.59
N HIS VA 271 79.92 -18.07 -48.70
CA HIS VA 271 79.07 -17.53 -49.75
C HIS VA 271 79.77 -17.70 -51.11
N TYR VA 272 78.98 -17.88 -52.16
CA TYR VA 272 79.55 -18.06 -53.48
C TYR VA 272 78.58 -17.56 -54.54
N LEU VA 273 79.11 -17.28 -55.72
CA LEU VA 273 78.31 -16.86 -56.86
C LEU VA 273 78.64 -17.74 -58.05
N SER VA 274 77.60 -18.15 -58.77
CA SER VA 274 77.78 -19.03 -59.91
C SER VA 274 76.61 -18.84 -60.86
N PHE VA 275 76.77 -19.33 -62.06
CA PHE VA 275 75.69 -19.27 -63.02
C PHE VA 275 75.21 -20.67 -63.37
N PRO VA 276 73.93 -20.83 -63.67
CA PRO VA 276 73.42 -22.15 -64.02
C PRO VA 276 74.02 -22.61 -65.33
N PRO VA 277 74.35 -23.89 -65.45
CA PRO VA 277 74.80 -24.40 -66.75
C PRO VA 277 73.68 -24.29 -67.77
N ILE VA 278 74.00 -23.69 -68.91
CA ILE VA 278 73.07 -23.59 -70.03
C ILE VA 278 73.85 -23.99 -71.26
N ARG VA 279 73.46 -25.09 -71.88
CA ARG VA 279 74.18 -25.52 -73.07
C ARG VA 279 73.78 -24.69 -74.28
N THR VA 280 74.73 -24.51 -75.17
CA THR VA 280 74.55 -23.79 -76.42
C THR VA 280 74.93 -24.70 -77.58
N ASN VA 281 74.85 -24.13 -78.78
CA ASN VA 281 75.41 -24.81 -79.95
C ASN VA 281 76.87 -25.16 -79.73
N ASP VA 282 77.60 -24.30 -79.03
CA ASP VA 282 78.98 -24.55 -78.66
C ASP VA 282 79.20 -24.23 -77.19
N GLY VA 283 79.56 -25.25 -76.41
CA GLY VA 283 79.91 -25.00 -75.03
C GLY VA 283 78.72 -24.56 -74.19
N GLN VA 284 78.97 -23.57 -73.34
CA GLN VA 284 78.02 -23.13 -72.33
C GLN VA 284 77.56 -21.71 -72.65
N PHE VA 285 76.35 -21.39 -72.19
CA PHE VA 285 75.82 -20.05 -72.39
C PHE VA 285 76.68 -19.07 -71.65
N LYS VA 286 76.95 -17.93 -72.27
CA LYS VA 286 77.85 -16.96 -71.65
C LYS VA 286 76.98 -15.98 -70.88
N LEU VA 287 77.02 -16.07 -69.56
CA LEU VA 287 76.31 -15.15 -68.69
C LEU VA 287 77.32 -14.26 -67.99
N ASN VA 288 77.03 -12.97 -68.01
CA ASN VA 288 77.84 -11.98 -67.35
C ASN VA 288 76.91 -11.26 -66.39
N ALA VA 289 77.41 -10.85 -65.25
CA ALA VA 289 76.57 -10.24 -64.24
C ALA VA 289 77.16 -8.92 -63.79
N GLN VA 290 76.28 -7.96 -63.54
CA GLN VA 290 76.63 -6.78 -62.77
C GLN VA 290 75.71 -6.70 -61.56
N PHE VA 291 76.25 -6.23 -60.45
CA PHE VA 291 75.44 -5.85 -59.31
C PHE VA 291 76.25 -4.89 -58.46
N THR VA 292 75.57 -4.18 -57.59
CA THR VA 292 76.23 -3.29 -56.65
C THR VA 292 76.52 -4.05 -55.37
N LEU VA 293 77.72 -3.86 -54.84
CA LEU VA 293 78.12 -4.47 -53.59
C LEU VA 293 78.16 -3.38 -52.53
N GLU VA 294 77.25 -3.45 -51.57
CA GLU VA 294 77.26 -2.57 -50.41
C GLU VA 294 77.65 -3.42 -49.21
N THR VA 295 78.83 -3.16 -48.66
CA THR VA 295 79.27 -3.84 -47.46
C THR VA 295 79.22 -2.87 -46.28
N GLU VA 296 78.91 -3.41 -45.12
CA GLU VA 296 78.93 -2.64 -43.89
C GLU VA 296 79.54 -3.47 -42.78
N ILE VA 297 80.48 -2.88 -42.05
CA ILE VA 297 81.03 -3.49 -40.86
C ILE VA 297 80.88 -2.50 -39.72
N GLU VA 298 80.34 -2.96 -38.61
CA GLU VA 298 80.01 -2.08 -37.50
C GLU VA 298 80.99 -2.34 -36.37
N PHE VA 299 81.87 -1.39 -36.10
CA PHE VA 299 82.82 -1.53 -35.02
C PHE VA 299 82.31 -0.91 -33.73
N GLU VA 300 82.61 -1.56 -32.63
CA GLU VA 300 82.60 -0.92 -31.32
C GLU VA 300 84.03 -0.57 -30.95
N PHE VA 301 84.22 0.57 -30.32
CA PHE VA 301 85.54 0.92 -29.83
C PHE VA 301 85.43 1.54 -28.46
N ARG VA 302 86.57 1.67 -27.80
CA ARG VA 302 86.63 2.01 -26.40
C ARG VA 302 87.87 2.85 -26.16
N LEU VA 303 87.78 3.82 -25.26
CA LEU VA 303 88.80 4.83 -25.16
C LEU VA 303 89.73 4.58 -23.98
N TRP VA 304 90.67 5.48 -23.81
CA TRP VA 304 91.80 5.36 -22.90
C TRP VA 304 91.38 5.59 -21.45
N GLU VA 305 92.23 5.11 -20.54
CA GLU VA 305 91.97 5.25 -19.12
C GLU VA 305 91.96 6.70 -18.69
N GLN VA 306 91.03 7.05 -17.82
CA GLN VA 306 90.99 8.39 -17.28
C GLN VA 306 92.07 8.59 -16.24
N GLY VA 307 92.41 9.84 -16.00
CA GLY VA 307 93.36 10.17 -14.97
C GLY VA 307 94.76 10.27 -15.52
N VAL VA 308 95.71 10.37 -14.58
CA VAL VA 308 97.11 10.41 -14.94
C VAL VA 308 97.52 9.12 -15.64
N GLN VA 309 96.79 8.04 -15.42
CA GLN VA 309 97.09 6.79 -16.10
C GLN VA 309 97.01 6.94 -17.62
N GLY VA 310 96.15 7.82 -18.10
CA GLY VA 310 95.96 8.05 -19.51
C GLY VA 310 96.83 9.12 -20.13
N ILE VA 311 97.78 9.68 -19.37
CA ILE VA 311 98.69 10.66 -19.93
C ILE VA 311 99.70 9.96 -20.84
N ASN VA 312 99.94 10.54 -22.01
CA ASN VA 312 100.80 9.90 -23.01
C ASN VA 312 102.15 9.50 -22.44
N SER VA 313 102.79 10.42 -21.70
CA SER VA 313 104.15 10.15 -21.25
C SER VA 313 104.20 9.00 -20.25
N VAL VA 314 103.25 8.94 -19.33
CA VAL VA 314 103.25 7.91 -18.30
C VAL VA 314 102.36 6.73 -18.64
N HIS VA 315 101.64 6.77 -19.76
CA HIS VA 315 100.78 5.64 -20.09
C HIS VA 315 101.56 4.43 -20.56
N THR VA 316 102.79 4.62 -21.03
CA THR VA 316 103.58 3.48 -21.46
C THR VA 316 103.81 2.50 -20.32
N ASN VA 317 104.33 2.99 -19.21
CA ASN VA 317 104.62 2.15 -18.06
C ASN VA 317 103.49 2.09 -17.03
N LEU VA 318 102.46 2.92 -17.14
CA LEU VA 318 101.25 2.74 -16.34
C LEU VA 318 100.14 2.02 -17.08
N ASN VA 319 100.38 1.58 -18.31
CA ASN VA 319 99.40 0.78 -19.03
C ASN VA 319 99.04 -0.44 -18.19
N PRO VA 320 97.76 -0.77 -18.04
CA PRO VA 320 97.40 -1.94 -17.24
C PRO VA 320 97.96 -3.21 -17.86
N ALA VA 321 98.52 -4.07 -17.02
CA ALA VA 321 98.95 -5.37 -17.52
C ALA VA 321 97.79 -6.31 -17.75
N ASN VA 322 96.60 -5.95 -17.30
CA ASN VA 322 95.41 -6.76 -17.54
C ASN VA 322 94.70 -6.36 -18.82
N ASP VA 323 95.27 -5.45 -19.61
CA ASP VA 323 94.81 -5.31 -20.98
C ASP VA 323 94.81 -6.66 -21.67
N SER VA 324 95.91 -7.41 -21.51
CA SER VA 324 96.00 -8.73 -22.11
C SER VA 324 94.85 -9.62 -21.72
N LEU VA 325 94.16 -9.28 -20.65
CA LEU VA 325 93.02 -10.07 -20.22
C LEU VA 325 91.83 -9.84 -21.15
N TRP VA 326 91.44 -8.58 -21.36
CA TRP VA 326 90.36 -8.24 -22.28
C TRP VA 326 90.81 -7.73 -23.65
N ILE VA 327 92.10 -7.49 -23.91
CA ILE VA 327 92.49 -7.00 -25.24
C ILE VA 327 93.34 -8.00 -25.99
N GLN VA 328 92.86 -8.49 -27.12
CA GLN VA 328 93.33 -9.79 -27.59
C GLN VA 328 93.87 -9.97 -28.99
N SER VA 329 94.02 -8.89 -29.77
CA SER VA 329 94.50 -8.95 -31.18
C SER VA 329 93.56 -9.70 -32.14
N TYR VA 330 94.08 -10.24 -33.24
CA TYR VA 330 93.26 -10.92 -34.25
C TYR VA 330 93.59 -12.40 -34.34
N GLY VA 331 92.59 -13.25 -34.53
CA GLY VA 331 92.84 -14.66 -34.38
C GLY VA 331 93.57 -15.36 -35.49
N SER VA 332 93.03 -15.29 -36.69
CA SER VA 332 93.50 -16.14 -37.77
C SER VA 332 93.52 -15.36 -39.06
N LEU VA 333 94.58 -15.53 -39.82
CA LEU VA 333 94.86 -14.73 -40.99
C LEU VA 333 94.49 -15.51 -42.24
N VAL VA 334 94.00 -14.79 -43.25
CA VAL VA 334 93.97 -15.41 -44.57
C VAL VA 334 95.40 -15.67 -44.99
N SER VA 335 95.57 -16.64 -45.89
CA SER VA 335 96.90 -17.05 -46.28
C SER VA 335 97.30 -16.21 -47.48
N ILE VA 336 98.29 -15.34 -47.27
CA ILE VA 336 98.70 -14.34 -48.25
C ILE VA 336 100.18 -14.55 -48.51
N THR VA 337 100.52 -14.93 -49.74
CA THR VA 337 101.89 -14.80 -50.21
C THR VA 337 101.92 -13.65 -51.20
N GLU VA 338 102.95 -12.84 -51.11
CA GLU VA 338 103.03 -11.58 -51.85
C GLU VA 338 101.75 -10.79 -51.53
N SER VA 339 101.06 -10.26 -52.53
CA SER VA 339 99.77 -9.61 -52.33
C SER VA 339 98.60 -10.54 -52.60
N LYS VA 340 98.87 -11.82 -52.87
CA LYS VA 340 97.89 -12.70 -53.48
C LYS VA 340 97.38 -13.72 -52.46
N ILE VA 341 96.06 -13.92 -52.44
CA ILE VA 341 95.46 -14.86 -51.50
C ILE VA 341 95.75 -16.27 -51.97
N ASN VA 342 96.26 -17.11 -51.07
CA ASN VA 342 96.52 -18.50 -51.41
C ASN VA 342 95.26 -19.34 -51.39
N ASN VA 343 94.44 -19.15 -50.37
CA ASN VA 343 93.23 -19.92 -50.19
C ASN VA 343 92.29 -19.12 -49.30
N ILE VA 344 91.02 -19.50 -49.31
CA ILE VA 344 90.06 -18.94 -48.38
C ILE VA 344 89.39 -20.08 -47.64
N GLN VA 345 89.36 -19.97 -46.32
CA GLN VA 345 88.70 -20.92 -45.45
C GLN VA 345 87.38 -20.32 -45.01
N PHE VA 346 86.34 -21.15 -44.89
CA PHE VA 346 85.04 -20.62 -44.49
C PHE VA 346 84.60 -21.06 -43.10
N GLY VA 347 84.39 -22.35 -42.89
CA GLY VA 347 83.99 -22.83 -41.58
C GLY VA 347 82.85 -22.13 -40.86
N PRO VA 348 81.63 -22.42 -41.28
CA PRO VA 348 80.37 -21.87 -40.77
C PRO VA 348 79.99 -22.41 -39.40
N THR VA 349 78.99 -21.82 -38.76
CA THR VA 349 78.56 -22.36 -37.50
C THR VA 349 77.74 -23.49 -38.03
N CYS VA 350 78.26 -24.72 -37.93
CA CYS VA 350 77.53 -25.82 -38.52
C CYS VA 350 76.36 -26.21 -37.67
N PRO VA 351 75.25 -26.56 -38.32
CA PRO VA 351 74.00 -26.88 -37.65
C PRO VA 351 74.03 -28.18 -36.88
N ARG VA 352 74.98 -29.06 -37.15
CA ARG VA 352 75.02 -30.33 -36.45
C ARG VA 352 75.85 -30.30 -35.18
N VAL VA 353 76.55 -29.20 -34.90
CA VAL VA 353 77.07 -28.98 -33.56
C VAL VA 353 75.91 -28.80 -32.60
N ASP VA 354 76.05 -29.30 -31.38
CA ASP VA 354 75.02 -29.15 -30.37
C ASP VA 354 74.64 -27.69 -30.21
N ALA VA 355 73.35 -27.42 -30.19
CA ALA VA 355 72.89 -26.04 -30.06
C ALA VA 355 73.39 -25.38 -28.80
N ARG VA 356 73.76 -26.17 -27.79
CA ARG VA 356 74.30 -25.61 -26.57
C ARG VA 356 75.70 -25.06 -26.78
N ASN VA 357 76.43 -25.60 -27.76
CA ASN VA 357 77.73 -25.06 -28.10
C ASN VA 357 77.63 -23.82 -28.96
N LYS VA 358 76.58 -23.68 -29.77
CA LYS VA 358 76.53 -22.68 -30.81
C LYS VA 358 76.12 -21.31 -30.31
N GLY VA 359 75.93 -21.14 -29.01
CA GLY VA 359 75.34 -19.92 -28.48
C GLY VA 359 76.21 -18.68 -28.57
N GLY VA 360 75.86 -17.66 -27.82
CA GLY VA 360 76.29 -16.31 -28.08
C GLY VA 360 77.76 -15.94 -27.95
N LYS VA 361 78.35 -16.17 -26.79
CA LYS VA 361 79.63 -15.56 -26.45
C LYS VA 361 80.79 -16.32 -27.07
N MET VA 362 81.63 -15.62 -27.83
CA MET VA 362 82.71 -16.26 -28.56
C MET VA 362 84.00 -16.42 -27.79
N SER VA 363 84.06 -16.00 -26.53
CA SER VA 363 85.31 -16.20 -25.81
C SER VA 363 84.99 -16.47 -24.36
N MET VA 364 85.96 -17.07 -23.68
CA MET VA 364 85.87 -17.33 -22.26
C MET VA 364 87.22 -16.97 -21.67
N LEU VA 365 87.22 -16.62 -20.41
CA LEU VA 365 88.43 -16.21 -19.73
C LEU VA 365 88.89 -17.39 -18.91
N PHE VA 366 89.85 -18.12 -19.45
CA PHE VA 366 90.31 -19.40 -18.94
C PHE VA 366 91.81 -19.46 -18.75
N ASP VA 367 92.24 -20.04 -17.66
CA ASP VA 367 93.65 -20.13 -17.32
C ASP VA 367 94.50 -21.10 -18.13
N HIS VA 368 95.80 -20.85 -18.12
CA HIS VA 368 96.73 -21.72 -18.82
C HIS VA 368 97.83 -22.10 -17.85
N HIS VA 369 98.17 -23.38 -17.80
CA HIS VA 369 99.21 -23.85 -16.91
C HIS VA 369 100.52 -24.14 -17.65
N GLU WA 36 32.51 62.16 -34.96
CA GLU WA 36 31.60 61.71 -36.00
C GLU WA 36 32.15 62.14 -37.36
N GLY WA 37 31.77 61.41 -38.41
CA GLY WA 37 32.26 61.71 -39.74
C GLY WA 37 33.58 61.04 -40.04
N ASP WA 38 34.11 61.34 -41.21
CA ASP WA 38 35.39 60.78 -41.62
C ASP WA 38 36.58 61.58 -41.11
N GLY WA 39 36.33 62.64 -40.34
CA GLY WA 39 37.38 63.46 -39.78
C GLY WA 39 37.52 64.81 -40.43
N SER WA 40 36.92 64.99 -41.59
CA SER WA 40 37.01 66.22 -42.37
C SER WA 40 36.47 67.46 -41.69
N ALA WA 41 35.81 67.28 -40.55
CA ALA WA 41 35.24 68.39 -39.80
C ALA WA 41 36.27 69.23 -39.08
N PRO WA 42 35.91 70.43 -38.65
CA PRO WA 42 36.91 71.23 -37.95
C PRO WA 42 37.47 70.62 -36.68
N GLY WA 43 36.70 69.93 -35.85
CA GLY WA 43 37.25 69.37 -34.62
C GLY WA 43 37.24 67.86 -34.49
N GLY WA 44 38.08 67.30 -33.62
CA GLY WA 44 38.14 65.86 -33.45
C GLY WA 44 39.34 65.18 -34.10
N SER WA 45 39.11 64.10 -34.83
CA SER WA 45 40.17 63.36 -35.50
C SER WA 45 40.59 63.94 -36.85
N VAL WA 46 41.83 63.70 -37.24
CA VAL WA 46 42.43 64.19 -38.47
C VAL WA 46 42.03 63.38 -39.68
N TRP WA 47 41.55 64.05 -40.72
CA TRP WA 47 41.22 63.34 -41.94
C TRP WA 47 42.57 63.02 -42.52
N GLN WA 48 42.80 61.77 -42.86
CA GLN WA 48 44.10 61.41 -43.40
C GLN WA 48 43.93 60.63 -44.69
N THR WA 49 44.93 60.76 -45.55
CA THR WA 49 44.90 60.22 -46.90
C THR WA 49 45.06 58.71 -46.89
N THR WA 50 44.70 58.10 -48.02
CA THR WA 50 44.74 56.66 -48.16
C THR WA 50 46.17 56.12 -48.05
N ASP WA 51 46.26 54.85 -47.69
CA ASP WA 51 47.54 54.19 -47.46
C ASP WA 51 48.18 53.77 -48.78
N TYR WA 52 49.41 54.20 -49.01
CA TYR WA 52 50.16 53.75 -50.17
C TYR WA 52 51.03 52.54 -49.93
N ILE WA 53 51.17 52.06 -48.69
CA ILE WA 53 52.00 50.90 -48.44
C ILE WA 53 51.33 49.64 -48.96
N ALA WA 54 50.06 49.45 -48.63
CA ALA WA 54 49.39 48.17 -48.84
C ALA WA 54 49.61 47.62 -50.24
N LEU WA 55 49.54 48.49 -51.24
CA LEU WA 55 49.74 48.03 -52.61
C LEU WA 55 51.20 47.88 -52.99
N SER WA 56 52.12 48.52 -52.28
CA SER WA 56 53.52 48.31 -52.58
C SER WA 56 54.07 47.04 -51.95
N MET WA 57 53.41 46.53 -50.92
CA MET WA 57 53.85 45.31 -50.25
C MET WA 57 53.23 44.05 -50.80
N VAL WA 58 52.21 44.15 -51.67
CA VAL WA 58 51.55 42.94 -52.13
C VAL WA 58 52.53 42.13 -52.97
N VAL WA 59 52.66 40.86 -52.64
CA VAL WA 59 53.58 39.96 -53.30
C VAL WA 59 52.82 39.15 -54.33
N TYR WA 60 53.23 39.26 -55.58
CA TYR WA 60 52.63 38.50 -56.66
C TYR WA 60 53.56 37.35 -56.99
N ARG WA 61 52.97 36.23 -57.38
CA ARG WA 61 53.71 34.97 -57.43
C ARG WA 61 53.48 34.32 -58.78
N THR WA 62 54.56 34.12 -59.54
CA THR WA 62 54.47 33.49 -60.85
C THR WA 62 55.45 32.34 -60.94
N ALA WA 63 55.55 31.73 -62.13
CA ALA WA 63 56.49 30.63 -62.33
C ALA WA 63 56.85 30.55 -63.80
N ILE WA 64 57.94 29.86 -64.07
CA ILE WA 64 58.38 29.58 -65.43
C ILE WA 64 58.61 28.08 -65.54
N LYS WA 65 57.81 27.43 -66.39
CA LYS WA 65 57.89 26.00 -66.59
C LYS WA 65 58.35 25.72 -68.01
N LEU WA 66 59.29 24.79 -68.16
CA LEU WA 66 59.86 24.47 -69.46
C LEU WA 66 60.10 22.97 -69.54
N ARG WA 67 59.85 22.39 -70.70
CA ARG WA 67 60.13 20.98 -70.95
C ARG WA 67 61.20 20.83 -71.99
N ASN WA 68 61.89 19.71 -71.92
CA ASN WA 68 63.06 19.44 -72.72
C ASN WA 68 63.19 17.93 -72.84
N PHE WA 69 63.80 17.47 -73.92
CA PHE WA 69 64.21 16.08 -74.05
C PHE WA 69 65.72 16.02 -73.92
N VAL WA 70 66.20 15.14 -73.07
CA VAL WA 70 67.63 15.00 -72.82
C VAL WA 70 68.08 13.68 -73.42
N ASN WA 71 69.15 13.73 -74.20
CA ASN WA 71 69.78 12.54 -74.76
C ASN WA 71 71.21 12.47 -74.25
N ILE WA 72 71.51 11.45 -73.46
CA ILE WA 72 72.84 11.27 -72.88
C ILE WA 72 73.47 10.08 -73.58
N ARG WA 73 74.51 10.32 -74.36
CA ARG WA 73 75.16 9.28 -75.14
C ARG WA 73 76.65 9.25 -74.85
N GLY WA 74 77.23 8.07 -75.02
CA GLY WA 74 78.68 7.91 -74.95
C GLY WA 74 79.27 8.31 -73.62
N LEU WA 75 78.56 8.03 -72.53
CA LEU WA 75 78.99 8.41 -71.20
C LEU WA 75 79.57 7.17 -70.53
N THR WA 76 80.88 7.17 -70.32
CA THR WA 76 81.53 6.02 -69.70
C THR WA 76 81.29 6.03 -68.20
N PRO WA 77 81.51 4.91 -67.51
CA PRO WA 77 81.18 4.87 -66.08
C PRO WA 77 82.00 5.80 -65.22
N THR WA 78 83.18 6.22 -65.66
CA THR WA 78 83.96 7.17 -64.88
C THR WA 78 83.40 8.57 -65.02
N GLU WA 79 83.10 8.99 -66.24
CA GLU WA 79 82.55 10.30 -66.49
C GLU WA 79 81.07 10.37 -66.10
N MET WA 80 80.59 11.57 -65.88
CA MET WA 80 79.32 11.80 -65.21
C MET WA 80 78.70 13.10 -65.70
N ILE WA 81 77.39 13.11 -65.82
CA ILE WA 81 76.65 14.30 -66.26
C ILE WA 81 76.37 15.18 -65.05
N VAL WA 82 76.74 16.43 -65.17
CA VAL WA 82 76.50 17.43 -64.13
C VAL WA 82 75.17 18.10 -64.42
N ILE WA 83 74.24 18.04 -63.46
CA ILE WA 83 72.95 18.68 -63.66
C ILE WA 83 73.15 20.14 -63.30
N PRO WA 84 73.12 21.06 -64.20
CA PRO WA 84 73.30 22.46 -63.85
C PRO WA 84 72.07 23.03 -63.16
N TRP WA 85 71.62 22.36 -62.12
CA TRP WA 85 70.30 22.65 -61.59
C TRP WA 85 70.36 23.72 -60.51
N ASN WA 86 71.56 24.12 -60.11
CA ASN WA 86 71.73 25.19 -59.15
C ASN WA 86 72.04 26.53 -59.80
N VAL WA 87 72.08 26.60 -61.13
CA VAL WA 87 72.28 27.86 -61.82
C VAL WA 87 70.92 28.40 -62.23
N MET WA 88 70.73 29.70 -62.04
CA MET WA 88 69.43 30.32 -62.25
C MET WA 88 69.00 30.22 -63.71
N ARG WA 89 69.96 30.35 -64.62
CA ARG WA 89 69.68 30.34 -66.05
C ARG WA 89 69.13 29.00 -66.53
N PHE WA 90 69.31 27.95 -65.75
CA PHE WA 90 68.82 26.64 -66.15
C PHE WA 90 67.30 26.61 -66.24
N TYR WA 91 66.63 27.20 -65.25
CA TYR WA 91 65.19 27.09 -65.17
C TYR WA 91 64.45 28.09 -66.05
N CYS WA 92 64.89 29.35 -66.06
CA CYS WA 92 64.16 30.43 -66.69
C CYS WA 92 64.66 30.80 -68.07
N GLU WA 93 65.71 30.15 -68.56
CA GLU WA 93 66.17 30.35 -69.91
C GLU WA 93 66.32 28.99 -70.57
N TYR WA 94 65.86 28.89 -71.81
CA TYR WA 94 65.70 27.59 -72.44
C TYR WA 94 66.89 27.39 -73.37
N ASN WA 95 67.83 26.56 -72.97
CA ASN WA 95 69.00 26.35 -73.79
C ASN WA 95 68.93 24.91 -74.27
N THR WA 96 68.54 24.74 -75.53
CA THR WA 96 68.49 23.43 -76.15
C THR WA 96 68.84 23.60 -77.61
N GLY WA 97 69.75 22.78 -78.12
CA GLY WA 97 69.97 22.76 -79.55
C GLY WA 97 70.25 24.12 -80.13
N THR WA 98 69.45 24.52 -81.12
CA THR WA 98 69.63 25.78 -81.82
C THR WA 98 69.14 26.98 -81.01
N TYR WA 99 68.25 26.77 -80.04
CA TYR WA 99 67.68 27.89 -79.28
C TYR WA 99 68.77 28.73 -78.65
N GLY WA 100 69.64 28.11 -77.85
CA GLY WA 100 70.69 28.85 -77.19
C GLY WA 100 71.58 29.65 -78.11
N LEU WA 101 71.66 29.26 -79.39
CA LEU WA 101 72.42 30.03 -80.36
C LEU WA 101 71.65 31.28 -80.76
N SER WA 102 70.32 31.19 -80.87
CA SER WA 102 69.50 32.34 -81.16
C SER WA 102 69.41 33.25 -79.94
N GLY WA 103 69.05 34.50 -80.18
CA GLY WA 103 69.09 35.52 -79.15
C GLY WA 103 67.84 35.58 -78.29
N ASN WA 104 68.05 36.01 -77.04
CA ASN WA 104 67.00 36.29 -76.08
C ASN WA 104 66.02 35.12 -75.97
N VAL WA 105 66.53 34.03 -75.39
CA VAL WA 105 65.74 32.83 -75.20
C VAL WA 105 65.10 32.80 -73.82
N HIS WA 106 65.26 33.85 -73.03
CA HIS WA 106 64.57 33.94 -71.75
C HIS WA 106 63.06 33.82 -71.93
N HIS WA 107 62.42 33.21 -70.94
CA HIS WA 107 60.97 33.13 -70.95
C HIS WA 107 60.39 34.52 -70.71
N LYS WA 108 59.24 34.79 -71.32
CA LYS WA 108 58.71 36.15 -71.28
C LYS WA 108 58.18 36.53 -69.91
N ASN WA 109 57.81 35.56 -69.07
CA ASN WA 109 57.50 35.92 -67.69
C ASN WA 109 58.72 36.48 -66.99
N TYR WA 110 59.91 36.05 -67.38
CA TYR WA 110 61.08 36.60 -66.72
C TYR WA 110 61.43 37.98 -67.25
N SER WA 111 61.20 38.22 -68.53
CA SER WA 111 61.49 39.53 -69.10
C SER WA 111 60.71 40.63 -68.39
N MET WA 112 59.48 40.33 -67.96
CA MET WA 112 58.72 41.32 -67.23
C MET WA 112 59.05 41.37 -65.74
N LEU WA 113 59.65 40.31 -65.19
CA LEU WA 113 60.11 40.41 -63.81
C LEU WA 113 61.13 41.52 -63.67
N LEU WA 114 61.74 41.94 -64.77
CA LEU WA 114 62.59 43.11 -64.80
C LEU WA 114 61.78 44.40 -64.96
N ALA WA 115 60.50 44.30 -65.31
CA ALA WA 115 59.64 45.47 -65.36
C ALA WA 115 59.14 45.85 -63.97
N CYS WA 116 58.77 44.87 -63.16
CA CYS WA 116 58.42 45.14 -61.78
C CYS WA 116 59.69 45.44 -60.99
N LYS WA 117 59.52 46.11 -59.85
CA LYS WA 117 60.71 46.63 -59.19
C LYS WA 117 61.49 45.58 -58.43
N ALA WA 118 60.84 44.51 -57.99
CA ALA WA 118 61.50 43.48 -57.22
C ALA WA 118 60.97 42.13 -57.64
N HIS WA 119 61.86 41.15 -57.71
CA HIS WA 119 61.46 39.77 -57.90
C HIS WA 119 62.34 38.89 -57.06
N ARG WA 120 61.81 37.74 -56.66
CA ARG WA 120 62.56 36.82 -55.87
C ARG WA 120 62.31 35.40 -56.33
N PRO WA 121 63.35 34.57 -56.41
CA PRO WA 121 63.22 33.26 -57.07
C PRO WA 121 62.45 32.20 -56.30
N THR WA 122 62.35 32.27 -54.97
CA THR WA 122 61.66 31.26 -54.15
C THR WA 122 61.97 29.84 -54.58
N LYS WA 123 60.94 29.00 -54.73
CA LYS WA 123 61.18 27.59 -54.98
C LYS WA 123 61.71 27.36 -56.40
N VAL WA 124 62.48 26.29 -56.55
CA VAL WA 124 63.04 25.90 -57.84
C VAL WA 124 63.15 24.38 -57.86
N GLY WA 125 62.94 23.80 -59.03
CA GLY WA 125 62.96 22.34 -59.10
C GLY WA 125 62.90 21.84 -60.51
N TYR WA 126 63.03 20.52 -60.65
CA TYR WA 126 62.98 19.91 -61.98
C TYR WA 126 62.56 18.46 -61.85
N THR WA 127 62.17 17.88 -62.98
CA THR WA 127 61.66 16.52 -63.04
C THR WA 127 62.33 15.77 -64.19
N LEU WA 128 62.81 14.58 -63.90
CA LEU WA 128 63.25 13.62 -64.91
C LEU WA 128 62.18 12.57 -65.09
N SER WA 129 61.81 12.28 -66.33
CA SER WA 129 60.65 11.45 -66.55
C SER WA 129 60.82 10.59 -67.79
N ASN WA 130 60.16 9.43 -67.79
CA ASN WA 130 60.07 8.54 -68.94
C ASN WA 130 61.43 8.26 -69.56
N LEU WA 131 62.20 7.51 -68.79
CA LEU WA 131 63.55 7.15 -69.20
C LEU WA 131 63.51 6.12 -70.31
N ILE WA 132 64.35 6.33 -71.32
CA ILE WA 132 64.54 5.38 -72.40
C ILE WA 132 66.03 5.12 -72.51
N LEU WA 133 66.43 3.89 -72.23
CA LEU WA 133 67.80 3.45 -72.43
C LEU WA 133 67.93 2.75 -73.78
N THR WA 134 69.01 3.06 -74.48
CA THR WA 134 69.36 2.41 -75.73
C THR WA 134 70.79 1.94 -75.64
N SER WA 135 71.17 1.07 -76.57
CA SER WA 135 72.48 0.44 -76.56
C SER WA 135 73.14 0.58 -77.91
N ASP WA 136 74.39 0.98 -77.92
CA ASP WA 136 75.24 0.96 -79.11
C ASP WA 136 75.95 -0.36 -79.29
N GLU WA 137 75.66 -1.35 -78.45
CA GLU WA 137 76.39 -2.61 -78.48
C GLU WA 137 76.33 -3.27 -79.85
N LEU WA 138 75.17 -3.20 -80.51
CA LEU WA 138 75.07 -3.77 -81.84
C LEU WA 138 75.73 -2.89 -82.89
N VAL WA 139 76.04 -1.64 -82.56
CA VAL WA 139 76.65 -0.72 -83.49
C VAL WA 139 78.14 -1.04 -83.63
N SER WA 140 78.63 -0.99 -84.86
CA SER WA 140 80.04 -1.15 -85.15
C SER WA 140 80.41 -0.21 -86.28
N THR WA 141 81.72 0.00 -86.46
CA THR WA 141 82.17 0.90 -87.52
C THR WA 141 81.74 0.43 -88.89
N GLY WA 142 81.52 -0.87 -89.07
CA GLY WA 142 80.96 -1.37 -90.32
C GLY WA 142 79.52 -0.93 -90.52
N GLY WA 143 78.81 -0.69 -89.43
CA GLY WA 143 77.45 -0.16 -89.53
C GLY WA 143 76.42 -1.25 -89.77
N THR WA 144 75.37 -0.88 -90.50
CA THR WA 144 74.25 -1.72 -90.90
C THR WA 144 73.36 -2.09 -89.73
N LEU WA 145 73.81 -1.82 -88.50
CA LEU WA 145 72.99 -1.99 -87.31
C LEU WA 145 73.15 -0.76 -86.44
N GLY WA 146 72.03 -0.12 -86.10
CA GLY WA 146 72.04 1.06 -85.27
C GLY WA 146 71.72 0.74 -83.82
N THR WA 147 71.73 1.79 -83.01
CA THR WA 147 71.40 1.61 -81.60
C THR WA 147 69.93 1.24 -81.46
N THR WA 148 69.61 0.56 -80.36
CA THR WA 148 68.23 0.22 -80.10
C THR WA 148 68.07 0.07 -78.59
N THR WA 149 66.83 0.16 -78.14
CA THR WA 149 66.55 0.06 -76.72
C THR WA 149 67.07 -1.25 -76.16
N THR WA 150 67.46 -1.22 -74.89
CA THR WA 150 68.06 -2.38 -74.26
C THR WA 150 67.12 -3.58 -74.34
N PHE WA 151 67.72 -4.76 -74.49
CA PHE WA 151 66.94 -5.98 -74.68
C PHE WA 151 65.99 -6.22 -73.51
N ASN WA 152 66.43 -5.92 -72.30
CA ASN WA 152 65.56 -5.98 -71.13
C ASN WA 152 65.74 -4.70 -70.33
N THR WA 153 64.84 -4.52 -69.36
CA THR WA 153 64.76 -3.28 -68.61
C THR WA 153 65.65 -3.27 -67.38
N SER WA 154 66.46 -4.31 -67.19
CA SER WA 154 67.38 -4.32 -66.05
C SER WA 154 68.37 -3.17 -66.01
N PRO WA 155 68.91 -2.65 -67.12
CA PRO WA 155 69.84 -1.53 -67.01
C PRO WA 155 69.16 -0.30 -66.45
N TYR WA 156 69.98 0.62 -65.96
CA TYR WA 156 69.48 1.81 -65.28
C TYR WA 156 70.46 2.96 -65.45
N MET WA 157 69.95 4.16 -65.22
CA MET WA 157 70.78 5.36 -65.14
C MET WA 157 70.79 5.84 -63.71
N ILE WA 158 71.96 6.16 -63.19
CA ILE WA 158 72.13 6.49 -61.79
C ILE WA 158 71.96 7.98 -61.63
N HIS WA 159 71.01 8.40 -60.81
CA HIS WA 159 70.87 9.80 -60.44
C HIS WA 159 71.50 10.00 -59.08
N SER WA 160 72.57 10.76 -59.03
CA SER WA 160 73.35 10.93 -57.80
C SER WA 160 73.15 12.33 -57.26
N ILE WA 161 72.88 12.42 -55.96
CA ILE WA 161 72.82 13.68 -55.25
C ILE WA 161 73.97 13.68 -54.26
N ASP WA 162 74.87 14.63 -54.38
CA ASP WA 162 76.03 14.62 -53.48
C ASP WA 162 75.68 15.47 -52.28
N ASP WA 163 75.40 14.81 -51.17
CA ASP WA 163 75.04 15.50 -49.93
C ASP WA 163 76.27 15.92 -49.15
N GLN WA 164 77.27 15.04 -49.11
CA GLN WA 164 78.48 15.27 -48.34
C GLN WA 164 79.46 16.14 -49.10
N GLN WA 165 79.12 16.55 -50.31
CA GLN WA 165 79.97 17.38 -51.14
C GLN WA 165 81.32 16.70 -51.39
N CYS WA 166 81.27 15.47 -51.88
CA CYS WA 166 82.47 14.84 -52.39
C CYS WA 166 83.13 15.72 -53.43
N LEU WA 167 82.33 16.33 -54.31
CA LEU WA 167 82.81 17.23 -55.34
C LEU WA 167 82.33 18.63 -54.98
N SER WA 168 83.27 19.49 -54.59
CA SER WA 168 82.95 20.88 -54.29
C SER WA 168 82.78 21.68 -55.56
N LYS WA 169 83.70 21.50 -56.50
CA LYS WA 169 83.77 22.28 -57.72
C LYS WA 169 84.04 21.32 -58.86
N VAL WA 170 83.27 21.44 -59.92
CA VAL WA 170 83.24 20.44 -60.99
C VAL WA 170 83.69 21.10 -62.28
N TYR WA 171 84.60 20.45 -63.00
CA TYR WA 171 85.16 20.96 -64.22
C TYR WA 171 84.78 20.06 -65.39
N PRO WA 172 84.71 20.61 -66.61
CA PRO WA 172 84.49 19.76 -67.78
C PRO WA 172 85.68 18.84 -68.02
N LYS WA 173 85.43 17.80 -68.82
CA LYS WA 173 86.51 16.90 -69.20
C LYS WA 173 87.55 17.63 -70.03
N THR WA 174 88.75 17.06 -70.05
CA THR WA 174 89.90 17.72 -70.67
C THR WA 174 89.58 18.18 -72.09
N ASP WA 175 89.02 17.30 -72.90
CA ASP WA 175 88.76 17.66 -74.29
C ASP WA 175 87.52 18.51 -74.44
N THR WA 176 86.47 18.21 -73.68
CA THR WA 176 85.19 18.85 -73.90
C THR WA 176 85.14 20.23 -73.25
N VAL WA 177 84.01 20.91 -73.42
CA VAL WA 177 83.76 22.20 -72.79
C VAL WA 177 82.25 22.32 -72.60
N TRP WA 178 81.85 23.18 -71.67
CA TRP WA 178 80.44 23.31 -71.33
C TRP WA 178 79.89 24.59 -71.91
N PRO WA 179 79.10 24.54 -72.98
CA PRO WA 179 78.44 25.76 -73.45
C PRO WA 179 77.28 26.11 -72.56
N VAL WA 180 77.03 27.42 -72.42
CA VAL WA 180 75.83 27.78 -71.68
C VAL WA 180 74.62 27.64 -72.58
N SER WA 181 74.81 27.79 -73.91
CA SER WA 181 73.72 27.60 -74.84
C SER WA 181 73.21 26.17 -74.86
N SER WA 182 74.00 25.23 -74.37
CA SER WA 182 73.67 23.82 -74.33
C SER WA 182 73.09 23.39 -73.00
N MET WA 183 72.84 24.33 -72.09
CA MET WA 183 72.67 24.01 -70.67
C MET WA 183 71.55 22.99 -70.43
N ARG WA 184 70.37 23.21 -71.01
CA ARG WA 184 69.23 22.40 -70.59
C ARG WA 184 69.21 21.00 -71.16
N GLU WA 185 69.79 20.75 -72.32
CA GLU WA 185 70.02 19.35 -72.69
C GLU WA 185 71.32 18.97 -72.04
N LEU WA 186 71.35 17.86 -71.32
CA LEU WA 186 72.41 17.72 -70.34
C LEU WA 186 73.54 17.03 -71.06
N ASP WA 187 74.50 17.83 -71.52
CA ASP WA 187 75.74 17.35 -72.08
C ASP WA 187 76.94 17.52 -71.17
N TYR WA 188 76.79 18.10 -70.00
CA TYR WA 188 77.98 18.51 -69.26
C TYR WA 188 78.57 17.27 -68.61
N VAL WA 189 79.77 16.92 -69.02
CA VAL WA 189 80.41 15.69 -68.59
C VAL WA 189 81.61 16.04 -67.75
N ALA WA 190 81.60 15.58 -66.51
CA ALA WA 190 82.74 15.68 -65.63
C ALA WA 190 83.36 14.31 -65.50
N SER WA 191 84.67 14.27 -65.35
CA SER WA 191 85.37 13.03 -65.07
C SER WA 191 85.93 13.16 -63.66
N THR WA 192 85.36 12.42 -62.73
CA THR WA 192 85.79 12.48 -61.35
C THR WA 192 86.94 11.50 -61.17
N VAL WA 193 88.10 12.02 -60.78
CA VAL WA 193 89.34 11.25 -60.78
C VAL WA 193 90.12 11.60 -59.52
N SER WA 194 90.60 10.59 -58.81
CA SER WA 194 91.54 10.78 -57.71
C SER WA 194 92.93 10.92 -58.32
N GLY WA 195 93.97 10.86 -57.52
CA GLY WA 195 95.27 11.10 -58.12
C GLY WA 195 95.63 10.12 -59.20
N ASP WA 196 95.71 8.83 -58.89
CA ASP WA 196 95.79 7.78 -59.90
C ASP WA 196 94.47 7.09 -60.17
N ASN WA 197 93.41 7.42 -59.45
CA ASN WA 197 92.22 6.59 -59.39
C ASN WA 197 91.07 7.28 -60.12
N ALA WA 198 90.44 6.54 -61.03
CA ALA WA 198 89.21 7.00 -61.63
C ALA WA 198 88.05 6.67 -60.70
N ILE WA 199 87.32 7.70 -60.29
CA ILE WA 199 86.22 7.53 -59.35
C ILE WA 199 84.97 7.12 -60.12
N ILE WA 200 84.33 6.04 -59.70
CA ILE WA 200 82.98 5.74 -60.16
C ILE WA 200 82.03 6.64 -59.38
N PRO WA 201 81.32 7.54 -60.04
CA PRO WA 201 80.57 8.58 -59.29
C PRO WA 201 79.56 8.04 -58.31
N SER WA 202 78.85 6.98 -58.68
CA SER WA 202 77.83 6.42 -57.79
C SER WA 202 78.39 5.95 -56.47
N THR WA 203 79.69 5.64 -56.41
CA THR WA 203 80.24 5.05 -55.20
C THR WA 203 80.51 6.09 -54.12
N ILE WA 204 80.95 7.29 -54.50
CA ILE WA 204 81.24 8.31 -53.51
C ILE WA 204 79.99 9.04 -53.06
N PHE WA 205 79.05 9.29 -53.97
CA PHE WA 205 77.93 10.16 -53.67
C PHE WA 205 76.96 9.49 -52.70
N ASN WA 206 76.18 10.33 -52.03
CA ASN WA 206 75.37 9.86 -50.91
C ASN WA 206 74.07 9.22 -51.41
N LYS WA 207 73.14 10.03 -51.90
CA LYS WA 207 71.91 9.50 -52.48
C LYS WA 207 72.16 9.16 -53.93
N ASN WA 208 72.00 7.88 -54.26
CA ASN WA 208 72.13 7.39 -55.61
C ASN WA 208 70.87 6.61 -55.95
N ARG WA 209 70.10 7.13 -56.88
CA ARG WA 209 68.87 6.49 -57.33
C ARG WA 209 69.17 5.73 -58.61
N TYR WA 210 68.91 4.43 -58.62
CA TYR WA 210 69.07 3.66 -59.84
C TYR WA 210 67.71 3.65 -60.52
N TRP WA 211 67.62 4.37 -61.62
CA TRP WA 211 66.35 4.69 -62.23
C TRP WA 211 66.25 3.98 -63.56
N LYS WA 212 65.26 3.10 -63.67
CA LYS WA 212 65.15 2.19 -64.78
C LYS WA 212 64.04 2.64 -65.72
N GLN WA 213 63.84 1.86 -66.77
CA GLN WA 213 62.77 2.10 -67.72
C GLN WA 213 61.45 1.68 -67.10
N GLY WA 214 60.51 2.60 -67.01
CA GLY WA 214 59.23 2.34 -66.39
C GLY WA 214 59.10 2.89 -64.99
N ASP WA 215 60.20 3.25 -64.35
CA ASP WA 215 60.12 3.85 -63.03
C ASP WA 215 59.42 5.18 -63.08
N ASP WA 216 58.88 5.59 -61.94
CA ASP WA 216 58.18 6.85 -61.85
C ASP WA 216 59.17 8.00 -62.05
N ALA WA 217 58.62 9.15 -62.42
CA ALA WA 217 59.45 10.31 -62.64
C ALA WA 217 60.19 10.70 -61.37
N LEU WA 218 61.38 11.29 -61.56
CA LEU WA 218 62.21 11.73 -60.46
C LEU WA 218 62.02 13.23 -60.27
N HIS WA 219 61.49 13.62 -59.12
CA HIS WA 219 61.15 15.00 -58.84
C HIS WA 219 62.15 15.56 -57.84
N PHE WA 220 62.74 16.70 -58.17
CA PHE WA 220 63.71 17.34 -57.30
C PHE WA 220 63.34 18.80 -57.15
N SER WA 221 63.37 19.30 -55.93
CA SER WA 221 62.93 20.65 -55.64
C SER WA 221 63.86 21.28 -54.63
N HIS WA 222 63.91 22.60 -54.64
CA HIS WA 222 64.64 23.36 -53.64
C HIS WA 222 63.81 24.58 -53.28
N ASP WA 223 63.56 24.77 -51.99
CA ASP WA 223 62.84 25.93 -51.52
C ASP WA 223 63.82 27.00 -51.11
N LEU WA 224 63.60 28.22 -51.58
CA LEU WA 224 64.37 29.37 -51.17
C LEU WA 224 63.53 30.24 -50.25
N ASP WA 225 64.04 30.53 -49.06
CA ASP WA 225 63.46 31.56 -48.21
C ASP WA 225 64.50 32.67 -48.10
N LEU WA 226 64.23 33.78 -48.75
CA LEU WA 226 65.10 34.94 -48.76
C LEU WA 226 64.44 36.04 -47.93
N GLY WA 227 65.24 36.78 -47.21
CA GLY WA 227 64.65 37.92 -46.55
C GLY WA 227 64.61 39.15 -47.42
N PHE WA 228 65.05 39.05 -48.66
CA PHE WA 228 65.24 40.22 -49.50
C PHE WA 228 64.78 39.88 -50.90
N TRP WA 229 64.98 40.82 -51.81
CA TRP WA 229 64.45 40.77 -53.16
C TRP WA 229 65.57 41.14 -54.12
N PHE WA 230 65.35 40.90 -55.40
CA PHE WA 230 66.33 41.24 -56.41
C PHE WA 230 65.76 42.25 -57.38
N GLY WA 231 66.56 43.25 -57.74
CA GLY WA 231 66.11 44.27 -58.65
C GLY WA 231 66.66 44.15 -60.05
N SER WA 232 67.63 43.28 -60.26
CA SER WA 232 68.31 43.16 -61.53
C SER WA 232 68.12 41.75 -62.09
N ASP WA 233 68.67 41.51 -63.27
CA ASP WA 233 68.60 40.17 -63.83
C ASP WA 233 69.63 39.27 -63.17
N TYR WA 234 69.35 37.96 -63.19
CA TYR WA 234 70.29 37.03 -62.60
C TYR WA 234 71.61 37.01 -63.37
N GLY WA 235 71.54 36.94 -64.69
CA GLY WA 235 72.75 37.11 -65.46
C GLY WA 235 73.80 36.04 -65.20
N ASN WA 236 73.43 34.79 -65.44
CA ASN WA 236 74.25 33.60 -65.15
C ASN WA 236 74.78 33.61 -63.72
N ALA WA 237 73.87 33.80 -62.78
CA ALA WA 237 74.13 33.63 -61.37
C ALA WA 237 73.55 32.30 -60.89
N TYR WA 238 74.23 31.68 -59.94
CA TYR WA 238 73.62 30.56 -59.26
C TYR WA 238 72.35 31.03 -58.57
N VAL WA 239 71.30 30.22 -58.63
CA VAL WA 239 70.12 30.52 -57.84
C VAL WA 239 70.50 30.62 -56.37
N PRO WA 240 70.06 31.65 -55.66
CA PRO WA 240 70.75 32.06 -54.42
C PRO WA 240 70.96 30.94 -53.42
N GLN WA 241 72.18 30.89 -52.90
CA GLN WA 241 72.62 29.86 -51.97
C GLN WA 241 73.57 30.50 -50.98
N ASN WA 242 73.59 29.98 -49.76
CA ASN WA 242 74.56 30.38 -48.76
C ASN WA 242 75.46 29.18 -48.51
N ASN WA 243 76.72 29.28 -48.89
CA ASN WA 243 77.58 28.12 -48.82
C ASN WA 243 79.02 28.52 -48.58
N ASP WA 244 79.87 27.50 -48.45
CA ASP WA 244 81.31 27.71 -48.50
C ASP WA 244 81.73 28.30 -49.84
N SER WA 245 81.07 27.90 -50.91
CA SER WA 245 81.41 28.41 -52.23
C SER WA 245 80.78 29.75 -52.56
N MET WA 246 79.59 30.04 -52.03
CA MET WA 246 78.87 31.20 -52.53
C MET WA 246 77.87 31.71 -51.51
N ASN WA 247 77.46 32.96 -51.69
CA ASN WA 247 76.47 33.61 -50.84
C ASN WA 247 75.35 34.18 -51.71
N ALA WA 248 74.19 34.34 -51.08
CA ALA WA 248 72.96 34.63 -51.82
C ALA WA 248 72.86 36.07 -52.25
N VAL WA 249 73.44 36.99 -51.49
CA VAL WA 249 73.30 38.42 -51.73
C VAL WA 249 74.57 38.93 -52.41
N GLY WA 250 74.40 39.74 -53.45
CA GLY WA 250 75.51 40.06 -54.32
C GLY WA 250 76.17 41.41 -54.18
N THR WA 251 75.55 42.33 -53.46
CA THR WA 251 76.11 43.66 -53.33
C THR WA 251 77.10 43.71 -52.17
N ILE WA 252 78.22 44.37 -52.41
CA ILE WA 252 79.17 44.62 -51.33
C ILE WA 252 78.53 45.62 -50.39
N PRO WA 253 78.34 45.27 -49.12
CA PRO WA 253 77.82 46.24 -48.16
C PRO WA 253 78.80 47.37 -47.93
N THR WA 254 78.27 48.54 -47.61
CA THR WA 254 79.04 49.77 -47.57
C THR WA 254 78.85 50.46 -46.21
N SER WA 255 79.72 51.43 -45.95
CA SER WA 255 80.02 51.85 -44.59
C SER WA 255 78.89 52.61 -43.91
N LYS WA 256 78.85 52.49 -42.58
CA LYS WA 256 78.11 53.39 -41.71
C LYS WA 256 76.60 53.29 -41.92
N HIS WA 257 76.11 52.08 -42.17
CA HIS WA 257 74.68 51.82 -42.19
C HIS WA 257 74.47 50.32 -42.24
N ILE WA 258 73.21 49.92 -42.30
CA ILE WA 258 72.81 48.52 -42.19
C ILE WA 258 72.60 47.96 -43.59
N ASN WA 259 73.01 46.71 -43.78
CA ASN WA 259 72.96 46.07 -45.09
C ASN WA 259 72.43 44.66 -44.93
N VAL WA 260 71.73 44.18 -45.94
CA VAL WA 260 71.24 42.80 -45.89
C VAL WA 260 72.40 41.86 -46.17
N ARG WA 261 72.56 40.88 -45.30
CA ARG WA 261 73.71 39.99 -45.29
C ARG WA 261 73.21 38.56 -45.31
N GLY WA 262 73.84 37.72 -46.13
CA GLY WA 262 73.49 36.32 -46.15
C GLY WA 262 73.81 35.64 -44.83
N VAL WA 263 73.02 34.62 -44.50
CA VAL WA 263 73.18 33.90 -43.25
C VAL WA 263 72.60 32.50 -43.43
N ASN WA 264 73.06 31.57 -42.61
CA ASN WA 264 72.43 30.27 -42.32
C ASN WA 264 72.67 29.07 -43.23
N ASN WA 265 73.42 29.16 -44.32
CA ASN WA 265 73.73 27.94 -45.10
C ASN WA 265 72.47 27.24 -45.60
N ARG WA 266 71.84 27.83 -46.60
CA ARG WA 266 70.94 27.10 -47.47
C ARG WA 266 71.65 26.91 -48.79
N GLY WA 267 71.70 25.68 -49.28
CA GLY WA 267 72.39 25.40 -50.52
C GLY WA 267 71.78 24.21 -51.21
N MET WA 268 72.25 23.94 -52.42
CA MET WA 268 71.72 22.81 -53.20
C MET WA 268 72.76 21.72 -53.41
N ALA WA 269 72.31 20.47 -53.33
CA ALA WA 269 73.20 19.32 -53.52
C ALA WA 269 73.54 19.14 -54.99
N GLY WA 270 74.80 18.81 -55.27
CA GLY WA 270 75.25 18.61 -56.63
C GLY WA 270 74.68 17.38 -57.30
N HIS WA 271 73.57 17.55 -58.01
CA HIS WA 271 72.94 16.44 -58.70
C HIS WA 271 73.82 15.99 -59.86
N TYR WA 272 73.76 14.70 -60.19
CA TYR WA 272 74.57 14.17 -61.27
C TYR WA 272 73.89 12.97 -61.89
N LEU WA 273 74.29 12.65 -63.11
CA LEU WA 273 73.78 11.48 -63.82
C LEU WA 273 74.96 10.66 -64.31
N SER WA 274 74.84 9.35 -64.16
CA SER WA 274 75.92 8.44 -64.55
C SER WA 274 75.31 7.08 -64.84
N PHE WA 275 76.10 6.24 -65.50
CA PHE WA 275 75.65 4.90 -65.77
C PHE WA 275 76.53 3.91 -65.02
N PRO WA 276 75.98 2.77 -64.61
CA PRO WA 276 76.77 1.78 -63.90
C PRO WA 276 77.81 1.18 -64.82
N PRO WA 277 79.02 0.94 -64.33
CA PRO WA 277 80.00 0.24 -65.16
C PRO WA 277 79.53 -1.17 -65.48
N ILE WA 278 79.54 -1.50 -66.76
CA ILE WA 278 79.21 -2.83 -67.22
C ILE WA 278 80.28 -3.23 -68.20
N ARG WA 279 81.06 -4.25 -67.87
CA ARG WA 279 82.12 -4.67 -68.76
C ARG WA 279 81.56 -5.47 -69.92
N THR WA 280 82.21 -5.33 -71.07
CA THR WA 280 81.87 -6.06 -72.27
C THR WA 280 83.08 -6.84 -72.76
N ASN WA 281 82.91 -7.51 -73.89
CA ASN WA 281 84.05 -8.10 -74.57
C ASN WA 281 85.13 -7.05 -74.83
N ASP WA 282 84.72 -5.82 -75.14
CA ASP WA 282 85.65 -4.70 -75.30
C ASP WA 282 85.15 -3.50 -74.52
N GLY WA 283 85.95 -3.06 -73.55
CA GLY WA 283 85.61 -1.83 -72.85
C GLY WA 283 84.36 -1.97 -72.00
N GLN WA 284 83.52 -0.93 -72.07
CA GLN WA 284 82.36 -0.79 -71.20
C GLN WA 284 81.09 -0.87 -72.02
N PHE WA 285 80.02 -1.29 -71.37
CA PHE WA 285 78.74 -1.38 -72.05
C PHE WA 285 78.30 0.01 -72.43
N LYS WA 286 77.75 0.15 -73.63
CA LYS WA 286 77.37 1.47 -74.10
C LYS WA 286 75.91 1.68 -73.75
N LEU WA 287 75.66 2.54 -72.77
CA LEU WA 287 74.32 2.92 -72.38
C LEU WA 287 74.06 4.35 -72.80
N ASN WA 288 72.91 4.55 -73.42
CA ASN WA 288 72.46 5.84 -73.85
C ASN WA 288 71.12 6.05 -73.17
N ALA WA 289 70.81 7.28 -72.80
CA ALA WA 289 69.58 7.53 -72.08
C ALA WA 289 68.81 8.65 -72.75
N GLN WA 290 67.48 8.52 -72.75
CA GLN WA 290 66.60 9.64 -73.00
C GLN WA 290 65.68 9.81 -71.81
N PHE WA 291 65.36 11.06 -71.51
CA PHE WA 291 64.30 11.37 -70.56
C PHE WA 291 63.82 12.78 -70.85
N THR WA 292 62.65 13.10 -70.32
CA THR WA 292 62.13 14.45 -70.44
C THR WA 292 62.55 15.25 -69.22
N LEU WA 293 62.97 16.48 -69.45
CA LEU WA 293 63.36 17.38 -68.38
C LEU WA 293 62.28 18.44 -68.26
N GLU WA 294 61.54 18.41 -67.16
CA GLU WA 294 60.59 19.46 -66.83
C GLU WA 294 61.15 20.24 -65.67
N THR WA 295 61.51 21.50 -65.91
CA THR WA 295 61.99 22.38 -64.86
C THR WA 295 60.91 23.41 -64.55
N GLU WA 296 60.85 23.80 -63.29
CA GLU WA 296 59.95 24.86 -62.85
C GLU WA 296 60.66 25.73 -61.84
N ILE WA 297 60.59 27.04 -62.05
CA ILE WA 297 61.07 28.02 -61.09
C ILE WA 297 59.94 28.97 -60.78
N GLU WA 298 59.67 29.18 -59.50
CA GLU WA 298 58.53 29.94 -59.06
C GLU WA 298 59.02 31.27 -58.52
N PHE WA 299 58.74 32.36 -59.23
CA PHE WA 299 59.15 33.68 -58.78
C PHE WA 299 58.03 34.35 -58.00
N GLU WA 300 58.41 35.09 -56.97
CA GLU WA 300 57.59 36.13 -56.39
C GLU WA 300 58.07 37.47 -56.92
N PHE WA 301 57.15 38.37 -57.20
CA PHE WA 301 57.53 39.71 -57.62
C PHE WA 301 56.64 40.72 -56.93
N ARG WA 302 57.06 41.98 -57.02
CA ARG WA 302 56.46 43.04 -56.23
C ARG WA 302 56.50 44.31 -57.06
N LEU WA 303 55.47 45.15 -56.92
CA LEU WA 303 55.28 46.24 -57.86
C LEU WA 303 55.72 47.57 -57.25
N TRP WA 304 55.54 48.61 -58.04
CA TRP WA 304 56.08 49.94 -57.78
C TRP WA 304 55.28 50.68 -56.71
N GLU WA 305 55.91 51.70 -56.16
CA GLU WA 305 55.29 52.49 -55.10
C GLU WA 305 54.06 53.23 -55.62
N GLN WA 306 53.02 53.25 -54.80
CA GLN WA 306 51.83 54.00 -55.15
C GLN WA 306 52.05 55.50 -54.97
N GLY WA 307 51.23 56.27 -55.65
CA GLY WA 307 51.28 57.70 -55.51
C GLY WA 307 52.18 58.35 -56.54
N VAL WA 308 52.42 59.65 -56.32
CA VAL WA 308 53.32 60.39 -57.19
C VAL WA 308 54.71 59.80 -57.14
N GLN WA 309 55.06 59.11 -56.06
CA GLN WA 309 56.36 58.48 -55.97
C GLN WA 309 56.59 57.49 -57.10
N GLY WA 310 55.52 56.85 -57.58
CA GLY WA 310 55.60 55.86 -58.63
C GLY WA 310 55.45 56.40 -60.04
N ILE WA 311 55.40 57.72 -60.21
CA ILE WA 311 55.34 58.30 -61.54
C ILE WA 311 56.70 58.17 -62.22
N ASN WA 312 56.70 57.76 -63.48
CA ASN WA 312 57.95 57.49 -64.20
C ASN WA 312 58.90 58.68 -64.13
N SER WA 313 58.39 59.88 -64.39
CA SER WA 313 59.28 61.03 -64.49
C SER WA 313 59.93 61.35 -63.16
N VAL WA 314 59.18 61.28 -62.06
CA VAL WA 314 59.71 61.64 -60.75
C VAL WA 314 60.17 60.43 -59.96
N HIS WA 315 60.00 59.21 -60.48
CA HIS WA 315 60.45 58.05 -59.71
C HIS WA 315 61.95 57.91 -59.69
N THR WA 316 62.66 58.51 -60.65
CA THR WA 316 64.11 58.41 -60.66
C THR WA 316 64.69 59.00 -59.38
N ASN WA 317 64.34 60.24 -59.08
CA ASN WA 317 64.86 60.94 -57.91
C ASN WA 317 63.98 60.81 -56.67
N LEU WA 318 62.76 60.29 -56.78
CA LEU WA 318 61.98 59.91 -55.61
C LEU WA 318 62.06 58.44 -55.27
N ASN WA 319 62.86 57.67 -55.99
CA ASN WA 319 63.07 56.28 -55.64
C ASN WA 319 63.58 56.19 -54.21
N PRO WA 320 63.03 55.31 -53.38
CA PRO WA 320 63.52 55.20 -52.00
C PRO WA 320 64.98 54.79 -51.97
N ALA WA 321 65.75 55.45 -51.12
CA ALA WA 321 67.13 55.02 -50.92
C ALA WA 321 67.21 53.77 -50.07
N ASN WA 322 66.12 53.35 -49.44
CA ASN WA 322 66.10 52.13 -48.67
C ASN WA 322 65.70 50.92 -49.51
N ASP WA 323 65.54 51.09 -50.81
CA ASP WA 323 65.52 49.92 -51.69
C ASP WA 323 66.73 49.05 -51.42
N SER WA 324 67.91 49.67 -51.34
CA SER WA 324 69.13 48.92 -51.07
C SER WA 324 69.02 48.11 -49.80
N LEU WA 325 68.09 48.45 -48.94
CA LEU WA 325 67.90 47.69 -47.71
C LEU WA 325 67.26 46.34 -48.00
N TRP WA 326 66.12 46.33 -48.70
CA TRP WA 326 65.46 45.08 -49.09
C TRP WA 326 65.68 44.66 -50.55
N ILE WA 327 66.33 45.45 -51.40
CA ILE WA 327 66.52 45.01 -52.80
C ILE WA 327 67.98 44.79 -53.12
N GLN WA 328 68.37 43.56 -53.45
CA GLN WA 328 69.76 43.17 -53.25
C GLN WA 328 70.59 42.58 -54.38
N SER WA 329 70.05 42.52 -55.59
CA SER WA 329 70.74 41.90 -56.77
C SER WA 329 70.99 40.38 -56.64
N TYR WA 330 71.99 39.87 -57.34
CA TYR WA 330 72.30 38.42 -57.33
C TYR WA 330 73.65 38.13 -56.70
N GLY WA 331 73.74 37.05 -55.93
CA GLY WA 331 74.93 36.88 -55.13
C GLY WA 331 76.19 36.43 -55.84
N SER WA 332 76.12 35.29 -56.52
CA SER WA 332 77.33 34.65 -56.99
C SER WA 332 77.07 34.07 -58.37
N LEU WA 333 78.03 34.25 -59.26
CA LEU WA 333 77.88 33.92 -60.65
C LEU WA 333 78.57 32.61 -60.95
N VAL WA 334 78.01 31.84 -61.87
CA VAL WA 334 78.77 30.76 -62.44
C VAL WA 334 79.94 31.38 -63.19
N SER WA 335 81.00 30.61 -63.37
CA SER WA 335 82.21 31.14 -63.98
C SER WA 335 82.11 30.90 -65.47
N ILE WA 336 81.97 31.99 -66.22
CA ILE WA 336 81.71 31.96 -67.66
C ILE WA 336 82.82 32.73 -68.34
N THR WA 337 83.62 32.05 -69.15
CA THR WA 337 84.45 32.72 -70.13
C THR WA 337 83.84 32.45 -71.49
N GLU WA 338 83.80 33.48 -72.33
CA GLU WA 338 83.08 33.44 -73.59
C GLU WA 338 81.65 33.02 -73.27
N SER WA 339 81.07 32.06 -73.99
CA SER WA 339 79.76 31.51 -73.67
C SER WA 339 79.86 30.23 -72.85
N LYS WA 340 81.05 29.84 -72.44
CA LYS WA 340 81.32 28.49 -71.96
C LYS WA 340 81.54 28.48 -70.46
N ILE WA 341 80.90 27.54 -69.77
CA ILE WA 341 81.02 27.43 -68.33
C ILE WA 341 82.39 26.87 -67.98
N ASN WA 342 83.10 27.55 -67.08
CA ASN WA 342 84.41 27.09 -66.66
C ASN WA 342 84.30 25.97 -65.63
N ASN WA 343 83.41 26.12 -64.68
CA ASN WA 343 83.23 25.16 -63.60
C ASN WA 343 81.84 25.34 -63.02
N ILE WA 344 81.39 24.35 -62.28
CA ILE WA 344 80.15 24.47 -61.53
C ILE WA 344 80.43 24.13 -60.08
N GLN WA 345 80.00 25.01 -59.19
CA GLN WA 345 80.11 24.83 -57.76
C GLN WA 345 78.76 24.40 -57.23
N PHE WA 346 78.75 23.50 -56.25
CA PHE WA 346 77.47 23.03 -55.72
C PHE WA 346 77.20 23.50 -54.30
N GLY WA 347 77.99 23.08 -53.33
CA GLY WA 347 77.80 23.52 -51.96
C GLY WA 347 76.40 23.42 -51.36
N PRO WA 348 76.01 22.21 -50.98
CA PRO WA 348 74.71 21.85 -50.40
C PRO WA 348 74.55 22.30 -48.97
N THR WA 349 73.34 22.23 -48.43
CA THR WA 349 73.17 22.58 -47.04
C THR WA 349 73.70 21.31 -46.43
N CYS WA 350 74.91 21.35 -45.90
CA CYS WA 350 75.48 20.13 -45.38
C CYS WA 350 74.86 19.75 -44.07
N PRO WA 351 74.65 18.45 -43.88
CA PRO WA 351 73.97 17.93 -42.69
C PRO WA 351 74.79 18.04 -41.43
N ARG WA 352 76.10 18.24 -41.52
CA ARG WA 352 76.91 18.33 -40.32
C ARG WA 352 77.05 19.74 -39.78
N VAL WA 353 76.56 20.75 -40.50
CA VAL WA 353 76.35 22.06 -39.89
C VAL WA 353 75.28 21.93 -38.82
N ASP WA 354 75.43 22.67 -37.73
CA ASP WA 354 74.46 22.66 -36.65
C ASP WA 354 73.08 22.97 -37.21
N ALA WA 355 72.09 22.18 -36.81
CA ALA WA 355 70.73 22.38 -37.30
C ALA WA 355 70.20 23.75 -36.97
N ARG WA 356 70.77 24.42 -35.97
CA ARG WA 356 70.34 25.78 -35.64
C ARG WA 356 70.81 26.78 -36.68
N ASN WA 357 71.90 26.46 -37.38
CA ASN WA 357 72.35 27.31 -38.48
C ASN WA 357 71.56 27.06 -39.76
N LYS WA 358 71.04 25.86 -39.95
CA LYS WA 358 70.51 25.45 -41.24
C LYS WA 358 69.08 25.92 -41.49
N GLY WA 359 68.52 26.70 -40.58
CA GLY WA 359 67.10 27.02 -40.64
C GLY WA 359 66.70 27.96 -41.76
N GLY WA 360 65.50 28.53 -41.65
CA GLY WA 360 64.80 29.08 -42.79
C GLY WA 360 65.36 30.28 -43.51
N LYS WA 361 65.58 31.37 -42.81
CA LYS WA 361 65.78 32.67 -43.45
C LYS WA 361 67.20 32.82 -43.95
N MET WA 362 67.36 33.14 -45.23
CA MET WA 362 68.68 33.19 -45.84
C MET WA 362 69.36 34.54 -45.75
N SER WA 363 68.77 35.53 -45.12
CA SER WA 363 69.46 36.80 -45.01
C SER WA 363 69.11 37.45 -43.69
N MET WA 364 69.97 38.37 -43.28
CA MET WA 364 69.76 39.15 -42.09
C MET WA 364 70.13 40.57 -42.43
N LEU WA 365 69.54 41.51 -41.73
CA LEU WA 365 69.76 42.92 -41.99
C LEU WA 365 70.73 43.40 -40.92
N PHE WA 366 71.99 43.49 -41.30
CA PHE WA 366 73.11 43.73 -40.40
C PHE WA 366 73.99 44.87 -40.87
N ASP WA 367 74.41 45.71 -39.93
CA ASP WA 367 75.23 46.87 -40.25
C ASP WA 367 76.68 46.61 -40.64
N HIS WA 368 77.25 47.58 -41.32
CA HIS WA 368 78.64 47.50 -41.71
C HIS WA 368 79.34 48.78 -41.27
N HIS WA 369 80.51 48.64 -40.66
CA HIS WA 369 81.26 49.81 -40.20
C HIS WA 369 82.44 50.12 -41.11
N GLU XA 36 74.18 23.80 8.81
CA GLU XA 36 73.48 24.77 9.65
C GLU XA 36 74.30 26.05 9.72
N GLY XA 37 73.63 27.17 9.98
CA GLY XA 37 74.31 28.45 10.04
C GLY XA 37 74.42 29.10 8.67
N ASP XA 38 75.10 30.22 8.64
CA ASP XA 38 75.30 30.96 7.40
C ASP XA 38 76.50 30.46 6.61
N GLY XA 39 77.19 29.43 7.10
CA GLY XA 39 78.33 28.87 6.42
C GLY XA 39 79.66 29.19 7.07
N SER XA 40 79.66 30.17 7.97
CA SER XA 40 80.87 30.64 8.64
C SER XA 40 81.58 29.60 9.48
N ALA XA 41 80.96 28.45 9.68
CA ALA XA 41 81.53 27.37 10.48
C ALA XA 41 82.67 26.65 9.79
N PRO XA 42 83.45 25.89 10.53
CA PRO XA 42 84.55 25.20 9.86
C PRO XA 42 84.12 24.21 8.78
N GLY XA 43 83.04 23.46 8.92
CA GLY XA 43 82.67 22.49 7.90
C GLY XA 43 81.33 22.73 7.19
N GLY XA 44 81.15 22.17 6.00
CA GLY XA 44 79.92 22.35 5.27
C GLY XA 44 80.01 23.32 4.10
N SER XA 45 79.06 24.24 3.99
CA SER XA 45 79.04 25.21 2.91
C SER XA 45 79.93 26.44 3.15
N VAL XA 46 80.37 27.07 2.08
CA VAL XA 46 81.27 28.23 2.10
C VAL XA 46 80.53 29.52 2.38
N TRP XA 47 81.00 30.27 3.35
CA TRP XA 47 80.40 31.56 3.63
C TRP XA 47 80.86 32.40 2.47
N GLN XA 48 79.95 33.07 1.80
CA GLN XA 48 80.34 33.87 0.66
C GLN XA 48 79.75 35.26 0.78
N THR XA 49 80.48 36.22 0.20
CA THR XA 49 80.19 37.63 0.31
C THR XA 49 78.96 38.02 -0.51
N THR XA 50 78.41 39.18 -0.18
CA THR XA 50 77.20 39.67 -0.84
C THR XA 50 77.43 39.92 -2.32
N ASP XA 51 76.33 39.89 -3.07
CA ASP XA 51 76.35 40.03 -4.51
C ASP XA 51 76.47 41.49 -4.92
N TYR XA 52 77.48 41.80 -5.73
CA TYR XA 52 77.63 43.14 -6.27
C TYR XA 52 76.97 43.33 -7.63
N ILE XA 53 76.46 42.27 -8.27
CA ILE XA 53 75.83 42.44 -9.58
C ILE XA 53 74.49 43.14 -9.44
N ALA XA 54 73.66 42.67 -8.50
CA ALA XA 54 72.26 43.07 -8.45
C ALA XA 54 72.08 44.57 -8.53
N LEU XA 55 72.93 45.33 -7.83
CA LEU XA 55 72.82 46.78 -7.88
C LEU XA 55 73.45 47.40 -9.10
N SER XA 56 74.36 46.72 -9.77
CA SER XA 56 74.91 47.27 -11.00
C SER XA 56 73.99 47.05 -12.19
N MET XA 57 73.09 46.08 -12.12
CA MET XA 57 72.17 45.81 -13.21
C MET XA 57 70.85 46.53 -13.09
N VAL XA 58 70.56 47.17 -11.97
CA VAL XA 58 69.25 47.81 -11.83
C VAL XA 58 69.14 48.96 -12.81
N VAL XA 59 68.07 48.96 -13.58
CA VAL XA 59 67.84 49.96 -14.62
C VAL XA 59 66.91 51.01 -14.06
N TYR XA 60 67.37 52.25 -14.05
CA TYR XA 60 66.57 53.38 -13.61
C TYR XA 60 66.07 54.11 -14.84
N ARG XA 61 64.87 54.66 -14.74
CA ARG XA 61 64.15 55.12 -15.91
C ARG XA 61 63.66 56.54 -15.68
N THR XA 62 64.13 57.47 -16.49
CA THR XA 62 63.72 58.87 -16.38
C THR XA 62 63.21 59.39 -17.71
N ALA XA 63 62.91 60.69 -17.78
CA ALA XA 63 62.44 61.29 -19.02
C ALA XA 63 62.74 62.77 -19.00
N ILE XA 64 62.72 63.36 -20.18
CA ILE XA 64 62.88 64.81 -20.35
C ILE XA 64 61.71 65.31 -21.17
N LYS XA 65 60.89 66.16 -20.57
CA LYS XA 65 59.70 66.70 -21.23
C LYS XA 65 59.89 68.19 -21.39
N LEU XA 66 59.56 68.71 -22.57
CA LEU XA 66 59.74 70.12 -22.89
C LEU XA 66 58.58 70.59 -23.74
N ARG XA 67 58.11 71.80 -23.49
CA ARG XA 67 57.07 72.42 -24.31
C ARG XA 67 57.60 73.63 -25.04
N ASN XA 68 56.96 73.92 -26.15
CA ASN XA 68 57.41 74.95 -27.07
C ASN XA 68 56.19 75.44 -27.82
N PHE XA 69 56.25 76.68 -28.28
CA PHE XA 69 55.26 77.19 -29.22
C PHE XA 69 55.93 77.33 -30.57
N VAL XA 70 55.30 76.79 -31.61
CA VAL XA 70 55.84 76.81 -32.95
C VAL XA 70 55.00 77.77 -33.78
N ASN XA 71 55.67 78.66 -34.49
CA ASN XA 71 55.03 79.59 -35.41
C ASN XA 71 55.61 79.34 -36.80
N ILE XA 72 54.77 78.87 -37.72
CA ILE XA 72 55.18 78.57 -39.08
C ILE XA 72 54.57 79.63 -39.97
N ARG XA 73 55.39 80.48 -40.56
CA ARG XA 73 54.90 81.56 -41.40
C ARG XA 73 55.57 81.53 -42.76
N GLY XA 74 54.86 82.07 -43.75
CA GLY XA 74 55.42 82.26 -45.07
C GLY XA 74 55.88 80.98 -45.73
N LEU XA 75 55.14 79.90 -45.53
CA LEU XA 75 55.50 78.59 -46.06
C LEU XA 75 54.64 78.34 -47.28
N THR XA 76 55.24 78.35 -48.46
CA THR XA 76 54.49 78.14 -49.68
C THR XA 76 54.18 76.65 -49.85
N PRO XA 77 53.23 76.29 -50.72
CA PRO XA 77 52.84 74.88 -50.81
C PRO XA 77 53.93 73.95 -51.31
N THR XA 78 54.92 74.47 -52.02
CA THR XA 78 56.01 73.61 -52.47
C THR XA 78 56.98 73.32 -51.32
N GLU XA 79 57.35 74.34 -50.57
CA GLU XA 79 58.25 74.19 -49.45
C GLU XA 79 57.52 73.57 -48.25
N MET XA 80 58.30 72.99 -47.35
CA MET XA 80 57.79 72.10 -46.33
C MET XA 80 58.66 72.16 -45.09
N ILE XA 81 58.04 72.07 -43.92
CA ILE XA 81 58.76 72.10 -42.66
C ILE XA 81 59.22 70.69 -42.32
N VAL XA 82 60.51 70.56 -42.04
CA VAL XA 82 61.10 69.29 -41.66
C VAL XA 82 61.07 69.19 -40.14
N ILE XA 83 60.44 68.15 -39.61
CA ILE XA 83 60.38 67.98 -38.17
C ILE XA 83 61.69 67.31 -37.78
N PRO XA 84 62.59 67.96 -37.11
CA PRO XA 84 63.84 67.31 -36.72
C PRO XA 84 63.63 66.33 -35.59
N TRP XA 85 62.69 65.42 -35.76
CA TRP XA 85 62.23 64.64 -34.63
C TRP XA 85 63.03 63.37 -34.47
N ASN XA 86 63.91 63.07 -35.42
CA ASN XA 86 64.79 61.92 -35.34
C ASN XA 86 66.18 62.27 -34.83
N VAL XA 87 66.44 63.53 -34.50
CA VAL XA 87 67.72 63.92 -33.93
C VAL XA 87 67.57 63.98 -32.42
N MET XA 88 68.57 63.45 -31.73
CA MET XA 88 68.50 63.31 -30.29
C MET XA 88 68.39 64.66 -29.60
N ARG XA 89 69.10 65.65 -30.13
CA ARG XA 89 69.15 66.98 -29.53
C ARG XA 89 67.80 67.68 -29.54
N PHE XA 90 66.86 67.21 -30.36
CA PHE XA 90 65.54 67.82 -30.43
C PHE XA 90 64.80 67.68 -29.12
N TYR XA 91 64.85 66.49 -28.52
CA TYR XA 91 64.03 66.21 -27.36
C TYR XA 91 64.65 66.70 -26.06
N CYS XA 92 65.94 66.47 -25.87
CA CYS XA 92 66.61 66.71 -24.60
C CYS XA 92 67.36 68.03 -24.52
N GLU XA 93 67.38 68.81 -25.59
CA GLU XA 93 67.96 70.14 -25.54
C GLU XA 93 66.96 71.11 -26.12
N TYR XA 94 66.81 72.26 -25.47
CA TYR XA 94 65.69 73.14 -25.75
C TYR XA 94 66.22 74.26 -26.62
N ASN XA 95 65.91 74.23 -27.90
CA ASN XA 95 66.42 75.25 -28.80
C ASN XA 95 65.21 76.04 -29.26
N THR XA 96 65.04 77.22 -28.69
CA THR XA 96 63.97 78.13 -29.07
C THR XA 96 64.49 79.55 -28.93
N GLY XA 97 64.29 80.36 -29.95
CA GLY XA 97 64.58 81.77 -29.79
C GLY XA 97 65.98 82.05 -29.28
N THR XA 98 66.05 82.78 -28.16
CA THR XA 98 67.32 83.17 -27.58
C THR XA 98 68.00 82.04 -26.82
N TYR XA 99 67.25 81.02 -26.39
CA TYR XA 99 67.84 79.94 -25.60
C TYR XA 99 69.01 79.30 -26.31
N GLY XA 100 68.80 78.83 -27.54
CA GLY XA 100 69.86 78.17 -28.28
C GLY XA 100 71.10 79.00 -28.45
N LEU XA 101 70.98 80.33 -28.38
CA LEU XA 101 72.14 81.19 -28.42
C LEU XA 101 72.90 81.16 -27.10
N SER XA 102 72.19 81.08 -25.99
CA SER XA 102 72.81 80.96 -24.69
C SER XA 102 73.39 79.56 -24.51
N GLY XA 103 74.33 79.44 -23.58
CA GLY XA 103 75.08 78.21 -23.42
C GLY XA 103 74.41 77.18 -22.54
N ASN XA 104 74.71 75.91 -22.84
CA ASN XA 104 74.31 74.75 -22.05
C ASN XA 104 72.81 74.78 -21.77
N VAL XA 105 72.05 74.56 -22.83
CA VAL XA 105 70.59 74.55 -22.73
C VAL XA 105 70.07 73.12 -22.55
N HIS XA 106 70.94 72.14 -22.41
CA HIS XA 106 70.51 70.79 -22.11
C HIS XA 106 69.70 70.75 -20.82
N HIS XA 107 68.72 69.85 -20.79
CA HIS XA 107 67.95 69.65 -19.58
C HIS XA 107 68.83 69.00 -18.52
N LYS XA 108 68.58 69.35 -17.26
CA LYS XA 108 69.48 68.91 -16.21
C LYS XA 108 69.37 67.42 -15.91
N ASN XA 109 68.25 66.78 -16.25
CA ASN XA 109 68.21 65.32 -16.18
C ASN XA 109 69.19 64.71 -17.14
N TYR XA 110 69.46 65.37 -18.26
CA TYR XA 110 70.42 64.79 -19.18
C TYR XA 110 71.84 65.02 -18.73
N SER XA 111 72.12 66.16 -18.10
CA SER XA 111 73.47 66.43 -17.63
C SER XA 111 73.93 65.38 -16.64
N MET XA 112 73.02 64.84 -15.83
CA MET XA 112 73.39 63.79 -14.91
C MET XA 112 73.40 62.41 -15.56
N LEU XA 113 72.70 62.21 -16.67
CA LEU XA 113 72.85 60.94 -17.37
C LEU XA 113 74.28 60.70 -17.79
N LEU XA 114 75.08 61.75 -17.85
CA LEU XA 114 76.52 61.63 -18.03
C LEU XA 114 77.24 61.35 -16.73
N ALA XA 115 76.58 61.52 -15.59
CA ALA XA 115 77.17 61.15 -14.31
C ALA XA 115 77.07 59.65 -14.05
N CYS XA 116 75.93 59.05 -14.38
CA CYS XA 116 75.81 57.60 -14.31
C CYS XA 116 76.59 56.97 -15.46
N LYS XA 117 76.92 55.69 -15.31
CA LYS XA 117 77.87 55.12 -16.25
C LYS XA 117 77.24 54.76 -17.58
N ALA XA 118 75.95 54.50 -17.62
CA ALA XA 118 75.27 54.11 -18.85
C ALA XA 118 73.91 54.75 -18.89
N HIS XA 119 73.51 55.20 -20.08
CA HIS XA 119 72.16 55.64 -20.30
C HIS XA 119 71.71 55.17 -21.67
N ARG XA 120 70.41 54.99 -21.82
CA ARG XA 120 69.87 54.57 -23.08
C ARG XA 120 68.58 55.32 -23.38
N PRO XA 121 68.40 55.75 -24.63
CA PRO XA 121 67.29 56.67 -24.93
C PRO XA 121 65.90 56.06 -24.94
N THR XA 122 65.73 54.76 -25.17
CA THR XA 122 64.42 54.11 -25.23
C THR XA 122 63.40 54.91 -26.02
N LYS XA 123 62.19 55.09 -25.48
CA LYS XA 123 61.13 55.71 -26.25
C LYS XA 123 61.37 57.19 -26.45
N VAL XA 124 60.85 57.72 -27.57
CA VAL XA 124 60.97 59.13 -27.90
C VAL XA 124 59.72 59.53 -28.66
N GLY XA 125 59.26 60.76 -28.45
CA GLY XA 125 58.03 61.17 -29.10
C GLY XA 125 57.76 62.65 -28.92
N TYR XA 126 56.71 63.12 -29.59
CA TYR XA 126 56.34 64.52 -29.49
C TYR XA 126 54.86 64.68 -29.80
N THR XA 127 54.32 65.84 -29.44
CA THR XA 127 52.91 66.14 -29.61
C THR XA 127 52.75 67.52 -30.22
N LEU XA 128 51.91 67.61 -31.24
CA LEU XA 128 51.44 68.88 -31.80
C LEU XA 128 50.02 69.12 -31.31
N SER XA 129 49.78 70.33 -30.80
CA SER XA 129 48.51 70.56 -30.13
C SER XA 129 48.03 71.99 -30.35
N ASN XA 130 46.71 72.15 -30.30
CA ASN XA 130 46.05 73.45 -30.34
C ASN XA 130 46.55 74.32 -31.47
N LEU XA 131 46.18 73.89 -32.67
CA LEU XA 131 46.59 74.57 -33.88
C LEU XA 131 45.83 75.87 -34.03
N ILE XA 132 46.56 76.92 -34.40
CA ILE XA 132 45.98 78.22 -34.72
C ILE XA 132 46.50 78.61 -36.09
N LEU XA 133 45.60 78.71 -37.05
CA LEU XA 133 45.92 79.22 -38.38
C LEU XA 133 45.57 80.69 -38.47
N THR XA 134 46.45 81.46 -39.08
CA THR XA 134 46.24 82.86 -39.34
C THR XA 134 46.51 83.12 -40.82
N SER XA 135 46.08 84.28 -41.29
CA SER XA 135 46.18 84.61 -42.70
C SER XA 135 46.79 85.99 -42.87
N ASP XA 136 47.75 86.09 -43.77
CA ASP XA 136 48.31 87.37 -44.18
C ASP XA 136 47.55 87.97 -45.36
N GLU XA 137 46.44 87.35 -45.76
CA GLU XA 137 45.72 87.80 -46.94
C GLU XA 137 45.31 89.25 -46.84
N LEU XA 138 44.88 89.69 -45.66
CA LEU XA 138 44.53 91.10 -45.48
C LEU XA 138 45.75 91.99 -45.39
N VAL XA 139 46.92 91.42 -45.18
CA VAL XA 139 48.16 92.19 -45.06
C VAL XA 139 48.61 92.63 -46.44
N SER XA 140 49.08 93.87 -46.54
CA SER XA 140 49.66 94.41 -47.75
C SER XA 140 50.81 95.33 -47.36
N THR XA 141 51.65 95.66 -48.34
CA THR XA 141 52.79 96.52 -48.06
C THR XA 141 52.36 97.89 -47.55
N GLY XA 142 51.16 98.34 -47.91
CA GLY XA 142 50.63 99.56 -47.33
C GLY XA 142 50.33 99.42 -45.86
N GLY XA 143 50.03 98.21 -45.41
CA GLY XA 143 49.83 97.97 -43.98
C GLY XA 143 48.42 98.30 -43.52
N THR XA 144 48.33 98.75 -42.27
CA THR XA 144 47.11 99.17 -41.60
C THR XA 144 46.20 97.98 -41.28
N LEU XA 145 46.48 96.81 -41.86
CA LEU XA 145 45.78 95.58 -41.53
C LEU XA 145 46.80 94.48 -41.33
N GLY XA 146 46.75 93.82 -40.18
CA GLY XA 146 47.67 92.75 -39.86
C GLY XA 146 47.04 91.40 -40.09
N THR XA 147 47.83 90.36 -39.83
CA THR XA 147 47.33 89.02 -39.99
C THR XA 147 46.28 88.73 -38.93
N THR XA 148 45.38 87.79 -39.24
CA THR XA 148 44.38 87.40 -38.27
C THR XA 148 43.97 85.97 -38.58
N THR XA 149 43.38 85.32 -37.59
CA THR XA 149 42.96 83.94 -37.74
C THR XA 149 42.02 83.79 -38.92
N THR XA 150 42.06 82.63 -39.56
CA THR XA 150 41.27 82.39 -40.75
C THR XA 150 39.79 82.61 -40.47
N PHE XA 151 39.08 83.13 -41.47
CA PHE XA 151 37.67 83.48 -41.30
C PHE XA 151 36.84 82.28 -40.89
N ASN XA 152 37.16 81.10 -41.44
CA ASN XA 152 36.52 79.87 -41.02
C ASN XA 152 37.60 78.82 -40.78
N THR XA 153 37.20 77.72 -40.18
CA THR XA 153 38.12 76.68 -39.73
C THR XA 153 38.40 75.64 -40.80
N SER XA 154 37.88 75.82 -42.02
CA SER XA 154 38.15 74.89 -43.11
C SER XA 154 39.64 74.73 -43.44
N PRO XA 155 40.49 75.75 -43.39
CA PRO XA 155 41.90 75.53 -43.72
C PRO XA 155 42.55 74.58 -42.73
N TYR XA 156 43.68 74.03 -43.13
CA TYR XA 156 44.37 73.02 -42.35
C TYR XA 156 45.86 73.05 -42.64
N MET XA 157 46.62 72.47 -41.72
CA MET XA 157 48.04 72.24 -41.91
C MET XA 157 48.26 70.75 -42.06
N ILE XA 158 49.05 70.36 -43.05
CA ILE XA 158 49.22 68.96 -43.39
C ILE XA 158 50.41 68.43 -42.62
N HIS XA 159 50.19 67.40 -41.82
CA HIS XA 159 51.29 66.69 -41.18
C HIS XA 159 51.58 65.43 -41.96
N SER XA 160 52.75 65.36 -42.56
CA SER XA 160 53.12 64.28 -43.45
C SER XA 160 54.15 63.39 -42.79
N ILE XA 161 53.92 62.09 -42.84
CA ILE XA 161 54.88 61.09 -42.41
C ILE XA 161 55.30 60.32 -43.64
N ASP XA 162 56.58 60.34 -43.96
CA ASP XA 162 57.01 59.68 -45.18
C ASP XA 162 57.42 58.27 -44.80
N ASP XA 163 56.57 57.31 -45.13
CA ASP XA 163 56.83 55.90 -44.83
C ASP XA 163 57.67 55.25 -45.90
N GLN XA 164 57.40 55.57 -47.15
CA GLN XA 164 58.09 54.98 -48.28
C GLN XA 164 59.42 55.64 -48.55
N GLN XA 165 59.77 56.65 -47.77
CA GLN XA 165 61.02 57.39 -47.91
C GLN XA 165 61.12 57.99 -49.32
N CYS XA 166 60.11 58.75 -49.69
CA CYS XA 166 60.22 59.58 -50.89
C CYS XA 166 61.44 60.47 -50.79
N LEU XA 167 61.68 61.03 -49.61
CA LEU XA 167 62.84 61.89 -49.36
C LEU XA 167 63.77 61.13 -48.42
N SER XA 168 64.91 60.70 -48.94
CA SER XA 168 65.91 60.03 -48.12
C SER XA 168 66.69 61.03 -47.29
N LYS XA 169 67.11 62.12 -47.93
CA LYS XA 169 67.97 63.11 -47.33
C LYS XA 169 67.44 64.48 -47.71
N VAL XA 170 67.30 65.35 -46.73
CA VAL XA 170 66.59 66.60 -46.88
C VAL XA 170 67.54 67.75 -46.64
N TYR XA 171 67.53 68.74 -47.53
CA TYR XA 171 68.40 69.88 -47.48
C TYR XA 171 67.60 71.15 -47.26
N PRO XA 172 68.19 72.18 -46.66
CA PRO XA 172 67.52 73.47 -46.56
C PRO XA 172 67.33 74.11 -47.92
N LYS XA 173 66.43 75.09 -47.97
CA LYS XA 173 66.23 75.84 -49.20
C LYS XA 173 67.48 76.61 -49.56
N THR XA 174 67.59 76.96 -50.85
CA THR XA 174 68.79 77.57 -51.37
C THR XA 174 69.23 78.78 -50.55
N ASP XA 175 68.30 79.67 -50.25
CA ASP XA 175 68.67 80.89 -49.52
C ASP XA 175 68.82 80.63 -48.03
N THR XA 176 67.95 79.81 -47.45
CA THR XA 176 67.91 79.67 -46.01
C THR XA 176 68.98 78.70 -45.53
N VAL XA 177 69.03 78.53 -44.21
CA VAL XA 177 69.93 77.57 -43.57
C VAL XA 177 69.27 77.13 -42.27
N TRP XA 178 69.68 75.98 -41.77
CA TRP XA 178 69.07 75.39 -40.60
C TRP XA 178 69.99 75.56 -39.41
N PRO XA 179 69.70 76.47 -38.47
CA PRO XA 179 70.48 76.54 -37.25
C PRO XA 179 70.10 75.42 -36.31
N VAL XA 180 71.08 74.93 -35.55
CA VAL XA 180 70.72 73.95 -34.55
C VAL XA 180 70.12 74.66 -33.34
N SER XA 181 70.51 75.91 -33.10
CA SER XA 181 69.95 76.70 -32.02
C SER XA 181 68.46 76.97 -32.22
N SER XA 182 67.99 76.85 -33.45
CA SER XA 182 66.60 77.10 -33.80
C SER XA 182 65.76 75.83 -33.83
N MET XA 183 66.32 74.70 -33.42
CA MET XA 183 65.77 73.39 -33.77
C MET XA 183 64.32 73.22 -33.33
N ARG XA 184 64.01 73.55 -32.08
CA ARG XA 184 62.70 73.15 -31.57
C ARG XA 184 61.56 74.03 -32.03
N GLU XA 185 61.77 75.30 -32.37
CA GLU XA 185 60.74 76.02 -33.08
C GLU XA 185 60.97 75.69 -34.54
N LEU XA 186 59.92 75.26 -35.23
CA LEU XA 186 60.19 74.52 -36.44
C LEU XA 186 60.24 75.56 -37.55
N ASP XA 187 61.47 75.96 -37.90
CA ASP XA 187 61.74 76.81 -39.04
C ASP XA 187 62.35 76.08 -40.22
N TYR XA 188 62.62 74.79 -40.12
CA TYR XA 188 63.44 74.17 -41.15
C TYR XA 188 62.59 73.94 -42.37
N VAL XA 189 62.93 74.59 -43.47
CA VAL XA 189 62.12 74.59 -44.67
C VAL XA 189 62.91 73.88 -45.75
N ALA XA 190 62.34 72.80 -46.26
CA ALA XA 190 62.86 72.11 -47.42
C ALA XA 190 61.96 72.41 -48.60
N SER XA 191 62.55 72.48 -49.78
CA SER XA 191 61.79 72.61 -51.00
C SER XA 191 61.99 71.33 -51.77
N THR XA 192 60.93 70.51 -51.85
CA THR XA 192 61.01 69.23 -52.55
C THR XA 192 60.71 69.49 -54.01
N VAL XA 193 61.68 69.17 -54.88
CA VAL XA 193 61.62 69.54 -56.28
C VAL XA 193 62.14 68.38 -57.11
N SER XA 194 61.40 68.01 -58.15
CA SER XA 194 61.87 67.07 -59.15
C SER XA 194 62.77 67.82 -60.12
N GLY XA 195 63.11 67.23 -61.26
CA GLY XA 195 64.04 67.95 -62.11
C GLY XA 195 63.51 69.29 -62.58
N ASP XA 196 62.39 69.30 -63.30
CA ASP XA 196 61.67 70.54 -63.60
C ASP XA 196 60.46 70.75 -62.70
N ASN XA 197 60.14 69.81 -61.83
CA ASN XA 197 58.82 69.77 -61.18
C ASN XA 197 58.95 70.13 -59.72
N ALA XA 198 58.13 71.07 -59.27
CA ALA XA 198 58.00 71.36 -57.86
C ALA XA 198 57.04 70.37 -57.24
N ILE XA 199 57.50 69.60 -56.26
CA ILE XA 199 56.69 68.58 -55.63
C ILE XA 199 55.83 69.22 -54.56
N ILE XA 200 54.53 68.97 -54.60
CA ILE XA 200 53.67 69.27 -53.45
C ILE XA 200 53.88 68.16 -52.44
N PRO XA 201 54.39 68.47 -51.24
CA PRO XA 201 54.83 67.39 -50.33
C PRO XA 201 53.73 66.42 -49.96
N SER XA 202 52.51 66.91 -49.73
CA SER XA 202 51.43 66.04 -49.32
C SER XA 202 51.11 64.98 -50.36
N THR XA 203 51.47 65.19 -51.62
CA THR XA 203 51.08 64.26 -52.66
C THR XA 203 51.95 63.01 -52.69
N ILE XA 204 53.25 63.17 -52.43
CA ILE XA 204 54.15 62.02 -52.48
C ILE XA 204 54.10 61.22 -51.19
N PHE XA 205 53.97 61.88 -50.05
CA PHE XA 205 54.13 61.21 -48.77
C PHE XA 205 52.95 60.29 -48.48
N ASN XA 206 53.20 59.32 -47.61
CA ASN XA 206 52.25 58.24 -47.39
C ASN XA 206 51.13 58.66 -46.45
N LYS XA 207 51.44 58.80 -45.16
CA LYS XA 207 50.46 59.29 -44.20
C LYS XA 207 50.49 60.80 -44.20
N ASN XA 208 49.35 61.40 -44.55
CA ASN XA 208 49.17 62.84 -44.55
C ASN XA 208 47.93 63.13 -43.73
N ARG XA 209 48.12 63.79 -42.59
CA ARG XA 209 47.03 64.19 -41.72
C ARG XA 209 46.69 65.64 -42.00
N TYR XA 210 45.45 65.91 -42.35
CA TYR XA 210 45.03 67.29 -42.53
C TYR XA 210 44.44 67.74 -41.21
N TRP XA 211 45.17 68.61 -40.52
CA TRP XA 211 44.91 68.92 -39.12
C TRP XA 211 44.43 70.35 -39.03
N LYS XA 212 43.20 70.50 -38.56
CA LYS XA 212 42.50 71.77 -38.58
C LYS XA 212 42.49 72.39 -37.19
N GLN XA 213 41.85 73.55 -37.11
CA GLN XA 213 41.67 74.23 -35.85
C GLN XA 213 40.56 73.54 -35.07
N GLY XA 214 40.88 73.08 -33.86
CA GLY XA 214 39.96 72.35 -33.04
C GLY XA 214 40.17 70.86 -33.03
N ASP XA 215 40.94 70.33 -33.98
CA ASP XA 215 41.24 68.91 -33.98
C ASP XA 215 42.05 68.53 -32.75
N ASP XA 216 41.98 67.26 -32.40
CA ASP XA 216 42.72 66.77 -31.26
C ASP XA 216 44.21 66.83 -31.54
N ALA XA 217 44.99 66.82 -30.46
CA ALA XA 217 46.43 66.90 -30.59
C ALA XA 217 46.96 65.71 -31.37
N LEU XA 218 48.06 65.92 -32.07
CA LEU XA 218 48.71 64.89 -32.87
C LEU XA 218 49.87 64.32 -32.09
N HIS XA 219 49.79 63.05 -31.74
CA HIS XA 219 50.78 62.40 -30.91
C HIS XA 219 51.62 61.46 -31.76
N PHE XA 220 52.95 61.60 -31.67
CA PHE XA 220 53.84 60.76 -32.44
C PHE XA 220 54.90 60.22 -31.50
N SER XA 221 55.19 58.93 -31.62
CA SER XA 221 56.09 58.26 -30.70
C SER XA 221 56.96 57.28 -31.48
N HIS XA 222 58.12 57.00 -30.92
CA HIS XA 222 58.99 55.97 -31.45
C HIS XA 222 59.60 55.20 -30.29
N ASP XA 223 59.46 53.89 -30.31
CA ASP XA 223 60.04 53.04 -29.29
C ASP XA 223 61.39 52.53 -29.76
N LEU XA 224 62.40 52.67 -28.90
CA LEU XA 224 63.72 52.12 -29.15
C LEU XA 224 63.92 50.90 -28.27
N ASP XA 225 64.26 49.77 -28.88
CA ASP XA 225 64.75 48.62 -28.13
C ASP XA 225 66.20 48.41 -28.55
N LEU XA 226 67.12 48.73 -27.66
CA LEU XA 226 68.55 48.59 -27.89
C LEU XA 226 69.05 47.45 -27.04
N GLY XA 227 69.98 46.69 -27.57
CA GLY XA 227 70.59 45.70 -26.72
C GLY XA 227 71.75 46.22 -25.92
N PHE XA 228 72.05 47.51 -26.02
CA PHE XA 228 73.25 48.07 -25.45
C PHE XA 228 72.92 49.43 -24.86
N TRP XA 229 73.96 50.10 -24.37
CA TRP XA 229 73.84 51.33 -23.60
C TRP XA 229 74.84 52.33 -24.16
N PHE XA 230 74.69 53.58 -23.76
CA PHE XA 230 75.60 54.63 -24.20
C PHE XA 230 76.32 55.22 -23.00
N GLY XA 231 77.62 55.45 -23.16
CA GLY XA 231 78.40 56.01 -22.08
C GLY XA 231 78.77 57.47 -22.25
N SER XA 232 78.52 58.03 -23.43
CA SER XA 232 78.92 59.39 -23.75
C SER XA 232 77.69 60.22 -24.07
N ASP XA 233 77.91 61.50 -24.35
CA ASP XA 233 76.79 62.34 -24.75
C ASP XA 233 76.43 62.08 -26.21
N TYR XA 234 75.17 62.37 -26.55
CA TYR XA 234 74.74 62.17 -27.92
C TYR XA 234 75.48 63.12 -28.86
N GLY XA 235 75.57 64.39 -28.52
CA GLY XA 235 76.41 65.28 -29.28
C GLY XA 235 75.96 65.45 -30.72
N ASN XA 236 74.73 65.91 -30.91
CA ASN XA 236 74.06 66.05 -32.21
C ASN XA 236 74.15 64.76 -33.03
N ALA XA 237 73.74 63.68 -32.39
CA ALA XA 237 73.53 62.40 -33.05
C ALA XA 237 72.04 62.18 -33.27
N TYR XA 238 71.71 61.52 -34.37
CA TYR XA 238 70.34 61.02 -34.52
C TYR XA 238 70.03 60.06 -33.39
N VAL XA 239 68.83 60.16 -32.85
CA VAL XA 239 68.41 59.14 -31.89
C VAL XA 239 68.49 57.77 -32.54
N PRO XA 240 69.06 56.76 -31.88
CA PRO XA 240 69.58 55.59 -32.60
C PRO XA 240 68.60 54.92 -33.54
N GLN XA 241 69.07 54.64 -34.74
CA GLN XA 241 68.27 54.06 -35.80
C GLN XA 241 69.17 53.10 -36.57
N ASN XA 242 68.56 52.07 -37.13
CA ASN XA 242 69.25 51.16 -38.05
C ASN XA 242 68.62 51.34 -39.42
N ASN XA 243 69.38 51.88 -40.36
CA ASN XA 243 68.78 52.22 -41.64
C ASN XA 243 69.81 52.12 -42.75
N ASP XA 244 69.33 52.38 -43.96
CA ASP XA 244 70.21 52.60 -45.09
C ASP XA 244 71.11 53.81 -44.86
N SER XA 245 70.59 54.83 -44.19
CA SER XA 245 71.37 56.03 -43.93
C SER XA 245 72.26 55.91 -42.71
N MET XA 246 71.85 55.15 -41.69
CA MET XA 246 72.57 55.26 -40.43
C MET XA 246 72.37 53.99 -39.59
N ASN XA 247 73.29 53.81 -38.64
CA ASN XA 247 73.24 52.69 -37.71
C ASN XA 247 73.30 53.20 -36.28
N ALA XA 248 72.78 52.38 -35.37
CA ALA XA 248 72.53 52.83 -34.01
C ALA XA 248 73.78 52.88 -33.15
N VAL XA 249 74.76 52.03 -33.43
CA VAL XA 249 75.95 51.89 -32.62
C VAL XA 249 77.10 52.62 -33.30
N GLY XA 250 77.86 53.40 -32.53
CA GLY XA 250 78.79 54.34 -33.13
C GLY XA 250 80.26 53.98 -33.12
N THR XA 251 80.65 52.97 -32.36
CA THR XA 251 82.05 52.62 -32.27
C THR XA 251 82.43 51.65 -33.38
N ILE XA 252 83.57 51.90 -34.00
CA ILE XA 252 84.12 50.95 -34.97
C ILE XA 252 84.54 49.70 -34.21
N PRO XA 253 83.97 48.54 -34.52
CA PRO XA 253 84.42 47.31 -33.88
C PRO XA 253 85.85 46.98 -34.27
N THR XA 254 86.55 46.30 -33.37
CA THR XA 254 87.99 46.09 -33.49
C THR XA 254 88.30 44.60 -33.35
N SER XA 255 89.53 44.25 -33.74
CA SER XA 255 89.85 42.90 -34.15
C SER XA 255 89.86 41.89 -33.01
N LYS XA 256 89.57 40.64 -33.36
CA LYS XA 256 89.86 39.46 -32.54
C LYS XA 256 89.07 39.46 -31.24
N HIS XA 257 87.82 39.91 -31.29
CA HIS XA 257 86.89 39.77 -30.18
C HIS XA 257 85.50 40.14 -30.67
N ILE XA 258 84.54 40.10 -29.74
CA ILE XA 258 83.14 40.26 -30.06
C ILE XA 258 82.73 41.70 -29.78
N ASN XA 259 81.89 42.26 -30.63
CA ASN XA 259 81.49 43.65 -30.56
C ASN XA 259 79.99 43.75 -30.78
N VAL XA 260 79.37 44.72 -30.14
CA VAL XA 260 77.94 44.93 -30.35
C VAL XA 260 77.74 45.60 -31.69
N ARG XA 261 76.85 45.02 -32.49
CA ARG XA 261 76.63 45.40 -33.88
C ARG XA 261 75.16 45.69 -34.08
N GLY XA 262 74.86 46.77 -34.79
CA GLY XA 262 73.49 47.07 -35.12
C GLY XA 262 72.88 46.03 -36.03
N VAL XA 263 71.57 45.82 -35.88
CA VAL XA 263 70.86 44.82 -36.66
C VAL XA 263 69.40 45.24 -36.75
N ASN XA 264 68.70 44.75 -37.77
CA ASN XA 264 67.24 44.68 -37.88
C ASN XA 264 66.44 45.87 -38.41
N ASN XA 265 67.04 47.02 -38.73
CA ASN XA 265 66.25 48.10 -39.34
C ASN XA 265 65.09 48.55 -38.46
N ARG XA 266 65.43 49.27 -37.40
CA ARG XA 266 64.48 50.14 -36.72
C ARG XA 266 64.84 51.57 -37.09
N GLY XA 267 63.87 52.33 -37.56
CA GLY XA 267 64.13 53.70 -37.97
C GLY XA 267 62.90 54.55 -37.81
N MET XA 268 63.05 55.85 -38.03
CA MET XA 268 61.94 56.79 -37.89
C MET XA 268 61.52 57.39 -39.22
N ALA XA 269 60.22 57.56 -39.42
CA ALA XA 269 59.70 58.15 -40.64
C ALA XA 269 59.91 59.66 -40.64
N GLY XA 270 60.27 60.19 -41.80
CA GLY XA 270 60.51 61.62 -41.93
C GLY XA 270 59.25 62.46 -41.84
N HIS XA 271 58.95 62.93 -40.62
CA HIS XA 271 57.78 63.76 -40.40
C HIS XA 271 57.97 65.12 -41.06
N TYR XA 272 56.88 65.73 -41.52
CA TYR XA 272 56.97 67.01 -42.18
C TYR XA 272 55.68 67.79 -41.97
N LEU XA 273 55.77 69.10 -42.15
CA LEU XA 273 54.62 69.98 -42.07
C LEU XA 273 54.54 70.84 -43.32
N SER XA 274 53.33 70.98 -43.86
CA SER XA 274 53.14 71.74 -45.08
C SER XA 274 51.71 72.24 -45.10
N PHE XA 275 51.47 73.19 -45.99
CA PHE XA 275 50.12 73.70 -46.14
C PHE XA 275 49.60 73.37 -47.52
N PRO XA 276 48.29 73.16 -47.66
CA PRO XA 276 47.73 72.84 -48.96
C PRO XA 276 47.85 74.03 -49.89
N PRO XA 277 48.16 73.79 -51.16
CA PRO XA 277 48.15 74.91 -52.11
C PRO XA 277 46.75 75.48 -52.25
N ILE XA 278 46.64 76.79 -52.09
CA ILE XA 278 45.38 77.49 -52.29
C ILE XA 278 45.70 78.71 -53.14
N ARG XA 279 45.17 78.75 -54.35
CA ARG XA 279 45.44 79.87 -55.22
C ARG XA 279 44.63 81.08 -54.81
N THR XA 280 45.22 82.25 -55.02
CA THR XA 280 44.60 83.52 -54.74
C THR XA 280 44.58 84.35 -56.02
N ASN XA 281 44.08 85.59 -55.88
CA ASN XA 281 44.22 86.56 -56.96
C ASN XA 281 45.69 86.73 -57.34
N ASP XA 282 46.59 86.65 -56.37
CA ASP XA 282 48.02 86.71 -56.62
C ASP XA 282 48.72 85.59 -55.85
N GLY XA 283 49.35 84.67 -56.58
CA GLY XA 283 50.14 83.65 -55.92
C GLY XA 283 49.31 82.68 -55.11
N GLN XA 284 49.80 82.36 -53.92
CA GLN XA 284 49.24 81.32 -53.08
C GLN XA 284 48.66 81.93 -51.81
N PHE XA 285 47.68 81.23 -51.25
CA PHE XA 285 47.06 81.70 -50.03
C PHE XA 285 48.10 81.68 -48.92
N LYS XA 286 48.11 82.70 -48.09
CA LYS XA 286 49.12 82.78 -47.06
C LYS XA 286 48.55 82.16 -45.79
N LEU XA 287 49.04 80.98 -45.44
CA LEU XA 287 48.65 80.30 -44.22
C LEU XA 287 49.81 80.34 -43.25
N ASN XA 288 49.50 80.70 -42.03
CA ASN XA 288 50.46 80.73 -40.94
C ASN XA 288 49.88 79.83 -39.87
N ALA XA 289 50.74 79.13 -39.15
CA ALA XA 289 50.26 78.18 -38.16
C ALA XA 289 50.94 78.44 -36.83
N GLN XA 290 50.18 78.27 -35.75
CA GLN XA 290 50.74 78.10 -34.43
C GLN XA 290 50.29 76.77 -33.86
N PHE XA 291 51.15 76.13 -33.10
CA PHE XA 291 50.77 74.99 -32.30
C PHE XA 291 51.80 74.85 -31.19
N THR XA 292 51.44 74.09 -30.16
CA THR XA 292 52.35 73.80 -29.08
C THR XA 292 53.08 72.50 -29.38
N LEU XA 293 54.38 72.50 -29.14
CA LEU XA 293 55.20 71.32 -29.34
C LEU XA 293 55.57 70.78 -27.96
N GLU XA 294 55.04 69.62 -27.62
CA GLU XA 294 55.43 68.91 -26.41
C GLU XA 294 56.23 67.69 -26.84
N THR XA 295 57.51 67.68 -26.52
CA THR XA 295 58.36 66.54 -26.79
C THR XA 295 58.69 65.83 -25.50
N GLU XA 296 58.81 64.51 -25.58
CA GLU XA 296 59.23 63.71 -24.44
C GLU XA 296 60.20 62.64 -24.92
N ILE XA 297 61.32 62.51 -24.21
CA ILE XA 297 62.26 61.44 -24.44
C ILE XA 297 62.48 60.73 -23.12
N GLU XA 298 62.35 59.42 -23.12
CA GLU XA 298 62.41 58.63 -21.89
C GLU XA 298 63.72 57.87 -21.86
N PHE XA 299 64.61 58.26 -20.96
CA PHE XA 299 65.89 57.58 -20.82
C PHE XA 299 65.82 56.49 -19.76
N GLU XA 300 66.51 55.39 -20.02
CA GLU XA 300 66.92 54.46 -18.99
C GLU XA 300 68.38 54.72 -18.67
N PHE XA 301 68.74 54.63 -17.40
CA PHE XA 301 70.14 54.77 -17.03
C PHE XA 301 70.48 53.73 -15.99
N ARG XA 302 71.77 53.58 -15.76
CA ARG XA 302 72.31 52.48 -14.97
C ARG XA 302 73.52 52.98 -14.22
N LEU XA 303 73.72 52.48 -13.00
CA LEU XA 303 74.69 53.09 -12.11
C LEU XA 303 75.97 52.27 -12.05
N TRP XA 304 76.89 52.74 -11.23
CA TRP XA 304 78.26 52.27 -11.15
C TRP XA 304 78.36 50.94 -10.40
N GLU XA 305 79.47 50.26 -10.62
CA GLU XA 305 79.71 48.95 -10.01
C GLU XA 305 79.81 49.08 -8.49
N GLN XA 306 79.21 48.14 -7.79
CA GLN XA 306 79.32 48.11 -6.34
C GLN XA 306 80.69 47.61 -5.92
N GLY XA 307 81.05 47.96 -4.69
CA GLY XA 307 82.30 47.49 -4.13
C GLY XA 307 83.42 48.46 -4.35
N VAL XA 308 84.63 47.98 -4.03
CA VAL XA 308 85.82 48.78 -4.25
C VAL XA 308 86.01 49.08 -5.72
N GLN XA 309 85.43 48.26 -6.59
CA GLN XA 309 85.51 48.53 -8.03
C GLN XA 309 84.91 49.89 -8.37
N GLY XA 310 83.92 50.33 -7.63
CA GLY XA 310 83.25 51.59 -7.88
C GLY XA 310 83.82 52.79 -7.16
N ILE XA 311 84.95 52.64 -6.47
CA ILE XA 311 85.60 53.76 -5.83
C ILE XA 311 86.24 54.65 -6.89
N ASN XA 312 86.07 55.96 -6.75
CA ASN XA 312 86.55 56.90 -7.76
C ASN XA 312 88.02 56.70 -8.06
N SER XA 313 88.84 56.59 -7.03
CA SER XA 313 90.29 56.55 -7.24
C SER XA 313 90.70 55.29 -8.00
N VAL XA 314 90.13 54.14 -7.65
CA VAL XA 314 90.51 52.88 -8.27
C VAL XA 314 89.60 52.49 -9.42
N HIS XA 315 88.53 53.25 -9.69
CA HIS XA 315 87.64 52.86 -10.78
C HIS XA 315 88.26 53.11 -12.15
N THR XA 316 89.24 54.00 -12.24
CA THR XA 316 89.88 54.25 -13.53
C THR XA 316 90.50 52.97 -14.08
N ASN XA 317 91.36 52.35 -13.30
CA ASN XA 317 92.05 51.14 -13.72
C ASN XA 317 91.34 49.84 -13.34
N LEU XA 318 90.32 49.88 -12.49
CA LEU XA 318 89.45 48.73 -12.29
C LEU XA 318 88.17 48.76 -13.11
N ASN XA 319 87.99 49.77 -13.95
CA ASN XA 319 86.85 49.79 -14.84
C ASN XA 319 86.84 48.52 -15.68
N PRO XA 320 85.70 47.85 -15.82
CA PRO XA 320 85.66 46.62 -16.63
C PRO XA 320 86.01 46.91 -18.08
N ALA XA 321 86.85 46.07 -18.65
CA ALA XA 321 87.12 46.19 -20.08
C ALA XA 321 85.97 45.70 -20.92
N ASN XA 322 84.99 45.01 -20.33
CA ASN XA 322 83.82 44.57 -21.06
C ASN XA 322 82.71 45.60 -21.04
N ASP XA 323 82.95 46.79 -20.51
CA ASP XA 323 82.04 47.89 -20.80
C ASP XA 323 81.85 48.04 -22.29
N SER XA 324 82.95 47.99 -23.04
CA SER XA 324 82.87 48.10 -24.50
C SER XA 324 81.94 47.07 -25.08
N LEU XA 325 81.66 46.01 -24.34
CA LEU XA 325 80.76 44.99 -24.83
C LEU XA 325 79.32 45.50 -24.82
N TRP XA 326 78.84 45.98 -23.67
CA TRP XA 326 77.50 46.56 -23.56
C TRP XA 326 77.45 48.08 -23.57
N ILE XA 327 78.56 48.81 -23.56
CA ILE XA 327 78.45 50.29 -23.58
C ILE XA 327 79.03 50.88 -24.84
N GLN XA 328 78.20 51.55 -25.64
CA GLN XA 328 78.53 51.66 -27.06
C GLN XA 328 78.56 53.02 -27.75
N SER XA 329 78.41 54.11 -27.02
CA SER XA 329 78.38 55.49 -27.58
C SER XA 329 77.18 55.77 -28.53
N TYR XA 330 77.32 56.72 -29.44
CA TYR XA 330 76.21 57.09 -30.34
C TYR XA 330 76.54 56.78 -31.79
N GLY XA 331 75.55 56.32 -32.55
CA GLY XA 331 75.89 55.78 -33.85
C GLY XA 331 76.21 56.76 -34.95
N SER XA 332 75.29 57.66 -35.24
CA SER XA 332 75.38 58.47 -36.44
C SER XA 332 74.94 59.88 -36.13
N LEU XA 333 75.69 60.84 -36.65
CA LEU XA 333 75.53 62.23 -36.32
C LEU XA 333 74.78 62.94 -37.43
N VAL XA 334 73.95 63.92 -37.05
CA VAL XA 334 73.48 64.85 -38.06
C VAL XA 334 74.68 65.60 -38.58
N SER XA 335 74.56 66.11 -39.80
CA SER XA 335 75.69 66.75 -40.44
C SER XA 335 75.65 68.23 -40.09
N ILE XA 336 76.62 68.67 -39.30
CA ILE XA 336 76.65 70.01 -38.73
C ILE XA 336 77.94 70.66 -39.16
N THR XA 337 77.86 71.72 -39.95
CA THR XA 337 78.98 72.63 -40.11
C THR XA 337 78.63 73.90 -39.36
N GLU XA 338 79.61 74.45 -38.66
CA GLU XA 338 79.40 75.56 -37.74
C GLU XA 338 78.29 75.13 -36.79
N SER XA 339 77.28 75.95 -36.54
CA SER XA 339 76.12 75.58 -35.75
C SER XA 339 74.95 75.11 -36.61
N LYS XA 340 75.15 74.99 -37.91
CA LYS XA 340 74.05 74.90 -38.86
C LYS XA 340 73.95 73.50 -39.43
N ILE XA 341 72.72 72.97 -39.48
CA ILE XA 341 72.50 71.62 -40.00
C ILE XA 341 72.65 71.64 -41.51
N ASN XA 342 73.46 70.73 -42.03
CA ASN XA 342 73.64 70.64 -43.48
C ASN XA 342 72.48 69.91 -44.14
N ASN XA 343 72.04 68.81 -43.54
CA ASN XA 343 71.00 67.98 -44.11
C ASN XA 343 70.40 67.17 -42.97
N ILE XA 344 69.21 66.63 -43.21
CA ILE XA 344 68.61 65.69 -42.28
C ILE XA 344 68.26 64.42 -43.04
N GLN XA 345 68.69 63.29 -42.50
CA GLN XA 345 68.39 61.97 -43.04
C GLN XA 345 67.28 61.36 -42.20
N PHE XA 346 66.38 60.63 -42.84
CA PHE XA 346 65.27 60.04 -42.09
C PHE XA 346 65.35 58.52 -42.00
N GLY XA 347 65.25 57.81 -43.12
CA GLY XA 347 65.35 56.36 -43.09
C GLY XA 347 64.50 55.60 -42.09
N PRO XA 348 63.21 55.46 -42.39
CA PRO XA 348 62.19 54.79 -41.59
C PRO XA 348 62.31 53.28 -41.60
N THR XA 349 61.57 52.60 -40.74
CA THR XA 349 61.61 51.16 -40.78
C THR XA 349 60.70 50.95 -41.95
N CYS XA 350 61.26 50.62 -43.11
CA CYS XA 350 60.40 50.51 -44.27
C CYS XA 350 59.61 49.24 -44.24
N PRO XA 351 58.35 49.34 -44.69
CA PRO XA 351 57.41 48.22 -44.65
C PRO XA 351 57.74 47.11 -45.61
N ARG XA 352 58.56 47.36 -46.63
CA ARG XA 352 58.88 46.32 -47.58
C ARG XA 352 60.09 45.48 -47.20
N VAL XA 353 60.82 45.84 -46.15
CA VAL XA 353 61.76 44.91 -45.54
C VAL XA 353 60.98 43.76 -44.94
N ASP XA 354 61.55 42.56 -45.02
CA ASP XA 354 60.92 41.38 -44.46
C ASP XA 354 60.58 41.62 -42.99
N ALA XA 355 59.36 41.27 -42.60
CA ALA XA 355 58.94 41.48 -41.23
C ALA XA 355 59.82 40.75 -40.23
N ARG XA 356 60.54 39.73 -40.67
CA ARG XA 356 61.44 39.02 -39.78
C ARG XA 356 62.67 39.86 -39.48
N ASN XA 357 63.03 40.77 -40.37
CA ASN XA 357 64.13 41.70 -40.10
C ASN XA 357 63.70 42.85 -39.22
N LYS XA 358 62.44 43.25 -39.26
CA LYS XA 358 62.02 44.50 -38.66
C LYS XA 358 61.75 44.40 -37.17
N GLY XA 359 62.02 43.25 -36.56
CA GLY XA 359 61.61 43.02 -35.19
C GLY XA 359 62.37 43.80 -34.14
N GLY XA 360 62.26 43.38 -32.89
CA GLY XA 360 62.54 44.23 -31.76
C GLY XA 360 63.95 44.72 -31.51
N LYS XA 361 64.90 43.82 -31.39
CA LYS XA 361 66.20 44.15 -30.82
C LYS XA 361 67.11 44.81 -31.84
N MET XA 362 67.62 45.99 -31.52
CA MET XA 362 68.40 46.78 -32.48
C MET XA 362 69.89 46.48 -32.47
N SER XA 363 70.35 45.54 -31.68
CA SER XA 363 71.77 45.24 -31.73
C SER XA 363 71.99 43.76 -31.47
N MET XA 364 73.14 43.29 -31.90
CA MET XA 364 73.55 41.93 -31.67
C MET XA 364 75.01 41.97 -31.26
N LEU XA 365 75.43 40.98 -30.51
CA LEU XA 365 76.79 40.92 -30.00
C LEU XA 365 77.53 39.94 -30.89
N PHE XA 366 78.27 40.49 -31.83
CA PHE XA 366 78.91 39.74 -32.90
C PHE XA 366 80.38 40.05 -33.04
N ASP XA 367 81.18 39.03 -33.26
CA ASP XA 367 82.64 39.18 -33.36
C ASP XA 367 83.17 39.83 -34.62
N HIS XA 368 84.38 40.34 -34.50
CA HIS XA 368 85.05 40.96 -35.64
C HIS XA 368 86.43 40.34 -35.78
N HIS XA 369 86.79 39.97 -37.00
CA HIS XA 369 88.10 39.36 -37.23
C HIS XA 369 89.08 40.34 -37.88
N GLU YA 36 55.65 -2.50 -55.16
CA GLU YA 36 56.04 -3.64 -54.34
C GLU YA 36 57.53 -3.89 -54.48
N GLY YA 37 58.13 -4.50 -53.47
CA GLY YA 37 59.56 -4.76 -53.49
C GLY YA 37 60.35 -3.58 -52.95
N ASP YA 38 61.66 -3.72 -53.02
CA ASP YA 38 62.56 -2.67 -52.55
C ASP YA 38 62.82 -1.61 -53.60
N GLY YA 39 62.22 -1.73 -54.78
CA GLY YA 39 62.38 -0.77 -55.84
C GLY YA 39 63.21 -1.26 -56.99
N SER YA 40 63.94 -2.35 -56.79
CA SER YA 40 64.84 -2.92 -57.78
C SER YA 40 64.18 -3.36 -59.07
N ALA YA 41 62.86 -3.38 -59.11
CA ALA YA 41 62.10 -3.81 -60.28
C ALA YA 41 62.14 -2.79 -61.40
N PRO YA 42 61.77 -3.19 -62.60
CA PRO YA 42 61.80 -2.21 -63.68
C PRO YA 42 60.88 -1.01 -63.49
N GLY YA 43 59.69 -1.13 -62.93
CA GLY YA 43 58.81 0.02 -62.79
C GLY YA 43 58.46 0.44 -61.37
N GLY YA 44 58.04 1.68 -61.16
CA GLY YA 44 57.70 2.15 -59.83
C GLY YA 44 58.73 3.05 -59.19
N SER YA 45 59.07 2.78 -57.94
CA SER YA 45 60.06 3.58 -57.20
C SER YA 45 61.51 3.20 -57.47
N VAL YA 46 62.41 4.14 -57.31
CA VAL YA 46 63.84 3.99 -57.55
C VAL YA 46 64.56 3.30 -56.42
N TRP YA 47 65.31 2.26 -56.73
CA TRP YA 47 66.08 1.60 -55.71
C TRP YA 47 67.19 2.57 -55.44
N GLN YA 48 67.40 2.92 -54.18
CA GLN YA 48 68.44 3.88 -53.87
C GLN YA 48 69.34 3.35 -52.77
N THR YA 49 70.59 3.78 -52.81
CA THR YA 49 71.65 3.28 -51.96
C THR YA 49 71.50 3.79 -50.53
N THR YA 50 72.18 3.11 -49.62
CA THR YA 50 72.10 3.44 -48.20
C THR YA 50 72.63 4.83 -47.91
N ASP YA 51 72.17 5.38 -46.79
CA ASP YA 51 72.49 6.74 -46.39
C ASP YA 51 73.86 6.80 -45.74
N TYR YA 52 74.73 7.65 -46.25
CA TYR YA 52 76.02 7.88 -45.64
C TYR YA 52 76.06 9.04 -44.65
N ILE YA 53 74.99 9.82 -44.53
CA ILE YA 53 74.99 10.93 -43.58
C ILE YA 53 74.91 10.43 -42.16
N ALA YA 54 73.98 9.51 -41.89
CA ALA YA 54 73.63 9.15 -40.52
C ALA YA 54 74.85 8.84 -39.68
N LEU YA 55 75.82 8.13 -40.24
CA LEU YA 55 77.02 7.79 -39.49
C LEU YA 55 78.03 8.92 -39.43
N SER YA 56 77.98 9.87 -40.36
CA SER YA 56 78.89 11.00 -40.27
C SER YA 56 78.42 12.05 -39.28
N MET YA 57 77.12 12.07 -38.97
CA MET YA 57 76.58 13.04 -38.02
C MET YA 57 76.54 12.55 -36.59
N VAL YA 58 76.81 11.27 -36.34
CA VAL YA 58 76.70 10.78 -34.97
C VAL YA 58 77.77 11.43 -34.11
N VAL YA 59 77.34 12.00 -32.99
CA VAL YA 59 78.23 12.73 -32.09
C VAL YA 59 78.61 11.79 -30.96
N TYR YA 60 79.90 11.55 -30.81
CA TYR YA 60 80.42 10.74 -29.72
C TYR YA 60 80.97 11.66 -28.66
N ARG YA 61 80.84 11.25 -27.40
CA ARG YA 61 81.05 12.16 -26.29
C ARG YA 61 81.99 11.52 -25.28
N THR YA 62 83.13 12.15 -25.07
CA THR YA 62 84.12 11.64 -24.12
C THR YA 62 84.50 12.70 -23.11
N ALA YA 63 85.48 12.42 -22.26
CA ALA YA 63 85.93 13.39 -21.27
C ALA YA 63 87.35 13.06 -20.87
N ILE YA 64 88.02 14.05 -20.28
CA ILE YA 64 89.35 13.89 -19.73
C ILE YA 64 89.33 14.38 -18.29
N LYS YA 65 89.56 13.47 -17.36
CA LYS YA 65 89.55 13.79 -15.94
C LYS YA 65 90.95 13.61 -15.38
N LEU YA 66 91.39 14.58 -14.59
CA LEU YA 66 92.73 14.57 -14.02
C LEU YA 66 92.68 15.09 -12.60
N ARG YA 67 93.46 14.48 -11.71
CA ARG YA 67 93.60 14.96 -10.34
C ARG YA 67 95.00 15.45 -10.07
N ASN YA 68 95.09 16.36 -9.11
CA ASN YA 68 96.31 17.05 -8.81
C ASN YA 68 96.24 17.46 -7.35
N PHE YA 69 97.40 17.62 -6.71
CA PHE YA 69 97.49 18.25 -5.41
C PHE YA 69 98.12 19.62 -5.58
N VAL YA 70 97.48 20.63 -5.02
CA VAL YA 70 97.95 22.00 -5.14
C VAL YA 70 98.47 22.44 -3.78
N ASN YA 71 99.66 23.02 -3.77
CA ASN YA 71 100.27 23.57 -2.58
C ASN YA 71 100.52 25.06 -2.84
N ILE YA 72 99.84 25.91 -2.10
CA ILE YA 72 99.96 27.35 -2.24
C ILE YA 72 100.68 27.87 -1.02
N ARG YA 73 101.91 28.35 -1.20
CA ARG YA 73 102.71 28.82 -0.08
C ARG YA 73 103.20 30.24 -0.31
N GLY YA 74 103.45 30.94 0.79
CA GLY YA 74 104.06 32.25 0.71
C GLY YA 74 103.28 33.27 -0.08
N LEU YA 75 101.95 33.22 0.01
CA LEU YA 75 101.08 34.09 -0.75
C LEU YA 75 100.60 35.19 0.18
N THR YA 76 101.06 36.41 -0.03
CA THR YA 76 100.67 37.52 0.82
C THR YA 76 99.26 37.97 0.46
N PRO YA 77 98.60 38.75 1.34
CA PRO YA 77 97.20 39.12 1.06
C PRO YA 77 97.01 39.99 -0.16
N THR YA 78 98.04 40.71 -0.60
CA THR YA 78 97.90 41.50 -1.81
C THR YA 78 97.96 40.63 -3.05
N GLU YA 79 98.93 39.72 -3.11
CA GLU YA 79 99.08 38.82 -4.23
C GLU YA 79 98.04 37.71 -4.18
N MET YA 80 97.80 37.10 -5.34
CA MET YA 80 96.64 36.26 -5.56
C MET YA 80 96.96 35.19 -6.59
N ILE YA 81 96.42 34.00 -6.39
CA ILE YA 81 96.61 32.89 -7.32
C ILE YA 81 95.59 32.98 -8.42
N VAL YA 82 96.06 32.95 -9.66
CA VAL YA 82 95.21 32.97 -10.84
C VAL YA 82 94.91 31.53 -11.23
N ILE YA 83 93.64 31.18 -11.29
CA ILE YA 83 93.26 29.82 -11.68
C ILE YA 83 93.27 29.82 -13.20
N PRO YA 84 94.18 29.16 -13.85
CA PRO YA 84 94.19 29.15 -15.32
C PRO YA 84 93.09 28.25 -15.86
N TRP YA 85 91.86 28.49 -15.42
CA TRP YA 85 90.81 27.52 -15.66
C TRP YA 85 90.09 27.80 -16.96
N ASN YA 86 90.39 28.92 -17.60
CA ASN YA 86 89.82 29.24 -18.90
C ASN YA 86 90.74 28.90 -20.05
N VAL YA 87 91.91 28.32 -19.80
CA VAL YA 87 92.79 27.88 -20.86
C VAL YA 87 92.57 26.39 -21.09
N MET YA 88 92.51 26.01 -22.36
CA MET YA 88 92.15 24.65 -22.72
C MET YA 88 93.18 23.65 -22.20
N ARG YA 89 94.45 24.04 -22.23
CA ARG YA 89 95.54 23.15 -21.82
C ARG YA 89 95.48 22.79 -20.35
N PHE YA 90 94.73 23.54 -19.55
CA PHE YA 90 94.62 23.26 -18.13
C PHE YA 90 93.95 21.91 -17.89
N TYR YA 91 92.87 21.63 -18.61
CA TYR YA 91 92.06 20.45 -18.33
C TYR YA 91 92.62 19.19 -18.96
N CYS YA 92 93.04 19.27 -20.22
CA CYS YA 92 93.39 18.09 -21.00
C CYS YA 92 94.88 17.82 -21.08
N GLU YA 93 95.72 18.65 -20.48
CA GLU YA 93 97.14 18.40 -20.39
C GLU YA 93 97.56 18.56 -18.95
N TYR YA 94 98.38 17.64 -18.47
CA TYR YA 94 98.64 17.52 -17.04
C TYR YA 94 99.99 18.17 -16.78
N ASN YA 95 99.97 19.36 -16.21
CA ASN YA 95 101.22 20.05 -15.95
C ASN YA 95 101.37 20.12 -14.44
N THR YA 96 102.24 19.26 -13.92
CA THR YA 96 102.54 19.24 -12.50
C THR YA 96 103.98 18.85 -12.34
N GLY YA 97 104.75 19.61 -11.55
CA GLY YA 97 106.07 19.16 -11.20
C GLY YA 97 106.93 18.82 -12.40
N THR YA 98 107.44 17.59 -12.42
CA THR YA 98 108.33 17.14 -13.48
C THR YA 98 107.57 16.78 -14.77
N TYR YA 99 106.27 16.49 -14.68
CA TYR YA 99 105.53 16.09 -15.87
C TYR YA 99 105.65 17.10 -17.00
N GLY YA 100 105.30 18.36 -16.71
CA GLY YA 100 105.35 19.40 -17.73
C GLY YA 100 106.70 19.55 -18.37
N LEU YA 101 107.78 19.14 -17.69
CA LEU YA 101 109.11 19.17 -18.29
C LEU YA 101 109.26 18.03 -19.29
N SER YA 102 108.70 16.87 -18.99
CA SER YA 102 108.72 15.75 -19.92
C SER YA 102 107.77 16.01 -21.08
N GLY YA 103 108.00 15.28 -22.16
CA GLY YA 103 107.29 15.54 -23.41
C GLY YA 103 105.95 14.84 -23.52
N ASN YA 104 105.06 15.48 -24.27
CA ASN YA 104 103.75 14.93 -24.64
C ASN YA 104 103.00 14.42 -23.41
N VAL YA 105 102.58 15.38 -22.59
CA VAL YA 105 101.84 15.06 -21.38
C VAL YA 105 100.33 15.14 -21.61
N HIS YA 106 99.91 15.38 -22.84
CA HIS YA 106 98.49 15.35 -23.15
C HIS YA 106 97.88 14.00 -22.79
N HIS YA 107 96.63 14.03 -22.36
CA HIS YA 107 95.92 12.80 -22.10
C HIS YA 107 95.64 12.07 -23.41
N LYS YA 108 95.64 10.74 -23.36
CA LYS YA 108 95.56 9.98 -24.60
C LYS YA 108 94.18 10.04 -25.24
N ASN YA 109 93.13 10.34 -24.48
CA ASN YA 109 91.85 10.60 -25.12
C ASN YA 109 91.94 11.83 -26.00
N TYR YA 110 92.79 12.79 -25.65
CA TYR YA 110 92.88 13.96 -26.50
C TYR YA 110 93.72 13.69 -27.73
N SER YA 111 94.75 12.86 -27.62
CA SER YA 111 95.58 12.55 -28.77
C SER YA 111 94.76 11.93 -29.88
N MET YA 112 93.75 11.14 -29.54
CA MET YA 112 92.90 10.57 -30.58
C MET YA 112 91.80 11.52 -31.04
N LEU YA 113 91.44 12.52 -30.25
CA LEU YA 113 90.51 13.52 -30.75
C LEU YA 113 91.06 14.20 -31.99
N LEU YA 114 92.36 14.13 -32.20
CA LEU YA 114 92.99 14.57 -33.43
C LEU YA 114 92.93 13.50 -34.51
N ALA YA 115 92.60 12.26 -34.16
CA ALA YA 115 92.40 11.22 -35.15
C ALA YA 115 91.03 11.31 -35.80
N CYS YA 116 90.00 11.59 -35.01
CA CYS YA 116 88.68 11.85 -35.57
C CYS YA 116 88.66 13.22 -36.24
N LYS YA 117 87.71 13.43 -37.13
CA LYS YA 117 87.82 14.63 -37.97
C LYS YA 117 87.38 15.89 -37.24
N ALA YA 118 86.52 15.79 -36.24
CA ALA YA 118 86.01 16.94 -35.54
C ALA YA 118 85.90 16.62 -34.06
N HIS YA 119 86.25 17.59 -33.23
CA HIS YA 119 86.01 17.48 -31.81
C HIS YA 119 85.57 18.84 -31.29
N ARG YA 120 84.79 18.82 -30.22
CA ARG YA 120 84.33 20.05 -29.64
C ARG YA 120 84.38 19.95 -28.12
N PRO YA 121 84.83 21.02 -27.45
CA PRO YA 121 85.12 20.92 -26.01
C PRO YA 121 83.93 20.85 -25.09
N THR YA 122 82.75 21.36 -25.47
CA THR YA 122 81.55 21.36 -24.62
C THR YA 122 81.85 21.77 -23.19
N LYS YA 123 81.34 21.02 -22.21
CA LYS YA 123 81.45 21.45 -20.82
C LYS YA 123 82.89 21.32 -20.32
N VAL YA 124 83.23 22.18 -19.36
CA VAL YA 124 84.55 22.18 -18.74
C VAL YA 124 84.38 22.62 -17.30
N GLY YA 125 85.19 22.05 -16.41
CA GLY YA 125 85.03 22.39 -15.00
C GLY YA 125 86.14 21.83 -14.15
N TYR YA 126 86.12 22.19 -12.88
CA TYR YA 126 87.13 21.70 -11.94
C TYR YA 126 86.59 21.73 -10.54
N THR YA 127 87.28 21.03 -9.64
CA THR YA 127 86.87 20.89 -8.26
C THR YA 127 88.06 21.13 -7.34
N LEU YA 128 87.87 21.95 -6.32
CA LEU YA 128 88.80 22.11 -5.21
C LEU YA 128 88.25 21.36 -4.01
N SER YA 129 89.10 20.55 -3.39
CA SER YA 129 88.59 19.65 -2.37
C SER YA 129 89.61 19.45 -1.26
N ASN YA 130 89.10 19.15 -0.06
CA ASN YA 130 89.90 18.77 1.10
C ASN YA 130 91.06 19.73 1.34
N LEU YA 131 90.66 20.92 1.76
CA LEU YA 131 91.60 21.98 2.02
C LEU YA 131 92.38 21.70 3.29
N ILE YA 132 93.69 21.92 3.23
CA ILE YA 132 94.56 21.82 4.40
C ILE YA 132 95.34 23.13 4.47
N LEU YA 133 95.11 23.88 5.53
CA LEU YA 133 95.89 25.08 5.82
C LEU YA 133 96.99 24.75 6.80
N THR YA 134 98.17 25.30 6.53
CA THR YA 134 99.31 25.18 7.42
C THR YA 134 99.86 26.57 7.68
N SER YA 135 100.72 26.69 8.69
CA SER YA 135 101.24 27.98 9.10
C SER YA 135 102.75 27.91 9.24
N ASP YA 136 103.43 28.90 8.68
CA ASP YA 136 104.86 29.08 8.88
C ASP YA 136 105.16 29.93 10.10
N GLU YA 137 104.14 30.29 10.87
CA GLU YA 137 104.33 31.21 11.99
C GLU YA 137 105.36 30.69 12.98
N LEU YA 138 105.38 29.40 13.24
CA LEU YA 138 106.39 28.83 14.12
C LEU YA 138 107.74 28.73 13.45
N VAL YA 139 107.80 28.85 12.13
CA VAL YA 139 109.05 28.75 11.40
C VAL YA 139 109.84 30.03 11.55
N SER YA 140 111.15 29.89 11.74
CA SER YA 140 112.06 31.02 11.78
C SER YA 140 113.36 30.61 11.11
N THR YA 141 114.19 31.60 10.78
CA THR YA 141 115.46 31.30 10.12
C THR YA 141 116.35 30.41 10.98
N GLY YA 142 116.19 30.47 12.30
CA GLY YA 142 116.91 29.55 13.15
C GLY YA 142 116.46 28.11 12.98
N GLY YA 143 115.21 27.92 12.58
CA GLY YA 143 114.72 26.59 12.28
C GLY YA 143 114.24 25.85 13.51
N THR YA 144 114.42 24.53 13.49
CA THR YA 144 114.08 23.59 14.56
C THR YA 144 112.57 23.43 14.72
N LEU YA 145 111.78 24.30 14.11
CA LEU YA 145 110.33 24.17 14.07
C LEU YA 145 109.86 24.40 12.65
N GLY YA 146 109.12 23.45 12.11
CA GLY YA 146 108.60 23.55 10.77
C GLY YA 146 107.15 23.99 10.75
N THR YA 147 106.61 24.11 9.54
CA THR YA 147 105.22 24.50 9.41
C THR YA 147 104.32 23.40 9.91
N THR YA 148 103.12 23.77 10.33
CA THR YA 148 102.16 22.78 10.77
C THR YA 148 100.77 23.35 10.56
N THR YA 149 99.79 22.47 10.52
CA THR YA 149 98.41 22.88 10.31
C THR YA 149 97.98 23.90 11.36
N THR YA 150 97.09 24.80 10.94
CA THR YA 150 96.66 25.87 11.83
C THR YA 150 96.08 25.31 13.12
N PHE YA 151 96.31 26.04 14.21
CA PHE YA 151 95.90 25.57 15.53
C PHE YA 151 94.40 25.35 15.61
N ASN YA 152 93.62 26.19 14.95
CA ASN YA 152 92.20 25.98 14.83
C ASN YA 152 91.78 26.19 13.38
N THR YA 153 90.56 25.80 13.08
CA THR YA 153 90.06 25.77 11.71
C THR YA 153 89.44 27.09 11.27
N SER YA 154 89.51 28.12 12.11
CA SER YA 154 88.98 29.43 11.72
C SER YA 154 89.62 30.03 10.47
N PRO YA 155 90.91 29.87 10.17
CA PRO YA 155 91.46 30.45 8.95
C PRO YA 155 90.83 29.83 7.72
N TYR YA 156 90.97 30.53 6.60
CA TYR YA 156 90.32 30.13 5.36
C TYR YA 156 91.11 30.62 4.17
N MET YA 157 90.87 30.01 3.03
CA MET YA 157 91.39 30.46 1.76
C MET YA 157 90.23 30.99 0.93
N ILE YA 158 90.42 32.16 0.33
CA ILE YA 158 89.35 32.86 -0.35
C ILE YA 158 89.36 32.43 -1.80
N HIS YA 159 88.27 31.87 -2.29
CA HIS YA 159 88.11 31.59 -3.71
C HIS YA 159 87.27 32.69 -4.32
N SER YA 160 87.87 33.47 -5.21
CA SER YA 160 87.23 34.64 -5.78
C SER YA 160 86.88 34.38 -7.23
N ILE YA 161 85.65 34.69 -7.60
CA ILE YA 161 85.20 34.67 -8.99
C ILE YA 161 84.92 36.10 -9.38
N ASP YA 162 85.61 36.61 -10.40
CA ASP YA 162 85.41 38.00 -10.76
C ASP YA 162 84.34 38.04 -11.84
N ASP YA 163 83.14 38.44 -11.45
CA ASP YA 163 82.01 38.54 -12.37
C ASP YA 163 82.02 39.85 -13.12
N GLN YA 164 82.33 40.93 -12.44
CA GLN YA 164 82.30 42.26 -13.01
C GLN YA 164 83.56 42.57 -13.78
N GLN YA 165 84.50 41.63 -13.82
CA GLN YA 165 85.77 41.79 -14.52
C GLN YA 165 86.52 43.01 -13.99
N CYS YA 166 86.74 43.03 -12.68
CA CYS YA 166 87.66 43.99 -12.11
C CYS YA 166 89.01 43.88 -12.79
N LEU YA 167 89.46 42.66 -13.03
CA LEU YA 167 90.72 42.39 -13.71
C LEU YA 167 90.40 41.81 -15.08
N SER YA 168 90.66 42.59 -16.12
CA SER YA 168 90.46 42.13 -17.48
C SER YA 168 91.60 41.21 -17.91
N LYS YA 169 92.82 41.62 -17.63
CA LYS YA 169 94.03 40.95 -18.07
C LYS YA 169 94.99 40.91 -16.90
N VAL YA 170 95.55 39.73 -16.64
CA VAL YA 170 96.29 39.47 -15.42
C VAL YA 170 97.72 39.12 -15.79
N TYR YA 171 98.67 39.74 -15.11
CA TYR YA 171 100.09 39.54 -15.36
C TYR YA 171 100.75 38.91 -14.15
N PRO YA 172 101.85 38.18 -14.37
CA PRO YA 172 102.62 37.67 -13.23
C PRO YA 172 103.26 38.79 -12.44
N LYS YA 173 103.67 38.47 -11.21
CA LYS YA 173 104.38 39.43 -10.40
C LYS YA 173 105.72 39.80 -11.03
N THR YA 174 106.24 40.95 -10.64
CA THR YA 174 107.43 41.50 -11.27
C THR YA 174 108.56 40.49 -11.31
N ASP YA 175 108.85 39.85 -10.18
CA ASP YA 175 109.97 38.92 -10.15
C ASP YA 175 109.62 37.57 -10.77
N THR YA 176 108.40 37.09 -10.52
CA THR YA 176 108.07 35.72 -10.91
C THR YA 176 107.70 35.66 -12.39
N VAL YA 177 107.40 34.45 -12.85
CA VAL YA 177 106.94 34.21 -14.21
C VAL YA 177 106.06 32.96 -14.16
N TRP YA 178 105.19 32.83 -15.16
CA TRP YA 178 104.23 31.73 -15.19
C TRP YA 178 104.67 30.69 -16.21
N PRO YA 179 105.19 29.55 -15.78
CA PRO YA 179 105.46 28.48 -16.74
C PRO YA 179 104.18 27.79 -17.15
N VAL YA 180 104.14 27.33 -18.40
CA VAL YA 180 102.99 26.54 -18.78
C VAL YA 180 103.14 25.12 -18.26
N SER YA 181 104.38 24.66 -18.09
CA SER YA 181 104.62 23.35 -17.52
C SER YA 181 104.17 23.24 -16.08
N SER YA 182 103.99 24.37 -15.41
CA SER YA 182 103.57 24.43 -14.02
C SER YA 182 102.07 24.63 -13.87
N MET YA 183 101.32 24.60 -14.96
CA MET YA 183 99.98 25.16 -14.98
C MET YA 183 99.06 24.56 -13.93
N ARG YA 184 99.02 23.22 -13.83
CA ARG YA 184 97.96 22.62 -13.01
C ARG YA 184 98.23 22.68 -11.52
N GLU YA 185 99.47 22.73 -11.05
CA GLU YA 185 99.68 23.08 -9.66
C GLU YA 185 99.70 24.60 -9.64
N LEU YA 186 98.92 25.20 -8.76
CA LEU YA 186 98.58 26.58 -9.02
C LEU YA 186 99.65 27.40 -8.31
N ASP YA 187 100.63 27.84 -9.09
CA ASP YA 187 101.65 28.76 -8.66
C ASP YA 187 101.48 30.16 -9.22
N TYR YA 188 100.48 30.42 -10.06
CA TYR YA 188 100.50 31.68 -10.78
C TYR YA 188 100.04 32.77 -9.84
N VAL YA 189 100.92 33.72 -9.56
CA VAL YA 189 100.69 34.75 -8.58
C VAL YA 189 100.60 36.08 -9.28
N ALA YA 190 99.47 36.74 -9.16
CA ALA YA 190 99.27 38.09 -9.62
C ALA YA 190 99.26 39.01 -8.42
N SER YA 191 99.76 40.21 -8.60
CA SER YA 191 99.67 41.24 -7.57
C SER YA 191 98.76 42.32 -8.14
N THR YA 192 97.55 42.42 -7.58
CA THR YA 192 96.58 43.40 -8.04
C THR YA 192 96.86 44.70 -7.30
N VAL YA 193 97.17 45.76 -8.05
CA VAL YA 193 97.65 47.00 -7.48
C VAL YA 193 97.02 48.16 -8.24
N SER YA 194 96.49 49.13 -7.51
CA SER YA 194 96.04 50.38 -8.09
C SER YA 194 97.26 51.28 -8.28
N GLY YA 195 97.06 52.56 -8.55
CA GLY YA 195 98.25 53.35 -8.81
C GLY YA 195 99.21 53.40 -7.63
N ASP YA 196 98.77 53.91 -6.49
CA ASP YA 196 99.51 53.79 -5.24
C ASP YA 196 98.99 52.69 -4.33
N ASN YA 197 97.91 52.02 -4.69
CA ASN YA 197 97.14 51.22 -3.75
C ASN YA 197 97.32 49.74 -4.07
N ALA YA 198 97.67 48.96 -3.04
CA ALA YA 198 97.65 47.51 -3.17
C ALA YA 198 96.24 47.02 -2.95
N ILE YA 199 95.69 46.33 -3.93
CA ILE YA 199 94.32 45.85 -3.86
C ILE YA 199 94.31 44.52 -3.10
N ILE YA 200 93.46 44.41 -2.08
CA ILE YA 200 93.15 43.11 -1.49
C ILE YA 200 92.15 42.44 -2.43
N PRO YA 201 92.51 41.30 -3.04
CA PRO YA 201 91.67 40.76 -4.13
C PRO YA 201 90.25 40.46 -3.71
N SER YA 202 90.05 39.93 -2.51
CA SER YA 202 88.70 39.58 -2.07
C SER YA 202 87.77 40.78 -2.01
N THR YA 203 88.31 41.98 -1.91
CA THR YA 203 87.45 43.15 -1.73
C THR YA 203 86.81 43.62 -3.03
N ILE YA 204 87.55 43.53 -4.14
CA ILE YA 204 87.00 43.99 -5.41
C ILE YA 204 86.11 42.94 -6.05
N PHE YA 205 86.47 41.66 -5.93
CA PHE YA 205 85.80 40.62 -6.69
C PHE YA 205 84.38 40.39 -6.17
N ASN YA 206 83.56 39.81 -7.03
CA ASN YA 206 82.13 39.71 -6.76
C ASN YA 206 81.82 38.53 -5.85
N LYS YA 207 81.92 37.32 -6.37
CA LYS YA 207 81.72 36.13 -5.55
C LYS YA 207 83.05 35.78 -4.90
N ASN YA 208 83.05 35.79 -3.57
CA ASN YA 208 84.20 35.41 -2.77
C ASN YA 208 83.73 34.36 -1.78
N ARG YA 209 84.24 33.15 -1.93
CA ARG YA 209 83.93 32.05 -1.04
C ARG YA 209 85.05 31.91 -0.03
N TYR YA 210 84.73 31.99 1.25
CA TYR YA 210 85.73 31.77 2.28
C TYR YA 210 85.66 30.30 2.64
N TRP YA 211 86.66 29.55 2.25
CA TRP YA 211 86.61 28.10 2.24
C TRP YA 211 87.60 27.59 3.28
N LYS YA 212 87.07 26.91 4.28
CA LYS YA 212 87.82 26.52 5.46
C LYS YA 212 88.16 25.05 5.40
N GLN YA 213 88.83 24.59 6.44
CA GLN YA 213 89.16 23.18 6.59
C GLN YA 213 87.92 22.43 7.03
N GLY YA 214 87.52 21.43 6.24
CA GLY YA 214 86.33 20.68 6.51
C GLY YA 214 85.14 21.06 5.65
N ASP YA 215 85.20 22.21 4.99
CA ASP YA 215 84.12 22.60 4.09
C ASP YA 215 84.03 21.64 2.92
N ASP YA 216 82.85 21.59 2.33
CA ASP YA 216 82.63 20.73 1.18
C ASP YA 216 83.46 21.21 0.00
N ALA YA 217 83.69 20.30 -0.94
CA ALA YA 217 84.48 20.64 -2.12
C ALA YA 217 83.81 21.76 -2.89
N LEU YA 218 84.64 22.55 -3.57
CA LEU YA 218 84.17 23.66 -4.38
C LEU YA 218 84.15 23.23 -5.84
N HIS YA 219 82.96 23.19 -6.43
CA HIS YA 219 82.77 22.70 -7.78
C HIS YA 219 82.50 23.87 -8.71
N PHE YA 220 83.25 23.96 -9.80
CA PHE YA 220 83.07 25.04 -10.76
C PHE YA 220 82.99 24.43 -12.15
N SER YA 221 82.04 24.89 -12.93
CA SER YA 221 81.78 24.32 -14.24
C SER YA 221 81.47 25.42 -15.23
N HIS YA 222 81.71 25.14 -16.49
CA HIS YA 222 81.33 26.04 -17.57
C HIS YA 222 80.81 25.20 -18.72
N ASP YA 223 79.61 25.52 -19.19
CA ASP YA 223 79.03 24.82 -20.32
C ASP YA 223 79.33 25.60 -21.60
N LEU YA 224 79.81 24.91 -22.61
CA LEU YA 224 80.02 25.49 -23.93
C LEU YA 224 78.96 24.97 -24.88
N ASP YA 225 78.23 25.87 -25.52
CA ASP YA 225 77.39 25.52 -26.64
C ASP YA 225 77.96 26.19 -27.87
N LEU YA 226 78.58 25.40 -28.73
CA LEU YA 226 79.19 25.88 -29.96
C LEU YA 226 78.33 25.41 -31.13
N GLY YA 227 78.21 26.26 -32.14
CA GLY YA 227 77.54 25.77 -33.31
C GLY YA 227 78.45 25.06 -34.27
N PHE YA 228 79.72 24.89 -33.92
CA PHE YA 228 80.71 24.39 -34.86
C PHE YA 228 81.64 23.46 -34.11
N TRP YA 229 82.67 22.99 -34.81
CA TRP YA 229 83.56 21.95 -34.35
C TRP YA 229 84.98 22.39 -34.62
N PHE YA 230 85.94 21.69 -34.04
CA PHE YA 230 87.34 22.00 -34.23
C PHE YA 230 88.05 20.83 -34.89
N GLY YA 231 88.90 21.13 -35.87
CA GLY YA 231 89.62 20.08 -36.54
C GLY YA 231 91.08 19.96 -36.17
N SER YA 232 91.60 20.91 -35.41
CA SER YA 232 93.00 20.95 -35.06
C SER YA 232 93.16 20.87 -33.55
N ASP YA 233 94.40 20.88 -33.09
CA ASP YA 233 94.64 20.87 -31.66
C ASP YA 233 94.44 22.27 -31.09
N TYR YA 234 94.12 22.34 -29.80
CA TYR YA 234 93.92 23.63 -29.18
C TYR YA 234 95.22 24.43 -29.15
N GLY YA 235 96.32 23.80 -28.74
CA GLY YA 235 97.60 24.46 -28.86
C GLY YA 235 97.72 25.73 -28.05
N ASN YA 236 97.54 25.60 -26.74
CA ASN YA 236 97.51 26.72 -25.78
C ASN YA 236 96.55 27.82 -26.22
N ALA YA 237 95.33 27.41 -26.52
CA ALA YA 237 94.21 28.31 -26.75
C ALA YA 237 93.32 28.33 -25.52
N TYR YA 238 92.74 29.50 -25.25
CA TYR YA 238 91.67 29.54 -24.26
C TYR YA 238 90.53 28.65 -24.71
N VAL YA 239 89.95 27.91 -23.78
CA VAL YA 239 88.74 27.17 -24.12
C VAL YA 239 87.68 28.14 -24.63
N PRO YA 240 87.01 27.83 -25.74
CA PRO YA 240 86.36 28.88 -26.53
C PRO YA 240 85.43 29.79 -25.75
N GLN YA 241 85.57 31.08 -25.99
CA GLN YA 241 84.83 32.11 -25.30
C GLN YA 241 84.54 33.22 -26.29
N ASN YA 242 83.43 33.91 -26.09
CA ASN YA 242 83.11 35.10 -26.87
C ASN YA 242 83.14 36.28 -25.89
N ASN YA 243 84.10 37.18 -26.07
CA ASN YA 243 84.27 38.23 -25.08
C ASN YA 243 84.83 39.48 -25.72
N ASP YA 244 84.99 40.50 -24.89
CA ASP YA 244 85.77 41.67 -25.27
C ASP YA 244 87.22 41.29 -25.56
N SER YA 245 87.75 40.33 -24.82
CA SER YA 245 89.14 39.92 -25.01
C SER YA 245 89.30 38.92 -26.14
N MET YA 246 88.32 38.06 -26.39
CA MET YA 246 88.58 36.93 -27.27
C MET YA 246 87.29 36.40 -27.88
N ASN YA 247 87.44 35.68 -28.99
CA ASN YA 247 86.33 35.05 -29.68
C ASN YA 247 86.61 33.56 -29.87
N ALA YA 248 85.53 32.80 -30.02
CA ALA YA 248 85.61 31.35 -29.94
C ALA YA 248 86.15 30.72 -31.22
N VAL YA 249 85.93 31.34 -32.36
CA VAL YA 249 86.30 30.78 -33.65
C VAL YA 249 87.57 31.44 -34.14
N GLY YA 250 88.52 30.64 -34.62
CA GLY YA 250 89.86 31.13 -34.87
C GLY YA 250 90.27 31.43 -36.28
N THR YA 251 89.48 31.01 -37.26
CA THR YA 251 89.86 31.23 -38.65
C THR YA 251 89.37 32.59 -39.12
N ILE YA 252 90.21 33.30 -39.84
CA ILE YA 252 89.81 34.53 -40.49
C ILE YA 252 88.83 34.17 -41.60
N PRO YA 253 87.60 34.66 -41.55
CA PRO YA 253 86.67 34.41 -42.65
C PRO YA 253 87.13 35.09 -43.92
N THR YA 254 86.77 34.49 -45.06
CA THR YA 254 87.31 34.88 -46.35
C THR YA 254 86.16 35.16 -47.32
N SER YA 255 86.52 35.80 -48.44
CA SER YA 255 85.56 36.58 -49.21
C SER YA 255 84.54 35.71 -49.96
N LYS YA 256 83.37 36.31 -50.18
CA LYS YA 256 82.39 35.84 -51.17
C LYS YA 256 81.83 34.47 -50.82
N HIS YA 257 81.61 34.23 -49.53
CA HIS YA 257 80.89 33.04 -49.07
C HIS YA 257 80.58 33.21 -47.59
N ILE YA 258 79.96 32.19 -47.03
CA ILE YA 258 79.45 32.22 -45.67
C ILE YA 258 80.46 31.55 -44.75
N ASN YA 259 80.63 32.10 -43.56
CA ASN YA 259 81.63 31.64 -42.61
C ASN YA 259 81.01 31.59 -41.22
N VAL YA 260 81.45 30.65 -40.41
CA VAL YA 260 80.96 30.58 -39.05
C VAL YA 260 81.62 31.67 -38.23
N ARG YA 261 80.80 32.44 -37.53
CA ARG YA 261 81.21 33.64 -36.83
C ARG YA 261 80.77 33.53 -35.39
N GLY YA 262 81.64 33.92 -34.47
CA GLY YA 262 81.26 33.94 -33.07
C GLY YA 262 80.19 34.97 -32.79
N VAL YA 263 79.36 34.68 -31.79
CA VAL YA 263 78.25 35.55 -31.43
C VAL YA 263 77.91 35.30 -29.98
N ASN YA 264 77.28 36.28 -29.33
CA ASN YA 264 76.52 36.18 -28.09
C ASN YA 264 77.23 36.27 -26.74
N ASN YA 265 78.56 36.41 -26.65
CA ASN YA 265 79.18 36.61 -25.33
C ASN YA 265 78.88 35.47 -24.36
N ARG YA 266 79.52 34.34 -24.60
CA ARG YA 266 79.71 33.35 -23.56
C ARG YA 266 81.17 33.41 -23.14
N GLY YA 267 81.41 33.53 -21.83
CA GLY YA 267 82.77 33.63 -21.36
C GLY YA 267 82.88 33.08 -19.95
N MET YA 268 84.11 33.00 -19.45
CA MET YA 268 84.35 32.48 -18.11
C MET YA 268 84.85 33.54 -17.15
N ALA YA 269 84.38 33.48 -15.90
CA ALA YA 269 84.79 34.43 -14.88
C ALA YA 269 86.20 34.10 -14.39
N GLY YA 270 87.00 35.14 -14.16
CA GLY YA 270 88.35 34.97 -13.70
C GLY YA 270 88.44 34.48 -12.27
N HIS YA 271 88.54 33.16 -12.11
CA HIS YA 271 88.65 32.56 -10.78
C HIS YA 271 90.00 32.91 -10.17
N TYR YA 272 90.05 33.03 -8.84
CA TYR YA 272 91.30 33.37 -8.18
C TYR YA 272 91.31 32.78 -6.78
N LEU YA 273 92.50 32.66 -6.22
CA LEU YA 273 92.69 32.19 -4.86
C LEU YA 273 93.55 33.17 -4.10
N SER YA 274 93.16 33.45 -2.86
CA SER YA 274 93.88 34.41 -2.05
C SER YA 274 93.62 34.09 -0.59
N PHE YA 275 94.43 34.68 0.28
CA PHE YA 275 94.24 34.49 1.69
C PHE YA 275 93.87 35.82 2.34
N PRO YA 276 93.07 35.80 3.39
CA PRO YA 276 92.70 37.03 4.06
C PRO YA 276 93.91 37.66 4.73
N PRO YA 277 94.03 38.98 4.69
CA PRO YA 277 95.11 39.61 5.42
C PRO YA 277 94.94 39.40 6.92
N ILE YA 278 95.99 38.92 7.56
CA ILE YA 278 96.01 38.74 9.00
C ILE YA 278 97.32 39.32 9.48
N ARG YA 279 97.25 40.38 10.27
CA ARG YA 279 98.48 40.99 10.75
C ARG YA 279 99.07 40.18 11.89
N THR YA 280 100.39 40.20 11.96
CA THR YA 280 101.15 39.53 13.00
C THR YA 280 102.03 40.54 13.71
N ASN YA 281 102.82 40.05 14.65
CA ASN YA 281 103.88 40.87 15.24
C ASN YA 281 104.79 41.43 14.15
N ASP YA 282 105.04 40.65 13.11
CA ASP YA 282 105.81 41.11 11.96
C ASP YA 282 105.09 40.74 10.67
N GLY YA 283 104.71 41.76 9.90
CA GLY YA 283 104.14 41.49 8.60
C GLY YA 283 102.77 40.82 8.68
N GLN YA 284 102.58 39.83 7.81
CA GLN YA 284 101.30 39.20 7.62
C GLN YA 284 101.37 37.74 8.06
N PHE YA 285 100.21 37.21 8.45
CA PHE YA 285 100.15 35.82 8.89
C PHE YA 285 100.48 34.94 7.70
N LYS YA 286 101.26 33.90 7.94
CA LYS YA 286 101.70 33.05 6.85
C LYS YA 286 100.71 31.90 6.75
N LEU YA 287 99.89 31.92 5.71
CA LEU YA 287 98.94 30.85 5.43
C LEU YA 287 99.41 30.09 4.20
N ASN YA 288 99.40 28.78 4.33
CA ASN YA 288 99.75 27.89 3.25
C ASN YA 288 98.55 26.99 3.06
N ALA YA 289 98.27 26.59 1.84
CA ALA YA 289 97.09 25.80 1.57
C ALA YA 289 97.46 24.57 0.77
N GLN YA 290 96.80 23.45 1.08
CA GLN YA 290 96.75 22.31 0.19
C GLN YA 290 95.31 22.02 -0.15
N PHE YA 291 95.08 21.58 -1.39
CA PHE YA 291 93.80 21.02 -1.77
C PHE YA 291 94.03 20.15 -2.99
N THR YA 292 93.07 19.29 -3.28
CA THR YA 292 93.12 18.46 -4.47
C THR YA 292 92.40 19.18 -5.60
N LEU YA 293 93.00 19.16 -6.78
CA LEU YA 293 92.41 19.75 -7.96
C LEU YA 293 91.94 18.63 -8.86
N GLU YA 294 90.64 18.50 -9.03
CA GLU YA 294 90.05 17.56 -9.97
C GLU YA 294 89.45 18.39 -11.10
N THR YA 295 90.03 18.29 -12.29
CA THR YA 295 89.50 18.96 -13.46
C THR YA 295 88.87 17.93 -14.38
N GLU YA 296 87.81 18.35 -15.06
CA GLU YA 296 87.17 17.51 -16.06
C GLU YA 296 86.79 18.37 -17.26
N ILE YA 297 87.14 17.91 -18.45
CA ILE YA 297 86.70 18.52 -19.69
C ILE YA 297 86.03 17.46 -20.52
N GLU YA 298 84.83 17.76 -21.01
CA GLU YA 298 84.02 16.78 -21.71
C GLU YA 298 84.00 17.13 -23.18
N PHE YA 299 84.65 16.31 -24.00
CA PHE YA 299 84.67 16.54 -25.43
C PHE YA 299 83.56 15.78 -26.13
N GLU YA 300 82.98 16.40 -27.15
CA GLU YA 300 82.25 15.69 -28.18
C GLU YA 300 83.14 15.55 -29.39
N PHE YA 301 83.07 14.42 -30.07
CA PHE YA 301 83.83 14.25 -31.29
C PHE YA 301 82.95 13.55 -32.31
N ARG YA 302 83.43 13.57 -33.55
CA ARG YA 302 82.64 13.15 -34.69
C ARG YA 302 83.56 12.50 -35.71
N LEU YA 303 83.07 11.49 -36.41
CA LEU YA 303 83.94 10.64 -37.19
C LEU YA 303 83.85 10.98 -38.67
N TRP YA 304 84.60 10.22 -39.45
CA TRP YA 304 84.86 10.47 -40.86
C TRP YA 304 83.66 10.09 -41.73
N GLU YA 305 83.64 10.65 -42.94
CA GLU YA 305 82.57 10.39 -43.88
C GLU YA 305 82.52 8.94 -44.29
N GLN YA 306 81.31 8.39 -44.37
CA GLN YA 306 81.15 7.03 -44.85
C GLN YA 306 81.34 6.94 -46.36
N GLY YA 307 81.65 5.75 -46.82
CA GLY YA 307 81.77 5.52 -48.24
C GLY YA 307 83.19 5.68 -48.72
N VAL YA 308 83.33 5.67 -50.04
CA VAL YA 308 84.63 5.88 -50.66
C VAL YA 308 85.18 7.24 -50.30
N GLN YA 309 84.31 8.19 -49.95
CA GLN YA 309 84.78 9.51 -49.54
C GLN YA 309 85.70 9.43 -48.33
N GLY YA 310 85.48 8.45 -47.46
CA GLY YA 310 86.28 8.28 -46.27
C GLY YA 310 87.50 7.40 -46.40
N ILE YA 311 87.83 6.95 -47.61
CA ILE YA 311 89.03 6.16 -47.83
C ILE YA 311 90.25 7.06 -47.71
N ASN YA 312 91.27 6.59 -47.00
CA ASN YA 312 92.45 7.42 -46.74
C ASN YA 312 93.05 7.99 -48.02
N SER YA 313 93.22 7.15 -49.03
CA SER YA 313 93.92 7.59 -50.24
C SER YA 313 93.14 8.69 -50.96
N VAL YA 314 91.82 8.53 -51.08
CA VAL YA 314 91.00 9.49 -51.81
C VAL YA 314 90.37 10.54 -50.92
N HIS YA 315 90.54 10.45 -49.60
CA HIS YA 315 89.92 11.45 -48.74
C HIS YA 315 90.62 12.79 -48.81
N THR YA 316 91.88 12.82 -49.23
CA THR YA 316 92.57 14.10 -49.34
C THR YA 316 91.85 15.03 -50.30
N ASN YA 317 91.62 14.57 -51.52
CA ASN YA 317 90.98 15.37 -52.54
C ASN YA 317 89.47 15.20 -52.62
N LEU YA 318 88.89 14.22 -51.93
CA LEU YA 318 87.44 14.16 -51.76
C LEU YA 318 86.96 14.73 -50.45
N ASN YA 319 87.85 15.28 -49.63
CA ASN YA 319 87.43 15.95 -48.41
C ASN YA 319 86.45 17.06 -48.76
N PRO YA 320 85.33 17.16 -48.05
CA PRO YA 320 84.36 18.23 -48.36
C PRO YA 320 84.98 19.60 -48.16
N ALA YA 321 84.74 20.49 -49.12
CA ALA YA 321 85.17 21.86 -48.94
C ALA YA 321 84.29 22.62 -47.96
N ASN YA 322 83.16 22.06 -47.58
CA ASN YA 322 82.28 22.68 -46.59
C ASN YA 322 82.62 22.25 -45.17
N ASP YA 323 83.69 21.49 -44.99
CA ASP YA 323 84.25 21.35 -43.64
C ASP YA 323 84.47 22.72 -43.04
N SER YA 324 85.07 23.63 -43.81
CA SER YA 324 85.33 24.98 -43.33
C SER YA 324 84.07 25.65 -42.84
N LEU YA 325 82.91 25.15 -43.27
CA LEU YA 325 81.65 25.72 -42.83
C LEU YA 325 81.38 25.36 -41.36
N TRP YA 326 81.42 24.07 -41.03
CA TRP YA 326 81.24 23.62 -39.65
C TRP YA 326 82.53 23.26 -38.92
N ILE YA 327 83.70 23.24 -39.54
CA ILE YA 327 84.92 22.89 -38.79
C ILE YA 327 85.89 24.06 -38.69
N GLN YA 328 86.16 24.53 -37.48
CA GLN YA 328 86.61 25.91 -37.36
C GLN YA 328 87.89 26.25 -36.60
N SER YA 329 88.65 25.26 -36.17
CA SER YA 329 89.90 25.47 -35.38
C SER YA 329 89.68 26.12 -33.99
N TYR YA 330 90.69 26.79 -33.45
CA TYR YA 330 90.60 27.39 -32.11
C TYR YA 330 90.68 28.91 -32.17
N GLY YA 331 89.90 29.60 -31.34
CA GLY YA 331 89.78 31.02 -31.54
C GLY YA 331 90.92 31.89 -31.10
N SER YA 332 91.29 31.81 -29.83
CA SER YA 332 92.19 32.78 -29.25
C SER YA 332 93.15 32.09 -28.32
N LEU YA 333 94.41 32.47 -28.39
CA LEU YA 333 95.49 31.79 -27.71
C LEU YA 333 95.88 32.56 -26.46
N VAL YA 334 96.26 31.84 -25.42
CA VAL YA 334 96.97 32.50 -24.34
C VAL YA 334 98.28 33.03 -24.92
N SER YA 335 98.83 34.05 -24.28
CA SER YA 335 100.02 34.70 -24.80
C SER YA 335 101.22 33.99 -24.18
N ILE YA 336 101.97 33.28 -25.01
CA ILE YA 336 103.06 32.42 -24.58
C ILE YA 336 104.32 32.88 -25.29
N THR YA 337 105.29 33.37 -24.55
CA THR YA 337 106.64 33.48 -25.06
C THR YA 337 107.46 32.41 -24.38
N GLU YA 338 108.33 31.76 -25.15
CA GLU YA 338 109.06 30.58 -24.69
C GLU YA 338 108.01 29.59 -24.17
N SER YA 339 108.20 29.00 -23.00
CA SER YA 339 107.20 28.15 -22.38
C SER YA 339 106.34 28.90 -21.37
N LYS YA 340 106.51 30.22 -21.26
CA LYS YA 340 106.02 30.97 -20.12
C LYS YA 340 104.83 31.84 -20.52
N ILE YA 341 103.78 31.82 -19.70
CA ILE YA 341 102.59 32.61 -19.98
C ILE YA 341 102.88 34.08 -19.72
N ASN YA 342 102.56 34.92 -20.69
CA ASN YA 342 102.76 36.35 -20.52
C ASN YA 342 101.66 36.98 -19.69
N ASN YA 343 100.42 36.60 -19.96
CA ASN YA 343 99.27 37.17 -19.29
C ASN YA 343 98.12 36.18 -19.43
N ILE YA 344 97.11 36.35 -18.59
CA ILE YA 344 95.87 35.59 -18.73
C ILE YA 344 94.72 36.58 -18.81
N GLN YA 345 93.88 36.39 -19.82
CA GLN YA 345 92.67 37.18 -20.02
C GLN YA 345 91.49 36.34 -19.56
N PHE YA 346 90.50 37.00 -18.95
CA PHE YA 346 89.35 36.25 -18.45
C PHE YA 346 88.06 36.53 -19.22
N GLY YA 347 87.57 37.76 -19.17
CA GLY YA 347 86.35 38.09 -19.91
C GLY YA 347 85.15 37.18 -19.78
N PRO YA 348 84.43 37.30 -18.66
CA PRO YA 348 83.25 36.53 -18.29
C PRO YA 348 82.01 36.93 -19.07
N THR YA 349 80.95 36.15 -18.96
CA THR YA 349 79.73 36.54 -19.63
C THR YA 349 79.27 37.56 -18.64
N CYS YA 350 79.41 38.85 -18.97
CA CYS YA 350 79.05 39.85 -18.00
C CYS YA 350 77.57 39.99 -17.89
N PRO YA 351 77.09 40.21 -16.67
CA PRO YA 351 75.66 40.29 -16.36
C PRO YA 351 75.00 41.53 -16.91
N ARG YA 352 75.75 42.57 -17.25
CA ARG YA 352 75.13 43.79 -17.75
C ARG YA 352 74.96 43.81 -19.26
N VAL YA 353 75.49 42.82 -19.98
CA VAL YA 353 75.07 42.62 -21.36
C VAL YA 353 73.60 42.20 -21.35
N ASP YA 354 72.86 42.64 -22.37
CA ASP YA 354 71.46 42.28 -22.49
C ASP YA 354 71.31 40.76 -22.47
N ALA YA 355 70.36 40.29 -21.67
CA ALA YA 355 70.14 38.86 -21.56
C ALA YA 355 69.82 38.22 -22.89
N ARG YA 356 69.34 38.99 -23.86
CA ARG YA 356 69.07 38.44 -25.18
C ARG YA 356 70.34 38.15 -25.94
N ASN YA 357 71.42 38.85 -25.61
CA ASN YA 357 72.72 38.53 -26.20
C ASN YA 357 73.39 37.35 -25.54
N LYS YA 358 73.12 37.10 -24.27
CA LYS YA 358 73.90 36.16 -23.49
C LYS YA 358 73.48 34.71 -23.68
N GLY YA 359 72.55 34.44 -24.59
CA GLY YA 359 71.96 33.12 -24.68
C GLY YA 359 72.87 32.04 -25.25
N GLY YA 360 72.28 30.93 -25.65
CA GLY YA 360 73.00 29.69 -25.80
C GLY YA 360 74.08 29.55 -26.85
N LYS YA 361 73.75 29.80 -28.11
CA LYS YA 361 74.61 29.38 -29.22
C LYS YA 361 75.76 30.35 -29.43
N MET YA 362 76.99 29.83 -29.42
CA MET YA 362 78.17 30.68 -29.50
C MET YA 362 78.63 30.99 -30.91
N SER YA 363 77.94 30.52 -31.93
CA SER YA 363 78.39 30.87 -33.28
C SER YA 363 77.19 31.00 -34.18
N MET YA 364 77.41 31.72 -35.27
CA MET YA 364 76.40 31.87 -36.29
C MET YA 364 77.10 31.70 -37.63
N LEU YA 365 76.35 31.28 -38.63
CA LEU YA 365 76.91 31.02 -39.95
C LEU YA 365 76.54 32.22 -40.80
N PHE YA 366 77.51 33.11 -40.96
CA PHE YA 366 77.32 34.42 -41.57
C PHE YA 366 78.33 34.69 -42.66
N ASP YA 367 77.86 35.28 -43.74
CA ASP YA 367 78.71 35.58 -44.89
C ASP YA 367 79.71 36.71 -44.74
N HIS YA 368 80.74 36.66 -45.58
CA HIS YA 368 81.74 37.71 -45.60
C HIS YA 368 81.90 38.21 -47.02
N HIS YA 369 81.92 39.52 -47.19
CA HIS YA 369 82.08 40.09 -48.52
C HIS YA 369 83.48 40.62 -48.76
N GLU ZA 36 46.80 -14.32 -61.25
CA GLU ZA 36 45.61 -13.83 -61.93
C GLU ZA 36 45.55 -14.41 -63.33
N GLY ZA 37 44.35 -14.51 -63.89
CA GLY ZA 37 44.18 -15.09 -65.21
C GLY ZA 37 44.03 -16.59 -65.15
N ASP ZA 38 43.95 -17.19 -66.33
CA ASP ZA 38 43.82 -18.63 -66.44
C ASP ZA 38 45.15 -19.35 -66.40
N GLY ZA 39 46.26 -18.62 -66.24
CA GLY ZA 39 47.57 -19.19 -66.16
C GLY ZA 39 48.42 -18.98 -67.39
N SER ZA 40 47.80 -18.55 -68.48
CA SER ZA 40 48.47 -18.34 -69.76
C SER ZA 40 49.55 -17.29 -69.75
N ALA ZA 41 49.68 -16.55 -68.66
CA ALA ZA 41 50.67 -15.50 -68.53
C ALA ZA 41 52.07 -16.03 -68.33
N PRO ZA 42 53.08 -15.19 -68.53
CA PRO ZA 42 54.44 -15.71 -68.33
C PRO ZA 42 54.74 -16.22 -66.93
N GLY ZA 43 54.26 -15.61 -65.85
CA GLY ZA 43 54.59 -16.09 -64.52
C GLY ZA 43 53.42 -16.58 -63.67
N GLY ZA 44 53.70 -17.39 -62.65
CA GLY ZA 44 52.65 -17.93 -61.80
C GLY ZA 44 52.29 -19.37 -62.07
N SER ZA 45 51.00 -19.67 -62.16
CA SER ZA 45 50.52 -21.04 -62.42
C SER ZA 45 50.54 -21.46 -63.88
N VAL ZA 46 50.66 -22.75 -64.13
CA VAL ZA 46 50.74 -23.35 -65.46
C VAL ZA 46 49.38 -23.48 -66.11
N TRP ZA 47 49.26 -22.99 -67.34
CA TRP ZA 47 48.01 -23.15 -68.05
C TRP ZA 47 48.03 -24.61 -68.43
N GLN ZA 48 46.96 -25.32 -68.12
CA GLN ZA 48 46.93 -26.73 -68.44
C GLN ZA 48 45.66 -27.08 -69.18
N THR ZA 49 45.77 -28.10 -70.01
CA THR ZA 49 44.72 -28.51 -70.93
C THR ZA 49 43.58 -29.19 -70.20
N THR ZA 50 42.44 -29.27 -70.89
CA THR ZA 50 41.24 -29.84 -70.30
C THR ZA 50 41.41 -31.32 -69.98
N ASP ZA 51 40.59 -31.79 -69.05
CA ASP ZA 51 40.67 -33.15 -68.55
C ASP ZA 51 39.98 -34.12 -69.49
N TYR ZA 52 40.72 -35.14 -69.93
CA TYR ZA 52 40.13 -36.20 -70.74
C TYR ZA 52 39.61 -37.39 -69.95
N ILE ZA 53 39.84 -37.45 -68.64
CA ILE ZA 53 39.34 -38.58 -67.87
C ILE ZA 53 37.84 -38.50 -67.70
N ALA ZA 54 37.33 -37.33 -67.31
CA ALA ZA 54 35.96 -37.20 -66.85
C ALA ZA 54 34.97 -37.85 -67.81
N LEU ZA 55 35.19 -37.66 -69.12
CA LEU ZA 55 34.28 -38.25 -70.10
C LEU ZA 55 34.56 -39.72 -70.37
N SER ZA 56 35.75 -40.21 -70.08
CA SER ZA 56 36.00 -41.63 -70.26
C SER ZA 56 35.47 -42.46 -69.11
N MET ZA 57 35.28 -41.85 -67.93
CA MET ZA 57 34.77 -42.57 -66.78
C MET ZA 57 33.26 -42.53 -66.63
N VAL ZA 58 32.57 -41.72 -67.42
CA VAL ZA 58 31.13 -41.61 -67.23
C VAL ZA 58 30.48 -42.95 -67.59
N VAL ZA 59 29.66 -43.45 -66.68
CA VAL ZA 59 29.01 -44.75 -66.84
C VAL ZA 59 27.60 -44.50 -67.34
N TYR ZA 60 27.28 -45.06 -68.49
CA TYR ZA 60 25.95 -44.97 -69.05
C TYR ZA 60 25.24 -46.29 -68.80
N ARG ZA 61 23.94 -46.21 -68.59
CA ARG ZA 61 23.19 -47.34 -68.03
C ARG ZA 61 21.97 -47.60 -68.89
N THR ZA 62 21.90 -48.79 -69.48
CA THR ZA 62 20.77 -49.17 -70.31
C THR ZA 62 20.18 -50.48 -69.85
N ALA ZA 63 19.21 -51.01 -70.60
CA ALA ZA 63 18.61 -52.28 -70.26
C ALA ZA 63 18.01 -52.90 -71.50
N ILE ZA 64 17.77 -54.21 -71.43
CA ILE ZA 64 17.10 -54.96 -72.49
C ILE ZA 64 15.93 -55.69 -71.86
N LYS ZA 65 14.73 -55.35 -72.28
CA LYS ZA 65 13.51 -55.96 -71.76
C LYS ZA 65 12.83 -56.73 -72.87
N LEU ZA 66 12.39 -57.94 -72.57
CA LEU ZA 66 11.77 -58.82 -73.55
C LEU ZA 66 10.63 -59.58 -72.89
N ARG ZA 67 9.53 -59.76 -73.63
CA ARG ZA 67 8.41 -60.55 -73.17
C ARG ZA 67 8.24 -61.79 -74.03
N ASN ZA 68 7.64 -62.80 -73.42
CA ASN ZA 68 7.52 -64.11 -74.02
C ASN ZA 68 6.31 -64.76 -73.39
N PHE ZA 69 5.69 -65.68 -74.12
CA PHE ZA 69 4.70 -66.57 -73.56
C PHE ZA 69 5.29 -67.96 -73.46
N VAL ZA 70 5.16 -68.56 -72.29
CA VAL ZA 70 5.72 -69.88 -72.03
C VAL ZA 70 4.57 -70.86 -71.91
N ASN ZA 71 4.68 -71.97 -72.63
CA ASN ZA 71 3.71 -73.07 -72.55
C ASN ZA 71 4.46 -74.31 -72.10
N ILE ZA 72 4.11 -74.81 -70.92
CA ILE ZA 72 4.75 -75.99 -70.34
C ILE ZA 72 3.72 -77.11 -70.40
N ARG ZA 73 3.99 -78.12 -71.21
CA ARG ZA 73 3.05 -79.22 -71.39
C ARG ZA 73 3.74 -80.55 -71.14
N GLY ZA 74 2.94 -81.53 -70.73
CA GLY ZA 74 3.42 -82.89 -70.62
C GLY ZA 74 4.57 -83.06 -69.65
N LEU ZA 75 4.55 -82.33 -68.55
CA LEU ZA 75 5.63 -82.34 -67.58
C LEU ZA 75 5.17 -83.19 -66.41
N THR ZA 76 5.77 -84.36 -66.24
CA THR ZA 76 5.39 -85.25 -65.16
C THR ZA 76 5.99 -84.75 -63.85
N PRO ZA 77 5.48 -85.23 -62.71
CA PRO ZA 77 5.96 -84.69 -61.42
C PRO ZA 77 7.42 -84.96 -61.13
N THR ZA 78 8.02 -85.98 -61.74
CA THR ZA 78 9.44 -86.23 -61.53
C THR ZA 78 10.29 -85.24 -62.32
N GLU ZA 79 9.95 -85.04 -63.58
CA GLU ZA 79 10.68 -84.11 -64.44
C GLU ZA 79 10.32 -82.67 -64.10
N MET ZA 80 11.20 -81.76 -64.49
CA MET ZA 80 11.19 -80.40 -63.99
C MET ZA 80 11.76 -79.46 -65.04
N ILE ZA 81 11.18 -78.26 -65.14
CA ILE ZA 81 11.66 -77.25 -66.08
C ILE ZA 81 12.80 -76.47 -65.46
N VAL ZA 82 13.90 -76.39 -66.17
CA VAL ZA 82 15.07 -75.64 -65.73
C VAL ZA 82 14.95 -74.23 -66.29
N ILE ZA 83 14.98 -73.23 -65.41
CA ILE ZA 83 14.89 -71.85 -65.87
C ILE ZA 83 16.30 -71.46 -66.26
N PRO ZA 84 16.62 -71.27 -67.51
CA PRO ZA 84 17.98 -70.88 -67.88
C PRO ZA 84 18.25 -69.43 -67.54
N TRP ZA 85 18.01 -69.06 -66.29
CA TRP ZA 85 17.97 -67.65 -65.95
C TRP ZA 85 19.34 -67.14 -65.53
N ASN ZA 86 20.30 -68.03 -65.39
CA ASN ZA 86 21.67 -67.64 -65.08
C ASN ZA 86 22.57 -67.58 -66.31
N VAL ZA 87 22.04 -67.83 -67.50
CA VAL ZA 87 22.82 -67.68 -68.72
C VAL ZA 87 22.53 -66.32 -69.31
N MET ZA 88 23.59 -65.66 -69.77
CA MET ZA 88 23.47 -64.28 -70.23
C MET ZA 88 22.56 -64.18 -71.45
N ARG ZA 89 22.63 -65.18 -72.33
CA ARG ZA 89 21.87 -65.17 -73.57
C ARG ZA 89 20.37 -65.23 -73.34
N PHE ZA 90 19.94 -65.63 -72.15
CA PHE ZA 90 18.52 -65.71 -71.85
C PHE ZA 90 17.86 -64.33 -71.89
N TYR ZA 91 18.52 -63.33 -71.31
CA TYR ZA 91 17.91 -62.02 -71.15
C TYR ZA 91 18.02 -61.16 -72.40
N CYS ZA 92 19.19 -61.13 -73.01
CA CYS ZA 92 19.48 -60.18 -74.09
C CYS ZA 92 19.36 -60.77 -75.48
N GLU ZA 93 19.03 -62.04 -75.61
CA GLU ZA 93 18.76 -62.64 -76.90
C GLU ZA 93 17.43 -63.37 -76.82
N TYR ZA 94 16.61 -63.21 -77.85
CA TYR ZA 94 15.22 -63.62 -77.76
C TYR ZA 94 15.11 -64.95 -78.50
N ASN ZA 95 15.00 -66.03 -77.76
CA ASN ZA 95 14.91 -67.34 -78.39
C ASN ZA 95 13.52 -67.85 -78.12
N THR ZA 96 12.66 -67.79 -79.12
CA THR ZA 96 11.30 -68.30 -79.04
C THR ZA 96 10.92 -68.83 -80.40
N GLY ZA 97 10.40 -70.04 -80.47
CA GLY ZA 97 9.82 -70.50 -81.70
C GLY ZA 97 10.77 -70.40 -82.88
N THR ZA 98 10.31 -69.69 -83.92
CA THR ZA 98 11.09 -69.55 -85.14
C THR ZA 98 12.22 -68.53 -85.02
N TYR ZA 99 12.13 -67.61 -84.04
CA TYR ZA 99 13.14 -66.56 -83.92
C TYR ZA 99 14.54 -67.16 -83.80
N GLY ZA 100 14.75 -68.03 -82.82
CA GLY ZA 100 16.05 -68.62 -82.60
C GLY ZA 100 16.62 -69.32 -83.82
N LEU ZA 101 15.76 -69.77 -84.73
CA LEU ZA 101 16.25 -70.35 -85.97
C LEU ZA 101 16.76 -69.28 -86.92
N SER ZA 102 16.11 -68.12 -86.95
CA SER ZA 102 16.58 -67.00 -87.75
C SER ZA 102 17.83 -66.39 -87.12
N GLY ZA 103 18.58 -65.66 -87.94
CA GLY ZA 103 19.88 -65.16 -87.53
C GLY ZA 103 19.83 -63.84 -86.79
N ASN ZA 104 20.82 -63.66 -85.91
CA ASN ZA 104 21.05 -62.41 -85.18
C ASN ZA 104 19.78 -61.91 -84.50
N VAL ZA 105 19.37 -62.65 -83.47
CA VAL ZA 105 18.19 -62.32 -82.72
C VAL ZA 105 18.53 -61.49 -81.48
N HIS ZA 106 19.80 -61.12 -81.30
CA HIS ZA 106 20.17 -60.24 -80.22
C HIS ZA 106 19.41 -58.92 -80.29
N HIS ZA 107 19.11 -58.37 -79.13
CA HIS ZA 107 18.48 -57.07 -79.08
C HIS ZA 107 19.47 -56.00 -79.53
N LYS ZA 108 18.96 -54.96 -80.18
CA LYS ZA 108 19.85 -53.99 -80.79
C LYS ZA 108 20.57 -53.12 -79.77
N ASN ZA 109 20.03 -52.97 -78.56
CA ASN ZA 109 20.81 -52.32 -77.52
C ASN ZA 109 22.06 -53.12 -77.20
N TYR ZA 110 22.01 -54.43 -77.35
CA TYR ZA 110 23.20 -55.20 -77.05
C TYR ZA 110 24.20 -55.13 -78.19
N SER ZA 111 23.73 -55.06 -79.43
CA SER ZA 111 24.65 -54.98 -80.56
C SER ZA 111 25.53 -53.75 -80.47
N MET ZA 112 25.01 -52.65 -79.93
CA MET ZA 112 25.83 -51.46 -79.76
C MET ZA 112 26.66 -51.49 -78.49
N LEU ZA 113 26.30 -52.30 -77.49
CA LEU ZA 113 27.20 -52.45 -76.35
C LEU ZA 113 28.55 -52.98 -76.78
N LEU ZA 114 28.62 -53.59 -77.95
CA LEU ZA 114 29.88 -53.95 -78.57
C LEU ZA 114 30.53 -52.80 -79.30
N ALA ZA 115 29.78 -51.72 -79.55
CA ALA ZA 115 30.36 -50.52 -80.15
C ALA ZA 115 31.09 -49.68 -79.12
N CYS ZA 116 30.53 -49.54 -77.93
CA CYS ZA 116 31.24 -48.88 -76.84
C CYS ZA 116 32.34 -49.79 -76.32
N LYS ZA 117 33.31 -49.21 -75.64
CA LYS ZA 117 34.50 -50.01 -75.34
C LYS ZA 117 34.31 -50.95 -74.17
N ALA ZA 118 33.39 -50.66 -73.26
CA ALA ZA 118 33.17 -51.48 -72.09
C ALA ZA 118 31.70 -51.55 -71.79
N HIS ZA 119 31.23 -52.72 -71.40
CA HIS ZA 119 29.88 -52.87 -70.90
C HIS ZA 119 29.90 -53.83 -69.74
N ARG ZA 120 28.94 -53.68 -68.83
CA ARG ZA 120 28.86 -54.54 -67.70
C ARG ZA 120 27.41 -54.90 -67.41
N PRO ZA 121 27.12 -56.16 -67.10
CA PRO ZA 121 25.73 -56.61 -67.04
C PRO ZA 121 24.92 -56.14 -65.84
N THR ZA 122 25.54 -55.80 -64.70
CA THR ZA 122 24.83 -55.37 -63.50
C THR ZA 122 23.60 -56.23 -63.18
N LYS ZA 123 22.47 -55.60 -62.89
CA LYS ZA 123 21.32 -56.36 -62.43
C LYS ZA 123 20.71 -57.17 -63.56
N VAL ZA 124 20.09 -58.29 -63.19
CA VAL ZA 124 19.42 -59.17 -64.14
C VAL ZA 124 18.23 -59.81 -63.42
N GLY ZA 125 17.14 -60.03 -64.15
CA GLY ZA 125 15.96 -60.57 -63.50
C GLY ZA 125 14.90 -60.94 -64.51
N TYR ZA 126 13.82 -61.55 -63.99
CA TYR ZA 126 12.72 -61.95 -64.85
C TYR ZA 126 11.45 -62.04 -64.03
N THR ZA 127 10.32 -62.09 -64.73
CA THR ZA 127 9.01 -62.12 -64.12
C THR ZA 127 8.16 -63.19 -64.76
N LEU ZA 128 7.51 -64.01 -63.95
CA LEU ZA 128 6.46 -64.93 -64.37
C LEU ZA 128 5.11 -64.34 -63.99
N SER ZA 129 4.19 -64.32 -64.93
CA SER ZA 129 2.95 -63.59 -64.71
C SER ZA 129 1.78 -64.27 -65.38
N ASN ZA 130 0.60 -64.06 -64.81
CA ASN ZA 130 -0.68 -64.50 -65.38
C ASN ZA 130 -0.65 -65.96 -65.80
N LEU ZA 131 -0.60 -66.79 -64.78
CA LEU ZA 131 -0.53 -68.23 -64.99
C LEU ZA 131 -1.88 -68.76 -65.45
N ILE ZA 132 -1.84 -69.63 -66.45
CA ILE ZA 132 -3.01 -70.34 -66.94
C ILE ZA 132 -2.68 -71.82 -66.93
N LEU ZA 133 -3.39 -72.57 -66.10
CA LEU ZA 133 -3.30 -74.02 -66.08
C LEU ZA 133 -4.40 -74.62 -66.92
N THR ZA 134 -4.05 -75.63 -67.70
CA THR ZA 134 -5.00 -76.39 -68.49
C THR ZA 134 -4.78 -77.87 -68.20
N SER ZA 135 -5.74 -78.69 -68.60
CA SER ZA 135 -5.72 -80.10 -68.30
C SER ZA 135 -5.98 -80.91 -69.56
N ASP ZA 136 -5.16 -81.93 -69.78
CA ASP ZA 136 -5.38 -82.91 -70.83
C ASP ZA 136 -6.24 -84.06 -70.35
N GLU ZA 137 -6.76 -83.99 -69.13
CA GLU ZA 137 -7.50 -85.11 -68.56
C GLU ZA 137 -8.68 -85.53 -69.44
N LEU ZA 138 -9.37 -84.56 -70.03
CA LEU ZA 138 -10.47 -84.90 -70.93
C LEU ZA 138 -9.97 -85.38 -72.28
N VAL ZA 139 -8.70 -85.18 -72.59
CA VAL ZA 139 -8.14 -85.59 -73.87
C VAL ZA 139 -7.89 -87.09 -73.84
N SER ZA 140 -8.20 -87.74 -74.96
CA SER ZA 140 -7.91 -89.15 -75.15
C SER ZA 140 -7.51 -89.36 -76.61
N THR ZA 141 -6.92 -90.52 -76.90
CA THR ZA 141 -6.49 -90.81 -78.26
C THR ZA 141 -7.66 -90.81 -79.23
N GLY ZA 142 -8.87 -91.11 -78.75
CA GLY ZA 142 -10.05 -90.99 -79.59
C GLY ZA 142 -10.35 -89.55 -79.96
N GLY ZA 143 -9.96 -88.61 -79.10
CA GLY ZA 143 -10.11 -87.21 -79.44
C GLY ZA 143 -11.49 -86.67 -79.09
N THR ZA 144 -11.94 -85.72 -79.91
CA THR ZA 144 -13.24 -85.06 -79.83
C THR ZA 144 -13.35 -84.14 -78.61
N LEU ZA 145 -12.41 -84.25 -77.67
CA LEU ZA 145 -12.33 -83.34 -76.54
C LEU ZA 145 -10.88 -82.90 -76.37
N GLY ZA 146 -10.66 -81.60 -76.37
CA GLY ZA 146 -9.34 -81.04 -76.22
C GLY ZA 146 -9.06 -80.59 -74.79
N THR ZA 147 -7.85 -80.09 -74.58
CA THR ZA 147 -7.50 -79.61 -73.27
C THR ZA 147 -8.30 -78.35 -72.93
N THR ZA 148 -8.47 -78.10 -71.64
CA THR ZA 148 -9.16 -76.91 -71.22
C THR ZA 148 -8.67 -76.55 -69.84
N THR ZA 149 -8.88 -75.29 -69.46
CA THR ZA 149 -8.44 -74.81 -68.16
C THR ZA 149 -9.03 -75.65 -67.05
N THR ZA 150 -8.27 -75.78 -65.96
CA THR ZA 150 -8.68 -76.62 -64.86
C THR ZA 150 -10.05 -76.19 -64.32
N PHE ZA 151 -10.83 -77.18 -63.89
CA PHE ZA 151 -12.20 -76.93 -63.46
C PHE ZA 151 -12.24 -75.93 -62.30
N ASN ZA 152 -11.28 -76.02 -61.39
CA ASN ZA 152 -11.14 -75.03 -60.34
C ASN ZA 152 -9.69 -74.60 -60.26
N THR ZA 153 -9.46 -73.54 -59.49
CA THR ZA 153 -8.16 -72.89 -59.43
C THR ZA 153 -7.24 -73.49 -58.37
N SER ZA 154 -7.67 -74.57 -57.71
CA SER ZA 154 -6.82 -75.22 -56.73
C SER ZA 154 -5.47 -75.71 -57.27
N PRO ZA 155 -5.35 -76.22 -58.50
CA PRO ZA 155 -4.03 -76.68 -58.96
C PRO ZA 155 -3.06 -75.51 -59.05
N TYR ZA 156 -1.78 -75.86 -59.09
CA TYR ZA 156 -0.72 -74.87 -59.06
C TYR ZA 156 0.51 -75.40 -59.77
N MET ZA 157 1.37 -74.46 -60.16
CA MET ZA 157 2.69 -74.79 -60.68
C MET ZA 157 3.73 -74.36 -59.66
N ILE ZA 158 4.68 -75.24 -59.38
CA ILE ZA 158 5.64 -75.03 -58.32
C ILE ZA 158 6.85 -74.32 -58.91
N HIS ZA 159 7.18 -73.16 -58.37
CA HIS ZA 159 8.41 -72.48 -58.74
C HIS ZA 159 9.44 -72.74 -57.65
N SER ZA 160 10.49 -73.45 -57.98
CA SER ZA 160 11.48 -73.89 -57.00
C SER ZA 160 12.77 -73.12 -57.20
N ILE ZA 161 13.32 -72.60 -56.11
CA ILE ZA 161 14.63 -71.98 -56.10
C ILE ZA 161 15.52 -72.86 -55.25
N ASP ZA 162 16.60 -73.38 -55.82
CA ASP ZA 162 17.43 -74.29 -55.06
C ASP ZA 162 18.53 -73.45 -54.42
N ASP ZA 163 18.40 -73.22 -53.12
CA ASP ZA 163 19.37 -72.44 -52.36
C ASP ZA 163 20.53 -73.29 -51.90
N GLN ZA 164 20.24 -74.50 -51.46
CA GLN ZA 164 21.25 -75.40 -50.91
C GLN ZA 164 21.99 -76.14 -52.01
N GLN ZA 165 21.64 -75.89 -53.27
CA GLN ZA 165 22.25 -76.54 -54.41
C GLN ZA 165 22.13 -78.05 -54.32
N CYS ZA 166 20.90 -78.52 -54.15
CA CYS ZA 166 20.64 -79.94 -54.31
C CYS ZA 166 21.13 -80.42 -55.67
N LEU ZA 167 20.91 -79.63 -56.70
CA LEU ZA 167 21.36 -79.93 -58.06
C LEU ZA 167 22.46 -78.94 -58.40
N SER ZA 168 23.68 -79.43 -58.49
CA SER ZA 168 24.81 -78.61 -58.90
C SER ZA 168 24.81 -78.39 -60.40
N LYS ZA 169 24.61 -79.47 -61.14
CA LYS ZA 169 24.71 -79.48 -62.59
C LYS ZA 169 23.53 -80.27 -63.12
N VAL ZA 170 22.84 -79.71 -64.10
CA VAL ZA 170 21.56 -80.22 -64.55
C VAL ZA 170 21.68 -80.63 -66.01
N TYR ZA 171 21.19 -81.82 -66.33
CA TYR ZA 171 21.26 -82.38 -67.67
C TYR ZA 171 19.87 -82.55 -68.24
N PRO ZA 172 19.73 -82.52 -69.57
CA PRO ZA 172 18.43 -82.82 -70.17
C PRO ZA 172 18.05 -84.27 -69.96
N LYS ZA 173 16.76 -84.56 -70.16
CA LYS ZA 173 16.29 -85.93 -70.07
C LYS ZA 173 16.91 -86.78 -71.17
N THR ZA 174 16.92 -88.09 -70.93
CA THR ZA 174 17.62 -89.01 -71.80
C THR ZA 174 17.22 -88.82 -73.26
N ASP ZA 175 15.92 -88.75 -73.53
CA ASP ZA 175 15.48 -88.65 -74.92
C ASP ZA 175 15.61 -87.22 -75.45
N THR ZA 176 15.31 -86.22 -74.63
CA THR ZA 176 15.22 -84.86 -75.11
C THR ZA 176 16.60 -84.22 -75.20
N VAL ZA 177 16.62 -82.97 -75.66
CA VAL ZA 177 17.84 -82.18 -75.73
C VAL ZA 177 17.42 -80.73 -75.60
N TRP ZA 178 18.37 -79.88 -75.19
CA TRP ZA 178 18.08 -78.48 -74.94
C TRP ZA 178 18.63 -77.63 -76.06
N PRO ZA 179 17.80 -77.11 -76.96
CA PRO ZA 179 18.30 -76.17 -77.95
C PRO ZA 179 18.53 -74.81 -77.33
N VAL ZA 180 19.54 -74.10 -77.83
CA VAL ZA 180 19.70 -72.74 -77.35
C VAL ZA 180 18.71 -71.83 -78.05
N SER ZA 181 18.30 -72.19 -79.28
CA SER ZA 181 17.29 -71.42 -79.99
C SER ZA 181 15.94 -71.46 -79.31
N SER ZA 182 15.72 -72.43 -78.43
CA SER ZA 182 14.48 -72.61 -77.72
C SER ZA 182 14.51 -71.98 -76.32
N MET ZA 183 15.57 -71.26 -75.98
CA MET ZA 183 15.88 -70.97 -74.58
C MET ZA 183 14.74 -70.26 -73.87
N ARG ZA 184 14.19 -69.20 -74.46
CA ARG ZA 184 13.29 -68.36 -73.68
C ARG ZA 184 11.89 -68.93 -73.51
N GLU ZA 185 11.39 -69.77 -74.40
CA GLU ZA 185 10.20 -70.53 -74.05
C GLU ZA 185 10.71 -71.74 -73.32
N LEU ZA 186 10.15 -72.02 -72.15
CA LEU ZA 186 10.90 -72.87 -71.24
C LEU ZA 186 10.46 -74.29 -71.56
N ASP ZA 187 11.27 -74.98 -72.36
CA ASP ZA 187 11.12 -76.38 -72.65
C ASP ZA 187 12.13 -77.26 -71.95
N TYR ZA 188 13.08 -76.71 -71.20
CA TYR ZA 188 14.20 -77.53 -70.77
C TYR ZA 188 13.73 -78.39 -69.61
N VAL ZA 189 13.74 -79.69 -69.81
CA VAL ZA 189 13.19 -80.64 -68.86
C VAL ZA 189 14.34 -81.47 -68.31
N ALA ZA 190 14.52 -81.39 -67.01
CA ALA ZA 190 15.45 -82.25 -66.29
C ALA ZA 190 14.64 -83.29 -65.52
N SER ZA 191 15.20 -84.48 -65.40
CA SER ZA 191 14.61 -85.51 -64.56
C SER ZA 191 15.57 -85.71 -63.40
N THR ZA 192 15.17 -85.28 -62.21
CA THR ZA 192 16.02 -85.41 -61.03
C THR ZA 192 15.76 -86.78 -60.43
N VAL ZA 193 16.81 -87.60 -60.36
CA VAL ZA 193 16.68 -89.00 -60.00
C VAL ZA 193 17.84 -89.38 -59.09
N SER ZA 194 17.53 -90.05 -57.99
CA SER ZA 194 18.55 -90.65 -57.13
C SER ZA 194 18.94 -91.99 -57.76
N GLY ZA 195 19.66 -92.83 -57.04
CA GLY ZA 195 20.10 -94.05 -57.69
C GLY ZA 195 18.95 -94.91 -58.18
N ASP ZA 196 18.09 -95.37 -57.28
CA ASP ZA 196 16.83 -96.00 -57.66
C ASP ZA 196 15.63 -95.08 -57.53
N ASN ZA 197 15.81 -93.86 -57.04
CA ASN ZA 197 14.70 -93.04 -56.58
C ASN ZA 197 14.47 -91.88 -57.53
N ALA ZA 198 13.22 -91.72 -57.95
CA ALA ZA 198 12.83 -90.52 -58.69
C ALA ZA 198 12.54 -89.41 -57.70
N ILE ZA 199 13.26 -88.31 -57.82
CA ILE ZA 199 13.11 -87.18 -56.90
C ILE ZA 199 11.95 -86.33 -57.36
N ILE ZA 200 11.02 -86.03 -56.46
CA ILE ZA 200 10.04 -84.98 -56.69
C ILE ZA 200 10.74 -83.66 -56.43
N PRO ZA 201 10.89 -82.80 -57.44
CA PRO ZA 201 11.77 -81.63 -57.29
C PRO ZA 201 11.37 -80.71 -56.15
N SER ZA 202 10.08 -80.48 -55.94
CA SER ZA 202 9.64 -79.59 -54.88
C SER ZA 202 10.07 -80.04 -53.49
N THR ZA 203 10.37 -81.33 -53.31
CA THR ZA 203 10.65 -81.82 -51.98
C THR ZA 203 12.08 -81.51 -51.55
N ILE ZA 204 13.04 -81.57 -52.46
CA ILE ZA 204 14.42 -81.31 -52.10
C ILE ZA 204 14.72 -79.82 -52.04
N PHE ZA 205 14.14 -79.03 -52.94
CA PHE ZA 205 14.52 -77.63 -53.08
C PHE ZA 205 14.05 -76.81 -51.89
N ASN ZA 206 14.72 -75.68 -51.71
CA ASN ZA 206 14.53 -74.88 -50.49
C ASN ZA 206 13.28 -74.02 -50.59
N LYS ZA 207 13.34 -72.96 -51.40
CA LYS ZA 207 12.18 -72.12 -51.63
C LYS ZA 207 11.34 -72.73 -52.74
N ASN ZA 208 10.11 -73.09 -52.41
CA ASN ZA 208 9.15 -73.62 -53.35
C ASN ZA 208 7.89 -72.79 -53.24
N ARG ZA 209 7.57 -72.07 -54.30
CA ARG ZA 209 6.38 -71.24 -54.37
C ARG ZA 209 5.31 -72.01 -55.13
N TYR ZA 210 4.16 -72.23 -54.50
CA TYR ZA 210 3.06 -72.86 -55.19
C TYR ZA 210 2.20 -71.74 -55.77
N TRP ZA 211 2.24 -71.60 -57.07
CA TRP ZA 211 1.73 -70.43 -57.74
C TRP ZA 211 0.53 -70.82 -58.56
N LYS ZA 212 -0.61 -70.25 -58.21
CA LYS ZA 212 -1.90 -70.65 -58.74
C LYS ZA 212 -2.39 -69.64 -59.77
N GLN ZA 213 -3.56 -69.92 -60.30
CA GLN ZA 213 -4.21 -69.02 -61.23
C GLN ZA 213 -4.80 -67.85 -60.46
N GLY ZA 214 -4.40 -66.64 -60.82
CA GLY ZA 214 -4.82 -65.45 -60.13
C GLY ZA 214 -3.81 -64.88 -59.16
N ASP ZA 215 -2.79 -65.66 -58.80
CA ASP ZA 215 -1.74 -65.15 -57.94
C ASP ZA 215 -0.98 -64.03 -58.62
N ASP ZA 216 -0.35 -63.19 -57.80
CA ASP ZA 216 0.42 -62.10 -58.34
C ASP ZA 216 1.64 -62.63 -59.08
N ALA ZA 217 2.18 -61.79 -59.95
CA ALA ZA 217 3.34 -62.18 -60.73
C ALA ZA 217 4.52 -62.51 -59.82
N LEU ZA 218 5.37 -63.42 -60.28
CA LEU ZA 218 6.54 -63.84 -59.55
C LEU ZA 218 7.75 -63.11 -60.10
N HIS ZA 219 8.38 -62.27 -59.27
CA HIS ZA 219 9.49 -61.43 -59.69
C HIS ZA 219 10.78 -61.98 -59.11
N PHE ZA 220 11.77 -62.18 -59.96
CA PHE ZA 220 13.05 -62.69 -59.52
C PHE ZA 220 14.14 -61.81 -60.10
N SER ZA 221 15.12 -61.45 -59.27
CA SER ZA 221 16.15 -60.51 -59.66
C SER ZA 221 17.48 -60.97 -59.09
N HIS ZA 222 18.55 -60.55 -59.76
CA HIS ZA 222 19.89 -60.78 -59.26
C HIS ZA 222 20.71 -59.53 -59.52
N ASP ZA 223 21.35 -59.01 -58.48
CA ASP ZA 223 22.21 -57.84 -58.62
C ASP ZA 223 23.65 -58.29 -58.80
N LEU ZA 224 24.31 -57.75 -59.79
CA LEU ZA 224 25.73 -57.99 -60.01
C LEU ZA 224 26.51 -56.75 -59.61
N ASP ZA 225 27.47 -56.90 -58.72
CA ASP ZA 225 28.45 -55.86 -58.47
C ASP ZA 225 29.80 -56.40 -58.92
N LEU ZA 226 30.29 -55.88 -60.04
CA LEU ZA 226 31.57 -56.29 -60.62
C LEU ZA 226 32.55 -55.14 -60.41
N GLY ZA 227 33.80 -55.48 -60.15
CA GLY ZA 227 34.77 -54.43 -60.12
C GLY ZA 227 35.35 -54.12 -61.47
N PHE ZA 228 34.88 -54.78 -62.52
CA PHE ZA 228 35.51 -54.69 -63.82
C PHE ZA 228 34.42 -54.64 -64.87
N TRP ZA 229 34.85 -54.65 -66.13
CA TRP ZA 229 33.99 -54.42 -67.28
C TRP ZA 229 34.30 -55.49 -68.32
N PHE ZA 230 33.44 -55.60 -69.31
CA PHE ZA 230 33.64 -56.57 -70.38
C PHE ZA 230 33.79 -55.86 -71.70
N GLY ZA 231 34.73 -56.31 -72.51
CA GLY ZA 231 34.96 -55.70 -73.80
C GLY ZA 231 34.46 -56.50 -74.98
N SER ZA 232 34.05 -57.74 -74.75
CA SER ZA 232 33.64 -58.63 -75.82
C SER ZA 232 32.19 -59.03 -75.61
N ASP ZA 233 31.68 -59.84 -76.54
CA ASP ZA 233 30.33 -60.34 -76.38
C ASP ZA 233 30.30 -61.49 -75.38
N TYR ZA 234 29.14 -61.69 -74.77
CA TYR ZA 234 29.03 -62.79 -73.80
C TYR ZA 234 29.18 -64.13 -74.49
N GLY ZA 235 28.51 -64.34 -75.61
CA GLY ZA 235 28.77 -65.53 -76.39
C GLY ZA 235 28.44 -66.81 -75.66
N ASN ZA 236 27.18 -66.96 -75.25
CA ASN ZA 236 26.68 -68.08 -74.43
C ASN ZA 236 27.55 -68.31 -73.20
N ALA ZA 237 27.76 -67.24 -72.46
CA ALA ZA 237 28.37 -67.28 -71.14
C ALA ZA 237 27.30 -67.13 -70.08
N TYR ZA 238 27.49 -67.80 -68.95
CA TYR ZA 238 26.66 -67.51 -67.80
C TYR ZA 238 26.84 -66.06 -67.41
N VAL ZA 239 25.75 -65.40 -67.05
CA VAL ZA 239 25.89 -64.05 -66.50
C VAL ZA 239 26.79 -64.12 -65.26
N PRO ZA 240 27.76 -63.22 -65.11
CA PRO ZA 240 28.91 -63.48 -64.25
C PRO ZA 240 28.56 -63.90 -62.84
N GLN ZA 241 29.23 -64.95 -62.38
CA GLN ZA 241 29.00 -65.53 -61.07
C GLN ZA 241 30.34 -66.01 -60.53
N ASN ZA 242 30.47 -66.00 -59.22
CA ASN ZA 242 31.62 -66.58 -58.55
C ASN ZA 242 31.13 -67.77 -57.76
N ASN ZA 243 31.54 -68.97 -58.17
CA ASN ZA 243 30.97 -70.16 -57.54
C ASN ZA 243 31.97 -71.30 -57.55
N ASP ZA 244 31.54 -72.41 -56.97
CA ASP ZA 244 32.25 -73.66 -57.13
C ASP ZA 244 32.29 -74.09 -58.59
N SER ZA 245 31.22 -73.81 -59.34
CA SER ZA 245 31.16 -74.18 -60.74
C SER ZA 245 31.85 -73.18 -61.65
N MET ZA 246 31.85 -71.90 -61.32
CA MET ZA 246 32.27 -70.92 -62.31
C MET ZA 246 32.74 -69.64 -61.65
N ASN ZA 247 33.51 -68.87 -62.40
CA ASN ZA 247 34.02 -67.57 -61.97
C ASN ZA 247 33.65 -66.49 -62.97
N ALA ZA 248 33.60 -65.26 -62.49
CA ALA ZA 248 33.02 -64.16 -63.26
C ALA ZA 248 33.95 -63.63 -64.33
N VAL ZA 249 35.25 -63.71 -64.12
CA VAL ZA 249 36.23 -63.13 -65.03
C VAL ZA 249 36.82 -64.24 -65.88
N GLY ZA 250 36.94 -63.98 -67.19
CA GLY ZA 250 37.24 -65.05 -68.12
C GLY ZA 250 38.64 -65.15 -68.66
N THR ZA 251 39.47 -64.13 -68.46
CA THR ZA 251 40.81 -64.15 -69.00
C THR ZA 251 41.75 -64.84 -68.03
N ILE ZA 252 42.62 -65.69 -68.57
CA ILE ZA 252 43.68 -66.28 -67.78
C ILE ZA 252 44.66 -65.17 -67.42
N PRO ZA 253 44.88 -64.89 -66.14
CA PRO ZA 253 45.88 -63.90 -65.76
C PRO ZA 253 47.28 -64.38 -66.12
N THR ZA 254 48.15 -63.41 -66.41
CA THR ZA 254 49.46 -63.68 -66.97
C THR ZA 254 50.55 -63.02 -66.13
N SER ZA 255 51.79 -63.43 -66.37
CA SER ZA 255 52.85 -63.33 -65.39
C SER ZA 255 53.32 -61.90 -65.16
N LYS ZA 256 53.81 -61.67 -63.94
CA LYS ZA 256 54.63 -60.51 -63.59
C LYS ZA 256 53.87 -59.20 -63.71
N HIS ZA 257 52.60 -59.22 -63.33
CA HIS ZA 257 51.81 -57.99 -63.21
C HIS ZA 257 50.51 -58.34 -62.50
N ILE ZA 258 49.66 -57.34 -62.36
CA ILE ZA 258 48.44 -57.44 -61.58
C ILE ZA 258 47.28 -57.69 -62.52
N ASN ZA 259 46.34 -58.53 -62.10
CA ASN ZA 259 45.23 -58.95 -62.93
C ASN ZA 259 43.96 -58.94 -62.09
N VAL ZA 260 42.84 -58.63 -62.73
CA VAL ZA 260 41.57 -58.66 -62.01
C VAL ZA 260 41.15 -60.10 -61.82
N ARG ZA 261 40.81 -60.43 -60.58
CA ARG ZA 261 40.55 -61.80 -60.15
C ARG ZA 261 39.20 -61.85 -59.48
N GLY ZA 262 38.41 -62.87 -59.79
CA GLY ZA 262 37.14 -63.04 -59.12
C GLY ZA 262 37.31 -63.34 -57.65
N VAL ZA 263 36.34 -62.91 -56.85
CA VAL ZA 263 36.39 -63.09 -55.41
C VAL ZA 263 34.96 -63.08 -54.89
N ASN ZA 264 34.75 -63.68 -53.72
CA ASN ZA 264 33.60 -63.50 -52.83
C ASN ZA 264 32.33 -64.32 -53.04
N ASN ZA 265 32.20 -65.17 -54.05
CA ASN ZA 265 31.00 -66.01 -54.15
C ASN ZA 265 29.71 -65.20 -54.22
N ARG ZA 266 29.50 -64.59 -55.38
CA ARG ZA 266 28.16 -64.16 -55.77
C ARG ZA 266 27.69 -65.12 -56.86
N GLY ZA 267 26.50 -65.68 -56.68
CA GLY ZA 267 25.98 -66.64 -57.64
C GLY ZA 267 24.47 -66.62 -57.65
N MET ZA 268 23.89 -67.36 -58.59
CA MET ZA 268 22.44 -67.41 -58.72
C MET ZA 268 21.88 -68.79 -58.38
N ALA ZA 269 20.73 -68.80 -57.71
CA ALA ZA 269 20.08 -70.04 -57.33
C ALA ZA 269 19.41 -70.69 -58.54
N GLY ZA 270 19.51 -72.01 -58.63
CA GLY ZA 270 18.92 -72.74 -59.74
C GLY ZA 270 17.40 -72.76 -59.71
N HIS ZA 271 16.79 -71.81 -60.40
CA HIS ZA 271 15.33 -71.73 -60.46
C HIS ZA 271 14.79 -72.90 -61.27
N TYR ZA 272 13.59 -73.37 -60.92
CA TYR ZA 272 13.00 -74.49 -61.63
C TYR ZA 272 11.48 -74.39 -61.58
N LEU ZA 273 10.83 -75.10 -62.50
CA LEU ZA 273 9.38 -75.17 -62.54
C LEU ZA 273 8.96 -76.63 -62.59
N SER ZA 274 7.93 -76.95 -61.82
CA SER ZA 274 7.45 -78.32 -61.74
C SER ZA 274 5.99 -78.30 -61.32
N PHE ZA 275 5.35 -79.43 -61.50
CA PHE ZA 275 3.96 -79.54 -61.07
C PHE ZA 275 3.85 -80.57 -59.96
N PRO ZA 276 2.90 -80.38 -59.04
CA PRO ZA 276 2.74 -81.33 -57.95
C PRO ZA 276 2.25 -82.66 -58.49
N PRO ZA 277 2.76 -83.77 -57.96
CA PRO ZA 277 2.22 -85.07 -58.35
C PRO ZA 277 0.75 -85.18 -57.94
N ILE ZA 278 -0.08 -85.53 -58.91
CA ILE ZA 278 -1.50 -85.78 -58.65
C ILE ZA 278 -1.84 -87.09 -59.33
N ARG ZA 279 -2.20 -88.09 -58.56
CA ARG ZA 279 -2.52 -89.38 -59.16
C ARG ZA 279 -3.91 -89.34 -59.77
N THR ZA 280 -4.06 -90.10 -60.85
CA THR ZA 280 -5.31 -90.25 -61.55
C THR ZA 280 -5.68 -91.73 -61.61
N ASN ZA 281 -6.79 -92.01 -62.28
CA ASN ZA 281 -7.12 -93.39 -62.61
C ASN ZA 281 -5.98 -94.06 -63.37
N ASP ZA 282 -5.28 -93.31 -64.21
CA ASP ZA 282 -4.12 -93.80 -64.92
C ASP ZA 282 -2.99 -92.78 -64.81
N GLY ZA 283 -1.89 -93.18 -64.18
CA GLY ZA 283 -0.72 -92.32 -64.16
C GLY ZA 283 -0.93 -91.05 -63.34
N GLN ZA 284 -0.46 -89.94 -63.88
CA GLN ZA 284 -0.41 -88.67 -63.18
C GLN ZA 284 -1.34 -87.68 -63.84
N PHE ZA 285 -1.81 -86.72 -63.05
CA PHE ZA 285 -2.69 -85.70 -63.57
C PHE ZA 285 -1.93 -84.87 -64.58
N LYS ZA 286 -2.57 -84.53 -65.69
CA LYS ZA 286 -1.87 -83.80 -66.73
C LYS ZA 286 -2.11 -82.33 -66.51
N LEU ZA 287 -1.09 -81.63 -66.06
CA LEU ZA 287 -1.13 -80.19 -65.88
C LEU ZA 287 -0.28 -79.52 -66.94
N ASN ZA 288 -0.85 -78.51 -67.56
CA ASN ZA 288 -0.18 -77.71 -68.55
C ASN ZA 288 -0.24 -76.29 -68.05
N ALA ZA 289 0.79 -75.51 -68.31
CA ALA ZA 289 0.84 -74.16 -67.78
C ALA ZA 289 1.14 -73.17 -68.89
N GLN ZA 290 0.51 -72.01 -68.81
CA GLN ZA 290 0.93 -70.84 -69.56
C GLN ZA 290 1.26 -69.73 -68.59
N PHE ZA 291 2.26 -68.94 -68.92
CA PHE ZA 291 2.51 -67.69 -68.23
C PHE ZA 291 3.33 -66.81 -69.16
N THR ZA 292 3.37 -65.52 -68.85
CA THR ZA 292 4.19 -64.59 -69.59
C THR ZA 292 5.54 -64.47 -68.92
N LEU ZA 293 6.59 -64.48 -69.71
CA LEU ZA 293 7.96 -64.33 -69.23
C LEU ZA 293 8.43 -62.95 -69.62
N GLU ZA 294 8.62 -62.08 -68.63
CA GLU ZA 294 9.23 -60.78 -68.83
C GLU ZA 294 10.60 -60.81 -68.21
N THR ZA 295 11.64 -60.74 -69.04
CA THR ZA 295 13.01 -60.68 -68.56
C THR ZA 295 13.55 -59.28 -68.76
N GLU ZA 296 14.41 -58.85 -67.85
CA GLU ZA 296 15.10 -57.59 -67.96
C GLU ZA 296 16.53 -57.75 -67.52
N ILE ZA 297 17.46 -57.26 -68.34
CA ILE ZA 297 18.87 -57.20 -67.97
C ILE ZA 297 19.32 -55.77 -68.14
N GLU ZA 298 19.96 -55.22 -67.12
CA GLU ZA 298 20.33 -53.81 -67.09
C GLU ZA 298 21.83 -53.71 -67.28
N PHE ZA 299 22.27 -53.21 -68.42
CA PHE ZA 299 23.68 -53.02 -68.67
C PHE ZA 299 24.14 -51.63 -68.30
N GLU ZA 300 25.35 -51.55 -67.77
CA GLU ZA 300 26.12 -50.32 -67.76
C GLU ZA 300 27.14 -50.39 -68.87
N PHE ZA 301 27.38 -49.26 -69.54
CA PHE ZA 301 28.41 -49.23 -70.55
C PHE ZA 301 29.19 -47.94 -70.43
N ARG ZA 302 30.31 -47.89 -71.12
CA ARG ZA 302 31.29 -46.83 -70.95
C ARG ZA 302 31.95 -46.56 -72.28
N LEU ZA 303 32.27 -45.31 -72.55
CA LEU ZA 303 32.65 -44.91 -73.89
C LEU ZA 303 34.16 -44.74 -74.01
N TRP ZA 304 34.58 -44.34 -75.21
CA TRP ZA 304 35.96 -44.33 -75.64
C TRP ZA 304 36.71 -43.15 -75.05
N GLU ZA 305 38.04 -43.27 -75.07
CA GLU ZA 305 38.91 -42.23 -74.51
C GLU ZA 305 38.78 -40.94 -75.31
N GLN ZA 306 38.76 -39.82 -74.59
CA GLN ZA 306 38.73 -38.53 -75.24
C GLN ZA 306 40.10 -38.18 -75.82
N GLY ZA 307 40.09 -37.27 -76.77
CA GLY ZA 307 41.33 -36.80 -77.34
C GLY ZA 307 41.73 -37.58 -78.57
N VAL ZA 308 42.96 -37.30 -79.01
CA VAL ZA 308 43.51 -38.03 -80.14
C VAL ZA 308 43.62 -39.50 -79.84
N GLN ZA 309 43.68 -39.87 -78.55
CA GLN ZA 309 43.73 -41.28 -78.20
C GLN ZA 309 42.52 -42.03 -78.70
N GLY ZA 310 41.37 -41.37 -78.80
CA GLY ZA 310 40.14 -41.97 -79.25
C GLY ZA 310 39.88 -41.90 -80.73
N ILE ZA 311 40.83 -41.41 -81.53
CA ILE ZA 311 40.68 -41.40 -82.97
C ILE ZA 311 40.80 -42.81 -83.51
N ASN ZA 312 39.90 -43.18 -84.42
CA ASN ZA 312 39.86 -44.54 -84.93
C ASN ZA 312 41.21 -45.00 -85.47
N SER ZA 313 41.85 -44.15 -86.27
CA SER ZA 313 43.08 -44.59 -86.94
C SER ZA 313 44.20 -44.84 -85.93
N VAL ZA 314 44.34 -43.97 -84.93
CA VAL ZA 314 45.42 -44.10 -83.96
C VAL ZA 314 44.99 -44.81 -82.69
N HIS ZA 315 43.72 -45.17 -82.55
CA HIS ZA 315 43.30 -45.85 -81.33
C HIS ZA 315 43.80 -47.29 -81.26
N THR ZA 316 44.11 -47.89 -82.40
CA THR ZA 316 44.60 -49.27 -82.37
C THR ZA 316 45.88 -49.36 -81.55
N ASN ZA 317 46.88 -48.56 -81.89
CA ASN ZA 317 48.16 -48.58 -81.22
C ASN ZA 317 48.28 -47.59 -80.06
N LEU ZA 318 47.33 -46.67 -79.88
CA LEU ZA 318 47.25 -45.87 -78.66
C LEU ZA 318 46.26 -46.41 -77.65
N ASN ZA 319 45.63 -47.54 -77.93
CA ASN ZA 319 44.75 -48.15 -76.95
C ASN ZA 319 45.53 -48.41 -75.66
N PRO ZA 320 44.98 -48.06 -74.50
CA PRO ZA 320 45.71 -48.30 -73.25
C PRO ZA 320 45.96 -49.78 -73.03
N ALA ZA 321 47.18 -50.11 -72.63
CA ALA ZA 321 47.47 -51.48 -72.27
C ALA ZA 321 46.88 -51.85 -70.93
N ASN ZA 322 46.41 -50.88 -70.15
CA ASN ZA 322 45.76 -51.16 -68.89
C ASN ZA 322 44.27 -51.37 -69.02
N ASP ZA 323 43.74 -51.39 -70.25
CA ASP ZA 323 42.41 -51.94 -70.44
C ASP ZA 323 42.30 -53.31 -69.80
N SER ZA 324 43.30 -54.16 -70.05
CA SER ZA 324 43.31 -55.49 -69.47
C SER ZA 324 43.18 -55.46 -67.97
N LEU ZA 325 43.48 -54.32 -67.36
CA LEU ZA 325 43.35 -54.20 -65.92
C LEU ZA 325 41.88 -54.14 -65.51
N TRP ZA 326 41.12 -53.22 -66.09
CA TRP ZA 326 39.68 -53.11 -65.83
C TRP ZA 326 38.78 -53.73 -66.91
N ILE ZA 327 39.27 -54.19 -68.04
CA ILE ZA 327 38.37 -54.77 -69.04
C ILE ZA 327 38.62 -56.25 -69.24
N GLN ZA 328 37.64 -57.09 -68.95
CA GLN ZA 328 37.96 -58.47 -68.60
C GLN ZA 328 37.30 -59.64 -69.31
N SER ZA 329 36.49 -59.40 -70.34
CA SER ZA 329 35.74 -60.44 -71.07
C SER ZA 329 34.68 -61.19 -70.23
N TYR ZA 330 34.34 -62.42 -70.62
CA TYR ZA 330 33.32 -63.19 -69.90
C TYR ZA 330 33.89 -64.43 -69.23
N GLY ZA 331 33.40 -64.76 -68.03
CA GLY ZA 331 34.10 -65.77 -67.28
C GLY ZA 331 33.92 -67.22 -67.70
N SER ZA 332 32.67 -67.68 -67.73
CA SER ZA 332 32.41 -69.10 -67.86
C SER ZA 332 31.23 -69.30 -68.77
N LEU ZA 333 31.35 -70.28 -69.65
CA LEU ZA 333 30.40 -70.50 -70.72
C LEU ZA 333 29.48 -71.66 -70.35
N VAL ZA 334 28.22 -71.56 -70.77
CA VAL ZA 334 27.41 -72.75 -70.76
C VAL ZA 334 28.03 -73.74 -71.74
N SER ZA 335 27.75 -75.02 -71.53
CA SER ZA 335 28.37 -76.05 -72.33
C SER ZA 335 27.47 -76.31 -73.53
N ILE ZA 336 27.95 -75.94 -74.71
CA ILE ZA 336 27.17 -75.96 -75.94
C ILE ZA 336 27.91 -76.83 -76.94
N THR ZA 337 27.32 -77.95 -77.32
CA THR ZA 337 27.74 -78.65 -78.52
C THR ZA 337 26.68 -78.43 -79.58
N GLU ZA 338 27.11 -78.18 -80.80
CA GLU ZA 338 26.22 -77.76 -81.88
C GLU ZA 338 25.46 -76.53 -81.37
N SER ZA 339 24.14 -76.47 -81.53
CA SER ZA 339 23.33 -75.40 -80.97
C SER ZA 339 22.72 -75.79 -79.62
N LYS ZA 340 23.06 -76.95 -79.09
CA LYS ZA 340 22.29 -77.59 -78.03
C LYS ZA 340 23.05 -77.52 -76.71
N ILE ZA 341 22.35 -77.14 -75.64
CA ILE ZA 341 22.97 -77.04 -74.33
C ILE ZA 341 23.22 -78.43 -73.77
N ASN ZA 342 24.45 -78.68 -73.33
CA ASN ZA 342 24.78 -79.98 -72.75
C ASN ZA 342 24.30 -80.08 -71.31
N ASN ZA 343 24.50 -79.04 -70.53
CA ASN ZA 343 24.15 -79.02 -69.13
C ASN ZA 343 24.02 -77.58 -68.69
N ILE ZA 344 23.38 -77.38 -67.56
CA ILE ZA 344 23.31 -76.06 -66.93
C ILE ZA 344 23.82 -76.18 -65.51
N GLN ZA 345 24.75 -75.32 -65.15
CA GLN ZA 345 25.29 -75.23 -63.81
C GLN ZA 345 24.66 -74.04 -63.12
N PHE ZA 346 24.38 -74.17 -61.83
CA PHE ZA 346 23.74 -73.08 -61.11
C PHE ZA 346 24.64 -72.40 -60.09
N GLY ZA 347 25.06 -73.10 -59.05
CA GLY ZA 347 25.95 -72.52 -58.07
C GLY ZA 347 25.60 -71.17 -57.47
N PRO ZA 348 24.64 -71.16 -56.55
CA PRO ZA 348 24.10 -69.99 -55.85
C PRO ZA 348 25.05 -69.43 -54.82
N THR ZA 349 24.76 -68.26 -54.28
CA THR ZA 349 25.61 -67.73 -53.24
C THR ZA 349 25.07 -68.54 -52.10
N CYS ZA 350 25.82 -69.55 -51.67
CA CYS ZA 350 25.28 -70.41 -50.64
C CYS ZA 350 25.33 -69.74 -49.30
N PRO ZA 351 24.30 -69.97 -48.49
CA PRO ZA 351 24.15 -69.32 -47.19
C PRO ZA 351 25.13 -69.81 -46.15
N ARG ZA 352 25.77 -70.95 -46.35
CA ARG ZA 352 26.70 -71.46 -45.36
C ARG ZA 352 28.13 -70.99 -45.59
N VAL ZA 353 28.42 -70.32 -46.69
CA VAL ZA 353 29.66 -69.56 -46.78
C VAL ZA 353 29.62 -68.42 -45.77
N ASP ZA 354 30.77 -68.11 -45.18
CA ASP ZA 354 30.86 -67.02 -44.22
C ASP ZA 354 30.32 -65.74 -44.84
N ALA ZA 355 29.47 -65.05 -44.08
CA ALA ZA 355 28.89 -63.82 -44.58
C ALA ZA 355 29.93 -62.79 -44.96
N ARG ZA 356 31.14 -62.90 -44.41
CA ARG ZA 356 32.19 -61.97 -44.77
C ARG ZA 356 32.71 -62.24 -46.18
N ASN ZA 357 32.58 -63.47 -46.66
CA ASN ZA 357 32.93 -63.79 -48.03
C ASN ZA 357 31.85 -63.37 -49.01
N LYS ZA 358 30.59 -63.36 -48.60
CA LYS ZA 358 29.48 -63.23 -49.53
C LYS ZA 358 29.18 -61.81 -49.94
N GLY ZA 359 30.00 -60.84 -49.52
CA GLY ZA 359 29.67 -59.45 -49.70
C GLY ZA 359 29.75 -58.94 -51.14
N GLY ZA 360 29.79 -57.62 -51.30
CA GLY ZA 360 29.44 -56.99 -52.55
C GLY ZA 360 30.30 -57.21 -53.77
N LYS ZA 361 31.58 -56.91 -53.69
CA LYS ZA 361 32.41 -56.75 -54.88
C LYS ZA 361 32.87 -58.10 -55.42
N MET ZA 362 32.59 -58.36 -56.69
CA MET ZA 362 32.88 -59.67 -57.28
C MET ZA 362 34.27 -59.80 -57.86
N SER ZA 363 35.13 -58.79 -57.77
CA SER ZA 363 36.45 -58.96 -58.30
C SER ZA 363 37.44 -58.18 -57.47
N MET ZA 364 38.69 -58.58 -57.55
CA MET ZA 364 39.78 -57.89 -56.89
C MET ZA 364 40.92 -57.80 -57.88
N LEU ZA 365 41.75 -56.80 -57.72
CA LEU ZA 365 42.85 -56.56 -58.63
C LEU ZA 365 44.08 -57.09 -57.94
N PHE ZA 366 44.47 -58.29 -58.35
CA PHE ZA 366 45.52 -59.07 -57.70
C PHE ZA 366 46.57 -59.56 -58.67
N ASP ZA 367 47.82 -59.50 -58.26
CA ASP ZA 367 48.94 -59.89 -59.11
C ASP ZA 367 49.12 -61.38 -59.36
N HIS ZA 368 49.83 -61.69 -60.43
CA HIS ZA 368 50.12 -63.07 -60.75
C HIS ZA 368 51.63 -63.19 -60.99
N HIS ZA 369 52.25 -64.20 -60.41
CA HIS ZA 369 53.68 -64.39 -60.58
C HIS ZA 369 53.98 -65.54 -61.55
N GLU AB 36 52.18 -58.29 -5.01
CA GLU AB 36 53.05 -57.17 -4.73
C GLU AB 36 54.44 -57.46 -5.31
N GLY AB 37 55.19 -56.40 -5.62
CA GLY AB 37 56.50 -56.56 -6.20
C GLY AB 37 56.45 -56.69 -7.71
N ASP AB 38 57.62 -56.92 -8.29
CA ASP AB 38 57.72 -57.07 -9.73
C ASP AB 38 57.43 -58.48 -10.20
N GLY AB 39 57.10 -59.38 -9.28
CA GLY AB 39 56.80 -60.76 -9.61
C GLY AB 39 57.87 -61.74 -9.23
N SER AB 40 59.06 -61.25 -8.92
CA SER AB 40 60.20 -62.08 -8.58
C SER AB 40 60.04 -62.95 -7.36
N ALA AB 41 58.96 -62.74 -6.61
CA ALA AB 41 58.68 -63.50 -5.39
C ALA AB 41 58.23 -64.92 -5.67
N PRO AB 42 58.27 -65.79 -4.66
CA PRO AB 42 57.84 -67.15 -4.94
C PRO AB 42 56.39 -67.30 -5.39
N GLY AB 43 55.43 -66.53 -4.89
CA GLY AB 43 54.05 -66.72 -5.31
C GLY AB 43 53.40 -65.53 -6.02
N GLY AB 44 52.34 -65.78 -6.78
CA GLY AB 44 51.66 -64.71 -7.50
C GLY AB 44 51.96 -64.66 -8.98
N SER AB 45 52.27 -63.48 -9.51
CA SER AB 45 52.56 -63.30 -10.93
C SER AB 45 53.99 -63.65 -11.33
N VAL AB 46 54.20 -64.04 -12.58
CA VAL AB 46 55.47 -64.44 -13.14
C VAL AB 46 56.35 -63.27 -13.51
N TRP AB 47 57.58 -63.27 -13.03
CA TRP AB 47 58.50 -62.22 -13.40
C TRP AB 47 58.83 -62.55 -14.83
N GLN AB 48 58.70 -61.59 -15.73
CA GLN AB 48 58.99 -61.88 -17.12
C GLN AB 48 59.93 -60.83 -17.69
N THR AB 49 60.71 -61.26 -18.67
CA THR AB 49 61.78 -60.48 -19.24
C THR AB 49 61.24 -59.36 -20.12
N THR AB 50 62.10 -58.38 -20.40
CA THR AB 50 61.73 -57.22 -21.19
C THR AB 50 61.34 -57.60 -22.61
N ASP AB 51 60.56 -56.74 -23.24
CA ASP AB 51 60.02 -56.97 -24.56
C ASP AB 51 61.05 -56.64 -25.63
N TYR AB 52 61.34 -57.60 -26.50
CA TYR AB 52 62.22 -57.36 -27.63
C TYR AB 52 61.50 -56.94 -28.90
N ILE AB 53 60.17 -56.95 -28.94
CA ILE AB 53 59.47 -56.54 -30.15
C ILE AB 53 59.56 -55.04 -30.34
N ALA AB 54 59.28 -54.27 -29.29
CA ALA AB 54 59.07 -52.85 -29.42
C ALA AB 54 60.17 -52.17 -30.21
N LEU AB 55 61.42 -52.56 -29.99
CA LEU AB 55 62.52 -51.95 -30.72
C LEU AB 55 62.72 -52.53 -32.11
N SER AB 56 62.22 -53.73 -32.37
CA SER AB 56 62.33 -54.25 -33.73
C SER AB 56 61.26 -53.70 -34.65
N MET AB 57 60.15 -53.20 -34.09
CA MET AB 57 59.08 -52.64 -34.91
C MET AB 57 59.20 -51.16 -35.14
N VAL AB 58 60.11 -50.46 -34.46
CA VAL AB 58 60.17 -49.02 -34.62
C VAL AB 58 60.60 -48.69 -36.04
N VAL AB 59 59.83 -47.84 -36.69
CA VAL AB 59 60.07 -47.46 -38.08
C VAL AB 59 60.81 -46.12 -38.09
N TYR AB 60 61.99 -46.12 -38.68
CA TYR AB 60 62.77 -44.91 -38.83
C TYR AB 60 62.62 -44.41 -40.26
N ARG AB 61 62.62 -43.10 -40.42
CA ARG AB 61 62.18 -42.48 -41.67
C ARG AB 61 63.23 -41.50 -42.13
N THR AB 62 63.79 -41.74 -43.31
CA THR AB 62 64.80 -40.86 -43.87
C THR AB 62 64.42 -40.44 -45.28
N ALA AB 63 65.31 -39.72 -45.97
CA ALA AB 63 65.05 -39.30 -47.33
C ALA AB 63 66.36 -39.06 -48.03
N ILE AB 64 66.30 -39.04 -49.37
CA ILE AB 64 67.44 -38.70 -50.21
C ILE AB 64 67.00 -37.61 -51.15
N LYS AB 65 67.63 -36.44 -51.03
CA LYS AB 65 67.31 -35.28 -51.85
C LYS AB 65 68.51 -34.95 -52.72
N LEU AB 66 68.26 -34.68 -53.99
CA LEU AB 66 69.31 -34.41 -54.96
C LEU AB 66 68.85 -33.32 -55.92
N ARG AB 67 69.75 -32.43 -56.28
CA ARG AB 67 69.47 -31.40 -57.26
C ARG AB 67 70.32 -31.61 -58.50
N ASN AB 68 69.80 -31.11 -59.61
CA ASN AB 68 70.38 -31.32 -60.92
C ASN AB 68 69.96 -30.16 -61.79
N PHE AB 69 70.76 -29.85 -62.79
CA PHE AB 69 70.37 -28.94 -63.86
C PHE AB 69 70.13 -29.75 -65.11
N VAL AB 70 68.99 -29.54 -65.74
CA VAL AB 70 68.61 -30.26 -66.94
C VAL AB 70 68.66 -29.32 -68.12
N ASN AB 71 69.33 -29.73 -69.18
CA ASN AB 71 69.40 -28.99 -70.43
C ASN AB 71 68.80 -29.85 -71.53
N ILE AB 72 67.69 -29.41 -72.09
CA ILE AB 72 66.99 -30.13 -73.14
C ILE AB 72 67.19 -29.36 -74.42
N ARG AB 73 67.93 -29.92 -75.36
CA ARG AB 73 68.24 -29.24 -76.61
C ARG AB 73 67.85 -30.11 -77.80
N GLY AB 74 67.56 -29.44 -78.91
CA GLY AB 74 67.34 -30.13 -80.17
C GLY AB 74 66.19 -31.11 -80.14
N LEU AB 75 65.13 -30.78 -79.42
CA LEU AB 75 63.99 -31.66 -79.26
C LEU AB 75 62.89 -31.17 -80.20
N THR AB 76 62.60 -31.93 -81.24
CA THR AB 76 61.58 -31.54 -82.19
C THR AB 76 60.20 -31.81 -81.61
N PRO AB 77 59.15 -31.21 -82.18
CA PRO AB 77 57.81 -31.36 -81.57
C PRO AB 77 57.27 -32.77 -81.58
N THR AB 78 57.76 -33.64 -82.47
CA THR AB 78 57.31 -35.02 -82.46
C THR AB 78 57.96 -35.80 -81.33
N GLU AB 79 59.27 -35.65 -81.18
CA GLU AB 79 60.01 -36.34 -80.13
C GLU AB 79 59.76 -35.67 -78.78
N MET AB 80 60.02 -36.43 -77.72
CA MET AB 80 59.55 -36.09 -76.38
C MET AB 80 60.51 -36.64 -75.35
N ILE AB 81 60.72 -35.90 -74.28
CA ILE AB 81 61.59 -36.34 -73.18
C ILE AB 81 60.80 -37.19 -72.22
N VAL AB 82 61.32 -38.36 -71.93
CA VAL AB 82 60.71 -39.29 -70.99
C VAL AB 82 61.31 -39.02 -69.62
N ILE AB 83 60.46 -38.72 -68.64
CA ILE AB 83 60.96 -38.46 -67.29
C ILE AB 83 61.11 -39.83 -66.65
N PRO AB 84 62.29 -40.32 -66.39
CA PRO AB 84 62.43 -41.63 -65.76
C PRO AB 84 62.07 -41.57 -64.29
N TRP AB 85 60.90 -41.06 -63.99
CA TRP AB 85 60.59 -40.70 -62.61
C TRP AB 85 59.97 -41.87 -61.86
N ASN AB 86 59.64 -42.94 -62.56
CA ASN AB 86 59.11 -44.14 -61.94
C ASN AB 86 60.16 -45.21 -61.70
N VAL AB 87 61.42 -44.95 -62.03
CA VAL AB 87 62.50 -45.88 -61.74
C VAL AB 87 63.17 -45.46 -60.44
N MET AB 88 63.45 -46.44 -59.59
CA MET AB 88 63.96 -46.17 -58.26
C MET AB 88 65.30 -45.47 -58.32
N ARG AB 89 66.15 -45.87 -59.27
CA ARG AB 89 67.49 -45.34 -59.40
C ARG AB 89 67.52 -43.86 -59.72
N PHE AB 90 66.41 -43.31 -60.19
CA PHE AB 90 66.36 -41.90 -60.54
C PHE AB 90 66.53 -41.03 -59.31
N TYR AB 91 65.87 -41.38 -58.21
CA TYR AB 91 65.85 -40.52 -57.03
C TYR AB 91 67.08 -40.69 -56.15
N CYS AB 92 67.48 -41.92 -55.89
CA CYS AB 92 68.51 -42.22 -54.90
C CYS AB 92 69.89 -42.44 -55.49
N GLU AB 93 70.06 -42.38 -56.80
CA GLU AB 93 71.36 -42.44 -57.42
C GLU AB 93 71.49 -41.26 -58.38
N TYR AB 94 72.64 -40.61 -58.37
CA TYR AB 94 72.78 -39.33 -59.01
C TYR AB 94 73.50 -39.58 -60.33
N ASN AB 95 72.77 -39.54 -61.43
CA ASN AB 95 73.38 -39.80 -62.72
C ASN AB 95 73.33 -38.49 -63.49
N THR AB 96 74.47 -37.83 -63.56
CA THR AB 96 74.60 -36.59 -64.31
C THR AB 96 76.00 -36.55 -64.88
N GLY AB 97 76.13 -36.26 -66.17
CA GLY AB 97 77.44 -36.00 -66.72
C GLY AB 97 78.44 -37.09 -66.43
N THR AB 98 79.56 -36.71 -65.81
CA THR AB 98 80.63 -37.63 -65.51
C THR AB 98 80.34 -38.52 -64.30
N TYR AB 99 79.41 -38.12 -63.42
CA TYR AB 99 79.14 -38.89 -62.21
C TYR AB 99 78.78 -40.33 -62.55
N GLY AB 100 77.75 -40.51 -63.38
CA GLY AB 100 77.31 -41.85 -63.73
C GLY AB 100 78.39 -42.73 -64.30
N LEU AB 101 79.44 -42.14 -64.89
CA LEU AB 101 80.56 -42.92 -65.36
C LEU AB 101 81.43 -43.39 -64.20
N SER AB 102 81.59 -42.56 -63.19
CA SER AB 102 82.33 -42.95 -61.99
C SER AB 102 81.51 -43.94 -61.17
N GLY AB 103 82.20 -44.68 -60.31
CA GLY AB 103 81.59 -45.78 -59.59
C GLY AB 103 80.88 -45.36 -58.31
N ASN AB 104 79.86 -46.13 -57.96
CA ASN AB 104 79.13 -46.03 -56.70
C ASN AB 104 78.69 -44.59 -56.44
N VAL AB 105 77.73 -44.16 -57.26
CA VAL AB 105 77.19 -42.80 -57.14
C VAL AB 105 75.93 -42.79 -56.29
N HIS AB 106 75.55 -43.91 -55.70
CA HIS AB 106 74.44 -43.94 -54.77
C HIS AB 106 74.66 -42.97 -53.62
N HIS AB 107 73.58 -42.38 -53.14
CA HIS AB 107 73.66 -41.53 -51.97
C HIS AB 107 73.96 -42.37 -50.74
N LYS AB 108 74.71 -41.80 -49.79
CA LYS AB 108 75.18 -42.61 -48.68
C LYS AB 108 74.08 -42.97 -47.70
N ASN AB 109 72.97 -42.22 -47.67
CA ASN AB 109 71.83 -42.69 -46.89
C ASN AB 109 71.29 -43.98 -47.46
N TYR AB 110 71.41 -44.19 -48.76
CA TYR AB 110 70.91 -45.44 -49.30
C TYR AB 110 71.87 -46.59 -49.04
N SER AB 111 73.17 -46.33 -49.04
CA SER AB 111 74.13 -47.38 -48.79
C SER AB 111 73.91 -48.00 -47.42
N MET AB 112 73.49 -47.21 -46.44
CA MET AB 112 73.20 -47.78 -45.13
C MET AB 112 71.82 -48.37 -45.01
N LEU AB 113 70.88 -47.99 -45.89
CA LEU AB 113 69.60 -48.69 -45.89
C LEU AB 113 69.78 -50.17 -46.15
N LEU AB 114 70.91 -50.56 -46.73
CA LEU AB 114 71.29 -51.94 -46.86
C LEU AB 114 71.94 -52.48 -45.60
N ALA AB 115 72.34 -51.61 -44.67
CA ALA AB 115 72.85 -52.07 -43.39
C ALA AB 115 71.72 -52.44 -42.44
N CYS AB 116 70.64 -51.67 -42.41
CA CYS AB 116 69.47 -52.05 -41.64
C CYS AB 116 68.75 -53.19 -42.35
N LYS AB 117 67.92 -53.93 -41.60
CA LYS AB 117 67.42 -55.16 -42.18
C LYS AB 117 66.28 -54.94 -43.15
N ALA AB 118 65.55 -53.85 -43.04
CA ALA AB 118 64.42 -53.59 -43.90
C ALA AB 118 64.37 -52.12 -44.24
N HIS AB 119 64.04 -51.81 -45.48
CA HIS AB 119 63.76 -50.44 -45.87
C HIS AB 119 62.59 -50.44 -46.84
N ARG AB 120 61.87 -49.33 -46.86
CA ARG AB 120 60.75 -49.22 -47.75
C ARG AB 120 60.70 -47.82 -48.35
N PRO AB 121 60.42 -47.72 -49.64
CA PRO AB 121 60.59 -46.43 -50.34
C PRO AB 121 59.55 -45.36 -50.03
N THR AB 122 58.33 -45.71 -49.60
CA THR AB 122 57.26 -44.74 -49.31
C THR AB 122 57.14 -43.66 -50.38
N LYS AB 123 57.07 -42.39 -49.98
CA LYS AB 123 56.79 -41.33 -50.93
C LYS AB 123 57.99 -41.08 -51.83
N VAL AB 124 57.71 -40.62 -53.05
CA VAL AB 124 58.74 -40.28 -54.02
C VAL AB 124 58.22 -39.12 -54.87
N GLY AB 125 59.12 -38.23 -55.28
CA GLY AB 125 58.67 -37.08 -56.02
C GLY AB 125 59.83 -36.28 -56.58
N TYR AB 126 59.49 -35.27 -57.37
CA TYR AB 126 60.52 -34.42 -57.96
C TYR AB 126 59.92 -33.05 -58.29
N THR AB 127 60.80 -32.09 -58.52
CA THR AB 127 60.41 -30.72 -58.80
C THR AB 127 61.18 -30.20 -60.00
N LEU AB 128 60.46 -29.58 -60.93
CA LEU AB 128 61.03 -28.80 -62.02
C LEU AB 128 60.90 -27.32 -61.69
N SER AB 129 61.99 -26.58 -61.83
CA SER AB 129 61.99 -25.22 -61.33
C SER AB 129 62.84 -24.31 -62.20
N ASN AB 130 62.48 -23.04 -62.22
CA ASN AB 130 63.26 -21.97 -62.86
C ASN AB 130 63.64 -22.34 -64.29
N LEU AB 131 62.60 -22.36 -65.12
CA LEU AB 131 62.76 -22.72 -66.51
C LEU AB 131 63.44 -21.58 -67.27
N ILE AB 132 64.40 -21.96 -68.11
CA ILE AB 132 65.06 -21.02 -69.01
C ILE AB 132 64.96 -21.61 -70.41
N LEU AB 133 64.26 -20.91 -71.29
CA LEU AB 133 64.19 -21.26 -72.70
C LEU AB 133 65.20 -20.44 -73.48
N THR AB 134 65.88 -21.10 -74.41
CA THR AB 134 66.80 -20.45 -75.31
C THR AB 134 66.44 -20.87 -76.72
N SER AB 135 66.99 -20.15 -77.70
CA SER AB 135 66.66 -20.38 -79.10
C SER AB 135 67.92 -20.49 -79.92
N ASP AB 136 67.98 -21.51 -80.78
CA ASP AB 136 69.03 -21.64 -81.77
C ASP AB 136 68.69 -20.94 -83.07
N GLU AB 137 67.58 -20.21 -83.10
CA GLU AB 137 67.12 -19.59 -84.34
C GLU AB 137 68.17 -18.69 -84.95
N LEU AB 138 68.89 -17.93 -84.12
CA LEU AB 138 69.96 -17.08 -84.64
C LEU AB 138 71.20 -17.88 -85.01
N VAL AB 139 71.28 -19.12 -84.58
CA VAL AB 139 72.44 -19.97 -84.87
C VAL AB 139 72.35 -20.48 -86.29
N SER AB 140 73.48 -20.48 -86.98
CA SER AB 140 73.61 -21.04 -88.31
C SER AB 140 74.97 -21.71 -88.43
N THR AB 141 75.12 -22.54 -89.47
CA THR AB 141 76.38 -23.24 -89.66
C THR AB 141 77.54 -22.27 -89.86
N GLY AB 142 77.26 -21.07 -90.38
CA GLY AB 142 78.29 -20.06 -90.46
C GLY AB 142 78.74 -19.56 -89.10
N GLY AB 143 77.85 -19.64 -88.11
CA GLY AB 143 78.22 -19.29 -86.76
C GLY AB 143 78.14 -17.79 -86.48
N THR AB 144 79.03 -17.33 -85.62
CA THR AB 144 79.18 -15.93 -85.19
C THR AB 144 78.02 -15.46 -84.33
N LEU AB 145 76.94 -16.22 -84.28
CA LEU AB 145 75.83 -15.96 -83.38
C LEU AB 145 75.43 -17.25 -82.70
N GLY AB 146 75.41 -17.23 -81.37
CA GLY AB 146 75.05 -18.39 -80.58
C GLY AB 146 73.61 -18.32 -80.11
N THR AB 147 73.22 -19.38 -79.40
CA THR AB 147 71.86 -19.41 -78.87
C THR AB 147 71.70 -18.35 -77.79
N THR AB 148 70.46 -17.92 -77.59
CA THR AB 148 70.19 -16.96 -76.54
C THR AB 148 68.74 -17.14 -76.12
N THR AB 149 68.43 -16.66 -74.92
CA THR AB 149 67.09 -16.77 -74.38
C THR AB 149 66.08 -16.16 -75.33
N THR AB 150 64.87 -16.73 -75.32
CA THR AB 150 63.83 -16.30 -76.24
C THR AB 150 63.56 -14.81 -76.06
N PHE AB 151 63.24 -14.16 -77.19
CA PHE AB 151 63.05 -12.71 -77.18
C PHE AB 151 61.94 -12.30 -76.24
N ASN AB 152 60.88 -13.09 -76.14
CA ASN AB 152 59.82 -12.87 -75.17
C ASN AB 152 59.51 -14.18 -74.48
N THR AB 153 58.74 -14.09 -73.40
CA THR AB 153 58.48 -15.22 -72.53
C THR AB 153 57.26 -16.04 -72.97
N SER AB 154 56.67 -15.70 -74.11
CA SER AB 154 55.54 -16.48 -74.61
C SER AB 154 55.84 -17.96 -74.85
N PRO AB 155 57.02 -18.38 -75.31
CA PRO AB 155 57.24 -19.81 -75.51
C PRO AB 155 57.19 -20.57 -74.20
N TYR AB 156 57.00 -21.88 -74.31
CA TYR AB 156 56.82 -22.72 -73.14
C TYR AB 156 57.30 -24.13 -73.42
N MET AB 157 57.55 -24.87 -72.36
CA MET AB 157 57.84 -26.28 -72.44
C MET AB 157 56.66 -27.05 -71.84
N ILE AB 158 56.21 -28.08 -72.53
CA ILE AB 158 55.00 -28.79 -72.16
C ILE AB 158 55.40 -29.93 -71.24
N HIS AB 159 54.84 -29.95 -70.05
CA HIS AB 159 55.00 -31.09 -69.15
C HIS AB 159 53.75 -31.93 -69.24
N SER AB 160 53.89 -33.15 -69.75
CA SER AB 160 52.75 -34.02 -70.00
C SER AB 160 52.74 -35.16 -69.01
N ILE AB 161 51.58 -35.42 -68.42
CA ILE AB 161 51.36 -36.57 -67.57
C ILE AB 161 50.35 -37.45 -68.28
N ASP AB 162 50.73 -38.69 -68.60
CA ASP AB 162 49.82 -39.53 -69.35
C ASP AB 162 49.02 -40.34 -68.34
N ASP AB 163 47.77 -39.94 -68.14
CA ASP AB 163 46.87 -40.61 -67.20
C ASP AB 163 46.21 -41.82 -67.84
N GLN AB 164 45.80 -41.67 -69.09
CA GLN AB 164 45.07 -42.71 -69.80
C GLN AB 164 46.01 -43.76 -70.37
N GLN AB 165 47.31 -43.58 -70.19
CA GLN AB 165 48.33 -44.49 -70.70
C GLN AB 165 48.21 -44.64 -72.20
N CYS AB 166 48.26 -43.50 -72.89
CA CYS AB 166 48.42 -43.52 -74.34
C CYS AB 166 49.66 -44.32 -74.71
N LEU AB 167 50.74 -44.13 -73.96
CA LEU AB 167 51.99 -44.86 -74.16
C LEU AB 167 52.17 -45.80 -72.99
N SER AB 168 52.05 -47.09 -73.25
CA SER AB 168 52.27 -48.10 -72.23
C SER AB 168 53.75 -48.32 -71.99
N LYS AB 169 54.50 -48.45 -73.09
CA LYS AB 169 55.90 -48.79 -73.06
C LYS AB 169 56.62 -47.88 -74.05
N VAL AB 170 57.71 -47.27 -73.61
CA VAL AB 170 58.36 -46.20 -74.34
C VAL AB 170 59.77 -46.64 -74.71
N TYR AB 171 60.14 -46.43 -75.96
CA TYR AB 171 61.43 -46.82 -76.48
C TYR AB 171 62.24 -45.61 -76.90
N PRO AB 172 63.56 -45.69 -76.88
CA PRO AB 172 64.37 -44.59 -77.40
C PRO AB 172 64.20 -44.44 -78.90
N LYS AB 173 64.61 -43.28 -79.41
CA LYS AB 173 64.57 -43.05 -80.84
C LYS AB 173 65.52 -43.99 -81.55
N THR AB 174 65.26 -44.20 -82.84
CA THR AB 174 65.99 -45.18 -83.62
C THR AB 174 67.50 -45.02 -83.49
N ASP AB 175 67.99 -43.79 -83.65
CA ASP AB 175 69.43 -43.58 -83.61
C ASP AB 175 69.96 -43.54 -82.18
N THR AB 176 69.22 -42.93 -81.26
CA THR AB 176 69.73 -42.68 -79.94
C THR AB 176 69.61 -43.92 -79.06
N VAL AB 177 70.08 -43.79 -77.82
CA VAL AB 177 69.96 -44.84 -76.82
C VAL AB 177 69.93 -44.16 -75.46
N TRP AB 178 69.39 -44.85 -74.47
CA TRP AB 178 69.21 -44.29 -73.15
C TRP AB 178 70.25 -44.85 -72.19
N PRO AB 179 71.28 -44.11 -71.82
CA PRO AB 179 72.20 -44.60 -70.79
C PRO AB 179 71.57 -44.47 -69.42
N VAL AB 180 71.91 -45.40 -68.54
CA VAL AB 180 71.44 -45.23 -67.19
C VAL AB 180 72.31 -44.22 -66.46
N SER AB 181 73.58 -44.10 -66.88
CA SER AB 181 74.47 -43.11 -66.29
C SER AB 181 74.03 -41.69 -66.58
N SER AB 182 73.18 -41.51 -67.59
CA SER AB 182 72.67 -40.21 -67.98
C SER AB 182 71.31 -39.89 -67.38
N MET AB 183 70.82 -40.73 -66.49
CA MET AB 183 69.39 -40.74 -66.16
C MET AB 183 68.89 -39.39 -65.67
N ARG AB 184 69.59 -38.76 -64.72
CA ARG AB 184 68.99 -37.61 -64.06
C ARG AB 184 69.04 -36.33 -64.88
N GLU AB 185 69.99 -36.15 -65.78
CA GLU AB 185 69.83 -35.07 -66.75
C GLU AB 185 69.00 -35.65 -67.86
N LEU AB 186 67.94 -34.98 -68.25
CA LEU AB 186 66.90 -35.70 -68.96
C LEU AB 186 67.26 -35.57 -70.43
N ASP AB 187 67.89 -36.62 -70.95
CA ASP AB 187 68.17 -36.77 -72.36
C ASP AB 187 67.29 -37.80 -73.04
N TYR AB 188 66.40 -38.48 -72.33
CA TYR AB 188 65.78 -39.65 -72.95
C TYR AB 188 64.70 -39.14 -73.89
N VAL AB 189 64.87 -39.42 -75.17
CA VAL AB 189 64.00 -38.90 -76.21
C VAL AB 189 63.25 -40.07 -76.83
N ALA AB 190 61.93 -40.01 -76.73
CA ALA AB 190 61.06 -40.94 -77.42
C ALA AB 190 60.42 -40.21 -78.59
N SER AB 191 60.18 -40.94 -79.66
CA SER AB 191 59.43 -40.42 -80.78
C SER AB 191 58.13 -41.19 -80.83
N THR AB 192 57.03 -40.52 -80.49
CA THR AB 192 55.72 -41.16 -80.49
C THR AB 192 55.14 -41.06 -81.88
N VAL AB 193 54.88 -42.21 -82.50
CA VAL AB 193 54.52 -42.27 -83.90
C VAL AB 193 53.42 -43.31 -84.08
N SER AB 194 52.37 -42.95 -84.80
CA SER AB 194 51.34 -43.89 -85.22
C SER AB 194 51.86 -44.62 -86.45
N GLY AB 195 51.02 -45.35 -87.16
CA GLY AB 195 51.57 -46.09 -88.27
C GLY AB 195 52.22 -45.22 -89.32
N ASP AB 196 51.46 -44.32 -89.94
CA ASP AB 196 52.03 -43.28 -90.79
C ASP AB 196 52.14 -41.93 -90.10
N ASN AB 197 51.64 -41.81 -88.87
CA ASN AB 197 51.39 -40.50 -88.27
C ASN AB 197 52.40 -40.23 -87.15
N ALA AB 198 53.02 -39.06 -87.21
CA ALA AB 198 53.85 -38.59 -86.11
C ALA AB 198 52.94 -37.94 -85.08
N ILE AB 199 52.96 -38.47 -83.86
CA ILE AB 199 52.11 -37.97 -82.79
C ILE AB 199 52.77 -36.76 -82.15
N ILE AB 200 52.04 -35.66 -82.04
CA ILE AB 200 52.46 -34.56 -81.18
C ILE AB 200 52.11 -34.96 -79.76
N PRO AB 201 53.10 -35.12 -78.86
CA PRO AB 201 52.82 -35.73 -77.56
C PRO AB 201 51.78 -34.99 -76.74
N SER AB 202 51.80 -33.66 -76.76
CA SER AB 202 50.85 -32.90 -75.97
C SER AB 202 49.41 -33.16 -76.34
N THR AB 203 49.15 -33.64 -77.55
CA THR AB 203 47.78 -33.79 -78.01
C THR AB 203 47.11 -35.04 -77.46
N ILE AB 204 47.86 -36.13 -77.32
CA ILE AB 204 47.27 -37.37 -76.82
C ILE AB 204 47.19 -37.38 -75.30
N PHE AB 205 48.19 -36.82 -74.62
CA PHE AB 205 48.30 -36.97 -73.18
C PHE AB 205 47.22 -36.17 -72.46
N ASN AB 206 46.95 -36.57 -71.23
CA ASN AB 206 45.80 -36.05 -70.50
C ASN AB 206 46.13 -34.70 -69.87
N LYS AB 207 46.94 -34.71 -68.82
CA LYS AB 207 47.37 -33.46 -68.19
C LYS AB 207 48.59 -32.96 -68.94
N ASN AB 208 48.47 -31.77 -69.51
CA ASN AB 208 49.56 -31.10 -70.20
C ASN AB 208 49.67 -29.71 -69.61
N ARG AB 209 50.79 -29.45 -68.94
CA ARG AB 209 51.06 -28.16 -68.35
C ARG AB 209 51.98 -27.39 -69.29
N TYR AB 210 51.55 -26.20 -69.72
CA TYR AB 210 52.40 -25.37 -70.53
C TYR AB 210 53.13 -24.44 -69.58
N TRP AB 211 54.42 -24.67 -69.42
CA TRP AB 211 55.19 -24.08 -68.34
C TRP AB 211 56.19 -23.12 -68.94
N LYS AB 212 56.06 -21.85 -68.59
CA LYS AB 212 56.78 -20.77 -69.21
C LYS AB 212 57.90 -20.29 -68.30
N GLN AB 213 58.61 -19.29 -68.77
CA GLN AB 213 59.66 -18.65 -68.00
C GLN AB 213 59.03 -17.75 -66.96
N GLY AB 214 59.33 -17.98 -65.69
CA GLY AB 214 58.75 -17.24 -64.61
C GLY AB 214 57.64 -17.96 -63.88
N ASP AB 215 57.10 -19.03 -64.46
CA ASP AB 215 56.07 -19.80 -63.78
C ASP AB 215 56.65 -20.45 -62.53
N ASP AB 216 55.76 -20.77 -61.60
CA ASP AB 216 56.16 -21.42 -60.38
C ASP AB 216 56.68 -22.82 -60.68
N ALA AB 217 57.46 -23.34 -59.75
CA ALA AB 217 58.03 -24.67 -59.92
C ALA AB 217 56.93 -25.72 -60.04
N LEU AB 218 57.22 -26.78 -60.78
CA LEU AB 218 56.29 -27.87 -60.98
C LEU AB 218 56.64 -29.00 -60.04
N HIS AB 219 55.75 -29.32 -59.12
CA HIS AB 219 55.99 -30.31 -58.08
C HIS AB 219 55.19 -31.57 -58.39
N PHE AB 220 55.85 -32.71 -58.40
CA PHE AB 220 55.19 -33.96 -58.67
C PHE AB 220 55.60 -34.96 -57.62
N SER AB 221 54.63 -35.70 -57.10
CA SER AB 221 54.85 -36.60 -55.98
C SER AB 221 54.07 -37.87 -56.20
N HIS AB 222 54.54 -38.95 -55.59
CA HIS AB 222 53.82 -40.21 -55.57
C HIS AB 222 53.97 -40.82 -54.20
N ASP AB 223 52.84 -41.17 -53.58
CA ASP AB 223 52.86 -41.82 -52.28
C ASP AB 223 52.78 -43.31 -52.46
N LEU AB 224 53.66 -44.04 -51.80
CA LEU AB 224 53.63 -45.49 -51.77
C LEU AB 224 53.13 -45.96 -50.42
N ASP AB 225 52.09 -46.77 -50.40
CA ASP AB 225 51.69 -47.49 -49.20
C ASP AB 225 51.90 -48.97 -49.49
N LEU AB 226 52.93 -49.54 -48.88
CA LEU AB 226 53.27 -50.94 -49.04
C LEU AB 226 52.93 -51.65 -47.74
N GLY AB 227 52.46 -52.88 -47.85
CA GLY AB 227 52.28 -53.63 -46.64
C GLY AB 227 53.52 -54.37 -46.21
N PHE AB 228 54.62 -54.22 -46.94
CA PHE AB 228 55.80 -55.02 -46.72
C PHE AB 228 57.03 -54.13 -46.86
N TRP AB 229 58.19 -54.77 -46.78
CA TRP AB 229 59.47 -54.09 -46.70
C TRP AB 229 60.41 -54.76 -47.68
N PHE AB 230 61.54 -54.11 -47.94
CA PHE AB 230 62.55 -54.66 -48.84
C PHE AB 230 63.84 -54.90 -48.10
N GLY AB 231 64.47 -56.04 -48.36
CA GLY AB 231 65.71 -56.36 -47.71
C GLY AB 231 66.94 -56.23 -48.57
N SER AB 232 66.76 -56.01 -49.87
CA SER AB 232 67.87 -55.96 -50.81
C SER AB 232 67.89 -54.59 -51.48
N ASP AB 233 68.88 -54.39 -52.34
CA ASP AB 233 68.94 -53.14 -53.08
C ASP AB 233 67.94 -53.16 -54.23
N TYR AB 234 67.51 -51.97 -54.64
CA TYR AB 234 66.57 -51.89 -55.75
C TYR AB 234 67.19 -52.39 -57.03
N GLY AB 235 68.41 -51.97 -57.35
CA GLY AB 235 69.10 -52.57 -58.47
C GLY AB 235 68.42 -52.36 -59.79
N ASN AB 236 68.21 -51.09 -60.16
CA ASN AB 236 67.48 -50.67 -61.36
C ASN AB 236 66.10 -51.34 -61.46
N ALA AB 237 65.37 -51.23 -60.37
CA ALA AB 237 63.97 -51.60 -60.32
C ALA AB 237 63.10 -50.36 -60.38
N TYR AB 238 61.94 -50.47 -61.02
CA TYR AB 238 60.95 -49.42 -60.88
C TYR AB 238 60.57 -49.27 -59.43
N VAL AB 239 60.41 -48.04 -58.98
CA VAL AB 239 59.86 -47.84 -57.63
C VAL AB 239 58.50 -48.50 -57.56
N PRO AB 240 58.21 -49.26 -56.50
CA PRO AB 240 57.16 -50.28 -56.56
C PRO AB 240 55.82 -49.77 -57.05
N GLN AB 241 55.23 -50.52 -57.96
CA GLN AB 241 53.98 -50.19 -58.59
C GLN AB 241 53.20 -51.47 -58.83
N ASN AB 242 51.88 -51.39 -58.81
CA ASN AB 242 51.02 -52.50 -59.17
C ASN AB 242 50.30 -52.10 -60.44
N ASN AB 243 50.61 -52.77 -61.55
CA ASN AB 243 50.06 -52.34 -62.82
C ASN AB 243 49.88 -53.51 -63.76
N ASP AB 244 49.36 -53.19 -64.94
CA ASP AB 244 49.38 -54.13 -66.05
C ASP AB 244 50.80 -54.49 -66.45
N SER AB 245 51.71 -53.53 -66.34
CA SER AB 245 53.10 -53.78 -66.71
C SER AB 245 53.91 -54.43 -65.60
N MET AB 246 53.60 -54.13 -64.33
CA MET AB 246 54.53 -54.53 -63.28
C MET AB 246 53.82 -54.65 -61.95
N ASN AB 247 54.45 -55.39 -61.04
CA ASN AB 247 53.96 -55.57 -59.68
C ASN AB 247 55.04 -55.19 -58.68
N ALA AB 248 54.59 -54.85 -57.47
CA ALA AB 248 55.47 -54.21 -56.49
C ALA AB 248 56.38 -55.19 -55.80
N VAL AB 249 55.96 -56.44 -55.65
CA VAL AB 249 56.69 -57.44 -54.88
C VAL AB 249 57.41 -58.36 -55.86
N GLY AB 250 58.68 -58.64 -55.57
CA GLY AB 250 59.54 -59.29 -56.55
C GLY AB 250 59.82 -60.76 -56.40
N THR AB 251 59.52 -61.33 -55.25
CA THR AB 251 59.82 -62.74 -55.02
C THR AB 251 58.70 -63.61 -55.54
N ILE AB 252 59.07 -64.69 -56.22
CA ILE AB 252 58.08 -65.70 -56.62
C ILE AB 252 57.59 -66.39 -55.35
N PRO AB 253 56.29 -66.33 -55.05
CA PRO AB 253 55.78 -67.06 -53.90
C PRO AB 253 55.88 -68.56 -54.11
N THR AB 254 56.04 -69.27 -53.00
CA THR AB 254 56.37 -70.69 -53.02
C THR AB 254 55.37 -71.47 -52.19
N SER AB 255 55.39 -72.79 -52.37
CA SER AB 255 54.24 -73.64 -52.08
C SER AB 255 53.96 -73.80 -50.59
N LYS AB 256 52.68 -74.03 -50.30
CA LYS AB 256 52.23 -74.56 -49.00
C LYS AB 256 52.50 -73.61 -47.85
N HIS AB 257 52.35 -72.31 -48.11
CA HIS AB 257 52.37 -71.30 -47.05
C HIS AB 257 51.91 -69.99 -47.63
N ILE AB 258 51.91 -68.96 -46.80
CA ILE AB 258 51.35 -67.67 -47.12
C ILE AB 258 52.47 -66.75 -47.57
N ASN AB 259 52.19 -65.91 -48.57
CA ASN AB 259 53.19 -65.05 -49.17
C ASN AB 259 52.58 -63.68 -49.40
N VAL AB 260 53.41 -62.65 -49.30
CA VAL AB 260 52.92 -61.30 -49.56
C VAL AB 260 52.76 -61.11 -51.05
N ARG AB 261 51.59 -60.64 -51.46
CA ARG AB 261 51.19 -60.56 -52.85
C ARG AB 261 50.76 -59.15 -53.15
N GLY AB 262 51.17 -58.62 -54.29
CA GLY AB 262 50.73 -57.30 -54.70
C GLY AB 262 49.24 -57.28 -54.97
N VAL AB 263 48.63 -56.12 -54.74
CA VAL AB 263 47.20 -55.96 -54.92
C VAL AB 263 46.92 -54.48 -55.17
N ASN AB 264 45.80 -54.19 -55.81
CA ASN AB 264 45.11 -52.88 -55.85
C ASN AB 264 45.52 -51.83 -56.88
N ASN AB 265 46.52 -52.03 -57.73
CA ASN AB 265 46.81 -51.04 -58.77
C ASN AB 265 47.11 -49.66 -58.20
N ARG AB 266 48.30 -49.53 -57.64
CA ARG AB 266 48.92 -48.24 -57.45
C ARG AB 266 50.05 -48.13 -58.47
N GLY AB 267 50.06 -47.04 -59.24
CA GLY AB 267 51.07 -46.89 -60.26
C GLY AB 267 51.34 -45.42 -60.51
N MET AB 268 52.35 -45.15 -61.33
CA MET AB 268 52.73 -43.77 -61.64
C MET AB 268 52.45 -43.42 -63.11
N ALA AB 269 51.99 -42.20 -63.33
CA ALA AB 269 51.69 -41.72 -64.67
C ALA AB 269 52.99 -41.39 -65.42
N GLY AB 270 53.04 -41.73 -66.69
CA GLY AB 270 54.21 -41.48 -67.51
C GLY AB 270 54.44 -40.01 -67.80
N HIS AB 271 55.24 -39.36 -66.97
CA HIS AB 271 55.55 -37.95 -67.16
C HIS AB 271 56.41 -37.77 -68.40
N TYR AB 272 56.27 -36.63 -69.07
CA TYR AB 272 57.04 -36.38 -70.28
C TYR AB 272 57.24 -34.89 -70.45
N LEU AB 273 58.25 -34.54 -71.25
CA LEU AB 273 58.54 -33.15 -71.59
C LEU AB 273 58.62 -33.01 -73.08
N SER AB 274 58.03 -31.95 -73.60
CA SER AB 274 58.00 -31.72 -75.04
C SER AB 274 57.83 -30.23 -75.29
N PHE AB 275 58.10 -29.83 -76.51
CA PHE AB 275 57.91 -28.44 -76.87
C PHE AB 275 56.81 -28.32 -77.91
N PRO AB 276 56.07 -27.22 -77.91
CA PRO AB 276 55.01 -27.04 -78.88
C PRO AB 276 55.59 -26.90 -80.28
N PRO AB 277 54.96 -27.50 -81.28
CA PRO AB 277 55.41 -27.26 -82.65
C PRO AB 277 55.25 -25.81 -83.03
N ILE AB 278 56.33 -25.21 -83.52
CA ILE AB 278 56.32 -23.85 -84.02
C ILE AB 278 57.03 -23.87 -85.35
N ARG AB 279 56.30 -23.58 -86.42
CA ARG AB 279 56.92 -23.59 -87.74
C ARG AB 279 57.76 -22.35 -87.95
N THR AB 280 58.83 -22.52 -88.71
CA THR AB 280 59.73 -21.45 -89.08
C THR AB 280 59.82 -21.37 -90.59
N ASN AB 281 60.66 -20.45 -91.06
CA ASN AB 281 61.02 -20.44 -92.48
C ASN AB 281 61.55 -21.79 -92.93
N ASP AB 282 62.30 -22.47 -92.04
CA ASP AB 282 62.78 -23.81 -92.31
C ASP AB 282 62.50 -24.71 -91.11
N GLY AB 283 61.69 -25.73 -91.31
CA GLY AB 283 61.49 -26.71 -90.25
C GLY AB 283 60.74 -26.14 -89.06
N GLN AB 284 61.22 -26.49 -87.87
CA GLN AB 284 60.54 -26.20 -86.62
C GLN AB 284 61.37 -25.22 -85.80
N PHE AB 285 60.69 -24.46 -84.96
CA PHE AB 285 61.37 -23.52 -84.10
C PHE AB 285 62.26 -24.28 -83.14
N LYS AB 286 63.46 -23.78 -82.91
CA LYS AB 286 64.39 -24.51 -82.06
C LYS AB 286 64.24 -23.97 -80.65
N LEU AB 287 63.64 -24.77 -79.78
CA LEU AB 287 63.49 -24.44 -78.38
C LEU AB 287 64.42 -25.32 -77.56
N ASN AB 288 65.13 -24.69 -76.66
CA ASN AB 288 66.03 -25.36 -75.74
C ASN AB 288 65.56 -24.96 -74.35
N ALA AB 289 65.67 -25.86 -73.40
CA ALA AB 289 65.16 -25.58 -72.07
C ALA AB 289 66.23 -25.88 -71.04
N GLN AB 290 66.28 -25.05 -70.01
CA GLN AB 290 66.96 -25.38 -68.77
C GLN AB 290 65.97 -25.33 -67.63
N PHE AB 291 66.16 -26.23 -66.67
CA PHE AB 291 65.45 -26.12 -65.40
C PHE AB 291 66.24 -26.92 -64.38
N THR AB 292 65.95 -26.67 -63.11
CA THR AB 292 66.57 -27.42 -62.04
C THR AB 292 65.68 -28.60 -61.69
N LEU AB 293 66.29 -29.76 -61.50
CA LEU AB 293 65.59 -30.97 -61.11
C LEU AB 293 65.92 -31.25 -59.66
N GLU AB 294 64.93 -31.11 -58.78
CA GLU AB 294 65.06 -31.50 -57.38
C GLU AB 294 64.21 -32.74 -57.18
N THR AB 295 64.84 -33.86 -56.92
CA THR AB 295 64.14 -35.09 -56.62
C THR AB 295 64.28 -35.41 -55.14
N GLU AB 296 63.25 -36.01 -54.58
CA GLU AB 296 63.27 -36.46 -53.20
C GLU AB 296 62.59 -37.82 -53.11
N ILE AB 297 63.24 -38.76 -52.45
CA ILE AB 297 62.65 -40.05 -52.14
C ILE AB 297 62.77 -40.27 -50.65
N GLU AB 298 61.67 -40.61 -50.01
CA GLU AB 298 61.60 -40.72 -48.56
C GLU AB 298 61.53 -42.18 -48.19
N PHE AB 299 62.60 -42.70 -47.60
CA PHE AB 299 62.61 -44.09 -47.16
C PHE AB 299 62.20 -44.22 -45.71
N GLU AB 300 61.46 -45.28 -45.42
CA GLU AB 300 61.35 -45.81 -44.07
C GLU AB 300 62.27 -47.00 -43.95
N PHE AB 301 62.92 -47.14 -42.79
CA PHE AB 301 63.74 -48.31 -42.57
C PHE AB 301 63.52 -48.81 -41.15
N ARG AB 302 64.01 -50.00 -40.89
CA ARG AB 302 63.70 -50.74 -39.68
C ARG AB 302 64.91 -51.55 -39.28
N LEU AB 303 65.13 -51.69 -37.99
CA LEU AB 303 66.41 -52.21 -37.51
C LEU AB 303 66.27 -53.66 -37.08
N TRP AB 304 67.39 -54.20 -36.60
CA TRP AB 304 67.58 -55.62 -36.33
C TRP AB 304 66.90 -56.04 -35.04
N GLU AB 305 66.68 -57.34 -34.91
CA GLU AB 305 66.02 -57.91 -33.75
C GLU AB 305 66.84 -57.69 -32.49
N GLN AB 306 66.17 -57.34 -31.41
CA GLN AB 306 66.84 -57.19 -30.12
C GLN AB 306 67.18 -58.55 -29.53
N GLY AB 307 68.14 -58.55 -28.64
CA GLY AB 307 68.50 -59.75 -27.93
C GLY AB 307 69.62 -60.49 -28.61
N VAL AB 308 69.87 -61.71 -28.12
CA VAL AB 308 70.87 -62.57 -28.72
C VAL AB 308 70.53 -62.88 -30.16
N GLN AB 309 69.25 -62.79 -30.52
CA GLN AB 309 68.85 -63.03 -31.90
C GLN AB 309 69.55 -62.07 -32.86
N GLY AB 310 69.85 -60.86 -32.40
CA GLY AB 310 70.48 -59.85 -33.23
C GLY AB 310 71.99 -59.84 -33.18
N ILE AB 311 72.62 -60.81 -32.52
CA ILE AB 311 74.07 -60.89 -32.51
C ILE AB 311 74.55 -61.36 -33.88
N ASN AB 312 75.60 -60.70 -34.40
CA ASN AB 312 76.08 -61.00 -35.75
C ASN AB 312 76.36 -62.48 -35.94
N SER AB 313 77.06 -63.09 -34.99
CA SER AB 313 77.50 -64.47 -35.18
C SER AB 313 76.32 -65.43 -35.24
N VAL AB 314 75.32 -65.24 -34.37
CA VAL AB 314 74.19 -66.15 -34.31
C VAL AB 314 72.99 -65.65 -35.10
N HIS AB 315 73.06 -64.46 -35.68
CA HIS AB 315 71.91 -63.97 -36.44
C HIS AB 315 71.74 -64.69 -37.76
N THR AB 316 72.79 -65.30 -38.30
CA THR AB 316 72.66 -66.02 -39.55
C THR AB 316 71.64 -67.14 -39.43
N ASN AB 317 71.81 -68.01 -38.45
CA ASN AB 317 70.93 -69.14 -38.26
C ASN AB 317 69.79 -68.88 -37.27
N LEU AB 318 69.80 -67.78 -36.53
CA LEU AB 318 68.63 -67.34 -35.78
C LEU AB 318 67.79 -66.30 -36.50
N ASN AB 319 68.14 -65.94 -37.72
CA ASN AB 319 67.30 -65.03 -38.50
C ASN AB 319 65.90 -65.62 -38.61
N PRO AB 320 64.85 -64.83 -38.38
CA PRO AB 320 63.49 -65.36 -38.50
C PRO AB 320 63.22 -65.84 -39.91
N ALA AB 321 62.60 -67.01 -40.02
CA ALA AB 321 62.17 -67.47 -41.32
C ALA AB 321 60.94 -66.74 -41.82
N ASN AB 322 60.27 -65.98 -40.96
CA ASN AB 322 59.13 -65.18 -41.35
C ASN AB 322 59.52 -63.80 -41.82
N ASP AB 323 60.81 -63.50 -41.93
CA ASP AB 323 61.22 -62.34 -42.70
C ASP AB 323 60.58 -62.37 -44.08
N SER AB 324 60.63 -63.54 -44.73
CA SER AB 324 60.04 -63.69 -46.05
C SER AB 324 58.57 -63.30 -46.06
N LEU AB 325 57.96 -63.28 -44.89
CA LEU AB 325 56.56 -62.89 -44.81
C LEU AB 325 56.40 -61.39 -45.02
N TRP AB 326 57.13 -60.57 -44.25
CA TRP AB 326 57.10 -59.12 -44.41
C TRP AB 326 58.30 -58.54 -45.15
N ILE AB 327 59.33 -59.30 -45.51
CA ILE AB 327 60.47 -58.69 -46.24
C ILE AB 327 60.59 -59.24 -47.65
N GLN AB 328 60.44 -58.39 -48.65
CA GLN AB 328 60.03 -58.89 -49.96
C GLN AB 328 60.81 -58.57 -51.22
N SER AB 329 61.96 -57.92 -51.11
CA SER AB 329 62.79 -57.51 -52.27
C SER AB 329 62.12 -56.48 -53.20
N TYR AB 330 62.53 -56.43 -54.47
CA TYR AB 330 61.99 -55.45 -55.42
C TYR AB 330 61.20 -56.12 -56.54
N GLY AB 331 60.10 -55.50 -56.97
CA GLY AB 331 59.22 -56.23 -57.84
C GLY AB 331 59.63 -56.38 -59.29
N SER AB 332 59.87 -55.27 -59.96
CA SER AB 332 60.01 -55.29 -61.41
C SER AB 332 61.11 -54.33 -61.81
N LEU AB 333 61.94 -54.78 -62.74
CA LEU AB 333 63.13 -54.07 -63.12
C LEU AB 333 62.91 -53.33 -64.42
N VAL AB 334 63.54 -52.16 -64.56
CA VAL AB 334 63.65 -51.58 -65.88
C VAL AB 334 64.48 -52.53 -66.73
N SER AB 335 64.30 -52.45 -68.04
CA SER AB 335 64.96 -53.38 -68.93
C SER AB 335 66.29 -52.75 -69.33
N ILE AB 336 67.38 -53.35 -68.87
CA ILE AB 336 68.72 -52.81 -69.03
C ILE AB 336 69.56 -53.85 -69.74
N THR AB 337 70.02 -53.54 -70.94
CA THR AB 337 71.10 -54.28 -71.54
C THR AB 337 72.33 -53.39 -71.49
N GLU AB 338 73.47 -53.97 -71.16
CA GLU AB 338 74.70 -53.22 -70.90
C GLU AB 338 74.35 -52.18 -69.83
N SER AB 339 74.73 -50.92 -70.00
CA SER AB 339 74.32 -49.84 -69.12
C SER AB 339 73.10 -49.09 -69.61
N LYS AB 340 72.49 -49.54 -70.71
CA LYS AB 340 71.56 -48.73 -71.47
C LYS AB 340 70.13 -49.23 -71.29
N ILE AB 341 69.21 -48.30 -71.05
CA ILE AB 341 67.82 -48.66 -70.85
C ILE AB 341 67.20 -49.06 -72.18
N ASN AB 342 66.55 -50.22 -72.21
CA ASN AB 342 65.90 -50.67 -73.44
C ASN AB 342 64.56 -49.98 -73.64
N ASN AB 343 63.78 -49.85 -72.58
CA ASN AB 343 62.45 -49.28 -72.65
C ASN AB 343 62.07 -48.82 -71.26
N ILE AB 344 61.06 -47.95 -71.18
CA ILE AB 344 60.49 -47.56 -69.91
C ILE AB 344 59.00 -47.83 -69.95
N GLN AB 345 58.51 -48.52 -68.94
CA GLN AB 345 57.09 -48.80 -68.76
C GLN AB 345 56.54 -47.86 -67.72
N PHE AB 346 55.31 -47.39 -67.91
CA PHE AB 346 54.74 -46.45 -66.95
C PHE AB 346 53.59 -47.04 -66.14
N GLY AB 347 52.49 -47.39 -66.76
CA GLY AB 347 51.37 -47.97 -66.05
C GLY AB 347 50.88 -47.29 -64.78
N PRO AB 348 50.14 -46.21 -64.96
CA PRO AB 348 49.56 -45.36 -63.91
C PRO AB 348 48.40 -46.01 -63.20
N THR AB 349 47.94 -45.42 -62.11
CA THR AB 349 46.78 -45.96 -61.44
C THR AB 349 45.73 -45.40 -62.35
N CYS AB 350 45.16 -46.23 -63.21
CA CYS AB 350 44.21 -45.70 -64.17
C CYS AB 350 42.89 -45.40 -63.51
N PRO AB 351 42.28 -44.30 -63.93
CA PRO AB 351 41.03 -43.82 -63.34
C PRO AB 351 39.84 -44.68 -63.64
N ARG AB 352 39.90 -45.53 -64.66
CA ARG AB 352 38.75 -46.36 -65.00
C ARG AB 352 38.74 -47.70 -64.28
N VAL AB 353 39.79 -48.05 -63.55
CA VAL AB 353 39.68 -49.13 -62.58
C VAL AB 353 38.73 -48.71 -61.48
N ASP AB 354 37.95 -49.67 -60.97
CA ASP AB 354 37.01 -49.41 -59.90
C ASP AB 354 37.74 -48.75 -58.73
N ALA AB 355 37.15 -47.68 -58.21
CA ALA AB 355 37.77 -46.97 -57.10
C ALA AB 355 37.99 -47.86 -55.90
N ARG AB 356 37.25 -48.96 -55.79
CA ARG AB 356 37.45 -49.89 -54.68
C ARG AB 356 38.74 -50.67 -54.84
N ASN AB 357 39.20 -50.84 -56.08
CA ASN AB 357 40.49 -51.47 -56.30
C ASN AB 357 41.65 -50.52 -56.08
N LYS AB 358 41.46 -49.22 -56.29
CA LYS AB 358 42.56 -48.28 -56.37
C LYS AB 358 43.04 -47.81 -55.00
N GLY AB 359 42.51 -48.36 -53.92
CA GLY AB 359 42.78 -47.82 -52.61
C GLY AB 359 44.19 -48.06 -52.08
N GLY AB 360 44.36 -47.88 -50.77
CA GLY AB 360 45.67 -47.64 -50.20
C GLY AB 360 46.73 -48.72 -50.25
N LYS AB 361 46.44 -49.89 -49.72
CA LYS AB 361 47.47 -50.86 -49.40
C LYS AB 361 47.89 -51.64 -50.65
N MET AB 362 49.19 -51.65 -50.93
CA MET AB 362 49.69 -52.26 -52.16
C MET AB 362 50.03 -53.72 -52.04
N SER AB 363 49.82 -54.35 -50.90
CA SER AB 363 50.11 -55.77 -50.81
C SER AB 363 49.14 -56.43 -49.87
N MET AB 364 49.01 -57.73 -50.04
CA MET AB 364 48.18 -58.55 -49.18
C MET AB 364 48.98 -59.80 -48.88
N LEU AB 365 48.69 -60.41 -47.74
CA LEU AB 365 49.42 -61.58 -47.30
C LEU AB 365 48.52 -62.77 -47.60
N PHE AB 366 48.82 -63.43 -48.71
CA PHE AB 366 47.98 -64.47 -49.29
C PHE AB 366 48.75 -65.74 -49.58
N ASP AB 367 48.15 -66.88 -49.29
CA ASP AB 367 48.78 -68.18 -49.48
C ASP AB 367 48.96 -68.65 -50.91
N HIS AB 368 49.89 -69.58 -51.08
CA HIS AB 368 50.14 -70.17 -52.37
C HIS AB 368 50.12 -71.68 -52.21
N HIS AB 369 49.42 -72.36 -53.10
CA HIS AB 369 49.34 -73.82 -53.04
C HIS AB 369 50.22 -74.49 -54.09
N GLU BB 36 -5.04 -61.86 -47.89
CA GLU BB 36 -5.44 -62.46 -46.64
C GLU BB 36 -5.11 -63.95 -46.66
N GLY BB 37 -4.91 -64.55 -45.48
CA GLY BB 37 -4.56 -65.94 -45.40
C GLY BB 37 -3.07 -66.17 -45.51
N ASP BB 38 -2.69 -67.44 -45.53
CA ASP BB 38 -1.29 -67.81 -45.64
C ASP BB 38 -0.81 -67.86 -47.07
N GLY BB 39 -1.67 -67.55 -48.04
CA GLY BB 39 -1.32 -67.56 -49.44
C GLY BB 39 -1.90 -68.71 -50.22
N SER BB 40 -2.40 -69.72 -49.52
CA SER BB 40 -2.94 -70.92 -50.14
C SER BB 40 -4.14 -70.71 -51.03
N ALA BB 41 -4.69 -69.50 -51.03
CA ALA BB 41 -5.86 -69.16 -51.84
C ALA BB 41 -5.54 -69.03 -53.31
N PRO BB 42 -6.55 -69.05 -54.17
CA PRO BB 42 -6.24 -68.92 -55.59
C PRO BB 42 -5.54 -67.62 -55.99
N GLY BB 43 -5.87 -66.47 -55.41
CA GLY BB 43 -5.22 -65.24 -55.84
C GLY BB 43 -4.39 -64.51 -54.78
N GLY BB 44 -3.46 -63.66 -55.21
CA GLY BB 44 -2.62 -62.93 -54.27
C GLY BB 44 -1.20 -63.46 -54.16
N SER BB 45 -0.71 -63.64 -52.94
CA SER BB 45 0.63 -64.13 -52.70
C SER BB 45 0.78 -65.65 -52.78
N VAL BB 46 1.97 -66.13 -53.10
CA VAL BB 46 2.30 -67.54 -53.27
C VAL BB 46 2.53 -68.24 -51.94
N TRP BB 47 1.86 -69.35 -51.73
CA TRP BB 47 2.09 -70.11 -50.53
C TRP BB 47 3.43 -70.73 -50.78
N GLN BB 48 4.36 -70.59 -49.85
CA GLN BB 48 5.68 -71.16 -50.07
C GLN BB 48 6.11 -71.97 -48.86
N THR BB 49 6.93 -72.98 -49.13
CA THR BB 49 7.33 -73.97 -48.15
C THR BB 49 8.31 -73.40 -47.15
N THR BB 50 8.46 -74.10 -46.03
CA THR BB 50 9.32 -73.66 -44.95
C THR BB 50 10.78 -73.60 -45.38
N ASP BB 51 11.54 -72.79 -44.66
CA ASP BB 51 12.93 -72.53 -44.98
C ASP BB 51 13.82 -73.66 -44.46
N TYR BB 52 14.61 -74.25 -45.34
CA TYR BB 52 15.58 -75.26 -44.93
C TYR BB 52 16.97 -74.70 -44.63
N ILE BB 53 17.23 -73.42 -44.88
CA ILE BB 53 18.55 -72.88 -44.59
C ILE BB 53 18.76 -72.72 -43.10
N ALA BB 54 17.77 -72.14 -42.40
CA ALA BB 54 17.97 -71.70 -41.04
C ALA BB 54 18.58 -72.78 -40.16
N LEU BB 55 18.14 -74.02 -40.33
CA LEU BB 55 18.68 -75.10 -39.52
C LEU BB 55 20.01 -75.63 -40.04
N SER BB 56 20.33 -75.41 -41.31
CA SER BB 56 21.64 -75.84 -41.79
C SER BB 56 22.74 -74.85 -41.42
N MET BB 57 22.38 -73.60 -41.14
CA MET BB 57 23.38 -72.61 -40.77
C MET BB 57 23.61 -72.49 -39.29
N VAL BB 58 22.81 -73.13 -38.45
CA VAL BB 58 22.98 -72.96 -37.02
C VAL BB 58 24.32 -73.56 -36.60
N VAL BB 59 25.11 -72.77 -35.88
CA VAL BB 59 26.44 -73.17 -35.47
C VAL BB 59 26.36 -73.65 -34.02
N TYR BB 60 26.74 -74.89 -33.79
CA TYR BB 60 26.78 -75.46 -32.46
C TYR BB 60 28.22 -75.46 -31.99
N ARG BB 61 28.40 -75.26 -30.69
CA ARG BB 61 29.72 -74.93 -30.15
C ARG BB 61 30.02 -75.85 -28.99
N THR BB 62 31.08 -76.64 -29.11
CA THR BB 62 31.49 -77.55 -28.05
C THR BB 62 32.95 -77.34 -27.70
N ALA BB 63 33.49 -78.20 -26.83
CA ALA BB 63 34.88 -78.10 -26.45
C ALA BB 63 35.37 -79.44 -25.95
N ILE BB 64 36.69 -79.61 -25.94
CA ILE BB 64 37.33 -80.80 -25.40
C ILE BB 64 38.35 -80.34 -24.38
N LYS BB 65 38.15 -80.71 -23.13
CA LYS BB 65 39.04 -80.34 -22.03
C LYS BB 65 39.70 -81.58 -21.49
N LEU BB 66 41.00 -81.51 -21.26
CA LEU BB 66 41.78 -82.65 -20.78
C LEU BB 66 42.82 -82.16 -19.79
N ARG BB 67 43.05 -82.94 -18.74
CA ARG BB 67 44.09 -82.65 -17.77
C ARG BB 67 45.17 -83.72 -17.80
N ASN BB 68 46.35 -83.32 -17.40
CA ASN BB 68 47.53 -84.14 -17.48
C ASN BB 68 48.49 -83.67 -16.41
N PHE BB 69 49.35 -84.56 -15.95
CA PHE BB 69 50.48 -84.19 -15.13
C PHE BB 69 51.75 -84.32 -15.95
N VAL BB 70 52.56 -83.28 -15.94
CA VAL BB 70 53.80 -83.25 -16.71
C VAL BB 70 54.95 -83.33 -15.74
N ASN BB 71 55.89 -84.24 -16.03
CA ASN BB 71 57.12 -84.38 -15.26
C ASN BB 71 58.28 -84.14 -16.21
N ILE BB 72 59.04 -83.08 -15.98
CA ILE BB 72 60.18 -82.71 -16.81
C ILE BB 72 61.43 -82.98 -15.98
N ARG BB 73 62.22 -83.96 -16.41
CA ARG BB 73 63.40 -84.35 -15.67
C ARG BB 73 64.63 -84.34 -16.57
N GLY BB 74 65.79 -84.12 -15.96
CA GLY BB 74 67.05 -84.24 -16.67
C GLY BB 74 67.19 -83.30 -17.83
N LEU BB 75 66.67 -82.09 -17.71
CA LEU BB 75 66.69 -81.11 -18.78
C LEU BB 75 67.80 -80.12 -18.49
N THR BB 76 68.86 -80.16 -19.28
CA THR BB 76 69.98 -79.26 -19.06
C THR BB 76 69.64 -77.86 -19.59
N PRO BB 77 70.38 -76.84 -19.18
CA PRO BB 77 70.01 -75.47 -19.57
C PRO BB 77 70.08 -75.20 -21.05
N THR BB 78 70.86 -75.97 -21.82
CA THR BB 78 70.90 -75.78 -23.26
C THR BB 78 69.66 -76.37 -23.92
N GLU BB 79 69.29 -77.58 -23.54
CA GLU BB 79 68.12 -78.24 -24.09
C GLU BB 79 66.84 -77.65 -23.50
N MET BB 80 65.74 -77.86 -24.20
CA MET BB 80 64.51 -77.12 -23.97
C MET BB 80 63.32 -77.97 -24.35
N ILE BB 81 62.24 -77.86 -23.59
CA ILE BB 81 61.00 -78.60 -23.88
C ILE BB 81 60.17 -77.82 -24.87
N VAL BB 82 59.77 -78.49 -25.93
CA VAL BB 82 58.93 -77.90 -26.96
C VAL BB 82 57.49 -78.20 -26.61
N ILE BB 83 56.67 -77.16 -26.47
CA ILE BB 83 55.26 -77.37 -26.15
C ILE BB 83 54.58 -77.65 -27.47
N PRO BB 84 54.12 -78.84 -27.73
CA PRO BB 84 53.45 -79.10 -29.01
C PRO BB 84 52.05 -78.51 -29.03
N TRP BB 85 51.96 -77.22 -28.75
CA TRP BB 85 50.67 -76.62 -28.47
C TRP BB 85 50.01 -76.10 -29.74
N ASN BB 86 50.73 -76.09 -30.84
CA ASN BB 86 50.18 -75.70 -32.12
C ASN BB 86 49.75 -76.87 -32.98
N VAL BB 87 49.87 -78.10 -32.50
CA VAL BB 87 49.38 -79.25 -33.22
C VAL BB 87 48.00 -79.60 -32.70
N MET BB 88 47.09 -79.91 -33.63
CA MET BB 88 45.69 -80.12 -33.27
C MET BB 88 45.54 -81.32 -32.35
N ARG BB 89 46.34 -82.36 -32.58
CA ARG BB 89 46.23 -83.60 -31.82
C ARG BB 89 46.58 -83.41 -30.35
N PHE BB 90 47.25 -82.32 -30.00
CA PHE BB 90 47.63 -82.07 -28.62
C PHE BB 90 46.39 -81.88 -27.75
N TYR BB 91 45.42 -81.11 -28.23
CA TYR BB 91 44.28 -80.74 -27.40
C TYR BB 91 43.20 -81.81 -27.35
N CYS BB 92 42.86 -82.38 -28.50
CA CYS BB 92 41.71 -83.26 -28.61
C CYS BB 92 42.04 -84.74 -28.57
N GLU BB 93 43.31 -85.11 -28.46
CA GLU BB 93 43.70 -86.49 -28.28
C GLU BB 93 44.65 -86.56 -27.10
N TYR BB 94 44.45 -87.56 -26.25
CA TYR BB 94 45.10 -87.58 -24.95
C TYR BB 94 46.26 -88.55 -25.06
N ASN BB 95 47.47 -88.02 -25.14
CA ASN BB 95 48.64 -88.87 -25.27
C ASN BB 95 49.42 -88.72 -23.99
N THR BB 96 49.32 -89.72 -23.13
CA THR BB 96 50.06 -89.75 -21.87
C THR BB 96 50.40 -91.20 -21.57
N GLY BB 97 51.64 -91.49 -21.26
CA GLY BB 97 51.96 -92.80 -20.76
C GLY BB 97 51.50 -93.93 -21.66
N THR BB 98 50.70 -94.83 -21.08
CA THR BB 98 50.20 -95.99 -21.80
C THR BB 98 49.05 -95.65 -22.75
N TYR BB 99 48.35 -94.53 -22.52
CA TYR BB 99 47.19 -94.20 -23.35
C TYR BB 99 47.55 -94.16 -24.82
N GLY BB 100 48.54 -93.35 -25.18
CA GLY BB 100 48.92 -93.22 -26.57
C GLY BB 100 49.29 -94.53 -27.24
N LEU BB 101 49.70 -95.53 -26.46
CA LEU BB 101 49.97 -96.84 -27.02
C LEU BB 101 48.67 -97.58 -27.34
N SER BB 102 47.65 -97.40 -26.50
CA SER BB 102 46.34 -97.98 -26.77
C SER BB 102 45.66 -97.22 -27.89
N GLY BB 103 44.67 -97.89 -28.51
CA GLY BB 103 44.05 -97.36 -29.70
C GLY BB 103 42.90 -96.40 -29.44
N ASN BB 104 42.72 -95.48 -30.39
CA ASN BB 104 41.60 -94.54 -30.43
C ASN BB 104 41.45 -93.82 -29.09
N VAL BB 105 42.43 -92.94 -28.83
CA VAL BB 105 42.44 -92.16 -27.60
C VAL BB 105 41.80 -90.79 -27.81
N HIS BB 106 41.26 -90.52 -29.00
CA HIS BB 106 40.55 -89.29 -29.24
C HIS BB 106 39.38 -89.14 -28.26
N HIS BB 107 39.11 -87.90 -27.88
CA HIS BB 107 37.96 -87.63 -27.04
C HIS BB 107 36.68 -87.86 -27.83
N LYS BB 108 35.64 -88.33 -27.14
CA LYS BB 108 34.43 -88.74 -27.86
C LYS BB 108 33.65 -87.57 -28.43
N ASN BB 109 33.82 -86.36 -27.88
CA ASN BB 109 33.24 -85.21 -28.56
C ASN BB 109 33.86 -85.01 -29.93
N TYR BB 110 35.12 -85.39 -30.09
CA TYR BB 110 35.72 -85.22 -31.41
C TYR BB 110 35.27 -86.30 -32.37
N SER BB 111 35.06 -87.52 -31.88
CA SER BB 111 34.63 -88.60 -32.75
C SER BB 111 33.30 -88.26 -33.41
N MET BB 112 32.42 -87.55 -32.72
CA MET BB 112 31.16 -87.15 -33.33
C MET BB 112 31.28 -85.89 -34.17
N LEU BB 113 32.31 -85.06 -33.96
CA LEU BB 113 32.51 -83.95 -34.88
C LEU BB 113 32.71 -84.44 -36.30
N LEU BB 114 33.08 -85.69 -36.46
CA LEU BB 114 33.12 -86.33 -37.76
C LEU BB 114 31.75 -86.85 -38.19
N ALA BB 115 30.79 -86.92 -37.27
CA ALA BB 115 29.42 -87.28 -37.63
C ALA BB 115 28.66 -86.09 -38.22
N CYS BB 116 28.84 -84.90 -37.65
CA CYS BB 116 28.28 -83.70 -38.25
C CYS BB 116 29.07 -83.33 -39.50
N LYS BB 117 28.46 -82.53 -40.38
CA LYS BB 117 29.09 -82.37 -41.68
C LYS BB 117 30.25 -81.39 -41.65
N ALA BB 118 30.28 -80.47 -40.71
CA ALA BB 118 31.32 -79.46 -40.65
C ALA BB 118 31.69 -79.21 -39.21
N HIS BB 119 32.98 -79.05 -38.95
CA HIS BB 119 33.44 -78.60 -37.65
C HIS BB 119 34.59 -77.63 -37.85
N ARG BB 120 34.75 -76.74 -36.89
CA ARG BB 120 35.82 -75.78 -36.97
C ARG BB 120 36.45 -75.59 -35.60
N PRO BB 121 37.78 -75.51 -35.53
CA PRO BB 121 38.46 -75.56 -34.23
C PRO BB 121 38.35 -74.31 -33.37
N THR BB 122 38.13 -73.13 -33.93
CA THR BB 122 38.04 -71.88 -33.18
C THR BB 122 39.14 -71.74 -32.12
N LYS BB 123 38.78 -71.37 -30.90
CA LYS BB 123 39.79 -71.07 -29.89
C LYS BB 123 40.48 -72.34 -29.42
N VAL BB 124 41.74 -72.19 -29.00
CA VAL BB 124 42.52 -73.30 -28.48
C VAL BB 124 43.47 -72.73 -27.42
N GLY BB 125 43.74 -73.51 -26.38
CA GLY BB 125 44.58 -72.99 -25.32
C GLY BB 125 44.94 -74.07 -24.32
N TYR BB 126 45.80 -73.69 -23.37
CA TYR BB 126 46.22 -74.63 -22.34
C TYR BB 126 46.68 -73.87 -21.11
N THR BB 127 46.78 -74.59 -20.00
CA THR BB 127 47.15 -74.02 -18.72
C THR BB 127 48.21 -74.87 -18.05
N LEU BB 128 49.26 -74.22 -17.57
CA LEU BB 128 50.25 -74.82 -16.68
C LEU BB 128 49.97 -74.37 -15.26
N SER BB 129 49.94 -75.31 -14.33
CA SER BB 129 49.48 -74.98 -12.99
C SER BB 129 50.22 -75.79 -11.95
N ASN BB 130 50.32 -75.21 -10.76
CA ASN BB 130 50.85 -75.88 -9.57
C ASN BB 130 52.18 -76.57 -9.84
N LEU BB 131 53.17 -75.71 -10.04
CA LEU BB 131 54.51 -76.16 -10.34
C LEU BB 131 55.16 -76.75 -9.10
N ILE BB 132 55.83 -77.87 -9.28
CA ILE BB 132 56.62 -78.51 -8.24
C ILE BB 132 58.01 -78.75 -8.81
N LEU BB 133 59.00 -78.09 -8.25
CA LEU BB 133 60.40 -78.33 -8.59
C LEU BB 133 61.01 -79.29 -7.59
N THR BB 134 61.80 -80.22 -8.11
CA THR BB 134 62.55 -81.16 -7.29
C THR BB 134 63.99 -81.13 -7.75
N SER BB 135 64.88 -81.69 -6.94
CA SER BB 135 66.30 -81.66 -7.21
C SER BB 135 66.89 -83.04 -7.08
N ASP BB 136 67.71 -83.42 -8.05
CA ASP BB 136 68.51 -84.63 -7.99
C ASP BB 136 69.86 -84.40 -7.35
N GLU BB 137 70.09 -83.19 -6.83
CA GLU BB 137 71.41 -82.85 -6.30
C GLU BB 137 71.85 -83.80 -5.20
N LEU BB 138 70.93 -84.23 -4.35
CA LEU BB 138 71.28 -85.19 -3.32
C LEU BB 138 71.42 -86.60 -3.87
N VAL BB 139 70.95 -86.84 -5.08
CA VAL BB 139 71.02 -88.16 -5.70
C VAL BB 139 72.44 -88.41 -6.20
N SER BB 140 72.92 -89.62 -5.99
CA SER BB 140 74.20 -90.06 -6.51
C SER BB 140 74.07 -91.52 -6.92
N THR BB 141 75.05 -91.99 -7.70
CA THR BB 141 75.01 -93.37 -8.16
C THR BB 141 75.04 -94.36 -6.99
N GLY BB 142 75.62 -93.96 -5.86
CA GLY BB 142 75.54 -94.79 -4.67
C GLY BB 142 74.14 -94.91 -4.12
N GLY BB 143 73.31 -93.90 -4.37
CA GLY BB 143 71.91 -93.96 -3.97
C GLY BB 143 71.70 -93.56 -2.52
N THR BB 144 70.69 -94.20 -1.91
CA THR BB 144 70.28 -94.03 -0.52
C THR BB 144 69.65 -92.67 -0.27
N LEU BB 145 69.75 -91.75 -1.21
CA LEU BB 145 69.06 -90.47 -1.15
C LEU BB 145 68.43 -90.20 -2.51
N GLY BB 146 67.12 -89.95 -2.51
CA GLY BB 146 66.39 -89.68 -3.72
C GLY BB 146 66.17 -88.20 -3.92
N THR BB 147 65.51 -87.87 -5.04
CA THR BB 147 65.22 -86.49 -5.32
C THR BB 147 64.21 -85.95 -4.32
N THR BB 148 64.23 -84.63 -4.12
CA THR BB 148 63.25 -84.03 -3.24
C THR BB 148 63.07 -82.58 -3.68
N THR BB 149 61.96 -82.00 -3.27
CA THR BB 149 61.65 -80.63 -3.63
C THR BB 149 62.77 -79.69 -3.21
N THR BB 150 62.96 -78.63 -3.98
CA THR BB 150 64.04 -77.70 -3.73
C THR BB 150 63.95 -77.13 -2.32
N PHE BB 151 65.12 -76.89 -1.73
CA PHE BB 151 65.18 -76.45 -0.34
C PHE BB 151 64.44 -75.14 -0.14
N ASN BB 152 64.52 -74.24 -1.11
CA ASN BB 152 63.74 -73.02 -1.09
C ASN BB 152 63.08 -72.83 -2.45
N THR BB 153 62.15 -71.89 -2.51
CA THR BB 153 61.32 -71.69 -3.68
C THR BB 153 61.93 -70.73 -4.69
N SER BB 154 63.16 -70.28 -4.46
CA SER BB 154 63.83 -69.41 -5.42
C SER BB 154 63.99 -70.01 -6.82
N PRO BB 155 64.24 -71.31 -7.02
CA PRO BB 155 64.37 -71.81 -8.39
C PRO BB 155 63.07 -71.68 -9.15
N TYR BB 156 63.18 -71.75 -10.48
CA TYR BB 156 62.05 -71.52 -11.34
C TYR BB 156 62.22 -72.29 -12.64
N MET BB 157 61.11 -72.48 -13.33
CA MET BB 157 61.11 -73.03 -14.68
C MET BB 157 60.70 -71.93 -15.64
N ILE BB 158 61.44 -71.80 -16.73
CA ILE BB 158 61.26 -70.69 -17.65
C ILE BB 158 60.27 -71.12 -18.72
N HIS BB 159 59.18 -70.38 -18.85
CA HIS BB 159 58.25 -70.59 -19.94
C HIS BB 159 58.53 -69.54 -21.00
N SER BB 160 58.98 -69.98 -22.17
CA SER BB 160 59.42 -69.08 -23.22
C SER BB 160 58.41 -69.11 -24.36
N ILE BB 161 58.02 -67.94 -24.83
CA ILE BB 161 57.19 -67.78 -26.02
C ILE BB 161 58.05 -67.08 -27.05
N ASP BB 162 58.27 -67.72 -28.19
CA ASP BB 162 59.15 -67.11 -29.18
C ASP BB 162 58.27 -66.31 -30.13
N ASP BB 163 58.30 -64.99 -29.97
CA ASP BB 163 57.52 -64.10 -30.80
C ASP BB 163 58.22 -63.77 -32.10
N GLN BB 164 59.53 -63.55 -32.02
CA GLN BB 164 60.33 -63.16 -33.16
C GLN BB 164 60.72 -64.35 -34.01
N GLN BB 165 60.31 -65.55 -33.61
CA GLN BB 165 60.63 -66.79 -34.32
C GLN BB 165 62.14 -66.96 -34.46
N CYS BB 166 62.82 -66.91 -33.32
CA CYS BB 166 64.22 -67.33 -33.31
C CYS BB 166 64.36 -68.74 -33.86
N LEU BB 167 63.44 -69.62 -33.50
CA LEU BB 167 63.41 -70.99 -33.97
C LEU BB 167 62.21 -71.14 -34.89
N SER BB 168 62.46 -71.29 -36.18
CA SER BB 168 61.40 -71.51 -37.14
C SER BB 168 60.92 -72.96 -37.09
N LYS BB 169 61.86 -73.88 -37.07
CA LYS BB 169 61.60 -75.31 -37.15
C LYS BB 169 62.47 -75.99 -36.12
N VAL BB 170 61.86 -76.87 -35.33
CA VAL BB 170 62.49 -77.43 -34.15
C VAL BB 170 62.61 -78.94 -34.32
N TYR BB 171 63.78 -79.47 -34.04
CA TYR BB 171 64.07 -80.89 -34.19
C TYR BB 171 64.37 -81.51 -32.84
N PRO BB 172 64.12 -82.81 -32.68
CA PRO BB 172 64.53 -83.49 -31.45
C PRO BB 172 66.04 -83.55 -31.32
N LYS BB 173 66.49 -83.82 -30.10
CA LYS BB 173 67.91 -83.99 -29.87
C LYS BB 173 68.44 -85.21 -30.61
N THR BB 174 69.75 -85.20 -30.85
CA THR BB 174 70.37 -86.23 -31.68
C THR BB 174 69.99 -87.63 -31.24
N ASP BB 175 70.09 -87.92 -29.94
CA ASP BB 175 69.82 -89.27 -29.48
C ASP BB 175 68.31 -89.52 -29.36
N THR BB 176 67.55 -88.54 -28.90
CA THR BB 176 66.15 -88.78 -28.57
C THR BB 176 65.29 -88.72 -29.83
N VAL BB 177 63.99 -88.95 -29.63
CA VAL BB 177 63.00 -88.85 -30.70
C VAL BB 177 61.69 -88.47 -30.05
N TRP BB 178 60.79 -87.90 -30.84
CA TRP BB 178 59.52 -87.41 -30.32
C TRP BB 178 58.40 -88.34 -30.71
N PRO BB 179 57.87 -89.15 -29.79
CA PRO BB 179 56.70 -89.95 -30.11
C PRO BB 179 55.46 -89.09 -30.11
N VAL BB 180 54.51 -89.44 -30.99
CA VAL BB 180 53.25 -88.72 -30.92
C VAL BB 180 52.41 -89.26 -29.78
N SER BB 181 52.61 -90.54 -29.42
CA SER BB 181 51.90 -91.13 -28.29
C SER BB 181 52.29 -90.49 -26.97
N SER BB 182 53.43 -89.82 -26.93
CA SER BB 182 53.94 -89.16 -25.75
C SER BB 182 53.58 -87.69 -25.68
N MET BB 183 52.76 -87.19 -26.61
CA MET BB 183 52.68 -85.76 -26.88
C MET BB 183 52.31 -84.95 -25.65
N ARG BB 184 51.27 -85.35 -24.92
CA ARG BB 184 50.75 -84.45 -23.89
C ARG BB 184 51.57 -84.41 -22.62
N GLU BB 185 52.30 -85.45 -22.27
CA GLU BB 185 53.29 -85.27 -21.22
C GLU BB 185 54.52 -84.76 -21.93
N LEU BB 186 55.10 -83.67 -21.44
CA LEU BB 186 55.96 -82.91 -22.33
C LEU BB 186 57.34 -83.49 -22.13
N ASP BB 187 57.73 -84.38 -23.04
CA ASP BB 187 59.07 -84.92 -23.13
C ASP BB 187 59.88 -84.37 -24.28
N TYR BB 188 59.32 -83.51 -25.13
CA TYR BB 188 60.00 -83.21 -26.37
C TYR BB 188 61.12 -82.24 -26.07
N VAL BB 189 62.35 -82.66 -26.31
CA VAL BB 189 63.54 -81.91 -25.93
C VAL BB 189 64.24 -81.50 -27.21
N ALA BB 190 64.37 -80.20 -27.39
CA ALA BB 190 65.18 -79.64 -28.45
C ALA BB 190 66.46 -79.08 -27.84
N SER BB 191 67.53 -79.16 -28.60
CA SER BB 191 68.77 -78.52 -28.20
C SER BB 191 69.03 -77.41 -29.19
N THR BB 192 68.89 -76.17 -28.74
CA THR BB 192 69.10 -75.01 -29.60
C THR BB 192 70.57 -74.67 -29.59
N VAL BB 193 71.20 -74.73 -30.76
CA VAL BB 193 72.64 -74.63 -30.88
C VAL BB 193 72.98 -73.79 -32.09
N SER BB 194 73.88 -72.82 -31.92
CA SER BB 194 74.44 -72.06 -33.03
C SER BB 194 75.56 -72.91 -33.64
N GLY BB 195 76.38 -72.33 -34.49
CA GLY BB 195 77.36 -73.19 -35.12
C GLY BB 195 78.31 -73.85 -34.14
N ASP BB 196 79.07 -73.06 -33.37
CA ASP BB 196 79.82 -73.57 -32.24
C ASP BB 196 79.15 -73.31 -30.90
N ASN BB 197 78.03 -72.60 -30.88
CA ASN BB 197 77.51 -72.03 -29.65
C ASN BB 197 76.25 -72.75 -29.22
N ALA BB 198 76.22 -73.17 -27.95
CA ALA BB 198 75.00 -73.69 -27.36
C ALA BB 198 74.15 -72.52 -26.89
N ILE BB 199 72.94 -72.43 -27.42
CA ILE BB 199 72.04 -71.33 -27.09
C ILE BB 199 71.32 -71.65 -25.79
N ILE BB 200 71.36 -70.72 -24.84
CA ILE BB 200 70.47 -70.79 -23.69
C ILE BB 200 69.11 -70.28 -24.16
N PRO BB 201 68.07 -71.11 -24.15
CA PRO BB 201 66.81 -70.73 -24.81
C PRO BB 201 66.19 -69.46 -24.29
N SER BB 202 66.23 -69.23 -22.97
CA SER BB 202 65.63 -68.05 -22.40
C SER BB 202 66.25 -66.76 -22.92
N THR BB 203 67.47 -66.80 -23.43
CA THR BB 203 68.14 -65.58 -23.81
C THR BB 203 67.68 -65.06 -25.17
N ILE BB 204 67.41 -65.96 -26.11
CA ILE BB 204 66.99 -65.52 -27.44
C ILE BB 204 65.50 -65.19 -27.47
N PHE BB 205 64.68 -65.95 -26.75
CA PHE BB 205 63.23 -65.83 -26.90
C PHE BB 205 62.72 -64.52 -26.31
N ASN BB 206 61.55 -64.12 -26.77
CA ASN BB 206 61.04 -62.79 -26.46
C ASN BB 206 60.38 -62.76 -25.09
N LYS BB 207 59.21 -63.36 -24.96
CA LYS BB 207 58.55 -63.45 -23.67
C LYS BB 207 59.08 -64.68 -22.94
N ASN BB 208 59.69 -64.44 -21.79
CA ASN BB 208 60.20 -65.49 -20.92
C ASN BB 208 59.63 -65.26 -19.54
N ARG BB 209 58.79 -66.17 -19.10
CA ARG BB 209 58.18 -66.11 -17.78
C ARG BB 209 58.97 -67.02 -16.85
N TYR BB 210 59.49 -66.46 -15.75
CA TYR BB 210 60.16 -67.28 -14.77
C TYR BB 210 59.12 -67.66 -13.74
N TRP BB 211 58.74 -68.92 -13.74
CA TRP BB 211 57.56 -69.38 -13.03
C TRP BB 211 58.00 -70.28 -11.89
N LYS BB 212 57.70 -69.86 -10.67
CA LYS BB 212 58.22 -70.47 -9.47
C LYS BB 212 57.14 -71.32 -8.81
N GLN BB 213 57.51 -71.91 -7.69
CA GLN BB 213 56.58 -72.68 -6.89
C GLN BB 213 55.68 -71.72 -6.12
N GLY BB 214 54.37 -71.85 -6.31
CA GLY BB 214 53.42 -70.97 -5.70
C GLY BB 214 52.88 -69.90 -6.61
N ASP BB 215 53.52 -69.66 -7.75
CA ASP BB 215 53.00 -68.69 -8.71
C ASP BB 215 51.67 -69.15 -9.26
N ASP BB 216 50.90 -68.19 -9.74
CA ASP BB 216 49.61 -68.50 -10.32
C ASP BB 216 49.78 -69.30 -11.60
N ALA BB 217 48.73 -69.99 -11.98
CA ALA BB 217 48.77 -70.81 -13.19
C ALA BB 217 49.05 -69.95 -14.41
N LEU BB 218 49.71 -70.54 -15.40
CA LEU BB 218 50.05 -69.88 -16.63
C LEU BB 218 49.04 -70.26 -17.69
N HIS BB 219 48.27 -69.30 -18.18
CA HIS BB 219 47.20 -69.53 -19.13
C HIS BB 219 47.61 -69.03 -20.50
N PHE BB 220 47.48 -69.88 -21.50
CA PHE BB 220 47.84 -69.51 -22.85
C PHE BB 220 46.70 -69.91 -23.77
N SER BB 221 46.34 -69.01 -24.68
CA SER BB 221 45.18 -69.20 -25.53
C SER BB 221 45.51 -68.70 -26.92
N HIS BB 222 44.80 -69.26 -27.90
CA HIS BB 222 44.88 -68.78 -29.27
C HIS BB 222 43.49 -68.79 -29.86
N ASP BB 223 43.06 -67.67 -30.41
CA ASP BB 223 41.76 -67.58 -31.06
C ASP BB 223 41.93 -67.80 -32.55
N LEU BB 224 41.11 -68.67 -33.11
CA LEU BB 224 41.06 -68.89 -34.54
C LEU BB 224 39.80 -68.27 -35.11
N ASP BB 225 39.94 -67.40 -36.09
CA ASP BB 225 38.82 -66.94 -36.89
C ASP BB 225 39.03 -67.46 -38.30
N LEU BB 226 38.25 -68.45 -38.68
CA LEU BB 226 38.32 -69.06 -40.00
C LEU BB 226 37.08 -68.64 -40.78
N GLY BB 227 37.25 -68.42 -42.07
CA GLY BB 227 36.07 -68.19 -42.85
C GLY BB 227 35.42 -69.44 -43.36
N PHE BB 228 35.96 -70.61 -43.00
CA PHE BB 228 35.53 -71.85 -43.58
C PHE BB 228 35.48 -72.90 -42.49
N TRP BB 229 35.18 -74.13 -42.90
CA TRP BB 229 34.90 -75.24 -42.00
C TRP BB 229 35.70 -76.44 -42.48
N PHE BB 230 35.78 -77.46 -41.64
CA PHE BB 230 36.49 -78.68 -41.99
C PHE BB 230 35.53 -79.85 -42.00
N GLY BB 231 35.66 -80.71 -43.01
CA GLY BB 231 34.80 -81.86 -43.11
C GLY BB 231 35.45 -83.18 -42.73
N SER BB 232 36.76 -83.18 -42.55
CA SER BB 232 37.50 -84.40 -42.28
C SER BB 232 38.18 -84.30 -40.93
N ASP BB 233 38.88 -85.36 -40.54
CA ASP BB 233 39.62 -85.33 -39.30
C ASP BB 233 40.91 -84.55 -39.49
N TYR BB 234 41.42 -84.00 -38.38
CA TYR BB 234 42.67 -83.26 -38.47
C TYR BB 234 43.83 -84.17 -38.83
N GLY BB 235 43.94 -85.32 -38.19
CA GLY BB 235 44.91 -86.30 -38.65
C GLY BB 235 46.34 -85.81 -38.54
N ASN BB 236 46.76 -85.46 -37.34
CA ASN BB 236 48.08 -84.88 -37.04
C ASN BB 236 48.38 -83.68 -37.94
N ALA BB 237 47.44 -82.75 -37.98
CA ALA BB 237 47.61 -81.46 -38.60
C ALA BB 237 47.85 -80.41 -37.53
N TYR BB 238 48.67 -79.42 -37.85
CA TYR BB 238 48.73 -78.24 -36.99
C TYR BB 238 47.36 -77.60 -36.93
N VAL BB 239 46.98 -77.15 -35.75
CA VAL BB 239 45.74 -76.36 -35.67
C VAL BB 239 45.88 -75.13 -36.57
N PRO BB 240 44.87 -74.81 -37.38
CA PRO BB 240 45.09 -73.99 -38.57
C PRO BB 240 45.80 -72.68 -38.30
N GLN BB 241 46.79 -72.40 -39.14
CA GLN BB 241 47.64 -71.23 -39.04
C GLN BB 241 47.97 -70.75 -40.44
N ASN BB 242 48.17 -69.46 -40.58
CA ASN BB 242 48.65 -68.88 -41.82
C ASN BB 242 50.04 -68.33 -41.55
N ASN BB 243 51.06 -68.93 -42.14
CA ASN BB 243 52.42 -68.54 -41.80
C ASN BB 243 53.35 -68.74 -42.97
N ASP BB 244 54.60 -68.37 -42.75
CA ASP BB 244 55.67 -68.74 -43.65
C ASP BB 244 55.81 -70.25 -43.75
N SER BB 245 55.59 -70.96 -42.64
CA SER BB 245 55.71 -72.40 -42.63
C SER BB 245 54.46 -73.11 -43.14
N MET BB 246 53.28 -72.55 -42.92
CA MET BB 246 52.07 -73.35 -43.15
C MET BB 246 50.87 -72.45 -43.41
N ASN BB 247 49.86 -73.04 -44.03
CA ASN BB 247 48.60 -72.37 -44.31
C ASN BB 247 47.43 -73.17 -43.76
N ALA BB 248 46.33 -72.48 -43.51
CA ALA BB 248 45.23 -73.05 -42.74
C ALA BB 248 44.37 -73.99 -43.55
N VAL BB 249 44.27 -73.77 -44.85
CA VAL BB 249 43.37 -74.54 -45.71
C VAL BB 249 44.19 -75.57 -46.47
N GLY BB 250 43.69 -76.80 -46.53
CA GLY BB 250 44.50 -77.90 -47.00
C GLY BB 250 44.28 -78.42 -48.40
N THR BB 251 43.18 -78.03 -49.03
CA THR BB 251 42.88 -78.54 -50.36
C THR BB 251 43.56 -77.69 -51.41
N ILE BB 252 44.14 -78.36 -52.40
CA ILE BB 252 44.68 -77.66 -53.56
C ILE BB 252 43.50 -77.09 -54.34
N PRO BB 253 43.42 -75.77 -54.52
CA PRO BB 253 42.36 -75.21 -55.35
C PRO BB 253 42.52 -75.62 -56.80
N THR BB 254 41.38 -75.70 -57.50
CA THR BB 254 41.32 -76.28 -58.82
C THR BB 254 40.65 -75.31 -59.79
N SER BB 255 40.80 -75.60 -61.08
CA SER BB 255 40.70 -74.60 -62.12
C SER BB 255 39.27 -74.10 -62.34
N LYS BB 256 39.20 -72.85 -62.80
CA LYS BB 256 37.99 -72.28 -63.42
C LYS BB 256 36.82 -72.19 -62.44
N HIS BB 257 37.13 -71.84 -61.19
CA HIS BB 257 36.09 -71.51 -60.22
C HIS BB 257 36.78 -70.91 -59.00
N ILE BB 258 35.97 -70.60 -57.99
CA ILE BB 258 36.42 -69.88 -56.81
C ILE BB 258 36.69 -70.88 -55.70
N ASN BB 259 37.73 -70.62 -54.93
CA ASN BB 259 38.18 -71.54 -53.89
C ASN BB 259 38.53 -70.75 -52.65
N VAL BB 260 38.31 -71.34 -51.48
CA VAL BB 260 38.68 -70.66 -50.25
C VAL BB 260 40.19 -70.74 -50.07
N ARG BB 261 40.80 -69.59 -49.82
CA ARG BB 261 42.23 -69.42 -49.79
C ARG BB 261 42.63 -68.79 -48.48
N GLY BB 262 43.69 -69.30 -47.87
CA GLY BB 262 44.19 -68.69 -46.65
C GLY BB 262 44.72 -67.30 -46.89
N VAL BB 263 44.62 -66.46 -45.87
CA VAL BB 263 45.04 -65.07 -45.96
C VAL BB 263 45.36 -64.59 -44.55
N ASN BB 264 46.19 -63.55 -44.46
CA ASN BB 264 46.37 -62.66 -43.32
C ASN BB 264 47.34 -63.04 -42.19
N ASN BB 265 48.00 -64.19 -42.19
CA ASN BB 265 49.01 -64.46 -41.17
C ASN BB 265 48.42 -64.42 -39.75
N ARG BB 266 47.65 -65.45 -39.42
CA ARG BB 266 47.40 -65.79 -38.03
C ARG BB 266 48.21 -67.03 -37.72
N GLY BB 267 48.99 -66.98 -36.64
CA GLY BB 267 49.83 -68.11 -36.29
C GLY BB 267 50.06 -68.15 -34.79
N MET BB 268 50.70 -69.22 -34.33
CA MET BB 268 50.98 -69.38 -32.91
C MET BB 268 52.47 -69.31 -32.59
N ALA BB 269 52.80 -68.67 -31.48
CA ALA BB 269 54.18 -68.53 -31.04
C ALA BB 269 54.70 -69.85 -30.48
N GLY BB 270 55.95 -70.18 -30.81
CA GLY BB 270 56.55 -71.41 -30.34
C GLY BB 270 56.83 -71.41 -28.84
N HIS BB 271 55.89 -71.93 -28.06
CA HIS BB 271 56.05 -72.01 -26.62
C HIS BB 271 57.13 -73.02 -26.28
N TYR BB 272 57.84 -72.80 -25.17
CA TYR BB 272 58.91 -73.70 -24.78
C TYR BB 272 59.08 -73.66 -23.27
N LEU BB 273 59.70 -74.71 -22.73
CA LEU BB 273 60.01 -74.80 -21.31
C LEU BB 273 61.49 -75.11 -21.15
N SER BB 274 62.11 -74.43 -20.20
CA SER BB 274 63.53 -74.61 -19.96
C SER BB 274 63.84 -74.22 -18.52
N PHE BB 275 65.01 -74.62 -18.07
CA PHE BB 275 65.42 -74.24 -16.73
C PHE BB 275 66.64 -73.33 -16.81
N PRO BB 276 66.78 -72.42 -15.85
CA PRO BB 276 67.92 -71.53 -15.86
C PRO BB 276 69.20 -72.29 -15.60
N PRO BB 277 70.28 -71.96 -16.29
CA PRO BB 277 71.56 -72.59 -15.98
C PRO BB 277 71.99 -72.25 -14.56
N ILE BB 278 72.30 -73.26 -13.77
CA ILE BB 278 72.82 -73.09 -12.44
C ILE BB 278 74.02 -74.00 -12.31
N ARG BB 279 75.20 -73.43 -12.14
CA ARG BB 279 76.39 -74.25 -12.03
C ARG BB 279 76.49 -74.89 -10.65
N THR BB 280 77.05 -76.08 -10.62
CA THR BB 280 77.28 -76.82 -9.40
C THR BB 280 78.76 -77.15 -9.29
N ASN BB 281 79.10 -77.88 -8.23
CA ASN BB 281 80.44 -78.46 -8.14
C ASN BB 281 80.75 -79.30 -9.36
N ASP BB 282 79.75 -79.99 -9.92
CA ASP BB 282 79.91 -80.74 -11.14
C ASP BB 282 78.75 -80.43 -12.09
N GLY BB 283 79.06 -79.87 -13.24
CA GLY BB 283 78.04 -79.66 -14.25
C GLY BB 283 77.00 -78.64 -13.83
N GLN BB 284 75.74 -78.96 -14.11
CA GLN BB 284 74.63 -78.04 -13.94
C GLN BB 284 73.70 -78.53 -12.85
N PHE BB 285 73.00 -77.59 -12.23
CA PHE BB 285 72.06 -77.94 -11.19
C PHE BB 285 70.95 -78.77 -11.80
N LYS BB 286 70.53 -79.81 -11.09
CA LYS BB 286 69.52 -80.70 -11.65
C LYS BB 286 68.17 -80.21 -11.16
N LEU BB 287 67.40 -79.63 -12.06
CA LEU BB 287 66.04 -79.18 -11.78
C LEU BB 287 65.06 -80.09 -12.49
N ASN BB 288 64.06 -80.53 -11.75
CA ASN BB 288 63.00 -81.36 -12.26
C ASN BB 288 61.72 -80.61 -11.96
N ALA BB 289 60.75 -80.71 -12.84
CA ALA BB 289 59.53 -79.94 -12.67
C ALA BB 289 58.32 -80.86 -12.78
N GLN BB 290 57.31 -80.59 -11.96
CA GLN BB 290 55.98 -81.10 -12.18
C GLN BB 290 55.02 -79.93 -12.33
N PHE BB 291 54.02 -80.11 -13.18
CA PHE BB 291 52.89 -79.19 -13.22
C PHE BB 291 51.74 -79.93 -13.87
N THR BB 292 50.54 -79.39 -13.69
CA THR BB 292 49.36 -79.94 -14.34
C THR BB 292 49.15 -79.23 -15.66
N LEU BB 293 48.83 -79.99 -16.68
CA LEU BB 293 48.54 -79.47 -18.01
C LEU BB 293 47.05 -79.58 -18.23
N GLU BB 294 46.36 -78.45 -18.29
CA GLU BB 294 44.95 -78.42 -18.66
C GLU BB 294 44.86 -77.77 -20.04
N THR BB 295 44.48 -78.55 -21.03
CA THR BB 295 44.28 -78.04 -22.37
C THR BB 295 42.79 -77.98 -22.67
N GLU BB 296 42.40 -76.99 -23.45
CA GLU BB 296 41.02 -76.86 -23.91
C GLU BB 296 41.03 -76.43 -25.36
N ILE BB 297 40.25 -77.12 -26.19
CA ILE BB 297 40.01 -76.73 -27.56
C ILE BB 297 38.52 -76.63 -27.76
N GLU BB 298 38.07 -75.51 -28.31
CA GLU BB 298 36.65 -75.22 -28.44
C GLU BB 298 36.26 -75.35 -29.90
N PHE BB 299 35.50 -76.38 -30.23
CA PHE BB 299 35.03 -76.57 -31.60
C PHE BB 299 33.67 -75.94 -31.81
N GLU BB 300 33.48 -75.37 -33.00
CA GLU BB 300 32.16 -75.13 -33.55
C GLU BB 300 31.86 -76.22 -34.56
N PHE BB 301 30.61 -76.67 -34.59
CA PHE BB 301 30.23 -77.64 -35.60
C PHE BB 301 28.86 -77.27 -36.14
N ARG BB 302 28.50 -77.93 -37.23
CA ARG BB 302 27.34 -77.55 -38.02
C ARG BB 302 26.73 -78.80 -38.61
N LEU BB 303 25.41 -78.82 -38.71
CA LEU BB 303 24.72 -80.06 -39.00
C LEU BB 303 24.29 -80.13 -40.46
N TRP BB 304 23.62 -81.22 -40.79
CA TRP BB 304 23.28 -81.62 -42.14
C TRP BB 304 22.11 -80.81 -42.70
N GLU BB 305 22.01 -80.81 -44.03
CA GLU BB 305 20.96 -80.08 -44.72
C GLU BB 305 19.59 -80.62 -44.36
N GLN BB 306 18.63 -79.72 -44.15
CA GLN BB 306 17.26 -80.13 -43.91
C GLN BB 306 16.60 -80.60 -45.19
N GLY BB 307 15.55 -81.38 -45.01
CA GLY BB 307 14.78 -81.83 -46.14
C GLY BB 307 15.24 -83.16 -46.66
N VAL BB 308 14.70 -83.53 -47.82
CA VAL BB 308 15.09 -84.76 -48.48
C VAL BB 308 16.57 -84.72 -48.84
N GLN BB 309 17.14 -83.53 -48.98
CA GLN BB 309 18.56 -83.43 -49.26
C GLN BB 309 19.40 -84.09 -48.19
N GLY BB 310 18.93 -84.08 -46.95
CA GLY BB 310 19.65 -84.66 -45.83
C GLY BB 310 19.35 -86.11 -45.54
N ILE BB 311 18.58 -86.78 -46.39
CA ILE BB 311 18.33 -88.20 -46.22
C ILE BB 311 19.58 -88.99 -46.58
N ASN BB 312 19.93 -89.97 -45.74
CA ASN BB 312 21.17 -90.71 -45.93
C ASN BB 312 21.29 -91.29 -47.33
N SER BB 313 20.22 -91.92 -47.82
CA SER BB 313 20.30 -92.62 -49.09
C SER BB 313 20.55 -91.66 -50.24
N VAL BB 314 19.85 -90.52 -50.25
CA VAL BB 314 19.97 -89.56 -51.35
C VAL BB 314 20.96 -88.45 -51.06
N HIS BB 315 21.55 -88.40 -49.86
CA HIS BB 315 22.50 -87.34 -49.59
C HIS BB 315 23.82 -87.51 -50.31
N THR BB 316 24.14 -88.74 -50.72
CA THR BB 316 25.40 -88.95 -51.43
C THR BB 316 25.43 -88.13 -52.71
N ASN BB 317 24.41 -88.30 -53.56
CA ASN BB 317 24.34 -87.61 -54.83
C ASN BB 317 23.58 -86.30 -54.79
N LEU BB 318 22.87 -85.98 -53.71
CA LEU BB 318 22.33 -84.64 -53.50
C LEU BB 318 23.20 -83.76 -52.62
N ASN BB 319 24.35 -84.24 -52.19
CA ASN BB 319 25.27 -83.40 -51.44
C ASN BB 319 25.62 -82.17 -52.27
N PRO BB 320 25.59 -80.97 -51.68
CA PRO BB 320 25.92 -79.78 -52.45
C PRO BB 320 27.35 -79.82 -52.96
N ALA BB 321 27.53 -79.46 -54.22
CA ALA BB 321 28.88 -79.35 -54.74
C ALA BB 321 29.59 -78.11 -54.23
N ASN BB 322 28.87 -77.18 -53.61
CA ASN BB 322 29.46 -75.99 -53.03
C ASN BB 322 29.90 -76.20 -51.60
N ASP BB 323 29.79 -77.42 -51.07
CA ASP BB 323 30.51 -77.74 -49.84
C ASP BB 323 31.97 -77.35 -49.98
N SER BB 324 32.58 -77.73 -51.11
CA SER BB 324 33.98 -77.40 -51.35
C SER BB 324 34.24 -75.92 -51.23
N LEU BB 325 33.19 -75.11 -51.33
CA LEU BB 325 33.35 -73.68 -51.20
C LEU BB 325 33.62 -73.29 -49.75
N TRP BB 326 32.75 -73.71 -48.83
CA TRP BB 326 32.95 -73.46 -47.40
C TRP BB 326 33.49 -74.65 -46.61
N ILE BB 327 33.65 -75.83 -47.16
CA ILE BB 327 34.19 -76.95 -46.36
C ILE BB 327 35.55 -77.41 -46.85
N GLN BB 328 36.58 -77.29 -46.03
CA GLN BB 328 37.92 -77.19 -46.59
C GLN BB 328 39.04 -78.11 -46.13
N SER BB 329 38.75 -79.09 -45.27
CA SER BB 329 39.76 -80.01 -44.71
C SER BB 329 40.82 -79.34 -43.80
N TYR BB 330 42.00 -79.95 -43.67
CA TYR BB 330 43.05 -79.40 -42.80
C TYR BB 330 44.27 -78.95 -43.58
N GLY BB 331 44.89 -77.85 -43.17
CA GLY BB 331 45.89 -77.27 -44.03
C GLY BB 331 47.24 -77.95 -44.09
N SER BB 332 47.89 -78.09 -42.95
CA SER BB 332 49.28 -78.48 -42.93
C SER BB 332 49.52 -79.43 -41.79
N LEU BB 333 50.29 -80.47 -42.06
CA LEU BB 333 50.47 -81.58 -41.15
C LEU BB 333 51.81 -81.43 -40.45
N VAL BB 334 51.86 -81.86 -39.19
CA VAL BB 334 53.15 -82.08 -38.58
C VAL BB 334 53.83 -83.21 -39.35
N SER BB 335 55.15 -83.24 -39.30
CA SER BB 335 55.90 -84.20 -40.08
C SER BB 335 56.09 -85.44 -39.22
N ILE BB 336 55.44 -86.53 -39.62
CA ILE BB 336 55.38 -87.75 -38.84
C ILE BB 336 55.90 -88.88 -39.71
N THR BB 337 57.02 -89.47 -39.31
CA THR BB 337 57.41 -90.76 -39.83
C THR BB 337 57.19 -91.78 -38.73
N GLU BB 338 56.66 -92.94 -39.10
CA GLU BB 338 56.20 -93.94 -38.15
C GLU BB 338 55.23 -93.23 -37.20
N SER BB 339 55.36 -93.40 -35.89
CA SER BB 339 54.57 -92.68 -34.91
C SER BB 339 55.29 -91.44 -34.39
N LYS BB 340 56.45 -91.11 -34.92
CA LYS BB 340 57.39 -90.20 -34.29
C LYS BB 340 57.44 -88.87 -35.04
N ILE BB 341 57.37 -87.77 -34.29
CA ILE BB 341 57.41 -86.45 -34.90
C ILE BB 341 58.82 -86.15 -35.39
N ASN BB 342 58.93 -85.73 -36.65
CA ASN BB 342 60.24 -85.39 -37.19
C ASN BB 342 60.68 -84.00 -36.76
N ASN BB 343 59.77 -83.04 -36.79
CA ASN BB 343 60.07 -81.66 -36.45
C ASN BB 343 58.77 -80.98 -36.09
N ILE BB 344 58.89 -79.84 -35.42
CA ILE BB 344 57.74 -78.99 -35.15
C ILE BB 344 58.02 -77.60 -35.68
N GLN BB 345 57.09 -77.08 -36.46
CA GLN BB 345 57.16 -75.73 -36.99
C GLN BB 345 56.24 -74.85 -36.17
N PHE BB 346 56.64 -73.61 -35.93
CA PHE BB 346 55.82 -72.73 -35.13
C PHE BB 346 55.20 -71.58 -35.92
N GLY BB 347 55.99 -70.67 -36.45
CA GLY BB 347 55.46 -69.59 -37.24
C GLY BB 347 54.31 -68.76 -36.67
N PRO BB 348 54.63 -67.87 -35.74
CA PRO BB 348 53.71 -66.99 -35.02
C PRO BB 348 53.20 -65.85 -35.87
N THR BB 349 52.21 -65.13 -35.39
CA THR BB 349 51.74 -63.99 -36.14
C THR BB 349 52.82 -63.02 -35.76
N CYS BB 350 53.75 -62.77 -36.68
CA CYS BB 350 54.86 -61.91 -36.31
C CYS BB 350 54.44 -60.47 -36.26
N PRO BB 351 54.98 -59.74 -35.29
CA PRO BB 351 54.62 -58.35 -35.04
C PRO BB 351 55.11 -57.39 -36.10
N ARG BB 352 56.08 -57.78 -36.92
CA ARG BB 352 56.59 -56.88 -37.93
C ARG BB 352 55.85 -56.99 -39.26
N VAL BB 353 54.95 -57.95 -39.42
CA VAL BB 353 53.99 -57.87 -40.52
C VAL BB 353 53.07 -56.68 -40.29
N ASP BB 354 52.70 -56.02 -41.39
CA ASP BB 354 51.79 -54.88 -41.30
C ASP BB 354 50.54 -55.27 -40.53
N ALA BB 355 50.14 -54.42 -39.60
CA ALA BB 355 48.96 -54.70 -38.80
C ALA BB 355 47.71 -54.86 -39.65
N ARG BB 356 47.72 -54.33 -40.87
CA ARG BB 356 46.57 -54.49 -41.75
C ARG BB 356 46.49 -55.91 -42.28
N ASN BB 357 47.63 -56.60 -42.35
CA ASN BB 357 47.62 -58.00 -42.75
C ASN BB 357 47.23 -58.92 -41.60
N LYS BB 358 47.50 -58.53 -40.36
CA LYS BB 358 47.41 -59.45 -39.24
C LYS BB 358 46.00 -59.61 -38.70
N GLY BB 359 44.99 -59.00 -39.34
CA GLY BB 359 43.67 -58.94 -38.78
C GLY BB 359 42.90 -60.26 -38.77
N GLY BB 360 41.60 -60.17 -38.57
CA GLY BB 360 40.81 -61.30 -38.10
C GLY BB 360 40.66 -62.53 -38.97
N LYS BB 361 40.17 -62.37 -40.20
CA LYS BB 361 39.66 -63.49 -40.97
C LYS BB 361 40.79 -64.25 -41.65
N MET BB 362 40.87 -65.55 -41.41
CA MET BB 362 41.97 -66.36 -41.91
C MET BB 362 41.77 -66.93 -43.30
N SER BB 363 40.66 -66.64 -43.95
CA SER BB 363 40.50 -67.17 -45.30
C SER BB 363 39.73 -66.19 -46.13
N MET BB 364 39.90 -66.32 -47.45
CA MET BB 364 39.17 -65.52 -48.40
C MET BB 364 38.70 -66.46 -49.49
N LEU BB 365 37.62 -66.10 -50.15
CA LEU BB 365 37.04 -66.94 -51.18
C LEU BB 365 37.47 -66.33 -52.50
N PHE BB 366 38.49 -66.94 -53.08
CA PHE BB 366 39.19 -66.41 -54.25
C PHE BB 366 39.32 -67.43 -55.36
N ASP BB 367 39.11 -67.00 -56.59
CA ASP BB 367 39.17 -67.88 -57.75
C ASP BB 367 40.53 -68.38 -58.18
N HIS BB 368 40.52 -69.48 -58.91
CA HIS BB 368 41.75 -70.04 -59.44
C HIS BB 368 41.56 -70.27 -60.94
N HIS BB 369 42.54 -69.87 -61.73
CA HIS BB 369 42.46 -70.04 -63.17
C HIS BB 369 43.34 -71.18 -63.65
N GLU CB 36 -19.90 -70.51 27.86
CA GLU CB 36 -19.01 -70.05 28.92
C GLU CB 36 -18.39 -71.25 29.61
N GLY CB 37 -17.21 -71.05 30.22
CA GLY CB 37 -16.53 -72.13 30.88
C GLY CB 37 -15.65 -72.91 29.93
N ASP CB 38 -15.05 -73.97 30.45
CA ASP CB 38 -14.18 -74.83 29.67
C ASP CB 38 -14.96 -75.90 28.91
N GLY CB 39 -16.28 -75.92 29.03
CA GLY CB 39 -17.12 -76.88 28.35
C GLY CB 39 -17.69 -77.95 29.25
N SER CB 40 -17.16 -78.07 30.45
CA SER CB 40 -17.59 -79.08 31.41
C SER CB 40 -19.02 -79.01 31.86
N ALA CB 41 -19.72 -77.94 31.48
CA ALA CB 41 -21.11 -77.74 31.85
C ALA CB 41 -22.07 -78.64 31.09
N PRO CB 42 -23.30 -78.78 31.55
CA PRO CB 42 -24.20 -79.64 30.81
C PRO CB 42 -24.48 -79.21 29.37
N GLY CB 43 -24.60 -77.93 29.04
CA GLY CB 43 -24.90 -77.55 27.67
C GLY CB 43 -23.85 -76.72 26.95
N GLY CB 44 -23.87 -76.70 25.62
CA GLY CB 44 -22.89 -75.96 24.86
C GLY CB 44 -21.80 -76.80 24.22
N SER CB 45 -20.54 -76.39 24.36
CA SER CB 45 -19.42 -77.11 23.79
C SER CB 45 -18.93 -78.29 24.62
N VAL CB 46 -18.31 -79.28 23.98
CA VAL CB 46 -17.82 -80.50 24.58
C VAL CB 46 -16.49 -80.30 25.27
N TRP CB 47 -16.39 -80.72 26.52
CA TRP CB 47 -15.12 -80.63 27.21
C TRP CB 47 -14.32 -81.74 26.57
N GLN CB 48 -13.12 -81.43 26.10
CA GLN CB 48 -12.33 -82.46 25.46
C GLN CB 48 -10.93 -82.49 26.06
N THR CB 49 -10.34 -83.68 26.03
CA THR CB 49 -9.07 -83.96 26.67
C THR CB 49 -7.92 -83.33 25.91
N THR CB 50 -6.78 -83.23 26.61
CA THR CB 50 -5.60 -82.59 26.05
C THR CB 50 -5.07 -83.36 24.85
N ASP CB 51 -4.32 -82.64 24.01
CA ASP CB 51 -3.80 -83.17 22.76
C ASP CB 51 -2.55 -84.00 23.01
N TYR CB 52 -2.56 -85.25 22.55
CA TYR CB 52 -1.37 -86.08 22.62
C TYR CB 52 -0.49 -86.03 21.38
N ILE CB 53 -0.92 -85.36 20.30
CA ILE CB 53 -0.08 -85.31 19.11
C ILE CB 53 1.11 -84.39 19.33
N ALA CB 54 0.87 -83.20 19.87
CA ALA CB 54 1.87 -82.14 19.88
C ALA CB 54 3.21 -82.62 20.40
N LEU CB 55 3.20 -83.45 21.45
CA LEU CB 55 4.45 -83.94 21.99
C LEU CB 55 5.01 -85.13 21.23
N SER CB 56 4.19 -85.84 20.47
CA SER CB 56 4.75 -86.92 19.67
C SER CB 56 5.37 -86.42 18.38
N MET CB 57 5.00 -85.23 17.91
CA MET CB 57 5.55 -84.67 16.69
C MET CB 57 6.77 -83.80 16.91
N VAL CB 58 7.11 -83.46 18.15
CA VAL CB 58 8.23 -82.55 18.36
C VAL CB 58 9.52 -83.25 17.92
N VAL CB 59 10.27 -82.56 17.08
CA VAL CB 59 11.50 -83.10 16.52
C VAL CB 59 12.66 -82.55 17.32
N TYR CB 60 13.45 -83.44 17.91
CA TYR CB 60 14.63 -83.08 18.65
C TYR CB 60 15.84 -83.34 17.78
N ARG CB 61 16.85 -82.50 17.92
CA ARG CB 61 17.94 -82.45 16.94
C ARG CB 61 19.26 -82.52 17.68
N THR CB 62 20.04 -83.57 17.39
CA THR CB 62 21.35 -83.75 18.00
C THR CB 62 22.42 -83.94 16.94
N ALA CB 63 23.65 -84.22 17.37
CA ALA CB 63 24.73 -84.46 16.43
C ALA CB 63 25.79 -85.32 17.10
N ILE CB 64 26.64 -85.92 16.27
CA ILE CB 64 27.79 -86.68 16.73
C ILE CB 64 29.01 -86.15 16.03
N LYS CB 65 29.94 -85.59 16.79
CA LYS CB 65 31.16 -85.01 16.27
C LYS CB 65 32.34 -85.83 16.76
N LEU CB 66 33.27 -86.13 15.85
CA LEU CB 66 34.43 -86.96 16.17
C LEU CB 66 35.64 -86.41 15.43
N ARG CB 67 36.79 -86.43 16.08
CA ARG CB 67 38.05 -86.05 15.46
C ARG CB 67 38.98 -87.24 15.37
N ASN CB 68 39.87 -87.15 14.39
CA ASN CB 68 40.75 -88.24 14.05
C ASN CB 68 41.98 -87.64 13.40
N PHE CB 69 43.10 -88.33 13.50
CA PHE CB 69 44.29 -87.99 12.72
C PHE CB 69 44.47 -89.05 11.65
N VAL CB 70 44.64 -88.61 10.41
CA VAL CB 70 44.79 -89.51 9.28
C VAL CB 70 46.22 -89.45 8.81
N ASN CB 71 46.84 -90.60 8.63
CA ASN CB 71 48.19 -90.72 8.08
C ASN CB 71 48.09 -91.55 6.81
N ILE CB 72 48.40 -90.93 5.68
CA ILE CB 72 48.35 -91.58 4.38
C ILE CB 72 49.79 -91.77 3.91
N ARG CB 73 50.24 -93.01 3.85
CA ARG CB 73 51.61 -93.30 3.47
C ARG CB 73 51.67 -94.28 2.32
N GLY CB 74 52.75 -94.20 1.56
CA GLY CB 74 53.01 -95.19 0.52
C GLY CB 74 51.94 -95.27 -0.55
N LEU CB 75 51.35 -94.12 -0.91
CA LEU CB 75 50.27 -94.08 -1.87
C LEU CB 75 50.84 -93.61 -3.20
N THR CB 76 50.90 -94.50 -4.17
CA THR CB 76 51.45 -94.16 -5.47
C THR CB 76 50.44 -93.34 -6.25
N PRO CB 77 50.87 -92.65 -7.32
CA PRO CB 77 49.94 -91.78 -8.04
C PRO CB 77 48.80 -92.49 -8.72
N THR CB 78 48.93 -93.77 -9.02
CA THR CB 78 47.82 -94.51 -9.61
C THR CB 78 46.76 -94.84 -8.57
N GLU CB 79 47.20 -95.35 -7.42
CA GLU CB 79 46.29 -95.70 -6.34
C GLU CB 79 45.80 -94.45 -5.62
N MET CB 80 44.67 -94.61 -4.93
CA MET CB 80 43.90 -93.47 -4.45
C MET CB 80 43.16 -93.86 -3.18
N ILE CB 81 43.05 -92.93 -2.25
CA ILE CB 81 42.33 -93.15 -1.00
C ILE CB 81 40.86 -92.87 -1.21
N VAL CB 82 40.03 -93.83 -0.83
CA VAL CB 82 38.58 -93.70 -0.92
C VAL CB 82 38.08 -93.15 0.41
N ILE CB 83 37.39 -92.03 0.36
CA ILE CB 83 36.86 -91.45 1.60
C ILE CB 83 35.54 -92.17 1.85
N PRO CB 84 35.43 -93.00 2.85
CA PRO CB 84 34.16 -93.70 3.10
C PRO CB 84 33.14 -92.76 3.70
N TRP CB 85 32.90 -91.63 3.05
CA TRP CB 85 32.16 -90.56 3.68
C TRP CB 85 30.68 -90.68 3.41
N ASN CB 86 30.28 -91.61 2.55
CA ASN CB 86 28.87 -91.87 2.29
C ASN CB 86 28.34 -93.05 3.07
N VAL CB 87 29.14 -93.69 3.92
CA VAL CB 87 28.66 -94.76 4.78
C VAL CB 87 28.33 -94.18 6.14
N MET CB 88 27.20 -94.60 6.69
CA MET CB 88 26.69 -94.02 7.92
C MET CB 88 27.65 -94.27 9.08
N ARG CB 89 28.26 -95.45 9.11
CA ARG CB 89 29.15 -95.83 10.19
C ARG CB 89 30.39 -94.97 10.28
N PHE CB 90 30.72 -94.24 9.22
CA PHE CB 90 31.90 -93.38 9.22
C PHE CB 90 31.76 -92.26 10.24
N TYR CB 91 30.59 -91.64 10.31
CA TYR CB 91 30.41 -90.45 11.13
C TYR CB 91 30.13 -90.78 12.59
N CYS CB 92 29.25 -91.74 12.85
CA CYS CB 92 28.74 -92.00 14.18
C CYS CB 92 29.42 -93.15 14.89
N GLU CB 93 30.36 -93.82 14.26
CA GLU CB 93 31.15 -94.86 14.91
C GLU CB 93 32.61 -94.56 14.66
N TYR CB 94 33.43 -94.70 15.68
CA TYR CB 94 34.79 -94.19 15.64
C TYR CB 94 35.70 -95.38 15.39
N ASN CB 95 36.20 -95.50 14.17
CA ASN CB 95 37.05 -96.63 13.85
C ASN CB 95 38.43 -96.06 13.59
N THR CB 96 39.31 -96.22 14.57
CA THR CB 96 40.70 -95.78 14.44
C THR CB 96 41.55 -96.76 15.22
N GLY CB 97 42.62 -97.25 14.61
CA GLY CB 97 43.59 -98.01 15.37
C GLY CB 97 42.98 -99.17 16.14
N THR CB 98 43.20 -99.18 17.45
CA THR CB 98 42.72 -100.25 18.31
C THR CB 98 41.23 -100.12 18.63
N TYR CB 99 40.64 -98.94 18.49
CA TYR CB 99 39.23 -98.74 18.85
C TYR CB 99 38.34 -99.72 18.11
N GLY CB 100 38.42 -99.73 16.78
CA GLY CB 100 37.57 -100.61 15.99
C GLY CB 100 37.69 -102.07 16.35
N LEU CB 101 38.82 -102.48 16.94
CA LEU CB 101 38.96 -103.84 17.41
C LEU CB 101 38.17 -104.07 18.68
N SER CB 102 38.13 -103.07 19.57
CA SER CB 102 37.34 -103.15 20.77
C SER CB 102 35.85 -103.01 20.44
N GLY CB 103 35.02 -103.47 21.36
CA GLY CB 103 33.60 -103.58 21.11
C GLY CB 103 32.82 -102.30 21.38
N ASN CB 104 31.72 -102.13 20.64
CA ASN CB 104 30.75 -101.07 20.83
C ASN CB 104 31.44 -99.70 20.89
N VAL CB 105 31.95 -99.30 19.72
CA VAL CB 105 32.62 -98.02 19.61
C VAL CB 105 31.67 -96.92 19.12
N HIS CB 106 30.39 -97.23 18.98
CA HIS CB 106 29.41 -96.21 18.63
C HIS CB 106 29.41 -95.11 19.66
N HIS CB 107 29.14 -93.89 19.19
CA HIS CB 107 29.00 -92.76 20.10
C HIS CB 107 27.73 -92.92 20.90
N LYS CB 108 27.76 -92.45 22.15
CA LYS CB 108 26.64 -92.71 23.05
C LYS CB 108 25.40 -91.92 22.68
N ASN CB 109 25.53 -90.80 21.97
CA ASN CB 109 24.34 -90.16 21.44
C ASN CB 109 23.63 -91.05 20.45
N TYR CB 110 24.36 -91.90 19.75
CA TYR CB 110 23.69 -92.78 18.82
C TYR CB 110 23.04 -93.96 19.51
N SER CB 111 23.65 -94.45 20.58
CA SER CB 111 23.07 -95.57 21.31
C SER CB 111 21.69 -95.23 21.83
N MET CB 112 21.46 -93.98 22.22
CA MET CB 112 20.13 -93.58 22.67
C MET CB 112 19.20 -93.22 21.52
N LEU CB 113 19.72 -92.90 20.34
CA LEU CB 113 18.81 -92.72 19.21
C LEU CB 113 18.02 -93.98 18.93
N LEU CB 114 18.50 -95.12 19.42
CA LEU CB 114 17.75 -96.36 19.40
C LEU CB 114 16.77 -96.46 20.56
N ALA CB 115 16.91 -95.60 21.57
CA ALA CB 115 15.93 -95.56 22.65
C ALA CB 115 14.69 -94.78 22.26
N CYS CB 116 14.86 -93.66 21.56
CA CYS CB 116 13.71 -92.94 21.02
C CYS CB 116 13.15 -93.72 19.83
N LYS CB 117 11.89 -93.43 19.49
CA LYS CB 117 11.24 -94.31 18.53
C LYS CB 117 11.65 -94.05 17.10
N ALA CB 118 12.09 -92.84 16.79
CA ALA CB 118 12.45 -92.49 15.43
C ALA CB 118 13.67 -91.59 15.46
N HIS CB 119 14.58 -91.81 14.51
CA HIS CB 119 15.68 -90.89 14.31
C HIS CB 119 15.92 -90.76 12.82
N ARG CB 120 16.46 -89.61 12.43
CA ARG CB 120 16.75 -89.38 11.05
C ARG CB 120 18.08 -88.68 10.90
N PRO CB 121 18.90 -89.08 9.93
CA PRO CB 121 20.29 -88.60 9.88
C PRO CB 121 20.49 -87.16 9.43
N THR CB 122 19.57 -86.57 8.66
CA THR CB 122 19.71 -85.20 8.17
C THR CB 122 21.10 -84.89 7.64
N LYS CB 123 21.69 -83.77 8.04
CA LYS CB 123 22.95 -83.34 7.44
C LYS CB 123 24.10 -84.23 7.90
N VAL CB 124 25.12 -84.34 7.04
CA VAL CB 124 26.31 -85.12 7.35
C VAL CB 124 27.49 -84.45 6.63
N GLY CB 125 28.65 -84.50 7.27
CA GLY CB 125 29.79 -83.81 6.68
C GLY CB 125 31.07 -84.12 7.40
N TYR CB 126 32.17 -83.63 6.85
CA TYR CB 126 33.48 -83.84 7.46
C TYR CB 126 34.43 -82.73 7.03
N THR CB 127 35.54 -82.64 7.76
CA THR CB 127 36.54 -81.61 7.54
C THR CB 127 37.92 -82.21 7.53
N LEU CB 128 38.71 -81.86 6.52
CA LEU CB 128 40.14 -82.14 6.47
C LEU CB 128 40.90 -80.88 6.82
N SER CB 129 41.86 -80.99 7.73
CA SER CB 129 42.49 -79.79 8.26
C SER CB 129 43.94 -80.02 8.57
N ASN CB 130 44.73 -78.95 8.51
CA ASN CB 130 46.13 -78.92 8.92
C ASN CB 130 46.92 -80.07 8.32
N LEU CB 131 47.10 -79.95 7.02
CA LEU CB 131 47.81 -80.96 6.25
C LEU CB 131 49.29 -80.89 6.54
N ILE CB 132 49.91 -82.06 6.74
CA ILE CB 132 51.34 -82.18 6.90
C ILE CB 132 51.81 -83.22 5.90
N LEU CB 133 52.62 -82.79 4.94
CA LEU CB 133 53.27 -83.69 4.00
C LEU CB 133 54.67 -84.02 4.47
N THR CB 134 55.04 -85.28 4.36
CA THR CB 134 56.38 -85.75 4.66
C THR CB 134 56.89 -86.54 3.48
N SER CB 135 58.18 -86.80 3.45
CA SER CB 135 58.82 -87.47 2.33
C SER CB 135 59.69 -88.60 2.83
N ASP CB 136 59.56 -89.75 2.19
CA ASP CB 136 60.45 -90.89 2.42
C ASP CB 136 61.66 -90.85 1.49
N GLU CB 137 61.82 -89.77 0.73
CA GLU CB 137 62.90 -89.70 -0.25
C GLU CB 137 64.26 -89.90 0.37
N LEU CB 138 64.48 -89.35 1.57
CA LEU CB 138 65.75 -89.57 2.24
C LEU CB 138 65.85 -90.95 2.86
N VAL CB 139 64.74 -91.66 2.97
CA VAL CB 139 64.72 -92.99 3.57
C VAL CB 139 65.26 -94.00 2.56
N SER CB 140 66.07 -94.93 3.05
CA SER CB 140 66.59 -96.03 2.25
C SER CB 140 66.64 -97.26 3.14
N THR CB 141 66.79 -98.43 2.51
CA THR CB 141 66.84 -99.67 3.27
C THR CB 141 68.03 -99.70 4.23
N GLY CB 142 69.09 -98.95 3.92
CA GLY CB 142 70.19 -98.82 4.87
C GLY CB 142 69.80 -98.04 6.10
N GLY CB 143 68.81 -97.16 5.98
CA GLY CB 143 68.30 -96.45 7.13
C GLY CB 143 69.13 -95.22 7.48
N THR CB 144 69.18 -94.93 8.79
CA THR CB 144 69.92 -93.83 9.40
C THR CB 144 69.32 -92.48 9.07
N LEU CB 145 68.39 -92.42 8.12
CA LEU CB 145 67.64 -91.21 7.82
C LEU CB 145 66.17 -91.59 7.68
N GLY CB 146 65.32 -90.92 8.45
CA GLY CB 146 63.90 -91.16 8.43
C GLY CB 146 63.17 -90.14 7.57
N THR CB 147 61.86 -90.31 7.50
CA THR CB 147 61.05 -89.38 6.74
C THR CB 147 61.03 -88.03 7.43
N THR CB 148 60.79 -86.99 6.64
CA THR CB 148 60.68 -85.66 7.23
C THR CB 148 59.81 -84.83 6.30
N THR CB 149 59.27 -83.75 6.85
CA THR CB 149 58.41 -82.87 6.09
C THR CB 149 59.10 -82.37 4.83
N THR CB 150 58.31 -82.14 3.79
CA THR CB 150 58.86 -81.74 2.51
C THR CB 150 59.69 -80.47 2.65
N PHE CB 151 60.76 -80.38 1.86
CA PHE CB 151 61.69 -79.27 1.96
C PHE CB 151 61.00 -77.94 1.72
N ASN CB 152 60.05 -77.91 0.79
CA ASN CB 152 59.23 -76.73 0.59
C ASN CB 152 57.77 -77.15 0.51
N THR CB 153 56.89 -76.16 0.56
CA THR CB 153 55.46 -76.39 0.66
C THR CB 153 54.79 -76.54 -0.69
N SER CB 154 55.55 -76.57 -1.78
CA SER CB 154 54.97 -76.76 -3.10
C SER CB 154 54.20 -78.07 -3.28
N PRO CB 155 54.60 -79.21 -2.69
CA PRO CB 155 53.81 -80.43 -2.89
C PRO CB 155 52.42 -80.29 -2.28
N TYR CB 156 51.53 -81.17 -2.73
CA TYR CB 156 50.14 -81.09 -2.33
C TYR CB 156 49.50 -82.47 -2.37
N MET CB 157 48.39 -82.60 -1.68
CA MET CB 157 47.55 -83.78 -1.75
C MET CB 157 46.26 -83.41 -2.45
N ILE CB 158 45.85 -84.24 -3.39
CA ILE CB 158 44.73 -83.93 -4.26
C ILE CB 158 43.48 -84.48 -3.61
N HIS CB 159 42.50 -83.64 -3.35
CA HIS CB 159 41.19 -84.08 -2.90
C HIS CB 159 40.25 -84.06 -4.08
N SER CB 160 39.79 -85.24 -4.49
CA SER CB 160 38.99 -85.38 -5.69
C SER CB 160 37.55 -85.69 -5.31
N ILE CB 161 36.62 -84.98 -5.92
CA ILE CB 161 35.19 -85.26 -5.80
C ILE CB 161 34.71 -85.70 -7.17
N ASP CB 162 34.19 -86.92 -7.27
CA ASP CB 162 33.80 -87.40 -8.59
C ASP CB 162 32.33 -87.06 -8.76
N ASP CB 163 32.06 -86.04 -9.57
CA ASP CB 163 30.70 -85.59 -9.84
C ASP CB 163 30.06 -86.39 -10.94
N GLN CB 164 30.83 -86.68 -11.99
CA GLN CB 164 30.34 -87.39 -13.16
C GLN CB 164 30.29 -88.88 -12.95
N GLN CB 165 30.71 -89.34 -11.77
CA GLN CB 165 30.75 -90.76 -11.43
C GLN CB 165 31.60 -91.53 -12.44
N CYS CB 166 32.84 -91.10 -12.61
CA CYS CB 166 33.80 -91.90 -13.34
C CYS CB 166 33.90 -93.28 -12.71
N LEU CB 167 33.90 -93.35 -11.39
CA LEU CB 167 33.93 -94.61 -10.65
C LEU CB 167 32.58 -94.79 -9.98
N SER CB 168 31.82 -95.76 -10.47
CA SER CB 168 30.54 -96.09 -9.87
C SER CB 168 30.73 -96.90 -8.60
N LYS CB 169 31.59 -97.91 -8.68
CA LYS CB 169 31.80 -98.87 -7.61
C LYS CB 169 33.30 -99.08 -7.47
N VAL CB 170 33.79 -99.01 -6.24
CA VAL CB 170 35.21 -98.95 -5.97
C VAL CB 170 35.61 -100.17 -5.16
N TYR CB 171 36.68 -100.83 -5.56
CA TYR CB 171 37.17 -102.04 -4.92
C TYR CB 171 38.54 -101.79 -4.31
N PRO CB 172 38.91 -102.54 -3.27
CA PRO CB 172 40.26 -102.45 -2.75
C PRO CB 172 41.29 -102.98 -3.74
N LYS CB 173 42.54 -102.62 -3.51
CA LYS CB 173 43.61 -103.14 -4.35
C LYS CB 173 43.74 -104.65 -4.18
N THR CB 174 44.34 -105.28 -5.19
CA THR CB 174 44.41 -106.73 -5.25
C THR CB 174 44.93 -107.33 -3.94
N ASP CB 175 46.04 -106.80 -3.43
CA ASP CB 175 46.63 -107.39 -2.24
C ASP CB 175 45.90 -106.94 -0.97
N THR CB 176 45.49 -105.67 -0.91
CA THR CB 176 44.98 -105.12 0.32
C THR CB 176 43.51 -105.50 0.52
N VAL CB 177 42.96 -105.06 1.65
CA VAL CB 177 41.55 -105.25 1.96
C VAL CB 177 41.13 -104.10 2.85
N TRP CB 178 39.84 -103.82 2.88
CA TRP CB 178 39.32 -102.68 3.63
C TRP CB 178 38.65 -103.16 4.90
N PRO CB 179 39.26 -103.00 6.07
CA PRO CB 179 38.56 -103.31 7.32
C PRO CB 179 37.56 -102.23 7.65
N VAL CB 180 36.46 -102.63 8.27
CA VAL CB 180 35.54 -101.61 8.73
C VAL CB 180 36.06 -101.01 10.03
N SER CB 181 36.82 -101.77 10.80
CA SER CB 181 37.42 -101.26 12.02
C SER CB 181 38.44 -100.17 11.75
N SER CB 182 38.94 -100.09 10.52
CA SER CB 182 39.93 -99.11 10.12
C SER CB 182 39.32 -97.89 9.45
N MET CB 183 37.99 -97.78 9.44
CA MET CB 183 37.31 -96.89 8.51
C MET CB 183 37.76 -95.44 8.64
N ARG CB 184 37.81 -94.91 9.86
CA ARG CB 184 37.99 -93.46 9.98
C ARG CB 184 39.42 -92.99 9.77
N GLU CB 185 40.44 -93.80 10.02
CA GLU CB 185 41.75 -93.42 9.52
C GLU CB 185 41.80 -93.94 8.10
N LEU CB 186 42.17 -93.09 7.16
CA LEU CB 186 41.79 -93.42 5.79
C LEU CB 186 42.94 -94.23 5.22
N ASP CB 187 42.76 -95.54 5.24
CA ASP CB 187 43.65 -96.48 4.60
C ASP CB 187 43.10 -97.08 3.32
N TYR CB 188 41.88 -96.76 2.92
CA TYR CB 188 41.27 -97.53 1.86
C TYR CB 188 41.87 -97.08 0.54
N VAL CB 189 42.55 -98.00 -0.13
CA VAL CB 189 43.30 -97.68 -1.33
C VAL CB 189 42.66 -98.40 -2.50
N ALA CB 190 42.20 -97.64 -3.46
CA ALA CB 190 41.71 -98.16 -4.73
C ALA CB 190 42.76 -97.90 -5.79
N SER CB 191 42.87 -98.79 -6.74
CA SER CB 191 43.71 -98.58 -7.90
C SER CB 191 42.79 -98.47 -9.10
N THR CB 192 42.67 -97.26 -9.65
CA THR CB 192 41.79 -97.03 -10.78
C THR CB 192 42.58 -97.34 -12.04
N VAL CB 193 42.10 -98.31 -12.81
CA VAL CB 193 42.84 -98.86 -13.94
C VAL CB 193 41.88 -99.09 -15.10
N SER CB 194 42.25 -98.64 -16.29
CA SER CB 194 41.53 -98.97 -17.50
C SER CB 194 42.00 -100.35 -17.94
N GLY CB 195 41.68 -100.77 -19.17
CA GLY CB 195 42.05 -102.12 -19.52
C GLY CB 195 43.54 -102.36 -19.47
N ASP CB 196 44.32 -101.63 -20.27
CA ASP CB 196 45.77 -101.61 -20.13
C ASP CB 196 46.29 -100.37 -19.41
N ASN CB 197 45.42 -99.44 -19.05
CA ASN CB 197 45.85 -98.10 -18.66
C ASN CB 197 45.65 -97.90 -17.17
N ALA CB 198 46.70 -97.43 -16.51
CA ALA CB 198 46.58 -96.99 -15.12
C ALA CB 198 46.07 -95.56 -15.11
N ILE CB 199 44.92 -95.35 -14.47
CA ILE CB 199 44.30 -94.03 -14.42
C ILE CB 199 44.94 -93.22 -13.31
N ILE CB 200 45.39 -92.01 -13.63
CA ILE CB 200 45.73 -91.04 -12.59
C ILE CB 200 44.41 -90.44 -12.10
N PRO CB 201 44.06 -90.63 -10.83
CA PRO CB 201 42.70 -90.28 -10.39
C PRO CB 201 42.34 -88.83 -10.60
N SER CB 202 43.28 -87.92 -10.36
CA SER CB 202 42.98 -86.50 -10.50
C SER CB 202 42.57 -86.12 -11.91
N THR CB 203 42.94 -86.92 -12.91
CA THR CB 203 42.68 -86.52 -14.29
C THR CB 203 41.24 -86.79 -14.69
N ILE CB 204 40.65 -87.88 -14.23
CA ILE CB 204 39.27 -88.19 -14.61
C ILE CB 204 38.26 -87.41 -13.79
N PHE CB 205 38.54 -87.22 -12.50
CA PHE CB 205 37.54 -86.68 -11.59
C PHE CB 205 37.28 -85.20 -11.87
N ASN CB 206 36.11 -84.74 -11.44
CA ASN CB 206 35.64 -83.42 -11.83
C ASN CB 206 36.26 -82.34 -10.96
N LYS CB 207 35.84 -82.26 -9.70
CA LYS CB 207 36.43 -81.31 -8.77
C LYS CB 207 37.66 -81.95 -8.15
N ASN CB 208 38.82 -81.32 -8.37
CA ASN CB 208 40.08 -81.76 -7.81
C ASN CB 208 40.69 -80.55 -7.12
N ARG CB 209 40.80 -80.62 -5.81
CA ARG CB 209 41.41 -79.58 -5.01
C ARG CB 209 42.85 -79.97 -4.70
N TYR CB 210 43.80 -79.13 -5.09
CA TYR CB 210 45.18 -79.38 -4.74
C TYR CB 210 45.45 -78.65 -3.44
N TRP CB 211 45.60 -79.40 -2.37
CA TRP CB 211 45.57 -78.86 -1.02
C TRP CB 211 46.94 -79.00 -0.42
N LYS CB 212 47.54 -77.87 -0.10
CA LYS CB 212 48.93 -77.79 0.30
C LYS CB 212 49.04 -77.60 1.80
N GLN CB 213 50.27 -77.49 2.26
CA GLN CB 213 50.56 -77.22 3.66
C GLN CB 213 50.30 -75.74 3.93
N GLY CB 214 49.42 -75.45 4.88
CA GLY CB 214 49.04 -74.10 5.19
C GLY CB 214 47.72 -73.67 4.61
N ASP CB 215 47.18 -74.42 3.65
CA ASP CB 215 45.87 -74.10 3.11
C ASP CB 215 44.80 -74.26 4.18
N ASP CB 216 43.69 -73.56 3.98
CA ASP CB 216 42.58 -73.64 4.90
C ASP CB 216 41.98 -75.03 4.88
N ALA CB 217 41.27 -75.35 5.96
CA ALA CB 217 40.66 -76.66 6.07
C ALA CB 217 39.65 -76.87 4.95
N LEU CB 218 39.49 -78.13 4.56
CA LEU CB 218 38.56 -78.52 3.50
C LEU CB 218 37.28 -79.04 4.14
N HIS CB 219 36.18 -78.34 3.91
CA HIS CB 219 34.91 -78.66 4.55
C HIS CB 219 33.98 -79.27 3.51
N PHE CB 220 33.41 -80.43 3.83
CA PHE CB 220 32.50 -81.10 2.92
C PHE CB 220 31.27 -81.50 3.69
N SER CB 221 30.11 -81.25 3.10
CA SER CB 221 28.84 -81.46 3.78
C SER CB 221 27.85 -82.05 2.80
N HIS CB 222 26.86 -82.76 3.35
CA HIS CB 222 25.75 -83.26 2.56
C HIS CB 222 24.48 -83.10 3.38
N ASP CB 223 23.48 -82.45 2.80
CA ASP CB 223 22.20 -82.28 3.46
C ASP CB 223 21.26 -83.39 3.03
N LEU CB 224 20.61 -84.03 3.98
CA LEU CB 224 19.58 -85.02 3.71
C LEU CB 224 18.23 -84.43 4.04
N ASP CB 225 17.32 -84.44 3.09
CA ASP CB 225 15.91 -84.17 3.34
C ASP CB 225 15.15 -85.45 3.09
N LEU CB 226 14.69 -86.09 4.16
CA LEU CB 226 13.95 -87.33 4.09
C LEU CB 226 12.51 -87.03 4.46
N GLY CB 227 11.58 -87.69 3.79
CA GLY CB 227 10.21 -87.54 4.25
C GLY CB 227 9.84 -88.49 5.34
N PHE CB 228 10.78 -89.30 5.81
CA PHE CB 228 10.46 -90.39 6.73
C PHE CB 228 11.57 -90.47 7.77
N TRP CB 229 11.46 -91.47 8.62
CA TRP CB 229 12.30 -91.63 9.80
C TRP CB 229 12.78 -93.06 9.84
N PHE CB 230 13.76 -93.32 10.70
CA PHE CB 230 14.29 -94.67 10.85
C PHE CB 230 14.07 -95.15 12.27
N GLY CB 231 13.65 -96.40 12.40
CA GLY CB 231 13.42 -96.97 13.71
C GLY CB 231 14.47 -97.93 14.20
N SER CB 232 15.40 -98.31 13.33
CA SER CB 232 16.40 -99.31 13.66
C SER CB 232 17.79 -98.69 13.54
N ASP CB 233 18.81 -99.49 13.83
CA ASP CB 233 20.17 -99.01 13.66
C ASP CB 233 20.57 -99.05 12.20
N TYR CB 234 21.51 -98.19 11.83
CA TYR CB 234 21.97 -98.17 10.45
C TYR CB 234 22.66 -99.49 10.09
N GLY CB 235 23.56 -99.98 10.94
CA GLY CB 235 24.10 -101.30 10.72
C GLY CB 235 24.87 -101.43 9.43
N ASN CB 236 25.92 -100.62 9.28
CA ASN CB 236 26.75 -100.53 8.08
C ASN CB 236 25.89 -100.33 6.82
N ALA CB 237 25.02 -99.34 6.89
CA ALA CB 237 24.27 -98.85 5.75
C ALA CB 237 24.89 -97.55 5.26
N TYR CB 238 24.84 -97.34 3.95
CA TYR CB 238 25.16 -96.02 3.43
C TYR CB 238 24.19 -95.01 4.01
N VAL CB 239 24.70 -93.84 4.37
CA VAL CB 239 23.80 -92.76 4.77
C VAL CB 239 22.84 -92.48 3.62
N PRO CB 240 21.53 -92.35 3.88
CA PRO CB 240 20.52 -92.55 2.84
C PRO CB 240 20.76 -91.73 1.58
N GLN CB 241 20.63 -92.40 0.44
CA GLN CB 241 20.86 -91.81 -0.86
C GLN CB 241 19.87 -92.43 -1.83
N ASN CB 242 19.49 -91.67 -2.84
CA ASN CB 242 18.68 -92.18 -3.94
C ASN CB 242 19.53 -92.14 -5.18
N ASN CB 243 19.89 -93.31 -5.71
CA ASN CB 243 20.83 -93.33 -6.81
C ASN CB 243 20.56 -94.52 -7.72
N ASP CB 244 21.37 -94.60 -8.77
CA ASP CB 244 21.45 -95.81 -9.57
C ASP CB 244 21.92 -97.00 -8.74
N SER CB 245 22.81 -96.75 -7.80
CA SER CB 245 23.33 -97.82 -6.97
C SER CB 245 22.44 -98.16 -5.78
N MET CB 246 21.72 -97.18 -5.23
CA MET CB 246 21.07 -97.43 -3.95
C MET CB 246 19.90 -96.50 -3.75
N ASN CB 247 19.00 -96.90 -2.84
CA ASN CB 247 17.84 -96.11 -2.46
C ASN CB 247 17.82 -95.92 -0.95
N ALA CB 248 17.13 -94.87 -0.53
CA ALA CB 248 17.22 -94.40 0.84
C ALA CB 248 16.39 -95.22 1.81
N VAL CB 249 15.29 -95.80 1.34
CA VAL CB 249 14.35 -96.51 2.19
C VAL CB 249 14.59 -98.01 2.02
N GLY CB 250 14.62 -98.72 3.14
CA GLY CB 250 15.09 -100.09 3.12
C GLY CB 250 14.07 -101.22 3.18
N THR CB 251 12.83 -100.90 3.50
CA THR CB 251 11.82 -101.92 3.64
C THR CB 251 11.17 -102.20 2.29
N ILE CB 252 10.99 -103.49 1.99
CA ILE CB 252 10.23 -103.88 0.81
C ILE CB 252 8.78 -103.49 1.04
N PRO CB 253 8.20 -102.62 0.21
CA PRO CB 253 6.78 -102.31 0.35
C PRO CB 253 5.92 -103.52 0.05
N THR CB 254 4.75 -103.57 0.69
CA THR CB 254 3.90 -104.75 0.69
C THR CB 254 2.49 -104.37 0.25
N SER CB 255 1.71 -105.39 -0.07
CA SER CB 255 0.57 -105.25 -0.95
C SER CB 255 -0.60 -104.49 -0.32
N LYS CB 256 -1.37 -103.85 -1.19
CA LYS CB 256 -2.72 -103.35 -0.89
C LYS CB 256 -2.71 -102.26 0.17
N HIS CB 257 -1.71 -101.39 0.13
CA HIS CB 257 -1.69 -100.19 0.95
C HIS CB 257 -0.55 -99.30 0.47
N ILE CB 258 -0.38 -98.18 1.16
CA ILE CB 258 0.55 -97.13 0.74
C ILE CB 258 1.84 -97.29 1.53
N ASN CB 259 2.95 -97.05 0.87
CA ASN CB 259 4.27 -97.26 1.45
C ASN CB 259 5.16 -96.08 1.08
N VAL CB 260 6.07 -95.74 1.98
CA VAL CB 260 7.01 -94.67 1.68
C VAL CB 260 8.06 -95.19 0.69
N ARG CB 261 8.26 -94.44 -0.38
CA ARG CB 261 9.08 -94.85 -1.50
C ARG CB 261 10.12 -93.77 -1.77
N GLY CB 262 11.35 -94.18 -2.02
CA GLY CB 262 12.38 -93.22 -2.38
C GLY CB 262 12.08 -92.57 -3.71
N VAL CB 263 12.53 -91.32 -3.85
CA VAL CB 263 12.29 -90.54 -5.05
C VAL CB 263 13.38 -89.48 -5.16
N ASN CB 264 13.63 -89.00 -6.37
CA ASN CB 264 14.32 -87.77 -6.71
C ASN CB 264 15.86 -87.74 -6.81
N ASN CB 265 16.59 -88.80 -6.54
CA ASN CB 265 18.04 -88.77 -6.77
C ASN CB 265 18.73 -87.68 -5.95
N ARG CB 266 18.83 -87.93 -4.65
CA ARG CB 266 19.81 -87.25 -3.82
C ARG CB 266 20.91 -88.26 -3.52
N GLY CB 267 22.16 -87.89 -3.77
CA GLY CB 267 23.26 -88.79 -3.54
C GLY CB 267 24.53 -88.02 -3.22
N MET CB 268 25.58 -88.76 -2.86
CA MET CB 268 26.85 -88.15 -2.51
C MET CB 268 27.95 -88.47 -3.52
N ALA CB 269 28.78 -87.47 -3.80
CA ALA CB 269 29.88 -87.63 -4.75
C ALA CB 269 31.01 -88.44 -4.10
N GLY CB 270 31.61 -89.34 -4.88
CA GLY CB 270 32.70 -90.16 -4.38
C GLY CB 270 33.98 -89.39 -4.12
N HIS CB 271 34.15 -88.95 -2.88
CA HIS CB 271 35.35 -88.20 -2.50
C HIS CB 271 36.56 -89.13 -2.52
N TYR CB 272 37.72 -88.58 -2.82
CA TYR CB 272 38.93 -89.40 -2.89
C TYR CB 272 40.14 -88.55 -2.57
N LEU CB 273 41.23 -89.21 -2.18
CA LEU CB 273 42.49 -88.55 -1.91
C LEU CB 273 43.59 -89.23 -2.70
N SER CB 274 44.47 -88.42 -3.28
CA SER CB 274 45.54 -88.94 -4.10
C SER CB 274 46.67 -87.93 -4.12
N PHE CB 275 47.82 -88.39 -4.56
CA PHE CB 275 48.95 -87.49 -4.68
C PHE CB 275 49.35 -87.34 -6.14
N PRO CB 276 49.86 -86.18 -6.53
CA PRO CB 276 50.26 -85.98 -7.91
C PRO CB 276 51.45 -86.86 -8.24
N PRO CB 277 51.48 -87.44 -9.44
CA PRO CB 277 52.67 -88.17 -9.85
C PRO CB 277 53.87 -87.26 -9.94
N ILE CB 278 54.96 -87.64 -9.27
CA ILE CB 278 56.21 -86.91 -9.33
C ILE CB 278 57.29 -87.94 -9.56
N ARG CB 279 57.95 -87.88 -10.71
CA ARG CB 279 58.98 -88.86 -11.01
C ARG CB 279 60.26 -88.52 -10.25
N THR CB 280 60.98 -89.57 -9.88
CA THR CB 280 62.25 -89.47 -9.19
C THR CB 280 63.32 -90.19 -10.00
N ASN CB 281 64.53 -90.22 -9.46
CA ASN CB 281 65.57 -91.07 -10.01
C ASN CB 281 65.09 -92.52 -10.09
N ASP CB 282 64.30 -92.95 -9.11
CA ASP CB 282 63.70 -94.29 -9.12
C ASP CB 282 62.22 -94.18 -8.79
N GLY CB 283 61.38 -94.58 -9.72
CA GLY CB 283 59.95 -94.64 -9.44
C GLY CB 283 59.34 -93.28 -9.22
N GLN CB 284 58.48 -93.19 -8.21
CA GLN CB 284 57.66 -92.02 -7.95
C GLN CB 284 58.07 -91.37 -6.65
N PHE CB 285 57.83 -90.07 -6.55
CA PHE CB 285 58.16 -89.34 -5.34
C PHE CB 285 57.29 -89.88 -4.21
N LYS CB 286 57.88 -90.04 -3.04
CA LYS CB 286 57.15 -90.63 -1.93
C LYS CB 286 56.55 -89.48 -1.13
N LEU CB 287 55.24 -89.31 -1.23
CA LEU CB 287 54.52 -88.31 -0.45
C LEU CB 287 53.68 -89.02 0.60
N ASN CB 288 53.77 -88.51 1.80
CA ASN CB 288 53.00 -89.00 2.92
C ASN CB 288 52.24 -87.81 3.45
N ALA CB 289 51.03 -88.03 3.93
CA ALA CB 289 50.20 -86.93 4.37
C ALA CB 289 49.68 -87.19 5.77
N GLN CB 290 49.61 -86.12 6.57
CA GLN CB 290 48.81 -86.12 7.77
C GLN CB 290 47.78 -85.01 7.68
N PHE CB 291 46.60 -85.26 8.22
CA PHE CB 291 45.62 -84.21 8.43
C PHE CB 291 44.67 -84.68 9.52
N THR CB 292 43.93 -83.74 10.08
CA THR CB 292 42.92 -84.07 11.06
C THR CB 292 41.59 -84.26 10.37
N LEU CB 293 40.87 -85.30 10.76
CA LEU CB 293 39.55 -85.59 10.22
C LEU CB 293 38.53 -85.25 11.28
N GLU CB 294 37.74 -84.22 11.04
CA GLU CB 294 36.61 -83.88 11.90
C GLU CB 294 35.35 -84.20 11.12
N THR CB 295 34.61 -85.20 11.59
CA THR CB 295 33.33 -85.55 10.99
C THR CB 295 32.21 -85.13 11.92
N GLU CB 296 31.09 -84.73 11.32
CA GLU CB 296 29.90 -84.40 12.08
C GLU CB 296 28.69 -84.95 11.35
N ILE CB 297 27.82 -85.63 12.08
CA ILE CB 297 26.54 -86.08 11.58
C ILE CB 297 25.46 -85.57 12.52
N GLU CB 298 24.46 -84.92 11.96
CA GLU CB 298 23.42 -84.26 12.74
C GLU CB 298 22.15 -85.06 12.65
N PHE CB 299 21.75 -85.70 13.74
CA PHE CB 299 20.52 -86.48 13.76
C PHE CB 299 19.36 -85.64 14.27
N GLU CB 300 18.19 -85.86 13.68
CA GLU CB 300 16.93 -85.51 14.29
C GLU CB 300 16.33 -86.77 14.88
N PHE CB 301 15.69 -86.64 16.04
CA PHE CB 301 15.01 -87.79 16.62
C PHE CB 301 13.68 -87.33 17.19
N ARG CB 302 12.85 -88.30 17.51
CA ARG CB 302 11.46 -88.06 17.85
C ARG CB 302 11.04 -89.08 18.90
N LEU CB 303 10.19 -88.65 19.82
CA LEU CB 303 9.94 -89.46 21.00
C LEU CB 303 8.60 -90.19 20.90
N TRP CB 304 8.29 -90.92 21.97
CA TRP CB 304 7.21 -91.88 22.03
C TRP CB 304 5.85 -91.19 22.18
N GLU CB 305 4.81 -91.94 21.85
CA GLU CB 305 3.45 -91.42 21.91
C GLU CB 305 3.05 -91.09 23.34
N GLN CB 306 2.37 -89.96 23.51
CA GLN CB 306 1.87 -89.59 24.82
C GLN CB 306 0.67 -90.43 25.20
N GLY CB 307 0.40 -90.49 26.49
CA GLY CB 307 -0.76 -91.18 26.97
C GLY CB 307 -0.46 -92.61 27.32
N VAL CB 308 -1.55 -93.35 27.58
CA VAL CB 308 -1.43 -94.77 27.88
C VAL CB 308 -0.82 -95.51 26.70
N GLN CB 309 -0.95 -94.96 25.50
CA GLN CB 309 -0.35 -95.59 24.33
C GLN CB 309 1.15 -95.74 24.48
N GLY CB 310 1.80 -94.83 25.20
CA GLY CB 310 3.23 -94.85 25.40
C GLY CB 310 3.70 -95.60 26.62
N ILE CB 311 2.81 -96.29 27.33
CA ILE CB 311 3.23 -97.11 28.45
C ILE CB 311 3.94 -98.35 27.95
N ASN CB 312 5.07 -98.69 28.59
CA ASN CB 312 5.89 -99.80 28.13
C ASN CB 312 5.09 -101.08 27.98
N SER CB 313 4.28 -101.41 28.98
CA SER CB 313 3.60 -102.70 28.96
C SER CB 313 2.59 -102.78 27.83
N VAL CB 314 1.84 -101.71 27.60
CA VAL CB 314 0.80 -101.73 26.57
C VAL CB 314 1.26 -101.14 25.25
N HIS CB 315 2.48 -100.62 25.17
CA HIS CB 315 2.94 -100.05 23.90
C HIS CB 315 3.23 -101.11 22.86
N THR CB 316 3.50 -102.34 23.27
CA THR CB 316 3.77 -103.40 22.30
C THR CB 316 2.58 -103.58 21.36
N ASN CB 317 1.41 -103.82 21.93
CA ASN CB 317 0.21 -104.05 21.15
C ASN CB 317 -0.62 -102.80 20.87
N LEU CB 318 -0.32 -101.67 21.51
CA LEU CB 318 -0.90 -100.39 21.10
C LEU CB 318 0.00 -99.57 20.20
N ASN CB 319 1.16 -100.10 19.82
CA ASN CB 319 2.01 -99.40 18.87
C ASN CB 319 1.23 -99.13 17.60
N PRO CB 320 1.28 -97.93 17.04
CA PRO CB 320 0.53 -97.65 15.80
C PRO CB 320 1.03 -98.52 14.67
N ALA CB 321 0.09 -99.08 13.92
CA ALA CB 321 0.48 -99.82 12.73
C ALA CB 321 0.89 -98.90 11.59
N ASN CB 322 0.65 -97.60 11.72
CA ASN CB 322 1.07 -96.64 10.72
C ASN CB 322 2.46 -96.09 10.99
N ASP CB 323 3.16 -96.61 12.00
CA ASP CB 323 4.59 -96.39 12.07
C ASP CB 323 5.25 -96.75 10.75
N SER CB 324 4.88 -97.91 10.20
CA SER CB 324 5.44 -98.35 8.93
C SER CB 324 5.23 -97.32 7.84
N LEU CB 325 4.29 -96.41 8.04
CA LEU CB 325 4.04 -95.37 7.06
C LEU CB 325 5.17 -94.34 7.08
N TRP CB 326 5.46 -93.76 8.25
CA TRP CB 326 6.56 -92.81 8.39
C TRP CB 326 7.85 -93.40 9.01
N ILE CB 327 7.89 -94.64 9.46
CA ILE CB 327 9.14 -95.15 10.04
C ILE CB 327 9.72 -96.29 9.21
N GLN CB 328 10.91 -96.10 8.65
CA GLN CB 328 11.26 -96.87 7.46
C GLN CB 328 12.55 -97.67 7.40
N SER CB 329 13.31 -97.76 8.49
CA SER CB 329 14.62 -98.46 8.53
C SER CB 329 15.71 -97.84 7.64
N TYR CB 330 16.70 -98.64 7.22
CA TYR CB 330 17.81 -98.14 6.40
C TYR CB 330 17.81 -98.75 5.01
N GLY CB 331 18.15 -97.94 3.99
CA GLY CB 331 17.93 -98.42 2.65
C GLY CB 331 18.89 -99.45 2.11
N SER CB 332 20.17 -99.12 2.09
CA SER CB 332 21.13 -99.91 1.34
C SER CB 332 22.41 -100.00 2.14
N LEU CB 333 22.98 -101.20 2.16
CA LEU CB 333 24.10 -101.51 3.02
C LEU CB 333 25.38 -101.51 2.19
N VAL CB 334 26.48 -101.08 2.82
CA VAL CB 334 27.76 -101.37 2.23
C VAL CB 334 27.94 -102.89 2.22
N SER CB 335 28.78 -103.36 1.32
CA SER CB 335 28.93 -104.81 1.16
C SER CB 335 30.06 -105.25 2.07
N ILE CB 336 29.70 -106.01 3.10
CA ILE CB 336 30.62 -106.40 4.16
C ILE CB 336 30.63 -107.92 4.23
N THR CB 337 31.77 -108.52 3.93
CA THR CB 337 32.01 -109.90 4.30
C THR CB 337 32.99 -109.88 5.45
N GLU CB 338 32.75 -110.73 6.45
CA GLU CB 338 33.50 -110.71 7.70
C GLU CB 338 33.41 -109.28 8.23
N SER CB 339 34.52 -108.68 8.65
CA SER CB 339 34.56 -107.28 9.06
C SER CB 339 35.00 -106.36 7.93
N LYS CB 340 35.19 -106.89 6.72
CA LYS CB 340 35.94 -106.21 5.69
C LYS CB 340 35.01 -105.72 4.58
N ILE CB 341 35.20 -104.48 4.15
CA ILE CB 341 34.36 -103.90 3.10
C ILE CB 341 34.75 -104.51 1.76
N ASN CB 342 33.75 -105.00 1.04
CA ASN CB 342 34.01 -105.57 -0.28
C ASN CB 342 34.18 -104.50 -1.34
N ASN CB 343 33.33 -103.49 -1.31
CA ASN CB 343 33.34 -102.43 -2.29
C ASN CB 343 32.63 -101.23 -1.68
N ILE CB 344 32.84 -100.07 -2.29
CA ILE CB 344 32.11 -98.86 -1.91
C ILE CB 344 31.46 -98.30 -3.16
N GLN CB 345 30.18 -98.03 -3.08
CA GLN CB 345 29.41 -97.41 -4.15
C GLN CB 345 29.20 -95.95 -3.80
N PHE CB 346 29.24 -95.08 -4.79
CA PHE CB 346 29.09 -93.65 -4.52
C PHE CB 346 27.79 -93.07 -5.04
N GLY CB 347 27.58 -93.05 -6.35
CA GLY CB 347 26.35 -92.53 -6.91
C GLY CB 347 25.85 -91.18 -6.43
N PRO CB 348 26.46 -90.11 -6.93
CA PRO CB 348 26.18 -88.71 -6.62
C PRO CB 348 24.90 -88.21 -7.24
N THR CB 349 24.44 -87.03 -6.84
CA THR CB 349 23.25 -86.49 -7.46
C THR CB 349 23.89 -85.99 -8.72
N CYS CB 350 23.68 -86.69 -9.83
CA CYS CB 350 24.35 -86.29 -11.04
C CYS CB 350 23.71 -85.08 -11.64
N PRO CB 351 24.53 -84.19 -12.18
CA PRO CB 351 24.08 -82.90 -12.73
C PRO CB 351 23.29 -83.05 -14.01
N ARG CB 352 23.39 -84.17 -14.71
CA ARG CB 352 22.65 -84.32 -15.95
C ARG CB 352 21.26 -84.90 -15.78
N VAL CB 353 20.89 -85.34 -14.58
CA VAL CB 353 19.48 -85.58 -14.29
C VAL CB 353 18.75 -84.24 -14.32
N ASP CB 354 17.50 -84.27 -14.80
CA ASP CB 354 16.69 -83.07 -14.86
C ASP CB 354 16.63 -82.42 -13.49
N ALA CB 355 16.83 -81.11 -13.45
CA ALA CB 355 16.81 -80.39 -12.17
C ALA CB 355 15.49 -80.54 -11.45
N ARG CB 356 14.42 -80.88 -12.18
CA ARG CB 356 13.13 -81.09 -11.53
C ARG CB 356 13.12 -82.39 -10.74
N ASN CB 357 13.95 -83.35 -11.13
CA ASN CB 357 14.09 -84.58 -10.36
C ASN CB 357 14.98 -84.41 -9.15
N LYS CB 358 15.94 -83.51 -9.20
CA LYS CB 358 17.00 -83.45 -8.21
C LYS CB 358 16.60 -82.71 -6.95
N GLY CB 359 15.35 -82.29 -6.81
CA GLY CB 359 14.96 -81.41 -5.74
C GLY CB 359 14.92 -82.05 -4.37
N GLY CB 360 14.27 -81.39 -3.43
CA GLY CB 360 14.49 -81.62 -2.01
C GLY CB 360 14.12 -82.95 -1.40
N LYS CB 361 12.87 -83.36 -1.52
CA LYS CB 361 12.33 -84.43 -0.69
C LYS CB 361 12.73 -85.80 -1.22
N MET CB 362 13.34 -86.62 -0.37
CA MET CB 362 13.87 -87.91 -0.82
C MET CB 362 12.90 -89.06 -0.73
N SER CB 363 11.65 -88.83 -0.33
CA SER CB 363 10.73 -89.94 -0.31
C SER CB 363 9.34 -89.45 -0.64
N MET CB 364 8.50 -90.37 -1.07
CA MET CB 364 7.12 -90.09 -1.36
C MET CB 364 6.31 -91.23 -0.77
N LEU CB 365 5.07 -90.95 -0.44
CA LEU CB 365 4.21 -91.95 0.18
C LEU CB 365 3.30 -92.45 -0.91
N PHE CB 366 3.66 -93.62 -1.44
CA PHE CB 366 3.04 -94.20 -2.62
C PHE CB 366 2.60 -95.62 -2.41
N ASP CB 367 1.44 -95.97 -2.92
CA ASP CB 367 0.87 -97.30 -2.76
C ASP CB 367 1.52 -98.42 -3.54
N HIS CB 368 1.30 -99.64 -3.07
CA HIS CB 368 1.79 -100.82 -3.75
C HIS CB 368 0.64 -101.78 -3.93
N HIS CB 369 0.52 -102.34 -5.13
CA HIS CB 369 -0.56 -103.29 -5.41
C HIS CB 369 -0.04 -104.72 -5.46
N GLU DB 36 44.98 -64.19 -1.72
CA GLU DB 36 45.36 -63.55 -2.97
C GLU DB 36 45.84 -64.62 -3.95
N GLY DB 37 45.75 -64.34 -5.24
CA GLY DB 37 46.14 -65.30 -6.25
C GLY DB 37 45.02 -66.25 -6.60
N ASP DB 38 45.35 -67.20 -7.47
CA ASP DB 38 44.38 -68.19 -7.89
C ASP DB 38 44.29 -69.37 -6.94
N GLY DB 39 45.05 -69.36 -5.85
CA GLY DB 39 45.04 -70.41 -4.86
C GLY DB 39 46.26 -71.29 -4.88
N SER DB 40 47.06 -71.20 -5.94
CA SER DB 40 48.24 -72.03 -6.13
C SER DB 40 49.31 -71.86 -5.08
N ALA DB 41 49.17 -70.87 -4.21
CA ALA DB 41 50.14 -70.58 -3.16
C ALA DB 41 50.09 -71.59 -2.03
N PRO DB 42 51.13 -71.62 -1.21
CA PRO DB 42 51.09 -72.60 -0.12
C PRO DB 42 49.92 -72.42 0.86
N GLY DB 43 49.50 -71.23 1.21
CA GLY DB 43 48.41 -71.08 2.18
C GLY DB 43 47.15 -70.42 1.68
N GLY DB 44 46.02 -70.64 2.35
CA GLY DB 44 44.76 -70.05 1.92
C GLY DB 44 43.81 -71.00 1.23
N SER DB 45 43.25 -70.59 0.11
CA SER DB 45 42.32 -71.42 -0.66
C SER DB 45 42.97 -72.44 -1.59
N VAL DB 46 42.28 -73.53 -1.87
CA VAL DB 46 42.75 -74.63 -2.69
C VAL DB 46 42.64 -74.33 -4.18
N TRP DB 47 43.73 -74.52 -4.90
CA TRP DB 47 43.68 -74.33 -6.33
C TRP DB 47 42.91 -75.54 -6.80
N GLN DB 48 41.88 -75.34 -7.59
CA GLN DB 48 41.10 -76.47 -8.05
C GLN DB 48 40.92 -76.42 -9.55
N THR DB 49 40.79 -77.60 -10.14
CA THR DB 49 40.76 -77.78 -11.58
C THR DB 49 39.43 -77.30 -12.17
N THR DB 50 39.45 -77.09 -13.48
CA THR DB 50 38.29 -76.59 -14.19
C THR DB 50 37.12 -77.56 -14.12
N ASP DB 51 35.93 -77.01 -14.30
CA ASP DB 51 34.68 -77.76 -14.18
C ASP DB 51 34.41 -78.54 -15.46
N TYR DB 52 34.22 -79.86 -15.31
CA TYR DB 52 33.83 -80.68 -16.45
C TYR DB 52 32.32 -80.86 -16.61
N ILE DB 53 31.52 -80.40 -15.66
CA ILE DB 53 30.07 -80.56 -15.80
C ILE DB 53 29.53 -79.63 -16.87
N ALA DB 54 29.92 -78.36 -16.83
CA ALA DB 54 29.25 -77.34 -17.62
C ALA DB 54 29.11 -77.73 -19.08
N LEU DB 55 30.15 -78.35 -19.65
CA LEU DB 55 30.08 -78.77 -21.05
C LEU DB 55 29.33 -80.07 -21.25
N SER DB 56 29.20 -80.90 -20.22
CA SER DB 56 28.42 -82.12 -20.39
C SER DB 56 26.93 -81.86 -20.27
N MET DB 57 26.53 -80.76 -19.62
CA MET DB 57 25.12 -80.44 -19.46
C MET DB 57 24.56 -79.56 -20.56
N VAL DB 58 25.39 -79.01 -21.44
CA VAL DB 58 24.88 -78.09 -22.44
C VAL DB 58 23.99 -78.86 -23.40
N VAL DB 59 22.77 -78.36 -23.60
CA VAL DB 59 21.77 -78.99 -24.43
C VAL DB 59 21.79 -78.33 -25.80
N TYR DB 60 22.06 -79.11 -26.82
CA TYR DB 60 22.04 -78.64 -28.20
C TYR DB 60 20.74 -79.07 -28.84
N ARG DB 61 20.23 -78.24 -29.73
CA ARG DB 61 18.85 -78.36 -30.18
C ARG DB 61 18.82 -78.33 -31.69
N THR DB 62 18.37 -79.41 -32.31
CA THR DB 62 18.28 -79.49 -33.76
C THR DB 62 16.87 -79.89 -34.18
N ALA DB 63 16.68 -80.11 -35.48
CA ALA DB 63 15.37 -80.52 -35.98
C ALA DB 63 15.56 -81.26 -37.30
N ILE DB 64 14.53 -82.01 -37.68
CA ILE DB 64 14.48 -82.70 -38.96
C ILE DB 64 13.18 -82.31 -39.65
N LYS DB 65 13.29 -81.64 -40.78
CA LYS DB 65 12.14 -81.17 -41.54
C LYS DB 65 12.10 -81.91 -42.87
N LEU DB 66 10.93 -82.39 -43.26
CA LEU DB 66 10.76 -83.14 -44.47
C LEU DB 66 9.43 -82.76 -45.12
N ARG DB 67 9.43 -82.68 -46.45
CA ARG DB 67 8.21 -82.42 -47.20
C ARG DB 67 7.86 -83.63 -48.07
N ASN DB 68 6.58 -83.73 -48.35
CA ASN DB 68 6.02 -84.87 -49.04
C ASN DB 68 4.76 -84.40 -49.75
N PHE DB 69 4.41 -85.08 -50.82
CA PHE DB 69 3.10 -84.91 -51.44
C PHE DB 69 2.27 -86.14 -51.15
N VAL DB 70 1.05 -85.94 -50.66
CA VAL DB 70 0.16 -87.02 -50.30
C VAL DB 70 -0.97 -87.06 -51.32
N ASN DB 71 -1.24 -88.24 -51.85
CA ASN DB 71 -2.35 -88.47 -52.77
C ASN DB 71 -3.26 -89.50 -52.14
N ILE DB 72 -4.48 -89.10 -51.80
CA ILE DB 72 -5.46 -89.98 -51.17
C ILE DB 72 -6.54 -90.26 -52.21
N ARG DB 73 -6.62 -91.50 -52.66
CA ARG DB 73 -7.57 -91.87 -53.69
C ARG DB 73 -8.42 -93.04 -53.24
N GLY DB 74 -9.62 -93.11 -53.81
CA GLY DB 74 -10.49 -94.27 -53.60
C GLY DB 74 -10.85 -94.52 -52.16
N LEU DB 75 -11.05 -93.46 -51.39
CA LEU DB 75 -11.34 -93.56 -49.96
C LEU DB 75 -12.83 -93.35 -49.79
N THR DB 76 -13.55 -94.41 -49.43
CA THR DB 76 -14.99 -94.30 -49.25
C THR DB 76 -15.29 -93.62 -47.92
N PRO DB 77 -16.52 -93.14 -47.72
CA PRO DB 77 -16.82 -92.39 -46.49
C PRO DB 77 -16.72 -93.20 -45.22
N THR DB 78 -16.83 -94.52 -45.29
CA THR DB 78 -16.67 -95.34 -44.09
C THR DB 78 -15.21 -95.47 -43.72
N GLU DB 79 -14.36 -95.77 -44.69
CA GLU DB 79 -12.94 -95.91 -44.46
C GLU DB 79 -12.28 -94.54 -44.29
N MET DB 80 -11.11 -94.55 -43.65
CA MET DB 80 -10.49 -93.35 -43.13
C MET DB 80 -8.98 -93.50 -43.13
N ILE DB 81 -8.28 -92.41 -43.42
CA ILE DB 81 -6.83 -92.40 -43.43
C ILE DB 81 -6.32 -92.14 -42.03
N VAL DB 82 -5.44 -93.01 -41.56
CA VAL DB 82 -4.81 -92.88 -40.25
C VAL DB 82 -3.52 -92.10 -40.42
N ILE DB 83 -3.39 -90.98 -39.72
CA ILE DB 83 -2.17 -90.19 -39.81
C ILE DB 83 -1.19 -90.85 -38.85
N PRO DB 84 -0.15 -91.48 -39.30
CA PRO DB 84 0.81 -92.09 -38.38
C PRO DB 84 1.68 -91.06 -37.71
N TRP DB 85 1.05 -90.07 -37.10
CA TRP DB 85 1.78 -88.89 -36.68
C TRP DB 85 2.31 -89.04 -35.27
N ASN DB 86 1.93 -90.10 -34.57
CA ASN DB 86 2.43 -90.38 -33.24
C ASN DB 86 3.56 -91.40 -33.25
N VAL DB 87 3.99 -91.88 -34.41
CA VAL DB 87 5.13 -92.78 -34.49
C VAL DB 87 6.36 -91.96 -34.83
N MET DB 88 7.46 -92.27 -34.15
CA MET DB 88 8.68 -91.46 -34.27
C MET DB 88 9.23 -91.52 -35.69
N ARG DB 89 9.14 -92.68 -36.32
CA ARG DB 89 9.69 -92.89 -37.65
C ARG DB 89 9.00 -92.03 -38.71
N PHE DB 90 7.82 -91.50 -38.42
CA PHE DB 90 7.11 -90.67 -39.37
C PHE DB 90 7.87 -89.39 -39.67
N TYR DB 91 8.41 -88.75 -38.63
CA TYR DB 91 9.00 -87.44 -38.79
C TYR DB 91 10.44 -87.49 -39.29
N CYS DB 92 11.25 -88.38 -38.72
CA CYS DB 92 12.68 -88.39 -38.95
C CYS DB 92 13.14 -89.40 -39.98
N GLU DB 93 12.23 -90.20 -40.54
CA GLU DB 93 12.57 -91.11 -41.62
C GLU DB 93 11.58 -90.88 -42.75
N TYR DB 94 12.08 -90.84 -43.96
CA TYR DB 94 11.29 -90.36 -45.09
C TYR DB 94 10.82 -91.59 -45.85
N ASN DB 95 9.55 -91.93 -45.69
CA ASN DB 95 9.03 -93.11 -46.36
C ASN DB 95 8.03 -92.62 -47.39
N THR DB 96 8.46 -92.61 -48.65
CA THR DB 96 7.59 -92.23 -49.76
C THR DB 96 8.00 -93.06 -50.95
N GLY DB 97 7.02 -93.67 -51.62
CA GLY DB 97 7.32 -94.30 -52.89
C GLY DB 97 8.46 -95.29 -52.82
N THR DB 98 9.47 -95.06 -53.66
CA THR DB 98 10.62 -95.95 -53.75
C THR DB 98 11.61 -95.76 -52.61
N TYR DB 99 11.59 -94.60 -51.93
CA TYR DB 99 12.56 -94.34 -50.88
C TYR DB 99 12.53 -95.41 -49.80
N GLY DB 100 11.36 -95.67 -49.23
CA GLY DB 100 11.24 -96.66 -48.17
C GLY DB 100 11.72 -98.03 -48.56
N LEU DB 101 11.73 -98.35 -49.86
CA LEU DB 101 12.28 -99.61 -50.31
C LEU DB 101 13.81 -99.59 -50.27
N SER DB 102 14.41 -98.45 -50.59
CA SER DB 102 15.85 -98.30 -50.50
C SER DB 102 16.27 -98.21 -49.04
N GLY DB 103 17.55 -98.49 -48.80
CA GLY DB 103 18.06 -98.61 -47.44
C GLY DB 103 18.47 -97.30 -46.81
N ASN DB 104 18.36 -97.26 -45.48
CA ASN DB 104 18.83 -96.16 -44.64
C ASN DB 104 18.32 -94.82 -45.16
N VAL DB 105 17.00 -94.63 -45.01
CA VAL DB 105 16.36 -93.39 -45.44
C VAL DB 105 16.24 -92.40 -44.29
N HIS DB 106 16.79 -92.72 -43.13
CA HIS DB 106 16.83 -91.76 -42.03
C HIS DB 106 17.53 -90.48 -42.45
N HIS DB 107 17.07 -89.37 -41.90
CA HIS DB 107 17.72 -88.10 -42.13
C HIS DB 107 19.07 -88.09 -41.43
N LYS DB 108 20.04 -87.41 -42.03
CA LYS DB 108 21.40 -87.49 -41.51
C LYS DB 108 21.59 -86.76 -40.19
N ASN DB 109 20.73 -85.79 -39.88
CA ASN DB 109 20.76 -85.23 -38.53
C ASN DB 109 20.42 -86.28 -37.50
N TYR DB 110 19.58 -87.25 -37.86
CA TYR DB 110 19.26 -88.27 -36.89
C TYR DB 110 20.37 -89.30 -36.75
N SER DB 111 21.06 -89.60 -37.84
CA SER DB 111 22.15 -90.57 -37.78
C SER DB 111 23.23 -90.11 -36.80
N MET DB 112 23.46 -88.81 -36.70
CA MET DB 112 24.44 -88.33 -35.74
C MET DB 112 23.87 -88.17 -34.35
N LEU DB 113 22.55 -88.07 -34.19
CA LEU DB 113 22.00 -88.08 -32.84
C LEU DB 113 22.36 -89.37 -32.11
N LEU DB 114 22.72 -90.40 -32.85
CA LEU DB 114 23.28 -91.61 -32.29
C LEU DB 114 24.76 -91.49 -32.01
N ALA DB 115 25.42 -90.47 -32.56
CA ALA DB 115 26.82 -90.23 -32.24
C ALA DB 115 26.98 -89.51 -30.91
N CYS DB 116 26.12 -88.54 -30.62
CA CYS DB 116 26.10 -87.92 -29.31
C CYS DB 116 25.50 -88.87 -28.29
N LYS DB 117 25.78 -88.64 -27.01
CA LYS DB 117 25.43 -89.67 -26.04
C LYS DB 117 23.96 -89.67 -25.68
N ALA DB 118 23.28 -88.55 -25.81
CA ALA DB 118 21.88 -88.44 -25.44
C ALA DB 118 21.16 -87.58 -26.45
N HIS DB 119 19.94 -87.97 -26.79
CA HIS DB 119 19.07 -87.11 -27.58
C HIS DB 119 17.66 -87.24 -27.05
N ARG DB 120 16.88 -86.20 -27.25
CA ARG DB 120 15.51 -86.22 -26.80
C ARG DB 120 14.62 -85.57 -27.83
N PRO DB 121 13.45 -86.15 -28.10
CA PRO DB 121 12.63 -85.71 -29.24
C PRO DB 121 11.93 -84.38 -29.09
N THR DB 122 11.63 -83.91 -27.88
CA THR DB 122 10.92 -82.65 -27.64
C THR DB 122 9.72 -82.46 -28.57
N LYS DB 123 9.59 -81.29 -29.19
CA LYS DB 123 8.40 -81.00 -29.96
C LYS DB 123 8.36 -81.79 -31.25
N VAL DB 124 7.15 -82.08 -31.72
CA VAL DB 124 6.93 -82.81 -32.96
C VAL DB 124 5.65 -82.29 -33.59
N GLY DB 125 5.61 -82.23 -34.91
CA GLY DB 125 4.44 -81.68 -35.57
C GLY DB 125 4.48 -81.87 -37.06
N TYR DB 126 3.38 -81.49 -37.70
CA TYR DB 126 3.28 -81.63 -39.15
C TYR DB 126 2.27 -80.62 -39.69
N THR DB 127 2.33 -80.41 -41.01
CA THR DB 127 1.48 -79.44 -41.68
C THR DB 127 0.88 -80.07 -42.93
N LEU DB 128 -0.43 -79.90 -43.09
CA LEU DB 128 -1.13 -80.21 -44.33
C LEU DB 128 -1.41 -78.91 -45.07
N SER DB 129 -1.09 -78.87 -46.35
CA SER DB 129 -1.13 -77.61 -47.06
C SER DB 129 -1.56 -77.81 -48.50
N ASN DB 130 -2.17 -76.77 -49.06
CA ASN DB 130 -2.51 -76.68 -50.49
C ASN DB 130 -3.23 -77.93 -50.96
N LEU DB 131 -4.45 -78.05 -50.48
CA LEU DB 131 -5.29 -79.18 -50.80
C LEU DB 131 -5.80 -79.08 -52.23
N ILE DB 132 -5.74 -80.20 -52.94
CA ILE DB 132 -6.30 -80.32 -54.28
C ILE DB 132 -7.22 -81.53 -54.27
N LEU DB 133 -8.50 -81.28 -54.48
CA LEU DB 133 -9.48 -82.34 -54.65
C LEU DB 133 -9.73 -82.59 -56.13
N THR DB 134 -9.81 -83.86 -56.49
CA THR DB 134 -10.13 -84.28 -57.83
C THR DB 134 -11.26 -85.29 -57.75
N SER DB 135 -11.88 -85.57 -58.89
CA SER DB 135 -13.05 -86.42 -58.95
C SER DB 135 -12.87 -87.47 -60.04
N ASP DB 136 -13.17 -88.72 -59.70
CA ASP DB 136 -13.24 -89.80 -60.67
C ASP DB 136 -14.63 -89.93 -61.27
N GLU DB 137 -15.53 -89.01 -60.95
CA GLU DB 137 -16.91 -89.14 -61.40
C GLU DB 137 -17.02 -89.24 -62.91
N LEU DB 138 -16.20 -88.49 -63.64
CA LEU DB 138 -16.21 -88.59 -65.09
C LEU DB 138 -15.51 -89.85 -65.58
N VAL DB 139 -14.75 -90.52 -64.73
CA VAL DB 139 -14.03 -91.71 -65.11
C VAL DB 139 -14.99 -92.90 -65.16
N SER DB 140 -14.82 -93.73 -66.18
CA SER DB 140 -15.57 -94.97 -66.31
C SER DB 140 -14.65 -96.02 -66.90
N THR DB 141 -15.08 -97.28 -66.81
CA THR DB 141 -14.25 -98.37 -67.32
C THR DB 141 -14.01 -98.24 -68.82
N GLY DB 142 -14.93 -97.58 -69.54
CA GLY DB 142 -14.68 -97.29 -70.94
C GLY DB 142 -13.55 -96.31 -71.14
N GLY DB 143 -13.32 -95.44 -70.16
CA GLY DB 143 -12.19 -94.53 -70.23
C GLY DB 143 -12.50 -93.27 -71.02
N THR DB 144 -11.45 -92.76 -71.69
CA THR DB 144 -11.47 -91.58 -72.54
C THR DB 144 -11.67 -90.29 -71.75
N LEU DB 145 -12.04 -90.40 -70.48
CA LEU DB 145 -12.12 -89.26 -69.58
C LEU DB 145 -11.45 -89.62 -68.27
N GLY DB 146 -10.48 -88.81 -67.86
CA GLY DB 146 -9.76 -89.04 -66.63
C GLY DB 146 -10.29 -88.18 -65.50
N THR DB 147 -9.68 -88.35 -64.33
CA THR DB 147 -10.08 -87.56 -63.18
C THR DB 147 -9.69 -86.11 -63.40
N THR DB 148 -10.41 -85.22 -62.74
CA THR DB 148 -10.08 -83.81 -62.82
C THR DB 148 -10.57 -83.14 -61.55
N THR DB 149 -10.01 -81.96 -61.26
CA THR DB 149 -10.37 -81.23 -60.07
C THR DB 149 -11.87 -80.97 -60.03
N THR DB 150 -12.40 -80.92 -58.82
CA THR DB 150 -13.84 -80.76 -58.64
C THR DB 150 -14.33 -79.49 -59.32
N PHE DB 151 -15.55 -79.57 -59.86
CA PHE DB 151 -16.10 -78.47 -60.63
C PHE DB 151 -16.18 -77.19 -59.81
N ASN DB 152 -16.50 -77.31 -58.54
CA ASN DB 152 -16.47 -76.17 -57.63
C ASN DB 152 -15.75 -76.58 -56.36
N THR DB 153 -15.42 -75.60 -55.54
CA THR DB 153 -14.59 -75.79 -54.36
C THR DB 153 -15.38 -76.16 -53.13
N SER DB 154 -16.69 -76.38 -53.26
CA SER DB 154 -17.50 -76.81 -52.12
C SER DB 154 -17.06 -78.12 -51.48
N PRO DB 155 -16.57 -79.13 -52.19
CA PRO DB 155 -16.15 -80.35 -51.50
C PRO DB 155 -14.98 -80.10 -50.58
N TYR DB 156 -14.78 -81.02 -49.66
CA TYR DB 156 -13.76 -80.86 -48.63
C TYR DB 156 -13.26 -82.23 -48.18
N MET DB 157 -12.10 -82.21 -47.55
CA MET DB 157 -11.55 -83.38 -46.88
C MET DB 157 -11.57 -83.13 -45.38
N ILE DB 158 -12.04 -84.10 -44.63
CA ILE DB 158 -12.27 -83.93 -43.21
C ILE DB 158 -11.01 -84.35 -42.47
N HIS DB 159 -10.44 -83.45 -41.70
CA HIS DB 159 -9.34 -83.79 -40.81
C HIS DB 159 -9.89 -83.97 -39.41
N SER DB 160 -9.82 -85.19 -38.90
CA SER DB 160 -10.42 -85.54 -37.64
C SER DB 160 -9.34 -85.76 -36.60
N ILE DB 161 -9.51 -85.16 -35.43
CA ILE DB 161 -8.66 -85.39 -34.27
C ILE DB 161 -9.52 -86.07 -33.22
N ASP DB 162 -9.16 -87.27 -32.80
CA ASP DB 162 -10.01 -87.98 -31.86
C ASP DB 162 -9.49 -87.65 -30.47
N ASP DB 163 -10.21 -86.78 -29.77
CA ASP DB 163 -9.83 -86.37 -28.43
C ASP DB 163 -10.34 -87.35 -27.38
N GLN DB 164 -11.56 -87.84 -27.56
CA GLN DB 164 -12.20 -88.72 -26.61
C GLN DB 164 -11.76 -90.17 -26.80
N GLN DB 165 -10.89 -90.41 -27.78
CA GLN DB 165 -10.39 -91.75 -28.08
C GLN DB 165 -11.53 -92.70 -28.38
N CYS DB 166 -12.38 -92.31 -29.35
CA CYS DB 166 -13.34 -93.26 -29.90
C CYS DB 166 -12.64 -94.50 -30.39
N LEU DB 167 -11.49 -94.33 -31.04
CA LEU DB 167 -10.68 -95.44 -31.53
C LEU DB 167 -9.41 -95.48 -30.70
N SER DB 168 -9.30 -96.51 -29.87
CA SER DB 168 -8.09 -96.72 -29.07
C SER DB 168 -6.97 -97.29 -29.92
N LYS DB 169 -7.30 -98.30 -30.71
CA LYS DB 169 -6.34 -99.06 -31.48
C LYS DB 169 -6.93 -99.26 -32.87
N VAL DB 170 -6.13 -98.99 -33.89
CA VAL DB 170 -6.62 -98.90 -35.25
C VAL DB 170 -5.92 -99.96 -36.09
N TYR DB 171 -6.69 -100.70 -36.88
CA TYR DB 171 -6.19 -101.77 -37.70
C TYR DB 171 -6.39 -101.45 -39.18
N PRO DB 172 -5.56 -101.99 -40.06
CA PRO DB 172 -5.80 -101.83 -41.49
C PRO DB 172 -7.07 -102.54 -41.94
N LYS DB 173 -7.55 -102.17 -43.11
CA LYS DB 173 -8.71 -102.83 -43.67
C LYS DB 173 -8.39 -104.29 -43.98
N THR DB 174 -9.45 -105.10 -44.06
CA THR DB 174 -9.29 -106.54 -44.20
C THR DB 174 -8.35 -106.91 -45.33
N ASP DB 175 -8.55 -106.32 -46.51
CA ASP DB 175 -7.72 -106.69 -47.65
C ASP DB 175 -6.35 -106.01 -47.60
N THR DB 176 -6.30 -104.75 -47.18
CA THR DB 176 -5.07 -103.98 -47.30
C THR DB 176 -4.12 -104.30 -46.14
N VAL DB 177 -2.96 -103.65 -46.18
CA VAL DB 177 -1.97 -103.77 -45.12
C VAL DB 177 -1.18 -102.46 -45.11
N TRP DB 178 -0.56 -102.17 -43.98
CA TRP DB 178 0.15 -100.91 -43.81
C TRP DB 178 1.65 -101.15 -43.89
N PRO DB 179 2.31 -100.79 -44.97
CA PRO DB 179 3.77 -100.87 -45.00
C PRO DB 179 4.38 -99.73 -44.21
N VAL DB 180 5.53 -100.01 -43.58
CA VAL DB 180 6.21 -98.91 -42.93
C VAL DB 180 6.95 -98.09 -43.97
N SER DB 181 7.36 -98.71 -45.08
CA SER DB 181 8.02 -98.00 -46.15
C SER DB 181 7.12 -96.99 -46.83
N SER DB 182 5.81 -97.14 -46.66
CA SER DB 182 4.82 -96.26 -47.24
C SER DB 182 4.36 -95.16 -46.29
N MET DB 183 4.98 -95.05 -45.13
CA MET DB 183 4.39 -94.32 -44.00
C MET DB 183 4.04 -92.88 -44.35
N ARG DB 184 4.97 -92.14 -44.94
CA ARG DB 184 4.76 -90.70 -45.05
C ARG DB 184 3.78 -90.29 -46.14
N GLU DB 185 3.63 -91.06 -47.22
CA GLU DB 185 2.49 -90.80 -48.09
C GLU DB 185 1.34 -91.55 -47.48
N LEU DB 186 0.21 -90.90 -47.27
CA LEU DB 186 -0.71 -91.44 -46.29
C LEU DB 186 -1.63 -92.36 -47.08
N ASP DB 187 -1.32 -93.64 -47.03
CA ASP DB 187 -2.16 -94.70 -47.57
C ASP DB 187 -2.88 -95.51 -46.51
N TYR DB 188 -2.67 -95.24 -45.23
CA TYR DB 188 -3.15 -96.19 -44.24
C TYR DB 188 -4.65 -95.98 -44.08
N VAL DB 189 -5.42 -97.01 -44.42
CA VAL DB 189 -6.87 -96.92 -44.46
C VAL DB 189 -7.42 -97.84 -43.38
N ALA DB 190 -8.15 -97.25 -42.45
CA ALA DB 190 -8.90 -97.99 -41.46
C ALA DB 190 -10.37 -97.92 -41.82
N SER DB 191 -11.09 -98.98 -41.53
CA SER DB 191 -12.53 -98.99 -41.68
C SER DB 191 -13.11 -99.08 -40.27
N THR DB 192 -13.71 -97.99 -39.81
CA THR DB 192 -14.28 -97.94 -38.48
C THR DB 192 -15.70 -98.49 -38.56
N VAL DB 193 -15.97 -99.57 -37.85
CA VAL DB 193 -17.21 -100.31 -37.99
C VAL DB 193 -17.67 -100.74 -36.60
N SER DB 194 -18.96 -100.51 -36.31
CA SER DB 194 -19.59 -101.05 -35.12
C SER DB 194 -19.98 -102.49 -35.40
N GLY DB 195 -20.79 -103.11 -34.56
CA GLY DB 195 -21.06 -104.50 -34.82
C GLY DB 195 -21.72 -104.76 -36.16
N ASP DB 196 -22.90 -104.19 -36.39
CA ASP DB 196 -23.51 -104.16 -37.71
C ASP DB 196 -23.34 -102.82 -38.43
N ASN DB 197 -22.76 -101.83 -37.78
CA ASN DB 197 -22.86 -100.45 -38.23
C ASN DB 197 -21.52 -99.98 -38.78
N ALA DB 198 -21.54 -99.41 -39.97
CA ALA DB 198 -20.36 -98.74 -40.51
C ALA DB 198 -20.34 -97.32 -39.96
N ILE DB 199 -19.26 -96.99 -39.27
CA ILE DB 199 -19.12 -95.67 -38.64
C ILE DB 199 -18.61 -94.68 -39.68
N ILE DB 200 -19.31 -93.56 -39.82
CA ILE DB 200 -18.75 -92.43 -40.55
C ILE DB 200 -17.77 -91.74 -39.60
N PRO DB 201 -16.48 -91.69 -39.94
CA PRO DB 201 -15.49 -91.25 -38.94
C PRO DB 201 -15.71 -89.85 -38.42
N SER DB 202 -16.12 -88.92 -39.27
CA SER DB 202 -16.32 -87.55 -38.84
C SER DB 202 -17.39 -87.42 -37.77
N THR DB 203 -18.30 -88.38 -37.66
CA THR DB 203 -19.41 -88.23 -36.73
C THR DB 203 -19.01 -88.55 -35.30
N ILE DB 204 -18.13 -89.53 -35.09
CA ILE DB 204 -17.74 -89.90 -33.73
C ILE DB 204 -16.65 -88.97 -33.20
N PHE DB 205 -15.72 -88.55 -34.05
CA PHE DB 205 -14.54 -87.85 -33.58
C PHE DB 205 -14.89 -86.44 -33.11
N ASN DB 206 -14.02 -85.91 -32.27
CA ASN DB 206 -14.32 -84.66 -31.57
C ASN DB 206 -14.06 -83.45 -32.45
N LYS DB 207 -12.79 -83.13 -32.70
CA LYS DB 207 -12.44 -82.05 -33.60
C LYS DB 207 -12.42 -82.58 -35.01
N ASN DB 208 -13.28 -82.03 -35.86
CA ASN DB 208 -13.35 -82.37 -37.27
C ASN DB 208 -13.26 -81.07 -38.05
N ARG DB 209 -12.19 -80.91 -38.79
CA ARG DB 209 -11.97 -79.75 -39.63
C ARG DB 209 -12.36 -80.10 -41.05
N TYR DB 210 -13.30 -79.34 -41.62
CA TYR DB 210 -13.64 -79.55 -43.02
C TYR DB 210 -12.78 -78.59 -43.83
N TRP DB 211 -11.82 -79.15 -44.55
CA TRP DB 211 -10.74 -78.38 -45.13
C TRP DB 211 -10.89 -78.44 -46.64
N LYS DB 212 -11.09 -77.26 -47.22
CA LYS DB 212 -11.44 -77.14 -48.63
C LYS DB 212 -10.25 -76.68 -49.44
N GLN DB 213 -10.49 -76.51 -50.73
CA GLN DB 213 -9.47 -76.00 -51.63
C GLN DB 213 -9.35 -74.49 -51.43
N GLY DB 214 -8.16 -74.03 -51.10
CA GLY DB 214 -7.92 -72.64 -50.82
C GLY DB 214 -7.82 -72.30 -49.36
N ASP DB 215 -8.25 -73.20 -48.48
CA ASP DB 215 -8.12 -72.96 -47.05
C ASP DB 215 -6.65 -72.92 -46.65
N ASP DB 216 -6.40 -72.25 -45.53
CA ASP DB 216 -5.04 -72.15 -45.03
C ASP DB 216 -4.54 -73.52 -44.61
N ALA DB 217 -3.22 -73.64 -44.54
CA ALA DB 217 -2.61 -74.89 -44.16
C ALA DB 217 -3.04 -75.29 -42.76
N LEU DB 218 -3.09 -76.60 -42.52
CA LEU DB 218 -3.47 -77.15 -41.23
C LEU DB 218 -2.20 -77.53 -40.47
N HIS DB 219 -1.96 -76.87 -39.35
CA HIS DB 219 -0.75 -77.06 -38.57
C HIS DB 219 -1.07 -77.83 -37.32
N PHE DB 220 -0.34 -78.91 -37.06
CA PHE DB 220 -0.55 -79.72 -35.88
C PHE DB 220 0.78 -79.95 -35.21
N SER DB 221 0.81 -79.80 -33.89
CA SER DB 221 2.05 -79.88 -33.14
C SER DB 221 1.81 -80.62 -31.84
N HIS DB 222 2.87 -81.20 -31.32
CA HIS DB 222 2.83 -81.81 -30.00
C HIS DB 222 4.13 -81.50 -29.29
N ASP DB 223 4.03 -80.95 -28.08
CA ASP DB 223 5.21 -80.65 -27.27
C ASP DB 223 5.47 -81.80 -26.33
N LEU DB 224 6.71 -82.26 -26.29
CA LEU DB 224 7.15 -83.26 -25.35
C LEU DB 224 8.01 -82.60 -24.28
N ASP DB 225 7.64 -82.78 -23.02
CA ASP DB 225 8.51 -82.45 -21.91
C ASP DB 225 8.88 -83.75 -21.21
N LEU DB 226 10.11 -84.18 -21.39
CA LEU DB 226 10.63 -85.39 -20.79
C LEU DB 226 11.61 -85.01 -19.71
N GLY DB 227 11.60 -85.78 -18.63
CA GLY DB 227 12.64 -85.53 -17.65
C GLY DB 227 13.92 -86.26 -17.93
N PHE DB 228 13.99 -87.00 -19.04
CA PHE DB 228 15.10 -87.89 -19.30
C PHE DB 228 15.45 -87.81 -20.77
N TRP DB 229 16.40 -88.64 -21.17
CA TRP DB 229 17.01 -88.59 -22.48
C TRP DB 229 17.04 -90.01 -23.04
N PHE DB 230 17.33 -90.12 -24.33
CA PHE DB 230 17.41 -91.42 -24.97
C PHE DB 230 18.81 -91.64 -25.51
N GLY DB 231 19.33 -92.85 -25.31
CA GLY DB 231 20.66 -93.16 -25.79
C GLY DB 231 20.71 -94.04 -27.02
N SER DB 232 19.57 -94.58 -27.43
CA SER DB 232 19.51 -95.51 -28.53
C SER DB 232 18.62 -94.95 -29.63
N ASP DB 233 18.50 -95.69 -30.73
CA ASP DB 233 17.61 -95.27 -31.78
C ASP DB 233 16.17 -95.57 -31.42
N TYR DB 234 15.24 -94.81 -32.00
CA TYR DB 234 13.83 -95.05 -31.72
C TYR DB 234 13.39 -96.40 -32.24
N GLY DB 235 13.76 -96.75 -33.47
CA GLY DB 235 13.52 -98.10 -33.93
C GLY DB 235 12.06 -98.47 -33.99
N ASN DB 236 11.28 -97.72 -34.76
CA ASN DB 236 9.82 -97.84 -34.88
C ASN DB 236 9.14 -97.86 -33.51
N ALA DB 237 9.48 -96.86 -32.71
CA ALA DB 237 8.79 -96.57 -31.47
C ALA DB 237 7.85 -95.39 -31.67
N TYR DB 238 6.73 -95.41 -30.97
CA TYR DB 238 5.92 -94.22 -30.89
C TYR DB 238 6.73 -93.10 -30.25
N VAL DB 239 6.59 -91.90 -30.79
CA VAL DB 239 7.20 -90.76 -30.11
C VAL DB 239 6.66 -90.67 -28.69
N PRO DB 240 7.51 -90.47 -27.69
CA PRO DB 240 7.14 -90.84 -26.31
C PRO DB 240 5.82 -90.26 -25.83
N GLN DB 241 5.02 -91.12 -25.22
CA GLN DB 241 3.70 -90.78 -24.74
C GLN DB 241 3.47 -91.54 -23.45
N ASN DB 242 2.67 -90.97 -22.57
CA ASN DB 242 2.22 -91.66 -21.36
C ASN DB 242 0.71 -91.86 -21.49
N ASN DB 243 0.28 -93.10 -21.64
CA ASN DB 243 -1.12 -93.33 -21.92
C ASN DB 243 -1.57 -94.66 -21.33
N ASP DB 244 -2.86 -94.93 -21.54
CA ASP DB 244 -3.39 -96.27 -21.29
C ASP DB 244 -2.72 -97.29 -22.19
N SER DB 245 -2.40 -96.90 -23.42
CA SER DB 245 -1.78 -97.81 -24.37
C SER DB 245 -0.27 -97.91 -24.18
N MET DB 246 0.40 -96.85 -23.76
CA MET DB 246 1.86 -96.86 -23.84
C MET DB 246 2.47 -95.89 -22.84
N ASN DB 247 3.74 -96.12 -22.55
CA ASN DB 247 4.52 -95.25 -21.67
C ASN DB 247 5.80 -94.80 -22.36
N ALA DB 248 6.31 -93.68 -21.89
CA ALA DB 248 7.37 -92.97 -22.60
C ALA DB 248 8.74 -93.60 -22.42
N VAL DB 249 8.97 -94.24 -21.28
CA VAL DB 249 10.28 -94.77 -20.93
C VAL DB 249 10.26 -96.28 -21.17
N GLY DB 250 11.32 -96.79 -21.80
CA GLY DB 250 11.29 -98.15 -22.30
C GLY DB 250 12.02 -99.22 -21.53
N THR DB 251 12.86 -98.84 -20.59
CA THR DB 251 13.65 -99.81 -19.85
C THR DB 251 12.85 -100.32 -18.66
N ILE DB 252 12.90 -101.63 -18.44
CA ILE DB 252 12.33 -102.22 -17.24
C ILE DB 252 13.18 -101.77 -16.06
N PRO DB 253 12.62 -101.07 -15.09
CA PRO DB 253 13.38 -100.71 -13.89
C PRO DB 253 13.75 -101.94 -13.09
N THR DB 254 14.89 -101.86 -12.40
CA THR DB 254 15.49 -103.01 -11.75
C THR DB 254 15.75 -102.70 -10.28
N SER DB 255 16.03 -103.75 -9.52
CA SER DB 255 15.82 -103.76 -8.08
C SER DB 255 16.81 -102.88 -7.33
N LYS DB 256 16.34 -102.39 -6.18
CA LYS DB 256 17.18 -101.84 -5.11
C LYS DB 256 17.92 -100.57 -5.56
N HIS DB 257 17.25 -99.74 -6.35
CA HIS DB 257 17.74 -98.41 -6.67
C HIS DB 257 16.63 -97.64 -7.35
N ILE DB 258 16.95 -96.41 -7.75
CA ILE DB 258 15.98 -95.47 -8.27
C ILE DB 258 16.03 -95.50 -9.79
N ASN DB 259 14.87 -95.39 -10.43
CA ASN DB 259 14.75 -95.51 -11.87
C ASN DB 259 13.81 -94.44 -12.36
N VAL DB 260 14.06 -93.95 -13.58
CA VAL DB 260 13.17 -92.96 -14.16
C VAL DB 260 11.91 -93.65 -14.63
N ARG DB 261 10.77 -93.12 -14.23
CA ARG DB 261 9.46 -93.74 -14.42
C ARG DB 261 8.55 -92.73 -15.10
N GLY DB 262 7.80 -93.19 -16.09
CA GLY DB 262 6.83 -92.32 -16.73
C GLY DB 262 5.73 -91.91 -15.77
N VAL DB 263 5.19 -90.72 -16.00
CA VAL DB 263 4.15 -90.17 -15.14
C VAL DB 263 3.35 -89.16 -15.96
N ASN DB 264 2.12 -88.90 -15.54
CA ASN DB 264 1.29 -87.74 -15.89
C ASN DB 264 0.45 -87.76 -17.16
N ASN DB 265 0.48 -88.78 -18.01
CA ASN DB 265 -0.44 -88.80 -19.16
C ASN DB 265 -0.25 -87.58 -20.08
N ARG DB 266 0.84 -87.60 -20.82
CA ARG DB 266 0.95 -86.81 -22.03
C ARG DB 266 0.84 -87.76 -23.21
N GLY DB 267 -0.06 -87.45 -24.14
CA GLY DB 267 -0.26 -88.31 -25.29
C GLY DB 267 -0.73 -87.52 -26.48
N MET DB 268 -0.82 -88.19 -27.62
CA MET DB 268 -1.26 -87.54 -28.85
C MET DB 268 -2.61 -88.05 -29.34
N ALA DB 269 -3.43 -87.13 -29.85
CA ALA DB 269 -4.75 -87.48 -30.36
C ALA DB 269 -4.63 -88.17 -31.71
N GLY DB 270 -5.44 -89.19 -31.92
CA GLY DB 270 -5.42 -89.94 -33.17
C GLY DB 270 -5.96 -89.14 -34.35
N HIS DB 271 -5.06 -88.48 -35.08
CA HIS DB 271 -5.44 -87.70 -36.25
C HIS DB 271 -5.91 -88.64 -37.36
N TYR DB 272 -6.85 -88.18 -38.18
CA TYR DB 272 -7.36 -89.00 -39.25
C TYR DB 272 -7.82 -88.11 -40.41
N LEU DB 273 -7.92 -88.71 -41.59
CA LEU DB 273 -8.42 -88.04 -42.78
C LEU DB 273 -9.53 -88.85 -43.40
N SER DB 274 -10.59 -88.17 -43.81
CA SER DB 274 -11.74 -88.86 -44.37
C SER DB 274 -12.48 -87.88 -45.28
N PHE DB 275 -13.35 -88.42 -46.09
CA PHE DB 275 -14.15 -87.56 -46.95
C PHE DB 275 -15.61 -87.68 -46.57
N PRO DB 276 -16.39 -86.62 -46.74
CA PRO DB 276 -17.80 -86.67 -46.40
C PRO DB 276 -18.53 -87.61 -47.33
N PRO DB 277 -19.48 -88.39 -46.82
CA PRO DB 277 -20.30 -89.21 -47.71
C PRO DB 277 -21.11 -88.34 -48.64
N ILE DB 278 -21.01 -88.60 -49.93
CA ILE DB 278 -21.81 -87.92 -50.94
C ILE DB 278 -22.37 -88.99 -51.85
N ARG DB 279 -23.68 -89.14 -51.85
CA ARG DB 279 -24.30 -90.16 -52.68
C ARG DB 279 -24.33 -89.71 -54.13
N THR DB 280 -24.21 -90.69 -55.02
CA THR DB 280 -24.27 -90.48 -56.46
C THR DB 280 -25.37 -91.35 -57.04
N ASN DB 281 -25.50 -91.30 -58.36
CA ASN DB 281 -26.35 -92.25 -59.06
C ASN DB 281 -25.95 -93.68 -58.72
N ASP DB 282 -24.64 -93.93 -58.54
CA ASP DB 282 -24.15 -95.23 -58.12
C ASP DB 282 -23.14 -95.04 -56.99
N GLY DB 283 -23.47 -95.59 -55.82
CA GLY DB 283 -22.52 -95.59 -54.73
C GLY DB 283 -22.24 -94.19 -54.20
N GLN DB 284 -20.97 -93.93 -53.94
CA GLN DB 284 -20.53 -92.72 -53.26
C GLN DB 284 -19.72 -91.85 -54.21
N PHE DB 285 -19.73 -90.55 -53.94
CA PHE DB 285 -18.97 -89.63 -54.77
C PHE DB 285 -17.49 -89.94 -54.61
N LYS DB 286 -16.76 -89.90 -55.70
CA LYS DB 286 -15.35 -90.27 -55.65
C LYS DB 286 -14.56 -88.99 -55.44
N LEU DB 287 -14.02 -88.82 -54.24
CA LEU DB 287 -13.16 -87.70 -53.91
C LEU DB 287 -11.74 -88.19 -53.76
N ASN DB 288 -10.84 -87.48 -54.39
CA ASN DB 288 -9.42 -87.75 -54.31
C ASN DB 288 -8.78 -86.48 -53.80
N ALA DB 289 -7.74 -86.59 -53.00
CA ALA DB 289 -7.13 -85.42 -52.41
C ALA DB 289 -5.64 -85.42 -52.66
N GLN DB 290 -5.09 -84.24 -52.92
CA GLN DB 290 -3.66 -84.00 -52.80
C GLN DB 290 -3.41 -82.91 -51.78
N PHE DB 291 -2.32 -83.05 -51.04
CA PHE DB 291 -1.83 -81.97 -50.21
C PHE DB 291 -0.36 -82.22 -49.95
N THR DB 292 0.33 -81.19 -49.51
CA THR DB 292 1.73 -81.33 -49.14
C THR DB 292 1.82 -81.62 -47.66
N LEU DB 293 2.68 -82.57 -47.30
CA LEU DB 293 2.91 -82.93 -45.92
C LEU DB 293 4.27 -82.39 -45.52
N GLU DB 294 4.30 -81.40 -44.64
CA GLU DB 294 5.53 -80.91 -44.04
C GLU DB 294 5.55 -81.35 -42.60
N THR DB 295 6.47 -82.24 -42.26
CA THR DB 295 6.65 -82.67 -40.88
C THR DB 295 7.92 -82.07 -40.32
N GLU DB 296 7.90 -81.78 -39.03
CA GLU DB 296 9.08 -81.31 -38.34
C GLU DB 296 9.16 -81.96 -36.97
N ILE DB 297 10.33 -82.49 -36.64
CA ILE DB 297 10.60 -83.00 -35.31
C ILE DB 297 11.84 -82.31 -34.79
N GLU DB 298 11.77 -81.76 -33.59
CA GLU DB 298 12.84 -80.96 -33.03
C GLU DB 298 13.51 -81.75 -31.94
N PHE DB 299 14.75 -82.19 -32.18
CA PHE DB 299 15.50 -82.93 -31.18
C PHE DB 299 16.37 -82.00 -30.35
N GLU DB 300 16.48 -82.31 -29.07
CA GLU DB 300 17.58 -81.85 -28.24
C GLU DB 300 18.58 -82.97 -28.10
N PHE DB 301 19.86 -82.63 -28.11
CA PHE DB 301 20.87 -83.64 -27.89
C PHE DB 301 21.95 -83.07 -26.98
N ARG DB 302 22.79 -83.96 -26.49
CA ARG DB 302 23.73 -83.64 -25.43
C ARG DB 302 25.00 -84.45 -25.65
N LEU DB 303 26.14 -83.87 -25.32
CA LEU DB 303 27.41 -84.44 -25.74
C LEU DB 303 28.09 -85.17 -24.60
N TRP DB 304 29.27 -85.69 -24.91
CA TRP DB 304 30.02 -86.60 -24.06
C TRP DB 304 30.70 -85.88 -22.91
N GLU DB 305 31.06 -86.66 -21.90
CA GLU DB 305 31.70 -86.12 -20.70
C GLU DB 305 33.06 -85.53 -21.04
N GLN DB 306 33.36 -84.39 -20.44
CA GLN DB 306 34.67 -83.78 -20.62
C GLN DB 306 35.72 -84.53 -19.81
N GLY DB 307 36.97 -84.35 -20.22
CA GLY DB 307 38.07 -84.93 -19.50
C GLY DB 307 38.45 -86.29 -20.04
N VAL DB 308 39.33 -86.95 -19.28
CA VAL DB 308 39.75 -88.30 -19.64
C VAL DB 308 38.56 -89.24 -19.64
N GLN DB 309 37.51 -88.91 -18.90
CA GLN DB 309 36.31 -89.75 -18.91
C GLN DB 309 35.73 -89.89 -20.30
N GLY DB 310 35.88 -88.87 -21.14
CA GLY DB 310 35.34 -88.88 -22.48
C GLY DB 310 36.26 -89.41 -23.55
N ILE DB 311 37.43 -89.95 -23.17
CA ILE DB 311 38.31 -90.56 -24.15
C ILE DB 311 37.73 -91.88 -24.62
N ASN DB 312 37.76 -92.11 -25.94
CA ASN DB 312 37.14 -93.29 -26.51
C ASN DB 312 37.62 -94.57 -25.84
N SER DB 313 38.93 -94.71 -25.66
CA SER DB 313 39.46 -95.98 -25.15
C SER DB 313 39.00 -96.25 -23.72
N VAL DB 314 39.00 -95.22 -22.87
CA VAL DB 314 38.65 -95.41 -21.47
C VAL DB 314 37.19 -95.07 -21.19
N HIS DB 315 36.43 -94.59 -22.17
CA HIS DB 315 35.04 -94.26 -21.90
C HIS DB 315 34.18 -95.49 -21.73
N THR DB 316 34.59 -96.64 -22.26
CA THR DB 316 33.80 -97.84 -22.09
C THR DB 316 33.61 -98.18 -20.62
N ASN DB 317 34.72 -98.30 -19.90
CA ASN DB 317 34.68 -98.65 -18.49
C ASN DB 317 34.65 -97.45 -17.54
N LEU DB 318 34.87 -96.23 -18.01
CA LEU DB 318 34.60 -95.03 -17.22
C LEU DB 318 33.25 -94.40 -17.50
N ASN DB 319 32.44 -95.00 -18.37
CA ASN DB 319 31.09 -94.49 -18.58
C ASN DB 319 30.35 -94.46 -17.26
N PRO DB 320 29.65 -93.37 -16.94
CA PRO DB 320 28.92 -93.31 -15.67
C PRO DB 320 27.85 -94.38 -15.61
N ALA DB 321 27.76 -95.04 -14.47
CA ALA DB 321 26.67 -95.98 -14.27
C ALA DB 321 25.36 -95.28 -14.01
N ASN DB 322 25.37 -93.98 -13.76
CA ASN DB 322 24.15 -93.21 -13.57
C ASN DB 322 23.61 -92.65 -14.86
N ASP DB 323 24.21 -92.99 -16.01
CA ASP DB 323 23.52 -92.78 -17.27
C ASP DB 323 22.13 -93.37 -17.22
N SER DB 324 22.03 -94.61 -16.73
CA SER DB 324 20.73 -95.28 -16.62
C SER DB 324 19.75 -94.45 -15.83
N LEU DB 325 20.24 -93.51 -15.04
CA LEU DB 325 19.35 -92.65 -14.27
C LEU DB 325 18.65 -91.65 -15.17
N TRP DB 326 19.40 -90.89 -15.96
CA TRP DB 326 18.84 -89.94 -16.92
C TRP DB 326 18.82 -90.41 -18.36
N ILE DB 327 19.39 -91.56 -18.72
CA ILE DB 327 19.34 -91.98 -20.14
C ILE DB 327 18.53 -93.25 -20.33
N GLN DB 328 17.44 -93.18 -21.07
CA GLN DB 328 16.37 -94.15 -20.86
C GLN DB 328 15.81 -94.97 -22.00
N SER DB 329 16.37 -94.87 -23.20
CA SER DB 329 15.88 -95.58 -24.41
C SER DB 329 14.47 -95.15 -24.88
N TYR DB 330 13.76 -96.02 -25.59
CA TYR DB 330 12.43 -95.67 -26.12
C TYR DB 330 11.34 -96.51 -25.49
N GLY DB 331 10.18 -95.92 -25.22
CA GLY DB 331 9.21 -96.62 -24.41
C GLY DB 331 8.43 -97.74 -25.06
N SER DB 332 7.73 -97.43 -26.14
CA SER DB 332 6.76 -98.36 -26.67
C SER DB 332 6.81 -98.32 -28.18
N LEU DB 333 6.74 -99.50 -28.77
CA LEU DB 333 6.96 -99.68 -30.19
C LEU DB 333 5.63 -99.84 -30.90
N VAL DB 334 5.56 -99.32 -32.13
CA VAL DB 334 4.46 -99.73 -32.98
C VAL DB 334 4.61 -101.21 -33.24
N SER DB 335 3.50 -101.86 -33.57
CA SER DB 335 3.52 -103.31 -33.74
C SER DB 335 3.82 -103.60 -35.20
N ILE DB 336 4.99 -104.16 -35.44
CA ILE DB 336 5.51 -104.37 -36.78
C ILE DB 336 5.80 -105.84 -36.94
N THR DB 337 5.08 -106.51 -37.83
CA THR DB 337 5.51 -107.81 -38.33
C THR DB 337 6.00 -107.60 -39.75
N GLU DB 338 7.10 -108.25 -40.09
CA GLU DB 338 7.79 -108.01 -41.35
C GLU DB 338 8.06 -106.51 -41.44
N SER DB 339 7.78 -105.86 -42.55
CA SER DB 339 7.88 -104.42 -42.68
C SER DB 339 6.55 -103.71 -42.43
N LYS DB 340 5.51 -104.45 -42.06
CA LYS DB 340 4.14 -103.97 -42.15
C LYS DB 340 3.59 -103.68 -40.76
N ILE DB 341 2.93 -102.54 -40.62
CA ILE DB 341 2.35 -102.15 -39.34
C ILE DB 341 1.12 -102.99 -39.06
N ASN DB 342 1.06 -103.59 -37.87
CA ASN DB 342 -0.10 -104.39 -37.50
C ASN DB 342 -1.26 -103.52 -37.05
N ASN DB 343 -0.97 -102.50 -36.26
CA ASN DB 343 -1.99 -101.64 -35.70
C ASN DB 343 -1.32 -100.34 -35.29
N ILE DB 344 -2.12 -99.30 -35.09
CA ILE DB 344 -1.63 -98.05 -34.54
C ILE DB 344 -2.47 -97.70 -33.32
N GLN DB 345 -1.80 -97.41 -32.22
CA GLN DB 345 -2.42 -96.98 -30.98
C GLN DB 345 -2.26 -95.48 -30.87
N PHE DB 346 -3.28 -94.80 -30.35
CA PHE DB 346 -3.19 -93.35 -30.24
C PHE DB 346 -3.10 -92.86 -28.81
N GLY DB 347 -4.11 -93.06 -28.00
CA GLY DB 347 -4.06 -92.63 -26.61
C GLY DB 347 -3.62 -91.21 -26.30
N PRO DB 348 -4.53 -90.26 -26.51
CA PRO DB 348 -4.35 -88.82 -26.30
C PRO DB 348 -4.31 -88.42 -24.85
N THR DB 349 -3.95 -87.18 -24.56
CA THR DB 349 -3.98 -86.75 -23.18
C THR DB 349 -5.45 -86.49 -23.08
N CYS DB 350 -6.18 -87.37 -22.42
CA CYS DB 350 -7.61 -87.20 -22.38
C CYS DB 350 -8.01 -86.10 -21.43
N PRO DB 351 -9.01 -85.34 -21.81
CA PRO DB 351 -9.46 -84.16 -21.05
C PRO DB 351 -10.14 -84.52 -19.74
N ARG DB 352 -10.60 -85.75 -19.57
CA ARG DB 352 -11.29 -86.10 -18.34
C ARG DB 352 -10.35 -86.63 -17.27
N VAL DB 353 -9.07 -86.85 -17.56
CA VAL DB 353 -8.09 -87.00 -16.50
C VAL DB 353 -7.97 -85.69 -15.74
N ASP DB 354 -7.76 -85.79 -14.43
CA ASP DB 354 -7.60 -84.61 -13.60
C ASP DB 354 -6.49 -83.73 -14.17
N ALA DB 355 -6.78 -82.43 -14.26
CA ALA DB 355 -5.80 -81.51 -14.81
C ALA DB 355 -4.51 -81.51 -14.03
N ARG DB 356 -4.53 -81.95 -12.77
CA ARG DB 356 -3.32 -82.02 -11.99
C ARG DB 356 -2.42 -83.17 -12.45
N ASN DB 357 -3.02 -84.19 -13.06
CA ASN DB 357 -2.22 -85.26 -13.64
C ASN DB 357 -1.66 -84.89 -15.00
N LYS DB 358 -2.32 -84.02 -15.74
CA LYS DB 358 -2.01 -83.81 -17.15
C LYS DB 358 -0.85 -82.86 -17.36
N GLY DB 359 -0.19 -82.40 -16.31
CA GLY DB 359 0.78 -81.34 -16.43
C GLY DB 359 2.08 -81.72 -17.11
N GLY DB 360 3.10 -80.89 -16.95
CA GLY DB 360 4.23 -80.87 -17.85
C GLY DB 360 5.15 -82.07 -17.94
N LYS DB 361 5.73 -82.48 -16.82
CA LYS DB 361 6.88 -83.38 -16.84
C LYS DB 361 6.44 -84.83 -17.03
N MET DB 362 7.00 -85.49 -18.04
CA MET DB 362 6.57 -86.84 -18.39
C MET DB 362 7.31 -87.94 -17.66
N SER DB 363 8.22 -87.63 -16.76
CA SER DB 363 8.89 -88.71 -16.06
C SER DB 363 9.21 -88.26 -14.65
N MET DB 364 9.40 -89.23 -13.79
CA MET DB 364 9.79 -88.99 -12.42
C MET DB 364 10.88 -90.01 -12.09
N LEU DB 365 11.74 -89.66 -11.16
CA LEU DB 365 12.85 -90.50 -10.79
C LEU DB 365 12.44 -91.20 -9.49
N PHE DB 366 12.01 -92.44 -9.65
CA PHE DB 366 11.39 -93.21 -8.58
C PHE DB 366 12.02 -94.57 -8.40
N ASP DB 367 12.21 -94.98 -7.16
CA ASP DB 367 12.85 -96.25 -6.86
C ASP DB 367 12.04 -97.52 -7.12
N HIS DB 368 12.75 -98.62 -7.26
CA HIS DB 368 12.11 -99.91 -7.45
C HIS DB 368 12.68 -100.88 -6.43
N HIS DB 369 11.80 -101.63 -5.78
CA HIS DB 369 12.25 -102.60 -4.79
C HIS DB 369 12.19 -104.02 -5.32
N GLU EB 36 76.11 9.69 16.06
CA GLU EB 36 76.18 9.35 14.65
C GLU EB 36 77.53 8.70 14.35
N GLY EB 37 77.59 7.88 13.31
CA GLY EB 37 78.80 7.19 12.97
C GLY EB 37 78.96 5.89 13.72
N ASP EB 38 80.10 5.26 13.50
CA ASP EB 38 80.40 4.00 14.16
C ASP EB 38 81.01 4.18 15.54
N GLY EB 39 81.16 5.43 15.99
CA GLY EB 39 81.71 5.73 17.29
C GLY EB 39 83.11 6.29 17.26
N SER EB 40 83.78 6.16 16.13
CA SER EB 40 85.17 6.61 15.96
C SER EB 40 85.40 8.08 16.16
N ALA EB 41 84.33 8.85 16.28
CA ALA EB 41 84.42 10.30 16.46
C ALA EB 41 84.88 10.69 17.86
N PRO EB 42 85.30 11.93 18.04
CA PRO EB 42 85.74 12.31 19.37
C PRO EB 42 84.68 12.20 20.46
N GLY EB 43 83.42 12.52 20.21
CA GLY EB 43 82.41 12.45 21.27
C GLY EB 43 81.28 11.46 21.07
N GLY EB 44 80.61 11.05 22.15
CA GLY EB 44 79.53 10.09 22.05
C GLY EB 44 79.88 8.68 22.48
N SER EB 45 79.52 7.69 21.68
CA SER EB 45 79.79 6.29 22.00
C SER EB 45 81.20 5.81 21.63
N VAL EB 46 81.70 4.81 22.34
CA VAL EB 46 83.02 4.24 22.18
C VAL EB 46 83.11 3.29 21.00
N TRP EB 47 84.09 3.52 20.13
CA TRP EB 47 84.27 2.60 19.02
C TRP EB 47 84.87 1.39 19.69
N GLN EB 48 84.31 0.22 19.46
CA GLN EB 48 84.83 -0.96 20.09
C GLN EB 48 85.07 -2.06 19.06
N THR EB 49 86.04 -2.90 19.37
CA THR EB 49 86.53 -3.92 18.45
C THR EB 49 85.55 -5.06 18.32
N THR EB 50 85.72 -5.85 17.26
CA THR EB 50 84.83 -6.95 16.96
C THR EB 50 84.87 -8.02 18.05
N ASP EB 51 83.79 -8.79 18.11
CA ASP EB 51 83.60 -9.80 19.13
C ASP EB 51 84.35 -11.07 18.78
N TYR EB 52 85.20 -11.52 19.70
CA TYR EB 52 85.90 -12.78 19.52
C TYR EB 52 85.19 -13.98 20.14
N ILE EB 53 84.11 -13.78 20.89
CA ILE EB 53 83.41 -14.91 21.50
C ILE EB 53 82.66 -15.70 20.44
N ALA EB 54 81.91 -15.00 19.59
CA ALA EB 54 80.94 -15.66 18.72
C ALA EB 54 81.53 -16.83 17.96
N LEU EB 55 82.76 -16.68 17.47
CA LEU EB 55 83.39 -17.77 16.74
C LEU EB 55 84.01 -18.82 17.65
N SER EB 56 84.29 -18.51 18.90
CA SER EB 56 84.80 -19.53 19.79
C SER EB 56 83.70 -20.41 20.36
N MET EB 57 82.46 -19.92 20.37
CA MET EB 57 81.34 -20.68 20.89
C MET EB 57 80.61 -21.50 19.84
N VAL EB 58 80.91 -21.32 18.56
CA VAL EB 58 80.16 -22.05 17.54
C VAL EB 58 80.47 -23.54 17.67
N VAL EB 59 79.41 -24.34 17.76
CA VAL EB 59 79.52 -25.78 17.94
C VAL EB 59 79.38 -26.44 16.58
N TYR EB 60 80.40 -27.18 16.19
CA TYR EB 60 80.38 -27.94 14.94
C TYR EB 60 80.10 -29.39 15.28
N ARG EB 61 79.38 -30.06 14.40
CA ARG EB 61 78.79 -31.34 14.72
C ARG EB 61 79.12 -32.34 13.62
N THR EB 62 79.85 -33.40 14.00
CA THR EB 62 80.22 -34.44 13.04
C THR EB 62 79.80 -35.81 13.55
N ALA EB 63 80.19 -36.86 12.84
CA ALA EB 63 79.87 -38.22 13.25
C ALA EB 63 80.87 -39.18 12.66
N ILE EB 64 80.94 -40.36 13.24
CA ILE EB 64 81.77 -41.46 12.74
C ILE EB 64 80.88 -42.67 12.57
N LYS EB 65 80.72 -43.13 11.34
CA LYS EB 65 79.88 -44.27 11.01
C LYS EB 65 80.76 -45.39 10.50
N LEU EB 66 80.52 -46.61 10.99
CA LEU EB 66 81.32 -47.77 10.62
C LEU EB 66 80.41 -48.98 10.49
N ARG EB 67 80.68 -49.82 9.50
CA ARG EB 67 79.97 -51.07 9.33
C ARG EB 67 80.89 -52.25 9.53
N ASN EB 68 80.28 -53.36 9.94
CA ASN EB 68 81.01 -54.55 10.32
C ASN EB 68 80.08 -55.73 10.09
N PHE EB 69 80.67 -56.89 9.85
CA PHE EB 69 79.93 -58.14 9.86
C PHE EB 69 80.30 -58.92 11.10
N VAL EB 70 79.29 -59.37 11.85
CA VAL EB 70 79.51 -60.09 13.09
C VAL EB 70 79.12 -61.54 12.85
N ASN EB 71 80.00 -62.46 13.25
CA ASN EB 71 79.76 -63.89 13.20
C ASN EB 71 79.85 -64.43 14.61
N ILE EB 72 78.74 -64.91 15.14
CA ILE EB 72 78.67 -65.46 16.49
C ILE EB 72 78.51 -66.96 16.37
N ARG EB 73 79.52 -67.70 16.77
CA ARG EB 73 79.51 -69.15 16.65
C ARG EB 73 79.79 -69.82 17.98
N GLY EB 74 79.28 -71.04 18.13
CA GLY EB 74 79.59 -71.86 19.28
C GLY EB 74 79.20 -71.24 20.61
N LEU EB 75 78.07 -70.54 20.64
CA LEU EB 75 77.61 -69.84 21.83
C LEU EB 75 76.52 -70.69 22.46
N THR EB 76 76.82 -71.28 23.62
CA THR EB 76 75.84 -72.12 24.28
C THR EB 76 74.80 -71.24 24.98
N PRO EB 77 73.65 -71.82 25.37
CA PRO EB 77 72.58 -70.98 25.94
C PRO EB 77 72.94 -70.34 27.25
N THR EB 78 73.90 -70.87 28.01
CA THR EB 78 74.31 -70.23 29.25
C THR EB 78 75.18 -69.02 28.98
N GLU EB 79 76.17 -69.17 28.09
CA GLU EB 79 77.05 -68.09 27.74
C GLU EB 79 76.35 -67.08 26.83
N MET EB 80 76.89 -65.88 26.79
CA MET EB 80 76.20 -64.73 26.23
C MET EB 80 77.20 -63.73 25.67
N ILE EB 81 76.86 -63.10 24.56
CA ILE EB 81 77.72 -62.10 23.93
C ILE EB 81 77.46 -60.76 24.58
N VAL EB 82 78.53 -60.11 25.03
CA VAL EB 82 78.46 -58.79 25.62
C VAL EB 82 78.68 -57.76 24.53
N ILE EB 83 77.72 -56.86 24.35
CA ILE EB 83 77.86 -55.83 23.32
C ILE EB 83 78.70 -54.74 23.97
N PRO EB 84 79.92 -54.51 23.56
CA PRO EB 84 80.71 -53.44 24.17
C PRO EB 84 80.26 -52.08 23.70
N TRP EB 85 78.96 -51.81 23.84
CA TRP EB 85 78.40 -50.65 23.17
C TRP EB 85 78.47 -49.42 24.03
N ASN EB 86 78.87 -49.56 25.28
CA ASN EB 86 79.05 -48.43 26.18
C ASN EB 86 80.49 -47.98 26.27
N VAL EB 87 81.41 -48.58 25.54
CA VAL EB 87 82.79 -48.14 25.51
C VAL EB 87 82.99 -47.26 24.29
N MET EB 88 83.69 -46.15 24.49
CA MET EB 88 83.83 -45.14 23.45
C MET EB 88 84.56 -45.70 22.24
N ARG EB 89 85.56 -46.55 22.48
CA ARG EB 89 86.38 -47.10 21.41
C ARG EB 89 85.60 -48.00 20.46
N PHE EB 90 84.42 -48.45 20.87
CA PHE EB 90 83.60 -49.31 20.02
C PHE EB 90 83.15 -48.58 18.77
N TYR EB 91 82.71 -47.33 18.92
CA TYR EB 91 82.11 -46.61 17.81
C TYR EB 91 83.12 -45.96 16.89
N CYS EB 92 84.13 -45.31 17.45
CA CYS EB 92 85.05 -44.48 16.70
C CYS EB 92 86.37 -45.15 16.35
N GLU EB 93 86.58 -46.38 16.78
CA GLU EB 93 87.75 -47.15 16.37
C GLU EB 93 87.28 -48.50 15.86
N TYR EB 94 87.86 -48.94 14.75
CA TYR EB 94 87.31 -50.07 14.02
C TYR EB 94 88.17 -51.27 14.37
N ASN EB 95 87.64 -52.15 15.20
CA ASN EB 95 88.40 -53.32 15.61
C ASN EB 95 87.70 -54.52 15.02
N THR EB 96 88.26 -55.05 13.94
CA THR EB 96 87.75 -56.24 13.29
C THR EB 96 88.92 -57.02 12.74
N GLY EB 97 88.99 -58.31 13.02
CA GLY EB 97 89.97 -59.13 12.34
C GLY EB 97 91.38 -58.61 12.47
N THR EB 98 92.02 -58.39 11.33
CA THR EB 98 93.41 -57.94 11.28
C THR EB 98 93.55 -56.45 11.57
N TYR EB 99 92.48 -55.66 11.41
CA TYR EB 99 92.58 -54.21 11.61
C TYR EB 99 93.11 -53.88 12.99
N GLY EB 100 92.46 -54.38 14.03
CA GLY EB 100 92.88 -54.09 15.39
C GLY EB 100 94.32 -54.44 15.69
N LEU EB 101 94.89 -55.39 14.93
CA LEU EB 101 96.30 -55.70 15.09
C LEU EB 101 97.17 -54.62 14.47
N SER EB 102 96.74 -54.06 13.35
CA SER EB 102 97.46 -52.95 12.72
C SER EB 102 97.27 -51.67 13.54
N GLY EB 103 98.17 -50.73 13.33
CA GLY EB 103 98.22 -49.53 14.16
C GLY EB 103 97.30 -48.42 13.70
N ASN EB 104 96.86 -47.62 14.66
CA ASN EB 104 96.09 -46.40 14.45
C ASN EB 104 94.89 -46.67 13.53
N VAL EB 105 93.92 -47.42 14.09
CA VAL EB 105 92.72 -47.76 13.35
C VAL EB 105 91.59 -46.77 13.66
N HIS EB 106 91.86 -45.73 14.43
CA HIS EB 106 90.87 -44.70 14.66
C HIS EB 106 90.42 -44.07 13.35
N HIS EB 107 89.15 -43.69 13.31
CA HIS EB 107 88.63 -42.99 12.15
C HIS EB 107 89.24 -41.60 12.09
N LYS EB 108 89.44 -41.11 10.86
CA LYS EB 108 90.18 -39.86 10.71
C LYS EB 108 89.38 -38.64 11.16
N ASN EB 109 88.06 -38.72 11.20
CA ASN EB 109 87.31 -37.65 11.83
C ASN EB 109 87.64 -37.54 13.30
N TYR EB 110 87.99 -38.65 13.94
CA TYR EB 110 88.32 -38.56 15.34
C TYR EB 110 89.73 -38.03 15.55
N SER EB 111 90.65 -38.36 14.66
CA SER EB 111 92.01 -37.87 14.80
C SER EB 111 92.05 -36.36 14.78
N MET EB 112 91.18 -35.71 14.02
CA MET EB 112 91.14 -34.27 14.03
C MET EB 112 90.31 -33.68 15.17
N LEU EB 113 89.42 -34.46 15.78
CA LEU EB 113 88.76 -33.96 16.97
C LEU EB 113 89.76 -33.64 18.06
N LEU EB 114 90.96 -34.21 17.96
CA LEU EB 114 92.07 -33.84 18.82
C LEU EB 114 92.79 -32.60 18.33
N ALA EB 115 92.54 -32.17 17.09
CA ALA EB 115 93.09 -30.92 16.58
C ALA EB 115 92.30 -29.72 17.07
N CYS EB 116 90.98 -29.82 17.08
CA CYS EB 116 90.16 -28.78 17.68
C CYS EB 116 90.26 -28.84 19.19
N LYS EB 117 89.93 -27.73 19.86
CA LYS EB 117 90.27 -27.67 21.27
C LYS EB 117 89.30 -28.44 22.14
N ALA EB 118 88.07 -28.65 21.70
CA ALA EB 118 87.07 -29.33 22.49
C ALA EB 118 86.23 -30.21 21.59
N HIS EB 119 85.90 -31.40 22.08
CA HIS EB 119 84.94 -32.25 21.40
C HIS EB 119 84.07 -32.92 22.45
N ARG EB 120 82.85 -33.25 22.05
CA ARG EB 120 81.95 -33.90 22.95
C ARG EB 120 81.18 -35.00 22.22
N PRO EB 121 81.01 -36.16 22.84
CA PRO EB 121 80.48 -37.32 22.12
C PRO EB 121 79.00 -37.29 21.77
N THR EB 122 78.16 -36.56 22.51
CA THR EB 122 76.71 -36.49 22.26
C THR EB 122 76.11 -37.87 21.99
N LYS EB 123 75.30 -37.99 20.95
CA LYS EB 123 74.56 -39.23 20.73
C LYS EB 123 75.48 -40.36 20.28
N VAL EB 124 75.10 -41.58 20.61
CA VAL EB 124 75.85 -42.76 20.23
C VAL EB 124 74.86 -43.91 20.03
N GLY EB 125 75.13 -44.78 19.07
CA GLY EB 125 74.17 -45.84 18.79
C GLY EB 125 74.72 -46.85 17.81
N TYR EB 126 73.95 -47.91 17.60
CA TYR EB 126 74.37 -48.96 16.68
C TYR EB 126 73.14 -49.69 16.16
N THR EB 127 73.35 -50.44 15.08
CA THR EB 127 72.28 -51.16 14.41
C THR EB 127 72.72 -52.59 14.12
N LEU EB 128 71.87 -53.55 14.46
CA LEU EB 128 72.01 -54.94 14.05
C LEU EB 128 71.04 -55.20 12.91
N SER EB 129 71.52 -55.81 11.84
CA SER EB 129 70.71 -55.91 10.64
C SER EB 129 70.98 -57.20 9.89
N ASN EB 130 69.97 -57.67 9.17
CA ASN EB 130 70.06 -58.80 8.25
C ASN EB 130 70.72 -60.01 8.92
N LEU EB 131 69.96 -60.56 9.85
CA LEU EB 131 70.41 -61.70 10.61
C LEU EB 131 70.40 -62.96 9.74
N ILE EB 132 71.47 -63.73 9.84
CA ILE EB 132 71.57 -65.03 9.19
C ILE EB 132 71.95 -66.04 10.26
N LEU EB 133 71.06 -66.98 10.51
CA LEU EB 133 71.33 -68.11 11.40
C LEU EB 133 71.77 -69.31 10.59
N THR EB 134 72.79 -70.00 11.09
CA THR EB 134 73.26 -71.24 10.50
C THR EB 134 73.34 -72.28 11.60
N SER EB 135 73.47 -73.54 11.19
CA SER EB 135 73.45 -74.65 12.12
C SER EB 135 74.64 -75.56 11.87
N ASP EB 136 75.32 -75.94 12.94
CA ASP EB 136 76.36 -76.96 12.88
C ASP EB 136 75.79 -78.35 13.11
N GLU EB 137 74.48 -78.48 13.20
CA GLU EB 137 73.87 -79.77 13.54
C GLU EB 137 74.27 -80.86 12.56
N LEU EB 138 74.37 -80.53 11.28
CA LEU EB 138 74.81 -81.52 10.31
C LEU EB 138 76.31 -81.76 10.36
N VAL EB 139 77.05 -80.88 11.03
CA VAL EB 139 78.50 -81.01 11.14
C VAL EB 139 78.84 -82.07 12.16
N SER EB 140 79.84 -82.89 11.84
CA SER EB 140 80.37 -83.89 12.75
C SER EB 140 81.88 -83.96 12.55
N THR EB 141 82.56 -84.59 13.50
CA THR EB 141 84.01 -84.70 13.40
C THR EB 141 84.44 -85.47 12.15
N GLY EB 142 83.58 -86.36 11.66
CA GLY EB 142 83.87 -87.03 10.39
C GLY EB 142 83.83 -86.06 9.22
N GLY EB 143 83.06 -84.99 9.33
CA GLY EB 143 83.04 -83.97 8.30
C GLY EB 143 82.10 -84.31 7.15
N THR EB 144 82.50 -83.86 5.96
CA THR EB 144 81.80 -84.07 4.69
C THR EB 144 80.51 -83.28 4.61
N LEU EB 145 80.04 -82.74 5.73
CA LEU EB 145 78.89 -81.85 5.77
C LEU EB 145 79.23 -80.64 6.62
N GLY EB 146 79.08 -79.45 6.06
CA GLY EB 146 79.37 -78.22 6.76
C GLY EB 146 78.10 -77.58 7.30
N THR EB 147 78.30 -76.45 7.96
CA THR EB 147 77.16 -75.73 8.50
C THR EB 147 76.34 -75.14 7.37
N THR EB 148 75.05 -74.93 7.65
CA THR EB 148 74.20 -74.31 6.65
C THR EB 148 73.07 -73.61 7.38
N THR EB 149 72.44 -72.67 6.70
CA THR EB 149 71.35 -71.91 7.28
C THR EB 149 70.25 -72.83 7.79
N THR EB 150 69.60 -72.39 8.86
CA THR EB 150 68.58 -73.21 9.49
C THR EB 150 67.49 -73.60 8.50
N PHE EB 151 66.97 -74.82 8.66
CA PHE EB 151 65.99 -75.36 7.72
C PHE EB 151 64.76 -74.46 7.62
N ASN EB 152 64.33 -73.89 8.74
CA ASN EB 152 63.25 -72.92 8.73
C ASN EB 152 63.67 -71.72 9.56
N THR EB 153 62.89 -70.66 9.46
CA THR EB 153 63.23 -69.38 10.05
C THR EB 153 62.73 -69.23 11.48
N SER EB 154 62.16 -70.29 12.06
CA SER EB 154 61.71 -70.23 13.44
C SER EB 154 62.81 -69.92 14.46
N PRO EB 155 64.06 -70.37 14.31
CA PRO EB 155 65.07 -70.02 15.32
C PRO EB 155 65.34 -68.53 15.33
N TYR EB 156 65.93 -68.07 16.43
CA TYR EB 156 66.13 -66.66 16.65
C TYR EB 156 67.35 -66.44 17.53
N MET EB 157 67.87 -65.22 17.47
CA MET EB 157 68.91 -64.77 18.37
C MET EB 157 68.33 -63.74 19.31
N ILE EB 158 68.60 -63.88 20.60
CA ILE EB 158 67.97 -63.05 21.62
C ILE EB 158 68.85 -61.83 21.84
N HIS EB 159 68.29 -60.64 21.64
CA HIS EB 159 68.99 -59.42 22.00
C HIS EB 159 68.44 -58.94 23.34
N SER EB 160 69.28 -58.93 24.35
CA SER EB 160 68.87 -58.64 25.71
C SER EB 160 69.41 -57.28 26.13
N ILE EB 161 68.54 -56.45 26.69
CA ILE EB 161 68.94 -55.18 27.29
C ILE EB 161 68.67 -55.30 28.77
N ASP EB 162 69.70 -55.16 29.59
CA ASP EB 162 69.50 -55.34 31.02
C ASP EB 162 69.20 -53.97 31.61
N ASP EB 163 67.93 -53.74 31.93
CA ASP EB 163 67.49 -52.48 32.50
C ASP EB 163 67.68 -52.45 34.00
N GLN EB 164 67.37 -53.56 34.66
CA GLN EB 164 67.42 -53.66 36.10
C GLN EB 164 68.83 -53.93 36.59
N GLN EB 165 69.79 -54.05 35.67
CA GLN EB 165 71.18 -54.32 36.00
C GLN EB 165 71.31 -55.61 36.80
N CYS EB 166 70.77 -56.69 36.24
CA CYS EB 166 71.05 -58.01 36.78
C CYS EB 166 72.55 -58.24 36.85
N LEU EB 167 73.26 -57.82 35.81
CA LEU EB 167 74.72 -57.93 35.74
C LEU EB 167 75.29 -56.53 35.83
N SER EB 168 75.93 -56.23 36.95
CA SER EB 168 76.59 -54.95 37.13
C SER EB 168 77.91 -54.91 36.38
N LYS EB 169 78.70 -55.97 36.52
CA LYS EB 169 80.04 -56.06 36.00
C LYS EB 169 80.20 -57.43 35.37
N VAL EB 170 80.72 -57.46 34.16
CA VAL EB 170 80.72 -58.66 33.33
C VAL EB 170 82.16 -59.06 33.04
N TYR EB 171 82.46 -60.33 33.22
CA TYR EB 171 83.80 -60.87 33.03
C TYR EB 171 83.80 -61.86 31.88
N PRO EB 172 84.93 -62.04 31.22
CA PRO EB 172 85.03 -63.09 30.19
C PRO EB 172 84.95 -64.47 30.82
N LYS EB 173 84.67 -65.46 29.97
CA LYS EB 173 84.64 -66.83 30.43
C LYS EB 173 86.02 -67.27 30.90
N THR EB 174 86.04 -68.31 31.73
CA THR EB 174 87.27 -68.74 32.39
C THR EB 174 88.40 -68.94 31.39
N ASP EB 175 88.14 -69.67 30.31
CA ASP EB 175 89.20 -69.96 29.36
C ASP EB 175 89.47 -68.77 28.43
N THR EB 176 88.43 -68.07 28.01
CA THR EB 176 88.60 -67.06 26.98
C THR EB 176 89.11 -65.75 27.57
N VAL EB 177 89.32 -64.77 26.70
CA VAL EB 177 89.72 -63.43 27.10
C VAL EB 177 89.19 -62.47 26.04
N TRP EB 178 89.04 -61.21 26.42
CA TRP EB 178 88.45 -60.21 25.54
C TRP EB 178 89.54 -59.31 24.99
N PRO EB 179 89.94 -59.45 23.74
CA PRO EB 179 90.87 -58.48 23.15
C PRO EB 179 90.15 -57.19 22.82
N VAL EB 180 90.89 -56.08 22.94
CA VAL EB 180 90.27 -54.84 22.49
C VAL EB 180 90.36 -54.74 20.98
N SER EB 181 91.36 -55.38 20.38
CA SER EB 181 91.49 -55.41 18.93
C SER EB 181 90.35 -56.16 18.26
N SER EB 182 89.65 -56.99 19.01
CA SER EB 182 88.54 -57.78 18.52
C SER EB 182 87.18 -57.14 18.77
N MET EB 183 87.17 -55.90 19.28
CA MET EB 183 85.97 -55.35 19.91
C MET EB 183 84.75 -55.37 19.00
N ARG EB 184 84.89 -54.89 17.77
CA ARG EB 184 83.69 -54.64 16.98
C ARG EB 184 83.08 -55.89 16.37
N GLU EB 185 83.85 -56.95 16.11
CA GLU EB 185 83.19 -58.22 15.82
C GLU EB 185 82.95 -58.85 17.16
N LEU EB 186 81.72 -59.29 17.41
CA LEU EB 186 81.34 -59.46 18.80
C LEU EB 186 81.70 -60.89 19.14
N ASP EB 187 82.86 -61.05 19.77
CA ASP EB 187 83.30 -62.31 20.33
C ASP EB 187 83.22 -62.38 21.84
N TYR EB 188 82.81 -61.30 22.51
CA TYR EB 188 83.00 -61.29 23.96
C TYR EB 188 81.92 -62.14 24.59
N VAL EB 189 82.34 -63.22 25.24
CA VAL EB 189 81.42 -64.21 25.77
C VAL EB 189 81.52 -64.19 27.28
N ALA EB 190 80.40 -63.89 27.92
CA ALA EB 190 80.27 -63.99 29.36
C ALA EB 190 79.43 -65.22 29.67
N SER EB 191 79.74 -65.85 30.78
CA SER EB 191 78.94 -66.95 31.29
C SER EB 191 78.30 -66.46 32.58
N THR EB 192 77.00 -66.23 32.55
CA THR EB 192 76.28 -65.74 33.72
C THR EB 192 75.88 -66.94 34.55
N VAL EB 193 76.36 -66.99 35.79
CA VAL EB 193 76.24 -68.18 36.63
C VAL EB 193 75.93 -67.73 38.05
N SER EB 194 74.92 -68.34 38.67
CA SER EB 194 74.65 -68.17 40.08
C SER EB 194 75.60 -69.08 40.85
N GLY EB 195 75.38 -69.28 42.14
CA GLY EB 195 76.36 -70.08 42.85
C GLY EB 195 76.49 -71.49 42.32
N ASP EB 196 75.42 -72.28 42.34
CA ASP EB 196 75.38 -73.54 41.62
C ASP EB 196 74.64 -73.48 40.30
N ASN EB 197 74.06 -72.33 39.95
CA ASN EB 197 73.06 -72.27 38.89
C ASN EB 197 73.63 -71.55 37.68
N ALA EB 198 73.50 -72.18 36.52
CA ALA EB 198 73.81 -71.51 35.26
C ALA EB 198 72.60 -70.68 34.84
N ILE EB 199 72.81 -69.38 34.70
CA ILE EB 199 71.72 -68.47 34.35
C ILE EB 199 71.53 -68.48 32.84
N ILE EB 200 70.30 -68.70 32.39
CA ILE EB 200 69.95 -68.44 31.01
C ILE EB 200 69.76 -66.93 30.87
N PRO EB 201 70.58 -66.24 30.07
CA PRO EB 201 70.57 -64.76 30.12
C PRO EB 201 69.22 -64.14 29.80
N SER EB 202 68.50 -64.69 28.84
CA SER EB 202 67.21 -64.12 28.46
C SER EB 202 66.22 -64.10 29.60
N THR EB 203 66.39 -64.96 30.60
CA THR EB 203 65.38 -65.08 31.65
C THR EB 203 65.49 -63.96 32.68
N ILE EB 204 66.70 -63.54 33.01
CA ILE EB 204 66.86 -62.50 34.01
C ILE EB 204 66.67 -61.11 33.41
N PHE EB 205 67.12 -60.89 32.18
CA PHE EB 205 67.16 -59.55 31.62
C PHE EB 205 65.75 -59.04 31.32
N ASN EB 206 65.65 -57.72 31.24
CA ASN EB 206 64.34 -57.08 31.17
C ASN EB 206 63.79 -57.09 29.75
N LYS EB 207 64.37 -56.28 28.87
CA LYS EB 207 63.97 -56.29 27.47
C LYS EB 207 64.76 -57.38 26.75
N ASN EB 208 64.04 -58.34 26.20
CA ASN EB 208 64.61 -59.43 25.41
C ASN EB 208 63.88 -59.47 24.09
N ARG EB 209 64.58 -59.15 23.02
CA ARG EB 209 64.03 -59.18 21.68
C ARG EB 209 64.43 -60.49 21.02
N TYR EB 210 63.46 -61.27 20.58
CA TYR EB 210 63.76 -62.49 19.85
C TYR EB 210 63.75 -62.12 18.38
N TRP EB 211 64.93 -62.12 17.78
CA TRP EB 211 65.13 -61.50 16.48
C TRP EB 211 65.47 -62.60 15.49
N LYS EB 212 64.60 -62.76 14.50
CA LYS EB 212 64.65 -63.88 13.59
C LYS EB 212 65.21 -63.44 12.24
N GLN EB 213 65.28 -64.39 11.33
CA GLN EB 213 65.72 -64.13 9.97
C GLN EB 213 64.59 -63.44 9.22
N GLY EB 214 64.86 -62.26 8.69
CA GLY EB 214 63.86 -61.47 8.01
C GLY EB 214 63.29 -60.34 8.82
N ASP EB 215 63.50 -60.35 10.13
CA ASP EB 215 63.03 -59.25 10.96
C ASP EB 215 63.76 -57.97 10.60
N ASP EB 216 63.11 -56.86 10.92
CA ASP EB 216 63.70 -55.56 10.65
C ASP EB 216 64.94 -55.36 11.51
N ALA EB 217 65.80 -54.44 11.07
CA ALA EB 217 67.02 -54.18 11.80
C ALA EB 217 66.71 -53.67 13.20
N LEU EB 218 67.62 -53.97 14.12
CA LEU EB 218 67.49 -53.56 15.51
C LEU EB 218 68.33 -52.32 15.74
N HIS EB 219 67.69 -51.21 16.06
CA HIS EB 219 68.35 -49.93 16.21
C HIS EB 219 68.42 -49.56 17.68
N PHE EB 220 69.62 -49.23 18.16
CA PHE EB 220 69.81 -48.87 19.55
C PHE EB 220 70.60 -47.58 19.61
N SER EB 221 70.17 -46.65 20.44
CA SER EB 221 70.77 -45.33 20.50
C SER EB 221 70.85 -44.88 21.93
N HIS EB 222 71.79 -43.99 22.20
CA HIS EB 222 71.90 -43.35 23.50
C HIS EB 222 72.24 -41.89 23.28
N ASP EB 223 71.46 -40.99 23.87
CA ASP EB 223 71.71 -39.57 23.78
C ASP EB 223 72.52 -39.13 24.99
N LEU EB 224 73.58 -38.39 24.76
CA LEU EB 224 74.37 -37.78 25.82
C LEU EB 224 74.10 -36.29 25.85
N ASP EB 225 73.70 -35.78 27.00
CA ASP EB 225 73.67 -34.34 27.24
C ASP EB 225 74.70 -34.05 28.31
N LEU EB 226 75.81 -33.45 27.91
CA LEU EB 226 76.89 -33.09 28.80
C LEU EB 226 76.90 -31.58 28.96
N GLY EB 227 77.21 -31.12 30.16
CA GLY EB 227 77.39 -29.70 30.27
C GLY EB 227 78.77 -29.23 29.96
N PHE EB 228 79.65 -30.13 29.55
CA PHE EB 228 81.06 -29.81 29.40
C PHE EB 228 81.58 -30.50 28.16
N TRP EB 229 82.88 -30.38 27.95
CA TRP EB 229 83.55 -30.80 26.73
C TRP EB 229 84.79 -31.58 27.11
N PHE EB 230 85.37 -32.26 26.14
CA PHE EB 230 86.59 -33.03 26.38
C PHE EB 230 87.73 -32.49 25.53
N GLY EB 231 88.90 -32.38 26.14
CA GLY EB 231 90.04 -31.88 25.42
C GLY EB 231 91.06 -32.92 25.02
N SER EB 232 90.91 -34.14 25.51
CA SER EB 232 91.87 -35.21 25.27
C SER EB 232 91.19 -36.35 24.54
N ASP EB 233 91.96 -37.38 24.23
CA ASP EB 233 91.38 -38.56 23.61
C ASP EB 233 90.67 -39.42 24.65
N TYR EB 234 89.69 -40.19 24.19
CA TYR EB 234 88.97 -41.05 25.11
C TYR EB 234 89.88 -42.12 25.69
N GLY EB 235 90.66 -42.78 24.85
CA GLY EB 235 91.68 -43.67 25.38
C GLY EB 235 91.11 -44.83 26.17
N ASN EB 236 90.27 -45.64 25.52
CA ASN EB 236 89.54 -46.75 26.12
C ASN EB 236 88.80 -46.33 27.39
N ALA EB 237 88.03 -45.27 27.25
CA ALA EB 237 87.09 -44.84 28.26
C ALA EB 237 85.68 -45.24 27.85
N TYR EB 238 84.85 -45.56 28.84
CA TYR EB 238 83.43 -45.70 28.56
C TYR EB 238 82.90 -44.37 28.04
N VAL EB 239 82.04 -44.44 27.03
CA VAL EB 239 81.35 -43.21 26.61
C VAL EB 239 80.60 -42.63 27.81
N PRO EB 240 80.69 -41.33 28.06
CA PRO EB 240 80.40 -40.80 29.40
C PRO EB 240 79.06 -41.21 29.97
N GLN EB 241 79.09 -41.63 31.23
CA GLN EB 241 77.92 -42.12 31.93
C GLN EB 241 78.03 -41.68 33.38
N ASN EB 242 76.90 -41.48 34.02
CA ASN EB 242 76.84 -41.21 35.45
C ASN EB 242 76.14 -42.40 36.10
N ASN EB 243 76.88 -43.18 36.88
CA ASN EB 243 76.30 -44.41 37.40
C ASN EB 243 76.90 -44.76 38.74
N ASP EB 244 76.39 -45.85 39.30
CA ASP EB 244 77.04 -46.47 40.44
C ASP EB 244 78.44 -46.94 40.10
N SER EB 245 78.65 -47.39 38.87
CA SER EB 245 79.96 -47.86 38.46
C SER EB 245 80.88 -46.74 38.01
N MET EB 246 80.36 -45.66 37.43
CA MET EB 246 81.24 -44.72 36.76
C MET EB 246 80.61 -43.35 36.67
N ASN EB 247 81.46 -42.34 36.48
CA ASN EB 247 81.04 -40.96 36.30
C ASN EB 247 81.62 -40.40 35.01
N ALA EB 248 80.95 -39.37 34.49
CA ALA EB 248 81.22 -38.89 33.14
C ALA EB 248 82.47 -38.03 33.06
N VAL EB 249 82.80 -37.32 34.13
CA VAL EB 249 83.89 -36.36 34.13
C VAL EB 249 85.10 -36.99 34.82
N GLY EB 250 86.27 -36.84 34.22
CA GLY EB 250 87.42 -37.62 34.64
C GLY EB 250 88.47 -36.95 35.48
N THR EB 251 88.43 -35.63 35.59
CA THR EB 251 89.46 -34.92 36.33
C THR EB 251 89.07 -34.84 37.80
N ILE EB 252 90.04 -35.09 38.67
CA ILE EB 252 89.84 -34.87 40.09
C ILE EB 252 89.71 -33.37 40.33
N PRO EB 253 88.58 -32.92 40.86
CA PRO EB 253 88.46 -31.49 41.19
C PRO EB 253 89.42 -31.10 42.30
N THR EB 254 89.85 -29.84 42.27
CA THR EB 254 90.91 -29.36 43.13
C THR EB 254 90.46 -28.11 43.88
N SER EB 255 91.23 -27.77 44.91
CA SER EB 255 90.75 -26.97 46.03
C SER EB 255 90.46 -25.51 45.65
N LYS EB 256 89.51 -24.94 46.40
CA LYS EB 256 89.32 -23.49 46.48
C LYS EB 256 88.91 -22.87 45.14
N HIS EB 257 88.07 -23.58 44.40
CA HIS EB 257 87.44 -23.04 43.21
C HIS EB 257 86.35 -24.01 42.75
N ILE EB 258 85.71 -23.66 41.65
CA ILE EB 258 84.54 -24.38 41.16
C ILE EB 258 84.99 -25.34 40.07
N ASN EB 259 84.38 -26.53 40.04
CA ASN EB 259 84.78 -27.58 39.13
C ASN EB 259 83.52 -28.23 38.56
N VAL EB 260 83.62 -28.69 37.32
CA VAL EB 260 82.48 -29.37 36.72
C VAL EB 260 82.38 -30.77 37.31
N ARG EB 261 81.19 -31.12 37.77
CA ARG EB 261 80.94 -32.34 38.53
C ARG EB 261 79.82 -33.10 37.86
N GLY EB 262 79.97 -34.41 37.74
CA GLY EB 262 78.90 -35.22 37.20
C GLY EB 262 77.69 -35.23 38.10
N VAL EB 263 76.51 -35.37 37.50
CA VAL EB 263 75.26 -35.34 38.23
C VAL EB 263 74.22 -36.11 37.42
N ASN EB 264 73.20 -36.62 38.09
CA ASN EB 264 71.91 -37.05 37.54
C ASN EB 264 71.75 -38.47 36.98
N ASN EB 265 72.76 -39.33 36.94
CA ASN EB 265 72.53 -40.71 36.52
C ASN EB 265 71.94 -40.81 35.11
N ARG EB 266 72.80 -40.54 34.13
CA ARG EB 266 72.57 -41.00 32.77
C ARG EB 266 73.53 -42.15 32.51
N GLY EB 267 72.99 -43.28 32.06
CA GLY EB 267 73.83 -44.43 31.81
C GLY EB 267 73.26 -45.30 30.71
N MET EB 268 74.00 -46.32 30.32
CA MET EB 268 73.56 -47.21 29.25
C MET EB 268 73.27 -48.62 29.76
N ALA EB 269 72.23 -49.23 29.23
CA ALA EB 269 71.84 -50.58 29.61
C ALA EB 269 72.78 -51.60 28.99
N GLY EB 270 73.14 -52.63 29.75
CA GLY EB 270 74.04 -53.66 29.27
C GLY EB 270 73.42 -54.55 28.21
N HIS EB 271 73.63 -54.20 26.94
CA HIS EB 271 73.11 -54.98 25.83
C HIS EB 271 73.83 -56.32 25.77
N TYR EB 272 73.14 -57.35 25.30
CA TYR EB 272 73.74 -58.67 25.22
C TYR EB 272 73.08 -59.46 24.09
N LEU EB 273 73.79 -60.49 23.63
CA LEU EB 273 73.28 -61.39 22.61
C LEU EB 273 73.40 -62.82 23.11
N SER EB 274 72.36 -63.61 22.87
CA SER EB 274 72.35 -64.99 23.32
C SER EB 274 71.39 -65.78 22.44
N PHE EB 275 71.51 -67.09 22.53
CA PHE EB 275 70.60 -67.93 21.78
C PHE EB 275 69.72 -68.72 22.73
N PRO EB 276 68.49 -69.03 22.33
CA PRO EB 276 67.60 -69.79 23.19
C PRO EB 276 68.13 -71.20 23.37
N PRO EB 277 68.03 -71.76 24.57
CA PRO EB 277 68.41 -73.17 24.73
C PRO EB 277 67.49 -74.07 23.93
N ILE EB 278 68.10 -74.93 23.12
CA ILE EB 278 67.35 -75.92 22.34
C ILE EB 278 68.08 -77.23 22.54
N ARG EB 279 67.41 -78.19 23.17
CA ARG EB 279 68.05 -79.47 23.41
C ARG EB 279 68.06 -80.31 22.15
N THR EB 280 69.11 -81.11 22.01
CA THR EB 280 69.28 -82.02 20.89
C THR EB 280 69.44 -83.43 21.43
N ASN EB 281 69.66 -84.37 20.51
CA ASN EB 281 70.07 -85.70 20.91
C ASN EB 281 71.31 -85.66 21.79
N ASP EB 282 72.22 -84.73 21.51
CA ASP EB 282 73.40 -84.52 22.33
C ASP EB 282 73.57 -83.03 22.61
N GLY EB 283 73.50 -82.66 23.89
CA GLY EB 283 73.78 -81.28 24.26
C GLY EB 283 72.73 -80.31 23.75
N GLN EB 284 73.22 -79.18 23.23
CA GLN EB 284 72.38 -78.06 22.85
C GLN EB 284 72.44 -77.85 21.35
N PHE EB 285 71.38 -77.28 20.82
CA PHE EB 285 71.32 -77.00 19.39
C PHE EB 285 72.40 -75.98 19.06
N LYS EB 286 73.08 -76.17 17.95
CA LYS EB 286 74.18 -75.28 17.61
C LYS EB 286 73.62 -74.20 16.70
N LEU EB 287 73.51 -72.99 17.24
CA LEU EB 287 73.07 -71.84 16.48
C LEU EB 287 74.24 -70.90 16.28
N ASN EB 288 74.40 -70.47 15.05
CA ASN EB 288 75.42 -69.53 14.66
C ASN EB 288 74.69 -68.36 14.03
N ALA EB 289 75.20 -67.16 14.23
CA ALA EB 289 74.50 -65.98 13.73
C ALA EB 289 75.45 -65.13 12.93
N GLN EB 290 74.94 -64.53 11.86
CA GLN EB 290 75.57 -63.41 11.21
C GLN EB 290 74.63 -62.23 11.22
N PHE EB 291 75.19 -61.03 11.37
CA PHE EB 291 74.45 -59.81 11.14
C PHE EB 291 75.44 -58.71 10.86
N THR EB 292 74.95 -57.62 10.29
CA THR EB 292 75.78 -56.45 10.05
C THR EB 292 75.69 -55.52 11.24
N LEU EB 293 76.82 -55.00 11.66
CA LEU EB 293 76.88 -54.04 12.76
C LEU EB 293 77.18 -52.67 12.16
N GLU EB 294 76.21 -51.77 12.23
CA GLU EB 294 76.41 -50.39 11.85
C GLU EB 294 76.38 -49.56 13.12
N THR EB 295 77.52 -48.98 13.48
CA THR EB 295 77.61 -48.10 14.63
C THR EB 295 77.76 -46.66 14.16
N GLU EB 296 77.20 -45.75 14.92
CA GLU EB 296 77.36 -44.33 14.65
C GLU EB 296 77.54 -43.59 15.96
N ILE EB 297 78.55 -42.74 16.02
CA ILE EB 297 78.77 -41.84 17.13
C ILE EB 297 78.84 -40.43 16.59
N GLU EB 298 78.07 -39.53 17.17
CA GLU EB 298 77.95 -38.17 16.66
C GLU EB 298 78.67 -37.24 17.60
N PHE EB 299 79.80 -36.68 17.16
CA PHE EB 299 80.55 -35.74 17.97
C PHE EB 299 80.14 -34.31 17.67
N GLU EB 300 80.12 -33.49 18.72
CA GLU EB 300 80.19 -32.05 18.59
C GLU EB 300 81.61 -31.62 18.90
N PHE EB 301 82.12 -30.64 18.16
CA PHE EB 301 83.43 -30.11 18.47
C PHE EB 301 83.40 -28.60 18.35
N ARG EB 302 84.45 -27.97 18.84
CA ARG EB 302 84.49 -26.54 19.02
C ARG EB 302 85.91 -26.06 18.79
N LEU EB 303 86.06 -24.88 18.21
CA LEU EB 303 87.35 -24.47 17.70
C LEU EB 303 88.03 -23.48 18.64
N TRP EB 304 89.19 -23.03 18.23
CA TRP EB 304 90.12 -22.25 19.02
C TRP EB 304 89.68 -20.79 19.15
N GLU EB 305 90.23 -20.14 20.17
CA GLU EB 305 89.90 -18.74 20.45
C GLU EB 305 90.33 -17.83 19.31
N GLN EB 306 89.48 -16.87 18.96
CA GLN EB 306 89.83 -15.90 17.95
C GLN EB 306 90.82 -14.89 18.49
N GLY EB 307 91.53 -14.24 17.59
CA GLY EB 307 92.44 -13.19 17.97
C GLY EB 307 93.84 -13.70 18.19
N VAL EB 308 94.68 -12.82 18.73
CA VAL EB 308 96.04 -13.19 19.05
C VAL EB 308 96.07 -14.30 20.08
N GLN EB 309 95.00 -14.44 20.87
CA GLN EB 309 94.93 -15.53 21.84
C GLN EB 309 95.05 -16.88 21.17
N GLY EB 310 94.57 -17.01 19.94
CA GLY EB 310 94.60 -18.26 19.21
C GLY EB 310 95.83 -18.49 18.36
N ILE EB 311 96.83 -17.62 18.44
CA ILE EB 311 98.08 -17.82 17.72
C ILE EB 311 98.87 -18.95 18.37
N ASN EB 312 99.40 -19.87 17.55
CA ASN EB 312 100.09 -21.04 18.07
C ASN EB 312 101.17 -20.67 19.07
N SER EB 313 102.00 -19.69 18.74
CA SER EB 313 103.15 -19.40 19.58
C SER EB 313 102.72 -18.86 20.94
N VAL EB 314 101.72 -17.98 20.97
CA VAL EB 314 101.30 -17.37 22.22
C VAL EB 314 100.10 -18.07 22.84
N HIS EB 315 99.54 -19.10 22.19
CA HIS EB 315 98.40 -19.76 22.78
C HIS EB 315 98.77 -20.65 23.96
N THR EB 316 100.04 -21.07 24.05
CA THR EB 316 100.44 -21.89 25.18
C THR EB 316 100.21 -21.16 26.49
N ASN EB 317 100.77 -19.96 26.62
CA ASN EB 317 100.66 -19.18 27.83
C ASN EB 317 99.49 -18.19 27.85
N LEU EB 318 98.81 -17.98 26.73
CA LEU EB 318 97.53 -17.27 26.74
C LEU EB 318 96.31 -18.19 26.74
N ASN EB 319 96.51 -19.49 26.80
CA ASN EB 319 95.39 -20.40 26.92
C ASN EB 319 94.58 -20.03 28.16
N PRO EB 320 93.25 -19.96 28.06
CA PRO EB 320 92.45 -19.61 29.24
C PRO EB 320 92.61 -20.66 30.33
N ALA EB 321 92.78 -20.18 31.57
CA ALA EB 321 92.81 -21.10 32.68
C ALA EB 321 91.42 -21.62 33.03
N ASN EB 322 90.38 -21.03 32.47
CA ASN EB 322 89.02 -21.51 32.69
C ASN EB 322 88.60 -22.55 31.67
N ASP EB 323 89.51 -22.98 30.80
CA ASP EB 323 89.26 -24.21 30.07
C ASP EB 323 88.89 -25.33 31.03
N SER EB 324 89.64 -25.47 32.11
CA SER EB 324 89.36 -26.50 33.11
C SER EB 324 87.93 -26.40 33.62
N LEU EB 325 87.31 -25.25 33.44
CA LEU EB 325 85.93 -25.08 33.89
C LEU EB 325 84.98 -25.86 32.97
N TRP EB 326 85.04 -25.60 31.66
CA TRP EB 326 84.22 -26.32 30.69
C TRP EB 326 84.96 -27.44 29.93
N ILE EB 327 86.25 -27.63 30.08
CA ILE EB 327 86.90 -28.72 29.33
C ILE EB 327 87.45 -29.80 30.26
N GLN EB 328 86.94 -31.02 30.15
CA GLN EB 328 87.00 -31.92 31.28
C GLN EB 328 87.58 -33.31 31.16
N SER EB 329 88.15 -33.67 30.02
CA SER EB 329 88.71 -35.03 29.75
C SER EB 329 87.66 -36.16 29.77
N TYR EB 330 88.09 -37.40 30.06
CA TYR EB 330 87.18 -38.55 30.04
C TYR EB 330 87.01 -39.15 31.42
N GLY EB 331 85.80 -39.60 31.76
CA GLY EB 331 85.56 -39.95 33.14
C GLY EB 331 86.12 -41.26 33.64
N SER EB 332 85.75 -42.35 32.98
CA SER EB 332 86.02 -43.66 33.54
C SER EB 332 86.41 -44.61 32.42
N LEU EB 333 87.42 -45.41 32.69
CA LEU EB 333 88.05 -46.23 31.69
C LEU EB 333 87.56 -47.66 31.83
N VAL EB 334 87.45 -48.36 30.70
CA VAL EB 334 87.32 -49.80 30.78
C VAL EB 334 88.61 -50.33 31.37
N SER EB 335 88.54 -51.51 31.97
CA SER EB 335 89.69 -52.06 32.66
C SER EB 335 90.46 -52.90 31.66
N ILE EB 336 91.66 -52.44 31.30
CA ILE EB 336 92.47 -53.03 30.24
C ILE EB 336 93.81 -53.38 30.84
N THR EB 337 94.12 -54.67 30.88
CA THR EB 337 95.49 -55.11 31.08
C THR EB 337 95.98 -55.64 29.74
N GLU EB 338 97.22 -55.31 29.41
CA GLU EB 338 97.78 -55.57 28.08
C GLU EB 338 96.80 -54.97 27.07
N SER EB 339 96.42 -55.69 26.02
CA SER EB 339 95.42 -55.25 25.08
C SER EB 339 94.03 -55.79 25.41
N LYS EB 340 93.88 -56.48 26.53
CA LYS EB 340 92.73 -57.33 26.78
C LYS EB 340 91.82 -56.73 27.83
N ILE EB 341 90.52 -56.72 27.57
CA ILE EB 341 89.55 -56.16 28.50
C ILE EB 341 89.39 -57.10 29.69
N ASN EB 342 89.52 -56.56 30.89
CA ASN EB 342 89.34 -57.36 32.10
C ASN EB 342 87.88 -57.59 32.42
N ASN EB 343 87.07 -56.55 32.30
CA ASN EB 343 85.66 -56.61 32.62
C ASN EB 343 84.97 -55.47 31.90
N ILE EB 344 83.65 -55.58 31.80
CA ILE EB 344 82.84 -54.49 31.28
C ILE EB 344 81.76 -54.16 32.30
N GLN EB 345 81.65 -52.89 32.64
CA GLN EB 345 80.64 -52.38 33.54
C GLN EB 345 79.55 -51.72 32.71
N PHE EB 346 78.30 -51.86 33.12
CA PHE EB 346 77.22 -51.27 32.34
C PHE EB 346 76.52 -50.11 33.05
N GLY EB 347 75.87 -50.35 34.17
CA GLY EB 347 75.23 -49.28 34.89
C GLY EB 347 74.31 -48.33 34.13
N PRO EB 348 73.10 -48.78 33.82
CA PRO EB 348 72.07 -48.08 33.08
C PRO EB 348 71.40 -46.98 33.88
N THR EB 349 70.60 -46.14 33.24
CA THR EB 349 69.90 -45.13 33.98
C THR EB 349 68.81 -46.00 34.53
N CYS EB 350 68.87 -46.34 35.81
CA CYS EB 350 67.89 -47.25 36.34
C CYS EB 350 66.58 -46.55 36.56
N PRO EB 351 65.48 -47.26 36.28
CA PRO EB 351 64.14 -46.70 36.35
C PRO EB 351 63.66 -46.44 37.76
N ARG EB 352 64.29 -47.02 38.77
CA ARG EB 352 63.85 -46.80 40.13
C ARG EB 352 64.52 -45.62 40.81
N VAL EB 353 65.52 -45.00 40.18
CA VAL EB 353 65.95 -43.68 40.61
C VAL EB 353 64.82 -42.68 40.36
N ASP EB 354 64.69 -41.72 41.27
CA ASP EB 354 63.67 -40.69 41.12
C ASP EB 354 63.79 -40.03 39.76
N ALA EB 355 62.66 -39.87 39.08
CA ALA EB 355 62.66 -39.27 37.76
C ALA EB 355 63.23 -37.86 37.78
N ARG EB 356 63.23 -37.21 38.94
CA ARG EB 356 63.81 -35.87 39.02
C ARG EB 356 65.32 -35.93 38.96
N ASN EB 357 65.92 -37.05 39.35
CA ASN EB 357 67.35 -37.23 39.21
C ASN EB 357 67.75 -37.61 37.79
N LYS EB 358 66.88 -38.27 37.05
CA LYS EB 358 67.27 -38.91 35.80
C LYS EB 358 67.28 -37.96 34.62
N GLY EB 359 67.05 -36.67 34.85
CA GLY EB 359 66.84 -35.73 33.76
C GLY EB 359 68.09 -35.42 32.94
N GLY EB 360 68.01 -34.35 32.16
CA GLY EB 360 68.90 -34.14 31.04
C GLY EB 360 70.38 -33.95 31.26
N LYS EB 361 70.75 -32.95 32.05
CA LYS EB 361 72.12 -32.45 32.05
C LYS EB 361 73.02 -33.33 32.91
N MET EB 362 74.11 -33.81 32.34
CA MET EB 362 74.98 -34.76 33.02
C MET EB 362 76.07 -34.13 33.86
N SER EB 363 76.14 -32.82 33.94
CA SER EB 363 77.18 -32.23 34.77
C SER EB 363 76.67 -30.95 35.39
N MET EB 364 77.31 -30.56 36.47
CA MET EB 364 77.01 -29.31 37.15
C MET EB 364 78.33 -28.68 37.49
N LEU EB 365 78.34 -27.36 37.61
CA LEU EB 365 79.56 -26.62 37.88
C LEU EB 365 79.51 -26.28 39.36
N PHE EB 366 80.23 -27.06 40.14
CA PHE EB 366 80.19 -27.03 41.59
C PHE EB 366 81.56 -26.92 42.21
N ASP EB 367 81.67 -26.10 43.25
CA ASP EB 367 82.94 -25.86 43.92
C ASP EB 367 83.49 -26.98 44.77
N HIS EB 368 84.78 -26.93 45.01
CA HIS EB 368 85.44 -27.90 45.85
C HIS EB 368 86.26 -27.15 46.90
N HIS EB 369 86.16 -27.56 48.15
CA HIS EB 369 86.90 -26.92 49.22
C HIS EB 369 88.09 -27.75 49.67
N GLU FB 36 35.00 -17.66 67.89
CA GLU FB 36 34.90 -16.22 68.01
C GLU FB 36 36.01 -15.70 68.92
N GLY FB 37 36.39 -14.45 68.75
CA GLY FB 37 37.47 -13.87 69.53
C GLY FB 37 38.82 -14.14 68.94
N ASP FB 38 39.85 -13.71 69.66
CA ASP FB 38 41.22 -13.91 69.22
C ASP FB 38 41.78 -15.27 69.60
N GLY FB 39 40.98 -16.10 70.25
CA GLY FB 39 41.39 -17.42 70.66
C GLY FB 39 41.63 -17.57 72.14
N SER FB 40 41.73 -16.46 72.85
CA SER FB 40 42.01 -16.43 74.28
C SER FB 40 40.99 -17.12 75.15
N ALA FB 41 39.87 -17.51 74.57
CA ALA FB 41 38.79 -18.17 75.30
C ALA FB 41 39.11 -19.61 75.66
N PRO FB 42 38.37 -20.19 76.58
CA PRO FB 42 38.68 -21.57 76.93
C PRO FB 42 38.56 -22.57 75.78
N GLY FB 43 37.59 -22.46 74.88
CA GLY FB 43 37.47 -23.44 73.81
C GLY FB 43 37.65 -22.93 72.39
N GLY FB 44 37.97 -23.81 71.44
CA GLY FB 44 38.17 -23.39 70.06
C GLY FB 44 39.62 -23.33 69.63
N SER FB 45 40.01 -22.24 68.98
CA SER FB 45 41.38 -22.06 68.50
C SER FB 45 42.37 -21.55 69.56
N VAL FB 46 43.64 -21.86 69.39
CA VAL FB 46 44.71 -21.51 70.30
C VAL FB 46 45.18 -20.08 70.12
N TRP FB 47 45.23 -19.33 71.21
CA TRP FB 47 45.73 -17.98 71.11
C TRP FB 47 47.22 -18.19 70.95
N GLN FB 48 47.82 -17.56 69.95
CA GLN FB 48 49.23 -17.77 69.73
C GLN FB 48 49.93 -16.42 69.59
N THR FB 49 51.19 -16.42 69.98
CA THR FB 49 51.99 -15.21 70.07
C THR FB 49 52.40 -14.70 68.69
N THR FB 50 52.80 -13.44 68.65
CA THR FB 50 53.17 -12.79 67.40
C THR FB 50 54.37 -13.44 66.76
N ASP FB 51 54.48 -13.26 65.44
CA ASP FB 51 55.51 -13.88 64.64
C ASP FB 51 56.82 -13.12 64.75
N TYR FB 52 57.89 -13.82 65.12
CA TYR FB 52 59.21 -13.21 65.14
C TYR FB 52 60.00 -13.40 63.86
N ILE FB 53 59.53 -14.19 62.91
CA ILE FB 53 60.28 -14.37 61.67
C ILE FB 53 60.22 -13.12 60.82
N ALA FB 54 59.03 -12.57 60.63
CA ALA FB 54 58.82 -11.54 59.62
C ALA FB 54 59.85 -10.42 59.71
N LEU FB 55 60.19 -10.00 60.92
CA LEU FB 55 61.18 -8.94 61.06
C LEU FB 55 62.62 -9.42 60.95
N SER FB 56 62.87 -10.71 61.15
CA SER FB 56 64.22 -11.19 60.96
C SER FB 56 64.54 -11.44 59.49
N MET FB 57 63.53 -11.64 58.65
CA MET FB 57 63.75 -11.87 57.24
C MET FB 57 63.73 -10.62 56.39
N VAL FB 58 63.36 -9.47 56.94
CA VAL FB 58 63.27 -8.27 56.11
C VAL FB 58 64.67 -7.88 55.65
N VAL FB 59 64.83 -7.70 54.34
CA VAL FB 59 66.10 -7.39 53.73
C VAL FB 59 66.17 -5.89 53.51
N TYR FB 60 67.16 -5.26 54.11
CA TYR FB 60 67.39 -3.83 53.93
C TYR FB 60 68.54 -3.66 52.95
N ARG FB 61 68.45 -2.59 52.15
CA ARG FB 61 69.30 -2.47 50.97
C ARG FB 61 69.95 -1.10 50.98
N THR FB 62 71.29 -1.09 51.03
CA THR FB 62 72.04 0.16 51.03
C THR FB 62 73.09 0.15 49.93
N ALA FB 63 73.93 1.17 49.88
CA ALA FB 63 74.99 1.24 48.89
C ALA FB 63 76.10 2.13 49.41
N ILE FB 64 77.27 1.99 48.80
CA ILE FB 64 78.42 2.84 49.08
C ILE FB 64 78.91 3.39 47.76
N LYS FB 65 78.84 4.71 47.61
CA LYS FB 65 79.26 5.40 46.39
C LYS FB 65 80.46 6.27 46.70
N LEU FB 66 81.46 6.22 45.84
CA LEU FB 66 82.70 6.96 46.05
C LEU FB 66 83.19 7.49 44.71
N ARG FB 67 83.72 8.70 44.70
CA ARG FB 67 84.33 9.28 43.52
C ARG FB 67 85.82 9.50 43.72
N ASN FB 68 86.52 9.49 42.61
CA ASN FB 68 87.97 9.54 42.61
C ASN FB 68 88.39 10.15 41.29
N PHE FB 69 89.56 10.77 41.28
CA PHE FB 69 90.20 11.18 40.04
C PHE FB 69 91.39 10.27 39.80
N VAL FB 70 91.48 9.72 38.60
CA VAL FB 70 92.54 8.80 38.24
C VAL FB 70 93.47 9.51 37.26
N ASN FB 71 94.76 9.44 37.52
CA ASN FB 71 95.78 9.97 36.63
C ASN FB 71 96.69 8.82 36.24
N ILE FB 72 96.69 8.49 34.96
CA ILE FB 72 97.50 7.40 34.42
C ILE FB 72 98.60 8.03 33.58
N ARG FB 73 99.84 7.91 34.05
CA ARG FB 73 100.96 8.51 33.37
C ARG FB 73 102.04 7.49 33.08
N GLY FB 74 102.83 7.76 32.04
CA GLY FB 74 103.99 6.96 31.74
C GLY FB 74 103.69 5.50 31.47
N LEU FB 75 102.56 5.22 30.82
CA LEU FB 75 102.12 3.86 30.57
C LEU FB 75 102.46 3.54 29.11
N THR FB 76 103.42 2.65 28.90
CA THR FB 76 103.82 2.30 27.55
C THR FB 76 102.79 1.34 26.95
N PRO FB 77 102.80 1.16 25.62
CA PRO FB 77 101.75 0.33 25.01
C PRO FB 77 101.80 -1.12 25.40
N THR FB 78 102.94 -1.64 25.86
CA THR FB 78 103.00 -3.02 26.32
C THR FB 78 102.36 -3.17 27.69
N GLU FB 79 102.71 -2.28 28.61
CA GLU FB 79 102.17 -2.32 29.96
C GLU FB 79 100.74 -1.79 29.97
N MET FB 80 100.01 -2.16 31.02
CA MET FB 80 98.57 -2.03 31.05
C MET FB 80 98.09 -1.83 32.49
N ILE FB 81 97.08 -1.00 32.67
CA ILE FB 81 96.51 -0.75 33.98
C ILE FB 81 95.47 -1.81 34.30
N VAL FB 82 95.62 -2.44 35.45
CA VAL FB 82 94.69 -3.45 35.92
C VAL FB 82 93.63 -2.76 36.78
N ILE FB 83 92.37 -2.91 36.40
CA ILE FB 83 91.30 -2.30 37.18
C ILE FB 83 91.02 -3.26 38.31
N PRO FB 84 91.33 -2.95 39.53
CA PRO FB 84 91.04 -3.87 40.64
C PRO FB 84 89.56 -3.89 40.97
N TRP FB 85 88.74 -4.13 39.95
CA TRP FB 85 87.31 -3.90 40.12
C TRP FB 85 86.60 -5.12 40.63
N ASN FB 86 87.29 -6.25 40.70
CA ASN FB 86 86.73 -7.48 41.25
C ASN FB 86 87.11 -7.70 42.70
N VAL FB 87 87.85 -6.80 43.33
CA VAL FB 87 88.17 -6.91 44.73
C VAL FB 87 87.19 -6.06 45.52
N MET FB 88 86.70 -6.61 46.63
CA MET FB 88 85.63 -5.97 47.39
C MET FB 88 86.10 -4.64 47.95
N ARG FB 89 87.36 -4.57 48.37
CA ARG FB 89 87.90 -3.36 49.00
C ARG FB 89 87.95 -2.18 48.05
N PHE FB 90 87.86 -2.42 46.75
CA PHE FB 90 87.89 -1.34 45.77
C PHE FB 90 86.70 -0.41 45.93
N TYR FB 91 85.51 -0.98 46.11
CA TYR FB 91 84.29 -0.19 46.11
C TYR FB 91 84.00 0.47 47.45
N CYS FB 92 84.14 -0.27 48.54
CA CYS FB 92 83.70 0.16 49.85
C CYS FB 92 84.81 0.73 50.73
N GLU FB 93 86.03 0.75 50.26
CA GLU FB 93 87.12 1.41 50.97
C GLU FB 93 87.83 2.34 50.01
N TYR FB 94 88.15 3.53 50.48
CA TYR FB 94 88.57 4.60 49.59
C TYR FB 94 90.09 4.68 49.69
N ASN FB 95 90.79 4.20 48.69
CA ASN FB 95 92.25 4.21 48.73
C ASN FB 95 92.69 5.17 47.65
N THR FB 96 93.08 6.37 48.07
CA THR FB 96 93.60 7.38 47.17
C THR FB 96 94.65 8.17 47.90
N GLY FB 97 95.82 8.35 47.30
CA GLY FB 97 96.78 9.27 47.86
C GLY FB 97 97.10 8.99 49.32
N THR FB 98 96.91 10.00 50.16
CA THR FB 98 97.21 9.90 51.57
C THR FB 98 96.17 9.13 52.36
N TYR FB 99 94.94 9.00 51.84
CA TYR FB 99 93.88 8.33 52.58
C TYR FB 99 94.28 6.92 52.97
N GLY FB 100 94.68 6.10 52.00
CA GLY FB 100 95.04 4.73 52.28
C GLY FB 100 96.14 4.58 53.32
N LEU FB 101 96.96 5.61 53.49
CA LEU FB 101 97.97 5.58 54.53
C LEU FB 101 97.35 5.81 55.90
N SER FB 102 96.34 6.68 55.97
CA SER FB 102 95.62 6.89 57.22
C SER FB 102 94.72 5.69 57.53
N GLY FB 103 94.35 5.58 58.79
CA GLY FB 103 93.65 4.39 59.26
C GLY FB 103 92.14 4.44 59.07
N ASN FB 104 91.57 3.26 58.91
CA ASN FB 104 90.13 3.04 58.85
C ASN FB 104 89.46 3.98 57.84
N VAL FB 105 89.75 3.70 56.56
CA VAL FB 105 89.20 4.50 55.48
C VAL FB 105 87.94 3.86 54.92
N HIS FB 106 87.45 2.78 55.52
CA HIS FB 106 86.19 2.20 55.12
C HIS FB 106 85.07 3.23 55.23
N HIS FB 107 84.11 3.12 54.32
CA HIS FB 107 82.93 3.97 54.39
C HIS FB 107 82.08 3.57 55.58
N LYS FB 108 81.42 4.56 56.19
CA LYS FB 108 80.74 4.28 57.45
C LYS FB 108 79.49 3.44 57.27
N ASN FB 109 78.89 3.42 56.07
CA ASN FB 109 77.83 2.45 55.83
C ASN FB 109 78.34 1.04 55.92
N TYR FB 110 79.61 0.82 55.60
CA TYR FB 110 80.12 -0.53 55.71
C TYR FB 110 80.46 -0.89 57.14
N SER FB 111 80.93 0.07 57.93
CA SER FB 111 81.25 -0.22 59.32
C SER FB 111 80.03 -0.71 60.08
N MET FB 112 78.85 -0.22 59.74
CA MET FB 112 77.65 -0.72 60.40
C MET FB 112 77.11 -2.00 59.77
N LEU FB 113 77.47 -2.32 58.53
CA LEU FB 113 77.10 -3.62 57.99
C LEU FB 113 77.67 -4.74 58.85
N LEU FB 114 78.69 -4.45 59.63
CA LEU FB 114 79.20 -5.37 60.63
C LEU FB 114 78.40 -5.32 61.92
N ALA FB 115 77.56 -4.29 62.10
CA ALA FB 115 76.68 -4.24 63.26
C ALA FB 115 75.44 -5.11 63.06
N CYS FB 116 74.87 -5.11 61.86
CA CYS FB 116 73.79 -6.02 61.55
C CYS FB 116 74.34 -7.43 61.38
N LYS FB 117 73.47 -8.43 61.50
CA LYS FB 117 74.01 -9.78 61.59
C LYS FB 117 74.41 -10.35 60.24
N ALA FB 118 73.83 -9.87 59.16
CA ALA FB 118 74.13 -10.40 57.84
C ALA FB 118 74.15 -9.26 56.85
N HIS FB 119 75.10 -9.32 55.91
CA HIS FB 119 75.10 -8.40 54.79
C HIS FB 119 75.52 -9.16 53.56
N ARG FB 120 75.06 -8.69 52.40
CA ARG FB 120 75.41 -9.32 51.17
C ARG FB 120 75.70 -8.27 50.11
N PRO FB 121 76.74 -8.47 49.30
CA PRO FB 121 77.21 -7.40 48.42
C PRO FB 121 76.34 -7.10 47.20
N THR FB 122 75.54 -8.05 46.70
CA THR FB 122 74.69 -7.85 45.53
C THR FB 122 75.42 -7.13 44.39
N LYS FB 123 74.81 -6.12 43.79
CA LYS FB 123 75.38 -5.50 42.60
C LYS FB 123 76.62 -4.69 42.94
N VAL FB 124 77.53 -4.59 41.98
CA VAL FB 124 78.75 -3.83 42.13
C VAL FB 124 79.11 -3.26 40.76
N GLY FB 125 79.68 -2.06 40.74
CA GLY FB 125 79.98 -1.44 39.45
C GLY FB 125 80.79 -0.17 39.62
N TYR FB 126 81.21 0.37 38.47
CA TYR FB 126 81.99 1.60 38.48
C TYR FB 126 81.82 2.32 37.16
N THR FB 127 82.21 3.60 37.16
CA THR FB 127 82.06 4.46 36.00
C THR FB 127 83.35 5.22 35.75
N LEU FB 128 83.81 5.22 34.51
CA LEU FB 128 84.89 6.08 34.03
C LEU FB 128 84.28 7.23 33.25
N SER FB 129 84.69 8.45 33.56
CA SER FB 129 84.01 9.60 33.01
C SER FB 129 84.98 10.73 32.75
N ASN FB 130 84.63 11.57 31.76
CA ASN FB 130 85.33 12.82 31.46
C ASN FB 130 86.83 12.61 31.35
N LEU FB 131 87.18 11.91 30.28
CA LEU FB 131 88.56 11.59 30.00
C LEU FB 131 89.32 12.83 29.54
N ILE FB 132 90.51 13.01 30.08
CA ILE FB 132 91.43 14.07 29.66
C ILE FB 132 92.76 13.41 29.34
N LEU FB 133 93.15 13.47 28.08
CA LEU FB 133 94.46 13.03 27.64
C LEU FB 133 95.42 14.20 27.58
N THR FB 134 96.63 13.97 28.05
CA THR FB 134 97.70 14.95 27.97
C THR FB 134 98.92 14.27 27.37
N SER FB 135 99.88 15.07 26.95
CA SER FB 135 101.06 14.57 26.25
C SER FB 135 102.31 15.14 26.88
N ASP FB 136 103.29 14.27 27.13
CA ASP FB 136 104.62 14.67 27.55
C ASP FB 136 105.54 14.92 26.37
N GLU FB 137 105.01 14.87 25.15
CA GLU FB 137 105.85 14.98 23.96
C GLU FB 137 106.65 16.28 23.96
N LEU FB 138 106.05 17.38 24.40
CA LEU FB 138 106.78 18.63 24.47
C LEU FB 138 107.74 18.67 25.64
N VAL FB 139 107.60 17.75 26.60
CA VAL FB 139 108.46 17.71 27.77
C VAL FB 139 109.81 17.11 27.39
N SER FB 140 110.87 17.70 27.93
CA SER FB 140 112.22 17.18 27.76
C SER FB 140 112.98 17.42 29.07
N THR FB 141 114.11 16.74 29.20
CA THR FB 141 114.90 16.88 30.43
C THR FB 141 115.37 18.32 30.63
N GLY FB 142 115.52 19.08 29.54
CA GLY FB 142 115.81 20.50 29.68
C GLY FB 142 114.67 21.28 30.29
N GLY FB 143 113.45 20.79 30.12
CA GLY FB 143 112.30 21.42 30.75
C GLY FB 143 111.76 22.61 29.97
N THR FB 144 111.25 23.58 30.72
CA THR FB 144 110.68 24.84 30.23
C THR FB 144 109.36 24.64 29.48
N LEU FB 145 109.03 23.39 29.15
CA LEU FB 145 107.74 23.05 28.58
C LEU FB 145 107.19 21.84 29.30
N GLY FB 146 105.97 21.96 29.83
CA GLY FB 146 105.32 20.89 30.55
C GLY FB 146 104.33 20.15 29.67
N THR FB 147 103.71 19.14 30.27
CA THR FB 147 102.71 18.39 29.54
C THR FB 147 101.49 19.25 29.28
N THR FB 148 100.75 18.89 28.24
CA THR FB 148 99.53 19.62 27.95
C THR FB 148 98.61 18.67 27.19
N THR FB 149 97.33 19.01 27.19
CA THR FB 149 96.34 18.19 26.52
C THR FB 149 96.69 18.01 25.05
N THR FB 150 96.32 16.85 24.51
CA THR FB 150 96.66 16.52 23.13
C THR FB 150 96.14 17.58 22.19
N PHE FB 151 96.92 17.83 21.12
CA PHE FB 151 96.59 18.88 20.17
C PHE FB 151 95.22 18.67 19.55
N ASN FB 152 94.87 17.42 19.27
CA ASN FB 152 93.54 17.09 18.79
C ASN FB 152 93.02 15.90 19.59
N THR FB 153 91.73 15.63 19.44
CA THR FB 153 91.04 14.64 20.24
C THR FB 153 91.10 13.24 19.64
N SER FB 154 91.84 13.06 18.55
CA SER FB 154 91.98 11.73 17.97
C SER FB 154 92.57 10.68 18.91
N PRO FB 155 93.53 10.98 19.79
CA PRO FB 155 94.05 9.92 20.67
C PRO FB 155 92.97 9.40 21.60
N TYR FB 156 93.22 8.22 22.16
CA TYR FB 156 92.23 7.54 22.98
C TYR FB 156 92.94 6.65 23.99
N MET FB 157 92.19 6.30 25.03
CA MET FB 157 92.62 5.30 26.00
C MET FB 157 91.76 4.07 25.83
N ILE FB 158 92.39 2.91 25.79
CA ILE FB 158 91.71 1.66 25.47
C ILE FB 158 91.23 1.05 26.77
N HIS FB 159 89.93 0.83 26.89
CA HIS FB 159 89.38 0.08 28.01
C HIS FB 159 89.11 -1.35 27.54
N SER FB 160 89.84 -2.29 28.11
CA SER FB 160 89.78 -3.68 27.68
C SER FB 160 89.08 -4.52 28.72
N ILE FB 161 88.14 -5.34 28.28
CA ILE FB 161 87.48 -6.33 29.12
C ILE FB 161 87.89 -7.69 28.59
N ASP FB 162 88.53 -8.49 29.42
CA ASP FB 162 89.00 -9.78 28.91
C ASP FB 162 87.91 -10.80 29.21
N ASP FB 163 87.19 -11.19 28.18
CA ASP FB 163 86.11 -12.16 28.31
C ASP FB 163 86.63 -13.58 28.24
N GLN FB 164 87.57 -13.83 27.34
CA GLN FB 164 88.11 -15.15 27.11
C GLN FB 164 89.19 -15.51 28.12
N GLN FB 165 89.49 -14.59 29.04
CA GLN FB 165 90.51 -14.79 30.06
C GLN FB 165 91.85 -15.11 29.43
N CYS FB 166 92.29 -14.23 28.53
CA CYS FB 166 93.67 -14.28 28.07
C CYS FB 166 94.62 -14.25 29.24
N LEU FB 167 94.33 -13.41 30.23
CA LEU FB 167 95.13 -13.30 31.44
C LEU FB 167 94.30 -13.85 32.59
N SER FB 168 94.71 -15.00 33.12
CA SER FB 168 94.05 -15.59 34.27
C SER FB 168 94.47 -14.89 35.54
N LYS FB 169 95.76 -14.66 35.69
CA LYS FB 169 96.34 -14.12 36.91
C LYS FB 169 97.35 -13.06 36.49
N VAL FB 170 97.28 -11.91 37.13
CA VAL FB 170 98.01 -10.72 36.69
C VAL FB 170 98.97 -10.30 37.79
N TYR FB 171 100.20 -10.03 37.42
CA TYR FB 171 101.25 -9.66 38.35
C TYR FB 171 101.72 -8.24 38.08
N PRO FB 172 102.24 -7.55 39.08
CA PRO FB 172 102.84 -6.24 38.84
C PRO FB 172 104.11 -6.35 38.00
N LYS FB 173 104.52 -5.22 37.44
CA LYS FB 173 105.76 -5.19 36.68
C LYS FB 173 106.94 -5.47 37.60
N THR FB 174 108.04 -5.90 36.98
CA THR FB 174 109.20 -6.36 37.73
C THR FB 174 109.63 -5.34 38.78
N ASP FB 175 109.77 -4.08 38.38
CA ASP FB 175 110.25 -3.08 39.31
C ASP FB 175 109.16 -2.60 40.27
N THR FB 176 107.94 -2.45 39.77
CA THR FB 176 106.89 -1.82 40.56
C THR FB 176 106.26 -2.82 41.52
N VAL FB 177 105.30 -2.33 42.32
CA VAL FB 177 104.53 -3.16 43.22
C VAL FB 177 103.18 -2.49 43.39
N TRP FB 178 102.19 -3.28 43.80
CA TRP FB 178 100.83 -2.79 43.91
C TRP FB 178 100.47 -2.57 45.37
N PRO FB 179 100.41 -1.34 45.85
CA PRO FB 179 99.92 -1.11 47.20
C PRO FB 179 98.41 -1.24 47.25
N VAL FB 180 97.91 -1.72 48.39
CA VAL FB 180 96.47 -1.73 48.52
C VAL FB 180 95.98 -0.34 48.89
N SER FB 181 96.83 0.46 49.55
CA SER FB 181 96.47 1.83 49.88
C SER FB 181 96.31 2.70 48.65
N SER FB 182 96.86 2.27 47.53
CA SER FB 182 96.80 2.99 46.27
C SER FB 182 95.67 2.52 45.37
N MET FB 183 94.81 1.62 45.85
CA MET FB 183 93.96 0.82 44.98
C MET FB 183 93.09 1.68 44.06
N ARG FB 184 92.40 2.68 44.61
CA ARG FB 184 91.37 3.33 43.81
C ARG FB 184 91.90 4.32 42.79
N GLU FB 185 93.06 4.93 43.00
CA GLU FB 185 93.68 5.63 41.88
C GLU FB 185 94.47 4.57 41.15
N LEU FB 186 94.28 4.48 39.84
CA LEU FB 186 94.65 3.23 39.20
C LEU FB 186 96.09 3.40 38.78
N ASP FB 187 96.99 2.87 39.59
CA ASP FB 187 98.40 2.77 39.30
C ASP FB 187 98.86 1.36 38.96
N TYR FB 188 97.99 0.36 39.00
CA TYR FB 188 98.50 -0.99 38.94
C TYR FB 188 98.84 -1.30 37.50
N VAL FB 189 100.12 -1.55 37.24
CA VAL FB 189 100.63 -1.73 35.90
C VAL FB 189 101.09 -3.15 35.74
N ALA FB 190 100.49 -3.86 34.81
CA ALA FB 190 100.94 -5.18 34.42
C ALA FB 190 101.61 -5.07 33.06
N SER FB 191 102.61 -5.91 32.85
CA SER FB 191 103.25 -6.01 31.55
C SER FB 191 102.92 -7.39 31.02
N THR FB 192 102.07 -7.46 30.00
CA THR FB 192 101.66 -8.73 29.43
C THR FB 192 102.68 -9.11 28.38
N VAL FB 193 103.34 -10.25 28.57
CA VAL FB 193 104.49 -10.65 27.76
C VAL FB 193 104.39 -12.14 27.48
N SER FB 194 104.57 -12.52 26.22
CA SER FB 194 104.70 -13.91 25.84
C SER FB 194 106.16 -14.31 26.10
N GLY FB 195 106.59 -15.46 25.60
CA GLY FB 195 107.94 -15.85 25.96
C GLY FB 195 109.00 -14.87 25.50
N ASP FB 196 109.11 -14.63 24.20
CA ASP FB 196 109.91 -13.53 23.68
C ASP FB 196 109.09 -12.31 23.28
N ASN FB 197 107.76 -12.38 23.37
CA ASN FB 197 106.89 -11.42 22.71
C ASN FB 197 106.24 -10.51 23.74
N ALA FB 198 106.33 -9.21 23.52
CA ALA FB 198 105.56 -8.26 24.30
C ALA FB 198 104.17 -8.15 23.72
N ILE FB 199 103.17 -8.45 24.53
CA ILE FB 199 101.78 -8.44 24.09
C ILE FB 199 101.25 -7.02 24.16
N ILE FB 200 100.67 -6.54 23.06
CA ILE FB 200 99.87 -5.33 23.12
C ILE FB 200 98.52 -5.71 23.68
N PRO FB 201 98.12 -5.19 24.84
CA PRO FB 201 96.94 -5.73 25.53
C PRO FB 201 95.67 -5.66 24.72
N SER FB 202 95.46 -4.57 23.98
CA SER FB 202 94.24 -4.42 23.20
C SER FB 202 94.07 -5.50 22.16
N THR FB 203 95.15 -6.15 21.74
CA THR FB 203 95.04 -7.11 20.65
C THR FB 203 94.50 -8.45 21.10
N ILE FB 204 94.86 -8.90 22.30
CA ILE FB 204 94.39 -10.19 22.77
C ILE FB 204 92.99 -10.10 23.35
N PHE FB 205 92.67 -9.01 24.05
CA PHE FB 205 91.43 -8.94 24.80
C PHE FB 205 90.23 -8.84 23.88
N ASN FB 206 89.07 -9.22 24.42
CA ASN FB 206 87.88 -9.38 23.61
C ASN FB 206 87.19 -8.04 23.36
N LYS FB 207 86.56 -7.48 24.37
CA LYS FB 207 85.96 -6.17 24.26
C LYS FB 207 87.01 -5.12 24.55
N ASN FB 208 87.28 -4.28 23.55
CA ASN FB 208 88.20 -3.16 23.66
C ASN FB 208 87.47 -1.91 23.23
N ARG FB 209 87.26 -1.01 24.16
CA ARG FB 209 86.61 0.26 23.88
C ARG FB 209 87.68 1.33 23.71
N TYR FB 210 87.70 1.99 22.57
CA TYR FB 210 88.62 3.10 22.38
C TYR FB 210 87.88 4.35 22.78
N TRP FB 211 88.28 4.93 23.91
CA TRP FB 211 87.50 5.94 24.58
C TRP FB 211 88.27 7.26 24.51
N LYS FB 212 87.67 8.23 23.85
CA LYS FB 212 88.34 9.47 23.50
C LYS FB 212 87.86 10.60 24.42
N GLN FB 213 88.39 11.78 24.17
CA GLN FB 213 87.99 12.97 24.89
C GLN FB 213 86.65 13.43 24.36
N GLY FB 214 85.66 13.53 25.24
CA GLY FB 214 84.32 13.90 24.86
C GLY FB 214 83.36 12.74 24.77
N ASP FB 215 83.86 11.51 24.73
CA ASP FB 215 82.98 10.36 24.72
C ASP FB 215 82.19 10.27 26.01
N ASP FB 216 81.05 9.59 25.93
CA ASP FB 216 80.22 9.41 27.10
C ASP FB 216 80.93 8.54 28.13
N ALA FB 217 80.49 8.65 29.38
CA ALA FB 217 81.10 7.89 30.44
C ALA FB 217 80.95 6.40 30.19
N LEU FB 218 81.92 5.64 30.68
CA LEU FB 218 81.94 4.19 30.53
C LEU FB 218 81.42 3.56 31.82
N HIS FB 219 80.29 2.88 31.73
CA HIS FB 219 79.62 2.31 32.90
C HIS FB 219 79.80 0.80 32.89
N PHE FB 220 80.28 0.26 34.01
CA PHE FB 220 80.49 -1.18 34.12
C PHE FB 220 79.85 -1.66 35.41
N SER FB 221 79.13 -2.76 35.34
CA SER FB 221 78.37 -3.26 36.47
C SER FB 221 78.48 -4.76 36.52
N HIS FB 222 78.30 -5.30 37.72
CA HIS FB 222 78.22 -6.74 37.90
C HIS FB 222 77.14 -7.03 38.92
N ASP FB 223 76.20 -7.89 38.57
CA ASP FB 223 75.15 -8.29 39.48
C ASP FB 223 75.55 -9.57 40.19
N LEU FB 224 75.42 -9.59 41.51
CA LEU FB 224 75.63 -10.79 42.30
C LEU FB 224 74.29 -11.32 42.78
N ASP FB 225 74.01 -12.58 42.48
CA ASP FB 225 72.90 -13.29 43.10
C ASP FB 225 73.50 -14.39 43.95
N LEU FB 226 73.44 -14.21 45.27
CA LEU FB 226 73.96 -15.16 46.23
C LEU FB 226 72.78 -15.81 46.92
N GLY FB 227 72.91 -17.10 47.22
CA GLY FB 227 71.88 -17.68 48.03
C GLY FB 227 72.10 -17.53 49.50
N PHE FB 228 73.16 -16.84 49.89
CA PHE FB 228 73.56 -16.79 51.29
C PHE FB 228 74.01 -15.38 51.61
N TRP FB 229 74.50 -15.21 52.83
CA TRP FB 229 74.82 -13.92 53.40
C TRP FB 229 76.19 -14.00 54.05
N PHE FB 230 76.74 -12.85 54.39
CA PHE FB 230 78.05 -12.80 55.04
C PHE FB 230 77.92 -12.18 56.42
N GLY FB 231 78.61 -12.77 57.39
CA GLY FB 231 78.55 -12.25 58.74
C GLY FB 231 79.79 -11.52 59.18
N SER FB 232 80.85 -11.57 58.39
CA SER FB 232 82.13 -10.97 58.76
C SER FB 232 82.51 -9.90 57.74
N ASP FB 233 83.64 -9.26 57.97
CA ASP FB 233 84.12 -8.28 57.02
C ASP FB 233 84.77 -8.97 55.83
N TYR FB 234 84.76 -8.29 54.69
CA TYR FB 234 85.38 -8.87 53.51
C TYR FB 234 86.88 -9.05 53.69
N GLY FB 235 87.56 -8.03 54.20
CA GLY FB 235 88.95 -8.22 54.57
C GLY FB 235 89.84 -8.57 53.40
N ASN FB 236 89.89 -7.69 52.39
CA ASN FB 236 90.60 -7.88 51.14
C ASN FB 236 90.28 -9.23 50.49
N ALA FB 237 88.98 -9.47 50.35
CA ALA FB 237 88.45 -10.57 49.57
C ALA FB 237 87.96 -10.06 48.23
N TYR FB 238 88.10 -10.89 47.20
CA TYR FB 238 87.41 -10.59 45.95
C TYR FB 238 85.91 -10.56 46.20
N VAL FB 239 85.23 -9.60 45.59
CA VAL FB 239 83.77 -9.63 45.64
C VAL FB 239 83.28 -10.96 45.07
N PRO FB 240 82.34 -11.64 45.73
CA PRO FB 240 82.17 -13.08 45.51
C PRO FB 240 81.99 -13.48 44.07
N GLN FB 241 82.73 -14.52 43.69
CA GLN FB 241 82.75 -15.03 42.33
C GLN FB 241 82.88 -16.54 42.40
N ASN FB 242 82.34 -17.22 41.42
CA ASN FB 242 82.52 -18.66 41.26
C ASN FB 242 83.33 -18.87 39.99
N ASN FB 243 84.56 -19.35 40.12
CA ASN FB 243 85.42 -19.42 38.96
C ASN FB 243 86.40 -20.56 39.10
N ASP FB 244 87.21 -20.72 38.05
CA ASP FB 244 88.38 -21.57 38.13
C ASP FB 244 89.36 -21.08 39.18
N SER FB 245 89.46 -19.77 39.34
CA SER FB 245 90.38 -19.21 40.32
C SER FB 245 89.79 -19.16 41.73
N MET FB 246 88.49 -18.98 41.88
CA MET FB 246 87.97 -18.67 43.19
C MET FB 246 86.50 -19.05 43.31
N ASN FB 247 86.05 -19.20 44.56
CA ASN FB 247 84.67 -19.50 44.87
C ASN FB 247 84.12 -18.48 45.85
N ALA FB 248 82.79 -18.34 45.84
CA ALA FB 248 82.13 -17.23 46.52
C ALA FB 248 82.03 -17.43 48.02
N VAL FB 249 81.94 -18.68 48.47
CA VAL FB 249 81.71 -19.00 49.87
C VAL FB 249 83.03 -19.41 50.51
N GLY FB 250 83.31 -18.89 51.69
CA GLY FB 250 84.65 -19.01 52.25
C GLY FB 250 84.89 -20.02 53.34
N THR FB 251 83.82 -20.57 53.92
CA THR FB 251 83.98 -21.50 55.02
C THR FB 251 84.16 -22.91 54.48
N ILE FB 252 85.11 -23.64 55.07
CA ILE FB 252 85.26 -25.05 54.77
C ILE FB 252 84.04 -25.78 55.32
N PRO FB 253 83.26 -26.45 54.47
CA PRO FB 253 82.14 -27.24 55.00
C PRO FB 253 82.63 -28.41 55.83
N THR FB 254 81.81 -28.81 56.80
CA THR FB 254 82.21 -29.77 57.81
C THR FB 254 81.20 -30.90 57.89
N SER FB 255 81.61 -31.97 58.55
CA SER FB 255 81.05 -33.31 58.33
C SER FB 255 79.61 -33.45 58.83
N LYS FB 256 78.89 -34.35 58.18
CA LYS FB 256 77.64 -34.92 58.68
C LYS FB 256 76.53 -33.88 58.82
N HIS FB 257 76.47 -32.94 57.88
CA HIS FB 257 75.36 -32.02 57.78
C HIS FB 257 75.47 -31.27 56.46
N ILE FB 258 74.54 -30.35 56.25
CA ILE FB 258 74.39 -29.66 54.97
C ILE FB 258 75.07 -28.30 55.09
N ASN FB 259 75.73 -27.88 54.00
CA ASN FB 259 76.51 -26.67 53.99
C ASN FB 259 76.23 -25.92 52.70
N VAL FB 260 76.28 -24.60 52.75
CA VAL FB 260 76.10 -23.81 51.54
C VAL FB 260 77.36 -23.90 50.71
N ARG FB 261 77.18 -24.22 49.43
CA ARG FB 261 78.28 -24.52 48.51
C ARG FB 261 78.13 -23.65 47.29
N GLY FB 262 79.23 -23.09 46.82
CA GLY FB 262 79.19 -22.32 45.60
C GLY FB 262 78.86 -23.17 44.40
N VAL FB 263 78.21 -22.57 43.41
CA VAL FB 263 77.78 -23.28 42.22
C VAL FB 263 77.65 -22.27 41.09
N ASN FB 264 77.74 -22.74 39.86
CA ASN FB 264 77.28 -22.08 38.62
C ASN FB 264 78.20 -21.08 37.90
N ASN FB 265 79.38 -20.74 38.38
CA ASN FB 265 80.27 -19.88 37.59
C ASN FB 265 79.63 -18.53 37.27
N ARG FB 266 79.55 -17.69 38.30
CA ARG FB 266 79.41 -16.25 38.09
C ARG FB 266 80.75 -15.61 38.42
N GLY FB 267 81.25 -14.80 37.50
CA GLY FB 267 82.55 -14.18 37.72
C GLY FB 267 82.62 -12.86 36.99
N MET FB 268 83.72 -12.13 37.21
CA MET FB 268 83.91 -10.83 36.58
C MET FB 268 85.06 -10.83 35.58
N ALA FB 269 84.87 -10.13 34.48
CA ALA FB 269 85.89 -10.04 33.43
C ALA FB 269 87.01 -9.10 33.87
N GLY FB 270 88.24 -9.47 33.57
CA GLY FB 270 89.39 -8.66 33.93
C GLY FB 270 89.49 -7.37 33.14
N HIS FB 271 88.94 -6.29 33.70
CA HIS FB 271 88.98 -4.98 33.06
C HIS FB 271 90.41 -4.46 33.06
N TYR FB 272 90.76 -3.68 32.04
CA TYR FB 272 92.11 -3.15 31.96
C TYR FB 272 92.09 -1.83 31.20
N LEU FB 273 93.14 -1.05 31.39
CA LEU FB 273 93.32 0.22 30.69
C LEU FB 273 94.69 0.24 30.04
N SER FB 274 94.74 0.71 28.81
CA SER FB 274 95.99 0.76 28.06
C SER FB 274 95.88 1.84 27.01
N PHE FB 275 97.02 2.21 26.47
CA PHE FB 275 97.04 3.19 25.41
C PHE FB 275 97.53 2.56 24.12
N PRO FB 276 97.04 3.02 22.97
CA PRO FB 276 97.48 2.46 21.71
C PRO FB 276 98.94 2.78 21.46
N PRO FB 277 99.70 1.84 20.92
CA PRO FB 277 101.09 2.16 20.55
C PRO FB 277 101.12 3.22 19.47
N ILE FB 278 101.88 4.27 19.70
CA ILE FB 278 102.08 5.33 18.72
C ILE FB 278 103.57 5.59 18.69
N ARG FB 279 104.20 5.32 17.56
CA ARG FB 279 105.63 5.54 17.47
C ARG FB 279 105.93 7.01 17.28
N THR FB 280 107.07 7.42 17.83
CA THR FB 280 107.56 8.78 17.72
C THR FB 280 108.96 8.76 17.11
N ASN FB 281 109.56 9.94 17.01
CA ASN FB 281 110.96 10.02 16.66
C ASN FB 281 111.81 9.19 17.62
N ASP FB 282 111.42 9.15 18.90
CA ASP FB 282 112.09 8.31 19.89
C ASP FB 282 111.05 7.54 20.69
N GLY FB 283 111.09 6.22 20.59
CA GLY FB 283 110.23 5.41 21.43
C GLY FB 283 108.76 5.56 21.07
N GLN FB 284 107.93 5.66 22.10
CA GLN FB 284 106.49 5.63 21.97
C GLN FB 284 105.90 6.97 22.36
N PHE FB 285 104.74 7.27 21.81
CA PHE FB 285 104.07 8.52 22.13
C PHE FB 285 103.68 8.49 23.59
N LYS FB 286 103.85 9.61 24.27
CA LYS FB 286 103.57 9.64 25.70
C LYS FB 286 102.14 10.11 25.87
N LEU FB 287 101.26 9.20 26.25
CA LEU FB 287 99.88 9.52 26.55
C LEU FB 287 99.65 9.41 28.04
N ASN FB 288 99.00 10.42 28.59
CA ASN FB 288 98.64 10.48 29.98
C ASN FB 288 97.14 10.66 29.99
N ALA FB 289 96.47 10.08 30.97
CA ALA FB 289 95.02 10.14 31.01
C ALA FB 289 94.56 10.61 32.37
N GLN FB 290 93.50 11.41 32.38
CA GLN FB 290 92.71 11.65 33.57
C GLN FB 290 91.28 11.23 33.31
N PHE FB 291 90.64 10.69 34.33
CA PHE FB 291 89.20 10.49 34.30
C PHE FB 291 88.72 10.39 35.73
N THR FB 292 87.42 10.55 35.92
CA THR FB 292 86.83 10.39 37.23
C THR FB 292 86.37 8.95 37.40
N LEU FB 293 86.63 8.39 38.55
CA LEU FB 293 86.21 7.04 38.89
C LEU FB 293 85.07 7.13 39.89
N GLU FB 294 83.87 6.76 39.47
CA GLU FB 294 82.73 6.64 40.36
C GLU FB 294 82.42 5.17 40.52
N THR FB 295 82.64 4.65 41.72
CA THR FB 295 82.31 3.27 42.03
C THR FB 295 81.08 3.23 42.91
N GLU FB 296 80.27 2.20 42.74
CA GLU FB 296 79.11 1.97 43.60
C GLU FB 296 79.00 0.49 43.89
N ILE FB 297 78.83 0.16 45.16
CA ILE FB 297 78.54 -1.19 45.59
C ILE FB 297 77.26 -1.17 46.41
N GLU FB 298 76.32 -2.02 46.08
CA GLU FB 298 75.01 -2.00 46.70
C GLU FB 298 74.90 -3.20 47.62
N PHE FB 299 74.87 -2.96 48.92
CA PHE FB 299 74.72 -4.03 49.89
C PHE FB 299 73.27 -4.24 50.27
N GLU FB 300 72.90 -5.50 50.46
CA GLU FB 300 71.73 -5.87 51.23
C GLU FB 300 72.18 -6.29 52.61
N PHE FB 301 71.42 -5.93 53.63
CA PHE FB 301 71.74 -6.38 54.97
C PHE FB 301 70.45 -6.78 55.68
N ARG FB 302 70.62 -7.44 56.81
CA ARG FB 302 69.53 -8.11 57.49
C ARG FB 302 69.78 -8.04 58.98
N LEU FB 303 68.73 -7.89 59.76
CA LEU FB 303 68.88 -7.54 61.16
C LEU FB 303 68.70 -8.75 62.06
N TRP FB 304 68.79 -8.50 63.36
CA TRP FB 304 68.86 -9.50 64.40
C TRP FB 304 67.50 -10.12 64.68
N GLU FB 305 67.54 -11.29 65.31
CA GLU FB 305 66.32 -12.03 65.63
C GLU FB 305 65.47 -11.25 66.62
N GLN FB 306 64.16 -11.26 66.39
CA GLN FB 306 63.24 -10.65 67.33
C GLN FB 306 63.07 -11.49 68.57
N GLY FB 307 62.63 -10.86 69.65
CA GLY FB 307 62.35 -11.55 70.87
C GLY FB 307 63.54 -11.57 71.80
N VAL FB 308 63.39 -12.37 72.85
CA VAL FB 308 64.47 -12.54 73.81
C VAL FB 308 65.69 -13.14 73.14
N GLN FB 309 65.52 -13.84 72.02
CA GLN FB 309 66.64 -14.38 71.29
C GLN FB 309 67.61 -13.29 70.87
N GLY FB 310 67.11 -12.09 70.59
CA GLY FB 310 67.92 -10.99 70.15
C GLY FB 310 68.47 -10.10 71.23
N ILE FB 311 68.29 -10.46 72.50
CA ILE FB 311 68.87 -9.70 73.59
C ILE FB 311 70.36 -9.92 73.63
N ASN FB 312 71.13 -8.83 73.79
CA ASN FB 312 72.59 -8.92 73.75
C ASN FB 312 73.13 -9.98 74.70
N SER FB 313 72.64 -9.98 75.94
CA SER FB 313 73.23 -10.87 76.94
C SER FB 313 73.00 -12.33 76.60
N VAL FB 314 71.79 -12.67 76.15
CA VAL FB 314 71.44 -14.06 75.86
C VAL FB 314 71.61 -14.41 74.39
N HIS FB 315 71.96 -13.46 73.53
CA HIS FB 315 72.11 -13.80 72.12
C HIS FB 315 73.36 -14.61 71.85
N THR FB 316 74.36 -14.54 72.73
CA THR FB 316 75.56 -15.32 72.51
C THR FB 316 75.25 -16.80 72.45
N ASN FB 317 74.59 -17.32 73.48
CA ASN FB 317 74.26 -18.73 73.55
C ASN FB 317 72.89 -19.09 73.00
N LEU FB 318 72.03 -18.11 72.69
CA LEU FB 318 70.81 -18.38 71.92
C LEU FB 318 70.96 -18.08 70.44
N ASN FB 319 72.13 -17.70 69.98
CA ASN FB 319 72.35 -17.51 68.56
C ASN FB 319 72.01 -18.81 67.83
N PRO FB 320 71.27 -18.75 66.73
CA PRO FB 320 70.93 -19.98 66.01
C PRO FB 320 72.18 -20.66 65.48
N ALA FB 321 72.24 -21.97 65.66
CA ALA FB 321 73.34 -22.71 65.05
C ALA FB 321 73.17 -22.89 63.55
N ASN FB 322 72.00 -22.56 63.02
CA ASN FB 322 71.77 -22.62 61.59
C ASN FB 322 72.11 -21.31 60.89
N ASP FB 323 72.66 -20.34 61.61
CA ASP FB 323 73.31 -19.23 60.93
C ASP FB 323 74.32 -19.76 59.92
N SER FB 324 75.13 -20.73 60.34
CA SER FB 324 76.12 -21.32 59.44
C SER FB 324 75.49 -21.85 58.17
N LEU FB 325 74.19 -22.08 58.20
CA LEU FB 325 73.49 -22.57 57.03
C LEU FB 325 73.37 -21.45 55.98
N TRP FB 326 72.81 -20.30 56.36
CA TRP FB 326 72.69 -19.15 55.48
C TRP FB 326 73.74 -18.06 55.70
N ILE FB 327 74.60 -18.12 56.72
CA ILE FB 327 75.58 -17.04 56.88
C ILE FB 327 77.01 -17.54 56.69
N GLN FB 328 77.71 -17.02 55.69
CA GLN FB 328 78.80 -17.79 55.13
C GLN FB 328 80.20 -17.20 54.99
N SER FB 329 80.43 -16.00 55.50
CA SER FB 329 81.73 -15.29 55.38
C SER FB 329 82.14 -14.92 53.94
N TYR FB 330 83.44 -14.77 53.68
CA TYR FB 330 83.92 -14.38 52.34
C TYR FB 330 84.74 -15.47 51.69
N GLY FB 331 84.59 -15.65 50.37
CA GLY FB 331 85.17 -16.83 49.77
C GLY FB 331 86.67 -16.85 49.56
N SER FB 332 87.17 -15.87 48.83
CA SER FB 332 88.54 -15.95 48.35
C SER FB 332 89.17 -14.57 48.42
N LEU FB 333 90.40 -14.54 48.88
CA LEU FB 333 91.10 -13.32 49.19
C LEU FB 333 92.06 -12.97 48.06
N VAL FB 334 92.22 -11.67 47.81
CA VAL FB 334 93.35 -11.26 47.01
C VAL FB 334 94.61 -11.62 47.79
N SER FB 335 95.70 -11.79 47.07
CA SER FB 335 96.94 -12.24 47.69
C SER FB 335 97.71 -11.00 48.12
N ILE FB 336 97.83 -10.81 49.44
CA ILE FB 336 98.39 -9.62 50.03
C ILE FB 336 99.54 -10.04 50.92
N THR FB 337 100.75 -9.64 50.57
CA THR FB 337 101.85 -9.66 51.52
C THR FB 337 102.13 -8.22 51.91
N GLU FB 338 102.38 -8.01 53.20
CA GLU FB 338 102.49 -6.67 53.77
C GLU FB 338 101.20 -5.93 53.37
N SER FB 339 101.28 -4.70 52.88
CA SER FB 339 100.14 -3.98 52.37
C SER FB 339 99.99 -4.12 50.85
N LYS FB 340 100.80 -4.93 50.22
CA LYS FB 340 100.99 -4.90 48.77
C LYS FB 340 100.36 -6.10 48.11
N ILE FB 341 99.63 -5.86 47.02
CA ILE FB 341 98.97 -6.94 46.30
C ILE FB 341 100.00 -7.74 45.53
N ASN FB 342 99.98 -9.06 45.69
CA ASN FB 342 100.90 -9.92 44.97
C ASN FB 342 100.45 -10.15 43.55
N ASN FB 343 99.17 -10.40 43.36
CA ASN FB 343 98.61 -10.71 42.05
C ASN FB 343 97.12 -10.42 42.10
N ILE FB 344 96.51 -10.29 40.93
CA ILE FB 344 95.07 -10.18 40.83
C ILE FB 344 94.57 -11.27 39.89
N GLN FB 345 93.59 -12.02 40.34
CA GLN FB 345 92.93 -13.04 39.56
C GLN FB 345 91.60 -12.50 39.07
N PHE FB 346 91.21 -12.85 37.85
CA PHE FB 346 89.96 -12.33 37.32
C PHE FB 346 88.88 -13.39 37.16
N GLY FB 347 89.08 -14.37 36.30
CA GLY FB 347 88.09 -15.43 36.12
C GLY FB 347 86.64 -15.04 35.91
N PRO FB 348 86.32 -14.60 34.70
CA PRO FB 348 85.01 -14.15 34.25
C PRO FB 348 84.02 -15.28 34.07
N THR FB 349 82.75 -14.96 33.88
CA THR FB 349 81.79 -16.02 33.63
C THR FB 349 82.11 -16.25 32.18
N CYS FB 350 82.81 -17.34 31.87
CA CYS FB 350 83.21 -17.54 30.50
C CYS FB 350 82.05 -17.99 29.66
N PRO FB 351 81.99 -17.50 28.43
CA PRO FB 351 80.88 -17.77 27.52
C PRO FB 351 80.85 -19.19 27.00
N ARG FB 352 81.94 -19.93 27.11
CA ARG FB 352 81.95 -21.30 26.61
C ARG FB 352 81.53 -22.33 27.64
N VAL FB 353 81.33 -21.94 28.90
CA VAL FB 353 80.61 -22.79 29.83
C VAL FB 353 79.16 -22.90 29.36
N ASP FB 354 78.57 -24.08 29.56
CA ASP FB 354 77.18 -24.30 29.19
C ASP FB 354 76.30 -23.24 29.83
N ALA FB 355 75.40 -22.67 29.03
CA ALA FB 355 74.52 -21.62 29.54
C ALA FB 355 73.67 -22.11 30.69
N ARG FB 356 73.48 -23.43 30.81
CA ARG FB 356 72.71 -23.96 31.93
C ARG FB 356 73.50 -23.86 33.22
N ASN FB 357 74.83 -23.85 33.14
CA ASN FB 357 75.64 -23.64 34.33
C ASN FB 357 75.73 -22.17 34.72
N LYS FB 358 75.62 -21.26 33.77
CA LYS FB 358 75.95 -19.86 34.00
C LYS FB 358 74.83 -19.08 34.66
N GLY FB 359 73.74 -19.73 35.03
CA GLY FB 359 72.56 -19.01 35.48
C GLY FB 359 72.68 -18.35 36.83
N GLY FB 360 71.53 -17.98 37.40
CA GLY FB 360 71.48 -16.97 38.44
C GLY FB 360 72.12 -17.24 39.79
N LYS FB 361 71.73 -18.32 40.46
CA LYS FB 361 72.02 -18.48 41.87
C LYS FB 361 73.44 -18.98 42.10
N MET FB 362 74.21 -18.26 42.91
CA MET FB 362 75.62 -18.58 43.10
C MET FB 362 75.90 -19.57 44.21
N SER FB 363 74.88 -20.09 44.88
CA SER FB 363 75.19 -21.06 45.91
C SER FB 363 74.06 -22.09 45.98
N MET FB 364 74.40 -23.23 46.55
CA MET FB 364 73.43 -24.29 46.76
C MET FB 364 73.69 -24.81 48.17
N LEU FB 365 72.65 -25.37 48.77
CA LEU FB 365 72.74 -25.86 50.13
C LEU FB 365 72.88 -27.37 50.02
N PHE FB 366 74.10 -27.83 50.14
CA PHE FB 366 74.49 -29.21 49.88
C PHE FB 366 75.27 -29.82 51.02
N ASP FB 367 74.97 -31.07 51.34
CA ASP FB 367 75.61 -31.77 52.44
C ASP FB 367 77.05 -32.19 52.25
N HIS FB 368 77.73 -32.42 53.36
CA HIS FB 368 79.10 -32.88 53.33
C HIS FB 368 79.21 -34.10 54.22
N HIS FB 369 79.87 -35.15 53.73
CA HIS FB 369 80.02 -36.36 54.51
C HIS FB 369 81.44 -36.50 55.07
N GLU GB 36 52.09 -57.56 10.95
CA GLU GB 36 50.90 -58.16 11.52
C GLU GB 36 51.31 -59.18 12.58
N GLY GB 37 50.43 -59.44 13.53
CA GLY GB 37 50.74 -60.36 14.61
C GLY GB 37 51.45 -59.69 15.75
N ASP GB 38 51.84 -60.50 16.73
CA ASP GB 38 52.54 -60.01 17.89
C ASP GB 38 54.04 -59.91 17.67
N GLY GB 39 54.52 -60.25 16.48
CA GLY GB 39 55.93 -60.18 16.15
C GLY GB 39 56.61 -61.52 16.03
N SER GB 40 55.96 -62.56 16.54
CA SER GB 40 56.51 -63.90 16.57
C SER GB 40 56.81 -64.51 15.21
N ALA GB 41 56.39 -63.85 14.15
CA ALA GB 41 56.60 -64.32 12.79
C ALA GB 41 58.05 -64.17 12.33
N PRO GB 42 58.42 -64.85 11.25
CA PRO GB 42 59.81 -64.70 10.81
C PRO GB 42 60.21 -63.28 10.42
N GLY GB 43 59.37 -62.48 9.79
CA GLY GB 43 59.78 -61.14 9.38
C GLY GB 43 59.03 -59.97 10.02
N GLY GB 44 59.63 -58.79 10.02
CA GLY GB 44 58.99 -57.63 10.62
C GLY GB 44 59.53 -57.23 11.98
N SER GB 45 58.65 -56.98 12.94
CA SER GB 45 59.04 -56.58 14.28
C SER GB 45 59.44 -57.73 15.21
N VAL GB 46 60.28 -57.46 16.18
CA VAL GB 46 60.79 -58.43 17.14
C VAL GB 46 59.81 -58.74 18.25
N TRP GB 47 59.55 -60.02 18.47
CA TRP GB 47 58.69 -60.38 19.56
C TRP GB 47 59.54 -60.14 20.78
N GLN GB 48 59.04 -59.39 21.75
CA GLN GB 48 59.85 -59.12 22.91
C GLN GB 48 59.06 -59.42 24.18
N THR GB 49 59.81 -59.79 25.21
CA THR GB 49 59.26 -60.28 26.46
C THR GB 49 58.63 -59.15 27.28
N THR GB 50 57.79 -59.54 28.24
CA THR GB 50 57.08 -58.58 29.06
C THR GB 50 58.03 -57.73 29.89
N ASP GB 51 57.53 -56.56 30.29
CA ASP GB 51 58.31 -55.57 31.02
C ASP GB 51 58.38 -55.93 32.49
N TYR GB 52 59.59 -56.04 33.03
CA TYR GB 52 59.78 -56.25 34.45
C TYR GB 52 59.94 -54.97 35.26
N ILE GB 53 60.06 -53.81 34.63
CA ILE GB 53 60.22 -52.58 35.39
C ILE GB 53 58.92 -52.20 36.07
N ALA GB 54 57.81 -52.23 35.33
CA ALA GB 54 56.57 -51.63 35.80
C ALA GB 54 56.20 -52.08 37.21
N LEU GB 55 56.39 -53.36 37.51
CA LEU GB 55 56.07 -53.84 38.85
C LEU GB 55 57.15 -53.55 39.88
N SER GB 56 58.38 -53.31 39.45
CA SER GB 56 59.39 -52.94 40.42
C SER GB 56 59.32 -51.48 40.83
N MET GB 57 58.72 -50.64 40.00
CA MET GB 57 58.60 -49.22 40.30
C MET GB 57 57.32 -48.85 41.02
N VAL GB 58 56.36 -49.76 41.15
CA VAL GB 58 55.10 -49.38 41.77
C VAL GB 58 55.35 -49.07 43.25
N VAL GB 59 54.89 -47.90 43.68
CA VAL GB 59 55.09 -47.42 45.03
C VAL GB 59 53.84 -47.72 45.83
N TYR GB 60 54.00 -48.49 46.89
CA TYR GB 60 52.90 -48.80 47.80
C TYR GB 60 53.04 -47.92 49.03
N ARG GB 61 51.91 -47.54 49.59
CA ARG GB 61 51.88 -46.46 50.57
C ARG GB 61 51.09 -46.92 51.79
N THR GB 62 51.76 -46.96 52.93
CA THR GB 62 51.12 -47.38 54.18
C THR GB 62 51.33 -46.33 55.26
N ALA GB 63 50.90 -46.62 56.48
CA ALA GB 63 51.08 -45.70 57.59
C ALA GB 63 51.07 -46.48 58.89
N ILE GB 64 51.59 -45.85 59.93
CA ILE GB 64 51.56 -46.39 61.29
C ILE GB 64 50.96 -45.33 62.19
N LYS GB 65 49.81 -45.63 62.78
CA LYS GB 65 49.10 -44.72 63.65
C LYS GB 65 49.08 -45.30 65.05
N LEU GB 66 49.37 -44.46 66.05
CA LEU GB 66 49.44 -44.89 67.44
C LEU GB 66 48.87 -43.81 68.33
N ARG GB 67 48.14 -44.21 69.36
CA ARG GB 67 47.62 -43.28 70.36
C ARG GB 67 48.25 -43.54 71.70
N ASN GB 68 48.28 -42.48 72.50
CA ASN GB 68 48.96 -42.49 73.77
C ASN GB 68 48.29 -41.44 74.64
N PHE GB 69 48.36 -41.64 75.95
CA PHE GB 69 47.98 -40.61 76.91
C PHE GB 69 49.24 -40.06 77.54
N VAL GB 70 49.38 -38.73 77.55
CA VAL GB 70 50.55 -38.08 78.09
C VAL GB 70 50.15 -37.39 79.38
N ASN GB 71 50.93 -37.60 80.43
CA ASN GB 71 50.75 -36.94 81.71
C ASN GB 71 52.00 -36.16 82.02
N ILE GB 72 51.90 -34.85 82.06
CA ILE GB 72 53.03 -33.96 82.34
C ILE GB 72 52.83 -33.38 83.72
N ARG GB 73 53.68 -33.77 84.66
CA ARG GB 73 53.55 -33.32 86.04
C ARG GB 73 54.83 -32.69 86.53
N GLY GB 74 54.70 -31.79 87.50
CA GLY GB 74 55.85 -31.23 88.19
C GLY GB 74 56.79 -30.49 87.27
N LEU GB 75 56.26 -29.79 86.27
CA LEU GB 75 57.08 -29.09 85.28
C LEU GB 75 57.07 -27.62 85.66
N THR GB 76 58.21 -27.11 86.11
CA THR GB 76 58.30 -25.71 86.50
C THR GB 76 58.39 -24.83 85.25
N PRO GB 77 58.14 -23.52 85.39
CA PRO GB 77 58.11 -22.67 84.19
C PRO GB 77 59.43 -22.54 83.48
N THR GB 78 60.55 -22.80 84.15
CA THR GB 78 61.84 -22.76 83.47
C THR GB 78 62.06 -24.01 82.63
N GLU GB 79 61.78 -25.17 83.20
CA GLU GB 79 61.93 -26.43 82.50
C GLU GB 79 60.80 -26.64 81.51
N MET GB 80 61.05 -27.50 80.53
CA MET GB 80 60.23 -27.60 79.34
C MET GB 80 60.26 -29.01 78.79
N ILE GB 81 59.12 -29.47 78.29
CA ILE GB 81 59.03 -30.81 77.70
C ILE GB 81 59.47 -30.74 76.25
N VAL GB 82 60.40 -31.62 75.89
CA VAL GB 82 60.89 -31.73 74.52
C VAL GB 82 60.06 -32.77 73.80
N ILE GB 83 59.44 -32.39 72.70
CA ILE GB 83 58.63 -33.33 71.94
C ILE GB 83 59.62 -34.08 71.05
N PRO GB 84 59.88 -35.33 71.27
CA PRO GB 84 60.82 -36.06 70.40
C PRO GB 84 60.19 -36.38 69.06
N TRP GB 85 59.67 -35.35 68.40
CA TRP GB 85 58.81 -35.59 67.25
C TRP GB 85 59.61 -35.66 65.97
N ASN GB 86 60.89 -35.35 66.02
CA ASN GB 86 61.77 -35.45 64.86
C ASN GB 86 62.58 -36.73 64.85
N VAL GB 87 62.40 -37.63 65.81
CA VAL GB 87 63.07 -38.91 65.82
C VAL GB 87 62.12 -39.95 65.24
N MET GB 88 62.65 -40.80 64.37
CA MET GB 88 61.83 -41.75 63.63
C MET GB 88 61.15 -42.72 64.58
N ARG GB 89 61.84 -43.13 65.63
CA ARG GB 89 61.32 -44.12 66.57
C ARG GB 89 60.10 -43.63 67.33
N PHE GB 90 59.86 -42.33 67.35
CA PHE GB 90 58.71 -41.78 68.04
C PHE GB 90 57.40 -42.25 67.43
N TYR GB 91 57.33 -42.24 66.09
CA TYR GB 91 56.07 -42.52 65.42
C TYR GB 91 55.79 -44.00 65.26
N CYS GB 92 56.79 -44.78 64.85
CA CYS GB 92 56.60 -46.16 64.47
C CYS GB 92 56.96 -47.17 65.55
N GLU GB 93 57.42 -46.72 66.70
CA GLU GB 93 57.64 -47.61 67.83
C GLU GB 93 56.95 -47.01 69.05
N TYR GB 94 56.28 -47.85 69.81
CA TYR GB 94 55.36 -47.37 70.83
C TYR GB 94 56.09 -47.49 72.16
N ASN GB 95 56.53 -46.37 72.71
CA ASN GB 95 57.25 -46.40 73.96
C ASN GB 95 56.38 -45.70 74.98
N THR GB 96 55.73 -46.49 75.82
CA THR GB 96 54.89 -45.99 76.89
C THR GB 96 55.00 -46.93 78.06
N GLY GB 97 55.26 -46.42 79.25
CA GLY GB 97 55.15 -47.25 80.43
C GLY GB 97 55.98 -48.52 80.33
N THR GB 98 55.31 -49.66 80.51
CA THR GB 98 55.97 -50.95 80.50
C THR GB 98 56.30 -51.44 79.09
N TYR GB 99 55.64 -50.92 78.06
CA TYR GB 99 55.87 -51.40 76.70
C TYR GB 99 57.34 -51.29 76.31
N GLY GB 100 57.91 -50.09 76.43
CA GLY GB 100 59.29 -49.89 76.05
C GLY GB 100 60.27 -50.80 76.77
N LEU GB 101 59.90 -51.30 77.94
CA LEU GB 101 60.74 -52.27 78.63
C LEU GB 101 60.64 -53.64 77.98
N SER GB 102 59.46 -54.01 77.50
CA SER GB 102 59.30 -55.26 76.78
C SER GB 102 59.92 -55.15 75.39
N GLY GB 103 60.21 -56.31 74.80
CA GLY GB 103 60.95 -56.35 73.56
C GLY GB 103 60.10 -56.21 72.31
N ASN GB 104 60.72 -55.66 71.28
CA ASN GB 104 60.16 -55.55 69.93
C ASN GB 104 58.76 -54.91 69.97
N VAL GB 105 58.76 -53.62 70.30
CA VAL GB 105 57.52 -52.87 70.37
C VAL GB 105 57.23 -52.14 69.07
N HIS GB 106 58.04 -52.35 68.04
CA HIS GB 106 57.76 -51.78 66.73
C HIS GB 106 56.40 -52.24 66.23
N HIS GB 107 55.73 -51.36 65.50
CA HIS GB 107 54.47 -51.73 64.87
C HIS GB 107 54.73 -52.72 63.75
N LYS GB 108 53.78 -53.64 63.55
CA LYS GB 108 54.04 -54.73 62.62
C LYS GB 108 54.04 -54.29 61.18
N ASN GB 109 53.40 -53.16 60.84
CA ASN GB 109 53.59 -52.61 59.50
C ASN GB 109 55.03 -52.22 59.26
N TYR GB 110 55.74 -51.83 60.31
CA TYR GB 110 57.12 -51.47 60.10
C TYR GB 110 58.01 -52.69 59.98
N SER GB 111 57.70 -53.75 60.71
CA SER GB 111 58.50 -54.96 60.63
C SER GB 111 58.53 -55.51 59.22
N MET GB 112 57.44 -55.38 58.49
CA MET GB 112 57.44 -55.83 57.10
C MET GB 112 58.02 -54.83 56.14
N LEU GB 113 58.09 -53.55 56.50
CA LEU GB 113 58.81 -52.60 55.64
C LEU GB 113 60.25 -53.02 55.46
N LEU GB 114 60.76 -53.84 56.36
CA LEU GB 114 62.06 -54.47 56.20
C LEU GB 114 62.00 -55.71 55.33
N ALA GB 115 60.81 -56.24 55.06
CA ALA GB 115 60.67 -57.34 54.13
C ALA GB 115 60.69 -56.88 52.68
N CYS GB 116 60.05 -55.76 52.38
CA CYS GB 116 60.16 -55.17 51.06
C CYS GB 116 61.52 -54.52 50.90
N LYS GB 117 61.94 -54.31 49.65
CA LYS GB 117 63.33 -53.93 49.47
C LYS GB 117 63.60 -52.46 49.77
N ALA GB 118 62.60 -51.61 49.66
CA ALA GB 118 62.78 -50.19 49.88
C ALA GB 118 61.57 -49.64 50.60
N HIS GB 119 61.81 -48.73 51.54
CA HIS GB 119 60.73 -47.99 52.17
C HIS GB 119 61.20 -46.56 52.37
N ARG GB 120 60.24 -45.65 52.38
CA ARG GB 120 60.56 -44.26 52.58
C ARG GB 120 59.53 -43.61 53.50
N PRO GB 121 59.98 -42.79 54.44
CA PRO GB 121 59.08 -42.30 55.50
C PRO GB 121 58.04 -41.27 55.08
N THR GB 122 58.26 -40.49 54.02
CA THR GB 122 57.32 -39.46 53.58
C THR GB 122 56.77 -38.63 54.73
N LYS GB 123 55.46 -38.42 54.77
CA LYS GB 123 54.89 -37.50 55.75
C LYS GB 123 54.95 -38.08 57.16
N VAL GB 124 55.03 -37.20 58.15
CA VAL GB 124 55.07 -37.59 59.54
C VAL GB 124 54.39 -36.49 60.35
N GLY GB 125 53.69 -36.87 61.41
CA GLY GB 125 52.95 -35.87 62.17
C GLY GB 125 52.38 -36.44 63.45
N TYR GB 126 51.80 -35.55 64.25
CA TYR GB 126 51.20 -35.97 65.50
C TYR GB 126 50.13 -34.97 65.91
N THR GB 127 49.29 -35.40 66.85
CA THR GB 127 48.17 -34.60 67.32
C THR GB 127 48.12 -34.61 68.84
N LEU GB 128 47.99 -33.44 69.44
CA LEU GB 128 47.68 -33.27 70.86
C LEU GB 128 46.21 -32.93 71.00
N SER GB 129 45.52 -33.63 71.89
CA SER GB 129 44.07 -33.51 71.93
C SER GB 129 43.55 -33.65 73.35
N ASN GB 130 42.41 -33.00 73.60
CA ASN GB 130 41.65 -33.13 74.85
C ASN GB 130 42.55 -32.94 76.07
N LEU GB 131 42.96 -31.69 76.22
CA LEU GB 131 43.84 -31.31 77.30
C LEU GB 131 43.07 -31.29 78.62
N ILE GB 132 43.69 -31.85 79.65
CA ILE GB 132 43.16 -31.80 81.01
C ILE GB 132 44.26 -31.27 81.89
N LEU GB 133 44.03 -30.10 82.48
CA LEU GB 133 44.92 -29.52 83.47
C LEU GB 133 44.43 -29.85 84.87
N THR GB 134 45.36 -30.21 85.74
CA THR GB 134 45.08 -30.45 87.14
C THR GB 134 46.06 -29.64 87.96
N SER GB 135 45.76 -29.51 89.25
CA SER GB 135 46.55 -28.68 90.14
C SER GB 135 46.91 -29.45 91.39
N ASP GB 136 48.18 -29.38 91.78
CA ASP GB 136 48.64 -29.90 93.06
C ASP GB 136 48.54 -28.86 94.16
N GLU GB 137 47.96 -27.70 93.87
CA GLU GB 137 47.94 -26.61 94.85
C GLU GB 137 47.28 -27.04 96.15
N LEU GB 138 46.22 -27.83 96.08
CA LEU GB 138 45.59 -28.32 97.30
C LEU GB 138 46.39 -29.43 97.96
N VAL GB 139 47.35 -30.01 97.25
CA VAL GB 139 48.16 -31.10 97.79
C VAL GB 139 49.20 -30.53 98.72
N SER GB 140 49.42 -31.22 99.84
CA SER GB 140 50.46 -30.88 100.79
C SER GB 140 51.04 -32.17 101.34
N THR GB 141 52.21 -32.07 101.99
CA THR GB 141 52.84 -33.25 102.53
C THR GB 141 51.97 -33.93 103.60
N GLY GB 142 51.10 -33.16 104.25
CA GLY GB 142 50.15 -33.78 105.17
C GLY GB 142 49.12 -34.62 104.45
N GLY GB 143 48.84 -34.30 103.18
CA GLY GB 143 47.95 -35.13 102.39
C GLY GB 143 46.49 -34.80 102.61
N THR GB 144 45.65 -35.83 102.50
CA THR GB 144 44.21 -35.80 102.69
C THR GB 144 43.49 -35.04 101.57
N LEU GB 145 44.24 -34.33 100.75
CA LEU GB 145 43.70 -33.67 99.56
C LEU GB 145 44.62 -33.95 98.40
N GLY GB 146 44.07 -34.50 97.32
CA GLY GB 146 44.83 -34.81 96.13
C GLY GB 146 44.67 -33.75 95.06
N THR GB 147 45.36 -33.98 93.95
CA THR GB 147 45.26 -33.05 92.84
C THR GB 147 43.87 -33.11 92.23
N THR GB 148 43.47 -32.01 91.60
CA THR GB 148 42.19 -31.99 90.93
C THR GB 148 42.26 -30.96 89.82
N THR GB 149 41.36 -31.10 88.86
CA THR GB 149 41.33 -30.20 87.71
C THR GB 149 41.22 -28.75 88.18
N THR GB 150 41.82 -27.86 87.40
CA THR GB 150 41.84 -26.45 87.76
C THR GB 150 40.44 -25.91 87.96
N PHE GB 151 40.31 -24.99 88.93
CA PHE GB 151 39.00 -24.47 89.30
C PHE GB 151 38.31 -23.81 88.11
N ASN GB 152 39.06 -23.13 87.26
CA ASN GB 152 38.52 -22.58 86.03
C ASN GB 152 39.46 -22.93 84.89
N THR GB 153 38.99 -22.72 83.67
CA THR GB 153 39.69 -23.14 82.47
C THR GB 153 40.68 -22.10 81.95
N SER GB 154 40.88 -21.01 82.69
CA SER GB 154 41.86 -20.01 82.28
C SER GB 154 43.28 -20.53 82.14
N PRO GB 155 43.78 -21.45 82.96
CA PRO GB 155 45.16 -21.92 82.77
C PRO GB 155 45.32 -22.64 81.44
N TYR GB 156 46.57 -22.75 81.01
CA TYR GB 156 46.88 -23.30 79.70
C TYR GB 156 48.25 -23.94 79.72
N MET GB 157 48.48 -24.80 78.74
CA MET GB 157 49.78 -25.38 78.48
C MET GB 157 50.31 -24.81 77.18
N ILE GB 158 51.56 -24.37 77.19
CA ILE GB 158 52.12 -23.65 76.06
C ILE GB 158 52.78 -24.67 75.14
N HIS GB 159 52.34 -24.72 73.89
CA HIS GB 159 53.01 -25.53 72.88
C HIS GB 159 53.90 -24.62 72.05
N SER GB 160 55.20 -24.82 72.13
CA SER GB 160 56.17 -23.94 71.50
C SER GB 160 56.81 -24.64 70.33
N ILE GB 161 56.88 -23.96 69.20
CA ILE GB 161 57.60 -24.42 68.02
C ILE GB 161 58.75 -23.46 67.81
N ASP GB 162 59.98 -23.96 67.85
CA ASP GB 162 61.11 -23.04 67.73
C ASP GB 162 61.48 -22.99 66.26
N ASP GB 163 61.13 -21.89 65.62
CA ASP GB 163 61.41 -21.69 64.20
C ASP GB 163 62.81 -21.14 63.99
N GLN GB 164 63.20 -20.20 64.83
CA GLN GB 164 64.49 -19.53 64.72
C GLN GB 164 65.62 -20.35 65.31
N GLN GB 165 65.30 -21.53 65.86
CA GLN GB 165 66.28 -22.41 66.48
C GLN GB 165 67.02 -21.70 67.59
N CYS GB 166 66.26 -21.14 68.54
CA CYS GB 166 66.85 -20.68 69.78
C CYS GB 166 67.66 -21.79 70.43
N LEU GB 167 67.12 -23.01 70.41
CA LEU GB 167 67.79 -24.17 70.96
C LEU GB 167 68.16 -25.08 69.80
N SER GB 168 69.46 -25.17 69.52
CA SER GB 168 69.95 -26.07 68.48
C SER GB 168 69.97 -27.50 68.97
N LYS GB 169 70.47 -27.70 70.18
CA LYS GB 169 70.69 -29.03 70.74
C LYS GB 169 70.21 -28.98 72.18
N VAL GB 170 69.43 -29.97 72.56
CA VAL GB 170 68.70 -29.95 73.82
C VAL GB 170 69.16 -31.13 74.68
N TYR GB 171 69.45 -30.85 75.93
CA TYR GB 171 69.95 -31.84 76.87
C TYR GB 171 68.95 -32.07 77.99
N PRO GB 172 68.94 -33.24 78.60
CA PRO GB 172 68.10 -33.45 79.79
C PRO GB 172 68.59 -32.61 80.96
N LYS GB 173 67.70 -32.46 81.95
CA LYS GB 173 68.07 -31.75 83.16
C LYS GB 173 69.17 -32.50 83.90
N THR GB 174 69.89 -31.76 84.75
CA THR GB 174 71.07 -32.31 85.42
C THR GB 174 70.77 -33.63 86.11
N ASP GB 175 69.69 -33.68 86.88
CA ASP GB 175 69.39 -34.90 87.62
C ASP GB 175 68.74 -35.97 86.74
N THR GB 176 67.86 -35.56 85.84
CA THR GB 176 67.06 -36.53 85.10
C THR GB 176 67.84 -37.10 83.93
N VAL GB 177 67.20 -38.02 83.21
CA VAL GB 177 67.76 -38.61 82.00
C VAL GB 177 66.59 -39.00 81.12
N TRP GB 178 66.86 -39.13 79.82
CA TRP GB 178 65.81 -39.40 78.86
C TRP GB 178 65.89 -40.85 78.42
N PRO GB 179 65.00 -41.73 78.87
CA PRO GB 179 64.97 -43.08 78.33
C PRO GB 179 64.34 -43.10 76.96
N VAL GB 180 64.82 -44.02 76.12
CA VAL GB 180 64.14 -44.15 74.84
C VAL GB 180 62.87 -44.97 75.01
N SER GB 181 62.85 -45.85 76.02
CA SER GB 181 61.65 -46.64 76.31
C SER GB 181 60.50 -45.77 76.78
N SER GB 182 60.79 -44.56 77.23
CA SER GB 182 59.80 -43.63 77.73
C SER GB 182 59.35 -42.62 76.68
N MET GB 183 59.79 -42.78 75.42
CA MET GB 183 59.75 -41.70 74.45
C MET GB 183 58.35 -41.13 74.25
N ARG GB 184 57.35 -42.00 74.04
CA ARG GB 184 56.07 -41.48 73.59
C ARG GB 184 55.23 -40.84 74.68
N GLU GB 185 55.37 -41.24 75.94
CA GLU GB 185 54.78 -40.41 76.99
C GLU GB 185 55.81 -39.36 77.29
N LEU GB 186 55.41 -38.10 77.29
CA LEU GB 186 56.42 -37.08 77.12
C LEU GB 186 56.88 -36.72 78.52
N ASP GB 187 58.00 -37.31 78.91
CA ASP GB 187 58.70 -36.98 80.14
C ASP GB 187 59.97 -36.18 79.93
N TYR GB 188 60.36 -35.89 78.69
CA TYR GB 188 61.70 -35.36 78.50
C TYR GB 188 61.70 -33.90 78.88
N VAL GB 189 62.47 -33.56 79.91
CA VAL GB 189 62.45 -32.23 80.49
C VAL GB 189 63.81 -31.59 80.25
N ALA GB 190 63.80 -30.49 79.53
CA ALA GB 190 64.98 -29.66 79.35
C ALA GB 190 64.83 -28.42 80.21
N SER GB 191 65.94 -27.93 80.72
CA SER GB 191 65.96 -26.66 81.43
C SER GB 191 66.76 -25.70 80.57
N THR GB 192 66.08 -24.73 79.97
CA THR GB 192 66.74 -23.76 79.11
C THR GB 192 67.25 -22.63 79.98
N VAL GB 193 68.57 -22.42 79.97
CA VAL GB 193 69.21 -21.51 80.92
C VAL GB 193 70.30 -20.74 80.17
N SER GB 194 70.31 -19.43 80.35
CA SER GB 194 71.41 -18.60 79.87
C SER GB 194 72.54 -18.70 80.89
N GLY GB 195 73.54 -17.83 80.81
CA GLY GB 195 74.64 -18.02 81.73
C GLY GB 195 74.23 -17.92 83.19
N ASP GB 196 73.70 -16.77 83.60
CA ASP GB 196 73.06 -16.65 84.90
C ASP GB 196 71.54 -16.70 84.84
N ASN GB 197 70.96 -16.77 83.64
CA ASN GB 197 69.55 -16.49 83.45
C ASN GB 197 68.79 -17.77 83.14
N ALA GB 198 67.71 -17.99 83.87
CA ALA GB 198 66.78 -19.06 83.55
C ALA GB 198 65.83 -18.57 82.48
N ILE GB 199 65.82 -19.24 81.33
CA ILE GB 199 64.98 -18.83 80.22
C ILE GB 199 63.58 -19.39 80.42
N ILE GB 200 62.57 -18.52 80.32
CA ILE GB 200 61.19 -18.99 80.19
C ILE GB 200 61.00 -19.41 78.75
N PRO GB 201 60.73 -20.68 78.46
CA PRO GB 201 60.78 -21.16 77.07
C PRO GB 201 59.83 -20.43 76.14
N SER GB 202 58.64 -20.11 76.59
CA SER GB 202 57.67 -19.44 75.73
C SER GB 202 58.15 -18.09 75.24
N THR GB 203 59.10 -17.46 75.93
CA THR GB 203 59.49 -16.11 75.58
C THR GB 203 60.45 -16.09 74.39
N ILE GB 204 61.36 -17.06 74.30
CA ILE GB 204 62.31 -17.07 73.20
C ILE GB 204 61.71 -17.66 71.93
N PHE GB 205 60.87 -18.69 72.06
CA PHE GB 205 60.42 -19.43 70.90
C PHE GB 205 59.46 -18.62 70.06
N ASN GB 206 59.35 -19.01 68.79
CA ASN GB 206 58.63 -18.20 67.81
C ASN GB 206 57.14 -18.42 67.89
N LYS GB 207 56.66 -19.58 67.45
CA LYS GB 207 55.25 -19.92 67.56
C LYS GB 207 55.02 -20.53 68.93
N ASN GB 208 54.17 -19.88 69.72
CA ASN GB 208 53.77 -20.36 71.03
C ASN GB 208 52.26 -20.37 71.06
N ARG GB 209 51.69 -21.56 71.15
CA ARG GB 209 50.24 -21.73 71.23
C ARG GB 209 49.87 -21.93 72.69
N TYR GB 210 49.00 -21.08 73.21
CA TYR GB 210 48.50 -21.26 74.56
C TYR GB 210 47.23 -22.07 74.45
N TRP GB 211 47.30 -23.32 74.89
CA TRP GB 211 46.28 -24.31 74.59
C TRP GB 211 45.58 -24.68 75.88
N LYS GB 212 44.29 -24.39 75.94
CA LYS GB 212 43.51 -24.48 77.15
C LYS GB 212 42.63 -25.72 77.13
N GLN GB 213 41.87 -25.89 78.18
CA GLN GB 213 40.91 -26.98 78.29
C GLN GB 213 39.70 -26.65 77.43
N GLY GB 214 39.39 -27.52 76.48
CA GLY GB 214 38.30 -27.30 75.56
C GLY GB 214 38.74 -26.84 74.19
N ASP GB 215 39.98 -26.37 74.05
CA ASP GB 215 40.47 -25.98 72.74
C ASP GB 215 40.53 -27.17 71.81
N ASP GB 216 40.50 -26.88 70.51
CA ASP GB 216 40.58 -27.93 69.52
C ASP GB 216 41.94 -28.59 69.56
N ALA GB 217 42.00 -29.80 69.02
CA ALA GB 217 43.25 -30.55 69.02
C ALA GB 217 44.31 -29.80 68.22
N LEU GB 218 45.56 -29.99 68.62
CA LEU GB 218 46.70 -29.37 67.97
C LEU GB 218 47.33 -30.38 67.03
N HIS GB 219 47.30 -30.07 65.73
CA HIS GB 219 47.77 -30.97 64.69
C HIS GB 219 49.08 -30.46 64.14
N PHE GB 220 50.10 -31.32 64.11
CA PHE GB 220 51.40 -30.94 63.60
C PHE GB 220 51.86 -31.99 62.61
N SER GB 221 52.37 -31.56 61.47
CA SER GB 221 52.73 -32.46 60.41
C SER GB 221 54.02 -32.00 59.77
N HIS GB 222 54.73 -32.94 59.17
CA HIS GB 222 55.92 -32.63 58.39
C HIS GB 222 55.91 -33.51 57.15
N ASP GB 223 56.04 -32.89 55.98
CA ASP GB 223 56.11 -33.63 54.73
C ASP GB 223 57.56 -33.85 54.36
N LEU GB 224 57.90 -35.09 54.03
CA LEU GB 224 59.22 -35.42 53.51
C LEU GB 224 59.12 -35.69 52.02
N ASP GB 225 59.92 -35.00 51.23
CA ASP GB 225 60.13 -35.36 49.83
C ASP GB 225 61.57 -35.78 49.69
N LEU GB 226 61.79 -37.08 49.53
CA LEU GB 226 63.11 -37.65 49.36
C LEU GB 226 63.26 -38.10 47.92
N GLY GB 227 64.45 -37.94 47.37
CA GLY GB 227 64.65 -38.51 46.07
C GLY GB 227 65.08 -39.95 46.11
N PHE GB 228 65.16 -40.54 47.28
CA PHE GB 228 65.74 -41.87 47.43
C PHE GB 228 64.92 -42.65 48.43
N TRP GB 229 65.39 -43.84 48.74
CA TRP GB 229 64.66 -44.82 49.53
C TRP GB 229 65.61 -45.38 50.57
N PHE GB 230 65.05 -46.09 51.54
CA PHE GB 230 65.86 -46.70 52.59
C PHE GB 230 65.71 -48.21 52.56
N GLY GB 231 66.81 -48.91 52.71
CA GLY GB 231 66.78 -50.35 52.69
C GLY GB 231 66.92 -51.02 54.04
N SER GB 232 67.26 -50.25 55.06
CA SER GB 232 67.52 -50.79 56.39
C SER GB 232 66.54 -50.19 57.39
N ASP GB 233 66.66 -50.61 58.64
CA ASP GB 233 65.81 -50.04 59.67
C ASP GB 233 66.35 -48.68 60.09
N TYR GB 234 65.45 -47.84 60.60
CA TYR GB 234 65.88 -46.52 61.05
C TYR GB 234 66.83 -46.63 62.24
N GLY GB 235 66.49 -47.44 63.22
CA GLY GB 235 67.45 -47.71 64.28
C GLY GB 235 67.83 -46.48 65.07
N ASN GB 236 66.84 -45.83 65.69
CA ASN GB 236 66.98 -44.57 66.42
C ASN GB 236 67.72 -43.52 65.61
N ALA GB 237 67.22 -43.31 64.39
CA ALA GB 237 67.63 -42.21 63.54
C ALA GB 237 66.56 -41.13 63.57
N TYR GB 238 67.00 -39.88 63.47
CA TYR GB 238 66.05 -38.81 63.22
C TYR GB 238 65.35 -39.07 61.89
N VAL GB 239 64.04 -38.83 61.86
CA VAL GB 239 63.35 -38.88 60.57
C VAL GB 239 64.01 -37.90 59.61
N PRO GB 240 64.29 -38.30 58.37
CA PRO GB 240 65.31 -37.61 57.57
C PRO GB 240 65.12 -36.12 57.46
N GLN GB 241 66.22 -35.40 57.66
CA GLN GB 241 66.24 -33.95 57.67
C GLN GB 241 67.56 -33.50 57.05
N ASN GB 242 67.55 -32.35 56.42
CA ASN GB 242 68.76 -31.71 55.92
C ASN GB 242 68.96 -30.44 56.72
N ASN GB 243 70.00 -30.39 57.54
CA ASN GB 243 70.15 -29.26 58.44
C ASN GB 243 71.60 -28.99 58.73
N ASP GB 244 71.83 -27.95 59.52
CA ASP GB 244 73.13 -27.72 60.12
C ASP GB 244 73.53 -28.87 61.03
N SER GB 245 72.56 -29.47 61.71
CA SER GB 245 72.86 -30.57 62.62
C SER GB 245 72.94 -31.91 61.90
N MET GB 246 72.18 -32.12 60.83
CA MET GB 246 72.06 -33.48 60.32
C MET GB 246 71.68 -33.47 58.85
N ASN GB 247 71.95 -34.60 58.18
CA ASN GB 247 71.59 -34.81 56.79
C ASN GB 247 70.78 -36.08 56.64
N ALA GB 248 70.00 -36.13 55.56
CA ALA GB 248 68.97 -37.15 55.41
C ALA GB 248 69.53 -38.49 54.98
N VAL GB 249 70.63 -38.50 54.24
CA VAL GB 249 71.19 -39.71 53.66
C VAL GB 249 72.39 -40.15 54.51
N GLY GB 250 72.45 -41.44 54.81
CA GLY GB 250 73.38 -41.91 55.82
C GLY GB 250 74.65 -42.59 55.37
N THR GB 251 74.73 -42.96 54.10
CA THR GB 251 75.90 -43.67 53.61
C THR GB 251 76.97 -42.69 53.18
N ILE GB 252 78.21 -42.99 53.57
CA ILE GB 252 79.34 -42.23 53.07
C ILE GB 252 79.50 -42.51 51.59
N PRO GB 253 79.39 -41.50 50.73
CA PRO GB 253 79.64 -41.73 49.30
C PRO GB 253 81.08 -42.11 49.04
N THR GB 254 81.28 -42.91 47.98
CA THR GB 254 82.56 -43.53 47.71
C THR GB 254 83.00 -43.21 46.29
N SER GB 255 84.27 -43.48 46.02
CA SER GB 255 85.01 -42.83 44.95
C SER GB 255 84.56 -43.26 43.56
N LYS GB 256 84.73 -42.34 42.60
CA LYS GB 256 84.72 -42.63 41.17
C LYS GB 256 83.36 -43.14 40.68
N HIS GB 257 82.29 -42.57 41.24
CA HIS GB 257 80.95 -42.80 40.72
C HIS GB 257 80.00 -41.81 41.38
N ILE GB 258 78.73 -41.93 41.04
CA ILE GB 258 77.71 -40.97 41.45
C ILE GB 258 76.98 -41.52 42.66
N ASN GB 259 76.65 -40.64 43.61
CA ASN GB 259 76.05 -41.03 44.86
C ASN GB 259 74.92 -40.07 45.18
N VAL GB 260 73.89 -40.57 45.85
CA VAL GB 260 72.79 -39.70 46.25
C VAL GB 260 73.24 -38.87 47.44
N ARG GB 261 73.04 -37.56 47.34
CA ARG GB 261 73.56 -36.59 48.29
C ARG GB 261 72.41 -35.73 48.78
N GLY GB 262 72.37 -35.47 50.08
CA GLY GB 262 71.36 -34.58 50.60
C GLY GB 262 71.53 -33.17 50.11
N VAL GB 263 70.42 -32.45 49.99
CA VAL GB 263 70.43 -31.09 49.47
C VAL GB 263 69.20 -30.38 50.02
N ASN GB 264 69.25 -29.06 50.08
CA ASN GB 264 68.13 -28.12 50.19
C ASN GB 264 67.56 -27.77 51.57
N ASN GB 265 68.03 -28.32 52.69
CA ASN GB 265 67.53 -27.87 53.99
C ASN GB 265 66.01 -28.03 54.12
N ARG GB 266 65.60 -29.28 54.29
CA ARG GB 266 64.30 -29.58 54.88
C ARG GB 266 64.54 -30.08 56.29
N GLY GB 267 63.87 -29.49 57.27
CA GLY GB 267 64.06 -29.90 58.64
C GLY GB 267 62.82 -29.66 59.45
N MET GB 268 62.84 -30.11 60.70
CA MET GB 268 61.70 -29.95 61.58
C MET GB 268 61.98 -29.00 62.74
N ALA GB 269 60.97 -28.20 63.09
CA ALA GB 269 61.10 -27.24 64.19
C ALA GB 269 61.02 -27.95 65.53
N GLY GB 270 61.86 -27.53 66.47
CA GLY GB 270 61.89 -28.14 67.79
C GLY GB 270 60.65 -27.84 68.62
N HIS GB 271 59.66 -28.73 68.56
CA HIS GB 271 58.43 -28.57 69.32
C HIS GB 271 58.73 -28.74 70.80
N TYR GB 272 57.96 -28.04 71.64
CA TYR GB 272 58.18 -28.12 73.07
C TYR GB 272 56.87 -27.85 73.81
N LEU GB 273 56.82 -28.29 75.05
CA LEU GB 273 55.67 -28.06 75.92
C LEU GB 273 56.14 -27.44 77.22
N SER GB 274 55.42 -26.44 77.69
CA SER GB 274 55.78 -25.74 78.91
C SER GB 274 54.53 -25.12 79.51
N PHE GB 275 54.65 -24.72 80.75
CA PHE GB 275 53.55 -24.06 81.41
C PHE GB 275 53.91 -22.63 81.74
N PRO GB 276 52.96 -21.71 81.72
CA PRO GB 276 53.25 -20.33 82.04
C PRO GB 276 53.66 -20.20 83.50
N PRO GB 277 54.64 -19.35 83.80
CA PRO GB 277 54.96 -19.11 85.21
C PRO GB 277 53.79 -18.44 85.91
N ILE GB 278 53.37 -19.02 87.03
CA ILE GB 278 52.33 -18.45 87.86
C ILE GB 278 52.85 -18.49 89.28
N ARG GB 279 53.06 -17.33 89.88
CA ARG GB 279 53.57 -17.31 91.24
C ARG GB 279 52.46 -17.63 92.23
N THR GB 280 52.87 -18.27 93.32
CA THR GB 280 51.98 -18.64 94.41
C THR GB 280 52.51 -18.03 95.70
N ASN GB 281 51.82 -18.33 96.80
CA ASN GB 281 52.36 -18.02 98.11
C ASN GB 281 53.74 -18.63 98.30
N ASP GB 282 53.96 -19.82 97.73
CA ASP GB 282 55.26 -20.46 97.75
C ASP GB 282 55.60 -20.96 96.36
N GLY GB 283 56.67 -20.42 95.78
CA GLY GB 283 57.16 -20.95 94.52
C GLY GB 283 56.19 -20.67 93.38
N GLN GB 284 56.01 -21.69 92.54
CA GLN GB 284 55.27 -21.56 91.29
C GLN GB 284 54.00 -22.40 91.36
N PHE GB 285 53.00 -21.98 90.58
CA PHE GB 285 51.75 -22.71 90.54
C PHE GB 285 52.01 -24.08 89.96
N LYS GB 286 51.39 -25.10 90.52
CA LYS GB 286 51.66 -26.46 90.06
C LYS GB 286 50.60 -26.79 89.03
N LEU GB 287 51.01 -26.85 87.77
CA LEU GB 287 50.15 -27.26 86.67
C LEU GB 287 50.58 -28.62 86.18
N ASN GB 288 49.59 -29.48 86.02
CA ASN GB 288 49.78 -30.82 85.50
C ASN GB 288 48.88 -30.91 84.28
N ALA GB 289 49.32 -31.64 83.27
CA ALA GB 289 48.55 -31.71 82.04
C ALA GB 289 48.34 -33.15 81.65
N GLN GB 290 47.16 -33.44 81.11
CA GLN GB 290 46.93 -34.64 80.34
C GLN GB 290 46.48 -34.27 78.95
N PHE GB 291 46.90 -35.07 77.97
CA PHE GB 291 46.34 -34.98 76.63
C PHE GB 291 46.60 -36.31 75.95
N THR GB 292 45.88 -36.53 74.86
CA THR GB 292 46.10 -37.72 74.06
C THR GB 292 47.09 -37.40 72.95
N LEU GB 293 48.02 -38.29 72.73
CA LEU GB 293 49.01 -38.15 71.67
C LEU GB 293 48.66 -39.13 70.57
N GLU GB 294 48.24 -38.62 69.42
CA GLU GB 294 48.03 -39.43 68.24
C GLU GB 294 49.12 -39.09 67.24
N THR GB 295 50.01 -40.04 66.99
CA THR GB 295 51.05 -39.87 66.00
C THR GB 295 50.74 -40.70 64.76
N GLU GB 296 51.12 -40.19 63.61
CA GLU GB 296 50.98 -40.93 62.36
C GLU GB 296 52.21 -40.71 61.52
N ILE GB 297 52.77 -41.79 61.00
CA ILE GB 297 53.85 -41.74 60.05
C ILE GB 297 53.44 -42.54 58.82
N GLU GB 298 53.56 -41.94 57.66
CA GLU GB 298 53.08 -42.54 56.43
C GLU GB 298 54.26 -43.00 55.61
N PHE GB 299 54.44 -44.32 55.49
CA PHE GB 299 55.53 -44.86 54.70
C PHE GB 299 55.09 -45.17 53.28
N GLU GB 300 55.99 -44.91 52.34
CA GLU GB 300 55.93 -45.53 51.03
C GLU GB 300 56.91 -46.68 50.99
N PHE GB 301 56.53 -47.77 50.34
CA PHE GB 301 57.46 -48.88 50.19
C PHE GB 301 57.35 -49.42 48.77
N ARG GB 302 58.31 -50.26 48.42
CA ARG GB 302 58.51 -50.68 47.05
C ARG GB 302 59.02 -52.11 47.06
N LEU GB 303 58.61 -52.90 46.09
CA LEU GB 303 58.81 -54.33 46.16
C LEU GB 303 59.98 -54.77 45.28
N TRP GB 304 60.21 -56.08 45.27
CA TRP GB 304 61.38 -56.71 44.69
C TRP GB 304 61.28 -56.78 43.16
N GLU GB 305 62.43 -56.97 42.55
CA GLU GB 305 62.52 -57.04 41.09
C GLU GB 305 61.76 -58.24 40.56
N GLN GB 306 61.05 -58.04 39.46
CA GLN GB 306 60.36 -59.14 38.80
C GLN GB 306 61.34 -60.02 38.05
N GLY GB 307 60.91 -61.25 37.80
CA GLY GB 307 61.71 -62.16 37.03
C GLY GB 307 62.59 -63.03 37.90
N VAL GB 308 63.48 -63.75 37.22
CA VAL GB 308 64.45 -64.58 37.93
C VAL GB 308 65.34 -63.74 38.81
N GLN GB 309 65.48 -62.44 38.50
CA GLN GB 309 66.28 -61.57 39.34
C GLN GB 309 65.74 -61.52 40.76
N GLY GB 310 64.45 -61.67 40.94
CA GLY GB 310 63.81 -61.62 42.24
C GLY GB 310 63.69 -62.94 42.96
N ILE GB 311 64.28 -64.02 42.42
CA ILE GB 311 64.27 -65.30 43.11
C ILE GB 311 65.21 -65.24 44.30
N ASN GB 312 64.75 -65.76 45.44
CA ASN GB 312 65.54 -65.67 46.68
C ASN GB 312 66.95 -66.21 46.49
N SER GB 313 67.09 -67.38 45.87
CA SER GB 313 68.40 -68.01 45.80
C SER GB 313 69.37 -67.20 44.95
N VAL GB 314 68.90 -66.66 43.82
CA VAL GB 314 69.78 -65.93 42.91
C VAL GB 314 69.71 -64.43 43.12
N HIS GB 315 68.85 -63.94 44.01
CA HIS GB 315 68.79 -62.50 44.21
C HIS GB 315 69.99 -61.96 44.96
N THR GB 316 70.70 -62.79 45.71
CA THR GB 316 71.86 -62.31 46.42
C THR GB 316 72.90 -61.75 45.45
N ASN GB 317 73.29 -62.56 44.47
CA ASN GB 317 74.29 -62.14 43.51
C ASN GB 317 73.74 -61.51 42.24
N LEU GB 318 72.42 -61.57 42.01
CA LEU GB 318 71.80 -60.77 40.96
C LEU GB 318 71.19 -59.47 41.46
N ASN GB 319 71.32 -59.16 42.74
CA ASN GB 319 70.87 -57.88 43.24
C ASN GB 319 71.53 -56.76 42.45
N PRO GB 320 70.78 -55.75 42.01
CA PRO GB 320 71.40 -54.66 41.26
C PRO GB 320 72.42 -53.92 42.10
N ALA GB 321 73.57 -53.63 41.50
CA ALA GB 321 74.54 -52.81 42.20
C ALA GB 321 74.15 -51.35 42.21
N ASN GB 322 73.14 -50.96 41.44
CA ASN GB 322 72.65 -49.60 41.45
C ASN GB 322 71.55 -49.38 42.47
N ASP GB 323 71.25 -50.38 43.30
CA ASP GB 323 70.48 -50.11 44.49
C ASP GB 323 71.11 -48.98 45.28
N SER GB 324 72.42 -49.03 45.46
CA SER GB 324 73.13 -47.98 46.18
C SER GB 324 72.86 -46.61 45.58
N LEU GB 325 72.41 -46.58 44.34
CA LEU GB 325 72.11 -45.31 43.71
C LEU GB 325 70.83 -44.71 44.29
N TRP GB 326 69.73 -45.46 44.29
CA TRP GB 326 68.47 -45.01 44.88
C TRP GB 326 68.17 -45.59 46.27
N ILE GB 327 68.95 -46.51 46.81
CA ILE GB 327 68.62 -47.03 48.15
C ILE GB 327 69.68 -46.66 49.18
N GLN GB 328 69.32 -45.89 50.19
CA GLN GB 328 70.32 -45.09 50.87
C GLN GB 328 70.50 -45.15 52.37
N SER GB 329 69.79 -46.03 53.07
CA SER GB 329 69.84 -46.15 54.55
C SER GB 329 69.31 -44.91 55.31
N TYR GB 330 69.76 -44.70 56.55
CA TYR GB 330 69.28 -43.57 57.37
C TYR GB 330 70.38 -42.58 57.66
N GLY GB 331 70.06 -41.29 57.66
CA GLY GB 331 71.13 -40.32 57.70
C GLY GB 331 71.84 -40.10 59.02
N SER GB 332 71.07 -39.74 60.04
CA SER GB 332 71.67 -39.24 61.26
C SER GB 332 70.90 -39.77 62.45
N LEU GB 333 71.62 -40.20 63.46
CA LEU GB 333 71.07 -40.90 64.59
C LEU GB 333 70.93 -39.95 65.77
N VAL GB 334 69.88 -40.15 66.56
CA VAL GB 334 69.88 -39.53 67.87
C VAL GB 334 71.03 -40.12 68.67
N SER GB 335 71.50 -39.38 69.65
CA SER GB 335 72.67 -39.80 70.40
C SER GB 335 72.18 -40.62 71.58
N ILE GB 336 72.47 -41.92 71.56
CA ILE GB 336 71.96 -42.87 72.52
C ILE GB 336 73.15 -43.56 73.17
N THR GB 337 73.32 -43.36 74.46
CA THR GB 337 74.17 -44.23 75.25
C THR GB 337 73.26 -45.09 76.11
N GLU GB 338 73.59 -46.36 76.22
CA GLU GB 338 72.73 -47.35 76.86
C GLU GB 338 71.36 -47.25 76.16
N SER GB 339 70.26 -47.19 76.89
CA SER GB 339 68.95 -46.97 76.33
C SER GB 339 68.53 -45.49 76.38
N LYS GB 340 69.42 -44.62 76.80
CA LYS GB 340 69.05 -43.27 77.22
C LYS GB 340 69.51 -42.24 76.21
N ILE GB 341 68.63 -41.30 75.86
CA ILE GB 341 68.96 -40.27 74.90
C ILE GB 341 69.90 -39.26 75.53
N ASN GB 342 71.01 -38.97 74.86
CA ASN GB 342 71.96 -37.99 75.37
C ASN GB 342 71.50 -36.57 75.10
N ASN GB 343 71.00 -36.33 73.90
CA ASN GB 343 70.57 -35.00 73.49
C ASN GB 343 69.61 -35.16 72.32
N ILE GB 344 68.86 -34.11 72.05
CA ILE GB 344 68.02 -34.07 70.87
C ILE GB 344 68.37 -32.81 70.08
N GLN GB 345 68.62 -32.99 68.79
CA GLN GB 345 68.90 -31.92 67.86
C GLN GB 345 67.64 -31.66 67.05
N PHE GB 346 67.37 -30.39 66.75
CA PHE GB 346 66.16 -30.08 66.00
C PHE GB 346 66.43 -29.58 64.58
N GLY GB 347 67.08 -28.43 64.43
CA GLY GB 347 67.39 -27.92 63.11
C GLY GB 347 66.28 -27.87 62.07
N PRO GB 348 65.40 -26.88 62.19
CA PRO GB 348 64.25 -26.62 61.34
C PRO GB 348 64.62 -26.08 59.98
N THR GB 349 63.67 -26.02 59.06
CA THR GB 349 63.97 -25.43 57.77
C THR GB 349 63.89 -23.99 58.17
N CYS GB 350 65.03 -23.32 58.31
CA CYS GB 350 64.99 -21.96 58.79
C CYS GB 350 64.52 -21.03 57.70
N PRO GB 351 63.73 -20.04 58.09
CA PRO GB 351 63.13 -19.10 57.15
C PRO GB 351 64.10 -18.14 56.53
N ARG GB 352 65.29 -17.97 57.10
CA ARG GB 352 66.25 -17.04 56.54
C ARG GB 352 67.19 -17.66 55.52
N VAL GB 353 67.15 -18.98 55.34
CA VAL GB 353 67.75 -19.58 54.16
C VAL GB 353 66.98 -19.11 52.93
N ASP GB 354 67.69 -18.91 51.83
CA ASP GB 354 67.07 -18.49 50.58
C ASP GB 354 65.97 -19.46 50.22
N ALA GB 355 64.81 -18.91 49.84
CA ALA GB 355 63.67 -19.75 49.49
C ALA GB 355 63.99 -20.68 48.34
N ARG GB 356 65.00 -20.35 47.52
CA ARG GB 356 65.38 -21.24 46.43
C ARG GB 356 66.08 -22.47 46.95
N ASN GB 357 66.71 -22.39 48.11
CA ASN GB 357 67.29 -23.57 48.73
C ASN GB 357 66.27 -24.43 49.44
N LYS GB 358 65.19 -23.85 49.92
CA LYS GB 358 64.29 -24.54 50.84
C LYS GB 358 63.28 -25.43 50.14
N GLY GB 359 63.38 -25.58 48.82
CA GLY GB 359 62.33 -26.24 48.06
C GLY GB 359 62.26 -27.74 48.26
N GLY GB 360 61.55 -28.42 47.35
CA GLY GB 360 61.02 -29.74 47.62
C GLY GB 360 61.96 -30.90 47.83
N LYS GB 361 62.84 -31.18 46.87
CA LYS GB 361 63.54 -32.45 46.82
C LYS GB 361 64.72 -32.48 47.77
N MET GB 362 64.77 -33.48 48.65
CA MET GB 362 65.79 -33.53 49.69
C MET GB 362 67.06 -34.24 49.28
N SER GB 363 67.18 -34.70 48.05
CA SER GB 363 68.43 -35.35 47.68
C SER GB 363 68.72 -35.07 46.22
N MET GB 364 69.98 -35.22 45.87
CA MET GB 364 70.42 -35.07 44.50
C MET GB 364 71.39 -36.20 44.24
N LEU GB 365 71.51 -36.60 42.98
CA LEU GB 365 72.36 -37.71 42.61
C LEU GB 365 73.62 -37.08 42.03
N PHE GB 366 74.65 -37.04 42.85
CA PHE GB 366 75.88 -36.33 42.57
C PHE GB 366 77.11 -37.19 42.78
N ASP GB 367 78.07 -37.06 41.88
CA ASP GB 367 79.29 -37.86 41.91
C ASP GB 367 80.29 -37.52 42.99
N HIS GB 368 81.15 -38.47 43.30
CA HIS GB 368 82.19 -38.28 44.27
C HIS GB 368 83.52 -38.71 43.64
N HIS GB 369 84.54 -37.88 43.79
CA HIS GB 369 85.85 -38.21 43.23
C HIS GB 369 86.83 -38.67 44.30
N GLU HB 36 30.24 -26.29 67.38
CA GLU HB 36 31.42 -25.67 66.78
C GLU HB 36 32.67 -26.35 67.31
N GLY HB 37 33.75 -26.30 66.54
CA GLY HB 37 34.99 -26.95 66.94
C GLY HB 37 35.04 -28.39 66.53
N ASP HB 38 36.10 -29.05 66.93
CA ASP HB 38 36.29 -30.46 66.61
C ASP HB 38 35.60 -31.39 67.60
N GLY HB 39 34.90 -30.83 68.59
CA GLY HB 39 34.19 -31.60 69.58
C GLY HB 39 34.84 -31.61 70.94
N SER HB 40 36.08 -31.18 71.02
CA SER HB 40 36.86 -31.18 72.25
C SER HB 40 36.30 -30.33 73.37
N ALA HB 41 35.29 -29.53 73.07
CA ALA HB 41 34.67 -28.63 74.05
C ALA HB 41 33.81 -29.38 75.05
N PRO HB 42 33.46 -28.73 76.16
CA PRO HB 42 32.64 -29.44 77.12
C PRO HB 42 31.26 -29.89 76.60
N GLY HB 43 30.56 -29.13 75.77
CA GLY HB 43 29.25 -29.55 75.31
C GLY HB 43 29.10 -29.78 73.82
N GLY HB 44 28.08 -30.55 73.42
CA GLY HB 44 27.88 -30.83 72.01
C GLY HB 44 28.30 -32.22 71.57
N SER HB 45 29.03 -32.32 70.46
CA SER HB 45 29.50 -33.59 69.93
C SER HB 45 30.77 -34.14 70.60
N VAL HB 46 30.94 -35.44 70.58
CA VAL HB 46 32.07 -36.14 71.19
C VAL HB 46 33.30 -36.11 70.34
N TRP HB 47 34.42 -35.69 70.91
CA TRP HB 47 35.66 -35.71 70.18
C TRP HB 47 36.01 -37.17 70.12
N GLN HB 48 36.27 -37.68 68.93
CA GLN HB 48 36.58 -39.08 68.81
C GLN HB 48 37.86 -39.29 68.02
N THR HB 49 38.55 -40.38 68.35
CA THR HB 49 39.87 -40.67 67.83
C THR HB 49 39.81 -41.11 66.37
N THR HB 50 40.96 -41.05 65.71
CA THR HB 50 41.07 -41.37 64.29
C THR HB 50 40.72 -42.84 64.03
N ASP HB 51 40.32 -43.10 62.79
CA ASP HB 51 39.86 -44.41 62.37
C ASP HB 51 41.04 -45.32 62.08
N TYR HB 52 41.07 -46.48 62.73
CA TYR HB 52 42.08 -47.48 62.44
C TYR HB 52 41.66 -48.51 61.39
N ILE HB 53 40.41 -48.51 60.95
CA ILE HB 53 40.00 -49.49 59.95
C ILE HB 53 40.60 -49.15 58.59
N ALA HB 54 40.50 -47.90 58.18
CA ALA HB 54 40.78 -47.51 56.80
C ALA HB 54 42.11 -48.05 56.31
N LEU HB 55 43.14 -48.01 57.16
CA LEU HB 55 44.44 -48.52 56.76
C LEU HB 55 44.56 -50.02 56.87
N SER HB 56 43.73 -50.68 57.67
CA SER HB 56 43.78 -52.13 57.72
C SER HB 56 43.04 -52.77 56.56
N MET HB 57 42.12 -52.05 55.92
CA MET HB 57 41.37 -52.59 54.80
C MET HB 57 41.98 -52.30 53.45
N VAL HB 58 43.01 -51.45 53.37
CA VAL HB 58 43.56 -51.10 52.07
C VAL HB 58 44.21 -52.33 51.46
N VAL HB 59 43.83 -52.64 50.23
CA VAL HB 59 44.31 -53.81 49.52
C VAL HB 59 45.43 -53.38 48.61
N TYR HB 60 46.60 -53.97 48.80
CA TYR HB 60 47.74 -53.72 47.95
C TYR HB 60 47.89 -54.87 46.99
N ARG HB 61 48.35 -54.58 45.78
CA ARG HB 61 48.25 -55.51 44.68
C ARG HB 61 49.61 -55.64 44.00
N THR HB 62 50.17 -56.84 44.03
CA THR HB 62 51.46 -57.10 43.41
C THR HB 62 51.38 -58.27 42.43
N ALA HB 63 52.51 -58.69 41.88
CA ALA HB 63 52.52 -59.81 40.97
C ALA HB 63 53.91 -60.43 40.97
N ILE HB 64 53.99 -61.67 40.49
CA ILE HB 64 55.24 -62.38 40.30
C ILE HB 64 55.28 -62.87 38.87
N LYS HB 65 56.24 -62.37 38.11
CA LYS HB 65 56.40 -62.73 36.70
C LYS HB 65 57.71 -63.46 36.53
N LEU HB 66 57.68 -64.56 35.79
CA LEU HB 66 58.86 -65.40 35.58
C LEU HB 66 58.87 -65.91 34.15
N ARG HB 67 60.05 -65.96 33.55
CA ARG HB 67 60.21 -66.53 32.22
C ARG HB 67 61.06 -67.79 32.28
N ASN HB 68 60.84 -68.64 31.29
CA ASN HB 68 61.43 -69.95 31.25
C ASN HB 68 61.50 -70.36 29.79
N PHE HB 69 62.45 -71.22 29.46
CA PHE HB 69 62.48 -71.89 28.16
C PHE HB 69 62.10 -73.34 28.38
N VAL HB 70 61.16 -73.83 27.60
CA VAL HB 70 60.67 -75.20 27.70
C VAL HB 70 61.15 -75.97 26.49
N ASN HB 71 61.74 -77.13 26.74
CA ASN HB 71 62.17 -78.05 25.68
C ASN HB 71 61.43 -79.36 25.87
N ILE HB 72 60.58 -79.70 24.92
CA ILE HB 72 59.78 -80.92 24.97
C ILE HB 72 60.33 -81.86 23.92
N ARG HB 73 60.93 -82.96 24.36
CA ARG HB 73 61.56 -83.90 23.46
C ARG HB 73 61.03 -85.31 23.69
N GLY HB 74 61.08 -86.11 22.63
CA GLY HB 74 60.76 -87.53 22.74
C GLY HB 74 59.36 -87.80 23.22
N LEU HB 75 58.40 -86.98 22.80
CA LEU HB 75 57.02 -87.11 23.25
C LEU HB 75 56.24 -87.78 22.12
N THR HB 76 55.81 -89.01 22.35
CA THR HB 76 55.07 -89.74 21.34
C THR HB 76 53.63 -89.24 21.29
N PRO HB 77 52.89 -89.54 20.22
CA PRO HB 77 51.54 -88.98 20.10
C PRO HB 77 50.57 -89.47 21.15
N THR HB 78 50.81 -90.62 21.78
CA THR HB 78 49.93 -91.07 22.85
C THR HB 78 50.18 -90.30 24.14
N GLU HB 79 51.45 -90.14 24.50
CA GLU HB 79 51.82 -89.42 25.70
C GLU HB 79 51.68 -87.91 25.48
N MET HB 80 51.57 -87.20 26.59
CA MET HB 80 51.12 -85.81 26.58
C MET HB 80 51.75 -85.06 27.74
N ILE HB 81 52.09 -83.79 27.52
CA ILE HB 81 52.66 -82.94 28.55
C ILE HB 81 51.54 -82.31 29.36
N VAL HB 82 51.62 -82.46 30.67
CA VAL HB 82 50.66 -81.88 31.59
C VAL HB 82 51.18 -80.52 32.02
N ILE HB 83 50.39 -79.47 31.78
CA ILE HB 83 50.82 -78.14 32.18
C ILE HB 83 50.44 -78.01 33.65
N PRO HB 84 51.37 -77.97 34.55
CA PRO HB 84 51.02 -77.83 35.96
C PRO HB 84 50.56 -76.42 36.30
N TRP HB 85 49.60 -75.93 35.54
CA TRP HB 85 49.30 -74.51 35.59
C TRP HB 85 48.26 -74.19 36.64
N ASN HB 86 47.66 -75.21 37.24
CA ASN HB 86 46.71 -75.03 38.32
C ASN HB 86 47.33 -75.20 39.69
N VAL HB 87 48.63 -75.44 39.79
CA VAL HB 87 49.30 -75.53 41.07
C VAL HB 87 49.95 -74.19 41.36
N MET HB 88 49.82 -73.74 42.61
CA MET HB 88 50.26 -72.40 42.98
C MET HB 88 51.76 -72.26 42.82
N ARG HB 89 52.51 -73.31 43.13
CA ARG HB 89 53.96 -73.28 43.08
C ARG HB 89 54.50 -73.09 41.68
N PHE HB 90 53.69 -73.31 40.66
CA PHE HB 90 54.12 -73.13 39.29
C PHE HB 90 54.46 -71.69 39.00
N TYR HB 91 53.63 -70.76 39.46
CA TYR HB 91 53.77 -69.36 39.08
C TYR HB 91 54.80 -68.62 39.94
N CYS HB 92 54.75 -68.82 41.25
CA CYS HB 92 55.52 -68.02 42.19
C CYS HB 92 56.81 -68.69 42.66
N GLU HB 93 57.10 -69.90 42.22
CA GLU HB 93 58.36 -70.54 42.52
C GLU HB 93 58.95 -71.03 41.21
N TYR HB 94 60.25 -70.83 41.04
CA TYR HB 94 60.87 -71.01 39.74
C TYR HB 94 61.58 -72.34 39.76
N ASN HB 95 61.01 -73.34 39.11
CA ASN HB 95 61.62 -74.66 39.12
C ASN HB 95 62.07 -74.93 37.70
N THR HB 96 63.38 -74.80 37.48
CA THR HB 96 63.97 -75.08 36.18
C THR HB 96 65.36 -75.64 36.44
N GLY HB 97 65.69 -76.75 35.80
CA GLY HB 97 67.07 -77.21 35.83
C GLY HB 97 67.61 -77.35 37.22
N THR HB 98 68.72 -76.66 37.48
CA THR HB 98 69.41 -76.73 38.77
C THR HB 98 68.73 -75.90 39.84
N TYR HB 99 67.92 -74.91 39.47
CA TYR HB 99 67.29 -74.04 40.46
C TYR HB 99 66.49 -74.83 41.48
N GLY HB 100 65.56 -75.65 41.01
CA GLY HB 100 64.73 -76.43 41.93
C GLY HB 100 65.51 -77.30 42.88
N LEU HB 101 66.74 -77.67 42.52
CA LEU HB 101 67.59 -78.42 43.43
C LEU HB 101 68.13 -77.52 44.53
N SER HB 102 68.47 -76.28 44.20
CA SER HB 102 68.92 -75.32 45.19
C SER HB 102 67.74 -74.86 46.06
N GLY HB 103 68.07 -74.33 47.22
CA GLY HB 103 67.07 -74.02 48.22
C GLY HB 103 66.43 -72.65 48.05
N ASN HB 104 65.18 -72.56 48.49
CA ASN HB 104 64.41 -71.32 48.56
C ASN HB 104 64.45 -70.57 47.23
N VAL HB 105 63.77 -71.16 46.25
CA VAL HB 105 63.69 -70.57 44.92
C VAL HB 105 62.43 -69.73 44.76
N HIS HB 106 61.65 -69.56 45.82
CA HIS HB 106 60.51 -68.66 45.77
C HIS HB 106 60.93 -67.25 45.38
N HIS HB 107 60.06 -66.57 44.66
CA HIS HB 107 60.32 -65.18 44.32
C HIS HB 107 60.20 -64.33 45.58
N LYS HB 108 61.01 -63.27 45.64
CA LYS HB 108 61.09 -62.51 46.88
C LYS HB 108 59.83 -61.68 47.16
N ASN HB 109 59.05 -61.36 46.13
CA ASN HB 109 57.74 -60.77 46.41
C ASN HB 109 56.86 -61.73 47.16
N TYR HB 110 57.03 -63.02 46.96
CA TYR HB 110 56.20 -63.95 47.70
C TYR HB 110 56.69 -64.13 49.13
N SER HB 111 58.00 -64.08 49.35
CA SER HB 111 58.53 -64.23 50.69
C SER HB 111 57.99 -63.15 51.62
N MET HB 112 57.77 -61.95 51.10
CA MET HB 112 57.20 -60.90 51.93
C MET HB 112 55.67 -60.96 52.02
N LEU HB 113 55.00 -61.63 51.08
CA LEU HB 113 53.57 -61.83 51.26
C LEU HB 113 53.28 -62.60 52.53
N LEU HB 114 54.26 -63.30 53.06
CA LEU HB 114 54.18 -63.91 54.37
C LEU HB 114 54.50 -62.94 55.48
N ALA HB 115 55.07 -61.77 55.16
CA ALA HB 115 55.28 -60.74 56.16
C ALA HB 115 54.01 -59.94 56.43
N CYS HB 116 53.25 -59.62 55.39
CA CYS HB 116 51.95 -59.00 55.57
C CYS HB 116 50.96 -60.04 56.10
N LYS HB 117 49.87 -59.57 56.71
CA LYS HB 117 49.04 -60.52 57.43
C LYS HB 117 48.14 -61.33 56.52
N ALA HB 118 47.80 -60.82 55.35
CA ALA HB 118 46.90 -61.50 54.45
C ALA HB 118 47.38 -61.31 53.03
N HIS HB 119 47.28 -62.37 52.23
CA HIS HB 119 47.51 -62.25 50.80
C HIS HB 119 46.51 -63.13 50.08
N ARG HB 120 46.19 -62.74 48.86
CA ARG HB 120 45.26 -63.50 48.07
C ARG HB 120 45.73 -63.59 46.63
N PRO HB 121 45.62 -64.76 46.00
CA PRO HB 121 46.26 -64.97 44.70
C PRO HB 121 45.61 -64.29 43.51
N THR HB 122 44.32 -63.97 43.55
CA THR HB 122 43.61 -63.33 42.43
C THR HB 122 43.95 -63.96 41.08
N LYS HB 123 44.25 -63.14 40.08
CA LYS HB 123 44.43 -63.66 38.74
C LYS HB 123 45.73 -64.45 38.61
N VAL HB 124 45.73 -65.42 37.71
CA VAL HB 124 46.90 -66.25 37.44
C VAL HB 124 46.87 -66.63 35.97
N GLY HB 125 48.05 -66.73 35.36
CA GLY HB 125 48.08 -67.03 33.94
C GLY HB 125 49.49 -67.29 33.45
N TYR HB 126 49.57 -67.68 32.18
CA TYR HB 126 50.87 -67.97 31.58
C TYR HB 126 50.79 -67.80 30.08
N THR HB 127 51.96 -67.72 29.46
CA THR HB 127 52.07 -67.48 28.02
C THR HB 127 53.08 -68.45 27.42
N LEU HB 128 52.69 -69.08 26.32
CA LEU HB 128 53.59 -69.86 25.47
C LEU HB 128 53.92 -69.03 24.24
N SER HB 129 55.20 -68.93 23.92
CA SER HB 129 55.60 -68.00 22.88
C SER HB 129 56.77 -68.53 22.09
N ASN HB 130 56.87 -68.09 20.83
CA ASN HB 130 58.00 -68.36 19.95
C ASN HB 130 58.37 -69.83 19.93
N LEU HB 131 57.47 -70.58 19.31
CA LEU HB 131 57.63 -72.02 19.22
C LEU HB 131 58.71 -72.36 18.21
N ILE HB 132 59.57 -73.31 18.57
CA ILE HB 132 60.58 -73.85 17.68
C ILE HB 132 60.43 -75.36 17.69
N LEU HB 133 60.08 -75.92 16.55
CA LEU HB 133 60.02 -77.36 16.36
C LEU HB 133 61.32 -77.84 15.72
N THR HB 134 61.83 -78.95 16.22
CA THR HB 134 62.99 -79.61 15.67
C THR HB 134 62.66 -81.07 15.44
N SER HB 135 63.49 -81.75 14.68
CA SER HB 135 63.24 -83.13 14.30
C SER HB 135 64.47 -83.98 14.56
N ASP HB 136 64.27 -85.12 15.18
CA ASP HB 136 65.30 -86.14 15.33
C ASP HB 136 65.33 -87.10 14.16
N GLU HB 137 64.54 -86.86 13.12
CA GLU HB 137 64.41 -87.80 12.01
C GLU HB 137 65.76 -88.07 11.37
N LEU HB 138 66.60 -87.06 11.23
CA LEU HB 138 67.93 -87.29 10.68
C LEU HB 138 68.87 -87.95 11.67
N VAL HB 139 68.51 -87.97 12.95
CA VAL HB 139 69.34 -88.57 13.98
C VAL HB 139 69.22 -90.08 13.92
N SER HB 140 70.34 -90.76 14.09
CA SER HB 140 70.40 -92.20 14.18
C SER HB 140 71.46 -92.58 15.19
N THR HB 141 71.43 -93.85 15.63
CA THR HB 141 72.40 -94.30 16.61
C THR HB 141 73.84 -94.20 16.08
N GLY HB 142 74.02 -94.25 14.76
CA GLY HB 142 75.33 -94.02 14.19
C GLY HB 142 75.78 -92.58 14.36
N GLY HB 143 74.84 -91.65 14.46
CA GLY HB 143 75.18 -90.27 14.74
C GLY HB 143 75.55 -89.49 13.49
N THR HB 144 76.47 -88.54 13.67
CA THR HB 144 77.03 -87.68 12.64
C THR HB 144 76.02 -86.67 12.11
N LEU HB 145 74.74 -86.85 12.43
CA LEU HB 145 73.71 -85.88 12.11
C LEU HB 145 72.84 -85.68 13.35
N GLY HB 146 72.71 -84.42 13.76
CA GLY HB 146 71.91 -84.07 14.91
C GLY HB 146 70.53 -83.57 14.53
N THR HB 147 69.75 -83.26 15.55
CA THR HB 147 68.42 -82.73 15.30
C THR HB 147 68.52 -81.35 14.67
N THR HB 148 67.47 -80.98 13.94
CA THR HB 148 67.44 -79.65 13.36
C THR HB 148 65.98 -79.28 13.16
N THR HB 149 65.74 -77.98 13.03
CA THR HB 149 64.40 -77.47 12.85
C THR HB 149 63.72 -78.12 11.65
N THR HB 150 62.41 -78.28 11.75
CA THR HB 150 61.66 -78.96 10.70
C THR HB 150 61.87 -78.28 9.35
N PHE HB 151 61.90 -79.10 8.30
CA PHE HB 151 62.19 -78.59 6.97
C PHE HB 151 61.20 -77.52 6.54
N ASN HB 152 59.93 -77.68 6.90
CA ASN HB 152 58.94 -76.66 6.67
C ASN HB 152 58.13 -76.45 7.95
N THR HB 153 57.35 -75.39 7.97
CA THR HB 153 56.64 -74.96 9.17
C THR HB 153 55.27 -75.61 9.31
N SER HB 154 54.93 -76.56 8.45
CA SER HB 154 53.66 -77.26 8.57
C SER HB 154 53.47 -78.01 9.88
N PRO HB 155 54.48 -78.61 10.51
CA PRO HB 155 54.24 -79.31 11.78
C PRO HB 155 53.82 -78.33 12.87
N TYR HB 156 53.23 -78.88 13.92
CA TYR HB 156 52.66 -78.07 14.98
C TYR HB 156 52.68 -78.84 16.28
N MET HB 157 52.57 -78.10 17.38
CA MET HB 157 52.38 -78.67 18.70
C MET HB 157 50.97 -78.34 19.16
N ILE HB 158 50.28 -79.34 19.68
CA ILE HB 158 48.87 -79.19 20.01
C ILE HB 158 48.77 -78.74 21.47
N HIS HB 159 48.14 -77.61 21.69
CA HIS HB 159 47.83 -77.17 23.04
C HIS HB 159 46.37 -77.50 23.33
N SER HB 160 46.16 -78.40 24.27
CA SER HB 160 44.82 -78.92 24.56
C SER HB 160 44.35 -78.37 25.90
N ILE HB 161 43.12 -77.87 25.92
CA ILE HB 161 42.45 -77.47 27.15
C ILE HB 161 41.28 -78.41 27.34
N ASP HB 162 41.26 -79.14 28.45
CA ASP HB 162 40.19 -80.11 28.63
C ASP HB 162 39.08 -79.42 29.39
N ASP HB 163 38.01 -79.07 28.68
CA ASP HB 163 36.87 -78.40 29.28
C ASP HB 163 35.91 -79.39 29.90
N GLN HB 164 35.68 -80.50 29.22
CA GLN HB 164 34.72 -81.50 29.66
C GLN HB 164 35.32 -82.43 30.70
N GLN HB 165 36.58 -82.23 31.05
CA GLN HB 165 37.27 -83.05 32.03
C GLN HB 165 37.26 -84.52 31.61
N CYS HB 166 37.74 -84.76 30.40
CA CYS HB 166 38.03 -86.13 29.99
C CYS HB 166 38.96 -86.80 30.99
N LEU HB 167 39.97 -86.06 31.45
CA LEU HB 167 40.92 -86.53 32.44
C LEU HB 167 40.68 -85.76 33.72
N SER HB 168 40.14 -86.45 34.73
CA SER HB 168 39.93 -85.84 36.03
C SER HB 168 41.23 -85.75 36.81
N LYS HB 169 41.99 -86.83 36.81
CA LYS HB 169 43.21 -86.97 37.59
C LYS HB 169 44.26 -87.60 36.71
N VAL HB 170 45.45 -87.01 36.70
CA VAL HB 170 46.47 -87.34 35.74
C VAL HB 170 47.69 -87.88 36.48
N TYR HB 171 48.23 -89.00 36.01
CA TYR HB 171 49.36 -89.65 36.62
C TYR HB 171 50.56 -89.64 35.68
N PRO HB 172 51.77 -89.69 36.22
CA PRO HB 172 52.94 -89.83 35.35
C PRO HB 172 52.97 -91.19 34.66
N LYS HB 173 53.78 -91.26 33.62
CA LYS HB 173 53.96 -92.53 32.93
C LYS HB 173 54.61 -93.55 33.84
N THR HB 174 54.41 -94.83 33.50
CA THR HB 174 54.84 -95.92 34.36
C THR HB 174 56.31 -95.78 34.76
N ASP HB 175 57.19 -95.52 33.80
CA ASP HB 175 58.60 -95.45 34.13
C ASP HB 175 58.98 -94.11 34.75
N THR HB 176 58.40 -93.02 34.26
CA THR HB 176 58.85 -91.70 34.66
C THR HB 176 58.23 -91.30 36.00
N VAL HB 177 58.61 -90.11 36.47
CA VAL HB 177 58.05 -89.53 37.68
C VAL HB 177 58.13 -88.02 37.52
N TRP HB 178 57.29 -87.32 38.28
CA TRP HB 178 57.19 -85.87 38.16
C TRP HB 178 57.90 -85.20 39.33
N PRO HB 179 59.07 -84.63 39.16
CA PRO HB 179 59.68 -83.86 40.23
C PRO HB 179 59.01 -82.51 40.36
N VAL HB 180 58.93 -82.02 41.60
CA VAL HB 180 58.42 -80.67 41.74
C VAL HB 180 59.51 -79.67 41.39
N SER HB 181 60.77 -80.04 41.57
CA SER HB 181 61.89 -79.18 41.21
C SER HB 181 61.97 -78.95 39.71
N SER HB 182 61.32 -79.81 38.93
CA SER HB 182 61.32 -79.73 37.48
C SER HB 182 60.08 -79.01 36.93
N MET HB 183 59.25 -78.44 37.81
CA MET HB 183 57.88 -78.09 37.44
C MET HB 183 57.81 -77.15 36.25
N ARG HB 184 58.59 -76.07 36.25
CA ARG HB 184 58.35 -75.04 35.25
C ARG HB 184 58.88 -75.36 33.87
N GLU HB 185 59.92 -76.18 33.74
CA GLU HB 185 60.23 -76.70 32.41
C GLU HB 185 59.36 -77.93 32.26
N LEU HB 186 58.62 -78.03 31.18
CA LEU HB 186 57.47 -78.91 31.21
C LEU HB 186 57.98 -80.26 30.75
N ASP HB 187 58.29 -81.12 31.70
CA ASP HB 187 58.62 -82.50 31.46
C ASP HB 187 57.52 -83.48 31.84
N TYR HB 188 56.40 -83.03 32.37
CA TYR HB 188 55.48 -83.99 32.97
C TYR HB 188 54.73 -84.67 31.86
N VAL HB 189 54.90 -85.98 31.73
CA VAL HB 189 54.36 -86.74 30.63
C VAL HB 189 53.33 -87.70 31.19
N ALA HB 190 52.10 -87.56 30.72
CA ALA HB 190 51.05 -88.50 31.00
C ALA HB 190 50.79 -89.32 29.76
N SER HB 191 50.42 -90.57 29.96
CA SER HB 191 49.99 -91.42 28.86
C SER HB 191 48.52 -91.70 29.09
N THR HB 192 47.67 -91.12 28.24
CA THR HB 192 46.23 -91.29 28.36
C THR HB 192 45.85 -92.55 27.61
N VAL HB 193 45.29 -93.52 28.32
CA VAL HB 193 45.06 -94.85 27.79
C VAL HB 193 43.70 -95.34 28.27
N SER HB 194 42.89 -95.86 27.34
CA SER HB 194 41.66 -96.55 27.69
C SER HB 194 42.03 -97.98 28.09
N GLY HB 195 41.05 -98.87 28.20
CA GLY HB 195 41.43 -100.18 28.67
C GLY HB 195 42.43 -100.89 27.78
N ASP HB 196 42.07 -101.14 26.53
CA ASP HB 196 43.03 -101.58 25.52
C ASP HB 196 43.50 -100.48 24.61
N ASN HB 197 42.97 -99.27 24.74
CA ASN HB 197 43.11 -98.25 23.70
C ASN HB 197 44.04 -97.14 24.17
N ALA HB 198 45.02 -96.81 23.35
CA ALA HB 198 45.84 -95.63 23.59
C ALA HB 198 45.11 -94.41 23.05
N ILE HB 199 44.84 -93.46 23.92
CA ILE HB 199 44.10 -92.25 23.55
C ILE HB 199 45.07 -91.26 22.93
N ILE HB 200 44.73 -90.75 21.74
CA ILE HB 200 45.41 -89.57 21.22
C ILE HB 200 44.82 -88.37 21.92
N PRO HB 201 45.61 -87.62 22.69
CA PRO HB 201 45.03 -86.59 23.57
C PRO HB 201 44.22 -85.54 22.84
N SER HB 202 44.68 -85.10 21.67
CA SER HB 202 43.97 -84.07 20.94
C SER HB 202 42.55 -84.48 20.56
N THR HB 203 42.27 -85.77 20.48
CA THR HB 203 40.98 -86.20 20.00
C THR HB 203 39.89 -86.09 21.05
N ILE HB 204 40.21 -86.38 22.32
CA ILE HB 204 39.21 -86.30 23.36
C ILE HB 204 38.99 -84.88 23.85
N PHE HB 205 40.04 -84.08 23.93
CA PHE HB 205 39.96 -82.79 24.58
C PHE HB 205 39.15 -81.80 23.74
N ASN HB 206 38.65 -80.78 24.42
CA ASN HB 206 37.67 -79.89 23.80
C ASN HB 206 38.36 -78.83 22.95
N LYS HB 207 39.03 -77.86 23.58
CA LYS HB 207 39.79 -76.88 22.85
C LYS HB 207 41.17 -77.43 22.57
N ASN HB 208 41.49 -77.56 21.29
CA ASN HB 208 42.81 -78.00 20.83
C ASN HB 208 43.32 -76.97 19.86
N ARG HB 209 44.38 -76.28 20.23
CA ARG HB 209 45.02 -75.29 19.39
C ARG HB 209 46.22 -75.93 18.71
N TYR HB 210 46.24 -75.91 17.38
CA TYR HB 210 47.40 -76.41 16.67
C TYR HB 210 48.31 -75.22 16.42
N TRP HB 211 49.43 -75.19 17.12
CA TRP HB 211 50.25 -74.00 17.22
C TRP HB 211 51.56 -74.25 16.52
N LYS HB 212 51.81 -73.48 15.48
CA LYS HB 212 52.91 -73.71 14.57
C LYS HB 212 54.03 -72.72 14.83
N GLN HB 213 55.08 -72.84 14.03
CA GLN HB 213 56.20 -71.93 14.10
C GLN HB 213 55.81 -70.62 13.42
N GLY HB 214 55.90 -69.52 14.16
CA GLY HB 214 55.49 -68.23 13.67
C GLY HB 214 54.15 -67.77 14.17
N ASP HB 215 53.34 -68.66 14.72
CA ASP HB 215 52.06 -68.26 15.28
C ASP HB 215 52.26 -67.33 16.47
N ASP HB 216 51.24 -66.55 16.75
CA ASP HB 216 51.29 -65.63 17.87
C ASP HB 216 51.35 -66.41 19.17
N ALA HB 217 51.82 -65.75 20.22
CA ALA HB 217 51.93 -66.38 21.52
C ALA HB 217 50.57 -66.81 22.01
N LEU HB 218 50.55 -67.89 22.80
CA LEU HB 218 49.34 -68.43 23.38
C LEU HB 218 49.21 -67.95 24.81
N HIS HB 219 48.17 -67.16 25.09
CA HIS HB 219 47.98 -66.54 26.39
C HIS HB 219 46.84 -67.24 27.11
N PHE HB 220 47.10 -67.67 28.34
CA PHE HB 220 46.08 -68.34 29.14
C PHE HB 220 46.04 -67.70 30.50
N SER HB 221 44.83 -67.43 30.98
CA SER HB 221 44.65 -66.71 32.22
C SER HB 221 43.50 -67.33 33.00
N HIS HB 222 43.54 -67.14 34.31
CA HIS HB 222 42.44 -67.54 35.18
C HIS HB 222 42.25 -66.47 36.22
N ASP HB 223 41.03 -65.97 36.35
CA ASP HB 223 40.70 -64.97 37.36
C ASP HB 223 40.16 -65.66 38.60
N LEU HB 224 40.68 -65.32 39.75
CA LEU HB 224 40.17 -65.79 41.03
C LEU HB 224 39.42 -64.66 41.72
N ASP HB 225 38.17 -64.90 42.07
CA ASP HB 225 37.45 -64.02 42.98
C ASP HB 225 37.19 -64.80 44.25
N LEU HB 226 37.91 -64.45 45.31
CA LEU HB 226 37.79 -65.10 46.60
C LEU HB 226 37.10 -64.12 47.55
N GLY HB 227 36.27 -64.64 48.42
CA GLY HB 227 35.75 -63.75 49.44
C GLY HB 227 36.63 -63.64 50.64
N PHE HB 228 37.78 -64.29 50.64
CA PHE HB 228 38.60 -64.40 51.83
C PHE HB 228 40.05 -64.26 51.43
N TRP HB 229 40.93 -64.44 52.40
CA TRP HB 229 42.35 -64.17 52.27
C TRP HB 229 43.11 -65.34 52.84
N PHE HB 230 44.41 -65.39 52.58
CA PHE HB 230 45.25 -66.46 53.10
C PHE HB 230 46.32 -65.89 54.00
N GLY HB 231 46.55 -66.54 55.14
CA GLY HB 231 47.55 -66.07 56.06
C GLY HB 231 48.83 -66.88 56.07
N SER HB 232 48.86 -68.01 55.39
CA SER HB 232 50.00 -68.91 55.40
C SER HB 232 50.54 -69.06 53.99
N ASP HB 233 51.61 -69.83 53.86
CA ASP HB 233 52.15 -70.10 52.55
C ASP HB 233 51.31 -71.15 51.83
N TYR HB 234 51.34 -71.11 50.50
CA TYR HB 234 50.59 -72.10 49.73
C TYR HB 234 51.12 -73.50 49.97
N GLY HB 235 52.43 -73.69 49.90
CA GLY HB 235 53.00 -74.96 50.30
C GLY HB 235 52.54 -76.11 49.43
N ASN HB 236 52.80 -76.02 48.13
CA ASN HB 236 52.37 -76.97 47.10
C ASN HB 236 50.87 -77.25 47.20
N ALA HB 237 50.10 -76.18 47.21
CA ALA HB 237 48.65 -76.21 47.07
C ALA HB 237 48.27 -75.81 45.66
N TYR HB 238 47.20 -76.42 45.15
CA TYR HB 238 46.61 -75.91 43.93
C TYR HB 238 46.16 -74.48 44.16
N VAL HB 239 46.38 -73.63 43.18
CA VAL HB 239 45.80 -72.28 43.26
C VAL HB 239 44.29 -72.39 43.41
N PRO HB 240 43.68 -71.66 44.33
CA PRO HB 240 42.35 -72.04 44.85
C PRO HB 240 41.31 -72.28 43.77
N GLN HB 241 40.59 -73.38 43.93
CA GLN HB 241 39.58 -73.83 42.99
C GLN HB 241 38.45 -74.46 43.78
N ASN HB 242 37.24 -74.37 43.26
CA ASN HB 242 36.10 -75.08 43.82
C ASN HB 242 35.67 -76.11 42.80
N ASN HB 243 35.84 -77.39 43.13
CA ASN HB 243 35.59 -78.42 42.13
C ASN HB 243 35.12 -79.70 42.79
N ASP HB 244 34.85 -80.68 41.94
CA ASP HB 244 34.65 -82.05 42.40
C ASP HB 244 35.91 -82.58 43.08
N SER HB 245 37.07 -82.18 42.57
CA SER HB 245 38.33 -82.66 43.14
C SER HB 245 38.77 -81.85 44.36
N MET HB 246 38.46 -80.57 44.42
CA MET HB 246 39.10 -79.74 45.43
C MET HB 246 38.27 -78.51 45.74
N ASN HB 247 38.54 -77.93 46.92
CA ASN HB 247 37.89 -76.70 47.36
C ASN HB 247 38.94 -75.66 47.73
N ALA HB 248 38.53 -74.39 47.67
CA ALA HB 248 39.47 -73.28 47.74
C ALA HB 248 39.94 -73.00 49.15
N VAL HB 249 39.11 -73.27 50.15
CA VAL HB 249 39.39 -72.92 51.53
C VAL HB 249 39.87 -74.17 52.26
N GLY HB 250 40.94 -74.04 53.04
CA GLY HB 250 41.61 -75.20 53.57
C GLY HB 250 41.39 -75.58 55.01
N THR HB 251 40.79 -74.70 55.79
CA THR HB 251 40.60 -74.97 57.21
C THR HB 251 39.30 -75.73 57.42
N ILE HB 252 39.35 -76.74 58.27
CA ILE HB 252 38.14 -77.43 58.69
C ILE HB 252 37.33 -76.47 59.54
N PRO HB 253 36.11 -76.13 59.15
CA PRO HB 253 35.28 -75.29 60.00
C PRO HB 253 34.90 -76.00 61.29
N THR HB 254 34.70 -75.22 62.34
CA THR HB 254 34.55 -75.74 63.69
C THR HB 254 33.27 -75.20 64.32
N SER HB 255 32.88 -75.83 65.42
CA SER HB 255 31.49 -75.82 65.87
C SER HB 255 31.04 -74.47 66.40
N LYS HB 256 29.73 -74.23 66.27
CA LYS HB 256 29.01 -73.19 67.01
C LYS HB 256 29.48 -71.79 66.65
N HIS HB 257 29.78 -71.57 65.38
CA HIS HB 257 30.04 -70.23 64.86
C HIS HB 257 30.08 -70.31 63.34
N ILE HB 258 30.36 -69.17 62.73
CA ILE HB 258 30.28 -69.02 61.28
C ILE HB 258 31.69 -69.15 60.70
N ASN HB 259 31.79 -69.80 59.55
CA ASN HB 259 33.07 -70.09 58.93
C ASN HB 259 32.97 -69.81 57.44
N VAL HB 260 34.07 -69.38 56.85
CA VAL HB 260 34.08 -69.15 55.42
C VAL HB 260 34.14 -70.48 54.70
N ARG HB 261 33.23 -70.67 53.75
CA ARG HB 261 33.01 -71.94 53.08
C ARG HB 261 33.09 -71.72 51.58
N GLY HB 262 33.77 -72.62 50.88
CA GLY HB 262 33.82 -72.53 49.44
C GLY HB 262 32.45 -72.74 48.82
N VAL HB 263 32.25 -72.10 47.67
CA VAL HB 263 30.97 -72.17 46.98
C VAL HB 263 31.22 -71.90 45.50
N ASN HB 264 30.32 -72.36 44.64
CA ASN HB 264 30.11 -71.93 43.25
C ASN HB 264 30.94 -72.55 42.12
N ASN HB 265 31.89 -73.43 42.36
CA ASN HB 265 32.58 -74.09 41.24
C ASN HB 265 33.27 -73.08 40.31
N ARG HB 266 34.38 -72.54 40.80
CA ARG HB 266 35.37 -71.93 39.93
C ARG HB 266 36.55 -72.88 39.89
N GLY HB 267 36.99 -73.24 38.69
CA GLY HB 267 38.10 -74.16 38.55
C GLY HB 267 38.86 -73.90 37.27
N MET HB 268 39.97 -74.60 37.10
CA MET HB 268 40.80 -74.44 35.91
C MET HB 268 40.81 -75.68 35.02
N ALA HB 269 40.79 -75.45 33.71
CA ALA HB 269 40.80 -76.54 32.74
C ALA HB 269 42.19 -77.16 32.65
N GLY HB 270 42.24 -78.48 32.55
CA GLY HB 270 43.50 -79.19 32.45
C GLY HB 270 44.23 -78.96 31.15
N HIS HB 271 45.12 -77.98 31.12
CA HIS HB 271 45.89 -77.67 29.92
C HIS HB 271 46.87 -78.81 29.64
N TYR HB 272 47.18 -79.04 28.37
CA TYR HB 272 48.10 -80.11 28.01
C TYR HB 272 48.80 -79.76 26.71
N LEU HB 273 49.93 -80.42 26.48
CA LEU HB 273 50.69 -80.26 25.26
C LEU HB 273 50.96 -81.63 24.66
N SER HB 274 50.80 -81.73 23.34
CA SER HB 274 50.99 -83.00 22.65
C SER HB 274 51.35 -82.70 21.21
N PHE HB 275 51.85 -83.73 20.53
CA PHE HB 275 52.16 -83.58 19.13
C PHE HB 275 51.26 -84.48 18.31
N PRO HB 276 50.92 -84.08 17.08
CA PRO HB 276 50.07 -84.90 16.24
C PRO HB 276 50.79 -86.18 15.85
N PRO HB 277 50.09 -87.31 15.83
CA PRO HB 277 50.73 -88.52 15.32
C PRO HB 277 51.10 -88.37 13.86
N ILE HB 278 52.36 -88.65 13.54
CA ILE HB 278 52.83 -88.65 12.18
C ILE HB 278 53.62 -89.94 11.99
N ARG HB 279 53.14 -90.81 11.13
CA ARG HB 279 53.82 -92.06 10.91
C ARG HB 279 55.05 -91.86 10.03
N THR HB 280 56.07 -92.66 10.30
CA THR HB 280 57.30 -92.67 9.54
C THR HB 280 57.55 -94.06 8.99
N ASN HB 281 58.69 -94.22 8.32
CA ASN HB 281 59.16 -95.54 7.95
C ASN HB 281 59.25 -96.44 9.18
N ASP HB 282 59.64 -95.88 10.32
CA ASP HB 282 59.68 -96.61 11.59
C ASP HB 282 59.02 -95.78 12.67
N GLY HB 283 57.93 -96.29 13.23
CA GLY HB 283 57.32 -95.64 14.37
C GLY HB 283 56.70 -94.29 14.01
N GLN HB 284 56.92 -93.31 14.88
CA GLN HB 284 56.27 -92.03 14.81
C GLN HB 284 57.29 -90.95 14.51
N PHE HB 285 56.82 -89.86 13.89
CA PHE HB 285 57.70 -88.75 13.57
C PHE HB 285 58.19 -88.15 14.87
N LYS HB 286 59.46 -87.79 14.93
CA LYS HB 286 60.01 -87.27 16.16
C LYS HB 286 59.92 -85.76 16.10
N LEU HB 287 59.02 -85.20 16.90
CA LEU HB 287 58.86 -83.76 17.02
C LEU HB 287 59.35 -83.33 18.38
N ASN HB 288 60.15 -82.29 18.38
CA ASN HB 288 60.68 -81.69 19.57
C ASN HB 288 60.25 -80.24 19.52
N ALA HB 289 59.96 -79.66 20.67
CA ALA HB 289 59.46 -78.29 20.70
C ALA HB 289 60.27 -77.46 21.67
N GLN HB 290 60.50 -76.21 21.30
CA GLN HB 290 60.91 -75.19 22.24
C GLN HB 290 59.90 -74.06 22.24
N PHE HB 291 59.68 -73.48 23.40
CA PHE HB 291 58.94 -72.23 23.50
C PHE HB 291 59.32 -71.57 24.81
N THR HB 292 59.02 -70.28 24.91
CA THR HB 292 59.24 -69.56 26.15
C THR HB 292 57.99 -69.61 26.99
N LEU HB 293 58.16 -69.84 28.28
CA LEU HB 293 57.06 -69.88 29.23
C LEU HB 293 57.15 -68.62 30.08
N GLU HB 294 56.19 -67.72 29.91
CA GLU HB 294 56.04 -66.55 30.75
C GLU HB 294 54.82 -66.76 31.63
N THR HB 295 55.02 -66.93 32.92
CA THR HB 295 53.92 -67.05 33.86
C THR HB 295 53.82 -65.78 34.68
N GLU HB 296 52.59 -65.43 35.04
CA GLU HB 296 52.34 -64.29 35.92
C GLU HB 296 51.24 -64.65 36.90
N ILE HB 297 51.48 -64.39 38.16
CA ILE HB 297 50.48 -64.52 39.20
C ILE HB 297 50.38 -63.19 39.92
N GLU HB 298 49.17 -62.69 40.07
CA GLU HB 298 48.94 -61.36 40.62
C GLU HB 298 48.36 -61.51 42.01
N PHE HB 299 49.12 -61.17 43.03
CA PHE HB 299 48.64 -61.24 44.40
C PHE HB 299 48.08 -59.91 44.86
N GLU HB 300 47.01 -59.99 45.63
CA GLU HB 300 46.60 -58.89 46.50
C GLU HB 300 47.07 -59.22 47.91
N PHE HB 301 47.52 -58.20 48.64
CA PHE HB 301 47.89 -58.41 50.02
C PHE HB 301 47.38 -57.25 50.86
N ARG HB 302 47.42 -57.44 52.17
CA ARG HB 302 46.77 -56.55 53.10
C ARG HB 302 47.61 -56.49 54.37
N LEU HB 303 47.66 -55.33 55.00
CA LEU HB 303 48.63 -55.09 56.05
C LEU HB 303 47.99 -55.19 57.43
N TRP HB 304 48.82 -54.96 58.43
CA TRP HB 304 48.50 -55.20 59.83
C TRP HB 304 47.60 -54.11 60.40
N GLU HB 305 46.96 -54.43 61.51
CA GLU HB 305 46.04 -53.52 62.18
C GLU HB 305 46.78 -52.28 62.68
N GLN HB 306 46.15 -51.13 62.51
CA GLN HB 306 46.71 -49.90 63.04
C GLN HB 306 46.52 -49.82 64.54
N GLY HB 307 47.35 -49.01 65.17
CA GLY HB 307 47.23 -48.78 66.58
C GLY HB 307 48.10 -49.70 67.39
N VAL HB 308 47.87 -49.67 68.70
CA VAL HB 308 48.60 -50.54 69.60
C VAL HB 308 48.30 -52.00 69.29
N GLN HB 309 47.16 -52.26 68.65
CA GLN HB 309 46.84 -53.64 68.26
C GLN HB 309 47.90 -54.22 67.34
N GLY HB 310 48.53 -53.39 66.53
CA GLY HB 310 49.54 -53.82 65.59
C GLY HB 310 50.95 -53.82 66.10
N ILE HB 311 51.17 -53.56 67.39
CA ILE HB 311 52.50 -53.62 67.96
C ILE HB 311 52.93 -55.07 68.08
N ASN HB 312 54.17 -55.37 67.69
CA ASN HB 312 54.65 -56.75 67.67
C ASN HB 312 54.46 -57.45 69.00
N SER HB 313 54.82 -56.78 70.10
CA SER HB 313 54.79 -57.46 71.39
C SER HB 313 53.37 -57.80 71.81
N VAL HB 314 52.42 -56.90 71.60
CA VAL HB 314 51.05 -57.13 72.02
C VAL HB 314 50.16 -57.65 70.91
N HIS HB 315 50.68 -57.80 69.70
CA HIS HB 315 49.83 -58.31 68.62
C HIS HB 315 49.55 -59.79 68.75
N THR HB 316 50.39 -60.53 69.48
CA THR HB 316 50.14 -61.95 69.64
C THR HB 316 48.80 -62.19 70.31
N ASN HB 317 48.59 -61.58 71.47
CA ASN HB 317 47.37 -61.76 72.23
C ASN HB 317 46.29 -60.72 71.93
N LEU HB 318 46.60 -59.65 71.20
CA LEU HB 318 45.57 -58.76 70.68
C LEU HB 318 45.18 -59.05 69.24
N ASN HB 319 45.75 -60.07 68.63
CA ASN HB 319 45.33 -60.47 67.30
C ASN HB 319 43.84 -60.74 67.29
N PRO HB 320 43.09 -60.22 66.32
CA PRO HB 320 41.65 -60.48 66.28
C PRO HB 320 41.36 -61.96 66.14
N ALA HB 321 40.42 -62.45 66.92
CA ALA HB 321 39.97 -63.82 66.74
C ALA HB 321 39.11 -63.99 65.51
N ASN HB 322 38.65 -62.90 64.91
CA ASN HB 322 37.88 -62.97 63.69
C ASN HB 322 38.74 -62.94 62.44
N ASP HB 323 40.06 -62.98 62.59
CA ASP HB 323 40.89 -63.32 61.44
C ASP HB 323 40.41 -64.60 60.80
N SER HB 324 40.14 -65.62 61.62
CA SER HB 324 39.65 -66.89 61.11
C SER HB 324 38.42 -66.71 60.27
N LEU HB 325 37.73 -65.60 60.43
CA LEU HB 325 36.54 -65.35 59.64
C LEU HB 325 36.91 -65.02 58.19
N TRP HB 326 37.78 -64.03 57.99
CA TRP HB 326 38.26 -63.68 56.64
C TRP HB 326 39.65 -64.22 56.29
N ILE HB 327 40.39 -64.85 57.19
CA ILE HB 327 41.72 -65.35 56.81
C ILE HB 327 41.80 -66.87 56.86
N GLN HB 328 42.03 -67.51 55.72
CA GLN HB 328 41.59 -68.89 55.59
C GLN HB 328 42.55 -69.99 55.16
N SER HB 329 43.84 -69.70 55.01
CA SER HB 329 44.86 -70.66 54.55
C SER HB 329 44.66 -71.16 53.10
N TYR HB 330 45.18 -72.35 52.78
CA TYR HB 330 45.08 -72.89 51.42
C TYR HB 330 44.23 -74.15 51.36
N GLY HB 331 43.44 -74.31 50.31
CA GLY HB 331 42.45 -75.35 50.35
C GLY HB 331 42.92 -76.77 50.14
N SER HB 332 43.57 -77.03 49.02
CA SER HB 332 43.83 -78.39 48.61
C SER HB 332 45.21 -78.48 48.00
N LEU HB 333 45.93 -79.53 48.37
CA LEU HB 333 47.33 -79.67 48.03
C LEU HB 333 47.48 -80.63 46.86
N VAL HB 334 48.47 -80.38 46.01
CA VAL HB 334 48.88 -81.42 45.10
C VAL HB 334 49.44 -82.56 45.93
N SER HB 335 49.40 -83.76 45.36
CA SER HB 335 49.81 -84.93 46.10
C SER HB 335 51.30 -85.13 45.87
N ILE HB 336 52.09 -84.94 46.93
CA ILE HB 336 53.54 -84.93 46.85
C ILE HB 336 54.05 -85.98 47.82
N THR HB 337 54.69 -87.02 47.30
CA THR HB 337 55.53 -87.87 48.12
C THR HB 337 56.97 -87.55 47.77
N GLU HB 338 57.82 -87.48 48.79
CA GLU HB 338 59.19 -87.00 48.63
C GLU HB 338 59.11 -85.63 47.95
N SER HB 339 59.89 -85.37 46.92
CA SER HB 339 59.80 -84.15 46.13
C SER HB 339 58.94 -84.33 44.89
N LYS HB 340 58.32 -85.49 44.71
CA LYS HB 340 57.78 -85.90 43.43
C LYS HB 340 56.26 -85.86 43.44
N ILE HB 341 55.68 -85.29 42.39
CA ILE HB 341 54.22 -85.19 42.28
C ILE HB 341 53.64 -86.56 41.98
N ASN HB 342 52.65 -86.97 42.77
CA ASN HB 342 52.00 -88.25 42.54
C ASN HB 342 51.00 -88.17 41.41
N ASN HB 343 50.20 -87.11 41.39
CA ASN HB 343 49.15 -86.93 40.40
C ASN HB 343 48.82 -85.46 40.33
N ILE HB 344 48.15 -85.07 39.26
CA ILE HB 344 47.62 -83.72 39.14
C ILE HB 344 46.14 -83.80 38.85
N GLN HB 345 45.35 -83.08 39.63
CA GLN HB 345 43.91 -82.98 39.45
C GLN HB 345 43.62 -81.64 38.78
N PHE HB 346 42.63 -81.64 37.89
CA PHE HB 346 42.31 -80.40 37.19
C PHE HB 346 40.97 -79.80 37.58
N GLY HB 347 39.87 -80.49 37.30
CA GLY HB 347 38.57 -79.98 37.67
C GLY HB 347 38.21 -78.55 37.33
N PRO HB 348 37.88 -78.31 36.06
CA PRO HB 348 37.52 -77.02 35.47
C PRO HB 348 36.15 -76.55 35.87
N THR HB 349 35.81 -75.30 35.58
CA THR HB 349 34.48 -74.84 35.87
C THR HB 349 33.77 -75.47 34.72
N CYS HB 350 33.03 -76.55 34.96
CA CYS HB 350 32.41 -77.22 33.86
C CYS HB 350 31.21 -76.46 33.37
N PRO HB 351 31.03 -76.46 32.04
CA PRO HB 351 29.96 -75.70 31.39
C PRO HB 351 28.59 -76.26 31.64
N ARG HB 352 28.46 -77.50 32.07
CA ARG HB 352 27.14 -78.08 32.30
C ARG HB 352 26.62 -77.87 33.71
N VAL HB 353 27.42 -77.33 34.62
CA VAL HB 353 26.88 -76.80 35.85
C VAL HB 353 26.01 -75.59 35.53
N ASP HB 354 24.93 -75.43 36.28
CA ASP HB 354 24.03 -74.30 36.08
C ASP HB 354 24.82 -73.00 36.14
N ALA HB 355 24.57 -72.11 35.18
CA ALA HB 355 25.29 -70.85 35.13
C ALA HB 355 25.08 -70.03 36.39
N ARG HB 356 24.01 -70.29 37.14
CA ARG HB 356 23.79 -69.58 38.39
C ARG HB 356 24.76 -70.04 39.47
N ASN HB 357 25.25 -71.26 39.37
CA ASN HB 357 26.28 -71.73 40.28
C ASN HB 357 27.66 -71.23 39.91
N LYS HB 358 27.92 -70.97 38.64
CA LYS HB 358 29.27 -70.75 38.16
C LYS HB 358 29.77 -69.33 38.37
N GLY HB 359 28.98 -68.48 39.03
CA GLY HB 359 29.29 -67.07 39.09
C GLY HB 359 30.48 -66.69 39.95
N GLY HB 360 30.59 -65.42 40.28
CA GLY HB 360 31.83 -64.84 40.72
C GLY HB 360 32.49 -65.29 42.01
N LYS HB 361 31.77 -65.18 43.13
CA LYS HB 361 32.39 -65.25 44.43
C LYS HB 361 32.65 -66.69 44.86
N MET HB 362 33.89 -67.01 45.20
CA MET HB 362 34.27 -68.38 45.50
C MET HB 362 34.09 -68.79 46.95
N SER HB 363 33.59 -67.92 47.80
CA SER HB 363 33.40 -68.35 49.17
C SER HB 363 32.16 -67.66 49.74
N MET HB 364 31.63 -68.27 50.78
CA MET HB 364 30.50 -67.71 51.51
C MET HB 364 30.81 -67.88 52.98
N LEU HB 365 30.24 -67.02 53.79
CA LEU HB 365 30.49 -67.03 55.22
C LEU HB 365 29.28 -67.70 55.85
N PHE HB 366 29.45 -68.98 56.17
CA PHE HB 366 28.38 -69.86 56.60
C PHE HB 366 28.72 -70.59 57.89
N ASP HB 367 27.73 -70.69 58.77
CA ASP HB 367 27.93 -71.33 60.06
C ASP HB 367 28.06 -72.84 60.07
N HIS HB 368 28.66 -73.34 61.15
CA HIS HB 368 28.81 -74.77 61.32
C HIS HB 368 28.28 -75.15 62.69
N HIS HB 369 27.47 -76.19 62.76
CA HIS HB 369 26.91 -76.63 64.03
C HIS HB 369 27.62 -77.88 64.56
CA CA IB . -82.48 -21.25 -4.88
CA CA JB . -31.31 -66.67 43.05
CA CA KB . 21.43 -14.36 81.31
CA CA LB . 2.85 63.37 57.04
CA CA MB . -61.37 59.12 3.76
CA CA NB . -62.69 8.25 57.27
CA CA OB . -39.54 -68.16 32.66
CA CA PB . -78.54 -30.25 -13.89
CA CA QB . -58.05 -3.17 62.44
CA CA RB . 20.35 -27.30 78.22
CA CA SB . -19.77 -72.68 40.05
CA CA TB . -47.92 -0.19 70.59
CA CA UB . -46.27 13.05 70.46
CA CA VB . -51.64 67.52 7.33
CA CA WB . 7.83 70.71 47.07
CA CA XB . -55.40 18.26 62.23
CA CA YB . -84.04 -9.56 -11.15
CA CA ZB . -61.49 58.36 -9.56
CA CA AC . -38.49 25.68 -71.67
CA CA BC . -51.80 66.27 -14.22
CA CA CC . -81.06 -11.36 -24.03
CA CA DC . -37.61 12.92 -75.48
CA CA EC . -24.05 -65.27 -49.39
CA CA FC . -77.67 -24.15 -25.73
CA CA GC . -33.11 -75.11 23.26
CA CA HC . -12.80 -71.16 -45.28
CA CA IC . 48.30 -69.34 11.63
CA CA JC . 12.92 56.59 62.61
CA CA KC . 33.62 -10.27 77.73
CA CA LC . 18.28 75.30 -35.66
CA CA MC . -21.03 -57.28 -59.63
CA CA NC . -25.46 11.00 -80.68
CA CA OC . -7.90 -58.22 -61.86
CA CA PC . 45.35 -8.02 -71.80
CA CA QC . 26.32 68.35 -43.75
CA CA RC . 51.40 3.24 -68.00
CA CA SC . -18.86 22.57 -80.08
CA CA TC . -26.90 31.65 -74.51
CA CA UC . 24.95 77.84 -24.42
CA CA VC . -45.71 71.92 -3.80
CA CA WC . 78.60 19.13 27.08
CA CA XC . 24.08 59.67 56.02
CA CA YC . 37.12 72.45 -25.51
CA CA ZC . 20.96 68.42 46.45
CA CA AD . 77.63 29.77 19.10
CA CA BD . 62.96 -57.54 1.04
CA CA CD . 61.11 -13.26 -58.04
CA CA DD . 84.02 12.99 7.09
CA CA ED . 37.95 66.57 -37.46
CA CA FD . 80.98 25.99 6.75
CA CA GD . 61.15 0.02 -59.49
CA CA HD . 51.34 -18.22 -65.65
CA CA ID . 55.67 -64.15 -7.98
CA CA JD . -2.82 -66.79 -53.00
CA CA KD . -20.88 -77.88 27.84
CA CA LD . 46.62 -71.43 -1.42
CA CA MD . 82.54 8.75 19.66
CA CA ND . 40.06 -20.67 72.43
CA CA OD . 58.43 -60.76 13.16
CA CA PD . 31.87 -31.20 72.72
#